data_3JBO
#
_entry.id   3JBO
#
_cell.length_a   1
_cell.length_b   1
_cell.length_c   1
_cell.angle_alpha   90
_cell.angle_beta   90
_cell.angle_gamma   90
#
_symmetry.space_group_name_H-M   'P 1'
#
loop_
_entity.id
_entity.type
_entity.pdbx_description
1 polymer '18S ribosomal RNA'
2 polymer P/E-tRNA
3 polymer '40S ribosomal protein uS12'
4 polymer '40S ribosomal protein uS13'
5 polymer '40S ribosomal protein uS14'
6 polymer '40S ribosomal protein uS9'
7 polymer '40S ribosomal protein uS15'
8 polymer '40S ribosomal protein uS17'
9 polymer '40S ribosomal protein uS4'
10 polymer '40S ribosomal protein uS19'
11 polymer '40S ribosomal protein uS5'
12 polymer '40S ribosomal protein eS17'
13 polymer '40S ribosomal protein eS12'
14 polymer '40S ribosomal protein uS7'
15 polymer '40S ribosomal protein eS10'
16 polymer '40S ribosomal protein eS19'
17 polymer '40S ribosomal protein eS21'
18 polymer '40S ribosomal protein eS24'
19 polymer '40S ribosomal protein eS25'
20 polymer '40S ribosomal protein uS2'
21 polymer '40S ribosomal protein eS26'
22 polymer '40S ribosomal protein eS27'
23 polymer '40S ribosomal protein eS28'
24 polymer '40S ribosomal protein eS30'
25 polymer '40S ribosomal protein eS1'
26 polymer '40S ribosomal protein uS3'
27 polymer '40S ribosomal protein eS4'
28 polymer '40S ribosomal protein eS6'
29 polymer '40S ribosomal protein uS8'
30 polymer '40S ribosomal protein eS7'
31 polymer '40S ribosomal protein uS10'
32 polymer '40S ribosomal protein uS11'
33 polymer '40S ribosomal protein eS8'
34 polymer '28S ribosomal RNA'
35 polymer '5.8S ribosomal RNA'
36 polymer '5S ribosomal RNA'
37 polymer '60S ribosomal protein eL13'
38 polymer '60S ribosomal protein eL24'
39 polymer '60S ribosomal protein uL15'
40 polymer '60S ribosomal protein eL44'
41 polymer '60S ribosomal protein eL28'
42 polymer '60S ribosomal protein eL29'
43 polymer '60S ribosomal protein eL30'
44 polymer '60S ribosomal protein eL31'
45 polymer '60S ribosomal protein eL27'
46 polymer '60S ribosomal protein eL14'
47 polymer '60S ribosomal protein eL32'
48 polymer '60S ribosomal protein eL33'
49 polymer '60S ribosomal protein eL34'
50 polymer '60S ribosomal protein eL36'
51 polymer '60S ribosomal protein eL38'
52 polymer '60S ribosomal protein eL39'
53 polymer '60S ribosomal protein eL40'
54 polymer '60S ribosomal protein eL15'
55 polymer '60S ribosomal protein eL43'
56 polymer '60S ribosomal protein eL6'
57 polymer '60S ribosomal protein eL37'
58 polymer '60S ribosomal protein uL13'
59 polymer '60S ribosomal protein uL14'
60 polymer '60S ribosomal protein eL18'
61 polymer '60S ribosomal protein uL16'
62 polymer '60S ribosomal protein uL18'
63 polymer '60S ribosomal protein uL22'
64 polymer '60S ribosomal protein uL23'
65 polymer '60S ribosomal protein eL19'
66 polymer '60S ribosomal protein uL24'
67 polymer '60S ribosomal protein uL29'
68 polymer '60S ribosomal protein uL30'
69 polymer '60S ribosomal protein uL2'
70 polymer '60S ribosomal protein uL3'
71 polymer '60S ribosomal protein uL4'
72 polymer '60S ribosomal protein uL5'
73 polymer '60S ribosomal protein eL20'
74 polymer '60S ribosomal protein uL6'
75 polymer '60S ribosomal protein eL21'
76 polymer '60S ribosomal protein eL41'
77 polymer '60S ribosomal protein eL22'
78 polymer '60S ribosomal protein eL8'
#
loop_
_entity_poly.entity_id
_entity_poly.type
_entity_poly.pdbx_seq_one_letter_code
_entity_poly.pdbx_strand_id
1 'polyribonucleotide'
;AACCUGGUUGAUCUUGCCAGUAGUCAUAUGCUUGUCUCAAAGAUUAAGCCAUGCAAGUGAAAGUAUAUAUAUAUAUAUGU
AGAAACUGCGAACGGCUCAUUAAAACAGUUAUAGUCUACUUGACAUUUAUAAGGAUAACUACGGAAAAGCUGUAGCUAAU
ACUUGCAUUAUCCUUUUGGAUAAGUAUUUGUUAGAAGGAAUUAUAACAAAGAAGUAACACGUAAAGUGUGUAUCAAUCGA
GUUUCUGACCUAUCAGCUUUUGAUGUUAGGGUAUUGGCCUAACAUGGCUAUGACGGGUAACGGGGAAUUAGAGUUCGAUU
CCGGAGAGGGAGCCUGAGAAAUAGCUACCACAUCUAAGGAAGGCAGCAGGCGCGUAAAUUACCCAAUUCUAAAGAAGAGA
GGUAGUGACAAGAAAUAACAAUGCAAGGUUUGUAUUGGAAUGGUGGGAAUUUAAAACCUUCCCAGAGUAACAAUUGGAGG
GCAAGUCUGGUGCCAGCAGCCGCGGUAAUUCCAGCUCCAAUAGCGUAUAUUAAAAUUGUUGCAGUUAAAACGCUCGUAGU
UGAAUUUCAAAGAAUCAUUCUUUUUAAAAUCCGAUUUUGUUACUUUGAGUAAAUUAGAGUGUUCAAAGCAAACAGUUAAA
GCAUUGUGUUUGAAUACUAUAGCAUGGAAUAACAAAAUUGAACAAGCUAAAAUUUUUUGUUCUUAUUUUGGCUUAGUUAC
GAUUAAUAGGAGUAGCUUGGGGACAUUCGUAUUCAGAUGUCAGAGGUGAAAUUCUUAGAUUUUCUGGAGACGAACAACUG
CGAAAGCAUUUGUCUAAAAUACUUCCAUUAAUCAAGAACGAAAGUUAAGGGAGUGAAGACGAUCAGAUACCGUCGUAAUC
UUAACCAUAAACUAUGCCGACUAGGUGUUGGAUGAAGUGCUUCCUUCAGUACCUUAUGAGAAAUCAAAGUCUUUGGGUUC
UGGGGCGAGUAUUCGCGCAAGCGAGAAAGUUAAAAGAAUUGACGGAAGGGCACCACCAGGCGUGGAGCUUGCGGCUUAAU
UUGACUCAACACGGGGAAACUCACUAGUUUAAGACAUUGGAUGGUGAUGCAUGGCCGUUUUUAGUUCGUGAAUGAUUUGU
CUGGUUAAUUCCGAUAACGAACGAGAUCUUAACCUGCUAAUUAGCGGCGAGUACACUGUACUUGCUGCUUCUUAGAGGAA
CAUUGUGUGUCUAACACAAGGAAGUUUAAGGCAACAACAGGUCUGUGAUGUCCUUAGAUGAACUAGGCUGCACGCGUGCU
ACACUGAUAUAUAUAACGAGUAAAAUAUGCUUGCAUACUUUUCCUCCGCCGAAAGGCGUAGGUAAUCUUUAUCAAUAUAU
AUCGUGAUGGGGAUAGAUUAUUGCAAUUAUUAAUCUUGAACGAGGAAUGCCUAGUAAGCAUGAUUCAUCAGAUUGUGCUA
ACUACGUCCCUGCCCUUUGUACACACCGCCCGUCGCUCCUACCGAUUGAAAGAUAUGAUGAAUUGUUUGGACAAGAAAAA
UUUUUUCUGGAAAAACCGUAAAUCCUAUCUUUUAAAGGAAGGAGAAGUCGUAACAAGGUUUCCGUAGGUGAACCUGCGGA
AGGAUCAU
;
A
2 'polyribonucleotide' CGCGGGGUGGAGCAGCCGGUAGCUCGUCGGGCUCAUAACCCGAAGGUCGUCGGUUCAAAUCCGGCCCCCGCAACC 7
3 'polypeptide(L)'
;GSGKPSGLRAARKLRIRRRTQRWADKSYKKSHLGTRWKSNPFRGSSHAKGIVVEKVAIEAKQPNSAYRKCVRVQLIKNGK
KITAFVPGDGCLNFIDENDEVLVSGFGRSGHSVGDLPGVKFKVVKVARVSLLALFKEKKEKPRS
;
Q
4 'polypeptide(L)'
;QHILRILNTNVDGKEKVIIALTAIKGIGKRMATVICKQANVDPTKRAGELTTEEIDNIVHIMSTPTQFKIPDWFLNRRKD
LKEGKNIHVIANQLDSYLREDLERMKKIRLHRGLRHHWGLRVRGQHTK
;
S
5 'polypeptide(L)' VHPKKYGQGSRQCRVCSNKHAIIRKYNINICRQCFRERADIIGFKKYR T
6 'polypeptide(L)'
;KRVQTFGKKKTAVAVATVTNGKGLIKLNGKNLDLVEPYILKTKVYEPLWLIGSGKLKNLDIRIRVKGGGQTSQIYAIRQA
IGKGIISYYQKYVDESTKKELKDVLLRYDRSLLVGDTRRCEPKKFGGKGARARYQKSY
;
M
7 'polypeptide(L)'
;RMYGKGKGISSSTLPYKRKQPSWLKQKPSEIEDAIIKLAKKGQTPSQIGATLRDNYGIPQVKSVTGNKILRILRAQGIAT
TIPEDLYFLIKKAVSMRKHLEKNKKDKDCKFRLILTESKIHRISRYYKRKKLLPSNWKYQSSTASALIA
;
U
8 'polypeptide(L)'
;DVQHERAYQKQEGASFFNSKKIKKGSKSYIRYWKKVGLGFATPKEAKEGVYVDKKCPFTGNVSIRGRILKGMVISNKMKR
TIIIRRNYLHYVKKYNRFEKRHKNIPCHCSPCFDVKEGDIVTVGQCRPLSKTVRFNVLHVEKHQIFGSARKQFVLF
;
V
9 'polypeptide(L)'
;PKSYRNYSKTARNPKRPFEKERLDQELKLIGEYGLKNKREIWRVQYLLAKIRSAARYLLTLDEKSSKRIFQGEALLRRMV
RQGLLGENEEKLDYVLGLTLPKLLERRLQTKVFKLGLAKSVHHARVLIRQRHIRVGKQMVDIPSFLVRVDSEKHIDFATT
SPFGGARPGRVKRKSLKKQKEKTEA
;
E
10 'polypeptide(L)'
;DLDKLLDLSQDELIKLFKARQRRKFQRGISKKAKSLLKKIRKSKKNCEPGEKPNPVPTHLRNMTIIPEMVGSIVAVHNGK
QYTNVEIKPEMIGYYLGEFSITY
;
X
11 'polypeptide(L)'
;KNWVPVTKLGRLVKEGKIVSIEEIYLHSLPIKEYQIIDYFFQPNECSHPLKDDVVKIMPVQKQTRAGQRTRFKAFVAIGD
GNGHCGLGVKCAKEVATAIRGAIISAKLSLIPVRRGYWGNKIGDPHTVPMKVSGKCGSVRIRLVPAPRGTQIVGAPTTKK
MLNFAGIKDCFSSSCGKTKTKGNFLRAIFNALSKTYGYLTPDLWKVTNFDKSPYEEWSDFLETY
;
G
12 'polypeptide(L)'
;RVRTKTIKRAARQIVEKYYAKLTLDFQINKKITEEVAIIPSKRMKNKVAGFVTHLMKRIQKGPVRGISLKLQEEERERRL
DFVPEKSQIDVSVIYVEPDTLRMIKSLG
;
W
13 'polypeptide(L)'
;VTAIQKVIKNAHVHDGLKIGIREVIKSIESQEAKVCFLSDVCSEPAYKKLITTLCAEKNIPLFMVQNDSKDLGHWAGLFK
LDNEGNARKIIGASSVAVVDFGEDSAEKDFLLSQ
;
R
14 'polypeptide(L)'
;DIKLFKKWSYEEINIADLSLVDCIAVSQKACVYTPHTAGRYQKKRFRKALCPIVERLVNSMMMHGRNNGKKLKAIRIVAY
AFEIIHLMTGENPLQVFVNAVQKGGPREDSTRIGSAGVVRRQAVDVSPLRRVNQAIYLICTGARNAAFRNIKSISECLAE
EIINCANESSSSYAIKKKDEIERVAKANR
;
I
15 'polypeptide(L)' YSYIPKQNKKLIYEYLFKEGVIVVEKDAKIPRHPHLNVPNLHIMMTLKSLKSRNYVEEKYNWKHQYFILNNEGIEYLRE O
16 'polypeptide(L)'
;RLLEPVPFVKTNNCIKDVDADLFIRSYATHLKLHNKITYPKWCTFVKTGKGRKLAPLNEDWYFIRASSILRRLYLHPDIG
VGFLRRQFSSKQRRGVAPNHTSLASGKILRSILQQLENLGYVEQNPKKKGRRLTTKGENAINNFARYINKKVYN
;
Y
17 'polypeptide(L)' IYIPRKCSATSRLIPAKEHGAVQINVGMVDANGVYNGKTETFAISGHVRQNGESDACLNRLMYEKKLLSFQN Z
18 'polypeptide(L)'
;DQFTIRVKKYMSNPLLRRKQFALEILHPNKGSVAKKEVKERLAKMYKLNNVNTIVLFGFKTLFGGGRTKGFGLIYKNVDA
VKKFEKKYRLVREGLIDKETKAGRRASKELKNRRKKVRGT
;
1
19 'polypeptide(L)' KLNHAVFIDKSLHSKILECKNMKVITPSAIAEKYKVNLSVARAVINHLADKKLIAEVCVQSHSQKLYT 2
20 'polypeptide(L)'
;KEESIAKMLICKVHIGTKNLENKMKRYVYTRAKDGVHIINLAKTYEKLQLAARIIVAISNPADVVVVSARPFGSRAVLKF
AQYTGAQAIAGRWTPGMLTNQIIQKFTEPRLLIVTDPRTDAQSVKESAYANIPVIALCDSDSPLEHVDIAIPCNNKGKES
IALMYWLLAQEVLYLKGVIPRSEPWNVMVDMFLWR
;
C
21 'polypeptide(L)'
;PKKRRNGGRSKHNRGHVNPLRCSNCGRCVPKDKAIKRFNIRNIVDTSAQRDIKEASVYSTFQLPKLYIKQCYCVSCAIHS
RFVRVRSREQRRVRK
;
3
22 'polypeptide(L)' NPDPVEESKKHKLKRLIPTPNSYFMDVKCPGCLQITTLFSHAQNVVLCGSCNIMLCQPTGGKCKLTEGCSFRKKIE 4
23 'polypeptide(L)' EKSKLAKVEKVLGRTGSRGGVIQVRAQFMGDSELAGRFLIRNVKGPVREGDILALLETEREARRL 5
24 'polypeptide(L)' GSLARAGKVKNQTPKVPKLDKKKRLTGRAKKRQLYNRRFSDNG 6
25 'polypeptide(L)'
;FTKKEWYDLKAPKMFLVRNFGKTLVTKTIGKKLATDSLKGRIYEVNLADLNNDEDQAHKKIKLSCDHIINRDCYTDFCGL
SITRDKLCSLIRKGYTLIEGHTDVKTLDNYHLRMFCIAFTKKRQNQTKSTCYAQTSQIKKIRKKMVDIMTAEASKVLLKD
LVKKFIPESIGKEIEKQCKKIYPLQNVLIRKVKILKRPKLDISKLMELHT
;
B
26 'polypeptide(L)'
;PISKKRKFINDGVFQAELNEFLARILAEDGYSGVEVRVTPIRTEVIIRATRTREVLGDKGRRIRELTSLVQKRFFNKSTN
SVELFAERVEHRGLCAMAQAESLRYKLLKGLAVRRACYGVLRHIMESGAKGCEVIVSGKLRAQRAKSMKFRDGYLISTGE
PSKRFVNTATRSAQLKQGVLGIKVKIMLPTAIDTRTGLTSILPDNISVL
;
D
27 'polypeptide(L)'
;GKGIKKHLKRVNAPSHWMLNKMGGQYAPKTSSGPHKLLESIPLVILLRNRLKYALTFDEVKMILIQKIVKVDNKVRTDCT
FPVGLMDVIHITKSNEYFRLLYDIKGRFVPHRITNEESKYKLCKVKKILLRKGRLSIAVTHDGRSIPYIHPDVKVNDTVR
LDLETGKVLEHLKFQVGSLVMVTAGHSVGRVGVISSIDKNMGTYDIIHVKDSRNKVFATRLSNVFVIGDNTKPYISLPRE
KGIKLDIIEERRNRLKA
;
F
28 'polypeptide(L)'
;MKLNISNPLNNVQKSIEIDDEKKLLPFMEKRIGNAVPGDSIGEEFTGYVFRITGGNDKQGFPMIQGVLTNNRVRLLFKKG
MKCYRPRKKGERKRKSVRGCIVGQDLSALNLTLVKKGVNEIPGLTDKAVGKKLGPKRASKIRKLFNLDKSDDVRKYVIIG
RAITKNGKTKFIKPKIQRLVTEKRLLRKRNLLQAKDKRRLEKKQQLKEYKQLLN
;
H
29 'polypeptide(L)'
;VRMSVLADCLKTINNAEKRGRRQVLIRPSSKVVIKFLQYMQKKGYIGSFEIVDDHRSGKIVVNLLGRINKCAVISPRYDV
KLDEIEKIITSILPSRLFGHLILTTPYGIMDHEEARRKHTGGKVLGFFF
;
K
30 'polypeptide(L)'
;AVQKRVLKSNPSDLEKEIAQCLLDIELSSSSDIKTDAKEIKLLSCDLIEVEKLKKKTILIYIPYKIYTTYVRKIQRKLIN
ELEKKTKKYVVLVAKRTILKGKQKNKSFKIIPRSRTLTSVYDSILEDIVSPSEIIGKRISMKADGKRVFKIMLDSKERQR
DNIEEKLISFAAVYKKITRRDAVFSLPP
;
J
31 'polypeptide(L)'
;IALTSKNLRAIEKVCSDIMKGAKEKNLNVSGPVRLPVKTLRITTRKSPCGEGTNTWDRFELRIYKRLIDLYSQCEVVTQM
TSINIDPVVEVEVIITDS
;
N
32 'polypeptide(L)'
;ELVFGVAHIFASFNDTFIHVTDLSGRETLVRITGGMKVKADRDESSPYAAMMAAQDVAARLKELGVTAIHIKLRASGGTK
SKTPGPGAQSALRALARSGLKIGRIEDVTPIPTDSTRKKSGRRGRRL
;
P
33 'polypeptide(L)'
;RDGRHKLRLTGGKKKIHKKKRKYELGRPPSNTKLGSRQVHVVRGRGRNYKYRAIKLDSGSFSWPTFGISKNTRIIDVVYN
ASNNELVRTKTLVKNCIVVIDSHPFTTWYENTFGTTLGKKKKEKKEEDNKEENKQEVENNEEAAKDETTKTYGVIKKIGK
SKNIDPLLLEQFKQGRVLACISSRPGQCGKADGYIIEGDELLFYKRKMDKKKRN
;
L
34 'polyribonucleotide'
;GAUGUUAGGAGGGCAAAUCCGCCGAAUUUAAGCAUAUAAUUAAGCGGAAGAAAAGAAAAUAACUAUGAUUCCUUUAGUAA
CGGCGAGUGAACAAGGACCAGCUCAAACGGUUAAUCCUUCGUUUGGUGCAAACCUUUCGACGGAAUUGUCGUUGAAUUAU
UCCAUGAAUGCCUUUAAUUUGAGCAAAGUGAGCAGGAAUGCUUCCCCAUAGAGGGUGAAAGGCCCAUAGUUCUUUUUAAU
UUAUUCAUUGGAAUUUUUCAUGUCGAGUCGUGUUCUUUGAGAUUGGAGCACUAAUACGUGUGAUACAUUUCACAUAAAGC
UAAAUAUAUGUAGGAGACCGAUAGCAAACAAGUACCGUGAGGGAAAGAUGAAAUAGUACUCAGGAAUGAGCAAUUAAAUA
GUACCUGAAAUCGUUAAGAUGGAACGGAUUAAGAGAGAAAACAAGUAAAGAGGGGAAUAUUCUCUUCUUUAUUAAAAGAA
ACAUCAGUGAUUAAUUUAAUUUCAAUAAAGCAAUCCCCUGAAAUUGUUUUCACUUUCUCCCCGCACUAAUGUGGGGAAAA
CUGGCUUUAUUUCUUCAAUUAUUUUUUUUGCUGAGGAAUUUUAAAAUUAUUUGAAUUUUUCUUCUUAUAAUUUAAGUUGU
UUCUAUACAGUACUUUCUUAACCCACUCGUCUUGAAACACGGACCAAGGAGUCUAGCAAAUGUGCAAGUGUAUAUGAUUC
UUUAAACAUUUUACGCAUAAUUAAUGUAAUAUGUCCAUUGUAGAUUUGUGCCCCACUUUGCAUACAAUACCGGUAAGCAA
AUGCUUUAUUGAGUACGAGCAUAUUUGGUAGGACCCGAGAGGCUUUGAACUAAGCGUGAUGAGAUUGAAGUCAGACGAAA
GUCUGAUGGAGGAUCGAGUUGAUACUGACGUGCAAAUCGUUCAUUUCAAUCACGUUUAGGGGCGAAAGACUAAUCGAAAA
GCCUAUUAGCUGGUUAUUUUCGAAAGAUCUCUCAGGAUCGCUGGAGUUGAUUAAUAUAAUUUUACCAGGUAGAGAUAAUG
AUUAGAGGACAGGGCCUUGACCUAUUCUCAAACUCCCAAUAGGUAAAAAGGGCGAAAUAACUCAAUUUGUAUUUCACUCA
UAUUAAAUAAAAUAACUCCAAGUGGGCCAUUUUUGGUAAGCAGAACUGGCGAUGAGGGAUGCUCCUAACGCUUGGAUAAG
GUGCCUAAAUAUUCGCUCAUGAGAUCCCAUAAAAGGUGUUGGUUCAUAUGAACUAGCCCUGAAAAUGGAUGGCGCUAAAG
CGGAUUACCGAUACCAAGCCAUAAAAAGAAGAAAAAAUUUUUUUUUAGAAUCUUUUUAUGAGUAGAAAAUCGUGGGGUUU
GUGUUGAAGCGAAAUACGUGAGUUUUCGUGGAACAUCUCCCUAGUGCAGAUCUUGGUGGAAGUAGCAACUAUUCAAAUGA
GAACUUUGAAGACUGAAGUGGAGAAGGGUUUCUUGUCAACUGUGAUUGAACAAGAGUUAGCCGCUCCUAAGGGAUAGCUG
AAAAGUGUUUAAAGGGGUCCCCGUCUCAAAAGGGAAACAGGUUGAUAUUCCUGUGCCAAUAGUAUUAUGAGUUAGAUGGU
AACAUAUAUAUAAAUGAACUCCUUUACAUAGGCUUUACACUCGGGGUGCGUUUUCUUUGCACUUUACCUUUAUAACAAAC
CUUGGAAUCAAUUUACUUGGAGAAGAGGUUCGUUGAACUCAAUUCAAAAAUUUGUUUUGUAGCAAUAGUAAUUCGUAAUU
AUCCGAAGUGGUAAGGACUAUCCUUGAAAAAAGGAGGGAACGGCUUUGUGCUUUGCUACUCUUAAUACUUGUAUGAGCGU
ACCAACAACCGCAUCAGGUCUCCAAGGUUAACAGCCUCUGGUUAAAUAGAAAAAAGUAGGUAAGGGAAGUCGGCAAAAUA
GAUCCGUAACUUCGGGAAAAGGAUUGGCUCUGAGGACAUUAUGUUAACUCAGAACUGAAACGGACAAGGGGAAUCCGACU
GUUUAAUUAAAACAUAGCAUUGUGAAAAGCCACAACUGGUAUUAACACAAUGUGAUUUCUGCCCAGUGCUUUGAAUGUCA
ACUUGAUGAAAUUCAAUCAAGCGCAGGUAAACGGCGGGAGUAACUAUGACUCUCUUAAGGUAGCCAAAUGCCUCGUCAUC
UAAUUAGUGACGCGCAUGAAUGGAUUAACGAGAUUCCCACUGUCCCUACUUGCUAUCUAGCGAAACCACAGCCAAGGGAA
CGGGCUUGGCAAAAUCAGCGGGGAAAGAAGACCCUGUUGAGCUUUACUCUAGUCUGGCUUUGUGAAACGACUUAAGAGGU
GCUACUUUUAAAGUUGUUUUACUUAUCCAUUUAUAGGGAUGAAUUUCCCAAUAUGGAGACAUAGCCAGGUGGGGAGUUUG
ACUGGGGCGGUACAUCUGUUAAAUAUUAACGCAGAUGUCCAAAGACAAGCUCAAAGAGAACAGAAAUCUCUUGUAGACUA
AAAGGGGAAAAGCUUGUUUGAUUUCUAUUUUCAGAACAAGUAGAAAACGUGAAAGCGUGGCCUAUCGAUCCUUUAUAUUU
GCAAAAUGACGUAAAUUACUUACUACUGUGCAUAUAGAGGUGUCUGAAAAGUUACCACAGGGAUAACUGGCUUGUGGCUG
CCAAGCGCUCCUAGCGACGUAGCUUUUUGAUCCUUCGAUGUCGGCUCUUCCUAUCAUUGGGACGCAGAAGUCUCAAAGUG
UCGGAUUGUUCACCCGCUAAUAGGGAACGUGAGCUGGGUUUAGACCGUCGUGAGACAGGUUAGUUUUACCCUACUGAUGA
AUUUUAUUAUAUAUAUACAUAUAGUAUUGUGACAGUAAUCCAACUUGGUACGAGAGGAUUAGUUGGUUCAGACAAUUGGU
ACAGCAAUUGGUUGACAAACCAGUGUUGCGAAGCUAAGUCUGUUGGAUAAUGGCUGAACGCCUCUUAAGCCAGAAACCAU
GCUGAUUAAACAAUACUAUCUUUUUUGUUUGCUAAUGUAAAAGAGAAAUUAUAUAUGUACCGGUACAUAAAUAAUCCUAU
CACCUUUUUCGUGAGCUGAGCUGUGAGCUAGGCAAUAGUUCUUUAACAACAAAAAAGAGCACAAACUGUAGACGACUUUU
UUGCCUCAGGGUGCUGUAAACAUGAAAGUAAACUUUACGAUCUGUUGAGGCUUAUCCCUAGUGGUAAAGUGU
;
AA
35 'polyribonucleotide'
;AGCACAGUCUUAACGAUGGAUGUCUUGGUUCCUACAGCGAUGAAGGCCGCAGCAAAAUGCGAUACGCAAUGAAAAUUGCA
GUGACUGAAUCAUCAGAAUGCUGAAUGUAAACUACACCAAUUCCCUGGGAAUAGUGGUACUCCUACAGAAA
;
AC
36 'polyribonucleotide'
;GACUCGUUCAUACUACAGUGGAUACACCAGAUCCCAUCAGAACUCUGAAGUUAAGCACUGUAAGGCUUGGCUAGUACUGA
GGUGGGAGACCGCUCGGGAACACCAGGUGAUGAGUCAG
;
AB
37 'polypeptide(L)'
;VAHNNVLPNVHLHKWWQHRVRVNFSKNIKKKKRRLLREKRRKANGGTPIEKLHPIVHCPTQRYNFRTRLGKGFTFEELKG
AGLTPRAAQTIGICYDKRRKNRSEESLTKNVERLLKYKNSLVMIPLKKNKAKKGIGGIPADADKNTIKEFRNKKPLLSIF
KKEKNTKPFYETIEVSKIDKEFLAYKTLRRAKLAERRKNCRQQKKDIKFKS
;
AL
38 'polypeptide(L)' VKTEACSFSEYRIYPGRGQKYIARDGKVYFYLSSKFASLALQKKKAAKLRWTQTWRRNNKKT A0
39 'polypeptide(L)'
;ATRFKKNRKKRGHVSAGHGRVGKHRKHPGGRGKAGGLHHMRINFDKYHPGYFGKVGMRHLNLLKNRTYCPTINVDKLWGL
LPEEKKKEFSENKDIAPVIDVTRKGYFKVLGNGKLKHNQPIVVKARYFSSVAEKKIKAVGGQCILVA
;
AO
40 'polypeptide(L)'
;VNVPKTRKTYCSNKCKKHTMHKVSQYKKGKERLSSLGRRRYDMKQKGFGGQTKPVFKKKAKTTKKIVLKLECTKCKKKRF
QTMKRCKTFEMGADK
;
Ai
41 'polypeptide(L)'
;SNVSNALVWELTRKSNCFIKKNKAGKKGVFLCDPLNVNYKNTPSSSGLVKSNSTNVTLKDGKVVFSVKTSKESNVVNQHF
KAKNMKNVEKLLQQHGSFEKAKNKEKLLKKYKRLSKLY
;
A2
42 'polypeptide(L)' AKSKNHTNHNQNRKAHKNGIKKPKKHKFMSRKGLDPNFFRNQKYCLKGIQKKKKELKLKAKQEKNN A4
43 'polypeptide(L)'
;SAGDNINAKLQLVMKSGKYQFGRKSCLKALRTGKGKLVIVSSNCPSIQRSVIEYYAMLSKCGVHDYHGDNNDLGTACGKL
FRISCLVITDVGDSDIIK
;
A6
44 'polypeptide(L)'
;PVTKFITINLSKLTHKVCYKRKAPRAIKEIRSIAGKLMHTKDVRLDVKLNKFIWSKGVRNPPKRVRVKLERKRNEDEDSK
EKMYTIVEHVMVDSYKGLVNEC
;
A7
45 'polypeptide(L)'
;GKLLKPGKVIIILNGRRAGKKAVIVNTYEGQTRERPYSYCLVAGIEKHPLKVNKSMTKKKIVKRSKVKAFIKCINVNHIL
PTRYQVANDFDIKSLASDDVLKSKNKKKEVKKLGKIFRDKFLEPVNKKTGEVSKDISFLHKKLYF
;
A1
46 'polypeptide(L)'
;VELTEEELYISKKNLLFKRFVEPGRLCLIEYGPYAGKLCFIVDIVTITRVIVDGAFITGVPRMVIPLKRLKLLKERIKIN
KNCKSGFLRKTVNSTKVLEEFNNSKLGKKMIIKKKRDEATDFERFQVYFAKRELKKKMTTIKNKKN
;
AN
47 'polypeptide(L)'
;AVKKVGKIIKKRTKKFTRFQSNRFMRVKPAWRKPRGIDCRVRRRYKGTNLMPSIGYGSNKKTKFLLPNNKYKYVVKNVKE
MEPLIMNHTKYCVQIAHNVSSKKRKQIIERAKQMNVSVINAKARL
;
A8
48 'polypeptide(L)'
;LQAVRLYEKGVILGYKRSQRNQDPNFTLISIKNVNTKKHAQFYVGKRVAYVYRTTKHHDGVKIKCIWGKVCRTHGNSGVI
RAKFKTHIPPKAFGDRVRILMYP
;
A9
49 'polypeptide(L)'
;AQRVHYRRHNHYNTKSNKVRPVRTPGGKLTIHVVKKKAGKPKCADCKTAIQGVKALRPADNYRARRKNRTVARAYGGSIC
ARCIRERIMRAFLFEEQKCVRQVLKE
;
Aa
50 'polypeptide(L)'
;GRKSTIKPATGIAVGFNSGHVVTKRNLKLHKKKKPFSKRKELIKDVVREITGFSPYEKRIIELIKIGTSASTKRSLKYAK
KKLGTHKRGKAKREEIQKVVILQRR
;
Ab
51 'polypeptide(L)' PKQITDIRKFLKISRKPDTTAVIIMKKKSKTKKNTVITKLKLRTKKYLYTMVFADRKKAERIENSLLPSLKRIYYP Ad
52 'polypeptide(L)' GSIKRFRLKQRLGKCRRQNRPVPHWYRLKKDTKIRYNTKRRHWRRTKLGL Ae
53 'polypeptide(L)' AIEPSLAQLAQKYNCQKLICRKCYARLHPRATNCRNKKCGRTNQLRPKKKL Af
54 'polypeptide(L)'
;GAYKYIQEIWKKKQSDAMHFLLRVRTWEYRQLPVVHRVSKPSRPDKARRLGYKAIQGFVIYRVRVRRGDRKKRVKKGIVH
GKPKHQGVHKQKSTRNLKSVAEGKVGKSICGNLRVLNSYWVGQDAVYKYYEVILVDPNHNAVRNNPKINWICNPVHKHRE
LRGLTSAGKKYRGLRVKGHLSAKSRPSIRANWKRRQLIKLRKCR
;
AP
55 'polypeptide(L)'
;SRRTKKVGLTGKYGTRYGSSLRKQIKKIELMQHAKYLCTFCGKTATKRTCVGIWKCKKCKRKVCGGAWSLTTPAAVAAKS
TIIRL
;
Ah
56 'polypeptide(L)'
;KHYNVKGKKKVLVPVNAKKTINKKYFGRKVASKKKYVVQRKLRKSIEVGKVAIILTGKHMGKRCIITKILNSGLLAVVGP
YEINGVPLKRVDSRYLVVTSTNIFNFENIAKLKDDFLNYAQDIDDDSFIKTLEIKKKQKKLLKNKNEALFMNNVIDKIKE
IRKEDPKVQKLEGIQKDIGSLLKPEILKNKVFAHYLKSKFTLRNDMVLHKMKF
;
AI
57 'polypeptide(L)'
;GKAGKGTGSFGKRNGKTHFLCLRCGKRSYHLQKKKCASCGYPSAKKRRFNWSVKAKRRNTTGTGRCRYIKTLRRKLKNKF
TEGSTPKPK
;
Ac
58 'polypeptide(L)'
;MYKKEYVIDCKGHLLGRLASLIAKELLNGQRIVAVRCEDINISGSLYRNKLKYQEFLRLRTNTNPKKGPLHLREPSKILW
RCVRGMLPHKTYKGQLALKKLKVCVGMPAPYDKKKKYVLPSALRAFRLKKHRRYCRLGTLSSRVGWNYDTLVKKNEVLRK
QVSKAYYKKKVNNLNEKKEIKTEALNLINPEQRQVLENFGY
;
AK
59 'polypeptide(L)'
;TLKNKMRITLSLPVGALINCCDNSGGKNLYIIAVQGFGSCLNRLPAASLGDMVLATVKKGKPDLRKKVLNAIICRQSKAW
RRHEGYYIYFEDNAGVIVNPKGEMKGSAITGPVARECAELWPKLSSAASAIV
;
AM
60 'polypeptide(L)'
;GIALKNVGRIKKHGRKHLVSKNPYLRLLVKLYNFLARRTNANFNKIIAKRLIMPKRYRPPLSLSKLQYHMANHPNDIAVV
VGSITDDKRLFSLKQLKVCALRFTETARKRIEDAGGECLTFDQLALKYPTGKKCVLLRGPTKARTAEKHFGKAPGKPKSK
ARPYVRSKGRKFEKARGRRKSRAYKK
;
AS
61 'polypeptide(L)'
;GRRPARCYRYCKNKPYPKSRYCRGVPDPKIRIYDMGRKKADVNEFSGVVHLVSYEYEQISSEALEAARISANKYMITNCG
KDNFHLRVRIHPFHVLRINKMLSCAGADRLQTGMRGAFGKPNGVVARVDIGQVLLSIRTKENFVSKACEALRRAKYKFPG
RQKVFVSNKWGFTPFSKDEYQQYKKKGRIISDGVSCKFIREKGPL
;
AQ
62 'polypeptide(L)'
;KVVKNKAYFKRYQVKYRRRREGKTDYRARKALILQDKNKYNAQKLRFVVRKTNSQVICQIACAHIEGDKILAEAKSKELI
RYGIPVGLKNYAAAYATGLLCARRFLKSLNLDTQFLGVEKVTGEIENNEDKEDEEGRKPIKAFLDVGITRTTTGNRVFAA
LKGACDGGLNIPHGNNRFPGSKNEFNPEQLRKNILGIHVAEYMKTLQEEDNDKYKTHFNDYLKNNIGADDIEQMYLNAHE
KIRQNPEKESKDTKNVKKFVSKHEKPKKLNAKLRKKRVKEKLALYVELQ
;
AR
63 'polypeptide(L)'
;YAKKIRNLGKCAKGAGVDLRVHFKNTYEAARAIRRMKLLEAKKYLNDVIEKKRCVPFRKYNGGVGRTNQAKEFNHTQGRW
PAKSCKFLLNILDNVQANAESRNLDVSKLRLIHVMVNKARPGRRRTYKAHGRINPFMSSPCHIQIIAREIN(UNK)
(UNK)(UNK)(UNK)(UNK)(UNK)(UNK)(UNK)(UNK)(UNK)(UNK)(UNK)(UNK)(UNK)(UNK)(UNK)(UNK)
(UNK)(UNK)
;
AW
64 'polypeptide(L)'
;ARNPKCPRIVKSCHSKTLDKYGLIKYPLTSEKAMKKIEEINTLVFMCDKRANKKNIKKSVKNLFGIECDKVNVLNTLNGD
KKAYVRLSGEHDALEVANKIG
;
AY
65 'polypeptide(L)'
;SLTLQKRLAASVLKCGKNKIWMDPNEISEISLANSRFSIRKLYKEGLILKKPQKVHSRARVRLYKLAKRKGRHMGIGKRK
GTKNARTNQKTLWIKRQRVLRRLLKRLRDSKKVDRHLYHSFYLKCKGNQFKNKRTLIEAIQREKNETLKKKAIADQLEAK
RLKAQVLRNKRKLKKDKEVVA
;
AT
66 'polypeptide(L)'
;KFNKQKSSSRRKMRKAHFTAPAGLRRKIMSSKLSKELRLKYKTRSLPVRKDDEVLICRGHNHGREGKVVKINRKRYKIYV
ERVTREKVNGESTFIGIHPSNVVLTKLKVDKNRKKILDRKA
;
AZ
67 'polypeptide(L)'
;NVKAYELRTLKKKELLDKLDELKKELSGLRISKALGNSAKNSKIHGVRKNVARVLTVYNQKRKMELRQLYKNKKFKPYNL
RKKLTKNKRLQLSPKQKAAMTLRQKKKVQNFPQRKYLVV
;
A3
68 'polypeptide(L)'
;AAKKIKTLKLINKKKRNDLRQRTLRYEEEYESERKKIIELKREARKNNCFYREAEKKVVFVIRLKGVNKLPPKVRSVFRL
LRLLQVHNGVFVKVNKATKEMLKIVEPYVTYGYPTLSTVRKLLYKRGYVRVGKVRRYARKKIQDNADISKHLGKYNVHGI
EDMVYQLYTCGPVFKKVNNFLWAFKLKPPRKGFKAKRHAFNEPRPGDWGNREAHINELINRMI
;
A5
69 'polypeptide(L)'
;GRVIRGQRKGRGSIFKSHNHHRKGAAKLRHLDYCEKKGYIKGLVKDIIHDPGRGAPLAKVIFKRTEKYGKKEELIIASEG
MFTGQYISCGTKAPLSVGNILPIGKMPEGTLICNLEHRTGNRGTLVKASGCYATVVGQSEDGKKTKVRLPSGAKKTIDAK
ARAMVGVVGAGGRIDKPILKAGVAHHKYRVKRNCWPKVRGVAMNPVEHPHGGGNHQHIGHPSTVSRSAPAGQKVGLIAAR
RTGLLRG
;
AD
70 'polypeptide(L)'
;SHRKFERPRHGSLGFLPRKRCKRLRGKIRSFPKDDKEKPPHFTAFMGYKAGMTHIVREVDKPGSKLHKKEIVEACTIIEC
APMVVVGIVGYRETPKGLRILSTVWANHVSDEFRRRYYKNWYKSEKKAFTKSLNVPEATKNCLLKRIEKYCTVLRAICHT
QPSKTPLRMKKAHIMEVQINGGSMKEKLEFVKEMLEKNLPVSTVFNPNEMIDVISVTKGHGTKGVVSRYGVKRLPRKTHR
GLRKVACIGAWHPARVQFQIPRHGQKGYFHRTERNKKIYRIGLKTDKNSASTDADITEKKITPMGGFPHYGVVNEDFLLL
KGCVAGTKKRPITLRKNIVPQVSRDALAQVSLKFIDTSSKIGHGRFQTSEEKVKYYGPLK
;
AE
71 'polypeptide(L)'
;PVANVYSTNGKNVVGEVEIPVVFQTPIRNDLIQSVYTNMSKNRRHPYAVKLGAGYETSAESWGTGRAVARIPRVPGGGTH
RAGQGAFGNMCRGGGMFNPTKIWRRWGRKVNLKEKRYAVCSSIAASGVTSLVLARGHRISHLKEVPLVVSNDIESLSKTK
EAVNFLVSLGLKDEVNRLVKSKKIRAGKGKMRNRKYKIRNGPLIIYENDNGVKKAFRNIPGVDLCKVTKLNLLKLAPGGS
IGRLCIWSESAFKKLDVIYGKIHEKKVTKKNYILPKSIVHNPDIYRIIHSDKVQASLLAKKKPCKKRLQNKNSLTNFAVR
CRLNPAYKLLRSLAVLRMRKSILEKSKNKKEKRVQKQIQKKELQKINHDYYKGVAKAVKKKKKREEKKAK
;
AF
72 'polypeptide(L)'
;VMREIKVNKLVLNICVGESGDRLTRAARVLEQLTEQKPIFGKCRFTIRSFGVRRNEKISCFVTVRGKKALEILEKGLKVK
EYELRRKNFSDTGNFGFGIQEHIDLGIKYDPSTGIYGMDFYVHLSRSGYRVTRRTRRRSKISKTHKVTKEDAMKWFQTK
;
AG
73 'polypeptide(L)'
;IDNSLNTNIHQYHIVGRAIPTAKDKNPNVYRMCIFAKNDTNAKSRFWYFMKKINKLKKSNGELLACEQIKERFPLRVKNY
GVLLRYDSRTGTHNMYKEFRDTTKEGAIAQLYSEMAGRHRARASSINIIRISEISSSLVRRPHIKQLLKRRLRFPALHLP
TLQKEYRKKFASKRPSTYRM
;
AU
74 'polypeptide(L)'
;KTIVSTQKVLIPEGVKVAINARKVTVSGKYGTLRRSFRHLPIDIRLNKLKKYIKVVMWFGVPDSLACIRTVCTHLKNMFT
GVTKKFLYKMRLVHAHFPINSNIVDNNTRIEIRNYLGEKSVRFVKALPGVVIEKSPNVKDEIYVSGADIENVSLTAALIH
QSVLCRNKDIRKFLDGIYVSEVTTV
;
AH
75 'polypeptide(L)'
;KSRGKRSGTRYKFSKKFRKHGECTANKYLEKLNYGDYVDIVCDSTQQKGMPFNYYHGKTGKIFHITKRGVGVLVNKRVKH
RIEQKKVCVRIEHVRKSRCNEDFLLRKIKNAELIKEAKLKNEHINIKRKTEGPKPAAMIKVPPSKIITIEPLPFY
;
AV
76 'polypeptide(L)' HGASRYKKSRAKMRWKWKKKRTRRLQKKRRKMRQRSR Ag
77 'polypeptide(L)'
;IKYVLDCTKPVKDTILDISGLEQFFKDKIKVDKKTNNLKNKVVVTSDEYKIYITVHIPFSKRYIKYLAKKYIKMHQIRDF
LRVIAKGKLAYEFKYFQ
;
AX
78 'polypeptide(L)'
;KDNPLIFEKKKRSNIIGVGVRPKKDLSKYVKWPRYIRIQRKKKILLQRLKVPPSINQFNHTLPKSQTQDLLNFLKAYKPE
SKTDKKQRLLNKAKEALNKNITKDKKPLFLKYGINHITKLVENKKANLVVIANDVSPIELVLFLPALCRLKEVPYCIVKD
KATLGKLVHKKTATAVCLESVKKEDQEKLDYFAKVCKENFNDNVDLRRKWGGQKMSAKSMLLKKMKDKARKIEEAKKKEI
SAKL
;
AJ
#
loop_
_chem_comp.id
_chem_comp.type
_chem_comp.name
_chem_comp.formula
A RNA linking ADENOSINE-5'-MONOPHOSPHATE 'C10 H14 N5 O7 P'
C RNA linking CYTIDINE-5'-MONOPHOSPHATE 'C9 H14 N3 O8 P'
G RNA linking GUANOSINE-5'-MONOPHOSPHATE 'C10 H14 N5 O8 P'
U RNA linking URIDINE-5'-MONOPHOSPHATE 'C9 H13 N2 O9 P'
#
# COMPACT_ATOMS: atom_id res chain seq x y z
N GLY C 1 -17.12 -54.32 55.30
CA GLY C 1 -17.58 -54.62 53.90
C GLY C 1 -16.47 -54.78 52.88
N SER C 2 -16.81 -54.98 51.59
CA SER C 2 -15.83 -55.01 50.52
C SER C 2 -16.24 -54.02 49.48
N GLY C 3 -15.50 -52.90 49.35
CA GLY C 3 -15.87 -51.79 48.47
C GLY C 3 -16.96 -50.90 49.03
N LYS C 4 -17.37 -51.18 50.27
CA LYS C 4 -18.40 -50.47 51.00
C LYS C 4 -17.93 -50.48 52.44
N PRO C 5 -18.08 -49.46 53.26
CA PRO C 5 -17.87 -49.59 54.69
C PRO C 5 -19.04 -50.30 55.36
N SER C 6 -18.75 -51.22 56.29
CA SER C 6 -19.70 -51.78 57.23
C SER C 6 -20.20 -50.76 58.24
N GLY C 7 -19.26 -49.94 58.77
CA GLY C 7 -19.33 -49.07 59.93
C GLY C 7 -20.66 -48.63 60.49
N LEU C 8 -20.84 -48.78 61.81
CA LEU C 8 -22.03 -48.40 62.54
C LEU C 8 -22.32 -46.92 62.44
N ARG C 9 -21.25 -46.11 62.45
CA ARG C 9 -21.32 -44.68 62.26
C ARG C 9 -21.10 -44.26 60.81
N ALA C 10 -21.00 -45.22 59.87
CA ALA C 10 -20.70 -44.93 58.48
C ALA C 10 -21.93 -44.68 57.61
N ALA C 11 -23.14 -44.44 58.18
CA ALA C 11 -24.31 -44.10 57.38
C ALA C 11 -24.12 -42.85 56.54
N ARG C 12 -23.27 -41.93 57.06
CA ARG C 12 -22.87 -40.72 56.42
C ARG C 12 -22.19 -40.98 55.09
N LYS C 13 -21.23 -41.91 55.09
CA LYS C 13 -20.50 -42.27 53.91
C LYS C 13 -21.35 -42.91 52.84
N LEU C 14 -22.22 -43.83 53.27
CA LEU C 14 -23.15 -44.54 52.40
C LEU C 14 -24.11 -43.60 51.69
N ARG C 15 -24.62 -42.58 52.39
CA ARG C 15 -25.48 -41.57 51.82
C ARG C 15 -24.76 -40.72 50.79
N ILE C 16 -23.56 -40.20 51.12
CA ILE C 16 -22.82 -39.30 50.24
C ILE C 16 -22.37 -39.99 48.97
N ARG C 17 -21.77 -41.19 49.06
CA ARG C 17 -21.38 -41.96 47.89
C ARG C 17 -22.56 -42.29 46.98
N ARG C 18 -23.70 -42.75 47.55
CA ARG C 18 -24.92 -42.97 46.82
C ARG C 18 -25.44 -41.73 46.10
N ARG C 19 -25.44 -40.58 46.80
CA ARG C 19 -25.87 -39.30 46.28
C ARG C 19 -25.02 -38.84 45.10
N THR C 20 -23.68 -38.89 45.20
CA THR C 20 -22.79 -38.56 44.10
C THR C 20 -22.88 -39.50 42.91
N GLN C 21 -22.97 -40.82 43.15
CA GLN C 21 -22.86 -41.82 42.11
C GLN C 21 -24.15 -42.02 41.33
N ARG C 22 -25.31 -41.70 41.93
CA ARG C 22 -26.62 -41.74 41.28
C ARG C 22 -26.72 -40.98 39.95
N TRP C 23 -26.04 -39.81 39.87
CA TRP C 23 -26.08 -38.91 38.72
C TRP C 23 -25.55 -39.46 37.42
N ALA C 24 -24.72 -40.52 37.45
CA ALA C 24 -24.15 -41.10 36.25
C ALA C 24 -25.19 -41.66 35.26
N ASP C 25 -26.30 -42.25 35.75
CA ASP C 25 -27.37 -42.72 34.90
C ASP C 25 -28.01 -41.63 34.03
N LYS C 26 -28.25 -41.98 32.76
CA LYS C 26 -28.85 -41.14 31.74
C LYS C 26 -30.29 -40.75 32.04
N SER C 27 -31.15 -41.70 32.47
CA SER C 27 -32.53 -41.43 32.78
C SER C 27 -32.65 -40.48 33.95
N TYR C 28 -31.87 -40.75 35.01
CA TYR C 28 -31.75 -39.88 36.16
C TYR C 28 -31.28 -38.47 35.82
N LYS C 29 -30.27 -38.35 34.93
CA LYS C 29 -29.78 -37.07 34.45
C LYS C 29 -30.87 -36.27 33.75
N LYS C 30 -31.60 -36.91 32.83
CA LYS C 30 -32.76 -36.33 32.16
C LYS C 30 -33.87 -35.94 33.12
N SER C 31 -34.21 -36.79 34.11
CA SER C 31 -35.28 -36.51 35.06
C SER C 31 -34.99 -35.36 36.01
N HIS C 32 -33.77 -35.25 36.58
CA HIS C 32 -33.49 -34.27 37.62
C HIS C 32 -32.75 -33.02 37.16
N LEU C 33 -32.19 -32.97 35.93
CA LEU C 33 -31.63 -31.75 35.40
C LEU C 33 -32.72 -30.91 34.74
N GLY C 34 -32.53 -29.57 34.66
CA GLY C 34 -33.50 -28.64 34.09
C GLY C 34 -33.69 -28.73 32.60
N THR C 35 -32.71 -29.30 31.86
CA THR C 35 -32.68 -29.37 30.39
C THR C 35 -33.94 -29.91 29.76
N ARG C 36 -34.55 -30.95 30.34
CA ARG C 36 -35.90 -31.45 30.08
C ARG C 36 -36.93 -30.38 29.74
N TRP C 37 -37.19 -29.47 30.69
CA TRP C 37 -38.13 -28.37 30.54
C TRP C 37 -37.69 -27.30 29.53
N LYS C 38 -36.40 -27.28 29.17
CA LYS C 38 -35.82 -26.27 28.31
C LYS C 38 -35.76 -26.70 26.86
N SER C 39 -34.98 -27.74 26.56
CA SER C 39 -34.71 -28.15 25.18
C SER C 39 -35.89 -28.84 24.54
N ASN C 40 -36.69 -29.60 25.32
CA ASN C 40 -37.88 -30.21 24.79
C ASN C 40 -38.98 -29.17 24.49
N PRO C 41 -39.67 -29.18 23.35
CA PRO C 41 -40.67 -28.16 23.08
C PRO C 41 -41.97 -28.40 23.81
N PHE C 42 -42.35 -29.66 24.01
CA PHE C 42 -43.61 -30.07 24.59
C PHE C 42 -43.64 -29.87 26.09
N ARG C 43 -42.48 -30.11 26.75
CA ARG C 43 -42.20 -29.78 28.14
C ARG C 43 -43.25 -30.19 29.17
N GLY C 44 -43.48 -31.51 29.30
CA GLY C 44 -44.39 -32.07 30.30
C GLY C 44 -45.80 -32.24 29.80
N SER C 45 -46.03 -32.05 28.50
CA SER C 45 -47.30 -32.36 27.86
C SER C 45 -47.10 -33.50 26.89
N SER C 46 -48.14 -34.31 26.66
CA SER C 46 -48.21 -35.24 25.55
C SER C 46 -48.36 -34.55 24.21
N HIS C 47 -49.03 -33.38 24.20
CA HIS C 47 -49.61 -32.81 23.00
C HIS C 47 -49.39 -31.31 22.94
N ALA C 48 -49.32 -30.76 21.72
CA ALA C 48 -49.20 -29.34 21.50
C ALA C 48 -49.78 -28.97 20.15
N LYS C 49 -50.30 -27.75 20.03
CA LYS C 49 -50.80 -27.23 18.78
C LYS C 49 -49.73 -26.50 17.98
N GLY C 50 -49.62 -26.81 16.68
CA GLY C 50 -48.61 -26.24 15.79
C GLY C 50 -49.17 -25.91 14.44
N ILE C 51 -48.31 -25.33 13.58
CA ILE C 51 -48.64 -25.01 12.20
C ILE C 51 -47.60 -25.63 11.30
N VAL C 52 -48.01 -26.20 10.16
CA VAL C 52 -47.07 -26.80 9.22
C VAL C 52 -46.26 -25.73 8.48
N VAL C 53 -44.93 -25.85 8.54
CA VAL C 53 -43.97 -25.04 7.81
C VAL C 53 -43.69 -25.67 6.45
N GLU C 54 -43.38 -26.98 6.45
CA GLU C 54 -42.94 -27.67 5.26
C GLU C 54 -43.46 -29.09 5.23
N LYS C 55 -43.90 -29.57 4.04
CA LYS C 55 -44.14 -30.98 3.80
C LYS C 55 -42.87 -31.58 3.19
N VAL C 56 -42.27 -32.57 3.87
CA VAL C 56 -40.98 -33.12 3.50
C VAL C 56 -41.09 -34.61 3.25
N ALA C 57 -40.25 -35.16 2.36
CA ALA C 57 -40.17 -36.59 2.15
C ALA C 57 -38.78 -37.05 2.58
N ILE C 58 -38.67 -37.48 3.85
CA ILE C 58 -37.44 -37.93 4.47
C ILE C 58 -37.15 -39.35 4.07
N GLU C 59 -35.94 -39.68 3.61
CA GLU C 59 -35.63 -41.01 3.20
C GLU C 59 -35.30 -41.91 4.40
N ALA C 60 -35.88 -43.13 4.41
CA ALA C 60 -35.65 -44.13 5.42
C ALA C 60 -34.23 -44.69 5.40
N LYS C 61 -33.69 -45.08 6.57
CA LYS C 61 -32.36 -45.66 6.70
C LYS C 61 -32.06 -46.88 5.82
N GLN C 62 -30.76 -47.10 5.52
CA GLN C 62 -30.31 -47.87 4.36
C GLN C 62 -30.96 -49.23 4.11
N PRO C 63 -31.08 -50.21 4.99
CA PRO C 63 -31.70 -51.49 4.65
C PRO C 63 -33.20 -51.39 4.42
N ASN C 64 -33.84 -50.24 4.73
CA ASN C 64 -35.28 -50.08 4.71
C ASN C 64 -35.72 -48.92 3.82
N SER C 65 -34.83 -48.49 2.89
CA SER C 65 -35.00 -47.42 1.91
C SER C 65 -36.42 -47.16 1.39
N ALA C 66 -36.92 -45.93 1.59
CA ALA C 66 -38.21 -45.48 1.15
C ALA C 66 -38.17 -43.98 1.30
N TYR C 67 -39.15 -43.21 0.80
CA TYR C 67 -39.25 -41.82 1.18
C TYR C 67 -40.50 -41.68 2.02
N ARG C 68 -40.32 -41.31 3.28
CA ARG C 68 -41.35 -41.27 4.29
C ARG C 68 -41.93 -39.89 4.47
N LYS C 69 -43.25 -39.76 4.31
CA LYS C 69 -43.90 -38.47 4.21
C LYS C 69 -44.21 -37.85 5.56
N CYS C 70 -43.56 -36.71 5.83
CA CYS C 70 -43.52 -36.04 7.11
C CYS C 70 -43.82 -34.57 6.94
N VAL C 71 -44.06 -33.86 8.06
CA VAL C 71 -44.39 -32.46 8.06
C VAL C 71 -43.56 -31.78 9.12
N ARG C 72 -42.85 -30.72 8.72
CA ARG C 72 -42.11 -29.88 9.63
C ARG C 72 -43.02 -28.81 10.16
N VAL C 73 -43.20 -28.78 11.48
CA VAL C 73 -44.26 -28.06 12.17
C VAL C 73 -43.63 -27.08 13.13
N GLN C 74 -44.15 -25.86 13.23
CA GLN C 74 -43.72 -24.88 14.21
C GLN C 74 -44.77 -24.82 15.31
N LEU C 75 -44.44 -25.29 16.53
CA LEU C 75 -45.33 -25.17 17.67
C LEU C 75 -45.75 -23.74 17.99
N ILE C 76 -47.06 -23.50 18.15
CA ILE C 76 -47.60 -22.19 18.44
C ILE C 76 -47.20 -21.71 19.83
N LYS C 77 -47.31 -22.60 20.84
CA LYS C 77 -47.06 -22.24 22.22
C LYS C 77 -45.63 -21.80 22.53
N ASN C 78 -44.61 -22.54 22.06
CA ASN C 78 -43.23 -22.21 22.40
C ASN C 78 -42.42 -21.76 21.20
N GLY C 79 -43.03 -21.67 20.01
CA GLY C 79 -42.40 -21.03 18.85
C GLY C 79 -41.39 -21.85 18.09
N LYS C 80 -41.26 -23.15 18.39
CA LYS C 80 -40.14 -23.94 17.93
C LYS C 80 -40.54 -24.92 16.83
N LYS C 81 -39.70 -24.99 15.79
CA LYS C 81 -39.86 -25.92 14.69
C LYS C 81 -39.42 -27.34 15.05
N ILE C 82 -40.24 -28.34 14.69
CA ILE C 82 -40.04 -29.76 14.94
C ILE C 82 -40.40 -30.53 13.68
N THR C 83 -39.89 -31.76 13.52
CA THR C 83 -40.36 -32.61 12.42
C THR C 83 -41.30 -33.65 12.99
N ALA C 84 -42.48 -33.80 12.36
CA ALA C 84 -43.52 -34.70 12.78
C ALA C 84 -43.93 -35.65 11.68
N PHE C 85 -44.18 -36.92 12.04
CA PHE C 85 -44.63 -37.92 11.12
C PHE C 85 -46.12 -37.82 10.80
N VAL C 86 -46.49 -38.11 9.56
CA VAL C 86 -47.86 -38.19 9.11
C VAL C 86 -48.18 -39.67 8.90
N PRO C 87 -48.93 -40.34 9.77
CA PRO C 87 -49.30 -41.72 9.52
C PRO C 87 -50.40 -41.81 8.46
N GLY C 88 -50.31 -42.80 7.55
CA GLY C 88 -51.21 -42.99 6.43
C GLY C 88 -50.76 -42.29 5.16
N ASP C 89 -50.75 -43.03 4.03
CA ASP C 89 -50.31 -42.57 2.74
C ASP C 89 -51.02 -41.32 2.17
N GLY C 90 -52.38 -41.33 2.13
CA GLY C 90 -53.18 -40.25 1.55
C GLY C 90 -53.35 -39.04 2.44
N CYS C 91 -52.78 -39.11 3.65
CA CYS C 91 -52.99 -38.11 4.66
C CYS C 91 -52.07 -36.93 4.47
N LEU C 92 -50.84 -37.11 3.96
CA LEU C 92 -50.00 -35.98 3.55
C LEU C 92 -50.69 -35.13 2.48
N ASN C 93 -51.36 -35.79 1.51
CA ASN C 93 -52.22 -35.14 0.53
C ASN C 93 -53.39 -34.40 1.19
N PHE C 94 -54.05 -35.04 2.17
CA PHE C 94 -55.10 -34.45 2.99
C PHE C 94 -54.65 -33.18 3.75
N ILE C 95 -53.50 -33.23 4.42
CA ILE C 95 -52.89 -32.12 5.13
C ILE C 95 -52.70 -30.88 4.25
N ASP C 96 -53.02 -29.68 4.80
CA ASP C 96 -52.90 -28.41 4.13
C ASP C 96 -51.46 -27.88 4.20
N GLU C 97 -51.09 -26.97 3.28
CA GLU C 97 -49.81 -26.28 3.28
C GLU C 97 -49.59 -25.43 4.53
N ASN C 98 -50.65 -24.87 5.11
CA ASN C 98 -50.61 -24.00 6.26
C ASN C 98 -51.35 -24.63 7.42
N ASP C 99 -51.47 -25.98 7.45
CA ASP C 99 -52.35 -26.68 8.36
C ASP C 99 -52.09 -26.44 9.85
N GLU C 100 -53.19 -26.38 10.63
CA GLU C 100 -53.16 -26.22 12.07
C GLU C 100 -53.24 -27.61 12.67
N VAL C 101 -52.14 -28.06 13.27
CA VAL C 101 -51.93 -29.46 13.64
C VAL C 101 -51.86 -29.66 15.12
N LEU C 102 -52.38 -30.80 15.60
CA LEU C 102 -52.13 -31.27 16.94
C LEU C 102 -51.16 -32.43 16.83
N VAL C 103 -49.95 -32.20 17.36
CA VAL C 103 -48.84 -33.09 17.27
C VAL C 103 -48.57 -33.68 18.64
N SER C 104 -48.07 -34.92 18.69
CA SER C 104 -47.69 -35.59 19.91
C SER C 104 -46.29 -36.14 19.85
N GLY C 105 -45.81 -36.71 20.98
CA GLY C 105 -44.72 -37.67 21.04
C GLY C 105 -45.01 -38.93 20.26
N PHE C 106 -43.97 -39.68 19.87
CA PHE C 106 -44.12 -40.81 18.98
C PHE C 106 -43.75 -42.13 19.64
N GLY C 107 -43.78 -42.20 20.98
CA GLY C 107 -43.72 -43.45 21.73
C GLY C 107 -42.40 -43.74 22.39
N ARG C 108 -41.38 -42.91 22.10
CA ARG C 108 -40.03 -43.13 22.56
C ARG C 108 -39.54 -42.03 23.47
N SER C 109 -40.42 -41.08 23.87
CA SER C 109 -40.12 -40.03 24.83
C SER C 109 -38.90 -39.19 24.48
N GLY C 110 -38.84 -38.68 23.24
CA GLY C 110 -37.75 -37.84 22.76
C GLY C 110 -36.54 -38.58 22.24
N HIS C 111 -36.56 -39.91 22.21
CA HIS C 111 -35.60 -40.68 21.44
C HIS C 111 -36.16 -40.91 20.04
N SER C 112 -35.29 -40.97 19.01
CA SER C 112 -35.67 -41.28 17.64
C SER C 112 -36.28 -42.67 17.45
N VAL C 113 -37.15 -42.81 16.43
CA VAL C 113 -38.00 -43.97 16.27
C VAL C 113 -37.69 -44.71 14.97
N GLY C 114 -37.62 -46.06 15.00
CA GLY C 114 -37.53 -46.92 13.82
C GLY C 114 -36.45 -46.59 12.81
N ASP C 115 -36.80 -46.61 11.51
CA ASP C 115 -35.90 -46.34 10.41
C ASP C 115 -35.93 -44.88 9.96
N LEU C 116 -36.52 -44.00 10.79
CA LEU C 116 -36.79 -42.62 10.47
C LEU C 116 -35.75 -41.69 11.11
N PRO C 117 -34.79 -41.14 10.37
CA PRO C 117 -33.85 -40.18 10.96
C PRO C 117 -34.53 -38.84 11.22
N GLY C 118 -34.24 -38.20 12.37
CA GLY C 118 -34.74 -36.87 12.68
C GLY C 118 -36.19 -36.79 13.11
N VAL C 119 -36.85 -37.92 13.35
CA VAL C 119 -38.27 -37.95 13.68
C VAL C 119 -38.48 -38.42 15.12
N LYS C 120 -39.13 -37.58 15.95
CA LYS C 120 -39.48 -37.91 17.32
C LYS C 120 -40.97 -37.72 17.62
N PHE C 121 -41.75 -37.27 16.62
CA PHE C 121 -43.05 -36.67 16.84
C PHE C 121 -44.03 -37.15 15.77
N LYS C 122 -45.34 -37.13 16.06
CA LYS C 122 -46.34 -37.54 15.09
C LYS C 122 -47.55 -36.62 15.20
N VAL C 123 -48.14 -36.25 14.05
CA VAL C 123 -49.36 -35.48 14.03
C VAL C 123 -50.52 -36.45 14.11
N VAL C 124 -51.48 -36.17 15.01
CA VAL C 124 -52.53 -37.10 15.33
C VAL C 124 -53.91 -36.47 15.17
N LYS C 125 -53.96 -35.16 14.89
CA LYS C 125 -55.17 -34.44 14.50
C LYS C 125 -54.74 -33.24 13.67
N VAL C 126 -55.47 -32.93 12.58
CA VAL C 126 -55.20 -31.78 11.74
C VAL C 126 -56.50 -31.02 11.56
N ALA C 127 -56.46 -29.68 11.64
CA ALA C 127 -57.62 -28.80 11.72
C ALA C 127 -58.52 -29.10 12.92
N ARG C 128 -57.92 -29.69 13.97
CA ARG C 128 -58.57 -30.35 15.09
C ARG C 128 -59.60 -31.39 14.70
N VAL C 129 -59.41 -32.03 13.53
CA VAL C 129 -60.14 -33.20 13.09
C VAL C 129 -59.19 -34.35 13.24
N SER C 130 -59.64 -35.57 13.57
CA SER C 130 -58.70 -36.67 13.72
C SER C 130 -58.11 -37.12 12.39
N LEU C 131 -56.78 -37.22 12.35
CA LEU C 131 -56.01 -37.70 11.23
C LEU C 131 -56.26 -39.17 10.98
N LEU C 132 -56.29 -39.94 12.09
CA LEU C 132 -56.58 -41.36 12.08
C LEU C 132 -57.98 -41.64 11.59
N ALA C 133 -59.00 -40.87 12.05
CA ALA C 133 -60.37 -40.96 11.57
C ALA C 133 -60.52 -40.74 10.07
N LEU C 134 -59.79 -39.75 9.50
CA LEU C 134 -59.72 -39.56 8.07
C LEU C 134 -59.04 -40.72 7.35
N PHE C 135 -57.96 -41.29 7.92
CA PHE C 135 -57.30 -42.43 7.31
C PHE C 135 -58.12 -43.72 7.34
N LYS C 136 -58.77 -43.99 8.48
CA LYS C 136 -59.62 -45.13 8.79
C LYS C 136 -60.79 -45.33 7.83
N GLU C 137 -61.93 -44.65 8.07
CA GLU C 137 -63.14 -44.82 7.29
C GLU C 137 -63.50 -43.52 6.59
N LYS C 138 -62.54 -42.58 6.47
CA LYS C 138 -62.75 -41.23 5.95
C LYS C 138 -63.83 -40.49 6.74
N LYS C 139 -63.72 -40.54 8.08
CA LYS C 139 -64.84 -40.40 8.99
C LYS C 139 -65.16 -38.96 9.36
N GLU C 140 -64.48 -38.39 10.38
CA GLU C 140 -64.81 -37.08 10.92
C GLU C 140 -64.72 -35.93 9.92
N LYS C 141 -65.64 -34.95 10.04
CA LYS C 141 -65.94 -33.88 9.10
C LYS C 141 -64.75 -33.17 8.43
N PRO C 142 -64.55 -33.18 7.12
CA PRO C 142 -63.30 -32.74 6.53
C PRO C 142 -63.36 -31.27 6.14
N ARG C 143 -62.43 -30.44 6.70
CA ARG C 143 -62.24 -29.05 6.32
C ARG C 143 -63.45 -28.16 6.55
N SER C 144 -64.03 -28.27 7.75
CA SER C 144 -65.16 -27.46 8.19
C SER C 144 -64.79 -25.96 8.38
N GLN D 1 30.57 -67.02 -75.20
CA GLN D 1 29.30 -66.36 -74.71
C GLN D 1 28.37 -67.34 -74.00
N HIS D 2 27.35 -66.84 -73.26
CA HIS D 2 26.46 -67.70 -72.50
C HIS D 2 25.04 -67.15 -72.39
N ILE D 3 24.65 -66.15 -73.20
CA ILE D 3 23.34 -65.50 -73.07
C ILE D 3 22.68 -65.31 -74.43
N LEU D 4 21.36 -65.07 -74.42
CA LEU D 4 20.54 -64.81 -75.58
C LEU D 4 19.35 -63.93 -75.17
N ARG D 5 18.88 -63.02 -76.05
CA ARG D 5 17.64 -62.32 -75.80
C ARG D 5 16.47 -63.19 -76.25
N ILE D 6 15.43 -63.29 -75.41
CA ILE D 6 14.23 -64.04 -75.67
C ILE D 6 13.14 -63.08 -76.12
N LEU D 7 12.48 -63.39 -77.24
CA LEU D 7 11.37 -62.59 -77.75
C LEU D 7 10.20 -62.56 -76.78
N ASN D 8 9.55 -61.37 -76.65
CA ASN D 8 8.53 -61.01 -75.67
C ASN D 8 9.14 -60.49 -74.36
N THR D 9 10.43 -60.08 -74.43
CA THR D 9 11.07 -59.19 -73.45
C THR D 9 11.62 -59.90 -72.23
N ASN D 10 12.58 -60.82 -72.45
CA ASN D 10 13.35 -61.39 -71.35
C ASN D 10 14.77 -61.73 -71.81
N VAL D 11 15.75 -61.65 -70.90
CA VAL D 11 17.16 -61.89 -71.21
C VAL D 11 17.70 -62.93 -70.22
N ASP D 12 18.11 -64.12 -70.71
CA ASP D 12 18.40 -65.27 -69.88
C ASP D 12 19.63 -65.99 -70.43
N GLY D 13 20.19 -66.95 -69.67
CA GLY D 13 21.29 -67.73 -70.22
C GLY D 13 21.73 -68.89 -69.36
N LYS D 14 21.86 -68.67 -68.04
CA LYS D 14 22.13 -69.70 -67.05
C LYS D 14 20.91 -70.60 -66.85
N GLU D 15 19.72 -70.00 -66.94
CA GLU D 15 18.43 -70.64 -66.85
C GLU D 15 18.21 -71.73 -67.90
N LYS D 16 17.57 -72.86 -67.52
CA LYS D 16 17.15 -73.90 -68.45
C LYS D 16 16.15 -73.38 -69.49
N VAL D 17 16.07 -73.99 -70.68
CA VAL D 17 15.16 -73.52 -71.72
C VAL D 17 13.68 -73.44 -71.32
N ILE D 18 13.13 -74.44 -70.60
CA ILE D 18 11.83 -74.34 -69.93
C ILE D 18 11.74 -73.24 -68.89
N ILE D 19 12.79 -73.07 -68.06
CA ILE D 19 12.83 -72.14 -66.95
C ILE D 19 12.84 -70.69 -67.43
N ALA D 20 13.56 -70.40 -68.53
CA ALA D 20 13.49 -69.12 -69.18
C ALA D 20 12.11 -68.83 -69.78
N LEU D 21 11.55 -69.80 -70.54
CA LEU D 21 10.24 -69.68 -71.18
C LEU D 21 9.10 -69.50 -70.18
N THR D 22 9.11 -70.29 -69.10
CA THR D 22 8.14 -70.20 -68.02
C THR D 22 8.18 -68.85 -67.33
N ALA D 23 9.38 -68.32 -67.03
CA ALA D 23 9.57 -67.00 -66.49
C ALA D 23 9.07 -65.81 -67.33
N ILE D 24 8.51 -66.08 -68.53
CA ILE D 24 7.74 -65.12 -69.29
C ILE D 24 6.28 -65.38 -68.97
N LYS D 25 5.64 -66.30 -69.71
CA LYS D 25 4.26 -66.66 -69.52
C LYS D 25 4.12 -68.13 -69.87
N GLY D 26 3.14 -68.80 -69.26
CA GLY D 26 3.12 -70.25 -69.20
C GLY D 26 3.86 -70.75 -67.98
N ILE D 27 3.87 -69.96 -66.88
CA ILE D 27 4.66 -70.20 -65.68
C ILE D 27 4.09 -71.33 -64.82
N GLY D 28 2.87 -71.82 -65.17
CA GLY D 28 2.31 -73.05 -64.65
C GLY D 28 2.97 -74.31 -65.21
N LYS D 29 3.92 -74.14 -66.15
CA LYS D 29 4.90 -75.12 -66.59
C LYS D 29 4.41 -76.08 -67.65
N ARG D 30 3.16 -76.56 -67.56
CA ARG D 30 2.61 -77.52 -68.48
C ARG D 30 2.46 -76.97 -69.90
N MET D 31 2.02 -75.70 -70.04
CA MET D 31 2.01 -74.97 -71.29
C MET D 31 3.40 -74.81 -71.88
N ALA D 32 4.38 -74.46 -71.03
CA ALA D 32 5.76 -74.37 -71.41
C ALA D 32 6.34 -75.71 -71.85
N THR D 33 6.03 -76.80 -71.15
CA THR D 33 6.48 -78.15 -71.46
C THR D 33 6.02 -78.62 -72.82
N VAL D 34 4.73 -78.43 -73.15
CA VAL D 34 4.22 -78.75 -74.48
C VAL D 34 4.85 -77.91 -75.57
N ILE D 35 5.03 -76.59 -75.35
CA ILE D 35 5.75 -75.71 -76.25
C ILE D 35 7.19 -76.19 -76.47
N CYS D 36 7.93 -76.55 -75.41
CA CYS D 36 9.30 -77.06 -75.53
C CYS D 36 9.41 -78.31 -76.38
N LYS D 37 8.53 -79.30 -76.14
CA LYS D 37 8.42 -80.50 -76.95
C LYS D 37 8.05 -80.21 -78.41
N GLN D 38 7.09 -79.31 -78.65
CA GLN D 38 6.69 -78.89 -79.97
C GLN D 38 7.81 -78.17 -80.76
N ALA D 39 8.51 -77.23 -80.10
CA ALA D 39 9.65 -76.49 -80.59
C ALA D 39 10.85 -77.35 -80.95
N ASN D 40 11.14 -78.36 -80.10
CA ASN D 40 12.18 -79.37 -80.24
C ASN D 40 13.47 -78.94 -79.58
N VAL D 41 13.39 -77.98 -78.65
CA VAL D 41 14.47 -77.60 -77.74
C VAL D 41 14.88 -78.74 -76.82
N ASP D 42 16.14 -78.76 -76.35
CA ASP D 42 16.61 -79.75 -75.40
C ASP D 42 16.26 -79.34 -73.96
N PRO D 43 15.36 -80.01 -73.22
CA PRO D 43 14.71 -79.41 -72.05
C PRO D 43 15.63 -79.39 -70.86
N THR D 44 16.73 -80.15 -70.94
CA THR D 44 17.70 -80.30 -69.88
C THR D 44 18.84 -79.31 -70.05
N LYS D 45 18.84 -78.54 -71.15
CA LYS D 45 19.90 -77.58 -71.45
C LYS D 45 19.51 -76.15 -71.14
N ARG D 46 20.51 -75.26 -71.09
CA ARG D 46 20.37 -73.87 -70.73
C ARG D 46 20.06 -72.96 -71.93
N ALA D 47 19.38 -71.84 -71.67
CA ALA D 47 18.79 -70.98 -72.68
C ALA D 47 19.79 -70.14 -73.47
N GLY D 48 21.03 -69.98 -72.98
CA GLY D 48 22.05 -69.20 -73.67
C GLY D 48 22.67 -69.91 -74.85
N GLU D 49 22.33 -71.19 -75.04
CA GLU D 49 22.81 -72.01 -76.14
C GLU D 49 21.77 -72.13 -77.26
N LEU D 50 20.55 -71.57 -77.08
CA LEU D 50 19.48 -71.61 -78.07
C LEU D 50 19.80 -70.93 -79.40
N THR D 51 19.28 -71.49 -80.50
CA THR D 51 19.36 -70.93 -81.84
C THR D 51 18.20 -70.01 -82.15
N THR D 52 18.35 -69.15 -83.17
CA THR D 52 17.30 -68.27 -83.68
C THR D 52 16.06 -69.01 -84.15
N GLU D 53 16.25 -70.17 -84.81
CA GLU D 53 15.19 -71.08 -85.22
C GLU D 53 14.35 -71.58 -84.06
N GLU D 54 15.00 -72.01 -82.96
CA GLU D 54 14.34 -72.45 -81.74
C GLU D 54 13.47 -71.36 -81.10
N ILE D 55 13.96 -70.11 -81.03
CA ILE D 55 13.20 -68.95 -80.59
C ILE D 55 11.99 -68.70 -81.48
N ASP D 56 12.18 -68.69 -82.81
CA ASP D 56 11.15 -68.48 -83.80
C ASP D 56 10.03 -69.53 -83.70
N ASN D 57 10.40 -70.82 -83.58
CA ASN D 57 9.48 -71.90 -83.29
C ASN D 57 8.63 -71.65 -82.05
N ILE D 58 9.23 -71.20 -80.93
CA ILE D 58 8.51 -70.93 -79.69
C ILE D 58 7.50 -69.80 -79.88
N VAL D 59 7.91 -68.70 -80.53
CA VAL D 59 6.99 -67.59 -80.83
C VAL D 59 5.85 -68.00 -81.75
N HIS D 60 6.12 -68.83 -82.77
CA HIS D 60 5.09 -69.37 -83.64
C HIS D 60 4.04 -70.19 -82.91
N ILE D 61 4.48 -71.12 -82.04
CA ILE D 61 3.64 -71.90 -81.13
C ILE D 61 2.83 -71.01 -80.18
N MET D 62 3.47 -70.01 -79.55
CA MET D 62 2.81 -69.07 -78.66
C MET D 62 1.67 -68.33 -79.36
N SER D 63 1.94 -67.79 -80.57
CA SER D 63 0.94 -67.08 -81.34
C SER D 63 -0.20 -67.97 -81.81
N THR D 64 0.10 -69.18 -82.33
CA THR D 64 -0.92 -70.11 -82.77
C THR D 64 -0.62 -71.51 -82.25
N PRO D 65 -1.35 -72.03 -81.27
CA PRO D 65 -1.05 -73.36 -80.73
C PRO D 65 -2.08 -74.37 -81.20
N THR D 66 -3.22 -73.92 -81.78
CA THR D 66 -4.31 -74.75 -82.27
C THR D 66 -3.93 -75.65 -83.45
N GLN D 67 -3.05 -75.18 -84.35
CA GLN D 67 -2.50 -75.96 -85.46
C GLN D 67 -1.65 -77.14 -85.01
N PHE D 68 -1.00 -77.01 -83.84
CA PHE D 68 -0.19 -78.02 -83.20
C PHE D 68 -1.07 -78.97 -82.39
N LYS D 69 -0.48 -80.02 -81.81
CA LYS D 69 -1.24 -81.17 -81.35
C LYS D 69 -1.68 -81.03 -79.91
N ILE D 70 -1.45 -79.86 -79.28
CA ILE D 70 -1.87 -79.53 -77.93
C ILE D 70 -3.40 -79.59 -77.77
N PRO D 71 -4.00 -80.34 -76.83
CA PRO D 71 -5.45 -80.49 -76.77
C PRO D 71 -6.24 -79.22 -76.45
N ASP D 72 -7.51 -79.14 -76.88
CA ASP D 72 -8.36 -77.99 -76.62
C ASP D 72 -8.57 -77.72 -75.14
N TRP D 73 -8.87 -78.76 -74.33
CA TRP D 73 -8.85 -78.65 -72.88
C TRP D 73 -7.51 -78.17 -72.31
N PHE D 74 -6.39 -78.61 -72.91
CA PHE D 74 -5.06 -78.27 -72.47
C PHE D 74 -4.76 -76.79 -72.67
N LEU D 75 -5.18 -76.19 -73.80
CA LEU D 75 -5.04 -74.77 -73.99
C LEU D 75 -5.81 -73.90 -72.98
N ASN D 76 -5.15 -72.84 -72.46
CA ASN D 76 -5.78 -71.75 -71.73
C ASN D 76 -6.80 -71.01 -72.56
N ARG D 77 -7.86 -70.45 -71.93
CA ARG D 77 -8.91 -69.67 -72.59
C ARG D 77 -9.77 -70.44 -73.61
N ARG D 78 -11.08 -70.19 -73.58
CA ARG D 78 -12.05 -71.13 -74.08
C ARG D 78 -13.09 -70.47 -74.97
N LYS D 79 -14.38 -70.50 -74.58
CA LYS D 79 -15.44 -70.10 -75.48
C LYS D 79 -15.71 -68.61 -75.45
N ASP D 80 -16.02 -68.05 -74.26
CA ASP D 80 -16.35 -66.65 -74.08
C ASP D 80 -17.58 -66.15 -74.86
N LEU D 81 -18.51 -67.07 -75.23
CA LEU D 81 -19.87 -66.82 -75.72
C LEU D 81 -19.92 -66.34 -77.15
N LYS D 82 -19.24 -65.22 -77.42
CA LYS D 82 -19.12 -64.50 -78.65
C LYS D 82 -18.57 -65.34 -79.81
N GLU D 83 -19.07 -65.08 -81.04
CA GLU D 83 -18.77 -65.84 -82.23
C GLU D 83 -17.29 -65.93 -82.63
N GLY D 84 -16.56 -64.80 -82.58
CA GLY D 84 -15.11 -64.75 -82.87
C GLY D 84 -14.26 -65.46 -81.85
N LYS D 85 -13.78 -66.67 -82.20
CA LYS D 85 -13.01 -67.61 -81.40
C LYS D 85 -12.02 -67.04 -80.38
N ASN D 86 -12.04 -67.62 -79.16
CA ASN D 86 -11.33 -67.07 -78.02
C ASN D 86 -10.35 -68.07 -77.42
N ILE D 87 -10.07 -69.20 -78.09
CA ILE D 87 -9.13 -70.20 -77.59
C ILE D 87 -7.68 -69.69 -77.57
N HIS D 88 -7.00 -69.77 -76.41
CA HIS D 88 -5.62 -69.38 -76.18
C HIS D 88 -5.29 -67.90 -76.09
N VAL D 89 -4.68 -67.48 -74.96
CA VAL D 89 -4.32 -66.10 -74.69
C VAL D 89 -2.82 -65.86 -74.61
N ILE D 90 -2.24 -65.80 -73.39
CA ILE D 90 -0.85 -65.48 -73.09
C ILE D 90 -0.49 -63.99 -73.31
N ALA D 91 0.43 -63.44 -72.47
CA ALA D 91 1.01 -62.13 -72.65
C ALA D 91 0.05 -60.94 -72.69
N ASN D 92 0.24 -59.97 -73.61
CA ASN D 92 -0.62 -58.79 -73.75
C ASN D 92 -2.05 -59.19 -74.12
N GLN D 93 -2.24 -60.33 -74.80
CA GLN D 93 -3.58 -60.82 -75.10
C GLN D 93 -4.26 -61.23 -73.81
N LEU D 94 -3.55 -61.87 -72.88
CA LEU D 94 -4.06 -62.22 -71.55
C LEU D 94 -4.45 -60.98 -70.75
N ASP D 95 -3.58 -59.96 -70.73
CA ASP D 95 -3.86 -58.68 -70.13
C ASP D 95 -5.10 -58.02 -70.71
N SER D 96 -5.19 -57.98 -72.05
CA SER D 96 -6.32 -57.41 -72.78
C SER D 96 -7.61 -58.13 -72.51
N TYR D 97 -7.62 -59.47 -72.55
CA TYR D 97 -8.75 -60.29 -72.21
C TYR D 97 -9.21 -60.09 -70.77
N LEU D 98 -8.28 -59.97 -69.81
CA LEU D 98 -8.60 -59.61 -68.43
C LEU D 98 -9.26 -58.25 -68.31
N ARG D 99 -8.71 -57.24 -69.00
CA ARG D 99 -9.27 -55.90 -69.03
C ARG D 99 -10.66 -55.86 -69.64
N GLU D 100 -10.87 -56.58 -70.75
CA GLU D 100 -12.17 -56.79 -71.35
C GLU D 100 -13.19 -57.47 -70.42
N ASP D 101 -12.78 -58.53 -69.70
CA ASP D 101 -13.59 -59.22 -68.72
C ASP D 101 -14.01 -58.28 -67.59
N LEU D 102 -13.05 -57.52 -67.04
CA LEU D 102 -13.27 -56.53 -66.02
C LEU D 102 -14.23 -55.44 -66.48
N GLU D 103 -14.07 -54.94 -67.71
CA GLU D 103 -14.99 -54.01 -68.33
C GLU D 103 -16.39 -54.57 -68.52
N ARG D 104 -16.51 -55.82 -68.96
CA ARG D 104 -17.78 -56.49 -69.15
C ARG D 104 -18.52 -56.71 -67.84
N MET D 105 -17.85 -57.20 -66.78
CA MET D 105 -18.42 -57.25 -65.44
C MET D 105 -18.93 -55.91 -64.90
N LYS D 106 -18.12 -54.85 -65.09
CA LYS D 106 -18.45 -53.48 -64.75
C LYS D 106 -19.67 -52.95 -65.50
N LYS D 107 -19.72 -53.19 -66.82
CA LYS D 107 -20.83 -52.84 -67.70
C LYS D 107 -22.15 -53.49 -67.31
N ILE D 108 -22.12 -54.80 -66.99
CA ILE D 108 -23.20 -55.54 -66.37
C ILE D 108 -23.64 -54.93 -65.05
N ARG D 109 -22.64 -54.59 -64.20
CA ARG D 109 -22.76 -54.33 -62.78
C ARG D 109 -23.00 -55.62 -62.03
N LEU D 110 -22.24 -56.66 -62.41
CA LEU D 110 -22.18 -57.93 -61.74
C LEU D 110 -21.58 -57.81 -60.34
N HIS D 111 -22.01 -58.64 -59.37
CA HIS D 111 -21.48 -58.68 -58.01
C HIS D 111 -19.96 -58.75 -57.93
N ARG D 112 -19.34 -59.63 -58.75
CA ARG D 112 -17.90 -59.80 -58.89
C ARG D 112 -17.25 -58.55 -59.46
N GLY D 113 -17.90 -57.92 -60.47
CA GLY D 113 -17.51 -56.64 -61.05
C GLY D 113 -17.44 -55.53 -60.04
N LEU D 114 -18.51 -55.36 -59.26
CA LEU D 114 -18.60 -54.40 -58.18
C LEU D 114 -17.51 -54.62 -57.15
N ARG D 115 -17.31 -55.87 -56.71
CA ARG D 115 -16.21 -56.26 -55.84
C ARG D 115 -14.82 -55.97 -56.41
N HIS D 116 -14.58 -56.26 -57.70
CA HIS D 116 -13.38 -55.80 -58.40
C HIS D 116 -13.22 -54.29 -58.44
N HIS D 117 -14.31 -53.55 -58.70
CA HIS D 117 -14.35 -52.09 -58.62
C HIS D 117 -14.00 -51.56 -57.23
N TRP D 118 -14.59 -52.15 -56.17
CA TRP D 118 -14.24 -51.88 -54.78
C TRP D 118 -12.77 -52.21 -54.47
N GLY D 119 -12.24 -53.29 -55.08
CA GLY D 119 -10.87 -53.75 -54.95
C GLY D 119 -10.72 -54.83 -53.91
N LEU D 120 -11.76 -55.67 -53.76
CA LEU D 120 -11.94 -56.57 -52.64
C LEU D 120 -12.33 -57.95 -53.13
N ARG D 121 -12.27 -58.97 -52.24
CA ARG D 121 -12.49 -60.36 -52.59
C ARG D 121 -13.85 -60.68 -53.18
N VAL D 122 -13.91 -61.66 -54.10
CA VAL D 122 -15.14 -62.24 -54.61
C VAL D 122 -15.96 -62.91 -53.51
N ARG D 123 -15.30 -63.68 -52.63
CA ARG D 123 -15.93 -64.45 -51.57
C ARG D 123 -16.35 -63.65 -50.35
N GLY D 124 -15.87 -62.39 -50.20
CA GLY D 124 -15.99 -61.60 -48.97
C GLY D 124 -14.78 -61.71 -48.07
N GLN D 125 -14.54 -60.70 -47.22
CA GLN D 125 -13.36 -60.61 -46.37
C GLN D 125 -13.23 -61.71 -45.34
N HIS D 126 -14.38 -62.10 -44.74
CA HIS D 126 -14.45 -63.03 -43.63
C HIS D 126 -13.70 -62.52 -42.42
N THR D 127 -14.10 -61.31 -41.96
CA THR D 127 -13.74 -60.70 -40.69
C THR D 127 -12.25 -60.66 -40.34
N LYS D 128 -11.44 -59.96 -41.16
CA LYS D 128 -10.03 -59.74 -40.92
C LYS D 128 -9.77 -58.28 -40.43
N VAL E 1 -46.77 -78.16 -50.49
CA VAL E 1 -45.61 -77.87 -49.56
C VAL E 1 -44.24 -78.17 -50.18
N HIS E 2 -43.14 -77.57 -49.68
CA HIS E 2 -41.82 -77.65 -50.30
C HIS E 2 -41.17 -79.04 -50.23
N PRO E 3 -40.40 -79.52 -51.21
CA PRO E 3 -39.69 -80.80 -51.13
C PRO E 3 -38.79 -81.04 -49.93
N LYS E 4 -39.03 -82.15 -49.18
CA LYS E 4 -38.30 -82.49 -47.99
C LYS E 4 -38.00 -83.97 -47.99
N LYS E 5 -37.54 -84.50 -49.16
CA LYS E 5 -37.05 -85.86 -49.27
C LYS E 5 -35.51 -85.85 -49.26
N TYR E 6 -34.95 -84.70 -48.87
CA TYR E 6 -33.55 -84.45 -48.64
C TYR E 6 -33.47 -83.23 -47.72
N GLY E 7 -32.28 -82.97 -47.13
CA GLY E 7 -32.05 -81.79 -46.28
C GLY E 7 -32.63 -81.85 -44.89
N GLN E 8 -32.21 -80.92 -44.02
CA GLN E 8 -32.48 -80.91 -42.59
C GLN E 8 -33.91 -81.16 -42.12
N GLY E 9 -34.93 -80.68 -42.86
CA GLY E 9 -36.33 -80.82 -42.48
C GLY E 9 -36.93 -82.15 -42.82
N SER E 10 -36.15 -83.03 -43.46
CA SER E 10 -36.59 -84.38 -43.82
C SER E 10 -36.47 -85.34 -42.65
N ARG E 11 -35.79 -84.91 -41.58
CA ARG E 11 -35.36 -85.79 -40.52
C ARG E 11 -35.51 -85.11 -39.17
N GLN E 12 -35.79 -85.91 -38.14
CA GLN E 12 -36.03 -85.44 -36.79
C GLN E 12 -35.91 -86.61 -35.84
N CYS E 13 -35.69 -86.36 -34.52
CA CYS E 13 -35.61 -87.41 -33.52
C CYS E 13 -36.88 -88.24 -33.39
N ARG E 14 -36.77 -89.58 -33.32
CA ARG E 14 -37.91 -90.46 -33.08
C ARG E 14 -38.59 -90.20 -31.74
N VAL E 15 -37.81 -90.01 -30.67
CA VAL E 15 -38.32 -89.76 -29.33
C VAL E 15 -39.04 -88.42 -29.19
N CYS E 16 -38.42 -87.31 -29.66
CA CYS E 16 -38.88 -85.98 -29.29
C CYS E 16 -39.02 -85.00 -30.45
N SER E 17 -38.77 -85.42 -31.71
CA SER E 17 -38.91 -84.58 -32.90
C SER E 17 -38.01 -83.34 -32.95
N ASN E 18 -36.78 -83.44 -32.39
CA ASN E 18 -35.76 -82.40 -32.48
C ASN E 18 -35.35 -82.09 -33.92
N LYS E 19 -35.05 -80.82 -34.22
CA LYS E 19 -34.71 -80.37 -35.56
C LYS E 19 -33.20 -80.30 -35.77
N HIS E 20 -32.40 -80.61 -34.73
CA HIS E 20 -30.95 -80.68 -34.78
C HIS E 20 -30.43 -81.82 -33.91
N ALA E 21 -29.12 -82.09 -33.99
CA ALA E 21 -28.39 -83.03 -33.18
C ALA E 21 -28.81 -84.51 -33.27
N ILE E 22 -29.23 -84.99 -34.46
CA ILE E 22 -29.71 -86.35 -34.60
C ILE E 22 -28.61 -87.30 -35.01
N ILE E 23 -28.43 -88.40 -34.25
CA ILE E 23 -27.56 -89.51 -34.53
C ILE E 23 -28.23 -90.48 -35.49
N ARG E 24 -27.77 -90.51 -36.75
CA ARG E 24 -28.33 -91.35 -37.79
C ARG E 24 -27.50 -92.60 -38.00
N LYS E 25 -26.39 -92.76 -37.25
CA LYS E 25 -25.60 -93.97 -37.21
C LYS E 25 -26.40 -95.19 -36.80
N TYR E 26 -26.32 -96.27 -37.62
CA TYR E 26 -27.09 -97.50 -37.51
C TYR E 26 -28.59 -97.30 -37.74
N ASN E 27 -28.96 -96.15 -38.34
CA ASN E 27 -30.26 -95.81 -38.87
C ASN E 27 -31.40 -95.89 -37.85
N ILE E 28 -31.20 -95.33 -36.64
CA ILE E 28 -32.21 -95.38 -35.57
C ILE E 28 -32.83 -94.02 -35.26
N ASN E 29 -32.25 -92.91 -35.77
CA ASN E 29 -32.81 -91.57 -35.72
C ASN E 29 -33.11 -91.01 -34.33
N ILE E 30 -32.11 -90.98 -33.43
CA ILE E 30 -32.29 -90.47 -32.08
C ILE E 30 -31.26 -89.39 -31.82
N CYS E 31 -31.67 -88.25 -31.23
CA CYS E 31 -30.78 -87.16 -30.85
C CYS E 31 -29.97 -87.48 -29.61
N ARG E 32 -28.74 -86.94 -29.47
CA ARG E 32 -27.82 -87.38 -28.43
C ARG E 32 -28.33 -87.15 -27.01
N GLN E 33 -29.05 -86.05 -26.79
CA GLN E 33 -29.72 -85.73 -25.54
C GLN E 33 -30.77 -86.74 -25.14
N CYS E 34 -31.52 -87.32 -26.10
CA CYS E 34 -32.36 -88.48 -25.88
C CYS E 34 -31.57 -89.75 -25.65
N PHE E 35 -30.60 -90.03 -26.54
CA PHE E 35 -29.79 -91.23 -26.57
C PHE E 35 -29.09 -91.55 -25.26
N ARG E 36 -28.55 -90.56 -24.53
CA ARG E 36 -27.88 -90.86 -23.27
C ARG E 36 -28.81 -91.37 -22.20
N GLU E 37 -30.10 -90.97 -22.24
CA GLU E 37 -31.14 -91.48 -21.38
C GLU E 37 -31.39 -92.97 -21.63
N ARG E 38 -31.47 -93.37 -22.91
CA ARG E 38 -31.99 -94.66 -23.32
C ARG E 38 -30.96 -95.69 -23.72
N ALA E 39 -29.66 -95.34 -23.81
CA ALA E 39 -28.67 -96.25 -24.36
C ALA E 39 -28.50 -97.56 -23.60
N ASP E 40 -28.73 -97.55 -22.27
CA ASP E 40 -28.66 -98.75 -21.46
C ASP E 40 -29.82 -99.69 -21.76
N ILE E 41 -31.06 -99.16 -21.85
CA ILE E 41 -32.22 -99.94 -22.18
C ILE E 41 -32.23 -100.43 -23.62
N ILE E 42 -31.60 -99.67 -24.55
CA ILE E 42 -31.38 -100.14 -25.91
C ILE E 42 -30.34 -101.26 -25.95
N GLY E 43 -29.29 -101.18 -25.11
CA GLY E 43 -28.42 -102.32 -24.85
C GLY E 43 -26.99 -101.97 -24.60
N PHE E 44 -26.58 -100.76 -24.99
CA PHE E 44 -25.21 -100.29 -24.96
C PHE E 44 -24.56 -100.26 -23.57
N LYS E 45 -23.27 -100.63 -23.50
CA LYS E 45 -22.45 -100.59 -22.32
C LYS E 45 -21.25 -99.70 -22.59
N LYS E 46 -20.64 -99.13 -21.53
CA LYS E 46 -19.56 -98.17 -21.66
C LYS E 46 -18.30 -98.70 -21.00
N TYR E 47 -17.13 -98.36 -21.58
CA TYR E 47 -15.86 -98.92 -21.16
C TYR E 47 -14.68 -97.96 -21.33
N ARG E 48 -14.91 -96.78 -21.92
CA ARG E 48 -13.87 -95.87 -22.38
C ARG E 48 -14.50 -94.45 -22.61
N LYS F 1 11.48 -133.02 -41.56
CA LYS F 1 10.81 -132.07 -42.53
C LYS F 1 10.77 -130.60 -42.10
N ARG F 2 9.91 -130.21 -41.12
CA ARG F 2 9.58 -128.80 -40.89
C ARG F 2 9.32 -128.43 -39.41
N VAL F 3 9.84 -127.27 -38.95
CA VAL F 3 9.58 -126.68 -37.64
C VAL F 3 9.23 -125.19 -37.80
N GLN F 4 8.37 -124.62 -36.93
CA GLN F 4 7.93 -123.23 -37.02
C GLN F 4 8.12 -122.46 -35.72
N THR F 5 8.56 -121.19 -35.83
CA THR F 5 8.75 -120.26 -34.70
C THR F 5 8.46 -118.84 -35.19
N PHE F 6 8.57 -117.78 -34.34
CA PHE F 6 8.02 -116.48 -34.73
C PHE F 6 8.66 -115.25 -34.05
N GLY F 7 8.29 -114.05 -34.54
CA GLY F 7 8.69 -112.74 -34.07
C GLY F 7 7.53 -111.77 -34.08
N LYS F 8 7.50 -110.79 -33.16
CA LYS F 8 6.38 -109.90 -32.93
C LYS F 8 6.83 -108.54 -32.39
N LYS F 9 6.82 -107.49 -33.25
CA LYS F 9 7.01 -106.11 -32.83
C LYS F 9 5.84 -105.26 -33.32
N LYS F 10 5.19 -104.50 -32.40
CA LYS F 10 4.01 -103.69 -32.67
C LYS F 10 2.88 -104.51 -33.30
N THR F 11 2.24 -104.02 -34.37
CA THR F 11 1.30 -104.84 -35.13
C THR F 11 1.97 -106.04 -35.78
N ALA F 12 3.19 -105.86 -36.34
CA ALA F 12 3.84 -106.88 -37.11
C ALA F 12 4.07 -108.21 -36.41
N VAL F 13 3.88 -109.30 -37.17
CA VAL F 13 4.16 -110.65 -36.77
C VAL F 13 4.86 -111.32 -37.93
N ALA F 14 5.99 -111.99 -37.66
CA ALA F 14 6.69 -112.75 -38.66
C ALA F 14 6.77 -114.17 -38.17
N VAL F 15 6.15 -115.12 -38.90
CA VAL F 15 6.32 -116.54 -38.61
C VAL F 15 7.42 -117.07 -39.51
N ALA F 16 8.41 -117.79 -38.96
CA ALA F 16 9.51 -118.34 -39.72
C ALA F 16 9.40 -119.86 -39.72
N THR F 17 9.50 -120.43 -40.92
CA THR F 17 9.35 -121.85 -41.19
C THR F 17 10.70 -122.37 -41.62
N VAL F 18 11.27 -123.28 -40.81
CA VAL F 18 12.61 -123.79 -40.97
C VAL F 18 12.51 -125.26 -41.32
N THR F 19 12.91 -125.60 -42.55
CA THR F 19 12.83 -126.94 -43.09
C THR F 19 14.21 -127.52 -43.27
N ASN F 20 14.32 -128.85 -43.42
CA ASN F 20 15.57 -129.48 -43.80
C ASN F 20 15.86 -129.21 -45.27
N GLY F 21 17.07 -128.74 -45.64
CA GLY F 21 17.29 -128.19 -46.98
C GLY F 21 18.73 -127.99 -47.36
N LYS F 22 19.07 -126.81 -47.92
CA LYS F 22 20.32 -126.59 -48.61
C LYS F 22 20.88 -125.17 -48.48
N GLY F 23 20.16 -124.25 -47.80
CA GLY F 23 20.63 -122.91 -47.44
C GLY F 23 19.88 -121.79 -48.09
N LEU F 24 18.68 -122.04 -48.63
CA LEU F 24 17.81 -121.00 -49.15
C LEU F 24 17.08 -120.26 -48.03
N ILE F 25 17.02 -118.92 -48.08
CA ILE F 25 16.21 -118.14 -47.15
C ILE F 25 15.30 -117.21 -47.93
N LYS F 26 13.98 -117.30 -47.66
CA LYS F 26 12.95 -116.55 -48.35
C LYS F 26 12.13 -115.72 -47.37
N LEU F 27 11.54 -114.62 -47.86
CA LEU F 27 10.60 -113.77 -47.15
C LEU F 27 9.35 -113.67 -48.02
N ASN F 28 8.28 -114.41 -47.69
CA ASN F 28 7.07 -114.55 -48.48
C ASN F 28 7.31 -114.84 -49.97
N GLY F 29 7.18 -113.84 -50.88
CA GLY F 29 7.45 -114.00 -52.31
C GLY F 29 8.85 -113.61 -52.72
N LYS F 30 9.70 -113.22 -51.77
CA LYS F 30 10.98 -112.55 -51.97
C LYS F 30 12.15 -113.35 -51.43
N ASN F 31 13.33 -113.31 -52.09
CA ASN F 31 14.58 -113.71 -51.44
C ASN F 31 14.95 -112.77 -50.27
N LEU F 32 15.71 -113.27 -49.26
CA LEU F 32 16.21 -112.52 -48.11
C LEU F 32 16.98 -111.24 -48.45
N ASP F 33 17.62 -111.19 -49.63
CA ASP F 33 18.30 -110.06 -50.24
C ASP F 33 17.45 -108.78 -50.35
N LEU F 34 16.15 -108.90 -50.65
CA LEU F 34 15.31 -107.83 -51.15
C LEU F 34 14.65 -106.96 -50.06
N VAL F 35 15.27 -106.85 -48.87
CA VAL F 35 14.82 -105.97 -47.79
C VAL F 35 14.70 -104.51 -48.21
N GLU F 36 15.72 -104.00 -48.95
CA GLU F 36 15.88 -102.67 -49.52
C GLU F 36 16.81 -101.76 -48.72
N PRO F 37 16.51 -101.08 -47.59
CA PRO F 37 17.51 -100.37 -46.81
C PRO F 37 18.66 -101.24 -46.33
N TYR F 38 19.89 -100.77 -46.58
CA TYR F 38 21.14 -101.45 -46.26
C TYR F 38 21.30 -101.70 -44.78
N ILE F 39 20.86 -100.74 -43.95
CA ILE F 39 20.87 -100.80 -42.50
C ILE F 39 20.03 -101.96 -41.98
N LEU F 40 18.80 -102.12 -42.48
CA LEU F 40 17.91 -103.10 -41.91
C LEU F 40 18.13 -104.51 -42.45
N LYS F 41 18.67 -104.63 -43.68
CA LYS F 41 19.26 -105.86 -44.20
C LYS F 41 20.37 -106.41 -43.31
N THR F 42 21.31 -105.53 -42.94
CA THR F 42 22.45 -105.84 -42.08
C THR F 42 22.01 -106.36 -40.73
N LYS F 43 20.95 -105.79 -40.12
CA LYS F 43 20.33 -106.28 -38.91
C LYS F 43 19.79 -107.71 -38.97
N VAL F 44 19.26 -108.19 -40.12
CA VAL F 44 18.77 -109.55 -40.21
C VAL F 44 19.86 -110.51 -40.68
N TYR F 45 20.89 -110.05 -41.40
CA TYR F 45 22.10 -110.81 -41.63
C TYR F 45 22.97 -111.03 -40.38
N GLU F 46 22.98 -110.06 -39.45
CA GLU F 46 23.64 -110.11 -38.15
C GLU F 46 23.59 -111.44 -37.35
N PRO F 47 22.47 -112.12 -37.05
CA PRO F 47 22.50 -113.38 -36.32
C PRO F 47 23.06 -114.50 -37.15
N LEU F 48 22.84 -114.47 -38.49
CA LEU F 48 23.41 -115.41 -39.42
C LEU F 48 24.93 -115.37 -39.42
N TRP F 49 25.51 -114.16 -39.36
CA TRP F 49 26.94 -113.99 -39.26
C TRP F 49 27.49 -114.38 -37.89
N LEU F 50 26.76 -114.09 -36.81
CA LEU F 50 27.17 -114.47 -35.47
C LEU F 50 27.23 -115.99 -35.23
N ILE F 51 26.38 -116.79 -35.92
CA ILE F 51 26.52 -118.23 -35.94
C ILE F 51 27.54 -118.70 -36.97
N GLY F 52 27.52 -118.11 -38.18
CA GLY F 52 28.31 -118.52 -39.34
C GLY F 52 27.50 -119.36 -40.29
N SER F 53 27.62 -119.08 -41.61
CA SER F 53 26.76 -119.65 -42.64
C SER F 53 27.02 -121.12 -42.93
N GLY F 54 28.20 -121.63 -42.53
CA GLY F 54 28.56 -123.04 -42.67
C GLY F 54 27.89 -123.93 -41.66
N LYS F 55 27.14 -123.33 -40.71
CA LYS F 55 26.33 -124.03 -39.74
C LYS F 55 24.85 -123.96 -40.09
N LEU F 56 24.50 -123.32 -41.23
CA LEU F 56 23.13 -123.10 -41.65
C LEU F 56 22.81 -123.68 -43.03
N LYS F 57 23.72 -124.44 -43.66
CA LYS F 57 23.57 -124.81 -45.06
C LYS F 57 22.85 -126.13 -45.27
N ASN F 58 22.37 -126.76 -44.17
CA ASN F 58 21.62 -128.00 -44.22
C ASN F 58 20.12 -127.75 -44.04
N LEU F 59 19.69 -126.47 -43.97
CA LEU F 59 18.30 -126.11 -43.73
C LEU F 59 17.86 -125.03 -44.70
N ASP F 60 16.58 -125.08 -45.16
CA ASP F 60 15.99 -124.01 -45.93
C ASP F 60 14.93 -123.30 -45.10
N ILE F 61 14.84 -121.97 -45.25
CA ILE F 61 14.02 -121.13 -44.44
C ILE F 61 13.06 -120.37 -45.33
N ARG F 62 11.76 -120.38 -44.99
CA ARG F 62 10.83 -119.46 -45.60
C ARG F 62 10.14 -118.74 -44.45
N ILE F 63 9.94 -117.41 -44.56
CA ILE F 63 9.33 -116.59 -43.51
C ILE F 63 8.09 -115.92 -44.08
N ARG F 64 7.00 -115.78 -43.28
CA ARG F 64 5.79 -115.08 -43.70
C ARG F 64 5.45 -113.99 -42.68
N VAL F 65 5.45 -112.72 -43.15
CA VAL F 65 5.33 -111.52 -42.35
C VAL F 65 4.05 -110.76 -42.67
N LYS F 66 3.22 -110.47 -41.66
CA LYS F 66 2.00 -109.68 -41.81
C LYS F 66 1.98 -108.59 -40.75
N GLY F 67 1.44 -107.39 -41.07
CA GLY F 67 1.26 -106.34 -40.09
C GLY F 67 2.42 -105.38 -40.03
N GLY F 68 2.16 -104.17 -39.49
CA GLY F 68 3.16 -103.13 -39.28
C GLY F 68 3.84 -102.56 -40.50
N GLY F 69 4.82 -101.67 -40.27
CA GLY F 69 5.65 -101.04 -41.28
C GLY F 69 7.00 -101.70 -41.38
N GLN F 70 7.89 -101.14 -42.20
CA GLN F 70 9.15 -101.77 -42.54
C GLN F 70 10.11 -101.96 -41.36
N THR F 71 10.33 -100.92 -40.54
CA THR F 71 11.23 -101.01 -39.40
C THR F 71 10.76 -102.00 -38.34
N SER F 72 9.45 -101.99 -38.02
CA SER F 72 8.82 -102.97 -37.14
C SER F 72 8.89 -104.39 -37.69
N GLN F 73 8.61 -104.58 -38.99
CA GLN F 73 8.71 -105.86 -39.66
C GLN F 73 10.12 -106.44 -39.63
N ILE F 74 11.18 -105.67 -39.91
CA ILE F 74 12.55 -106.19 -39.85
C ILE F 74 12.96 -106.67 -38.47
N TYR F 75 12.54 -106.00 -37.39
CA TYR F 75 12.78 -106.50 -36.06
C TYR F 75 11.98 -107.77 -35.77
N ALA F 76 10.71 -107.86 -36.21
CA ALA F 76 9.95 -109.09 -36.17
C ALA F 76 10.60 -110.23 -36.98
N ILE F 77 11.13 -109.95 -38.18
CA ILE F 77 11.92 -110.87 -38.97
C ILE F 77 13.18 -111.33 -38.25
N ARG F 78 13.94 -110.42 -37.61
CA ARG F 78 15.15 -110.76 -36.88
C ARG F 78 14.87 -111.69 -35.70
N GLN F 79 13.80 -111.40 -34.93
CA GLN F 79 13.27 -112.32 -33.94
C GLN F 79 12.86 -113.67 -34.49
N ALA F 80 12.13 -113.69 -35.63
CA ALA F 80 11.73 -114.90 -36.31
C ALA F 80 12.89 -115.74 -36.82
N ILE F 81 13.94 -115.09 -37.37
CA ILE F 81 15.21 -115.71 -37.72
C ILE F 81 15.90 -116.29 -36.50
N GLY F 82 16.05 -115.49 -35.41
CA GLY F 82 16.62 -115.94 -34.13
C GLY F 82 15.99 -117.19 -33.56
N LYS F 83 14.66 -117.14 -33.33
CA LYS F 83 13.86 -118.28 -32.93
C LYS F 83 13.89 -119.44 -33.90
N GLY F 84 13.91 -119.17 -35.22
CA GLY F 84 14.08 -120.17 -36.28
C GLY F 84 15.37 -120.96 -36.17
N ILE F 85 16.53 -120.28 -36.10
CA ILE F 85 17.83 -120.87 -35.77
C ILE F 85 17.77 -121.75 -34.52
N ILE F 86 17.23 -121.20 -33.42
CA ILE F 86 17.09 -121.91 -32.17
C ILE F 86 16.16 -123.13 -32.22
N SER F 87 14.99 -123.04 -32.87
CA SER F 87 14.05 -124.16 -32.96
C SER F 87 14.59 -125.33 -33.78
N TYR F 88 15.29 -125.08 -34.90
CA TYR F 88 16.01 -126.08 -35.64
C TYR F 88 17.08 -126.79 -34.81
N TYR F 89 17.82 -126.01 -34.00
CA TYR F 89 18.88 -126.57 -33.18
C TYR F 89 18.34 -127.33 -31.99
N GLN F 90 17.13 -127.03 -31.50
CA GLN F 90 16.49 -127.85 -30.48
C GLN F 90 15.81 -129.09 -31.04
N LYS F 91 15.25 -129.03 -32.26
CA LYS F 91 14.39 -130.08 -32.79
C LYS F 91 15.16 -131.12 -33.58
N TYR F 92 16.22 -130.71 -34.29
CA TYR F 92 17.01 -131.58 -35.14
C TYR F 92 18.40 -131.82 -34.56
N VAL F 93 19.08 -130.74 -34.12
CA VAL F 93 20.49 -130.82 -33.74
C VAL F 93 20.68 -131.39 -32.34
N ASP F 94 20.54 -130.57 -31.28
CA ASP F 94 20.99 -130.90 -29.95
C ASP F 94 20.62 -129.75 -29.01
N GLU F 95 19.86 -130.09 -27.96
CA GLU F 95 19.40 -129.20 -26.93
C GLU F 95 20.51 -128.48 -26.15
N SER F 96 21.59 -129.18 -25.78
CA SER F 96 22.74 -128.55 -25.12
C SER F 96 23.45 -127.55 -26.00
N THR F 97 23.63 -127.87 -27.28
CA THR F 97 24.14 -126.97 -28.31
C THR F 97 23.23 -125.78 -28.52
N LYS F 98 21.91 -125.99 -28.54
CA LYS F 98 20.92 -124.94 -28.59
C LYS F 98 20.99 -123.95 -27.41
N LYS F 99 21.18 -124.43 -26.16
CA LYS F 99 21.39 -123.57 -25.02
C LYS F 99 22.66 -122.72 -25.12
N GLU F 100 23.78 -123.34 -25.53
CA GLU F 100 25.04 -122.68 -25.85
C GLU F 100 24.92 -121.59 -26.92
N LEU F 101 24.22 -121.90 -28.02
CA LEU F 101 23.89 -120.99 -29.10
C LEU F 101 23.03 -119.82 -28.64
N LYS F 102 21.98 -120.12 -27.84
CA LYS F 102 21.07 -119.15 -27.24
C LYS F 102 21.79 -118.17 -26.34
N ASP F 103 22.75 -118.64 -25.53
CA ASP F 103 23.61 -117.83 -24.69
C ASP F 103 24.38 -116.77 -25.50
N VAL F 104 25.05 -117.16 -26.62
CA VAL F 104 25.77 -116.24 -27.51
C VAL F 104 24.87 -115.15 -28.08
N LEU F 105 23.70 -115.54 -28.61
CA LEU F 105 22.68 -114.63 -29.07
C LEU F 105 22.21 -113.67 -27.98
N LEU F 106 21.85 -114.20 -26.79
CA LEU F 106 21.34 -113.46 -25.66
C LEU F 106 22.32 -112.43 -25.09
N ARG F 107 23.60 -112.78 -24.95
CA ARG F 107 24.65 -111.85 -24.57
C ARG F 107 24.80 -110.68 -25.55
N TYR F 108 24.73 -110.96 -26.87
CA TYR F 108 24.67 -109.94 -27.91
C TYR F 108 23.46 -108.99 -27.73
N ASP F 109 22.23 -109.54 -27.72
CA ASP F 109 21.05 -108.85 -27.23
C ASP F 109 19.91 -109.82 -26.91
N ARG F 110 18.95 -109.39 -26.06
CA ARG F 110 17.79 -110.20 -25.72
C ARG F 110 16.67 -109.95 -26.72
N SER F 111 16.83 -108.94 -27.59
CA SER F 111 15.82 -108.42 -28.50
C SER F 111 15.32 -109.42 -29.54
N LEU F 112 16.20 -110.25 -30.14
CA LEU F 112 15.75 -111.33 -31.00
C LEU F 112 15.01 -112.44 -30.27
N LEU F 113 15.47 -112.84 -29.07
CA LEU F 113 14.84 -113.88 -28.28
C LEU F 113 13.49 -113.48 -27.69
N VAL F 114 13.39 -112.26 -27.12
CA VAL F 114 12.19 -111.72 -26.51
C VAL F 114 11.85 -110.43 -27.22
N GLY F 115 10.68 -110.40 -27.92
CA GLY F 115 10.23 -109.24 -28.70
C GLY F 115 9.98 -107.95 -27.95
N ASP F 116 9.81 -106.84 -28.70
CA ASP F 116 9.55 -105.52 -28.16
C ASP F 116 8.24 -105.47 -27.38
N THR F 117 8.21 -104.80 -26.23
CA THR F 117 7.05 -104.79 -25.35
C THR F 117 6.18 -103.58 -25.60
N ARG F 118 6.66 -102.62 -26.39
CA ARG F 118 5.95 -101.38 -26.69
C ARG F 118 4.68 -101.54 -27.51
N ARG F 119 3.58 -100.91 -27.07
CA ARG F 119 2.28 -100.97 -27.73
C ARG F 119 1.63 -99.60 -27.59
N CYS F 120 0.85 -99.17 -28.59
CA CYS F 120 0.27 -97.84 -28.64
C CYS F 120 -0.69 -97.48 -27.50
N GLU F 121 -0.59 -96.24 -26.98
CA GLU F 121 -1.49 -95.69 -26.00
C GLU F 121 -2.64 -94.97 -26.73
N PRO F 122 -3.91 -95.26 -26.47
CA PRO F 122 -5.02 -94.82 -27.32
C PRO F 122 -5.31 -93.34 -27.16
N LYS F 123 -5.78 -92.68 -28.24
CA LYS F 123 -6.14 -91.27 -28.22
C LYS F 123 -7.29 -90.96 -27.27
N LYS F 124 -7.22 -89.80 -26.59
CA LYS F 124 -8.28 -89.30 -25.77
C LYS F 124 -8.76 -87.98 -26.34
N PHE F 125 -10.02 -87.60 -26.04
CA PHE F 125 -10.55 -86.30 -26.38
C PHE F 125 -9.75 -85.13 -25.81
N GLY F 126 -9.79 -83.97 -26.48
CA GLY F 126 -9.12 -82.74 -26.06
C GLY F 126 -7.69 -82.60 -26.51
N GLY F 127 -7.22 -83.48 -27.41
CA GLY F 127 -5.90 -83.36 -27.98
C GLY F 127 -5.65 -84.37 -29.06
N LYS F 128 -4.65 -84.08 -29.93
CA LYS F 128 -4.22 -84.97 -31.00
C LYS F 128 -3.59 -86.26 -30.49
N GLY F 129 -2.73 -86.14 -29.48
CA GLY F 129 -2.05 -87.26 -28.84
C GLY F 129 -2.87 -88.05 -27.85
N ALA F 130 -2.22 -89.05 -27.25
CA ALA F 130 -2.74 -89.84 -26.16
C ALA F 130 -2.91 -89.06 -24.85
N ARG F 131 -1.89 -88.26 -24.49
CA ARG F 131 -1.84 -87.48 -23.27
C ARG F 131 -1.84 -86.01 -23.64
N ALA F 132 -1.19 -85.66 -24.76
CA ALA F 132 -1.10 -84.32 -25.28
C ALA F 132 -2.45 -83.65 -25.49
N ARG F 133 -2.50 -82.32 -25.30
CA ARG F 133 -3.72 -81.55 -25.33
C ARG F 133 -3.64 -80.52 -26.45
N TYR F 134 -4.81 -80.11 -27.01
CA TYR F 134 -4.92 -78.88 -27.78
C TYR F 134 -4.63 -77.65 -26.90
N GLN F 135 -4.12 -76.53 -27.47
CA GLN F 135 -3.64 -75.42 -26.66
C GLN F 135 -4.68 -74.78 -25.74
N LYS F 136 -4.35 -74.63 -24.43
CA LYS F 136 -5.19 -73.90 -23.49
C LYS F 136 -5.06 -72.39 -23.67
N SER F 137 -6.06 -71.62 -23.22
CA SER F 137 -6.04 -70.18 -23.38
C SER F 137 -6.89 -69.54 -22.29
N TYR F 138 -6.79 -68.22 -22.15
CA TYR F 138 -7.37 -67.48 -21.05
C TYR F 138 -8.15 -66.25 -21.59
N ARG G 1 3.64 -54.32 60.13
CA ARG G 1 4.73 -53.28 60.11
C ARG G 1 4.21 -51.90 59.71
N MET G 2 4.63 -50.80 60.39
CA MET G 2 4.01 -49.50 60.17
C MET G 2 4.27 -48.84 58.82
N TYR G 3 5.56 -48.76 58.39
CA TYR G 3 5.90 -48.08 57.14
C TYR G 3 6.63 -48.98 56.18
N GLY G 4 7.47 -49.91 56.68
CA GLY G 4 8.11 -50.94 55.85
C GLY G 4 7.14 -51.90 55.19
N LYS G 5 7.67 -52.67 54.23
CA LYS G 5 6.90 -53.63 53.46
C LYS G 5 7.04 -55.04 54.01
N GLY G 6 7.91 -55.24 55.01
CA GLY G 6 8.07 -56.52 55.71
C GLY G 6 7.00 -56.79 56.73
N LYS G 7 7.14 -57.91 57.45
CA LYS G 7 6.30 -58.24 58.58
C LYS G 7 7.05 -59.16 59.53
N GLY G 8 8.40 -59.05 59.58
CA GLY G 8 9.29 -59.86 60.41
C GLY G 8 8.91 -59.97 61.86
N ILE G 9 9.04 -61.19 62.39
CA ILE G 9 8.41 -61.59 63.62
C ILE G 9 9.42 -61.95 64.69
N SER G 10 10.71 -61.70 64.46
CA SER G 10 11.75 -61.87 65.49
C SER G 10 11.50 -61.03 66.75
N SER G 11 11.42 -61.70 67.92
CA SER G 11 10.91 -61.06 69.13
C SER G 11 11.30 -61.84 70.38
N SER G 12 10.94 -61.34 71.58
CA SER G 12 11.08 -62.02 72.86
C SER G 12 10.04 -63.12 73.06
N THR G 13 10.47 -64.38 73.26
CA THR G 13 9.62 -65.54 73.42
C THR G 13 8.81 -65.58 74.71
N LEU G 14 9.51 -65.33 75.85
CA LEU G 14 9.01 -65.32 77.21
C LEU G 14 8.62 -66.71 77.77
N PRO G 15 9.15 -67.17 78.91
CA PRO G 15 8.76 -68.44 79.51
C PRO G 15 7.32 -68.46 80.03
N TYR G 16 6.75 -69.66 80.25
CA TYR G 16 5.42 -69.81 80.79
C TYR G 16 5.31 -69.27 82.22
N LYS G 17 6.29 -69.61 83.09
CA LYS G 17 6.26 -69.17 84.47
C LYS G 17 6.69 -67.71 84.66
N ARG G 18 6.04 -67.02 85.62
CA ARG G 18 6.41 -65.68 86.04
C ARG G 18 7.22 -65.72 87.33
N LYS G 19 7.41 -66.92 87.89
CA LYS G 19 8.21 -67.17 89.08
C LYS G 19 9.71 -66.96 88.86
N GLN G 20 10.44 -66.63 89.95
CA GLN G 20 11.88 -66.47 89.94
C GLN G 20 12.66 -67.73 89.50
N PRO G 21 13.83 -67.64 88.86
CA PRO G 21 14.67 -68.80 88.64
C PRO G 21 15.14 -69.45 89.92
N SER G 22 15.57 -70.71 89.85
CA SER G 22 16.18 -71.43 90.92
C SER G 22 17.52 -70.84 91.36
N TRP G 23 18.30 -70.35 90.38
CA TRP G 23 19.66 -69.88 90.53
C TRP G 23 19.83 -68.66 91.43
N LEU G 24 18.89 -67.71 91.36
CA LEU G 24 18.98 -66.45 92.08
C LEU G 24 17.81 -66.28 93.02
N LYS G 25 18.09 -66.09 94.33
CA LYS G 25 17.09 -65.94 95.37
C LYS G 25 17.13 -64.53 95.93
N GLN G 26 17.70 -63.57 95.16
CA GLN G 26 17.97 -62.21 95.59
C GLN G 26 16.78 -61.43 96.12
N LYS G 27 17.02 -60.60 97.14
CA LYS G 27 16.06 -59.69 97.73
C LYS G 27 15.65 -58.59 96.76
N PRO G 28 14.44 -58.03 96.80
CA PRO G 28 14.03 -56.89 95.96
C PRO G 28 14.98 -55.71 95.98
N SER G 29 15.56 -55.41 97.16
CA SER G 29 16.51 -54.34 97.35
C SER G 29 17.78 -54.50 96.54
N GLU G 30 18.31 -55.73 96.43
CA GLU G 30 19.47 -56.04 95.59
C GLU G 30 19.21 -55.75 94.13
N ILE G 31 18.00 -56.10 93.66
CA ILE G 31 17.57 -55.88 92.29
C ILE G 31 17.38 -54.39 92.02
N GLU G 32 16.74 -53.65 92.95
CA GLU G 32 16.63 -52.20 92.83
C GLU G 32 17.98 -51.51 92.80
N ASP G 33 18.91 -51.91 93.69
CA ASP G 33 20.25 -51.38 93.79
C ASP G 33 21.06 -51.52 92.48
N ALA G 34 21.03 -52.72 91.87
CA ALA G 34 21.67 -53.02 90.62
C ALA G 34 21.23 -52.12 89.45
N ILE G 35 19.90 -51.93 89.33
CA ILE G 35 19.26 -51.00 88.41
C ILE G 35 19.64 -49.56 88.69
N ILE G 36 19.60 -49.13 89.97
CA ILE G 36 19.98 -47.80 90.42
C ILE G 36 21.40 -47.46 90.03
N LYS G 37 22.36 -48.37 90.24
CA LYS G 37 23.73 -48.22 89.78
C LYS G 37 23.85 -48.00 88.28
N LEU G 38 23.20 -48.83 87.46
CA LEU G 38 23.17 -48.64 86.01
C LEU G 38 22.55 -47.31 85.56
N ALA G 39 21.42 -46.91 86.15
CA ALA G 39 20.76 -45.63 85.98
C ALA G 39 21.66 -44.44 86.31
N LYS G 40 22.34 -44.49 87.46
CA LYS G 40 23.28 -43.52 87.95
C LYS G 40 24.48 -43.37 87.02
N LYS G 41 24.99 -44.50 86.48
CA LYS G 41 26.06 -44.54 85.49
C LYS G 41 25.71 -43.89 84.14
N GLY G 42 24.41 -43.59 83.92
CA GLY G 42 23.94 -42.82 82.77
C GLY G 42 23.37 -43.68 81.68
N GLN G 43 23.27 -44.99 81.90
CA GLN G 43 22.59 -45.91 81.02
C GLN G 43 21.08 -45.69 80.97
N THR G 44 20.44 -45.91 79.81
CA THR G 44 19.02 -45.65 79.61
C THR G 44 18.21 -46.94 79.72
N PRO G 45 16.91 -46.95 80.03
CA PRO G 45 16.22 -48.15 80.49
C PRO G 45 16.30 -49.41 79.62
N SER G 46 16.23 -49.33 78.28
CA SER G 46 16.47 -50.47 77.41
C SER G 46 17.87 -51.07 77.58
N GLN G 47 18.90 -50.20 77.66
CA GLN G 47 20.29 -50.55 77.89
C GLN G 47 20.48 -51.21 79.23
N ILE G 48 19.77 -50.72 80.26
CA ILE G 48 19.80 -51.25 81.62
C ILE G 48 19.23 -52.66 81.62
N GLY G 49 18.07 -52.90 80.99
CA GLY G 49 17.44 -54.22 80.88
C GLY G 49 18.29 -55.23 80.14
N ALA G 50 18.83 -54.83 78.97
CA ALA G 50 19.78 -55.62 78.22
C ALA G 50 21.00 -55.99 79.04
N THR G 51 21.59 -55.00 79.74
CA THR G 51 22.70 -55.19 80.66
C THR G 51 22.35 -56.09 81.83
N LEU G 52 21.16 -55.94 82.42
CA LEU G 52 20.67 -56.76 83.51
C LEU G 52 20.55 -58.23 83.12
N ARG G 53 20.08 -58.52 81.90
CA ARG G 53 20.08 -59.85 81.36
C ARG G 53 21.48 -60.42 81.16
N ASP G 54 22.39 -59.64 80.53
CA ASP G 54 23.69 -60.12 80.11
C ASP G 54 24.79 -60.03 81.17
N ASN G 55 25.09 -58.82 81.66
CA ASN G 55 26.13 -58.53 82.63
C ASN G 55 25.85 -59.13 84.00
N TYR G 56 24.60 -58.99 84.49
CA TYR G 56 24.30 -59.40 85.85
C TYR G 56 23.68 -60.79 85.85
N GLY G 57 23.27 -61.30 84.67
CA GLY G 57 22.80 -62.68 84.52
C GLY G 57 21.39 -62.92 84.99
N ILE G 58 20.63 -61.86 85.29
CA ILE G 58 19.34 -61.97 85.96
C ILE G 58 18.23 -61.97 84.92
N PRO G 59 17.28 -62.90 84.90
CA PRO G 59 15.97 -62.73 84.26
C PRO G 59 15.29 -61.38 84.51
N GLN G 60 14.53 -60.87 83.53
CA GLN G 60 14.06 -59.49 83.54
C GLN G 60 13.20 -59.05 84.72
N VAL G 61 13.29 -57.75 85.05
CA VAL G 61 12.84 -57.10 86.28
C VAL G 61 11.37 -57.34 86.64
N LYS G 62 10.47 -57.43 85.64
CA LYS G 62 9.06 -57.63 85.87
C LYS G 62 8.76 -59.02 86.42
N SER G 63 9.70 -59.97 86.22
CA SER G 63 9.55 -61.33 86.69
C SER G 63 10.21 -61.46 88.04
N VAL G 64 11.42 -60.91 88.23
CA VAL G 64 12.11 -61.05 89.50
C VAL G 64 11.72 -60.04 90.57
N THR G 65 11.08 -58.92 90.22
CA THR G 65 10.68 -57.89 91.19
C THR G 65 9.18 -57.72 91.19
N GLY G 66 8.49 -58.11 90.11
CA GLY G 66 7.04 -57.95 90.00
C GLY G 66 6.60 -56.56 89.61
N ASN G 67 7.56 -55.69 89.25
CA ASN G 67 7.26 -54.34 88.84
C ASN G 67 8.25 -53.91 87.77
N LYS G 68 7.75 -53.17 86.77
CA LYS G 68 8.49 -52.63 85.66
C LYS G 68 9.56 -51.60 86.01
N ILE G 69 10.68 -51.62 85.26
CA ILE G 69 11.85 -50.80 85.53
C ILE G 69 11.60 -49.30 85.47
N LEU G 70 10.80 -48.84 84.49
CA LEU G 70 10.42 -47.46 84.35
C LEU G 70 9.66 -46.96 85.56
N ARG G 71 8.70 -47.75 86.01
CA ARG G 71 7.94 -47.56 87.22
C ARG G 71 8.80 -47.47 88.47
N ILE G 72 9.83 -48.32 88.60
CA ILE G 72 10.78 -48.26 89.71
C ILE G 72 11.58 -46.96 89.70
N LEU G 73 12.03 -46.51 88.51
CA LEU G 73 12.71 -45.23 88.36
C LEU G 73 11.80 -44.06 88.71
N ARG G 74 10.55 -44.08 88.23
CA ARG G 74 9.51 -43.12 88.58
C ARG G 74 9.18 -43.06 90.07
N ALA G 75 9.07 -44.23 90.74
CA ALA G 75 8.83 -44.34 92.17
C ALA G 75 9.94 -43.70 93.00
N GLN G 76 11.21 -43.85 92.57
CA GLN G 76 12.33 -43.18 93.18
C GLN G 76 12.47 -41.73 92.69
N GLY G 77 11.64 -41.32 91.71
CA GLY G 77 11.54 -39.96 91.21
C GLY G 77 12.58 -39.57 90.19
N ILE G 78 13.35 -40.55 89.69
CA ILE G 78 14.55 -40.29 88.90
C ILE G 78 14.36 -40.56 87.42
N ALA G 79 13.16 -40.98 86.99
CA ALA G 79 12.90 -41.24 85.59
C ALA G 79 13.04 -40.02 84.67
N THR G 80 13.64 -40.26 83.48
CA THR G 80 13.93 -39.26 82.46
C THR G 80 12.69 -38.58 81.88
N THR G 81 12.68 -37.24 81.76
CA THR G 81 11.56 -36.48 81.21
C THR G 81 11.27 -36.77 79.75
N ILE G 82 12.31 -36.86 78.90
CA ILE G 82 12.17 -37.26 77.51
C ILE G 82 12.23 -38.80 77.39
N PRO G 83 11.25 -39.49 76.77
CA PRO G 83 11.33 -40.91 76.46
C PRO G 83 12.56 -41.36 75.66
N GLU G 84 13.15 -42.52 76.01
CA GLU G 84 14.32 -43.12 75.36
C GLU G 84 14.12 -43.33 73.86
N ASP G 85 12.95 -43.87 73.50
CA ASP G 85 12.47 -44.11 72.17
C ASP G 85 12.33 -42.83 71.35
N LEU G 86 11.67 -41.80 71.91
CA LEU G 86 11.54 -40.48 71.35
C LEU G 86 12.90 -39.82 71.14
N TYR G 87 13.81 -39.94 72.12
CA TYR G 87 15.16 -39.42 72.07
C TYR G 87 15.93 -39.98 70.89
N PHE G 88 15.96 -41.32 70.69
CA PHE G 88 16.66 -41.88 69.56
C PHE G 88 16.06 -41.49 68.20
N LEU G 89 14.73 -41.49 68.08
CA LEU G 89 14.03 -41.06 66.88
C LEU G 89 14.30 -39.61 66.47
N ILE G 90 14.24 -38.67 67.44
CA ILE G 90 14.60 -37.27 67.24
C ILE G 90 16.07 -37.15 66.83
N LYS G 91 16.97 -37.89 67.49
CA LYS G 91 18.39 -37.89 67.17
C LYS G 91 18.67 -38.35 65.74
N LYS G 92 18.04 -39.45 65.30
CA LYS G 92 18.07 -39.88 63.90
C LYS G 92 17.50 -38.82 62.95
N ALA G 93 16.35 -38.21 63.27
CA ALA G 93 15.81 -37.16 62.43
C ALA G 93 16.69 -35.91 62.31
N VAL G 94 17.32 -35.46 63.42
CA VAL G 94 18.30 -34.40 63.44
C VAL G 94 19.50 -34.71 62.56
N SER G 95 19.96 -35.97 62.61
CA SER G 95 21.08 -36.46 61.82
C SER G 95 20.79 -36.40 60.33
N MET G 96 19.61 -36.89 59.93
CA MET G 96 19.08 -36.73 58.60
C MET G 96 18.93 -35.29 58.15
N ARG G 97 18.41 -34.38 59.00
CA ARG G 97 18.30 -32.98 58.62
C ARG G 97 19.65 -32.29 58.45
N LYS G 98 20.63 -32.55 59.33
CA LYS G 98 21.99 -32.08 59.13
C LYS G 98 22.58 -32.54 57.80
N HIS G 99 22.44 -33.84 57.48
CA HIS G 99 22.84 -34.40 56.20
C HIS G 99 22.12 -33.77 54.99
N LEU G 100 20.80 -33.59 55.07
CA LEU G 100 19.98 -32.96 54.07
C LEU G 100 20.36 -31.50 53.81
N GLU G 101 20.77 -30.77 54.87
CA GLU G 101 21.27 -29.41 54.75
C GLU G 101 22.51 -29.34 53.88
N LYS G 102 23.42 -30.32 54.03
CA LYS G 102 24.56 -30.45 53.14
C LYS G 102 24.18 -30.91 51.74
N ASN G 103 23.31 -31.94 51.62
CA ASN G 103 23.00 -32.56 50.35
C ASN G 103 21.54 -32.41 50.00
N LYS G 104 21.24 -31.59 48.97
CA LYS G 104 19.87 -31.29 48.57
C LYS G 104 19.32 -32.25 47.52
N LYS G 105 20.16 -33.17 47.00
CA LYS G 105 19.79 -34.08 45.93
C LYS G 105 19.47 -35.48 46.46
N ASP G 106 19.57 -35.69 47.79
CA ASP G 106 19.26 -36.97 48.41
C ASP G 106 17.77 -37.06 48.70
N LYS G 107 17.04 -37.66 47.75
CA LYS G 107 15.60 -37.74 47.77
C LYS G 107 15.13 -38.69 48.84
N ASP G 108 15.82 -39.83 48.98
CA ASP G 108 15.53 -40.82 50.00
C ASP G 108 15.72 -40.24 51.41
N CYS G 109 16.78 -39.44 51.64
CA CYS G 109 16.94 -38.76 52.91
C CYS G 109 15.81 -37.79 53.19
N LYS G 110 15.39 -36.98 52.19
CA LYS G 110 14.21 -36.16 52.33
C LYS G 110 12.93 -36.94 52.67
N PHE G 111 12.70 -38.06 51.97
CA PHE G 111 11.55 -38.93 52.13
C PHE G 111 11.47 -39.57 53.51
N ARG G 112 12.59 -40.14 53.97
CA ARG G 112 12.73 -40.59 55.34
C ARG G 112 12.60 -39.49 56.37
N LEU G 113 13.15 -38.28 56.14
CA LEU G 113 13.07 -37.21 57.12
C LEU G 113 11.63 -36.75 57.38
N ILE G 114 10.80 -36.60 56.33
CA ILE G 114 9.39 -36.34 56.53
C ILE G 114 8.67 -37.51 57.20
N LEU G 115 9.00 -38.76 56.81
CA LEU G 115 8.45 -39.97 57.39
C LEU G 115 8.73 -40.12 58.89
N THR G 116 9.99 -39.96 59.30
CA THR G 116 10.42 -40.01 60.69
C THR G 116 9.82 -38.90 61.55
N GLU G 117 9.82 -37.64 61.09
CA GLU G 117 9.12 -36.57 61.75
C GLU G 117 7.62 -36.80 61.91
N SER G 118 6.96 -37.39 60.90
CA SER G 118 5.57 -37.81 61.01
C SER G 118 5.37 -38.86 62.09
N LYS G 119 6.32 -39.79 62.22
CA LYS G 119 6.35 -40.79 63.27
C LYS G 119 6.54 -40.16 64.65
N ILE G 120 7.44 -39.16 64.75
CA ILE G 120 7.62 -38.34 65.93
C ILE G 120 6.34 -37.64 66.34
N HIS G 121 5.59 -37.04 65.38
CA HIS G 121 4.32 -36.40 65.67
C HIS G 121 3.29 -37.35 66.26
N ARG G 122 3.16 -38.56 65.69
CA ARG G 122 2.28 -39.59 66.18
C ARG G 122 2.64 -40.07 67.59
N ILE G 123 3.93 -40.34 67.84
CA ILE G 123 4.44 -40.70 69.14
C ILE G 123 4.27 -39.58 70.15
N SER G 124 4.55 -38.32 69.76
CA SER G 124 4.33 -37.15 70.57
C SER G 124 2.89 -36.94 70.97
N ARG G 125 1.95 -37.10 70.03
CA ARG G 125 0.52 -36.98 70.26
C ARG G 125 0.01 -38.00 71.27
N TYR G 126 0.52 -39.23 71.20
CA TYR G 126 0.23 -40.28 72.15
C TYR G 126 0.79 -39.96 73.54
N TYR G 127 2.02 -39.43 73.62
CA TYR G 127 2.58 -38.99 74.87
C TYR G 127 1.88 -37.78 75.47
N LYS G 128 1.41 -36.83 74.64
CA LYS G 128 0.55 -35.77 75.11
C LYS G 128 -0.77 -36.29 75.66
N ARG G 129 -1.41 -37.24 74.96
CA ARG G 129 -2.65 -37.84 75.43
C ARG G 129 -2.52 -38.62 76.73
N LYS G 130 -1.43 -39.39 76.93
CA LYS G 130 -1.10 -40.02 78.19
C LYS G 130 -0.51 -39.06 79.23
N LYS G 131 -0.46 -37.75 78.93
CA LYS G 131 0.01 -36.69 79.79
C LYS G 131 1.49 -36.82 80.21
N LEU G 132 2.35 -37.26 79.28
CA LEU G 132 3.78 -37.40 79.49
C LEU G 132 4.56 -36.27 78.83
N LEU G 133 3.91 -35.54 77.89
CA LEU G 133 4.39 -34.30 77.36
C LEU G 133 3.34 -33.23 77.66
N PRO G 134 3.71 -31.99 77.99
CA PRO G 134 2.77 -30.89 78.27
C PRO G 134 1.65 -30.67 77.28
N SER G 135 0.50 -30.11 77.73
CA SER G 135 -0.63 -29.76 76.88
C SER G 135 -0.25 -28.77 75.80
N ASN G 136 0.63 -27.81 76.13
CA ASN G 136 1.12 -26.78 75.23
C ASN G 136 2.22 -27.27 74.30
N TRP G 137 2.80 -28.46 74.55
CA TRP G 137 3.93 -28.98 73.82
C TRP G 137 3.67 -29.20 72.32
N LYS G 138 4.67 -28.94 71.47
CA LYS G 138 4.63 -29.36 70.10
C LYS G 138 6.04 -29.64 69.63
N TYR G 139 6.22 -30.64 68.74
CA TYR G 139 7.47 -30.84 68.06
C TYR G 139 7.79 -29.68 67.12
N GLN G 140 9.07 -29.29 67.05
CA GLN G 140 9.59 -28.36 66.06
C GLN G 140 11.00 -28.80 65.74
N SER G 141 11.45 -28.62 64.49
CA SER G 141 12.78 -29.04 64.08
C SER G 141 13.86 -28.09 64.55
N SER G 142 13.50 -26.81 64.74
CA SER G 142 14.34 -25.76 65.31
C SER G 142 14.80 -26.06 66.72
N THR G 143 13.89 -26.57 67.56
CA THR G 143 14.11 -26.81 68.97
C THR G 143 14.56 -28.22 69.23
N ALA G 144 14.62 -29.08 68.21
CA ALA G 144 14.91 -30.49 68.33
C ALA G 144 16.28 -30.78 68.93
N SER G 145 17.31 -29.97 68.59
CA SER G 145 18.62 -30.00 69.24
C SER G 145 18.52 -29.77 70.76
N ALA G 146 17.77 -28.73 71.17
CA ALA G 146 17.47 -28.45 72.57
C ALA G 146 16.73 -29.58 73.29
N LEU G 147 15.76 -30.22 72.61
CA LEU G 147 15.03 -31.37 73.12
C LEU G 147 15.93 -32.54 73.52
N ILE G 148 16.98 -32.85 72.74
CA ILE G 148 17.80 -34.03 72.99
C ILE G 148 19.13 -33.66 73.65
N ALA G 149 19.38 -32.35 73.86
CA ALA G 149 20.48 -31.87 74.67
C ALA G 149 20.28 -32.14 76.20
N ASP H 1 -13.07 -4.53 91.16
CA ASP H 1 -13.93 -4.60 92.40
C ASP H 1 -15.35 -5.06 92.07
N VAL H 2 -16.30 -4.12 91.97
CA VAL H 2 -17.68 -4.43 91.64
C VAL H 2 -18.29 -3.16 91.07
N GLN H 3 -19.36 -3.26 90.26
CA GLN H 3 -20.08 -2.14 89.69
C GLN H 3 -19.23 -1.26 88.78
N HIS H 4 -18.50 -1.89 87.85
CA HIS H 4 -17.69 -1.21 86.85
C HIS H 4 -18.55 -0.42 85.87
N GLU H 5 -19.70 -0.98 85.50
CA GLU H 5 -20.83 -0.41 84.80
C GLU H 5 -21.32 0.96 85.30
N ARG H 6 -22.23 1.61 84.53
CA ARG H 6 -22.77 2.92 84.88
C ARG H 6 -23.79 2.90 86.01
N ALA H 7 -24.38 1.73 86.33
CA ALA H 7 -25.43 1.60 87.32
C ALA H 7 -25.04 0.73 88.51
N TYR H 8 -25.60 1.06 89.69
CA TYR H 8 -25.55 0.26 90.89
C TYR H 8 -26.18 -1.12 90.69
N GLN H 9 -25.64 -2.19 91.30
CA GLN H 9 -26.08 -3.55 91.11
C GLN H 9 -26.65 -4.08 92.42
N LYS H 10 -27.89 -4.63 92.38
CA LYS H 10 -28.69 -4.74 93.59
C LYS H 10 -29.52 -6.01 93.67
N GLN H 11 -30.50 -6.20 92.75
CA GLN H 11 -31.41 -7.33 92.73
C GLN H 11 -32.46 -7.33 93.85
N GLU H 12 -33.72 -7.70 93.50
CA GLU H 12 -34.80 -7.86 94.45
C GLU H 12 -34.58 -8.95 95.51
N GLY H 13 -35.15 -8.78 96.71
CA GLY H 13 -35.01 -9.73 97.81
C GLY H 13 -33.76 -9.56 98.64
N ALA H 14 -33.06 -8.42 98.48
CA ALA H 14 -31.94 -8.03 99.31
C ALA H 14 -32.33 -7.80 100.78
N SER H 15 -33.44 -7.06 100.99
CA SER H 15 -34.15 -6.91 102.26
C SER H 15 -33.32 -6.36 103.41
N PHE H 16 -32.49 -5.34 103.15
CA PHE H 16 -31.50 -4.90 104.11
C PHE H 16 -31.95 -3.72 104.96
N PHE H 17 -33.23 -3.28 104.85
CA PHE H 17 -33.77 -2.37 105.84
C PHE H 17 -34.16 -3.12 107.10
N ASN H 18 -34.87 -4.25 106.97
CA ASN H 18 -35.19 -5.13 108.08
C ASN H 18 -34.05 -6.07 108.46
N SER H 19 -33.39 -6.69 107.48
CA SER H 19 -32.24 -7.58 107.69
C SER H 19 -32.51 -8.78 108.59
N LYS H 20 -33.62 -9.52 108.36
CA LYS H 20 -33.95 -10.69 109.15
C LYS H 20 -33.31 -11.98 108.56
N ARG H 31 -29.66 -12.09 101.48
CA ARG H 31 -29.91 -12.14 99.99
C ARG H 31 -31.08 -13.05 99.59
N TYR H 32 -31.27 -13.31 98.27
CA TYR H 32 -32.47 -13.94 97.75
C TYR H 32 -32.20 -15.37 97.31
N TRP H 33 -31.20 -16.07 97.91
CA TRP H 33 -30.81 -17.38 97.43
C TRP H 33 -31.90 -18.48 97.48
N LYS H 34 -31.96 -19.28 96.41
CA LYS H 34 -33.05 -20.18 96.09
C LYS H 34 -32.80 -21.62 96.51
N LYS H 35 -33.81 -22.49 96.37
CA LYS H 35 -33.67 -23.91 96.63
C LYS H 35 -33.61 -24.70 95.33
N VAL H 36 -34.13 -24.12 94.23
CA VAL H 36 -33.99 -24.51 92.81
C VAL H 36 -34.51 -25.88 92.36
N GLY H 37 -34.57 -26.87 93.26
CA GLY H 37 -35.13 -28.19 93.04
C GLY H 37 -34.49 -29.09 92.00
N LEU H 38 -35.16 -30.25 91.78
CA LEU H 38 -34.87 -31.23 90.74
C LEU H 38 -33.44 -31.75 90.66
N GLY H 39 -32.90 -32.22 91.79
CA GLY H 39 -31.58 -32.86 91.82
C GLY H 39 -30.41 -31.91 91.87
N PHE H 40 -30.68 -30.60 92.05
CA PHE H 40 -29.64 -29.61 92.17
C PHE H 40 -29.70 -28.96 93.53
N ALA H 41 -28.68 -29.22 94.36
CA ALA H 41 -28.51 -28.57 95.64
C ALA H 41 -27.86 -27.20 95.40
N THR H 42 -28.52 -26.11 95.83
CA THR H 42 -28.08 -24.75 95.57
C THR H 42 -26.67 -24.46 96.09
N PRO H 43 -25.73 -23.91 95.32
CA PRO H 43 -24.39 -23.59 95.76
C PRO H 43 -24.23 -22.83 97.07
N LYS H 44 -23.30 -23.28 97.92
CA LYS H 44 -22.71 -22.53 99.01
C LYS H 44 -22.08 -21.23 98.50
N GLU H 45 -21.48 -21.30 97.30
CA GLU H 45 -20.84 -20.20 96.63
C GLU H 45 -21.86 -19.16 96.15
N ALA H 46 -23.14 -19.54 95.95
CA ALA H 46 -24.23 -18.62 95.71
C ALA H 46 -24.63 -17.89 96.98
N LYS H 47 -24.71 -18.64 98.10
CA LYS H 47 -25.04 -18.13 99.40
C LYS H 47 -24.01 -17.14 99.94
N GLU H 48 -22.71 -17.46 99.80
CA GLU H 48 -21.67 -16.70 100.45
C GLU H 48 -20.94 -15.76 99.51
N GLY H 49 -21.06 -15.96 98.18
CA GLY H 49 -20.34 -15.20 97.14
C GLY H 49 -20.43 -13.70 97.19
N VAL H 50 -19.40 -13.02 96.67
CA VAL H 50 -19.33 -11.56 96.61
C VAL H 50 -20.39 -10.92 95.74
N TYR H 51 -20.66 -11.51 94.56
CA TYR H 51 -21.65 -11.07 93.59
C TYR H 51 -23.09 -10.85 94.08
N VAL H 52 -23.88 -10.14 93.25
CA VAL H 52 -25.32 -10.20 93.29
C VAL H 52 -25.81 -10.09 91.84
N ASP H 53 -26.85 -10.86 91.43
CA ASP H 53 -27.18 -11.01 90.02
C ASP H 53 -28.65 -11.43 89.82
N LYS H 54 -29.15 -11.19 88.59
CA LYS H 54 -30.47 -11.52 88.12
C LYS H 54 -30.45 -12.69 87.14
N LYS H 55 -29.30 -12.98 86.49
CA LYS H 55 -29.24 -14.03 85.49
C LYS H 55 -28.77 -15.34 86.09
N CYS H 56 -28.21 -15.27 87.32
CA CYS H 56 -27.94 -16.41 88.16
C CYS H 56 -29.21 -17.21 88.52
N PRO H 57 -29.29 -18.53 88.37
CA PRO H 57 -30.52 -19.25 88.69
C PRO H 57 -30.64 -19.47 90.19
N PHE H 58 -29.56 -19.21 90.95
CA PHE H 58 -29.50 -19.52 92.37
C PHE H 58 -29.81 -18.33 93.25
N THR H 59 -30.02 -17.14 92.66
CA THR H 59 -30.39 -15.95 93.43
C THR H 59 -31.02 -14.87 92.56
N GLY H 60 -31.08 -15.05 91.22
CA GLY H 60 -31.86 -14.21 90.33
C GLY H 60 -33.33 -14.54 90.32
N ASN H 61 -34.07 -13.98 89.32
CA ASN H 61 -35.50 -14.19 89.19
C ASN H 61 -35.82 -15.30 88.20
N VAL H 62 -34.78 -16.03 87.74
CA VAL H 62 -34.87 -17.11 86.77
C VAL H 62 -35.80 -18.22 87.21
N SER H 63 -36.65 -18.71 86.29
CA SER H 63 -37.45 -19.90 86.56
C SER H 63 -36.80 -21.08 85.86
N ILE H 64 -36.37 -22.08 86.66
CA ILE H 64 -35.80 -23.31 86.15
C ILE H 64 -36.98 -24.23 85.84
N ARG H 65 -37.36 -24.24 84.56
CA ARG H 65 -38.57 -24.85 84.08
C ARG H 65 -38.21 -25.62 82.82
N GLY H 66 -39.11 -26.52 82.37
CA GLY H 66 -38.86 -27.42 81.24
C GLY H 66 -37.68 -28.37 81.36
N ARG H 67 -37.15 -28.77 80.20
CA ARG H 67 -36.12 -29.78 80.03
C ARG H 67 -34.79 -29.52 80.70
N ILE H 68 -34.11 -30.59 81.11
CA ILE H 68 -32.82 -30.56 81.77
C ILE H 68 -31.88 -31.41 80.94
N LEU H 69 -30.83 -30.82 80.36
CA LEU H 69 -30.00 -31.49 79.37
C LEU H 69 -28.56 -31.46 79.84
N LYS H 70 -27.71 -32.35 79.29
CA LYS H 70 -26.28 -32.34 79.49
C LYS H 70 -25.58 -31.87 78.22
N GLY H 71 -24.51 -31.06 78.35
CA GLY H 71 -23.60 -30.85 77.22
C GLY H 71 -22.18 -30.66 77.66
N MET H 72 -21.29 -30.39 76.69
CA MET H 72 -19.87 -30.20 76.90
C MET H 72 -19.48 -28.80 76.53
N VAL H 73 -18.83 -28.07 77.44
CA VAL H 73 -18.48 -26.68 77.23
C VAL H 73 -17.36 -26.54 76.19
N ILE H 74 -17.57 -25.64 75.22
CA ILE H 74 -16.67 -25.37 74.13
C ILE H 74 -16.06 -23.98 74.20
N SER H 75 -16.78 -22.98 74.74
CA SER H 75 -16.24 -21.63 74.82
C SER H 75 -16.64 -20.96 76.10
N ASN H 76 -15.68 -20.25 76.72
CA ASN H 76 -15.86 -19.52 77.96
C ASN H 76 -15.50 -18.06 77.77
N LYS H 77 -15.26 -17.64 76.52
CA LYS H 77 -14.79 -16.31 76.20
C LYS H 77 -15.74 -15.19 76.58
N MET H 78 -17.03 -15.34 76.28
CA MET H 78 -18.05 -14.34 76.53
C MET H 78 -18.29 -14.02 78.01
N LYS H 79 -18.62 -12.74 78.30
CA LYS H 79 -18.92 -12.30 79.65
C LYS H 79 -20.23 -12.90 80.18
N ARG H 80 -20.16 -13.67 81.28
CA ARG H 80 -21.32 -14.24 81.99
C ARG H 80 -22.07 -15.34 81.25
N THR H 81 -21.60 -15.75 80.06
CA THR H 81 -22.34 -16.61 79.15
C THR H 81 -21.36 -17.59 78.52
N ILE H 82 -21.75 -18.87 78.36
CA ILE H 82 -20.88 -19.94 77.93
C ILE H 82 -21.57 -20.79 76.89
N ILE H 83 -20.80 -21.45 76.02
CA ILE H 83 -21.31 -22.23 74.92
C ILE H 83 -21.03 -23.69 75.09
N ILE H 84 -22.06 -24.54 74.94
CA ILE H 84 -21.94 -25.98 75.03
C ILE H 84 -22.22 -26.64 73.70
N ARG H 85 -21.45 -27.68 73.33
CA ARG H 85 -21.84 -28.57 72.25
C ARG H 85 -22.48 -29.84 72.82
N ARG H 86 -23.69 -30.17 72.33
CA ARG H 86 -24.31 -31.46 72.54
C ARG H 86 -24.12 -32.33 71.31
N ASN H 87 -23.26 -33.37 71.43
CA ASN H 87 -22.98 -34.33 70.37
C ASN H 87 -23.88 -35.56 70.48
N TYR H 88 -24.34 -36.13 69.35
CA TYR H 88 -25.28 -37.23 69.38
C TYR H 88 -25.25 -38.01 68.08
N LEU H 89 -25.79 -39.24 68.08
CA LEU H 89 -25.85 -40.07 66.88
C LEU H 89 -27.24 -40.07 66.28
N HIS H 90 -27.35 -39.69 65.00
CA HIS H 90 -28.58 -39.67 64.24
C HIS H 90 -28.75 -40.93 63.42
N TYR H 91 -29.93 -41.56 63.51
CA TYR H 91 -30.26 -42.78 62.80
C TYR H 91 -30.73 -42.56 61.36
N VAL H 92 -30.12 -43.29 60.42
CA VAL H 92 -30.54 -43.34 59.04
C VAL H 92 -31.18 -44.67 58.80
N LYS H 93 -32.49 -44.66 58.49
CA LYS H 93 -33.29 -45.85 58.36
C LYS H 93 -32.89 -46.79 57.22
N LYS H 94 -32.57 -46.25 56.02
CA LYS H 94 -32.26 -47.04 54.85
C LYS H 94 -31.07 -47.95 55.02
N TYR H 95 -30.01 -47.43 55.66
CA TYR H 95 -28.80 -48.18 55.88
C TYR H 95 -28.81 -48.83 57.25
N ASN H 96 -29.84 -48.53 58.07
CA ASN H 96 -30.05 -49.00 59.44
C ASN H 96 -28.91 -48.65 60.39
N ARG H 97 -28.29 -47.47 60.19
CA ARG H 97 -27.01 -47.08 60.73
C ARG H 97 -27.01 -45.63 61.19
N PHE H 98 -25.95 -45.21 61.89
CA PHE H 98 -25.90 -43.91 62.52
C PHE H 98 -24.92 -42.98 61.83
N GLU H 99 -25.07 -41.67 62.11
CA GLU H 99 -24.17 -40.62 61.69
C GLU H 99 -23.99 -39.64 62.83
N LYS H 100 -22.80 -39.05 62.97
CA LYS H 100 -22.52 -38.00 63.93
C LYS H 100 -23.25 -36.71 63.62
N ARG H 101 -23.99 -36.15 64.59
CA ARG H 101 -24.52 -34.81 64.51
C ARG H 101 -24.31 -34.11 65.84
N HIS H 102 -24.37 -32.77 65.85
CA HIS H 102 -24.16 -32.00 67.05
C HIS H 102 -24.75 -30.62 66.96
N LYS H 103 -24.94 -29.97 68.12
CA LYS H 103 -25.57 -28.66 68.18
C LYS H 103 -24.96 -27.81 69.28
N ASN H 104 -24.77 -26.50 68.98
CA ASN H 104 -24.20 -25.53 69.88
C ASN H 104 -25.32 -24.79 70.59
N ILE H 105 -25.29 -24.74 71.92
CA ILE H 105 -26.25 -24.03 72.73
C ILE H 105 -25.55 -22.99 73.60
N PRO H 106 -25.79 -21.69 73.39
CA PRO H 106 -25.34 -20.68 74.34
C PRO H 106 -26.21 -20.65 75.58
N CYS H 107 -25.56 -20.65 76.74
CA CYS H 107 -26.12 -20.92 78.03
C CYS H 107 -25.57 -19.89 79.01
N HIS H 108 -26.40 -19.35 79.92
CA HIS H 108 -25.87 -18.47 80.96
C HIS H 108 -24.94 -19.23 81.91
N CYS H 109 -23.88 -18.57 82.39
CA CYS H 109 -22.79 -19.22 83.11
C CYS H 109 -23.05 -19.42 84.59
N SER H 110 -23.64 -18.40 85.25
CA SER H 110 -23.74 -18.25 86.69
C SER H 110 -22.41 -17.80 87.32
N PRO H 111 -22.30 -16.62 87.94
CA PRO H 111 -21.01 -16.07 88.36
C PRO H 111 -20.47 -16.76 89.60
N CYS H 112 -21.28 -17.60 90.28
CA CYS H 112 -20.80 -18.42 91.38
C CYS H 112 -19.76 -19.46 90.96
N PHE H 113 -19.92 -20.04 89.76
CA PHE H 113 -19.14 -21.18 89.30
C PHE H 113 -17.81 -20.84 88.65
N ASP H 114 -16.96 -21.87 88.53
CA ASP H 114 -15.83 -21.90 87.62
C ASP H 114 -16.22 -22.86 86.50
N VAL H 115 -16.10 -22.43 85.24
CA VAL H 115 -16.41 -23.26 84.08
C VAL H 115 -15.25 -23.17 83.10
N LYS H 116 -14.79 -24.32 82.58
CA LYS H 116 -13.69 -24.40 81.64
C LYS H 116 -14.08 -25.33 80.49
N GLU H 117 -13.32 -25.29 79.38
CA GLU H 117 -13.59 -26.11 78.22
C GLU H 117 -13.45 -27.59 78.50
N GLY H 118 -14.39 -28.39 77.98
CA GLY H 118 -14.40 -29.82 78.23
C GLY H 118 -14.96 -30.22 79.59
N ASP H 119 -15.36 -29.27 80.44
CA ASP H 119 -16.30 -29.55 81.52
C ASP H 119 -17.61 -30.11 80.96
N ILE H 120 -18.18 -31.13 81.62
CA ILE H 120 -19.57 -31.50 81.42
C ILE H 120 -20.45 -30.57 82.23
N VAL H 121 -21.59 -30.14 81.70
CA VAL H 121 -22.47 -29.26 82.43
C VAL H 121 -23.87 -29.72 82.20
N THR H 122 -24.66 -29.69 83.28
CA THR H 122 -26.07 -30.02 83.22
C THR H 122 -26.79 -28.70 83.28
N VAL H 123 -27.48 -28.38 82.19
CA VAL H 123 -28.11 -27.12 81.90
C VAL H 123 -29.62 -27.28 81.92
N GLY H 124 -30.39 -26.19 82.11
CA GLY H 124 -31.84 -26.28 82.04
C GLY H 124 -32.44 -25.36 81.02
N GLN H 125 -33.63 -25.74 80.50
CA GLN H 125 -34.38 -25.06 79.47
C GLN H 125 -34.78 -23.66 79.86
N CYS H 126 -35.25 -23.51 81.12
CA CYS H 126 -35.48 -22.24 81.80
C CYS H 126 -36.21 -21.14 81.01
N ARG H 127 -35.90 -19.86 81.26
CA ARG H 127 -36.50 -18.72 80.59
C ARG H 127 -35.43 -17.99 79.80
N PRO H 128 -35.49 -17.80 78.49
CA PRO H 128 -34.44 -17.10 77.76
C PRO H 128 -34.48 -15.60 78.00
N LEU H 129 -33.30 -14.97 78.17
CA LEU H 129 -33.21 -13.56 78.54
C LEU H 129 -32.45 -12.76 77.50
N SER H 130 -32.10 -13.38 76.36
CA SER H 130 -31.26 -12.79 75.33
C SER H 130 -31.46 -13.59 74.06
N LYS H 131 -31.00 -13.09 72.90
CA LYS H 131 -31.35 -13.63 71.60
C LYS H 131 -30.90 -15.07 71.34
N THR H 132 -29.62 -15.41 71.56
CA THR H 132 -29.10 -16.72 71.23
C THR H 132 -28.96 -17.56 72.46
N VAL H 133 -28.83 -16.92 73.64
CA VAL H 133 -28.84 -17.60 74.92
C VAL H 133 -30.19 -18.27 75.16
N ARG H 134 -30.18 -19.55 75.54
CA ARG H 134 -31.40 -20.28 75.83
C ARG H 134 -31.39 -20.87 77.22
N PHE H 135 -30.25 -21.47 77.62
CA PHE H 135 -30.18 -22.32 78.78
C PHE H 135 -29.43 -21.67 79.93
N ASN H 136 -29.46 -22.32 81.11
CA ASN H 136 -28.73 -21.85 82.26
C ASN H 136 -28.19 -23.07 82.98
N VAL H 137 -26.90 -23.02 83.39
CA VAL H 137 -26.25 -24.13 84.09
C VAL H 137 -26.84 -24.40 85.46
N LEU H 138 -27.10 -25.68 85.75
CA LEU H 138 -27.65 -26.11 87.01
C LEU H 138 -26.60 -26.91 87.79
N HIS H 139 -25.67 -27.58 87.10
CA HIS H 139 -24.52 -28.23 87.72
C HIS H 139 -23.33 -28.26 86.78
N VAL H 140 -22.15 -27.83 87.26
CA VAL H 140 -20.90 -27.93 86.53
C VAL H 140 -20.07 -29.11 87.04
N GLU H 141 -19.96 -30.17 86.24
CA GLU H 141 -19.19 -31.35 86.56
C GLU H 141 -17.77 -31.21 86.04
N LYS H 142 -16.82 -30.84 86.93
CA LYS H 142 -15.46 -30.52 86.56
C LYS H 142 -14.68 -31.66 85.90
N HIS H 143 -14.13 -31.41 84.71
CA HIS H 143 -13.50 -32.44 83.92
C HIS H 143 -12.57 -31.82 82.89
N GLN H 144 -11.81 -32.64 82.14
CA GLN H 144 -11.00 -32.13 81.05
C GLN H 144 -10.98 -33.11 79.90
N ILE H 145 -10.50 -32.66 78.73
CA ILE H 145 -10.36 -33.54 77.58
C ILE H 145 -9.17 -33.08 76.77
N PHE H 146 -8.40 -34.04 76.19
CA PHE H 146 -7.29 -33.74 75.31
C PHE H 146 -7.72 -33.07 73.99
N GLY H 147 -6.83 -32.22 73.43
CA GLY H 147 -7.12 -31.44 72.22
C GLY H 147 -8.20 -30.38 72.37
N SER H 148 -8.48 -29.64 71.29
CA SER H 148 -9.50 -28.58 71.30
C SER H 148 -10.91 -29.12 71.44
N ALA H 149 -11.67 -28.64 72.46
CA ALA H 149 -13.00 -29.12 72.79
C ALA H 149 -14.00 -28.93 71.67
N ARG H 150 -13.96 -27.75 71.01
CA ARG H 150 -14.80 -27.43 69.88
C ARG H 150 -14.65 -28.40 68.71
N LYS H 151 -13.44 -28.95 68.51
CA LYS H 151 -13.12 -29.88 67.46
C LYS H 151 -13.17 -31.34 67.93
N GLN H 152 -13.41 -31.57 69.24
CA GLN H 152 -13.37 -32.89 69.83
C GLN H 152 -14.74 -33.55 69.89
N PHE H 153 -14.80 -34.86 69.58
CA PHE H 153 -16.01 -35.64 69.69
C PHE H 153 -16.00 -36.40 71.02
N VAL H 154 -16.94 -36.03 71.90
CA VAL H 154 -17.17 -36.73 73.15
C VAL H 154 -18.63 -37.10 73.17
N LEU H 155 -18.94 -38.38 73.44
CA LEU H 155 -20.30 -38.87 73.39
C LEU H 155 -20.72 -39.38 74.76
N PHE H 156 -21.95 -39.05 75.17
CA PHE H 156 -22.56 -39.47 76.41
C PHE H 156 -24.10 -39.36 76.26
N PRO I 1 -66.10 -29.81 49.52
CA PRO I 1 -65.27 -31.05 49.75
C PRO I 1 -65.72 -32.16 48.81
N LYS I 2 -64.94 -33.26 48.72
CA LYS I 2 -65.28 -34.41 47.90
C LYS I 2 -66.07 -35.43 48.72
N SER I 3 -66.80 -36.35 48.07
CA SER I 3 -67.49 -37.42 48.76
C SER I 3 -66.54 -38.32 49.53
N TYR I 4 -66.91 -38.67 50.77
CA TYR I 4 -66.08 -39.46 51.66
C TYR I 4 -66.43 -40.94 51.50
N ARG I 5 -67.35 -41.26 50.58
CA ARG I 5 -67.67 -42.61 50.19
C ARG I 5 -66.49 -43.29 49.51
N ASN I 6 -66.17 -44.52 49.92
CA ASN I 6 -65.07 -45.28 49.36
C ASN I 6 -65.42 -45.97 48.05
N TYR I 7 -64.38 -46.41 47.32
CA TYR I 7 -64.56 -47.29 46.19
C TYR I 7 -63.30 -48.07 45.96
N SER I 8 -63.40 -49.28 45.38
CA SER I 8 -62.28 -50.20 45.23
C SER I 8 -62.37 -51.02 43.97
N LYS I 9 -61.22 -51.24 43.30
CA LYS I 9 -61.10 -52.09 42.14
C LYS I 9 -61.23 -53.57 42.45
N THR I 10 -61.87 -54.34 41.55
CA THR I 10 -62.14 -55.75 41.82
C THR I 10 -61.26 -56.72 41.05
N ALA I 11 -60.39 -56.23 40.13
CA ALA I 11 -59.69 -57.13 39.22
C ALA I 11 -58.41 -56.55 38.63
N ARG I 12 -57.55 -57.45 38.12
CA ARG I 12 -56.31 -57.16 37.42
C ARG I 12 -56.00 -58.37 36.56
N ASN I 13 -55.24 -58.22 35.46
CA ASN I 13 -54.75 -59.34 34.69
C ASN I 13 -53.25 -59.46 34.95
N PRO I 14 -52.71 -60.50 35.56
CA PRO I 14 -51.27 -60.75 35.70
C PRO I 14 -50.41 -60.60 34.45
N LYS I 15 -49.14 -60.17 34.62
CA LYS I 15 -48.14 -60.06 33.56
C LYS I 15 -48.01 -61.29 32.67
N ARG I 16 -47.53 -61.11 31.42
CA ARG I 16 -47.62 -62.10 30.37
C ARG I 16 -49.06 -62.46 29.98
N PRO I 17 -49.87 -61.58 29.38
CA PRO I 17 -51.28 -61.85 29.14
C PRO I 17 -51.50 -62.93 28.09
N PHE I 18 -50.46 -63.32 27.34
CA PHE I 18 -50.53 -64.38 26.35
C PHE I 18 -49.95 -65.68 26.88
N GLU I 19 -49.95 -65.88 28.21
CA GLU I 19 -49.67 -67.17 28.84
C GLU I 19 -50.70 -68.24 28.44
N LYS I 20 -50.32 -69.11 27.47
CA LYS I 20 -51.15 -70.09 26.79
C LYS I 20 -51.98 -70.97 27.71
N GLU I 21 -51.28 -71.67 28.61
CA GLU I 21 -51.82 -72.48 29.66
C GLU I 21 -52.85 -71.75 30.53
N ARG I 22 -52.54 -70.51 30.95
CA ARG I 22 -53.45 -69.69 31.75
C ARG I 22 -54.70 -69.38 30.96
N LEU I 23 -54.53 -68.98 29.69
CA LEU I 23 -55.62 -68.66 28.79
C LEU I 23 -56.55 -69.83 28.58
N ASP I 24 -56.02 -71.03 28.27
CA ASP I 24 -56.79 -72.22 28.03
C ASP I 24 -57.59 -72.67 29.26
N GLN I 25 -56.99 -72.58 30.46
CA GLN I 25 -57.67 -72.93 31.70
C GLN I 25 -58.81 -72.00 32.03
N GLU I 26 -58.60 -70.69 31.87
CA GLU I 26 -59.61 -69.67 31.99
C GLU I 26 -60.77 -69.84 31.02
N LEU I 27 -60.50 -70.19 29.75
CA LEU I 27 -61.54 -70.46 28.76
C LEU I 27 -62.42 -71.62 29.17
N LYS I 28 -61.81 -72.71 29.68
CA LYS I 28 -62.52 -73.82 30.26
C LYS I 28 -63.32 -73.42 31.50
N LEU I 29 -62.80 -72.55 32.38
CA LEU I 29 -63.58 -71.99 33.47
C LEU I 29 -64.78 -71.18 32.99
N ILE I 30 -64.65 -70.33 31.94
CA ILE I 30 -65.77 -69.61 31.36
C ILE I 30 -66.84 -70.53 30.81
N GLY I 31 -66.43 -71.52 30.00
CA GLY I 31 -67.28 -72.53 29.40
C GLY I 31 -68.08 -73.34 30.38
N GLU I 32 -67.39 -73.82 31.44
CA GLU I 32 -67.97 -74.68 32.43
C GLU I 32 -68.93 -73.98 33.38
N TYR I 33 -68.60 -72.76 33.83
CA TYR I 33 -69.34 -72.06 34.86
C TYR I 33 -70.22 -70.92 34.32
N GLY I 34 -70.30 -70.73 32.99
CA GLY I 34 -71.27 -69.81 32.39
C GLY I 34 -70.97 -68.36 32.63
N LEU I 35 -69.67 -68.01 32.68
CA LEU I 35 -69.19 -66.66 32.90
C LEU I 35 -69.24 -65.84 31.62
N LYS I 36 -69.27 -64.50 31.73
CA LYS I 36 -69.30 -63.67 30.54
C LYS I 36 -67.93 -63.09 30.19
N ASN I 37 -67.00 -63.04 31.16
CA ASN I 37 -65.78 -62.26 31.02
C ASN I 37 -64.63 -62.94 31.74
N LYS I 38 -63.37 -62.72 31.29
CA LYS I 38 -62.20 -63.03 32.08
C LYS I 38 -62.15 -62.28 33.39
N ARG I 39 -62.69 -61.04 33.39
CA ARG I 39 -62.93 -60.24 34.56
C ARG I 39 -63.72 -60.94 35.67
N GLU I 40 -64.69 -61.81 35.32
CA GLU I 40 -65.38 -62.66 36.30
C GLU I 40 -64.42 -63.59 37.06
N ILE I 41 -63.50 -64.26 36.33
CA ILE I 41 -62.45 -65.07 36.90
C ILE I 41 -61.51 -64.25 37.74
N TRP I 42 -61.15 -63.04 37.28
CA TRP I 42 -60.26 -62.15 37.96
C TRP I 42 -60.78 -61.65 39.30
N ARG I 43 -62.09 -61.34 39.41
CA ARG I 43 -62.71 -61.05 40.69
C ARG I 43 -62.66 -62.24 41.64
N VAL I 44 -62.92 -63.45 41.14
CA VAL I 44 -62.80 -64.67 41.93
C VAL I 44 -61.36 -64.91 42.36
N GLN I 45 -60.38 -64.65 41.47
CA GLN I 45 -58.96 -64.65 41.77
C GLN I 45 -58.60 -63.66 42.86
N TYR I 46 -59.14 -62.43 42.82
CA TYR I 46 -58.96 -61.42 43.84
C TYR I 46 -59.46 -61.90 45.21
N LEU I 47 -60.67 -62.50 45.25
CA LEU I 47 -61.20 -63.12 46.44
C LEU I 47 -60.30 -64.23 46.98
N LEU I 48 -59.81 -65.12 46.10
CA LEU I 48 -58.90 -66.19 46.46
C LEU I 48 -57.56 -65.67 46.96
N ALA I 49 -57.01 -64.64 46.31
CA ALA I 49 -55.79 -63.99 46.71
C ALA I 49 -55.93 -63.30 48.07
N LYS I 50 -57.06 -62.63 48.32
CA LYS I 50 -57.39 -62.10 49.63
C LYS I 50 -57.41 -63.17 50.72
N ILE I 51 -58.02 -64.33 50.42
CA ILE I 51 -57.99 -65.54 51.24
C ILE I 51 -56.58 -66.06 51.47
N ARG I 52 -55.75 -66.16 50.41
CA ARG I 52 -54.37 -66.63 50.50
C ARG I 52 -53.53 -65.70 51.36
N SER I 53 -53.69 -64.39 51.21
CA SER I 53 -52.97 -63.40 51.98
C SER I 53 -53.30 -63.45 53.46
N ALA I 54 -54.60 -63.61 53.78
CA ALA I 54 -55.08 -63.75 55.14
C ALA I 54 -54.55 -65.02 55.78
N ALA I 55 -54.60 -66.13 55.03
CA ALA I 55 -54.13 -67.42 55.45
C ALA I 55 -52.63 -67.42 55.70
N ARG I 56 -51.84 -66.77 54.82
CA ARG I 56 -50.42 -66.56 55.03
C ARG I 56 -50.14 -65.80 56.32
N TYR I 57 -50.86 -64.70 56.59
CA TYR I 57 -50.72 -63.94 57.81
C TYR I 57 -51.02 -64.77 59.06
N LEU I 58 -52.08 -65.60 59.01
CA LEU I 58 -52.42 -66.48 60.10
C LEU I 58 -51.42 -67.59 60.35
N LEU I 59 -51.03 -68.34 59.30
CA LEU I 59 -50.11 -69.45 59.43
C LEU I 59 -48.69 -69.04 59.76
N THR I 60 -48.26 -67.83 59.33
CA THR I 60 -46.96 -67.28 59.72
C THR I 60 -46.93 -66.90 61.18
N LEU I 61 -47.98 -66.28 61.70
CA LEU I 61 -48.15 -66.06 63.13
C LEU I 61 -48.24 -67.33 63.96
N ASP I 62 -47.73 -67.26 65.20
CA ASP I 62 -47.64 -68.36 66.13
C ASP I 62 -48.97 -68.75 66.78
N GLU I 63 -49.00 -69.92 67.44
CA GLU I 63 -50.06 -70.30 68.36
C GLU I 63 -50.14 -69.37 69.57
N LYS I 64 -51.35 -69.16 70.12
CA LYS I 64 -51.59 -68.36 71.30
C LYS I 64 -51.26 -66.88 71.14
N SER I 65 -51.72 -66.28 70.03
CA SER I 65 -51.63 -64.84 69.77
C SER I 65 -53.01 -64.30 69.50
N SER I 66 -53.34 -63.13 70.08
CA SER I 66 -54.71 -62.62 70.16
C SER I 66 -55.28 -62.25 68.81
N LYS I 67 -54.48 -61.57 67.97
CA LYS I 67 -54.82 -61.21 66.62
C LYS I 67 -55.05 -62.45 65.77
N ARG I 68 -54.15 -63.43 65.90
CA ARG I 68 -54.16 -64.67 65.16
C ARG I 68 -55.38 -65.52 65.47
N ILE I 69 -55.73 -65.70 66.75
CA ILE I 69 -56.87 -66.52 67.11
C ILE I 69 -58.18 -65.82 66.82
N PHE I 70 -58.22 -64.46 66.93
CA PHE I 70 -59.41 -63.69 66.63
C PHE I 70 -59.70 -63.70 65.13
N GLN I 71 -58.69 -63.30 64.32
CA GLN I 71 -58.81 -63.29 62.88
C GLN I 71 -59.06 -64.66 62.31
N GLY I 72 -58.34 -65.70 62.80
CA GLY I 72 -58.53 -67.07 62.33
C GLY I 72 -59.91 -67.61 62.61
N GLU I 73 -60.40 -67.48 63.85
CA GLU I 73 -61.75 -67.87 64.19
C GLU I 73 -62.81 -67.14 63.37
N ALA I 74 -62.61 -65.84 63.16
CA ALA I 74 -63.49 -65.01 62.38
C ALA I 74 -63.53 -65.38 60.90
N LEU I 75 -62.36 -65.59 60.28
CA LEU I 75 -62.25 -66.09 58.92
C LEU I 75 -62.91 -67.44 58.73
N LEU I 76 -62.59 -68.42 59.60
CA LEU I 76 -63.20 -69.73 59.52
C LEU I 76 -64.71 -69.72 59.67
N ARG I 77 -65.25 -68.93 60.61
CA ARG I 77 -66.67 -68.72 60.76
C ARG I 77 -67.34 -68.18 59.50
N ARG I 78 -66.74 -67.13 58.93
CA ARG I 78 -67.18 -66.51 57.70
C ARG I 78 -67.14 -67.41 56.48
N MET I 79 -66.06 -68.18 56.29
CA MET I 79 -65.92 -69.18 55.25
C MET I 79 -66.91 -70.33 55.35
N VAL I 80 -67.21 -70.79 56.58
CA VAL I 80 -68.26 -71.75 56.85
C VAL I 80 -69.61 -71.18 56.48
N ARG I 81 -69.88 -69.92 56.83
CA ARG I 81 -71.12 -69.25 56.49
C ARG I 81 -71.30 -69.09 54.98
N GLN I 82 -70.23 -68.71 54.26
CA GLN I 82 -70.25 -68.64 52.82
C GLN I 82 -70.38 -70.01 52.15
N GLY I 83 -69.93 -71.08 52.83
CA GLY I 83 -70.06 -72.46 52.38
C GLY I 83 -68.85 -72.97 51.66
N LEU I 84 -67.73 -72.26 51.77
CA LEU I 84 -66.45 -72.64 51.20
C LEU I 84 -65.82 -73.85 51.89
N LEU I 85 -65.87 -73.88 53.23
CA LEU I 85 -65.26 -74.93 54.02
C LEU I 85 -66.22 -76.08 54.30
N GLY I 86 -65.71 -77.33 54.26
CA GLY I 86 -66.40 -78.54 54.70
C GLY I 86 -66.53 -78.70 56.21
N GLU I 87 -67.12 -79.82 56.65
CA GLU I 87 -67.51 -80.11 58.01
C GLU I 87 -66.39 -80.09 59.04
N ASN I 88 -65.25 -80.71 58.69
CA ASN I 88 -64.08 -80.79 59.56
C ASN I 88 -62.98 -79.90 59.02
N GLU I 89 -63.31 -79.01 58.07
CA GLU I 89 -62.37 -78.07 57.53
C GLU I 89 -62.40 -76.82 58.38
N GLU I 90 -61.46 -76.74 59.33
CA GLU I 90 -61.51 -75.80 60.43
C GLU I 90 -60.10 -75.44 60.85
N LYS I 91 -59.13 -75.63 59.93
CA LYS I 91 -57.72 -75.42 60.17
C LYS I 91 -57.12 -74.74 58.94
N LEU I 92 -56.00 -74.04 59.12
CA LEU I 92 -55.49 -73.08 58.15
C LEU I 92 -55.05 -73.67 56.82
N ASP I 93 -54.75 -74.98 56.77
CA ASP I 93 -54.31 -75.62 55.57
C ASP I 93 -55.48 -75.91 54.64
N TYR I 94 -56.71 -75.88 55.15
CA TYR I 94 -57.89 -75.98 54.32
C TYR I 94 -58.24 -74.62 53.74
N VAL I 95 -57.87 -73.54 54.44
CA VAL I 95 -58.08 -72.20 53.91
C VAL I 95 -57.18 -71.94 52.71
N LEU I 96 -55.92 -72.38 52.79
CA LEU I 96 -55.02 -72.46 51.68
C LEU I 96 -55.48 -73.38 50.55
N GLY I 97 -56.13 -74.50 50.94
CA GLY I 97 -56.68 -75.54 50.08
C GLY I 97 -57.76 -75.15 49.10
N LEU I 98 -58.42 -74.00 49.31
CA LEU I 98 -59.51 -73.52 48.47
C LEU I 98 -59.11 -73.32 47.00
N THR I 99 -60.05 -73.56 46.06
CA THR I 99 -59.75 -73.53 44.64
C THR I 99 -60.84 -72.78 43.90
N LEU I 100 -60.55 -72.30 42.69
CA LEU I 100 -61.44 -71.46 41.90
C LEU I 100 -62.78 -72.12 41.55
N PRO I 101 -62.90 -73.39 41.15
CA PRO I 101 -64.19 -74.05 40.98
C PRO I 101 -65.10 -74.02 42.20
N LYS I 102 -64.56 -74.18 43.42
CA LYS I 102 -65.32 -74.11 44.65
C LYS I 102 -65.97 -72.76 44.92
N LEU I 103 -65.26 -71.66 44.61
CA LEU I 103 -65.79 -70.30 44.70
C LEU I 103 -66.90 -70.04 43.68
N LEU I 104 -66.68 -70.47 42.43
CA LEU I 104 -67.63 -70.51 41.34
C LEU I 104 -68.90 -71.30 41.67
N GLU I 105 -68.75 -72.45 42.34
CA GLU I 105 -69.85 -73.28 42.82
C GLU I 105 -70.81 -72.55 43.77
N ARG I 106 -70.32 -71.57 44.56
CA ARG I 106 -71.14 -70.74 45.43
C ARG I 106 -72.06 -69.78 44.70
N ARG I 107 -71.77 -69.45 43.42
CA ARG I 107 -72.64 -68.62 42.61
C ARG I 107 -74.05 -69.17 42.42
N LEU I 108 -75.04 -68.27 42.40
CA LEU I 108 -76.45 -68.57 42.27
C LEU I 108 -76.81 -69.29 40.98
N GLN I 109 -76.24 -68.89 39.81
CA GLN I 109 -76.47 -69.57 38.54
C GLN I 109 -76.04 -71.04 38.58
N THR I 110 -74.90 -71.32 39.23
CA THR I 110 -74.38 -72.66 39.43
C THR I 110 -75.30 -73.48 40.31
N LYS I 111 -75.77 -72.90 41.43
CA LYS I 111 -76.76 -73.53 42.29
C LYS I 111 -78.11 -73.79 41.64
N VAL I 112 -78.63 -72.85 40.83
CA VAL I 112 -79.87 -72.97 40.07
C VAL I 112 -79.80 -74.13 39.07
N PHE I 113 -78.69 -74.22 38.30
CA PHE I 113 -78.39 -75.41 37.51
C PHE I 113 -78.30 -76.70 38.34
N LYS I 114 -77.58 -76.69 39.47
CA LYS I 114 -77.38 -77.81 40.36
C LYS I 114 -78.66 -78.38 40.94
N LEU I 115 -79.56 -77.51 41.43
CA LEU I 115 -80.87 -77.83 41.94
C LEU I 115 -81.81 -78.33 40.85
N GLY I 116 -81.54 -77.96 39.57
CA GLY I 116 -82.27 -78.47 38.42
C GLY I 116 -83.38 -77.56 38.01
N LEU I 117 -83.39 -76.36 38.59
CA LEU I 117 -84.31 -75.27 38.29
C LEU I 117 -84.12 -74.80 36.85
N ALA I 118 -82.86 -74.77 36.38
CA ALA I 118 -82.52 -74.59 34.99
C ALA I 118 -81.71 -75.78 34.52
N LYS I 119 -81.64 -75.98 33.18
CA LYS I 119 -81.01 -77.16 32.60
C LYS I 119 -79.53 -76.94 32.27
N SER I 120 -79.02 -75.71 32.48
CA SER I 120 -77.63 -75.38 32.22
C SER I 120 -77.30 -74.16 33.03
N VAL I 121 -76.01 -73.91 33.32
CA VAL I 121 -75.48 -72.74 34.02
C VAL I 121 -75.77 -71.45 33.27
N HIS I 122 -75.58 -71.44 31.93
CA HIS I 122 -75.93 -70.34 31.06
C HIS I 122 -77.44 -70.09 30.99
N HIS I 123 -78.25 -71.15 30.95
CA HIS I 123 -79.71 -71.11 31.05
C HIS I 123 -80.13 -70.52 32.39
N ALA I 124 -79.50 -70.99 33.49
CA ALA I 124 -79.65 -70.47 34.83
C ALA I 124 -79.32 -68.99 34.93
N ARG I 125 -78.24 -68.53 34.28
CA ARG I 125 -77.88 -67.13 34.20
C ARG I 125 -79.01 -66.29 33.62
N VAL I 126 -79.55 -66.69 32.46
CA VAL I 126 -80.64 -66.00 31.78
C VAL I 126 -81.93 -66.04 32.57
N LEU I 127 -82.27 -67.19 33.19
CA LEU I 127 -83.38 -67.33 34.11
C LEU I 127 -83.36 -66.34 35.26
N ILE I 128 -82.19 -66.19 35.92
CA ILE I 128 -81.93 -65.21 36.94
C ILE I 128 -82.01 -63.78 36.42
N ARG I 129 -81.39 -63.45 35.25
CA ARG I 129 -81.47 -62.11 34.67
C ARG I 129 -82.90 -61.71 34.30
N GLN I 130 -83.72 -62.66 33.82
CA GLN I 130 -85.11 -62.43 33.45
C GLN I 130 -86.09 -62.47 34.63
N ARG I 131 -85.58 -62.38 35.87
CA ARG I 131 -86.36 -62.05 37.06
C ARG I 131 -87.25 -63.18 37.55
N HIS I 132 -86.80 -64.45 37.47
CA HIS I 132 -87.65 -65.58 37.77
C HIS I 132 -87.26 -66.36 39.02
N ILE I 133 -86.18 -65.99 39.72
CA ILE I 133 -85.73 -66.73 40.90
C ILE I 133 -86.11 -66.01 42.19
N ARG I 134 -86.16 -66.73 43.32
CA ARG I 134 -86.20 -66.12 44.64
C ARG I 134 -85.32 -66.90 45.60
N VAL I 135 -84.61 -66.18 46.49
CA VAL I 135 -83.84 -66.77 47.57
C VAL I 135 -84.47 -66.35 48.90
N GLY I 136 -85.16 -67.28 49.60
CA GLY I 136 -85.82 -67.01 50.87
C GLY I 136 -86.95 -66.02 50.80
N LYS I 137 -87.62 -65.99 49.63
CA LYS I 137 -88.71 -65.08 49.27
C LYS I 137 -88.24 -63.71 48.83
N GLN I 138 -86.95 -63.57 48.45
CA GLN I 138 -86.45 -62.34 47.88
C GLN I 138 -85.98 -62.60 46.46
N MET I 139 -86.63 -61.94 45.48
CA MET I 139 -86.22 -61.87 44.10
C MET I 139 -84.83 -61.24 43.93
N VAL I 140 -83.97 -61.82 43.07
CA VAL I 140 -82.65 -61.27 42.79
C VAL I 140 -82.31 -61.59 41.34
N ASP I 141 -81.77 -60.61 40.59
CA ASP I 141 -81.49 -60.77 39.17
C ASP I 141 -80.01 -60.96 38.87
N ILE I 142 -79.19 -61.14 39.91
CA ILE I 142 -77.73 -61.13 39.82
C ILE I 142 -77.17 -62.55 39.66
N PRO I 143 -76.45 -62.91 38.60
CA PRO I 143 -76.00 -64.28 38.38
C PRO I 143 -74.77 -64.57 39.21
N SER I 144 -74.05 -63.53 39.63
CA SER I 144 -72.83 -63.64 40.42
C SER I 144 -73.08 -63.56 41.91
N PHE I 145 -74.37 -63.59 42.34
CA PHE I 145 -74.76 -63.67 43.72
C PHE I 145 -74.17 -64.91 44.40
N LEU I 146 -73.46 -64.73 45.52
CA LEU I 146 -72.78 -65.82 46.17
C LEU I 146 -73.61 -66.34 47.33
N VAL I 147 -74.06 -67.60 47.23
CA VAL I 147 -75.03 -68.19 48.12
C VAL I 147 -74.38 -68.66 49.42
N ARG I 148 -74.88 -68.18 50.59
CA ARG I 148 -74.49 -68.68 51.89
C ARG I 148 -75.00 -70.10 52.17
N VAL I 149 -74.37 -70.81 53.11
CA VAL I 149 -74.68 -72.21 53.41
C VAL I 149 -76.12 -72.47 53.85
N ASP I 150 -76.69 -71.61 54.71
CA ASP I 150 -78.08 -71.67 55.14
C ASP I 150 -79.05 -71.39 53.99
N SER I 151 -78.69 -70.43 53.12
CA SER I 151 -79.48 -69.96 51.99
C SER I 151 -79.80 -71.02 50.96
N GLU I 152 -78.92 -72.02 50.78
CA GLU I 152 -79.01 -73.06 49.75
C GLU I 152 -80.33 -73.84 49.72
N LYS I 153 -80.96 -74.09 50.88
CA LYS I 153 -82.24 -74.78 50.96
C LYS I 153 -83.43 -73.93 50.55
N HIS I 154 -83.25 -72.60 50.40
CA HIS I 154 -84.32 -71.63 50.30
C HIS I 154 -84.42 -71.01 48.90
N ILE I 155 -83.92 -71.70 47.86
CA ILE I 155 -83.83 -71.19 46.50
C ILE I 155 -84.90 -71.86 45.65
N ASP I 156 -85.79 -71.04 45.05
CA ASP I 156 -86.95 -71.50 44.33
C ASP I 156 -87.28 -70.46 43.27
N PHE I 157 -88.34 -70.67 42.46
CA PHE I 157 -88.77 -69.72 41.47
C PHE I 157 -89.65 -68.68 42.11
N ALA I 158 -89.60 -67.44 41.61
CA ALA I 158 -90.40 -66.34 42.09
C ALA I 158 -91.91 -66.55 41.92
N THR I 159 -92.71 -66.34 42.98
CA THR I 159 -94.15 -66.52 42.95
C THR I 159 -94.86 -65.41 42.21
N THR I 160 -94.17 -64.28 42.00
CA THR I 160 -94.66 -63.15 41.22
C THR I 160 -94.24 -63.25 39.77
N SER I 161 -93.52 -64.32 39.37
CA SER I 161 -93.18 -64.57 37.97
C SER I 161 -94.34 -65.28 37.25
N PRO I 162 -94.37 -65.34 35.92
CA PRO I 162 -95.31 -66.20 35.20
C PRO I 162 -95.12 -67.67 35.49
N PHE I 163 -93.88 -68.10 35.79
CA PHE I 163 -93.57 -69.45 36.24
C PHE I 163 -94.25 -69.74 37.59
N GLY I 164 -94.30 -68.72 38.46
CA GLY I 164 -95.01 -68.75 39.73
C GLY I 164 -96.51 -68.63 39.60
N GLY I 165 -97.01 -68.42 38.37
CA GLY I 165 -98.42 -68.51 38.03
C GLY I 165 -99.25 -67.29 38.35
N ALA I 166 -98.63 -66.16 38.72
CA ALA I 166 -99.34 -64.94 39.08
C ALA I 166 -100.19 -64.35 37.96
N ARG I 167 -99.61 -64.27 36.74
CA ARG I 167 -100.25 -63.83 35.53
C ARG I 167 -99.35 -64.30 34.41
N PRO I 168 -99.73 -64.44 33.14
CA PRO I 168 -98.77 -64.54 32.05
C PRO I 168 -98.00 -63.25 31.90
N GLY I 169 -96.79 -63.32 31.39
CA GLY I 169 -95.94 -62.15 31.22
C GLY I 169 -96.37 -61.35 30.04
N ARG I 170 -96.72 -62.07 28.95
CA ARG I 170 -97.23 -61.50 27.74
C ARG I 170 -98.74 -61.63 27.72
N VAL I 171 -99.42 -60.90 28.62
CA VAL I 171 -100.87 -60.70 28.64
C VAL I 171 -101.45 -60.34 27.28
N LYS I 172 -100.83 -59.40 26.55
CA LYS I 172 -101.15 -59.04 25.18
C LYS I 172 -101.22 -60.23 24.23
N ARG I 173 -100.14 -61.01 24.09
CA ARG I 173 -100.08 -62.20 23.28
C ARG I 173 -101.03 -63.32 23.71
N LYS I 174 -101.11 -63.62 25.02
CA LYS I 174 -102.07 -64.58 25.56
C LYS I 174 -103.52 -64.18 25.29
N SER I 175 -103.85 -62.88 25.49
CA SER I 175 -105.12 -62.27 25.13
C SER I 175 -105.40 -62.36 23.66
N LEU I 176 -104.41 -62.10 22.78
CA LEU I 176 -104.55 -62.19 21.34
C LEU I 176 -104.91 -63.60 20.91
N LYS I 177 -104.24 -64.61 21.50
CA LYS I 177 -104.54 -66.00 21.22
C LYS I 177 -105.96 -66.40 21.63
N LYS I 178 -106.39 -66.02 22.85
CA LYS I 178 -107.76 -66.20 23.29
C LYS I 178 -108.85 -65.53 22.43
N GLN I 179 -108.65 -64.24 22.11
CA GLN I 179 -109.50 -63.42 21.28
C GLN I 179 -109.63 -63.90 19.85
N LYS I 180 -108.51 -64.25 19.20
CA LYS I 180 -108.49 -64.80 17.86
C LYS I 180 -109.21 -66.14 17.80
N GLU I 181 -108.91 -67.06 18.75
CA GLU I 181 -109.59 -68.35 18.81
C GLU I 181 -111.09 -68.24 19.06
N LYS I 182 -111.53 -67.36 20.00
CA LYS I 182 -112.94 -67.13 20.25
C LYS I 182 -113.68 -66.51 19.07
N THR I 183 -113.06 -65.52 18.38
CA THR I 183 -113.59 -64.90 17.16
C THR I 183 -113.82 -65.89 16.03
N GLU I 184 -112.83 -66.75 15.73
CA GLU I 184 -112.95 -67.79 14.72
C GLU I 184 -113.98 -68.88 15.02
N ALA I 185 -114.03 -69.36 16.28
CA ALA I 185 -114.83 -70.50 16.67
C ALA I 185 -116.39 -70.30 16.58
N ASP J 1 -23.05 -63.12 -85.04
CA ASP J 1 -23.15 -63.25 -83.54
C ASP J 1 -24.61 -63.32 -83.08
N LEU J 2 -25.20 -62.20 -82.60
CA LEU J 2 -26.56 -62.16 -82.06
C LEU J 2 -27.65 -62.71 -82.96
N ASP J 3 -27.68 -62.37 -84.27
CA ASP J 3 -28.67 -62.87 -85.21
C ASP J 3 -28.69 -64.41 -85.31
N LYS J 4 -27.51 -65.03 -85.38
CA LYS J 4 -27.32 -66.46 -85.36
C LYS J 4 -27.72 -67.09 -84.04
N LEU J 5 -27.35 -66.44 -82.92
CA LEU J 5 -27.72 -66.83 -81.57
C LEU J 5 -29.23 -66.85 -81.33
N LEU J 6 -29.97 -65.84 -81.81
CA LEU J 6 -31.41 -65.83 -81.85
C LEU J 6 -32.01 -66.93 -82.72
N ASP J 7 -31.46 -67.17 -83.92
CA ASP J 7 -31.87 -68.20 -84.85
C ASP J 7 -31.77 -69.64 -84.29
N LEU J 8 -30.60 -70.00 -83.73
CA LEU J 8 -30.28 -71.35 -83.33
C LEU J 8 -31.22 -72.05 -82.34
N SER J 9 -31.26 -73.40 -82.41
CA SER J 9 -32.14 -74.25 -81.63
C SER J 9 -31.67 -74.39 -80.18
N GLN J 10 -32.55 -74.85 -79.27
CA GLN J 10 -32.26 -75.00 -77.86
C GLN J 10 -31.11 -75.96 -77.56
N ASP J 11 -31.03 -77.08 -78.28
CA ASP J 11 -29.93 -78.02 -78.24
C ASP J 11 -28.59 -77.39 -78.63
N GLU J 12 -28.59 -76.56 -79.70
CA GLU J 12 -27.47 -75.75 -80.11
C GLU J 12 -27.07 -74.70 -79.07
N LEU J 13 -28.05 -73.99 -78.50
CA LEU J 13 -27.84 -72.98 -77.47
C LEU J 13 -27.19 -73.55 -76.21
N ILE J 14 -27.66 -74.71 -75.71
CA ILE J 14 -27.03 -75.42 -74.61
C ILE J 14 -25.62 -75.88 -74.93
N LYS J 15 -25.37 -76.42 -76.15
CA LYS J 15 -24.05 -76.79 -76.62
C LYS J 15 -23.08 -75.60 -76.68
N LEU J 16 -23.52 -74.43 -77.18
CA LEU J 16 -22.74 -73.20 -77.07
C LEU J 16 -22.49 -72.77 -75.63
N PHE J 17 -23.50 -72.83 -74.75
CA PHE J 17 -23.38 -72.50 -73.33
C PHE J 17 -22.32 -73.27 -72.55
N LYS J 18 -21.78 -72.61 -71.50
CA LYS J 18 -21.00 -73.24 -70.45
C LYS J 18 -21.79 -74.29 -69.69
N ALA J 19 -21.10 -75.32 -69.16
CA ALA J 19 -21.69 -76.53 -68.63
C ALA J 19 -22.68 -76.33 -67.49
N ARG J 20 -22.44 -75.36 -66.58
CA ARG J 20 -23.37 -75.01 -65.52
C ARG J 20 -24.75 -74.60 -66.03
N GLN J 21 -24.80 -73.70 -67.03
CA GLN J 21 -25.96 -73.32 -67.80
C GLN J 21 -26.59 -74.50 -68.52
N ARG J 22 -25.76 -75.29 -69.24
CA ARG J 22 -26.18 -76.48 -69.95
C ARG J 22 -26.88 -77.51 -69.05
N ARG J 23 -26.29 -77.80 -67.87
CA ARG J 23 -26.85 -78.66 -66.86
C ARG J 23 -28.19 -78.17 -66.34
N LYS J 24 -28.33 -76.86 -66.06
CA LYS J 24 -29.58 -76.24 -65.63
C LYS J 24 -30.73 -76.46 -66.62
N PHE J 25 -30.47 -76.18 -67.90
CA PHE J 25 -31.43 -76.41 -68.97
C PHE J 25 -31.77 -77.88 -69.15
N GLN J 26 -30.77 -78.77 -69.04
CA GLN J 26 -30.98 -80.21 -69.04
C GLN J 26 -31.81 -80.71 -67.86
N ARG J 27 -31.52 -80.25 -66.63
CA ARG J 27 -32.29 -80.56 -65.42
C ARG J 27 -33.75 -80.09 -65.47
N GLY J 28 -34.01 -78.83 -65.88
CA GLY J 28 -35.38 -78.37 -66.13
C GLY J 28 -35.63 -76.91 -65.87
N ILE J 29 -36.42 -76.27 -66.75
CA ILE J 29 -36.85 -74.89 -66.61
C ILE J 29 -37.80 -74.65 -65.43
N SER J 30 -38.70 -75.62 -65.16
CA SER J 30 -39.81 -75.51 -64.22
C SER J 30 -40.83 -74.41 -64.53
N LYS J 31 -41.82 -74.25 -63.63
CA LYS J 31 -42.96 -73.35 -63.74
C LYS J 31 -42.54 -71.89 -63.75
N LYS J 32 -42.47 -71.23 -62.58
CA LYS J 32 -41.71 -70.01 -62.26
C LYS J 32 -41.06 -69.23 -63.40
N ALA J 33 -39.89 -69.72 -63.88
CA ALA J 33 -39.09 -69.13 -64.94
C ALA J 33 -39.79 -69.06 -66.29
N LYS J 34 -40.42 -70.16 -66.71
CA LYS J 34 -41.20 -70.26 -67.93
C LYS J 34 -42.39 -69.32 -67.91
N SER J 35 -43.14 -69.31 -66.78
CA SER J 35 -44.29 -68.42 -66.57
C SER J 35 -43.91 -66.95 -66.66
N LEU J 36 -42.81 -66.55 -65.99
CA LEU J 36 -42.22 -65.24 -66.10
C LEU J 36 -41.75 -64.88 -67.50
N LEU J 37 -41.07 -65.81 -68.20
CA LEU J 37 -40.60 -65.65 -69.56
C LEU J 37 -41.72 -65.37 -70.55
N LYS J 38 -42.83 -66.13 -70.50
CA LYS J 38 -44.02 -65.90 -71.29
C LYS J 38 -44.62 -64.52 -71.06
N LYS J 39 -44.71 -64.06 -69.80
CA LYS J 39 -45.14 -62.71 -69.46
C LYS J 39 -44.19 -61.63 -70.00
N ILE J 40 -42.87 -61.78 -69.83
CA ILE J 40 -41.84 -60.93 -70.42
C ILE J 40 -41.89 -60.90 -71.94
N ARG J 41 -42.05 -62.04 -72.63
CA ARG J 41 -42.21 -62.11 -74.07
C ARG J 41 -43.40 -61.31 -74.59
N LYS J 42 -44.57 -61.51 -73.97
CA LYS J 42 -45.80 -60.83 -74.30
C LYS J 42 -45.70 -59.33 -74.08
N SER J 43 -45.17 -58.92 -72.92
CA SER J 43 -44.96 -57.51 -72.59
C SER J 43 -44.02 -56.78 -73.52
N LYS J 44 -42.86 -57.40 -73.87
CA LYS J 44 -41.91 -56.85 -74.81
C LYS J 44 -42.46 -56.71 -76.22
N LYS J 45 -43.14 -57.75 -76.75
CA LYS J 45 -43.75 -57.68 -78.06
C LYS J 45 -44.85 -56.64 -78.19
N ASN J 46 -45.78 -56.60 -77.22
CA ASN J 46 -46.90 -55.68 -77.25
C ASN J 46 -46.59 -54.22 -76.89
N CYS J 47 -45.39 -53.91 -76.35
CA CYS J 47 -45.03 -52.53 -76.01
C CYS J 47 -44.30 -51.79 -77.15
N GLU J 48 -44.50 -50.46 -77.22
CA GLU J 48 -43.71 -49.56 -78.06
C GLU J 48 -42.38 -49.21 -77.38
N PRO J 49 -41.40 -48.58 -78.03
CA PRO J 49 -40.23 -48.04 -77.37
C PRO J 49 -40.55 -47.12 -76.19
N GLY J 50 -40.04 -47.45 -74.98
CA GLY J 50 -40.44 -46.79 -73.76
C GLY J 50 -40.39 -47.72 -72.56
N GLU J 51 -41.36 -47.57 -71.65
CA GLU J 51 -41.43 -48.20 -70.34
C GLU J 51 -41.40 -49.73 -70.32
N LYS J 52 -40.80 -50.32 -69.27
CA LYS J 52 -40.36 -51.71 -69.28
C LYS J 52 -41.20 -52.65 -68.41
N PRO J 53 -41.12 -53.98 -68.61
CA PRO J 53 -41.68 -55.01 -67.73
C PRO J 53 -41.52 -54.87 -66.23
N ASN J 54 -42.44 -55.51 -65.46
CA ASN J 54 -42.51 -55.43 -64.01
C ASN J 54 -42.01 -56.70 -63.32
N PRO J 55 -41.68 -56.65 -62.02
CA PRO J 55 -41.47 -57.81 -61.16
C PRO J 55 -42.52 -58.92 -61.14
N VAL J 56 -42.16 -60.05 -60.50
CA VAL J 56 -42.99 -61.24 -60.36
C VAL J 56 -43.26 -61.47 -58.87
N PRO J 57 -44.42 -61.98 -58.41
CA PRO J 57 -44.70 -62.21 -57.00
C PRO J 57 -43.72 -63.08 -56.24
N THR J 58 -42.91 -63.91 -56.92
CA THR J 58 -41.95 -64.81 -56.31
C THR J 58 -40.53 -64.25 -56.28
N HIS J 59 -40.29 -63.02 -56.80
CA HIS J 59 -39.03 -62.26 -56.67
C HIS J 59 -37.76 -62.99 -57.12
N LEU J 60 -37.83 -63.71 -58.26
CA LEU J 60 -36.80 -64.65 -58.67
C LEU J 60 -35.40 -64.09 -58.92
N ARG J 61 -34.35 -64.78 -58.39
CA ARG J 61 -32.95 -64.53 -58.73
C ARG J 61 -32.32 -65.76 -59.37
N ASN J 62 -33.12 -66.80 -59.66
CA ASN J 62 -32.64 -68.15 -59.86
C ASN J 62 -32.59 -68.52 -61.33
N MET J 63 -32.85 -67.54 -62.21
CA MET J 63 -32.89 -67.73 -63.64
C MET J 63 -31.82 -66.87 -64.29
N THR J 64 -31.08 -67.43 -65.26
CA THR J 64 -30.02 -66.73 -65.96
C THR J 64 -30.49 -66.06 -67.24
N ILE J 65 -29.61 -65.27 -67.87
CA ILE J 65 -29.90 -64.46 -69.02
C ILE J 65 -29.75 -65.27 -70.30
N ILE J 66 -30.77 -65.20 -71.16
CA ILE J 66 -30.89 -65.95 -72.40
C ILE J 66 -31.07 -64.93 -73.51
N PRO J 67 -30.87 -65.20 -74.80
CA PRO J 67 -30.64 -64.14 -75.78
C PRO J 67 -31.85 -63.31 -76.11
N GLU J 68 -33.06 -63.73 -75.71
CA GLU J 68 -34.26 -62.95 -75.90
C GLU J 68 -34.63 -62.10 -74.69
N MET J 69 -33.91 -62.25 -73.56
CA MET J 69 -34.20 -61.56 -72.30
C MET J 69 -33.95 -60.06 -72.34
N VAL J 70 -32.85 -59.65 -73.00
CA VAL J 70 -32.32 -58.31 -73.19
C VAL J 70 -33.28 -57.13 -73.09
N GLY J 71 -32.92 -56.11 -72.30
CA GLY J 71 -33.68 -54.87 -72.17
C GLY J 71 -34.84 -54.93 -71.22
N SER J 72 -35.04 -56.07 -70.54
CA SER J 72 -36.10 -56.24 -69.54
C SER J 72 -35.61 -55.88 -68.15
N ILE J 73 -36.47 -55.30 -67.28
CA ILE J 73 -36.16 -55.03 -65.88
C ILE J 73 -36.66 -56.19 -65.02
N VAL J 74 -35.74 -56.84 -64.30
CA VAL J 74 -36.03 -58.03 -63.52
C VAL J 74 -36.70 -57.75 -62.18
N ALA J 75 -37.15 -58.84 -61.53
CA ALA J 75 -37.84 -58.81 -60.26
C ALA J 75 -36.94 -58.65 -59.01
N THR J 83 -35.18 -57.47 -56.78
CA THR J 83 -35.76 -56.11 -56.71
C THR J 83 -35.75 -55.43 -58.05
N ASN J 84 -34.65 -54.78 -58.49
CA ASN J 84 -34.62 -54.16 -59.82
C ASN J 84 -33.21 -54.13 -60.44
N VAL J 85 -33.07 -54.57 -61.71
CA VAL J 85 -31.96 -54.23 -62.58
C VAL J 85 -32.41 -54.48 -64.03
N GLU J 86 -31.87 -53.77 -65.04
CA GLU J 86 -32.18 -54.01 -66.44
C GLU J 86 -31.13 -54.86 -67.12
N ILE J 87 -31.55 -55.93 -67.82
CA ILE J 87 -30.68 -56.85 -68.53
C ILE J 87 -30.00 -56.24 -69.77
N LYS J 88 -28.66 -56.30 -69.80
CA LYS J 88 -27.85 -55.75 -70.87
C LYS J 88 -27.74 -56.70 -72.09
N PRO J 89 -27.44 -56.24 -73.30
CA PRO J 89 -27.36 -57.09 -74.49
C PRO J 89 -26.34 -58.20 -74.41
N GLU J 90 -25.22 -57.96 -73.72
CA GLU J 90 -24.08 -58.84 -73.74
C GLU J 90 -23.97 -59.64 -72.45
N MET J 91 -25.10 -59.77 -71.72
CA MET J 91 -25.13 -60.31 -70.37
C MET J 91 -25.41 -61.81 -70.33
N ILE J 92 -25.38 -62.45 -71.52
CA ILE J 92 -25.78 -63.84 -71.77
C ILE J 92 -25.10 -64.88 -70.88
N GLY J 93 -25.92 -65.58 -70.06
CA GLY J 93 -25.51 -66.62 -69.13
C GLY J 93 -24.97 -66.20 -67.78
N TYR J 94 -24.94 -64.89 -67.44
CA TYR J 94 -24.15 -64.41 -66.31
C TYR J 94 -24.90 -64.08 -65.02
N TYR J 95 -26.20 -64.44 -64.91
CA TYR J 95 -27.07 -64.14 -63.76
C TYR J 95 -27.22 -62.66 -63.37
N LEU J 96 -28.07 -62.37 -62.36
CA LEU J 96 -28.45 -61.01 -62.02
C LEU J 96 -27.39 -60.19 -61.28
N GLY J 97 -26.78 -60.77 -60.21
CA GLY J 97 -25.85 -60.04 -59.34
C GLY J 97 -26.53 -59.08 -58.38
N GLU J 98 -27.87 -59.09 -58.36
CA GLU J 98 -28.71 -58.07 -57.74
C GLU J 98 -29.12 -58.44 -56.32
N PHE J 99 -29.40 -57.42 -55.49
CA PHE J 99 -29.97 -57.51 -54.15
C PHE J 99 -28.92 -57.84 -53.08
N SER J 100 -27.63 -57.59 -53.41
CA SER J 100 -26.54 -57.61 -52.44
C SER J 100 -26.48 -56.25 -51.70
N ILE J 101 -25.60 -56.10 -50.70
CA ILE J 101 -25.60 -54.92 -49.82
C ILE J 101 -24.17 -54.52 -49.43
N THR J 102 -23.89 -53.20 -49.28
CA THR J 102 -22.54 -52.64 -49.15
C THR J 102 -22.41 -51.58 -48.06
N TYR J 103 -21.15 -51.30 -47.65
CA TYR J 103 -20.76 -50.34 -46.64
C TYR J 103 -20.78 -48.88 -47.18
N LYS K 1 -41.13 -104.26 27.46
CA LYS K 1 -41.57 -105.47 26.68
C LYS K 1 -40.46 -106.51 26.51
N ASN K 2 -40.07 -106.89 25.27
CA ASN K 2 -39.22 -108.06 25.04
C ASN K 2 -37.76 -107.67 24.95
N TRP K 3 -37.46 -106.41 25.29
CA TRP K 3 -36.18 -105.75 25.15
C TRP K 3 -35.01 -106.39 25.90
N VAL K 4 -33.78 -106.27 25.38
CA VAL K 4 -32.61 -106.95 25.91
C VAL K 4 -31.66 -105.97 26.60
N PRO K 5 -31.44 -106.02 27.90
CA PRO K 5 -30.33 -105.32 28.52
C PRO K 5 -29.05 -106.11 28.39
N VAL K 6 -27.90 -105.45 28.19
CA VAL K 6 -26.62 -106.14 28.14
C VAL K 6 -25.76 -105.87 29.36
N THR K 7 -26.20 -104.97 30.27
CA THR K 7 -25.54 -104.78 31.56
C THR K 7 -26.14 -105.70 32.59
N LYS K 8 -25.29 -106.22 33.48
CA LYS K 8 -25.64 -107.12 34.55
C LYS K 8 -26.62 -106.48 35.54
N LEU K 9 -26.38 -105.23 35.97
CA LEU K 9 -27.32 -104.47 36.77
C LEU K 9 -28.70 -104.34 36.15
N GLY K 10 -28.73 -104.11 34.82
CA GLY K 10 -29.92 -104.16 33.99
C GLY K 10 -30.63 -105.48 34.07
N ARG K 11 -29.90 -106.58 33.87
CA ARG K 11 -30.39 -107.93 33.98
C ARG K 11 -30.97 -108.27 35.35
N LEU K 12 -30.38 -107.79 36.46
CA LEU K 12 -31.00 -107.85 37.77
C LEU K 12 -32.37 -107.19 37.82
N VAL K 13 -32.49 -105.96 37.28
CA VAL K 13 -33.75 -105.24 37.14
C VAL K 13 -34.76 -105.95 36.26
N LYS K 14 -34.31 -106.55 35.13
CA LYS K 14 -35.10 -107.30 34.20
C LYS K 14 -35.79 -108.50 34.82
N GLU K 15 -35.08 -109.20 35.72
CA GLU K 15 -35.60 -110.31 36.48
C GLU K 15 -36.44 -109.85 37.66
N GLY K 16 -36.07 -108.71 38.25
CA GLY K 16 -36.76 -108.13 39.40
C GLY K 16 -36.08 -108.45 40.70
N LYS K 17 -34.75 -108.55 40.69
CA LYS K 17 -33.94 -108.72 41.89
C LYS K 17 -33.82 -107.42 42.67
N ILE K 18 -34.07 -106.28 42.01
CA ILE K 18 -34.05 -104.95 42.59
C ILE K 18 -35.43 -104.36 42.45
N VAL K 19 -36.04 -103.93 43.57
CA VAL K 19 -37.40 -103.42 43.63
C VAL K 19 -37.56 -102.04 43.00
N SER K 20 -36.65 -101.10 43.30
CA SER K 20 -36.82 -99.70 42.96
C SER K 20 -35.54 -99.07 42.48
N ILE K 21 -35.68 -97.90 41.81
CA ILE K 21 -34.60 -97.03 41.38
C ILE K 21 -33.84 -96.47 42.58
N GLU K 22 -34.53 -96.32 43.72
CA GLU K 22 -34.03 -95.89 45.01
C GLU K 22 -32.80 -96.67 45.47
N GLU K 23 -32.80 -98.00 45.34
CA GLU K 23 -31.65 -98.84 45.62
C GLU K 23 -30.44 -98.52 44.74
N ILE K 24 -30.65 -98.28 43.43
CA ILE K 24 -29.58 -97.93 42.52
C ILE K 24 -29.00 -96.57 42.86
N TYR K 25 -29.84 -95.63 43.29
CA TYR K 25 -29.41 -94.36 43.86
C TYR K 25 -28.63 -94.53 45.15
N LEU K 26 -29.03 -95.47 46.03
CA LEU K 26 -28.35 -95.80 47.27
C LEU K 26 -26.91 -96.23 47.09
N HIS K 27 -26.63 -97.06 46.09
CA HIS K 27 -25.28 -97.56 45.90
C HIS K 27 -24.54 -96.74 44.84
N SER K 28 -25.18 -95.66 44.36
CA SER K 28 -24.64 -94.66 43.44
C SER K 28 -24.08 -95.25 42.16
N LEU K 29 -24.78 -96.22 41.56
CA LEU K 29 -24.27 -96.94 40.42
C LEU K 29 -24.55 -96.19 39.13
N PRO K 30 -23.59 -95.98 38.23
CA PRO K 30 -23.83 -95.47 36.87
C PRO K 30 -24.98 -96.14 36.14
N ILE K 31 -25.83 -95.37 35.43
CA ILE K 31 -26.91 -95.95 34.65
C ILE K 31 -26.70 -95.60 33.21
N LYS K 32 -26.42 -96.62 32.38
CA LYS K 32 -26.29 -96.48 30.94
C LYS K 32 -27.38 -97.29 30.25
N GLU K 33 -28.40 -97.72 31.02
CA GLU K 33 -29.50 -98.51 30.49
C GLU K 33 -30.85 -97.87 30.77
N TYR K 34 -31.52 -97.40 29.69
CA TYR K 34 -32.86 -96.83 29.73
C TYR K 34 -33.92 -97.81 30.21
N GLN K 35 -33.78 -99.11 29.86
CA GLN K 35 -34.70 -100.17 30.22
C GLN K 35 -35.00 -100.27 31.72
N ILE K 36 -34.04 -99.91 32.59
CA ILE K 36 -34.22 -99.90 34.04
C ILE K 36 -35.34 -98.95 34.43
N ILE K 37 -35.25 -97.71 33.93
CA ILE K 37 -36.26 -96.69 34.12
C ILE K 37 -37.59 -97.09 33.50
N ASP K 38 -37.60 -97.60 32.26
CA ASP K 38 -38.80 -98.07 31.60
C ASP K 38 -39.52 -99.20 32.36
N TYR K 39 -38.77 -100.15 32.94
CA TYR K 39 -39.29 -101.22 33.77
C TYR K 39 -39.93 -100.68 35.04
N PHE K 40 -39.25 -99.78 35.77
CA PHE K 40 -39.74 -99.24 37.03
C PHE K 40 -40.93 -98.29 36.86
N PHE K 41 -41.00 -97.52 35.76
CA PHE K 41 -42.08 -96.57 35.57
C PHE K 41 -43.02 -97.04 34.47
N GLN K 42 -43.06 -98.38 34.28
CA GLN K 42 -44.05 -99.21 33.62
C GLN K 42 -45.38 -98.55 33.18
N PRO K 43 -45.56 -98.07 31.95
CA PRO K 43 -46.50 -96.98 31.68
C PRO K 43 -47.96 -97.18 32.05
N ASN K 44 -48.48 -98.41 31.90
CA ASN K 44 -49.90 -98.67 32.16
C ASN K 44 -50.11 -99.24 33.56
N GLU K 45 -49.02 -99.52 34.30
CA GLU K 45 -49.10 -100.11 35.63
C GLU K 45 -48.64 -99.14 36.70
N CYS K 46 -47.84 -98.14 36.32
CA CYS K 46 -47.25 -97.14 37.20
C CYS K 46 -48.25 -96.22 37.90
N SER K 47 -47.99 -95.93 39.19
CA SER K 47 -48.70 -94.94 39.98
C SER K 47 -48.51 -93.52 39.47
N HIS K 48 -47.26 -93.17 39.10
CA HIS K 48 -46.88 -91.86 38.62
C HIS K 48 -46.07 -91.99 37.33
N PRO K 49 -46.66 -92.21 36.17
CA PRO K 49 -45.92 -92.52 34.95
C PRO K 49 -45.17 -91.32 34.42
N LEU K 50 -43.97 -91.54 33.82
CA LEU K 50 -43.15 -90.47 33.29
C LEU K 50 -43.79 -89.72 32.14
N LYS K 51 -43.89 -88.38 32.29
CA LYS K 51 -44.49 -87.51 31.30
C LYS K 51 -43.43 -86.64 30.68
N ASP K 52 -43.33 -86.67 29.35
CA ASP K 52 -42.35 -85.96 28.55
C ASP K 52 -42.83 -84.58 28.06
N ASP K 53 -41.88 -83.73 27.63
CA ASP K 53 -42.15 -82.47 27.00
C ASP K 53 -40.87 -81.92 26.34
N VAL K 54 -40.90 -81.65 25.02
CA VAL K 54 -39.81 -80.98 24.35
C VAL K 54 -39.84 -79.50 24.67
N VAL K 55 -38.92 -79.06 25.54
CA VAL K 55 -38.89 -77.69 26.00
C VAL K 55 -38.24 -76.73 24.99
N LYS K 56 -37.17 -77.16 24.30
CA LYS K 56 -36.42 -76.24 23.45
C LYS K 56 -35.70 -76.96 22.33
N ILE K 57 -35.97 -76.56 21.08
CA ILE K 57 -35.17 -76.92 19.91
C ILE K 57 -34.36 -75.70 19.48
N MET K 58 -33.04 -75.86 19.30
CA MET K 58 -32.13 -74.78 18.96
C MET K 58 -31.32 -75.11 17.70
N PRO K 59 -31.13 -74.22 16.74
CA PRO K 59 -30.17 -74.41 15.65
C PRO K 59 -28.76 -74.11 16.10
N VAL K 60 -27.79 -74.95 15.75
CA VAL K 60 -26.37 -74.66 15.89
C VAL K 60 -25.68 -74.96 14.57
N GLN K 61 -24.60 -74.24 14.22
CA GLN K 61 -23.96 -74.44 12.93
C GLN K 61 -22.44 -74.55 13.02
N LYS K 62 -21.85 -75.59 12.38
CA LYS K 62 -20.40 -75.72 12.31
C LYS K 62 -19.71 -74.68 11.44
N GLN K 63 -20.23 -74.41 10.22
CA GLN K 63 -19.59 -73.60 9.19
C GLN K 63 -18.33 -74.24 8.60
N THR K 64 -18.30 -74.39 7.27
CA THR K 64 -17.31 -75.21 6.59
C THR K 64 -16.85 -74.56 5.31
N ARG K 65 -15.83 -75.16 4.67
CA ARG K 65 -15.24 -74.74 3.41
C ARG K 65 -16.25 -74.53 2.29
N ALA K 66 -17.24 -75.44 2.19
CA ALA K 66 -18.26 -75.38 1.16
C ALA K 66 -19.57 -74.76 1.64
N GLY K 67 -19.63 -74.31 2.92
CA GLY K 67 -20.79 -73.61 3.47
C GLY K 67 -21.27 -74.09 4.81
N GLN K 68 -22.43 -73.56 5.24
CA GLN K 68 -23.01 -73.80 6.54
C GLN K 68 -23.69 -75.16 6.68
N ARG K 69 -23.68 -75.72 7.90
CA ARG K 69 -24.40 -76.94 8.22
C ARG K 69 -25.27 -76.65 9.41
N THR K 70 -26.60 -76.68 9.27
CA THR K 70 -27.48 -76.57 10.43
C THR K 70 -27.66 -77.89 11.15
N ARG K 71 -27.23 -77.95 12.42
CA ARG K 71 -27.53 -79.02 13.35
C ARG K 71 -28.54 -78.52 14.36
N PHE K 72 -29.24 -79.43 15.03
CA PHE K 72 -30.29 -79.09 15.97
C PHE K 72 -29.96 -79.65 17.34
N LYS K 73 -29.74 -78.78 18.33
CA LYS K 73 -29.68 -79.23 19.70
C LYS K 73 -31.10 -79.27 20.26
N ALA K 74 -31.42 -80.27 21.08
CA ALA K 74 -32.75 -80.46 21.60
C ALA K 74 -32.70 -80.73 23.09
N PHE K 75 -33.46 -79.93 23.86
CA PHE K 75 -33.60 -80.07 25.27
C PHE K 75 -34.99 -80.59 25.53
N VAL K 76 -35.09 -81.63 26.36
CA VAL K 76 -36.37 -82.20 26.76
C VAL K 76 -36.43 -82.34 28.27
N ALA K 77 -37.63 -82.20 28.83
CA ALA K 77 -37.91 -82.34 30.23
C ALA K 77 -38.83 -83.53 30.46
N ILE K 78 -38.49 -84.43 31.39
CA ILE K 78 -39.32 -85.55 31.74
C ILE K 78 -39.50 -85.57 33.25
N GLY K 79 -40.67 -86.02 33.73
CA GLY K 79 -40.88 -86.14 35.16
C GLY K 79 -42.03 -87.05 35.48
N ASP K 80 -41.99 -87.65 36.68
CA ASP K 80 -43.06 -88.46 37.21
C ASP K 80 -44.23 -87.62 37.75
N GLY K 81 -43.95 -86.36 38.11
CA GLY K 81 -44.89 -85.47 38.77
C GLY K 81 -44.98 -85.68 40.27
N ASN K 82 -44.08 -86.48 40.85
CA ASN K 82 -44.15 -86.86 42.24
C ASN K 82 -42.81 -86.77 42.95
N GLY K 83 -41.68 -86.98 42.25
CA GLY K 83 -40.39 -86.94 42.89
C GLY K 83 -39.18 -87.08 42.03
N HIS K 84 -39.34 -87.49 40.76
CA HIS K 84 -38.23 -87.80 39.90
C HIS K 84 -38.33 -87.03 38.61
N CYS K 85 -37.41 -86.08 38.42
CA CYS K 85 -37.27 -85.29 37.22
C CYS K 85 -36.08 -85.77 36.39
N GLY K 86 -36.06 -85.39 35.11
CA GLY K 86 -34.98 -85.73 34.21
C GLY K 86 -34.90 -84.70 33.11
N LEU K 87 -33.69 -84.25 32.82
CA LEU K 87 -33.39 -83.22 31.86
C LEU K 87 -32.42 -83.79 30.84
N GLY K 88 -32.81 -83.87 29.55
CA GLY K 88 -32.05 -84.57 28.54
C GLY K 88 -31.70 -83.70 27.36
N VAL K 89 -30.44 -83.83 26.89
CA VAL K 89 -29.83 -82.96 25.89
C VAL K 89 -29.14 -83.78 24.81
N LYS K 90 -29.46 -83.54 23.53
CA LYS K 90 -28.82 -84.19 22.40
C LYS K 90 -28.71 -83.20 21.26
N CYS K 91 -27.56 -83.19 20.54
CA CYS K 91 -27.41 -82.46 19.29
C CYS K 91 -27.18 -83.40 18.11
N ALA K 92 -28.00 -83.27 17.04
CA ALA K 92 -27.98 -84.11 15.86
C ALA K 92 -28.38 -83.28 14.64
N LYS K 93 -28.16 -83.79 13.41
CA LYS K 93 -28.55 -83.07 12.22
C LYS K 93 -30.04 -83.03 11.93
N GLU K 94 -30.84 -83.96 12.52
CA GLU K 94 -32.27 -84.09 12.22
C GLU K 94 -33.09 -83.96 13.49
N VAL K 95 -34.11 -83.08 13.47
CA VAL K 95 -34.87 -82.65 14.63
C VAL K 95 -35.53 -83.77 15.42
N ALA K 96 -36.33 -84.63 14.76
CA ALA K 96 -36.95 -85.76 15.42
C ALA K 96 -35.98 -86.74 16.06
N THR K 97 -34.84 -86.99 15.40
CA THR K 97 -33.74 -87.82 15.89
C THR K 97 -33.11 -87.24 17.13
N ALA K 98 -32.87 -85.92 17.12
CA ALA K 98 -32.39 -85.15 18.24
C ALA K 98 -33.31 -85.30 19.44
N ILE K 99 -34.63 -85.16 19.22
CA ILE K 99 -35.66 -85.29 20.22
C ILE K 99 -35.67 -86.67 20.83
N ARG K 100 -35.66 -87.75 20.03
CA ARG K 100 -35.59 -89.10 20.56
C ARG K 100 -34.33 -89.38 21.37
N GLY K 101 -33.14 -88.98 20.85
CA GLY K 101 -31.88 -89.10 21.59
C GLY K 101 -31.86 -88.39 22.92
N ALA K 102 -32.48 -87.21 22.98
CA ALA K 102 -32.65 -86.40 24.17
C ALA K 102 -33.54 -87.07 25.20
N ILE K 103 -34.66 -87.66 24.77
CA ILE K 103 -35.57 -88.43 25.61
C ILE K 103 -34.87 -89.62 26.22
N ILE K 104 -34.05 -90.35 25.44
CA ILE K 104 -33.22 -91.42 25.98
C ILE K 104 -32.23 -90.88 27.02
N SER K 105 -31.57 -89.74 26.74
CA SER K 105 -30.72 -89.05 27.71
C SER K 105 -31.46 -88.66 28.98
N ALA K 106 -32.67 -88.10 28.87
CA ALA K 106 -33.51 -87.71 29.98
C ALA K 106 -33.80 -88.84 30.97
N LYS K 107 -34.18 -90.02 30.46
CA LYS K 107 -34.33 -91.22 31.25
C LYS K 107 -33.08 -91.61 32.01
N LEU K 108 -31.91 -91.63 31.35
CA LEU K 108 -30.63 -91.85 32.02
C LEU K 108 -30.33 -90.81 33.09
N SER K 109 -30.62 -89.53 32.78
CA SER K 109 -30.43 -88.37 33.62
C SER K 109 -31.27 -88.37 34.90
N LEU K 110 -32.44 -89.05 34.88
CA LEU K 110 -33.41 -89.17 35.97
C LEU K 110 -32.89 -89.16 37.42
N ILE K 111 -33.28 -88.12 38.17
CA ILE K 111 -32.73 -87.79 39.47
C ILE K 111 -33.84 -87.66 40.53
N PRO K 112 -33.70 -88.07 41.79
CA PRO K 112 -34.71 -87.84 42.81
C PRO K 112 -34.52 -86.47 43.46
N VAL K 113 -35.59 -85.66 43.56
CA VAL K 113 -35.54 -84.42 44.31
C VAL K 113 -36.05 -84.65 45.72
N ARG K 114 -35.42 -84.07 46.75
CA ARG K 114 -35.93 -84.19 48.10
C ARG K 114 -37.14 -83.29 48.33
N ARG K 115 -38.28 -83.88 48.71
CA ARG K 115 -39.49 -83.14 49.01
C ARG K 115 -39.84 -83.33 50.47
N GLY K 116 -40.11 -82.22 51.16
CA GLY K 116 -40.46 -82.18 52.57
C GLY K 116 -41.41 -81.05 52.82
N TYR K 117 -41.31 -80.47 54.02
CA TYR K 117 -42.17 -79.40 54.46
C TYR K 117 -41.43 -78.09 54.47
N TRP K 118 -42.16 -76.98 54.27
CA TRP K 118 -41.71 -75.64 54.63
C TRP K 118 -41.51 -75.49 56.14
N GLY K 119 -42.45 -76.05 56.93
CA GLY K 119 -42.35 -76.03 58.38
C GLY K 119 -43.00 -77.23 59.00
N ASN K 120 -44.16 -77.02 59.64
CA ASN K 120 -44.87 -78.02 60.42
C ASN K 120 -45.40 -79.23 59.63
N LYS K 121 -45.45 -80.41 60.27
CA LYS K 121 -45.92 -81.67 59.70
C LYS K 121 -47.46 -81.77 59.71
N ILE K 122 -48.13 -80.75 59.13
CA ILE K 122 -49.57 -80.58 59.23
C ILE K 122 -50.31 -81.16 58.04
N GLY K 123 -49.55 -81.61 57.02
CA GLY K 123 -50.10 -82.20 55.82
C GLY K 123 -49.12 -83.17 55.24
N ASP K 124 -48.95 -83.16 53.92
CA ASP K 124 -48.06 -84.05 53.21
C ASP K 124 -46.79 -83.29 52.78
N PRO K 125 -45.61 -83.91 52.58
CA PRO K 125 -44.48 -83.27 51.91
C PRO K 125 -44.84 -82.63 50.59
N HIS K 126 -44.28 -81.45 50.28
CA HIS K 126 -44.86 -80.62 49.24
C HIS K 126 -43.88 -79.65 48.61
N THR K 127 -42.68 -79.48 49.18
CA THR K 127 -41.73 -78.57 48.59
C THR K 127 -40.36 -78.93 49.09
N VAL K 128 -39.28 -78.31 48.56
CA VAL K 128 -37.93 -78.54 49.00
C VAL K 128 -37.75 -78.20 50.49
N PRO K 129 -36.99 -78.93 51.29
CA PRO K 129 -37.02 -78.71 52.73
C PRO K 129 -36.17 -77.52 53.11
N MET K 130 -35.34 -77.00 52.18
CA MET K 130 -34.48 -75.88 52.41
C MET K 130 -34.12 -75.25 51.08
N LYS K 131 -33.43 -74.08 51.11
CA LYS K 131 -32.86 -73.44 49.94
C LYS K 131 -31.94 -74.35 49.11
N VAL K 132 -32.10 -74.35 47.78
CA VAL K 132 -31.06 -74.83 46.88
C VAL K 132 -30.80 -73.78 45.82
N SER K 133 -29.52 -73.53 45.50
CA SER K 133 -29.15 -72.63 44.44
C SER K 133 -28.22 -73.36 43.50
N GLY K 134 -28.50 -73.31 42.19
CA GLY K 134 -27.74 -74.03 41.18
C GLY K 134 -27.20 -73.10 40.14
N LYS K 135 -25.94 -73.32 39.72
CA LYS K 135 -25.29 -72.49 38.72
C LYS K 135 -24.97 -73.25 37.45
N CYS K 136 -25.13 -72.58 36.29
CA CYS K 136 -24.71 -73.07 35.00
C CYS K 136 -24.44 -71.88 34.12
N GLY K 137 -23.27 -71.81 33.44
CA GLY K 137 -22.86 -70.59 32.73
C GLY K 137 -22.96 -69.34 33.58
N SER K 138 -23.54 -68.26 33.03
CA SER K 138 -23.73 -67.04 33.80
C SER K 138 -24.80 -67.14 34.86
N VAL K 139 -25.72 -68.10 34.77
CA VAL K 139 -26.98 -68.02 35.46
C VAL K 139 -27.00 -68.90 36.69
N ARG K 140 -27.30 -68.27 37.83
CA ARG K 140 -27.39 -68.89 39.12
C ARG K 140 -28.81 -68.71 39.61
N ILE K 141 -29.54 -69.83 39.76
CA ILE K 141 -30.94 -69.88 40.05
C ILE K 141 -31.16 -70.43 41.45
N ARG K 142 -31.95 -69.74 42.30
CA ARG K 142 -32.18 -70.17 43.67
C ARG K 142 -33.64 -70.44 43.86
N LEU K 143 -33.93 -71.68 44.30
CA LEU K 143 -35.21 -72.09 44.81
C LEU K 143 -35.19 -71.94 46.31
N VAL K 144 -36.20 -71.29 46.90
CA VAL K 144 -36.30 -71.23 48.35
C VAL K 144 -37.75 -71.57 48.72
N PRO K 145 -38.03 -72.46 49.65
CA PRO K 145 -39.38 -72.93 49.93
C PRO K 145 -40.31 -71.85 50.46
N ALA K 146 -41.59 -71.92 50.07
CA ALA K 146 -42.62 -71.03 50.52
C ALA K 146 -43.58 -71.82 51.40
N PRO K 147 -44.33 -71.23 52.32
CA PRO K 147 -45.43 -71.92 53.02
C PRO K 147 -46.50 -72.44 52.08
N ARG K 148 -47.34 -73.37 52.54
CA ARG K 148 -48.44 -73.93 51.78
C ARG K 148 -49.38 -72.91 51.13
N GLY K 149 -50.01 -73.31 50.00
CA GLY K 149 -50.89 -72.43 49.23
C GLY K 149 -50.16 -71.43 48.37
N THR K 150 -48.85 -71.63 48.20
CA THR K 150 -47.95 -70.67 47.57
C THR K 150 -47.23 -71.40 46.46
N GLN K 151 -48.01 -72.23 45.73
CA GLN K 151 -47.55 -73.07 44.66
C GLN K 151 -46.90 -72.35 43.49
N ILE K 152 -45.76 -72.90 43.02
CA ILE K 152 -45.05 -72.55 41.80
C ILE K 152 -44.84 -71.06 41.51
N VAL K 153 -44.25 -70.31 42.46
CA VAL K 153 -43.89 -68.93 42.19
C VAL K 153 -42.59 -68.90 41.43
N GLY K 154 -42.64 -68.40 40.17
CA GLY K 154 -41.51 -68.44 39.27
C GLY K 154 -41.93 -68.26 37.85
N ALA K 155 -40.95 -68.15 36.94
CA ALA K 155 -41.15 -68.07 35.51
C ALA K 155 -41.80 -69.33 34.90
N PRO K 156 -42.57 -69.25 33.81
CA PRO K 156 -43.08 -70.40 33.05
C PRO K 156 -42.19 -71.62 32.90
N THR K 157 -40.92 -71.44 32.52
CA THR K 157 -39.96 -72.53 32.42
C THR K 157 -39.74 -73.20 33.76
N THR K 158 -39.60 -72.40 34.82
CA THR K 158 -39.48 -72.86 36.20
C THR K 158 -40.71 -73.60 36.66
N LYS K 159 -41.92 -73.08 36.36
CA LYS K 159 -43.19 -73.71 36.70
C LYS K 159 -43.30 -75.13 36.17
N LYS K 160 -43.00 -75.31 34.88
CA LYS K 160 -43.00 -76.59 34.21
C LYS K 160 -42.02 -77.59 34.84
N MET K 161 -40.78 -77.13 35.09
CA MET K 161 -39.73 -77.95 35.66
C MET K 161 -40.04 -78.44 37.07
N LEU K 162 -40.55 -77.54 37.93
CA LEU K 162 -41.02 -77.83 39.26
C LEU K 162 -42.21 -78.77 39.26
N ASN K 163 -43.15 -78.61 38.30
CA ASN K 163 -44.26 -79.50 38.13
C ASN K 163 -43.82 -80.93 37.77
N PHE K 164 -42.86 -81.07 36.84
CA PHE K 164 -42.26 -82.36 36.56
C PHE K 164 -41.55 -82.99 37.75
N ALA K 165 -40.79 -82.19 38.51
CA ALA K 165 -40.17 -82.61 39.74
C ALA K 165 -41.14 -82.95 40.89
N GLY K 166 -42.36 -82.39 40.88
CA GLY K 166 -43.33 -82.56 41.94
C GLY K 166 -43.19 -81.58 43.08
N ILE K 167 -42.60 -80.41 42.82
CA ILE K 167 -42.45 -79.36 43.81
C ILE K 167 -43.64 -78.43 43.73
N LYS K 168 -44.26 -78.10 44.87
CA LYS K 168 -45.37 -77.18 44.93
C LYS K 168 -44.90 -75.81 45.41
N ASP K 169 -44.85 -75.60 46.73
CA ASP K 169 -44.76 -74.27 47.30
C ASP K 169 -43.34 -73.71 47.36
N CYS K 170 -42.94 -72.91 46.37
CA CYS K 170 -41.60 -72.36 46.40
C CYS K 170 -41.52 -71.04 45.64
N PHE K 171 -40.56 -70.19 46.04
CA PHE K 171 -40.11 -69.01 45.35
C PHE K 171 -38.89 -69.34 44.54
N SER K 172 -38.79 -68.79 43.32
CA SER K 172 -37.57 -68.87 42.56
C SER K 172 -37.03 -67.47 42.35
N SER K 173 -35.71 -67.35 42.15
CA SER K 173 -35.02 -66.10 41.90
C SER K 173 -33.83 -66.42 41.05
N SER K 174 -33.17 -65.42 40.44
CA SER K 174 -32.13 -65.68 39.47
C SER K 174 -31.17 -64.51 39.32
N CYS K 175 -29.94 -64.85 38.95
CA CYS K 175 -28.82 -63.94 38.87
C CYS K 175 -28.01 -64.36 37.68
N GLY K 176 -27.72 -63.45 36.73
CA GLY K 176 -27.08 -63.79 35.46
C GLY K 176 -28.05 -63.78 34.31
N LYS K 177 -27.65 -64.31 33.13
CA LYS K 177 -28.48 -64.22 31.95
C LYS K 177 -29.43 -65.41 31.82
N THR K 178 -30.71 -65.16 32.17
CA THR K 178 -31.79 -66.14 32.11
C THR K 178 -32.10 -66.63 30.72
N LYS K 179 -31.94 -65.71 29.74
CA LYS K 179 -32.31 -65.87 28.36
C LYS K 179 -31.74 -67.12 27.70
N THR K 180 -30.48 -67.49 28.02
CA THR K 180 -29.85 -68.74 27.60
C THR K 180 -30.50 -69.95 28.25
N LYS K 181 -31.47 -70.55 27.54
CA LYS K 181 -32.43 -71.49 28.09
C LYS K 181 -31.85 -72.81 28.57
N GLY K 182 -30.83 -73.34 27.87
CA GLY K 182 -30.22 -74.61 28.23
C GLY K 182 -29.50 -74.53 29.54
N ASN K 183 -28.71 -73.45 29.72
CA ASN K 183 -28.13 -73.10 31.00
C ASN K 183 -29.19 -72.90 32.09
N PHE K 184 -30.30 -72.20 31.79
CA PHE K 184 -31.38 -71.98 32.74
C PHE K 184 -31.99 -73.29 33.25
N LEU K 185 -32.34 -74.21 32.34
CA LEU K 185 -32.82 -75.52 32.66
C LEU K 185 -31.84 -76.34 33.50
N ARG K 186 -30.57 -76.36 33.06
CA ARG K 186 -29.49 -77.02 33.75
C ARG K 186 -29.23 -76.46 35.15
N ALA K 187 -29.22 -75.14 35.32
CA ALA K 187 -29.14 -74.49 36.61
C ALA K 187 -30.26 -74.89 37.56
N ILE K 188 -31.53 -74.94 37.09
CA ILE K 188 -32.61 -75.55 37.85
C ILE K 188 -32.30 -77.00 38.20
N PHE K 189 -31.86 -77.82 37.23
CA PHE K 189 -31.56 -79.21 37.44
C PHE K 189 -30.43 -79.42 38.46
N ASN K 190 -29.41 -78.57 38.40
CA ASN K 190 -28.32 -78.47 39.36
C ASN K 190 -28.84 -78.19 40.78
N ALA K 191 -29.77 -77.24 40.94
CA ALA K 191 -30.39 -76.95 42.23
C ALA K 191 -31.19 -78.13 42.79
N LEU K 192 -32.05 -78.75 41.97
CA LEU K 192 -32.80 -79.94 42.30
C LEU K 192 -31.89 -81.10 42.75
N SER K 193 -30.76 -81.28 42.06
CA SER K 193 -29.72 -82.23 42.42
C SER K 193 -29.15 -82.00 43.81
N LYS K 194 -28.86 -80.73 44.15
CA LYS K 194 -28.37 -80.32 45.46
C LYS K 194 -29.27 -80.66 46.66
N THR K 195 -30.56 -80.93 46.44
CA THR K 195 -31.52 -81.19 47.51
C THR K 195 -31.19 -82.35 48.43
N TYR K 196 -30.65 -83.45 47.90
CA TYR K 196 -30.16 -84.56 48.71
C TYR K 196 -28.67 -84.42 48.99
N GLY K 197 -28.08 -83.25 48.68
CA GLY K 197 -26.69 -82.95 48.99
C GLY K 197 -26.55 -82.21 50.30
N TYR K 198 -27.43 -81.23 50.58
CA TYR K 198 -27.45 -80.53 51.85
C TYR K 198 -27.78 -81.46 53.03
N LEU K 199 -27.10 -81.25 54.17
CA LEU K 199 -27.30 -82.02 55.37
C LEU K 199 -28.39 -81.40 56.23
N THR K 200 -29.19 -82.23 56.93
CA THR K 200 -30.33 -81.80 57.70
C THR K 200 -30.32 -82.51 59.05
N PRO K 201 -30.92 -82.01 60.13
CA PRO K 201 -30.86 -82.61 61.47
C PRO K 201 -31.22 -84.07 61.54
N ASP K 202 -32.28 -84.51 60.85
CA ASP K 202 -32.66 -85.89 60.61
C ASP K 202 -31.53 -86.81 60.10
N LEU K 203 -30.45 -86.24 59.54
CA LEU K 203 -29.32 -86.96 59.02
C LEU K 203 -28.13 -86.84 59.96
N TRP K 204 -28.30 -86.29 61.17
CA TRP K 204 -27.32 -86.41 62.24
C TRP K 204 -27.12 -87.86 62.68
N LYS K 205 -28.21 -88.66 62.65
CA LYS K 205 -28.25 -90.08 62.99
C LYS K 205 -27.24 -90.94 62.23
N VAL K 206 -26.67 -91.96 62.89
CA VAL K 206 -25.73 -92.89 62.27
C VAL K 206 -26.29 -93.68 61.10
N THR K 207 -25.44 -93.98 60.11
CA THR K 207 -25.81 -94.70 58.88
C THR K 207 -25.07 -96.01 58.80
N ASN K 208 -25.79 -97.09 58.46
CA ASN K 208 -25.22 -98.41 58.29
C ASN K 208 -25.78 -98.99 57.00
N PHE K 209 -25.00 -99.85 56.33
CA PHE K 209 -25.12 -99.98 54.89
C PHE K 209 -25.56 -101.35 54.44
N ASP K 210 -26.57 -101.40 53.55
CA ASP K 210 -26.89 -102.57 52.77
C ASP K 210 -25.75 -102.95 51.81
N LYS K 211 -25.47 -104.26 51.66
CA LYS K 211 -24.46 -104.74 50.73
C LYS K 211 -24.83 -104.56 49.26
N SER K 212 -23.80 -104.48 48.40
CA SER K 212 -23.94 -104.24 46.97
C SER K 212 -24.80 -105.27 46.24
N PRO K 213 -25.63 -104.92 45.24
CA PRO K 213 -26.25 -105.89 44.35
C PRO K 213 -25.28 -106.86 43.72
N TYR K 214 -24.03 -106.44 43.42
CA TYR K 214 -22.99 -107.29 42.89
C TYR K 214 -22.51 -108.36 43.87
N GLU K 215 -22.88 -108.26 45.16
CA GLU K 215 -22.56 -109.27 46.15
C GLU K 215 -23.82 -110.04 46.52
N GLU K 216 -24.98 -109.36 46.50
CA GLU K 216 -26.25 -109.92 46.90
C GLU K 216 -26.77 -110.97 45.92
N TRP K 217 -26.47 -110.79 44.63
CA TRP K 217 -26.97 -111.64 43.59
C TRP K 217 -25.84 -112.25 42.78
N SER K 218 -24.66 -112.48 43.39
CA SER K 218 -23.42 -112.80 42.69
C SER K 218 -23.50 -114.04 41.82
N ASP K 219 -24.09 -115.13 42.35
CA ASP K 219 -24.31 -116.37 41.66
C ASP K 219 -25.22 -116.22 40.44
N PHE K 220 -26.41 -115.59 40.63
CA PHE K 220 -27.31 -115.26 39.54
C PHE K 220 -26.67 -114.33 38.51
N LEU K 221 -25.72 -113.49 38.94
CA LEU K 221 -25.06 -112.53 38.08
C LEU K 221 -24.01 -113.23 37.24
N GLU K 222 -23.24 -114.17 37.83
CA GLU K 222 -22.40 -115.06 37.05
C GLU K 222 -23.18 -115.94 36.06
N THR K 223 -24.34 -116.47 36.49
CA THR K 223 -25.15 -117.40 35.72
C THR K 223 -25.79 -116.85 34.44
N TYR K 224 -26.27 -115.60 34.45
CA TYR K 224 -27.24 -115.13 33.47
C TYR K 224 -26.60 -114.32 32.29
N ARG L 1 4.09 -99.96 -3.56
CA ARG L 1 3.40 -101.28 -3.44
C ARG L 1 2.41 -101.28 -2.30
N VAL L 2 2.69 -101.94 -1.16
CA VAL L 2 1.86 -101.88 0.06
C VAL L 2 0.52 -102.63 -0.07
N ARG L 3 0.03 -103.24 1.02
CA ARG L 3 -1.13 -104.10 1.04
C ARG L 3 -2.20 -103.55 1.98
N THR L 4 -3.47 -103.64 1.58
CA THR L 4 -4.58 -103.02 2.30
C THR L 4 -5.04 -103.81 3.50
N LYS L 5 -5.99 -103.22 4.27
CA LYS L 5 -6.60 -103.81 5.43
C LYS L 5 -7.32 -105.11 5.12
N THR L 6 -8.12 -105.21 4.03
CA THR L 6 -8.75 -106.44 3.56
C THR L 6 -7.80 -107.59 3.28
N ILE L 7 -6.67 -107.30 2.61
CA ILE L 7 -5.60 -108.26 2.33
C ILE L 7 -4.99 -108.77 3.63
N LYS L 8 -4.68 -107.82 4.54
CA LYS L 8 -4.23 -108.07 5.89
C LYS L 8 -5.24 -108.86 6.72
N ARG L 9 -6.54 -108.58 6.63
CA ARG L 9 -7.64 -109.23 7.34
C ARG L 9 -7.71 -110.71 7.03
N ALA L 10 -7.62 -111.08 5.74
CA ALA L 10 -7.56 -112.46 5.31
C ALA L 10 -6.29 -113.17 5.78
N ALA L 11 -5.13 -112.50 5.65
CA ALA L 11 -3.85 -112.99 6.12
C ALA L 11 -3.76 -113.26 7.62
N ARG L 12 -4.33 -112.35 8.44
CA ARG L 12 -4.51 -112.41 9.88
C ARG L 12 -5.41 -113.55 10.33
N GLN L 13 -6.58 -113.74 9.67
CA GLN L 13 -7.39 -114.94 9.83
C GLN L 13 -6.64 -116.24 9.55
N ILE L 14 -5.88 -116.29 8.44
CA ILE L 14 -4.84 -117.31 8.23
C ILE L 14 -3.76 -117.20 9.32
N VAL L 15 -3.06 -118.30 9.66
CA VAL L 15 -2.16 -118.35 10.82
C VAL L 15 -2.95 -118.54 12.11
N GLU L 16 -3.94 -117.67 12.42
CA GLU L 16 -4.82 -117.82 13.57
C GLU L 16 -5.59 -119.15 13.58
N LYS L 17 -6.12 -119.56 12.41
CA LYS L 17 -6.84 -120.82 12.28
C LYS L 17 -6.05 -121.84 11.47
N TYR L 18 -4.90 -121.45 10.89
CA TYR L 18 -4.09 -122.31 10.02
C TYR L 18 -2.60 -122.05 10.24
N TYR L 19 -2.14 -122.11 11.51
CA TYR L 19 -0.78 -121.81 11.91
C TYR L 19 0.25 -122.75 11.30
N ALA L 20 -0.02 -124.06 11.37
CA ALA L 20 0.96 -125.07 11.01
C ALA L 20 0.78 -125.55 9.57
N LYS L 21 -0.26 -125.06 8.87
CA LYS L 21 -0.52 -125.42 7.49
C LYS L 21 0.48 -124.82 6.51
N LEU L 22 0.86 -123.54 6.72
CA LEU L 22 1.77 -122.78 5.90
C LEU L 22 3.19 -123.32 5.72
N THR L 23 3.84 -122.94 4.61
CA THR L 23 5.22 -123.31 4.30
C THR L 23 5.92 -122.09 3.75
N LEU L 24 7.26 -122.14 3.57
CA LEU L 24 8.04 -121.03 3.04
C LEU L 24 7.68 -120.64 1.61
N ASP L 25 7.48 -121.63 0.72
CA ASP L 25 7.17 -121.39 -0.67
C ASP L 25 5.84 -120.67 -0.94
N PHE L 26 5.88 -119.68 -1.85
CA PHE L 26 4.74 -118.86 -2.20
C PHE L 26 3.67 -119.64 -2.96
N GLN L 27 4.06 -120.52 -3.91
CA GLN L 27 3.12 -121.29 -4.71
C GLN L 27 2.29 -122.24 -3.89
N ILE L 28 2.92 -122.98 -2.95
CA ILE L 28 2.22 -123.83 -2.01
C ILE L 28 1.30 -123.03 -1.11
N ASN L 29 1.74 -121.87 -0.57
CA ASN L 29 0.86 -120.97 0.16
C ASN L 29 -0.32 -120.45 -0.65
N LYS L 30 -0.15 -120.14 -1.94
CA LYS L 30 -1.24 -119.84 -2.87
C LYS L 30 -2.28 -120.95 -2.92
N LYS L 31 -1.84 -122.21 -3.03
CA LYS L 31 -2.72 -123.36 -2.99
C LYS L 31 -3.42 -123.52 -1.65
N ILE L 32 -2.71 -123.39 -0.51
CA ILE L 32 -3.27 -123.45 0.83
C ILE L 32 -4.32 -122.39 1.06
N THR L 33 -4.02 -121.13 0.68
CA THR L 33 -4.94 -120.00 0.80
C THR L 33 -6.17 -120.19 -0.05
N GLU L 34 -6.02 -120.68 -1.28
CA GLU L 34 -7.09 -121.04 -2.18
C GLU L 34 -7.95 -122.19 -1.63
N GLU L 35 -7.31 -123.24 -1.07
CA GLU L 35 -7.97 -124.32 -0.39
C GLU L 35 -8.79 -123.87 0.82
N VAL L 36 -8.22 -123.00 1.68
CA VAL L 36 -8.91 -122.53 2.87
C VAL L 36 -9.98 -121.48 2.56
N ALA L 37 -9.65 -120.48 1.73
CA ALA L 37 -10.47 -119.30 1.54
C ALA L 37 -10.90 -119.09 0.10
N ILE L 38 -12.20 -118.76 -0.10
CA ILE L 38 -12.76 -118.47 -1.41
C ILE L 38 -12.58 -116.97 -1.72
N ILE L 39 -11.56 -116.63 -2.53
CA ILE L 39 -11.23 -115.25 -2.85
C ILE L 39 -11.62 -114.98 -4.30
N PRO L 40 -12.55 -114.06 -4.67
CA PRO L 40 -13.17 -114.07 -6.00
C PRO L 40 -12.29 -113.76 -7.19
N SER L 41 -11.19 -113.02 -7.00
CA SER L 41 -10.32 -112.57 -8.09
C SER L 41 -8.94 -113.16 -7.91
N LYS L 42 -8.29 -113.61 -9.01
CA LYS L 42 -6.94 -114.14 -9.00
C LYS L 42 -5.92 -113.16 -8.44
N ARG L 43 -5.94 -111.91 -8.92
CA ARG L 43 -5.10 -110.82 -8.45
C ARG L 43 -5.18 -110.63 -6.94
N MET L 44 -6.42 -110.60 -6.41
CA MET L 44 -6.70 -110.47 -4.99
C MET L 44 -6.24 -111.69 -4.21
N LYS L 45 -6.50 -112.90 -4.72
CA LYS L 45 -6.05 -114.13 -4.10
C LYS L 45 -4.54 -114.27 -4.07
N ASN L 46 -3.85 -113.93 -5.16
CA ASN L 46 -2.41 -113.85 -5.22
C ASN L 46 -1.82 -112.85 -4.24
N LYS L 47 -2.40 -111.63 -4.16
CA LYS L 47 -2.03 -110.65 -3.16
C LYS L 47 -2.16 -111.15 -1.72
N VAL L 48 -3.27 -111.83 -1.38
CA VAL L 48 -3.44 -112.46 -0.06
C VAL L 48 -2.42 -113.56 0.19
N ALA L 49 -2.18 -114.43 -0.81
CA ALA L 49 -1.15 -115.45 -0.79
C ALA L 49 0.24 -114.88 -0.55
N GLY L 50 0.55 -113.79 -1.27
CA GLY L 50 1.74 -112.97 -1.12
C GLY L 50 1.93 -112.43 0.27
N PHE L 51 0.93 -111.71 0.81
CA PHE L 51 0.97 -111.21 2.17
C PHE L 51 1.04 -112.30 3.23
N VAL L 52 0.34 -113.44 3.07
CA VAL L 52 0.45 -114.59 3.96
C VAL L 52 1.87 -115.17 3.93
N THR L 53 2.48 -115.25 2.74
CA THR L 53 3.88 -115.59 2.58
C THR L 53 4.81 -114.59 3.27
N HIS L 54 4.57 -113.28 3.17
CA HIS L 54 5.29 -112.26 3.92
C HIS L 54 5.14 -112.40 5.44
N LEU L 55 3.93 -112.71 5.92
CA LEU L 55 3.67 -113.02 7.31
C LEU L 55 4.41 -114.27 7.76
N MET L 56 4.48 -115.28 6.88
CA MET L 56 5.33 -116.44 7.04
C MET L 56 6.82 -116.10 7.15
N LYS L 57 7.35 -115.18 6.31
CA LYS L 57 8.71 -114.66 6.40
C LYS L 57 9.02 -114.00 7.75
N ARG L 58 8.10 -113.17 8.28
CA ARG L 58 8.20 -112.55 9.58
C ARG L 58 8.26 -113.55 10.75
N ILE L 59 7.39 -114.57 10.72
CA ILE L 59 7.40 -115.67 11.68
C ILE L 59 8.48 -116.70 11.33
N GLN L 60 8.60 -117.77 12.15
CA GLN L 60 9.65 -118.78 12.12
C GLN L 60 10.94 -118.23 12.72
N LYS L 61 10.82 -117.11 13.45
CA LYS L 61 11.90 -116.47 14.18
C LYS L 61 11.53 -116.39 15.66
N GLY L 62 10.53 -117.19 16.09
CA GLY L 62 9.93 -117.09 17.41
C GLY L 62 8.84 -116.03 17.49
N PRO L 63 8.23 -115.85 18.66
CA PRO L 63 7.16 -114.89 18.92
C PRO L 63 7.25 -113.48 18.34
N VAL L 64 6.11 -112.97 17.84
CA VAL L 64 5.94 -111.61 17.35
C VAL L 64 4.48 -111.22 17.58
N ARG L 65 4.19 -109.92 17.79
CA ARG L 65 2.87 -109.39 18.05
C ARG L 65 1.77 -109.65 17.00
N GLY L 66 0.50 -109.63 17.45
CA GLY L 66 -0.70 -109.59 16.59
C GLY L 66 -1.31 -110.92 16.28
N ILE L 67 -0.66 -112.02 16.71
CA ILE L 67 -1.14 -113.38 16.57
C ILE L 67 -0.85 -114.12 17.86
N SER L 68 -1.46 -115.32 18.04
CA SER L 68 -1.32 -116.09 19.27
C SER L 68 -1.24 -117.57 18.99
N LEU L 69 -0.36 -118.28 19.72
CA LEU L 69 -0.27 -119.72 19.69
C LEU L 69 -0.01 -120.20 21.10
N LYS L 70 -0.80 -121.17 21.59
CA LYS L 70 -0.71 -121.63 22.97
C LYS L 70 0.57 -122.37 23.30
N LEU L 71 1.21 -122.99 22.30
CA LEU L 71 2.33 -123.89 22.51
C LEU L 71 3.56 -123.21 23.10
N GLN L 72 3.94 -122.02 22.57
CA GLN L 72 5.08 -121.27 23.07
C GLN L 72 4.90 -120.79 24.51
N GLU L 73 3.67 -120.37 24.86
CA GLU L 73 3.30 -119.99 26.21
C GLU L 73 3.46 -121.15 27.18
N GLU L 74 2.96 -122.34 26.80
CA GLU L 74 3.16 -123.56 27.57
C GLU L 74 4.62 -123.93 27.74
N GLU L 75 5.43 -123.89 26.66
CA GLU L 75 6.86 -124.14 26.72
C GLU L 75 7.61 -123.23 27.69
N ARG L 76 7.34 -121.92 27.66
CA ARG L 76 7.98 -120.96 28.55
C ARG L 76 7.73 -121.26 30.03
N GLU L 77 6.48 -121.54 30.41
CA GLU L 77 6.14 -121.92 31.77
C GLU L 77 6.85 -123.17 32.31
N ARG L 78 6.94 -124.26 31.52
CA ARG L 78 7.78 -125.41 31.85
C ARG L 78 9.27 -125.08 31.91
N ARG L 79 9.80 -124.33 30.92
CA ARG L 79 11.21 -124.03 30.79
C ARG L 79 11.85 -123.31 32.00
N LEU L 80 11.18 -122.29 32.58
CA LEU L 80 11.76 -121.43 33.60
C LEU L 80 12.28 -122.06 34.90
N ASP L 81 11.55 -122.99 35.55
CA ASP L 81 12.07 -123.67 36.74
C ASP L 81 13.02 -124.85 36.35
N TYR L 95 21.66 -111.83 54.54
CA TYR L 95 21.31 -111.10 55.80
C TYR L 95 22.30 -109.98 56.20
N VAL L 96 23.50 -110.31 56.72
CA VAL L 96 24.33 -109.33 57.41
C VAL L 96 25.41 -108.70 56.53
N GLU L 97 25.48 -109.07 55.24
CA GLU L 97 26.35 -108.45 54.25
C GLU L 97 26.08 -106.96 54.06
N PRO L 98 27.06 -106.07 53.80
CA PRO L 98 26.94 -104.62 53.97
C PRO L 98 25.77 -103.97 53.26
N ASP L 99 25.54 -104.27 51.97
CA ASP L 99 24.51 -103.66 51.17
C ASP L 99 23.09 -103.97 51.70
N THR L 100 22.85 -105.22 52.14
CA THR L 100 21.65 -105.60 52.87
C THR L 100 21.55 -104.98 54.25
N LEU L 101 22.68 -104.95 54.97
CA LEU L 101 22.79 -104.64 56.38
C LEU L 101 22.30 -103.25 56.76
N ARG L 102 22.59 -102.21 55.95
CA ARG L 102 22.20 -100.85 56.29
C ARG L 102 20.71 -100.65 56.47
N MET L 103 19.86 -101.26 55.62
CA MET L 103 18.43 -101.24 55.82
C MET L 103 17.97 -101.95 57.08
N ILE L 104 18.55 -103.12 57.38
CA ILE L 104 18.24 -103.92 58.56
C ILE L 104 18.59 -103.17 59.84
N LYS L 105 19.78 -102.54 59.84
CA LYS L 105 20.31 -101.76 60.93
C LYS L 105 19.45 -100.55 61.25
N SER L 106 18.94 -99.86 60.22
CA SER L 106 17.97 -98.81 60.41
C SER L 106 16.66 -99.30 61.00
N LEU L 107 16.14 -100.45 60.53
CA LEU L 107 14.91 -101.05 61.00
C LEU L 107 14.91 -101.50 62.45
N GLY L 108 15.91 -102.32 62.83
CA GLY L 108 15.96 -102.96 64.14
C GLY L 108 14.90 -104.07 64.28
N VAL M 1 -101.33 -96.89 -41.21
CA VAL M 1 -100.38 -95.71 -41.21
C VAL M 1 -98.88 -96.03 -41.13
N THR M 2 -98.45 -97.26 -40.75
CA THR M 2 -97.03 -97.57 -40.50
C THR M 2 -96.16 -97.69 -41.75
N ALA M 3 -96.79 -97.80 -42.93
CA ALA M 3 -96.13 -97.74 -44.22
C ALA M 3 -95.66 -96.33 -44.54
N ILE M 4 -96.28 -95.32 -43.91
CA ILE M 4 -95.94 -93.92 -44.03
C ILE M 4 -94.86 -93.60 -43.00
N GLN M 5 -95.09 -93.96 -41.71
CA GLN M 5 -94.13 -93.78 -40.62
C GLN M 5 -92.73 -94.33 -40.87
N LYS M 6 -92.62 -95.55 -41.47
CA LYS M 6 -91.33 -96.11 -41.85
C LYS M 6 -90.61 -95.25 -42.88
N VAL M 7 -91.31 -94.78 -43.91
CA VAL M 7 -90.80 -93.85 -44.90
C VAL M 7 -90.32 -92.53 -44.27
N ILE M 8 -91.08 -91.97 -43.31
CA ILE M 8 -90.67 -90.79 -42.54
C ILE M 8 -89.38 -91.06 -41.78
N LYS M 9 -89.26 -92.21 -41.09
CA LYS M 9 -88.03 -92.61 -40.44
C LYS M 9 -86.83 -92.77 -41.39
N ASN M 10 -87.04 -93.41 -42.57
CA ASN M 10 -86.04 -93.57 -43.61
C ASN M 10 -85.54 -92.22 -44.16
N ALA M 11 -86.48 -91.29 -44.42
CA ALA M 11 -86.17 -90.01 -44.99
C ALA M 11 -85.51 -89.08 -43.97
N HIS M 12 -85.91 -89.16 -42.68
CA HIS M 12 -85.13 -88.60 -41.58
C HIS M 12 -83.68 -89.08 -41.49
N VAL M 13 -83.44 -90.41 -41.36
CA VAL M 13 -82.10 -90.98 -41.17
C VAL M 13 -81.17 -90.80 -42.36
N HIS M 14 -81.70 -90.85 -43.59
CA HIS M 14 -80.91 -90.59 -44.78
C HIS M 14 -80.89 -89.11 -45.20
N ASP M 15 -81.39 -88.22 -44.33
CA ASP M 15 -81.27 -86.77 -44.36
C ASP M 15 -81.71 -86.03 -45.64
N GLY M 16 -81.27 -84.76 -45.79
CA GLY M 16 -81.67 -83.87 -46.87
C GLY M 16 -80.94 -82.53 -46.90
N LEU M 17 -80.19 -82.15 -45.84
CA LEU M 17 -79.56 -80.84 -45.72
C LEU M 17 -78.48 -80.51 -46.76
N LYS M 18 -77.57 -81.46 -47.06
CA LYS M 18 -76.42 -81.40 -47.99
C LYS M 18 -76.20 -80.11 -48.79
N ILE M 19 -75.16 -79.33 -48.40
CA ILE M 19 -74.81 -78.11 -49.09
C ILE M 19 -74.20 -78.38 -50.48
N GLY M 20 -74.77 -77.76 -51.53
CA GLY M 20 -74.36 -78.03 -52.91
C GLY M 20 -73.17 -77.28 -53.39
N ILE M 21 -72.64 -76.36 -52.56
CA ILE M 21 -71.52 -75.43 -52.76
C ILE M 21 -70.67 -75.54 -54.03
N ARG M 22 -69.59 -76.33 -54.01
CA ARG M 22 -68.68 -76.49 -55.13
C ARG M 22 -69.35 -77.02 -56.39
N GLU M 23 -70.20 -78.06 -56.28
CA GLU M 23 -70.88 -78.63 -57.41
C GLU M 23 -71.88 -77.67 -58.07
N VAL M 24 -72.64 -76.88 -57.28
CA VAL M 24 -73.47 -75.81 -57.79
C VAL M 24 -72.68 -74.67 -58.42
N ILE M 25 -71.53 -74.28 -57.84
CA ILE M 25 -70.60 -73.34 -58.46
C ILE M 25 -70.08 -73.83 -59.82
N LYS M 26 -69.70 -75.13 -59.93
CA LYS M 26 -69.25 -75.74 -61.19
C LYS M 26 -70.32 -75.72 -62.27
N SER M 27 -71.59 -75.93 -61.88
CA SER M 27 -72.73 -75.79 -62.78
C SER M 27 -72.94 -74.37 -63.29
N ILE M 28 -72.62 -73.31 -62.52
CA ILE M 28 -72.65 -71.92 -62.96
C ILE M 28 -71.58 -71.60 -64.00
N GLU M 29 -70.33 -72.07 -63.80
CA GLU M 29 -69.23 -71.81 -64.73
C GLU M 29 -69.46 -72.48 -66.09
N SER M 30 -69.95 -73.74 -66.09
CA SER M 30 -70.30 -74.44 -67.32
C SER M 30 -71.62 -73.96 -67.94
N GLN M 31 -72.62 -73.69 -67.08
CA GLN M 31 -74.04 -73.53 -67.37
C GLN M 31 -74.75 -74.83 -67.73
N GLU M 32 -75.98 -74.99 -67.23
CA GLU M 32 -76.64 -76.30 -67.13
C GLU M 32 -78.15 -76.10 -67.10
N ALA M 33 -78.93 -77.14 -67.47
CA ALA M 33 -80.37 -77.07 -67.65
C ALA M 33 -81.22 -76.75 -66.41
N LYS M 34 -80.92 -77.36 -65.24
CA LYS M 34 -81.75 -77.22 -64.05
C LYS M 34 -81.54 -75.91 -63.30
N VAL M 35 -82.64 -75.14 -63.07
CA VAL M 35 -82.64 -73.87 -62.38
C VAL M 35 -82.50 -73.99 -60.85
N CYS M 36 -82.34 -72.84 -60.14
CA CYS M 36 -82.05 -72.79 -58.71
C CYS M 36 -83.07 -73.43 -57.76
N PHE M 37 -82.57 -73.94 -56.62
CA PHE M 37 -83.34 -74.66 -55.62
C PHE M 37 -83.25 -73.91 -54.28
N LEU M 38 -84.37 -73.81 -53.55
CA LEU M 38 -84.40 -73.18 -52.22
C LEU M 38 -85.54 -73.74 -51.36
N SER M 39 -85.97 -75.01 -51.61
CA SER M 39 -87.18 -75.59 -51.02
C SER M 39 -87.26 -75.56 -49.49
N ASP M 40 -88.48 -75.28 -48.99
CA ASP M 40 -88.88 -75.31 -47.60
C ASP M 40 -88.32 -74.19 -46.73
N VAL M 41 -87.36 -73.39 -47.23
CA VAL M 41 -86.81 -72.24 -46.53
C VAL M 41 -87.83 -71.10 -46.40
N CYS M 42 -88.54 -70.73 -47.47
CA CYS M 42 -89.43 -69.57 -47.48
C CYS M 42 -90.90 -69.91 -47.75
N SER M 43 -91.26 -71.22 -47.82
CA SER M 43 -92.62 -71.74 -48.05
C SER M 43 -93.35 -71.24 -49.32
N GLU M 44 -92.69 -71.35 -50.48
CA GLU M 44 -93.24 -70.95 -51.77
C GLU M 44 -94.14 -72.04 -52.39
N PRO M 45 -94.96 -71.73 -53.39
CA PRO M 45 -95.88 -72.72 -53.96
C PRO M 45 -95.17 -73.36 -55.13
N ALA M 46 -94.16 -72.67 -55.67
CA ALA M 46 -93.34 -73.11 -56.77
C ALA M 46 -92.44 -74.27 -56.37
N TYR M 47 -92.17 -74.44 -55.05
CA TYR M 47 -91.49 -75.60 -54.51
C TYR M 47 -92.27 -76.88 -54.75
N LYS M 48 -93.57 -76.90 -54.41
CA LYS M 48 -94.47 -78.01 -54.67
C LYS M 48 -94.61 -78.32 -56.16
N LYS M 49 -94.78 -77.26 -56.98
CA LYS M 49 -94.77 -77.32 -58.44
C LYS M 49 -93.51 -77.97 -59.01
N LEU M 50 -92.33 -77.60 -58.47
CA LEU M 50 -91.06 -78.15 -58.88
C LEU M 50 -90.90 -79.60 -58.42
N ILE M 51 -91.25 -79.94 -57.17
CA ILE M 51 -91.38 -81.30 -56.67
C ILE M 51 -92.22 -82.21 -57.58
N THR M 52 -93.49 -81.84 -57.88
CA THR M 52 -94.36 -82.66 -58.73
C THR M 52 -93.84 -82.88 -60.14
N THR M 53 -93.26 -81.83 -60.75
CA THR M 53 -92.56 -81.91 -62.04
C THR M 53 -91.34 -82.82 -62.01
N LEU M 54 -90.47 -82.66 -61.00
CA LEU M 54 -89.20 -83.35 -60.91
C LEU M 54 -89.29 -84.82 -60.50
N CYS M 55 -90.32 -85.21 -59.75
CA CYS M 55 -90.32 -86.52 -59.09
C CYS M 55 -90.77 -87.67 -59.97
N ALA M 56 -91.42 -87.41 -61.12
CA ALA M 56 -92.13 -88.47 -61.80
C ALA M 56 -91.24 -89.29 -62.76
N GLU M 57 -90.22 -88.68 -63.38
CA GLU M 57 -89.28 -89.38 -64.24
C GLU M 57 -87.94 -89.65 -63.51
N MET M 64 -94.45 -80.64 -48.31
CA MET M 64 -94.42 -79.18 -48.03
C MET M 64 -94.76 -78.90 -46.58
N VAL M 65 -96.04 -79.03 -46.19
CA VAL M 65 -96.54 -78.78 -44.85
C VAL M 65 -96.06 -79.82 -43.85
N GLN M 66 -96.05 -81.11 -44.24
CA GLN M 66 -95.89 -82.20 -43.30
C GLN M 66 -94.43 -82.63 -43.08
N ASN M 67 -93.48 -82.05 -43.83
CA ASN M 67 -92.05 -82.30 -43.68
C ASN M 67 -91.45 -81.91 -42.33
N ASP M 68 -90.51 -82.73 -41.85
CA ASP M 68 -89.84 -82.60 -40.57
C ASP M 68 -88.43 -82.03 -40.75
N SER M 69 -87.96 -81.95 -42.02
CA SER M 69 -86.72 -81.31 -42.44
C SER M 69 -86.72 -79.83 -42.11
N LYS M 70 -87.87 -79.18 -42.32
CA LYS M 70 -88.20 -77.83 -41.89
C LYS M 70 -87.92 -77.58 -40.41
N ASP M 71 -88.42 -78.47 -39.53
CA ASP M 71 -88.31 -78.40 -38.08
C ASP M 71 -86.85 -78.56 -37.61
N LEU M 72 -86.11 -79.55 -38.16
CA LEU M 72 -84.68 -79.74 -37.91
C LEU M 72 -83.84 -78.52 -38.29
N GLY M 73 -84.09 -77.96 -39.49
CA GLY M 73 -83.51 -76.71 -39.99
C GLY M 73 -83.70 -75.54 -39.06
N HIS M 74 -84.96 -75.21 -38.68
CA HIS M 74 -85.28 -74.29 -37.57
C HIS M 74 -84.46 -74.47 -36.29
N TRP M 75 -84.45 -75.69 -35.70
CA TRP M 75 -83.79 -76.01 -34.44
C TRP M 75 -82.27 -75.82 -34.38
N ALA M 76 -81.53 -76.22 -35.44
CA ALA M 76 -80.10 -76.52 -35.37
C ALA M 76 -79.12 -75.38 -35.09
N GLY M 77 -79.51 -74.09 -35.25
CA GLY M 77 -78.64 -72.96 -34.91
C GLY M 77 -78.14 -72.18 -36.09
N LEU M 78 -78.80 -72.29 -37.25
CA LEU M 78 -78.48 -71.53 -38.45
C LEU M 78 -78.89 -70.05 -38.35
N PHE M 79 -78.21 -69.28 -37.49
CA PHE M 79 -78.40 -67.85 -37.30
C PHE M 79 -77.99 -67.04 -38.57
N ILE M 90 -69.96 -71.23 -34.66
CA ILE M 90 -71.09 -71.39 -35.64
C ILE M 90 -70.65 -71.98 -36.98
N ILE M 91 -71.50 -72.81 -37.63
CA ILE M 91 -71.20 -73.55 -38.85
C ILE M 91 -70.89 -72.68 -40.09
N GLY M 92 -70.02 -73.18 -41.01
CA GLY M 92 -69.67 -72.49 -42.26
C GLY M 92 -70.68 -72.63 -43.37
N ALA M 93 -71.76 -73.40 -43.11
CA ALA M 93 -72.88 -73.61 -44.01
C ALA M 93 -73.84 -72.40 -44.07
N SER M 94 -74.81 -72.44 -45.00
CA SER M 94 -75.78 -71.37 -45.17
C SER M 94 -77.09 -71.95 -45.68
N SER M 95 -78.24 -71.32 -45.34
CA SER M 95 -79.59 -71.78 -45.70
C SER M 95 -79.82 -71.85 -47.20
N VAL M 96 -79.19 -70.94 -47.97
CA VAL M 96 -79.30 -70.91 -49.42
C VAL M 96 -78.50 -72.01 -50.10
N ALA M 97 -77.53 -72.63 -49.38
CA ALA M 97 -76.64 -73.63 -49.96
C ALA M 97 -77.24 -75.02 -50.05
N VAL M 98 -78.37 -75.27 -49.37
CA VAL M 98 -79.19 -76.47 -49.47
C VAL M 98 -79.72 -76.68 -50.90
N VAL M 99 -79.61 -77.92 -51.44
CA VAL M 99 -79.97 -78.24 -52.83
C VAL M 99 -80.92 -79.44 -52.91
N ASP M 100 -81.42 -79.73 -54.14
CA ASP M 100 -82.38 -80.76 -54.49
C ASP M 100 -82.40 -82.09 -53.71
N PHE M 101 -83.61 -82.55 -53.33
CA PHE M 101 -83.78 -83.85 -52.71
C PHE M 101 -83.53 -85.02 -53.66
N GLY M 102 -84.07 -84.97 -54.91
CA GLY M 102 -83.81 -85.97 -55.95
C GLY M 102 -84.56 -87.29 -55.81
N GLU M 103 -85.51 -87.38 -54.86
CA GLU M 103 -86.29 -88.56 -54.52
C GLU M 103 -87.12 -89.15 -55.66
N ASP M 104 -87.24 -90.50 -55.71
CA ASP M 104 -87.80 -91.25 -56.82
C ASP M 104 -89.30 -91.60 -56.70
N SER M 105 -90.15 -90.85 -57.44
CA SER M 105 -91.57 -91.08 -57.71
C SER M 105 -92.51 -91.51 -56.57
N ALA M 106 -93.59 -92.23 -56.92
CA ALA M 106 -94.60 -92.88 -56.09
C ALA M 106 -95.00 -92.25 -54.74
N GLU M 107 -94.94 -93.03 -53.64
CA GLU M 107 -95.44 -92.60 -52.34
C GLU M 107 -94.45 -91.67 -51.63
N LYS M 108 -93.16 -91.67 -52.04
CA LYS M 108 -92.22 -90.61 -51.71
C LYS M 108 -92.72 -89.25 -52.18
N ASP M 109 -93.08 -89.11 -53.47
CA ASP M 109 -93.69 -87.91 -54.03
C ASP M 109 -95.00 -87.52 -53.32
N PHE M 110 -95.91 -88.48 -53.07
CA PHE M 110 -97.07 -88.32 -52.20
C PHE M 110 -96.78 -87.66 -50.85
N LEU M 111 -95.95 -88.30 -50.00
CA LEU M 111 -95.51 -87.74 -48.74
C LEU M 111 -94.79 -86.39 -48.80
N LEU M 112 -93.84 -86.23 -49.76
CA LEU M 112 -93.05 -85.04 -50.02
C LEU M 112 -93.85 -83.82 -50.42
N SER M 113 -94.85 -84.00 -51.31
CA SER M 113 -95.72 -82.94 -51.80
C SER M 113 -96.56 -82.29 -50.72
N GLN M 114 -97.25 -83.10 -49.87
CA GLN M 114 -98.08 -82.62 -48.79
C GLN M 114 -97.37 -81.66 -47.78
N ASP N 1 35.86 -110.02 -38.11
CA ASP N 1 34.42 -110.29 -37.78
C ASP N 1 33.61 -109.01 -37.63
N ILE N 2 33.20 -108.63 -36.40
CA ILE N 2 32.33 -107.48 -36.16
C ILE N 2 32.99 -106.14 -36.48
N LYS N 3 32.38 -105.36 -37.39
CA LYS N 3 32.87 -104.03 -37.76
C LYS N 3 31.70 -103.13 -38.11
N LEU N 4 31.71 -101.87 -37.64
CA LEU N 4 30.74 -100.86 -38.00
C LEU N 4 30.80 -100.51 -39.48
N PHE N 5 29.64 -100.61 -40.15
CA PHE N 5 29.45 -100.44 -41.59
C PHE N 5 30.18 -101.48 -42.41
N LYS N 6 30.67 -102.55 -41.73
CA LYS N 6 31.46 -103.64 -42.27
C LYS N 6 32.93 -103.28 -42.48
N LYS N 7 33.36 -102.09 -41.99
CA LYS N 7 34.70 -101.59 -42.26
C LYS N 7 35.43 -101.01 -41.07
N TRP N 8 34.74 -100.53 -40.01
CA TRP N 8 35.42 -99.98 -38.85
C TRP N 8 35.29 -100.89 -37.65
N SER N 9 36.37 -101.58 -37.22
CA SER N 9 36.30 -102.52 -36.10
C SER N 9 35.94 -101.89 -34.77
N TYR N 10 36.54 -100.71 -34.46
CA TYR N 10 36.20 -99.87 -33.32
C TYR N 10 36.28 -100.60 -31.97
N GLU N 11 37.43 -101.25 -31.70
CA GLU N 11 37.65 -101.99 -30.46
C GLU N 11 38.68 -101.31 -29.57
N GLU N 12 39.25 -100.16 -29.98
CA GLU N 12 40.31 -99.51 -29.24
C GLU N 12 40.25 -98.00 -29.36
N ILE N 13 40.25 -97.29 -28.21
CA ILE N 13 40.23 -95.84 -28.15
C ILE N 13 41.22 -95.35 -27.13
N ASN N 14 41.58 -94.06 -27.21
CA ASN N 14 42.48 -93.42 -26.26
C ASN N 14 41.72 -92.79 -25.09
N ILE N 15 42.44 -92.49 -23.99
CA ILE N 15 41.89 -92.20 -22.68
C ILE N 15 40.93 -91.02 -22.56
N ALA N 16 41.17 -89.92 -23.30
CA ALA N 16 40.47 -88.66 -23.10
C ALA N 16 40.57 -88.15 -21.65
N ASP N 17 39.44 -87.88 -20.99
CA ASP N 17 39.40 -87.50 -19.59
C ASP N 17 39.11 -88.69 -18.66
N LEU N 18 39.07 -89.92 -19.22
CA LEU N 18 38.79 -91.18 -18.55
C LEU N 18 37.30 -91.38 -18.26
N SER N 19 36.62 -90.31 -17.84
CA SER N 19 35.18 -90.21 -17.63
C SER N 19 34.37 -90.56 -18.88
N LEU N 20 34.84 -90.12 -20.06
CA LEU N 20 34.26 -90.39 -21.36
C LEU N 20 34.22 -91.88 -21.71
N VAL N 21 35.26 -92.63 -21.33
CA VAL N 21 35.51 -94.01 -21.73
C VAL N 21 34.42 -94.97 -21.28
N ASP N 22 33.92 -94.78 -20.03
CA ASP N 22 32.82 -95.54 -19.48
C ASP N 22 31.54 -95.45 -20.33
N CYS N 23 31.22 -94.24 -20.80
CA CYS N 23 30.04 -93.95 -21.59
C CYS N 23 30.12 -94.52 -23.00
N ILE N 24 31.18 -94.19 -23.77
CA ILE N 24 31.32 -94.58 -25.18
C ILE N 24 31.33 -96.09 -25.47
N ALA N 25 30.83 -96.47 -26.66
CA ALA N 25 30.41 -97.82 -26.99
C ALA N 25 31.49 -98.67 -27.66
N VAL N 26 32.75 -98.48 -27.25
CA VAL N 26 33.92 -99.18 -27.80
C VAL N 26 33.94 -100.69 -27.55
N SER N 27 33.37 -101.18 -26.41
CA SER N 27 33.29 -102.60 -26.08
C SER N 27 32.56 -103.44 -27.13
N GLN N 28 32.99 -104.71 -27.34
CA GLN N 28 32.54 -105.54 -28.45
C GLN N 28 31.04 -105.82 -28.47
N LYS N 29 30.41 -105.92 -27.28
CA LYS N 29 28.97 -106.06 -27.15
C LYS N 29 28.18 -104.78 -27.43
N ALA N 30 28.83 -103.61 -27.40
CA ALA N 30 28.20 -102.31 -27.61
C ALA N 30 28.51 -101.76 -29.00
N CYS N 31 29.68 -102.11 -29.58
CA CYS N 31 29.96 -102.00 -31.00
C CYS N 31 29.04 -102.89 -31.82
N VAL N 32 28.77 -102.51 -33.07
CA VAL N 32 27.70 -103.11 -33.84
C VAL N 32 28.03 -102.95 -35.30
N TYR N 33 27.45 -103.81 -36.18
CA TYR N 33 27.55 -103.68 -37.62
C TYR N 33 26.91 -102.41 -38.17
N THR N 34 25.73 -102.01 -37.66
CA THR N 34 25.05 -100.79 -38.10
C THR N 34 24.20 -100.25 -36.94
N PRO N 35 23.96 -98.95 -36.73
CA PRO N 35 23.58 -98.44 -35.41
C PRO N 35 22.23 -98.86 -34.88
N HIS N 36 21.24 -99.00 -35.78
CA HIS N 36 19.83 -99.06 -35.42
C HIS N 36 19.46 -100.20 -34.48
N THR N 37 19.09 -99.85 -33.22
CA THR N 37 18.74 -100.82 -32.20
C THR N 37 17.51 -100.37 -31.41
N ALA N 38 17.33 -99.05 -31.23
CA ALA N 38 16.15 -98.39 -30.70
C ALA N 38 15.58 -98.94 -29.38
N GLY N 39 16.41 -99.04 -28.33
CA GLY N 39 16.02 -99.61 -27.04
C GLY N 39 15.03 -98.84 -26.21
N ARG N 40 14.84 -99.26 -24.95
CA ARG N 40 13.97 -98.61 -23.97
C ARG N 40 14.85 -98.02 -22.88
N TYR N 41 14.80 -96.69 -22.71
CA TYR N 41 15.77 -95.95 -21.91
C TYR N 41 15.13 -95.21 -20.74
N GLN N 42 13.87 -95.55 -20.41
CA GLN N 42 13.07 -94.85 -19.40
C GLN N 42 12.95 -95.58 -18.08
N LYS N 43 13.61 -96.74 -17.88
CA LYS N 43 13.49 -97.47 -16.62
C LYS N 43 14.05 -96.72 -15.41
N LYS N 44 15.24 -96.09 -15.56
CA LYS N 44 15.86 -95.32 -14.52
C LYS N 44 16.97 -94.46 -15.09
N ARG N 45 17.57 -93.58 -14.27
CA ARG N 45 18.57 -92.58 -14.64
C ARG N 45 19.71 -93.08 -15.52
N PHE N 46 20.32 -94.22 -15.19
CA PHE N 46 21.52 -94.70 -15.86
C PHE N 46 21.22 -95.69 -16.97
N ARG N 47 19.94 -95.95 -17.28
CA ARG N 47 19.55 -96.81 -18.38
C ARG N 47 19.95 -96.23 -19.73
N LYS N 48 19.78 -94.91 -19.92
CA LYS N 48 20.12 -94.21 -21.16
C LYS N 48 21.62 -94.07 -21.37
N ALA N 49 22.43 -94.19 -20.29
CA ALA N 49 23.87 -94.07 -20.32
C ALA N 49 24.55 -95.24 -21.03
N LEU N 50 23.80 -96.32 -21.27
CA LEU N 50 24.26 -97.54 -21.88
C LEU N 50 24.03 -97.55 -23.39
N CYS N 51 23.46 -96.47 -23.97
CA CYS N 51 23.18 -96.35 -25.40
C CYS N 51 24.43 -96.45 -26.28
N PRO N 52 24.40 -97.14 -27.42
CA PRO N 52 25.38 -96.98 -28.49
C PRO N 52 25.58 -95.54 -28.95
N ILE N 53 26.83 -95.06 -29.00
CA ILE N 53 27.15 -93.67 -29.28
C ILE N 53 26.77 -93.23 -30.69
N VAL N 54 26.92 -94.13 -31.69
CA VAL N 54 26.49 -93.88 -33.05
C VAL N 54 24.97 -93.77 -33.20
N GLU N 55 24.17 -94.62 -32.52
CA GLU N 55 22.71 -94.48 -32.46
C GLU N 55 22.29 -93.17 -31.81
N ARG N 56 22.95 -92.80 -30.70
CA ARG N 56 22.75 -91.53 -30.02
C ARG N 56 23.04 -90.34 -30.93
N LEU N 57 24.16 -90.38 -31.67
CA LEU N 57 24.49 -89.38 -32.66
C LEU N 57 23.47 -89.22 -33.78
N VAL N 58 22.99 -90.31 -34.41
CA VAL N 58 21.99 -90.22 -35.48
C VAL N 58 20.64 -89.70 -35.01
N ASN N 59 20.21 -90.10 -33.80
CA ASN N 59 18.99 -89.63 -33.18
C ASN N 59 19.07 -88.16 -32.86
N SER N 60 20.22 -87.71 -32.33
CA SER N 60 20.50 -86.30 -32.09
C SER N 60 20.50 -85.47 -33.36
N MET N 61 21.16 -85.96 -34.43
CA MET N 61 21.17 -85.34 -35.73
C MET N 61 19.81 -85.18 -36.41
N MET N 62 18.99 -86.26 -36.48
CA MET N 62 17.70 -86.27 -37.16
C MET N 62 16.62 -85.27 -36.75
N MET N 63 16.60 -84.78 -35.50
CA MET N 63 15.59 -83.83 -35.09
C MET N 63 15.96 -82.40 -35.46
N HIS N 64 15.10 -81.77 -36.26
CA HIS N 64 15.28 -80.46 -36.85
C HIS N 64 14.18 -80.22 -37.88
N GLY N 65 13.09 -79.54 -37.48
CA GLY N 65 12.04 -79.06 -38.38
C GLY N 65 11.46 -80.06 -39.35
N ARG N 66 11.85 -79.95 -40.64
CA ARG N 66 11.41 -80.86 -41.69
C ARG N 66 11.96 -82.28 -41.55
N ASN N 67 13.11 -82.44 -40.88
CA ASN N 67 13.87 -83.67 -40.87
C ASN N 67 13.38 -84.72 -39.88
N ASN N 68 12.60 -84.33 -38.85
CA ASN N 68 12.21 -85.18 -37.73
C ASN N 68 11.88 -86.65 -38.02
N GLY N 69 12.66 -87.59 -37.41
CA GLY N 69 12.45 -89.04 -37.52
C GLY N 69 13.03 -89.73 -38.74
N LYS N 70 13.69 -89.01 -39.66
CA LYS N 70 14.35 -89.57 -40.84
C LYS N 70 15.69 -90.24 -40.51
N LYS N 71 15.62 -91.38 -39.82
CA LYS N 71 16.76 -91.99 -39.21
C LYS N 71 17.76 -92.66 -40.15
N LEU N 72 17.29 -93.42 -41.15
CA LEU N 72 18.14 -94.05 -42.14
C LEU N 72 19.02 -93.11 -42.97
N LYS N 73 18.48 -91.98 -43.48
CA LYS N 73 19.31 -90.94 -44.06
C LYS N 73 20.33 -90.40 -43.08
N ALA N 74 19.97 -90.18 -41.80
CA ALA N 74 20.92 -89.75 -40.80
C ALA N 74 22.06 -90.75 -40.57
N ILE N 75 21.77 -92.07 -40.58
CA ILE N 75 22.80 -93.11 -40.63
C ILE N 75 23.67 -93.02 -41.87
N ARG N 76 23.07 -92.87 -43.08
CA ARG N 76 23.82 -92.69 -44.31
C ARG N 76 24.70 -91.43 -44.32
N ILE N 77 24.20 -90.31 -43.78
CA ILE N 77 24.95 -89.09 -43.60
C ILE N 77 26.12 -89.24 -42.65
N VAL N 78 25.95 -89.90 -41.48
CA VAL N 78 27.04 -90.19 -40.56
C VAL N 78 28.06 -91.14 -41.17
N ALA N 79 27.60 -92.17 -41.90
CA ALA N 79 28.45 -93.09 -42.63
C ALA N 79 29.30 -92.37 -43.68
N TYR N 80 28.66 -91.52 -44.50
CA TYR N 80 29.33 -90.63 -45.43
C TYR N 80 30.29 -89.67 -44.76
N ALA N 81 29.91 -89.04 -43.64
CA ALA N 81 30.76 -88.13 -42.91
C ALA N 81 32.02 -88.80 -42.37
N PHE N 82 31.90 -90.00 -41.78
CA PHE N 82 33.03 -90.82 -41.38
C PHE N 82 33.96 -91.18 -42.53
N GLU N 83 33.40 -91.53 -43.70
CA GLU N 83 34.15 -91.71 -44.93
C GLU N 83 34.93 -90.47 -45.35
N ILE N 84 34.32 -89.26 -45.26
CA ILE N 84 35.00 -87.99 -45.50
C ILE N 84 36.16 -87.80 -44.55
N ILE N 85 35.99 -88.07 -43.24
CA ILE N 85 37.07 -88.00 -42.27
C ILE N 85 38.19 -88.97 -42.60
N HIS N 86 37.87 -90.23 -42.92
CA HIS N 86 38.79 -91.25 -43.35
C HIS N 86 39.62 -90.89 -44.58
N LEU N 87 39.02 -90.20 -45.57
CA LEU N 87 39.72 -89.69 -46.71
C LEU N 87 40.64 -88.52 -46.34
N MET N 88 40.09 -87.49 -45.67
CA MET N 88 40.83 -86.34 -45.17
C MET N 88 42.01 -86.61 -44.24
N THR N 89 41.91 -87.55 -43.29
CA THR N 89 43.01 -87.87 -42.38
C THR N 89 43.08 -89.37 -42.17
N GLY N 90 44.30 -89.89 -41.91
CA GLY N 90 44.55 -91.33 -41.83
C GLY N 90 44.15 -91.96 -40.52
N GLU N 91 43.82 -91.16 -39.51
CA GLU N 91 43.22 -91.62 -38.28
C GLU N 91 41.83 -92.22 -38.49
N ASN N 92 41.42 -93.20 -37.66
CA ASN N 92 40.11 -93.82 -37.71
C ASN N 92 39.00 -92.77 -37.44
N PRO N 93 37.94 -92.62 -38.24
CA PRO N 93 36.89 -91.61 -38.04
C PRO N 93 36.23 -91.66 -36.68
N LEU N 94 36.03 -92.86 -36.11
CA LEU N 94 35.51 -93.07 -34.78
C LEU N 94 36.41 -92.44 -33.71
N GLN N 95 37.75 -92.61 -33.82
CA GLN N 95 38.71 -92.02 -32.92
C GLN N 95 38.67 -90.49 -32.93
N VAL N 96 38.64 -89.90 -34.14
CA VAL N 96 38.43 -88.48 -34.36
C VAL N 96 37.11 -87.99 -33.76
N PHE N 97 36.02 -88.75 -33.95
CA PHE N 97 34.72 -88.50 -33.35
C PHE N 97 34.77 -88.52 -31.82
N VAL N 98 35.46 -89.50 -31.21
CA VAL N 98 35.74 -89.54 -29.78
C VAL N 98 36.48 -88.29 -29.32
N ASN N 99 37.55 -87.87 -30.04
CA ASN N 99 38.24 -86.61 -29.75
C ASN N 99 37.33 -85.37 -29.82
N ALA N 100 36.44 -85.29 -30.82
CA ALA N 100 35.44 -84.25 -30.93
C ALA N 100 34.46 -84.21 -29.77
N VAL N 101 34.03 -85.37 -29.25
CA VAL N 101 33.15 -85.45 -28.11
C VAL N 101 33.86 -85.01 -26.84
N GLN N 102 35.15 -85.39 -26.68
CA GLN N 102 35.98 -84.91 -25.59
C GLN N 102 36.13 -83.39 -25.60
N LYS N 103 36.47 -82.82 -26.76
CA LYS N 103 36.61 -81.40 -26.96
C LYS N 103 35.31 -80.62 -26.83
N GLY N 104 34.20 -81.15 -27.34
CA GLY N 104 32.90 -80.50 -27.32
C GLY N 104 32.26 -80.41 -25.95
N GLY N 105 32.54 -81.37 -25.05
CA GLY N 105 32.03 -81.34 -23.67
C GLY N 105 32.58 -80.23 -22.80
N PRO N 106 31.86 -79.19 -22.36
CA PRO N 106 32.34 -78.24 -21.36
C PRO N 106 32.56 -78.90 -20.00
N ARG N 107 33.36 -78.31 -19.12
CA ARG N 107 33.62 -78.89 -17.81
C ARG N 107 32.94 -78.15 -16.67
N GLU N 108 32.39 -76.96 -16.96
CA GLU N 108 31.63 -76.19 -15.98
C GLU N 108 30.39 -75.58 -16.61
N ASP N 109 29.43 -75.20 -15.75
CA ASP N 109 28.16 -74.62 -16.09
C ASP N 109 27.79 -73.71 -14.92
N SER N 110 26.60 -73.10 -14.89
CA SER N 110 26.30 -72.08 -13.90
C SER N 110 24.83 -71.88 -13.65
N THR N 111 24.53 -71.28 -12.47
CA THR N 111 23.26 -70.66 -12.11
C THR N 111 23.59 -69.27 -11.59
N ARG N 112 22.58 -68.40 -11.36
CA ARG N 112 22.80 -67.16 -10.64
C ARG N 112 22.93 -67.46 -9.12
N GLN N 122 25.19 -69.85 -8.53
CA GLN N 122 26.63 -69.67 -8.93
C GLN N 122 27.17 -70.73 -9.89
N ALA N 123 28.46 -70.66 -10.27
CA ALA N 123 29.13 -71.64 -11.12
C ALA N 123 29.25 -73.05 -10.52
N VAL N 124 29.08 -74.09 -11.36
CA VAL N 124 29.03 -75.48 -10.94
C VAL N 124 29.78 -76.35 -11.94
N ASP N 125 30.21 -77.55 -11.50
CA ASP N 125 30.78 -78.57 -12.37
C ASP N 125 29.67 -79.25 -13.20
N VAL N 126 30.01 -79.99 -14.27
CA VAL N 126 29.04 -80.80 -14.99
C VAL N 126 29.41 -82.27 -14.99
N SER N 127 28.40 -83.13 -14.81
CA SER N 127 28.55 -84.57 -14.73
C SER N 127 29.04 -85.24 -16.01
N PRO N 128 29.60 -86.44 -16.02
CA PRO N 128 30.20 -86.99 -17.25
C PRO N 128 29.15 -87.30 -18.29
N LEU N 129 27.99 -87.84 -17.86
CA LEU N 129 26.84 -88.07 -18.72
C LEU N 129 26.32 -86.78 -19.36
N ARG N 130 26.23 -85.69 -18.57
CA ARG N 130 25.79 -84.40 -19.06
C ARG N 130 26.77 -83.80 -20.06
N ARG N 131 28.09 -83.87 -19.75
CA ARG N 131 29.14 -83.50 -20.69
C ARG N 131 29.07 -84.22 -22.03
N VAL N 132 28.88 -85.54 -22.04
CA VAL N 132 28.68 -86.31 -23.27
C VAL N 132 27.44 -85.90 -24.03
N ASN N 133 26.30 -85.72 -23.35
CA ASN N 133 25.06 -85.33 -23.99
C ASN N 133 25.14 -83.95 -24.62
N GLN N 134 25.73 -82.96 -23.92
CA GLN N 134 26.01 -81.65 -24.48
C GLN N 134 26.96 -81.68 -25.66
N ALA N 135 28.04 -82.48 -25.62
CA ALA N 135 28.98 -82.59 -26.71
C ALA N 135 28.39 -83.11 -28.01
N ILE N 136 27.64 -84.22 -27.96
CA ILE N 136 26.89 -84.78 -29.07
C ILE N 136 25.92 -83.76 -29.65
N TYR N 137 25.15 -83.09 -28.77
CA TYR N 137 24.25 -82.02 -29.13
C TYR N 137 24.97 -80.87 -29.84
N LEU N 138 26.11 -80.40 -29.31
CA LEU N 138 26.95 -79.37 -29.90
C LEU N 138 27.44 -79.68 -31.31
N ILE N 139 27.94 -80.91 -31.54
CA ILE N 139 28.35 -81.35 -32.87
C ILE N 139 27.19 -81.33 -33.87
N CYS N 140 26.02 -81.87 -33.50
CA CYS N 140 24.87 -81.86 -34.38
C CYS N 140 24.28 -80.48 -34.62
N THR N 141 24.21 -79.59 -33.61
CA THR N 141 23.78 -78.21 -33.79
C THR N 141 24.68 -77.43 -34.70
N GLY N 142 26.01 -77.57 -34.58
CA GLY N 142 26.93 -76.94 -35.50
C GLY N 142 26.77 -77.37 -36.94
N ALA N 143 26.64 -78.68 -37.17
CA ALA N 143 26.38 -79.22 -38.49
C ALA N 143 25.07 -78.73 -39.10
N ARG N 144 24.01 -78.72 -38.30
CA ARG N 144 22.68 -78.22 -38.63
C ARG N 144 22.66 -76.74 -38.99
N ASN N 145 23.31 -75.90 -38.17
CA ASN N 145 23.48 -74.47 -38.42
C ASN N 145 24.26 -74.19 -39.69
N ALA N 146 25.37 -74.92 -39.91
CA ALA N 146 26.13 -74.83 -41.14
C ALA N 146 25.32 -75.26 -42.36
N ALA N 147 24.59 -76.38 -42.27
CA ALA N 147 23.72 -76.91 -43.30
C ALA N 147 22.59 -75.99 -43.76
N PHE N 148 21.71 -75.55 -42.84
CA PHE N 148 20.50 -74.82 -43.18
C PHE N 148 20.75 -73.52 -43.95
N ARG N 149 20.10 -73.37 -45.12
CA ARG N 149 20.27 -72.26 -46.05
C ARG N 149 21.71 -72.08 -46.52
N ASN N 150 22.35 -73.16 -46.99
CA ASN N 150 23.74 -73.14 -47.43
C ASN N 150 23.97 -74.20 -48.51
N ILE N 151 24.98 -73.97 -49.36
CA ILE N 151 25.42 -74.88 -50.41
C ILE N 151 26.06 -76.18 -49.92
N LYS N 152 26.82 -76.16 -48.80
CA LYS N 152 27.50 -77.34 -48.28
C LYS N 152 26.57 -78.48 -47.85
N SER N 153 26.95 -79.74 -48.13
CA SER N 153 26.18 -80.91 -47.73
C SER N 153 26.13 -81.08 -46.22
N ILE N 154 25.04 -81.62 -45.66
CA ILE N 154 24.95 -81.97 -44.25
C ILE N 154 26.06 -82.92 -43.79
N SER N 155 26.41 -83.94 -44.61
CA SER N 155 27.53 -84.85 -44.40
C SER N 155 28.87 -84.14 -44.32
N GLU N 156 29.07 -83.18 -45.24
CA GLU N 156 30.25 -82.36 -45.35
C GLU N 156 30.38 -81.42 -44.15
N CYS N 157 29.27 -80.76 -43.76
CA CYS N 157 29.18 -79.93 -42.57
C CYS N 157 29.51 -80.68 -41.29
N LEU N 158 28.90 -81.87 -41.10
CA LEU N 158 29.13 -82.73 -39.96
C LEU N 158 30.58 -83.19 -39.84
N ALA N 159 31.15 -83.69 -40.94
CA ALA N 159 32.54 -84.10 -41.00
C ALA N 159 33.50 -82.95 -40.69
N GLU N 160 33.31 -81.78 -41.32
CA GLU N 160 34.09 -80.61 -41.00
C GLU N 160 33.96 -80.15 -39.56
N GLU N 161 32.74 -80.11 -39.00
CA GLU N 161 32.56 -79.78 -37.60
C GLU N 161 33.28 -80.74 -36.65
N ILE N 162 33.15 -82.07 -36.87
CA ILE N 162 33.88 -83.07 -36.11
C ILE N 162 35.41 -82.93 -36.15
N ILE N 163 36.04 -82.83 -37.34
CA ILE N 163 37.48 -82.66 -37.44
C ILE N 163 38.00 -81.39 -36.81
N ASN N 164 37.30 -80.26 -37.02
CA ASN N 164 37.64 -78.98 -36.44
C ASN N 164 37.46 -78.96 -34.94
N CYS N 165 36.41 -79.61 -34.40
CA CYS N 165 36.24 -79.76 -32.97
C CYS N 165 37.33 -80.65 -32.38
N ALA N 166 37.68 -81.77 -33.03
CA ALA N 166 38.81 -82.60 -32.64
C ALA N 166 40.14 -81.85 -32.60
N ASN N 167 40.43 -81.06 -33.66
CA ASN N 167 41.54 -80.11 -33.73
C ASN N 167 41.57 -79.08 -32.60
N GLU N 168 40.38 -78.58 -32.19
CA GLU N 168 40.13 -77.49 -31.25
C GLU N 168 40.14 -76.13 -31.96
N SER N 169 39.73 -76.11 -33.23
CA SER N 169 39.66 -74.91 -34.06
C SER N 169 38.63 -73.88 -33.59
N SER N 170 38.90 -72.57 -33.80
CA SER N 170 37.93 -71.51 -33.55
C SER N 170 36.82 -71.48 -34.59
N SER N 171 37.04 -72.12 -35.77
CA SER N 171 36.02 -72.32 -36.78
C SER N 171 34.85 -73.19 -36.32
N SER N 172 35.15 -74.22 -35.50
CA SER N 172 34.16 -75.12 -34.91
C SER N 172 33.10 -74.40 -34.08
N TYR N 173 31.82 -74.70 -34.38
CA TYR N 173 30.68 -74.25 -33.63
C TYR N 173 30.68 -74.87 -32.23
N ALA N 174 31.11 -76.15 -32.13
CA ALA N 174 31.17 -76.87 -30.90
C ALA N 174 32.21 -76.29 -29.94
N ILE N 175 33.42 -75.99 -30.44
CA ILE N 175 34.43 -75.29 -29.66
C ILE N 175 33.97 -73.90 -29.26
N LYS N 176 33.37 -73.13 -30.20
CA LYS N 176 32.87 -71.81 -29.88
C LYS N 176 31.79 -71.80 -28.80
N LYS N 177 30.81 -72.72 -28.88
CA LYS N 177 29.82 -72.90 -27.84
C LYS N 177 30.40 -73.40 -26.51
N LYS N 178 31.30 -74.39 -26.53
CA LYS N 178 31.95 -74.94 -25.36
C LYS N 178 32.77 -73.89 -24.61
N ASP N 179 33.57 -73.12 -25.36
CA ASP N 179 34.28 -71.96 -24.86
C ASP N 179 33.31 -70.95 -24.25
N GLU N 180 32.19 -70.62 -24.93
CA GLU N 180 31.20 -69.69 -24.41
C GLU N 180 30.56 -70.15 -23.10
N ILE N 181 30.15 -71.42 -22.98
CA ILE N 181 29.64 -72.00 -21.74
C ILE N 181 30.66 -71.92 -20.61
N GLU N 182 31.92 -72.31 -20.88
CA GLU N 182 33.00 -72.18 -19.93
C GLU N 182 33.29 -70.72 -19.57
N ARG N 183 33.37 -69.80 -20.55
CA ARG N 183 33.53 -68.38 -20.34
C ARG N 183 32.46 -67.77 -19.46
N VAL N 184 31.20 -68.14 -19.65
CA VAL N 184 30.10 -67.74 -18.78
C VAL N 184 30.28 -68.29 -17.36
N ALA N 185 30.72 -69.56 -17.21
CA ALA N 185 31.10 -70.09 -15.91
C ALA N 185 32.23 -69.30 -15.23
N LYS N 186 33.33 -68.99 -15.98
CA LYS N 186 34.42 -68.18 -15.50
C LYS N 186 34.00 -66.77 -15.11
N ALA N 187 33.15 -66.12 -15.93
CA ALA N 187 32.51 -64.85 -15.63
C ALA N 187 31.71 -64.83 -14.33
N ASN N 188 30.85 -65.84 -14.12
CA ASN N 188 30.01 -65.96 -12.95
C ASN N 188 30.77 -66.10 -11.64
N ARG N 189 31.81 -66.94 -11.60
CA ARG N 189 32.59 -67.16 -10.41
C ARG N 189 33.43 -65.89 -10.00
N TYR O 1 -62.40 -75.14 -50.28
CA TYR O 1 -63.27 -75.09 -49.05
C TYR O 1 -62.66 -75.87 -47.88
N SER O 2 -63.15 -75.66 -46.64
CA SER O 2 -62.67 -76.36 -45.44
C SER O 2 -63.05 -77.84 -45.40
N TYR O 3 -64.31 -78.16 -45.75
CA TYR O 3 -64.93 -79.48 -45.74
C TYR O 3 -65.27 -80.01 -44.33
N ILE O 4 -66.37 -80.80 -44.21
CA ILE O 4 -66.74 -81.46 -42.97
C ILE O 4 -66.61 -82.96 -43.21
N PRO O 5 -65.91 -83.77 -42.42
CA PRO O 5 -65.45 -85.06 -42.91
C PRO O 5 -66.33 -86.14 -42.30
N LYS O 6 -67.65 -86.04 -42.53
CA LYS O 6 -68.65 -86.91 -41.92
C LYS O 6 -68.47 -88.40 -42.21
N GLN O 7 -68.23 -88.77 -43.49
CA GLN O 7 -67.92 -90.13 -43.88
C GLN O 7 -66.69 -90.71 -43.18
N ASN O 8 -65.60 -89.92 -43.08
CA ASN O 8 -64.39 -90.32 -42.40
C ASN O 8 -64.60 -90.50 -40.90
N LYS O 9 -65.34 -89.57 -40.28
CA LYS O 9 -65.70 -89.56 -38.87
C LYS O 9 -66.48 -90.79 -38.46
N LYS O 10 -67.52 -91.11 -39.26
CA LYS O 10 -68.34 -92.28 -39.09
C LYS O 10 -67.56 -93.59 -39.23
N LEU O 11 -66.67 -93.68 -40.23
CA LEU O 11 -65.81 -94.82 -40.44
C LEU O 11 -64.83 -95.04 -39.28
N ILE O 12 -64.20 -93.96 -38.79
CA ILE O 12 -63.33 -93.98 -37.63
C ILE O 12 -64.05 -94.47 -36.36
N TYR O 13 -65.30 -94.02 -36.12
CA TYR O 13 -66.11 -94.51 -35.02
C TYR O 13 -66.41 -96.01 -35.09
N GLU O 14 -66.79 -96.53 -36.28
CA GLU O 14 -66.91 -97.95 -36.56
C GLU O 14 -65.63 -98.73 -36.25
N TYR O 15 -64.47 -98.26 -36.73
CA TYR O 15 -63.17 -98.84 -36.42
C TYR O 15 -62.90 -98.86 -34.91
N LEU O 16 -63.13 -97.73 -34.21
CA LEU O 16 -62.99 -97.59 -32.78
C LEU O 16 -63.82 -98.57 -31.97
N PHE O 17 -65.12 -98.67 -32.32
CA PHE O 17 -66.08 -99.56 -31.72
C PHE O 17 -65.69 -101.03 -31.84
N LYS O 18 -65.32 -101.48 -33.05
CA LYS O 18 -64.89 -102.85 -33.30
C LYS O 18 -63.69 -103.32 -32.48
N GLU O 19 -62.64 -102.49 -32.43
CA GLU O 19 -61.38 -102.78 -31.77
C GLU O 19 -61.41 -102.69 -30.25
N GLY O 20 -61.83 -101.52 -29.73
CA GLY O 20 -61.80 -101.18 -28.31
C GLY O 20 -60.53 -100.45 -27.90
N VAL O 21 -59.52 -100.42 -28.79
CA VAL O 21 -58.32 -99.63 -28.62
C VAL O 21 -57.91 -99.08 -29.97
N ILE O 22 -57.10 -98.00 -30.00
CA ILE O 22 -56.48 -97.51 -31.22
C ILE O 22 -55.07 -96.99 -30.93
N VAL O 23 -54.11 -97.40 -31.77
CA VAL O 23 -52.70 -97.03 -31.67
C VAL O 23 -52.31 -96.39 -32.98
N VAL O 24 -52.03 -95.08 -32.94
CA VAL O 24 -51.74 -94.25 -34.10
C VAL O 24 -50.78 -93.13 -33.72
N GLU O 25 -50.06 -92.59 -34.72
CA GLU O 25 -49.24 -91.40 -34.60
C GLU O 25 -50.02 -90.14 -34.21
N LYS O 26 -49.46 -89.32 -33.31
CA LYS O 26 -50.05 -88.07 -32.86
C LYS O 26 -50.16 -87.00 -33.95
N ASP O 27 -49.10 -86.81 -34.77
CA ASP O 27 -49.02 -85.79 -35.79
C ASP O 27 -50.07 -85.89 -36.92
N ALA O 28 -50.51 -84.72 -37.42
CA ALA O 28 -51.47 -84.61 -38.51
C ALA O 28 -50.88 -83.99 -39.78
N LYS O 29 -49.58 -83.60 -39.75
CA LYS O 29 -48.92 -82.96 -40.88
C LYS O 29 -48.74 -83.85 -42.09
N ILE O 30 -48.29 -85.11 -41.87
CA ILE O 30 -48.23 -86.15 -42.89
C ILE O 30 -49.63 -86.59 -43.30
N PRO O 31 -50.01 -86.70 -44.57
CA PRO O 31 -51.35 -87.12 -44.91
C PRO O 31 -51.50 -88.63 -44.84
N ARG O 32 -50.68 -89.42 -45.57
CA ARG O 32 -50.88 -90.85 -45.71
C ARG O 32 -50.81 -91.63 -44.39
N HIS O 33 -51.76 -92.55 -44.20
CA HIS O 33 -51.88 -93.39 -43.03
C HIS O 33 -51.83 -94.86 -43.48
N PRO O 34 -51.14 -95.80 -42.80
CA PRO O 34 -50.88 -97.09 -43.41
C PRO O 34 -51.85 -98.16 -42.92
N HIS O 35 -52.51 -97.99 -41.75
CA HIS O 35 -53.27 -99.07 -41.14
C HIS O 35 -54.77 -98.96 -41.45
N LEU O 36 -55.18 -97.85 -42.07
CA LEU O 36 -56.56 -97.59 -42.43
C LEU O 36 -56.50 -96.53 -43.53
N ASN O 37 -57.51 -96.46 -44.42
CA ASN O 37 -57.47 -95.60 -45.59
C ASN O 37 -57.40 -94.10 -45.29
N VAL O 38 -58.17 -93.61 -44.30
CA VAL O 38 -58.29 -92.20 -44.00
C VAL O 38 -56.96 -91.50 -43.63
N PRO O 39 -56.63 -90.31 -44.17
CA PRO O 39 -55.47 -89.54 -43.75
C PRO O 39 -55.42 -89.19 -42.28
N ASN O 40 -54.21 -88.94 -41.74
CA ASN O 40 -53.95 -88.74 -40.31
C ASN O 40 -54.68 -87.57 -39.67
N LEU O 41 -54.94 -86.50 -40.45
CA LEU O 41 -55.66 -85.31 -40.02
C LEU O 41 -57.06 -85.63 -39.53
N HIS O 42 -57.80 -86.47 -40.28
CA HIS O 42 -59.12 -86.96 -39.90
C HIS O 42 -59.10 -87.67 -38.56
N ILE O 43 -58.14 -88.61 -38.39
CA ILE O 43 -58.00 -89.37 -37.17
C ILE O 43 -57.64 -88.47 -36.00
N MET O 44 -56.69 -87.52 -36.16
CA MET O 44 -56.35 -86.61 -35.09
C MET O 44 -57.52 -85.73 -34.63
N MET O 45 -58.26 -85.14 -35.57
CA MET O 45 -59.38 -84.29 -35.23
C MET O 45 -60.47 -85.01 -34.46
N THR O 46 -60.84 -86.20 -34.96
CA THR O 46 -61.86 -87.03 -34.33
C THR O 46 -61.47 -87.54 -32.95
N LEU O 47 -60.23 -88.03 -32.78
CA LEU O 47 -59.69 -88.43 -31.49
C LEU O 47 -59.65 -87.30 -30.47
N LYS O 48 -59.29 -86.07 -30.88
CA LYS O 48 -59.36 -84.90 -30.03
C LYS O 48 -60.76 -84.61 -29.49
N SER O 49 -61.78 -84.62 -30.38
CA SER O 49 -63.19 -84.51 -30.00
C SER O 49 -63.62 -85.59 -29.03
N LEU O 50 -63.28 -86.86 -29.32
CA LEU O 50 -63.54 -87.99 -28.45
C LEU O 50 -62.89 -87.91 -27.09
N LYS O 51 -61.62 -87.47 -27.00
CA LYS O 51 -60.91 -87.25 -25.75
C LYS O 51 -61.56 -86.23 -24.82
N SER O 52 -61.97 -85.05 -25.35
CA SER O 52 -62.69 -84.02 -24.60
C SER O 52 -64.02 -84.50 -24.04
N ARG O 53 -64.77 -85.27 -24.85
CA ARG O 53 -66.05 -85.85 -24.49
C ARG O 53 -65.87 -87.10 -23.62
N ASN O 54 -64.61 -87.55 -23.52
CA ASN O 54 -64.09 -88.60 -22.68
C ASN O 54 -64.69 -89.97 -22.96
N TYR O 55 -64.79 -90.32 -24.25
CA TYR O 55 -65.13 -91.67 -24.66
C TYR O 55 -63.88 -92.55 -24.70
N VAL O 56 -62.69 -91.92 -24.72
CA VAL O 56 -61.41 -92.58 -24.89
C VAL O 56 -60.42 -92.05 -23.87
N GLU O 57 -59.54 -92.93 -23.36
CA GLU O 57 -58.48 -92.52 -22.44
C GLU O 57 -57.12 -92.60 -23.14
N GLU O 58 -56.30 -91.53 -23.03
CA GLU O 58 -54.95 -91.48 -23.55
C GLU O 58 -53.94 -92.02 -22.54
N LYS O 59 -52.91 -92.77 -23.01
CA LYS O 59 -51.78 -93.14 -22.16
C LYS O 59 -50.50 -92.48 -22.65
N TYR O 60 -50.30 -92.37 -23.98
CA TYR O 60 -49.20 -91.69 -24.63
C TYR O 60 -47.79 -92.32 -24.50
N ASN O 61 -46.99 -92.24 -25.59
CA ASN O 61 -45.57 -92.52 -25.61
C ASN O 61 -44.99 -92.15 -26.97
N TRP O 62 -43.98 -91.26 -26.99
CA TRP O 62 -43.17 -90.97 -28.17
C TRP O 62 -43.96 -90.56 -29.42
N LYS O 63 -44.92 -89.63 -29.25
CA LYS O 63 -45.84 -89.22 -30.30
C LYS O 63 -46.73 -90.32 -30.85
N HIS O 64 -47.09 -91.32 -30.04
CA HIS O 64 -48.23 -92.19 -30.26
C HIS O 64 -49.08 -92.07 -29.02
N GLN O 65 -50.41 -92.18 -29.19
CA GLN O 65 -51.35 -91.76 -28.17
C GLN O 65 -51.91 -92.88 -27.29
N TYR O 66 -52.03 -94.12 -27.80
CA TYR O 66 -52.49 -95.30 -27.09
C TYR O 66 -53.86 -95.15 -26.43
N PHE O 67 -54.92 -95.08 -27.25
CA PHE O 67 -56.26 -94.78 -26.80
C PHE O 67 -57.07 -96.03 -26.49
N ILE O 68 -57.63 -96.14 -25.27
CA ILE O 68 -58.53 -97.21 -24.90
C ILE O 68 -59.95 -96.66 -24.82
N LEU O 69 -60.91 -97.35 -25.47
CA LEU O 69 -62.32 -97.02 -25.53
C LEU O 69 -63.09 -97.36 -24.25
N ASN O 70 -63.84 -96.38 -23.70
CA ASN O 70 -64.75 -96.58 -22.58
C ASN O 70 -66.09 -97.16 -23.01
N ASN O 71 -66.84 -97.69 -22.02
CA ASN O 71 -68.14 -98.33 -22.20
C ASN O 71 -69.22 -97.43 -22.79
N GLU O 72 -69.26 -96.14 -22.42
CA GLU O 72 -70.22 -95.18 -22.97
C GLU O 72 -70.15 -94.97 -24.49
N GLY O 73 -68.93 -95.04 -25.08
CA GLY O 73 -68.76 -94.95 -26.53
C GLY O 73 -69.31 -96.13 -27.28
N ILE O 74 -69.16 -97.35 -26.69
CA ILE O 74 -69.76 -98.59 -27.18
C ILE O 74 -71.26 -98.48 -27.26
N GLU O 75 -71.90 -97.94 -26.20
CA GLU O 75 -73.34 -97.78 -26.17
C GLU O 75 -73.84 -96.78 -27.22
N TYR O 76 -73.19 -95.61 -27.34
CA TYR O 76 -73.54 -94.63 -28.36
C TYR O 76 -73.50 -95.14 -29.80
N LEU O 77 -72.40 -95.79 -30.23
CA LEU O 77 -72.25 -96.23 -31.61
C LEU O 77 -73.25 -97.30 -32.05
N ARG O 78 -73.56 -98.26 -31.15
CA ARG O 78 -74.39 -99.42 -31.46
C ARG O 78 -75.80 -99.11 -31.98
N GLU O 79 -76.49 -98.13 -31.38
CA GLU O 79 -77.86 -97.78 -31.75
C GLU O 79 -77.93 -96.91 -33.04
N ARG P 1 26.78 -103.34 -52.61
CA ARG P 1 25.56 -102.62 -53.11
C ARG P 1 24.95 -103.25 -54.36
N LEU P 2 25.45 -102.93 -55.57
CA LEU P 2 24.99 -103.55 -56.81
C LEU P 2 25.33 -105.04 -56.88
N LEU P 3 26.53 -105.43 -56.42
CA LEU P 3 26.91 -106.81 -56.23
C LEU P 3 27.09 -107.07 -54.74
N GLU P 4 26.51 -108.18 -54.24
CA GLU P 4 26.35 -108.43 -52.81
C GLU P 4 26.95 -109.79 -52.40
N PRO P 5 27.53 -109.95 -51.20
CA PRO P 5 28.08 -111.22 -50.78
C PRO P 5 27.11 -111.86 -49.81
N VAL P 6 25.95 -112.31 -50.32
CA VAL P 6 24.85 -112.85 -49.54
C VAL P 6 25.17 -114.10 -48.70
N PRO P 7 24.55 -114.32 -47.55
CA PRO P 7 24.92 -115.44 -46.67
C PRO P 7 24.05 -116.65 -46.98
N PHE P 8 23.24 -116.63 -48.06
CA PHE P 8 22.26 -117.66 -48.34
C PHE P 8 22.23 -118.02 -49.82
N VAL P 9 21.52 -119.11 -50.17
CA VAL P 9 21.34 -119.57 -51.54
C VAL P 9 20.19 -118.83 -52.22
N LYS P 10 20.49 -118.03 -53.27
CA LYS P 10 19.47 -117.42 -54.11
C LYS P 10 18.93 -118.39 -55.15
N THR P 11 17.69 -118.14 -55.63
CA THR P 11 16.94 -118.96 -56.57
C THR P 11 17.59 -119.12 -57.93
N ASN P 12 18.09 -118.02 -58.50
CA ASN P 12 18.73 -117.93 -59.81
C ASN P 12 17.85 -118.35 -60.98
N ASN P 13 16.58 -117.93 -60.98
CA ASN P 13 15.66 -118.31 -62.04
C ASN P 13 14.43 -117.45 -62.21
N CYS P 14 14.18 -116.47 -61.32
CA CYS P 14 12.89 -115.82 -61.28
C CYS P 14 12.98 -114.38 -60.80
N ILE P 15 11.84 -113.66 -60.78
CA ILE P 15 11.78 -112.21 -60.65
C ILE P 15 12.26 -111.67 -59.31
N LYS P 16 12.41 -112.55 -58.30
CA LYS P 16 12.89 -112.20 -56.99
C LYS P 16 14.39 -112.40 -56.83
N ASP P 17 15.10 -112.89 -57.87
CA ASP P 17 16.54 -112.89 -57.89
C ASP P 17 17.10 -111.51 -58.15
N VAL P 18 16.48 -110.81 -59.12
CA VAL P 18 16.90 -109.53 -59.63
C VAL P 18 16.27 -108.37 -58.84
N ASP P 19 16.98 -107.23 -58.73
CA ASP P 19 16.42 -106.02 -58.16
C ASP P 19 15.25 -105.49 -58.99
N ALA P 20 14.12 -105.19 -58.33
CA ALA P 20 12.90 -104.73 -58.97
C ALA P 20 13.07 -103.55 -59.93
N ASP P 21 13.75 -102.49 -59.48
CA ASP P 21 14.06 -101.31 -60.27
C ASP P 21 14.94 -101.59 -61.48
N LEU P 22 16.05 -102.34 -61.28
CA LEU P 22 16.94 -102.79 -62.35
C LEU P 22 16.22 -103.62 -63.40
N PHE P 23 15.37 -104.57 -62.96
CA PHE P 23 14.47 -105.32 -63.80
C PHE P 23 13.56 -104.40 -64.60
N ILE P 24 12.84 -103.48 -63.94
CA ILE P 24 11.91 -102.59 -64.61
C ILE P 24 12.58 -101.71 -65.65
N ARG P 25 13.67 -101.00 -65.31
CA ARG P 25 14.41 -100.17 -66.25
C ARG P 25 15.02 -100.97 -67.40
N SER P 26 15.65 -102.11 -67.10
CA SER P 26 16.24 -102.98 -68.12
C SER P 26 15.20 -103.57 -69.07
N TYR P 27 14.11 -104.13 -68.54
CA TYR P 27 13.01 -104.69 -69.29
C TYR P 27 12.31 -103.66 -70.16
N ALA P 28 12.10 -102.44 -69.63
CA ALA P 28 11.56 -101.31 -70.37
C ALA P 28 12.41 -100.94 -71.57
N THR P 29 13.75 -100.95 -71.40
CA THR P 29 14.71 -100.75 -72.48
C THR P 29 14.58 -101.84 -73.55
N HIS P 30 14.44 -103.11 -73.12
CA HIS P 30 14.15 -104.25 -73.99
C HIS P 30 12.84 -104.12 -74.73
N LEU P 31 11.75 -103.72 -74.06
CA LEU P 31 10.45 -103.43 -74.67
C LEU P 31 10.55 -102.35 -75.75
N LYS P 32 11.23 -101.24 -75.47
CA LYS P 32 11.51 -100.22 -76.46
C LYS P 32 12.33 -100.71 -77.66
N LEU P 33 13.41 -101.48 -77.43
CA LEU P 33 14.19 -102.17 -78.46
C LEU P 33 13.35 -103.08 -79.36
N HIS P 34 12.50 -103.92 -78.73
CA HIS P 34 11.58 -104.86 -79.34
C HIS P 34 10.57 -104.16 -80.24
N ASN P 35 10.09 -102.98 -79.77
CA ASN P 35 9.05 -102.18 -80.36
C ASN P 35 7.70 -102.78 -80.02
N LYS P 36 7.52 -103.20 -78.75
CA LYS P 36 6.32 -103.85 -78.29
C LYS P 36 5.08 -102.96 -78.32
N ILE P 37 5.20 -101.70 -77.85
CA ILE P 37 4.06 -100.81 -77.65
C ILE P 37 4.32 -99.40 -78.15
N THR P 38 3.24 -98.61 -78.28
CA THR P 38 3.28 -97.19 -78.61
C THR P 38 2.33 -96.48 -77.67
N TYR P 39 2.34 -95.13 -77.63
CA TYR P 39 1.75 -94.30 -76.59
C TYR P 39 0.27 -94.61 -76.26
N PRO P 40 -0.70 -94.68 -77.18
CA PRO P 40 -0.80 -93.89 -78.40
C PRO P 40 -1.21 -92.46 -78.08
N LYS P 41 -1.49 -91.64 -79.12
CA LYS P 41 -1.98 -90.25 -79.10
C LYS P 41 -2.12 -89.56 -77.75
N TRP P 42 -3.30 -89.68 -77.09
CA TRP P 42 -3.69 -88.95 -75.89
C TRP P 42 -2.69 -89.06 -74.74
N CYS P 43 -1.97 -90.19 -74.68
CA CYS P 43 -0.98 -90.53 -73.68
C CYS P 43 0.27 -89.65 -73.73
N THR P 44 0.50 -88.91 -74.83
CA THR P 44 1.58 -87.92 -74.91
C THR P 44 1.41 -86.76 -73.93
N PHE P 45 0.17 -86.38 -73.58
CA PHE P 45 -0.11 -85.17 -72.81
C PHE P 45 -0.37 -85.41 -71.32
N VAL P 46 -0.03 -86.60 -70.81
CA VAL P 46 -0.33 -87.02 -69.45
C VAL P 46 0.55 -86.43 -68.35
N LYS P 47 0.08 -86.64 -67.11
CA LYS P 47 0.78 -86.48 -65.85
C LYS P 47 0.22 -87.63 -65.00
N THR P 48 1.06 -88.39 -64.25
CA THR P 48 0.60 -89.63 -63.60
C THR P 48 -0.48 -89.41 -62.55
N GLY P 49 -0.28 -88.40 -61.70
CA GLY P 49 -1.30 -87.86 -60.82
C GLY P 49 -1.66 -86.47 -61.28
N LYS P 50 -2.83 -85.97 -60.87
CA LYS P 50 -3.33 -84.67 -61.27
C LYS P 50 -2.48 -83.52 -60.76
N GLY P 51 -2.01 -83.63 -59.51
CA GLY P 51 -1.23 -82.59 -58.83
C GLY P 51 0.23 -82.53 -59.20
N ARG P 52 0.74 -83.46 -60.05
CA ARG P 52 2.13 -83.47 -60.46
C ARG P 52 2.53 -82.20 -61.19
N LYS P 53 1.64 -81.79 -62.11
CA LYS P 53 1.71 -80.57 -62.90
C LYS P 53 3.03 -80.38 -63.66
N LEU P 54 3.47 -81.48 -64.30
CA LEU P 54 4.62 -81.50 -65.18
C LEU P 54 4.48 -82.78 -66.00
N ALA P 55 5.11 -82.87 -67.19
CA ALA P 55 5.28 -84.15 -67.86
C ALA P 55 6.23 -85.07 -67.08
N PRO P 56 6.11 -86.41 -67.11
CA PRO P 56 7.10 -87.31 -66.51
C PRO P 56 8.51 -87.03 -66.99
N LEU P 57 9.46 -86.80 -66.07
CA LEU P 57 10.67 -86.03 -66.36
C LEU P 57 11.81 -86.87 -66.94
N ASN P 58 11.70 -88.21 -66.86
CA ASN P 58 12.81 -89.10 -67.16
C ASN P 58 12.77 -89.66 -68.58
N GLU P 59 11.84 -89.17 -69.43
CA GLU P 59 11.78 -89.37 -70.89
C GLU P 59 11.53 -90.78 -71.44
N ASP P 60 11.88 -91.83 -70.69
CA ASP P 60 11.75 -93.21 -71.09
C ASP P 60 10.60 -93.85 -70.34
N TRP P 61 9.82 -92.97 -69.68
CA TRP P 61 8.82 -93.27 -68.70
C TRP P 61 7.74 -94.24 -69.14
N TYR P 62 7.25 -94.17 -70.40
CA TYR P 62 6.11 -94.95 -70.82
C TYR P 62 6.39 -96.45 -70.79
N PHE P 63 7.54 -96.84 -71.36
CA PHE P 63 8.09 -98.16 -71.28
C PHE P 63 8.36 -98.59 -69.85
N ILE P 64 8.94 -97.71 -68.99
CA ILE P 64 9.08 -97.96 -67.56
C ILE P 64 7.74 -98.27 -66.87
N ARG P 65 6.69 -97.47 -67.13
CA ARG P 65 5.37 -97.69 -66.56
C ARG P 65 4.79 -99.02 -67.03
N ALA P 66 4.88 -99.32 -68.34
CA ALA P 66 4.50 -100.59 -68.92
C ALA P 66 5.21 -101.79 -68.27
N SER P 67 6.53 -101.70 -68.13
CA SER P 67 7.38 -102.66 -67.47
C SER P 67 7.00 -102.87 -66.00
N SER P 68 6.75 -101.76 -65.27
CA SER P 68 6.25 -101.80 -63.91
C SER P 68 4.90 -102.53 -63.80
N ILE P 69 3.96 -102.27 -64.72
CA ILE P 69 2.72 -103.01 -64.87
C ILE P 69 2.94 -104.52 -65.06
N LEU P 70 3.83 -104.93 -65.98
CA LEU P 70 4.20 -106.32 -66.19
C LEU P 70 4.76 -107.03 -64.97
N ARG P 71 5.60 -106.36 -64.16
CA ARG P 71 6.08 -106.95 -62.92
C ARG P 71 4.97 -107.23 -61.92
N ARG P 72 4.05 -106.28 -61.71
CA ARG P 72 2.86 -106.45 -60.89
C ARG P 72 1.94 -107.57 -61.34
N LEU P 73 1.70 -107.70 -62.66
CA LEU P 73 1.02 -108.82 -63.29
C LEU P 73 1.62 -110.18 -62.96
N TYR P 74 2.97 -110.33 -62.99
CA TYR P 74 3.61 -111.55 -62.54
C TYR P 74 3.33 -111.88 -61.06
N LEU P 75 3.40 -110.87 -60.17
CA LEU P 75 3.03 -110.98 -58.78
C LEU P 75 1.57 -111.35 -58.51
N HIS P 76 0.60 -110.66 -59.15
CA HIS P 76 -0.82 -110.86 -58.92
C HIS P 76 -1.58 -111.12 -60.23
N PRO P 77 -2.20 -112.28 -60.45
CA PRO P 77 -2.80 -112.60 -61.75
C PRO P 77 -4.29 -112.29 -61.73
N ASP P 78 -4.80 -111.63 -60.67
CA ASP P 78 -6.19 -111.34 -60.48
C ASP P 78 -6.51 -109.86 -60.74
N ILE P 79 -5.53 -109.08 -61.23
CA ILE P 79 -5.63 -107.63 -61.39
C ILE P 79 -6.69 -107.12 -62.37
N GLY P 80 -7.28 -105.94 -62.04
CA GLY P 80 -8.14 -105.18 -62.91
C GLY P 80 -7.75 -103.72 -62.88
N VAL P 81 -8.53 -102.87 -63.57
CA VAL P 81 -8.22 -101.45 -63.73
C VAL P 81 -8.09 -100.67 -62.43
N GLY P 82 -8.99 -100.92 -61.45
CA GLY P 82 -8.98 -100.27 -60.15
C GLY P 82 -7.75 -100.58 -59.35
N PHE P 83 -7.21 -101.81 -59.47
CA PHE P 83 -5.96 -102.19 -58.84
C PHE P 83 -4.80 -101.36 -59.36
N LEU P 84 -4.69 -101.18 -60.69
CA LEU P 84 -3.65 -100.33 -61.27
C LEU P 84 -3.73 -98.88 -60.81
N ARG P 85 -4.96 -98.32 -60.73
CA ARG P 85 -5.18 -96.96 -60.25
C ARG P 85 -4.71 -96.75 -58.82
N ARG P 86 -5.08 -97.66 -57.92
CA ARG P 86 -4.58 -97.66 -56.56
C ARG P 86 -3.08 -97.90 -56.43
N GLN P 87 -2.50 -98.86 -57.19
CA GLN P 87 -1.08 -99.16 -57.15
C GLN P 87 -0.20 -97.96 -57.44
N PHE P 88 -0.51 -97.28 -58.55
CA PHE P 88 0.21 -96.10 -58.98
C PHE P 88 -0.22 -94.80 -58.29
N SER P 89 -1.16 -94.87 -57.33
CA SER P 89 -1.65 -93.74 -56.53
C SER P 89 -0.56 -92.96 -55.81
N SER P 90 -0.80 -91.65 -55.59
CA SER P 90 0.09 -90.83 -54.78
C SER P 90 -0.70 -89.86 -53.91
N LYS P 91 -0.02 -89.00 -53.14
CA LYS P 91 -0.61 -87.82 -52.53
C LYS P 91 -0.81 -86.67 -53.49
N GLN P 92 -1.89 -85.90 -53.30
CA GLN P 92 -2.26 -84.74 -54.07
C GLN P 92 -2.23 -83.50 -53.18
N ARG P 93 -1.36 -82.53 -53.51
CA ARG P 93 -1.24 -81.26 -52.82
C ARG P 93 -2.48 -80.37 -52.97
N ARG P 94 -3.21 -80.13 -51.87
CA ARG P 94 -4.43 -79.38 -51.88
C ARG P 94 -4.21 -77.87 -51.66
N GLY P 95 -2.97 -77.38 -51.89
CA GLY P 95 -2.61 -75.99 -51.65
C GLY P 95 -2.67 -75.64 -50.18
N VAL P 96 -3.51 -74.66 -49.80
CA VAL P 96 -3.65 -74.20 -48.43
C VAL P 96 -4.57 -75.13 -47.59
N ALA P 97 -4.29 -76.42 -47.69
CA ALA P 97 -4.96 -77.48 -47.00
C ALA P 97 -3.99 -78.67 -47.04
N PRO P 98 -4.01 -79.61 -46.09
CA PRO P 98 -3.12 -80.77 -46.08
C PRO P 98 -3.30 -81.69 -47.26
N ASN P 99 -2.30 -82.55 -47.51
CA ASN P 99 -2.33 -83.48 -48.62
C ASN P 99 -3.32 -84.61 -48.39
N HIS P 100 -3.88 -85.15 -49.49
CA HIS P 100 -4.69 -86.35 -49.42
C HIS P 100 -4.39 -87.21 -50.63
N THR P 101 -4.52 -88.53 -50.51
CA THR P 101 -4.33 -89.50 -51.57
C THR P 101 -5.23 -89.32 -52.78
N SER P 102 -4.68 -89.57 -53.97
CA SER P 102 -5.41 -89.43 -55.22
C SER P 102 -4.95 -90.45 -56.25
N LEU P 103 -5.91 -91.19 -56.85
CA LEU P 103 -5.64 -92.22 -57.85
C LEU P 103 -4.95 -91.73 -59.12
N ALA P 104 -4.05 -92.56 -59.67
CA ALA P 104 -3.39 -92.31 -60.94
C ALA P 104 -4.32 -92.29 -62.15
N SER P 105 -3.96 -91.51 -63.18
CA SER P 105 -4.56 -91.47 -64.52
C SER P 105 -5.00 -92.80 -65.12
N GLY P 106 -6.32 -93.03 -65.32
CA GLY P 106 -6.80 -94.36 -65.69
C GLY P 106 -6.76 -94.73 -67.15
N LYS P 107 -6.80 -93.76 -68.09
CA LYS P 107 -6.86 -94.08 -69.51
C LYS P 107 -5.57 -94.67 -70.02
N ILE P 108 -4.42 -94.09 -69.65
CA ILE P 108 -3.13 -94.63 -70.02
C ILE P 108 -2.89 -96.04 -69.47
N LEU P 109 -3.30 -96.32 -68.22
CA LEU P 109 -3.28 -97.64 -67.63
C LEU P 109 -4.12 -98.66 -68.40
N ARG P 110 -5.40 -98.30 -68.69
CA ARG P 110 -6.29 -99.07 -69.53
C ARG P 110 -5.72 -99.34 -70.91
N SER P 111 -5.14 -98.30 -71.55
CA SER P 111 -4.48 -98.42 -72.84
C SER P 111 -3.33 -99.42 -72.87
N ILE P 112 -2.39 -99.33 -71.89
CA ILE P 112 -1.31 -100.29 -71.76
C ILE P 112 -1.83 -101.69 -71.53
N LEU P 113 -2.79 -101.87 -70.60
CA LEU P 113 -3.35 -103.17 -70.29
C LEU P 113 -4.01 -103.87 -71.47
N GLN P 114 -4.89 -103.15 -72.19
CA GLN P 114 -5.56 -103.59 -73.39
C GLN P 114 -4.59 -103.90 -74.53
N GLN P 115 -3.61 -103.01 -74.76
CA GLN P 115 -2.60 -103.18 -75.80
C GLN P 115 -1.76 -104.42 -75.59
N LEU P 116 -1.30 -104.68 -74.34
CA LEU P 116 -0.65 -105.92 -73.96
C LEU P 116 -1.51 -107.17 -74.17
N GLU P 117 -2.82 -107.10 -73.88
CA GLU P 117 -3.77 -108.17 -74.19
C GLU P 117 -3.86 -108.48 -75.68
N ASN P 118 -3.94 -107.43 -76.52
CA ASN P 118 -3.93 -107.53 -77.97
C ASN P 118 -2.62 -108.12 -78.51
N LEU P 119 -1.48 -107.83 -77.85
CA LEU P 119 -0.17 -108.34 -78.22
C LEU P 119 0.16 -109.69 -77.57
N GLY P 120 -0.81 -110.28 -76.83
CA GLY P 120 -0.79 -111.68 -76.42
C GLY P 120 -0.01 -112.05 -75.17
N TYR P 121 0.49 -111.09 -74.38
CA TYR P 121 1.27 -111.43 -73.18
C TYR P 121 0.41 -111.41 -71.92
N VAL P 122 -0.85 -110.94 -72.00
CA VAL P 122 -1.81 -111.02 -70.90
C VAL P 122 -3.14 -111.48 -71.42
N GLU P 123 -3.95 -112.08 -70.53
CA GLU P 123 -5.21 -112.72 -70.84
C GLU P 123 -6.22 -112.43 -69.75
N GLN P 124 -7.38 -111.86 -70.11
CA GLN P 124 -8.52 -111.68 -69.24
C GLN P 124 -9.19 -113.00 -68.87
N ASN P 125 -9.27 -113.34 -67.57
CA ASN P 125 -10.13 -114.42 -67.12
C ASN P 125 -11.48 -113.85 -66.71
N PRO P 126 -12.62 -114.17 -67.33
CA PRO P 126 -13.89 -113.55 -66.96
C PRO P 126 -14.51 -114.30 -65.79
N LYS P 127 -14.29 -115.63 -65.70
CA LYS P 127 -14.59 -116.43 -64.52
C LYS P 127 -13.31 -116.49 -63.71
N LYS P 128 -13.40 -116.28 -62.37
CA LYS P 128 -12.24 -116.04 -61.51
C LYS P 128 -11.53 -114.73 -61.93
N LYS P 129 -12.34 -113.65 -62.01
CA LYS P 129 -12.04 -112.32 -62.55
C LYS P 129 -10.61 -111.78 -62.51
N GLY P 130 -10.14 -111.20 -63.63
CA GLY P 130 -8.90 -110.43 -63.71
C GLY P 130 -8.00 -110.84 -64.84
N ARG P 131 -7.27 -109.87 -65.41
CA ARG P 131 -6.12 -110.14 -66.26
C ARG P 131 -4.98 -110.87 -65.54
N ARG P 132 -4.50 -111.98 -66.11
CA ARG P 132 -3.23 -112.59 -65.77
C ARG P 132 -2.26 -112.52 -66.94
N LEU P 133 -0.97 -112.81 -66.73
CA LEU P 133 -0.06 -113.11 -67.83
C LEU P 133 -0.45 -114.39 -68.57
N THR P 134 -0.19 -114.43 -69.90
CA THR P 134 -0.18 -115.70 -70.62
C THR P 134 1.08 -116.49 -70.27
N THR P 135 1.12 -117.79 -70.56
CA THR P 135 2.34 -118.60 -70.37
C THR P 135 3.49 -118.08 -71.23
N LYS P 136 3.19 -117.57 -72.44
CA LYS P 136 4.13 -116.87 -73.30
C LYS P 136 4.67 -115.59 -72.65
N GLY P 137 3.78 -114.75 -72.07
CA GLY P 137 4.15 -113.61 -71.23
C GLY P 137 5.03 -113.95 -70.04
N GLU P 138 4.65 -114.97 -69.25
CA GLU P 138 5.43 -115.50 -68.15
C GLU P 138 6.81 -116.02 -68.56
N ASN P 139 6.88 -116.79 -69.66
CA ASN P 139 8.10 -117.31 -70.24
C ASN P 139 9.04 -116.22 -70.66
N ALA P 140 8.54 -115.15 -71.32
CA ALA P 140 9.33 -114.02 -71.71
C ALA P 140 9.92 -113.27 -70.52
N ILE P 141 9.10 -112.97 -69.49
CA ILE P 141 9.55 -112.41 -68.23
C ILE P 141 10.58 -113.28 -67.50
N ASN P 142 10.37 -114.61 -67.43
CA ASN P 142 11.32 -115.56 -66.88
C ASN P 142 12.61 -115.63 -67.66
N ASN P 143 12.55 -115.60 -69.01
CA ASN P 143 13.71 -115.55 -69.88
C ASN P 143 14.51 -114.28 -69.62
N PHE P 144 13.84 -113.12 -69.57
CA PHE P 144 14.46 -111.87 -69.21
C PHE P 144 15.07 -111.89 -67.81
N ALA P 145 14.37 -112.46 -66.82
CA ALA P 145 14.86 -112.66 -65.47
C ALA P 145 16.12 -113.50 -65.42
N ARG P 146 16.17 -114.64 -66.15
CA ARG P 146 17.37 -115.45 -66.32
C ARG P 146 18.51 -114.68 -66.99
N TYR P 147 18.23 -113.91 -68.06
CA TYR P 147 19.21 -113.09 -68.74
C TYR P 147 19.87 -112.04 -67.84
N ILE P 148 19.06 -111.28 -67.09
CA ILE P 148 19.51 -110.37 -66.04
C ILE P 148 20.28 -111.06 -64.93
N ASN P 149 19.79 -112.21 -64.44
CA ASN P 149 20.46 -113.04 -63.45
C ASN P 149 21.85 -113.48 -63.94
N LYS P 150 21.96 -113.90 -65.21
CA LYS P 150 23.22 -114.16 -65.88
C LYS P 150 24.12 -112.92 -65.96
N LYS P 151 23.58 -111.75 -66.34
CA LYS P 151 24.31 -110.49 -66.36
C LYS P 151 24.86 -110.05 -65.01
N VAL P 152 24.08 -110.10 -63.91
CA VAL P 152 24.61 -109.86 -62.58
C VAL P 152 25.70 -110.85 -62.17
N TYR P 153 25.50 -112.16 -62.43
CA TYR P 153 26.51 -113.18 -62.22
C TYR P 153 27.82 -112.98 -63.02
N ASN P 154 27.74 -112.63 -64.32
CA ASN P 154 28.89 -112.33 -65.14
C ASN P 154 28.59 -111.16 -66.13
N ILE Q 1 -39.69 -92.98 49.97
CA ILE Q 1 -38.76 -91.83 49.71
C ILE Q 1 -37.30 -92.24 49.75
N TYR Q 2 -36.42 -91.59 48.96
CA TYR Q 2 -35.00 -91.89 48.98
C TYR Q 2 -34.35 -91.62 50.32
N ILE Q 3 -33.44 -92.52 50.74
CA ILE Q 3 -32.64 -92.37 51.93
C ILE Q 3 -31.19 -92.21 51.48
N PRO Q 4 -30.56 -91.05 51.53
CA PRO Q 4 -29.14 -90.91 51.27
C PRO Q 4 -28.30 -91.48 52.41
N ARG Q 5 -26.98 -91.64 52.19
CA ARG Q 5 -26.08 -92.18 53.19
C ARG Q 5 -24.82 -91.34 53.26
N LYS Q 6 -24.04 -91.49 54.34
CA LYS Q 6 -22.92 -90.63 54.64
C LYS Q 6 -21.60 -91.36 54.60
N CYS Q 7 -20.53 -90.61 54.29
CA CYS Q 7 -19.16 -91.06 54.41
C CYS Q 7 -18.80 -91.40 55.84
N SER Q 8 -18.19 -92.58 56.03
CA SER Q 8 -17.72 -93.04 57.32
C SER Q 8 -16.61 -92.16 57.85
N ALA Q 9 -15.67 -91.78 56.96
CA ALA Q 9 -14.52 -90.98 57.33
C ALA Q 9 -14.84 -89.54 57.73
N THR Q 10 -15.67 -88.82 56.96
CA THR Q 10 -15.78 -87.37 57.07
C THR Q 10 -17.08 -86.91 57.66
N SER Q 11 -18.03 -87.84 57.87
CA SER Q 11 -19.43 -87.58 58.19
C SER Q 11 -20.23 -87.05 57.01
N ARG Q 12 -19.60 -86.69 55.88
CA ARG Q 12 -20.28 -86.00 54.79
C ARG Q 12 -21.34 -86.83 54.07
N LEU Q 13 -22.51 -86.25 53.80
CA LEU Q 13 -23.54 -86.87 53.01
C LEU Q 13 -23.12 -87.14 51.57
N ILE Q 14 -23.49 -88.32 51.03
CA ILE Q 14 -23.14 -88.75 49.70
C ILE Q 14 -24.35 -88.55 48.80
N PRO Q 15 -24.32 -87.75 47.74
CA PRO Q 15 -25.46 -87.55 46.85
C PRO Q 15 -25.92 -88.79 46.09
N ALA Q 16 -27.19 -88.78 45.62
CA ALA Q 16 -27.83 -89.88 44.91
C ALA Q 16 -27.20 -90.26 43.58
N LYS Q 17 -26.80 -89.24 42.80
CA LYS Q 17 -26.46 -89.41 41.40
C LYS Q 17 -24.98 -89.15 41.14
N GLU Q 18 -24.16 -89.13 42.22
CA GLU Q 18 -22.76 -88.72 42.15
C GLU Q 18 -21.83 -89.60 41.32
N HIS Q 19 -21.98 -90.93 41.40
CA HIS Q 19 -21.23 -91.90 40.63
C HIS Q 19 -19.71 -91.87 40.78
N GLY Q 20 -19.19 -91.89 42.02
CA GLY Q 20 -17.76 -92.05 42.25
C GLY Q 20 -17.40 -92.57 43.61
N ALA Q 21 -18.18 -92.25 44.65
CA ALA Q 21 -18.06 -92.75 46.01
C ALA Q 21 -18.26 -94.25 46.15
N VAL Q 22 -17.69 -94.87 47.21
CA VAL Q 22 -17.56 -96.32 47.26
C VAL Q 22 -17.87 -96.88 48.64
N GLN Q 23 -18.18 -98.19 48.66
CA GLN Q 23 -18.37 -98.95 49.88
C GLN Q 23 -17.29 -100.02 49.94
N ILE Q 24 -16.39 -99.94 50.92
CA ILE Q 24 -15.26 -100.85 51.06
C ILE Q 24 -15.58 -101.97 52.03
N ASN Q 25 -15.65 -103.21 51.51
CA ASN Q 25 -16.00 -104.38 52.27
C ASN Q 25 -14.74 -105.05 52.86
N VAL Q 26 -14.64 -105.15 54.20
CA VAL Q 26 -13.47 -105.69 54.88
C VAL Q 26 -13.82 -106.99 55.58
N GLY Q 27 -13.22 -108.12 55.16
CA GLY Q 27 -13.52 -109.42 55.76
C GLY Q 27 -12.91 -109.66 57.10
N MET Q 28 -13.73 -110.07 58.09
CA MET Q 28 -13.27 -110.56 59.36
C MET Q 28 -12.57 -111.91 59.24
N VAL Q 29 -11.52 -112.16 60.04
CA VAL Q 29 -10.87 -113.45 60.01
C VAL Q 29 -11.47 -114.42 61.01
N ASP Q 30 -11.32 -115.72 60.69
CA ASP Q 30 -11.56 -116.88 61.51
C ASP Q 30 -10.27 -117.17 62.29
N ALA Q 31 -10.35 -117.96 63.37
CA ALA Q 31 -9.28 -118.24 64.31
C ALA Q 31 -7.98 -118.76 63.68
N ASN Q 32 -8.06 -119.56 62.60
CA ASN Q 32 -6.90 -120.08 61.89
C ASN Q 32 -6.54 -119.21 60.68
N GLY Q 33 -7.11 -117.99 60.58
CA GLY Q 33 -6.80 -117.04 59.51
C GLY Q 33 -7.42 -117.41 58.20
N VAL Q 34 -8.65 -117.93 58.26
CA VAL Q 34 -9.51 -118.25 57.13
C VAL Q 34 -10.56 -117.15 57.10
N TYR Q 35 -11.23 -116.90 55.98
CA TYR Q 35 -12.37 -116.01 55.91
C TYR Q 35 -13.56 -116.45 56.78
N ASN Q 36 -13.79 -115.77 57.92
CA ASN Q 36 -15.06 -115.72 58.63
C ASN Q 36 -16.24 -115.36 57.72
N GLY Q 37 -17.48 -115.68 58.12
CA GLY Q 37 -18.69 -115.20 57.45
C GLY Q 37 -18.84 -113.69 57.40
N LYS Q 38 -18.50 -112.99 58.50
CA LYS Q 38 -18.79 -111.57 58.63
C LYS Q 38 -17.80 -110.64 57.95
N THR Q 39 -18.33 -109.48 57.51
CA THR Q 39 -17.64 -108.46 56.74
C THR Q 39 -18.05 -107.11 57.28
N GLU Q 40 -17.09 -106.24 57.64
CA GLU Q 40 -17.38 -104.86 58.00
C GLU Q 40 -17.27 -103.95 56.79
N THR Q 41 -18.28 -103.09 56.58
CA THR Q 41 -18.37 -102.24 55.38
C THR Q 41 -18.30 -100.78 55.77
N PHE Q 42 -17.56 -99.96 55.01
CA PHE Q 42 -17.32 -98.57 55.31
C PHE Q 42 -17.51 -97.76 54.05
N ALA Q 43 -17.98 -96.52 54.16
CA ALA Q 43 -18.34 -95.70 53.02
C ALA Q 43 -17.36 -94.54 52.84
N ILE Q 44 -16.75 -94.45 51.64
CA ILE Q 44 -15.75 -93.43 51.34
C ILE Q 44 -16.26 -92.50 50.26
N SER Q 45 -16.38 -91.20 50.57
CA SER Q 45 -16.70 -90.14 49.63
C SER Q 45 -15.63 -89.91 48.58
N GLY Q 46 -16.07 -89.51 47.36
CA GLY Q 46 -15.18 -89.21 46.24
C GLY Q 46 -14.15 -88.15 46.49
N HIS Q 47 -14.47 -87.11 47.28
CA HIS Q 47 -13.58 -85.99 47.53
C HIS Q 47 -12.29 -86.41 48.22
N VAL Q 48 -12.39 -87.29 49.24
CA VAL Q 48 -11.26 -87.81 49.97
C VAL Q 48 -10.36 -88.66 49.08
N ARG Q 49 -10.96 -89.46 48.19
CA ARG Q 49 -10.26 -90.24 47.20
C ARG Q 49 -9.54 -89.38 46.17
N GLN Q 50 -10.18 -88.32 45.67
CA GLN Q 50 -9.54 -87.35 44.79
C GLN Q 50 -8.38 -86.64 45.46
N ASN Q 51 -8.52 -86.26 46.75
CA ASN Q 51 -7.43 -85.73 47.55
C ASN Q 51 -6.28 -86.73 47.70
N GLY Q 52 -6.62 -88.02 47.91
CA GLY Q 52 -5.64 -89.07 48.19
C GLY Q 52 -5.40 -89.25 49.65
N GLU Q 53 -6.34 -88.78 50.49
CA GLU Q 53 -6.29 -88.98 51.94
C GLU Q 53 -7.03 -90.24 52.33
N SER Q 54 -7.56 -91.02 51.36
CA SER Q 54 -8.39 -92.18 51.64
C SER Q 54 -7.66 -93.25 52.42
N ASP Q 55 -6.42 -93.59 52.03
CA ASP Q 55 -5.59 -94.53 52.75
C ASP Q 55 -5.32 -94.10 54.19
N ALA Q 56 -4.93 -92.84 54.42
CA ALA Q 56 -4.75 -92.30 55.75
C ALA Q 56 -6.01 -92.32 56.63
N CYS Q 57 -7.15 -91.88 56.09
CA CYS Q 57 -8.43 -91.91 56.78
C CYS Q 57 -8.90 -93.31 57.08
N LEU Q 58 -8.80 -94.23 56.10
CA LEU Q 58 -9.06 -95.63 56.28
C LEU Q 58 -8.21 -96.25 57.39
N ASN Q 59 -6.89 -95.97 57.41
CA ASN Q 59 -5.99 -96.44 58.46
C ASN Q 59 -6.42 -95.97 59.83
N ARG Q 60 -6.79 -94.69 59.96
CA ARG Q 60 -7.31 -94.12 61.19
C ARG Q 60 -8.63 -94.79 61.62
N LEU Q 61 -9.54 -95.03 60.65
CA LEU Q 61 -10.77 -95.73 60.88
C LEU Q 61 -10.59 -97.20 61.28
N MET Q 62 -9.67 -97.92 60.62
CA MET Q 62 -9.31 -99.28 60.94
C MET Q 62 -8.72 -99.42 62.33
N TYR Q 63 -7.86 -98.48 62.75
CA TYR Q 63 -7.34 -98.40 64.10
C TYR Q 63 -8.43 -98.24 65.14
N GLU Q 64 -9.38 -97.32 64.91
CA GLU Q 64 -10.56 -97.19 65.75
C GLU Q 64 -11.40 -98.47 65.83
N LYS Q 65 -11.59 -99.18 64.71
CA LYS Q 65 -12.31 -100.44 64.62
C LYS Q 65 -11.55 -101.68 65.09
N LYS Q 66 -10.24 -101.54 65.35
CA LYS Q 66 -9.31 -102.62 65.66
C LYS Q 66 -9.13 -103.62 64.53
N LEU Q 67 -9.01 -103.10 63.30
CA LEU Q 67 -8.80 -103.89 62.10
C LEU Q 67 -7.40 -103.68 61.53
N LEU Q 68 -6.69 -102.66 62.02
CA LEU Q 68 -5.27 -102.44 61.83
C LEU Q 68 -4.73 -101.96 63.15
N SER Q 69 -3.44 -102.21 63.41
CA SER Q 69 -2.81 -101.87 64.67
C SER Q 69 -1.84 -100.72 64.52
N PHE Q 70 -1.41 -100.39 63.28
CA PHE Q 70 -0.29 -99.48 63.11
C PHE Q 70 -0.69 -98.01 62.96
N GLN Q 71 -2.01 -97.72 62.92
CA GLN Q 71 -2.60 -96.41 63.12
C GLN Q 71 -2.56 -95.47 61.92
N ASN Q 72 -1.35 -95.13 61.44
CA ASN Q 72 -1.12 -94.05 60.51
C ASN Q 72 -0.51 -94.57 59.18
N ASP R 1 -106.04 -55.41 49.98
CA ASP R 1 -106.28 -56.70 50.73
C ASP R 1 -106.20 -56.50 52.24
N GLN R 2 -105.76 -57.52 53.02
CA GLN R 2 -105.65 -57.46 54.45
C GLN R 2 -104.57 -56.49 54.96
N PHE R 3 -103.36 -56.60 54.38
CA PHE R 3 -102.14 -55.93 54.83
C PHE R 3 -101.64 -56.41 56.19
N THR R 4 -100.35 -56.79 56.31
CA THR R 4 -99.78 -56.91 57.65
C THR R 4 -98.92 -55.70 57.86
N ILE R 5 -99.12 -54.97 58.97
CA ILE R 5 -98.25 -53.88 59.36
C ILE R 5 -97.37 -54.31 60.52
N ARG R 6 -96.06 -54.44 60.28
CA ARG R 6 -95.13 -54.67 61.35
C ARG R 6 -94.66 -53.32 61.83
N VAL R 7 -94.48 -53.18 63.15
CA VAL R 7 -94.20 -51.89 63.72
C VAL R 7 -92.96 -52.10 64.52
N LYS R 8 -91.85 -51.66 63.93
CA LYS R 8 -90.51 -51.78 64.42
C LYS R 8 -90.08 -50.51 65.10
N LYS R 9 -89.10 -50.59 66.01
CA LYS R 9 -88.55 -49.51 66.84
C LYS R 9 -89.57 -48.42 67.21
N TYR R 10 -90.52 -48.82 68.07
CA TYR R 10 -91.62 -48.01 68.52
C TYR R 10 -91.23 -47.28 69.81
N MET R 11 -91.55 -45.98 69.89
CA MET R 11 -91.23 -45.14 71.01
C MET R 11 -92.32 -44.10 71.24
N SER R 12 -92.89 -44.09 72.45
CA SER R 12 -93.86 -43.09 72.88
C SER R 12 -93.12 -41.85 73.37
N ASN R 13 -93.38 -40.67 72.76
CA ASN R 13 -92.63 -39.43 72.91
C ASN R 13 -93.46 -38.36 73.62
N PRO R 14 -93.28 -38.08 74.92
CA PRO R 14 -94.07 -37.07 75.61
C PRO R 14 -93.76 -35.67 75.15
N LEU R 15 -92.49 -35.43 74.80
CA LEU R 15 -91.95 -34.12 74.53
C LEU R 15 -92.55 -33.47 73.30
N LEU R 16 -92.73 -34.28 72.23
CA LEU R 16 -93.29 -33.83 70.97
C LEU R 16 -94.74 -34.29 70.78
N ARG R 17 -95.31 -34.96 71.81
CA ARG R 17 -96.70 -35.41 71.84
C ARG R 17 -97.01 -36.42 70.73
N ARG R 18 -96.15 -37.44 70.55
CA ARG R 18 -96.27 -38.38 69.45
C ARG R 18 -95.89 -39.81 69.83
N LYS R 19 -96.32 -40.78 69.02
CA LYS R 19 -95.71 -42.08 68.92
C LYS R 19 -94.93 -42.13 67.62
N GLN R 20 -93.63 -42.50 67.67
CA GLN R 20 -92.80 -42.65 66.48
C GLN R 20 -92.37 -44.10 66.30
N PHE R 21 -92.19 -44.54 65.04
CA PHE R 21 -91.94 -45.94 64.72
C PHE R 21 -91.50 -46.15 63.27
N ALA R 22 -90.78 -47.25 63.04
CA ALA R 22 -90.55 -47.78 61.71
C ALA R 22 -91.69 -48.72 61.31
N LEU R 23 -92.12 -48.67 60.05
CA LEU R 23 -93.31 -49.37 59.61
C LEU R 23 -93.02 -50.23 58.40
N GLU R 24 -93.11 -51.57 58.56
CA GLU R 24 -92.94 -52.52 57.47
C GLU R 24 -94.26 -53.15 57.07
N ILE R 25 -94.79 -52.73 55.92
CA ILE R 25 -96.05 -53.17 55.40
C ILE R 25 -95.85 -54.38 54.49
N LEU R 26 -96.34 -55.56 54.89
CA LEU R 26 -96.37 -56.73 54.02
C LEU R 26 -97.62 -56.74 53.13
N HIS R 27 -97.48 -57.23 51.89
CA HIS R 27 -98.57 -57.35 50.93
C HIS R 27 -98.19 -58.32 49.82
N PRO R 28 -97.84 -59.57 50.15
CA PRO R 28 -97.27 -60.52 49.19
C PRO R 28 -98.11 -60.75 47.95
N ASN R 29 -97.48 -60.58 46.77
CA ASN R 29 -98.08 -60.78 45.45
C ASN R 29 -99.05 -59.69 45.06
N LYS R 30 -99.10 -58.60 45.84
CA LYS R 30 -99.93 -57.45 45.58
C LYS R 30 -99.02 -56.23 45.48
N GLY R 31 -99.37 -55.28 44.61
CA GLY R 31 -98.55 -54.10 44.34
C GLY R 31 -98.39 -53.10 45.45
N SER R 32 -97.59 -52.07 45.15
CA SER R 32 -97.40 -50.81 45.87
C SER R 32 -98.62 -50.31 46.66
N VAL R 33 -98.40 -49.98 47.95
CA VAL R 33 -99.47 -49.63 48.86
C VAL R 33 -99.53 -48.13 49.13
N ALA R 34 -100.68 -47.49 48.81
CA ALA R 34 -100.90 -46.09 49.08
C ALA R 34 -100.98 -45.73 50.56
N LYS R 35 -100.41 -44.58 50.93
CA LYS R 35 -100.30 -44.10 52.31
C LYS R 35 -101.64 -43.83 52.95
N LYS R 36 -102.61 -43.36 52.16
CA LYS R 36 -103.93 -43.00 52.62
C LYS R 36 -104.67 -44.19 53.25
N GLU R 37 -104.57 -45.36 52.60
CA GLU R 37 -105.00 -46.65 53.13
C GLU R 37 -104.32 -47.01 54.45
N VAL R 38 -102.98 -46.88 54.49
CA VAL R 38 -102.15 -47.15 55.64
C VAL R 38 -102.55 -46.32 56.86
N LYS R 39 -102.80 -45.01 56.67
CA LYS R 39 -103.27 -44.12 57.71
C LYS R 39 -104.59 -44.58 58.32
N GLU R 40 -105.59 -44.95 57.49
CA GLU R 40 -106.82 -45.54 57.97
C GLU R 40 -106.61 -46.83 58.77
N ARG R 41 -105.74 -47.73 58.27
CA ARG R 41 -105.37 -48.94 58.99
C ARG R 41 -104.66 -48.69 60.31
N LEU R 42 -103.66 -47.79 60.36
CA LEU R 42 -102.98 -47.40 61.58
C LEU R 42 -103.89 -46.74 62.60
N ALA R 43 -104.81 -45.86 62.16
CA ALA R 43 -105.78 -45.23 63.01
C ALA R 43 -106.71 -46.23 63.70
N LYS R 44 -107.22 -47.21 62.94
CA LYS R 44 -107.90 -48.36 63.51
C LYS R 44 -107.06 -49.24 64.43
N MET R 45 -105.80 -49.52 64.04
CA MET R 45 -104.84 -50.28 64.82
C MET R 45 -104.56 -49.69 66.20
N TYR R 46 -104.39 -48.36 66.30
CA TYR R 46 -103.89 -47.72 67.50
C TYR R 46 -104.97 -46.85 68.15
N LYS R 47 -106.24 -47.09 67.77
CA LYS R 47 -107.42 -46.65 68.49
C LYS R 47 -107.68 -45.14 68.48
N LEU R 48 -107.71 -44.52 67.29
CA LEU R 48 -107.99 -43.11 67.15
C LEU R 48 -108.80 -42.86 65.88
N ASN R 49 -109.76 -41.90 65.90
CA ASN R 49 -110.59 -41.58 64.75
C ASN R 49 -109.79 -40.93 63.61
N ASN R 50 -108.94 -39.95 63.95
CA ASN R 50 -108.21 -39.13 62.99
C ASN R 50 -107.21 -39.90 62.11
N VAL R 51 -107.16 -39.57 60.80
CA VAL R 51 -106.19 -40.13 59.86
C VAL R 51 -105.14 -39.11 59.46
N ASN R 52 -105.25 -37.86 59.98
CA ASN R 52 -104.39 -36.76 59.58
C ASN R 52 -103.46 -36.32 60.71
N THR R 53 -103.50 -37.00 61.87
CA THR R 53 -102.51 -36.82 62.94
C THR R 53 -101.40 -37.83 62.76
N ILE R 54 -101.50 -38.63 61.69
CA ILE R 54 -100.56 -39.66 61.34
C ILE R 54 -99.79 -39.14 60.14
N VAL R 55 -98.45 -39.18 60.19
CA VAL R 55 -97.60 -38.69 59.14
C VAL R 55 -96.78 -39.88 58.69
N LEU R 56 -96.66 -40.05 57.36
CA LEU R 56 -95.97 -41.16 56.75
C LEU R 56 -95.03 -40.65 55.66
N PHE R 57 -93.82 -41.22 55.55
CA PHE R 57 -92.87 -40.82 54.54
C PHE R 57 -91.79 -41.89 54.41
N GLY R 58 -91.01 -41.84 53.31
CA GLY R 58 -89.93 -42.78 53.06
C GLY R 58 -90.37 -44.19 52.82
N PHE R 59 -91.60 -44.41 52.33
CA PHE R 59 -92.12 -45.74 52.07
C PHE R 59 -91.67 -46.22 50.71
N LYS R 60 -90.69 -47.14 50.69
CA LYS R 60 -90.19 -47.73 49.48
C LYS R 60 -90.50 -49.21 49.43
N THR R 61 -90.93 -49.64 48.25
CA THR R 61 -91.67 -50.85 48.00
C THR R 61 -90.79 -52.03 47.69
N LEU R 62 -89.45 -51.83 47.70
CA LEU R 62 -88.43 -52.84 47.69
C LEU R 62 -88.35 -53.72 46.43
N PHE R 63 -87.16 -54.25 46.12
CA PHE R 63 -86.98 -55.05 44.93
C PHE R 63 -87.84 -56.30 44.90
N GLY R 64 -88.62 -56.49 43.81
CA GLY R 64 -89.55 -57.60 43.64
C GLY R 64 -90.87 -57.43 44.35
N GLY R 65 -91.10 -56.30 45.04
CA GLY R 65 -92.35 -55.97 45.73
C GLY R 65 -92.81 -56.90 46.84
N GLY R 66 -94.06 -56.69 47.29
CA GLY R 66 -94.76 -57.53 48.28
C GLY R 66 -94.43 -57.23 49.72
N ARG R 67 -93.51 -56.31 49.96
CA ARG R 67 -93.21 -55.77 51.27
C ARG R 67 -92.70 -54.35 51.08
N THR R 68 -93.03 -53.42 51.99
CA THR R 68 -92.73 -52.01 51.83
C THR R 68 -92.25 -51.49 53.15
N LYS R 69 -91.03 -50.93 53.21
CA LYS R 69 -90.51 -50.34 54.43
C LYS R 69 -90.59 -48.82 54.38
N GLY R 70 -91.17 -48.18 55.41
CA GLY R 70 -91.12 -46.73 55.59
C GLY R 70 -90.99 -46.31 57.02
N PHE R 71 -91.30 -45.03 57.30
CA PHE R 71 -91.21 -44.46 58.62
C PHE R 71 -92.47 -43.66 58.94
N GLY R 72 -93.02 -43.83 60.18
CA GLY R 72 -94.26 -43.20 60.59
C GLY R 72 -94.19 -42.43 61.88
N LEU R 73 -95.09 -41.44 62.02
CA LEU R 73 -95.25 -40.62 63.20
C LEU R 73 -96.75 -40.52 63.47
N ILE R 74 -97.20 -40.64 64.73
CA ILE R 74 -98.60 -40.46 65.06
C ILE R 74 -98.64 -39.47 66.20
N TYR R 75 -99.22 -38.29 65.97
CA TYR R 75 -99.35 -37.27 66.99
C TYR R 75 -100.61 -37.48 67.81
N LYS R 76 -100.58 -37.00 69.06
CA LYS R 76 -101.61 -37.19 70.07
C LYS R 76 -102.97 -36.69 69.65
N ASN R 77 -102.98 -35.52 68.99
CA ASN R 77 -104.16 -34.83 68.55
C ASN R 77 -103.73 -33.86 67.48
N VAL R 78 -104.69 -33.19 66.83
CA VAL R 78 -104.43 -32.12 65.87
C VAL R 78 -103.65 -30.96 66.48
N ASP R 79 -103.88 -30.64 67.78
CA ASP R 79 -103.21 -29.58 68.51
C ASP R 79 -101.69 -29.79 68.56
N ALA R 80 -101.25 -31.03 68.82
CA ALA R 80 -99.88 -31.48 68.69
C ALA R 80 -99.28 -31.29 67.30
N VAL R 81 -100.04 -31.61 66.23
CA VAL R 81 -99.61 -31.40 64.85
C VAL R 81 -99.39 -29.91 64.52
N LYS R 82 -100.32 -29.03 64.92
CA LYS R 82 -100.21 -27.61 64.69
C LYS R 82 -99.07 -26.96 65.45
N LYS R 83 -98.96 -27.26 66.76
CA LYS R 83 -97.86 -26.82 67.59
C LYS R 83 -96.47 -27.30 67.18
N PHE R 84 -96.27 -28.62 66.97
CA PHE R 84 -94.94 -29.20 66.88
C PHE R 84 -94.70 -30.05 65.62
N GLU R 85 -95.20 -29.59 64.47
CA GLU R 85 -94.83 -30.12 63.16
C GLU R 85 -94.47 -28.93 62.29
N LYS R 86 -93.73 -29.14 61.19
CA LYS R 86 -93.23 -28.07 60.35
C LYS R 86 -93.63 -28.25 58.89
N LYS R 87 -93.38 -27.19 58.09
CA LYS R 87 -94.17 -26.88 56.92
C LYS R 87 -94.15 -27.88 55.78
N TYR R 88 -92.98 -28.46 55.44
CA TYR R 88 -92.87 -29.38 54.33
C TYR R 88 -93.73 -30.65 54.44
N ARG R 89 -93.85 -31.24 55.64
CA ARG R 89 -94.65 -32.42 55.87
C ARG R 89 -96.14 -32.11 55.79
N LEU R 90 -96.56 -30.95 56.30
CA LEU R 90 -97.90 -30.43 56.13
C LEU R 90 -98.23 -30.14 54.65
N VAL R 91 -97.34 -29.47 53.91
CA VAL R 91 -97.43 -29.26 52.48
C VAL R 91 -97.59 -30.56 51.70
N ARG R 92 -96.78 -31.58 52.00
CA ARG R 92 -96.89 -32.92 51.43
C ARG R 92 -98.24 -33.59 51.67
N GLU R 93 -98.78 -33.49 52.91
CA GLU R 93 -100.12 -33.95 53.23
C GLU R 93 -101.21 -33.24 52.43
N GLY R 94 -101.14 -31.90 52.33
CA GLY R 94 -102.04 -31.17 51.46
C GLY R 94 -101.86 -29.67 51.40
N LEU R 95 -101.16 -29.07 52.39
CA LEU R 95 -101.16 -27.62 52.62
C LEU R 95 -100.64 -26.77 51.46
N ILE R 96 -101.26 -25.59 51.22
CA ILE R 96 -101.08 -24.82 50.00
C ILE R 96 -100.36 -23.51 50.29
N ASP R 97 -99.31 -23.22 49.47
CA ASP R 97 -98.55 -21.98 49.41
C ASP R 97 -97.55 -21.77 50.55
N LYS R 98 -96.25 -21.66 50.20
CA LYS R 98 -95.21 -21.19 51.10
C LYS R 98 -95.15 -19.66 50.96
N GLU R 99 -95.75 -18.95 51.93
CA GLU R 99 -96.01 -17.53 51.86
C GLU R 99 -94.78 -16.63 51.83
N THR R 100 -94.88 -15.50 51.11
CA THR R 100 -93.90 -14.41 51.08
C THR R 100 -92.51 -14.79 50.59
N LYS R 101 -92.44 -15.57 49.49
CA LYS R 101 -91.18 -16.08 48.97
C LYS R 101 -90.94 -15.64 47.53
N ALA R 102 -89.79 -14.97 47.27
CA ALA R 102 -89.49 -14.44 45.94
C ALA R 102 -87.99 -14.38 45.65
N GLY R 103 -87.16 -15.06 46.45
CA GLY R 103 -85.70 -15.07 46.31
C GLY R 103 -85.02 -13.72 46.46
N ARG R 104 -84.01 -13.46 45.62
CA ARG R 104 -83.00 -12.45 45.90
C ARG R 104 -83.32 -11.10 45.35
N ARG R 105 -84.48 -10.92 44.70
CA ARG R 105 -84.97 -9.61 44.35
C ARG R 105 -85.31 -8.80 45.60
N ALA R 106 -85.78 -9.49 46.66
CA ALA R 106 -85.88 -8.99 48.01
C ALA R 106 -84.61 -8.34 48.55
N SER R 107 -83.47 -9.06 48.47
CA SER R 107 -82.16 -8.60 48.93
C SER R 107 -81.72 -7.35 48.19
N LYS R 108 -81.96 -7.34 46.87
CA LYS R 108 -81.61 -6.28 45.95
C LYS R 108 -82.30 -4.98 46.29
N GLU R 109 -83.63 -4.99 46.50
CA GLU R 109 -84.33 -3.79 46.89
C GLU R 109 -83.97 -3.32 48.29
N LEU R 110 -83.72 -4.26 49.23
CA LEU R 110 -83.26 -3.94 50.57
C LEU R 110 -81.90 -3.24 50.61
N LYS R 111 -80.89 -3.72 49.85
CA LYS R 111 -79.55 -3.17 49.96
C LYS R 111 -79.41 -1.84 49.21
N ASN R 112 -80.33 -1.56 48.26
CA ASN R 112 -80.55 -0.23 47.73
C ASN R 112 -81.03 0.82 48.75
N ARG R 113 -81.81 0.41 49.78
CA ARG R 113 -82.42 1.34 50.72
C ARG R 113 -81.54 1.61 51.94
N ARG R 114 -81.32 2.91 52.27
CA ARG R 114 -80.71 3.30 53.53
C ARG R 114 -81.34 4.60 54.04
N LYS R 115 -81.83 4.61 55.31
CA LYS R 115 -82.43 5.77 55.95
C LYS R 115 -83.71 6.29 55.28
N LYS R 116 -84.66 5.35 55.06
CA LYS R 116 -86.00 5.60 54.57
C LYS R 116 -86.10 6.42 53.28
N VAL R 117 -85.40 5.98 52.22
CA VAL R 117 -85.58 6.47 50.86
C VAL R 117 -87.02 6.19 50.41
N ARG R 118 -87.46 4.97 50.75
CA ARG R 118 -88.78 4.45 50.53
C ARG R 118 -88.96 3.50 51.69
N GLY R 119 -90.21 3.16 52.08
CA GLY R 119 -90.45 2.23 53.19
C GLY R 119 -90.24 0.78 52.81
N THR R 120 -90.08 0.54 51.50
CA THR R 120 -89.63 -0.73 50.94
C THR R 120 -88.19 -0.50 50.44
N LYS S 1 26.68 -69.45 -56.50
CA LYS S 1 26.18 -68.05 -56.72
C LYS S 1 26.34 -67.53 -58.14
N LEU S 2 27.57 -67.15 -58.56
CA LEU S 2 27.80 -66.58 -59.89
C LEU S 2 28.31 -67.64 -60.87
N ASN S 3 28.45 -68.88 -60.38
CA ASN S 3 28.85 -70.07 -61.10
C ASN S 3 27.93 -70.36 -62.30
N HIS S 4 28.49 -70.48 -63.54
CA HIS S 4 27.62 -70.69 -64.71
C HIS S 4 28.31 -71.15 -66.00
N ALA S 5 29.66 -71.27 -66.05
CA ALA S 5 30.37 -71.53 -67.29
C ALA S 5 30.07 -72.86 -67.96
N VAL S 6 29.88 -72.86 -69.29
CA VAL S 6 29.73 -74.07 -70.08
C VAL S 6 31.10 -74.67 -70.40
N PHE S 7 32.03 -73.81 -70.89
CA PHE S 7 33.42 -74.16 -71.16
C PHE S 7 34.30 -72.92 -70.93
N ILE S 8 35.56 -73.13 -70.49
CA ILE S 8 36.49 -72.04 -70.20
C ILE S 8 37.11 -71.41 -71.48
N VAL S 24 40.45 -83.78 -56.18
CA VAL S 24 39.67 -84.99 -55.69
C VAL S 24 38.18 -84.92 -55.98
N ILE S 25 37.41 -86.01 -55.78
CA ILE S 25 35.99 -86.06 -56.11
C ILE S 25 35.15 -85.64 -54.91
N THR S 26 34.21 -84.68 -55.13
CA THR S 26 33.25 -84.14 -54.15
C THR S 26 32.57 -82.98 -54.87
N PRO S 27 31.24 -82.92 -55.07
CA PRO S 27 30.66 -82.07 -56.11
C PRO S 27 30.64 -80.61 -55.71
N SER S 28 30.38 -80.29 -54.42
CA SER S 28 30.50 -78.94 -53.89
C SER S 28 31.89 -78.36 -54.07
N ALA S 29 32.93 -79.16 -53.76
CA ALA S 29 34.32 -78.82 -53.98
C ALA S 29 34.70 -78.57 -55.44
N ILE S 30 34.24 -79.45 -56.36
CA ILE S 30 34.42 -79.28 -57.81
C ILE S 30 33.77 -78.00 -58.31
N ALA S 31 32.53 -77.73 -57.85
CA ALA S 31 31.77 -76.56 -58.21
C ALA S 31 32.40 -75.25 -57.77
N GLU S 32 32.89 -75.14 -56.51
CA GLU S 32 33.68 -73.99 -56.08
C GLU S 32 35.02 -73.81 -56.81
N LYS S 33 35.86 -74.85 -56.89
CA LYS S 33 37.19 -74.78 -57.45
C LYS S 33 37.27 -74.40 -58.93
N TYR S 34 36.38 -74.98 -59.76
CA TYR S 34 36.41 -74.77 -61.20
C TYR S 34 35.34 -73.76 -61.61
N LYS S 35 34.57 -73.23 -60.63
CA LYS S 35 33.57 -72.19 -60.79
C LYS S 35 32.39 -72.59 -61.69
N VAL S 36 31.82 -73.77 -61.40
CA VAL S 36 30.74 -74.37 -62.17
C VAL S 36 29.63 -74.76 -61.22
N ASN S 37 28.45 -75.12 -61.73
CA ASN S 37 27.35 -75.58 -60.90
C ASN S 37 27.57 -77.01 -60.44
N LEU S 38 26.86 -77.47 -59.40
CA LEU S 38 26.94 -78.84 -58.93
C LEU S 38 26.32 -79.83 -59.92
N SER S 39 25.35 -79.36 -60.73
CA SER S 39 24.84 -80.06 -61.90
C SER S 39 25.91 -80.28 -62.95
N VAL S 40 26.72 -79.24 -63.24
CA VAL S 40 27.91 -79.35 -64.08
C VAL S 40 28.99 -80.21 -63.44
N ALA S 41 29.21 -80.12 -62.11
CA ALA S 41 30.12 -80.97 -61.36
C ALA S 41 29.79 -82.45 -61.46
N ARG S 42 28.51 -82.85 -61.33
CA ARG S 42 28.05 -84.21 -61.53
C ARG S 42 28.37 -84.71 -62.94
N ALA S 43 28.18 -83.86 -63.96
CA ALA S 43 28.64 -84.10 -65.32
C ALA S 43 30.16 -84.30 -65.43
N VAL S 44 30.97 -83.46 -64.75
CA VAL S 44 32.41 -83.61 -64.64
C VAL S 44 32.83 -84.93 -63.98
N ILE S 45 32.16 -85.34 -62.88
CA ILE S 45 32.32 -86.65 -62.25
C ILE S 45 32.04 -87.80 -63.23
N ASN S 46 30.94 -87.73 -64.01
CA ASN S 46 30.61 -88.73 -65.00
C ASN S 46 31.65 -88.82 -66.13
N HIS S 47 32.16 -87.66 -66.61
CA HIS S 47 33.24 -87.57 -67.57
C HIS S 47 34.55 -88.23 -67.10
N LEU S 48 34.94 -88.01 -65.82
CA LEU S 48 36.00 -88.77 -65.15
C LEU S 48 35.72 -90.27 -65.05
N ALA S 49 34.49 -90.65 -64.66
CA ALA S 49 34.03 -92.03 -64.55
C ALA S 49 34.14 -92.85 -65.83
N ASP S 50 33.83 -92.23 -66.99
CA ASP S 50 34.03 -92.82 -68.30
C ASP S 50 35.55 -93.12 -68.59
N SER S 63 19.21 -87.79 -55.58
CA SER S 63 20.07 -88.97 -55.14
C SER S 63 21.31 -88.55 -54.36
N GLN S 64 21.90 -89.47 -53.57
CA GLN S 64 23.09 -89.18 -52.79
C GLN S 64 24.22 -90.15 -53.15
N LYS S 65 24.14 -90.79 -54.34
CA LYS S 65 25.02 -91.87 -54.76
C LYS S 65 26.52 -91.64 -54.60
N LEU S 66 27.22 -92.65 -54.04
CA LEU S 66 28.65 -92.63 -53.78
C LEU S 66 29.57 -92.47 -55.00
N TYR S 67 30.68 -91.74 -54.81
CA TYR S 67 31.74 -91.59 -55.80
C TYR S 67 33.10 -92.02 -55.22
N THR S 68 33.08 -92.70 -54.06
CA THR S 68 34.27 -93.20 -53.36
C THR S 68 34.59 -94.66 -53.77
N LYS T 1 5.08 -115.98 59.92
CA LYS T 1 5.38 -114.54 60.20
C LYS T 1 6.81 -114.13 59.88
N GLU T 2 7.79 -114.37 60.77
CA GLU T 2 9.12 -113.77 60.64
C GLU T 2 9.91 -114.27 59.44
N GLU T 3 9.79 -115.55 59.06
CA GLU T 3 10.35 -116.09 57.82
C GLU T 3 9.88 -115.36 56.55
N SER T 4 8.57 -115.05 56.45
CA SER T 4 7.96 -114.24 55.41
C SER T 4 8.48 -112.82 55.39
N ILE T 5 8.60 -112.20 56.59
CA ILE T 5 9.15 -110.87 56.78
C ILE T 5 10.60 -110.81 56.31
N ALA T 6 11.40 -111.83 56.68
CA ALA T 6 12.78 -111.99 56.29
C ALA T 6 12.95 -112.12 54.78
N LYS T 7 12.10 -112.91 54.11
CA LYS T 7 12.09 -113.03 52.66
C LYS T 7 11.83 -111.69 51.96
N MET T 8 10.85 -110.90 52.45
CA MET T 8 10.67 -109.53 52.03
C MET T 8 11.89 -108.65 52.28
N LEU T 9 12.49 -108.72 53.48
CA LEU T 9 13.70 -107.99 53.85
C LEU T 9 14.92 -108.26 52.97
N ILE T 10 15.24 -109.53 52.65
CA ILE T 10 16.29 -109.85 51.69
C ILE T 10 16.00 -109.36 50.26
N CYS T 11 14.76 -109.58 49.76
CA CYS T 11 14.24 -108.95 48.54
C CYS T 11 14.39 -107.42 48.47
N LYS T 12 14.20 -106.81 47.29
CA LYS T 12 14.53 -105.41 47.05
C LYS T 12 13.34 -104.48 47.29
N VAL T 13 12.24 -105.00 47.87
CA VAL T 13 10.94 -104.36 48.00
C VAL T 13 10.92 -103.03 48.75
N HIS T 14 11.77 -102.87 49.77
CA HIS T 14 11.75 -101.78 50.72
C HIS T 14 12.65 -100.62 50.32
N ILE T 15 13.28 -100.68 49.14
CA ILE T 15 14.19 -99.62 48.72
C ILE T 15 13.41 -98.50 48.04
N GLY T 16 12.97 -97.51 48.84
CA GLY T 16 12.52 -96.20 48.41
C GLY T 16 13.61 -95.34 47.83
N THR T 17 13.26 -94.35 47.00
CA THR T 17 14.25 -93.48 46.39
C THR T 17 13.75 -92.06 46.49
N LYS T 18 14.62 -91.07 46.22
CA LYS T 18 14.28 -89.67 46.07
C LYS T 18 13.07 -89.38 45.17
N ASN T 19 12.47 -88.19 45.32
CA ASN T 19 11.19 -87.82 44.72
C ASN T 19 10.03 -88.64 45.28
N LEU T 20 9.94 -88.71 46.63
CA LEU T 20 8.92 -89.50 47.31
C LEU T 20 7.72 -88.67 47.74
N GLU T 21 6.50 -89.10 47.40
CA GLU T 21 5.29 -88.38 47.68
C GLU T 21 4.96 -88.10 49.16
N ASN T 22 4.50 -86.86 49.45
CA ASN T 22 4.08 -86.35 50.75
C ASN T 22 3.26 -87.31 51.61
N LYS T 23 2.16 -87.83 51.05
CA LYS T 23 1.27 -88.79 51.67
C LYS T 23 1.95 -90.03 52.22
N MET T 24 2.99 -90.53 51.53
CA MET T 24 3.63 -91.81 51.75
C MET T 24 4.66 -91.80 52.88
N LYS T 25 4.95 -90.63 53.47
CA LYS T 25 6.02 -90.50 54.44
C LYS T 25 5.74 -91.18 55.76
N ARG T 26 4.46 -91.46 56.05
CA ARG T 26 4.03 -92.27 57.19
C ARG T 26 4.33 -93.76 57.01
N TYR T 27 4.74 -94.19 55.81
CA TYR T 27 5.21 -95.54 55.56
C TYR T 27 6.72 -95.58 55.36
N VAL T 28 7.35 -94.43 55.05
CA VAL T 28 8.80 -94.33 55.03
C VAL T 28 9.34 -94.37 56.45
N TYR T 29 10.49 -95.02 56.66
CA TYR T 29 11.12 -95.11 57.95
C TYR T 29 12.11 -93.98 58.18
N THR T 30 13.07 -93.79 57.25
CA THR T 30 14.06 -92.73 57.37
C THR T 30 14.62 -92.30 56.01
N ARG T 31 15.01 -91.02 55.86
CA ARG T 31 15.88 -90.58 54.79
C ARG T 31 17.32 -91.02 55.00
N ALA T 32 17.85 -91.85 54.10
CA ALA T 32 19.27 -92.10 53.99
C ALA T 32 20.02 -90.88 53.44
N LYS T 33 21.22 -90.60 53.96
CA LYS T 33 22.06 -89.50 53.50
C LYS T 33 22.59 -89.72 52.08
N ASP T 34 22.45 -90.96 51.58
CA ASP T 34 22.84 -91.37 50.25
C ASP T 34 21.72 -91.14 49.22
N GLY T 35 20.62 -90.45 49.61
CA GLY T 35 19.60 -90.00 48.67
C GLY T 35 18.52 -91.01 48.37
N VAL T 36 18.31 -91.95 49.30
CA VAL T 36 17.33 -93.01 49.16
C VAL T 36 16.50 -93.08 50.43
N HIS T 37 15.29 -93.61 50.33
CA HIS T 37 14.35 -93.65 51.43
C HIS T 37 14.17 -95.07 51.91
N ILE T 38 14.34 -95.34 53.20
CA ILE T 38 14.09 -96.68 53.70
C ILE T 38 12.61 -96.79 53.99
N ILE T 39 11.97 -97.93 53.67
CA ILE T 39 10.54 -98.12 53.90
C ILE T 39 10.43 -99.10 55.07
N ASN T 40 9.48 -98.87 55.99
CA ASN T 40 9.33 -99.64 57.22
C ASN T 40 9.04 -101.13 56.98
N LEU T 41 8.14 -101.43 56.02
CA LEU T 41 7.86 -102.77 55.51
C LEU T 41 6.98 -103.61 56.44
N ALA T 42 7.10 -103.42 57.76
CA ALA T 42 6.31 -104.07 58.77
C ALA T 42 4.85 -103.66 58.67
N LYS T 43 4.58 -102.34 58.54
CA LYS T 43 3.26 -101.86 58.20
C LYS T 43 2.78 -102.39 56.85
N THR T 44 3.68 -102.48 55.84
CA THR T 44 3.37 -103.03 54.53
C THR T 44 2.82 -104.44 54.58
N TYR T 45 3.47 -105.32 55.35
CA TYR T 45 3.03 -106.68 55.58
C TYR T 45 1.63 -106.78 56.18
N GLU T 46 1.35 -106.04 57.28
CA GLU T 46 0.03 -105.99 57.87
C GLU T 46 -1.04 -105.40 56.95
N LYS T 47 -0.69 -104.32 56.22
CA LYS T 47 -1.50 -103.74 55.19
C LYS T 47 -1.81 -104.67 54.02
N LEU T 48 -0.82 -105.41 53.52
CA LEU T 48 -1.00 -106.48 52.55
C LEU T 48 -2.00 -107.54 52.98
N GLN T 49 -1.93 -107.99 54.25
CA GLN T 49 -2.96 -108.79 54.89
C GLN T 49 -4.35 -108.15 54.90
N LEU T 50 -4.47 -106.84 55.22
CA LEU T 50 -5.73 -106.11 55.05
C LEU T 50 -6.27 -106.15 53.62
N ALA T 51 -5.40 -105.96 52.61
CA ALA T 51 -5.76 -106.08 51.22
C ALA T 51 -6.28 -107.48 50.88
N ALA T 52 -5.57 -108.52 51.34
CA ALA T 52 -6.06 -109.89 51.30
C ALA T 52 -7.44 -110.10 51.94
N ARG T 53 -7.67 -109.53 53.14
CA ARG T 53 -8.96 -109.51 53.82
C ARG T 53 -10.10 -108.88 53.01
N ILE T 54 -9.86 -107.75 52.32
CA ILE T 54 -10.85 -107.18 51.43
C ILE T 54 -11.09 -108.05 50.19
N ILE T 55 -10.03 -108.62 49.58
CA ILE T 55 -10.12 -109.48 48.41
C ILE T 55 -10.88 -110.77 48.70
N VAL T 56 -10.58 -111.44 49.83
CA VAL T 56 -11.25 -112.65 50.23
C VAL T 56 -12.75 -112.46 50.44
N ALA T 57 -13.17 -111.38 51.11
CA ALA T 57 -14.56 -111.06 51.29
C ALA T 57 -15.41 -110.84 50.02
N ILE T 58 -14.83 -110.90 48.81
CA ILE T 58 -15.55 -110.79 47.56
C ILE T 58 -16.08 -112.14 47.13
N SER T 59 -17.40 -112.20 46.84
CA SER T 59 -18.09 -113.43 46.48
C SER T 59 -17.56 -114.13 45.24
N ASN T 60 -17.24 -113.40 44.15
CA ASN T 60 -16.61 -113.99 42.98
C ASN T 60 -15.25 -113.34 42.75
N PRO T 61 -14.16 -114.04 43.03
CA PRO T 61 -12.81 -113.60 42.69
C PRO T 61 -12.58 -113.39 41.21
N ALA T 62 -13.35 -114.05 40.33
CA ALA T 62 -13.18 -113.88 38.90
C ALA T 62 -13.75 -112.55 38.38
N ASP T 63 -14.39 -111.75 39.25
CA ASP T 63 -14.75 -110.36 38.99
C ASP T 63 -13.72 -109.36 39.52
N VAL T 64 -12.58 -109.84 40.04
CA VAL T 64 -11.50 -109.02 40.56
C VAL T 64 -10.35 -109.04 39.57
N VAL T 65 -9.99 -107.86 39.06
CA VAL T 65 -9.11 -107.67 37.94
C VAL T 65 -7.76 -107.10 38.38
N VAL T 66 -6.65 -107.67 37.90
CA VAL T 66 -5.30 -107.19 38.16
C VAL T 66 -4.80 -106.42 36.93
N VAL T 67 -3.96 -105.37 37.08
CA VAL T 67 -3.49 -104.58 35.94
C VAL T 67 -2.01 -104.23 36.07
N SER T 68 -1.27 -104.37 34.95
CA SER T 68 0.07 -103.83 34.83
C SER T 68 0.39 -103.36 33.43
N ALA T 69 0.76 -102.08 33.25
CA ALA T 69 1.35 -101.63 32.01
C ALA T 69 2.73 -102.24 31.71
N ARG T 70 3.58 -102.40 32.75
CA ARG T 70 4.99 -102.75 32.63
C ARG T 70 5.27 -104.10 31.94
N PRO T 71 6.14 -104.18 30.91
CA PRO T 71 6.63 -105.42 30.33
C PRO T 71 7.10 -106.49 31.30
N PHE T 72 7.97 -106.13 32.25
CA PHE T 72 8.55 -107.06 33.19
C PHE T 72 7.57 -107.51 34.28
N GLY T 73 6.53 -106.70 34.57
CA GLY T 73 5.51 -107.00 35.57
C GLY T 73 4.39 -107.86 35.02
N SER T 74 4.27 -107.92 33.68
CA SER T 74 3.21 -108.60 32.95
C SER T 74 3.10 -110.07 33.25
N ARG T 75 4.22 -110.82 33.26
CA ARG T 75 4.21 -112.21 33.70
C ARG T 75 3.77 -112.35 35.16
N ALA T 76 4.31 -111.52 36.07
CA ALA T 76 3.98 -111.56 37.48
C ALA T 76 2.49 -111.36 37.77
N VAL T 77 1.83 -110.37 37.14
CA VAL T 77 0.38 -110.23 37.25
C VAL T 77 -0.39 -111.41 36.65
N LEU T 78 0.05 -111.97 35.51
CA LEU T 78 -0.58 -113.11 34.90
C LEU T 78 -0.50 -114.37 35.75
N LYS T 79 0.68 -114.69 36.32
CA LYS T 79 0.82 -115.77 37.27
C LYS T 79 0.02 -115.57 38.55
N PHE T 80 0.02 -114.34 39.12
CA PHE T 80 -0.78 -114.01 40.28
C PHE T 80 -2.27 -114.20 40.04
N ALA T 81 -2.75 -113.71 38.89
CA ALA T 81 -4.10 -113.89 38.44
C ALA T 81 -4.51 -115.35 38.23
N GLN T 82 -3.62 -116.17 37.63
CA GLN T 82 -3.84 -117.58 37.38
C GLN T 82 -4.14 -118.38 38.65
N TYR T 83 -3.34 -118.16 39.71
CA TYR T 83 -3.55 -118.82 40.98
C TYR T 83 -4.81 -118.39 41.69
N THR T 84 -5.10 -117.08 41.74
CA THR T 84 -6.23 -116.61 42.53
C THR T 84 -7.52 -116.56 41.72
N GLY T 85 -7.47 -116.93 40.43
CA GLY T 85 -8.64 -116.98 39.54
C GLY T 85 -9.05 -115.65 38.96
N ALA T 86 -8.27 -114.59 39.23
CA ALA T 86 -8.46 -113.25 38.70
C ALA T 86 -8.17 -113.14 37.20
N GLN T 87 -8.74 -112.10 36.55
CA GLN T 87 -8.29 -111.66 35.25
C GLN T 87 -7.10 -110.69 35.35
N ALA T 88 -5.97 -110.96 34.68
CA ALA T 88 -4.92 -109.96 34.51
C ALA T 88 -5.09 -109.16 33.22
N ILE T 89 -4.85 -107.85 33.30
CA ILE T 89 -4.82 -106.94 32.16
C ILE T 89 -3.40 -106.41 32.01
N ALA T 90 -2.80 -106.59 30.82
CA ALA T 90 -1.43 -106.20 30.59
C ALA T 90 -1.33 -105.27 29.41
N GLY T 91 -0.34 -104.36 29.41
CA GLY T 91 -0.18 -103.34 28.39
C GLY T 91 -1.28 -102.30 28.38
N ARG T 92 -1.70 -101.82 27.19
CA ARG T 92 -2.68 -100.76 27.04
C ARG T 92 -4.03 -101.06 27.67
N TRP T 93 -4.51 -100.11 28.50
CA TRP T 93 -5.87 -100.08 28.96
C TRP T 93 -6.65 -99.29 27.94
N THR T 94 -7.53 -99.94 27.17
CA THR T 94 -8.36 -99.26 26.17
C THR T 94 -9.36 -98.32 26.83
N PRO T 95 -9.31 -96.99 26.66
CA PRO T 95 -9.84 -96.06 27.66
C PRO T 95 -11.29 -96.15 28.08
N GLY T 96 -12.19 -96.63 27.20
CA GLY T 96 -13.61 -96.78 27.53
C GLY T 96 -14.01 -98.08 28.17
N MET T 97 -13.09 -99.03 28.43
CA MET T 97 -13.44 -100.42 28.66
C MET T 97 -14.38 -100.79 29.80
N LEU T 98 -14.28 -100.21 31.01
CA LEU T 98 -15.30 -100.47 32.01
C LEU T 98 -16.58 -99.67 31.74
N THR T 99 -16.41 -98.39 31.40
CA THR T 99 -17.50 -97.42 31.27
C THR T 99 -18.42 -97.64 30.10
N ASN T 100 -17.87 -97.83 28.90
CA ASN T 100 -18.59 -98.10 27.68
C ASN T 100 -19.28 -99.47 27.70
N GLN T 101 -20.52 -99.52 27.21
CA GLN T 101 -21.39 -100.67 27.27
C GLN T 101 -21.50 -101.46 25.97
N ILE T 102 -20.75 -101.11 24.91
CA ILE T 102 -20.80 -101.80 23.63
C ILE T 102 -19.40 -102.22 23.14
N ILE T 103 -18.34 -101.64 23.73
CA ILE T 103 -16.95 -102.01 23.56
C ILE T 103 -16.66 -103.47 23.84
N GLN T 104 -15.66 -104.09 23.16
CA GLN T 104 -15.33 -105.49 23.32
C GLN T 104 -14.96 -105.86 24.75
N LYS T 105 -14.23 -104.96 25.43
CA LYS T 105 -13.69 -105.18 26.74
C LYS T 105 -14.63 -104.73 27.85
N PHE T 106 -15.92 -104.50 27.52
CA PHE T 106 -17.02 -104.16 28.44
C PHE T 106 -17.04 -105.06 29.67
N THR T 107 -16.81 -104.46 30.86
CA THR T 107 -16.61 -105.22 32.07
C THR T 107 -17.20 -104.47 33.24
N GLU T 108 -17.92 -105.17 34.13
CA GLU T 108 -18.43 -104.65 35.38
C GLU T 108 -17.64 -105.27 36.55
N PRO T 109 -16.38 -104.92 36.80
CA PRO T 109 -15.55 -105.57 37.82
C PRO T 109 -15.96 -105.19 39.22
N ARG T 110 -15.60 -106.01 40.23
CA ARG T 110 -15.81 -105.68 41.62
C ARG T 110 -14.68 -104.87 42.22
N LEU T 111 -13.42 -105.22 41.89
CA LEU T 111 -12.26 -104.63 42.52
C LEU T 111 -11.09 -104.67 41.55
N LEU T 112 -10.17 -103.69 41.67
CA LEU T 112 -9.05 -103.51 40.77
C LEU T 112 -7.77 -103.46 41.59
N ILE T 113 -6.73 -104.17 41.16
CA ILE T 113 -5.44 -104.22 41.81
C ILE T 113 -4.38 -103.70 40.86
N VAL T 114 -3.65 -102.64 41.25
CA VAL T 114 -2.85 -101.86 40.33
C VAL T 114 -1.35 -101.98 40.65
N THR T 115 -0.48 -102.07 39.63
CA THR T 115 0.95 -102.35 39.82
C THR T 115 1.77 -101.13 40.15
N ASP T 116 1.57 -100.03 39.42
CA ASP T 116 2.06 -98.73 39.79
C ASP T 116 0.98 -97.76 39.28
N PRO T 117 0.31 -96.93 40.07
CA PRO T 117 -0.81 -96.14 39.56
C PRO T 117 -0.31 -95.00 38.71
N ARG T 118 1.00 -94.70 38.73
CA ARG T 118 1.62 -93.79 37.79
C ARG T 118 1.56 -94.31 36.36
N THR T 119 1.92 -95.59 36.14
CA THR T 119 1.90 -96.21 34.83
C THR T 119 0.50 -96.57 34.39
N ASP T 120 -0.31 -97.05 35.32
CA ASP T 120 -1.58 -97.70 35.04
C ASP T 120 -2.73 -96.70 35.18
N ALA T 121 -2.40 -95.41 35.00
CA ALA T 121 -3.22 -94.25 35.29
C ALA T 121 -4.60 -94.20 34.65
N GLN T 122 -4.75 -94.64 33.39
CA GLN T 122 -6.05 -94.63 32.72
C GLN T 122 -7.05 -95.55 33.40
N SER T 123 -6.61 -96.76 33.79
CA SER T 123 -7.41 -97.67 34.60
C SER T 123 -7.83 -97.07 35.93
N VAL T 124 -6.91 -96.36 36.62
CA VAL T 124 -7.15 -95.68 37.88
C VAL T 124 -8.23 -94.60 37.75
N LYS T 125 -8.12 -93.74 36.72
CA LYS T 125 -9.13 -92.77 36.38
C LYS T 125 -10.48 -93.38 36.06
N GLU T 126 -10.54 -94.42 35.21
CA GLU T 126 -11.78 -95.11 34.85
C GLU T 126 -12.46 -95.72 36.06
N SER T 127 -11.66 -96.30 36.97
CA SER T 127 -12.11 -96.93 38.20
C SER T 127 -12.87 -95.98 39.11
N ALA T 128 -12.44 -94.72 39.19
CA ALA T 128 -13.17 -93.71 39.94
C ALA T 128 -14.52 -93.34 39.33
N TYR T 129 -14.71 -93.43 37.99
CA TYR T 129 -16.03 -93.21 37.40
C TYR T 129 -16.89 -94.45 37.56
N ALA T 130 -16.29 -95.61 37.86
CA ALA T 130 -16.99 -96.86 37.99
C ALA T 130 -17.17 -97.31 39.43
N ASN T 131 -16.92 -96.42 40.41
CA ASN T 131 -17.14 -96.67 41.82
C ASN T 131 -16.40 -97.90 42.37
N ILE T 132 -15.09 -98.02 42.10
CA ILE T 132 -14.30 -99.17 42.52
C ILE T 132 -13.30 -98.74 43.61
N PRO T 133 -13.09 -99.43 44.74
CA PRO T 133 -12.19 -98.98 45.79
C PRO T 133 -10.73 -98.82 45.37
N VAL T 134 -10.19 -99.83 44.66
CA VAL T 134 -8.83 -99.89 44.13
C VAL T 134 -7.74 -100.15 45.17
N ILE T 135 -7.01 -101.27 44.98
CA ILE T 135 -5.76 -101.54 45.65
C ILE T 135 -4.66 -101.11 44.71
N ALA T 136 -3.57 -100.56 45.24
CA ALA T 136 -2.45 -100.17 44.43
C ALA T 136 -1.15 -100.35 45.17
N LEU T 137 -0.24 -101.07 44.50
CA LEU T 137 1.14 -101.17 44.86
C LEU T 137 1.79 -99.86 44.47
N CYS T 138 2.20 -99.08 45.48
CA CYS T 138 2.67 -97.73 45.29
C CYS T 138 4.12 -97.62 45.70
N ASP T 139 4.83 -96.73 45.02
CA ASP T 139 6.25 -96.53 45.10
C ASP T 139 6.43 -95.06 45.41
N SER T 140 7.69 -94.66 45.51
CA SER T 140 8.17 -93.34 45.87
C SER T 140 7.48 -92.25 45.07
N ASP T 141 7.45 -92.42 43.75
CA ASP T 141 6.97 -91.51 42.76
C ASP T 141 5.50 -91.75 42.38
N SER T 142 4.84 -92.75 42.99
CA SER T 142 3.48 -93.12 42.64
C SER T 142 2.46 -92.20 43.27
N PRO T 143 1.45 -91.71 42.57
CA PRO T 143 0.21 -91.22 43.17
C PRO T 143 -0.39 -92.08 44.28
N LEU T 144 -1.11 -91.46 45.23
CA LEU T 144 -1.95 -92.18 46.18
C LEU T 144 -3.40 -91.78 45.96
N GLU T 145 -3.64 -90.83 45.03
CA GLU T 145 -4.93 -90.40 44.57
C GLU T 145 -5.80 -91.51 43.98
N HIS T 146 -7.11 -91.44 44.28
CA HIS T 146 -8.16 -92.40 43.96
C HIS T 146 -8.16 -93.60 44.87
N VAL T 147 -7.04 -94.33 44.92
CA VAL T 147 -6.93 -95.62 45.57
C VAL T 147 -7.21 -95.60 47.08
N ASP T 148 -7.96 -96.59 47.56
CA ASP T 148 -8.21 -96.71 48.97
C ASP T 148 -7.08 -97.45 49.66
N ILE T 149 -6.66 -98.62 49.13
CA ILE T 149 -5.55 -99.37 49.68
C ILE T 149 -4.25 -99.02 48.96
N ALA T 150 -3.28 -98.48 49.72
CA ALA T 150 -1.93 -98.26 49.27
C ALA T 150 -0.97 -99.30 49.85
N ILE T 151 -0.24 -100.04 49.00
CA ILE T 151 0.80 -100.98 49.42
C ILE T 151 2.17 -100.44 49.05
N PRO T 152 2.97 -99.89 49.97
CA PRO T 152 4.34 -99.47 49.69
C PRO T 152 5.28 -100.54 49.17
N CYS T 153 5.96 -100.30 48.04
CA CYS T 153 6.99 -101.19 47.52
C CYS T 153 7.78 -100.45 46.45
N ASN T 154 9.04 -100.82 46.21
CA ASN T 154 9.70 -100.47 44.97
C ASN T 154 9.12 -101.30 43.83
N ASN T 155 8.49 -100.66 42.85
CA ASN T 155 7.77 -101.36 41.80
C ASN T 155 8.48 -101.25 40.46
N LYS T 156 9.78 -100.89 40.47
CA LYS T 156 10.54 -100.69 39.26
C LYS T 156 11.43 -101.89 38.94
N GLY T 157 11.32 -102.97 39.74
CA GLY T 157 12.01 -104.24 39.52
C GLY T 157 11.05 -105.40 39.53
N LYS T 158 11.31 -106.40 38.67
CA LYS T 158 10.45 -107.55 38.48
C LYS T 158 10.30 -108.45 39.69
N GLU T 159 11.39 -108.74 40.41
CA GLU T 159 11.40 -109.59 41.58
C GLU T 159 10.53 -109.06 42.72
N SER T 160 10.60 -107.75 42.99
CA SER T 160 9.81 -107.03 43.96
C SER T 160 8.31 -107.16 43.75
N ILE T 161 7.85 -106.90 42.51
CA ILE T 161 6.46 -107.03 42.09
C ILE T 161 5.96 -108.44 42.32
N ALA T 162 6.75 -109.40 41.83
CA ALA T 162 6.49 -110.80 41.92
C ALA T 162 6.41 -111.31 43.35
N LEU T 163 7.39 -110.95 44.22
CA LEU T 163 7.41 -111.31 45.62
C LEU T 163 6.18 -110.84 46.36
N MET T 164 5.80 -109.56 46.18
CA MET T 164 4.62 -109.03 46.82
C MET T 164 3.33 -109.68 46.36
N TYR T 165 3.13 -109.88 45.04
CA TYR T 165 2.01 -110.67 44.56
C TYR T 165 2.02 -112.13 45.01
N TRP T 166 3.17 -112.80 45.06
CA TRP T 166 3.33 -114.16 45.55
C TRP T 166 2.97 -114.32 47.02
N LEU T 167 3.45 -113.40 47.86
CA LEU T 167 3.11 -113.36 49.27
C LEU T 167 1.63 -113.10 49.51
N LEU T 168 1.07 -112.10 48.81
CA LEU T 168 -0.35 -111.83 48.72
C LEU T 168 -1.16 -113.05 48.30
N ALA T 169 -0.75 -113.76 47.24
CA ALA T 169 -1.35 -115.00 46.81
C ALA T 169 -1.35 -116.08 47.89
N GLN T 170 -0.24 -116.30 48.61
CA GLN T 170 -0.22 -117.25 49.72
C GLN T 170 -1.21 -116.88 50.82
N GLU T 171 -1.23 -115.59 51.19
CA GLU T 171 -2.15 -115.07 52.19
C GLU T 171 -3.61 -115.22 51.80
N VAL T 172 -3.96 -114.89 50.54
CA VAL T 172 -5.30 -115.07 50.00
C VAL T 172 -5.70 -116.54 49.91
N LEU T 173 -4.81 -117.44 49.45
CA LEU T 173 -5.03 -118.87 49.44
C LEU T 173 -5.28 -119.45 50.83
N TYR T 174 -4.53 -118.98 51.84
CA TYR T 174 -4.78 -119.26 53.24
C TYR T 174 -6.14 -118.74 53.77
N LEU T 175 -6.53 -117.50 53.43
CA LEU T 175 -7.85 -116.98 53.74
C LEU T 175 -8.98 -117.73 53.07
N LYS T 176 -8.85 -118.04 51.76
CA LYS T 176 -9.62 -119.04 51.07
C LYS T 176 -9.57 -120.44 51.68
N GLY T 177 -10.41 -121.36 51.18
CA GLY T 177 -10.45 -122.76 51.63
C GLY T 177 -9.38 -123.64 51.05
N VAL T 178 -8.53 -123.09 50.17
CA VAL T 178 -7.62 -123.85 49.32
C VAL T 178 -6.59 -124.67 50.08
N ILE T 179 -5.89 -124.08 51.07
CA ILE T 179 -4.85 -124.79 51.78
C ILE T 179 -4.77 -124.30 53.22
N PRO T 180 -4.62 -125.14 54.26
CA PRO T 180 -4.29 -124.73 55.62
C PRO T 180 -3.15 -123.74 55.80
N ARG T 181 -3.28 -122.82 56.77
CA ARG T 181 -2.27 -121.81 57.08
C ARG T 181 -1.09 -122.39 57.84
N SER T 182 -1.26 -123.57 58.45
CA SER T 182 -0.28 -124.25 59.28
C SER T 182 1.04 -124.58 58.61
N GLU T 183 1.02 -124.97 57.31
CA GLU T 183 2.20 -125.34 56.57
C GLU T 183 2.49 -124.30 55.46
N PRO T 184 3.73 -123.81 55.27
CA PRO T 184 4.15 -123.00 54.12
C PRO T 184 3.65 -123.42 52.74
N TRP T 185 3.28 -122.47 51.87
CA TRP T 185 2.96 -122.77 50.49
C TRP T 185 4.24 -122.78 49.65
N ASN T 186 4.56 -123.92 49.02
CA ASN T 186 5.86 -124.12 48.41
C ASN T 186 5.87 -123.84 46.92
N VAL T 187 4.74 -123.41 46.37
CA VAL T 187 4.56 -123.32 44.94
C VAL T 187 5.02 -121.97 44.39
N MET T 188 5.95 -122.03 43.41
CA MET T 188 6.45 -120.92 42.60
C MET T 188 7.01 -119.71 43.32
N VAL T 189 7.73 -119.92 44.45
CA VAL T 189 8.59 -118.89 45.02
C VAL T 189 9.74 -118.54 44.06
N ASP T 190 10.06 -117.23 43.93
CA ASP T 190 11.07 -116.72 43.01
C ASP T 190 10.74 -117.02 41.53
N MET T 191 9.45 -117.07 41.14
CA MET T 191 9.10 -117.65 39.85
C MET T 191 7.81 -117.09 39.23
N PHE T 192 7.16 -116.07 39.84
CA PHE T 192 6.11 -115.32 39.14
C PHE T 192 6.67 -114.37 38.08
N LEU T 193 7.79 -113.69 38.38
CA LEU T 193 8.52 -112.73 37.55
C LEU T 193 8.81 -113.06 36.09
N TRP T 194 9.17 -112.04 35.27
CA TRP T 194 9.58 -112.19 33.89
C TRP T 194 10.89 -112.98 33.68
N ARG T 195 11.05 -113.56 32.46
CA ARG T 195 12.17 -114.41 32.10
C ARG T 195 13.59 -113.76 32.10
N PRO U 1 -7.34 -63.02 24.74
CA PRO U 1 -6.41 -63.64 25.75
C PRO U 1 -5.43 -62.61 26.29
N LYS U 2 -4.57 -63.01 27.24
CA LYS U 2 -3.31 -62.32 27.53
C LYS U 2 -2.24 -63.37 27.32
N LYS U 3 -1.39 -63.21 26.29
CA LYS U 3 -0.46 -64.26 25.90
C LYS U 3 0.67 -64.51 26.89
N ARG U 4 1.31 -63.45 27.38
CA ARG U 4 2.45 -63.56 28.26
C ARG U 4 2.05 -63.40 29.72
N ARG U 5 2.24 -64.45 30.53
CA ARG U 5 2.18 -64.37 31.97
C ARG U 5 3.29 -63.48 32.54
N ASN U 6 4.52 -63.63 32.03
CA ASN U 6 5.67 -62.91 32.56
C ASN U 6 6.09 -61.72 31.71
N GLY U 7 5.33 -61.39 30.64
CA GLY U 7 5.67 -60.29 29.74
C GLY U 7 6.70 -60.62 28.69
N GLY U 8 7.16 -61.90 28.63
CA GLY U 8 8.20 -62.34 27.71
C GLY U 8 9.59 -62.03 28.23
N ARG U 9 9.71 -61.84 29.55
CA ARG U 9 10.89 -61.23 30.15
C ARG U 9 10.97 -61.53 31.64
N SER U 10 12.14 -61.22 32.27
CA SER U 10 12.36 -61.37 33.71
C SER U 10 11.78 -60.22 34.52
N LYS U 11 10.47 -59.98 34.37
CA LYS U 11 9.77 -58.80 34.86
C LYS U 11 9.81 -58.63 36.39
N HIS U 12 9.62 -59.75 37.11
CA HIS U 12 9.64 -59.93 38.56
C HIS U 12 10.56 -59.01 39.36
N ASN U 13 10.00 -58.28 40.36
CA ASN U 13 10.71 -57.46 41.33
C ASN U 13 11.60 -56.38 40.74
N ARG U 14 11.23 -55.83 39.57
CA ARG U 14 12.05 -54.88 38.86
C ARG U 14 11.17 -53.89 38.12
N GLY U 15 11.63 -52.63 38.02
CA GLY U 15 10.99 -51.62 37.19
C GLY U 15 11.68 -51.52 35.86
N HIS U 16 12.73 -50.69 35.80
CA HIS U 16 13.52 -50.54 34.60
C HIS U 16 14.68 -51.52 34.55
N VAL U 17 14.94 -52.06 33.36
CA VAL U 17 16.12 -52.83 33.03
C VAL U 17 16.55 -52.35 31.66
N ASN U 18 17.85 -52.09 31.46
CA ASN U 18 18.35 -51.41 30.27
C ASN U 18 18.07 -52.11 28.92
N PRO U 19 17.72 -51.39 27.86
CA PRO U 19 17.70 -51.90 26.51
C PRO U 19 19.08 -52.12 25.93
N LEU U 20 19.22 -53.21 25.19
CA LEU U 20 20.31 -53.43 24.28
C LEU U 20 19.76 -53.20 22.89
N ARG U 21 20.63 -53.08 21.87
CA ARG U 21 20.20 -52.86 20.52
C ARG U 21 20.56 -54.07 19.67
N CYS U 22 19.61 -54.53 18.83
CA CYS U 22 19.70 -55.75 18.03
C CYS U 22 20.94 -55.83 17.14
N SER U 23 21.60 -57.00 17.13
CA SER U 23 22.77 -57.25 16.31
C SER U 23 22.46 -57.13 14.83
N ASN U 24 21.28 -57.64 14.38
CA ASN U 24 20.83 -57.55 13.01
C ASN U 24 20.56 -56.13 12.53
N CYS U 25 19.92 -55.28 13.36
CA CYS U 25 19.35 -54.06 12.83
C CYS U 25 19.27 -52.89 13.79
N GLY U 26 19.81 -53.01 15.02
CA GLY U 26 19.82 -51.89 15.96
C GLY U 26 18.53 -51.63 16.68
N ARG U 27 17.47 -52.46 16.50
CA ARG U 27 16.25 -52.36 17.27
C ARG U 27 16.47 -52.50 18.77
N CYS U 28 16.07 -51.48 19.56
CA CYS U 28 16.08 -51.54 21.00
C CYS U 28 15.20 -52.63 21.59
N VAL U 29 15.72 -53.36 22.59
CA VAL U 29 15.00 -54.45 23.21
C VAL U 29 15.54 -54.59 24.65
N PRO U 30 14.73 -54.66 25.70
CA PRO U 30 15.20 -54.90 27.06
C PRO U 30 16.10 -56.11 27.24
N LYS U 31 17.22 -56.05 28.00
CA LYS U 31 18.14 -57.17 28.20
C LYS U 31 17.44 -58.42 28.77
N ASP U 32 16.46 -58.21 29.65
CA ASP U 32 15.55 -59.21 30.15
C ASP U 32 14.67 -59.85 29.07
N LYS U 33 14.18 -59.05 28.09
CA LYS U 33 13.39 -59.54 27.00
C LYS U 33 14.18 -60.22 25.88
N ALA U 34 15.30 -59.59 25.46
CA ALA U 34 16.22 -59.98 24.39
C ALA U 34 16.48 -61.47 24.11
N ILE U 35 16.56 -61.84 22.82
CA ILE U 35 16.86 -63.21 22.41
C ILE U 35 18.36 -63.33 22.21
N LYS U 36 19.03 -64.05 23.13
CA LYS U 36 20.48 -64.17 23.19
C LYS U 36 20.99 -65.51 22.67
N ARG U 37 21.97 -65.50 21.75
CA ARG U 37 22.68 -66.69 21.27
C ARG U 37 24.19 -66.52 21.43
N PHE U 38 24.84 -67.38 22.24
CA PHE U 38 26.27 -67.28 22.57
C PHE U 38 27.19 -67.31 21.36
N ASN U 39 26.93 -68.23 20.40
CA ASN U 39 27.74 -68.49 19.21
C ASN U 39 29.24 -68.62 19.44
N ILE U 40 29.66 -69.77 20.00
CA ILE U 40 31.07 -70.10 20.01
C ILE U 40 31.32 -70.87 18.73
N ARG U 41 32.19 -70.31 17.88
CA ARG U 41 32.35 -70.76 16.51
C ARG U 41 33.83 -70.70 16.18
N ASN U 42 34.37 -71.55 15.29
CA ASN U 42 35.69 -71.28 14.74
C ASN U 42 35.55 -70.64 13.38
N ILE U 43 36.48 -69.72 13.03
CA ILE U 43 36.53 -69.10 11.70
C ILE U 43 36.77 -70.12 10.60
N VAL U 44 37.60 -71.14 10.87
CA VAL U 44 37.95 -72.17 9.94
C VAL U 44 36.80 -73.03 9.41
N ASP U 45 36.89 -73.35 8.11
CA ASP U 45 36.20 -74.46 7.47
C ASP U 45 37.00 -75.73 7.77
N THR U 46 36.54 -76.90 7.33
CA THR U 46 37.14 -78.19 7.65
C THR U 46 38.38 -78.36 6.80
N SER U 47 38.25 -78.07 5.49
CA SER U 47 39.35 -78.03 4.55
C SER U 47 40.38 -76.96 4.89
N ALA U 48 39.91 -75.75 5.26
CA ALA U 48 40.75 -74.69 5.78
C ALA U 48 41.53 -75.08 7.02
N GLN U 49 40.88 -75.72 8.02
CA GLN U 49 41.54 -76.23 9.21
C GLN U 49 42.62 -77.26 8.91
N ARG U 50 42.37 -78.17 7.95
CA ARG U 50 43.39 -79.05 7.40
C ARG U 50 44.57 -78.30 6.75
N ASP U 51 44.30 -77.28 5.91
CA ASP U 51 45.32 -76.48 5.26
C ASP U 51 46.14 -75.66 6.26
N ILE U 52 45.51 -75.09 7.29
CA ILE U 52 46.18 -74.31 8.31
C ILE U 52 47.09 -75.18 9.14
N LYS U 53 46.65 -76.40 9.53
CA LYS U 53 47.47 -77.36 10.24
C LYS U 53 48.70 -77.77 9.43
N GLU U 54 48.52 -78.05 8.11
CA GLU U 54 49.62 -78.36 7.22
C GLU U 54 50.61 -77.21 7.00
N ALA U 55 50.10 -75.98 6.79
CA ALA U 55 50.84 -74.75 6.69
C ALA U 55 51.60 -74.34 7.96
N SER U 56 50.96 -74.52 9.12
CA SER U 56 51.40 -74.22 10.47
C SER U 56 52.88 -74.35 10.78
N VAL U 57 53.46 -73.30 11.39
CA VAL U 57 54.58 -73.43 12.29
C VAL U 57 54.09 -74.14 13.55
N TYR U 58 54.89 -75.05 14.15
CA TYR U 58 54.49 -75.93 15.25
C TYR U 58 53.52 -77.03 14.83
N SER U 59 53.58 -78.20 15.52
CA SER U 59 52.51 -79.19 15.46
C SER U 59 51.29 -78.72 16.25
N THR U 60 51.50 -78.16 17.45
CA THR U 60 50.45 -77.63 18.33
C THR U 60 49.65 -76.51 17.68
N PHE U 61 48.31 -76.61 17.76
CA PHE U 61 47.41 -75.72 17.04
C PHE U 61 46.42 -75.12 18.03
N GLN U 62 46.39 -73.77 18.14
CA GLN U 62 45.59 -73.08 19.14
C GLN U 62 44.12 -72.93 18.75
N LEU U 63 43.77 -73.19 17.47
CA LEU U 63 42.39 -73.25 17.00
C LEU U 63 41.59 -71.96 17.22
N PRO U 64 41.88 -70.83 16.58
CA PRO U 64 41.30 -69.53 16.89
C PRO U 64 39.77 -69.50 16.91
N LYS U 65 39.20 -69.12 18.06
CA LYS U 65 37.78 -69.06 18.27
C LYS U 65 37.19 -67.70 17.99
N LEU U 66 35.90 -67.69 17.64
CA LEU U 66 35.02 -66.56 17.64
C LEU U 66 34.10 -66.66 18.86
N TYR U 67 34.12 -65.64 19.74
CA TYR U 67 33.21 -65.54 20.86
C TYR U 67 32.32 -64.34 20.67
N ILE U 68 31.02 -64.55 20.34
CA ILE U 68 30.18 -63.44 19.90
C ILE U 68 29.24 -62.92 20.98
N LYS U 69 28.28 -63.75 21.45
CA LYS U 69 27.08 -63.32 22.16
C LYS U 69 26.22 -62.33 21.36
N GLN U 70 25.45 -62.86 20.41
CA GLN U 70 24.71 -62.10 19.41
C GLN U 70 23.25 -62.00 19.84
N CYS U 71 22.76 -60.75 19.97
CA CYS U 71 21.45 -60.48 20.53
C CYS U 71 20.48 -60.08 19.43
N TYR U 72 19.33 -60.78 19.37
CA TYR U 72 18.32 -60.56 18.36
C TYR U 72 17.04 -60.02 18.98
N CYS U 73 16.38 -59.08 18.28
CA CYS U 73 15.02 -58.71 18.62
C CYS U 73 14.07 -59.76 18.10
N VAL U 74 12.80 -59.70 18.55
CA VAL U 74 11.80 -60.70 18.26
C VAL U 74 11.52 -60.78 16.78
N SER U 75 11.36 -59.61 16.13
CA SER U 75 11.05 -59.51 14.72
C SER U 75 12.12 -60.11 13.83
N CYS U 76 13.40 -59.82 14.14
CA CYS U 76 14.51 -60.42 13.45
C CYS U 76 14.64 -61.90 13.65
N ALA U 77 14.51 -62.37 14.91
CA ALA U 77 14.71 -63.77 15.24
C ALA U 77 13.75 -64.71 14.54
N ILE U 78 12.46 -64.34 14.48
CA ILE U 78 11.46 -65.10 13.74
C ILE U 78 11.71 -65.07 12.25
N HIS U 79 12.14 -63.92 11.68
CA HIS U 79 12.46 -63.83 10.28
C HIS U 79 13.64 -64.70 9.88
N SER U 80 14.72 -64.64 10.67
CA SER U 80 15.99 -65.29 10.41
C SER U 80 16.11 -66.68 11.01
N ARG U 81 15.01 -67.28 11.50
CA ARG U 81 14.95 -68.66 11.97
C ARG U 81 15.79 -68.95 13.21
N PHE U 82 15.72 -68.08 14.24
CA PHE U 82 16.31 -68.37 15.55
C PHE U 82 15.24 -68.84 16.54
N VAL U 83 13.96 -68.72 16.17
CA VAL U 83 12.81 -69.09 16.99
C VAL U 83 11.68 -69.48 16.05
N ARG U 84 10.60 -70.05 16.61
CA ARG U 84 9.41 -70.46 15.89
C ARG U 84 8.19 -69.81 16.52
N VAL U 85 6.98 -70.19 16.11
CA VAL U 85 5.76 -69.70 16.74
C VAL U 85 5.22 -70.68 17.77
N ARG U 86 5.92 -71.81 17.98
CA ARG U 86 5.55 -72.91 18.85
C ARG U 86 4.06 -73.31 18.82
N SER U 87 3.43 -73.53 19.98
CA SER U 87 2.04 -73.89 20.07
C SER U 87 1.62 -73.46 21.44
N ARG U 88 0.32 -73.22 21.67
CA ARG U 88 -0.17 -72.57 22.88
C ARG U 88 0.27 -73.22 24.18
N GLU U 89 0.23 -74.56 24.28
CA GLU U 89 0.81 -75.29 25.38
C GLU U 89 2.33 -75.23 25.44
N GLN U 90 2.98 -75.35 24.27
CA GLN U 90 4.42 -75.48 24.17
C GLN U 90 5.18 -74.18 24.45
N ARG U 91 4.50 -73.02 24.34
CA ARG U 91 5.01 -71.72 24.74
C ARG U 91 5.49 -71.57 26.19
N ARG U 92 5.36 -72.59 27.04
CA ARG U 92 5.85 -72.56 28.40
C ARG U 92 7.02 -73.51 28.63
N VAL U 93 7.38 -74.31 27.62
CA VAL U 93 8.36 -75.37 27.81
C VAL U 93 9.79 -74.84 27.72
N ARG U 94 10.55 -74.90 28.84
CA ARG U 94 11.97 -74.61 28.84
C ARG U 94 12.74 -75.91 28.67
N LYS U 95 13.22 -76.20 27.45
CA LYS U 95 13.97 -77.41 27.15
C LYS U 95 15.50 -77.19 27.35
N ASN V 1 -5.09 -84.53 69.52
CA ASN V 1 -4.75 -83.05 69.56
C ASN V 1 -3.38 -82.73 68.94
N PRO V 2 -2.91 -81.49 68.81
CA PRO V 2 -1.63 -81.23 68.14
C PRO V 2 -0.41 -81.61 68.96
N ASP V 3 -0.57 -81.86 70.27
CA ASP V 3 0.50 -82.09 71.22
C ASP V 3 1.49 -83.24 70.91
N PRO V 4 1.16 -84.45 70.40
CA PRO V 4 2.14 -85.54 70.25
C PRO V 4 3.26 -85.32 69.23
N VAL V 5 3.20 -84.24 68.42
CA VAL V 5 4.22 -83.94 67.43
C VAL V 5 5.48 -83.38 68.08
N GLU V 6 6.61 -84.10 67.97
CA GLU V 6 7.86 -83.68 68.57
C GLU V 6 8.59 -82.65 67.74
N GLU V 7 8.38 -82.65 66.42
CA GLU V 7 9.05 -81.78 65.47
C GLU V 7 8.73 -80.29 65.62
N SER V 8 7.46 -79.92 65.85
CA SER V 8 7.01 -78.53 65.81
C SER V 8 7.55 -77.68 66.94
N LYS V 9 7.99 -78.33 68.02
CA LYS V 9 8.54 -77.77 69.24
C LYS V 9 9.75 -76.89 69.03
N LYS V 10 10.50 -77.11 67.93
CA LYS V 10 11.70 -76.38 67.60
C LYS V 10 11.54 -75.48 66.38
N HIS V 11 10.31 -75.25 65.88
CA HIS V 11 10.09 -74.44 64.68
C HIS V 11 9.68 -73.00 65.03
N LYS V 12 10.18 -72.00 64.25
CA LYS V 12 10.35 -70.59 64.63
C LYS V 12 9.55 -69.97 65.77
N LEU V 13 10.27 -69.60 66.84
CA LEU V 13 9.85 -68.72 67.92
C LEU V 13 8.64 -69.15 68.72
N LYS V 14 7.42 -68.88 68.23
CA LYS V 14 6.19 -69.23 68.90
C LYS V 14 5.63 -70.55 68.39
N ARG V 15 5.18 -71.39 69.34
CA ARG V 15 4.71 -72.73 69.09
C ARG V 15 3.39 -72.91 69.84
N LEU V 16 3.00 -74.15 70.17
CA LEU V 16 1.76 -74.48 70.87
C LEU V 16 1.74 -73.82 72.24
N ILE V 17 2.85 -73.96 72.98
CA ILE V 17 3.19 -73.11 74.10
C ILE V 17 4.54 -72.53 73.75
N PRO V 18 4.68 -71.25 73.42
CA PRO V 18 5.98 -70.58 73.32
C PRO V 18 6.83 -70.67 74.57
N THR V 19 8.11 -71.06 74.44
CA THR V 19 9.03 -71.01 75.56
C THR V 19 10.42 -70.70 75.01
N PRO V 20 11.28 -69.88 75.61
CA PRO V 20 12.56 -69.45 75.05
C PRO V 20 13.44 -70.51 74.41
N ASN V 21 14.05 -70.17 73.26
CA ASN V 21 15.04 -71.02 72.62
C ASN V 21 16.34 -70.98 73.42
N SER V 22 16.63 -69.77 73.93
CA SER V 22 17.72 -69.41 74.81
C SER V 22 17.79 -70.14 76.15
N TYR V 23 19.02 -70.27 76.67
CA TYR V 23 19.28 -70.92 77.94
C TYR V 23 20.48 -70.29 78.64
N PHE V 24 20.66 -70.59 79.94
CA PHE V 24 21.79 -70.13 80.73
C PHE V 24 22.84 -71.22 80.88
N MET V 25 24.12 -70.81 81.03
CA MET V 25 25.25 -71.70 81.16
C MET V 25 26.14 -71.25 82.31
N ASP V 26 26.57 -72.19 83.16
CA ASP V 26 27.59 -71.97 84.16
C ASP V 26 28.96 -72.12 83.51
N VAL V 27 29.74 -71.03 83.41
CA VAL V 27 31.01 -71.08 82.71
C VAL V 27 32.13 -70.77 83.67
N LYS V 28 33.27 -71.48 83.52
CA LYS V 28 34.45 -71.31 84.32
C LYS V 28 35.68 -71.29 83.45
N CYS V 29 36.65 -70.43 83.78
CA CYS V 29 37.96 -70.50 83.19
C CYS V 29 38.94 -70.77 84.32
N PRO V 30 39.89 -71.70 84.20
CA PRO V 30 41.04 -71.81 85.09
C PRO V 30 41.76 -70.50 85.40
N GLY V 31 42.19 -70.32 86.67
CA GLY V 31 42.93 -69.14 87.12
C GLY V 31 42.09 -67.94 87.44
N CYS V 32 40.76 -68.04 87.31
CA CYS V 32 39.85 -66.97 87.66
C CYS V 32 39.17 -67.22 89.00
N LEU V 33 39.20 -68.48 89.46
CA LEU V 33 38.56 -68.96 90.68
C LEU V 33 37.05 -68.66 90.72
N GLN V 34 36.38 -68.79 89.56
CA GLN V 34 34.95 -68.56 89.51
C GLN V 34 34.28 -69.48 88.51
N ILE V 35 33.07 -69.96 88.86
CA ILE V 35 32.10 -70.54 87.94
C ILE V 35 30.87 -69.63 87.94
N THR V 36 30.43 -69.15 86.76
CA THR V 36 29.58 -67.97 86.69
C THR V 36 28.49 -68.06 85.64
N THR V 37 27.28 -67.61 86.04
CA THR V 37 26.07 -67.52 85.21
C THR V 37 26.25 -66.65 83.99
N LEU V 38 25.84 -67.15 82.83
CA LEU V 38 26.03 -66.54 81.54
C LEU V 38 24.88 -66.99 80.67
N PHE V 39 24.51 -66.20 79.65
CA PHE V 39 23.31 -66.43 78.90
C PHE V 39 23.66 -66.72 77.45
N SER V 40 23.32 -67.94 77.00
CA SER V 40 23.29 -68.27 75.58
C SER V 40 22.22 -67.48 74.89
N HIS V 41 22.62 -66.64 73.90
CA HIS V 41 21.81 -65.65 73.22
C HIS V 41 21.88 -64.28 73.91
N ALA V 42 22.93 -64.03 74.72
CA ALA V 42 23.38 -62.71 75.10
C ALA V 42 23.78 -61.82 73.93
N GLN V 43 23.83 -60.48 74.14
CA GLN V 43 24.27 -59.54 73.12
C GLN V 43 25.40 -58.66 73.63
N ASN V 44 25.46 -58.35 74.95
CA ASN V 44 26.55 -57.58 75.50
C ASN V 44 27.73 -58.50 75.85
N VAL V 45 28.94 -58.19 75.35
CA VAL V 45 30.16 -58.96 75.60
C VAL V 45 30.54 -59.04 77.07
N VAL V 46 31.12 -60.18 77.53
CA VAL V 46 31.33 -60.42 78.95
C VAL V 46 32.79 -60.75 79.23
N LEU V 47 33.36 -60.05 80.23
CA LEU V 47 34.65 -60.33 80.83
C LEU V 47 34.46 -61.10 82.14
N CYS V 48 35.50 -61.81 82.60
CA CYS V 48 35.53 -62.41 83.93
C CYS V 48 35.37 -61.38 85.06
N GLY V 49 34.75 -61.77 86.19
CA GLY V 49 34.48 -60.80 87.27
C GLY V 49 35.66 -60.51 88.16
N SER V 50 36.63 -61.42 88.22
CA SER V 50 37.76 -61.34 89.13
C SER V 50 39.03 -60.86 88.47
N CYS V 51 39.04 -60.74 87.14
CA CYS V 51 40.23 -60.47 86.36
C CYS V 51 39.84 -59.96 84.99
N ASN V 52 40.80 -59.39 84.24
CA ASN V 52 40.49 -58.64 83.03
C ASN V 52 40.18 -59.49 81.81
N ILE V 53 40.55 -60.78 81.81
CA ILE V 53 40.36 -61.68 80.68
C ILE V 53 38.91 -61.97 80.29
N MET V 54 38.69 -62.18 78.97
CA MET V 54 37.40 -62.47 78.38
C MET V 54 36.71 -63.74 78.89
N LEU V 55 35.37 -63.68 78.98
CA LEU V 55 34.50 -64.77 79.33
C LEU V 55 33.85 -65.24 78.04
N CYS V 56 32.74 -64.59 77.63
CA CYS V 56 31.99 -64.95 76.45
C CYS V 56 32.06 -63.90 75.36
N GLN V 57 32.22 -64.34 74.09
CA GLN V 57 31.88 -63.50 72.96
C GLN V 57 30.46 -63.82 72.45
N PRO V 58 29.48 -62.93 72.53
CA PRO V 58 28.23 -63.02 71.77
C PRO V 58 28.43 -62.70 70.30
N THR V 59 27.51 -63.17 69.44
CA THR V 59 27.54 -62.89 68.00
C THR V 59 26.13 -63.12 67.50
N GLY V 60 25.84 -62.82 66.22
CA GLY V 60 24.56 -63.15 65.57
C GLY V 60 24.23 -64.63 65.60
N GLY V 61 23.10 -65.00 66.25
CA GLY V 61 22.73 -66.38 66.52
C GLY V 61 23.44 -66.95 67.74
N LYS V 62 22.65 -67.25 68.81
CA LYS V 62 23.13 -67.67 70.12
C LYS V 62 24.32 -66.87 70.68
N CYS V 63 25.35 -67.54 71.23
CA CYS V 63 26.64 -66.91 71.46
C CYS V 63 27.73 -67.84 70.95
N LYS V 64 28.96 -67.35 70.73
CA LYS V 64 30.06 -68.18 70.30
C LYS V 64 30.97 -68.58 71.46
N LEU V 65 30.72 -68.05 72.68
CA LEU V 65 31.51 -68.31 73.88
C LEU V 65 33.01 -68.02 73.71
N THR V 66 33.86 -68.98 74.06
CA THR V 66 35.29 -69.03 73.81
C THR V 66 35.67 -70.48 74.00
N GLU V 67 36.86 -70.91 73.50
CA GLU V 67 37.35 -72.25 73.72
C GLU V 67 38.31 -72.30 74.90
N GLY V 68 38.60 -71.13 75.52
CA GLY V 68 39.49 -71.00 76.68
C GLY V 68 38.84 -71.36 77.99
N CYS V 69 37.55 -71.73 77.95
CA CYS V 69 36.72 -71.97 79.11
C CYS V 69 36.01 -73.30 78.97
N SER V 70 35.39 -73.77 80.06
CA SER V 70 34.61 -74.99 80.11
C SER V 70 33.24 -74.64 80.67
N PHE V 71 32.21 -75.28 80.12
CA PHE V 71 30.85 -74.81 80.21
C PHE V 71 29.90 -75.91 80.64
N ARG V 72 29.29 -75.74 81.81
CA ARG V 72 28.16 -76.51 82.26
C ARG V 72 26.88 -75.84 81.77
N LYS V 73 25.83 -76.59 81.39
CA LYS V 73 24.55 -75.99 81.08
C LYS V 73 23.73 -75.80 82.36
N LYS V 74 23.10 -74.62 82.55
CA LYS V 74 22.56 -74.23 83.84
C LYS V 74 21.05 -74.17 83.74
N ILE V 75 20.38 -74.99 84.57
CA ILE V 75 19.01 -75.38 84.30
C ILE V 75 18.17 -75.35 85.57
N GLU V 76 16.84 -75.26 85.42
CA GLU V 76 15.89 -75.26 86.50
C GLU V 76 15.54 -76.72 86.92
N GLU W 1 46.47 -78.88 -22.27
CA GLU W 1 45.61 -77.82 -21.63
C GLU W 1 45.52 -77.96 -20.11
N LYS W 2 44.50 -77.36 -19.46
CA LYS W 2 44.39 -77.28 -18.01
C LYS W 2 43.08 -77.90 -17.53
N SER W 3 43.15 -78.83 -16.54
CA SER W 3 42.04 -79.63 -16.01
C SER W 3 42.60 -80.66 -15.05
N LYS W 4 41.85 -81.00 -13.99
CA LYS W 4 42.23 -82.04 -13.04
C LYS W 4 41.06 -82.99 -12.83
N LEU W 5 41.33 -84.20 -12.30
CA LEU W 5 40.34 -85.25 -12.15
C LEU W 5 40.22 -85.65 -10.68
N ALA W 6 39.01 -85.57 -10.12
CA ALA W 6 38.74 -85.95 -8.74
C ALA W 6 37.67 -87.03 -8.71
N LYS W 7 37.83 -88.06 -7.86
CA LYS W 7 36.94 -89.21 -7.88
C LYS W 7 35.80 -89.06 -6.89
N VAL W 8 34.55 -89.24 -7.33
CA VAL W 8 33.39 -89.04 -6.46
C VAL W 8 33.30 -90.08 -5.35
N GLU W 9 33.17 -89.61 -4.10
CA GLU W 9 33.10 -90.44 -2.91
C GLU W 9 31.65 -90.55 -2.48
N LYS W 10 30.95 -89.42 -2.35
CA LYS W 10 29.59 -89.39 -1.85
C LYS W 10 28.78 -88.37 -2.60
N VAL W 11 27.55 -88.73 -2.96
CA VAL W 11 26.57 -87.81 -3.48
C VAL W 11 25.73 -87.36 -2.29
N LEU W 12 25.83 -86.07 -1.94
CA LEU W 12 25.39 -85.57 -0.66
C LEU W 12 23.92 -85.20 -0.70
N GLY W 13 23.48 -84.50 -1.76
CA GLY W 13 22.06 -84.21 -1.92
C GLY W 13 21.78 -83.35 -3.11
N ARG W 14 20.51 -83.28 -3.52
CA ARG W 14 20.09 -82.46 -4.65
C ARG W 14 19.74 -81.06 -4.17
N THR W 15 20.37 -80.05 -4.78
CA THR W 15 20.44 -78.69 -4.31
C THR W 15 19.94 -77.69 -5.33
N GLY W 16 20.05 -76.38 -5.01
CA GLY W 16 19.58 -75.29 -5.86
C GLY W 16 18.07 -75.12 -5.88
N SER W 17 17.63 -74.03 -6.54
CA SER W 17 16.23 -73.62 -6.61
C SER W 17 15.31 -74.61 -7.31
N ARG W 18 15.76 -75.18 -8.44
CA ARG W 18 14.94 -76.07 -9.26
C ARG W 18 15.24 -77.53 -8.99
N GLY W 19 16.21 -77.79 -8.08
CA GLY W 19 16.63 -79.14 -7.69
C GLY W 19 17.57 -79.82 -8.65
N GLY W 20 18.00 -79.13 -9.72
CA GLY W 20 18.85 -79.70 -10.77
C GLY W 20 20.33 -79.74 -10.48
N VAL W 21 20.78 -79.05 -9.41
CA VAL W 21 22.17 -79.10 -8.99
C VAL W 21 22.31 -80.20 -7.94
N ILE W 22 23.51 -80.80 -7.80
CA ILE W 22 23.77 -81.85 -6.84
C ILE W 22 25.02 -81.48 -6.06
N GLN W 23 24.94 -81.50 -4.72
CA GLN W 23 26.08 -81.41 -3.84
C GLN W 23 26.85 -82.74 -3.80
N VAL W 24 28.17 -82.70 -4.01
CA VAL W 24 28.94 -83.91 -4.24
C VAL W 24 30.31 -83.83 -3.58
N ARG W 25 30.72 -84.91 -2.89
CA ARG W 25 32.02 -85.01 -2.26
C ARG W 25 32.97 -85.77 -3.16
N ALA W 26 34.15 -85.18 -3.42
CA ALA W 26 35.14 -85.61 -4.37
C ALA W 26 36.52 -85.74 -3.73
N GLN W 27 37.32 -86.77 -4.11
CA GLN W 27 38.66 -86.94 -3.60
C GLN W 27 39.69 -86.69 -4.68
N PHE W 28 40.62 -85.78 -4.38
CA PHE W 28 41.78 -85.44 -5.16
C PHE W 28 42.98 -86.32 -4.69
N GLY W 36 45.42 -87.21 -2.01
CA GLY W 36 44.66 -87.59 -0.76
C GLY W 36 43.96 -86.45 -0.05
N ARG W 37 43.21 -85.60 -0.78
CA ARG W 37 42.51 -84.45 -0.23
C ARG W 37 41.02 -84.56 -0.53
N PHE W 38 40.16 -84.36 0.49
CA PHE W 38 38.71 -84.33 0.32
C PHE W 38 38.21 -82.94 -0.11
N LEU W 39 37.27 -82.92 -1.06
CA LEU W 39 36.69 -81.71 -1.62
C LEU W 39 35.16 -81.83 -1.60
N ILE W 40 34.47 -80.68 -1.51
CA ILE W 40 33.03 -80.62 -1.65
C ILE W 40 32.75 -79.71 -2.83
N ARG W 41 31.92 -80.17 -3.76
CA ARG W 41 31.63 -79.50 -5.01
C ARG W 41 30.13 -79.47 -5.23
N ASN W 42 29.68 -78.64 -6.19
CA ASN W 42 28.32 -78.66 -6.69
C ASN W 42 28.40 -78.96 -8.17
N VAL W 43 27.63 -79.97 -8.64
CA VAL W 43 27.68 -80.47 -9.99
C VAL W 43 26.27 -80.44 -10.60
N LYS W 44 26.18 -80.23 -11.91
CA LYS W 44 24.94 -80.27 -12.67
C LYS W 44 24.91 -81.52 -13.57
N GLY W 45 23.75 -82.23 -13.56
CA GLY W 45 23.52 -83.42 -14.36
C GLY W 45 23.57 -84.72 -13.57
N PRO W 46 23.00 -85.81 -14.09
CA PRO W 46 23.04 -87.13 -13.46
C PRO W 46 24.47 -87.64 -13.21
N VAL W 47 24.80 -88.01 -11.96
CA VAL W 47 26.17 -88.35 -11.56
C VAL W 47 26.13 -89.50 -10.56
N ARG W 48 27.25 -90.26 -10.41
CA ARG W 48 27.30 -91.38 -9.50
C ARG W 48 28.63 -91.48 -8.78
N GLU W 49 28.60 -92.12 -7.61
CA GLU W 49 29.75 -92.39 -6.76
C GLU W 49 30.74 -93.39 -7.37
N GLY W 50 32.04 -93.22 -7.04
CA GLY W 50 33.14 -94.08 -7.48
C GLY W 50 33.70 -93.74 -8.84
N ASP W 51 33.21 -92.64 -9.46
CA ASP W 51 33.61 -92.26 -10.80
C ASP W 51 34.24 -90.88 -10.79
N ILE W 52 35.13 -90.64 -11.78
CA ILE W 52 35.81 -89.36 -11.99
C ILE W 52 34.85 -88.22 -12.30
N LEU W 53 35.08 -87.06 -11.68
CA LEU W 53 34.53 -85.79 -12.06
C LEU W 53 35.71 -84.90 -12.43
N ALA W 54 35.65 -84.25 -13.62
CA ALA W 54 36.69 -83.37 -14.07
C ALA W 54 36.50 -81.96 -13.53
N LEU W 55 37.55 -81.39 -12.91
CA LEU W 55 37.51 -80.09 -12.27
C LEU W 55 38.38 -79.14 -13.06
N LEU W 56 37.77 -78.12 -13.69
CA LEU W 56 38.47 -77.07 -14.39
C LEU W 56 39.20 -76.12 -13.45
N GLU W 57 38.53 -75.71 -12.35
CA GLU W 57 39.13 -75.05 -11.21
C GLU W 57 38.88 -75.91 -9.99
N THR W 58 39.92 -76.13 -9.15
CA THR W 58 39.87 -77.08 -8.06
C THR W 58 39.61 -76.44 -6.71
N GLU W 59 39.56 -75.10 -6.65
CA GLU W 59 39.75 -74.39 -5.41
C GLU W 59 38.52 -73.75 -4.80
N ARG W 60 38.55 -73.68 -3.46
CA ARG W 60 37.51 -73.25 -2.54
C ARG W 60 36.33 -74.20 -2.48
N GLU W 61 36.30 -75.05 -1.45
CA GLU W 61 35.30 -76.07 -1.20
C GLU W 61 33.90 -75.50 -0.99
N ALA W 62 32.87 -76.15 -1.56
CA ALA W 62 31.60 -75.51 -1.80
C ALA W 62 30.57 -75.63 -0.67
N ARG W 63 29.99 -74.48 -0.26
CA ARG W 63 28.78 -74.42 0.54
C ARG W 63 27.56 -74.95 -0.22
N ARG W 64 26.59 -75.57 0.50
CA ARG W 64 25.32 -76.02 -0.06
C ARG W 64 24.45 -74.90 -0.66
N LEU W 65 23.84 -75.15 -1.83
CA LEU W 65 22.98 -74.18 -2.51
C LEU W 65 21.48 -74.34 -2.08
N GLY X 1 -38.22 -31.63 -5.08
CA GLY X 1 -38.17 -32.73 -4.04
C GLY X 1 -38.49 -34.10 -4.56
N SER X 2 -39.07 -34.99 -3.71
CA SER X 2 -39.40 -36.36 -4.11
C SER X 2 -40.73 -36.73 -3.50
N LEU X 3 -41.65 -35.73 -3.44
CA LEU X 3 -42.92 -35.82 -2.76
C LEU X 3 -44.01 -36.30 -3.70
N ALA X 4 -43.61 -36.62 -4.95
CA ALA X 4 -44.45 -36.97 -6.08
C ALA X 4 -45.35 -38.17 -5.89
N ARG X 5 -44.84 -39.23 -5.22
CA ARG X 5 -45.47 -40.53 -5.22
C ARG X 5 -46.35 -40.76 -4.00
N ALA X 6 -46.61 -39.72 -3.19
CA ALA X 6 -47.43 -39.82 -1.99
C ALA X 6 -48.86 -40.33 -2.25
N GLY X 7 -49.35 -41.23 -1.36
CA GLY X 7 -50.71 -41.76 -1.42
C GLY X 7 -50.98 -42.85 -2.44
N LYS X 8 -49.94 -43.32 -3.14
CA LYS X 8 -50.03 -44.22 -4.28
C LYS X 8 -50.85 -45.52 -4.13
N VAL X 9 -50.51 -46.44 -3.21
CA VAL X 9 -51.07 -47.78 -3.16
C VAL X 9 -52.57 -47.87 -2.94
N LYS X 10 -53.14 -47.07 -2.01
CA LYS X 10 -54.55 -47.12 -1.68
C LYS X 10 -55.40 -46.71 -2.88
N ASN X 11 -55.03 -45.60 -3.52
CA ASN X 11 -55.59 -45.20 -4.79
C ASN X 11 -55.37 -46.18 -5.96
N GLN X 12 -54.17 -46.80 -6.10
CA GLN X 12 -53.91 -47.81 -7.11
C GLN X 12 -54.73 -49.07 -6.98
N THR X 13 -54.80 -49.61 -5.76
CA THR X 13 -55.42 -50.90 -5.48
C THR X 13 -56.92 -50.96 -5.78
N PRO X 14 -57.46 -52.03 -6.36
CA PRO X 14 -58.90 -52.32 -6.38
C PRO X 14 -59.59 -52.20 -5.03
N LYS X 15 -60.80 -51.60 -4.99
CA LYS X 15 -61.57 -51.50 -3.76
C LYS X 15 -62.93 -52.11 -3.97
N VAL X 16 -63.28 -53.09 -3.12
CA VAL X 16 -64.52 -53.84 -3.20
C VAL X 16 -65.31 -53.68 -1.90
N PRO X 17 -66.63 -53.58 -1.90
CA PRO X 17 -67.47 -53.79 -0.71
C PRO X 17 -67.22 -55.09 0.05
N LYS X 18 -67.49 -55.11 1.37
CA LYS X 18 -67.43 -56.32 2.19
C LYS X 18 -68.40 -57.41 1.75
N LEU X 19 -69.64 -56.99 1.41
CA LEU X 19 -70.85 -57.82 1.27
C LEU X 19 -71.49 -58.07 2.62
N ASP X 20 -72.83 -58.00 2.68
CA ASP X 20 -73.62 -58.16 3.88
C ASP X 20 -73.47 -59.52 4.57
N LYS X 21 -73.53 -59.51 5.91
CA LYS X 21 -73.42 -60.71 6.71
C LYS X 21 -74.24 -60.53 7.97
N LYS X 22 -74.85 -61.64 8.45
CA LYS X 22 -75.67 -61.66 9.65
C LYS X 22 -74.90 -61.30 10.93
N LYS X 23 -75.56 -60.69 11.93
CA LYS X 23 -74.89 -60.28 13.16
C LYS X 23 -74.26 -61.44 13.94
N ARG X 24 -72.99 -61.26 14.38
CA ARG X 24 -72.23 -62.22 15.15
C ARG X 24 -72.79 -62.57 16.53
N LEU X 25 -72.50 -63.78 17.03
CA LEU X 25 -72.62 -64.12 18.44
C LEU X 25 -71.63 -63.34 19.32
N THR X 26 -71.97 -63.02 20.58
CA THR X 26 -71.08 -62.24 21.45
C THR X 26 -71.05 -62.80 22.86
N GLY X 27 -70.06 -62.38 23.68
CA GLY X 27 -70.06 -62.62 25.11
C GLY X 27 -69.91 -64.06 25.52
N ARG X 28 -70.66 -64.43 26.57
CA ARG X 28 -70.79 -65.76 27.12
C ARG X 28 -71.17 -66.80 26.08
N ALA X 29 -72.13 -66.47 25.19
CA ALA X 29 -72.57 -67.28 24.08
C ALA X 29 -71.46 -67.57 23.09
N LYS X 30 -70.73 -66.53 22.65
CA LYS X 30 -69.58 -66.70 21.78
C LYS X 30 -68.48 -67.52 22.45
N LYS X 31 -68.12 -67.21 23.70
CA LYS X 31 -67.13 -67.97 24.45
C LYS X 31 -67.51 -69.43 24.63
N ARG X 32 -68.77 -69.73 24.99
CA ARG X 32 -69.30 -71.09 25.04
C ARG X 32 -69.20 -71.82 23.70
N GLN X 33 -69.57 -71.15 22.60
CA GLN X 33 -69.49 -71.70 21.26
C GLN X 33 -68.06 -72.00 20.87
N LEU X 34 -67.12 -71.08 21.12
CA LEU X 34 -65.70 -71.27 20.96
C LEU X 34 -65.16 -72.44 21.78
N TYR X 35 -65.53 -72.53 23.06
CA TYR X 35 -65.16 -73.60 23.96
C TYR X 35 -65.63 -74.98 23.44
N ASN X 36 -66.88 -75.10 22.95
CA ASN X 36 -67.27 -76.30 22.22
C ASN X 36 -66.51 -76.58 20.89
N ARG X 37 -66.23 -75.54 20.08
CA ARG X 37 -65.63 -75.63 18.76
C ARG X 37 -64.20 -76.14 18.78
N ARG X 38 -63.42 -75.66 19.75
CA ARG X 38 -62.00 -75.87 19.96
C ARG X 38 -61.61 -77.26 20.43
N PHE X 39 -62.32 -77.84 21.41
CA PHE X 39 -61.71 -78.65 22.45
C PHE X 39 -62.10 -80.12 22.37
N SER X 40 -63.08 -80.51 21.51
CA SER X 40 -63.46 -81.91 21.36
C SER X 40 -62.48 -82.70 20.50
N ASP X 41 -62.65 -82.71 19.16
CA ASP X 41 -61.82 -83.48 18.25
C ASP X 41 -61.34 -82.59 17.10
N ASN X 42 -60.02 -82.57 16.83
CA ASN X 42 -59.39 -81.75 15.80
C ASN X 42 -59.79 -82.14 14.37
N GLY X 43 -59.80 -83.44 14.05
CA GLY X 43 -60.10 -83.91 12.70
C GLY X 43 -59.78 -85.40 12.53
N PHE Y 1 60.35 -49.41 -7.27
CA PHE Y 1 60.55 -49.77 -5.82
C PHE Y 1 61.64 -48.90 -5.16
N THR Y 2 61.69 -48.87 -3.80
CA THR Y 2 62.70 -48.14 -3.04
C THR Y 2 63.43 -49.13 -2.17
N LYS Y 3 64.77 -49.00 -2.07
CA LYS Y 3 65.59 -49.91 -1.31
C LYS Y 3 65.32 -49.93 0.19
N LYS Y 4 65.41 -51.13 0.80
CA LYS Y 4 65.05 -51.37 2.17
C LYS Y 4 65.99 -52.43 2.68
N GLU Y 5 66.04 -52.63 4.01
CA GLU Y 5 67.10 -53.40 4.61
C GLU Y 5 66.59 -54.10 5.85
N TRP Y 6 66.78 -55.43 5.93
CA TRP Y 6 66.57 -56.21 7.12
C TRP Y 6 67.48 -55.81 8.28
N TYR Y 7 66.94 -55.89 9.51
CA TYR Y 7 67.62 -55.50 10.72
C TYR Y 7 67.14 -56.50 11.76
N ASP Y 8 68.10 -57.07 12.49
CA ASP Y 8 67.89 -58.23 13.30
C ASP Y 8 67.28 -57.87 14.64
N LEU Y 9 66.29 -58.66 15.08
CA LEU Y 9 65.59 -58.39 16.31
C LEU Y 9 66.15 -59.22 17.45
N LYS Y 10 66.94 -58.59 18.32
CA LYS Y 10 67.40 -59.19 19.55
C LYS Y 10 66.41 -58.88 20.65
N ALA Y 11 66.38 -59.73 21.69
CA ALA Y 11 65.67 -59.49 22.92
C ALA Y 11 66.61 -59.87 24.06
N PRO Y 12 66.51 -59.28 25.25
CA PRO Y 12 67.18 -59.75 26.46
C PRO Y 12 67.08 -61.24 26.72
N LYS Y 13 68.14 -61.87 27.26
CA LYS Y 13 68.27 -63.32 27.35
C LYS Y 13 67.29 -64.00 28.32
N MET Y 14 66.51 -63.20 29.05
CA MET Y 14 65.33 -63.57 29.81
C MET Y 14 64.32 -64.27 28.91
N PHE Y 15 64.22 -63.77 27.67
CA PHE Y 15 63.44 -64.32 26.60
C PHE Y 15 64.36 -65.27 25.83
N LEU Y 16 64.15 -66.59 25.98
CA LEU Y 16 65.21 -67.58 25.82
C LEU Y 16 65.89 -67.66 24.46
N VAL Y 17 65.14 -67.44 23.36
CA VAL Y 17 65.64 -67.43 22.00
C VAL Y 17 66.72 -66.37 21.72
N ARG Y 18 66.66 -65.21 22.42
CA ARG Y 18 67.51 -64.03 22.26
C ARG Y 18 67.37 -63.29 20.93
N ASN Y 19 66.95 -63.96 19.84
CA ASN Y 19 66.87 -63.37 18.52
C ASN Y 19 65.58 -63.85 17.88
N PHE Y 20 64.56 -62.97 17.87
CA PHE Y 20 63.23 -63.36 17.47
C PHE Y 20 62.79 -62.96 16.07
N GLY Y 21 63.69 -62.43 15.21
CA GLY Y 21 63.32 -62.22 13.81
C GLY Y 21 64.08 -61.10 13.13
N LYS Y 22 63.49 -60.60 12.04
CA LYS Y 22 64.00 -59.50 11.24
C LYS Y 22 62.94 -58.42 11.12
N THR Y 23 63.33 -57.14 11.10
CA THR Y 23 62.44 -56.02 10.81
C THR Y 23 63.00 -55.26 9.63
N LEU Y 24 62.16 -54.88 8.67
CA LEU Y 24 62.58 -54.14 7.50
C LEU Y 24 62.52 -52.64 7.73
N VAL Y 25 63.46 -51.87 7.15
CA VAL Y 25 63.48 -50.44 7.22
C VAL Y 25 64.03 -49.86 5.93
N THR Y 26 63.41 -48.79 5.38
CA THR Y 26 63.95 -48.03 4.25
C THR Y 26 65.34 -47.50 4.53
N LYS Y 27 66.27 -47.69 3.58
CA LYS Y 27 67.65 -47.27 3.71
C LYS Y 27 67.91 -45.80 4.06
N THR Y 28 69.10 -45.53 4.62
CA THR Y 28 69.59 -44.24 5.10
C THR Y 28 69.68 -43.16 4.03
N ILE Y 29 70.06 -43.53 2.80
CA ILE Y 29 70.21 -42.61 1.67
C ILE Y 29 68.96 -41.79 1.38
N GLY Y 30 69.16 -40.53 0.93
CA GLY Y 30 68.07 -39.55 0.88
C GLY Y 30 67.92 -38.80 2.18
N LYS Y 31 69.03 -38.65 2.92
CA LYS Y 31 69.17 -37.78 4.07
C LYS Y 31 68.38 -38.20 5.31
N LYS Y 32 68.42 -39.50 5.68
CA LYS Y 32 67.77 -39.95 6.91
C LYS Y 32 68.68 -40.85 7.72
N LEU Y 33 68.58 -40.78 9.06
CA LEU Y 33 69.34 -41.63 9.96
C LEU Y 33 68.93 -43.10 9.87
N ALA Y 34 67.62 -43.37 9.70
CA ALA Y 34 66.97 -44.67 9.57
C ALA Y 34 66.78 -45.31 10.93
N THR Y 35 67.79 -45.16 11.80
CA THR Y 35 67.80 -45.47 13.22
C THR Y 35 66.67 -44.77 13.92
N ASP Y 36 66.50 -43.46 13.66
CA ASP Y 36 65.43 -42.64 14.19
C ASP Y 36 64.01 -43.19 13.97
N SER Y 37 63.71 -43.62 12.74
CA SER Y 37 62.49 -44.32 12.36
C SER Y 37 62.38 -45.70 12.98
N LEU Y 38 63.46 -46.48 12.95
CA LEU Y 38 63.54 -47.82 13.47
C LEU Y 38 63.34 -47.89 14.99
N LYS Y 39 63.97 -46.96 15.74
CA LYS Y 39 63.69 -46.72 17.13
C LYS Y 39 62.25 -46.32 17.39
N GLY Y 40 61.67 -46.85 18.48
CA GLY Y 40 60.30 -46.59 18.88
C GLY Y 40 59.27 -47.46 18.20
N ARG Y 41 59.67 -48.38 17.30
CA ARG Y 41 58.76 -49.45 16.91
C ARG Y 41 58.44 -50.40 18.07
N ILE Y 42 57.35 -51.17 17.95
CA ILE Y 42 56.89 -52.12 18.93
C ILE Y 42 56.61 -53.42 18.23
N TYR Y 43 56.86 -54.57 18.88
CA TYR Y 43 56.69 -55.88 18.28
C TYR Y 43 55.89 -56.73 19.24
N GLU Y 44 54.84 -57.39 18.71
CA GLU Y 44 53.89 -58.17 19.48
C GLU Y 44 54.27 -59.65 19.46
N VAL Y 45 54.90 -60.14 20.54
CA VAL Y 45 55.44 -61.48 20.63
C VAL Y 45 54.65 -62.34 21.60
N ASN Y 46 54.25 -63.57 21.23
CA ASN Y 46 53.32 -64.37 22.03
C ASN Y 46 54.00 -65.24 23.09
N LEU Y 47 55.26 -64.92 23.49
CA LEU Y 47 55.96 -65.40 24.68
C LEU Y 47 56.49 -66.82 24.55
N ALA Y 48 55.61 -67.73 24.11
CA ALA Y 48 55.87 -69.07 23.68
C ALA Y 48 56.88 -69.08 22.56
N ASP Y 49 56.72 -68.19 21.57
CA ASP Y 49 57.67 -68.00 20.49
C ASP Y 49 59.04 -67.43 20.89
N LEU Y 50 59.28 -67.17 22.20
CA LEU Y 50 60.57 -66.75 22.70
C LEU Y 50 61.16 -67.79 23.62
N ASN Y 51 60.31 -68.47 24.39
CA ASN Y 51 60.75 -69.45 25.38
C ASN Y 51 60.73 -70.88 24.88
N ASN Y 52 59.84 -71.20 23.93
CA ASN Y 52 59.61 -72.50 23.30
C ASN Y 52 58.64 -73.38 24.07
N ASP Y 53 57.75 -72.77 24.87
CA ASP Y 53 56.75 -73.47 25.66
C ASP Y 53 55.36 -73.00 25.26
N GLU Y 54 54.54 -73.89 24.65
CA GLU Y 54 53.22 -73.56 24.14
C GLU Y 54 52.19 -73.36 25.25
N ASP Y 55 52.53 -73.78 26.48
CA ASP Y 55 51.84 -73.42 27.70
C ASP Y 55 51.80 -71.91 27.96
N GLN Y 56 52.82 -71.16 27.51
CA GLN Y 56 52.97 -69.75 27.81
C GLN Y 56 52.36 -68.88 26.71
N ALA Y 57 51.73 -69.53 25.71
CA ALA Y 57 51.06 -68.90 24.59
C ALA Y 57 49.77 -68.17 24.98
N HIS Y 58 49.30 -68.38 26.23
CA HIS Y 58 48.24 -67.61 26.85
C HIS Y 58 48.56 -66.13 26.98
N LYS Y 59 49.83 -65.78 27.27
CA LYS Y 59 50.26 -64.39 27.30
C LYS Y 59 50.96 -64.01 26.02
N LYS Y 60 50.92 -62.71 25.71
CA LYS Y 60 51.80 -62.09 24.77
C LYS Y 60 52.42 -60.87 25.41
N ILE Y 61 53.66 -60.57 25.01
CA ILE Y 61 54.37 -59.39 25.43
C ILE Y 61 54.57 -58.45 24.26
N LYS Y 62 54.55 -57.15 24.54
CA LYS Y 62 55.01 -56.14 23.62
C LYS Y 62 56.43 -55.75 24.01
N LEU Y 63 57.32 -55.70 23.02
CA LEU Y 63 58.69 -55.30 23.18
C LEU Y 63 58.93 -54.12 22.28
N SER Y 64 59.62 -53.08 22.79
CA SER Y 64 59.90 -51.89 22.02
C SER Y 64 61.33 -51.90 21.57
N CYS Y 65 61.62 -51.23 20.44
CA CYS Y 65 62.98 -50.98 20.02
C CYS Y 65 63.48 -49.66 20.57
N ASP Y 66 64.47 -49.67 21.46
CA ASP Y 66 64.96 -48.45 22.08
C ASP Y 66 66.40 -48.14 21.69
N HIS Y 67 67.14 -49.12 21.13
CA HIS Y 67 68.48 -48.87 20.64
C HIS Y 67 68.83 -49.81 19.51
N ILE Y 68 69.55 -49.28 18.49
CA ILE Y 68 70.07 -50.06 17.39
C ILE Y 68 71.55 -49.76 17.25
N ILE Y 69 72.38 -50.81 17.05
CA ILE Y 69 73.77 -50.72 16.71
C ILE Y 69 74.05 -51.65 15.54
N ASN Y 70 74.78 -51.19 14.51
CA ASN Y 70 75.13 -52.02 13.35
C ASN Y 70 73.91 -52.45 12.54
N ARG Y 71 73.53 -53.74 12.61
CA ARG Y 71 72.36 -54.29 11.97
C ARG Y 71 71.40 -54.85 13.02
N ASP Y 72 71.62 -54.51 14.31
CA ASP Y 72 71.10 -55.26 15.43
C ASP Y 72 70.32 -54.36 16.39
N CYS Y 73 69.12 -54.78 16.77
CA CYS Y 73 68.23 -53.98 17.60
C CYS Y 73 68.10 -54.66 18.94
N TYR Y 74 68.38 -53.95 20.05
CA TYR Y 74 68.46 -54.56 21.38
C TYR Y 74 67.14 -55.05 21.95
N THR Y 75 66.10 -54.23 21.76
CA THR Y 75 64.77 -54.30 22.39
C THR Y 75 64.68 -54.30 23.91
N ASP Y 76 63.63 -53.64 24.43
CA ASP Y 76 63.32 -53.60 25.84
C ASP Y 76 61.83 -53.89 26.04
N PHE Y 77 61.44 -54.37 27.24
CA PHE Y 77 60.06 -54.61 27.59
C PHE Y 77 59.19 -53.34 27.56
N CYS Y 78 57.96 -53.44 27.01
CA CYS Y 78 57.01 -52.33 26.99
C CYS Y 78 55.63 -52.71 27.50
N GLY Y 79 55.18 -53.98 27.36
CA GLY Y 79 53.93 -54.36 28.00
C GLY Y 79 53.57 -55.82 27.83
N LEU Y 80 52.41 -56.20 28.39
CA LEU Y 80 52.00 -57.57 28.56
C LEU Y 80 50.50 -57.67 28.45
N SER Y 81 49.97 -58.55 27.58
CA SER Y 81 48.55 -58.81 27.52
C SER Y 81 48.28 -60.30 27.45
N ILE Y 82 47.17 -60.76 28.04
CA ILE Y 82 46.57 -62.04 27.70
C ILE Y 82 46.03 -62.00 26.27
N THR Y 83 46.03 -63.13 25.54
CA THR Y 83 45.26 -63.23 24.30
C THR Y 83 43.76 -63.24 24.57
N ARG Y 84 42.99 -62.51 23.72
CA ARG Y 84 41.54 -62.48 23.74
C ARG Y 84 40.88 -63.84 23.70
N ASP Y 85 41.41 -64.77 22.90
CA ASP Y 85 40.90 -66.11 22.71
C ASP Y 85 40.87 -66.88 24.04
N LYS Y 86 42.00 -66.85 24.77
CA LYS Y 86 42.10 -67.43 26.09
C LYS Y 86 41.20 -66.75 27.10
N LEU Y 87 41.18 -65.40 27.14
CA LEU Y 87 40.42 -64.64 28.11
C LEU Y 87 38.91 -64.86 28.02
N CYS Y 88 38.36 -64.80 26.79
CA CYS Y 88 36.98 -65.14 26.51
C CYS Y 88 36.63 -66.58 26.81
N SER Y 89 37.53 -67.53 26.50
CA SER Y 89 37.40 -68.94 26.85
C SER Y 89 37.24 -69.17 28.35
N LEU Y 90 38.11 -68.55 29.17
CA LEU Y 90 38.04 -68.58 30.62
C LEU Y 90 36.69 -68.14 31.20
N ILE Y 91 36.14 -67.00 30.74
CA ILE Y 91 34.84 -66.51 31.17
C ILE Y 91 33.68 -67.46 30.84
N ARG Y 92 32.96 -67.93 31.88
CA ARG Y 92 31.84 -68.84 31.75
C ARG Y 92 30.83 -68.51 32.85
N LYS Y 93 29.54 -68.74 32.57
CA LYS Y 93 28.47 -68.53 33.52
C LYS Y 93 28.52 -69.39 34.78
N GLY Y 94 27.90 -68.89 35.87
CA GLY Y 94 27.68 -69.63 37.11
C GLY Y 94 28.79 -69.49 38.13
N TYR Y 95 29.85 -68.77 37.76
CA TYR Y 95 30.96 -68.43 38.62
C TYR Y 95 31.03 -66.91 38.70
N THR Y 96 31.66 -66.37 39.75
CA THR Y 96 31.89 -64.94 39.84
C THR Y 96 33.25 -64.57 39.30
N LEU Y 97 33.29 -63.71 38.27
CA LEU Y 97 34.49 -63.06 37.79
C LEU Y 97 34.83 -61.84 38.64
N ILE Y 98 36.03 -61.85 39.24
CA ILE Y 98 36.55 -60.78 40.07
C ILE Y 98 37.79 -60.26 39.36
N GLU Y 99 37.94 -58.92 39.22
CA GLU Y 99 39.15 -58.35 38.65
C GLU Y 99 39.68 -57.28 39.58
N GLY Y 100 40.93 -57.45 40.04
CA GLY Y 100 41.68 -56.43 40.76
C GLY Y 100 42.54 -55.63 39.81
N HIS Y 101 42.99 -54.45 40.26
CA HIS Y 101 43.96 -53.66 39.53
C HIS Y 101 44.64 -52.68 40.45
N THR Y 102 45.83 -52.21 40.06
CA THR Y 102 46.60 -51.30 40.89
C THR Y 102 47.52 -50.50 40.01
N ASP Y 103 47.97 -49.33 40.50
CA ASP Y 103 49.04 -48.56 39.91
C ASP Y 103 50.18 -48.65 40.93
N VAL Y 104 51.42 -48.92 40.48
CA VAL Y 104 52.48 -49.33 41.38
C VAL Y 104 53.83 -48.94 40.80
N LYS Y 105 54.88 -48.80 41.64
CA LYS Y 105 56.22 -48.49 41.20
C LYS Y 105 57.20 -49.57 41.59
N THR Y 106 58.18 -49.84 40.71
CA THR Y 106 59.25 -50.80 40.81
C THR Y 106 60.50 -50.15 41.38
N LEU Y 107 61.27 -50.87 42.20
CA LEU Y 107 62.53 -50.40 42.79
C LEU Y 107 63.48 -49.62 41.87
N ASP Y 108 63.53 -49.98 40.57
CA ASP Y 108 64.33 -49.32 39.55
C ASP Y 108 63.56 -48.19 38.83
N ASN Y 109 62.39 -47.80 39.36
CA ASN Y 109 61.66 -46.56 39.10
C ASN Y 109 60.74 -46.61 37.89
N TYR Y 110 60.12 -47.78 37.61
CA TYR Y 110 59.15 -47.91 36.55
C TYR Y 110 57.78 -47.97 37.21
N HIS Y 111 56.86 -47.11 36.74
CA HIS Y 111 55.53 -47.02 37.29
C HIS Y 111 54.62 -47.74 36.32
N LEU Y 112 53.87 -48.74 36.81
CA LEU Y 112 53.09 -49.65 35.99
C LEU Y 112 51.65 -49.70 36.46
N ARG Y 113 50.76 -50.23 35.61
CA ARG Y 113 49.40 -50.58 35.98
C ARG Y 113 49.21 -52.03 35.61
N MET Y 114 48.65 -52.84 36.52
CA MET Y 114 48.59 -54.29 36.39
C MET Y 114 47.19 -54.77 36.68
N PHE Y 115 46.65 -55.65 35.82
CA PHE Y 115 45.26 -56.04 35.84
C PHE Y 115 45.13 -57.54 36.04
N CYS Y 116 44.54 -57.99 37.18
CA CYS Y 116 44.46 -59.40 37.51
C CYS Y 116 43.03 -59.87 37.62
N ILE Y 117 42.65 -60.88 36.81
CA ILE Y 117 41.37 -61.54 36.90
C ILE Y 117 41.42 -62.75 37.81
N ALA Y 118 40.27 -63.17 38.35
CA ALA Y 118 40.11 -64.40 39.08
C ALA Y 118 38.67 -64.89 39.03
N PHE Y 119 38.47 -66.22 38.94
CA PHE Y 119 37.16 -66.85 38.92
C PHE Y 119 36.97 -67.67 40.17
N THR Y 120 35.74 -67.79 40.71
CA THR Y 120 35.37 -68.72 41.79
C THR Y 120 35.53 -70.21 41.43
N LYS Y 121 35.95 -71.05 42.40
CA LYS Y 121 36.07 -72.50 42.24
C LYS Y 121 35.10 -73.26 43.16
N LYS Y 122 34.68 -74.46 42.74
CA LYS Y 122 33.53 -75.16 43.30
C LYS Y 122 33.84 -76.15 44.44
N ARG Y 123 35.11 -76.22 44.89
CA ARG Y 123 35.60 -77.04 46.00
C ARG Y 123 35.09 -78.49 46.19
N GLN Y 124 34.99 -78.99 47.44
CA GLN Y 124 34.67 -80.37 47.77
C GLN Y 124 33.28 -80.85 47.35
N ASN Y 125 32.23 -80.04 47.57
CA ASN Y 125 30.85 -80.43 47.33
C ASN Y 125 30.10 -79.23 46.78
N GLN Y 126 29.11 -79.47 45.90
CA GLN Y 126 28.50 -78.42 45.10
C GLN Y 126 27.21 -78.89 44.42
N THR Y 127 26.27 -79.44 45.19
CA THR Y 127 24.98 -79.91 44.64
C THR Y 127 24.17 -78.76 44.04
N LYS Y 128 24.18 -77.59 44.72
CA LYS Y 128 23.79 -76.32 44.13
C LYS Y 128 24.62 -75.97 42.88
N SER Y 129 23.97 -75.80 41.72
CA SER Y 129 24.66 -75.55 40.45
C SER Y 129 25.42 -74.24 40.40
N THR Y 130 24.80 -73.14 40.86
CA THR Y 130 25.44 -71.84 40.97
C THR Y 130 26.58 -71.82 41.98
N CYS Y 131 27.65 -71.09 41.65
CA CYS Y 131 28.87 -71.05 42.45
C CYS Y 131 29.42 -69.64 42.45
N TYR Y 132 28.52 -68.64 42.39
CA TYR Y 132 28.81 -67.25 42.69
C TYR Y 132 29.22 -67.02 44.14
N ALA Y 133 30.08 -66.02 44.39
CA ALA Y 133 30.41 -65.60 45.73
C ALA Y 133 29.66 -64.33 46.13
N GLN Y 134 29.47 -64.12 47.45
CA GLN Y 134 28.84 -62.94 48.00
C GLN Y 134 29.60 -61.65 47.71
N THR Y 135 28.89 -60.52 47.62
CA THR Y 135 29.53 -59.26 47.25
C THR Y 135 30.55 -58.81 48.28
N SER Y 136 30.22 -58.95 49.58
CA SER Y 136 31.15 -58.74 50.68
C SER Y 136 32.42 -59.56 50.56
N GLN Y 137 32.28 -60.86 50.25
CA GLN Y 137 33.37 -61.76 49.96
C GLN Y 137 34.20 -61.34 48.75
N ILE Y 138 33.58 -61.04 47.60
CA ILE Y 138 34.36 -60.65 46.43
C ILE Y 138 35.06 -59.33 46.57
N LYS Y 139 34.47 -58.36 47.30
CA LYS Y 139 35.14 -57.14 47.68
C LYS Y 139 36.36 -57.40 48.55
N LYS Y 140 36.23 -58.28 49.57
CA LYS Y 140 37.34 -58.71 50.39
C LYS Y 140 38.45 -59.40 49.62
N ILE Y 141 38.11 -60.30 48.68
CA ILE Y 141 39.02 -60.91 47.72
C ILE Y 141 39.72 -59.88 46.85
N ARG Y 142 38.96 -58.94 46.27
CA ARG Y 142 39.45 -57.86 45.45
C ARG Y 142 40.47 -57.00 46.18
N LYS Y 143 40.15 -56.58 47.42
CA LYS Y 143 41.09 -55.84 48.26
C LYS Y 143 42.37 -56.61 48.54
N LYS Y 144 42.25 -57.90 48.90
CA LYS Y 144 43.37 -58.78 49.17
C LYS Y 144 44.27 -58.98 47.95
N MET Y 145 43.66 -59.23 46.78
CA MET Y 145 44.33 -59.36 45.50
C MET Y 145 45.19 -58.15 45.15
N VAL Y 146 44.63 -56.94 45.27
CA VAL Y 146 45.31 -55.69 44.99
C VAL Y 146 46.52 -55.46 45.89
N ASP Y 147 46.39 -55.72 47.20
CA ASP Y 147 47.52 -55.64 48.10
C ASP Y 147 48.63 -56.64 47.76
N ILE Y 148 48.31 -57.91 47.40
CA ILE Y 148 49.29 -58.90 46.98
C ILE Y 148 50.03 -58.47 45.71
N MET Y 149 49.30 -57.93 44.72
CA MET Y 149 49.89 -57.45 43.47
C MET Y 149 50.85 -56.29 43.73
N THR Y 150 50.38 -55.34 44.57
CA THR Y 150 51.10 -54.14 44.95
C THR Y 150 52.37 -54.48 45.70
N ALA Y 151 52.31 -55.42 46.66
CA ALA Y 151 53.44 -55.93 47.40
C ALA Y 151 54.50 -56.60 46.52
N GLU Y 152 54.07 -57.51 45.62
CA GLU Y 152 54.96 -58.22 44.72
C GLU Y 152 55.66 -57.31 43.74
N ALA Y 153 54.92 -56.39 43.11
CA ALA Y 153 55.50 -55.33 42.31
C ALA Y 153 56.48 -54.40 43.03
N SER Y 154 56.11 -53.88 44.22
CA SER Y 154 56.84 -52.80 44.87
C SER Y 154 58.27 -53.13 45.26
N LYS Y 155 58.48 -54.26 45.96
CA LYS Y 155 59.77 -54.84 46.28
C LYS Y 155 60.86 -54.80 45.20
N VAL Y 156 60.57 -55.40 44.04
CA VAL Y 156 61.56 -55.78 43.04
C VAL Y 156 61.80 -54.76 41.93
N LEU Y 157 62.86 -55.00 41.15
CA LEU Y 157 63.14 -54.30 39.92
C LEU Y 157 62.26 -54.81 38.79
N LEU Y 158 62.22 -54.09 37.66
CA LEU Y 158 61.34 -54.40 36.54
C LEU Y 158 61.67 -55.75 35.90
N LYS Y 159 62.96 -56.08 35.75
CA LYS Y 159 63.40 -57.33 35.17
C LYS Y 159 62.89 -58.57 35.93
N ASP Y 160 62.97 -58.55 37.26
CA ASP Y 160 62.49 -59.59 38.13
C ASP Y 160 60.98 -59.75 38.09
N LEU Y 161 60.24 -58.62 38.01
CA LEU Y 161 58.81 -58.62 37.85
C LEU Y 161 58.36 -59.26 36.54
N VAL Y 162 59.10 -59.01 35.45
CA VAL Y 162 58.90 -59.62 34.14
C VAL Y 162 59.13 -61.12 34.22
N LYS Y 163 60.17 -61.56 34.95
CA LYS Y 163 60.39 -62.97 35.24
C LYS Y 163 59.26 -63.60 36.08
N LYS Y 164 58.76 -62.92 37.13
CA LYS Y 164 57.61 -63.36 37.91
C LYS Y 164 56.33 -63.57 37.10
N PHE Y 165 56.02 -62.68 36.13
CA PHE Y 165 54.88 -62.82 35.25
C PHE Y 165 54.82 -64.12 34.46
N ILE Y 166 55.94 -64.54 33.83
CA ILE Y 166 56.02 -65.71 32.97
C ILE Y 166 55.43 -67.02 33.53
N PRO Y 167 55.73 -67.51 34.74
CA PRO Y 167 55.12 -68.71 35.29
C PRO Y 167 53.94 -68.34 36.18
N GLU Y 168 53.54 -67.06 36.20
CA GLU Y 168 52.41 -66.55 36.96
C GLU Y 168 52.55 -66.73 38.47
N SER Y 169 53.72 -66.37 39.01
CA SER Y 169 54.02 -66.51 40.44
C SER Y 169 53.12 -65.67 41.33
N ILE Y 170 52.81 -64.42 40.89
CA ILE Y 170 51.88 -63.53 41.58
C ILE Y 170 50.51 -64.16 41.75
N GLY Y 171 49.94 -64.69 40.65
CA GLY Y 171 48.72 -65.51 40.63
C GLY Y 171 48.73 -66.70 41.56
N LYS Y 172 49.89 -67.38 41.67
CA LYS Y 172 50.05 -68.50 42.57
C LYS Y 172 49.95 -68.07 44.03
N GLU Y 173 50.60 -66.96 44.40
CA GLU Y 173 50.44 -66.38 45.72
C GLU Y 173 49.03 -65.86 46.01
N ILE Y 174 48.38 -65.19 45.04
CA ILE Y 174 46.98 -64.80 45.13
C ILE Y 174 46.07 -66.00 45.40
N GLU Y 175 46.21 -67.09 44.64
CA GLU Y 175 45.42 -68.30 44.76
C GLU Y 175 45.53 -68.94 46.14
N LYS Y 176 46.76 -69.04 46.66
CA LYS Y 176 47.05 -69.61 47.96
C LYS Y 176 46.38 -68.86 49.11
N GLN Y 177 46.46 -67.52 49.11
CA GLN Y 177 45.78 -66.68 50.07
C GLN Y 177 44.27 -66.68 49.91
N CYS Y 178 43.75 -66.65 48.67
CA CYS Y 178 42.33 -66.44 48.46
C CYS Y 178 41.51 -67.69 48.64
N LYS Y 179 42.10 -68.90 48.53
CA LYS Y 179 41.43 -70.11 48.97
C LYS Y 179 40.91 -70.09 50.41
N LYS Y 180 41.63 -69.40 51.32
CA LYS Y 180 41.19 -69.19 52.69
C LYS Y 180 39.91 -68.35 52.82
N ILE Y 181 39.79 -67.26 52.03
CA ILE Y 181 38.57 -66.46 51.94
C ILE Y 181 37.43 -67.22 51.28
N TYR Y 182 37.70 -67.80 50.10
CA TYR Y 182 36.73 -68.45 49.26
C TYR Y 182 37.48 -69.01 48.05
N PRO Y 183 37.51 -70.32 47.81
CA PRO Y 183 38.21 -70.93 46.67
C PRO Y 183 38.04 -70.29 45.31
N LEU Y 184 39.17 -70.06 44.62
CA LEU Y 184 39.19 -69.47 43.30
C LEU Y 184 39.87 -70.43 42.34
N GLN Y 185 39.85 -70.08 41.06
CA GLN Y 185 40.24 -70.94 39.96
C GLN Y 185 41.30 -70.18 39.18
N ASN Y 186 41.20 -70.06 37.85
CA ASN Y 186 42.20 -69.40 37.02
C ASN Y 186 42.45 -67.91 37.36
N VAL Y 187 43.53 -67.63 38.10
CA VAL Y 187 43.96 -66.29 38.45
C VAL Y 187 45.14 -65.87 37.58
N LEU Y 188 44.87 -65.05 36.54
CA LEU Y 188 45.88 -64.61 35.60
C LEU Y 188 45.99 -63.10 35.57
N ILE Y 189 47.10 -62.58 34.98
CA ILE Y 189 47.24 -61.16 34.71
C ILE Y 189 46.75 -60.91 33.30
N ARG Y 190 45.62 -60.19 33.21
CA ARG Y 190 44.99 -59.81 31.97
C ARG Y 190 45.82 -58.83 31.19
N LYS Y 191 46.32 -57.77 31.84
CA LYS Y 191 47.13 -56.79 31.17
C LYS Y 191 48.16 -56.19 32.10
N VAL Y 192 49.28 -55.70 31.54
CA VAL Y 192 50.16 -54.76 32.21
C VAL Y 192 50.40 -53.63 31.23
N LYS Y 193 50.33 -52.38 31.72
CA LYS Y 193 50.59 -51.19 30.94
C LYS Y 193 51.63 -50.37 31.68
N ILE Y 194 52.55 -49.70 30.95
CA ILE Y 194 53.46 -48.78 31.59
C ILE Y 194 52.78 -47.43 31.76
N LEU Y 195 52.95 -46.82 32.94
CA LEU Y 195 52.54 -45.46 33.21
C LEU Y 195 53.70 -44.52 32.98
N LYS Y 196 54.83 -44.78 33.66
CA LYS Y 196 55.98 -43.88 33.68
C LYS Y 196 57.26 -44.70 33.67
N ARG Y 197 57.86 -44.81 32.47
CA ARG Y 197 58.99 -45.66 32.16
C ARG Y 197 60.25 -44.83 31.97
N PRO Y 198 61.31 -44.95 32.78
CA PRO Y 198 62.65 -44.54 32.38
C PRO Y 198 63.13 -45.19 31.09
N LYS Y 199 63.44 -44.40 30.05
CA LYS Y 199 63.70 -44.90 28.70
C LYS Y 199 65.16 -44.77 28.31
N LEU Y 200 66.00 -44.21 29.20
CA LEU Y 200 67.40 -43.94 28.93
C LEU Y 200 68.28 -45.03 29.57
N ASP Y 201 69.58 -44.74 29.72
CA ASP Y 201 70.58 -45.65 30.28
C ASP Y 201 70.82 -46.91 29.45
N ILE Y 202 71.44 -46.70 28.27
CA ILE Y 202 71.99 -47.74 27.40
C ILE Y 202 72.82 -48.78 28.14
N SER Y 203 73.73 -48.34 29.04
CA SER Y 203 74.55 -49.21 29.87
C SER Y 203 73.75 -50.24 30.66
N LYS Y 204 72.74 -49.81 31.45
CA LYS Y 204 71.85 -50.76 32.11
C LYS Y 204 71.09 -51.70 31.17
N LEU Y 205 70.57 -51.20 30.03
CA LEU Y 205 69.95 -52.04 29.02
C LEU Y 205 70.86 -53.13 28.45
N MET Y 206 72.09 -52.74 28.05
CA MET Y 206 73.13 -53.63 27.58
C MET Y 206 73.53 -54.66 28.63
N GLU Y 207 73.65 -54.24 29.89
CA GLU Y 207 73.98 -55.08 31.03
C GLU Y 207 72.91 -56.14 31.27
N LEU Y 208 71.63 -55.74 31.25
CA LEU Y 208 70.54 -56.69 31.34
C LEU Y 208 70.48 -57.64 30.16
N HIS Y 209 70.65 -57.12 28.93
CA HIS Y 209 70.63 -57.93 27.72
C HIS Y 209 71.74 -58.99 27.66
N THR Y 210 72.96 -58.62 28.05
CA THR Y 210 74.17 -59.40 27.79
C THR Y 210 74.46 -60.47 28.87
N PRO Z 1 -34.35 -108.86 -46.29
CA PRO Z 1 -33.88 -109.07 -44.88
C PRO Z 1 -32.96 -107.93 -44.52
N ILE Z 2 -32.46 -107.88 -43.27
CA ILE Z 2 -31.56 -106.84 -42.81
C ILE Z 2 -30.42 -107.47 -42.02
N SER Z 3 -29.29 -106.75 -41.89
CA SER Z 3 -28.12 -107.19 -41.14
C SER Z 3 -28.36 -107.46 -39.67
N LYS Z 4 -27.50 -108.29 -39.02
CA LYS Z 4 -27.62 -108.57 -37.60
C LYS Z 4 -27.51 -107.31 -36.75
N LYS Z 5 -26.56 -106.42 -37.12
CA LYS Z 5 -26.40 -105.12 -36.51
C LYS Z 5 -27.67 -104.27 -36.56
N ARG Z 6 -28.34 -104.19 -37.72
CA ARG Z 6 -29.63 -103.55 -37.83
C ARG Z 6 -30.74 -104.25 -37.07
N LYS Z 7 -30.86 -105.59 -37.19
CA LYS Z 7 -31.88 -106.38 -36.51
C LYS Z 7 -31.89 -106.22 -35.00
N PHE Z 8 -30.74 -106.39 -34.34
CA PHE Z 8 -30.65 -106.32 -32.90
C PHE Z 8 -30.85 -104.90 -32.39
N ILE Z 9 -30.32 -103.87 -33.07
CA ILE Z 9 -30.61 -102.50 -32.70
C ILE Z 9 -32.08 -102.12 -32.86
N ASN Z 10 -32.76 -102.53 -33.95
CA ASN Z 10 -34.18 -102.29 -34.10
C ASN Z 10 -35.00 -102.98 -33.01
N ASP Z 11 -34.62 -104.20 -32.61
CA ASP Z 11 -35.17 -104.89 -31.45
C ASP Z 11 -34.99 -104.06 -30.18
N GLY Z 12 -33.79 -103.49 -29.96
CA GLY Z 12 -33.46 -102.60 -28.86
C GLY Z 12 -34.31 -101.36 -28.81
N VAL Z 13 -34.54 -100.70 -29.97
CA VAL Z 13 -35.42 -99.56 -30.08
C VAL Z 13 -36.86 -99.92 -29.72
N PHE Z 14 -37.38 -101.07 -30.20
CA PHE Z 14 -38.71 -101.55 -29.88
C PHE Z 14 -38.87 -101.84 -28.38
N GLN Z 15 -37.89 -102.54 -27.79
CA GLN Z 15 -37.81 -102.79 -26.37
C GLN Z 15 -37.80 -101.51 -25.55
N ALA Z 16 -36.98 -100.51 -25.94
CA ALA Z 16 -36.93 -99.20 -25.35
C ALA Z 16 -38.27 -98.46 -25.39
N GLU Z 17 -38.95 -98.48 -26.54
CA GLU Z 17 -40.24 -97.85 -26.75
C GLU Z 17 -41.29 -98.47 -25.85
N LEU Z 18 -41.31 -99.81 -25.76
CA LEU Z 18 -42.17 -100.54 -24.85
C LEU Z 18 -41.87 -100.27 -23.39
N ASN Z 19 -40.59 -100.30 -22.96
CA ASN Z 19 -40.20 -100.08 -21.57
C ASN Z 19 -40.59 -98.71 -21.05
N GLU Z 20 -40.33 -97.64 -21.83
CA GLU Z 20 -40.74 -96.31 -21.45
C GLU Z 20 -42.27 -96.14 -21.40
N PHE Z 21 -43.00 -96.76 -22.35
CA PHE Z 21 -44.45 -96.82 -22.34
C PHE Z 21 -45.02 -97.51 -21.09
N LEU Z 22 -44.48 -98.68 -20.73
CA LEU Z 22 -44.81 -99.42 -19.52
C LEU Z 22 -44.52 -98.64 -18.25
N ALA Z 23 -43.33 -98.02 -18.16
CA ALA Z 23 -42.94 -97.21 -17.03
C ALA Z 23 -43.83 -95.99 -16.79
N ARG Z 24 -44.30 -95.30 -17.85
CA ARG Z 24 -45.28 -94.24 -17.75
C ARG Z 24 -46.65 -94.69 -17.20
N ILE Z 25 -47.17 -95.86 -17.62
CA ILE Z 25 -48.42 -96.41 -17.09
C ILE Z 25 -48.32 -96.88 -15.63
N LEU Z 26 -47.28 -97.68 -15.31
CA LEU Z 26 -47.01 -98.41 -14.06
C LEU Z 26 -47.70 -97.98 -12.75
N ALA Z 27 -48.37 -98.94 -12.05
CA ALA Z 27 -49.06 -98.66 -10.80
C ALA Z 27 -48.86 -99.75 -9.75
N GLU Z 28 -49.68 -100.83 -9.74
CA GLU Z 28 -49.74 -101.82 -8.66
C GLU Z 28 -48.47 -102.64 -8.45
N ASP Z 29 -47.88 -103.18 -9.53
CA ASP Z 29 -46.82 -104.15 -9.44
C ASP Z 29 -45.90 -103.98 -10.65
N GLY Z 30 -44.57 -104.11 -10.46
CA GLY Z 30 -43.54 -103.90 -11.49
C GLY Z 30 -43.73 -104.63 -12.79
N TYR Z 31 -43.46 -103.94 -13.94
CA TYR Z 31 -43.54 -104.53 -15.26
C TYR Z 31 -42.49 -105.62 -15.54
N SER Z 32 -42.85 -106.61 -16.38
CA SER Z 32 -42.12 -107.87 -16.50
C SER Z 32 -41.15 -107.92 -17.66
N GLY Z 33 -41.05 -106.83 -18.46
CA GLY Z 33 -40.31 -106.82 -19.71
C GLY Z 33 -41.02 -107.58 -20.82
N VAL Z 34 -40.43 -107.56 -22.03
CA VAL Z 34 -41.02 -108.16 -23.22
C VAL Z 34 -41.26 -109.67 -23.14
N GLU Z 35 -42.34 -110.14 -23.80
CA GLU Z 35 -42.65 -111.56 -23.89
C GLU Z 35 -42.10 -112.11 -25.20
N VAL Z 36 -41.05 -112.94 -25.12
CA VAL Z 36 -40.38 -113.54 -26.26
C VAL Z 36 -40.32 -115.10 -26.13
N ARG Z 62 -56.92 -105.86 -17.37
CA ARG Z 62 -55.49 -105.42 -17.14
C ARG Z 62 -54.55 -105.80 -18.31
N ILE Z 63 -54.06 -107.05 -18.34
CA ILE Z 63 -53.14 -107.54 -19.36
C ILE Z 63 -53.75 -107.55 -20.76
N ARG Z 64 -55.08 -107.79 -20.88
CA ARG Z 64 -55.81 -107.78 -22.13
C ARG Z 64 -55.69 -106.48 -22.88
N GLU Z 65 -55.88 -105.35 -22.19
CA GLU Z 65 -55.76 -104.03 -22.76
C GLU Z 65 -54.33 -103.73 -23.20
N LEU Z 66 -53.34 -104.06 -22.35
CA LEU Z 66 -51.94 -103.84 -22.67
C LEU Z 66 -51.47 -104.66 -23.86
N THR Z 67 -51.83 -105.96 -23.89
CA THR Z 67 -51.56 -106.87 -24.98
C THR Z 67 -52.11 -106.39 -26.29
N SER Z 68 -53.37 -105.92 -26.28
CA SER Z 68 -54.09 -105.48 -27.48
C SER Z 68 -53.45 -104.29 -28.15
N LEU Z 69 -53.02 -103.29 -27.36
CA LEU Z 69 -52.24 -102.17 -27.84
C LEU Z 69 -50.91 -102.57 -28.49
N VAL Z 70 -50.18 -103.53 -27.87
CA VAL Z 70 -48.90 -103.98 -28.36
C VAL Z 70 -49.01 -104.81 -29.63
N GLN Z 71 -49.98 -105.75 -29.69
CA GLN Z 71 -50.27 -106.51 -30.90
C GLN Z 71 -50.64 -105.62 -32.09
N LYS Z 72 -51.45 -104.57 -31.84
CA LYS Z 72 -51.81 -103.57 -32.81
C LYS Z 72 -50.61 -102.84 -33.40
N ARG Z 73 -49.68 -102.40 -32.54
CA ARG Z 73 -48.45 -101.75 -32.92
C ARG Z 73 -47.56 -102.60 -33.85
N PHE Z 74 -47.39 -103.90 -33.56
CA PHE Z 74 -46.52 -104.79 -34.33
C PHE Z 74 -47.09 -105.51 -35.55
N PHE Z 75 -48.41 -105.69 -35.70
CA PHE Z 75 -48.99 -106.38 -36.86
C PHE Z 75 -48.72 -105.67 -38.23
N LEU Z 94 -41.06 -106.16 -4.45
CA LEU Z 94 -40.57 -104.76 -4.16
C LEU Z 94 -39.37 -104.36 -5.02
N CYS Z 95 -39.31 -103.10 -5.50
CA CYS Z 95 -38.22 -102.64 -6.35
C CYS Z 95 -38.12 -101.12 -6.32
N ALA Z 96 -36.96 -100.57 -6.74
CA ALA Z 96 -36.67 -99.14 -6.74
C ALA Z 96 -37.69 -98.30 -7.46
N MET Z 97 -38.08 -98.68 -8.70
CA MET Z 97 -39.07 -97.95 -9.46
C MET Z 97 -40.44 -97.93 -8.81
N ALA Z 98 -40.88 -99.07 -8.25
CA ALA Z 98 -42.11 -99.16 -7.49
C ALA Z 98 -42.10 -98.30 -6.24
N GLN Z 99 -40.99 -98.33 -5.47
CA GLN Z 99 -40.83 -97.51 -4.29
C GLN Z 99 -40.77 -96.03 -4.60
N ALA Z 100 -40.04 -95.62 -5.65
CA ALA Z 100 -40.04 -94.26 -6.14
C ALA Z 100 -41.40 -93.77 -6.60
N GLU Z 101 -42.14 -94.60 -7.35
CA GLU Z 101 -43.49 -94.30 -7.80
C GLU Z 101 -44.47 -94.15 -6.64
N SER Z 102 -44.38 -95.06 -5.66
CA SER Z 102 -45.10 -94.99 -4.40
C SER Z 102 -44.83 -93.70 -3.65
N LEU Z 103 -43.55 -93.32 -3.50
CA LEU Z 103 -43.13 -92.08 -2.89
C LEU Z 103 -43.65 -90.85 -3.62
N ARG Z 104 -43.60 -90.83 -4.98
CA ARG Z 104 -44.13 -89.72 -5.75
C ARG Z 104 -45.64 -89.60 -5.60
N TYR Z 105 -46.36 -90.73 -5.55
CA TYR Z 105 -47.78 -90.80 -5.20
C TYR Z 105 -48.11 -90.20 -3.83
N LYS Z 106 -47.31 -90.49 -2.77
CA LYS Z 106 -47.46 -89.85 -1.47
C LYS Z 106 -47.24 -88.34 -1.50
N LEU Z 107 -46.24 -87.88 -2.29
CA LEU Z 107 -45.97 -86.48 -2.53
C LEU Z 107 -47.11 -85.75 -3.21
N LEU Z 108 -47.69 -86.36 -4.26
CA LEU Z 108 -48.91 -85.92 -4.90
C LEU Z 108 -50.10 -85.83 -3.95
N LYS Z 109 -50.23 -86.80 -3.02
CA LYS Z 109 -51.20 -86.78 -1.94
C LYS Z 109 -50.97 -85.67 -0.91
N GLY Z 110 -49.80 -84.99 -0.94
CA GLY Z 110 -49.52 -83.79 -0.15
C GLY Z 110 -49.01 -84.02 1.25
N LEU Z 111 -48.66 -85.27 1.59
CA LEU Z 111 -48.06 -85.64 2.86
C LEU Z 111 -46.71 -85.01 3.14
N ALA Z 112 -46.39 -84.78 4.44
CA ALA Z 112 -45.10 -84.25 4.86
C ALA Z 112 -43.92 -85.12 4.47
N VAL Z 113 -42.85 -84.49 3.95
CA VAL Z 113 -41.75 -85.18 3.29
C VAL Z 113 -40.99 -86.15 4.18
N ARG Z 114 -40.67 -85.73 5.44
CA ARG Z 114 -39.88 -86.52 6.37
C ARG Z 114 -40.50 -87.86 6.71
N ARG Z 115 -41.80 -87.86 7.08
CA ARG Z 115 -42.53 -89.08 7.35
C ARG Z 115 -42.66 -90.00 6.15
N ALA Z 116 -43.05 -89.46 4.98
CA ALA Z 116 -43.16 -90.23 3.77
C ALA Z 116 -41.86 -90.89 3.30
N CYS Z 117 -40.77 -90.12 3.28
CA CYS Z 117 -39.48 -90.63 2.86
C CYS Z 117 -38.91 -91.67 3.79
N TYR Z 118 -38.97 -91.43 5.11
CA TYR Z 118 -38.57 -92.43 6.10
C TYR Z 118 -39.36 -93.71 5.99
N GLY Z 119 -40.70 -93.65 5.87
CA GLY Z 119 -41.55 -94.82 5.62
C GLY Z 119 -41.14 -95.66 4.44
N VAL Z 120 -40.97 -95.04 3.26
CA VAL Z 120 -40.50 -95.71 2.06
C VAL Z 120 -39.09 -96.29 2.22
N LEU Z 121 -38.15 -95.53 2.80
CA LEU Z 121 -36.81 -95.99 3.11
C LEU Z 121 -36.81 -97.17 4.08
N ARG Z 122 -37.58 -97.08 5.16
CA ARG Z 122 -37.81 -98.14 6.11
C ARG Z 122 -38.32 -99.40 5.47
N HIS Z 123 -39.35 -99.35 4.62
CA HIS Z 123 -39.85 -100.54 3.94
C HIS Z 123 -38.76 -101.23 3.10
N ILE Z 124 -37.97 -100.47 2.33
CA ILE Z 124 -36.82 -101.00 1.61
C ILE Z 124 -35.76 -101.66 2.49
N MET Z 125 -35.31 -100.99 3.57
CA MET Z 125 -34.35 -101.56 4.49
C MET Z 125 -34.83 -102.81 5.21
N GLU Z 126 -36.08 -102.76 5.73
CA GLU Z 126 -36.80 -103.83 6.38
C GLU Z 126 -36.99 -105.05 5.49
N SER Z 127 -37.27 -104.85 4.19
CA SER Z 127 -37.46 -105.93 3.22
C SER Z 127 -36.15 -106.49 2.67
N GLY Z 128 -35.00 -106.07 3.24
CA GLY Z 128 -33.75 -106.79 3.15
C GLY Z 128 -32.69 -106.14 2.32
N ALA Z 129 -32.87 -104.86 1.96
CA ALA Z 129 -31.81 -104.08 1.33
C ALA Z 129 -30.60 -103.86 2.23
N LYS Z 130 -29.39 -103.86 1.63
CA LYS Z 130 -28.17 -103.63 2.39
C LYS Z 130 -27.73 -102.18 2.28
N GLY Z 131 -28.42 -101.40 1.43
CA GLY Z 131 -28.41 -99.95 1.53
C GLY Z 131 -29.47 -99.36 0.66
N CYS Z 132 -29.83 -98.11 0.94
CA CYS Z 132 -30.73 -97.35 0.12
C CYS Z 132 -30.46 -95.87 0.31
N GLU Z 133 -30.66 -95.08 -0.77
CA GLU Z 133 -30.50 -93.64 -0.76
C GLU Z 133 -31.68 -93.04 -1.51
N VAL Z 134 -32.34 -92.04 -0.90
CA VAL Z 134 -33.49 -91.35 -1.47
C VAL Z 134 -33.21 -89.86 -1.46
N ILE Z 135 -33.28 -89.19 -2.63
CA ILE Z 135 -33.13 -87.73 -2.72
C ILE Z 135 -34.41 -87.11 -3.25
N VAL Z 136 -34.94 -86.06 -2.60
CA VAL Z 136 -36.01 -85.24 -3.16
C VAL Z 136 -35.50 -83.84 -3.41
N SER Z 137 -35.52 -83.36 -4.67
CA SER Z 137 -35.03 -82.05 -5.08
C SER Z 137 -36.15 -81.16 -5.56
N GLY Z 138 -36.04 -79.84 -5.36
CA GLY Z 138 -37.02 -78.85 -5.75
C GLY Z 138 -37.54 -78.04 -4.60
N LYS Z 139 -38.75 -77.45 -4.77
CA LYS Z 139 -39.28 -76.41 -3.90
C LYS Z 139 -39.46 -76.81 -2.45
N LEU Z 140 -40.04 -78.02 -2.24
CA LEU Z 140 -40.50 -78.52 -0.95
C LEU Z 140 -41.50 -77.56 -0.30
N ARG Z 141 -42.39 -76.98 -1.14
CA ARG Z 141 -43.29 -75.88 -0.81
C ARG Z 141 -42.60 -74.65 -0.21
N ALA Z 142 -41.60 -74.11 -0.93
CA ALA Z 142 -40.94 -72.88 -0.58
C ALA Z 142 -40.52 -72.18 -1.86
N GLN Z 143 -40.08 -70.91 -1.77
CA GLN Z 143 -39.85 -70.09 -2.95
C GLN Z 143 -38.39 -70.14 -3.39
N ARG Z 144 -37.57 -70.92 -2.67
CA ARG Z 144 -36.18 -71.15 -2.93
C ARG Z 144 -35.95 -72.65 -2.95
N ALA Z 145 -35.53 -73.23 -4.10
CA ALA Z 145 -35.32 -74.65 -4.23
C ALA Z 145 -34.17 -75.23 -3.40
N LYS Z 146 -34.34 -76.48 -2.96
CA LYS Z 146 -33.41 -77.16 -2.10
C LYS Z 146 -33.53 -78.65 -2.36
N SER Z 147 -32.71 -79.47 -1.68
CA SER Z 147 -32.84 -80.92 -1.73
C SER Z 147 -32.77 -81.53 -0.35
N MET Z 148 -33.31 -82.74 -0.18
CA MET Z 148 -33.11 -83.49 1.05
C MET Z 148 -32.82 -84.95 0.73
N LYS Z 149 -31.68 -85.42 1.26
CA LYS Z 149 -31.19 -86.78 1.19
C LYS Z 149 -31.59 -87.62 2.40
N PHE Z 150 -32.02 -88.87 2.16
CA PHE Z 150 -32.37 -89.83 3.18
C PHE Z 150 -31.68 -91.13 2.81
N ARG Z 151 -30.50 -91.39 3.40
CA ARG Z 151 -29.75 -92.60 3.12
C ARG Z 151 -29.64 -93.49 4.35
N ASP Z 152 -29.72 -94.82 4.16
CA ASP Z 152 -29.39 -95.77 5.21
C ASP Z 152 -28.67 -96.98 4.60
N GLY Z 153 -28.05 -97.81 5.44
CA GLY Z 153 -27.19 -98.91 5.02
C GLY Z 153 -25.90 -98.50 4.35
N TYR Z 154 -25.17 -99.48 3.81
CA TYR Z 154 -23.81 -99.31 3.32
C TYR Z 154 -23.71 -98.45 2.06
N LEU Z 155 -24.57 -98.74 1.06
CA LEU Z 155 -24.75 -97.99 -0.19
C LEU Z 155 -23.46 -97.61 -0.94
N ILE Z 156 -22.76 -98.64 -1.46
CA ILE Z 156 -21.61 -98.51 -2.34
C ILE Z 156 -21.90 -97.74 -3.64
N SER Z 157 -20.94 -96.95 -4.12
CA SER Z 157 -21.05 -96.16 -5.34
C SER Z 157 -20.01 -96.56 -6.37
N THR Z 158 -19.08 -97.44 -5.98
CA THR Z 158 -17.86 -97.71 -6.73
C THR Z 158 -17.77 -99.15 -7.25
N GLY Z 159 -16.93 -99.36 -8.30
CA GLY Z 159 -16.75 -100.59 -9.05
C GLY Z 159 -17.97 -101.32 -9.57
N GLU Z 160 -17.76 -102.51 -10.15
CA GLU Z 160 -18.81 -103.27 -10.79
C GLU Z 160 -19.86 -103.84 -9.85
N PRO Z 161 -19.61 -104.22 -8.59
CA PRO Z 161 -20.67 -104.43 -7.62
C PRO Z 161 -21.68 -103.30 -7.50
N SER Z 162 -21.28 -102.02 -7.58
CA SER Z 162 -22.26 -100.94 -7.59
C SER Z 162 -23.16 -100.95 -8.80
N LYS Z 163 -22.58 -101.07 -10.00
CA LYS Z 163 -23.33 -101.08 -11.23
C LYS Z 163 -24.23 -102.30 -11.36
N ARG Z 164 -23.73 -103.50 -11.01
CA ARG Z 164 -24.52 -104.71 -10.97
C ARG Z 164 -25.65 -104.74 -9.94
N PHE Z 165 -25.39 -104.24 -8.70
CA PHE Z 165 -26.25 -104.53 -7.57
C PHE Z 165 -27.02 -103.33 -7.05
N VAL Z 166 -26.75 -102.11 -7.54
CA VAL Z 166 -27.52 -100.94 -7.14
C VAL Z 166 -28.49 -100.62 -8.26
N ASN Z 167 -29.79 -100.66 -7.94
CA ASN Z 167 -30.87 -100.34 -8.85
C ASN Z 167 -31.37 -98.94 -8.52
N THR Z 168 -31.66 -98.12 -9.55
CA THR Z 168 -32.02 -96.73 -9.34
C THR Z 168 -33.25 -96.36 -10.13
N ALA Z 169 -34.00 -95.37 -9.65
CA ALA Z 169 -35.20 -94.87 -10.30
C ALA Z 169 -35.39 -93.38 -10.07
N THR Z 170 -35.80 -92.65 -11.13
CA THR Z 170 -36.00 -91.20 -11.09
C THR Z 170 -37.44 -90.92 -11.47
N ARG Z 171 -38.11 -90.00 -10.74
CA ARG Z 171 -39.51 -89.69 -10.89
C ARG Z 171 -39.74 -88.20 -10.73
N SER Z 172 -40.54 -87.61 -11.62
CA SER Z 172 -40.93 -86.22 -11.58
C SER Z 172 -42.27 -86.05 -10.88
N ALA Z 173 -42.32 -85.29 -9.79
CA ALA Z 173 -43.50 -85.04 -8.99
C ALA Z 173 -44.05 -83.63 -9.22
N GLN Z 174 -45.17 -83.52 -9.93
CA GLN Z 174 -45.78 -82.24 -10.26
C GLN Z 174 -46.63 -81.64 -9.13
N LEU Z 175 -46.31 -80.41 -8.71
CA LEU Z 175 -47.19 -79.61 -7.90
C LEU Z 175 -47.51 -78.33 -8.67
N LYS Z 176 -48.06 -77.31 -8.00
CA LYS Z 176 -48.50 -76.10 -8.68
C LYS Z 176 -47.42 -75.04 -8.65
N GLN Z 177 -46.34 -75.31 -7.90
CA GLN Z 177 -45.17 -74.47 -7.87
C GLN Z 177 -44.12 -74.99 -8.83
N GLY Z 178 -44.46 -76.06 -9.57
CA GLY Z 178 -43.60 -76.72 -10.52
C GLY Z 178 -43.35 -78.14 -10.13
N VAL Z 179 -42.16 -78.66 -10.43
CA VAL Z 179 -41.90 -80.08 -10.41
C VAL Z 179 -40.71 -80.42 -9.53
N LEU Z 180 -40.84 -81.51 -8.74
CA LEU Z 180 -39.88 -81.97 -7.77
C LEU Z 180 -39.28 -83.28 -8.27
N GLY Z 181 -37.97 -83.49 -8.08
CA GLY Z 181 -37.30 -84.69 -8.59
C GLY Z 181 -37.01 -85.66 -7.47
N ILE Z 182 -37.65 -86.84 -7.50
CA ILE Z 182 -37.34 -87.94 -6.58
C ILE Z 182 -36.36 -88.89 -7.23
N LYS Z 183 -35.29 -89.26 -6.51
CA LYS Z 183 -34.33 -90.28 -6.89
C LYS Z 183 -34.20 -91.33 -5.81
N VAL Z 184 -34.63 -92.59 -6.09
CA VAL Z 184 -34.47 -93.74 -5.21
C VAL Z 184 -33.36 -94.66 -5.73
N LYS Z 185 -32.43 -95.05 -4.86
CA LYS Z 185 -31.35 -95.97 -5.17
C LYS Z 185 -31.36 -97.09 -4.14
N ILE Z 186 -31.44 -98.37 -4.56
CA ILE Z 186 -31.47 -99.52 -3.66
C ILE Z 186 -30.32 -100.46 -3.96
N MET Z 187 -29.54 -100.87 -2.93
CA MET Z 187 -28.46 -101.84 -3.09
C MET Z 187 -28.90 -103.23 -2.65
N LEU Z 188 -28.80 -104.20 -3.57
CA LEU Z 188 -29.18 -105.59 -3.37
C LEU Z 188 -28.15 -106.53 -4.01
N PRO Z 189 -27.17 -107.07 -3.28
CA PRO Z 189 -26.17 -107.96 -3.87
C PRO Z 189 -26.57 -109.40 -3.65
N THR Z 190 -27.61 -109.62 -2.83
CA THR Z 190 -28.16 -110.91 -2.44
C THR Z 190 -28.52 -111.81 -3.63
N SER Z 200 -26.54 -112.33 -6.06
CA SER Z 200 -25.49 -113.34 -6.43
C SER Z 200 -24.56 -113.65 -5.29
N ILE Z 201 -23.50 -112.84 -5.07
CA ILE Z 201 -22.59 -112.97 -3.94
C ILE Z 201 -22.32 -111.59 -3.37
N LEU Z 202 -21.84 -111.53 -2.12
CA LEU Z 202 -21.63 -110.27 -1.43
C LEU Z 202 -20.25 -109.66 -1.75
N PRO Z 203 -20.05 -108.34 -1.81
CA PRO Z 203 -18.77 -107.78 -2.23
C PRO Z 203 -17.59 -108.00 -1.31
N ASP Z 204 -17.80 -107.96 0.03
CA ASP Z 204 -16.72 -108.03 1.00
C ASP Z 204 -16.91 -109.22 1.93
N ASN Z 205 -15.99 -110.20 1.84
CA ASN Z 205 -15.79 -111.22 2.86
C ASN Z 205 -14.40 -111.83 2.64
N ILE Z 206 -13.81 -112.44 3.68
CA ILE Z 206 -12.52 -113.12 3.56
C ILE Z 206 -12.69 -114.63 3.48
N SER Z 207 -13.93 -115.12 3.65
CA SER Z 207 -14.38 -116.45 3.22
C SER Z 207 -13.75 -117.65 3.88
N VAL Z 208 -13.64 -117.64 5.22
CA VAL Z 208 -13.05 -118.73 5.98
C VAL Z 208 -14.13 -119.34 6.88
N LEU Z 209 -14.12 -120.67 7.03
CA LEU Z 209 -15.10 -121.45 7.78
C LEU Z 209 -15.23 -121.03 9.28
N GLY AA 1 -59.91 -12.40 59.16
CA GLY AA 1 -58.47 -12.19 59.60
C GLY AA 1 -57.93 -13.32 60.45
N LYS AA 2 -58.05 -13.21 61.79
CA LYS AA 2 -57.79 -14.33 62.67
C LYS AA 2 -58.68 -14.15 63.88
N GLY AA 3 -59.09 -15.26 64.53
CA GLY AA 3 -59.80 -15.20 65.81
C GLY AA 3 -60.41 -16.51 66.20
N ILE AA 4 -61.69 -16.48 66.61
CA ILE AA 4 -62.41 -17.64 67.13
C ILE AA 4 -63.02 -18.45 65.99
N LYS AA 5 -62.64 -19.74 65.89
CA LYS AA 5 -63.25 -20.62 64.91
C LYS AA 5 -64.57 -21.18 65.44
N LYS AA 6 -65.66 -20.92 64.71
CA LYS AA 6 -67.01 -21.16 65.20
C LYS AA 6 -67.64 -22.45 64.67
N HIS AA 7 -66.96 -23.12 63.72
CA HIS AA 7 -67.45 -24.32 63.08
C HIS AA 7 -66.69 -25.54 63.56
N LEU AA 8 -67.32 -26.72 63.44
CA LEU AA 8 -66.65 -27.99 63.64
C LEU AA 8 -67.08 -28.95 62.54
N LYS AA 9 -66.16 -29.39 61.65
CA LYS AA 9 -66.52 -30.32 60.59
C LYS AA 9 -66.87 -31.71 61.11
N ARG AA 10 -67.48 -32.53 60.24
CA ARG AA 10 -67.90 -33.88 60.59
C ARG AA 10 -66.74 -34.82 60.92
N VAL AA 11 -65.73 -34.82 60.04
CA VAL AA 11 -64.55 -35.64 60.17
C VAL AA 11 -63.65 -35.16 61.31
N ASN AA 12 -63.49 -33.83 61.45
CA ASN AA 12 -62.71 -33.22 62.50
C ASN AA 12 -63.27 -33.50 63.90
N ALA AA 13 -64.60 -33.47 64.07
CA ALA AA 13 -65.27 -33.71 65.32
C ALA AA 13 -64.91 -35.05 66.00
N PRO AA 14 -64.83 -35.13 67.34
CA PRO AA 14 -64.49 -36.35 68.07
C PRO AA 14 -65.19 -37.64 67.69
N SER AA 15 -64.38 -38.71 67.56
CA SER AA 15 -64.78 -40.08 67.27
C SER AA 15 -65.76 -40.63 68.28
N HIS AA 16 -65.65 -40.16 69.54
CA HIS AA 16 -66.52 -40.44 70.66
C HIS AA 16 -67.99 -40.15 70.38
N TRP AA 17 -68.26 -39.08 69.62
CA TRP AA 17 -69.59 -38.64 69.26
C TRP AA 17 -70.42 -39.68 68.53
N MET AA 18 -69.80 -40.38 67.56
CA MET AA 18 -70.44 -41.30 66.63
C MET AA 18 -71.20 -40.57 65.54
N LEU AA 19 -70.62 -39.48 64.99
CA LEU AA 19 -71.20 -38.76 63.86
C LEU AA 19 -70.66 -39.30 62.57
N ASN AA 20 -71.50 -40.06 61.85
CA ASN AA 20 -71.18 -40.79 60.64
C ASN AA 20 -70.78 -39.94 59.42
N LYS AA 21 -70.02 -40.53 58.46
CA LYS AA 21 -69.42 -39.86 57.32
C LYS AA 21 -70.41 -39.19 56.39
N MET AA 22 -71.50 -39.90 56.04
CA MET AA 22 -72.43 -39.42 55.05
C MET AA 22 -73.45 -38.46 55.65
N GLY AA 23 -73.54 -38.40 56.99
CA GLY AA 23 -74.65 -37.81 57.71
C GLY AA 23 -74.66 -36.32 57.83
N GLY AA 24 -73.62 -35.63 57.35
CA GLY AA 24 -73.59 -34.19 57.39
C GLY AA 24 -72.23 -33.66 57.03
N GLN AA 25 -72.15 -32.37 56.73
CA GLN AA 25 -70.89 -31.67 56.53
C GLN AA 25 -70.22 -31.30 57.84
N TYR AA 26 -71.04 -30.86 58.80
CA TYR AA 26 -70.63 -30.37 60.08
C TYR AA 26 -71.11 -31.26 61.23
N ALA AA 27 -70.56 -30.99 62.42
CA ALA AA 27 -71.02 -31.40 63.72
C ALA AA 27 -71.48 -30.14 64.49
N PRO AA 28 -72.16 -30.18 65.63
CA PRO AA 28 -72.39 -28.99 66.44
C PRO AA 28 -71.11 -28.61 67.15
N LYS AA 29 -70.75 -27.32 67.26
CA LYS AA 29 -69.60 -26.94 68.06
C LYS AA 29 -70.09 -26.47 69.43
N THR AA 30 -69.56 -27.10 70.51
CA THR AA 30 -69.96 -26.79 71.88
C THR AA 30 -69.76 -25.34 72.27
N SER AA 31 -70.73 -24.77 73.02
CA SER AA 31 -70.49 -23.54 73.74
C SER AA 31 -69.41 -23.75 74.80
N SER AA 32 -68.69 -22.69 75.18
CA SER AA 32 -67.87 -22.73 76.38
C SER AA 32 -68.72 -23.03 77.61
N GLY AA 33 -68.23 -23.81 78.59
CA GLY AA 33 -69.12 -24.23 79.66
C GLY AA 33 -68.53 -25.34 80.50
N PRO AA 34 -69.35 -26.20 81.12
CA PRO AA 34 -68.90 -27.17 82.11
C PRO AA 34 -67.68 -28.02 81.84
N HIS AA 35 -67.49 -28.53 80.62
CA HIS AA 35 -66.33 -29.35 80.32
C HIS AA 35 -65.69 -28.93 79.02
N LYS AA 36 -64.42 -29.36 78.83
CA LYS AA 36 -63.72 -29.22 77.57
C LYS AA 36 -64.41 -29.90 76.41
N LEU AA 37 -64.22 -29.34 75.20
CA LEU AA 37 -64.83 -29.76 73.96
C LEU AA 37 -64.74 -31.26 73.70
N LEU AA 38 -63.53 -31.84 73.84
CA LEU AA 38 -63.28 -33.25 73.65
C LEU AA 38 -63.88 -34.16 74.73
N GLU AA 39 -64.38 -33.59 75.84
CA GLU AA 39 -64.68 -34.32 77.06
C GLU AA 39 -66.11 -34.02 77.50
N SER AA 40 -67.06 -33.98 76.57
CA SER AA 40 -68.40 -33.51 76.87
C SER AA 40 -69.39 -34.01 75.84
N ILE AA 41 -70.69 -33.73 76.04
CA ILE AA 41 -71.73 -33.95 75.06
C ILE AA 41 -72.55 -32.67 75.02
N PRO AA 42 -72.92 -32.08 73.90
CA PRO AA 42 -73.97 -31.06 73.88
C PRO AA 42 -75.36 -31.68 73.94
N LEU AA 43 -76.37 -30.88 74.31
CA LEU AA 43 -77.75 -31.33 74.30
C LEU AA 43 -78.30 -31.84 72.97
N VAL AA 44 -77.89 -31.27 71.81
CA VAL AA 44 -78.31 -31.78 70.50
C VAL AA 44 -77.94 -33.24 70.25
N ILE AA 45 -76.67 -33.58 70.51
CA ILE AA 45 -76.16 -34.93 70.47
C ILE AA 45 -76.90 -35.84 71.43
N LEU AA 46 -77.09 -35.39 72.69
CA LEU AA 46 -77.79 -36.19 73.68
C LEU AA 46 -79.25 -36.49 73.33
N LEU AA 47 -80.04 -35.47 72.93
CA LEU AA 47 -81.43 -35.64 72.57
C LEU AA 47 -81.68 -36.44 71.30
N ARG AA 48 -80.90 -36.18 70.24
CA ARG AA 48 -81.15 -36.75 68.93
C ARG AA 48 -80.33 -38.00 68.71
N ASN AA 49 -79.01 -37.91 68.89
CA ASN AA 49 -78.10 -38.95 68.47
C ASN AA 49 -77.93 -40.05 69.51
N ARG AA 50 -78.17 -39.77 70.80
CA ARG AA 50 -78.15 -40.79 71.83
C ARG AA 50 -79.56 -41.24 72.16
N LEU AA 51 -80.39 -40.37 72.77
CA LEU AA 51 -81.74 -40.68 73.20
C LEU AA 51 -82.71 -40.98 72.06
N LYS AA 52 -82.55 -40.25 70.93
CA LYS AA 52 -83.41 -40.33 69.76
C LYS AA 52 -84.84 -39.89 70.04
N TYR AA 53 -84.96 -38.75 70.71
CA TYR AA 53 -86.23 -38.17 71.08
C TYR AA 53 -86.67 -37.14 70.06
N ALA AA 54 -85.85 -36.96 69.00
CA ALA AA 54 -86.08 -36.02 67.94
C ALA AA 54 -85.46 -36.58 66.66
N LEU AA 55 -86.10 -36.36 65.49
CA LEU AA 55 -85.52 -36.71 64.21
C LEU AA 55 -84.41 -35.77 63.78
N THR AA 56 -84.62 -34.46 63.96
CA THR AA 56 -83.83 -33.41 63.33
C THR AA 56 -83.37 -32.39 64.36
N PHE AA 57 -82.52 -31.44 63.94
CA PHE AA 57 -82.11 -30.31 64.76
C PHE AA 57 -83.31 -29.42 65.10
N ASP AA 58 -84.21 -29.17 64.14
CA ASP AA 58 -85.48 -28.50 64.36
C ASP AA 58 -86.38 -29.16 65.42
N GLU AA 59 -86.56 -30.49 65.40
CA GLU AA 59 -87.28 -31.17 66.46
C GLU AA 59 -86.60 -31.04 67.84
N VAL AA 60 -85.25 -31.10 67.90
CA VAL AA 60 -84.51 -30.76 69.11
C VAL AA 60 -84.80 -29.34 69.60
N LYS AA 61 -84.86 -28.34 68.71
CA LYS AA 61 -85.23 -26.97 69.00
C LYS AA 61 -86.64 -26.86 69.56
N MET AA 62 -87.62 -27.58 68.97
CA MET AA 62 -88.96 -27.71 69.51
C MET AA 62 -89.00 -28.28 70.93
N ILE AA 63 -88.17 -29.29 71.26
CA ILE AA 63 -88.04 -29.76 72.63
C ILE AA 63 -87.42 -28.71 73.56
N LEU AA 64 -86.31 -28.09 73.14
CA LEU AA 64 -85.55 -27.13 73.91
C LEU AA 64 -86.23 -25.81 74.24
N ILE AA 65 -87.03 -25.24 73.31
CA ILE AA 65 -87.70 -23.96 73.50
C ILE AA 65 -88.64 -23.94 74.71
N GLN AA 66 -89.44 -25.00 74.86
CA GLN AA 66 -90.20 -25.36 76.05
C GLN AA 66 -89.43 -25.35 77.38
N LYS AA 67 -90.15 -25.40 78.52
CA LYS AA 67 -89.50 -25.32 79.83
C LYS AA 67 -89.18 -26.70 80.41
N ILE AA 68 -89.45 -27.77 79.64
CA ILE AA 68 -89.51 -29.15 80.09
C ILE AA 68 -88.22 -29.79 80.61
N VAL AA 69 -87.06 -29.57 79.97
CA VAL AA 69 -85.81 -30.16 80.41
C VAL AA 69 -85.04 -29.20 81.31
N LYS AA 70 -84.56 -29.70 82.47
CA LYS AA 70 -83.70 -28.97 83.37
C LYS AA 70 -82.51 -29.80 83.82
N VAL AA 71 -81.32 -29.20 83.78
CA VAL AA 71 -80.08 -29.83 84.14
C VAL AA 71 -79.56 -29.01 85.29
N ASP AA 72 -79.08 -29.65 86.38
CA ASP AA 72 -78.55 -28.95 87.54
C ASP AA 72 -79.61 -28.05 88.21
N ASN AA 73 -80.89 -28.48 88.11
CA ASN AA 73 -82.08 -27.76 88.52
C ASN AA 73 -82.30 -26.47 87.73
N LYS AA 74 -81.71 -26.35 86.52
CA LYS AA 74 -81.77 -25.16 85.70
C LYS AA 74 -82.30 -25.52 84.33
N VAL AA 75 -83.44 -24.93 83.93
CA VAL AA 75 -83.99 -25.07 82.59
C VAL AA 75 -83.04 -24.52 81.52
N ARG AA 76 -82.87 -25.24 80.40
CA ARG AA 76 -81.95 -24.86 79.34
C ARG AA 76 -82.55 -25.08 77.97
N THR AA 77 -82.46 -24.05 77.10
CA THR AA 77 -82.84 -24.13 75.69
C THR AA 77 -81.61 -24.13 74.81
N ASP AA 78 -80.41 -24.13 75.42
CA ASP AA 78 -79.17 -23.90 74.72
C ASP AA 78 -78.63 -25.17 74.08
N CYS AA 79 -78.72 -25.25 72.75
CA CYS AA 79 -78.48 -26.44 71.95
C CYS AA 79 -77.10 -27.07 72.12
N THR AA 80 -76.06 -26.21 72.14
CA THR AA 80 -74.67 -26.65 72.17
C THR AA 80 -74.06 -26.48 73.55
N PHE AA 81 -74.90 -26.29 74.59
CA PHE AA 81 -74.47 -26.26 75.97
C PHE AA 81 -73.81 -27.59 76.38
N PRO AA 82 -72.64 -27.63 77.02
CA PRO AA 82 -71.96 -28.91 77.18
C PRO AA 82 -72.30 -29.50 78.55
N VAL AA 83 -72.61 -30.81 78.60
CA VAL AA 83 -73.09 -31.45 79.83
C VAL AA 83 -72.02 -32.20 80.62
N GLY AA 84 -70.76 -32.24 80.12
CA GLY AA 84 -69.62 -32.86 80.79
C GLY AA 84 -69.63 -34.34 81.10
N LEU AA 85 -68.60 -34.79 81.84
CA LEU AA 85 -68.35 -36.19 82.19
C LEU AA 85 -69.45 -36.82 83.02
N MET AA 86 -69.88 -36.12 84.07
CA MET AA 86 -70.77 -36.68 85.06
C MET AA 86 -71.60 -35.57 85.66
N ASP AA 87 -72.92 -35.60 85.44
CA ASP AA 87 -73.90 -34.75 86.09
C ASP AA 87 -75.28 -35.34 85.78
N VAL AA 88 -76.35 -34.74 86.35
CA VAL AA 88 -77.72 -35.21 86.26
C VAL AA 88 -78.61 -34.31 85.42
N ILE AA 89 -79.19 -34.89 84.36
CA ILE AA 89 -80.21 -34.31 83.50
C ILE AA 89 -81.58 -34.76 83.99
N HIS AA 90 -82.54 -33.82 84.16
CA HIS AA 90 -83.92 -34.18 84.43
C HIS AA 90 -84.83 -33.66 83.33
N ILE AA 91 -85.66 -34.53 82.75
CA ILE AA 91 -86.64 -34.14 81.76
C ILE AA 91 -88.00 -34.28 82.42
N THR AA 92 -88.62 -33.12 82.73
CA THR AA 92 -89.82 -33.02 83.59
C THR AA 92 -91.04 -33.67 82.97
N LYS AA 93 -91.25 -33.45 81.67
CA LYS AA 93 -92.40 -33.93 80.91
C LYS AA 93 -92.48 -35.45 80.85
N SER AA 94 -91.34 -36.14 80.63
CA SER AA 94 -91.29 -37.59 80.56
C SER AA 94 -90.98 -38.22 81.92
N ASN AA 95 -90.68 -37.39 82.94
CA ASN AA 95 -90.36 -37.76 84.32
C ASN AA 95 -89.04 -38.53 84.44
N GLU AA 96 -88.05 -38.20 83.60
CA GLU AA 96 -86.87 -39.00 83.40
C GLU AA 96 -85.63 -38.36 83.99
N TYR AA 97 -84.77 -39.17 84.61
CA TYR AA 97 -83.53 -38.71 85.16
C TYR AA 97 -82.37 -39.53 84.60
N PHE AA 98 -81.35 -38.85 84.05
CA PHE AA 98 -80.16 -39.46 83.48
C PHE AA 98 -78.91 -38.92 84.13
N ARG AA 99 -77.99 -39.82 84.50
CA ARG AA 99 -76.66 -39.50 84.99
C ARG AA 99 -75.66 -39.83 83.91
N LEU AA 100 -74.71 -38.93 83.63
CA LEU AA 100 -73.76 -39.13 82.55
C LEU AA 100 -72.54 -39.93 82.98
N LEU AA 101 -72.24 -41.02 82.26
CA LEU AA 101 -71.11 -41.90 82.53
C LEU AA 101 -70.34 -42.24 81.26
N TYR AA 102 -69.05 -42.60 81.39
CA TYR AA 102 -68.26 -43.19 80.33
C TYR AA 102 -68.67 -44.62 79.96
N ASP AA 103 -68.80 -44.91 78.66
CA ASP AA 103 -68.89 -46.27 78.13
C ASP AA 103 -67.51 -46.93 78.09
N ILE AA 104 -67.47 -48.26 77.88
CA ILE AA 104 -66.26 -49.05 77.76
C ILE AA 104 -65.70 -48.92 76.35
N LYS AA 105 -66.52 -48.41 75.43
CA LYS AA 105 -66.15 -48.10 74.07
C LYS AA 105 -65.76 -46.64 73.94
N GLY AA 106 -65.53 -45.96 75.08
CA GLY AA 106 -64.86 -44.65 75.12
C GLY AA 106 -65.70 -43.50 74.64
N ARG AA 107 -67.01 -43.58 74.89
CA ARG AA 107 -67.98 -42.59 74.46
C ARG AA 107 -68.89 -42.28 75.65
N PHE AA 108 -69.53 -41.11 75.70
CA PHE AA 108 -70.42 -40.77 76.81
C PHE AA 108 -71.82 -41.33 76.64
N VAL AA 109 -72.34 -41.97 77.70
CA VAL AA 109 -73.64 -42.63 77.71
C VAL AA 109 -74.52 -42.08 78.83
N PRO AA 110 -75.83 -41.96 78.62
CA PRO AA 110 -76.74 -41.55 79.69
C PRO AA 110 -77.28 -42.78 80.42
N HIS AA 111 -76.94 -42.90 81.71
CA HIS AA 111 -77.33 -44.03 82.53
C HIS AA 111 -78.45 -43.60 83.46
N ARG AA 112 -79.62 -44.27 83.35
CA ARG AA 112 -80.80 -43.99 84.18
C ARG AA 112 -80.56 -44.02 85.69
N ILE AA 113 -80.85 -42.90 86.37
CA ILE AA 113 -80.60 -42.74 87.80
C ILE AA 113 -81.93 -42.60 88.53
N THR AA 114 -82.01 -43.19 89.73
CA THR AA 114 -83.20 -43.18 90.58
C THR AA 114 -83.63 -41.77 90.96
N ASN AA 115 -84.95 -41.55 91.09
CA ASN AA 115 -85.59 -40.26 91.31
C ASN AA 115 -85.09 -39.55 92.56
N GLU AA 116 -85.01 -40.24 93.71
CA GLU AA 116 -84.36 -39.75 94.91
C GLU AA 116 -82.86 -39.47 94.75
N GLU AA 117 -82.14 -40.38 94.06
CA GLU AA 117 -80.68 -40.41 94.00
C GLU AA 117 -80.16 -39.37 93.03
N SER AA 118 -81.06 -38.85 92.16
CA SER AA 118 -80.87 -37.66 91.34
C SER AA 118 -80.42 -36.41 92.09
N LYS AA 119 -80.67 -36.35 93.42
CA LYS AA 119 -80.32 -35.27 94.32
C LYS AA 119 -78.85 -34.87 94.31
N TYR AA 120 -77.95 -35.86 94.13
CA TYR AA 120 -76.54 -35.69 94.34
C TYR AA 120 -75.70 -36.22 93.21
N LYS AA 121 -74.45 -35.80 93.19
CA LYS AA 121 -73.45 -36.23 92.25
C LYS AA 121 -72.16 -36.42 93.00
N LEU AA 122 -71.18 -37.08 92.38
CA LEU AA 122 -69.86 -37.20 92.95
C LEU AA 122 -68.95 -36.36 92.08
N CYS AA 123 -68.25 -35.40 92.69
CA CYS AA 123 -67.53 -34.35 91.99
C CYS AA 123 -66.05 -34.30 92.34
N LYS AA 124 -65.15 -34.61 91.39
CA LYS AA 124 -63.72 -34.34 91.50
C LYS AA 124 -63.33 -32.86 91.46
N VAL AA 125 -62.57 -32.40 92.47
CA VAL AA 125 -61.85 -31.13 92.43
C VAL AA 125 -60.54 -31.22 91.65
N LYS AA 126 -60.25 -30.23 90.78
CA LYS AA 126 -58.98 -30.15 90.08
C LYS AA 126 -57.99 -29.22 90.78
N LYS AA 127 -58.45 -28.11 91.38
CA LYS AA 127 -57.61 -27.18 92.10
C LYS AA 127 -58.37 -26.55 93.24
N ILE AA 128 -57.67 -26.04 94.27
CA ILE AA 128 -58.33 -25.39 95.39
C ILE AA 128 -57.49 -24.18 95.76
N LEU AA 129 -58.12 -23.00 95.74
CA LEU AA 129 -57.47 -21.72 95.85
C LEU AA 129 -57.90 -20.99 97.11
N LEU AA 130 -56.94 -20.28 97.73
CA LEU AA 130 -57.18 -19.37 98.82
C LEU AA 130 -57.33 -17.97 98.26
N ARG AA 131 -58.50 -17.36 98.45
CA ARG AA 131 -58.84 -16.02 98.01
C ARG AA 131 -58.87 -15.12 99.23
N LYS AA 132 -58.89 -13.78 99.05
CA LYS AA 132 -58.91 -12.75 100.08
C LYS AA 132 -59.53 -13.12 101.44
N GLY AA 133 -58.77 -12.86 102.52
CA GLY AA 133 -59.07 -13.29 103.89
C GLY AA 133 -58.64 -14.69 104.23
N ARG AA 134 -57.84 -15.34 103.35
CA ARG AA 134 -57.43 -16.73 103.43
C ARG AA 134 -58.62 -17.69 103.40
N LEU AA 135 -59.48 -17.49 102.39
CA LEU AA 135 -60.81 -18.01 102.26
C LEU AA 135 -60.90 -18.89 101.04
N SER AA 136 -61.21 -20.18 101.25
CA SER AA 136 -61.17 -21.20 100.22
C SER AA 136 -62.22 -21.13 99.12
N ILE AA 137 -61.82 -21.50 97.90
CA ILE AA 137 -62.71 -21.92 96.84
C ILE AA 137 -62.11 -23.16 96.19
N ALA AA 138 -62.89 -24.24 96.04
CA ALA AA 138 -62.51 -25.37 95.23
C ALA AA 138 -62.99 -25.17 93.81
N VAL AA 139 -62.27 -25.78 92.86
CA VAL AA 139 -62.52 -25.69 91.45
C VAL AA 139 -62.61 -27.10 90.93
N THR AA 140 -63.72 -27.41 90.27
CA THR AA 140 -64.15 -28.73 89.93
C THR AA 140 -63.86 -29.13 88.50
N HIS AA 141 -63.89 -30.45 88.22
CA HIS AA 141 -63.83 -30.98 86.88
C HIS AA 141 -64.90 -30.42 85.92
N ASP AA 142 -66.11 -30.14 86.43
CA ASP AA 142 -67.19 -29.53 85.69
C ASP AA 142 -67.23 -28.01 85.75
N GLY AA 143 -66.10 -27.37 86.11
CA GLY AA 143 -65.94 -25.93 85.95
C GLY AA 143 -66.79 -25.09 86.86
N ARG AA 144 -67.05 -25.58 88.06
CA ARG AA 144 -67.84 -24.95 89.08
C ARG AA 144 -66.91 -24.50 90.18
N SER AA 145 -67.27 -23.39 90.85
CA SER AA 145 -66.55 -23.00 92.04
C SER AA 145 -67.39 -23.46 93.20
N ILE AA 146 -66.74 -24.07 94.20
CA ILE AA 146 -67.43 -24.48 95.40
C ILE AA 146 -66.80 -23.65 96.50
N PRO AA 147 -67.45 -22.60 96.97
CA PRO AA 147 -66.83 -21.70 97.91
C PRO AA 147 -66.87 -22.25 99.32
N TYR AA 148 -65.83 -21.96 100.11
CA TYR AA 148 -65.87 -22.05 101.57
C TYR AA 148 -65.63 -23.47 102.07
N ILE AA 149 -65.04 -24.35 101.23
CA ILE AA 149 -64.72 -25.73 101.55
C ILE AA 149 -63.72 -25.91 102.70
N HIS AA 150 -63.96 -26.91 103.57
CA HIS AA 150 -63.09 -27.26 104.69
C HIS AA 150 -61.68 -27.72 104.29
N PRO AA 151 -60.62 -27.40 105.04
CA PRO AA 151 -59.24 -27.55 104.60
C PRO AA 151 -58.77 -29.00 104.64
N ASP AA 152 -59.58 -29.91 105.19
CA ASP AA 152 -59.36 -31.35 105.19
C ASP AA 152 -59.28 -31.94 103.78
N VAL AA 153 -60.19 -31.48 102.90
CA VAL AA 153 -60.22 -31.80 101.49
C VAL AA 153 -59.01 -31.25 100.73
N LYS AA 154 -58.43 -32.04 99.81
CA LYS AA 154 -57.25 -31.68 99.05
C LYS AA 154 -57.50 -31.77 97.54
N VAL AA 155 -56.52 -31.32 96.73
CA VAL AA 155 -56.69 -30.91 95.33
C VAL AA 155 -57.01 -32.00 94.33
N ASN AA 156 -56.91 -33.29 94.72
CA ASN AA 156 -57.39 -34.37 93.87
C ASN AA 156 -58.56 -35.12 94.50
N ASP AA 157 -59.05 -34.69 95.68
CA ASP AA 157 -60.16 -35.36 96.33
C ASP AA 157 -61.46 -35.29 95.55
N THR AA 158 -62.28 -36.35 95.62
CA THR AA 158 -63.64 -36.26 95.13
C THR AA 158 -64.55 -35.95 96.30
N VAL AA 159 -65.76 -35.45 96.02
CA VAL AA 159 -66.70 -35.02 97.03
C VAL AA 159 -68.08 -35.35 96.55
N ARG AA 160 -68.94 -35.90 97.44
CA ARG AA 160 -70.34 -36.07 97.09
C ARG AA 160 -71.03 -34.75 97.31
N LEU AA 161 -71.81 -34.31 96.33
CA LEU AA 161 -72.21 -32.93 96.22
C LEU AA 161 -73.70 -32.89 95.94
N ASP AA 162 -74.46 -32.21 96.81
CA ASP AA 162 -75.85 -31.90 96.55
C ASP AA 162 -76.01 -30.96 95.34
N LEU AA 163 -77.14 -31.05 94.62
CA LEU AA 163 -77.40 -30.18 93.49
C LEU AA 163 -78.35 -29.04 93.86
N GLU AA 164 -79.21 -29.23 94.89
CA GLU AA 164 -80.13 -28.21 95.36
C GLU AA 164 -79.41 -27.06 96.07
N THR AA 165 -78.49 -27.38 97.00
CA THR AA 165 -77.70 -26.41 97.75
C THR AA 165 -76.34 -26.20 97.15
N GLY AA 166 -75.90 -27.11 96.27
CA GLY AA 166 -74.63 -26.99 95.56
C GLY AA 166 -73.43 -27.34 96.39
N LYS AA 167 -73.61 -27.87 97.61
CA LYS AA 167 -72.53 -28.06 98.57
C LYS AA 167 -72.40 -29.51 99.04
N VAL AA 168 -71.39 -29.77 99.89
CA VAL AA 168 -70.86 -31.10 100.10
C VAL AA 168 -71.61 -31.92 101.15
N LEU AA 169 -71.88 -33.17 100.76
CA LEU AA 169 -72.52 -34.22 101.51
C LEU AA 169 -71.47 -35.02 102.26
N GLU AA 170 -70.37 -35.38 101.59
CA GLU AA 170 -69.25 -36.09 102.18
C GLU AA 170 -68.08 -35.94 101.25
N HIS AA 171 -66.88 -36.39 101.65
CA HIS AA 171 -65.71 -36.28 100.81
C HIS AA 171 -64.83 -37.49 100.97
N LEU AA 172 -64.06 -37.81 99.92
CA LEU AA 172 -63.18 -38.96 99.86
C LEU AA 172 -61.75 -38.55 99.55
N LYS AA 173 -60.83 -38.69 100.53
CA LYS AA 173 -59.40 -38.47 100.31
C LYS AA 173 -58.80 -39.35 99.20
N PHE AA 174 -58.07 -38.73 98.25
CA PHE AA 174 -57.34 -39.43 97.21
C PHE AA 174 -56.22 -40.30 97.79
N GLN AA 175 -56.23 -41.61 97.47
CA GLN AA 175 -55.31 -42.56 98.10
C GLN AA 175 -55.26 -43.85 97.32
N VAL AA 176 -54.23 -44.70 97.59
CA VAL AA 176 -54.23 -46.09 97.16
C VAL AA 176 -55.40 -46.87 97.76
N GLY AA 177 -55.98 -47.82 97.01
CA GLY AA 177 -57.18 -48.51 97.47
C GLY AA 177 -58.49 -47.77 97.23
N SER AA 178 -58.49 -46.71 96.40
CA SER AA 178 -59.71 -46.02 96.04
C SER AA 178 -60.09 -46.41 94.63
N LEU AA 179 -61.38 -46.67 94.40
CA LEU AA 179 -61.91 -47.00 93.10
C LEU AA 179 -61.83 -45.78 92.18
N VAL AA 180 -61.20 -45.96 91.03
CA VAL AA 180 -60.83 -44.91 90.12
C VAL AA 180 -61.36 -45.20 88.71
N MET AA 181 -61.74 -44.15 87.97
CA MET AA 181 -62.26 -44.19 86.61
C MET AA 181 -61.31 -43.44 85.72
N VAL AA 182 -60.88 -44.05 84.61
CA VAL AA 182 -59.96 -43.40 83.69
C VAL AA 182 -60.73 -42.57 82.67
N THR AA 183 -60.39 -41.28 82.52
CA THR AA 183 -61.20 -40.32 81.79
C THR AA 183 -60.59 -39.86 80.47
N ALA AA 184 -59.31 -40.18 80.23
CA ALA AA 184 -58.57 -39.85 79.03
C ALA AA 184 -57.36 -40.77 79.03
N GLY AA 185 -56.49 -40.72 78.01
CA GLY AA 185 -55.35 -41.63 77.92
C GLY AA 185 -55.67 -42.94 77.23
N HIS AA 186 -54.71 -43.88 77.23
CA HIS AA 186 -54.83 -45.17 76.58
C HIS AA 186 -55.96 -46.01 77.16
N SER AA 187 -56.10 -45.94 78.50
CA SER AA 187 -57.00 -46.80 79.25
C SER AA 187 -58.37 -46.16 79.48
N VAL AA 188 -58.64 -45.01 78.80
CA VAL AA 188 -59.91 -44.31 78.76
C VAL AA 188 -61.19 -45.16 78.81
N GLY AA 189 -62.14 -44.80 79.71
CA GLY AA 189 -63.42 -45.49 79.82
C GLY AA 189 -63.36 -46.83 80.52
N ARG AA 190 -62.61 -46.92 81.63
CA ARG AA 190 -62.50 -48.15 82.39
C ARG AA 190 -62.42 -47.77 83.85
N VAL AA 191 -62.71 -48.74 84.73
CA VAL AA 191 -62.69 -48.53 86.16
C VAL AA 191 -61.81 -49.59 86.77
N GLY AA 192 -61.06 -49.20 87.80
CA GLY AA 192 -60.10 -50.01 88.50
C GLY AA 192 -59.97 -49.47 89.89
N VAL AA 193 -59.10 -50.07 90.70
CA VAL AA 193 -58.77 -49.57 92.01
C VAL AA 193 -57.30 -49.20 91.99
N ILE AA 194 -56.94 -48.07 92.61
CA ILE AA 194 -55.56 -47.63 92.72
C ILE AA 194 -54.70 -48.63 93.47
N SER AA 195 -53.73 -49.23 92.77
CA SER AA 195 -52.84 -50.21 93.34
C SER AA 195 -51.66 -49.53 94.02
N SER AA 196 -51.02 -48.54 93.35
CA SER AA 196 -49.88 -47.86 93.94
C SER AA 196 -49.64 -46.51 93.29
N ILE AA 197 -49.19 -45.52 94.08
CA ILE AA 197 -48.78 -44.20 93.64
C ILE AA 197 -47.26 -44.06 93.80
N ASP AA 198 -46.55 -43.61 92.76
CA ASP AA 198 -45.14 -43.28 92.82
C ASP AA 198 -44.95 -41.88 92.26
N LYS AA 199 -44.39 -40.93 93.06
CA LYS AA 199 -44.14 -39.59 92.59
C LYS AA 199 -43.11 -39.54 91.46
N ASN AA 200 -43.37 -38.69 90.45
CA ASN AA 200 -42.46 -38.39 89.38
C ASN AA 200 -42.05 -36.93 89.52
N MET AA 201 -40.74 -36.63 89.46
CA MET AA 201 -40.24 -35.31 89.76
C MET AA 201 -40.04 -34.47 88.50
N GLY AA 202 -40.75 -33.32 88.41
CA GLY AA 202 -40.61 -32.37 87.29
C GLY AA 202 -41.27 -32.82 86.01
N THR AA 203 -42.05 -33.91 86.08
CA THR AA 203 -42.56 -34.60 84.91
C THR AA 203 -43.77 -35.41 85.34
N TYR AA 204 -44.55 -35.90 84.36
CA TYR AA 204 -45.84 -36.56 84.52
C TYR AA 204 -45.95 -37.57 85.65
N ASP AA 205 -46.87 -37.35 86.61
CA ASP AA 205 -47.14 -38.33 87.64
C ASP AA 205 -47.95 -39.50 87.13
N ILE AA 206 -47.43 -40.72 87.31
CA ILE AA 206 -48.05 -41.94 86.84
C ILE AA 206 -48.58 -42.73 88.02
N ILE AA 207 -49.75 -43.35 87.85
CA ILE AA 207 -50.45 -44.09 88.87
C ILE AA 207 -50.75 -45.51 88.39
N HIS AA 208 -50.47 -46.51 89.23
CA HIS AA 208 -50.72 -47.90 88.90
C HIS AA 208 -52.11 -48.31 89.35
N VAL AA 209 -52.92 -48.86 88.43
CA VAL AA 209 -54.32 -49.17 88.64
C VAL AA 209 -54.56 -50.66 88.44
N LYS AA 210 -55.33 -51.32 89.33
CA LYS AA 210 -55.71 -52.71 89.15
C LYS AA 210 -57.16 -52.85 88.72
N ASP AA 211 -57.44 -53.68 87.69
CA ASP AA 211 -58.77 -54.04 87.24
C ASP AA 211 -59.44 -55.04 88.20
N SER AA 212 -60.73 -55.36 87.98
CA SER AA 212 -61.48 -56.29 88.82
C SER AA 212 -61.36 -57.70 88.29
N ARG AA 213 -60.56 -57.87 87.22
CA ARG AA 213 -60.08 -59.16 86.75
C ARG AA 213 -58.67 -59.43 87.29
N ASN AA 214 -58.20 -58.59 88.24
CA ASN AA 214 -56.94 -58.71 88.94
C ASN AA 214 -55.73 -58.51 88.03
N LYS AA 215 -55.84 -57.51 87.14
CA LYS AA 215 -54.83 -57.18 86.15
C LYS AA 215 -54.37 -55.77 86.37
N VAL AA 216 -53.07 -55.47 86.24
CA VAL AA 216 -52.50 -54.19 86.66
C VAL AA 216 -51.94 -53.47 85.45
N PHE AA 217 -52.16 -52.15 85.38
CA PHE AA 217 -51.77 -51.30 84.29
C PHE AA 217 -51.47 -49.91 84.82
N ALA AA 218 -50.63 -49.15 84.11
CA ALA AA 218 -50.31 -47.79 84.45
C ALA AA 218 -51.24 -46.81 83.75
N THR AA 219 -51.42 -45.60 84.32
CA THR AA 219 -52.25 -44.54 83.75
C THR AA 219 -51.71 -43.23 84.26
N ARG AA 220 -51.80 -42.13 83.50
CA ARG AA 220 -51.36 -40.83 83.98
C ARG AA 220 -52.36 -40.20 84.95
N LEU AA 221 -51.85 -39.63 86.08
CA LEU AA 221 -52.62 -39.16 87.23
C LEU AA 221 -53.71 -38.16 86.90
N SER AA 222 -53.42 -37.25 85.96
CA SER AA 222 -54.32 -36.18 85.52
C SER AA 222 -55.67 -36.68 85.05
N ASN AA 223 -55.67 -37.83 84.39
CA ASN AA 223 -56.82 -38.42 83.75
C ASN AA 223 -57.35 -39.63 84.51
N VAL AA 224 -57.04 -39.76 85.81
CA VAL AA 224 -57.74 -40.70 86.67
C VAL AA 224 -58.64 -39.95 87.66
N PHE AA 225 -59.93 -40.33 87.67
CA PHE AA 225 -60.98 -39.71 88.45
C PHE AA 225 -61.42 -40.65 89.56
N VAL AA 226 -61.18 -40.35 90.85
CA VAL AA 226 -61.75 -41.16 91.93
C VAL AA 226 -63.27 -41.14 91.94
N ILE AA 227 -63.87 -42.33 92.10
CA ILE AA 227 -65.25 -42.64 91.75
C ILE AA 227 -65.87 -43.51 92.83
N GLY AA 228 -65.05 -44.16 93.67
CA GLY AA 228 -65.53 -44.78 94.89
C GLY AA 228 -64.39 -45.19 95.76
N ASP AA 229 -64.66 -46.11 96.70
CA ASP AA 229 -63.74 -46.59 97.70
C ASP AA 229 -63.61 -48.10 97.55
N ASN AA 230 -62.63 -48.71 98.22
CA ASN AA 230 -62.53 -50.16 98.37
C ASN AA 230 -63.76 -50.75 99.07
N THR AA 231 -64.35 -50.03 100.04
CA THR AA 231 -65.59 -50.40 100.69
C THR AA 231 -66.80 -50.45 99.77
N LYS AA 232 -66.97 -49.45 98.87
CA LYS AA 232 -68.12 -49.43 97.98
C LYS AA 232 -67.86 -48.52 96.77
N PRO AA 233 -68.36 -48.77 95.56
CA PRO AA 233 -68.54 -47.73 94.54
C PRO AA 233 -69.50 -46.64 95.01
N TYR AA 234 -69.17 -45.35 94.82
CA TYR AA 234 -69.93 -44.31 95.46
C TYR AA 234 -71.14 -43.86 94.67
N ILE AA 235 -71.24 -44.21 93.38
CA ILE AA 235 -72.31 -43.80 92.51
C ILE AA 235 -72.81 -44.93 91.64
N SER AA 236 -73.93 -44.72 90.93
CA SER AA 236 -74.52 -45.72 90.06
C SER AA 236 -73.83 -45.77 88.70
N LEU AA 237 -72.82 -46.65 88.57
CA LEU AA 237 -72.25 -47.06 87.30
C LEU AA 237 -73.25 -47.83 86.42
N PRO AA 238 -73.20 -47.78 85.09
CA PRO AA 238 -73.85 -48.77 84.24
C PRO AA 238 -73.37 -50.18 84.49
N ARG AA 239 -74.09 -51.19 83.96
CA ARG AA 239 -73.91 -52.59 84.28
C ARG AA 239 -72.50 -53.15 84.03
N GLU AA 240 -71.83 -52.67 82.98
CA GLU AA 240 -70.50 -53.08 82.56
C GLU AA 240 -69.43 -52.82 83.61
N LYS AA 241 -69.59 -51.68 84.34
CA LYS AA 241 -68.77 -51.23 85.44
C LYS AA 241 -67.29 -51.02 85.11
N GLY AA 242 -66.99 -50.64 83.85
CA GLY AA 242 -65.64 -50.26 83.46
C GLY AA 242 -64.67 -51.41 83.29
N ILE AA 243 -65.18 -52.65 83.31
CA ILE AA 243 -64.37 -53.86 83.34
C ILE AA 243 -64.00 -54.30 81.92
N LYS AA 244 -62.70 -54.56 81.67
CA LYS AA 244 -62.21 -54.84 80.33
C LYS AA 244 -62.26 -56.31 79.91
N LEU AA 245 -63.13 -56.63 78.95
CA LEU AA 245 -63.05 -57.88 78.20
C LEU AA 245 -62.24 -57.64 76.94
N ASP AA 246 -61.36 -58.58 76.56
CA ASP AA 246 -60.66 -58.52 75.30
C ASP AA 246 -61.62 -58.90 74.17
N ILE AA 247 -61.31 -58.49 72.93
CA ILE AA 247 -62.19 -58.64 71.78
C ILE AA 247 -62.69 -60.05 71.53
N ILE AA 248 -61.80 -61.06 71.63
CA ILE AA 248 -62.13 -62.45 71.47
C ILE AA 248 -63.11 -62.92 72.54
N GLU AA 249 -62.85 -62.54 73.80
CA GLU AA 249 -63.72 -62.84 74.91
C GLU AA 249 -65.07 -62.16 74.76
N GLU AA 250 -65.06 -60.89 74.35
CA GLU AA 250 -66.25 -60.08 74.20
C GLU AA 250 -67.16 -60.55 73.07
N ARG AA 251 -66.58 -60.85 71.88
CA ARG AA 251 -67.33 -61.42 70.77
C ARG AA 251 -67.86 -62.81 71.05
N ARG AA 252 -67.07 -63.70 71.69
CA ARG AA 252 -67.59 -64.96 72.17
C ARG AA 252 -68.72 -64.82 73.18
N ASN AA 253 -68.57 -63.95 74.19
CA ASN AA 253 -69.64 -63.58 75.11
C ASN AA 253 -70.91 -63.05 74.45
N ARG AA 254 -70.79 -62.11 73.48
CA ARG AA 254 -71.91 -61.69 72.65
C ARG AA 254 -72.63 -62.81 71.91
N LEU AA 255 -71.86 -63.72 71.27
CA LEU AA 255 -72.37 -64.89 70.59
C LEU AA 255 -73.09 -65.87 71.51
N LYS AA 256 -72.53 -66.08 72.72
CA LYS AA 256 -73.08 -66.93 73.74
C LYS AA 256 -74.11 -66.21 74.60
N ALA AA 257 -75.17 -65.70 73.96
CA ALA AA 257 -76.28 -65.04 74.61
C ALA AA 257 -77.61 -65.62 74.04
N MET BA 1 -77.49 30.98 43.93
CA MET BA 1 -78.93 31.04 43.50
C MET BA 1 -79.94 30.99 44.64
N LYS BA 2 -80.04 29.85 45.35
CA LYS BA 2 -81.11 29.64 46.32
C LYS BA 2 -80.73 30.14 47.70
N LEU BA 3 -81.60 30.93 48.33
CA LEU BA 3 -81.46 31.28 49.72
C LEU BA 3 -82.55 30.56 50.46
N ASN BA 4 -82.17 29.78 51.48
CA ASN BA 4 -83.11 29.14 52.37
C ASN BA 4 -83.00 29.83 53.71
N ILE BA 5 -84.02 30.62 54.07
CA ILE BA 5 -83.99 31.46 55.24
C ILE BA 5 -84.82 30.80 56.31
N SER BA 6 -84.25 30.61 57.51
CA SER BA 6 -84.89 29.99 58.65
C SER BA 6 -85.07 30.99 59.77
N ASN BA 7 -86.20 30.90 60.48
CA ASN BA 7 -86.55 31.76 61.59
C ASN BA 7 -86.52 30.92 62.87
N PRO BA 8 -85.50 30.97 63.71
CA PRO BA 8 -85.40 30.07 64.87
C PRO BA 8 -86.25 30.57 66.03
N LEU BA 9 -86.75 31.82 66.00
CA LEU BA 9 -87.68 32.33 66.98
C LEU BA 9 -89.07 31.71 66.81
N ASN BA 10 -89.56 31.67 65.57
CA ASN BA 10 -90.93 31.27 65.27
C ASN BA 10 -91.02 29.92 64.55
N ASN BA 11 -89.87 29.34 64.17
CA ASN BA 11 -89.68 27.96 63.73
C ASN BA 11 -90.13 27.69 62.29
N VAL BA 12 -90.33 28.76 61.53
CA VAL BA 12 -90.77 28.76 60.15
C VAL BA 12 -89.60 29.04 59.23
N GLN BA 13 -89.75 28.76 57.93
CA GLN BA 13 -88.64 28.85 57.00
C GLN BA 13 -89.15 29.01 55.57
N LYS BA 14 -88.37 29.75 54.75
CA LYS BA 14 -88.80 30.22 53.45
C LYS BA 14 -87.66 30.21 52.44
N SER BA 15 -87.99 30.07 51.14
CA SER BA 15 -87.03 30.12 50.05
C SER BA 15 -87.17 31.36 49.17
N ILE BA 16 -86.08 31.76 48.51
CA ILE BA 16 -86.08 32.81 47.50
C ILE BA 16 -84.88 32.58 46.58
N GLU BA 17 -84.95 33.07 45.31
CA GLU BA 17 -83.96 32.79 44.28
C GLU BA 17 -83.35 34.08 43.75
N ILE BA 18 -82.02 34.22 43.87
CA ILE BA 18 -81.30 35.44 43.59
C ILE BA 18 -80.08 35.16 42.72
N ASP BA 19 -79.95 35.85 41.56
CA ASP BA 19 -78.77 35.81 40.72
C ASP BA 19 -78.01 37.14 40.67
N ASP BA 20 -78.48 38.19 41.38
CA ASP BA 20 -77.90 39.51 41.30
C ASP BA 20 -76.76 39.71 42.28
N GLU BA 21 -75.59 40.14 41.76
CA GLU BA 21 -74.37 40.41 42.47
C GLU BA 21 -74.51 41.32 43.68
N LYS BA 22 -75.31 42.41 43.55
CA LYS BA 22 -75.51 43.38 44.59
C LYS BA 22 -76.30 42.85 45.77
N LYS BA 23 -77.23 41.92 45.51
CA LYS BA 23 -77.97 41.23 46.54
C LYS BA 23 -77.08 40.25 47.29
N LEU BA 24 -76.27 39.48 46.55
CA LEU BA 24 -75.22 38.64 47.08
C LEU BA 24 -74.19 39.36 47.95
N LEU BA 25 -73.44 40.32 47.38
CA LEU BA 25 -72.55 41.30 47.99
C LEU BA 25 -72.23 41.28 49.49
N PRO BA 26 -73.11 41.60 50.47
CA PRO BA 26 -72.80 41.47 51.90
C PRO BA 26 -72.41 40.08 52.36
N PHE BA 27 -72.88 39.00 51.70
CA PHE BA 27 -72.50 37.64 52.03
C PHE BA 27 -71.07 37.33 51.63
N MET BA 28 -70.52 38.04 50.63
CA MET BA 28 -69.19 37.80 50.10
C MET BA 28 -68.10 38.01 51.14
N GLU BA 29 -67.07 37.12 51.12
CA GLU BA 29 -65.91 37.15 51.99
C GLU BA 29 -66.18 36.75 53.44
N LYS BA 30 -67.45 36.56 53.83
CA LYS BA 30 -67.82 36.14 55.16
C LYS BA 30 -67.66 34.65 55.34
N ARG BA 31 -67.28 34.21 56.56
CA ARG BA 31 -67.30 32.81 56.93
C ARG BA 31 -68.71 32.42 57.40
N ILE BA 32 -69.18 31.18 57.17
CA ILE BA 32 -70.37 30.71 57.88
C ILE BA 32 -70.20 30.73 59.40
N GLY BA 33 -71.28 31.11 60.10
CA GLY BA 33 -71.32 31.41 61.52
C GLY BA 33 -71.21 32.88 61.81
N ASN BA 34 -70.71 33.69 60.85
CA ASN BA 34 -70.67 35.14 60.95
C ASN BA 34 -72.05 35.78 60.77
N ALA BA 35 -72.22 37.03 61.24
CA ALA BA 35 -73.42 37.80 60.97
C ALA BA 35 -73.25 38.69 59.73
N VAL BA 36 -74.37 39.00 59.05
CA VAL BA 36 -74.41 39.68 57.76
C VAL BA 36 -75.62 40.63 57.73
N PRO BA 37 -75.60 41.85 57.20
CA PRO BA 37 -76.82 42.65 57.05
C PRO BA 37 -77.69 42.20 55.88
N GLY BA 38 -79.02 42.31 56.04
CA GLY BA 38 -80.00 42.01 54.99
C GLY BA 38 -80.30 43.14 54.03
N ASP BA 39 -79.85 44.37 54.32
CA ASP BA 39 -80.25 45.57 53.62
C ASP BA 39 -80.00 45.59 52.10
N SER BA 40 -78.84 45.06 51.65
CA SER BA 40 -78.50 45.06 50.23
C SER BA 40 -79.30 44.06 49.39
N ILE BA 41 -79.89 43.04 50.05
CA ILE BA 41 -80.72 42.03 49.42
C ILE BA 41 -82.01 42.61 48.87
N GLY BA 42 -82.67 43.51 49.63
CA GLY BA 42 -83.92 44.10 49.18
C GLY BA 42 -84.63 44.79 50.29
N GLU BA 43 -85.72 45.49 49.94
CA GLU BA 43 -86.48 46.36 50.82
C GLU BA 43 -87.06 45.63 52.03
N GLU BA 44 -87.67 44.45 51.81
CA GLU BA 44 -88.16 43.55 52.83
C GLU BA 44 -87.15 43.26 53.94
N PHE BA 45 -85.86 43.19 53.55
CA PHE BA 45 -84.79 42.67 54.36
C PHE BA 45 -83.97 43.78 54.98
N THR BA 46 -84.37 45.05 54.77
CA THR BA 46 -83.73 46.20 55.40
C THR BA 46 -83.82 46.19 56.92
N GLY BA 47 -82.66 46.35 57.58
CA GLY BA 47 -82.50 46.30 59.02
C GLY BA 47 -82.44 44.91 59.62
N TYR BA 48 -82.54 43.84 58.79
CA TYR BA 48 -82.38 42.48 59.27
C TYR BA 48 -80.92 42.12 59.40
N VAL BA 49 -80.59 41.34 60.43
CA VAL BA 49 -79.27 40.76 60.61
C VAL BA 49 -79.42 39.26 60.46
N PHE BA 50 -78.68 38.65 59.53
CA PHE BA 50 -78.76 37.23 59.26
C PHE BA 50 -77.45 36.57 59.63
N ARG BA 51 -77.51 35.43 60.31
CA ARG BA 51 -76.35 34.59 60.57
C ARG BA 51 -76.36 33.44 59.59
N ILE BA 52 -75.42 33.44 58.64
CA ILE BA 52 -75.23 32.36 57.69
C ILE BA 52 -74.69 31.12 58.39
N THR BA 53 -75.18 29.92 58.02
CA THR BA 53 -74.94 28.73 58.85
C THR BA 53 -74.76 27.46 58.01
N GLY BA 54 -75.04 27.51 56.69
CA GLY BA 54 -74.63 26.42 55.82
C GLY BA 54 -74.84 26.79 54.37
N GLY BA 55 -74.71 25.82 53.45
CA GLY BA 55 -74.85 26.12 52.03
C GLY BA 55 -74.26 25.03 51.20
N ASN BA 56 -74.38 25.15 49.87
CA ASN BA 56 -73.87 24.14 48.96
C ASN BA 56 -73.41 24.79 47.65
N ASP BA 57 -72.40 24.19 47.02
CA ASP BA 57 -71.78 24.60 45.79
C ASP BA 57 -72.54 24.15 44.54
N LYS BA 58 -72.10 24.64 43.37
CA LYS BA 58 -72.61 24.34 42.04
C LYS BA 58 -72.42 22.89 41.58
N GLN BA 59 -71.57 22.11 42.29
CA GLN BA 59 -71.47 20.67 42.12
C GLN BA 59 -72.06 19.94 43.32
N GLY BA 60 -72.80 20.68 44.17
CA GLY BA 60 -73.49 20.16 45.35
C GLY BA 60 -72.64 20.04 46.58
N PHE BA 61 -71.35 20.40 46.53
CA PHE BA 61 -70.44 20.28 47.65
C PHE BA 61 -70.83 21.18 48.83
N PRO BA 62 -70.95 20.73 50.06
CA PRO BA 62 -71.48 21.56 51.13
C PRO BA 62 -70.45 22.53 51.65
N MET BA 63 -70.89 23.75 52.00
CA MET BA 63 -70.08 24.72 52.69
C MET BA 63 -69.88 24.32 54.15
N ILE BA 64 -68.64 24.00 54.56
CA ILE BA 64 -68.35 23.44 55.87
C ILE BA 64 -67.37 24.29 56.66
N GLN BA 65 -67.64 24.46 57.98
CA GLN BA 65 -67.02 25.46 58.83
C GLN BA 65 -65.51 25.39 59.00
N GLY BA 66 -64.92 24.18 59.11
CA GLY BA 66 -63.50 24.04 59.44
C GLY BA 66 -62.58 24.50 58.35
N VAL BA 67 -62.98 24.23 57.11
CA VAL BA 67 -62.21 24.52 55.91
C VAL BA 67 -62.13 26.01 55.63
N LEU BA 68 -60.92 26.59 55.63
CA LEU BA 68 -60.71 28.03 55.51
C LEU BA 68 -60.37 28.49 54.11
N THR BA 69 -60.59 27.63 53.10
CA THR BA 69 -60.48 27.99 51.69
C THR BA 69 -61.71 28.74 51.20
N ASN BA 70 -61.64 29.26 49.97
CA ASN BA 70 -62.70 30.05 49.37
C ASN BA 70 -63.34 29.28 48.22
N ASN BA 71 -63.07 27.95 48.16
CA ASN BA 71 -63.23 27.12 46.98
C ASN BA 71 -63.42 25.69 47.44
N ARG BA 72 -63.56 24.70 46.52
CA ARG BA 72 -63.79 23.33 46.96
C ARG BA 72 -62.50 22.58 47.20
N VAL BA 73 -62.49 21.67 48.19
CA VAL BA 73 -61.34 20.86 48.56
C VAL BA 73 -61.80 19.46 48.95
N ARG BA 74 -60.96 18.43 48.73
CA ARG BA 74 -61.17 17.08 49.23
C ARG BA 74 -60.29 16.78 50.44
N LEU BA 75 -60.90 16.43 51.60
CA LEU BA 75 -60.18 16.02 52.78
C LEU BA 75 -60.85 14.82 53.45
N LEU BA 76 -60.13 14.12 54.36
CA LEU BA 76 -60.66 12.92 55.00
C LEU BA 76 -61.72 13.24 56.04
N PHE BA 77 -62.90 12.59 55.91
CA PHE BA 77 -63.97 12.63 56.87
C PHE BA 77 -64.03 11.31 57.61
N LYS BA 78 -64.61 11.32 58.82
CA LYS BA 78 -64.58 10.20 59.74
C LYS BA 78 -65.93 10.12 60.42
N LYS BA 79 -66.22 9.00 61.11
CA LYS BA 79 -67.55 8.70 61.64
C LYS BA 79 -68.10 9.73 62.60
N GLY BA 80 -67.24 10.31 63.47
CA GLY BA 80 -67.62 11.34 64.42
C GLY BA 80 -67.69 12.74 63.87
N MET BA 81 -67.28 12.94 62.60
CA MET BA 81 -67.26 14.26 61.98
C MET BA 81 -68.64 14.65 61.42
N LYS BA 82 -68.93 15.96 61.36
CA LYS BA 82 -70.25 16.49 61.09
C LYS BA 82 -70.85 16.08 59.74
N CYS BA 83 -70.05 16.09 58.67
CA CYS BA 83 -70.51 15.71 57.33
C CYS BA 83 -70.80 14.22 57.14
N TYR BA 84 -69.91 13.34 57.63
CA TYR BA 84 -69.91 11.93 57.24
C TYR BA 84 -71.13 11.11 57.64
N ARG BA 85 -71.54 10.18 56.75
CA ARG BA 85 -72.48 9.14 57.07
C ARG BA 85 -71.73 7.81 57.11
N PRO BA 86 -71.64 7.10 58.24
CA PRO BA 86 -70.78 5.91 58.28
C PRO BA 86 -71.58 4.68 57.91
N ARG BA 87 -71.22 4.04 56.78
CA ARG BA 87 -71.86 2.84 56.28
C ARG BA 87 -71.51 1.65 57.17
N LYS BA 88 -70.25 1.60 57.65
CA LYS BA 88 -69.81 0.67 58.68
C LYS BA 88 -69.20 1.43 59.84
N LYS BA 89 -69.19 0.82 61.05
CA LYS BA 89 -68.46 1.34 62.18
C LYS BA 89 -66.94 1.34 61.94
N GLY BA 90 -66.27 2.48 62.24
CA GLY BA 90 -64.83 2.65 62.00
C GLY BA 90 -64.46 3.00 60.56
N GLU BA 91 -65.46 3.13 59.68
CA GLU BA 91 -65.28 3.60 58.32
C GLU BA 91 -64.89 5.09 58.25
N ARG BA 92 -64.12 5.49 57.23
CA ARG BA 92 -63.80 6.88 57.00
C ARG BA 92 -63.50 7.03 55.51
N LYS BA 93 -63.78 8.21 54.95
CA LYS BA 93 -63.67 8.46 53.53
C LYS BA 93 -63.29 9.89 53.19
N ARG BA 94 -62.50 10.10 52.12
CA ARG BA 94 -62.15 11.41 51.64
C ARG BA 94 -63.21 11.91 50.68
N LYS BA 95 -63.83 13.06 51.00
CA LYS BA 95 -64.91 13.64 50.23
C LYS BA 95 -64.62 15.09 49.92
N SER BA 96 -65.14 15.61 48.78
CA SER BA 96 -65.11 17.04 48.50
C SER BA 96 -66.15 17.84 49.26
N VAL BA 97 -65.77 19.08 49.64
CA VAL BA 97 -66.57 20.02 50.40
C VAL BA 97 -66.19 21.39 49.90
N ARG BA 98 -67.06 22.40 50.10
CA ARG BA 98 -66.71 23.78 49.86
C ARG BA 98 -66.22 24.40 51.17
N GLY BA 99 -65.18 25.26 51.10
CA GLY BA 99 -64.70 26.04 52.23
C GLY BA 99 -65.71 26.98 52.84
N CYS BA 100 -65.49 27.39 54.09
CA CYS BA 100 -66.46 28.12 54.89
C CYS BA 100 -66.71 29.55 54.44
N ILE BA 101 -65.83 30.08 53.58
CA ILE BA 101 -65.78 31.47 53.25
C ILE BA 101 -66.45 31.67 51.91
N VAL BA 102 -67.47 32.56 51.87
CA VAL BA 102 -68.19 32.85 50.64
C VAL BA 102 -67.31 33.52 49.60
N GLY BA 103 -67.31 32.98 48.36
CA GLY BA 103 -66.64 33.57 47.21
C GLY BA 103 -67.61 34.43 46.48
N GLN BA 104 -68.19 33.89 45.39
CA GLN BA 104 -69.15 34.64 44.59
C GLN BA 104 -70.08 33.69 43.85
N ASP BA 105 -70.18 32.43 44.31
CA ASP BA 105 -70.44 31.34 43.39
C ASP BA 105 -71.11 30.11 44.02
N LEU BA 106 -71.62 30.20 45.26
CA LEU BA 106 -72.45 29.16 45.86
C LEU BA 106 -73.75 28.89 45.11
N SER BA 107 -74.18 27.62 45.00
CA SER BA 107 -75.50 27.31 44.42
C SER BA 107 -76.61 27.70 45.39
N ALA BA 108 -76.41 27.38 46.67
CA ALA BA 108 -77.42 27.62 47.66
C ALA BA 108 -76.78 27.96 49.00
N LEU BA 109 -77.53 28.69 49.84
CA LEU BA 109 -77.06 29.19 51.11
C LEU BA 109 -78.19 29.03 52.11
N ASN BA 110 -77.82 28.66 53.36
CA ASN BA 110 -78.74 28.50 54.44
C ASN BA 110 -78.40 29.56 55.46
N LEU BA 111 -79.38 30.42 55.79
CA LEU BA 111 -79.21 31.54 56.68
C LEU BA 111 -80.32 31.60 57.71
N THR BA 112 -80.08 32.32 58.82
CA THR BA 112 -80.97 32.38 59.96
C THR BA 112 -81.10 33.81 60.42
N LEU BA 113 -82.32 34.33 60.62
CA LEU BA 113 -82.45 35.66 61.20
C LEU BA 113 -82.06 35.73 62.68
N VAL BA 114 -81.32 36.79 63.06
CA VAL BA 114 -80.87 37.06 64.42
C VAL BA 114 -81.56 38.28 64.98
N LYS BA 115 -81.69 39.34 64.16
CA LYS BA 115 -82.35 40.57 64.52
C LYS BA 115 -83.34 40.90 63.43
N LYS BA 116 -84.52 41.43 63.82
CA LYS BA 116 -85.63 41.67 62.92
C LYS BA 116 -85.64 43.11 62.43
N GLY BA 117 -85.68 43.29 61.09
CA GLY BA 117 -85.72 44.59 60.45
C GLY BA 117 -87.07 45.25 60.34
N VAL BA 118 -87.12 46.26 59.45
CA VAL BA 118 -88.23 47.18 59.28
C VAL BA 118 -89.52 46.53 58.79
N ASN BA 119 -89.42 45.67 57.77
CA ASN BA 119 -90.57 45.15 57.04
C ASN BA 119 -90.79 43.68 57.31
N GLU BA 120 -92.05 43.22 57.28
CA GLU BA 120 -92.38 41.80 57.34
C GLU BA 120 -91.86 41.02 56.14
N ILE BA 121 -91.50 39.74 56.37
CA ILE BA 121 -91.01 38.86 55.32
C ILE BA 121 -92.13 37.86 55.01
N PRO BA 122 -92.71 37.84 53.81
CA PRO BA 122 -93.78 36.91 53.46
C PRO BA 122 -93.43 35.45 53.69
N GLY BA 123 -94.24 34.75 54.52
CA GLY BA 123 -94.02 33.34 54.83
C GLY BA 123 -92.94 33.06 55.84
N LEU BA 124 -92.31 34.09 56.44
CA LEU BA 124 -91.21 33.86 57.36
C LEU BA 124 -91.35 34.62 58.67
N THR BA 125 -91.93 35.84 58.69
CA THR BA 125 -92.18 36.52 59.97
C THR BA 125 -93.65 36.62 60.27
N ASP BA 126 -94.51 36.26 59.29
CA ASP BA 126 -95.95 36.31 59.35
C ASP BA 126 -96.57 35.37 60.40
N LYS BA 127 -96.00 34.16 60.54
CA LYS BA 127 -96.58 33.07 61.29
C LYS BA 127 -95.54 32.45 62.23
N ALA BA 128 -96.01 31.57 63.13
CA ALA BA 128 -95.17 30.86 64.06
C ALA BA 128 -95.74 29.47 64.30
N VAL BA 129 -94.86 28.45 64.43
CA VAL BA 129 -95.27 27.07 64.66
C VAL BA 129 -94.59 26.51 65.91
N GLY BA 130 -95.34 25.71 66.69
CA GLY BA 130 -94.81 25.03 67.89
C GLY BA 130 -93.91 23.87 67.57
N LYS BA 131 -93.42 23.18 68.62
CA LYS BA 131 -92.64 21.96 68.48
C LYS BA 131 -93.39 20.81 67.79
N LYS BA 132 -92.67 19.95 67.05
CA LYS BA 132 -93.25 18.84 66.32
C LYS BA 132 -93.82 17.73 67.21
N LEU BA 133 -93.04 17.31 68.22
CA LEU BA 133 -93.38 16.23 69.11
C LEU BA 133 -93.34 16.69 70.56
N GLY BA 134 -94.33 16.27 71.37
CA GLY BA 134 -94.33 16.43 72.81
C GLY BA 134 -93.29 15.54 73.49
N PRO BA 135 -92.67 15.95 74.60
CA PRO BA 135 -91.83 15.11 75.43
C PRO BA 135 -92.34 13.71 75.80
N LYS BA 136 -91.41 12.74 75.94
CA LYS BA 136 -91.72 11.38 76.33
C LYS BA 136 -91.07 10.99 77.66
N ARG BA 137 -90.28 11.87 78.30
CA ARG BA 137 -89.83 11.66 79.66
C ARG BA 137 -90.77 12.37 80.65
N ALA BA 138 -91.15 11.67 81.73
CA ALA BA 138 -92.14 12.10 82.70
C ALA BA 138 -91.73 13.33 83.47
N SER BA 139 -90.47 13.36 83.95
CA SER BA 139 -89.87 14.50 84.63
C SER BA 139 -89.83 15.74 83.75
N LYS BA 140 -89.56 15.55 82.44
CA LYS BA 140 -89.68 16.59 81.43
C LYS BA 140 -91.11 17.12 81.27
N ILE BA 141 -92.14 16.25 81.23
CA ILE BA 141 -93.55 16.65 81.31
C ILE BA 141 -93.91 17.41 82.60
N ARG BA 142 -93.41 16.96 83.78
CA ARG BA 142 -93.59 17.63 85.07
C ARG BA 142 -92.97 19.03 85.09
N LYS BA 143 -91.76 19.17 84.52
CA LYS BA 143 -91.01 20.40 84.32
C LYS BA 143 -91.77 21.36 83.40
N LEU BA 144 -92.27 20.85 82.25
CA LEU BA 144 -92.99 21.56 81.20
C LEU BA 144 -94.25 22.24 81.74
N PHE BA 145 -94.98 21.59 82.67
CA PHE BA 145 -96.15 22.19 83.30
C PHE BA 145 -95.80 22.90 84.62
N ASN BA 146 -94.62 22.63 85.22
CA ASN BA 146 -94.13 23.22 86.46
C ASN BA 146 -95.02 22.93 87.67
N LEU BA 147 -95.44 21.66 87.84
CA LEU BA 147 -96.37 21.26 88.90
C LEU BA 147 -95.71 20.29 89.87
N ASP BA 148 -94.37 20.22 89.86
CA ASP BA 148 -93.54 19.40 90.74
C ASP BA 148 -94.04 17.97 91.02
N LYS BA 149 -94.34 17.65 92.29
CA LYS BA 149 -94.64 16.32 92.76
C LYS BA 149 -96.13 15.99 92.68
N SER BA 150 -96.93 16.87 92.01
CA SER BA 150 -98.37 16.70 91.86
C SER BA 150 -98.80 15.41 91.17
N ASP BA 151 -99.90 14.80 91.65
CA ASP BA 151 -100.45 13.54 91.21
C ASP BA 151 -101.02 13.52 89.78
N ASP BA 152 -100.99 12.32 89.16
CA ASP BA 152 -101.65 12.01 87.90
C ASP BA 152 -101.16 12.81 86.69
N VAL BA 153 -99.96 12.46 86.18
CA VAL BA 153 -99.36 13.16 85.06
C VAL BA 153 -99.74 12.53 83.73
N ARG BA 154 -100.63 11.51 83.73
CA ARG BA 154 -101.06 10.80 82.54
C ARG BA 154 -101.73 11.70 81.51
N LYS BA 155 -102.61 12.61 81.98
CA LYS BA 155 -103.38 13.45 81.11
C LYS BA 155 -102.69 14.79 80.86
N TYR BA 156 -101.52 15.03 81.49
CA TYR BA 156 -100.77 16.28 81.31
C TYR BA 156 -100.23 16.44 79.90
N VAL BA 157 -99.63 15.36 79.34
CA VAL BA 157 -98.97 15.37 78.05
C VAL BA 157 -99.88 15.75 76.88
N ILE BA 158 -99.35 16.52 75.90
CA ILE BA 158 -100.09 16.80 74.68
C ILE BA 158 -100.21 15.56 73.80
N ILE BA 159 -101.44 15.06 73.70
CA ILE BA 159 -101.85 13.92 72.92
C ILE BA 159 -101.68 14.09 71.41
N GLY BA 160 -101.52 12.96 70.69
CA GLY BA 160 -101.59 12.94 69.25
C GLY BA 160 -102.99 12.49 68.81
N PHE BA 171 -106.04 11.61 69.05
CA PHE BA 171 -106.36 10.17 69.31
C PHE BA 171 -105.93 9.70 70.70
N ILE BA 172 -104.62 9.75 71.04
CA ILE BA 172 -104.12 9.22 72.31
C ILE BA 172 -102.73 9.79 72.65
N LYS BA 173 -102.32 9.72 73.93
CA LYS BA 173 -100.97 10.06 74.38
C LYS BA 173 -99.80 9.27 73.73
N PRO BA 174 -98.59 9.82 73.58
CA PRO BA 174 -97.39 9.00 73.40
C PRO BA 174 -97.02 8.19 74.64
N LYS BA 175 -96.31 7.05 74.48
CA LYS BA 175 -95.70 6.34 75.60
C LYS BA 175 -94.64 7.17 76.34
N ILE BA 176 -94.59 7.06 77.68
CA ILE BA 176 -93.79 7.91 78.53
C ILE BA 176 -92.85 7.09 79.41
N GLN BA 177 -91.60 7.55 79.57
CA GLN BA 177 -90.53 6.96 80.34
C GLN BA 177 -90.23 7.76 81.61
N ARG BA 178 -89.38 7.20 82.50
CA ARG BA 178 -88.92 7.80 83.76
C ARG BA 178 -90.03 7.87 84.79
N LEU BA 179 -90.76 6.73 84.94
CA LEU BA 179 -91.99 6.64 85.68
C LEU BA 179 -91.84 6.40 87.18
N VAL BA 180 -92.95 6.47 87.92
CA VAL BA 180 -93.02 6.24 89.36
C VAL BA 180 -93.78 4.95 89.66
N THR BA 181 -93.88 4.04 88.67
CA THR BA 181 -94.68 2.81 88.72
C THR BA 181 -94.36 1.86 89.87
N GLU BA 182 -95.39 1.13 90.31
CA GLU BA 182 -95.33 0.18 91.40
C GLU BA 182 -94.32 -0.95 91.18
N LYS BA 183 -94.18 -1.45 89.94
CA LYS BA 183 -93.15 -2.41 89.58
C LYS BA 183 -91.74 -1.85 89.71
N ARG BA 184 -91.52 -0.56 89.38
CA ARG BA 184 -90.26 0.13 89.59
C ARG BA 184 -89.88 0.25 91.06
N LEU BA 185 -90.85 0.57 91.94
CA LEU BA 185 -90.69 0.54 93.39
C LEU BA 185 -90.32 -0.84 93.94
N LEU BA 186 -91.09 -1.88 93.52
CA LEU BA 186 -90.87 -3.26 93.91
C LEU BA 186 -89.52 -3.79 93.47
N ARG BA 187 -89.07 -3.47 92.25
CA ARG BA 187 -87.73 -3.77 91.74
C ARG BA 187 -86.59 -3.32 92.63
N LYS BA 188 -86.61 -2.06 93.09
CA LYS BA 188 -85.64 -1.52 94.03
C LYS BA 188 -85.61 -2.24 95.37
N ARG BA 189 -86.79 -2.48 95.96
CA ARG BA 189 -86.97 -3.34 97.13
C ARG BA 189 -86.44 -4.77 96.97
N ASN BA 190 -86.78 -5.46 95.87
CA ASN BA 190 -86.37 -6.81 95.49
C ASN BA 190 -84.85 -6.95 95.38
N LEU BA 191 -84.18 -5.95 94.80
CA LEU BA 191 -82.74 -5.85 94.77
C LEU BA 191 -82.10 -5.76 96.15
N LEU BA 192 -82.63 -4.89 97.03
CA LEU BA 192 -82.21 -4.74 98.41
C LEU BA 192 -82.40 -6.03 99.22
N GLN BA 193 -83.54 -6.71 99.04
CA GLN BA 193 -83.84 -8.02 99.58
C GLN BA 193 -82.80 -9.07 99.18
N ALA BA 194 -82.40 -9.10 97.90
CA ALA BA 194 -81.36 -9.97 97.38
C ALA BA 194 -79.99 -9.70 98.00
N LYS BA 195 -79.61 -8.41 98.19
CA LYS BA 195 -78.42 -8.02 98.94
C LYS BA 195 -78.43 -8.52 100.39
N ASP BA 196 -79.55 -8.35 101.13
CA ASP BA 196 -79.70 -8.87 102.48
C ASP BA 196 -79.59 -10.39 102.58
N LYS BA 197 -80.15 -11.12 101.60
CA LYS BA 197 -80.02 -12.57 101.48
C LYS BA 197 -78.58 -13.02 101.27
N ARG BA 198 -77.87 -12.40 100.31
CA ARG BA 198 -76.46 -12.66 100.02
C ARG BA 198 -75.58 -12.42 101.25
N ARG BA 199 -75.80 -11.29 101.95
CA ARG BA 199 -75.08 -10.93 103.14
C ARG BA 199 -75.25 -11.93 104.28
N LEU BA 200 -76.52 -12.30 104.58
CA LEU BA 200 -76.84 -13.33 105.56
C LEU BA 200 -76.24 -14.69 105.24
N GLU BA 201 -76.30 -15.13 103.97
CA GLU BA 201 -75.65 -16.32 103.45
C GLU BA 201 -74.14 -16.32 103.62
N LYS BA 202 -73.50 -15.18 103.31
CA LYS BA 202 -72.09 -14.92 103.48
C LYS BA 202 -71.63 -15.03 104.93
N LYS BA 203 -72.35 -14.39 105.88
CA LYS BA 203 -72.07 -14.49 107.31
C LYS BA 203 -72.11 -15.91 107.84
N GLN BA 204 -73.16 -16.69 107.48
CA GLN BA 204 -73.27 -18.08 107.85
C GLN BA 204 -72.14 -18.94 107.29
N GLN BA 205 -71.78 -18.76 106.01
CA GLN BA 205 -70.66 -19.45 105.44
C GLN BA 205 -69.29 -19.10 106.00
N LEU BA 206 -68.98 -17.82 106.26
CA LEU BA 206 -67.77 -17.46 106.98
C LEU BA 206 -67.67 -18.05 108.38
N LYS BA 207 -68.78 -18.02 109.15
CA LYS BA 207 -68.91 -18.66 110.45
C LYS BA 207 -68.64 -20.16 110.42
N GLU BA 208 -69.27 -20.87 109.45
CA GLU BA 208 -69.03 -22.27 109.15
C GLU BA 208 -67.57 -22.59 108.86
N TYR BA 209 -66.93 -21.83 107.94
CA TYR BA 209 -65.54 -21.97 107.60
C TYR BA 209 -64.58 -21.84 108.77
N LYS BA 210 -64.76 -20.80 109.62
CA LYS BA 210 -63.99 -20.65 110.85
C LYS BA 210 -64.11 -21.80 111.84
N GLN BA 211 -65.34 -22.30 112.06
CA GLN BA 211 -65.65 -23.43 112.91
C GLN BA 211 -64.97 -24.73 112.50
N LEU BA 212 -65.07 -25.08 111.21
CA LEU BA 212 -64.40 -26.19 110.57
C LEU BA 212 -62.88 -26.10 110.68
N LEU BA 213 -62.30 -24.91 110.39
CA LEU BA 213 -60.88 -24.64 110.45
C LEU BA 213 -60.25 -24.83 111.84
N ASN BA 214 -60.83 -24.26 112.90
CA ASN BA 214 -60.23 -24.31 114.23
C ASN BA 214 -60.44 -25.68 114.95
N VAL CA 1 -4.91 -55.09 59.66
CA VAL CA 1 -4.81 -55.47 61.11
C VAL CA 1 -6.01 -56.35 61.49
N ARG CA 2 -5.90 -57.20 62.55
CA ARG CA 2 -6.78 -58.35 62.72
C ARG CA 2 -8.27 -58.09 62.91
N MET CA 3 -8.64 -56.99 63.60
CA MET CA 3 -10.02 -56.70 63.97
C MET CA 3 -10.74 -57.85 64.70
N SER CA 4 -12.04 -58.11 64.42
CA SER CA 4 -12.77 -59.21 65.03
C SER CA 4 -12.26 -60.58 64.62
N VAL CA 5 -11.73 -61.34 65.60
CA VAL CA 5 -11.26 -62.70 65.43
C VAL CA 5 -12.33 -63.66 64.93
N LEU CA 6 -13.55 -63.57 65.49
CA LEU CA 6 -14.61 -64.55 65.41
C LEU CA 6 -14.98 -64.96 64.00
N ALA CA 7 -15.10 -63.99 63.08
CA ALA CA 7 -15.47 -64.26 61.69
C ALA CA 7 -14.46 -65.15 60.98
N ASP CA 8 -13.16 -64.83 61.09
CA ASP CA 8 -12.07 -65.59 60.50
C ASP CA 8 -12.00 -66.98 61.10
N CYS CA 9 -12.19 -67.08 62.42
CA CYS CA 9 -12.28 -68.35 63.12
C CYS CA 9 -13.41 -69.21 62.60
N LEU CA 10 -14.65 -68.71 62.48
CA LEU CA 10 -15.75 -69.44 61.89
C LEU CA 10 -15.53 -69.81 60.43
N LYS CA 11 -14.97 -68.92 59.59
CA LYS CA 11 -14.55 -69.26 58.24
C LYS CA 11 -13.52 -70.37 58.22
N THR CA 12 -12.56 -70.36 59.16
CA THR CA 12 -11.59 -71.42 59.36
C THR CA 12 -12.24 -72.74 59.68
N ILE CA 13 -13.24 -72.76 60.57
CA ILE CA 13 -14.03 -73.93 60.92
C ILE CA 13 -14.79 -74.41 59.70
N ASN CA 14 -15.43 -73.50 58.93
CA ASN CA 14 -16.05 -73.84 57.67
C ASN CA 14 -15.07 -74.49 56.69
N ASN CA 15 -13.87 -73.90 56.49
CA ASN CA 15 -12.83 -74.46 55.66
C ASN CA 15 -12.38 -75.85 56.13
N ALA CA 16 -12.18 -76.01 57.45
CA ALA CA 16 -11.86 -77.25 58.12
C ALA CA 16 -12.88 -78.34 57.88
N GLU CA 17 -14.19 -78.01 57.98
CA GLU CA 17 -15.25 -78.92 57.65
C GLU CA 17 -15.26 -79.28 56.16
N LYS CA 18 -15.08 -78.31 55.25
CA LYS CA 18 -14.96 -78.56 53.82
C LYS CA 18 -13.79 -79.47 53.47
N ARG CA 19 -12.62 -79.21 54.07
CA ARG CA 19 -11.45 -80.05 54.03
C ARG CA 19 -11.63 -81.43 54.68
N GLY CA 20 -12.41 -81.52 55.77
CA GLY CA 20 -12.72 -82.77 56.48
C GLY CA 20 -11.78 -83.08 57.61
N ARG CA 21 -11.28 -82.06 58.32
CA ARG CA 21 -10.24 -82.20 59.34
C ARG CA 21 -10.55 -83.03 60.59
N ARG CA 22 -11.79 -82.97 61.13
CA ARG CA 22 -12.26 -83.65 62.35
C ARG CA 22 -11.89 -82.90 63.64
N GLN CA 23 -10.71 -82.28 63.69
CA GLN CA 23 -10.29 -81.45 64.79
C GLN CA 23 -9.57 -80.23 64.25
N VAL CA 24 -9.59 -79.10 64.96
CA VAL CA 24 -8.98 -77.88 64.45
C VAL CA 24 -8.50 -77.01 65.59
N LEU CA 25 -7.44 -76.21 65.33
CA LEU CA 25 -6.76 -75.36 66.28
C LEU CA 25 -7.09 -73.89 66.02
N ILE CA 26 -7.91 -73.27 66.89
CA ILE CA 26 -8.13 -71.84 66.86
C ILE CA 26 -7.03 -71.16 67.66
N ARG CA 27 -6.22 -70.31 66.99
CA ARG CA 27 -5.16 -69.54 67.64
C ARG CA 27 -5.67 -68.37 68.50
N PRO CA 28 -6.62 -67.53 68.09
CA PRO CA 28 -7.39 -66.70 69.01
C PRO CA 28 -8.09 -67.42 70.17
N SER CA 29 -8.33 -66.71 71.28
CA SER CA 29 -9.22 -67.20 72.32
C SER CA 29 -9.87 -66.02 73.01
N SER CA 30 -11.17 -66.13 73.33
CA SER CA 30 -11.89 -65.11 74.07
C SER CA 30 -13.11 -65.72 74.73
N LYS CA 31 -13.63 -65.04 75.77
CA LYS CA 31 -14.87 -65.35 76.42
C LYS CA 31 -16.05 -65.53 75.47
N VAL CA 32 -16.21 -64.64 74.48
CA VAL CA 32 -17.31 -64.71 73.52
C VAL CA 32 -17.15 -65.92 72.61
N VAL CA 33 -15.92 -66.19 72.13
CA VAL CA 33 -15.63 -67.39 71.36
C VAL CA 33 -15.95 -68.66 72.14
N ILE CA 34 -15.54 -68.75 73.41
CA ILE CA 34 -15.89 -69.87 74.29
C ILE CA 34 -17.40 -70.06 74.45
N LYS CA 35 -18.14 -68.96 74.72
CA LYS CA 35 -19.59 -68.98 74.79
C LYS CA 35 -20.24 -69.45 73.49
N PHE CA 36 -19.74 -69.01 72.34
CA PHE CA 36 -20.24 -69.45 71.05
C PHE CA 36 -20.07 -70.95 70.81
N LEU CA 37 -18.89 -71.50 71.16
CA LEU CA 37 -18.60 -72.92 71.07
C LEU CA 37 -19.47 -73.75 72.00
N GLN CA 38 -19.67 -73.28 73.24
CA GLN CA 38 -20.58 -73.88 74.19
C GLN CA 38 -22.00 -73.89 73.66
N TYR CA 39 -22.45 -72.81 73.01
CA TYR CA 39 -23.71 -72.75 72.32
C TYR CA 39 -23.82 -73.72 71.14
N MET CA 40 -22.78 -73.82 70.30
CA MET CA 40 -22.73 -74.81 69.24
C MET CA 40 -22.81 -76.24 69.77
N GLN CA 41 -22.11 -76.55 70.87
CA GLN CA 41 -22.28 -77.79 71.61
C GLN CA 41 -23.72 -78.00 72.10
N LYS CA 42 -24.36 -76.95 72.65
CA LYS CA 42 -25.76 -76.95 73.06
C LYS CA 42 -26.72 -77.36 71.95
N LYS CA 43 -26.39 -76.98 70.70
CA LYS CA 43 -27.25 -77.25 69.56
C LYS CA 43 -26.72 -78.45 68.77
N GLY CA 44 -25.74 -79.21 69.32
CA GLY CA 44 -25.30 -80.47 68.76
C GLY CA 44 -24.37 -80.39 67.56
N TYR CA 45 -23.81 -79.21 67.27
CA TYR CA 45 -22.92 -78.98 66.13
C TYR CA 45 -21.48 -79.34 66.43
N ILE CA 46 -20.98 -78.88 67.60
CA ILE CA 46 -19.62 -79.08 68.05
C ILE CA 46 -19.61 -80.11 69.16
N GLY CA 47 -18.54 -80.94 69.26
CA GLY CA 47 -18.35 -81.83 70.38
C GLY CA 47 -17.67 -81.16 71.56
N SER CA 48 -16.49 -81.65 71.94
CA SER CA 48 -15.66 -81.12 73.01
C SER CA 48 -14.65 -80.12 72.51
N PHE CA 49 -14.34 -79.09 73.31
CA PHE CA 49 -13.21 -78.22 73.03
C PHE CA 49 -12.30 -78.06 74.24
N GLU CA 50 -10.98 -78.02 74.00
CA GLU CA 50 -9.95 -77.86 74.99
C GLU CA 50 -9.24 -76.52 74.87
N ILE CA 51 -9.37 -75.67 75.89
CA ILE CA 51 -8.73 -74.38 75.98
C ILE CA 51 -7.36 -74.52 76.63
N VAL CA 52 -6.30 -74.18 75.88
CA VAL CA 52 -4.91 -74.27 76.30
C VAL CA 52 -4.46 -72.94 76.84
N ASP CA 53 -3.78 -72.91 78.01
CA ASP CA 53 -3.44 -71.67 78.66
C ASP CA 53 -2.05 -71.16 78.25
N ASP CA 54 -2.02 -69.95 77.66
CA ASP CA 54 -0.85 -69.11 77.60
C ASP CA 54 -1.30 -67.73 78.08
N HIS CA 55 -0.48 -67.03 78.87
CA HIS CA 55 -0.80 -65.76 79.49
C HIS CA 55 -1.19 -64.69 78.48
N ARG CA 56 -0.45 -64.59 77.35
CA ARG CA 56 -0.70 -63.65 76.26
C ARG CA 56 -2.08 -63.78 75.60
N SER CA 57 -2.57 -65.03 75.48
CA SER CA 57 -3.81 -65.39 74.84
C SER CA 57 -3.77 -66.89 74.85
N GLY CA 58 -4.80 -67.55 75.42
CA GLY CA 58 -4.97 -68.98 75.23
C GLY CA 58 -5.26 -69.37 73.80
N LYS CA 59 -5.38 -70.67 73.54
CA LYS CA 59 -5.74 -71.22 72.25
C LYS CA 59 -6.87 -72.19 72.49
N ILE CA 60 -7.61 -72.58 71.45
CA ILE CA 60 -8.71 -73.51 71.61
C ILE CA 60 -8.59 -74.59 70.56
N VAL CA 61 -8.78 -75.85 70.94
CA VAL CA 61 -8.72 -76.97 70.03
C VAL CA 61 -10.07 -77.64 70.09
N VAL CA 62 -10.77 -77.63 68.96
CA VAL CA 62 -12.18 -77.97 68.88
C VAL CA 62 -12.33 -79.25 68.11
N ASN CA 63 -13.10 -80.21 68.67
CA ASN CA 63 -13.45 -81.44 67.99
C ASN CA 63 -14.77 -81.26 67.26
N LEU CA 64 -14.75 -81.55 65.96
CA LEU CA 64 -15.83 -81.27 65.04
C LEU CA 64 -16.63 -82.52 64.77
N LEU CA 65 -17.97 -82.41 64.65
CA LEU CA 65 -18.81 -83.57 64.39
C LEU CA 65 -19.12 -83.74 62.91
N GLY CA 66 -18.76 -82.72 62.09
CA GLY CA 66 -18.94 -82.73 60.64
C GLY CA 66 -20.34 -82.41 60.19
N ARG CA 67 -21.22 -82.04 61.13
CA ARG CA 67 -22.63 -81.80 60.87
C ARG CA 67 -22.90 -80.42 60.26
N ILE CA 68 -21.98 -79.48 60.46
CA ILE CA 68 -22.07 -78.13 59.94
C ILE CA 68 -22.12 -78.08 58.41
N ASN CA 69 -23.08 -77.33 57.84
CA ASN CA 69 -23.09 -76.98 56.44
C ASN CA 69 -22.33 -75.66 56.29
N LYS CA 70 -22.63 -74.67 57.14
CA LYS CA 70 -21.87 -73.45 57.25
C LYS CA 70 -22.03 -72.83 58.63
N CYS CA 71 -20.97 -72.16 59.12
CA CYS CA 71 -21.03 -71.29 60.27
C CYS CA 71 -20.42 -69.95 59.88
N ALA CA 72 -21.09 -68.83 60.20
CA ALA CA 72 -20.64 -67.53 59.78
C ALA CA 72 -21.05 -66.41 60.76
N VAL CA 73 -20.45 -65.22 60.57
CA VAL CA 73 -20.62 -64.05 61.43
C VAL CA 73 -21.18 -62.91 60.60
N ILE CA 74 -22.13 -62.15 61.16
CA ILE CA 74 -22.66 -60.95 60.53
C ILE CA 74 -22.01 -59.74 61.19
N SER CA 75 -21.28 -58.94 60.37
CA SER CA 75 -20.62 -57.72 60.78
C SER CA 75 -21.14 -56.59 59.89
N PRO CA 76 -21.53 -55.40 60.35
CA PRO CA 76 -21.57 -54.97 61.73
C PRO CA 76 -22.60 -55.72 62.54
N ARG CA 77 -22.44 -55.73 63.87
CA ARG CA 77 -23.33 -56.43 64.79
C ARG CA 77 -24.63 -55.67 65.00
N TYR CA 78 -25.51 -55.66 63.98
CA TYR CA 78 -26.74 -54.89 63.97
C TYR CA 78 -27.66 -55.15 65.14
N ASP CA 79 -28.29 -54.08 65.64
CA ASP CA 79 -29.43 -54.18 66.52
C ASP CA 79 -30.65 -54.74 65.79
N VAL CA 80 -31.51 -55.48 66.50
CA VAL CA 80 -32.62 -56.19 65.91
C VAL CA 80 -33.64 -56.33 67.02
N LYS CA 81 -34.90 -55.98 66.70
CA LYS CA 81 -36.01 -56.07 67.62
C LYS CA 81 -36.80 -57.34 67.39
N LEU CA 82 -37.64 -57.72 68.35
CA LEU CA 82 -38.27 -59.03 68.43
C LEU CA 82 -39.09 -59.43 67.21
N ASP CA 83 -39.83 -58.50 66.64
CA ASP CA 83 -40.63 -58.71 65.47
C ASP CA 83 -39.82 -58.63 64.17
N GLU CA 84 -38.70 -57.89 64.16
CA GLU CA 84 -37.72 -57.87 63.09
C GLU CA 84 -37.00 -59.19 62.87
N ILE CA 85 -36.92 -60.06 63.91
CA ILE CA 85 -36.23 -61.35 63.90
C ILE CA 85 -36.71 -62.22 62.77
N GLU CA 86 -38.03 -62.23 62.51
CA GLU CA 86 -38.64 -63.01 61.46
C GLU CA 86 -38.11 -62.66 60.07
N LYS CA 87 -37.93 -61.35 59.77
CA LYS CA 87 -37.29 -60.92 58.54
C LYS CA 87 -35.84 -61.38 58.45
N ILE CA 88 -35.08 -61.26 59.55
CA ILE CA 88 -33.67 -61.64 59.58
C ILE CA 88 -33.48 -63.12 59.31
N ILE CA 89 -34.25 -63.99 59.97
CA ILE CA 89 -34.12 -65.42 59.75
C ILE CA 89 -34.54 -65.83 58.36
N THR CA 90 -35.59 -65.18 57.80
CA THR CA 90 -36.03 -65.42 56.44
C THR CA 90 -34.94 -65.10 55.44
N SER CA 91 -34.27 -63.95 55.62
CA SER CA 91 -33.06 -63.63 54.87
C SER CA 91 -31.91 -64.63 55.01
N ILE CA 92 -31.53 -64.96 56.25
CA ILE CA 92 -30.32 -65.72 56.52
C ILE CA 92 -30.44 -67.22 56.36
N LEU CA 93 -31.39 -67.85 57.08
CA LEU CA 93 -31.41 -69.28 57.28
C LEU CA 93 -31.77 -70.09 56.04
N PRO CA 94 -31.31 -71.33 55.88
CA PRO CA 94 -31.61 -72.14 54.70
C PRO CA 94 -33.06 -72.56 54.69
N SER CA 95 -33.72 -72.58 55.85
CA SER CA 95 -35.09 -72.99 56.02
C SER CA 95 -35.56 -72.41 57.33
N ARG CA 96 -36.88 -72.39 57.56
CA ARG CA 96 -37.40 -72.07 58.88
C ARG CA 96 -37.42 -73.31 59.76
N LEU CA 97 -37.29 -74.50 59.13
CA LEU CA 97 -37.22 -75.78 59.81
C LEU CA 97 -36.01 -75.96 60.70
N PHE CA 98 -34.82 -75.52 60.23
CA PHE CA 98 -33.59 -75.71 60.98
C PHE CA 98 -32.57 -74.64 60.62
N GLY CA 99 -31.45 -74.59 61.38
CA GLY CA 99 -30.48 -73.52 61.30
C GLY CA 99 -30.73 -72.52 62.39
N HIS CA 100 -29.66 -71.86 62.85
CA HIS CA 100 -29.70 -71.11 64.08
C HIS CA 100 -29.03 -69.77 63.92
N LEU CA 101 -29.73 -68.69 64.31
CA LEU CA 101 -29.29 -67.32 64.20
C LEU CA 101 -28.96 -66.84 65.59
N ILE CA 102 -27.75 -66.33 65.82
CA ILE CA 102 -27.25 -66.06 67.15
C ILE CA 102 -27.24 -64.59 67.44
N LEU CA 103 -27.77 -64.21 68.61
CA LEU CA 103 -27.78 -62.84 69.08
C LEU CA 103 -26.99 -62.73 70.37
N THR CA 104 -26.67 -61.49 70.77
CA THR CA 104 -26.34 -61.15 72.14
C THR CA 104 -27.45 -60.25 72.66
N THR CA 105 -28.13 -60.64 73.74
CA THR CA 105 -29.28 -59.91 74.25
C THR CA 105 -29.07 -59.68 75.75
N PRO CA 106 -29.78 -58.83 76.48
CA PRO CA 106 -29.55 -58.65 77.91
C PRO CA 106 -29.79 -59.85 78.82
N TYR CA 107 -30.26 -60.99 78.28
CA TYR CA 107 -30.35 -62.23 79.02
C TYR CA 107 -29.21 -63.18 78.65
N GLY CA 108 -28.17 -62.65 77.94
CA GLY CA 108 -26.99 -63.38 77.50
C GLY CA 108 -26.90 -63.60 76.01
N ILE CA 109 -25.82 -64.27 75.58
CA ILE CA 109 -25.68 -64.76 74.22
C ILE CA 109 -26.49 -66.04 74.04
N MET CA 110 -27.38 -66.05 73.04
CA MET CA 110 -28.25 -67.17 72.79
C MET CA 110 -28.78 -67.07 71.38
N ASP CA 111 -29.36 -68.15 70.83
CA ASP CA 111 -30.00 -68.02 69.55
C ASP CA 111 -31.30 -67.20 69.60
N HIS CA 112 -31.75 -66.82 68.42
CA HIS CA 112 -32.88 -65.95 68.20
C HIS CA 112 -34.19 -66.50 68.75
N GLU CA 113 -34.46 -67.79 68.58
CA GLU CA 113 -35.69 -68.40 69.03
C GLU CA 113 -35.86 -68.37 70.53
N GLU CA 114 -34.79 -68.72 71.26
CA GLU CA 114 -34.72 -68.63 72.69
C GLU CA 114 -34.90 -67.20 73.19
N ALA CA 115 -34.20 -66.24 72.57
CA ALA CA 115 -34.35 -64.82 72.84
C ALA CA 115 -35.78 -64.33 72.63
N ARG CA 116 -36.39 -64.73 71.52
CA ARG CA 116 -37.75 -64.45 71.13
C ARG CA 116 -38.76 -64.98 72.14
N ARG CA 117 -38.62 -66.26 72.54
CA ARG CA 117 -39.39 -66.86 73.60
C ARG CA 117 -39.32 -66.14 74.94
N LYS CA 118 -38.09 -65.84 75.41
CA LYS CA 118 -37.79 -64.93 76.51
C LYS CA 118 -38.49 -63.58 76.46
N HIS CA 119 -38.18 -62.79 75.41
CA HIS CA 119 -38.70 -61.49 75.01
C HIS CA 119 -37.75 -60.35 75.32
N THR CA 120 -36.64 -60.23 74.59
CA THR CA 120 -35.80 -59.03 74.53
C THR CA 120 -35.16 -59.01 73.16
N GLY CA 121 -35.00 -57.83 72.53
CA GLY CA 121 -34.20 -57.72 71.33
C GLY CA 121 -32.72 -57.79 71.64
N GLY CA 122 -31.86 -57.61 70.62
CA GLY CA 122 -30.46 -57.34 70.92
C GLY CA 122 -29.65 -57.15 69.68
N LYS CA 123 -28.35 -57.49 69.75
CA LYS CA 123 -27.43 -57.38 68.64
C LYS CA 123 -27.20 -58.73 68.01
N VAL CA 124 -27.09 -58.79 66.68
CA VAL CA 124 -26.86 -60.04 65.97
C VAL CA 124 -25.37 -60.30 65.86
N LEU CA 125 -24.96 -61.54 66.20
CA LEU CA 125 -23.57 -61.93 66.09
C LEU CA 125 -23.38 -62.74 64.83
N GLY CA 126 -24.10 -63.87 64.70
CA GLY CA 126 -23.74 -64.84 63.68
C GLY CA 126 -24.83 -65.82 63.40
N PHE CA 127 -24.48 -66.90 62.69
CA PHE CA 127 -25.41 -67.96 62.40
C PHE CA 127 -24.67 -69.23 62.04
N PHE CA 128 -25.34 -70.38 62.17
CA PHE CA 128 -24.84 -71.62 61.62
C PHE CA 128 -25.98 -72.52 61.25
N PHE CA 129 -25.72 -73.47 60.35
CA PHE CA 129 -26.66 -74.47 59.92
C PHE CA 129 -25.85 -75.71 59.41
N ALA DA 1 -3.56 -72.40 126.54
CA ALA DA 1 -2.28 -73.12 126.18
C ALA DA 1 -1.97 -73.07 124.68
N VAL DA 2 -1.73 -74.23 124.03
CA VAL DA 2 -1.33 -74.30 122.63
C VAL DA 2 -2.37 -73.78 121.66
N GLN DA 3 -3.66 -74.10 121.90
CA GLN DA 3 -4.76 -73.75 121.02
C GLN DA 3 -5.05 -72.26 120.88
N LYS DA 4 -5.05 -71.50 121.99
CA LYS DA 4 -5.23 -70.05 121.99
C LYS DA 4 -4.12 -69.31 121.27
N ARG DA 5 -2.87 -69.79 121.46
CA ARG DA 5 -1.72 -69.24 120.80
C ARG DA 5 -1.74 -69.37 119.27
N VAL DA 6 -2.08 -70.56 118.75
CA VAL DA 6 -2.10 -70.85 117.33
C VAL DA 6 -3.34 -70.34 116.61
N LEU DA 7 -4.54 -70.57 117.18
CA LEU DA 7 -5.79 -70.19 116.55
C LEU DA 7 -6.39 -68.99 117.28
N LYS DA 8 -6.70 -67.91 116.54
CA LYS DA 8 -7.31 -66.72 117.12
C LYS DA 8 -8.73 -66.93 117.68
N SER DA 9 -9.59 -67.70 116.99
CA SER DA 9 -10.98 -67.93 117.38
C SER DA 9 -11.16 -69.12 118.33
N ASN DA 10 -12.41 -69.40 118.75
CA ASN DA 10 -12.79 -70.55 119.57
C ASN DA 10 -12.48 -71.88 118.84
N PRO DA 11 -11.77 -72.85 119.38
CA PRO DA 11 -11.17 -73.89 118.54
C PRO DA 11 -11.90 -75.22 118.62
N SER DA 12 -12.07 -75.88 117.47
CA SER DA 12 -12.56 -77.25 117.36
C SER DA 12 -11.43 -78.25 117.54
N ASP DA 13 -11.76 -79.55 117.57
CA ASP DA 13 -10.88 -80.66 117.88
C ASP DA 13 -9.65 -80.74 116.97
N LEU DA 14 -9.85 -80.57 115.65
CA LEU DA 14 -8.77 -80.73 114.70
C LEU DA 14 -7.96 -79.45 114.64
N GLU DA 15 -8.60 -78.29 114.88
CA GLU DA 15 -7.90 -77.03 115.10
C GLU DA 15 -6.96 -77.12 116.31
N LYS DA 16 -7.44 -77.66 117.44
CA LYS DA 16 -6.61 -77.92 118.61
C LYS DA 16 -5.49 -78.93 118.35
N GLU DA 17 -5.74 -80.03 117.58
CA GLU DA 17 -4.69 -80.94 117.19
C GLU DA 17 -3.60 -80.28 116.35
N ILE DA 18 -3.99 -79.44 115.37
CA ILE DA 18 -3.06 -78.65 114.59
C ILE DA 18 -2.25 -77.70 115.43
N ALA DA 19 -2.90 -76.96 116.35
CA ALA DA 19 -2.22 -76.13 117.31
C ALA DA 19 -1.19 -76.84 118.18
N GLN DA 20 -1.57 -78.01 118.75
CA GLN DA 20 -0.66 -78.87 119.47
C GLN DA 20 0.51 -79.34 118.64
N CYS DA 21 0.25 -79.88 117.44
CA CYS DA 21 1.26 -80.31 116.50
C CYS DA 21 2.19 -79.19 116.10
N LEU DA 22 1.66 -78.02 115.71
CA LEU DA 22 2.45 -76.88 115.34
C LEU DA 22 3.34 -76.37 116.47
N LEU DA 23 2.81 -76.23 117.70
CA LEU DA 23 3.63 -75.95 118.86
C LEU DA 23 4.71 -76.98 119.13
N ASP DA 24 4.40 -78.28 119.05
CA ASP DA 24 5.37 -79.35 119.20
C ASP DA 24 6.49 -79.31 118.17
N ILE DA 25 6.16 -78.97 116.90
CA ILE DA 25 7.13 -78.78 115.83
C ILE DA 25 8.02 -77.59 116.13
N GLU DA 26 7.46 -76.44 116.54
CA GLU DA 26 8.22 -75.27 116.95
C GLU DA 26 9.13 -75.50 118.15
N LEU DA 27 8.60 -76.12 119.21
CA LEU DA 27 9.32 -76.52 120.40
C LEU DA 27 10.47 -77.49 120.14
N SER DA 28 10.21 -78.55 119.34
CA SER DA 28 11.21 -79.57 119.03
C SER DA 28 12.23 -79.08 118.01
N SER DA 29 11.73 -78.28 117.05
CA SER DA 29 12.43 -77.68 115.95
C SER DA 29 12.97 -78.64 114.90
N SER DA 30 12.54 -78.45 113.64
CA SER DA 30 13.01 -79.21 112.50
C SER DA 30 14.17 -78.46 111.88
N SER DA 31 15.37 -79.10 111.86
CA SER DA 31 16.66 -78.42 111.86
C SER DA 31 16.90 -77.44 110.73
N ASP DA 32 16.52 -77.79 109.49
CA ASP DA 32 16.72 -76.94 108.33
C ASP DA 32 15.76 -75.75 108.29
N ILE DA 33 14.62 -75.81 108.99
CA ILE DA 33 13.57 -74.78 108.94
C ILE DA 33 13.38 -74.12 110.30
N LYS DA 34 14.36 -74.27 111.22
CA LYS DA 34 14.46 -73.63 112.52
C LYS DA 34 13.86 -72.22 112.68
N THR DA 35 13.14 -71.98 113.80
CA THR DA 35 12.18 -70.87 113.96
C THR DA 35 10.94 -71.20 113.16
N ASP DA 36 10.49 -72.45 113.31
CA ASP DA 36 9.63 -73.18 112.43
C ASP DA 36 8.27 -72.54 112.14
N ALA DA 37 7.61 -72.00 113.19
CA ALA DA 37 6.23 -71.57 113.05
C ALA DA 37 5.87 -70.43 114.01
N LYS DA 38 6.87 -69.70 114.55
CA LYS DA 38 6.64 -68.69 115.57
C LYS DA 38 5.74 -67.54 115.13
N GLU DA 39 5.89 -67.11 113.86
CA GLU DA 39 5.12 -66.03 113.29
C GLU DA 39 3.70 -66.43 112.90
N ILE DA 40 3.42 -67.74 112.76
CA ILE DA 40 2.15 -68.28 112.31
C ILE DA 40 0.96 -67.96 113.23
N LYS DA 41 -0.19 -67.65 112.62
CA LYS DA 41 -1.47 -67.54 113.27
C LYS DA 41 -2.45 -68.13 112.29
N LEU DA 42 -3.43 -68.93 112.76
CA LEU DA 42 -4.35 -69.61 111.87
C LEU DA 42 -5.75 -69.03 111.98
N LEU DA 43 -6.45 -68.98 110.84
CA LEU DA 43 -7.83 -68.56 110.79
C LEU DA 43 -8.79 -69.70 111.08
N SER DA 44 -8.57 -70.86 110.44
CA SER DA 44 -9.49 -71.98 110.55
C SER DA 44 -8.80 -73.24 110.07
N CYS DA 45 -9.33 -74.42 110.40
CA CYS DA 45 -8.92 -75.69 109.83
C CYS DA 45 -10.16 -76.50 109.50
N ASP DA 46 -10.10 -77.31 108.42
CA ASP DA 46 -11.21 -78.08 107.92
C ASP DA 46 -10.74 -79.48 107.56
N LEU DA 47 -11.64 -80.47 107.68
CA LEU DA 47 -11.35 -81.86 107.44
C LEU DA 47 -12.17 -82.36 106.27
N ILE DA 48 -11.50 -82.98 105.30
CA ILE DA 48 -12.10 -83.41 104.06
C ILE DA 48 -11.65 -84.84 103.83
N GLU DA 49 -12.56 -85.71 103.35
CA GLU DA 49 -12.26 -87.12 103.18
C GLU DA 49 -12.53 -87.52 101.76
N VAL DA 50 -11.52 -88.13 101.10
CA VAL DA 50 -11.62 -88.62 99.75
C VAL DA 50 -12.58 -89.79 99.61
N GLU DA 51 -13.27 -89.89 98.46
CA GLU DA 51 -14.20 -90.96 98.14
C GLU DA 51 -13.54 -92.32 98.07
N LYS DA 52 -12.25 -92.34 97.64
CA LYS DA 52 -11.41 -93.54 97.58
C LYS DA 52 -10.96 -94.03 98.96
N LEU DA 53 -11.08 -93.16 99.99
CA LEU DA 53 -10.78 -93.44 101.39
C LEU DA 53 -9.33 -93.81 101.66
N LYS DA 54 -8.40 -93.14 100.97
CA LYS DA 54 -6.99 -93.21 101.28
C LYS DA 54 -6.68 -92.11 102.29
N LYS DA 55 -6.88 -92.43 103.58
CA LYS DA 55 -6.83 -91.48 104.68
C LYS DA 55 -7.72 -90.24 104.50
N LYS DA 56 -7.34 -89.10 105.10
CA LYS DA 56 -8.10 -87.86 105.13
C LYS DA 56 -7.17 -86.73 104.77
N THR DA 57 -7.71 -85.59 104.30
CA THR DA 57 -6.92 -84.39 104.02
C THR DA 57 -7.43 -83.21 104.83
N ILE DA 58 -6.50 -82.38 105.35
CA ILE DA 58 -6.79 -81.24 106.20
C ILE DA 58 -6.51 -79.98 105.41
N LEU DA 59 -7.50 -79.08 105.32
CA LEU DA 59 -7.31 -77.77 104.76
C LEU DA 59 -7.11 -76.77 105.87
N ILE DA 60 -6.06 -75.94 105.82
CA ILE DA 60 -5.77 -74.96 106.86
C ILE DA 60 -5.75 -73.58 106.26
N TYR DA 61 -6.60 -72.66 106.78
CA TYR DA 61 -6.63 -71.29 106.35
C TYR DA 61 -5.72 -70.41 107.18
N ILE DA 62 -4.92 -69.59 106.47
CA ILE DA 62 -3.88 -68.75 107.01
C ILE DA 62 -4.12 -67.34 106.47
N PRO DA 63 -3.95 -66.25 107.22
CA PRO DA 63 -3.91 -64.89 106.68
C PRO DA 63 -2.90 -64.71 105.57
N TYR DA 64 -3.31 -64.18 104.39
CA TYR DA 64 -2.45 -63.87 103.24
C TYR DA 64 -1.06 -63.34 103.61
N LYS DA 65 -0.99 -62.30 104.45
CA LYS DA 65 0.25 -61.70 104.91
C LYS DA 65 1.20 -62.69 105.60
N ILE DA 66 0.71 -63.49 106.57
CA ILE DA 66 1.45 -64.55 107.23
C ILE DA 66 1.86 -65.65 106.26
N TYR DA 67 0.91 -66.09 105.41
CA TYR DA 67 1.10 -67.11 104.42
C TYR DA 67 2.19 -66.76 103.41
N THR DA 68 2.12 -65.57 102.81
CA THR DA 68 3.11 -65.07 101.88
C THR DA 68 4.47 -64.89 102.51
N THR DA 69 4.52 -64.29 103.70
CA THR DA 69 5.79 -63.94 104.31
C THR DA 69 6.51 -65.14 104.88
N TYR DA 70 5.80 -65.98 105.63
CA TYR DA 70 6.39 -67.13 106.29
C TYR DA 70 6.16 -68.42 105.52
N VAL DA 71 4.88 -68.79 105.29
CA VAL DA 71 4.50 -70.14 104.90
C VAL DA 71 5.03 -70.54 103.53
N ARG DA 72 4.89 -69.63 102.54
CA ARG DA 72 5.31 -69.81 101.17
C ARG DA 72 6.79 -70.13 101.03
N LYS DA 73 7.64 -69.47 101.82
CA LYS DA 73 9.08 -69.63 101.78
C LYS DA 73 9.58 -71.03 102.14
N ILE DA 74 8.92 -71.71 103.09
CA ILE DA 74 9.32 -73.02 103.59
C ILE DA 74 8.32 -74.13 103.27
N GLN DA 75 7.36 -73.89 102.37
CA GLN DA 75 6.10 -74.63 102.35
C GLN DA 75 6.18 -76.13 102.13
N ARG DA 76 6.99 -76.60 101.16
CA ARG DA 76 7.14 -78.03 100.90
C ARG DA 76 7.69 -78.80 102.08
N LYS DA 77 8.75 -78.27 102.71
CA LYS DA 77 9.31 -78.82 103.92
C LYS DA 77 8.38 -78.72 105.12
N LEU DA 78 7.67 -77.59 105.25
CA LEU DA 78 6.69 -77.36 106.30
C LEU DA 78 5.52 -78.33 106.26
N ILE DA 79 4.90 -78.52 105.08
CA ILE DA 79 3.83 -79.48 104.88
C ILE DA 79 4.29 -80.90 105.12
N ASN DA 80 5.48 -81.28 104.63
CA ASN DA 80 6.04 -82.60 104.88
C ASN DA 80 6.21 -82.88 106.37
N GLU DA 81 6.69 -81.90 107.15
CA GLU DA 81 6.79 -81.96 108.60
C GLU DA 81 5.45 -82.09 109.29
N LEU DA 82 4.43 -81.32 108.88
CA LEU DA 82 3.07 -81.43 109.39
C LEU DA 82 2.44 -82.79 109.10
N GLU DA 83 2.58 -83.29 107.87
CA GLU DA 83 2.25 -84.64 107.43
C GLU DA 83 2.92 -85.75 108.24
N LYS DA 84 4.24 -85.64 108.47
CA LYS DA 84 4.98 -86.54 109.35
C LYS DA 84 4.44 -86.55 110.78
N LYS DA 85 4.12 -85.37 111.35
CA LYS DA 85 3.55 -85.25 112.67
C LYS DA 85 2.13 -85.79 112.82
N THR DA 86 1.21 -85.43 111.90
CA THR DA 86 -0.14 -85.99 111.86
C THR DA 86 -0.41 -86.47 110.44
N LYS DA 87 -0.76 -87.77 110.29
CA LYS DA 87 -0.59 -88.48 109.04
C LYS DA 87 -1.62 -88.16 107.96
N LYS DA 88 -2.71 -87.46 108.33
CA LYS DA 88 -3.66 -86.88 107.40
C LYS DA 88 -2.99 -85.84 106.48
N TYR DA 89 -3.38 -85.80 105.19
CA TYR DA 89 -2.73 -85.00 104.16
C TYR DA 89 -3.01 -83.51 104.27
N VAL DA 90 -2.01 -82.66 104.50
CA VAL DA 90 -2.25 -81.28 104.87
C VAL DA 90 -2.15 -80.38 103.65
N VAL DA 91 -3.06 -79.40 103.51
CA VAL DA 91 -2.88 -78.30 102.60
C VAL DA 91 -3.02 -77.00 103.38
N LEU DA 92 -2.07 -76.07 103.15
CA LEU DA 92 -2.04 -74.73 103.67
C LEU DA 92 -2.50 -73.75 102.60
N VAL DA 93 -3.52 -72.92 102.86
CA VAL DA 93 -3.98 -71.94 101.89
C VAL DA 93 -4.07 -70.55 102.51
N ALA DA 94 -3.84 -69.51 101.69
CA ALA DA 94 -4.16 -68.16 102.09
C ALA DA 94 -5.63 -67.85 101.92
N LYS DA 95 -6.30 -67.34 102.97
CA LYS DA 95 -7.54 -66.63 102.78
C LYS DA 95 -7.34 -65.39 101.90
N ARG DA 96 -8.26 -65.15 100.96
CA ARG DA 96 -8.18 -64.04 100.04
C ARG DA 96 -9.58 -63.49 99.90
N THR DA 97 -9.74 -62.18 100.07
CA THR DA 97 -10.98 -61.50 99.78
C THR DA 97 -11.22 -61.45 98.28
N ILE DA 98 -12.45 -61.70 97.85
CA ILE DA 98 -12.84 -61.63 96.46
C ILE DA 98 -13.82 -60.50 96.37
N LEU DA 99 -13.64 -59.56 95.42
CA LEU DA 99 -14.34 -58.30 95.46
C LEU DA 99 -15.19 -58.06 94.23
N LYS DA 100 -16.48 -57.73 94.43
CA LYS DA 100 -17.34 -57.21 93.38
C LYS DA 100 -17.22 -55.69 93.36
N GLY DA 101 -16.60 -55.13 92.28
CA GLY DA 101 -16.30 -53.70 92.21
C GLY DA 101 -17.49 -52.84 91.91
N LYS DA 102 -18.63 -53.48 91.60
CA LYS DA 102 -19.93 -52.89 91.40
C LYS DA 102 -20.44 -52.15 92.63
N GLN DA 103 -20.07 -52.64 93.84
CA GLN DA 103 -20.57 -52.11 95.09
C GLN DA 103 -19.84 -50.88 95.60
N LYS DA 104 -18.65 -50.57 95.03
CA LYS DA 104 -17.83 -49.40 95.34
C LYS DA 104 -17.47 -49.23 96.82
N ASN DA 105 -16.88 -50.29 97.42
CA ASN DA 105 -16.43 -50.34 98.80
C ASN DA 105 -15.41 -49.28 99.15
N LYS DA 106 -15.45 -48.76 100.40
CA LYS DA 106 -14.70 -47.57 100.78
C LYS DA 106 -13.19 -47.69 100.61
N SER DA 107 -12.63 -48.85 100.99
CA SER DA 107 -11.19 -49.04 101.06
C SER DA 107 -10.51 -49.27 99.72
N PHE DA 108 -11.25 -49.48 98.62
CA PHE DA 108 -10.63 -49.60 97.30
C PHE DA 108 -11.22 -48.67 96.27
N LYS DA 109 -10.35 -47.83 95.69
CA LYS DA 109 -10.48 -47.32 94.34
C LYS DA 109 -10.44 -48.44 93.30
N ILE DA 110 -11.15 -48.27 92.16
CA ILE DA 110 -11.26 -49.21 91.05
C ILE DA 110 -11.44 -50.69 91.41
N ILE DA 111 -10.94 -51.63 90.59
CA ILE DA 111 -10.96 -53.06 90.85
C ILE DA 111 -9.52 -53.57 90.93
N PRO DA 112 -9.03 -53.99 92.09
CA PRO DA 112 -7.80 -54.74 92.20
C PRO DA 112 -7.78 -56.04 91.44
N ARG DA 113 -6.71 -56.32 90.69
CA ARG DA 113 -6.55 -57.57 89.96
C ARG DA 113 -6.41 -58.75 90.90
N SER DA 114 -5.69 -58.58 92.02
CA SER DA 114 -5.53 -59.59 93.07
C SER DA 114 -6.83 -60.02 93.74
N ARG DA 115 -7.91 -59.21 93.67
CA ARG DA 115 -9.18 -59.54 94.28
C ARG DA 115 -10.23 -59.96 93.26
N THR DA 116 -9.88 -60.17 91.97
CA THR DA 116 -10.82 -60.73 90.99
C THR DA 116 -11.14 -62.19 91.24
N LEU DA 117 -12.40 -62.62 91.00
CA LEU DA 117 -12.85 -64.00 91.11
C LEU DA 117 -11.93 -64.98 90.41
N THR DA 118 -11.59 -64.69 89.14
CA THR DA 118 -10.65 -65.48 88.37
C THR DA 118 -9.25 -65.52 88.94
N SER DA 119 -8.67 -64.37 89.30
CA SER DA 119 -7.33 -64.32 89.90
C SER DA 119 -7.23 -65.05 91.21
N VAL DA 120 -8.23 -64.92 92.10
CA VAL DA 120 -8.27 -65.64 93.36
C VAL DA 120 -8.39 -67.14 93.15
N TYR DA 121 -9.27 -67.59 92.25
CA TYR DA 121 -9.46 -69.00 91.97
C TYR DA 121 -8.23 -69.66 91.36
N ASP DA 122 -7.52 -68.97 90.45
CA ASP DA 122 -6.25 -69.42 89.93
C ASP DA 122 -5.18 -69.49 91.02
N SER DA 123 -5.16 -68.48 91.91
CA SER DA 123 -4.30 -68.40 93.09
C SER DA 123 -4.54 -69.53 94.07
N ILE DA 124 -5.80 -69.92 94.31
CA ILE DA 124 -6.13 -71.04 95.18
C ILE DA 124 -5.69 -72.36 94.53
N LEU DA 125 -5.76 -72.46 93.20
CA LEU DA 125 -5.19 -73.59 92.48
C LEU DA 125 -3.68 -73.66 92.65
N GLU DA 126 -2.99 -72.51 92.56
CA GLU DA 126 -1.60 -72.38 92.95
C GLU DA 126 -1.29 -72.80 94.40
N ASP DA 127 -2.07 -72.32 95.39
CA ASP DA 127 -1.91 -72.68 96.79
C ASP DA 127 -1.99 -74.18 97.07
N ILE DA 128 -2.95 -74.90 96.47
CA ILE DA 128 -3.12 -76.31 96.76
C ILE DA 128 -1.95 -77.15 96.25
N VAL DA 129 -1.46 -76.89 95.03
CA VAL DA 129 -0.30 -77.57 94.50
C VAL DA 129 1.00 -77.12 95.15
N SER DA 130 1.08 -75.86 95.64
CA SER DA 130 2.24 -75.06 96.06
C SER DA 130 3.59 -75.73 96.34
N PRO DA 131 3.79 -76.74 97.20
CA PRO DA 131 5.01 -77.55 97.22
C PRO DA 131 5.50 -78.09 95.89
N SER DA 132 4.61 -78.22 94.90
CA SER DA 132 4.86 -78.62 93.54
C SER DA 132 4.35 -77.52 92.62
N GLU DA 133 4.80 -77.50 91.37
CA GLU DA 133 4.69 -76.33 90.50
C GLU DA 133 4.10 -76.70 89.14
N ILE DA 134 3.13 -75.90 88.68
CA ILE DA 134 2.40 -76.13 87.44
C ILE DA 134 3.22 -75.86 86.17
N ILE DA 135 3.26 -76.86 85.27
CA ILE DA 135 3.86 -76.85 83.95
C ILE DA 135 2.88 -76.30 82.94
N GLY DA 136 1.59 -76.62 83.09
CA GLY DA 136 0.58 -76.08 82.19
C GLY DA 136 -0.81 -76.42 82.65
N LYS DA 137 -1.76 -75.56 82.25
CA LYS DA 137 -3.17 -75.70 82.54
C LYS DA 137 -3.93 -75.84 81.23
N ARG DA 138 -4.97 -76.69 81.21
CA ARG DA 138 -5.79 -76.88 80.04
C ARG DA 138 -7.20 -77.21 80.47
N ILE DA 139 -8.19 -76.52 79.90
CA ILE DA 139 -9.57 -76.62 80.34
C ILE DA 139 -10.40 -77.39 79.34
N SER DA 140 -10.80 -78.64 79.64
CA SER DA 140 -11.61 -79.42 78.74
C SER DA 140 -13.10 -79.22 78.99
N MET DA 141 -13.87 -78.81 77.97
CA MET DA 141 -15.30 -78.69 78.02
C MET DA 141 -15.97 -79.95 77.49
N LYS DA 142 -16.35 -80.86 78.41
CA LYS DA 142 -17.07 -82.08 78.10
C LYS DA 142 -18.49 -81.83 77.61
N ALA DA 143 -19.13 -82.85 76.98
CA ALA DA 143 -20.41 -82.72 76.29
C ALA DA 143 -21.60 -82.44 77.21
N ASP DA 144 -21.43 -82.69 78.53
CA ASP DA 144 -22.41 -82.37 79.55
C ASP DA 144 -22.42 -80.86 79.87
N GLY DA 145 -21.38 -80.11 79.42
CA GLY DA 145 -21.20 -78.69 79.68
C GLY DA 145 -20.37 -78.43 80.91
N LYS DA 146 -19.92 -79.50 81.60
CA LYS DA 146 -18.93 -79.43 82.63
C LYS DA 146 -17.55 -79.08 82.09
N ARG DA 147 -16.76 -78.31 82.87
CA ARG DA 147 -15.45 -77.89 82.46
C ARG DA 147 -14.44 -78.37 83.49
N VAL DA 148 -13.35 -78.96 82.97
CA VAL DA 148 -12.42 -79.75 83.75
C VAL DA 148 -11.03 -79.16 83.65
N PHE DA 149 -10.40 -78.83 84.78
CA PHE DA 149 -9.09 -78.20 84.77
C PHE DA 149 -8.00 -79.27 84.83
N LYS DA 150 -7.35 -79.52 83.68
CA LYS DA 150 -6.25 -80.45 83.53
C LYS DA 150 -4.92 -79.77 83.84
N ILE DA 151 -4.35 -80.09 84.99
CA ILE DA 151 -3.19 -79.43 85.53
C ILE DA 151 -1.98 -80.34 85.43
N MET DA 152 -0.98 -79.92 84.64
CA MET DA 152 0.24 -80.65 84.47
C MET DA 152 1.25 -80.18 85.51
N LEU DA 153 1.80 -81.11 86.33
CA LEU DA 153 2.90 -80.86 87.24
C LEU DA 153 4.24 -81.23 86.62
N ASP DA 154 5.35 -80.92 87.32
CA ASP DA 154 6.69 -81.25 86.89
C ASP DA 154 7.11 -82.68 87.22
N SER DA 155 8.31 -83.10 86.74
CA SER DA 155 8.71 -84.50 86.75
C SER DA 155 9.50 -84.88 87.99
N LYS DA 156 9.71 -83.94 88.93
CA LYS DA 156 10.50 -84.19 90.13
C LYS DA 156 9.73 -84.96 91.19
N GLU DA 157 8.40 -85.05 91.05
CA GLU DA 157 7.52 -85.61 92.06
C GLU DA 157 7.32 -87.11 91.86
N ARG DA 158 8.00 -87.69 90.86
CA ARG DA 158 7.98 -89.11 90.57
C ARG DA 158 8.75 -89.90 91.63
N GLN DA 159 9.64 -89.20 92.38
CA GLN DA 159 10.25 -89.66 93.61
C GLN DA 159 9.25 -89.94 94.73
N ARG DA 160 8.23 -89.07 94.88
CA ARG DA 160 7.29 -89.09 95.99
C ARG DA 160 6.23 -90.19 95.82
N ASP DA 161 6.12 -91.11 96.80
CA ASP DA 161 5.18 -92.22 96.73
C ASP DA 161 3.74 -91.74 96.99
N ASN DA 162 3.61 -90.58 97.65
CA ASN DA 162 2.34 -90.01 98.05
C ASN DA 162 1.65 -89.27 96.93
N ILE DA 163 2.30 -89.18 95.75
CA ILE DA 163 1.87 -88.46 94.55
C ILE DA 163 0.39 -88.55 94.22
N GLU DA 164 -0.14 -89.76 93.92
CA GLU DA 164 -1.50 -90.00 93.48
C GLU DA 164 -2.54 -89.60 94.52
N GLU DA 165 -2.30 -89.94 95.79
CA GLU DA 165 -3.12 -89.56 96.93
C GLU DA 165 -3.18 -88.05 97.10
N LYS DA 166 -2.05 -87.34 96.95
CA LYS DA 166 -2.04 -85.89 96.86
C LYS DA 166 -2.78 -85.33 95.65
N LEU DA 167 -2.64 -85.89 94.44
CA LEU DA 167 -3.39 -85.44 93.27
C LEU DA 167 -4.91 -85.54 93.40
N ILE DA 168 -5.42 -86.70 93.88
CA ILE DA 168 -6.82 -86.87 94.25
C ILE DA 168 -7.24 -85.89 95.33
N SER DA 169 -6.40 -85.67 96.36
CA SER DA 169 -6.62 -84.68 97.40
C SER DA 169 -6.73 -83.27 96.85
N PHE DA 170 -5.83 -82.83 95.96
CA PHE DA 170 -5.92 -81.53 95.30
C PHE DA 170 -7.24 -81.36 94.58
N ALA DA 171 -7.62 -82.36 93.76
CA ALA DA 171 -8.89 -82.37 93.08
C ALA DA 171 -10.10 -82.25 94.00
N ALA DA 172 -10.15 -83.07 95.08
CA ALA DA 172 -11.15 -83.00 96.12
C ALA DA 172 -11.22 -81.67 96.87
N VAL DA 173 -10.06 -81.12 97.27
CA VAL DA 173 -9.97 -79.87 98.01
C VAL DA 173 -10.49 -78.71 97.17
N TYR DA 174 -10.05 -78.62 95.90
CA TYR DA 174 -10.52 -77.57 95.01
C TYR DA 174 -12.01 -77.65 94.74
N LYS DA 175 -12.53 -78.88 94.52
CA LYS DA 175 -13.93 -79.20 94.38
C LYS DA 175 -14.78 -78.82 95.59
N LYS DA 176 -14.30 -79.04 96.82
CA LYS DA 176 -14.96 -78.52 98.00
C LYS DA 176 -14.99 -77.01 98.08
N ILE DA 177 -13.86 -76.33 97.79
CA ILE DA 177 -13.74 -74.88 97.86
C ILE DA 177 -14.65 -74.18 96.85
N THR DA 178 -14.69 -74.66 95.60
CA THR DA 178 -15.58 -74.12 94.60
C THR DA 178 -15.87 -75.20 93.59
N ARG DA 179 -16.97 -75.08 92.83
CA ARG DA 179 -17.52 -76.19 92.09
C ARG DA 179 -16.85 -76.38 90.73
N ARG DA 180 -15.52 -76.54 90.78
CA ARG DA 180 -14.65 -76.77 89.66
C ARG DA 180 -13.96 -78.10 89.83
N ASP DA 181 -14.12 -79.01 88.84
CA ASP DA 181 -13.41 -80.27 88.81
C ASP DA 181 -12.04 -80.13 88.17
N ALA DA 182 -11.02 -80.69 88.83
CA ALA DA 182 -9.67 -80.76 88.31
C ALA DA 182 -9.30 -82.19 88.01
N VAL DA 183 -8.31 -82.36 87.12
CA VAL DA 183 -7.62 -83.62 86.93
C VAL DA 183 -6.17 -83.26 86.79
N PHE DA 184 -5.26 -84.20 87.09
CA PHE DA 184 -3.84 -83.90 87.17
C PHE DA 184 -3.06 -84.90 86.35
N SER DA 185 -1.86 -84.50 85.89
CA SER DA 185 -0.95 -85.38 85.16
C SER DA 185 0.45 -84.81 85.26
N LEU DA 186 1.44 -85.51 84.71
CA LEU DA 186 2.81 -85.08 84.64
C LEU DA 186 3.46 -85.86 83.50
N PRO DA 187 4.59 -85.46 82.91
CA PRO DA 187 5.24 -86.17 81.80
C PRO DA 187 5.43 -87.69 81.93
N PRO DA 188 5.41 -88.49 80.87
CA PRO DA 188 5.56 -89.94 80.93
C PRO DA 188 6.96 -90.40 81.29
N ILE EA 1 -25.60 -124.99 -37.97
CA ILE EA 1 -26.58 -124.15 -37.19
C ILE EA 1 -25.91 -122.92 -36.60
N ALA EA 2 -26.44 -121.73 -36.92
CA ALA EA 2 -25.87 -120.46 -36.53
C ALA EA 2 -26.67 -119.86 -35.38
N LEU EA 3 -25.97 -119.41 -34.33
CA LEU EA 3 -26.57 -118.92 -33.13
C LEU EA 3 -26.16 -117.47 -33.02
N THR EA 4 -27.14 -116.55 -32.96
CA THR EA 4 -26.88 -115.13 -32.72
C THR EA 4 -27.56 -114.63 -31.46
N SER EA 5 -26.87 -113.85 -30.61
CA SER EA 5 -27.59 -113.09 -29.59
C SER EA 5 -26.84 -111.81 -29.27
N LYS EA 6 -27.49 -110.85 -28.59
CA LYS EA 6 -26.78 -109.79 -27.91
C LYS EA 6 -26.58 -110.16 -26.44
N ASN EA 7 -27.11 -111.32 -25.99
CA ASN EA 7 -26.95 -111.83 -24.65
C ASN EA 7 -25.80 -112.85 -24.62
N LEU EA 8 -24.62 -112.39 -24.18
CA LEU EA 8 -23.44 -113.17 -23.85
C LEU EA 8 -23.64 -114.49 -23.12
N ARG EA 9 -24.31 -114.49 -21.96
CA ARG EA 9 -24.51 -115.67 -21.15
C ARG EA 9 -25.40 -116.70 -21.83
N ALA EA 10 -26.52 -116.23 -22.41
CA ALA EA 10 -27.50 -117.08 -23.04
C ALA EA 10 -26.99 -117.82 -24.26
N ILE EA 11 -26.24 -117.16 -25.16
CA ILE EA 11 -25.58 -117.84 -26.26
C ILE EA 11 -24.56 -118.87 -25.78
N GLU EA 12 -23.72 -118.52 -24.78
CA GLU EA 12 -22.74 -119.40 -24.21
C GLU EA 12 -23.33 -120.66 -23.59
N LYS EA 13 -24.41 -120.49 -22.81
CA LYS EA 13 -25.14 -121.58 -22.21
C LYS EA 13 -25.75 -122.54 -23.22
N VAL EA 14 -26.50 -122.01 -24.21
CA VAL EA 14 -27.13 -122.77 -25.28
C VAL EA 14 -26.14 -123.59 -26.09
N CYS EA 15 -24.96 -123.02 -26.40
CA CYS EA 15 -23.91 -123.74 -27.10
C CYS EA 15 -23.48 -125.03 -26.44
N SER EA 16 -23.21 -124.98 -25.12
CA SER EA 16 -22.85 -126.17 -24.36
C SER EA 16 -23.97 -127.20 -24.33
N ASP EA 17 -25.21 -126.76 -24.11
CA ASP EA 17 -26.39 -127.60 -24.18
C ASP EA 17 -26.64 -128.28 -25.53
N ILE EA 18 -26.55 -127.57 -26.68
CA ILE EA 18 -26.75 -128.18 -27.99
C ILE EA 18 -25.66 -129.18 -28.34
N MET EA 19 -24.39 -128.93 -27.97
CA MET EA 19 -23.32 -129.90 -28.06
C MET EA 19 -23.58 -131.17 -27.25
N LYS EA 20 -23.99 -131.02 -25.98
CA LYS EA 20 -24.40 -132.11 -25.11
C LYS EA 20 -25.57 -132.92 -25.68
N GLY EA 21 -26.59 -132.21 -26.21
CA GLY EA 21 -27.74 -132.72 -26.94
C GLY EA 21 -27.37 -133.51 -28.18
N ALA EA 22 -26.41 -133.01 -28.97
CA ALA EA 22 -25.89 -133.67 -30.15
C ALA EA 22 -25.31 -135.06 -29.88
N LYS EA 23 -24.50 -135.22 -28.81
CA LYS EA 23 -23.96 -136.50 -28.43
C LYS EA 23 -25.01 -137.49 -27.91
N GLU EA 24 -26.11 -136.98 -27.30
CA GLU EA 24 -27.27 -137.77 -26.90
C GLU EA 24 -27.88 -138.56 -28.07
N LYS EA 25 -28.02 -137.91 -29.25
CA LYS EA 25 -28.56 -138.56 -30.44
C LYS EA 25 -27.42 -138.93 -31.38
N ASN EA 26 -26.17 -138.88 -30.88
CA ASN EA 26 -24.93 -139.31 -31.48
C ASN EA 26 -24.66 -138.73 -32.87
N LEU EA 27 -24.85 -137.40 -33.00
CA LEU EA 27 -24.66 -136.70 -34.26
C LEU EA 27 -23.21 -136.30 -34.47
N ASN EA 28 -22.76 -136.20 -35.74
CA ASN EA 28 -21.38 -135.85 -36.05
C ASN EA 28 -21.26 -134.33 -36.21
N VAL EA 29 -20.64 -133.69 -35.20
CA VAL EA 29 -20.52 -132.24 -35.10
C VAL EA 29 -19.08 -131.78 -35.24
N SER EA 30 -18.88 -130.56 -35.77
CA SER EA 30 -17.59 -129.88 -35.74
C SER EA 30 -17.62 -128.99 -34.51
N GLY EA 31 -16.51 -128.92 -33.74
CA GLY EA 31 -16.45 -128.13 -32.51
C GLY EA 31 -16.84 -126.66 -32.67
N PRO EA 32 -17.56 -126.04 -31.74
CA PRO EA 32 -18.12 -124.70 -31.89
C PRO EA 32 -17.14 -123.60 -32.28
N VAL EA 33 -17.40 -122.95 -33.43
CA VAL EA 33 -16.61 -121.89 -34.01
C VAL EA 33 -17.17 -120.54 -33.63
N ARG EA 34 -16.47 -119.79 -32.77
CA ARG EA 34 -16.94 -118.50 -32.32
C ARG EA 34 -16.55 -117.45 -33.35
N LEU EA 35 -17.54 -116.80 -33.98
CA LEU EA 35 -17.31 -115.93 -35.11
C LEU EA 35 -16.98 -114.53 -34.62
N PRO EA 36 -16.13 -113.76 -35.33
CA PRO EA 36 -15.78 -112.38 -35.00
C PRO EA 36 -16.90 -111.47 -34.48
N VAL EA 37 -16.69 -110.89 -33.28
CA VAL EA 37 -17.67 -110.07 -32.57
C VAL EA 37 -18.03 -108.77 -33.30
N LYS EA 38 -19.33 -108.47 -33.43
CA LYS EA 38 -19.78 -107.27 -34.11
C LYS EA 38 -20.21 -106.30 -33.03
N THR EA 39 -19.67 -105.07 -33.05
CA THR EA 39 -20.00 -104.06 -32.04
C THR EA 39 -20.66 -102.87 -32.70
N LEU EA 40 -21.78 -102.44 -32.11
CA LEU EA 40 -22.44 -101.19 -32.41
C LEU EA 40 -21.79 -100.14 -31.54
N ARG EA 41 -20.90 -99.33 -32.12
CA ARG EA 41 -20.08 -98.40 -31.39
C ARG EA 41 -20.59 -96.98 -31.60
N ILE EA 42 -20.90 -96.31 -30.49
CA ILE EA 42 -21.44 -94.95 -30.48
C ILE EA 42 -20.53 -94.07 -29.66
N THR EA 43 -19.98 -93.00 -30.26
CA THR EA 43 -19.13 -92.06 -29.55
C THR EA 43 -19.93 -90.80 -29.26
N THR EA 44 -20.20 -90.54 -27.99
CA THR EA 44 -21.18 -89.58 -27.48
C THR EA 44 -20.53 -88.51 -26.65
N ARG EA 45 -20.85 -87.24 -26.93
CA ARG EA 45 -20.47 -86.17 -26.02
C ARG EA 45 -21.32 -86.30 -24.75
N LYS EA 46 -20.71 -86.15 -23.56
CA LYS EA 46 -21.41 -86.27 -22.29
C LYS EA 46 -22.31 -85.08 -22.01
N SER EA 47 -21.83 -83.84 -22.26
CA SER EA 47 -22.62 -82.62 -22.10
C SER EA 47 -23.86 -82.59 -22.99
N PRO EA 48 -25.06 -82.27 -22.52
CA PRO EA 48 -26.28 -82.55 -23.28
C PRO EA 48 -26.57 -81.39 -24.19
N CYS EA 49 -26.07 -80.20 -23.82
CA CYS EA 49 -26.22 -78.96 -24.54
C CYS EA 49 -24.90 -78.58 -25.20
N GLY EA 50 -23.85 -79.38 -24.95
CA GLY EA 50 -22.50 -79.19 -25.50
C GLY EA 50 -21.71 -78.11 -24.80
N GLU EA 51 -22.29 -77.47 -23.77
CA GLU EA 51 -21.61 -76.49 -22.95
C GLU EA 51 -20.51 -77.09 -22.09
N GLY EA 52 -19.53 -76.27 -21.69
CA GLY EA 52 -18.34 -76.67 -20.97
C GLY EA 52 -17.46 -77.64 -21.70
N THR EA 53 -16.72 -78.45 -20.94
CA THR EA 53 -15.67 -79.34 -21.42
C THR EA 53 -16.10 -80.31 -22.51
N ASN EA 54 -15.18 -80.59 -23.46
CA ASN EA 54 -15.38 -81.49 -24.57
C ASN EA 54 -15.29 -82.97 -24.17
N THR EA 55 -16.14 -83.44 -23.24
CA THR EA 55 -16.14 -84.80 -22.71
C THR EA 55 -16.83 -85.80 -23.61
N TRP EA 56 -16.12 -86.81 -24.14
CA TRP EA 56 -16.72 -87.86 -24.94
C TRP EA 56 -16.60 -89.23 -24.29
N ASP EA 57 -17.64 -90.07 -24.40
CA ASP EA 57 -17.65 -91.45 -23.98
C ASP EA 57 -18.06 -92.37 -25.12
N ARG EA 58 -17.48 -93.59 -25.13
CA ARG EA 58 -17.69 -94.56 -26.19
C ARG EA 58 -18.48 -95.75 -25.70
N PHE EA 59 -19.72 -95.84 -26.18
CA PHE EA 59 -20.67 -96.88 -25.88
C PHE EA 59 -20.62 -97.98 -26.91
N GLU EA 60 -20.75 -99.24 -26.45
CA GLU EA 60 -20.69 -100.45 -27.25
C GLU EA 60 -21.87 -101.36 -26.96
N LEU EA 61 -22.62 -101.73 -28.01
CA LEU EA 61 -23.59 -102.81 -28.00
C LEU EA 61 -23.02 -103.99 -28.78
N ARG EA 62 -22.52 -105.02 -28.07
CA ARG EA 62 -21.71 -106.09 -28.64
C ARG EA 62 -22.55 -107.34 -28.90
N ILE EA 63 -22.72 -107.69 -30.19
CA ILE EA 63 -23.53 -108.81 -30.64
C ILE EA 63 -22.65 -110.00 -30.94
N TYR EA 64 -23.05 -111.18 -30.44
CA TYR EA 64 -22.33 -112.43 -30.46
C TYR EA 64 -22.83 -113.36 -31.56
N LYS EA 65 -21.93 -113.81 -32.46
CA LYS EA 65 -22.27 -114.82 -33.45
C LYS EA 65 -21.43 -116.06 -33.22
N ARG EA 66 -22.06 -117.25 -33.28
CA ARG EA 66 -21.39 -118.51 -33.14
C ARG EA 66 -21.97 -119.53 -34.12
N LEU EA 67 -21.16 -120.51 -34.54
CA LEU EA 67 -21.58 -121.55 -35.45
C LEU EA 67 -21.18 -122.91 -34.92
N ILE EA 68 -22.11 -123.85 -34.90
CA ILE EA 68 -21.83 -125.26 -34.72
C ILE EA 68 -22.51 -125.95 -35.88
N ASP EA 69 -21.84 -126.88 -36.59
CA ASP EA 69 -22.43 -127.48 -37.78
C ASP EA 69 -22.28 -128.99 -37.76
N LEU EA 70 -23.18 -129.67 -38.52
CA LEU EA 70 -23.51 -131.07 -38.33
C LEU EA 70 -23.59 -131.78 -39.67
N TYR EA 71 -23.06 -133.02 -39.77
CA TYR EA 71 -23.25 -133.87 -40.93
C TYR EA 71 -24.32 -134.88 -40.54
N SER EA 72 -25.56 -134.61 -40.97
CA SER EA 72 -26.75 -135.33 -40.55
C SER EA 72 -27.86 -135.03 -41.53
N GLN EA 73 -28.93 -135.85 -41.55
CA GLN EA 73 -30.19 -135.42 -42.11
C GLN EA 73 -30.81 -134.24 -41.36
N CYS EA 74 -31.61 -133.42 -42.08
CA CYS EA 74 -32.26 -132.21 -41.60
C CYS EA 74 -33.19 -132.43 -40.41
N GLU EA 75 -33.98 -133.50 -40.41
CA GLU EA 75 -35.03 -133.73 -39.44
C GLU EA 75 -34.55 -133.83 -37.98
N VAL EA 76 -33.47 -134.58 -37.68
CA VAL EA 76 -32.93 -134.69 -36.33
C VAL EA 76 -32.42 -133.37 -35.76
N VAL EA 77 -31.64 -132.62 -36.57
CA VAL EA 77 -31.00 -131.40 -36.13
C VAL EA 77 -32.00 -130.30 -35.86
N THR EA 78 -33.01 -130.15 -36.75
CA THR EA 78 -34.11 -129.21 -36.61
C THR EA 78 -34.96 -129.50 -35.40
N GLN EA 79 -35.36 -130.76 -35.16
CA GLN EA 79 -36.10 -131.12 -33.97
C GLN EA 79 -35.34 -130.90 -32.66
N MET EA 80 -34.05 -131.31 -32.59
CA MET EA 80 -33.20 -131.08 -31.43
C MET EA 80 -32.95 -129.61 -31.12
N THR EA 81 -32.59 -128.79 -32.13
CA THR EA 81 -32.43 -127.34 -31.94
C THR EA 81 -33.72 -126.67 -31.48
N SER EA 82 -34.87 -127.04 -32.07
CA SER EA 82 -36.17 -126.46 -31.75
C SER EA 82 -36.62 -126.69 -30.31
N ILE EA 83 -36.43 -127.91 -29.75
CA ILE EA 83 -36.72 -128.15 -28.35
C ILE EA 83 -35.76 -127.45 -27.37
N ASN EA 84 -34.44 -127.39 -27.68
CA ASN EA 84 -33.44 -127.02 -26.70
C ASN EA 84 -33.28 -125.52 -26.39
N ILE EA 85 -33.78 -124.63 -27.26
CA ILE EA 85 -33.59 -123.18 -27.19
C ILE EA 85 -34.00 -122.39 -25.93
N ASP EA 86 -33.37 -121.21 -25.75
CA ASP EA 86 -33.67 -120.21 -24.74
C ASP EA 86 -34.09 -118.90 -25.46
N PRO EA 87 -35.11 -118.13 -25.05
CA PRO EA 87 -35.75 -117.12 -25.91
C PRO EA 87 -34.92 -115.99 -26.52
N VAL EA 88 -33.82 -115.53 -25.91
CA VAL EA 88 -33.08 -114.38 -26.42
C VAL EA 88 -32.04 -114.74 -27.49
N VAL EA 89 -31.73 -116.03 -27.67
CA VAL EA 89 -30.88 -116.55 -28.72
C VAL EA 89 -31.65 -116.73 -30.02
N GLU EA 90 -31.26 -116.03 -31.11
CA GLU EA 90 -31.91 -116.18 -32.39
C GLU EA 90 -31.10 -117.16 -33.24
N VAL EA 91 -31.75 -118.27 -33.61
CA VAL EA 91 -31.17 -119.44 -34.26
C VAL EA 91 -31.55 -119.57 -35.72
N GLU EA 92 -30.58 -119.85 -36.62
CA GLU EA 92 -30.90 -120.32 -37.97
C GLU EA 92 -30.23 -121.64 -38.33
N VAL EA 93 -30.98 -122.59 -38.91
CA VAL EA 93 -30.49 -123.87 -39.38
C VAL EA 93 -29.91 -123.80 -40.81
N ILE EA 94 -28.83 -124.55 -41.08
CA ILE EA 94 -28.18 -124.63 -42.38
C ILE EA 94 -28.16 -126.10 -42.82
N ILE EA 95 -28.78 -126.42 -43.97
CA ILE EA 95 -28.89 -127.79 -44.51
C ILE EA 95 -27.58 -128.45 -44.93
N THR EA 96 -27.44 -129.79 -44.72
CA THR EA 96 -26.22 -130.54 -45.01
C THR EA 96 -26.50 -131.92 -45.63
N ASP EA 97 -25.45 -132.52 -46.22
CA ASP EA 97 -25.41 -133.84 -46.85
C ASP EA 97 -25.99 -135.04 -46.07
N SER EA 98 -26.27 -136.13 -46.79
CA SER EA 98 -26.85 -137.37 -46.27
C SER EA 98 -25.76 -138.33 -45.70
N GLU FA 1 66.14 -70.26 11.04
CA GLU FA 1 65.87 -69.39 9.84
C GLU FA 1 64.41 -68.96 9.73
N LEU FA 2 63.95 -68.54 8.52
CA LEU FA 2 62.60 -68.04 8.25
C LEU FA 2 62.30 -66.65 8.82
N VAL FA 3 61.42 -65.89 8.14
CA VAL FA 3 61.09 -64.52 8.51
C VAL FA 3 59.59 -64.39 8.65
N PHE FA 4 59.11 -63.78 9.75
CA PHE FA 4 57.71 -63.55 9.97
C PHE FA 4 57.32 -62.13 9.61
N GLY FA 5 56.20 -62.00 8.88
CA GLY FA 5 55.46 -60.76 8.70
C GLY FA 5 54.11 -60.87 9.35
N VAL FA 6 53.31 -59.80 9.29
CA VAL FA 6 51.98 -59.80 9.88
C VAL FA 6 50.97 -59.51 8.79
N ALA FA 7 50.02 -60.44 8.61
CA ALA FA 7 48.91 -60.36 7.71
C ALA FA 7 47.64 -59.83 8.39
N HIS FA 8 47.31 -58.54 8.22
CA HIS FA 8 46.02 -58.04 8.69
C HIS FA 8 44.93 -58.37 7.70
N ILE FA 9 43.83 -58.99 8.15
CA ILE FA 9 42.66 -59.23 7.35
C ILE FA 9 41.53 -58.45 7.99
N PHE FA 10 41.00 -57.43 7.30
CA PHE FA 10 39.92 -56.62 7.82
C PHE FA 10 38.73 -56.90 6.94
N ALA FA 11 37.74 -57.62 7.48
CA ALA FA 11 36.66 -58.14 6.72
C ALA FA 11 35.36 -57.47 7.07
N SER FA 12 34.71 -56.83 6.09
CA SER FA 12 33.45 -56.13 6.27
C SER FA 12 32.56 -56.53 5.11
N PHE FA 13 31.24 -56.22 5.21
CA PHE FA 13 30.24 -56.59 4.22
C PHE FA 13 30.52 -55.98 2.84
N ASN FA 14 30.93 -54.70 2.79
CA ASN FA 14 31.31 -54.06 1.54
C ASN FA 14 32.61 -54.59 0.92
N ASP FA 15 33.65 -54.85 1.75
CA ASP FA 15 34.89 -55.41 1.25
C ASP FA 15 35.68 -56.07 2.38
N THR FA 16 36.58 -56.99 1.99
CA THR FA 16 37.50 -57.71 2.85
C THR FA 16 38.92 -57.41 2.42
N PHE FA 17 39.64 -56.62 3.24
CA PHE FA 17 40.98 -56.14 2.96
C PHE FA 17 42.02 -57.11 3.47
N ILE FA 18 43.04 -57.39 2.65
CA ILE FA 18 44.23 -58.11 3.07
C ILE FA 18 45.40 -57.14 3.04
N HIS FA 19 46.01 -56.86 4.20
CA HIS FA 19 47.04 -55.86 4.34
C HIS FA 19 48.18 -56.41 5.17
N VAL FA 20 49.26 -56.83 4.49
CA VAL FA 20 50.43 -57.43 5.09
C VAL FA 20 51.51 -56.38 5.36
N THR FA 21 52.22 -56.52 6.49
CA THR FA 21 53.11 -55.53 7.07
C THR FA 21 54.31 -56.23 7.66
N ASP FA 22 55.32 -55.45 8.08
CA ASP FA 22 56.35 -55.85 9.03
C ASP FA 22 55.79 -56.53 10.28
N LEU FA 23 56.66 -57.27 11.01
CA LEU FA 23 56.35 -57.90 12.28
C LEU FA 23 55.99 -56.89 13.37
N SER FA 24 56.59 -55.69 13.31
CA SER FA 24 56.16 -54.54 14.09
C SER FA 24 54.74 -54.09 13.79
N GLY FA 25 54.36 -54.12 12.50
CA GLY FA 25 53.18 -53.45 11.97
C GLY FA 25 53.43 -52.00 11.67
N ARG FA 26 54.63 -51.48 11.94
CA ARG FA 26 54.97 -50.10 11.62
C ARG FA 26 55.02 -49.85 10.12
N GLU FA 27 55.65 -50.79 9.37
CA GLU FA 27 55.95 -50.61 7.98
C GLU FA 27 55.14 -51.58 7.13
N THR FA 28 54.49 -51.09 6.07
CA THR FA 28 53.66 -51.88 5.18
C THR FA 28 54.48 -52.76 4.27
N LEU FA 29 53.86 -53.82 3.73
CA LEU FA 29 54.45 -54.58 2.65
C LEU FA 29 53.52 -54.57 1.45
N VAL FA 30 52.22 -54.91 1.63
CA VAL FA 30 51.24 -54.89 0.55
C VAL FA 30 49.89 -54.36 1.04
N ARG FA 31 49.28 -53.41 0.31
CA ARG FA 31 47.90 -53.03 0.43
C ARG FA 31 47.23 -53.60 -0.79
N ILE FA 32 46.09 -54.32 -0.65
CA ILE FA 32 45.48 -54.90 -1.83
C ILE FA 32 43.97 -54.85 -1.84
N THR FA 33 43.35 -54.20 -0.82
CA THR FA 33 41.91 -54.28 -0.55
C THR FA 33 41.31 -55.68 -0.72
N GLY FA 34 40.14 -55.76 -1.36
CA GLY FA 34 39.63 -56.92 -2.05
C GLY FA 34 39.01 -56.42 -3.32
N GLY FA 35 38.30 -55.28 -3.24
CA GLY FA 35 37.59 -54.62 -4.33
C GLY FA 35 38.42 -54.23 -5.52
N MET FA 36 39.72 -53.92 -5.35
CA MET FA 36 40.63 -53.75 -6.45
C MET FA 36 40.82 -55.00 -7.31
N LYS FA 37 40.76 -56.20 -6.69
CA LYS FA 37 40.97 -57.44 -7.38
C LYS FA 37 39.65 -58.07 -7.80
N VAL FA 38 38.51 -57.45 -7.45
CA VAL FA 38 37.26 -57.64 -8.16
C VAL FA 38 37.38 -57.04 -9.55
N LYS FA 39 36.93 -57.78 -10.59
CA LYS FA 39 37.08 -57.39 -11.98
C LYS FA 39 36.35 -56.10 -12.36
N ALA FA 40 35.10 -55.94 -11.87
CA ALA FA 40 34.27 -54.80 -12.19
C ALA FA 40 34.20 -53.75 -11.08
N ASP FA 41 34.99 -53.91 -9.99
CA ASP FA 41 35.04 -53.04 -8.83
C ASP FA 41 33.68 -52.61 -8.22
N ARG FA 42 32.86 -53.61 -7.84
CA ARG FA 42 31.49 -53.46 -7.36
C ARG FA 42 31.15 -54.63 -6.46
N ASP FA 43 29.88 -54.72 -6.00
CA ASP FA 43 29.43 -55.77 -5.10
C ASP FA 43 30.17 -55.82 -3.75
N GLU FA 44 30.40 -57.04 -3.25
CA GLU FA 44 30.75 -57.33 -1.87
C GLU FA 44 32.16 -57.84 -1.70
N SER FA 45 32.85 -58.13 -2.82
CA SER FA 45 34.10 -58.86 -2.86
C SER FA 45 33.95 -60.31 -2.40
N SER FA 46 33.40 -61.16 -3.29
CA SER FA 46 33.20 -62.60 -3.13
C SER FA 46 34.34 -63.42 -2.49
N PRO FA 47 34.08 -64.62 -2.00
CA PRO FA 47 35.12 -65.58 -1.65
C PRO FA 47 36.19 -65.81 -2.71
N TYR FA 48 35.81 -65.85 -3.99
CA TYR FA 48 36.71 -65.96 -5.12
C TYR FA 48 37.64 -64.75 -5.22
N ALA FA 49 37.07 -63.53 -5.16
CA ALA FA 49 37.83 -62.30 -5.12
C ALA FA 49 38.77 -62.24 -3.91
N ALA FA 50 38.28 -62.62 -2.71
CA ALA FA 50 39.07 -62.75 -1.51
C ALA FA 50 40.25 -63.70 -1.66
N MET FA 51 40.04 -64.86 -2.29
CA MET FA 51 41.09 -65.78 -2.69
C MET FA 51 42.11 -65.18 -3.66
N MET FA 52 41.67 -64.51 -4.74
CA MET FA 52 42.56 -63.89 -5.71
C MET FA 52 43.45 -62.81 -5.10
N ALA FA 53 42.89 -61.98 -4.21
CA ALA FA 53 43.62 -60.96 -3.50
C ALA FA 53 44.71 -61.54 -2.60
N ALA FA 54 44.36 -62.57 -1.81
CA ALA FA 54 45.29 -63.28 -0.97
C ALA FA 54 46.39 -63.98 -1.75
N GLN FA 55 46.07 -64.60 -2.90
CA GLN FA 55 47.04 -65.13 -3.83
C GLN FA 55 48.00 -64.08 -4.37
N ASP FA 56 47.49 -62.90 -4.78
CA ASP FA 56 48.31 -61.78 -5.19
C ASP FA 56 49.27 -61.32 -4.09
N VAL FA 57 48.75 -61.13 -2.85
CA VAL FA 57 49.54 -60.82 -1.67
C VAL FA 57 50.62 -61.85 -1.39
N ALA FA 58 50.31 -63.15 -1.46
CA ALA FA 58 51.27 -64.22 -1.29
C ALA FA 58 52.37 -64.21 -2.34
N ALA FA 59 52.01 -64.00 -3.63
CA ALA FA 59 52.94 -63.85 -4.73
C ALA FA 59 53.89 -62.67 -4.52
N ARG FA 60 53.33 -61.51 -4.14
CA ARG FA 60 54.08 -60.31 -3.82
C ARG FA 60 54.95 -60.47 -2.59
N LEU FA 61 54.45 -61.08 -1.51
CA LEU FA 61 55.22 -61.29 -0.30
C LEU FA 61 56.41 -62.21 -0.50
N LYS FA 62 56.24 -63.30 -1.27
CA LYS FA 62 57.33 -64.14 -1.72
C LYS FA 62 58.30 -63.41 -2.65
N GLU FA 63 57.78 -62.58 -3.57
CA GLU FA 63 58.55 -61.72 -4.45
C GLU FA 63 59.43 -60.73 -3.69
N LEU FA 64 58.86 -60.10 -2.64
CA LEU FA 64 59.57 -59.23 -1.74
C LEU FA 64 60.59 -59.99 -0.89
N GLY FA 65 60.16 -61.08 -0.21
CA GLY FA 65 61.10 -62.04 0.37
C GLY FA 65 60.50 -62.92 1.43
N VAL FA 66 59.58 -62.35 2.23
CA VAL FA 66 59.04 -62.96 3.44
C VAL FA 66 58.31 -64.28 3.18
N THR FA 67 58.55 -65.28 4.06
CA THR FA 67 58.12 -66.65 3.84
C THR FA 67 57.01 -67.09 4.78
N ALA FA 68 56.66 -66.25 5.77
CA ALA FA 68 55.76 -66.64 6.82
C ALA FA 68 54.99 -65.46 7.36
N ILE FA 69 53.74 -65.69 7.83
CA ILE FA 69 52.86 -64.64 8.30
C ILE FA 69 52.08 -65.09 9.50
N HIS FA 70 51.99 -64.18 10.49
CA HIS FA 70 51.05 -64.26 11.59
C HIS FA 70 49.81 -63.53 11.14
N ILE FA 71 48.62 -64.05 11.46
CA ILE FA 71 47.38 -63.52 10.93
C ILE FA 71 46.66 -62.71 11.99
N LYS FA 72 46.26 -61.46 11.65
CA LYS FA 72 45.46 -60.62 12.53
C LYS FA 72 44.13 -60.36 11.88
N LEU FA 73 43.07 -61.00 12.40
CA LEU FA 73 41.71 -60.86 11.94
C LEU FA 73 40.99 -59.65 12.53
N ARG FA 74 40.12 -59.01 11.75
CA ARG FA 74 39.28 -57.93 12.22
C ARG FA 74 37.95 -57.96 11.50
N ALA FA 75 36.88 -58.04 12.31
CA ALA FA 75 35.51 -58.21 11.91
C ALA FA 75 34.67 -56.94 11.87
N SER FA 76 34.20 -56.54 10.66
CA SER FA 76 33.14 -55.58 10.36
C SER FA 76 33.10 -54.29 11.15
N GLY FA 77 34.26 -53.70 11.48
CA GLY FA 77 34.33 -52.42 12.17
C GLY FA 77 34.04 -52.48 13.65
N GLY FA 78 33.80 -53.67 14.23
CA GLY FA 78 33.66 -53.87 15.67
C GLY FA 78 32.37 -53.37 16.28
N THR FA 79 32.25 -52.04 16.43
CA THR FA 79 31.07 -51.37 16.95
C THR FA 79 29.86 -51.52 16.04
N LYS FA 80 30.04 -51.46 14.71
CA LYS FA 80 28.97 -51.67 13.74
C LYS FA 80 28.41 -53.09 13.80
N SER FA 81 29.31 -54.10 13.78
CA SER FA 81 28.99 -55.50 14.03
C SER FA 81 30.28 -56.22 14.35
N LYS FA 82 30.22 -57.36 15.06
CA LYS FA 82 31.38 -58.16 15.39
C LYS FA 82 31.52 -59.35 14.44
N THR FA 83 30.61 -59.47 13.45
CA THR FA 83 30.62 -60.52 12.44
C THR FA 83 31.83 -60.48 11.53
N PRO FA 84 32.61 -61.53 11.32
CA PRO FA 84 33.56 -61.61 10.21
C PRO FA 84 32.89 -61.40 8.84
N GLY FA 85 33.38 -60.45 8.01
CA GLY FA 85 32.92 -60.26 6.63
C GLY FA 85 33.08 -61.47 5.71
N PRO FA 86 32.37 -61.50 4.60
CA PRO FA 86 32.12 -62.70 3.79
C PRO FA 86 33.38 -63.41 3.33
N GLY FA 87 34.38 -62.66 2.85
CA GLY FA 87 35.59 -63.22 2.28
C GLY FA 87 36.59 -63.72 3.29
N ALA FA 88 36.41 -63.43 4.59
CA ALA FA 88 37.40 -63.69 5.63
C ALA FA 88 37.88 -65.14 5.74
N GLN FA 89 36.94 -66.10 5.71
CA GLN FA 89 37.26 -67.52 5.72
C GLN FA 89 38.02 -67.95 4.48
N SER FA 90 37.55 -67.49 3.30
CA SER FA 90 38.22 -67.73 2.03
C SER FA 90 39.63 -67.17 1.96
N ALA FA 91 39.85 -65.94 2.46
CA ALA FA 91 41.15 -65.33 2.53
C ALA FA 91 42.12 -66.09 3.42
N LEU FA 92 41.66 -66.51 4.62
CA LEU FA 92 42.45 -67.35 5.51
C LEU FA 92 42.81 -68.70 4.89
N ARG FA 93 41.84 -69.31 4.19
CA ARG FA 93 42.02 -70.59 3.51
C ARG FA 93 42.98 -70.44 2.35
N ALA FA 94 42.89 -69.34 1.58
CA ALA FA 94 43.80 -68.98 0.52
C ALA FA 94 45.23 -68.76 0.98
N LEU FA 95 45.47 -68.03 2.07
CA LEU FA 95 46.79 -67.87 2.65
C LEU FA 95 47.39 -69.18 3.10
N ALA FA 96 46.61 -70.05 3.78
CA ALA FA 96 47.05 -71.38 4.13
C ALA FA 96 47.34 -72.30 2.95
N ARG FA 97 46.45 -72.30 1.93
CA ARG FA 97 46.61 -73.03 0.70
C ARG FA 97 47.82 -72.60 -0.13
N SER FA 98 48.08 -71.27 -0.19
CA SER FA 98 49.16 -70.64 -0.95
C SER FA 98 50.55 -71.24 -0.77
N GLY FA 99 50.94 -71.51 0.50
CA GLY FA 99 52.16 -72.22 0.85
C GLY FA 99 52.99 -71.47 1.85
N LEU FA 100 52.56 -70.26 2.25
CA LEU FA 100 53.17 -69.51 3.34
C LEU FA 100 53.07 -70.21 4.67
N LYS FA 101 54.08 -70.07 5.53
CA LYS FA 101 54.09 -70.76 6.80
C LYS FA 101 53.33 -69.99 7.85
N ILE FA 102 52.41 -70.66 8.55
CA ILE FA 102 51.37 -70.00 9.33
C ILE FA 102 51.74 -70.01 10.80
N GLY FA 103 52.06 -68.82 11.35
CA GLY FA 103 52.32 -68.65 12.78
C GLY FA 103 51.05 -68.43 13.56
N ARG FA 104 51.09 -67.59 14.61
CA ARG FA 104 49.94 -67.29 15.43
C ARG FA 104 48.78 -66.64 14.67
N ILE FA 105 47.52 -67.03 14.98
CA ILE FA 105 46.33 -66.42 14.42
C ILE FA 105 45.54 -65.85 15.58
N GLU FA 106 45.19 -64.56 15.50
CA GLU FA 106 44.44 -63.86 16.52
C GLU FA 106 43.31 -63.05 15.93
N ASP FA 107 42.23 -62.89 16.71
CA ASP FA 107 41.22 -61.90 16.45
C ASP FA 107 41.66 -60.68 17.25
N VAL FA 108 41.77 -59.55 16.52
CA VAL FA 108 42.22 -58.29 17.05
C VAL FA 108 41.29 -57.22 16.56
N THR FA 109 40.03 -57.58 16.22
CA THR FA 109 38.95 -56.63 15.97
C THR FA 109 38.87 -55.61 17.10
N PRO FA 110 38.79 -54.30 16.93
CA PRO FA 110 38.49 -53.40 18.03
C PRO FA 110 37.16 -53.73 18.69
N ILE FA 111 37.15 -53.99 20.01
CA ILE FA 111 35.93 -54.41 20.69
C ILE FA 111 35.56 -53.32 21.68
N PRO FA 112 34.39 -52.71 21.58
CA PRO FA 112 33.84 -51.92 22.67
C PRO FA 112 33.73 -52.70 23.98
N THR FA 113 34.42 -52.26 25.04
CA THR FA 113 34.12 -52.67 26.40
C THR FA 113 32.81 -52.08 26.84
N ASP FA 114 32.58 -50.82 26.47
CA ASP FA 114 31.41 -50.05 26.74
C ASP FA 114 30.28 -50.29 25.73
N SER FA 115 29.44 -49.28 25.49
CA SER FA 115 28.43 -49.25 24.46
C SER FA 115 28.10 -47.81 24.12
N THR FA 116 27.63 -47.56 22.87
CA THR FA 116 27.16 -46.26 22.43
C THR FA 116 26.18 -46.49 21.29
N ARG FA 117 25.25 -45.54 21.04
CA ARG FA 117 24.26 -45.65 19.99
C ARG FA 117 24.85 -45.67 18.57
N LYS FA 118 24.22 -46.43 17.66
CA LYS FA 118 24.64 -46.59 16.27
C LYS FA 118 23.52 -46.18 15.33
N LYS FA 119 23.81 -46.13 14.01
CA LYS FA 119 22.85 -45.66 13.02
C LYS FA 119 21.53 -46.40 12.96
N SER FA 120 20.49 -45.65 12.60
CA SER FA 120 19.07 -45.98 12.64
C SER FA 120 18.51 -45.76 14.05
N GLY FA 121 17.23 -45.35 14.12
CA GLY FA 121 16.52 -45.06 15.36
C GLY FA 121 16.34 -46.20 16.31
N ARG FA 122 15.61 -45.99 17.40
CA ARG FA 122 15.42 -46.98 18.44
C ARG FA 122 14.56 -48.15 17.99
N ARG FA 123 13.79 -47.92 16.92
CA ARG FA 123 13.01 -48.90 16.19
C ARG FA 123 13.88 -49.82 15.32
N GLY FA 124 15.16 -49.44 15.10
CA GLY FA 124 16.10 -50.16 14.25
C GLY FA 124 15.84 -50.01 12.78
N ARG FA 125 16.75 -50.55 11.96
CA ARG FA 125 16.59 -50.53 10.52
C ARG FA 125 15.41 -51.37 10.08
N ARG FA 126 14.48 -50.73 9.37
CA ARG FA 126 13.23 -51.34 8.97
C ARG FA 126 13.39 -52.28 7.78
N LEU FA 127 14.29 -51.95 6.85
CA LEU FA 127 14.62 -52.79 5.72
C LEU FA 127 15.44 -54.06 6.13
N ARG GA 1 -41.18 -5.28 68.44
CA ARG GA 1 -41.87 -5.83 67.24
C ARG GA 1 -41.31 -7.20 66.83
N ASP GA 2 -41.38 -7.55 65.53
CA ASP GA 2 -40.83 -8.75 64.94
C ASP GA 2 -39.30 -8.90 65.10
N GLY GA 3 -38.85 -10.18 65.22
CA GLY GA 3 -37.45 -10.56 65.13
C GLY GA 3 -37.12 -11.36 63.90
N ARG GA 4 -38.11 -11.90 63.15
CA ARG GA 4 -37.84 -12.83 62.07
C ARG GA 4 -37.16 -12.19 60.87
N HIS GA 5 -37.33 -10.86 60.69
CA HIS GA 5 -36.61 -10.10 59.67
C HIS GA 5 -35.15 -9.83 60.01
N LYS GA 6 -34.72 -10.00 61.28
CA LYS GA 6 -33.34 -9.83 61.68
C LYS GA 6 -32.46 -11.00 61.27
N LEU GA 7 -31.12 -10.86 61.41
CA LEU GA 7 -30.20 -11.92 60.98
C LEU GA 7 -30.35 -13.25 61.73
N ARG GA 8 -30.14 -14.36 61.00
CA ARG GA 8 -30.16 -15.71 61.51
C ARG GA 8 -29.04 -15.96 62.51
N LEU GA 9 -29.20 -16.94 63.42
CA LEU GA 9 -28.28 -17.24 64.50
C LEU GA 9 -26.85 -17.53 64.05
N THR GA 10 -26.69 -18.06 62.83
CA THR GA 10 -25.40 -18.31 62.18
C THR GA 10 -24.72 -17.04 61.72
N GLY GA 11 -25.49 -15.94 61.64
CA GLY GA 11 -25.16 -14.70 60.98
C GLY GA 11 -25.80 -14.62 59.61
N GLY GA 12 -26.42 -15.74 59.15
CA GLY GA 12 -27.10 -15.81 57.87
C GLY GA 12 -28.26 -14.87 57.65
N LYS GA 13 -28.75 -14.82 56.41
CA LYS GA 13 -29.80 -13.92 55.99
C LYS GA 13 -31.05 -14.70 55.65
N LYS GA 14 -32.21 -14.25 56.17
CA LYS GA 14 -33.47 -14.94 56.02
C LYS GA 14 -34.40 -14.09 55.20
N LYS GA 15 -35.07 -14.67 54.18
CA LYS GA 15 -36.04 -13.96 53.37
C LYS GA 15 -37.23 -13.43 54.16
N ILE GA 16 -37.77 -12.27 53.75
CA ILE GA 16 -38.97 -11.71 54.35
C ILE GA 16 -40.20 -12.56 54.04
N HIS GA 17 -40.91 -12.99 55.09
CA HIS GA 17 -42.08 -13.84 54.98
C HIS GA 17 -43.03 -13.49 56.12
N LYS GA 18 -44.34 -13.61 55.86
CA LYS GA 18 -45.42 -13.16 56.71
C LYS GA 18 -45.50 -11.65 56.74
N LYS GA 19 -46.54 -11.05 56.15
CA LYS GA 19 -46.79 -9.62 56.21
C LYS GA 19 -47.09 -9.17 57.63
N LYS GA 20 -46.70 -7.92 58.00
CA LYS GA 20 -46.76 -7.47 59.38
C LYS GA 20 -48.13 -7.60 60.04
N ARG GA 21 -48.15 -8.12 61.28
CA ARG GA 21 -49.36 -8.33 62.04
C ARG GA 21 -49.52 -7.24 63.08
N LYS GA 22 -50.75 -7.05 63.62
CA LYS GA 22 -50.97 -6.13 64.72
C LYS GA 22 -50.16 -6.48 65.95
N TYR GA 23 -50.14 -7.76 66.31
CA TYR GA 23 -49.79 -8.27 67.62
C TYR GA 23 -48.32 -8.60 67.77
N GLU GA 24 -47.50 -8.30 66.74
CA GLU GA 24 -46.05 -8.20 66.88
C GLU GA 24 -45.67 -7.08 67.85
N LEU GA 25 -46.39 -5.93 67.72
CA LEU GA 25 -46.45 -4.79 68.60
C LEU GA 25 -45.18 -4.04 69.04
N GLY GA 26 -45.31 -2.70 69.11
CA GLY GA 26 -44.24 -1.78 69.48
C GLY GA 26 -44.56 -0.39 68.98
N ARG GA 27 -44.41 0.62 69.86
CA ARG GA 27 -44.84 1.99 69.63
C ARG GA 27 -43.77 3.00 70.05
N PRO GA 28 -43.83 4.27 69.59
CA PRO GA 28 -42.91 5.35 69.96
C PRO GA 28 -42.53 5.52 71.44
N PRO GA 29 -41.32 5.93 71.78
CA PRO GA 29 -40.89 6.08 73.17
C PRO GA 29 -41.58 7.21 73.93
N SER GA 30 -41.69 7.08 75.27
CA SER GA 30 -42.12 8.17 76.14
C SER GA 30 -41.19 9.36 76.12
N ASN GA 31 -41.77 10.57 76.25
CA ASN GA 31 -41.05 11.81 76.19
C ASN GA 31 -41.17 12.60 77.48
N THR GA 32 -41.65 11.94 78.57
CA THR GA 32 -42.14 12.64 79.77
C THR GA 32 -41.21 13.67 80.40
N LYS GA 33 -41.72 14.90 80.52
CA LYS GA 33 -40.97 16.05 80.98
C LYS GA 33 -41.52 16.61 82.28
N LEU GA 34 -40.93 17.73 82.73
CA LEU GA 34 -41.27 18.36 83.99
C LEU GA 34 -42.29 19.44 83.70
N GLY GA 35 -43.50 19.28 84.26
CA GLY GA 35 -44.59 20.21 84.00
C GLY GA 35 -45.84 19.66 84.62
N SER GA 36 -46.93 20.46 84.65
CA SER GA 36 -48.18 20.04 85.27
C SER GA 36 -48.77 18.77 84.69
N ARG GA 37 -49.36 17.92 85.55
CA ARG GA 37 -49.84 16.60 85.21
C ARG GA 37 -50.70 16.52 83.95
N GLN GA 38 -50.23 15.75 82.96
CA GLN GA 38 -50.96 15.51 81.75
C GLN GA 38 -50.58 14.14 81.20
N VAL GA 39 -51.60 13.34 80.86
CA VAL GA 39 -51.48 11.93 80.58
C VAL GA 39 -52.42 11.57 79.44
N HIS GA 40 -52.04 10.62 78.58
CA HIS GA 40 -52.96 10.04 77.63
C HIS GA 40 -53.11 8.55 77.89
N VAL GA 41 -54.36 8.08 77.94
CA VAL GA 41 -54.69 6.67 78.03
C VAL GA 41 -54.40 5.97 76.71
N VAL GA 42 -53.69 4.83 76.76
CA VAL GA 42 -53.34 4.09 75.58
C VAL GA 42 -54.05 2.76 75.67
N ARG GA 43 -54.67 2.34 74.56
CA ARG GA 43 -55.45 1.12 74.43
C ARG GA 43 -54.60 0.00 73.84
N GLY GA 44 -54.20 -0.97 74.68
CA GLY GA 44 -53.47 -2.16 74.30
C GLY GA 44 -54.41 -3.30 73.97
N ARG GA 45 -53.93 -4.30 73.24
CA ARG GA 45 -54.63 -5.54 72.93
C ARG GA 45 -55.50 -6.11 74.05
N GLY GA 46 -56.74 -6.55 73.75
CA GLY GA 46 -57.66 -7.06 74.76
C GLY GA 46 -58.38 -6.01 75.57
N ARG GA 47 -58.16 -4.72 75.23
CA ARG GA 47 -58.66 -3.53 75.91
C ARG GA 47 -57.82 -3.17 77.12
N ASN GA 48 -56.59 -3.71 77.22
CA ASN GA 48 -55.70 -3.45 78.33
C ASN GA 48 -55.12 -2.04 78.30
N TYR GA 49 -55.45 -1.22 79.31
CA TYR GA 49 -55.08 0.17 79.31
C TYR GA 49 -53.72 0.43 79.93
N LYS GA 50 -52.95 1.31 79.29
CA LYS GA 50 -51.71 1.85 79.80
C LYS GA 50 -51.90 3.35 79.89
N TYR GA 51 -51.15 4.01 80.78
CA TYR GA 51 -51.25 5.44 80.96
C TYR GA 51 -49.93 6.05 80.53
N ARG GA 52 -49.94 6.92 79.51
CA ARG GA 52 -48.74 7.58 79.04
C ARG GA 52 -48.62 8.95 79.67
N ALA GA 53 -47.88 9.10 80.79
CA ALA GA 53 -47.57 10.41 81.32
C ALA GA 53 -46.78 11.26 80.32
N ILE GA 54 -47.24 12.48 80.01
CA ILE GA 54 -46.53 13.31 79.06
C ILE GA 54 -45.81 14.42 79.80
N LYS GA 55 -46.37 14.82 80.95
CA LYS GA 55 -45.74 15.78 81.83
C LYS GA 55 -46.12 15.37 83.23
N LEU GA 56 -45.20 15.50 84.18
CA LEU GA 56 -45.54 15.39 85.59
C LEU GA 56 -44.56 16.28 86.33
N ASP GA 57 -44.84 16.58 87.60
CA ASP GA 57 -43.92 17.30 88.44
C ASP GA 57 -43.83 16.67 89.82
N SER GA 58 -44.93 16.08 90.31
CA SER GA 58 -45.01 15.56 91.66
C SER GA 58 -45.32 14.08 91.67
N GLY GA 59 -44.33 13.28 92.10
CA GLY GA 59 -44.42 11.82 92.17
C GLY GA 59 -44.50 11.33 93.59
N SER GA 60 -44.54 10.01 93.78
CA SER GA 60 -44.66 9.40 95.08
C SER GA 60 -43.31 8.86 95.48
N PHE GA 61 -42.68 9.52 96.46
CA PHE GA 61 -41.33 9.21 96.86
C PHE GA 61 -41.32 8.54 98.22
N SER GA 62 -40.49 7.49 98.35
CA SER GA 62 -40.48 6.65 99.52
C SER GA 62 -39.20 6.84 100.28
N TRP GA 63 -39.33 7.14 101.57
CA TRP GA 63 -38.28 7.12 102.55
C TRP GA 63 -38.15 5.71 103.12
N PRO GA 64 -37.23 4.87 102.67
CA PRO GA 64 -37.39 3.42 102.78
C PRO GA 64 -36.95 2.94 104.15
N THR GA 65 -36.22 3.77 104.90
CA THR GA 65 -35.75 3.50 106.25
C THR GA 65 -36.89 3.32 107.23
N PHE GA 66 -37.92 4.19 107.16
CA PHE GA 66 -39.15 4.00 107.93
C PHE GA 66 -40.23 3.36 107.06
N GLY GA 67 -39.97 3.19 105.75
CA GLY GA 67 -40.87 2.55 104.80
C GLY GA 67 -42.10 3.35 104.46
N ILE GA 68 -42.00 4.70 104.46
CA ILE GA 68 -43.14 5.58 104.35
C ILE GA 68 -43.03 6.43 103.11
N SER GA 69 -44.19 6.84 102.56
CA SER GA 69 -44.29 7.44 101.25
C SER GA 69 -45.13 8.69 101.30
N LYS GA 70 -44.70 9.74 100.58
CA LYS GA 70 -45.45 10.97 100.43
C LYS GA 70 -45.29 11.47 99.01
N ASN GA 71 -46.28 12.26 98.54
CA ASN GA 71 -46.23 12.87 97.23
C ASN GA 71 -45.41 14.15 97.28
N THR GA 72 -44.40 14.29 96.40
CA THR GA 72 -43.45 15.41 96.43
C THR GA 72 -43.00 15.79 95.04
N ARG GA 73 -42.91 17.12 94.78
CA ARG GA 73 -42.36 17.66 93.56
C ARG GA 73 -40.87 17.32 93.36
N ILE GA 74 -40.49 17.08 92.09
CA ILE GA 74 -39.10 16.90 91.73
C ILE GA 74 -38.61 18.21 91.18
N ILE GA 75 -37.55 18.71 91.82
CA ILE GA 75 -36.91 19.97 91.54
C ILE GA 75 -36.14 19.94 90.22
N ASP GA 76 -35.44 18.81 89.96
CA ASP GA 76 -34.58 18.69 88.79
C ASP GA 76 -34.22 17.22 88.56
N VAL GA 77 -33.83 16.88 87.33
CA VAL GA 77 -33.22 15.61 86.98
C VAL GA 77 -31.73 15.84 86.93
N VAL GA 78 -30.92 14.98 87.58
CA VAL GA 78 -29.54 15.30 87.88
C VAL GA 78 -28.56 14.27 87.35
N TYR GA 79 -28.94 12.98 87.29
CA TYR GA 79 -28.09 11.95 86.71
C TYR GA 79 -28.97 10.87 86.12
N ASN GA 80 -28.57 10.29 84.99
CA ASN GA 80 -29.25 9.16 84.41
C ASN GA 80 -28.24 8.08 84.09
N ALA GA 81 -28.48 6.87 84.60
CA ALA GA 81 -27.63 5.72 84.37
C ALA GA 81 -27.51 5.29 82.92
N SER GA 82 -28.63 5.26 82.14
CA SER GA 82 -28.59 4.75 80.78
C SER GA 82 -27.79 5.60 79.81
N ASN GA 83 -27.97 6.93 79.83
CA ASN GA 83 -27.22 7.83 78.96
C ASN GA 83 -27.26 9.26 79.48
N ASN GA 84 -26.35 10.11 78.98
CA ASN GA 84 -26.28 11.50 79.41
C ASN GA 84 -27.29 12.38 78.70
N GLU GA 85 -27.74 11.98 77.49
CA GLU GA 85 -28.70 12.72 76.70
C GLU GA 85 -30.04 12.95 77.39
N LEU GA 86 -30.62 11.90 78.00
CA LEU GA 86 -31.91 11.94 78.68
C LEU GA 86 -31.92 12.88 79.88
N VAL GA 87 -30.89 12.87 80.73
CA VAL GA 87 -30.80 13.79 81.85
C VAL GA 87 -30.60 15.23 81.42
N ARG GA 88 -29.74 15.51 80.41
CA ARG GA 88 -29.52 16.86 79.90
C ARG GA 88 -30.77 17.45 79.26
N THR GA 89 -31.52 16.62 78.50
CA THR GA 89 -32.79 16.98 77.87
C THR GA 89 -33.98 16.94 78.83
N LYS GA 90 -33.82 16.38 80.04
CA LYS GA 90 -34.80 16.33 81.11
C LYS GA 90 -35.96 15.36 80.86
N THR GA 91 -35.66 14.11 80.47
CA THR GA 91 -36.68 13.06 80.27
C THR GA 91 -36.49 11.95 81.27
N LEU GA 92 -37.48 11.77 82.17
CA LEU GA 92 -37.46 10.73 83.20
C LEU GA 92 -37.48 9.29 82.68
N VAL GA 93 -36.78 8.39 83.39
CA VAL GA 93 -36.79 6.96 83.16
C VAL GA 93 -36.55 6.29 84.50
N LYS GA 94 -36.85 4.98 84.66
CA LYS GA 94 -36.74 4.26 85.94
C LYS GA 94 -35.32 4.06 86.50
N ASN GA 95 -34.31 4.77 85.99
CA ASN GA 95 -32.99 4.79 86.58
C ASN GA 95 -32.42 6.20 86.46
N CYS GA 96 -33.30 7.20 86.32
CA CYS GA 96 -32.97 8.57 86.64
C CYS GA 96 -32.83 8.80 88.13
N ILE GA 97 -31.87 9.66 88.48
CA ILE GA 97 -31.67 10.22 89.78
C ILE GA 97 -32.16 11.64 89.68
N VAL GA 98 -33.16 11.98 90.47
CA VAL GA 98 -33.79 13.28 90.54
C VAL GA 98 -33.50 13.94 91.87
N VAL GA 99 -33.97 15.18 92.05
CA VAL GA 99 -33.92 15.88 93.32
C VAL GA 99 -35.35 16.18 93.71
N ILE GA 100 -35.72 15.85 94.95
CA ILE GA 100 -37.06 16.01 95.47
C ILE GA 100 -37.11 17.06 96.55
N ASP GA 101 -38.27 17.73 96.71
CA ASP GA 101 -38.54 18.52 97.88
C ASP GA 101 -38.63 17.66 99.16
N SER GA 102 -37.77 17.95 100.15
CA SER GA 102 -37.68 17.17 101.38
C SER GA 102 -38.69 17.52 102.46
N HIS GA 103 -39.57 18.51 102.24
CA HIS GA 103 -40.39 19.00 103.33
C HIS GA 103 -41.46 18.05 103.87
N PRO GA 104 -42.25 17.23 103.16
CA PRO GA 104 -43.18 16.30 103.80
C PRO GA 104 -42.49 15.29 104.67
N PHE GA 105 -41.39 14.71 104.18
CA PHE GA 105 -40.53 13.77 104.89
C PHE GA 105 -39.92 14.40 106.12
N THR GA 106 -39.39 15.63 105.99
CA THR GA 106 -38.84 16.42 107.09
C THR GA 106 -39.87 16.67 108.19
N THR GA 107 -41.11 17.04 107.81
CA THR GA 107 -42.24 17.17 108.74
C THR GA 107 -42.55 15.88 109.46
N TRP GA 108 -42.60 14.76 108.73
CA TRP GA 108 -42.90 13.46 109.28
C TRP GA 108 -41.86 12.98 110.29
N TYR GA 109 -40.57 13.15 109.98
CA TYR GA 109 -39.46 12.88 110.88
C TYR GA 109 -39.53 13.70 112.16
N GLU GA 110 -39.81 15.02 112.04
CA GLU GA 110 -40.01 15.91 113.16
C GLU GA 110 -41.19 15.51 114.03
N ASN GA 111 -42.34 15.17 113.43
CA ASN GA 111 -43.52 14.70 114.15
C ASN GA 111 -43.28 13.39 114.90
N THR GA 112 -42.59 12.45 114.24
CA THR GA 112 -42.34 11.12 114.78
C THR GA 112 -41.29 11.09 115.88
N PHE GA 113 -40.14 11.78 115.70
CA PHE GA 113 -39.00 11.65 116.58
C PHE GA 113 -38.85 12.84 117.53
N GLY GA 114 -39.42 14.03 117.20
CA GLY GA 114 -39.41 15.18 118.10
C GLY GA 114 -38.16 16.03 118.07
N THR GA 115 -37.25 15.75 117.15
CA THR GA 115 -36.12 16.61 116.84
C THR GA 115 -35.66 16.27 115.43
N THR GA 116 -34.99 17.20 114.72
CA THR GA 116 -34.47 16.98 113.38
C THR GA 116 -33.09 17.67 113.24
N ILE GA 158 -46.17 4.55 114.56
CA ILE GA 158 -44.97 3.63 114.54
C ILE GA 158 -43.68 4.33 114.10
N GLY GA 159 -42.52 3.63 114.12
CA GLY GA 159 -41.25 4.22 113.70
C GLY GA 159 -40.05 3.53 114.29
N LYS GA 160 -39.01 3.29 113.48
CA LYS GA 160 -37.75 2.70 113.92
C LYS GA 160 -36.93 3.59 114.85
N SER GA 161 -36.83 4.90 114.53
CA SER GA 161 -36.19 5.93 115.34
C SER GA 161 -34.70 5.70 115.61
N LYS GA 162 -33.92 5.34 114.57
CA LYS GA 162 -32.53 4.94 114.73
C LYS GA 162 -31.54 6.05 114.35
N ASN GA 163 -32.06 7.24 113.95
CA ASN GA 163 -31.29 8.41 113.55
C ASN GA 163 -30.70 8.36 112.13
N ILE GA 164 -31.14 9.30 111.27
CA ILE GA 164 -30.60 9.53 109.92
C ILE GA 164 -29.11 9.91 109.90
N ASP GA 165 -28.35 9.42 108.89
CA ASP GA 165 -26.92 9.69 108.71
C ASP GA 165 -26.60 11.19 108.48
N PRO GA 166 -25.49 11.76 108.98
CA PRO GA 166 -25.28 13.19 108.91
C PRO GA 166 -25.18 13.80 107.52
N LEU GA 167 -24.53 13.14 106.55
CA LEU GA 167 -24.48 13.63 105.18
C LEU GA 167 -25.86 13.75 104.53
N LEU GA 168 -26.67 12.69 104.66
CA LEU GA 168 -28.05 12.66 104.21
C LEU GA 168 -28.93 13.69 104.90
N LEU GA 169 -28.79 13.82 106.24
CA LEU GA 169 -29.49 14.80 107.05
C LEU GA 169 -29.19 16.24 106.65
N GLU GA 170 -27.92 16.58 106.35
CA GLU GA 170 -27.51 17.87 105.83
C GLU GA 170 -28.19 18.15 104.50
N GLN GA 171 -28.24 17.14 103.61
CA GLN GA 171 -28.94 17.22 102.35
C GLN GA 171 -30.44 17.46 102.50
N PHE GA 172 -31.11 16.79 103.47
CA PHE GA 172 -32.50 17.04 103.78
C PHE GA 172 -32.76 18.46 104.27
N LYS GA 173 -31.87 18.99 105.13
CA LYS GA 173 -31.87 20.36 105.59
C LYS GA 173 -31.71 21.39 104.49
N GLN GA 174 -30.85 21.15 103.48
CA GLN GA 174 -30.65 22.11 102.42
C GLN GA 174 -31.62 21.93 101.23
N GLY GA 175 -32.50 20.90 101.27
CA GLY GA 175 -33.54 20.72 100.27
C GLY GA 175 -33.09 20.11 98.95
N ARG GA 176 -31.85 19.63 98.86
CA ARG GA 176 -31.23 19.16 97.63
C ARG GA 176 -31.29 17.62 97.53
N VAL GA 177 -32.31 17.01 98.16
CA VAL GA 177 -32.44 15.57 98.33
C VAL GA 177 -32.52 14.75 97.05
N LEU GA 178 -31.44 13.98 96.79
CA LEU GA 178 -31.35 13.00 95.74
C LEU GA 178 -32.27 11.80 95.94
N ALA GA 179 -33.00 11.41 94.88
CA ALA GA 179 -33.88 10.28 94.90
C ALA GA 179 -33.81 9.57 93.56
N CYS GA 180 -34.06 8.26 93.53
CA CYS GA 180 -34.03 7.48 92.31
C CYS GA 180 -35.44 7.15 91.89
N ILE GA 181 -35.81 7.46 90.63
CA ILE GA 181 -37.03 7.01 90.00
C ILE GA 181 -37.06 5.49 89.92
N SER GA 182 -38.23 4.83 90.16
CA SER GA 182 -38.29 3.39 90.09
C SER GA 182 -39.48 2.88 89.30
N SER GA 183 -40.60 3.62 89.20
CA SER GA 183 -41.69 3.26 88.30
C SER GA 183 -41.41 3.67 86.85
N ARG GA 184 -42.13 3.06 85.89
CA ARG GA 184 -42.01 3.43 84.48
C ARG GA 184 -43.11 4.40 84.06
N PRO GA 185 -42.93 5.73 84.08
CA PRO GA 185 -43.98 6.72 83.82
C PRO GA 185 -44.73 6.53 82.52
N GLY GA 186 -44.02 6.11 81.46
CA GLY GA 186 -44.59 5.85 80.14
C GLY GA 186 -45.55 4.69 80.07
N GLN GA 187 -45.53 3.81 81.07
CA GLN GA 187 -46.41 2.66 81.14
C GLN GA 187 -47.50 2.87 82.17
N CYS GA 188 -47.15 3.40 83.36
CA CYS GA 188 -48.04 3.43 84.50
C CYS GA 188 -48.62 4.81 84.78
N GLY GA 189 -48.15 5.86 84.08
CA GLY GA 189 -48.69 7.21 84.22
C GLY GA 189 -48.17 7.99 85.40
N LYS GA 190 -47.19 7.46 86.13
CA LYS GA 190 -46.63 8.15 87.28
C LYS GA 190 -45.17 7.83 87.45
N ALA GA 191 -44.38 8.81 87.92
CA ALA GA 191 -42.98 8.62 88.20
C ALA GA 191 -42.78 8.66 89.70
N ASP GA 192 -42.62 7.47 90.30
CA ASP GA 192 -42.53 7.27 91.71
C ASP GA 192 -41.16 6.68 91.99
N GLY GA 193 -40.58 7.02 93.16
CA GLY GA 193 -39.18 6.74 93.44
C GLY GA 193 -38.84 6.51 94.88
N TYR GA 194 -37.55 6.38 95.17
CA TYR GA 194 -37.05 6.17 96.51
C TYR GA 194 -35.89 7.09 96.85
N ILE GA 195 -35.83 7.55 98.10
CA ILE GA 195 -34.73 8.34 98.62
C ILE GA 195 -33.45 7.52 98.70
N ILE GA 196 -32.35 7.95 98.06
CA ILE GA 196 -31.10 7.21 98.06
C ILE GA 196 -30.24 7.48 99.31
N GLU GA 197 -29.29 6.58 99.62
CA GLU GA 197 -28.53 6.65 100.86
C GLU GA 197 -27.18 5.95 100.64
N GLY GA 198 -26.20 6.19 101.55
CA GLY GA 198 -24.92 5.47 101.68
C GLY GA 198 -24.17 5.15 100.41
N ASP GA 199 -24.14 3.87 100.04
CA ASP GA 199 -23.33 3.38 98.94
C ASP GA 199 -23.95 3.79 97.61
N GLU GA 200 -25.30 3.71 97.47
CA GLU GA 200 -26.01 4.20 96.31
C GLU GA 200 -25.82 5.70 96.14
N LEU GA 201 -25.94 6.47 97.24
CA LEU GA 201 -25.65 7.89 97.26
C LEU GA 201 -24.25 8.25 96.77
N LEU GA 202 -23.21 7.58 97.31
CA LEU GA 202 -21.82 7.81 96.92
C LEU GA 202 -21.53 7.50 95.47
N PHE GA 203 -21.99 6.34 94.98
CA PHE GA 203 -21.84 5.89 93.61
C PHE GA 203 -22.43 6.88 92.61
N TYR GA 204 -23.69 7.29 92.82
CA TYR GA 204 -24.38 8.23 91.98
C TYR GA 204 -23.84 9.64 92.09
N LYS GA 205 -23.39 10.09 93.27
CA LYS GA 205 -22.72 11.38 93.43
C LYS GA 205 -21.42 11.46 92.60
N ARG GA 206 -20.57 10.41 92.66
CA ARG GA 206 -19.39 10.30 91.83
C ARG GA 206 -19.71 10.23 90.35
N LYS GA 207 -20.70 9.42 89.94
CA LYS GA 207 -21.23 9.42 88.59
C LYS GA 207 -21.74 10.78 88.11
N MET GA 208 -22.47 11.53 88.96
CA MET GA 208 -23.00 12.84 88.65
C MET GA 208 -21.92 13.89 88.36
N ASP GA 209 -20.81 13.94 89.12
CA ASP GA 209 -19.66 14.73 88.74
C ASP GA 209 -18.34 13.97 89.02
N LYS GA 212 -6.95 13.38 82.93
CA LYS GA 212 -6.53 14.73 83.44
C LYS GA 212 -7.18 15.13 84.76
N ARG GA 213 -8.46 15.55 84.77
CA ARG GA 213 -9.13 16.13 85.92
C ARG GA 213 -9.91 15.14 86.78
N ASN GA 214 -10.38 15.60 87.96
CA ASN GA 214 -10.88 14.78 89.05
C ASN GA 214 -12.21 14.01 88.80
N VAL KA 1 27.30 39.74 -46.64
CA VAL KA 1 28.27 40.79 -46.23
C VAL KA 1 29.49 40.14 -45.61
N ALA KA 2 30.46 40.96 -45.15
CA ALA KA 2 31.75 40.49 -44.68
C ALA KA 2 32.57 39.79 -45.77
N HIS KA 3 32.53 40.33 -47.01
CA HIS KA 3 33.18 39.70 -48.16
C HIS KA 3 34.56 40.28 -48.36
N ASN KA 4 34.95 41.18 -47.45
CA ASN KA 4 36.27 41.76 -47.35
C ASN KA 4 37.36 40.77 -46.99
N ASN KA 5 37.08 39.86 -46.03
CA ASN KA 5 38.08 38.95 -45.53
C ASN KA 5 37.39 37.68 -45.02
N VAL KA 6 38.00 36.49 -45.21
CA VAL KA 6 37.49 35.28 -44.55
C VAL KA 6 37.67 35.32 -43.03
N LEU KA 7 38.81 35.84 -42.55
CA LEU KA 7 39.19 35.72 -41.16
C LEU KA 7 39.50 37.07 -40.55
N PRO KA 8 39.33 37.26 -39.27
CA PRO KA 8 40.23 38.10 -38.52
C PRO KA 8 41.55 37.38 -38.32
N ASN KA 9 42.69 38.08 -38.50
CA ASN KA 9 43.98 37.47 -38.30
C ASN KA 9 44.52 37.84 -36.93
N VAL KA 10 43.82 38.76 -36.24
CA VAL KA 10 44.05 39.13 -34.86
C VAL KA 10 43.84 37.97 -33.89
N HIS KA 11 44.60 37.98 -32.78
CA HIS KA 11 44.88 36.78 -32.03
C HIS KA 11 45.20 37.17 -30.60
N LEU KA 12 44.54 38.20 -30.08
CA LEU KA 12 44.99 38.93 -28.92
C LEU KA 12 44.47 38.34 -27.61
N HIS KA 13 43.92 37.12 -27.71
CA HIS KA 13 43.16 36.44 -26.69
C HIS KA 13 43.97 36.00 -25.49
N LYS KA 14 45.31 35.98 -25.61
CA LYS KA 14 46.23 35.65 -24.53
C LYS KA 14 46.46 36.84 -23.61
N TRP KA 15 45.37 37.57 -23.29
CA TRP KA 15 45.29 38.75 -22.46
C TRP KA 15 46.24 39.89 -22.85
N TRP KA 16 46.10 40.41 -24.08
CA TRP KA 16 47.05 41.36 -24.65
C TRP KA 16 47.31 42.60 -23.80
N GLN KA 17 46.28 43.16 -23.15
CA GLN KA 17 46.41 44.35 -22.33
C GLN KA 17 47.32 44.14 -21.12
N HIS KA 18 47.40 42.92 -20.57
CA HIS KA 18 48.42 42.60 -19.60
C HIS KA 18 49.82 42.59 -20.21
N ARG KA 19 49.97 41.99 -21.40
CA ARG KA 19 51.26 41.80 -22.05
C ARG KA 19 51.87 43.08 -22.64
N VAL KA 20 51.04 43.92 -23.30
CA VAL KA 20 51.32 45.14 -24.03
C VAL KA 20 52.42 46.11 -23.57
N ARG KA 21 53.09 46.79 -24.53
CA ARG KA 21 54.06 47.85 -24.28
C ARG KA 21 53.89 48.90 -25.36
N VAL KA 22 53.93 50.18 -24.98
CA VAL KA 22 53.73 51.30 -25.89
C VAL KA 22 55.04 52.05 -25.99
N ASN KA 23 55.49 52.33 -27.22
CA ASN KA 23 56.84 52.74 -27.50
C ASN KA 23 56.84 54.00 -28.33
N PHE KA 24 57.42 55.10 -27.81
CA PHE KA 24 57.54 56.33 -28.59
C PHE KA 24 58.75 57.12 -28.12
N SER KA 25 59.84 56.40 -27.76
CA SER KA 25 61.06 56.91 -27.16
C SER KA 25 62.15 57.25 -28.16
N LYS KA 26 61.90 56.98 -29.46
CA LYS KA 26 62.87 56.85 -30.54
C LYS KA 26 63.95 57.91 -30.59
N ASN KA 27 63.55 59.17 -30.83
CA ASN KA 27 64.43 60.31 -30.94
C ASN KA 27 65.24 60.54 -29.68
N ILE KA 28 64.61 60.40 -28.50
CA ILE KA 28 65.26 60.58 -27.22
C ILE KA 28 66.35 59.53 -26.98
N LYS KA 29 66.09 58.25 -27.30
CA LYS KA 29 67.11 57.22 -27.37
C LYS KA 29 68.27 57.56 -28.31
N LYS KA 30 67.99 58.09 -29.51
CA LYS KA 30 69.00 58.49 -30.48
C LYS KA 30 69.91 59.58 -29.93
N LYS KA 31 69.33 60.58 -29.24
CA LYS KA 31 70.05 61.63 -28.54
C LYS KA 31 70.96 61.07 -27.46
N LYS KA 32 70.46 60.12 -26.64
CA LYS KA 32 71.27 59.42 -25.67
C LYS KA 32 72.43 58.65 -26.30
N ARG KA 33 72.19 57.94 -27.42
CA ARG KA 33 73.22 57.28 -28.19
C ARG KA 33 74.25 58.24 -28.71
N ARG KA 34 73.82 59.37 -29.32
CA ARG KA 34 74.70 60.43 -29.75
C ARG KA 34 75.56 60.99 -28.63
N LEU KA 35 74.98 61.33 -27.47
CA LEU KA 35 75.68 61.80 -26.30
C LEU KA 35 76.75 60.83 -25.79
N LEU KA 36 76.41 59.54 -25.74
CA LEU KA 36 77.30 58.48 -25.34
C LEU KA 36 78.46 58.35 -26.30
N ARG KA 37 78.19 58.42 -27.62
CA ARG KA 37 79.19 58.31 -28.64
C ARG KA 37 80.10 59.54 -28.62
N GLU KA 38 79.53 60.75 -28.47
CA GLU KA 38 80.30 61.98 -28.30
C GLU KA 38 81.24 61.92 -27.11
N LYS KA 39 80.74 61.46 -25.95
CA LYS KA 39 81.54 61.32 -24.76
C LYS KA 39 82.72 60.37 -24.95
N ARG KA 40 82.49 59.18 -25.54
CA ARG KA 40 83.52 58.23 -25.89
C ARG KA 40 84.55 58.76 -26.89
N ARG KA 41 84.08 59.29 -28.04
CA ARG KA 41 84.91 59.85 -29.10
C ARG KA 41 85.86 60.92 -28.57
N LYS KA 42 85.34 61.89 -27.81
CA LYS KA 42 86.14 62.90 -27.16
C LYS KA 42 87.15 62.35 -26.15
N ALA KA 43 86.72 61.46 -25.25
CA ALA KA 43 87.51 60.91 -24.17
C ALA KA 43 88.77 60.17 -24.58
N ASN KA 44 88.74 59.42 -25.71
CA ASN KA 44 89.87 58.62 -26.16
C ASN KA 44 90.95 59.43 -26.87
N GLY KA 45 91.12 60.73 -26.56
CA GLY KA 45 92.17 61.58 -27.13
C GLY KA 45 91.87 62.02 -28.54
N GLY KA 46 90.62 61.77 -28.98
CA GLY KA 46 90.19 61.93 -30.36
C GLY KA 46 90.58 60.76 -31.24
N THR KA 47 91.15 59.70 -30.65
CA THR KA 47 91.63 58.55 -31.41
C THR KA 47 90.49 57.64 -31.83
N PRO KA 48 90.29 57.28 -33.11
CA PRO KA 48 89.03 56.72 -33.60
C PRO KA 48 88.49 55.50 -32.89
N ILE KA 49 87.23 55.53 -32.41
CA ILE KA 49 86.62 54.40 -31.74
C ILE KA 49 86.15 53.32 -32.72
N GLU KA 50 86.01 53.68 -34.02
CA GLU KA 50 85.74 52.74 -35.07
C GLU KA 50 86.83 51.69 -35.22
N LYS KA 51 86.46 50.50 -35.71
CA LYS KA 51 87.42 49.43 -35.88
C LYS KA 51 87.06 48.63 -37.10
N LEU KA 52 88.06 48.35 -37.96
CA LEU KA 52 87.84 47.67 -39.22
C LEU KA 52 87.37 46.23 -39.06
N HIS KA 53 86.22 45.94 -39.66
CA HIS KA 53 85.69 44.61 -39.83
C HIS KA 53 85.82 44.29 -41.31
N PRO KA 54 86.73 43.46 -41.78
CA PRO KA 54 86.96 43.29 -43.21
C PRO KA 54 85.83 42.62 -43.99
N ILE KA 55 86.02 42.52 -45.30
CA ILE KA 55 85.00 42.23 -46.30
C ILE KA 55 84.76 40.73 -46.47
N VAL KA 56 83.49 40.31 -46.40
CA VAL KA 56 83.09 38.91 -46.40
C VAL KA 56 81.83 38.73 -47.23
N HIS KA 57 81.60 37.52 -47.75
CA HIS KA 57 80.51 37.21 -48.65
C HIS KA 57 79.24 36.83 -47.91
N CYS KA 58 78.09 37.34 -48.37
CA CYS KA 58 76.82 37.12 -47.73
C CYS KA 58 76.21 35.74 -48.08
N PRO KA 59 75.73 34.93 -47.13
CA PRO KA 59 75.23 33.58 -47.38
C PRO KA 59 74.15 33.35 -48.44
N THR KA 60 74.08 32.08 -48.89
CA THR KA 60 73.13 31.51 -49.84
C THR KA 60 72.97 32.21 -51.18
N GLN KA 61 72.21 31.61 -52.12
CA GLN KA 61 72.16 31.99 -53.52
C GLN KA 61 71.51 33.34 -53.78
N ARG KA 62 70.64 33.77 -52.84
CA ARG KA 62 69.99 35.07 -52.84
C ARG KA 62 70.94 36.25 -52.73
N TYR KA 63 71.95 36.16 -51.84
CA TYR KA 63 72.82 37.28 -51.55
C TYR KA 63 74.28 36.99 -51.86
N ASN KA 64 74.62 35.90 -52.58
CA ASN KA 64 76.00 35.51 -52.80
C ASN KA 64 76.90 36.52 -53.53
N PHE KA 65 76.34 37.28 -54.49
CA PHE KA 65 77.00 38.43 -55.07
C PHE KA 65 77.33 39.55 -54.06
N ARG KA 66 76.42 39.80 -53.10
CA ARG KA 66 76.61 40.75 -52.01
C ARG KA 66 77.75 40.40 -51.05
N THR KA 67 78.33 41.46 -50.48
CA THR KA 67 79.53 41.42 -49.66
C THR KA 67 79.37 42.46 -48.59
N ARG KA 68 79.81 42.15 -47.38
CA ARG KA 68 79.58 43.03 -46.25
C ARG KA 68 80.74 42.99 -45.29
N LEU KA 69 80.68 43.84 -44.25
CA LEU KA 69 81.55 43.72 -43.10
C LEU KA 69 81.32 42.42 -42.33
N GLY KA 70 82.40 41.67 -42.05
CA GLY KA 70 82.37 40.46 -41.24
C GLY KA 70 83.04 40.65 -39.91
N LYS KA 71 83.91 39.70 -39.55
CA LYS KA 71 84.80 39.79 -38.41
C LYS KA 71 86.15 39.33 -38.92
N GLY KA 72 86.60 39.98 -40.01
CA GLY KA 72 87.47 39.43 -41.05
C GLY KA 72 88.93 39.26 -40.77
N PHE KA 73 89.41 39.65 -39.58
CA PHE KA 73 90.78 39.40 -39.19
C PHE KA 73 90.94 38.00 -38.62
N THR KA 74 92.00 37.27 -39.06
CA THR KA 74 92.47 36.07 -38.39
C THR KA 74 93.96 36.13 -38.37
N PHE KA 75 94.58 35.85 -37.21
CA PHE KA 75 95.97 36.12 -36.95
C PHE KA 75 96.97 35.51 -37.92
N GLU KA 76 96.80 34.25 -38.33
CA GLU KA 76 97.69 33.60 -39.27
C GLU KA 76 97.68 34.24 -40.66
N GLU KA 77 96.48 34.58 -41.15
CA GLU KA 77 96.25 35.31 -42.38
C GLU KA 77 96.76 36.74 -42.30
N LEU KA 78 96.52 37.41 -41.16
CA LEU KA 78 97.00 38.72 -40.85
C LEU KA 78 98.53 38.81 -40.76
N LYS KA 79 99.16 37.84 -40.11
CA LYS KA 79 100.60 37.68 -40.03
C LYS KA 79 101.20 37.43 -41.40
N GLY KA 80 100.51 36.63 -42.23
CA GLY KA 80 100.79 36.51 -43.66
C GLY KA 80 100.69 37.81 -44.43
N ALA KA 81 99.71 38.68 -44.11
CA ALA KA 81 99.66 40.05 -44.60
C ALA KA 81 100.82 40.92 -44.09
N GLY KA 82 101.25 40.69 -42.84
CA GLY KA 82 102.48 41.22 -42.28
C GLY KA 82 102.40 41.53 -40.82
N LEU KA 83 101.18 41.65 -40.26
CA LEU KA 83 100.97 42.24 -38.96
C LEU KA 83 100.89 41.20 -37.83
N THR KA 84 101.49 41.51 -36.68
CA THR KA 84 101.43 40.67 -35.48
C THR KA 84 100.02 40.51 -34.89
N PRO KA 85 99.68 39.41 -34.22
CA PRO KA 85 98.47 39.34 -33.38
C PRO KA 85 98.44 40.40 -32.29
N ARG KA 86 99.56 40.65 -31.59
CA ARG KA 86 99.60 41.61 -30.50
C ARG KA 86 99.26 43.04 -30.92
N ALA KA 87 99.77 43.52 -32.08
CA ALA KA 87 99.45 44.82 -32.64
C ALA KA 87 97.97 45.01 -32.94
N ALA KA 88 97.34 43.98 -33.53
CA ALA KA 88 95.95 43.94 -33.89
C ALA KA 88 95.05 44.02 -32.66
N GLN KA 89 95.39 43.23 -31.62
CA GLN KA 89 94.79 43.33 -30.31
C GLN KA 89 94.96 44.70 -29.66
N THR KA 90 96.15 45.32 -29.76
CA THR KA 90 96.47 46.64 -29.23
C THR KA 90 95.65 47.77 -29.80
N ILE KA 91 95.37 47.79 -31.12
CA ILE KA 91 94.48 48.78 -31.71
C ILE KA 91 93.03 48.38 -31.58
N GLY KA 92 92.77 47.14 -31.11
CA GLY KA 92 91.44 46.60 -30.90
C GLY KA 92 90.73 46.20 -32.17
N ILE KA 93 91.44 45.59 -33.13
CA ILE KA 93 90.89 45.25 -34.43
C ILE KA 93 90.12 43.92 -34.44
N CYS KA 94 89.18 43.78 -35.40
CA CYS KA 94 88.08 42.83 -35.36
C CYS KA 94 88.40 41.39 -35.72
N TYR KA 95 89.22 40.73 -34.89
CA TYR KA 95 89.49 39.32 -34.89
C TYR KA 95 88.27 38.44 -34.59
N ASP KA 96 88.24 37.24 -35.19
CA ASP KA 96 87.47 36.13 -34.65
C ASP KA 96 88.24 34.84 -34.92
N LYS KA 97 88.31 33.91 -33.95
CA LYS KA 97 88.97 32.63 -34.10
C LYS KA 97 88.33 31.67 -35.11
N ARG KA 98 87.00 31.60 -35.19
CA ARG KA 98 86.33 30.51 -35.86
C ARG KA 98 85.77 30.87 -37.22
N ARG KA 99 85.94 32.12 -37.68
CA ARG KA 99 85.48 32.51 -38.99
C ARG KA 99 86.18 31.81 -40.17
N LYS KA 100 87.53 31.77 -40.14
CA LYS KA 100 88.43 31.17 -41.13
C LYS KA 100 87.94 30.96 -42.57
N ASN KA 101 87.97 32.03 -43.40
CA ASN KA 101 87.54 31.99 -44.80
C ASN KA 101 88.35 31.04 -45.68
N ARG KA 102 87.71 30.40 -46.67
CA ARG KA 102 88.26 29.23 -47.33
C ARG KA 102 88.79 29.48 -48.73
N SER KA 103 88.72 30.72 -49.26
CA SER KA 103 89.04 31.01 -50.66
C SER KA 103 90.15 32.01 -50.85
N GLU KA 104 90.97 31.78 -51.89
CA GLU KA 104 92.13 32.59 -52.21
C GLU KA 104 91.80 34.02 -52.61
N GLU KA 105 90.79 34.22 -53.47
CA GLU KA 105 90.33 35.54 -53.86
C GLU KA 105 89.85 36.38 -52.68
N SER KA 106 89.10 35.77 -51.74
CA SER KA 106 88.71 36.48 -50.54
C SER KA 106 89.89 36.83 -49.65
N LEU KA 107 90.82 35.87 -49.44
CA LEU KA 107 92.02 36.15 -48.66
C LEU KA 107 92.91 37.23 -49.26
N THR KA 108 93.17 37.16 -50.58
CA THR KA 108 94.02 38.11 -51.27
C THR KA 108 93.49 39.52 -51.24
N LYS KA 109 92.17 39.69 -51.45
CA LYS KA 109 91.51 40.96 -51.27
C LYS KA 109 91.59 41.48 -49.84
N ASN KA 110 91.30 40.62 -48.86
CA ASN KA 110 91.35 41.02 -47.47
C ASN KA 110 92.75 41.31 -46.95
N VAL KA 111 93.81 40.61 -47.39
CA VAL KA 111 95.16 40.98 -46.98
C VAL KA 111 95.57 42.35 -47.47
N GLU KA 112 95.13 42.75 -48.68
CA GLU KA 112 95.31 44.10 -49.18
C GLU KA 112 94.59 45.14 -48.30
N ARG KA 113 93.34 44.87 -47.89
CA ARG KA 113 92.59 45.75 -47.02
C ARG KA 113 93.27 45.96 -45.66
N LEU KA 114 93.76 44.85 -45.06
CA LEU KA 114 94.55 44.80 -43.85
C LEU KA 114 95.82 45.62 -43.96
N LEU KA 115 96.57 45.45 -45.08
CA LEU KA 115 97.76 46.21 -45.35
C LEU KA 115 97.50 47.70 -45.45
N LYS KA 116 96.40 48.09 -46.12
CA LYS KA 116 96.00 49.48 -46.17
C LYS KA 116 95.72 50.04 -44.80
N TYR KA 117 94.97 49.32 -43.95
CA TYR KA 117 94.73 49.79 -42.60
C TYR KA 117 96.00 49.91 -41.76
N LYS KA 118 96.90 48.91 -41.88
CA LYS KA 118 98.17 48.88 -41.18
C LYS KA 118 99.09 50.06 -41.49
N ASN KA 119 99.26 50.41 -42.79
CA ASN KA 119 100.04 51.55 -43.21
C ASN KA 119 99.45 52.88 -42.78
N SER KA 120 98.11 52.98 -42.92
CA SER KA 120 97.33 54.18 -42.67
C SER KA 120 97.40 54.63 -41.23
N LEU KA 121 97.14 53.72 -40.28
CA LEU KA 121 97.29 54.01 -38.86
C LEU KA 121 98.72 54.33 -38.43
N VAL KA 122 98.84 55.26 -37.47
CA VAL KA 122 100.09 55.70 -36.90
C VAL KA 122 99.84 55.98 -35.43
N MET KA 123 100.78 55.60 -34.55
CA MET KA 123 100.52 55.43 -33.15
C MET KA 123 101.37 56.39 -32.34
N ILE KA 124 100.79 57.07 -31.33
CA ILE KA 124 101.55 57.93 -30.45
C ILE KA 124 102.55 57.12 -29.61
N PRO KA 125 103.78 57.54 -29.35
CA PRO KA 125 104.66 56.89 -28.38
C PRO KA 125 104.05 56.76 -26.99
N LEU KA 126 103.99 55.52 -26.45
CA LEU KA 126 103.15 55.19 -25.30
C LEU KA 126 103.47 55.94 -24.04
N LYS KA 127 104.77 56.12 -23.74
CA LYS KA 127 105.25 56.76 -22.53
C LYS KA 127 105.91 58.09 -22.86
N LYS KA 128 105.53 58.71 -23.99
CA LYS KA 128 106.06 59.99 -24.47
C LYS KA 128 107.52 59.88 -24.91
N ASN KA 129 107.77 58.88 -25.77
CA ASN KA 129 108.98 58.67 -26.54
C ASN KA 129 110.12 58.07 -25.75
N LYS KA 130 109.86 56.90 -25.13
CA LYS KA 130 110.85 56.16 -24.38
C LYS KA 130 111.19 54.83 -25.07
N ALA KA 131 110.64 54.63 -26.27
CA ALA KA 131 110.76 53.39 -27.03
C ALA KA 131 110.49 53.69 -28.49
N LYS KA 132 110.71 52.68 -29.37
CA LYS KA 132 110.74 52.87 -30.80
C LYS KA 132 109.65 52.06 -31.51
N LYS KA 133 109.61 52.18 -32.85
CA LYS KA 133 108.79 51.35 -33.72
C LYS KA 133 109.16 49.87 -33.63
N GLY KA 134 110.46 49.56 -33.46
CA GLY KA 134 110.99 48.21 -33.59
C GLY KA 134 110.96 47.70 -35.01
N ILE KA 135 110.80 46.38 -35.20
CA ILE KA 135 110.82 45.76 -36.53
C ILE KA 135 109.43 45.50 -37.11
N GLY KA 136 108.35 45.86 -36.37
CA GLY KA 136 106.98 45.58 -36.81
C GLY KA 136 106.14 44.91 -35.75
N GLY KA 137 106.72 44.62 -34.56
CA GLY KA 137 106.03 43.92 -33.48
C GLY KA 137 104.82 44.64 -32.96
N ILE KA 138 104.86 45.97 -32.96
CA ILE KA 138 103.70 46.83 -33.14
C ILE KA 138 104.18 47.92 -34.11
N PRO KA 139 103.66 48.12 -35.31
CA PRO KA 139 104.17 49.13 -36.22
C PRO KA 139 104.05 50.57 -35.77
N ALA KA 140 104.81 51.46 -36.45
CA ALA KA 140 104.43 52.85 -36.64
C ALA KA 140 104.24 53.75 -35.41
N ASP KA 141 105.20 53.72 -34.47
CA ASP KA 141 105.40 54.79 -33.51
C ASP KA 141 105.73 56.14 -34.20
N ALA KA 142 104.97 57.20 -33.86
CA ALA KA 142 105.07 58.52 -34.44
C ALA KA 142 106.23 59.38 -33.92
N ASP KA 143 106.43 60.55 -34.54
CA ASP KA 143 107.21 61.64 -33.98
C ASP KA 143 106.25 62.73 -33.53
N LYS KA 144 106.74 63.73 -32.77
CA LYS KA 144 105.84 64.66 -32.11
C LYS KA 144 105.29 65.69 -33.09
N ASN KA 145 106.12 66.15 -34.05
CA ASN KA 145 105.67 67.04 -35.11
C ASN KA 145 104.55 66.46 -35.96
N THR KA 146 104.73 65.21 -36.43
CA THR KA 146 103.73 64.51 -37.20
C THR KA 146 102.45 64.22 -36.45
N ILE KA 147 102.53 63.70 -35.21
CA ILE KA 147 101.33 63.36 -34.45
C ILE KA 147 100.46 64.56 -34.13
N LYS KA 148 101.05 65.69 -33.70
CA LYS KA 148 100.33 66.95 -33.56
C LYS KA 148 99.70 67.42 -34.86
N GLU KA 149 100.43 67.40 -35.98
CA GLU KA 149 99.85 67.80 -37.26
C GLU KA 149 98.70 66.91 -37.72
N PHE KA 150 98.84 65.58 -37.57
CA PHE KA 150 97.80 64.62 -37.87
C PHE KA 150 96.57 64.73 -37.01
N ARG KA 151 96.73 64.94 -35.69
CA ARG KA 151 95.61 65.14 -34.80
C ARG KA 151 94.77 66.36 -35.11
N ASN KA 152 95.41 67.49 -35.42
CA ASN KA 152 94.74 68.67 -35.96
C ASN KA 152 93.99 68.42 -37.26
N LYS KA 153 94.48 67.51 -38.13
CA LYS KA 153 93.84 67.20 -39.39
C LYS KA 153 92.86 66.02 -39.31
N LYS KA 154 91.56 66.31 -39.10
CA LYS KA 154 90.50 65.34 -39.25
C LYS KA 154 90.37 64.82 -40.70
N PRO KA 155 89.90 63.60 -40.98
CA PRO KA 155 89.78 63.08 -42.36
C PRO KA 155 89.00 63.93 -43.37
N LEU KA 156 89.60 64.34 -44.50
CA LEU KA 156 88.87 64.95 -45.61
C LEU KA 156 88.04 63.94 -46.38
N LEU KA 157 88.63 62.77 -46.65
CA LEU KA 157 88.15 61.82 -47.61
C LEU KA 157 87.07 60.87 -47.08
N SER KA 158 86.49 60.08 -48.01
CA SER KA 158 85.39 59.15 -47.77
C SER KA 158 85.61 58.07 -46.70
N ILE KA 159 84.49 57.61 -46.10
CA ILE KA 159 84.36 56.56 -45.08
C ILE KA 159 85.15 55.24 -45.27
N PHE KA 160 85.26 54.44 -44.18
CA PHE KA 160 86.21 53.34 -44.08
C PHE KA 160 85.54 51.98 -44.05
N LYS KA 161 84.27 51.90 -44.50
CA LYS KA 161 83.40 50.74 -44.37
C LYS KA 161 83.16 50.00 -45.69
N LYS KA 162 81.91 49.58 -45.99
CA LYS KA 162 81.46 48.97 -47.24
C LYS KA 162 81.80 49.75 -48.52
N GLU KA 163 81.82 49.06 -49.69
CA GLU KA 163 82.25 49.65 -50.95
C GLU KA 163 81.46 49.12 -52.14
N LYS KA 164 81.31 49.95 -53.20
CA LYS KA 164 80.53 49.68 -54.39
C LYS KA 164 81.29 48.87 -55.44
N ASN KA 165 80.55 48.28 -56.41
CA ASN KA 165 81.08 47.31 -57.35
C ASN KA 165 80.84 47.72 -58.81
N THR KA 166 80.45 46.77 -59.68
CA THR KA 166 80.25 46.92 -61.12
C THR KA 166 79.16 47.90 -61.54
N LYS KA 167 79.37 48.53 -62.71
CA LYS KA 167 78.54 49.59 -63.26
C LYS KA 167 77.09 49.23 -63.63
N PRO KA 168 76.12 50.14 -63.53
CA PRO KA 168 74.82 49.95 -64.18
C PRO KA 168 74.93 50.44 -65.62
N PHE KA 169 75.97 51.21 -65.94
CA PHE KA 169 76.18 51.90 -67.20
C PHE KA 169 76.80 50.98 -68.23
N TYR KA 170 76.21 49.80 -68.42
CA TYR KA 170 76.69 48.60 -69.09
C TYR KA 170 77.76 48.67 -70.17
N GLU KA 171 78.74 47.76 -70.01
CA GLU KA 171 79.70 47.28 -70.97
C GLU KA 171 79.14 46.73 -72.29
N THR KA 172 80.00 46.63 -73.31
CA THR KA 172 79.63 46.35 -74.69
C THR KA 172 80.52 45.28 -75.29
N ILE KA 173 80.11 44.72 -76.44
CA ILE KA 173 80.91 43.77 -77.18
C ILE KA 173 80.59 43.88 -78.66
N GLU KA 174 81.57 43.61 -79.56
CA GLU KA 174 81.33 43.51 -80.99
C GLU KA 174 80.39 42.37 -81.37
N VAL KA 175 79.52 42.59 -82.39
CA VAL KA 175 78.49 41.62 -82.75
C VAL KA 175 79.00 40.36 -83.44
N SER KA 176 80.24 40.37 -83.95
CA SER KA 176 80.80 39.21 -84.62
C SER KA 176 81.64 38.38 -83.67
N LYS KA 177 81.69 38.76 -82.37
CA LYS KA 177 82.51 38.08 -81.39
C LYS KA 177 81.64 37.31 -80.40
N ILE KA 178 80.34 37.17 -80.72
CA ILE KA 178 79.41 36.40 -79.91
C ILE KA 178 79.20 35.00 -80.46
N ASP KA 179 78.78 34.08 -79.60
CA ASP KA 179 78.35 32.74 -79.92
C ASP KA 179 76.84 32.78 -80.18
N LYS KA 180 76.30 31.82 -80.95
CA LYS KA 180 74.90 31.70 -81.25
C LYS KA 180 74.51 30.24 -81.22
N GLU KA 181 75.36 29.40 -80.63
CA GLU KA 181 75.32 27.96 -80.73
C GLU KA 181 74.97 27.34 -79.39
N PHE KA 182 75.28 28.00 -78.25
CA PHE KA 182 74.88 27.55 -76.93
C PHE KA 182 73.37 27.41 -76.72
N LEU KA 183 72.96 26.39 -75.96
CA LEU KA 183 71.61 26.30 -75.42
C LEU KA 183 71.69 26.16 -73.92
N ALA KA 184 71.36 27.23 -73.20
CA ALA KA 184 71.42 27.30 -71.77
C ALA KA 184 70.29 26.52 -71.15
N TYR KA 185 69.06 26.63 -71.71
CA TYR KA 185 67.90 25.96 -71.19
C TYR KA 185 68.05 24.45 -71.26
N LYS KA 186 68.53 23.92 -72.41
CA LYS KA 186 68.91 22.53 -72.53
C LYS KA 186 70.02 22.12 -71.56
N THR KA 187 71.05 22.97 -71.41
CA THR KA 187 72.19 22.66 -70.55
C THR KA 187 71.80 22.52 -69.11
N LEU KA 188 70.96 23.44 -68.61
CA LEU KA 188 70.49 23.41 -67.24
C LEU KA 188 69.69 22.16 -66.93
N ARG KA 189 68.72 21.83 -67.79
CA ARG KA 189 67.94 20.62 -67.67
C ARG KA 189 68.74 19.33 -67.78
N ARG KA 190 69.62 19.20 -68.79
CA ARG KA 190 70.50 18.06 -68.95
C ARG KA 190 71.44 17.86 -67.76
N ALA KA 191 72.05 18.95 -67.27
CA ALA KA 191 72.89 18.98 -66.10
C ALA KA 191 72.16 18.44 -64.87
N LYS KA 192 70.95 18.95 -64.60
CA LYS KA 192 70.10 18.52 -63.50
C LYS KA 192 69.68 17.06 -63.63
N LEU KA 193 69.27 16.63 -64.84
CA LEU KA 193 68.93 15.26 -65.14
C LEU KA 193 70.10 14.28 -64.92
N ALA KA 194 71.32 14.63 -65.35
CA ALA KA 194 72.47 13.77 -65.20
C ALA KA 194 73.14 13.82 -63.82
N GLU KA 195 72.65 14.70 -62.93
CA GLU KA 195 73.26 15.01 -61.64
C GLU KA 195 73.36 13.83 -60.70
N ARG KA 196 72.26 13.07 -60.56
CA ARG KA 196 72.17 11.86 -59.76
C ARG KA 196 73.24 10.84 -60.11
N ARG KA 197 73.44 10.58 -61.42
CA ARG KA 197 74.43 9.67 -61.96
C ARG KA 197 75.85 10.11 -61.63
N LYS KA 198 76.13 11.41 -61.76
CA LYS KA 198 77.40 11.99 -61.39
C LYS KA 198 77.67 11.88 -59.89
N ASN KA 199 76.66 12.12 -59.04
CA ASN KA 199 76.76 12.00 -57.60
C ASN KA 199 77.13 10.58 -57.15
N CYS KA 200 76.54 9.56 -57.78
CA CYS KA 200 76.85 8.15 -57.60
C CYS KA 200 78.30 7.85 -57.96
N ARG KA 201 78.77 8.33 -59.12
CA ARG KA 201 80.17 8.24 -59.51
C ARG KA 201 81.11 8.95 -58.52
N GLN KA 202 80.76 10.16 -58.06
CA GLN KA 202 81.50 10.88 -57.04
C GLN KA 202 81.57 10.14 -55.71
N GLN KA 203 80.47 9.53 -55.24
CA GLN KA 203 80.46 8.64 -54.08
C GLN KA 203 81.49 7.52 -54.16
N LYS KA 204 81.54 6.81 -55.31
CA LYS KA 204 82.53 5.79 -55.59
C LYS KA 204 83.94 6.34 -55.63
N LYS KA 205 84.15 7.52 -56.24
CA LYS KA 205 85.41 8.26 -56.17
C LYS KA 205 85.88 8.53 -54.74
N ASP KA 206 85.01 9.05 -53.86
CA ASP KA 206 85.30 9.25 -52.45
C ASP KA 206 85.73 7.98 -51.73
N ILE KA 207 85.01 6.87 -51.92
CA ILE KA 207 85.37 5.55 -51.41
C ILE KA 207 86.72 5.07 -51.91
N LYS KA 208 86.99 5.19 -53.22
CA LYS KA 208 88.23 4.80 -53.85
C LYS KA 208 89.43 5.56 -53.30
N PHE KA 209 89.30 6.89 -53.14
CA PHE KA 209 90.27 7.72 -52.46
C PHE KA 209 90.51 7.28 -51.01
N LYS KA 210 89.42 7.02 -50.26
CA LYS KA 210 89.47 6.69 -48.85
C LYS KA 210 90.12 5.34 -48.56
N SER KA 211 89.94 4.35 -49.45
CA SER KA 211 90.64 3.09 -49.37
C SER KA 211 92.15 3.23 -49.73
N VAL LA 1 -60.95 47.85 47.86
CA VAL LA 1 -60.43 47.68 49.27
C VAL LA 1 -59.18 46.80 49.35
N LYS LA 2 -59.31 45.48 49.07
CA LYS LA 2 -58.21 44.53 49.13
C LYS LA 2 -58.21 43.63 47.89
N THR LA 3 -57.15 42.84 47.74
CA THR LA 3 -57.02 41.85 46.69
C THR LA 3 -56.50 40.57 47.31
N GLU LA 4 -55.25 40.57 47.79
CA GLU LA 4 -54.64 39.42 48.41
C GLU LA 4 -53.46 39.91 49.25
N ALA LA 5 -52.88 39.09 50.13
CA ALA LA 5 -51.72 39.40 50.92
C ALA LA 5 -50.39 39.33 50.14
N CYS LA 6 -49.30 39.88 50.72
CA CYS LA 6 -47.99 39.95 50.08
C CYS LA 6 -47.09 38.77 50.42
N SER LA 7 -47.58 37.76 51.15
CA SER LA 7 -46.98 36.43 51.25
C SER LA 7 -45.81 36.34 52.23
N PHE LA 8 -44.89 37.33 52.20
CA PHE LA 8 -43.96 37.52 53.29
C PHE LA 8 -44.66 38.25 54.44
N SER LA 9 -45.81 38.88 54.13
CA SER LA 9 -46.48 39.78 55.05
C SER LA 9 -47.96 39.86 54.69
N GLU LA 10 -48.77 40.32 55.66
CA GLU LA 10 -50.22 40.44 55.60
C GLU LA 10 -50.75 41.42 54.54
N TYR LA 11 -50.10 42.60 54.40
CA TYR LA 11 -50.57 43.70 53.59
C TYR LA 11 -50.87 43.40 52.11
N ARG LA 12 -51.70 44.25 51.50
CA ARG LA 12 -52.20 44.04 50.15
C ARG LA 12 -51.15 43.96 49.04
N ILE LA 13 -51.21 42.89 48.22
CA ILE LA 13 -50.43 42.76 47.01
C ILE LA 13 -51.17 43.34 45.81
N TYR LA 14 -50.51 44.26 45.09
CA TYR LA 14 -51.11 44.93 43.94
C TYR LA 14 -50.82 44.14 42.67
N PRO LA 15 -51.74 44.04 41.73
CA PRO LA 15 -51.57 43.18 40.56
C PRO LA 15 -50.51 43.74 39.61
N GLY LA 16 -49.72 42.85 38.98
CA GLY LA 16 -48.69 43.24 38.02
C GLY LA 16 -47.31 43.34 38.62
N ARG LA 17 -47.18 43.40 39.96
CA ARG LA 17 -45.88 43.39 40.59
C ARG LA 17 -45.35 41.97 40.84
N GLY LA 18 -46.19 41.08 41.39
CA GLY LA 18 -45.78 39.75 41.86
C GLY LA 18 -45.39 38.71 40.83
N GLN LA 19 -44.72 37.65 41.31
CA GLN LA 19 -44.49 36.44 40.55
C GLN LA 19 -44.97 35.23 41.32
N LYS LA 20 -45.17 34.09 40.63
CA LYS LA 20 -45.64 32.86 41.23
C LYS LA 20 -44.75 31.68 40.85
N TYR LA 21 -44.34 30.91 41.86
CA TYR LA 21 -43.56 29.70 41.68
C TYR LA 21 -44.44 28.52 42.07
N ILE LA 22 -44.56 27.52 41.19
CA ILE LA 22 -45.14 26.25 41.56
C ILE LA 22 -44.04 25.22 41.75
N ALA LA 23 -43.99 24.66 42.97
CA ALA LA 23 -42.99 23.72 43.40
C ALA LA 23 -43.25 22.29 42.92
N ARG LA 24 -42.28 21.38 43.15
CA ARG LA 24 -42.33 20.00 42.68
C ARG LA 24 -43.51 19.19 43.16
N ASP LA 25 -44.00 19.47 44.37
CA ASP LA 25 -45.14 18.82 44.98
C ASP LA 25 -46.49 19.43 44.54
N GLY LA 26 -46.45 20.55 43.79
CA GLY LA 26 -47.63 21.19 43.25
C GLY LA 26 -48.27 22.22 44.12
N LYS LA 27 -47.71 22.54 45.30
CA LYS LA 27 -48.08 23.77 45.99
C LYS LA 27 -47.56 25.01 45.27
N VAL LA 28 -48.45 26.01 45.10
CA VAL LA 28 -48.12 27.31 44.57
C VAL LA 28 -47.60 28.24 45.66
N TYR LA 29 -46.55 29.02 45.34
CA TYR LA 29 -45.94 29.97 46.25
C TYR LA 29 -45.85 31.32 45.56
N PHE LA 30 -46.38 32.37 46.21
CA PHE LA 30 -46.59 33.66 45.62
C PHE LA 30 -45.53 34.59 46.17
N TYR LA 31 -44.74 35.24 45.30
CA TYR LA 31 -43.68 36.15 45.73
C TYR LA 31 -43.96 37.57 45.34
N LEU LA 32 -43.81 38.52 46.28
CA LEU LA 32 -43.88 39.93 45.97
C LEU LA 32 -42.63 40.41 45.26
N SER LA 33 -41.46 40.04 45.79
CA SER LA 33 -40.21 40.68 45.46
C SER LA 33 -39.14 39.70 45.01
N SER LA 34 -38.18 40.22 44.23
CA SER LA 34 -36.96 39.51 43.83
C SER LA 34 -36.15 39.10 45.03
N LYS LA 35 -36.02 39.97 46.04
CA LYS LA 35 -35.41 39.65 47.31
C LYS LA 35 -36.03 38.47 48.05
N PHE LA 36 -37.38 38.44 48.21
CA PHE LA 36 -38.11 37.28 48.74
C PHE LA 36 -37.92 36.03 47.90
N ALA LA 37 -37.93 36.20 46.55
CA ALA LA 37 -37.70 35.16 45.59
C ALA LA 37 -36.31 34.53 45.72
N SER LA 38 -35.24 35.35 45.85
CA SER LA 38 -33.89 34.82 46.05
C SER LA 38 -33.76 34.00 47.33
N LEU LA 39 -34.35 34.45 48.46
CA LEU LA 39 -34.37 33.64 49.67
C LEU LA 39 -35.03 32.27 49.49
N ALA LA 40 -36.21 32.24 48.83
CA ALA LA 40 -36.87 31.03 48.40
C ALA LA 40 -36.04 30.16 47.45
N LEU LA 41 -35.39 30.78 46.46
CA LEU LA 41 -34.50 30.14 45.52
C LEU LA 41 -33.31 29.49 46.21
N GLN LA 42 -32.71 30.18 47.19
CA GLN LA 42 -31.66 29.64 48.02
C GLN LA 42 -32.17 28.63 49.06
N LYS LA 43 -33.49 28.45 49.16
CA LYS LA 43 -34.20 27.51 50.03
C LYS LA 43 -33.92 27.71 51.51
N LYS LA 44 -33.77 28.98 51.95
CA LYS LA 44 -33.37 29.28 53.31
C LYS LA 44 -34.57 29.50 54.22
N LYS LA 45 -34.34 29.41 55.53
CA LYS LA 45 -35.36 29.69 56.53
C LYS LA 45 -35.48 31.19 56.76
N ALA LA 46 -36.38 31.85 56.01
CA ALA LA 46 -36.55 33.29 56.03
C ALA LA 46 -36.93 33.83 57.39
N ALA LA 47 -37.69 33.03 58.16
CA ALA LA 47 -38.09 33.31 59.52
C ALA LA 47 -36.93 33.53 60.49
N LYS LA 48 -35.75 32.97 60.21
CA LYS LA 48 -34.53 33.24 60.97
C LYS LA 48 -34.08 34.71 60.89
N LEU LA 49 -34.21 35.34 59.71
CA LEU LA 49 -33.78 36.70 59.46
C LEU LA 49 -34.52 37.79 60.25
N ARG LA 50 -33.78 38.78 60.78
CA ARG LA 50 -34.27 39.82 61.68
C ARG LA 50 -35.36 40.72 61.10
N TRP LA 51 -35.19 41.14 59.83
CA TRP LA 51 -36.06 42.11 59.19
C TRP LA 51 -37.51 41.65 59.01
N THR LA 52 -37.73 40.36 58.69
CA THR LA 52 -39.03 39.83 58.30
C THR LA 52 -40.11 39.85 59.37
N GLN LA 53 -41.38 39.96 58.94
CA GLN LA 53 -42.54 40.07 59.80
C GLN LA 53 -42.77 38.85 60.66
N THR LA 54 -42.58 37.64 60.13
CA THR LA 54 -42.62 36.41 60.91
C THR LA 54 -41.67 36.42 62.08
N TRP LA 55 -40.41 36.87 61.89
CA TRP LA 55 -39.47 37.08 62.98
C TRP LA 55 -39.95 38.09 63.99
N ARG LA 56 -40.50 39.23 63.54
CA ARG LA 56 -41.00 40.27 64.42
C ARG LA 56 -42.14 39.79 65.31
N ARG LA 57 -43.11 39.07 64.72
CA ARG LA 57 -44.18 38.40 65.42
C ARG LA 57 -43.71 37.36 66.42
N ASN LA 58 -42.79 36.47 65.99
CA ASN LA 58 -42.22 35.40 66.79
C ASN LA 58 -41.45 35.91 68.00
N ASN LA 59 -40.78 37.06 67.85
CA ASN LA 59 -40.02 37.70 68.90
C ASN LA 59 -40.85 38.77 69.59
N LYS LA 60 -42.16 38.80 69.28
CA LYS LA 60 -43.19 39.47 70.02
C LYS LA 60 -43.07 40.99 70.00
N LYS LA 61 -42.76 41.53 68.81
CA LYS LA 61 -42.54 42.95 68.57
C LYS LA 61 -43.51 43.50 67.52
N THR LA 62 -44.62 42.79 67.28
CA THR LA 62 -45.77 43.29 66.51
C THR LA 62 -46.82 44.00 67.39
N ALA MA 1 38.88 63.47 -35.64
CA ALA MA 1 38.00 62.29 -35.96
C ALA MA 1 36.57 62.40 -35.43
N THR MA 2 36.42 62.67 -34.13
CA THR MA 2 35.18 62.68 -33.36
C THR MA 2 34.08 63.56 -33.90
N ARG MA 3 34.45 64.66 -34.59
CA ARG MA 3 33.53 65.54 -35.26
C ARG MA 3 32.61 64.83 -36.25
N PHE MA 4 33.12 63.83 -37.00
CA PHE MA 4 32.45 63.38 -38.19
C PHE MA 4 31.84 62.00 -38.06
N LYS MA 5 31.93 61.37 -36.88
CA LYS MA 5 31.51 59.99 -36.71
C LYS MA 5 30.00 59.75 -36.61
N LYS MA 6 29.59 58.47 -36.66
CA LYS MA 6 28.20 58.04 -36.71
C LYS MA 6 27.38 58.47 -35.51
N ASN MA 7 27.95 58.54 -34.28
CA ASN MA 7 27.19 59.00 -33.13
C ASN MA 7 26.63 60.41 -33.31
N ARG MA 8 27.40 61.32 -33.91
CA ARG MA 8 26.97 62.66 -34.21
C ARG MA 8 25.82 62.71 -35.21
N LYS MA 9 25.67 61.68 -36.07
CA LYS MA 9 24.54 61.58 -36.96
C LYS MA 9 23.28 61.06 -36.26
N LYS MA 10 23.45 60.17 -35.27
CA LYS MA 10 22.36 59.39 -34.73
C LYS MA 10 22.05 59.73 -33.28
N ARG MA 11 22.61 60.83 -32.76
CA ARG MA 11 22.81 61.07 -31.33
C ARG MA 11 21.56 61.02 -30.48
N GLY MA 12 20.44 61.59 -30.98
CA GLY MA 12 19.14 61.55 -30.30
C GLY MA 12 18.20 60.46 -30.75
N HIS MA 13 18.61 59.57 -31.66
CA HIS MA 13 17.73 58.54 -32.19
C HIS MA 13 17.96 57.20 -31.49
N VAL MA 14 16.95 56.74 -30.73
CA VAL MA 14 17.11 55.82 -29.62
C VAL MA 14 17.75 54.47 -29.91
N SER MA 15 17.39 53.82 -31.04
CA SER MA 15 17.89 52.47 -31.33
C SER MA 15 19.15 52.53 -32.17
N ALA MA 16 19.70 53.74 -32.33
CA ALA MA 16 21.07 53.99 -32.73
C ALA MA 16 21.42 53.54 -34.15
N GLY MA 17 20.42 53.38 -35.03
CA GLY MA 17 20.67 52.90 -36.38
C GLY MA 17 20.84 51.40 -36.44
N HIS MA 18 20.53 50.72 -35.34
CA HIS MA 18 20.75 49.30 -35.19
C HIS MA 18 19.46 48.54 -34.97
N GLY MA 19 18.31 49.21 -35.18
CA GLY MA 19 17.01 48.56 -35.31
C GLY MA 19 16.19 48.48 -34.06
N ARG MA 20 14.99 49.07 -34.08
CA ARG MA 20 14.05 49.02 -32.97
C ARG MA 20 13.55 47.60 -32.67
N VAL MA 21 13.28 46.77 -33.69
CA VAL MA 21 12.96 45.38 -33.48
C VAL MA 21 14.16 44.56 -32.99
N GLY MA 22 15.33 44.75 -33.63
CA GLY MA 22 16.52 43.95 -33.40
C GLY MA 22 17.23 44.12 -32.07
N LYS MA 23 17.39 45.36 -31.59
CA LYS MA 23 18.00 45.68 -30.30
C LYS MA 23 19.38 45.08 -30.02
N HIS MA 24 20.33 45.33 -30.94
CA HIS MA 24 21.78 45.11 -30.92
C HIS MA 24 22.41 44.40 -29.71
N ARG MA 25 22.79 43.11 -29.88
CA ARG MA 25 23.19 42.21 -28.81
C ARG MA 25 24.67 41.92 -28.83
N LYS MA 26 25.23 41.32 -27.74
CA LYS MA 26 26.66 41.26 -27.50
C LYS MA 26 27.46 40.50 -28.55
N HIS MA 27 27.03 39.29 -28.92
CA HIS MA 27 27.69 38.49 -29.92
C HIS MA 27 26.67 37.61 -30.59
N PRO MA 28 25.77 38.15 -31.41
CA PRO MA 28 24.54 37.49 -31.81
C PRO MA 28 24.72 36.28 -32.72
N GLY MA 29 25.96 35.94 -33.14
CA GLY MA 29 26.23 34.73 -33.92
C GLY MA 29 27.32 33.91 -33.31
N GLY MA 30 27.85 34.32 -32.14
CA GLY MA 30 29.10 33.80 -31.59
C GLY MA 30 30.33 34.36 -32.28
N ARG MA 31 31.52 34.00 -31.78
CA ARG MA 31 32.80 34.50 -32.22
C ARG MA 31 33.24 34.18 -33.64
N GLY MA 32 34.00 35.13 -34.24
CA GLY MA 32 34.85 34.96 -35.41
C GLY MA 32 34.38 34.05 -36.53
N LYS MA 33 35.19 33.02 -36.85
CA LYS MA 33 34.92 32.14 -37.96
C LYS MA 33 34.05 30.95 -37.59
N ALA MA 34 33.43 30.94 -36.40
CA ALA MA 34 32.77 29.78 -35.83
C ALA MA 34 31.66 29.15 -36.68
N GLY MA 35 30.81 29.95 -37.36
CA GLY MA 35 29.62 29.43 -38.01
C GLY MA 35 29.86 28.68 -39.30
N GLY MA 36 31.10 28.69 -39.82
CA GLY MA 36 31.52 27.91 -40.99
C GLY MA 36 31.12 26.45 -40.92
N LEU MA 37 30.53 25.95 -42.03
CA LEU MA 37 29.95 24.61 -42.17
C LEU MA 37 28.60 24.52 -41.49
N HIS MA 38 28.54 24.96 -40.22
CA HIS MA 38 27.44 24.86 -39.30
C HIS MA 38 26.21 25.71 -39.60
N HIS MA 39 26.40 26.99 -39.95
CA HIS MA 39 25.26 27.86 -40.23
C HIS MA 39 25.64 29.11 -41.01
N MET MA 40 26.93 29.33 -41.27
CA MET MA 40 27.40 30.43 -42.11
C MET MA 40 28.03 29.85 -43.37
N ARG MA 41 27.67 28.59 -43.69
CA ARG MA 41 28.27 27.81 -44.75
C ARG MA 41 28.09 28.45 -46.11
N ILE MA 42 26.88 28.97 -46.36
CA ILE MA 42 26.53 29.68 -47.57
C ILE MA 42 27.42 30.89 -47.85
N ASN MA 43 27.75 31.70 -46.81
CA ASN MA 43 28.72 32.78 -46.94
C ASN MA 43 30.09 32.26 -47.35
N PHE MA 44 30.58 31.21 -46.67
CA PHE MA 44 31.88 30.63 -46.96
C PHE MA 44 31.96 30.07 -48.36
N ASP MA 45 30.96 29.33 -48.82
CA ASP MA 45 30.91 28.80 -50.17
C ASP MA 45 30.93 29.88 -51.25
N LYS MA 46 30.17 30.98 -51.07
CA LYS MA 46 29.97 31.94 -52.15
C LYS MA 46 31.11 32.93 -52.26
N TYR MA 47 31.91 33.07 -51.19
CA TYR MA 47 32.94 34.08 -51.10
C TYR MA 47 34.32 33.49 -50.87
N HIS MA 48 34.44 32.25 -50.40
CA HIS MA 48 35.70 31.70 -49.91
C HIS MA 48 35.88 30.25 -50.32
N PRO MA 49 35.82 29.92 -51.61
CA PRO MA 49 35.58 28.58 -52.11
C PRO MA 49 36.65 27.55 -51.76
N GLY MA 50 37.95 27.90 -51.63
CA GLY MA 50 38.99 26.90 -51.43
C GLY MA 50 39.25 26.47 -50.01
N TYR MA 51 38.52 27.06 -49.04
CA TYR MA 51 38.91 27.09 -47.63
C TYR MA 51 39.02 25.78 -46.87
N PHE MA 52 38.03 24.88 -46.95
CA PHE MA 52 37.99 23.73 -46.04
C PHE MA 52 38.80 22.53 -46.54
N GLY MA 53 39.36 21.75 -45.60
CA GLY MA 53 40.12 20.53 -45.88
C GLY MA 53 41.56 20.69 -46.35
N LYS MA 54 42.27 19.55 -46.46
CA LYS MA 54 43.71 19.53 -46.69
C LYS MA 54 44.08 19.40 -48.16
N VAL MA 55 45.31 19.80 -48.51
CA VAL MA 55 45.87 19.43 -49.81
C VAL MA 55 47.39 19.32 -49.72
N GLY MA 56 47.97 18.34 -50.43
CA GLY MA 56 49.40 18.18 -50.64
C GLY MA 56 50.22 17.65 -49.49
N MET MA 57 51.53 17.49 -49.74
CA MET MA 57 52.53 17.11 -48.75
C MET MA 57 52.77 18.16 -47.66
N ARG MA 58 53.65 17.87 -46.68
CA ARG MA 58 54.13 18.81 -45.69
C ARG MA 58 55.64 18.95 -45.83
N HIS MA 59 56.18 20.18 -45.84
CA HIS MA 59 57.61 20.37 -46.07
C HIS MA 59 58.36 20.53 -44.76
N LEU MA 60 57.65 20.88 -43.67
CA LEU MA 60 58.14 20.90 -42.28
C LEU MA 60 59.22 21.92 -41.92
N ASN MA 61 60.04 22.38 -42.89
CA ASN MA 61 61.11 23.33 -42.65
C ASN MA 61 61.55 23.94 -43.98
N LEU MA 62 60.64 24.68 -44.64
CA LEU MA 62 60.79 25.11 -46.02
C LEU MA 62 61.99 25.99 -46.34
N LEU MA 63 62.16 27.13 -45.63
CA LEU MA 63 63.15 28.16 -45.92
C LEU MA 63 62.96 28.88 -47.27
N LYS MA 64 62.58 30.17 -47.23
CA LYS MA 64 62.28 30.98 -48.41
C LYS MA 64 63.46 31.24 -49.33
N ASN MA 65 64.67 31.44 -48.76
CA ASN MA 65 65.81 31.93 -49.52
C ASN MA 65 66.39 30.93 -50.51
N ARG MA 66 66.18 29.61 -50.33
CA ARG MA 66 66.61 28.60 -51.28
C ARG MA 66 65.96 28.76 -52.66
N THR MA 67 64.66 29.09 -52.69
CA THR MA 67 63.87 29.16 -53.92
C THR MA 67 63.65 30.58 -54.41
N TYR MA 68 64.23 31.58 -53.73
CA TYR MA 68 64.12 32.99 -54.07
C TYR MA 68 64.67 33.34 -55.46
N CYS MA 69 63.80 33.73 -56.41
CA CYS MA 69 64.23 34.11 -57.74
C CYS MA 69 63.41 35.29 -58.24
N PRO MA 70 63.99 36.45 -58.45
CA PRO MA 70 63.31 37.51 -59.19
C PRO MA 70 63.45 37.29 -60.69
N THR MA 71 62.36 37.45 -61.44
CA THR MA 71 62.35 37.27 -62.88
C THR MA 71 62.21 38.57 -63.65
N ILE MA 72 62.67 38.58 -64.93
CA ILE MA 72 62.49 39.69 -65.84
C ILE MA 72 62.10 39.13 -67.20
N ASN MA 73 61.14 39.73 -67.93
CA ASN MA 73 60.87 39.37 -69.32
C ASN MA 73 61.74 40.12 -70.32
N VAL MA 74 62.06 39.48 -71.48
CA VAL MA 74 62.93 40.04 -72.50
C VAL MA 74 62.53 41.41 -73.05
N ASP MA 75 61.23 41.64 -73.30
CA ASP MA 75 60.64 42.94 -73.60
C ASP MA 75 61.22 44.15 -72.83
N LYS MA 76 61.40 44.01 -71.52
CA LYS MA 76 61.79 45.05 -70.62
C LYS MA 76 63.31 45.17 -70.46
N LEU MA 77 64.10 44.23 -71.03
CA LEU MA 77 65.55 44.24 -70.94
C LEU MA 77 66.19 45.45 -71.61
N TRP MA 78 65.77 45.83 -72.84
CA TRP MA 78 66.28 47.02 -73.50
C TRP MA 78 65.95 48.30 -72.72
N GLY MA 79 64.84 48.27 -71.95
CA GLY MA 79 64.46 49.31 -71.00
C GLY MA 79 65.36 49.46 -69.80
N LEU MA 80 66.18 48.46 -69.48
CA LEU MA 80 67.16 48.56 -68.42
C LEU MA 80 68.35 49.43 -68.80
N LEU MA 81 68.55 49.70 -70.11
CA LEU MA 81 69.44 50.73 -70.60
C LEU MA 81 68.92 52.13 -70.25
N PRO MA 82 69.73 53.12 -69.89
CA PRO MA 82 69.33 54.51 -69.98
C PRO MA 82 69.12 54.96 -71.42
N GLU MA 83 68.51 56.14 -71.59
CA GLU MA 83 68.05 56.68 -72.85
C GLU MA 83 69.16 56.84 -73.87
N GLU MA 84 70.28 57.44 -73.45
CA GLU MA 84 71.44 57.67 -74.31
C GLU MA 84 72.07 56.37 -74.78
N LYS MA 85 72.20 55.35 -73.89
CA LYS MA 85 72.68 54.04 -74.27
C LYS MA 85 71.79 53.39 -75.31
N LYS MA 86 70.45 53.46 -75.12
CA LYS MA 86 69.52 52.91 -76.08
C LYS MA 86 69.60 53.55 -77.45
N LYS MA 87 69.74 54.89 -77.51
CA LYS MA 87 70.03 55.60 -78.74
C LYS MA 87 71.33 55.16 -79.41
N GLU MA 88 72.39 54.96 -78.61
CA GLU MA 88 73.68 54.57 -79.13
C GLU MA 88 73.69 53.19 -79.79
N PHE MA 89 73.05 52.19 -79.17
CA PHE MA 89 72.83 50.90 -79.77
C PHE MA 89 71.94 50.94 -80.98
N SER MA 90 70.86 51.74 -80.93
CA SER MA 90 69.96 51.91 -82.05
C SER MA 90 70.67 52.42 -83.30
N GLU MA 91 71.53 53.43 -83.14
CA GLU MA 91 72.44 53.88 -84.17
C GLU MA 91 73.45 52.86 -84.67
N ASN MA 92 74.10 52.10 -83.76
CA ASN MA 92 75.27 51.31 -84.10
C ASN MA 92 75.02 49.81 -84.00
N LYS MA 93 75.06 49.12 -85.16
CA LYS MA 93 74.85 47.69 -85.23
C LYS MA 93 76.15 46.91 -85.10
N ASP MA 94 77.29 47.60 -85.01
CA ASP MA 94 78.61 47.04 -84.80
C ASP MA 94 78.79 46.39 -83.42
N ILE MA 95 78.20 46.99 -82.38
CA ILE MA 95 78.33 46.55 -81.01
C ILE MA 95 76.99 46.21 -80.40
N ALA MA 96 76.98 45.18 -79.55
CA ALA MA 96 75.83 44.75 -78.80
C ALA MA 96 75.92 45.30 -77.38
N PRO MA 97 74.84 45.77 -76.75
CA PRO MA 97 74.77 45.85 -75.30
C PRO MA 97 74.97 44.49 -74.64
N VAL MA 98 75.93 44.38 -73.70
CA VAL MA 98 75.89 43.30 -72.75
C VAL MA 98 74.98 43.69 -71.59
N ILE MA 99 74.10 42.78 -71.14
CA ILE MA 99 73.26 43.03 -69.99
C ILE MA 99 73.55 41.98 -68.93
N ASP MA 100 74.10 42.42 -67.80
CA ASP MA 100 74.17 41.67 -66.58
C ASP MA 100 72.91 41.93 -65.76
N VAL MA 101 71.95 40.98 -65.76
CA VAL MA 101 70.69 41.16 -65.07
C VAL MA 101 70.81 41.04 -63.54
N THR MA 102 71.96 40.57 -63.04
CA THR MA 102 72.21 40.32 -61.63
C THR MA 102 72.33 41.60 -60.84
N ARG MA 103 72.94 42.64 -61.43
CA ARG MA 103 73.03 43.97 -60.84
C ARG MA 103 71.67 44.59 -60.60
N LYS MA 104 70.67 44.21 -61.44
CA LYS MA 104 69.29 44.61 -61.30
C LYS MA 104 68.51 43.61 -60.46
N GLY MA 105 69.20 42.60 -59.92
CA GLY MA 105 68.68 41.63 -58.97
C GLY MA 105 67.92 40.47 -59.56
N TYR MA 106 67.84 40.36 -60.89
CA TYR MA 106 67.09 39.30 -61.53
C TYR MA 106 67.94 38.05 -61.73
N PHE MA 107 67.29 36.88 -61.80
CA PHE MA 107 68.01 35.63 -62.02
C PHE MA 107 67.39 34.76 -63.11
N LYS MA 108 66.08 34.84 -63.40
CA LYS MA 108 65.50 34.15 -64.56
C LYS MA 108 64.96 35.13 -65.59
N VAL MA 109 65.24 34.85 -66.88
CA VAL MA 109 64.82 35.69 -67.98
C VAL MA 109 63.72 34.97 -68.72
N LEU MA 110 62.53 35.59 -68.76
CA LEU MA 110 61.33 35.05 -69.36
C LEU MA 110 61.03 35.69 -70.71
N GLY MA 111 60.12 35.07 -71.49
CA GLY MA 111 60.02 35.25 -72.92
C GLY MA 111 59.01 36.21 -73.47
N ASN MA 112 58.21 36.90 -72.64
CA ASN MA 112 57.13 37.75 -73.13
C ASN MA 112 57.50 38.91 -74.03
N GLY MA 113 56.53 39.22 -74.93
CA GLY MA 113 56.48 40.41 -75.77
C GLY MA 113 57.40 40.46 -76.96
N LYS MA 114 57.21 41.55 -77.74
CA LYS MA 114 57.94 41.83 -78.97
C LYS MA 114 59.34 42.38 -78.77
N LEU MA 115 60.13 42.41 -79.84
CA LEU MA 115 61.45 43.01 -79.86
C LEU MA 115 61.62 43.77 -81.16
N LYS MA 116 62.45 44.84 -81.19
CA LYS MA 116 62.75 45.54 -82.43
C LYS MA 116 63.76 44.75 -83.23
N HIS MA 117 63.24 43.94 -84.18
CA HIS MA 117 64.00 42.87 -84.81
C HIS MA 117 65.21 43.27 -85.66
N ASN MA 118 66.20 42.36 -85.69
CA ASN MA 118 67.47 42.44 -86.40
C ASN MA 118 68.56 43.18 -85.63
N GLN MA 119 68.46 43.25 -84.29
CA GLN MA 119 69.44 43.92 -83.45
C GLN MA 119 69.95 42.99 -82.34
N PRO MA 120 71.17 42.47 -82.42
CA PRO MA 120 71.86 41.75 -81.34
C PRO MA 120 71.87 42.38 -79.95
N ILE MA 121 71.79 41.55 -78.90
CA ILE MA 121 71.93 41.94 -77.50
C ILE MA 121 72.52 40.75 -76.76
N VAL MA 122 73.51 40.95 -75.87
CA VAL MA 122 73.99 39.86 -75.03
C VAL MA 122 73.29 39.88 -73.69
N VAL MA 123 72.61 38.78 -73.33
CA VAL MA 123 72.00 38.63 -72.03
C VAL MA 123 72.78 37.66 -71.16
N LYS MA 124 73.32 38.15 -70.03
CA LYS MA 124 73.96 37.33 -69.03
C LYS MA 124 73.01 37.11 -67.86
N ALA MA 125 72.68 35.85 -67.54
CA ALA MA 125 71.75 35.51 -66.49
C ALA MA 125 71.96 34.08 -66.00
N ARG MA 126 71.43 33.75 -64.80
CA ARG MA 126 71.45 32.38 -64.32
C ARG MA 126 70.52 31.46 -65.10
N TYR MA 127 69.27 31.89 -65.29
CA TYR MA 127 68.21 31.07 -65.82
C TYR MA 127 67.49 31.79 -66.95
N PHE MA 128 66.97 31.03 -67.92
CA PHE MA 128 66.26 31.59 -69.07
C PHE MA 128 65.09 30.66 -69.35
N SER MA 129 63.93 31.17 -69.79
CA SER MA 129 62.89 30.33 -70.37
C SER MA 129 63.24 29.86 -71.77
N SER MA 130 62.66 28.73 -72.20
CA SER MA 130 62.85 28.16 -73.52
C SER MA 130 62.61 29.13 -74.67
N VAL MA 131 61.47 29.81 -74.64
CA VAL MA 131 61.09 30.89 -75.50
C VAL MA 131 62.00 32.09 -75.44
N ALA MA 132 62.44 32.54 -74.24
CA ALA MA 132 63.35 33.67 -74.11
C ALA MA 132 64.68 33.46 -74.83
N GLU MA 133 65.33 32.30 -74.60
CA GLU MA 133 66.53 31.90 -75.29
C GLU MA 133 66.37 31.89 -76.80
N LYS MA 134 65.29 31.28 -77.30
CA LYS MA 134 64.96 31.24 -78.71
C LYS MA 134 64.78 32.63 -79.32
N LYS MA 135 64.02 33.53 -78.68
CA LYS MA 135 63.85 34.90 -79.15
C LYS MA 135 65.15 35.71 -79.13
N ILE MA 136 65.97 35.60 -78.07
CA ILE MA 136 67.26 36.26 -78.03
C ILE MA 136 68.18 35.76 -79.14
N LYS MA 137 68.21 34.43 -79.39
CA LYS MA 137 68.95 33.89 -80.51
C LYS MA 137 68.40 34.35 -81.86
N ALA MA 138 67.07 34.33 -82.04
CA ALA MA 138 66.33 34.80 -83.20
C ALA MA 138 66.65 36.22 -83.64
N VAL MA 139 66.83 37.13 -82.67
CA VAL MA 139 67.04 38.54 -82.96
C VAL MA 139 68.53 38.84 -83.17
N GLY MA 140 69.35 37.79 -83.07
CA GLY MA 140 70.78 37.84 -83.32
C GLY MA 140 71.59 38.05 -82.08
N GLY MA 141 70.94 38.04 -80.90
CA GLY MA 141 71.59 38.12 -79.61
C GLY MA 141 72.19 36.83 -79.11
N GLN MA 142 72.83 36.92 -77.93
CA GLN MA 142 73.49 35.80 -77.30
C GLN MA 142 72.95 35.61 -75.89
N CYS MA 143 72.85 34.34 -75.44
CA CYS MA 143 72.52 34.01 -74.08
C CYS MA 143 73.77 33.48 -73.40
N ILE MA 144 74.07 34.00 -72.21
CA ILE MA 144 75.21 33.59 -71.44
C ILE MA 144 74.70 33.08 -70.11
N LEU MA 145 74.87 31.77 -69.86
CA LEU MA 145 74.69 31.18 -68.55
C LEU MA 145 75.80 31.65 -67.60
N VAL MA 146 75.42 32.21 -66.43
CA VAL MA 146 76.40 32.60 -65.43
C VAL MA 146 75.81 32.56 -64.02
N ALA MA 147 76.51 31.93 -63.07
CA ALA MA 147 76.14 31.89 -61.67
C ALA MA 147 76.48 33.21 -60.91
N VAL NA 1 21.29 -9.75 -55.72
CA VAL NA 1 21.80 -9.31 -57.02
C VAL NA 1 23.03 -10.10 -57.42
N ASN NA 2 23.17 -10.51 -58.70
CA ASN NA 2 24.11 -11.55 -59.08
C ASN NA 2 24.95 -11.14 -60.28
N VAL NA 3 26.28 -11.28 -60.15
CA VAL NA 3 27.20 -11.09 -61.26
C VAL NA 3 27.95 -12.39 -61.56
N PRO NA 4 28.25 -12.74 -62.81
CA PRO NA 4 29.29 -13.72 -63.13
C PRO NA 4 30.68 -13.23 -62.77
N LYS NA 5 31.68 -14.12 -62.80
CA LYS NA 5 33.01 -13.84 -62.26
C LYS NA 5 34.01 -13.36 -63.31
N THR NA 6 33.60 -13.28 -64.59
CA THR NA 6 34.40 -12.72 -65.66
C THR NA 6 33.59 -11.73 -66.47
N ARG NA 7 34.24 -10.74 -67.10
CA ARG NA 7 33.59 -9.75 -67.95
C ARG NA 7 34.52 -9.32 -69.06
N LYS NA 8 34.11 -9.42 -70.34
CA LYS NA 8 34.88 -8.86 -71.43
C LYS NA 8 34.44 -7.42 -71.67
N THR NA 9 35.36 -6.46 -71.47
CA THR NA 9 35.01 -5.05 -71.44
C THR NA 9 36.23 -4.21 -71.77
N TYR NA 10 36.05 -2.90 -71.94
CA TYR NA 10 37.12 -1.94 -72.14
C TYR NA 10 38.12 -1.90 -70.98
N CYS NA 11 39.42 -2.04 -71.29
CA CYS NA 11 40.46 -1.70 -70.33
C CYS NA 11 40.84 -0.24 -70.53
N SER NA 12 41.00 0.51 -69.43
CA SER NA 12 41.32 1.93 -69.50
C SER NA 12 42.80 2.16 -69.50
N ASN NA 13 43.59 1.08 -69.63
CA ASN NA 13 45.02 1.14 -69.50
C ASN NA 13 45.69 0.30 -70.57
N LYS NA 14 46.59 0.93 -71.36
CA LYS NA 14 47.44 0.30 -72.37
C LYS NA 14 46.67 -0.24 -73.57
N CYS NA 15 46.00 -1.40 -73.42
CA CYS NA 15 45.15 -1.96 -74.44
C CYS NA 15 43.90 -1.11 -74.63
N LYS NA 16 43.69 -0.56 -75.84
CA LYS NA 16 42.48 0.18 -76.14
C LYS NA 16 41.28 -0.73 -76.37
N LYS NA 17 41.48 -1.91 -76.97
CA LYS NA 17 40.44 -2.88 -77.26
C LYS NA 17 39.69 -3.44 -76.06
N HIS NA 18 38.42 -3.85 -76.28
CA HIS NA 18 37.67 -4.68 -75.33
C HIS NA 18 38.34 -6.03 -75.13
N THR NA 19 38.61 -6.41 -73.88
CA THR NA 19 39.33 -7.64 -73.58
C THR NA 19 38.83 -8.17 -72.26
N MET NA 20 39.27 -9.38 -71.86
CA MET NA 20 38.73 -10.02 -70.69
C MET NA 20 39.25 -9.43 -69.39
N HIS NA 21 38.35 -9.39 -68.40
CA HIS NA 21 38.65 -8.99 -67.06
C HIS NA 21 38.05 -10.03 -66.16
N LYS NA 22 38.74 -10.35 -65.05
CA LYS NA 22 38.17 -11.13 -63.98
C LYS NA 22 37.44 -10.19 -63.06
N VAL NA 23 36.32 -10.61 -62.47
CA VAL NA 23 35.47 -9.80 -61.63
C VAL NA 23 35.47 -10.41 -60.24
N SER NA 24 35.75 -9.60 -59.20
CA SER NA 24 35.73 -10.07 -57.83
C SER NA 24 35.25 -8.97 -56.91
N GLN NA 25 34.98 -9.29 -55.64
CA GLN NA 25 34.38 -8.37 -54.68
C GLN NA 25 35.45 -7.76 -53.80
N TYR NA 26 35.60 -6.41 -53.84
CA TYR NA 26 36.37 -5.69 -52.86
C TYR NA 26 35.67 -5.68 -51.51
N LYS NA 27 36.45 -5.62 -50.42
CA LYS NA 27 35.88 -5.74 -49.10
C LYS NA 27 36.65 -4.95 -48.04
N LYS NA 28 37.46 -3.95 -48.48
CA LYS NA 28 38.20 -3.03 -47.63
C LYS NA 28 39.40 -3.62 -46.91
N GLY NA 29 40.60 -3.06 -47.13
CA GLY NA 29 41.80 -3.46 -46.43
C GLY NA 29 41.75 -3.28 -44.92
N LYS NA 30 42.53 -4.11 -44.20
CA LYS NA 30 42.81 -3.91 -42.79
C LYS NA 30 43.73 -2.69 -42.58
N GLU NA 31 43.39 -1.77 -41.66
CA GLU NA 31 44.14 -0.57 -41.42
C GLU NA 31 45.59 -0.76 -40.95
N ARG NA 32 46.47 0.11 -41.44
CA ARG NA 32 47.87 0.19 -41.17
C ARG NA 32 48.13 0.87 -39.83
N LEU NA 33 49.27 0.56 -39.19
CA LEU NA 33 49.67 1.27 -37.98
C LEU NA 33 50.64 2.38 -38.32
N SER NA 34 50.99 2.49 -39.61
CA SER NA 34 51.98 3.42 -40.12
C SER NA 34 51.37 4.66 -40.77
N SER NA 35 50.03 4.70 -40.95
CA SER NA 35 49.36 5.84 -41.55
C SER NA 35 49.50 7.11 -40.72
N LEU NA 36 49.82 8.25 -41.35
CA LEU NA 36 49.98 9.54 -40.72
C LEU NA 36 48.80 9.97 -39.86
N GLY NA 37 47.56 9.78 -40.35
CA GLY NA 37 46.36 10.01 -39.56
C GLY NA 37 46.27 9.11 -38.35
N ARG NA 38 46.62 7.82 -38.51
CA ARG NA 38 46.66 6.88 -37.39
C ARG NA 38 47.72 7.28 -36.37
N ARG NA 39 48.90 7.73 -36.82
CA ARG NA 39 49.91 8.35 -35.98
C ARG NA 39 49.39 9.56 -35.20
N ARG NA 40 48.70 10.50 -35.87
CA ARG NA 40 48.06 11.63 -35.23
C ARG NA 40 47.01 11.19 -34.20
N TYR NA 41 46.17 10.20 -34.55
CA TYR NA 41 45.14 9.63 -33.71
C TYR NA 41 45.77 9.02 -32.45
N ASP NA 42 46.86 8.26 -32.62
CA ASP NA 42 47.67 7.78 -31.52
C ASP NA 42 48.24 8.89 -30.65
N MET NA 43 48.82 9.95 -31.24
CA MET NA 43 49.38 11.06 -30.51
C MET NA 43 48.35 11.83 -29.69
N LYS NA 44 47.19 12.13 -30.29
CA LYS NA 44 46.10 12.80 -29.62
C LYS NA 44 45.55 11.98 -28.46
N GLN NA 45 45.34 10.67 -28.69
CA GLN NA 45 44.90 9.73 -27.69
C GLN NA 45 45.83 9.58 -26.49
N LYS NA 46 47.15 9.51 -26.72
CA LYS NA 46 48.14 9.35 -25.68
C LYS NA 46 48.21 10.50 -24.67
N GLY NA 47 48.53 10.17 -23.39
CA GLY NA 47 48.35 11.09 -22.26
C GLY NA 47 46.91 11.20 -21.82
N PHE NA 48 46.64 11.98 -20.75
CA PHE NA 48 45.30 12.17 -20.23
C PHE NA 48 44.29 12.81 -21.19
N GLY NA 49 43.00 12.39 -21.11
CA GLY NA 49 41.92 12.92 -21.93
C GLY NA 49 41.18 11.86 -22.74
N GLY NA 50 40.05 12.26 -23.35
CA GLY NA 50 39.19 11.41 -24.17
C GLY NA 50 39.57 11.35 -25.64
N GLN NA 51 38.55 11.27 -26.53
CA GLN NA 51 38.80 11.06 -27.94
C GLN NA 51 37.60 11.43 -28.82
N THR NA 52 37.88 11.72 -30.10
CA THR NA 52 36.87 12.15 -31.06
C THR NA 52 36.88 11.33 -32.35
N LYS NA 53 38.07 10.81 -32.72
CA LYS NA 53 38.42 10.18 -33.99
C LYS NA 53 37.64 8.89 -34.29
N PRO NA 54 37.42 8.53 -35.57
CA PRO NA 54 36.17 7.96 -36.07
C PRO NA 54 35.40 6.98 -35.22
N VAL NA 55 34.23 7.42 -34.73
CA VAL NA 55 33.31 6.63 -33.96
C VAL NA 55 31.91 7.14 -34.23
N PHE NA 56 30.92 6.25 -34.31
CA PHE NA 56 29.54 6.65 -34.38
C PHE NA 56 28.72 5.60 -33.68
N LYS NA 57 27.79 6.03 -32.80
CA LYS NA 57 27.13 5.14 -31.86
C LYS NA 57 25.64 5.08 -32.10
N LYS NA 58 25.16 5.55 -33.27
CA LYS NA 58 23.74 5.72 -33.58
C LYS NA 58 23.40 5.30 -35.01
N LYS NA 59 24.27 4.48 -35.64
CA LYS NA 59 24.21 4.03 -37.04
C LYS NA 59 22.85 3.83 -37.71
N ALA NA 60 22.65 4.44 -38.90
CA ALA NA 60 21.41 4.32 -39.64
C ALA NA 60 21.32 3.10 -40.53
N LYS NA 61 22.36 2.79 -41.34
CA LYS NA 61 22.24 1.88 -42.45
C LYS NA 61 22.67 0.47 -42.17
N THR NA 62 21.90 -0.47 -42.72
CA THR NA 62 22.11 -1.91 -42.62
C THR NA 62 22.78 -2.47 -43.85
N THR NA 63 23.15 -1.59 -44.80
CA THR NA 63 23.55 -1.96 -46.15
C THR NA 63 24.82 -1.25 -46.54
N LYS NA 64 25.50 -1.73 -47.61
CA LYS NA 64 26.73 -1.18 -48.17
C LYS NA 64 26.65 -1.19 -49.68
N LYS NA 65 27.12 -0.13 -50.36
CA LYS NA 65 27.41 -0.24 -51.79
C LYS NA 65 28.45 -1.30 -52.07
N ILE NA 66 28.24 -2.07 -53.13
CA ILE NA 66 29.19 -3.08 -53.56
C ILE NA 66 29.99 -2.48 -54.68
N VAL NA 67 31.33 -2.65 -54.59
CA VAL NA 67 32.26 -2.19 -55.59
C VAL NA 67 33.06 -3.41 -55.96
N LEU NA 68 33.10 -3.69 -57.26
CA LEU NA 68 33.78 -4.83 -57.80
C LEU NA 68 35.17 -4.43 -58.24
N LYS NA 69 36.14 -5.29 -57.94
CA LYS NA 69 37.49 -5.15 -58.43
C LYS NA 69 37.62 -5.97 -59.69
N LEU NA 70 37.97 -5.30 -60.79
CA LEU NA 70 38.09 -5.89 -62.11
C LEU NA 70 39.56 -5.91 -62.48
N GLU NA 71 40.08 -7.10 -62.76
CA GLU NA 71 41.49 -7.28 -63.08
C GLU NA 71 41.60 -7.66 -64.54
N CYS NA 72 42.21 -6.79 -65.37
CA CYS NA 72 42.47 -7.07 -66.77
C CYS NA 72 43.38 -8.27 -66.95
N THR NA 73 42.97 -9.26 -67.77
CA THR NA 73 43.76 -10.48 -67.94
C THR NA 73 44.90 -10.29 -68.94
N LYS NA 74 44.87 -9.22 -69.75
CA LYS NA 74 45.88 -8.92 -70.74
C LYS NA 74 47.02 -8.15 -70.09
N CYS NA 75 46.98 -6.80 -70.11
CA CYS NA 75 47.80 -6.00 -69.21
C CYS NA 75 47.37 -6.25 -67.77
N LYS NA 76 48.30 -6.51 -66.84
CA LYS NA 76 47.95 -7.09 -65.54
C LYS NA 76 47.58 -6.05 -64.50
N LYS NA 77 46.67 -5.14 -64.87
CA LYS NA 77 46.34 -3.96 -64.12
C LYS NA 77 44.88 -3.98 -63.72
N LYS NA 78 44.58 -3.40 -62.56
CA LYS NA 78 43.28 -3.47 -61.93
C LYS NA 78 42.49 -2.18 -62.07
N ARG NA 79 41.16 -2.27 -61.94
CA ARG NA 79 40.23 -1.16 -62.01
C ARG NA 79 39.04 -1.42 -61.11
N PHE NA 80 38.48 -0.37 -60.49
CA PHE NA 80 37.29 -0.50 -59.67
C PHE NA 80 36.05 -0.23 -60.50
N GLN NA 81 34.91 -0.80 -60.08
CA GLN NA 81 33.64 -0.58 -60.70
C GLN NA 81 32.56 -0.61 -59.64
N THR NA 82 31.80 0.49 -59.49
CA THR NA 82 30.86 0.67 -58.39
C THR NA 82 29.44 0.48 -58.91
N MET NA 83 28.55 -0.04 -58.05
CA MET NA 83 27.21 -0.37 -58.40
C MET NA 83 26.35 -0.43 -57.16
N LYS NA 84 25.01 -0.35 -57.37
CA LYS NA 84 23.97 -0.18 -56.38
C LYS NA 84 24.14 -0.74 -54.97
N ARG NA 85 23.60 0.01 -54.00
CA ARG NA 85 23.50 -0.38 -52.60
C ARG NA 85 22.58 -1.59 -52.41
N CYS NA 86 23.07 -2.68 -51.81
CA CYS NA 86 22.26 -3.89 -51.68
C CYS NA 86 22.25 -4.41 -50.26
N LYS NA 87 21.14 -5.05 -49.86
CA LYS NA 87 21.16 -5.97 -48.75
C LYS NA 87 21.71 -7.30 -49.22
N THR NA 88 21.31 -7.76 -50.42
CA THR NA 88 21.56 -9.14 -50.85
C THR NA 88 22.41 -9.20 -52.09
N PHE NA 89 23.59 -9.84 -51.99
CA PHE NA 89 24.50 -10.01 -53.10
C PHE NA 89 24.83 -11.49 -53.31
N GLU NA 90 25.03 -11.89 -54.58
CA GLU NA 90 25.31 -13.25 -54.99
C GLU NA 90 26.42 -13.23 -56.04
N MET NA 91 27.30 -14.25 -56.00
CA MET NA 91 28.39 -14.34 -56.95
C MET NA 91 28.34 -15.66 -57.71
N GLY NA 92 28.18 -15.61 -59.05
CA GLY NA 92 28.33 -16.79 -59.91
C GLY NA 92 27.21 -17.81 -59.88
N ALA NA 93 26.08 -17.49 -59.23
CA ALA NA 93 25.01 -18.44 -58.98
C ALA NA 93 24.26 -18.97 -60.21
N ASP NA 94 23.90 -18.07 -61.16
CA ASP NA 94 23.01 -18.31 -62.29
C ASP NA 94 21.61 -18.85 -61.89
N LYS NA 95 20.79 -19.25 -62.87
CA LYS NA 95 19.42 -19.70 -62.66
C LYS NA 95 19.17 -21.00 -63.47
N SER OA 1 52.43 82.23 -65.73
CA SER OA 1 53.06 82.14 -64.34
C SER OA 1 52.10 81.66 -63.29
N ASN OA 2 52.58 81.20 -62.12
CA ASN OA 2 51.76 80.52 -61.12
C ASN OA 2 50.64 81.35 -60.48
N VAL OA 3 50.90 82.61 -60.12
CA VAL OA 3 49.90 83.51 -59.61
C VAL OA 3 48.80 83.86 -60.60
N SER OA 4 47.56 83.99 -60.12
CA SER OA 4 46.43 84.40 -60.94
C SER OA 4 45.45 85.10 -60.02
N ASN OA 5 44.81 86.17 -60.50
CA ASN OA 5 43.82 86.92 -59.74
C ASN OA 5 42.61 86.07 -59.41
N ALA OA 6 42.19 85.26 -60.39
CA ALA OA 6 41.19 84.24 -60.24
C ALA OA 6 41.60 83.17 -59.23
N LEU OA 7 42.84 82.68 -59.30
CA LEU OA 7 43.38 81.71 -58.37
C LEU OA 7 43.39 82.23 -56.93
N VAL OA 8 43.78 83.50 -56.75
CA VAL OA 8 43.69 84.18 -55.47
C VAL OA 8 42.27 84.23 -54.96
N TRP OA 9 41.27 84.58 -55.80
CA TRP OA 9 39.89 84.48 -55.40
C TRP OA 9 39.46 83.07 -55.01
N GLU OA 10 39.87 82.03 -55.76
CA GLU OA 10 39.59 80.65 -55.42
C GLU OA 10 40.17 80.24 -54.07
N LEU OA 11 41.41 80.68 -53.80
CA LEU OA 11 42.09 80.54 -52.53
C LEU OA 11 41.38 81.27 -51.39
N THR OA 12 40.85 82.48 -51.63
CA THR OA 12 40.30 83.33 -50.58
C THR OA 12 38.78 83.42 -50.62
N ARG OA 13 38.11 82.49 -51.31
CA ARG OA 13 36.68 82.43 -51.46
C ARG OA 13 35.97 82.25 -50.12
N LYS OA 14 36.48 81.30 -49.31
CA LYS OA 14 36.11 81.21 -47.92
C LYS OA 14 37.06 82.02 -47.03
N SER OA 15 38.39 81.87 -47.21
CA SER OA 15 39.35 82.30 -46.21
C SER OA 15 40.06 83.61 -46.52
N ASN OA 16 39.79 84.64 -45.71
CA ASN OA 16 40.59 85.85 -45.66
C ASN OA 16 40.36 86.48 -44.30
N CYS OA 17 41.36 87.17 -43.73
CA CYS OA 17 41.22 87.88 -42.47
C CYS OA 17 40.17 88.97 -42.47
N PHE OA 18 40.03 89.68 -43.60
CA PHE OA 18 39.26 90.90 -43.65
C PHE OA 18 37.88 90.71 -44.21
N ILE OA 19 37.54 89.52 -44.73
CA ILE OA 19 36.17 89.06 -44.86
C ILE OA 19 35.49 88.98 -43.48
N LYS OA 20 34.37 89.68 -43.27
CA LYS OA 20 33.61 89.67 -42.04
C LYS OA 20 32.13 89.41 -42.31
N LYS OA 21 31.55 88.34 -41.71
CA LYS OA 21 30.16 87.98 -41.86
C LYS OA 21 29.44 88.02 -40.51
N ASN OA 22 28.26 88.66 -40.47
CA ASN OA 22 27.53 88.87 -39.23
C ASN OA 22 27.04 87.59 -38.56
N LYS OA 23 27.22 87.47 -37.23
CA LYS OA 23 26.78 86.31 -36.49
C LYS OA 23 25.27 86.28 -36.25
N ALA OA 24 24.69 87.41 -35.80
CA ALA OA 24 23.28 87.55 -35.48
C ALA OA 24 22.39 87.67 -36.72
N GLY OA 25 22.29 86.57 -37.49
CA GLY OA 25 21.74 86.54 -38.83
C GLY OA 25 22.83 86.75 -39.82
N LYS OA 26 22.93 85.83 -40.80
CA LYS OA 26 24.09 85.73 -41.67
C LYS OA 26 24.11 86.73 -42.81
N LYS OA 27 22.96 87.36 -43.14
CA LYS OA 27 22.81 88.23 -44.29
C LYS OA 27 23.69 89.48 -44.28
N GLY OA 28 24.74 89.51 -45.13
CA GLY OA 28 25.72 90.60 -45.18
C GLY OA 28 27.13 90.14 -44.87
N VAL OA 29 28.01 90.23 -45.89
CA VAL OA 29 29.41 89.86 -45.76
C VAL OA 29 30.25 91.02 -46.29
N PHE OA 30 31.14 91.53 -45.44
CA PHE OA 30 31.88 92.76 -45.67
C PHE OA 30 33.34 92.45 -45.86
N LEU OA 31 34.07 93.33 -46.57
CA LEU OA 31 35.48 93.16 -46.84
C LEU OA 31 36.24 94.38 -46.38
N CYS OA 32 37.11 94.20 -45.37
CA CYS OA 32 37.75 95.29 -44.65
C CYS OA 32 39.11 95.66 -45.23
N ASP OA 33 39.46 95.13 -46.42
CA ASP OA 33 40.69 95.42 -47.11
C ASP OA 33 40.81 96.92 -47.47
N PRO OA 34 41.80 97.68 -47.01
CA PRO OA 34 41.90 99.11 -47.32
C PRO OA 34 42.35 99.34 -48.75
N LEU OA 35 42.77 98.30 -49.50
CA LEU OA 35 43.12 98.47 -50.89
C LEU OA 35 41.86 98.49 -51.76
N ASN OA 36 40.71 98.01 -51.22
CA ASN OA 36 39.40 98.20 -51.80
C ASN OA 36 38.96 99.66 -51.87
N VAL OA 37 38.11 99.99 -52.87
CA VAL OA 37 37.36 101.24 -52.89
C VAL OA 37 35.89 101.02 -52.58
N ASN OA 38 35.44 99.75 -52.52
CA ASN OA 38 34.09 99.38 -52.20
C ASN OA 38 34.18 98.17 -51.31
N TYR OA 39 33.42 98.14 -50.21
CA TYR OA 39 33.83 97.39 -49.03
C TYR OA 39 32.91 96.23 -48.74
N LYS OA 40 32.07 95.84 -49.69
CA LYS OA 40 31.37 94.57 -49.65
C LYS OA 40 32.29 93.43 -50.14
N ASN OA 41 31.98 92.17 -49.79
CA ASN OA 41 32.80 91.06 -50.21
C ASN OA 41 32.38 90.51 -51.58
N THR OA 42 33.16 90.86 -52.63
CA THR OA 42 33.14 90.18 -53.92
C THR OA 42 34.55 90.30 -54.45
N PRO OA 43 35.07 89.42 -55.30
CA PRO OA 43 36.36 89.63 -55.93
C PRO OA 43 36.38 90.82 -56.88
N SER OA 44 35.26 91.20 -57.51
CA SER OA 44 35.19 92.45 -58.25
C SER OA 44 35.44 93.68 -57.38
N SER OA 45 34.90 93.68 -56.15
CA SER OA 45 35.17 94.70 -55.14
C SER OA 45 36.60 94.66 -54.62
N SER OA 46 37.13 93.45 -54.42
CA SER OA 46 38.44 93.21 -53.83
C SER OA 46 39.64 93.84 -54.54
N GLY OA 47 40.54 94.42 -53.73
CA GLY OA 47 41.82 94.95 -54.18
C GLY OA 47 42.85 93.89 -54.44
N LEU OA 48 42.60 92.64 -54.02
CA LEU OA 48 43.46 91.51 -54.34
C LEU OA 48 43.48 91.23 -55.83
N VAL OA 49 42.30 91.30 -56.46
CA VAL OA 49 42.12 91.16 -57.88
C VAL OA 49 42.53 92.39 -58.68
N LYS OA 50 42.19 93.61 -58.21
CA LYS OA 50 42.32 94.85 -58.98
C LYS OA 50 43.71 95.14 -59.56
N SER OA 51 43.77 95.42 -60.89
CA SER OA 51 45.00 95.45 -61.68
C SER OA 51 46.02 96.50 -61.30
N ASN OA 52 47.13 96.08 -60.63
CA ASN OA 52 48.30 96.88 -60.28
C ASN OA 52 47.94 98.20 -59.58
N SER OA 53 46.95 98.13 -58.68
CA SER OA 53 46.25 99.29 -58.13
C SER OA 53 47.08 100.25 -57.29
N THR OA 54 46.69 101.55 -57.33
CA THR OA 54 47.09 102.77 -56.59
C THR OA 54 45.86 103.48 -56.04
N ASN OA 55 45.74 103.86 -54.73
CA ASN OA 55 44.42 104.13 -54.17
C ASN OA 55 44.40 105.24 -53.14
N VAL OA 56 43.31 106.05 -53.18
CA VAL OA 56 43.09 107.10 -52.21
C VAL OA 56 42.15 106.57 -51.14
N THR OA 57 42.64 106.53 -49.89
CA THR OA 57 41.97 105.91 -48.76
C THR OA 57 41.55 106.92 -47.70
N LEU OA 58 41.14 106.42 -46.52
CA LEU OA 58 40.66 107.21 -45.40
C LEU OA 58 41.23 106.67 -44.08
N LYS OA 59 42.03 107.49 -43.37
CA LYS OA 59 42.53 107.16 -42.06
C LYS OA 59 42.56 108.41 -41.19
N ASP OA 60 41.99 108.33 -39.96
CA ASP OA 60 42.11 109.31 -38.90
C ASP OA 60 41.94 110.78 -39.28
N GLY OA 61 40.86 111.11 -40.01
CA GLY OA 61 40.54 112.48 -40.39
C GLY OA 61 41.33 113.00 -41.57
N LYS OA 62 42.16 112.16 -42.21
CA LYS OA 62 43.03 112.57 -43.30
C LYS OA 62 42.63 111.91 -44.61
N VAL OA 63 42.65 112.71 -45.70
CA VAL OA 63 42.79 112.20 -47.06
C VAL OA 63 44.14 111.53 -47.22
N VAL OA 64 44.17 110.27 -47.71
CA VAL OA 64 45.42 109.53 -47.80
C VAL OA 64 45.60 109.05 -49.23
N PHE OA 65 46.81 109.26 -49.80
CA PHE OA 65 47.23 108.55 -50.99
C PHE OA 65 48.09 107.38 -50.53
N SER OA 66 47.73 106.14 -50.92
CA SER OA 66 48.55 104.99 -50.60
C SER OA 66 48.96 104.32 -51.88
N VAL OA 67 50.15 103.66 -51.84
CA VAL OA 67 50.97 103.42 -53.00
C VAL OA 67 51.45 101.97 -53.07
N LYS OA 68 51.42 101.38 -54.28
CA LYS OA 68 52.02 100.10 -54.63
C LYS OA 68 53.39 100.38 -55.32
N VAL OA 76 65.52 119.37 -51.40
CA VAL OA 76 65.49 118.86 -49.98
C VAL OA 76 64.22 118.09 -49.64
N ASN OA 77 64.21 117.31 -48.53
CA ASN OA 77 63.00 116.71 -48.00
C ASN OA 77 62.01 117.75 -47.47
N GLN OA 78 60.69 117.50 -47.62
CA GLN OA 78 59.66 118.43 -47.22
C GLN OA 78 59.02 117.98 -45.92
N HIS OA 79 59.33 118.68 -44.81
CA HIS OA 79 58.88 118.30 -43.48
C HIS OA 79 58.91 119.47 -42.52
N PHE OA 80 58.16 119.37 -41.41
CA PHE OA 80 58.06 120.39 -40.37
C PHE OA 80 58.94 119.98 -39.19
N LYS OA 81 60.06 120.71 -38.97
CA LYS OA 81 61.00 120.38 -37.92
C LYS OA 81 61.77 121.66 -37.47
N MET OA 85 38.08 117.66 -49.69
CA MET OA 85 37.47 117.28 -51.01
C MET OA 85 38.23 117.74 -52.24
N LYS OA 86 38.70 119.00 -52.30
CA LYS OA 86 39.40 119.52 -53.46
C LYS OA 86 40.71 118.78 -53.70
N ASN OA 87 41.40 118.47 -52.59
CA ASN OA 87 42.57 117.60 -52.53
C ASN OA 87 42.30 116.18 -53.08
N VAL OA 88 41.16 115.58 -52.73
CA VAL OA 88 40.71 114.31 -53.27
C VAL OA 88 40.46 114.36 -54.77
N GLU OA 89 39.76 115.40 -55.23
CA GLU OA 89 39.51 115.73 -56.62
C GLU OA 89 40.80 115.83 -57.41
N LYS OA 90 41.81 116.54 -56.85
CA LYS OA 90 43.14 116.63 -57.37
C LYS OA 90 43.84 115.26 -57.51
N LEU OA 91 43.76 114.41 -56.48
CA LEU OA 91 44.31 113.06 -56.57
C LEU OA 91 43.70 112.17 -57.66
N LEU OA 92 42.35 112.15 -57.80
CA LEU OA 92 41.68 111.41 -58.85
C LEU OA 92 42.05 111.79 -60.28
N GLN OA 93 42.12 113.11 -60.57
CA GLN OA 93 42.46 113.68 -61.86
C GLN OA 93 43.89 113.36 -62.28
N GLN OA 94 44.81 113.37 -61.30
CA GLN OA 94 46.17 112.92 -61.46
C GLN OA 94 46.19 111.43 -61.77
N HIS OA 95 46.07 110.58 -60.75
CA HIS OA 95 46.45 109.18 -60.86
C HIS OA 95 45.48 108.32 -61.66
N GLY OA 96 44.19 108.70 -61.74
CA GLY OA 96 43.16 107.99 -62.51
C GLY OA 96 43.11 106.48 -62.37
N SER OA 97 42.71 105.78 -63.45
CA SER OA 97 42.73 104.31 -63.49
C SER OA 97 44.10 103.80 -63.99
N LYS OA 102 31.77 104.06 -65.36
CA LYS OA 102 31.32 103.34 -64.13
C LYS OA 102 32.21 103.56 -62.92
N ASN OA 103 33.50 103.17 -63.02
CA ASN OA 103 34.43 103.19 -61.90
C ASN OA 103 34.66 104.60 -61.37
N LYS OA 104 34.83 105.57 -62.27
CA LYS OA 104 34.98 106.96 -61.93
C LYS OA 104 33.80 107.49 -61.15
N GLU OA 105 32.56 107.21 -61.59
CA GLU OA 105 31.33 107.52 -60.88
C GLU OA 105 31.26 106.92 -59.49
N LYS OA 106 31.68 105.66 -59.33
CA LYS OA 106 31.72 105.02 -58.03
C LYS OA 106 32.75 105.67 -57.11
N LEU OA 107 33.96 105.97 -57.62
CA LEU OA 107 34.96 106.70 -56.87
C LEU OA 107 34.48 108.08 -56.44
N LEU OA 108 33.82 108.83 -57.34
CA LEU OA 108 33.18 110.09 -57.05
C LEU OA 108 32.17 109.99 -55.93
N LYS OA 109 31.31 108.96 -55.96
CA LYS OA 109 30.35 108.70 -54.91
C LYS OA 109 30.99 108.47 -53.54
N LYS OA 110 32.07 107.67 -53.47
CA LYS OA 110 32.82 107.50 -52.24
C LYS OA 110 33.40 108.81 -51.72
N TYR OA 111 34.04 109.57 -52.61
CA TYR OA 111 34.64 110.85 -52.31
C TYR OA 111 33.65 111.89 -51.81
N LYS OA 112 32.48 112.01 -52.45
CA LYS OA 112 31.37 112.83 -52.00
C LYS OA 112 30.97 112.54 -50.57
N ARG OA 113 30.80 111.25 -50.21
CA ARG OA 113 30.48 110.84 -48.86
C ARG OA 113 31.58 111.22 -47.90
N LEU OA 114 32.85 110.95 -48.28
CA LEU OA 114 33.97 111.23 -47.43
C LEU OA 114 34.18 112.72 -47.16
N SER OA 115 34.10 113.56 -48.21
CA SER OA 115 34.14 115.00 -48.12
C SER OA 115 33.03 115.68 -47.31
N LYS OA 116 31.75 115.25 -47.50
CA LYS OA 116 30.59 115.87 -46.86
C LYS OA 116 30.66 115.90 -45.33
N LEU OA 117 31.10 114.78 -44.77
CA LEU OA 117 31.42 114.64 -43.38
C LEU OA 117 32.38 113.49 -43.30
N TYR OA 118 33.43 113.61 -42.47
CA TYR OA 118 34.39 112.57 -42.29
C TYR OA 118 33.91 111.60 -41.18
N ALA PA 1 2.31 30.61 -31.43
CA ALA PA 1 2.66 29.20 -31.10
C ALA PA 1 3.30 28.51 -32.29
N LYS PA 2 2.50 28.02 -33.25
CA LYS PA 2 3.00 27.60 -34.55
C LYS PA 2 3.68 28.75 -35.30
N SER PA 3 4.73 28.44 -36.08
CA SER PA 3 5.30 29.39 -37.02
C SER PA 3 4.53 29.33 -38.34
N LYS PA 4 4.61 30.41 -39.16
CA LYS PA 4 4.01 30.48 -40.48
C LYS PA 4 4.34 29.34 -41.45
N ASN PA 5 3.43 29.08 -42.39
CA ASN PA 5 3.49 27.92 -43.26
C ASN PA 5 3.70 28.33 -44.71
N HIS PA 6 2.64 28.67 -45.46
CA HIS PA 6 2.73 28.89 -46.89
C HIS PA 6 3.44 30.17 -47.28
N THR PA 7 3.12 31.28 -46.58
CA THR PA 7 2.72 32.48 -47.32
C THR PA 7 3.70 33.12 -48.30
N ASN PA 8 3.16 33.43 -49.48
CA ASN PA 8 3.80 34.03 -50.62
C ASN PA 8 3.44 35.51 -50.74
N HIS PA 9 2.68 36.05 -49.76
CA HIS PA 9 2.19 37.41 -49.75
C HIS PA 9 3.27 38.48 -49.89
N ASN PA 10 2.90 39.63 -50.52
CA ASN PA 10 3.76 40.78 -50.79
C ASN PA 10 4.88 40.55 -51.81
N GLN PA 11 5.32 39.32 -52.07
CA GLN PA 11 6.45 39.05 -52.94
C GLN PA 11 6.26 39.49 -54.40
N ASN PA 12 5.06 39.32 -54.98
CA ASN PA 12 4.72 39.81 -56.31
C ASN PA 12 4.83 41.33 -56.38
N ARG PA 13 4.28 42.00 -55.36
CA ARG PA 13 4.33 43.43 -55.24
C ARG PA 13 5.75 43.95 -55.06
N LYS PA 14 6.59 43.27 -54.24
CA LYS PA 14 8.01 43.58 -54.14
C LYS PA 14 8.75 43.41 -55.46
N ALA PA 15 8.44 42.35 -56.22
CA ALA PA 15 8.99 42.14 -57.54
C ALA PA 15 8.65 43.26 -58.51
N HIS PA 16 7.39 43.72 -58.50
CA HIS PA 16 6.95 44.83 -59.30
C HIS PA 16 7.45 46.19 -58.83
N LYS PA 17 7.88 46.30 -57.56
CA LYS PA 17 8.44 47.50 -56.96
C LYS PA 17 9.76 47.90 -57.60
N ASN PA 18 10.63 46.91 -57.89
CA ASN PA 18 11.92 47.14 -58.49
C ASN PA 18 11.89 46.73 -59.96
N GLY PA 19 10.70 46.36 -60.46
CA GLY PA 19 10.46 45.86 -61.81
C GLY PA 19 10.96 44.45 -62.02
N ILE PA 20 10.27 43.70 -62.91
CA ILE PA 20 10.64 42.33 -63.17
C ILE PA 20 11.68 42.29 -64.28
N LYS PA 21 12.95 42.11 -63.88
CA LYS PA 21 14.12 42.10 -64.74
C LYS PA 21 14.10 41.03 -65.83
N LYS PA 22 14.80 41.31 -66.95
CA LYS PA 22 14.84 40.45 -68.11
C LYS PA 22 16.28 40.44 -68.63
N PRO PA 23 16.77 39.42 -69.33
CA PRO PA 23 18.17 39.33 -69.73
C PRO PA 23 18.53 40.29 -70.85
N LYS PA 24 19.82 40.62 -70.99
CA LYS PA 24 20.25 41.54 -72.02
C LYS PA 24 21.64 41.26 -72.55
N LYS PA 25 22.10 39.99 -72.47
CA LYS PA 25 23.33 39.54 -73.13
C LYS PA 25 23.26 39.67 -74.65
N HIS PA 26 22.10 39.31 -75.23
CA HIS PA 26 21.84 39.40 -76.66
C HIS PA 26 22.78 38.61 -77.56
N LYS PA 27 23.46 39.27 -78.50
CA LYS PA 27 24.26 38.66 -79.55
C LYS PA 27 25.41 37.74 -79.12
N PHE PA 28 25.75 36.79 -80.02
CA PHE PA 28 26.99 36.05 -79.95
C PHE PA 28 27.12 35.04 -78.82
N MET PA 29 26.11 34.14 -78.69
CA MET PA 29 26.14 32.97 -77.81
C MET PA 29 27.35 32.08 -78.07
N SER PA 30 27.97 31.53 -77.01
CA SER PA 30 29.41 31.42 -76.96
C SER PA 30 29.98 30.15 -76.35
N ARG PA 31 31.31 29.99 -76.53
CA ARG PA 31 32.20 29.01 -75.94
C ARG PA 31 31.86 27.52 -76.00
N LYS PA 32 32.04 26.78 -74.88
CA LYS PA 32 32.11 25.33 -74.83
C LYS PA 32 30.93 24.57 -75.39
N GLY PA 33 29.69 25.07 -75.19
CA GLY PA 33 28.48 24.36 -75.57
C GLY PA 33 28.17 24.38 -77.04
N LEU PA 34 28.94 25.15 -77.83
CA LEU PA 34 28.87 25.16 -79.29
C LEU PA 34 29.14 23.77 -79.88
N ASP PA 35 28.50 23.45 -81.03
CA ASP PA 35 28.51 22.13 -81.63
C ASP PA 35 29.92 21.59 -81.93
N PRO PA 36 30.37 20.50 -81.29
CA PRO PA 36 31.63 19.84 -81.62
C PRO PA 36 31.87 19.62 -83.10
N ASN PA 37 33.10 19.81 -83.57
CA ASN PA 37 33.52 19.52 -84.93
C ASN PA 37 33.07 20.60 -85.90
N PHE PA 38 31.76 20.86 -86.04
CA PHE PA 38 31.24 21.90 -86.90
C PHE PA 38 31.79 23.29 -86.58
N PHE PA 39 31.90 23.64 -85.29
CA PHE PA 39 32.43 24.94 -84.91
C PHE PA 39 33.93 24.98 -85.05
N ARG PA 40 34.62 23.84 -84.82
CA ARG PA 40 36.03 23.74 -85.14
C ARG PA 40 36.29 23.93 -86.64
N ASN PA 41 35.45 23.33 -87.50
CA ASN PA 41 35.46 23.58 -88.93
C ASN PA 41 35.25 25.06 -89.25
N GLN PA 42 34.32 25.73 -88.57
CA GLN PA 42 34.14 27.16 -88.64
C GLN PA 42 35.35 27.94 -88.21
N LYS PA 43 36.05 27.51 -87.14
CA LYS PA 43 37.29 28.11 -86.69
C LYS PA 43 38.37 28.03 -87.76
N TYR PA 44 38.53 26.85 -88.37
CA TYR PA 44 39.40 26.69 -89.52
C TYR PA 44 39.00 27.57 -90.71
N CYS PA 45 37.69 27.68 -91.04
CA CYS PA 45 37.21 28.59 -92.08
C CYS PA 45 37.55 30.05 -91.78
N LEU PA 46 37.27 30.48 -90.53
CA LEU PA 46 37.51 31.81 -90.03
C LEU PA 46 38.98 32.15 -90.10
N LYS PA 47 39.84 31.20 -89.68
CA LYS PA 47 41.27 31.29 -89.80
C LYS PA 47 41.72 31.42 -91.26
N GLY PA 48 41.11 30.67 -92.19
CA GLY PA 48 41.30 30.82 -93.63
C GLY PA 48 40.93 32.16 -94.20
N ILE PA 49 39.73 32.65 -93.84
CA ILE PA 49 39.21 33.95 -94.19
C ILE PA 49 40.12 35.04 -93.66
N GLN PA 50 40.56 34.88 -92.40
CA GLN PA 50 41.50 35.75 -91.74
C GLN PA 50 42.84 35.78 -92.44
N LYS PA 51 43.41 34.63 -92.83
CA LYS PA 51 44.64 34.55 -93.59
C LYS PA 51 44.59 35.27 -94.94
N LYS PA 52 43.53 35.04 -95.73
CA LYS PA 52 43.29 35.78 -96.98
C LYS PA 52 43.17 37.29 -96.74
N LYS PA 53 42.46 37.69 -95.68
CA LYS PA 53 42.25 39.07 -95.26
C LYS PA 53 43.55 39.73 -94.83
N LYS PA 54 44.35 39.05 -94.01
CA LYS PA 54 45.64 39.47 -93.50
C LYS PA 54 46.62 39.66 -94.63
N GLU PA 55 46.65 38.72 -95.60
CA GLU PA 55 47.45 38.84 -96.81
C GLU PA 55 47.11 40.08 -97.62
N LEU PA 56 45.81 40.34 -97.87
CA LEU PA 56 45.34 41.56 -98.49
C LEU PA 56 45.72 42.83 -97.71
N LYS PA 57 45.43 42.86 -96.39
CA LYS PA 57 45.68 43.96 -95.50
C LYS PA 57 47.15 44.32 -95.37
N LEU PA 58 48.03 43.31 -95.15
CA LEU PA 58 49.46 43.50 -95.09
C LEU PA 58 50.02 44.07 -96.38
N LYS PA 59 49.66 43.48 -97.54
CA LYS PA 59 50.14 43.98 -98.82
C LYS PA 59 49.72 45.42 -99.12
N ALA PA 60 48.41 45.71 -98.95
CA ALA PA 60 47.85 47.01 -99.16
C ALA PA 60 48.43 48.10 -98.27
N LYS PA 61 48.59 47.83 -96.95
CA LYS PA 61 49.26 48.76 -96.07
C LYS PA 61 50.72 48.99 -96.40
N GLN PA 62 51.50 47.91 -96.59
CA GLN PA 62 52.90 48.00 -96.88
C GLN PA 62 53.26 48.74 -98.17
N GLU PA 63 52.54 48.46 -99.28
CA GLU PA 63 52.74 49.16 -100.53
C GLU PA 63 52.52 50.68 -100.48
N LYS PA 64 51.43 51.14 -99.84
CA LYS PA 64 51.16 52.55 -99.62
C LYS PA 64 52.07 53.29 -98.64
N ASN PA 65 52.40 52.67 -97.49
CA ASN PA 65 53.10 53.31 -96.38
C ASN PA 65 54.49 53.87 -96.69
N ASN PA 66 55.35 53.07 -97.34
CA ASN PA 66 56.75 53.37 -97.50
C ASN PA 66 57.03 54.31 -98.71
N SER QA 1 37.96 -44.52 58.82
CA SER QA 1 38.45 -44.58 60.25
C SER QA 1 38.85 -43.25 60.90
N ALA QA 2 39.75 -42.46 60.28
CA ALA QA 2 40.32 -41.25 60.87
C ALA QA 2 39.34 -40.13 61.23
N GLY QA 3 38.40 -39.77 60.33
CA GLY QA 3 37.41 -38.73 60.60
C GLY QA 3 36.46 -39.07 61.71
N ASP QA 4 36.08 -40.36 61.82
CA ASP QA 4 35.28 -40.90 62.90
C ASP QA 4 36.04 -40.80 64.21
N ASN QA 5 37.35 -41.17 64.18
CA ASN QA 5 38.20 -41.15 65.34
C ASN QA 5 38.37 -39.74 65.89
N ILE QA 6 38.71 -38.74 65.05
CA ILE QA 6 38.81 -37.36 65.52
C ILE QA 6 37.49 -36.78 66.04
N ASN QA 7 36.35 -36.98 65.35
CA ASN QA 7 35.06 -36.57 65.86
C ASN QA 7 34.65 -37.23 67.18
N ALA QA 8 34.89 -38.55 67.36
CA ALA QA 8 34.61 -39.26 68.60
C ALA QA 8 35.42 -38.74 69.77
N LYS QA 9 36.70 -38.48 69.52
CA LYS QA 9 37.64 -37.85 70.42
C LYS QA 9 37.19 -36.45 70.78
N LEU QA 10 36.75 -35.66 69.78
CA LEU QA 10 36.26 -34.33 69.99
C LEU QA 10 35.00 -34.35 70.84
N GLN QA 11 34.08 -35.27 70.57
CA GLN QA 11 32.95 -35.54 71.44
C GLN QA 11 33.34 -35.98 72.85
N LEU QA 12 34.30 -36.90 73.01
CA LEU QA 12 34.81 -37.27 74.33
C LEU QA 12 35.50 -36.16 75.13
N VAL QA 13 36.34 -35.32 74.49
CA VAL QA 13 36.90 -34.13 75.10
C VAL QA 13 35.82 -33.13 75.49
N MET QA 14 34.80 -32.92 74.64
CA MET QA 14 33.62 -32.17 75.03
C MET QA 14 32.91 -32.76 76.25
N LYS QA 15 32.61 -34.07 76.22
CA LYS QA 15 31.91 -34.78 77.27
C LYS QA 15 32.62 -34.87 78.63
N SER QA 16 33.92 -35.24 78.65
CA SER QA 16 34.63 -35.53 79.90
C SER QA 16 36.00 -34.88 80.03
N GLY QA 17 36.64 -34.48 78.91
CA GLY QA 17 37.86 -33.69 78.96
C GLY QA 17 37.63 -32.22 79.24
N LYS QA 18 38.72 -31.42 79.26
CA LYS QA 18 38.71 -29.98 79.24
C LYS QA 18 39.37 -29.43 77.99
N TYR QA 19 38.69 -28.54 77.23
CA TYR QA 19 39.33 -27.87 76.13
C TYR QA 19 38.91 -26.40 75.99
N GLN QA 20 39.65 -25.66 75.15
CA GLN QA 20 39.65 -24.21 75.11
C GLN QA 20 39.84 -23.74 73.68
N PHE QA 21 39.05 -22.75 73.25
CA PHE QA 21 38.97 -22.37 71.85
C PHE QA 21 39.52 -20.97 71.61
N GLY QA 22 40.14 -20.77 70.43
CA GLY QA 22 40.60 -19.47 69.99
C GLY QA 22 42.03 -19.12 70.32
N ARG QA 23 42.64 -18.31 69.45
CA ARG QA 23 44.04 -18.03 69.38
C ARG QA 23 44.72 -17.63 70.67
N LYS QA 24 44.16 -16.65 71.42
CA LYS QA 24 44.78 -16.11 72.61
C LYS QA 24 44.83 -17.12 73.75
N SER QA 25 43.68 -17.74 74.09
CA SER QA 25 43.61 -18.79 75.11
C SER QA 25 44.52 -19.98 74.82
N CYS QA 26 44.59 -20.41 73.54
CA CYS QA 26 45.47 -21.46 73.08
C CYS QA 26 46.93 -21.11 73.24
N LEU QA 27 47.33 -19.87 72.89
CA LEU QA 27 48.67 -19.34 73.11
C LEU QA 27 49.05 -19.36 74.58
N LYS QA 28 48.15 -18.85 75.45
CA LYS QA 28 48.33 -18.87 76.89
C LYS QA 28 48.51 -20.27 77.44
N ALA QA 29 47.70 -21.23 76.99
CA ALA QA 29 47.79 -22.62 77.36
C ALA QA 29 49.11 -23.27 76.94
N LEU QA 30 49.59 -23.04 75.71
CA LEU QA 30 50.86 -23.56 75.22
C LEU QA 30 52.05 -23.02 75.98
N ARG QA 31 52.06 -21.70 76.26
CA ARG QA 31 53.10 -21.05 77.03
C ARG QA 31 53.21 -21.57 78.45
N THR QA 32 52.04 -21.73 79.10
CA THR QA 32 51.85 -22.41 80.37
C THR QA 32 52.30 -23.87 80.34
N GLY QA 33 51.97 -24.59 79.24
CA GLY QA 33 52.37 -25.97 79.00
C GLY QA 33 51.44 -27.00 79.58
N LYS QA 34 50.31 -26.57 80.15
CA LYS QA 34 49.33 -27.46 80.74
C LYS QA 34 48.50 -28.18 79.70
N GLY QA 35 48.44 -27.63 78.46
CA GLY QA 35 47.90 -28.31 77.30
C GLY QA 35 48.59 -29.61 76.93
N LYS QA 36 47.91 -30.44 76.12
CA LYS QA 36 48.52 -31.65 75.59
C LYS QA 36 48.48 -31.69 74.07
N LEU QA 37 47.52 -30.99 73.44
CA LEU QA 37 47.28 -31.14 72.03
C LEU QA 37 46.46 -29.99 71.50
N VAL QA 38 46.93 -29.40 70.39
CA VAL QA 38 46.30 -28.32 69.67
C VAL QA 38 45.74 -28.87 68.38
N ILE QA 39 44.48 -28.56 68.06
CA ILE QA 39 43.88 -29.03 66.83
C ILE QA 39 43.54 -27.79 66.02
N VAL QA 40 44.25 -27.64 64.89
CA VAL QA 40 44.27 -26.44 64.08
C VAL QA 40 43.78 -26.70 62.66
N SER QA 41 42.82 -25.88 62.20
CA SER QA 41 42.35 -25.89 60.81
C SER QA 41 43.40 -25.42 59.82
N SER QA 42 43.36 -25.95 58.58
CA SER QA 42 44.15 -25.41 57.47
C SER QA 42 43.67 -24.02 57.03
N ASN QA 43 42.45 -23.62 57.46
CA ASN QA 43 41.90 -22.31 57.20
C ASN QA 43 42.21 -21.37 58.35
N CYS QA 44 42.99 -21.82 59.34
CA CYS QA 44 43.70 -20.92 60.24
C CYS QA 44 44.76 -20.12 59.44
N PRO QA 45 44.93 -18.80 59.58
CA PRO QA 45 45.94 -18.02 58.87
C PRO QA 45 47.34 -18.59 58.91
N SER QA 46 48.11 -18.45 57.83
CA SER QA 46 49.42 -19.06 57.67
C SER QA 46 50.39 -18.67 58.76
N ILE QA 47 50.50 -17.36 59.03
CA ILE QA 47 51.31 -16.82 60.10
C ILE QA 47 50.83 -17.28 61.48
N GLN QA 48 49.52 -17.24 61.76
CA GLN QA 48 48.99 -17.65 63.04
C GLN QA 48 49.22 -19.13 63.30
N ARG QA 49 49.02 -19.98 62.28
CA ARG QA 49 49.35 -21.39 62.32
C ARG QA 49 50.83 -21.61 62.62
N SER QA 50 51.71 -20.91 61.89
CA SER QA 50 53.16 -20.98 62.04
C SER QA 50 53.65 -20.63 63.43
N VAL QA 51 53.11 -19.54 64.00
CA VAL QA 51 53.36 -19.09 65.35
C VAL QA 51 52.93 -20.14 66.39
N ILE QA 52 51.71 -20.69 66.26
CA ILE QA 52 51.17 -21.70 67.15
C ILE QA 52 52.01 -22.97 67.08
N GLU QA 53 52.41 -23.40 65.88
CA GLU QA 53 53.30 -24.52 65.69
C GLU QA 53 54.66 -24.32 66.36
N TYR QA 54 55.32 -23.15 66.20
CA TYR QA 54 56.51 -22.81 66.96
C TYR QA 54 56.28 -22.85 68.47
N TYR QA 55 55.19 -22.24 68.98
CA TYR QA 55 54.86 -22.28 70.41
C TYR QA 55 54.72 -23.69 70.95
N ALA QA 56 54.00 -24.56 70.22
CA ALA QA 56 53.88 -25.96 70.51
C ALA QA 56 55.21 -26.70 70.51
N MET QA 57 56.01 -26.59 69.43
CA MET QA 57 57.36 -27.09 69.31
C MET QA 57 58.28 -26.68 70.47
N LEU QA 58 58.23 -25.40 70.86
CA LEU QA 58 58.95 -24.83 71.98
C LEU QA 58 58.60 -25.46 73.31
N SER QA 59 57.31 -25.79 73.49
CA SER QA 59 56.76 -26.32 74.72
C SER QA 59 56.74 -27.85 74.69
N LYS QA 60 57.23 -28.44 73.58
CA LYS QA 60 57.26 -29.85 73.29
C LYS QA 60 55.89 -30.52 73.43
N CYS QA 61 54.90 -29.95 72.74
CA CYS QA 61 53.51 -30.34 72.85
C CYS QA 61 52.96 -30.60 71.45
N GLY QA 62 51.80 -31.28 71.38
CA GLY QA 62 51.29 -31.82 70.12
C GLY QA 62 50.43 -30.85 69.37
N VAL QA 63 50.53 -30.89 68.03
CA VAL QA 63 49.62 -30.18 67.13
C VAL QA 63 49.08 -31.19 66.13
N HIS QA 64 47.76 -31.18 65.87
CA HIS QA 64 47.18 -31.96 64.80
C HIS QA 64 46.53 -31.04 63.78
N ASP QA 65 46.90 -31.20 62.49
CA ASP QA 65 46.24 -30.55 61.38
C ASP QA 65 44.82 -31.09 61.19
N TYR QA 66 43.81 -30.22 61.16
CA TYR QA 66 42.46 -30.66 60.94
C TYR QA 66 42.09 -30.55 59.47
N HIS QA 67 41.51 -31.63 58.93
CA HIS QA 67 40.91 -31.61 57.60
C HIS QA 67 39.49 -31.14 57.77
N GLY QA 68 39.31 -29.83 57.55
CA GLY QA 68 38.05 -29.14 57.74
C GLY QA 68 38.33 -27.71 58.10
N ASP QA 69 37.47 -26.80 57.65
CA ASP QA 69 37.63 -25.39 57.87
C ASP QA 69 37.37 -24.93 59.30
N ASN QA 70 37.68 -23.64 59.55
CA ASN QA 70 37.49 -22.95 60.80
C ASN QA 70 36.08 -23.05 61.38
N ASN QA 71 35.04 -22.83 60.56
CA ASN QA 71 33.66 -23.11 60.90
C ASN QA 71 33.40 -24.58 61.21
N ASP QA 72 33.92 -25.52 60.40
CA ASP QA 72 33.70 -26.95 60.57
C ASP QA 72 34.21 -27.51 61.89
N LEU QA 73 35.38 -27.02 62.35
CA LEU QA 73 35.88 -27.33 63.67
C LEU QA 73 34.97 -26.82 64.78
N GLY QA 74 34.21 -25.73 64.50
CA GLY QA 74 33.19 -25.18 65.36
C GLY QA 74 31.91 -25.97 65.37
N THR QA 75 31.45 -26.45 64.20
CA THR QA 75 30.22 -27.22 64.05
C THR QA 75 30.36 -28.58 64.68
N ALA QA 76 31.57 -29.17 64.62
CA ALA QA 76 31.90 -30.36 65.37
C ALA QA 76 31.72 -30.18 66.88
N CYS QA 77 32.05 -28.99 67.40
CA CYS QA 77 31.87 -28.64 68.80
C CYS QA 77 30.50 -28.03 69.04
N GLY QA 78 29.62 -27.99 68.03
CA GLY QA 78 28.27 -27.45 68.13
C GLY QA 78 28.18 -25.99 68.45
N LYS QA 79 29.12 -25.19 67.95
CA LYS QA 79 29.21 -23.77 68.20
C LYS QA 79 29.07 -23.02 66.90
N LEU QA 80 28.28 -21.92 66.90
CA LEU QA 80 28.08 -21.13 65.70
C LEU QA 80 29.36 -20.43 65.23
N PHE QA 81 30.12 -19.84 66.16
CA PHE QA 81 31.39 -19.20 65.86
C PHE QA 81 32.47 -20.15 65.35
N ARG QA 82 33.30 -19.69 64.39
CA ARG QA 82 34.48 -20.42 63.96
C ARG QA 82 35.53 -20.62 65.06
N ILE QA 83 36.11 -21.82 65.16
CA ILE QA 83 37.09 -22.10 66.20
C ILE QA 83 38.50 -21.88 65.72
N SER QA 84 38.84 -22.41 64.52
CA SER QA 84 40.13 -22.19 63.83
C SER QA 84 41.27 -23.00 64.40
N CYS QA 85 41.37 -22.98 65.72
CA CYS QA 85 42.34 -23.70 66.50
C CYS QA 85 41.77 -23.86 67.90
N LEU QA 86 41.95 -25.05 68.51
CA LEU QA 86 41.58 -25.28 69.88
C LEU QA 86 42.68 -26.05 70.57
N VAL QA 87 42.71 -25.99 71.92
CA VAL QA 87 43.66 -26.71 72.73
C VAL QA 87 42.93 -27.59 73.73
N ILE QA 88 43.25 -28.89 73.75
CA ILE QA 88 42.90 -29.78 74.84
C ILE QA 88 43.79 -29.51 76.03
N THR QA 89 43.20 -29.29 77.23
CA THR QA 89 43.94 -29.03 78.45
C THR QA 89 43.72 -30.11 79.48
N ASP QA 90 42.74 -30.99 79.25
CA ASP QA 90 42.61 -32.23 79.97
C ASP QA 90 42.00 -33.22 79.00
N VAL QA 91 42.60 -34.41 78.87
CA VAL QA 91 42.08 -35.45 77.99
C VAL QA 91 40.71 -35.98 78.40
N GLY QA 92 39.90 -36.40 77.40
CA GLY QA 92 38.74 -37.24 77.66
C GLY QA 92 39.13 -38.65 78.05
N ASP QA 93 38.14 -39.55 78.16
CA ASP QA 93 38.37 -40.96 78.45
C ASP QA 93 39.21 -41.65 77.38
N SER QA 94 38.98 -41.31 76.09
CA SER QA 94 39.93 -41.60 75.03
C SER QA 94 40.94 -40.47 74.93
N ASP QA 95 42.24 -40.81 75.05
CA ASP QA 95 43.32 -39.88 74.79
C ASP QA 95 43.33 -39.47 73.32
N ILE QA 96 43.24 -38.16 73.05
CA ILE QA 96 43.06 -37.62 71.72
C ILE QA 96 44.25 -37.88 70.80
N ILE QA 97 45.49 -37.70 71.28
CA ILE QA 97 46.67 -37.99 70.50
C ILE QA 97 46.96 -39.49 70.37
N LYS QA 98 46.77 -40.29 71.43
CA LYS QA 98 47.07 -41.71 71.42
C LYS QA 98 46.03 -42.60 70.64
N PRO RA 1 -12.06 90.74 52.08
CA PRO RA 1 -11.71 89.32 52.46
C PRO RA 1 -12.89 88.72 53.20
N VAL RA 2 -13.07 87.39 53.20
CA VAL RA 2 -14.09 86.75 54.03
C VAL RA 2 -13.68 85.32 54.35
N THR RA 3 -14.11 84.75 55.50
CA THR RA 3 -13.93 83.32 55.78
C THR RA 3 -15.29 82.68 55.93
N LYS RA 4 -15.59 81.65 55.13
CA LYS RA 4 -16.88 80.99 55.07
C LYS RA 4 -16.74 79.49 55.29
N PHE RA 5 -17.75 78.82 55.86
CA PHE RA 5 -17.61 77.41 56.18
C PHE RA 5 -18.72 76.67 55.47
N ILE RA 6 -18.33 75.70 54.62
CA ILE RA 6 -19.23 75.02 53.71
C ILE RA 6 -19.06 73.51 53.76
N THR RA 7 -20.01 72.77 53.18
CA THR RA 7 -19.90 71.33 53.04
C THR RA 7 -19.85 70.99 51.57
N ILE RA 8 -18.82 70.23 51.17
CA ILE RA 8 -18.70 69.67 49.84
C ILE RA 8 -19.03 68.19 49.90
N ASN RA 9 -20.09 67.73 49.21
CA ASN RA 9 -20.25 66.32 48.97
C ASN RA 9 -19.27 65.83 47.88
N LEU RA 10 -18.21 65.12 48.28
CA LEU RA 10 -17.26 64.60 47.33
C LEU RA 10 -17.75 63.35 46.63
N SER RA 11 -18.67 62.59 47.24
CA SER RA 11 -19.22 61.38 46.63
C SER RA 11 -19.91 61.68 45.31
N LYS RA 12 -20.69 62.78 45.30
CA LYS RA 12 -21.30 63.37 44.14
C LYS RA 12 -20.27 63.80 43.10
N LEU RA 13 -19.18 64.47 43.52
CA LEU RA 13 -18.19 64.97 42.60
C LEU RA 13 -17.24 63.89 42.07
N THR RA 14 -17.10 62.75 42.77
CA THR RA 14 -16.20 61.67 42.41
C THR RA 14 -16.93 60.50 41.79
N HIS RA 15 -18.23 60.67 41.50
CA HIS RA 15 -19.15 59.60 41.15
C HIS RA 15 -18.74 58.77 39.94
N LYS RA 16 -18.30 59.41 38.84
CA LYS RA 16 -18.00 58.70 37.61
C LYS RA 16 -16.66 57.99 37.60
N VAL RA 17 -15.69 58.42 38.44
CA VAL RA 17 -14.30 58.05 38.21
C VAL RA 17 -13.81 56.80 38.95
N CYS RA 18 -12.87 56.09 38.30
CA CYS RA 18 -12.21 54.87 38.74
C CYS RA 18 -11.41 54.96 40.04
N TYR RA 19 -11.26 53.82 40.76
CA TYR RA 19 -10.52 53.73 42.03
C TYR RA 19 -9.16 54.40 42.02
N LYS RA 20 -8.32 54.06 41.03
CA LYS RA 20 -7.00 54.62 40.85
C LYS RA 20 -6.94 56.15 40.78
N ARG RA 21 -7.95 56.82 40.20
CA ARG RA 21 -7.90 58.24 39.99
C ARG RA 21 -8.83 58.98 40.96
N LYS RA 22 -9.59 58.23 41.79
CA LYS RA 22 -10.59 58.76 42.69
C LYS RA 22 -10.10 59.80 43.68
N ALA RA 23 -9.09 59.49 44.48
CA ALA RA 23 -8.49 60.45 45.38
C ALA RA 23 -7.82 61.64 44.67
N PRO RA 24 -7.03 61.49 43.60
CA PRO RA 24 -6.55 62.60 42.79
C PRO RA 24 -7.66 63.49 42.28
N ARG RA 25 -8.73 62.90 41.76
CA ARG RA 25 -9.85 63.63 41.25
C ARG RA 25 -10.55 64.41 42.34
N ALA RA 26 -10.77 63.78 43.50
CA ALA RA 26 -11.38 64.43 44.65
C ALA RA 26 -10.65 65.69 45.09
N ILE RA 27 -9.31 65.62 45.11
CA ILE RA 27 -8.46 66.77 45.36
C ILE RA 27 -8.65 67.86 44.33
N LYS RA 28 -8.68 67.49 43.03
CA LYS RA 28 -8.89 68.43 41.96
C LYS RA 28 -10.27 69.10 42.02
N GLU RA 29 -11.32 68.32 42.28
CA GLU RA 29 -12.65 68.83 42.49
C GLU RA 29 -12.75 69.79 43.67
N ILE RA 30 -12.11 69.51 44.83
CA ILE RA 30 -12.02 70.44 45.95
C ILE RA 30 -11.43 71.77 45.53
N ARG RA 31 -10.28 71.72 44.83
CA ARG RA 31 -9.58 72.88 44.36
C ARG RA 31 -10.41 73.69 43.37
N SER RA 32 -11.05 73.00 42.42
CA SER RA 32 -11.98 73.59 41.46
C SER RA 32 -13.20 74.23 42.10
N ILE RA 33 -13.85 73.58 43.08
CA ILE RA 33 -15.02 74.13 43.74
C ILE RA 33 -14.68 75.37 44.55
N ALA RA 34 -13.59 75.32 45.32
CA ALA RA 34 -13.14 76.44 46.11
C ALA RA 34 -12.79 77.65 45.26
N GLY RA 35 -12.03 77.38 44.17
CA GLY RA 35 -11.69 78.36 43.15
C GLY RA 35 -12.89 79.01 42.53
N LYS RA 36 -13.86 78.21 42.08
CA LYS RA 36 -15.10 78.70 41.51
C LYS RA 36 -15.94 79.54 42.46
N LEU RA 37 -16.10 79.10 43.71
CA LEU RA 37 -16.89 79.77 44.72
C LEU RA 37 -16.30 81.11 45.12
N MET RA 38 -14.98 81.17 45.34
CA MET RA 38 -14.36 82.39 45.80
C MET RA 38 -13.93 83.20 44.59
N HIS RA 39 -14.03 82.59 43.40
CA HIS RA 39 -13.67 83.10 42.08
C HIS RA 39 -12.27 83.66 42.00
N THR RA 40 -11.30 82.80 42.36
CA THR RA 40 -9.88 83.16 42.44
C THR RA 40 -9.04 82.40 41.42
N LYS RA 41 -7.95 83.03 40.97
CA LYS RA 41 -6.90 82.37 40.22
C LYS RA 41 -6.11 81.35 41.04
N ASP RA 42 -5.81 81.67 42.32
CA ASP RA 42 -4.99 80.84 43.17
C ASP RA 42 -5.83 80.25 44.30
N VAL RA 43 -5.66 78.94 44.49
CA VAL RA 43 -6.35 78.13 45.46
C VAL RA 43 -5.28 77.33 46.16
N ARG RA 44 -5.24 77.34 47.49
CA ARG RA 44 -4.23 76.69 48.28
C ARG RA 44 -4.88 75.64 49.16
N LEU RA 45 -4.45 74.37 49.08
CA LEU RA 45 -5.14 73.27 49.72
C LEU RA 45 -4.30 72.75 50.88
N ASP RA 46 -4.81 72.88 52.12
CA ASP RA 46 -4.07 72.52 53.31
C ASP RA 46 -3.68 71.04 53.43
N VAL RA 47 -2.53 70.77 54.05
CA VAL RA 47 -2.00 69.45 54.27
C VAL RA 47 -2.89 68.60 55.17
N LYS RA 48 -3.49 69.18 56.23
CA LYS RA 48 -4.42 68.47 57.07
C LYS RA 48 -5.65 67.98 56.32
N LEU RA 49 -6.22 68.85 55.48
CA LEU RA 49 -7.29 68.49 54.58
C LEU RA 49 -6.86 67.41 53.58
N ASN RA 50 -5.67 67.56 52.96
CA ASN RA 50 -5.11 66.58 52.08
C ASN RA 50 -4.97 65.20 52.72
N LYS RA 51 -4.41 65.14 53.93
CA LYS RA 51 -4.27 63.93 54.71
C LYS RA 51 -5.62 63.30 54.99
N PHE RA 52 -6.62 64.09 55.38
CA PHE RA 52 -8.00 63.64 55.52
C PHE RA 52 -8.57 63.00 54.24
N ILE RA 53 -8.36 63.60 53.05
CA ILE RA 53 -8.84 63.01 51.79
C ILE RA 53 -8.18 61.68 51.48
N TRP RA 54 -6.86 61.58 51.70
CA TRP RA 54 -6.09 60.42 51.34
C TRP RA 54 -6.12 59.33 52.40
N SER RA 55 -6.79 59.58 53.53
CA SER RA 55 -6.79 58.75 54.73
C SER RA 55 -7.21 57.29 54.55
N LYS RA 56 -8.20 57.01 53.69
CA LYS RA 56 -8.68 55.68 53.43
C LYS RA 56 -8.19 55.17 52.08
N GLY RA 57 -7.03 55.70 51.61
CA GLY RA 57 -6.40 55.30 50.37
C GLY RA 57 -7.15 55.67 49.11
N VAL RA 58 -6.67 55.19 47.94
CA VAL RA 58 -7.19 55.56 46.64
C VAL RA 58 -8.65 55.19 46.41
N ARG RA 59 -9.10 54.00 46.87
CA ARG RA 59 -10.46 53.53 46.66
C ARG RA 59 -11.56 54.38 47.30
N ASN RA 60 -11.41 54.78 48.58
CA ASN RA 60 -12.52 55.32 49.34
C ASN RA 60 -12.23 56.66 50.01
N PRO RA 61 -12.01 57.77 49.32
CA PRO RA 61 -12.13 59.11 49.91
C PRO RA 61 -13.33 59.35 50.82
N PRO RA 62 -13.29 60.20 51.85
CA PRO RA 62 -14.47 60.75 52.52
C PRO RA 62 -15.60 61.19 51.60
N LYS RA 63 -16.85 60.78 51.90
CA LYS RA 63 -17.99 61.04 51.02
C LYS RA 63 -18.46 62.50 51.09
N ARG RA 64 -18.22 63.14 52.24
CA ARG RA 64 -18.58 64.51 52.53
C ARG RA 64 -17.45 65.13 53.31
N VAL RA 65 -17.04 66.36 52.93
CA VAL RA 65 -16.04 67.11 53.66
C VAL RA 65 -16.57 68.50 53.98
N ARG RA 66 -16.36 68.96 55.23
CA ARG RA 66 -16.60 70.34 55.60
C ARG RA 66 -15.32 71.12 55.44
N VAL RA 67 -15.32 72.06 54.49
CA VAL RA 67 -14.20 72.90 54.15
C VAL RA 67 -14.43 74.34 54.55
N LYS RA 68 -13.33 75.00 54.91
CA LYS RA 68 -13.25 76.38 55.28
C LYS RA 68 -12.56 77.06 54.12
N LEU RA 69 -13.26 78.01 53.49
CA LEU RA 69 -12.78 78.81 52.40
C LEU RA 69 -12.51 80.21 52.87
N GLU RA 70 -11.31 80.74 52.59
CA GLU RA 70 -10.92 82.05 53.04
C GLU RA 70 -10.51 82.89 51.84
N ARG RA 71 -11.31 83.90 51.46
CA ARG RA 71 -10.94 84.86 50.43
C ARG RA 71 -9.96 85.85 51.02
N LYS RA 72 -8.76 86.00 50.44
CA LYS RA 72 -7.73 86.82 51.05
C LYS RA 72 -6.91 87.53 49.99
N ARG RA 73 -6.75 88.86 50.11
CA ARG RA 73 -6.20 89.70 49.06
C ARG RA 73 -4.72 90.01 49.27
N ASN RA 74 -4.16 89.49 50.37
CA ASN RA 74 -2.81 89.74 50.78
C ASN RA 74 -2.42 88.70 51.88
N GLU RA 81 -0.94 92.21 42.44
CA GLU RA 81 -1.88 91.77 43.53
C GLU RA 81 -1.44 90.51 44.27
N LYS RA 82 -2.15 90.15 45.37
CA LYS RA 82 -1.83 88.99 46.16
C LYS RA 82 -3.11 88.28 46.59
N MET RA 83 -4.15 88.30 45.73
CA MET RA 83 -5.35 87.50 45.92
C MET RA 83 -5.10 85.99 45.87
N TYR RA 84 -5.70 85.25 46.82
CA TYR RA 84 -5.71 83.81 46.85
C TYR RA 84 -6.87 83.35 47.71
N THR RA 85 -7.14 82.03 47.70
CA THR RA 85 -7.95 81.42 48.74
C THR RA 85 -7.23 80.24 49.33
N ILE RA 86 -7.41 80.01 50.63
CA ILE RA 86 -6.88 78.85 51.32
C ILE RA 86 -8.07 78.00 51.71
N VAL RA 87 -7.95 76.68 51.44
CA VAL RA 87 -8.94 75.68 51.71
C VAL RA 87 -8.43 74.82 52.84
N GLU RA 88 -9.22 74.68 53.93
CA GLU RA 88 -8.80 73.97 55.10
C GLU RA 88 -9.97 73.17 55.65
N HIS RA 89 -9.72 72.05 56.36
CA HIS RA 89 -10.77 71.27 57.00
C HIS RA 89 -10.98 71.73 58.43
N VAL RA 90 -12.24 71.79 58.87
CA VAL RA 90 -12.59 72.00 60.26
C VAL RA 90 -13.25 70.72 60.74
N MET RA 91 -12.70 70.11 61.82
CA MET RA 91 -13.20 68.86 62.33
C MET RA 91 -14.64 68.90 62.79
N VAL RA 92 -15.44 67.91 62.37
CA VAL RA 92 -16.87 67.85 62.60
C VAL RA 92 -17.26 66.39 62.73
N ASP RA 93 -18.28 66.09 63.55
CA ASP RA 93 -18.78 64.74 63.74
C ASP RA 93 -19.86 64.44 62.71
N SER RA 94 -21.15 64.55 63.09
CA SER RA 94 -22.26 64.43 62.17
C SER RA 94 -22.27 65.51 61.11
N TYR RA 95 -22.67 65.15 59.88
CA TYR RA 95 -22.83 66.11 58.80
C TYR RA 95 -24.27 66.60 58.71
N LYS RA 96 -25.18 66.02 59.50
CA LYS RA 96 -26.57 66.44 59.51
C LYS RA 96 -26.77 67.86 60.00
N GLY RA 97 -27.57 68.65 59.25
CA GLY RA 97 -27.99 69.98 59.64
C GLY RA 97 -26.99 71.09 59.39
N LEU RA 98 -25.84 70.80 58.75
CA LEU RA 98 -24.82 71.78 58.45
C LEU RA 98 -25.25 72.92 57.53
N VAL RA 99 -24.68 74.13 57.73
CA VAL RA 99 -25.09 75.34 57.06
C VAL RA 99 -23.87 75.99 56.43
N ASN RA 100 -24.07 76.89 55.44
CA ASN RA 100 -23.00 77.29 54.53
C ASN RA 100 -22.60 78.74 54.74
N GLU RA 101 -22.75 79.22 55.99
CA GLU RA 101 -22.48 80.57 56.45
C GLU RA 101 -21.04 80.85 56.92
N CYS RA 102 -20.76 82.13 57.24
CA CYS RA 102 -19.52 82.61 57.84
C CYS RA 102 -19.60 82.60 59.40
N GLY SA 1 57.70 -28.37 80.63
CA GLY SA 1 56.68 -27.52 81.35
C GLY SA 1 56.57 -26.10 80.83
N LYS SA 2 56.24 -25.14 81.71
CA LYS SA 2 56.09 -23.73 81.39
C LYS SA 2 57.34 -23.07 80.80
N LEU SA 3 57.17 -22.26 79.74
CA LEU SA 3 58.29 -21.81 78.92
C LEU SA 3 59.32 -20.91 79.57
N LEU SA 4 58.89 -19.87 80.29
CA LEU SA 4 59.72 -18.70 80.53
C LEU SA 4 60.67 -18.80 81.70
N LYS SA 5 61.61 -19.77 81.67
CA LYS SA 5 62.77 -19.76 82.53
C LYS SA 5 63.71 -18.59 82.21
N PRO SA 6 64.30 -17.89 83.18
CA PRO SA 6 65.42 -16.98 82.96
C PRO SA 6 66.56 -17.50 82.09
N GLY SA 7 67.18 -16.60 81.30
CA GLY SA 7 68.31 -16.86 80.42
C GLY SA 7 67.91 -17.20 79.02
N LYS SA 8 66.65 -17.54 78.79
CA LYS SA 8 66.03 -17.62 77.49
C LYS SA 8 65.96 -16.29 76.73
N VAL SA 9 66.20 -16.35 75.41
CA VAL SA 9 66.15 -15.21 74.53
C VAL SA 9 64.76 -15.06 73.96
N ILE SA 10 64.28 -13.81 73.88
CA ILE SA 10 62.96 -13.43 73.42
C ILE SA 10 63.10 -12.23 72.49
N ILE SA 11 62.14 -12.03 71.58
CA ILE SA 11 62.01 -10.82 70.78
C ILE SA 11 60.85 -9.99 71.33
N ILE SA 12 61.08 -8.70 71.67
CA ILE SA 12 60.00 -7.85 72.10
C ILE SA 12 59.07 -7.46 70.95
N LEU SA 13 57.74 -7.36 71.22
CA LEU SA 13 56.72 -7.19 70.23
C LEU SA 13 55.95 -5.89 70.35
N ASN SA 14 56.32 -5.01 71.30
CA ASN SA 14 55.54 -3.85 71.64
C ASN SA 14 56.46 -2.76 72.20
N GLY SA 15 55.98 -1.50 72.19
CA GLY SA 15 56.68 -0.35 72.71
C GLY SA 15 57.95 0.05 71.99
N ARG SA 16 58.70 1.00 72.57
CA ARG SA 16 59.90 1.55 71.95
C ARG SA 16 61.00 0.52 71.74
N ARG SA 17 60.97 -0.58 72.51
CA ARG SA 17 61.94 -1.65 72.43
C ARG SA 17 61.49 -2.76 71.49
N ALA SA 18 60.36 -2.59 70.78
CA ALA SA 18 59.85 -3.57 69.84
C ALA SA 18 60.80 -3.92 68.71
N GLY SA 19 60.78 -5.20 68.28
CA GLY SA 19 61.57 -5.64 67.14
C GLY SA 19 63.01 -5.87 67.49
N LYS SA 20 63.30 -5.95 68.78
CA LYS SA 20 64.65 -6.09 69.28
C LYS SA 20 64.69 -7.21 70.30
N LYS SA 21 65.87 -7.82 70.44
CA LYS SA 21 66.04 -9.04 71.21
C LYS SA 21 66.39 -8.75 72.66
N ALA SA 22 66.00 -9.65 73.56
CA ALA SA 22 66.36 -9.53 74.95
C ALA SA 22 66.35 -10.89 75.62
N VAL SA 23 66.88 -10.92 76.85
CA VAL SA 23 67.09 -12.10 77.64
C VAL SA 23 66.22 -11.99 78.86
N ILE SA 24 65.39 -12.99 79.16
CA ILE SA 24 64.62 -13.03 80.39
C ILE SA 24 65.54 -13.18 81.60
N VAL SA 25 65.31 -12.40 82.67
CA VAL SA 25 66.17 -12.45 83.85
C VAL SA 25 65.32 -12.69 85.09
N ASN SA 26 64.01 -12.38 85.03
CA ASN SA 26 63.09 -12.86 86.05
C ASN SA 26 61.70 -12.92 85.43
N THR SA 27 60.80 -13.69 86.05
CA THR SA 27 59.51 -14.10 85.48
C THR SA 27 58.51 -14.12 86.60
N TYR SA 28 57.37 -13.44 86.44
CA TYR SA 28 56.50 -13.07 87.53
C TYR SA 28 55.09 -13.54 87.23
N GLU SA 29 54.55 -14.43 88.08
CA GLU SA 29 53.30 -15.10 87.77
C GLU SA 29 52.10 -14.45 88.44
N GLY SA 30 51.04 -14.20 87.65
CA GLY SA 30 49.75 -13.74 88.14
C GLY SA 30 49.64 -12.24 88.38
N GLN SA 31 48.39 -11.75 88.33
CA GLN SA 31 48.01 -10.38 88.52
C GLN SA 31 48.34 -9.78 89.89
N THR SA 32 48.55 -8.46 89.93
CA THR SA 32 48.55 -7.66 91.15
C THR SA 32 47.71 -6.44 90.84
N ARG SA 33 47.39 -5.63 91.86
CA ARG SA 33 46.75 -4.33 91.66
C ARG SA 33 47.61 -3.39 90.80
N GLU SA 34 48.93 -3.40 91.00
CA GLU SA 34 49.89 -2.61 90.24
C GLU SA 34 50.03 -3.06 88.79
N ARG SA 35 50.18 -4.37 88.57
CA ARG SA 35 50.34 -4.94 87.25
C ARG SA 35 49.38 -6.11 87.10
N PRO SA 36 48.28 -6.01 86.38
CA PRO SA 36 47.23 -7.01 86.55
C PRO SA 36 47.40 -8.10 85.49
N TYR SA 37 48.63 -8.59 85.34
CA TYR SA 37 49.02 -9.57 84.35
C TYR SA 37 50.32 -10.20 84.80
N SER SA 38 50.65 -11.38 84.25
CA SER SA 38 52.01 -11.92 84.31
C SER SA 38 52.98 -11.08 83.48
N TYR SA 39 54.22 -10.96 83.95
CA TYR SA 39 55.21 -10.15 83.32
C TYR SA 39 56.57 -10.74 83.58
N CYS SA 40 57.57 -10.19 82.89
CA CYS SA 40 58.95 -10.59 82.96
C CYS SA 40 59.79 -9.35 83.11
N LEU SA 41 61.04 -9.57 83.56
CA LEU SA 41 62.09 -8.60 83.49
C LEU SA 41 63.05 -9.14 82.46
N VAL SA 42 63.44 -8.30 81.51
CA VAL SA 42 64.26 -8.67 80.37
C VAL SA 42 65.41 -7.70 80.24
N ALA SA 43 66.58 -8.22 79.85
CA ALA SA 43 67.75 -7.42 79.58
C ALA SA 43 68.10 -7.58 78.11
N GLY SA 44 68.09 -6.49 77.33
CA GLY SA 44 68.19 -6.57 75.87
C GLY SA 44 69.08 -5.52 75.26
N ILE SA 45 69.23 -5.60 73.93
CA ILE SA 45 70.15 -4.76 73.18
C ILE SA 45 69.38 -3.75 72.35
N GLU SA 46 69.54 -2.45 72.66
CA GLU SA 46 68.93 -1.37 71.93
C GLU SA 46 69.68 -1.11 70.63
N LYS SA 47 71.01 -1.01 70.70
CA LYS SA 47 71.86 -0.79 69.56
C LYS SA 47 72.86 -1.92 69.50
N HIS SA 48 72.81 -2.73 68.42
CA HIS SA 48 73.76 -3.80 68.14
C HIS SA 48 75.17 -3.29 67.83
N PRO SA 49 76.26 -4.00 68.16
CA PRO SA 49 77.59 -3.68 67.63
C PRO SA 49 77.62 -3.68 66.11
N LEU SA 50 78.08 -2.59 65.47
CA LEU SA 50 78.05 -2.42 64.02
C LEU SA 50 78.98 -3.35 63.25
N LYS SA 51 78.61 -3.64 61.98
CA LYS SA 51 79.35 -4.50 61.07
C LYS SA 51 80.78 -4.03 60.82
N VAL SA 52 81.74 -4.97 60.69
CA VAL SA 52 83.17 -4.69 60.66
C VAL SA 52 83.84 -5.43 59.52
N ASN SA 53 85.08 -5.02 59.18
CA ASN SA 53 85.98 -5.76 58.33
C ASN SA 53 87.21 -6.08 59.15
N LYS SA 54 87.82 -7.24 58.92
CA LYS SA 54 88.71 -7.84 59.92
C LYS SA 54 90.16 -7.42 59.71
N SER SA 55 90.43 -6.61 58.66
CA SER SA 55 91.75 -6.06 58.39
C SER SA 55 91.87 -4.64 58.90
N MET SA 56 90.79 -4.07 59.47
CA MET SA 56 90.78 -2.77 60.12
C MET SA 56 91.59 -2.74 61.41
N THR SA 57 92.11 -1.56 61.80
CA THR SA 57 92.80 -1.38 63.09
C THR SA 57 91.90 -1.65 64.29
N LYS SA 58 92.47 -2.21 65.38
CA LYS SA 58 91.75 -2.68 66.54
C LYS SA 58 90.96 -1.58 67.23
N LYS SA 59 91.54 -0.37 67.33
CA LYS SA 59 90.92 0.81 67.88
C LYS SA 59 89.60 1.17 67.21
N LYS SA 60 89.56 1.13 65.87
CA LYS SA 60 88.35 1.38 65.11
C LYS SA 60 87.29 0.32 65.38
N ILE SA 61 87.68 -0.97 65.40
CA ILE SA 61 86.80 -2.08 65.69
C ILE SA 61 86.09 -1.96 67.03
N VAL SA 62 86.80 -1.55 68.09
CA VAL SA 62 86.25 -1.36 69.42
C VAL SA 62 85.23 -0.23 69.44
N LYS SA 63 85.54 0.91 68.79
CA LYS SA 63 84.63 2.05 68.70
C LYS SA 63 83.36 1.70 67.93
N ARG SA 64 83.53 0.95 66.83
CA ARG SA 64 82.52 0.44 65.94
C ARG SA 64 81.55 -0.49 66.63
N SER SA 65 82.09 -1.43 67.41
CA SER SA 65 81.34 -2.43 68.14
C SER SA 65 80.78 -1.93 69.48
N LYS SA 66 80.51 -0.62 69.63
CA LYS SA 66 79.79 -0.09 70.77
C LYS SA 66 78.37 -0.67 70.90
N VAL SA 67 77.89 -0.84 72.15
CA VAL SA 67 76.63 -1.51 72.42
C VAL SA 67 75.80 -0.69 73.40
N LYS SA 68 74.53 -0.38 73.06
CA LYS SA 68 73.57 0.16 74.00
C LYS SA 68 72.61 -0.94 74.44
N ALA SA 69 72.54 -1.23 75.75
CA ALA SA 69 71.63 -2.21 76.31
C ALA SA 69 70.32 -1.57 76.78
N PHE SA 70 69.45 -2.35 77.45
CA PHE SA 70 68.29 -1.87 78.14
C PHE SA 70 67.78 -2.92 79.12
N ILE SA 71 67.12 -2.47 80.19
CA ILE SA 71 66.51 -3.29 81.22
C ILE SA 71 65.04 -2.87 81.31
N LYS SA 72 64.10 -3.80 81.06
CA LYS SA 72 62.71 -3.49 80.82
C LYS SA 72 61.81 -4.50 81.52
N CYS SA 73 60.76 -4.02 82.22
CA CYS SA 73 59.72 -4.89 82.74
C CYS SA 73 58.60 -4.97 81.71
N ILE SA 74 58.09 -6.17 81.41
CA ILE SA 74 57.23 -6.33 80.25
C ILE SA 74 56.23 -7.48 80.42
N ASN SA 75 54.96 -7.31 79.99
CA ASN SA 75 53.96 -8.37 79.98
C ASN SA 75 54.36 -9.54 79.09
N VAL SA 76 54.01 -10.76 79.50
CA VAL SA 76 54.30 -12.01 78.80
C VAL SA 76 53.72 -12.05 77.40
N ASN SA 77 52.59 -11.37 77.16
CA ASN SA 77 51.93 -11.30 75.89
C ASN SA 77 52.63 -10.37 74.90
N HIS SA 78 53.70 -9.68 75.34
CA HIS SA 78 54.40 -8.72 74.53
C HIS SA 78 55.81 -9.18 74.19
N ILE SA 79 56.14 -10.43 74.51
CA ILE SA 79 57.42 -11.03 74.17
C ILE SA 79 57.20 -12.27 73.35
N LEU SA 80 57.98 -12.44 72.27
CA LEU SA 80 57.94 -13.63 71.45
C LEU SA 80 59.10 -14.52 71.88
N PRO SA 81 58.89 -15.68 72.48
CA PRO SA 81 59.99 -16.48 72.98
C PRO SA 81 60.65 -17.27 71.88
N THR SA 82 61.98 -17.46 71.98
CA THR SA 82 62.74 -18.27 71.04
C THR SA 82 63.20 -19.57 71.68
N ARG SA 83 63.74 -20.53 70.89
CA ARG SA 83 64.43 -21.68 71.42
C ARG SA 83 65.77 -21.37 72.06
N TYR SA 84 66.40 -20.25 71.65
CA TYR SA 84 67.72 -19.86 72.10
C TYR SA 84 67.79 -19.54 73.59
N GLN SA 85 68.84 -20.02 74.26
CA GLN SA 85 69.06 -19.76 75.67
C GLN SA 85 70.53 -19.46 75.94
N VAL SA 86 70.83 -18.38 76.69
CA VAL SA 86 72.19 -17.95 76.96
C VAL SA 86 72.54 -18.15 78.43
N ALA SA 87 71.72 -18.93 79.15
CA ALA SA 87 71.86 -19.17 80.57
C ALA SA 87 73.19 -19.77 81.02
N ASN SA 88 73.75 -20.68 80.21
CA ASN SA 88 74.80 -21.58 80.66
C ASN SA 88 76.20 -21.15 80.25
N ASP SA 89 76.36 -20.02 79.51
CA ASP SA 89 77.66 -19.47 79.16
C ASP SA 89 77.79 -18.06 79.75
N PHE SA 90 76.89 -17.72 80.69
CA PHE SA 90 76.83 -16.43 81.35
C PHE SA 90 76.45 -16.61 82.81
N ASP SA 91 76.58 -15.52 83.60
CA ASP SA 91 76.05 -15.41 84.94
C ASP SA 91 74.74 -14.62 84.88
N ILE SA 92 73.68 -15.25 84.33
CA ILE SA 92 72.43 -14.58 83.99
C ILE SA 92 71.68 -13.96 85.15
N LYS SA 93 71.75 -14.56 86.36
CA LYS SA 93 71.03 -14.10 87.53
C LYS SA 93 71.38 -12.68 87.94
N SER SA 94 72.66 -12.30 87.81
CA SER SA 94 73.15 -11.00 88.26
C SER SA 94 73.18 -9.97 87.15
N LEU SA 95 72.60 -10.24 85.96
CA LEU SA 95 72.49 -9.26 84.89
C LEU SA 95 71.61 -8.06 85.24
N ALA SA 96 70.48 -8.28 85.95
CA ALA SA 96 69.55 -7.23 86.30
C ALA SA 96 68.75 -7.64 87.52
N SER SA 97 67.98 -6.70 88.11
CA SER SA 97 67.13 -7.01 89.25
C SER SA 97 66.01 -6.00 89.40
N ASP SA 98 65.01 -6.33 90.23
CA ASP SA 98 63.88 -5.52 90.64
C ASP SA 98 64.28 -4.11 91.11
N ASP SA 99 65.21 -4.05 92.08
CA ASP SA 99 65.83 -2.84 92.58
C ASP SA 99 66.49 -1.97 91.51
N VAL SA 100 67.06 -2.57 90.44
CA VAL SA 100 67.74 -1.80 89.42
C VAL SA 100 66.77 -1.09 88.48
N LEU SA 101 65.50 -1.53 88.41
CA LEU SA 101 64.42 -0.74 87.84
C LEU SA 101 64.17 0.56 88.61
N LYS SA 102 64.09 0.43 89.94
CA LYS SA 102 63.84 1.51 90.88
C LYS SA 102 64.99 2.51 91.02
N SER SA 103 66.24 2.03 90.91
CA SER SA 103 67.46 2.81 91.10
C SER SA 103 67.59 4.08 90.26
N LYS SA 104 68.18 5.13 90.85
CA LYS SA 104 68.53 6.37 90.19
C LYS SA 104 69.62 6.16 89.15
N ASN SA 105 70.51 5.19 89.42
CA ASN SA 105 71.69 4.89 88.65
C ASN SA 105 71.39 3.84 87.60
N LYS SA 106 70.12 3.69 87.19
CA LYS SA 106 69.67 2.70 86.24
C LYS SA 106 70.28 2.93 84.86
N LYS SA 107 70.34 4.19 84.41
CA LYS SA 107 70.93 4.61 83.16
C LYS SA 107 72.40 4.23 83.09
N LYS SA 108 73.13 4.48 84.19
CA LYS SA 108 74.51 4.09 84.38
C LYS SA 108 74.71 2.57 84.38
N GLU SA 109 73.89 1.83 85.14
CA GLU SA 109 73.90 0.38 85.16
C GLU SA 109 73.66 -0.27 83.82
N VAL SA 110 72.67 0.23 83.06
CA VAL SA 110 72.43 -0.18 81.69
C VAL SA 110 73.61 0.10 80.76
N LYS SA 111 74.28 1.26 80.94
CA LYS SA 111 75.50 1.62 80.24
C LYS SA 111 76.62 0.63 80.54
N LYS SA 112 76.79 0.27 81.83
CA LYS SA 112 77.72 -0.76 82.29
C LYS SA 112 77.39 -2.13 81.72
N LEU SA 113 76.12 -2.53 81.74
CA LEU SA 113 75.63 -3.77 81.17
C LEU SA 113 75.94 -3.89 79.68
N GLY SA 114 75.77 -2.79 78.92
CA GLY SA 114 76.17 -2.69 77.52
C GLY SA 114 77.64 -2.95 77.31
N LYS SA 115 78.49 -2.40 78.19
CA LYS SA 115 79.91 -2.69 78.23
C LYS SA 115 80.18 -4.16 78.49
N ILE SA 116 79.46 -4.82 79.41
CA ILE SA 116 79.62 -6.26 79.65
C ILE SA 116 79.32 -7.10 78.41
N PHE SA 117 78.22 -6.83 77.69
CA PHE SA 117 77.96 -7.47 76.41
C PHE SA 117 79.03 -7.19 75.36
N ARG SA 118 79.47 -5.93 75.26
CA ARG SA 118 80.50 -5.50 74.33
C ARG SA 118 81.80 -6.24 74.54
N ASP SA 119 82.20 -6.38 75.81
CA ASP SA 119 83.35 -7.11 76.26
C ASP SA 119 83.23 -8.61 75.94
N LYS SA 120 82.05 -9.22 76.16
CA LYS SA 120 81.77 -10.61 75.84
C LYS SA 120 81.87 -10.89 74.34
N PHE SA 121 81.35 -9.99 73.49
CA PHE SA 121 81.62 -10.02 72.07
C PHE SA 121 83.09 -9.81 71.71
N LEU SA 122 83.78 -8.87 72.37
CA LEU SA 122 85.16 -8.51 72.08
C LEU SA 122 86.16 -9.61 72.42
N GLU SA 123 86.07 -10.20 73.62
CA GLU SA 123 86.79 -11.39 73.99
C GLU SA 123 85.79 -12.42 74.51
N PRO SA 124 85.48 -13.52 73.82
CA PRO SA 124 84.40 -14.37 74.26
C PRO SA 124 84.92 -15.46 75.16
N VAL SA 125 84.64 -15.32 76.47
CA VAL SA 125 84.93 -16.30 77.51
C VAL SA 125 83.73 -17.29 77.64
N GLU SA 131 82.15 -18.96 75.71
CA GLU SA 131 82.69 -18.29 74.53
C GLU SA 131 81.62 -17.76 73.60
N VAL SA 132 81.52 -18.24 72.35
CA VAL SA 132 80.44 -17.92 71.43
C VAL SA 132 79.66 -19.18 71.13
N SER SA 133 78.40 -19.25 71.59
CA SER SA 133 77.44 -20.26 71.17
C SER SA 133 76.60 -19.75 70.02
N LYS SA 134 75.83 -20.65 69.37
CA LYS SA 134 74.87 -20.24 68.36
C LYS SA 134 73.79 -19.32 68.91
N ASP SA 135 73.32 -19.58 70.14
CA ASP SA 135 72.46 -18.72 70.94
C ASP SA 135 73.02 -17.31 71.12
N ILE SA 136 74.31 -17.23 71.48
CA ILE SA 136 75.04 -15.98 71.58
C ILE SA 136 75.14 -15.28 70.25
N SER SA 137 75.44 -16.02 69.16
CA SER SA 137 75.54 -15.44 67.83
C SER SA 137 74.21 -14.88 67.35
N PHE SA 138 73.10 -15.60 67.63
CA PHE SA 138 71.74 -15.12 67.45
C PHE SA 138 71.50 -13.84 68.23
N LEU SA 139 71.84 -13.79 69.52
CA LEU SA 139 71.67 -12.60 70.34
C LEU SA 139 72.50 -11.42 69.84
N HIS SA 140 73.76 -11.66 69.47
CA HIS SA 140 74.68 -10.67 68.96
C HIS SA 140 74.25 -9.98 67.68
N LYS SA 141 73.83 -10.74 66.65
CA LYS SA 141 73.45 -10.18 65.38
C LYS SA 141 72.18 -9.35 65.38
N LYS SA 142 72.18 -8.22 64.64
CA LYS SA 142 71.03 -7.36 64.47
C LYS SA 142 69.85 -8.04 63.77
N LEU SA 143 68.61 -7.87 64.28
CA LEU SA 143 67.41 -8.33 63.60
C LEU SA 143 67.11 -7.52 62.34
N TYR SA 144 66.58 -8.18 61.29
CA TYR SA 144 66.09 -7.52 60.10
C TYR SA 144 64.68 -7.99 59.82
N PHE SA 145 63.73 -7.05 59.79
CA PHE SA 145 62.37 -7.28 59.36
C PHE SA 145 61.90 -6.02 58.57
N VAL TA 1 -92.96 64.99 -62.74
CA VAL TA 1 -93.42 66.36 -62.36
C VAL TA 1 -92.65 66.88 -61.15
N GLU TA 2 -91.51 67.54 -61.39
CA GLU TA 2 -90.50 67.76 -60.36
C GLU TA 2 -90.51 69.18 -59.84
N LEU TA 3 -91.38 70.04 -60.39
CA LEU TA 3 -91.26 71.49 -60.29
C LEU TA 3 -92.20 72.09 -59.25
N THR TA 4 -92.95 71.26 -58.52
CA THR TA 4 -94.07 71.72 -57.71
C THR TA 4 -93.73 71.94 -56.25
N GLU TA 5 -92.55 71.48 -55.79
CA GLU TA 5 -92.20 71.43 -54.37
C GLU TA 5 -91.14 72.47 -53.99
N GLU TA 6 -90.57 73.16 -54.99
CA GLU TA 6 -89.32 73.89 -54.90
C GLU TA 6 -89.22 75.06 -53.93
N GLU TA 7 -90.33 75.71 -53.53
CA GLU TA 7 -90.31 76.78 -52.55
C GLU TA 7 -89.73 76.37 -51.20
N LEU TA 8 -90.15 75.18 -50.74
CA LEU TA 8 -89.65 74.52 -49.55
C LEU TA 8 -88.15 74.28 -49.60
N TYR TA 9 -87.65 73.76 -50.74
CA TYR TA 9 -86.25 73.45 -50.95
C TYR TA 9 -85.37 74.69 -50.86
N ILE TA 10 -85.75 75.78 -51.57
CA ILE TA 10 -85.08 77.07 -51.54
C ILE TA 10 -85.09 77.68 -50.15
N SER TA 11 -86.24 77.60 -49.44
CA SER TA 11 -86.36 78.09 -48.09
C SER TA 11 -85.43 77.43 -47.09
N LYS TA 12 -85.33 76.08 -47.12
CA LYS TA 12 -84.57 75.35 -46.11
C LYS TA 12 -83.18 74.89 -46.50
N LYS TA 13 -82.62 75.32 -47.65
CA LYS TA 13 -81.30 74.84 -48.05
C LYS TA 13 -80.18 75.67 -47.45
N ASN TA 14 -79.44 75.06 -46.49
CA ASN TA 14 -78.20 75.59 -45.95
C ASN TA 14 -77.29 74.41 -45.64
N LEU TA 15 -76.01 74.53 -46.03
CA LEU TA 15 -74.99 73.53 -45.78
C LEU TA 15 -73.72 74.27 -45.45
N LEU TA 16 -72.97 73.81 -44.44
CA LEU TA 16 -71.76 74.49 -43.97
C LEU TA 16 -70.60 74.46 -44.97
N PHE TA 17 -70.30 73.30 -45.58
CA PHE TA 17 -69.23 73.21 -46.56
C PHE TA 17 -69.49 73.99 -47.83
N LYS TA 18 -68.45 74.65 -48.36
CA LYS TA 18 -68.54 75.52 -49.51
C LYS TA 18 -67.25 75.41 -50.32
N ARG TA 19 -67.20 76.12 -51.49
CA ARG TA 19 -66.03 76.18 -52.35
C ARG TA 19 -65.59 74.82 -52.91
N PHE TA 20 -66.56 74.00 -53.36
CA PHE TA 20 -66.31 72.66 -53.84
C PHE TA 20 -65.37 72.57 -55.04
N VAL TA 21 -64.48 71.57 -55.04
CA VAL TA 21 -63.50 71.26 -56.08
C VAL TA 21 -64.19 70.66 -57.30
N GLU TA 22 -65.04 71.45 -57.97
CA GLU TA 22 -65.83 71.08 -59.11
C GLU TA 22 -65.37 71.96 -60.26
N PRO TA 23 -65.19 71.48 -61.49
CA PRO TA 23 -64.71 72.24 -62.63
C PRO TA 23 -65.21 73.66 -62.79
N GLY TA 24 -64.29 74.59 -63.10
CA GLY TA 24 -64.62 76.00 -63.33
C GLY TA 24 -64.65 76.84 -62.09
N ARG TA 25 -64.05 76.37 -60.99
CA ARG TA 25 -63.93 77.17 -59.78
C ARG TA 25 -62.60 77.89 -59.76
N LEU TA 26 -62.66 79.17 -59.36
CA LEU TA 26 -61.51 80.03 -59.22
C LEU TA 26 -60.70 79.66 -57.99
N CYS TA 27 -59.37 79.65 -58.11
CA CYS TA 27 -58.46 79.12 -57.13
C CYS TA 27 -57.24 80.00 -57.09
N LEU TA 28 -56.66 80.20 -55.91
CA LEU TA 28 -55.46 80.98 -55.70
C LEU TA 28 -54.28 80.04 -55.46
N ILE TA 29 -53.28 80.06 -56.35
CA ILE TA 29 -52.04 79.31 -56.18
C ILE TA 29 -51.25 79.83 -54.99
N GLU TA 30 -50.86 78.94 -54.04
CA GLU TA 30 -50.18 79.32 -52.82
C GLU TA 30 -48.77 78.73 -52.67
N TYR TA 31 -48.29 77.98 -53.69
CA TYR TA 31 -47.00 77.34 -53.63
C TYR TA 31 -46.38 77.30 -55.01
N GLY TA 32 -45.03 77.33 -55.10
CA GLY TA 32 -44.30 77.30 -56.36
C GLY TA 32 -44.18 78.66 -57.01
N PRO TA 33 -43.59 78.75 -58.20
CA PRO TA 33 -43.22 80.03 -58.81
C PRO TA 33 -44.43 80.74 -59.35
N TYR TA 34 -45.59 80.08 -59.34
CA TYR TA 34 -46.84 80.61 -59.84
C TYR TA 34 -47.70 81.14 -58.71
N ALA TA 35 -47.20 81.09 -57.46
CA ALA TA 35 -47.94 81.54 -56.31
C ALA TA 35 -48.39 83.00 -56.35
N GLY TA 36 -49.62 83.25 -55.85
CA GLY TA 36 -50.25 84.55 -55.84
C GLY TA 36 -50.99 84.88 -57.12
N LYS TA 37 -50.93 84.00 -58.13
CA LYS TA 37 -51.80 84.09 -59.28
C LYS TA 37 -53.07 83.29 -59.07
N LEU TA 38 -54.20 83.76 -59.61
CA LEU TA 38 -55.46 83.04 -59.58
C LEU TA 38 -55.72 82.29 -60.88
N CYS TA 39 -56.48 81.19 -60.78
CA CYS TA 39 -56.60 80.23 -61.85
C CYS TA 39 -57.84 79.39 -61.71
N PHE TA 40 -58.32 78.78 -62.81
CA PHE TA 40 -59.41 77.84 -62.75
C PHE TA 40 -58.93 76.40 -62.66
N ILE TA 41 -59.71 75.57 -61.95
CA ILE TA 41 -59.64 74.13 -62.04
C ILE TA 41 -60.42 73.65 -63.25
N VAL TA 42 -59.71 73.10 -64.24
CA VAL TA 42 -60.29 72.58 -65.46
C VAL TA 42 -60.78 71.16 -65.23
N ASP TA 43 -59.91 70.15 -65.40
CA ASP TA 43 -60.17 68.75 -65.17
C ASP TA 43 -59.41 68.28 -63.92
N ILE TA 44 -59.68 67.05 -63.48
CA ILE TA 44 -59.09 66.45 -62.32
C ILE TA 44 -58.48 65.17 -62.84
N VAL TA 45 -57.16 65.02 -62.72
CA VAL TA 45 -56.41 63.92 -63.29
C VAL TA 45 -56.59 62.69 -62.43
N THR TA 46 -56.44 62.90 -61.12
CA THR TA 46 -56.40 61.84 -60.14
C THR TA 46 -56.57 62.56 -58.82
N ILE TA 47 -56.60 61.83 -57.70
CA ILE TA 47 -56.95 62.38 -56.40
C ILE TA 47 -56.06 63.52 -55.91
N THR TA 48 -54.72 63.49 -56.11
CA THR TA 48 -53.86 64.61 -55.72
C THR TA 48 -53.66 65.66 -56.80
N ARG TA 49 -53.83 65.34 -58.10
CA ARG TA 49 -53.48 66.26 -59.17
C ARG TA 49 -54.63 66.65 -60.08
N VAL TA 50 -54.63 67.93 -60.48
CA VAL TA 50 -55.66 68.57 -61.26
C VAL TA 50 -55.04 69.30 -62.44
N ILE TA 51 -55.83 69.56 -63.49
CA ILE TA 51 -55.44 70.40 -64.60
C ILE TA 51 -55.92 71.80 -64.32
N VAL TA 52 -54.99 72.72 -64.16
CA VAL TA 52 -55.21 74.10 -63.85
C VAL TA 52 -54.99 74.94 -65.08
N ASP TA 53 -55.71 76.07 -65.20
CA ASP TA 53 -55.45 77.05 -66.21
C ASP TA 53 -55.75 78.42 -65.64
N GLY TA 54 -54.72 79.27 -65.48
CA GLY TA 54 -54.89 80.69 -65.23
C GLY TA 54 -55.82 81.42 -66.18
N ALA TA 55 -56.35 82.56 -65.73
CA ALA TA 55 -56.93 83.52 -66.63
C ALA TA 55 -55.82 84.15 -67.46
N PHE TA 56 -56.10 84.63 -68.68
CA PHE TA 56 -55.03 85.15 -69.51
C PHE TA 56 -54.56 86.51 -69.03
N ILE TA 57 -55.39 87.18 -68.19
CA ILE TA 57 -54.96 88.27 -67.33
C ILE TA 57 -53.97 87.85 -66.23
N THR TA 58 -54.18 86.72 -65.50
CA THR TA 58 -53.24 86.25 -64.49
C THR TA 58 -51.99 85.64 -65.09
N GLY TA 59 -52.14 84.91 -66.20
CA GLY TA 59 -51.05 84.49 -67.08
C GLY TA 59 -50.28 83.26 -66.67
N VAL TA 60 -50.69 82.56 -65.60
CA VAL TA 60 -50.14 81.25 -65.28
C VAL TA 60 -50.62 80.21 -66.32
N PRO TA 61 -49.75 79.53 -67.07
CA PRO TA 61 -50.16 78.71 -68.22
C PRO TA 61 -50.95 77.47 -67.83
N ARG TA 62 -51.65 76.86 -68.80
CA ARG TA 62 -52.39 75.63 -68.57
C ARG TA 62 -51.46 74.46 -68.26
N MET TA 63 -51.73 73.70 -67.18
CA MET TA 63 -50.77 72.76 -66.67
C MET TA 63 -51.38 71.79 -65.67
N VAL TA 64 -50.75 70.63 -65.46
CA VAL TA 64 -51.09 69.77 -64.34
C VAL TA 64 -50.30 70.20 -63.10
N ILE TA 65 -50.95 70.34 -61.93
CA ILE TA 65 -50.28 70.59 -60.66
C ILE TA 65 -51.06 69.88 -59.55
N PRO TA 66 -50.47 69.61 -58.39
CA PRO TA 66 -51.24 69.10 -57.26
C PRO TA 66 -52.24 70.09 -56.69
N LEU TA 67 -53.44 69.63 -56.33
CA LEU TA 67 -54.50 70.42 -55.72
C LEU TA 67 -54.08 71.07 -54.41
N LYS TA 68 -53.12 70.46 -53.71
CA LYS TA 68 -52.55 70.93 -52.49
C LYS TA 68 -51.89 72.30 -52.61
N ARG TA 69 -51.56 72.74 -53.84
CA ARG TA 69 -50.88 73.98 -54.08
C ARG TA 69 -51.86 75.11 -54.35
N LEU TA 70 -53.16 74.82 -54.22
CA LEU TA 70 -54.24 75.76 -54.41
C LEU TA 70 -54.99 76.01 -53.12
N LYS TA 71 -55.55 77.22 -53.02
CA LYS TA 71 -56.56 77.59 -52.06
C LYS TA 71 -57.76 78.08 -52.84
N LEU TA 72 -58.85 77.30 -52.83
CA LEU TA 72 -60.00 77.60 -53.63
C LEU TA 72 -60.77 78.82 -53.15
N LEU TA 73 -61.29 79.60 -54.11
CA LEU TA 73 -62.04 80.82 -53.95
C LEU TA 73 -63.53 80.59 -54.15
N LYS TA 74 -64.35 81.55 -53.72
CA LYS TA 74 -65.79 81.45 -53.70
C LYS TA 74 -66.41 81.17 -55.06
N GLU TA 75 -66.09 81.98 -56.08
CA GLU TA 75 -66.61 81.81 -57.44
C GLU TA 75 -66.41 80.46 -58.12
N ARG TA 76 -67.42 80.07 -58.91
CA ARG TA 76 -67.31 79.03 -59.89
C ARG TA 76 -68.28 79.39 -60.99
N ILE TA 77 -67.90 79.15 -62.25
CA ILE TA 77 -68.80 79.21 -63.37
C ILE TA 77 -68.79 77.82 -63.96
N LYS TA 78 -69.97 77.24 -64.23
CA LYS TA 78 -70.02 75.92 -64.84
C LYS TA 78 -69.40 75.91 -66.25
N ILE TA 79 -68.59 74.89 -66.57
CA ILE TA 79 -67.86 74.81 -67.82
C ILE TA 79 -68.06 73.45 -68.44
N ASN TA 80 -67.78 73.35 -69.74
CA ASN TA 80 -67.71 72.12 -70.49
C ASN TA 80 -66.56 71.21 -70.06
N LYS TA 81 -66.53 70.00 -70.62
CA LYS TA 81 -65.58 68.93 -70.34
C LYS TA 81 -64.10 69.27 -70.47
N ASN TA 82 -63.71 70.10 -71.45
CA ASN TA 82 -62.34 70.50 -71.71
C ASN TA 82 -62.21 72.01 -71.61
N CYS TA 83 -60.99 72.56 -71.81
CA CYS TA 83 -60.77 73.99 -71.66
C CYS TA 83 -61.17 74.79 -72.90
N LYS TA 84 -60.22 74.92 -73.85
CA LYS TA 84 -60.17 75.95 -74.89
C LYS TA 84 -59.82 77.32 -74.32
N SER TA 85 -58.69 77.90 -74.79
CA SER TA 85 -58.19 79.15 -74.25
C SER TA 85 -59.08 80.32 -74.61
N GLY TA 86 -59.58 80.36 -75.87
CA GLY TA 86 -60.47 81.40 -76.36
C GLY TA 86 -61.81 81.43 -75.68
N PHE TA 87 -62.50 80.27 -75.60
CA PHE TA 87 -63.78 80.15 -74.93
C PHE TA 87 -63.70 80.47 -73.44
N LEU TA 88 -62.61 80.05 -72.77
CA LEU TA 88 -62.35 80.44 -71.40
C LEU TA 88 -62.18 81.94 -71.28
N ARG TA 89 -61.43 82.57 -72.19
CA ARG TA 89 -61.18 83.99 -72.15
C ARG TA 89 -62.46 84.79 -72.37
N LYS TA 90 -63.29 84.41 -73.35
CA LYS TA 90 -64.59 84.98 -73.61
C LYS TA 90 -65.57 84.86 -72.45
N THR TA 91 -65.61 83.68 -71.81
CA THR TA 91 -66.51 83.42 -70.68
C THR TA 91 -66.08 84.17 -69.44
N VAL TA 92 -64.79 84.19 -69.12
CA VAL TA 92 -64.21 84.95 -68.03
C VAL TA 92 -64.48 86.44 -68.17
N ASN TA 93 -64.32 87.00 -69.38
CA ASN TA 93 -64.68 88.37 -69.69
C ASN TA 93 -66.16 88.63 -69.52
N SER TA 94 -67.01 87.70 -70.00
CA SER TA 94 -68.47 87.79 -69.87
C SER TA 94 -68.92 87.83 -68.42
N THR TA 95 -68.42 86.89 -67.59
CA THR TA 95 -68.91 86.78 -66.22
C THR TA 95 -68.25 87.75 -65.27
N LYS TA 96 -67.14 88.39 -65.67
CA LYS TA 96 -66.43 89.39 -64.89
C LYS TA 96 -65.89 88.86 -63.55
N VAL TA 97 -65.21 87.71 -63.58
CA VAL TA 97 -64.80 87.00 -62.37
C VAL TA 97 -63.73 87.73 -61.57
N LEU TA 98 -62.80 88.43 -62.24
CA LEU TA 98 -61.76 89.20 -61.59
C LEU TA 98 -62.33 90.35 -60.78
N GLU TA 99 -63.31 91.06 -61.36
CA GLU TA 99 -64.06 92.10 -60.70
C GLU TA 99 -64.78 91.62 -59.44
N GLU TA 100 -65.48 90.47 -59.54
CA GLU TA 100 -66.10 89.80 -58.40
C GLU TA 100 -65.11 89.38 -57.31
N PHE TA 101 -63.95 88.84 -57.69
CA PHE TA 101 -62.86 88.49 -56.80
C PHE TA 101 -62.34 89.72 -56.06
N ASN TA 102 -62.09 90.81 -56.80
CA ASN TA 102 -61.62 92.07 -56.29
C ASN TA 102 -62.64 92.68 -55.34
N ASN TA 103 -63.93 92.65 -55.69
CA ASN TA 103 -65.03 93.04 -54.82
C ASN TA 103 -65.08 92.24 -53.51
N SER TA 104 -64.82 90.92 -53.57
CA SER TA 104 -64.66 90.07 -52.40
C SER TA 104 -63.50 90.47 -51.48
N LYS TA 105 -63.63 90.22 -50.17
CA LYS TA 105 -62.75 90.74 -49.15
C LYS TA 105 -61.27 90.35 -49.30
N LEU TA 106 -60.97 89.07 -49.60
CA LEU TA 106 -59.60 88.61 -49.82
C LEU TA 106 -58.88 89.34 -50.95
N GLY TA 107 -59.58 89.56 -52.08
CA GLY TA 107 -59.10 90.38 -53.17
C GLY TA 107 -58.77 91.79 -52.75
N LYS TA 108 -59.64 92.42 -51.94
CA LYS TA 108 -59.37 93.71 -51.34
C LYS TA 108 -58.12 93.70 -50.46
N LYS TA 109 -57.92 92.66 -49.62
CA LYS TA 109 -56.76 92.60 -48.75
C LYS TA 109 -55.45 92.51 -49.56
N MET TA 110 -55.46 91.65 -50.60
CA MET TA 110 -54.33 91.49 -51.49
C MET TA 110 -53.96 92.73 -52.31
N ILE TA 111 -54.96 93.42 -52.91
CA ILE TA 111 -54.68 94.60 -53.71
C ILE TA 111 -54.19 95.75 -52.86
N ILE TA 112 -54.70 95.89 -51.63
CA ILE TA 112 -54.20 96.89 -50.69
C ILE TA 112 -52.77 96.61 -50.32
N LYS TA 113 -52.41 95.35 -49.99
CA LYS TA 113 -51.02 95.03 -49.76
C LYS TA 113 -50.11 95.28 -50.97
N LYS TA 114 -50.54 94.93 -52.19
CA LYS TA 114 -49.71 95.14 -53.36
C LYS TA 114 -49.38 96.60 -53.66
N LYS TA 115 -50.40 97.47 -53.65
CA LYS TA 115 -50.26 98.90 -53.78
C LYS TA 115 -49.35 99.53 -52.73
N ARG TA 116 -49.56 99.16 -51.45
CA ARG TA 116 -48.81 99.65 -50.31
C ARG TA 116 -47.33 99.34 -50.40
N ASP TA 117 -46.98 98.08 -50.75
CA ASP TA 117 -45.61 97.66 -50.94
C ASP TA 117 -44.88 98.45 -52.04
N GLU TA 118 -45.55 98.69 -53.18
CA GLU TA 118 -44.90 99.30 -54.33
C GLU TA 118 -44.88 100.81 -54.28
N ALA TA 119 -45.59 101.42 -53.31
CA ALA TA 119 -45.62 102.86 -53.11
C ALA TA 119 -44.26 103.54 -52.88
N THR TA 120 -44.13 104.78 -53.37
CA THR TA 120 -42.96 105.63 -53.22
C THR TA 120 -42.76 106.13 -51.82
N ASP TA 121 -41.55 106.61 -51.50
CA ASP TA 121 -41.25 107.30 -50.27
C ASP TA 121 -42.14 108.54 -50.02
N PHE TA 122 -42.40 109.36 -51.06
CA PHE TA 122 -43.34 110.45 -50.93
C PHE TA 122 -44.77 110.01 -50.61
N GLU TA 123 -45.31 109.02 -51.34
CA GLU TA 123 -46.58 108.38 -51.04
C GLU TA 123 -46.67 107.83 -49.63
N ARG TA 124 -45.62 107.15 -49.16
CA ARG TA 124 -45.49 106.64 -47.81
C ARG TA 124 -45.52 107.74 -46.77
N PHE TA 125 -44.81 108.86 -47.02
CA PHE TA 125 -44.86 110.01 -46.16
C PHE TA 125 -46.24 110.63 -46.15
N GLN TA 126 -46.91 110.74 -47.31
CA GLN TA 126 -48.26 111.24 -47.40
C GLN TA 126 -49.25 110.42 -46.56
N VAL TA 127 -49.22 109.09 -46.65
CA VAL TA 127 -49.97 108.22 -45.76
C VAL TA 127 -49.67 108.44 -44.27
N TYR TA 128 -48.38 108.57 -43.88
CA TYR TA 128 -47.98 108.91 -42.52
C TYR TA 128 -48.53 110.26 -42.07
N PHE TA 129 -48.41 111.27 -42.94
CA PHE TA 129 -48.90 112.61 -42.76
C PHE TA 129 -50.41 112.63 -42.58
N ALA TA 130 -51.16 111.91 -43.43
CA ALA TA 130 -52.59 111.79 -43.35
C ALA TA 130 -53.08 111.15 -42.05
N LYS TA 131 -52.48 110.02 -41.63
CA LYS TA 131 -52.76 109.42 -40.35
C LYS TA 131 -52.44 110.34 -39.17
N ARG TA 132 -51.33 111.09 -39.23
CA ARG TA 132 -50.98 112.07 -38.23
C ARG TA 132 -52.02 113.19 -38.10
N GLU TA 133 -52.53 113.71 -39.24
CA GLU TA 133 -53.64 114.64 -39.32
C GLU TA 133 -54.90 114.09 -38.71
N LEU TA 134 -55.22 112.83 -39.03
CA LEU TA 134 -56.39 112.13 -38.57
C LEU TA 134 -56.40 111.97 -37.07
N LYS TA 135 -55.28 111.51 -36.49
CA LYS TA 135 -55.09 111.36 -35.07
C LYS TA 135 -55.30 112.65 -34.29
N LYS TA 136 -54.75 113.77 -34.78
CA LYS TA 136 -54.98 115.11 -34.26
C LYS TA 136 -56.46 115.48 -34.20
N LYS TA 137 -57.19 115.32 -35.31
CA LYS TA 137 -58.63 115.53 -35.32
C LYS TA 137 -59.39 114.58 -34.38
N MET TA 138 -59.08 113.27 -34.38
CA MET TA 138 -59.74 112.29 -33.54
C MET TA 138 -59.58 112.56 -32.05
N THR TA 139 -58.36 112.91 -31.64
CA THR TA 139 -58.05 113.32 -30.27
C THR TA 139 -58.80 114.57 -29.89
N THR TA 140 -58.85 115.56 -30.81
CA THR TA 140 -59.66 116.77 -30.63
C THR TA 140 -61.13 116.46 -30.43
N ILE TA 141 -61.71 115.52 -31.21
CA ILE TA 141 -63.08 115.09 -30.96
C ILE TA 141 -63.22 114.42 -29.61
N LYS TA 142 -62.32 113.49 -29.24
CA LYS TA 142 -62.39 112.77 -27.98
C LYS TA 142 -62.33 113.66 -26.75
N ASN TA 143 -61.44 114.66 -26.76
CA ASN TA 143 -61.38 115.71 -25.77
C ASN TA 143 -62.65 116.53 -25.68
N LYS TA 144 -63.17 116.97 -26.84
CA LYS TA 144 -64.40 117.74 -26.96
C LYS TA 144 -65.62 117.00 -26.41
N LYS TA 145 -65.69 115.70 -26.70
CA LYS TA 145 -66.72 114.76 -26.30
C LYS TA 145 -66.88 114.61 -24.78
N ASN TA 146 -65.77 114.59 -24.02
CA ASN TA 146 -65.73 114.45 -22.58
C ASN TA 146 -66.71 115.38 -21.77
N ALA UA 1 -3.34 83.74 -36.32
CA ALA UA 1 -3.12 84.17 -37.74
C ALA UA 1 -1.67 84.52 -38.09
N VAL UA 2 -1.42 85.56 -38.93
CA VAL UA 2 -0.11 85.95 -39.44
C VAL UA 2 0.08 87.45 -39.34
N LYS UA 3 1.32 87.96 -39.56
CA LYS UA 3 1.68 89.34 -39.33
C LYS UA 3 2.24 90.01 -40.59
N LYS UA 4 1.37 90.43 -41.53
CA LYS UA 4 1.75 91.34 -42.59
C LYS UA 4 2.13 92.74 -42.09
N VAL UA 5 3.22 93.32 -42.62
CA VAL UA 5 3.60 94.71 -42.44
C VAL UA 5 4.24 95.16 -43.76
N GLY UA 6 3.59 96.06 -44.54
CA GLY UA 6 4.06 96.41 -45.88
C GLY UA 6 4.26 95.21 -46.80
N LYS UA 7 5.43 95.12 -47.45
CA LYS UA 7 5.78 93.96 -48.27
C LYS UA 7 6.51 92.90 -47.44
N ILE UA 8 6.49 93.00 -46.10
CA ILE UA 8 7.15 92.08 -45.20
C ILE UA 8 6.08 91.25 -44.54
N ILE UA 9 5.95 89.97 -44.95
CA ILE UA 9 5.05 89.05 -44.29
C ILE UA 9 5.86 88.17 -43.36
N LYS UA 10 5.55 88.20 -42.05
CA LYS UA 10 6.07 87.21 -41.14
C LYS UA 10 4.92 86.28 -40.79
N LYS UA 11 5.18 84.97 -40.93
CA LYS UA 11 4.12 83.98 -41.07
C LYS UA 11 3.89 83.21 -39.78
N ARG UA 12 4.70 83.46 -38.73
CA ARG UA 12 4.62 82.71 -37.49
C ARG UA 12 4.54 83.64 -36.31
N THR UA 13 3.36 83.73 -35.69
CA THR UA 13 3.23 84.21 -34.32
C THR UA 13 3.21 82.97 -33.45
N LYS UA 14 3.47 83.11 -32.13
CA LYS UA 14 3.45 82.00 -31.20
C LYS UA 14 4.50 80.93 -31.47
N LYS UA 15 5.74 81.19 -31.05
CA LYS UA 15 6.81 80.21 -31.08
C LYS UA 15 6.46 78.93 -30.32
N PHE UA 16 6.77 77.77 -30.90
CA PHE UA 16 6.41 76.46 -30.39
C PHE UA 16 7.02 76.11 -29.03
N THR UA 17 6.28 75.33 -28.22
CA THR UA 17 6.69 74.91 -26.89
C THR UA 17 6.80 73.41 -26.90
N ARG UA 18 7.91 72.83 -26.40
CA ARG UA 18 8.17 71.40 -26.44
C ARG UA 18 7.08 70.55 -25.80
N PHE UA 19 6.69 69.44 -26.45
CA PHE UA 19 5.58 68.63 -26.02
C PHE UA 19 5.78 68.07 -24.61
N GLN UA 20 4.72 68.15 -23.80
CA GLN UA 20 4.66 67.64 -22.45
C GLN UA 20 5.39 68.50 -21.41
N SER UA 21 6.03 69.62 -21.83
CA SER UA 21 6.73 70.54 -20.93
C SER UA 21 5.79 71.34 -20.07
N ASN UA 22 4.54 71.50 -20.53
CA ASN UA 22 3.46 72.01 -19.72
C ASN UA 22 3.14 71.13 -18.52
N ARG UA 23 3.08 69.79 -18.73
CA ARG UA 23 2.84 68.83 -17.68
C ARG UA 23 4.03 68.59 -16.76
N PHE UA 24 5.26 68.46 -17.31
CA PHE UA 24 6.42 68.07 -16.54
C PHE UA 24 7.43 69.19 -16.40
N MET UA 25 7.90 69.44 -15.17
CA MET UA 25 8.85 70.49 -14.87
C MET UA 25 10.22 70.25 -15.51
N ARG UA 26 10.72 69.00 -15.48
CA ARG UA 26 11.96 68.55 -16.06
C ARG UA 26 12.17 68.86 -17.54
N VAL UA 27 11.14 68.69 -18.39
CA VAL UA 27 11.26 68.91 -19.81
C VAL UA 27 11.45 70.39 -20.15
N LYS UA 28 12.53 70.72 -20.90
CA LYS UA 28 12.88 72.08 -21.27
C LYS UA 28 11.77 72.80 -22.07
N PRO UA 29 11.46 74.08 -21.88
CA PRO UA 29 10.36 74.72 -22.60
C PRO UA 29 10.60 74.88 -24.07
N ALA UA 30 11.84 75.22 -24.47
CA ALA UA 30 12.20 75.43 -25.87
C ALA UA 30 11.96 74.20 -26.73
N TRP UA 31 11.43 74.41 -27.95
CA TRP UA 31 10.90 73.37 -28.81
C TRP UA 31 11.89 72.24 -29.13
N ARG UA 32 11.39 70.99 -29.07
CA ARG UA 32 12.02 69.88 -29.75
C ARG UA 32 10.95 68.99 -30.32
N LYS UA 33 11.12 68.64 -31.59
CA LYS UA 33 10.35 67.64 -32.30
C LYS UA 33 10.59 66.25 -31.72
N PRO UA 34 9.65 65.32 -31.67
CA PRO UA 34 9.92 64.01 -31.08
C PRO UA 34 10.34 63.10 -32.21
N ARG UA 35 11.34 63.55 -32.98
CA ARG UA 35 11.90 62.91 -34.16
C ARG UA 35 12.71 61.65 -33.87
N GLY UA 36 13.36 61.61 -32.69
CA GLY UA 36 14.27 60.52 -32.31
C GLY UA 36 13.60 59.24 -31.84
N ILE UA 37 12.27 59.24 -31.79
CA ILE UA 37 11.44 58.24 -31.11
C ILE UA 37 10.09 58.08 -31.82
N ASP UA 38 9.44 56.90 -31.71
CA ASP UA 38 7.99 56.84 -31.88
C ASP UA 38 7.30 57.55 -30.71
N CYS UA 39 6.14 58.18 -30.97
CA CYS UA 39 5.68 59.21 -30.08
C CYS UA 39 4.21 59.58 -30.20
N ARG UA 40 3.49 59.10 -31.24
CA ARG UA 40 2.05 59.25 -31.38
C ARG UA 40 1.53 60.72 -31.37
N VAL UA 41 2.39 61.68 -31.74
CA VAL UA 41 2.05 63.09 -31.87
C VAL UA 41 2.72 63.66 -33.12
N ARG UA 42 3.89 63.09 -33.52
CA ARG UA 42 4.36 63.14 -34.89
C ARG UA 42 3.37 62.46 -35.80
N ARG UA 43 2.81 61.31 -35.38
CA ARG UA 43 1.55 60.84 -35.92
C ARG UA 43 0.47 61.89 -35.65
N ARG UA 44 -0.06 62.49 -36.74
CA ARG UA 44 -0.62 63.83 -36.73
C ARG UA 44 -2.05 63.91 -36.21
N TYR UA 45 -2.33 63.25 -35.07
CA TYR UA 45 -3.62 63.26 -34.41
C TYR UA 45 -4.06 64.68 -34.10
N LYS UA 46 -5.10 65.12 -34.81
CA LYS UA 46 -5.49 66.51 -34.89
C LYS UA 46 -5.78 67.19 -33.56
N GLY UA 47 -5.23 68.41 -33.39
CA GLY UA 47 -5.51 69.30 -32.26
C GLY UA 47 -4.76 68.96 -30.99
N THR UA 48 -3.96 67.88 -31.02
CA THR UA 48 -3.14 67.48 -29.87
C THR UA 48 -2.07 68.49 -29.51
N ASN UA 49 -1.36 69.03 -30.52
CA ASN UA 49 -0.32 70.03 -30.40
C ASN UA 49 0.29 70.23 -31.78
N LEU UA 50 0.14 71.42 -32.38
CA LEU UA 50 0.78 71.79 -33.61
C LEU UA 50 2.31 71.79 -33.52
N MET UA 51 3.02 71.53 -34.63
CA MET UA 51 4.47 71.42 -34.61
C MET UA 51 5.08 71.96 -35.91
N PRO UA 52 6.30 72.49 -35.91
CA PRO UA 52 6.80 73.29 -37.03
C PRO UA 52 7.37 72.45 -38.16
N SER UA 53 7.58 73.09 -39.32
CA SER UA 53 8.18 72.51 -40.51
C SER UA 53 8.62 73.65 -41.40
N ILE UA 54 9.41 73.37 -42.46
CA ILE UA 54 10.05 74.37 -43.31
C ILE UA 54 9.13 75.41 -43.94
N GLY UA 55 7.87 75.04 -44.29
CA GLY UA 55 6.89 75.82 -45.05
C GLY UA 55 6.58 77.19 -44.51
N TYR UA 56 6.68 77.36 -43.19
CA TYR UA 56 6.46 78.62 -42.51
C TYR UA 56 7.55 79.65 -42.79
N GLY UA 57 8.71 79.24 -43.31
CA GLY UA 57 9.86 80.07 -43.65
C GLY UA 57 9.63 81.39 -44.33
N SER UA 58 10.50 82.38 -44.03
CA SER UA 58 10.41 83.72 -44.63
C SER UA 58 10.63 83.76 -46.13
N ASN UA 59 9.99 84.72 -46.83
CA ASN UA 59 10.24 84.96 -48.24
C ASN UA 59 11.68 85.38 -48.58
N LYS UA 60 12.16 85.03 -49.79
CA LYS UA 60 13.52 85.25 -50.23
C LYS UA 60 13.98 86.69 -50.17
N LYS UA 61 13.12 87.65 -50.59
CA LYS UA 61 13.43 89.06 -50.51
C LYS UA 61 13.60 89.55 -49.07
N THR UA 62 12.73 89.12 -48.15
CA THR UA 62 12.69 89.68 -46.81
C THR UA 62 13.47 88.86 -45.79
N LYS UA 63 14.18 87.81 -46.25
CA LYS UA 63 14.59 86.64 -45.48
C LYS UA 63 15.00 86.80 -44.01
N PHE UA 64 15.88 87.78 -43.70
CA PHE UA 64 16.33 88.03 -42.34
C PHE UA 64 16.00 89.45 -41.89
N LEU UA 65 15.15 90.16 -42.64
CA LEU UA 65 14.90 91.58 -42.45
C LEU UA 65 14.16 91.96 -41.17
N LEU UA 66 14.51 93.13 -40.60
CA LEU UA 66 13.85 93.71 -39.43
C LEU UA 66 12.71 94.61 -39.86
N PRO UA 67 11.75 94.98 -39.01
CA PRO UA 67 10.67 95.91 -39.37
C PRO UA 67 11.20 97.30 -39.58
N ASN UA 68 12.47 97.53 -39.26
CA ASN UA 68 13.25 98.71 -39.56
C ASN UA 68 13.54 98.84 -41.04
N ASN UA 69 13.35 97.74 -41.80
CA ASN UA 69 13.69 97.59 -43.20
C ASN UA 69 15.19 97.53 -43.38
N LYS UA 70 15.90 97.09 -42.32
CA LYS UA 70 17.35 97.12 -42.30
C LYS UA 70 17.86 95.88 -41.59
N TYR UA 71 18.82 95.18 -42.18
CA TYR UA 71 19.50 94.05 -41.56
C TYR UA 71 20.33 94.43 -40.33
N LYS UA 72 20.25 93.66 -39.23
CA LYS UA 72 21.03 93.93 -38.04
C LYS UA 72 22.50 93.54 -38.18
N TYR UA 73 23.42 94.46 -37.80
CA TYR UA 73 24.85 94.24 -37.81
C TYR UA 73 25.40 94.55 -36.44
N VAL UA 74 26.07 93.58 -35.79
CA VAL UA 74 26.52 93.77 -34.42
C VAL UA 74 27.93 94.34 -34.40
N VAL UA 75 28.12 95.34 -33.53
CA VAL UA 75 29.29 96.18 -33.47
C VAL UA 75 29.84 96.14 -32.06
N LYS UA 76 31.12 95.80 -31.93
CA LYS UA 76 31.82 95.72 -30.67
C LYS UA 76 33.03 96.64 -30.66
N ASN UA 77 33.41 97.20 -31.82
CA ASN UA 77 34.50 98.15 -31.92
C ASN UA 77 34.17 99.17 -32.99
N VAL UA 78 34.69 100.40 -32.82
CA VAL UA 78 34.47 101.53 -33.71
C VAL UA 78 34.92 101.29 -35.15
N LYS UA 79 36.11 100.69 -35.36
CA LYS UA 79 36.67 100.48 -36.68
C LYS UA 79 35.81 99.59 -37.58
N GLU UA 80 34.98 98.72 -36.98
CA GLU UA 80 34.09 97.86 -37.73
C GLU UA 80 32.96 98.61 -38.43
N MET UA 81 32.73 99.89 -38.09
CA MET UA 81 31.87 100.79 -38.83
C MET UA 81 32.29 101.08 -40.26
N GLU UA 82 33.61 101.19 -40.50
CA GLU UA 82 34.16 101.70 -41.74
C GLU UA 82 33.78 100.94 -43.02
N PRO UA 83 33.68 99.63 -43.12
CA PRO UA 83 33.18 99.01 -44.35
C PRO UA 83 31.68 99.14 -44.41
N LEU UA 84 31.00 99.10 -43.26
CA LEU UA 84 29.56 99.09 -43.15
C LEU UA 84 28.90 100.36 -43.65
N ILE UA 85 29.61 101.49 -43.63
CA ILE UA 85 29.01 102.82 -43.79
C ILE UA 85 28.36 103.06 -45.15
N MET UA 86 28.95 102.60 -46.26
CA MET UA 86 28.39 102.81 -47.58
C MET UA 86 27.08 102.05 -47.83
N ASN UA 87 26.72 101.09 -46.95
CA ASN UA 87 25.48 100.34 -47.00
C ASN UA 87 24.54 100.68 -45.84
N HIS UA 88 24.72 101.86 -45.21
CA HIS UA 88 23.94 102.34 -44.07
C HIS UA 88 22.43 102.36 -44.27
N THR UA 89 21.98 102.53 -45.51
CA THR UA 89 20.58 102.46 -45.90
C THR UA 89 19.95 101.11 -45.62
N LYS UA 90 20.69 100.02 -45.86
CA LYS UA 90 20.15 98.67 -45.84
C LYS UA 90 20.51 97.92 -44.56
N TYR UA 91 21.39 98.48 -43.72
CA TYR UA 91 21.84 97.85 -42.49
C TYR UA 91 21.64 98.77 -41.31
N CYS UA 92 21.35 98.19 -40.13
CA CYS UA 92 21.19 98.90 -38.87
C CYS UA 92 22.17 98.39 -37.84
N VAL UA 93 22.69 99.30 -37.01
CA VAL UA 93 23.66 98.98 -35.98
C VAL UA 93 23.01 98.39 -34.74
N GLN UA 94 23.62 97.32 -34.22
CA GLN UA 94 23.42 96.85 -32.89
C GLN UA 94 24.77 96.97 -32.21
N ILE UA 95 24.85 97.62 -31.05
CA ILE UA 95 26.08 97.66 -30.27
C ILE UA 95 26.07 96.48 -29.33
N ALA UA 96 27.15 95.70 -29.29
CA ALA UA 96 27.29 94.57 -28.38
C ALA UA 96 27.05 94.86 -26.89
N HIS UA 97 26.55 93.86 -26.16
CA HIS UA 97 26.21 93.97 -24.75
C HIS UA 97 27.38 94.39 -23.89
N ASN UA 98 28.48 93.65 -24.04
CA ASN UA 98 29.75 93.84 -23.37
C ASN UA 98 30.58 94.99 -23.97
N VAL UA 99 30.12 96.23 -23.79
CA VAL UA 99 30.91 97.40 -24.13
C VAL UA 99 30.92 98.36 -22.95
N SER UA 100 32.13 98.66 -22.43
CA SER UA 100 32.42 99.59 -21.34
C SER UA 100 31.95 101.00 -21.68
N SER UA 101 31.47 101.77 -20.70
CA SER UA 101 30.67 102.96 -20.97
C SER UA 101 31.37 104.06 -21.74
N LYS UA 102 32.65 104.37 -21.44
CA LYS UA 102 33.43 105.33 -22.19
C LYS UA 102 33.52 105.00 -23.67
N LYS UA 103 33.88 103.73 -23.97
CA LYS UA 103 33.89 103.21 -25.31
C LYS UA 103 32.52 103.22 -25.95
N ARG UA 104 31.49 102.77 -25.21
CA ARG UA 104 30.11 102.71 -25.69
C ARG UA 104 29.59 104.08 -26.11
N LYS UA 105 29.79 105.10 -25.27
CA LYS UA 105 29.52 106.48 -25.58
C LYS UA 105 30.22 106.98 -26.83
N GLN UA 106 31.53 106.68 -26.98
CA GLN UA 106 32.30 107.00 -28.16
C GLN UA 106 31.75 106.35 -29.42
N ILE UA 107 31.45 105.04 -29.39
CA ILE UA 107 30.83 104.30 -30.47
C ILE UA 107 29.45 104.85 -30.83
N ILE UA 108 28.58 105.13 -29.84
CA ILE UA 108 27.28 105.73 -30.07
C ILE UA 108 27.39 107.07 -30.77
N GLU UA 109 28.22 107.99 -30.23
CA GLU UA 109 28.45 109.27 -30.85
C GLU UA 109 28.98 109.19 -32.28
N ARG UA 110 30.04 108.40 -32.52
CA ARG UA 110 30.57 108.14 -33.84
C ARG UA 110 29.57 107.57 -34.83
N ALA UA 111 28.79 106.55 -34.41
CA ALA UA 111 27.74 105.96 -35.21
C ALA UA 111 26.67 106.95 -35.62
N LYS UA 112 26.28 107.85 -34.70
CA LYS UA 112 25.34 108.91 -34.99
C LYS UA 112 25.92 109.89 -35.99
N GLN UA 113 27.21 110.22 -35.87
CA GLN UA 113 27.94 111.03 -36.83
C GLN UA 113 28.02 110.37 -38.20
N MET UA 114 28.05 109.03 -38.24
CA MET UA 114 28.08 108.25 -39.45
C MET UA 114 26.69 108.05 -40.07
N ASN UA 115 25.63 108.47 -39.35
CA ASN UA 115 24.28 108.59 -39.88
C ASN UA 115 23.60 107.27 -40.18
N VAL UA 116 23.65 106.35 -39.23
CA VAL UA 116 22.94 105.09 -39.29
C VAL UA 116 22.26 104.86 -37.95
N SER UA 117 21.02 104.32 -37.96
CA SER UA 117 20.30 103.99 -36.73
C SER UA 117 20.98 102.92 -35.88
N VAL UA 118 20.97 103.14 -34.55
CA VAL UA 118 21.58 102.27 -33.57
C VAL UA 118 20.51 101.86 -32.58
N ILE UA 119 20.11 100.59 -32.55
CA ILE UA 119 18.84 100.23 -31.92
C ILE UA 119 18.89 100.15 -30.41
N ASN UA 120 20.09 100.05 -29.79
CA ASN UA 120 20.27 100.02 -28.35
C ASN UA 120 21.00 101.23 -27.83
N ALA UA 121 20.99 102.36 -28.58
CA ALA UA 121 21.64 103.59 -28.17
C ALA UA 121 20.90 104.32 -27.06
N LYS UA 122 19.64 103.94 -26.81
CA LYS UA 122 18.79 104.56 -25.83
C LYS UA 122 18.84 103.82 -24.50
N ALA UA 123 19.90 103.03 -24.30
CA ALA UA 123 20.10 102.16 -23.16
C ALA UA 123 21.52 102.30 -22.60
N ARG UA 124 21.75 101.78 -21.38
CA ARG UA 124 22.99 101.81 -20.61
C ARG UA 124 23.47 103.23 -20.28
N LEU UA 125 22.57 104.03 -19.68
CA LEU UA 125 22.79 105.43 -19.33
C LEU UA 125 23.49 105.59 -17.96
N LEU VA 1 -39.21 110.14 -30.14
CA LEU VA 1 -37.92 110.67 -29.54
C LEU VA 1 -36.93 111.12 -30.60
N GLN VA 2 -35.86 111.87 -30.26
CA GLN VA 2 -35.11 112.63 -31.24
C GLN VA 2 -33.86 111.93 -31.77
N ALA VA 3 -33.55 110.71 -31.29
CA ALA VA 3 -32.29 110.05 -31.60
C ALA VA 3 -32.38 109.07 -32.77
N VAL VA 4 -33.55 108.99 -33.41
CA VAL VA 4 -33.95 108.07 -34.48
C VAL VA 4 -32.87 107.58 -35.45
N ARG VA 5 -32.80 106.25 -35.64
CA ARG VA 5 -31.83 105.59 -36.49
C ARG VA 5 -32.18 105.62 -37.97
N LEU VA 6 -31.24 105.15 -38.80
CA LEU VA 6 -31.49 104.83 -40.18
C LEU VA 6 -31.25 103.34 -40.40
N TYR VA 7 -30.12 102.83 -39.87
CA TYR VA 7 -29.61 101.48 -40.13
C TYR VA 7 -30.33 100.39 -39.35
N GLU VA 8 -30.30 99.13 -39.81
CA GLU VA 8 -31.28 98.13 -39.38
C GLU VA 8 -30.65 97.00 -38.56
N LYS VA 9 -31.48 96.37 -37.71
CA LYS VA 9 -31.11 95.26 -36.84
C LYS VA 9 -30.93 93.92 -37.56
N GLY VA 10 -30.03 93.10 -37.04
CA GLY VA 10 -29.77 91.72 -37.46
C GLY VA 10 -29.23 91.00 -36.25
N VAL VA 11 -29.06 89.68 -36.32
CA VAL VA 11 -28.39 88.94 -35.26
C VAL VA 11 -27.17 88.24 -35.83
N ILE VA 12 -25.99 88.54 -35.27
CA ILE VA 12 -24.75 87.82 -35.46
C ILE VA 12 -24.74 86.47 -34.77
N LEU VA 13 -24.81 85.37 -35.53
CA LEU VA 13 -24.82 84.02 -35.03
C LEU VA 13 -23.40 83.57 -34.67
N GLY VA 14 -23.10 82.25 -34.77
CA GLY VA 14 -21.74 81.75 -34.59
C GLY VA 14 -20.81 82.11 -35.73
N TYR VA 15 -19.63 81.50 -35.75
CA TYR VA 15 -18.83 81.45 -36.96
C TYR VA 15 -19.47 80.52 -37.99
N LYS VA 16 -18.92 80.42 -39.21
CA LYS VA 16 -19.33 79.41 -40.17
C LYS VA 16 -18.80 78.03 -39.79
N ARG VA 17 -19.31 77.54 -38.66
CA ARG VA 17 -19.14 76.23 -38.11
C ARG VA 17 -19.47 75.10 -39.07
N SER VA 18 -19.06 73.89 -38.66
CA SER VA 18 -19.37 72.66 -39.32
C SER VA 18 -19.42 71.66 -38.19
N GLN VA 19 -19.91 70.43 -38.39
CA GLN VA 19 -20.04 69.48 -37.31
C GLN VA 19 -18.68 69.08 -36.74
N ARG VA 20 -18.37 69.56 -35.52
CA ARG VA 20 -17.13 69.32 -34.81
C ARG VA 20 -15.89 69.91 -35.50
N ASN VA 21 -16.09 70.95 -36.33
CA ASN VA 21 -15.02 71.52 -37.13
C ASN VA 21 -15.26 73.02 -37.27
N GLN VA 22 -14.18 73.82 -37.30
CA GLN VA 22 -14.29 75.25 -37.16
C GLN VA 22 -13.61 76.03 -38.25
N ASP VA 23 -14.32 77.01 -38.83
CA ASP VA 23 -13.79 78.02 -39.72
C ASP VA 23 -14.06 79.42 -39.14
N PRO VA 24 -13.10 80.26 -38.76
CA PRO VA 24 -13.44 81.49 -38.05
C PRO VA 24 -13.37 82.63 -39.04
N ASN VA 25 -12.89 82.33 -40.27
CA ASN VA 25 -12.78 83.19 -41.41
C ASN VA 25 -14.09 83.82 -41.88
N PHE VA 26 -15.20 83.11 -41.64
CA PHE VA 26 -16.54 83.50 -42.05
C PHE VA 26 -17.45 83.49 -40.84
N THR VA 27 -18.32 84.51 -40.75
CA THR VA 27 -19.30 84.65 -39.68
C THR VA 27 -20.68 84.45 -40.27
N LEU VA 28 -21.65 84.00 -39.48
CA LEU VA 28 -23.01 83.79 -39.93
C LEU VA 28 -23.95 84.83 -39.35
N ILE VA 29 -24.77 85.46 -40.20
CA ILE VA 29 -25.73 86.46 -39.80
C ILE VA 29 -27.13 86.01 -40.18
N SER VA 30 -28.06 86.11 -39.22
CA SER VA 30 -29.49 86.07 -39.46
C SER VA 30 -29.96 87.51 -39.49
N ILE VA 31 -30.60 87.94 -40.59
CA ILE VA 31 -31.00 89.33 -40.79
C ILE VA 31 -32.49 89.39 -40.52
N LYS VA 32 -32.92 90.32 -39.63
CA LYS VA 32 -34.09 90.21 -38.79
C LYS VA 32 -35.41 89.80 -39.45
N ASN VA 33 -35.73 90.34 -40.65
CA ASN VA 33 -36.98 90.04 -41.32
C ASN VA 33 -36.73 89.25 -42.59
N VAL VA 34 -35.52 88.69 -42.73
CA VAL VA 34 -35.08 87.94 -43.89
C VAL VA 34 -35.16 86.46 -43.60
N ASN VA 35 -36.06 85.74 -44.31
CA ASN VA 35 -36.36 84.36 -44.01
C ASN VA 35 -36.24 83.47 -45.24
N THR VA 36 -35.58 83.93 -46.32
CA THR VA 36 -35.45 83.12 -47.52
C THR VA 36 -34.26 83.57 -48.34
N LYS VA 37 -33.74 82.66 -49.19
CA LYS VA 37 -32.57 82.82 -50.04
C LYS VA 37 -32.62 84.04 -50.94
N LYS VA 38 -33.77 84.25 -51.61
CA LYS VA 38 -34.00 85.36 -52.51
C LYS VA 38 -33.85 86.70 -51.79
N HIS VA 39 -34.50 86.81 -50.62
CA HIS VA 39 -34.39 87.96 -49.77
C HIS VA 39 -33.00 88.15 -49.22
N ALA VA 40 -32.29 87.07 -48.83
CA ALA VA 40 -30.89 87.21 -48.43
C ALA VA 40 -30.00 87.75 -49.55
N GLN VA 41 -30.18 87.28 -50.79
CA GLN VA 41 -29.53 87.81 -51.97
C GLN VA 41 -29.72 89.31 -52.22
N PHE VA 42 -30.85 89.89 -51.78
CA PHE VA 42 -31.19 91.30 -51.91
C PHE VA 42 -30.16 92.20 -51.20
N TYR VA 43 -29.67 91.75 -50.03
CA TYR VA 43 -28.74 92.53 -49.23
C TYR VA 43 -27.32 92.00 -49.34
N VAL VA 44 -27.00 91.20 -50.36
CA VAL VA 44 -25.80 90.39 -50.39
C VAL VA 44 -24.46 91.14 -50.31
N GLY VA 45 -24.28 92.30 -50.99
CA GLY VA 45 -23.01 93.02 -50.97
C GLY VA 45 -22.83 94.00 -49.84
N LYS VA 46 -23.85 94.21 -49.00
CA LYS VA 46 -23.88 95.30 -48.05
C LYS VA 46 -22.82 95.30 -46.95
N ARG VA 47 -22.27 96.49 -46.60
CA ARG VA 47 -21.47 96.69 -45.39
C ARG VA 47 -22.20 96.42 -44.07
N VAL VA 48 -21.51 95.76 -43.12
CA VAL VA 48 -22.03 95.35 -41.82
C VAL VA 48 -21.15 95.93 -40.71
N ALA VA 49 -21.77 96.40 -39.61
CA ALA VA 49 -21.09 96.97 -38.48
C ALA VA 49 -21.43 96.21 -37.21
N TYR VA 50 -20.42 95.66 -36.51
CA TYR VA 50 -20.60 95.12 -35.19
C TYR VA 50 -20.10 96.14 -34.17
N VAL VA 51 -21.03 96.79 -33.45
CA VAL VA 51 -20.74 97.80 -32.46
C VAL VA 51 -20.86 97.21 -31.07
N TYR VA 52 -19.89 97.52 -30.19
CA TYR VA 52 -19.85 96.95 -28.86
C TYR VA 52 -19.32 97.94 -27.84
N ARG VA 53 -19.74 97.77 -26.58
CA ARG VA 53 -19.42 98.66 -25.51
C ARG VA 53 -18.38 98.01 -24.61
N THR VA 54 -17.38 98.79 -24.18
CA THR VA 54 -16.20 98.31 -23.48
C THR VA 54 -16.38 98.21 -21.98
N THR VA 55 -15.40 97.62 -21.28
CA THR VA 55 -15.33 97.65 -19.82
C THR VA 55 -15.04 99.05 -19.30
N LYS VA 56 -14.07 99.76 -19.91
CA LYS VA 56 -13.68 101.10 -19.53
C LYS VA 56 -13.19 101.88 -20.74
N HIS VA 57 -12.93 103.19 -20.58
CA HIS VA 57 -12.48 104.05 -21.67
C HIS VA 57 -11.22 103.59 -22.37
N HIS VA 58 -11.16 103.82 -23.69
CA HIS VA 58 -9.93 103.72 -24.44
C HIS VA 58 -9.42 105.14 -24.63
N ASP VA 59 -9.38 105.65 -25.88
CA ASP VA 59 -8.89 106.98 -26.20
C ASP VA 59 -9.63 108.09 -25.46
N GLY VA 60 -10.96 107.92 -25.39
CA GLY VA 60 -11.84 108.76 -24.60
C GLY VA 60 -13.25 108.25 -24.59
N VAL VA 61 -13.62 107.35 -25.52
CA VAL VA 61 -14.93 106.73 -25.55
C VAL VA 61 -14.90 105.29 -25.05
N LYS VA 62 -16.09 104.75 -24.72
CA LYS VA 62 -16.25 103.37 -24.31
C LYS VA 62 -16.93 102.54 -25.39
N ILE VA 63 -17.06 103.07 -26.62
CA ILE VA 63 -17.74 102.37 -27.70
C ILE VA 63 -16.73 102.02 -28.78
N LYS VA 64 -16.76 100.77 -29.25
CA LYS VA 64 -15.83 100.23 -30.21
C LYS VA 64 -16.55 99.53 -31.37
N CYS VA 65 -15.83 99.23 -32.48
CA CYS VA 65 -16.45 98.76 -33.71
C CYS VA 65 -15.58 97.73 -34.41
N ILE VA 66 -16.21 96.66 -34.90
CA ILE VA 66 -15.63 95.78 -35.90
C ILE VA 66 -16.46 95.95 -37.18
N TRP VA 67 -15.77 96.09 -38.33
CA TRP VA 67 -16.40 96.31 -39.61
C TRP VA 67 -16.33 95.05 -40.46
N GLY VA 68 -17.42 94.76 -41.21
CA GLY VA 68 -17.48 93.65 -42.14
C GLY VA 68 -18.36 93.94 -43.32
N LYS VA 69 -18.54 92.93 -44.18
CA LYS VA 69 -19.49 92.94 -45.28
C LYS VA 69 -20.12 91.56 -45.37
N VAL VA 70 -21.45 91.46 -45.53
CA VAL VA 70 -22.04 90.26 -46.09
C VAL VA 70 -21.50 89.97 -47.49
N CYS VA 71 -21.39 88.68 -47.85
CA CYS VA 71 -20.64 88.31 -49.02
C CYS VA 71 -21.14 87.08 -49.78
N ARG VA 72 -21.96 86.20 -49.16
CA ARG VA 72 -22.48 85.02 -49.83
C ARG VA 72 -23.47 84.32 -48.91
N THR VA 73 -24.43 83.55 -49.42
CA THR VA 73 -25.40 82.89 -48.53
C THR VA 73 -24.82 81.68 -47.80
N HIS VA 74 -25.50 81.23 -46.73
CA HIS VA 74 -25.20 80.00 -46.04
C HIS VA 74 -26.43 79.11 -45.92
N GLY VA 75 -27.55 79.50 -46.52
CA GLY VA 75 -28.76 78.70 -46.42
C GLY VA 75 -29.84 79.22 -47.30
N ASN VA 76 -31.03 78.64 -47.17
CA ASN VA 76 -32.14 78.90 -48.06
C ASN VA 76 -33.24 79.63 -47.33
N SER VA 77 -33.08 79.78 -46.02
CA SER VA 77 -34.05 80.32 -45.09
C SER VA 77 -33.54 81.58 -44.42
N GLY VA 78 -32.56 82.27 -45.05
CA GLY VA 78 -32.12 83.61 -44.63
C GLY VA 78 -30.83 83.70 -43.86
N VAL VA 79 -30.18 82.58 -43.56
CA VAL VA 79 -28.81 82.57 -43.05
C VAL VA 79 -27.77 83.01 -44.08
N ILE VA 80 -27.05 84.12 -43.85
CA ILE VA 80 -26.10 84.66 -44.79
C ILE VA 80 -24.71 84.75 -44.16
N ARG VA 81 -23.65 84.50 -44.95
CA ARG VA 81 -22.26 84.63 -44.52
C ARG VA 81 -21.76 86.07 -44.63
N ALA VA 82 -21.12 86.57 -43.57
CA ALA VA 82 -20.45 87.84 -43.55
C ALA VA 82 -18.99 87.69 -43.18
N LYS VA 83 -18.11 88.37 -43.92
CA LYS VA 83 -16.70 88.38 -43.64
C LYS VA 83 -16.31 89.71 -43.04
N PHE VA 84 -15.62 89.68 -41.88
CA PHE VA 84 -15.22 90.86 -41.16
C PHE VA 84 -13.72 91.07 -41.33
N LYS VA 85 -13.24 92.30 -41.05
CA LYS VA 85 -11.84 92.65 -41.27
C LYS VA 85 -10.90 91.99 -40.27
N THR VA 86 -11.45 91.48 -39.15
CA THR VA 86 -10.74 90.60 -38.23
C THR VA 86 -11.76 89.63 -37.66
N HIS VA 87 -11.33 88.48 -37.13
CA HIS VA 87 -12.21 87.52 -36.49
C HIS VA 87 -12.94 88.09 -35.27
N ILE VA 88 -14.26 87.88 -35.19
CA ILE VA 88 -15.11 88.45 -34.15
C ILE VA 88 -15.13 87.58 -32.89
N PRO VA 89 -15.48 88.07 -31.71
CA PRO VA 89 -15.37 87.27 -30.51
C PRO VA 89 -16.43 86.19 -30.40
N PRO VA 90 -16.16 84.98 -29.92
CA PRO VA 90 -17.17 84.03 -29.48
C PRO VA 90 -18.09 84.58 -28.39
N LYS VA 91 -17.61 85.58 -27.62
CA LYS VA 91 -18.40 86.31 -26.65
C LYS VA 91 -19.67 86.91 -27.24
N ALA VA 92 -19.59 87.34 -28.52
CA ALA VA 92 -20.61 88.12 -29.16
C ALA VA 92 -21.60 87.26 -29.95
N PHE VA 93 -21.48 85.91 -29.85
CA PHE VA 93 -22.43 85.04 -30.49
C PHE VA 93 -23.86 85.24 -29.98
N GLY VA 94 -24.82 85.37 -30.92
CA GLY VA 94 -26.22 85.64 -30.63
C GLY VA 94 -26.54 87.08 -30.36
N ASP VA 95 -25.56 87.98 -30.48
CA ASP VA 95 -25.76 89.40 -30.31
C ASP VA 95 -26.36 90.05 -31.56
N ARG VA 96 -26.81 91.29 -31.42
CA ARG VA 96 -27.33 92.07 -32.49
C ARG VA 96 -26.18 92.76 -33.23
N VAL VA 97 -26.34 92.93 -34.55
CA VAL VA 97 -25.37 93.53 -35.43
C VAL VA 97 -26.11 94.54 -36.29
N ARG VA 98 -25.41 95.53 -36.88
CA ARG VA 98 -26.02 96.65 -37.57
C ARG VA 98 -25.71 96.61 -39.06
N ILE VA 99 -26.75 96.71 -39.89
CA ILE VA 99 -26.69 96.51 -41.32
C ILE VA 99 -26.95 97.87 -41.97
N LEU VA 100 -25.90 98.46 -42.58
CA LEU VA 100 -26.00 99.72 -43.30
C LEU VA 100 -26.72 99.53 -44.62
N MET VA 101 -27.43 100.58 -45.12
CA MET VA 101 -28.17 100.45 -46.36
C MET VA 101 -27.28 100.59 -47.57
N TYR VA 102 -26.06 101.12 -47.44
CA TYR VA 102 -25.16 101.25 -48.57
C TYR VA 102 -24.37 99.97 -48.84
N PRO VA 103 -23.89 99.68 -50.04
CA PRO VA 103 -23.95 100.53 -51.24
C PRO VA 103 -25.34 100.71 -51.83
N ALA WA 1 17.98 38.17 59.71
CA ALA WA 1 19.16 39.08 59.85
C ALA WA 1 19.66 39.65 58.54
N GLN WA 2 20.78 40.39 58.57
CA GLN WA 2 21.51 40.81 57.40
C GLN WA 2 21.99 39.65 56.53
N ARG WA 3 22.23 39.93 55.24
CA ARG WA 3 22.91 39.01 54.35
C ARG WA 3 24.41 39.12 54.54
N VAL WA 4 25.18 38.13 54.06
CA VAL WA 4 26.63 38.22 54.09
C VAL WA 4 27.17 38.72 52.77
N HIS WA 5 28.42 39.20 52.79
CA HIS WA 5 29.19 39.47 51.59
C HIS WA 5 30.45 38.65 51.65
N TYR WA 6 30.95 38.19 50.48
CA TYR WA 6 32.25 37.56 50.38
C TYR WA 6 33.38 38.52 50.70
N ARG WA 7 34.48 38.01 51.28
CA ARG WA 7 35.66 38.80 51.55
C ARG WA 7 36.90 38.23 50.87
N ARG WA 8 36.87 36.95 50.46
CA ARG WA 8 38.10 36.21 50.25
C ARG WA 8 38.56 36.17 48.81
N HIS WA 9 37.91 36.95 47.93
CA HIS WA 9 38.03 36.85 46.48
C HIS WA 9 37.56 35.52 45.92
N ASN WA 10 37.43 35.40 44.58
CA ASN WA 10 37.04 34.17 43.89
C ASN WA 10 35.71 33.60 44.37
N HIS WA 11 34.66 34.43 44.33
CA HIS WA 11 33.44 34.27 45.11
C HIS WA 11 32.49 33.18 44.65
N TYR WA 12 32.89 31.92 44.88
CA TYR WA 12 32.16 30.74 44.49
C TYR WA 12 32.19 29.75 45.64
N ASN WA 13 31.24 28.79 45.68
CA ASN WA 13 31.13 27.81 46.75
C ASN WA 13 31.64 26.44 46.29
N THR WA 14 32.88 26.41 45.80
CA THR WA 14 33.58 25.18 45.41
C THR WA 14 34.03 24.39 46.62
N LYS WA 15 34.52 23.15 46.42
CA LYS WA 15 35.01 22.28 47.47
C LYS WA 15 36.09 22.88 48.38
N SER WA 16 36.94 23.79 47.85
CA SER WA 16 37.95 24.48 48.61
C SER WA 16 37.47 25.82 49.15
N ASN WA 17 36.21 26.22 48.86
CA ASN WA 17 35.66 27.49 49.24
C ASN WA 17 34.37 27.28 50.02
N LYS WA 18 34.52 26.77 51.27
CA LYS WA 18 33.42 26.53 52.17
C LYS WA 18 33.57 27.42 53.40
N VAL WA 19 32.44 27.86 53.97
CA VAL WA 19 32.38 29.10 54.73
C VAL WA 19 31.59 28.98 56.02
N ARG WA 20 32.05 29.71 57.05
CA ARG WA 20 31.33 29.86 58.30
C ARG WA 20 30.99 31.34 58.46
N PRO WA 21 29.74 31.78 58.42
CA PRO WA 21 29.36 33.11 58.90
C PRO WA 21 29.59 33.30 60.40
N VAL WA 22 30.11 34.47 60.83
CA VAL WA 22 30.31 34.81 62.23
C VAL WA 22 29.91 36.25 62.50
N ARG WA 23 29.22 36.53 63.64
CA ARG WA 23 28.90 37.90 64.00
C ARG WA 23 30.05 38.57 64.77
N THR WA 24 30.42 39.79 64.38
CA THR WA 24 31.58 40.50 64.89
C THR WA 24 31.34 41.23 66.21
N PRO WA 25 32.40 41.70 66.86
CA PRO WA 25 32.33 42.74 67.87
C PRO WA 25 31.67 44.03 67.41
N GLY WA 26 31.65 44.32 66.09
CA GLY WA 26 30.88 45.42 65.54
C GLY WA 26 29.43 45.09 65.35
N GLY WA 27 29.03 43.84 65.64
CA GLY WA 27 27.68 43.35 65.49
C GLY WA 27 27.34 42.99 64.06
N LYS WA 28 28.34 42.96 63.18
CA LYS WA 28 28.19 42.74 61.77
C LYS WA 28 28.32 41.25 61.51
N LEU WA 29 27.48 40.66 60.65
CA LEU WA 29 27.65 39.27 60.31
C LEU WA 29 28.64 39.20 59.14
N THR WA 30 29.79 38.55 59.34
CA THR WA 30 30.84 38.47 58.34
C THR WA 30 31.14 37.01 58.05
N ILE WA 31 32.09 36.74 57.15
CA ILE WA 31 32.35 35.43 56.61
C ILE WA 31 33.81 35.01 56.80
N HIS WA 32 34.06 33.74 57.17
CA HIS WA 32 35.39 33.17 57.08
C HIS WA 32 35.39 31.88 56.28
N VAL WA 33 36.34 31.75 55.33
CA VAL WA 33 36.61 30.52 54.61
C VAL WA 33 37.50 29.60 55.45
N VAL WA 34 36.97 28.45 55.90
CA VAL WA 34 37.75 27.49 56.66
C VAL WA 34 38.81 26.76 55.86
N LYS WA 35 39.93 26.35 56.50
CA LYS WA 35 40.88 25.45 55.86
C LYS WA 35 40.27 24.09 55.51
N LYS WA 36 40.73 23.52 54.39
CA LYS WA 36 40.22 22.29 53.81
C LYS WA 36 40.38 21.05 54.69
N LYS WA 37 39.39 20.14 54.66
CA LYS WA 37 39.48 18.83 55.29
C LYS WA 37 40.63 18.01 54.73
N ALA WA 38 41.46 17.39 55.58
CA ALA WA 38 42.63 16.66 55.17
C ALA WA 38 42.56 15.19 55.58
N GLY WA 39 42.94 14.28 54.67
CA GLY WA 39 43.15 12.87 54.94
C GLY WA 39 44.13 12.58 56.06
N LYS WA 40 43.91 11.46 56.77
CA LYS WA 40 44.72 11.11 57.92
C LYS WA 40 45.95 10.29 57.51
N PRO WA 41 47.13 10.44 58.13
CA PRO WA 41 48.22 9.48 58.09
C PRO WA 41 47.83 8.04 58.37
N LYS WA 42 48.44 7.07 57.67
CA LYS WA 42 47.97 5.70 57.66
C LYS WA 42 49.08 4.68 57.76
N CYS WA 43 48.70 3.44 58.15
CA CYS WA 43 49.52 2.26 58.01
C CYS WA 43 49.55 1.84 56.55
N ALA WA 44 50.73 1.79 55.92
CA ALA WA 44 50.86 1.54 54.51
C ALA WA 44 50.32 0.20 54.03
N ASP WA 45 50.65 -0.91 54.72
CA ASP WA 45 50.22 -2.23 54.32
C ASP WA 45 48.77 -2.53 54.65
N CYS WA 46 48.20 -1.82 55.63
CA CYS WA 46 46.82 -2.03 56.01
C CYS WA 46 45.89 -1.04 55.35
N LYS WA 47 46.43 0.10 54.87
CA LYS WA 47 45.70 1.19 54.24
C LYS WA 47 44.65 1.81 55.16
N THR WA 48 45.02 2.05 56.43
CA THR WA 48 44.10 2.53 57.46
C THR WA 48 44.79 3.52 58.36
N ALA WA 49 44.06 4.54 58.84
CA ALA WA 49 44.57 5.60 59.68
C ALA WA 49 45.19 5.16 61.02
N ILE WA 50 46.22 5.88 61.50
CA ILE WA 50 46.98 5.48 62.67
C ILE WA 50 46.88 6.44 63.84
N GLN WA 51 46.92 5.88 65.05
CA GLN WA 51 46.92 6.53 66.33
C GLN WA 51 48.03 7.53 66.57
N GLY WA 52 47.76 8.54 67.40
CA GLY WA 52 48.72 9.51 67.91
C GLY WA 52 49.05 10.62 66.95
N VAL WA 53 49.32 10.26 65.69
CA VAL WA 53 49.69 11.18 64.65
C VAL WA 53 48.57 12.14 64.27
N LYS WA 54 48.84 13.46 64.37
CA LYS WA 54 47.90 14.50 63.99
C LYS WA 54 47.61 14.53 62.49
N ALA WA 55 46.39 14.91 62.12
CA ALA WA 55 46.00 15.07 60.74
C ALA WA 55 45.97 16.55 60.40
N LEU WA 56 46.84 16.97 59.47
CA LEU WA 56 47.07 18.37 59.18
C LEU WA 56 47.30 18.56 57.70
N ARG WA 57 46.94 19.76 57.20
CA ARG WA 57 47.23 20.18 55.85
C ARG WA 57 48.73 20.31 55.62
N PRO WA 58 49.35 20.13 54.45
CA PRO WA 58 50.81 20.10 54.35
C PRO WA 58 51.52 21.36 54.77
N ALA WA 59 50.83 22.51 54.82
CA ALA WA 59 51.38 23.74 55.35
C ALA WA 59 51.51 23.69 56.87
N ASP WA 60 50.47 23.20 57.53
CA ASP WA 60 50.42 23.06 58.95
C ASP WA 60 51.31 21.91 59.38
N ASN WA 61 51.41 20.85 58.56
CA ASN WA 61 52.29 19.73 58.79
C ASN WA 61 53.77 20.12 58.71
N TYR WA 62 54.11 21.17 57.95
CA TYR WA 62 55.45 21.71 57.81
C TYR WA 62 55.85 22.50 59.07
N ARG WA 63 54.91 23.26 59.64
CA ARG WA 63 55.11 24.00 60.87
C ARG WA 63 55.01 23.13 62.14
N ALA WA 64 54.28 22.01 62.06
CA ALA WA 64 53.98 21.13 63.17
C ALA WA 64 55.18 20.59 63.92
N ARG WA 65 55.04 20.44 65.25
CA ARG WA 65 56.13 20.01 66.11
C ARG WA 65 56.43 18.53 65.92
N ARG WA 66 57.71 18.13 66.07
CA ARG WA 66 58.17 16.87 65.50
C ARG WA 66 57.59 15.63 66.17
N LYS WA 67 57.25 15.73 67.47
CA LYS WA 67 56.57 14.69 68.22
C LYS WA 67 55.22 14.29 67.65
N ASN WA 68 54.52 15.25 67.03
CA ASN WA 68 53.18 15.10 66.51
C ASN WA 68 53.14 14.28 65.23
N ARG WA 69 54.22 14.33 64.44
CA ARG WA 69 54.27 13.80 63.10
C ARG WA 69 54.38 12.28 62.98
N THR WA 70 54.76 11.55 64.04
CA THR WA 70 55.16 10.16 63.92
C THR WA 70 55.02 9.43 65.24
N VAL WA 71 55.29 8.11 65.25
CA VAL WA 71 55.20 7.26 66.43
C VAL WA 71 56.61 6.78 66.79
N ALA WA 72 56.96 6.71 68.09
CA ALA WA 72 58.30 6.35 68.53
C ALA WA 72 58.77 4.92 68.23
N ARG WA 73 57.91 3.92 68.47
CA ARG WA 73 58.23 2.52 68.28
C ARG WA 73 58.51 2.09 66.84
N ALA WA 74 59.60 1.32 66.65
CA ALA WA 74 59.99 0.69 65.39
C ALA WA 74 59.80 1.53 64.13
N TYR WA 75 59.05 1.01 63.13
CA TYR WA 75 58.77 1.64 61.84
C TYR WA 75 57.78 2.81 61.92
N GLY WA 76 57.73 3.48 63.07
CA GLY WA 76 57.01 4.71 63.38
C GLY WA 76 55.65 4.90 62.80
N GLY WA 77 55.41 6.05 62.16
CA GLY WA 77 54.15 6.36 61.53
C GLY WA 77 53.90 5.69 60.19
N SER WA 78 54.88 4.92 59.65
CA SER WA 78 54.67 4.22 58.40
C SER WA 78 53.74 3.03 58.49
N ILE WA 79 53.86 2.23 59.57
CA ILE WA 79 53.03 1.06 59.76
C ILE WA 79 52.67 0.87 61.22
N CYS WA 80 51.57 0.14 61.50
CA CYS WA 80 51.03 -0.07 62.82
C CYS WA 80 51.68 -1.23 63.56
N ALA WA 81 51.51 -1.26 64.90
CA ALA WA 81 52.13 -2.22 65.79
C ALA WA 81 51.74 -3.66 65.50
N ARG WA 82 50.45 -3.94 65.22
CA ARG WA 82 50.01 -5.24 64.76
C ARG WA 82 50.67 -5.69 63.45
N CYS WA 83 50.88 -4.77 62.49
CA CYS WA 83 51.58 -5.06 61.25
C CYS WA 83 53.04 -5.41 61.48
N ILE WA 84 53.70 -4.62 62.34
CA ILE WA 84 55.07 -4.81 62.79
C ILE WA 84 55.28 -6.19 63.41
N ARG WA 85 54.38 -6.60 64.33
CA ARG WA 85 54.34 -7.90 64.96
C ARG WA 85 54.32 -9.05 63.95
N GLU WA 86 53.42 -8.99 62.97
CA GLU WA 86 53.28 -10.02 61.96
C GLU WA 86 54.56 -10.20 61.16
N ARG WA 87 55.16 -9.07 60.75
CA ARG WA 87 56.42 -9.05 60.06
C ARG WA 87 57.56 -9.61 60.92
N ILE WA 88 57.69 -9.19 62.20
CA ILE WA 88 58.68 -9.75 63.11
C ILE WA 88 58.54 -11.26 63.28
N MET WA 89 57.32 -11.76 63.49
CA MET WA 89 57.06 -13.19 63.59
C MET WA 89 57.44 -13.96 62.34
N ARG WA 90 57.02 -13.46 61.17
CA ARG WA 90 57.36 -14.03 59.88
C ARG WA 90 58.84 -14.08 59.60
N ALA WA 91 59.54 -12.97 59.93
CA ALA WA 91 60.97 -12.84 59.79
C ALA WA 91 61.70 -13.83 60.68
N PHE WA 92 61.16 -14.09 61.88
CA PHE WA 92 61.75 -14.97 62.85
C PHE WA 92 61.57 -16.40 62.36
N LEU WA 93 60.35 -16.78 61.95
CA LEU WA 93 60.11 -18.11 61.44
C LEU WA 93 60.90 -18.48 60.20
N PHE WA 94 60.98 -17.56 59.21
CA PHE WA 94 61.69 -17.84 57.97
C PHE WA 94 63.18 -18.15 58.15
N GLU WA 95 63.88 -17.41 59.04
CA GLU WA 95 65.25 -17.71 59.39
C GLU WA 95 65.44 -19.06 60.07
N GLU WA 96 64.55 -19.39 61.03
CA GLU WA 96 64.51 -20.69 61.68
C GLU WA 96 64.31 -21.81 60.68
N GLN WA 97 63.31 -21.69 59.79
CA GLN WA 97 63.11 -22.62 58.69
C GLN WA 97 64.31 -22.77 57.76
N LYS WA 98 64.95 -21.65 57.37
CA LYS WA 98 66.10 -21.62 56.50
C LYS WA 98 67.27 -22.45 57.02
N CYS WA 99 67.64 -22.27 58.31
CA CYS WA 99 68.65 -23.11 58.94
C CYS WA 99 68.28 -24.59 58.99
N VAL WA 100 67.02 -24.94 59.33
CA VAL WA 100 66.57 -26.32 59.42
C VAL WA 100 66.63 -27.02 58.08
N ARG WA 101 66.17 -26.36 57.00
CA ARG WA 101 66.28 -26.84 55.64
C ARG WA 101 67.72 -27.10 55.18
N GLN WA 102 68.66 -26.17 55.47
CA GLN WA 102 70.09 -26.35 55.23
C GLN WA 102 70.70 -27.57 55.94
N VAL WA 103 70.37 -27.79 57.23
CA VAL WA 103 70.70 -29.02 57.95
C VAL WA 103 70.11 -30.27 57.29
N LEU WA 104 68.82 -30.22 56.95
CA LEU WA 104 68.03 -31.30 56.39
C LEU WA 104 68.50 -31.87 55.05
N LYS WA 105 68.87 -31.00 54.08
CA LYS WA 105 68.90 -31.36 52.67
C LYS WA 105 69.80 -32.52 52.19
N GLU WA 106 71.06 -32.66 52.67
CA GLU WA 106 72.00 -33.66 52.16
C GLU WA 106 71.56 -35.14 52.43
N GLY XA 1 74.44 19.48 -53.59
CA GLY XA 1 75.11 18.12 -53.53
C GLY XA 1 76.49 18.05 -54.14
N ARG XA 2 77.45 17.41 -53.44
CA ARG XA 2 78.79 17.12 -53.94
C ARG XA 2 79.60 18.32 -54.41
N LYS XA 3 79.79 19.33 -53.55
CA LYS XA 3 80.65 20.46 -53.87
C LYS XA 3 82.10 20.05 -54.14
N SER XA 4 82.75 20.63 -55.16
CA SER XA 4 84.09 20.20 -55.60
C SER XA 4 85.23 20.42 -54.59
N THR XA 5 86.17 19.46 -54.50
CA THR XA 5 87.41 19.61 -53.73
C THR XA 5 88.65 19.59 -54.62
N ILE XA 6 88.51 19.31 -55.93
CA ILE XA 6 89.67 19.04 -56.78
C ILE XA 6 89.61 19.68 -58.15
N LYS XA 7 88.41 19.95 -58.73
CA LYS XA 7 88.30 20.60 -60.03
C LYS XA 7 87.49 21.89 -59.89
N PRO XA 8 88.04 23.10 -60.07
CA PRO XA 8 87.34 24.36 -59.90
C PRO XA 8 85.95 24.51 -60.48
N ALA XA 9 85.08 25.23 -59.76
CA ALA XA 9 83.73 25.52 -60.17
C ALA XA 9 83.63 26.28 -61.49
N THR XA 10 82.59 25.97 -62.27
CA THR XA 10 82.55 26.28 -63.69
C THR XA 10 81.57 27.38 -64.02
N GLY XA 11 80.99 28.04 -63.01
CA GLY XA 11 80.09 29.16 -63.23
C GLY XA 11 78.68 28.76 -63.55
N ILE XA 12 78.28 27.54 -63.19
CA ILE XA 12 76.99 26.98 -63.54
C ILE XA 12 76.11 26.90 -62.30
N ALA XA 13 74.86 27.40 -62.39
CA ALA XA 13 74.01 27.72 -61.27
C ALA XA 13 73.03 26.60 -60.90
N VAL XA 14 73.38 25.34 -61.18
CA VAL XA 14 72.49 24.21 -60.96
C VAL XA 14 72.71 23.51 -59.63
N GLY XA 15 73.75 23.88 -58.86
CA GLY XA 15 73.99 23.32 -57.52
C GLY XA 15 74.74 22.01 -57.47
N PHE XA 16 75.48 21.68 -58.56
CA PHE XA 16 76.31 20.51 -58.69
C PHE XA 16 77.66 20.70 -57.96
N ASN XA 17 78.78 20.17 -58.52
CA ASN XA 17 80.14 20.50 -58.14
C ASN XA 17 80.40 21.99 -58.28
N SER XA 18 79.87 22.55 -59.40
CA SER XA 18 79.87 23.95 -59.81
C SER XA 18 79.28 24.97 -58.84
N GLY XA 19 79.19 26.22 -59.33
CA GLY XA 19 78.89 27.43 -58.60
C GLY XA 19 79.72 28.53 -59.20
N HIS XA 20 79.65 29.75 -58.63
CA HIS XA 20 80.46 30.88 -59.01
C HIS XA 20 81.98 30.66 -58.96
N VAL XA 21 82.73 31.33 -59.85
CA VAL XA 21 84.17 31.13 -60.04
C VAL XA 21 85.02 31.44 -58.81
N VAL XA 22 85.86 30.48 -58.38
CA VAL XA 22 86.59 30.55 -57.13
C VAL XA 22 87.79 29.60 -57.17
N THR XA 23 88.85 29.86 -56.38
CA THR XA 23 89.90 28.88 -56.12
C THR XA 23 90.04 28.72 -54.62
N LYS XA 24 89.66 27.54 -54.09
CA LYS XA 24 89.80 27.23 -52.68
C LYS XA 24 91.26 27.23 -52.22
N ARG XA 25 91.55 27.73 -51.00
CA ARG XA 25 92.92 27.90 -50.57
C ARG XA 25 93.42 26.76 -49.68
N ASN XA 26 92.54 25.78 -49.38
CA ASN XA 26 92.88 24.60 -48.62
C ASN XA 26 93.20 23.43 -49.61
N SER XA 37 97.66 4.29 -30.77
CA SER XA 37 98.91 4.88 -30.18
C SER XA 37 99.49 4.00 -29.06
N LYS XA 38 99.84 4.53 -27.86
CA LYS XA 38 100.38 3.68 -26.80
C LYS XA 38 99.77 3.90 -25.42
N ARG XA 39 99.61 5.18 -24.98
CA ARG XA 39 99.31 5.47 -23.59
C ARG XA 39 97.91 5.03 -23.12
N LYS XA 40 96.87 5.38 -23.91
CA LYS XA 40 95.50 4.98 -23.66
C LYS XA 40 95.29 3.49 -23.69
N GLU XA 41 95.95 2.80 -24.61
CA GLU XA 41 95.99 1.37 -24.75
C GLU XA 41 96.57 0.69 -23.51
N LEU XA 42 97.66 1.21 -22.94
CA LEU XA 42 98.17 0.72 -21.67
C LEU XA 42 97.18 0.89 -20.52
N ILE XA 43 96.54 2.08 -20.42
CA ILE XA 43 95.49 2.33 -19.44
C ILE XA 43 94.36 1.31 -19.55
N LYS XA 44 93.90 1.03 -20.78
CA LYS XA 44 92.81 0.13 -21.08
C LYS XA 44 93.08 -1.30 -20.65
N ASP XA 45 94.29 -1.79 -20.94
CA ASP XA 45 94.75 -3.07 -20.50
C ASP XA 45 94.79 -3.18 -18.97
N VAL XA 46 95.35 -2.17 -18.28
CA VAL XA 46 95.37 -2.11 -16.83
C VAL XA 46 93.97 -2.08 -16.22
N VAL XA 47 93.07 -1.23 -16.74
CA VAL XA 47 91.68 -1.16 -16.30
C VAL XA 47 90.94 -2.48 -16.47
N ARG XA 48 91.12 -3.19 -17.60
CA ARG XA 48 90.55 -4.50 -17.79
C ARG XA 48 91.08 -5.55 -16.83
N GLU XA 49 92.39 -5.58 -16.53
CA GLU XA 49 92.94 -6.47 -15.51
C GLU XA 49 92.31 -6.24 -14.14
N ILE XA 50 92.11 -4.97 -13.74
CA ILE XA 50 91.42 -4.62 -12.52
C ILE XA 50 89.95 -5.01 -12.53
N THR XA 51 89.22 -4.68 -13.62
CA THR XA 51 87.76 -4.75 -13.65
C THR XA 51 87.12 -5.98 -14.28
N GLY XA 52 87.83 -6.76 -15.11
CA GLY XA 52 87.21 -7.81 -15.92
C GLY XA 52 86.16 -7.34 -16.90
N PHE XA 53 85.05 -8.12 -17.04
CA PHE XA 53 84.02 -7.88 -18.03
C PHE XA 53 82.64 -7.75 -17.40
N SER XA 54 81.79 -6.90 -17.99
CA SER XA 54 80.39 -6.73 -17.63
C SER XA 54 79.56 -7.98 -17.92
N PRO XA 55 78.49 -8.29 -17.21
CA PRO XA 55 77.67 -9.46 -17.47
C PRO XA 55 77.14 -9.58 -18.89
N TYR XA 56 76.74 -8.47 -19.53
CA TYR XA 56 76.34 -8.53 -20.92
C TYR XA 56 77.49 -8.85 -21.86
N GLU XA 57 78.68 -8.26 -21.61
CA GLU XA 57 79.91 -8.57 -22.32
C GLU XA 57 80.23 -10.06 -22.27
N LYS XA 58 80.11 -10.67 -21.08
CA LYS XA 58 80.26 -12.11 -20.88
C LYS XA 58 79.26 -12.93 -21.67
N ARG XA 59 77.98 -12.54 -21.67
CA ARG XA 59 76.95 -13.19 -22.44
C ARG XA 59 77.23 -13.13 -23.94
N ILE XA 60 77.62 -11.95 -24.46
CA ILE XA 60 78.08 -11.77 -25.82
C ILE XA 60 79.27 -12.66 -26.15
N ILE XA 61 80.28 -12.78 -25.25
CA ILE XA 61 81.41 -13.67 -25.40
C ILE XA 61 80.96 -15.12 -25.58
N GLU XA 62 80.00 -15.60 -24.78
CA GLU XA 62 79.47 -16.94 -24.95
C GLU XA 62 78.77 -17.13 -26.28
N LEU XA 63 77.95 -16.16 -26.73
CA LEU XA 63 77.30 -16.21 -28.03
C LEU XA 63 78.28 -16.21 -29.20
N ILE XA 64 79.27 -15.31 -29.18
CA ILE XA 64 80.32 -15.24 -30.19
C ILE XA 64 81.18 -16.51 -30.21
N LYS XA 65 81.50 -17.07 -29.04
CA LYS XA 65 82.17 -18.35 -28.92
C LYS XA 65 81.41 -19.52 -29.55
N ILE XA 66 80.07 -19.61 -29.38
CA ILE XA 66 79.21 -20.57 -30.08
C ILE XA 66 79.41 -20.47 -31.58
N GLY XA 67 79.37 -19.24 -32.12
CA GLY XA 67 79.93 -18.95 -33.44
C GLY XA 67 79.13 -19.45 -34.61
N THR XA 68 77.80 -19.29 -34.55
CA THR XA 68 76.91 -19.67 -35.64
C THR XA 68 76.24 -18.43 -36.20
N SER XA 69 75.59 -18.55 -37.37
CA SER XA 69 74.81 -17.48 -37.96
C SER XA 69 73.67 -17.10 -37.06
N ALA XA 70 72.99 -18.11 -36.49
CA ALA XA 70 71.96 -17.93 -35.49
C ALA XA 70 72.44 -17.26 -34.20
N SER XA 71 73.59 -17.69 -33.62
CA SER XA 71 74.11 -17.08 -32.40
C SER XA 71 74.54 -15.65 -32.63
N THR XA 72 75.23 -15.39 -33.76
CA THR XA 72 75.68 -14.05 -34.12
C THR XA 72 74.53 -13.10 -34.38
N LYS XA 73 73.46 -13.53 -35.06
CA LYS XA 73 72.24 -12.74 -35.17
C LYS XA 73 71.63 -12.43 -33.80
N ARG XA 74 71.53 -13.45 -32.92
CA ARG XA 74 71.03 -13.33 -31.58
C ARG XA 74 71.80 -12.31 -30.74
N SER XA 75 73.14 -12.38 -30.82
CA SER XA 75 74.07 -11.48 -30.18
C SER XA 75 73.89 -10.04 -30.60
N LEU XA 76 73.77 -9.80 -31.92
CA LEU XA 76 73.53 -8.49 -32.46
C LEU XA 76 72.20 -7.91 -32.00
N LYS XA 77 71.14 -8.72 -32.01
CA LYS XA 77 69.83 -8.31 -31.53
C LYS XA 77 69.82 -7.98 -30.05
N TYR XA 78 70.45 -8.83 -29.22
CA TYR XA 78 70.61 -8.64 -27.80
C TYR XA 78 71.39 -7.38 -27.49
N ALA XA 79 72.50 -7.14 -28.20
CA ALA XA 79 73.27 -5.93 -28.05
C ALA XA 79 72.49 -4.69 -28.45
N LYS XA 80 71.77 -4.73 -29.59
CA LYS XA 80 70.95 -3.65 -30.07
C LYS XA 80 69.83 -3.32 -29.11
N LYS XA 81 69.16 -4.36 -28.55
CA LYS XA 81 68.14 -4.17 -27.54
C LYS XA 81 68.66 -3.53 -26.26
N LYS XA 82 69.80 -4.00 -25.71
CA LYS XA 82 70.36 -3.38 -24.53
C LYS XA 82 71.02 -2.03 -24.74
N LEU XA 83 71.89 -1.92 -25.75
CA LEU XA 83 72.72 -0.76 -25.97
C LEU XA 83 72.04 0.35 -26.73
N GLY XA 84 70.94 0.04 -27.46
CA GLY XA 84 70.15 1.03 -28.18
C GLY XA 84 70.75 1.47 -29.49
N THR XA 85 71.77 2.35 -29.40
CA THR XA 85 72.51 2.89 -30.54
C THR XA 85 73.19 1.79 -31.35
N HIS XA 86 72.75 1.65 -32.62
CA HIS XA 86 73.08 0.50 -33.44
C HIS XA 86 74.54 0.43 -33.82
N LYS XA 87 75.16 1.58 -34.15
CA LYS XA 87 76.56 1.69 -34.48
C LYS XA 87 77.43 1.26 -33.31
N ARG XA 88 77.06 1.75 -32.13
CA ARG XA 88 77.67 1.40 -30.86
C ARG XA 88 77.58 -0.07 -30.55
N GLY XA 89 76.40 -0.69 -30.75
CA GLY XA 89 76.19 -2.11 -30.53
C GLY XA 89 77.03 -2.99 -31.42
N LYS XA 90 77.07 -2.68 -32.72
CA LYS XA 90 77.95 -3.33 -33.67
C LYS XA 90 79.41 -3.19 -33.27
N ALA XA 91 79.82 -1.96 -32.90
CA ALA XA 91 81.14 -1.66 -32.40
C ALA XA 91 81.54 -2.47 -31.17
N LYS XA 92 80.67 -2.56 -30.16
CA LYS XA 92 80.88 -3.37 -28.98
C LYS XA 92 81.02 -4.84 -29.29
N ARG XA 93 80.10 -5.38 -30.13
CA ARG XA 93 80.16 -6.74 -30.63
C ARG XA 93 81.45 -7.04 -31.38
N GLU XA 94 81.90 -6.09 -32.22
CA GLU XA 94 83.16 -6.19 -32.92
C GLU XA 94 84.36 -6.25 -31.98
N GLU XA 95 84.38 -5.35 -30.99
CA GLU XA 95 85.38 -5.29 -29.96
C GLU XA 95 85.49 -6.57 -29.15
N ILE XA 96 84.35 -7.13 -28.72
CA ILE XA 96 84.32 -8.39 -28.01
C ILE XA 96 84.81 -9.55 -28.88
N GLN XA 97 84.36 -9.62 -30.14
CA GLN XA 97 84.82 -10.62 -31.09
C GLN XA 97 86.33 -10.63 -31.29
N LYS XA 98 86.92 -9.44 -31.45
CA LYS XA 98 88.36 -9.21 -31.50
C LYS XA 98 89.03 -9.70 -30.22
N VAL XA 99 88.46 -9.40 -29.04
CA VAL XA 99 88.99 -9.85 -27.75
C VAL XA 99 88.98 -11.36 -27.67
N VAL XA 100 87.91 -12.05 -28.09
CA VAL XA 100 87.90 -13.50 -28.16
C VAL XA 100 88.95 -14.05 -29.12
N ILE XA 101 89.16 -13.40 -30.28
CA ILE XA 101 90.24 -13.74 -31.20
C ILE XA 101 91.62 -13.57 -30.57
N LEU XA 102 91.87 -12.43 -29.89
CA LEU XA 102 93.09 -12.12 -29.16
C LEU XA 102 93.36 -13.10 -28.03
N GLN XA 103 92.31 -13.42 -27.24
CA GLN XA 103 92.33 -14.31 -26.10
C GLN XA 103 92.79 -15.71 -26.47
N ARG XA 104 92.32 -16.23 -27.63
CA ARG XA 104 92.72 -17.54 -28.11
C ARG XA 104 94.22 -17.71 -28.35
N ARG XA 105 94.91 -16.68 -28.86
CA ARG XA 105 96.35 -16.71 -29.07
C ARG XA 105 97.19 -16.97 -27.77
N PRO YA 1 48.19 37.45 72.13
CA PRO YA 1 47.92 37.68 73.58
C PRO YA 1 48.05 36.37 74.33
N LYS YA 2 48.61 36.39 75.56
CA LYS YA 2 48.69 35.21 76.40
C LYS YA 2 48.57 35.63 77.86
N GLN YA 3 47.70 34.99 78.66
CA GLN YA 3 47.62 35.29 80.07
C GLN YA 3 48.68 34.58 80.90
N ILE YA 4 49.11 35.22 82.00
CA ILE YA 4 50.16 34.74 82.88
C ILE YA 4 49.61 34.54 84.27
N THR YA 5 49.92 33.39 84.90
CA THR YA 5 49.41 33.00 86.22
C THR YA 5 50.48 32.97 87.30
N ASP YA 6 51.73 33.34 86.96
CA ASP YA 6 52.84 33.26 87.88
C ASP YA 6 53.60 34.60 87.89
N ILE YA 7 53.63 35.27 89.05
CA ILE YA 7 54.43 36.47 89.31
C ILE YA 7 55.90 36.33 88.94
N ARG YA 8 56.50 35.18 89.26
CA ARG YA 8 57.88 34.90 88.94
C ARG YA 8 58.11 34.84 87.44
N LYS YA 9 57.25 34.15 86.67
CA LYS YA 9 57.28 34.23 85.22
C LYS YA 9 57.03 35.62 84.69
N PHE YA 10 56.08 36.36 85.29
CA PHE YA 10 55.75 37.73 84.93
C PHE YA 10 56.97 38.65 85.05
N LEU YA 11 57.70 38.56 86.18
CA LEU YA 11 58.94 39.28 86.37
C LEU YA 11 60.02 38.84 85.39
N LYS YA 12 60.14 37.53 85.13
CA LYS YA 12 61.14 37.00 84.22
C LYS YA 12 60.96 37.47 82.79
N ILE YA 13 59.72 37.49 82.26
CA ILE YA 13 59.35 38.15 81.02
C ILE YA 13 59.65 39.64 81.03
N SER YA 14 59.29 40.33 82.13
CA SER YA 14 59.46 41.77 82.26
C SER YA 14 60.89 42.21 82.10
N ARG YA 15 61.82 41.46 82.72
CA ARG YA 15 63.25 41.71 82.70
C ARG YA 15 63.92 41.58 81.34
N LYS YA 16 63.30 40.86 80.38
CA LYS YA 16 63.80 40.76 79.02
C LYS YA 16 63.82 42.10 78.28
N PRO YA 17 64.77 42.39 77.40
CA PRO YA 17 64.89 43.71 76.76
C PRO YA 17 63.85 43.90 75.66
N ASP YA 18 63.10 42.85 75.27
CA ASP YA 18 62.06 42.93 74.29
C ASP YA 18 60.80 43.60 74.84
N THR YA 19 60.68 43.68 76.17
CA THR YA 19 59.67 44.46 76.86
C THR YA 19 59.78 45.94 76.54
N THR YA 20 58.67 46.60 76.17
CA THR YA 20 58.65 48.01 75.79
C THR YA 20 57.82 48.84 76.75
N ALA YA 21 56.68 48.31 77.20
CA ALA YA 21 55.78 49.08 78.02
C ALA YA 21 54.85 48.16 78.80
N VAL YA 22 54.21 48.71 79.84
CA VAL YA 22 53.19 48.01 80.58
C VAL YA 22 51.94 48.88 80.63
N ILE YA 23 50.78 48.25 80.51
CA ILE YA 23 49.50 48.90 80.38
C ILE YA 23 48.63 48.45 81.53
N ILE YA 24 48.01 49.39 82.26
CA ILE YA 24 47.20 49.05 83.41
C ILE YA 24 45.77 49.55 83.27
N MET YA 25 44.79 48.71 83.66
CA MET YA 25 43.41 49.14 83.73
C MET YA 25 42.67 48.41 84.85
N LYS YA 26 41.79 49.12 85.55
CA LYS YA 26 41.05 48.62 86.70
C LYS YA 26 39.57 48.58 86.37
N LYS YA 27 38.88 47.48 86.69
CA LYS YA 27 37.53 47.23 86.23
C LYS YA 27 36.48 47.33 87.32
N LYS YA 28 35.22 47.50 86.88
CA LYS YA 28 33.98 47.69 87.63
C LYS YA 28 33.86 47.07 89.01
N SER YA 29 33.44 47.87 90.03
CA SER YA 29 33.22 47.39 91.38
C SER YA 29 31.94 46.58 91.51
N LYS YA 30 32.06 45.31 91.92
CA LYS YA 30 30.92 44.43 92.10
C LYS YA 30 30.32 44.59 93.54
N THR YA 35 33.51 45.42 95.13
CA THR YA 35 34.90 44.84 94.96
C THR YA 35 35.50 45.05 93.57
N VAL YA 36 36.73 45.62 93.48
CA VAL YA 36 37.39 45.98 92.23
C VAL YA 36 38.49 44.99 91.87
N ILE YA 37 38.93 45.02 90.59
CA ILE YA 37 39.87 44.07 90.02
C ILE YA 37 40.74 44.77 88.98
N THR YA 38 41.97 44.27 88.75
CA THR YA 38 43.00 44.98 87.97
C THR YA 38 43.64 44.07 86.93
N LYS YA 39 43.54 44.43 85.63
CA LYS YA 39 44.28 43.78 84.58
C LYS YA 39 45.51 44.58 84.21
N LEU YA 40 46.69 43.93 84.32
CA LEU YA 40 47.94 44.52 83.94
C LEU YA 40 48.41 43.80 82.68
N LYS YA 41 48.55 44.52 81.57
CA LYS YA 41 48.95 43.96 80.30
C LYS YA 41 50.36 44.42 79.98
N LEU YA 42 51.29 43.51 79.74
CA LEU YA 42 52.68 43.79 79.55
C LEU YA 42 53.05 43.61 78.09
N ARG YA 43 53.75 44.59 77.50
CA ARG YA 43 54.00 44.64 76.08
C ARG YA 43 55.44 44.38 75.75
N THR YA 44 55.69 43.17 75.25
CA THR YA 44 56.91 42.79 74.59
C THR YA 44 56.65 42.97 73.12
N LYS YA 45 57.67 43.21 72.28
CA LYS YA 45 57.48 43.28 70.84
C LYS YA 45 56.85 42.01 70.27
N LYS YA 46 57.28 40.83 70.75
CA LYS YA 46 56.68 39.57 70.36
C LYS YA 46 55.23 39.39 70.78
N TYR YA 47 54.83 39.78 72.00
CA TYR YA 47 53.48 39.52 72.51
C TYR YA 47 53.06 40.47 73.62
N LEU YA 48 51.75 40.50 73.88
CA LEU YA 48 51.11 41.23 74.93
C LEU YA 48 50.65 40.20 75.93
N TYR YA 49 51.29 40.18 77.09
CA TYR YA 49 51.02 39.25 78.15
C TYR YA 49 50.06 39.87 79.16
N THR YA 50 49.04 39.14 79.67
CA THR YA 50 48.10 39.76 80.63
C THR YA 50 48.15 39.01 81.93
N MET YA 51 48.24 39.73 83.07
CA MET YA 51 48.08 39.15 84.38
C MET YA 51 46.95 39.84 85.13
N VAL YA 52 46.00 39.05 85.64
CA VAL YA 52 44.84 39.55 86.36
C VAL YA 52 45.11 39.53 87.84
N PHE YA 53 45.23 40.72 88.44
CA PHE YA 53 45.43 40.91 89.85
C PHE YA 53 44.14 41.29 90.55
N ALA YA 54 43.71 40.49 91.55
CA ALA YA 54 42.57 40.80 92.37
C ALA YA 54 42.72 42.08 93.18
N ASP YA 55 43.91 42.31 93.77
CA ASP YA 55 44.19 43.50 94.55
C ASP YA 55 44.99 44.51 93.71
N ARG YA 56 44.39 45.71 93.50
CA ARG YA 56 45.06 46.84 92.88
C ARG YA 56 46.34 47.25 93.56
N LYS YA 57 46.35 47.30 94.90
CA LYS YA 57 47.49 47.75 95.67
C LYS YA 57 48.71 46.87 95.46
N LYS YA 58 48.53 45.54 95.54
CA LYS YA 58 49.53 44.55 95.16
C LYS YA 58 50.02 44.72 93.74
N ALA YA 59 49.12 44.82 92.75
CA ALA YA 59 49.46 44.98 91.36
C ALA YA 59 50.28 46.22 91.07
N GLU YA 60 49.90 47.36 91.68
CA GLU YA 60 50.54 48.63 91.56
C GLU YA 60 51.93 48.64 92.18
N ARG YA 61 52.09 48.04 93.37
CA ARG YA 61 53.37 47.82 94.03
C ARG YA 61 54.30 46.96 93.21
N ILE YA 62 53.80 45.84 92.64
CA ILE YA 62 54.57 45.01 91.74
C ILE YA 62 54.99 45.78 90.50
N GLU YA 63 54.05 46.51 89.85
CA GLU YA 63 54.37 47.33 88.69
C GLU YA 63 55.42 48.39 88.94
N ASN YA 64 55.36 49.11 90.07
CA ASN YA 64 56.34 50.12 90.42
C ASN YA 64 57.73 49.52 90.67
N SER YA 65 57.77 48.39 91.39
CA SER YA 65 59.00 47.67 91.68
C SER YA 65 59.69 47.12 90.42
N LEU YA 66 58.93 46.59 89.45
CA LEU YA 66 59.43 46.20 88.14
C LEU YA 66 59.97 47.36 87.30
N LEU YA 67 61.20 47.19 86.76
CA LEU YA 67 61.88 48.02 85.77
C LEU YA 67 61.43 49.47 85.59
N PRO YA 68 61.88 50.45 86.37
CA PRO YA 68 61.23 51.77 86.46
C PRO YA 68 61.50 52.60 85.22
N SER YA 69 62.43 52.16 84.37
CA SER YA 69 62.74 52.71 83.08
C SER YA 69 61.60 52.62 82.06
N LEU YA 70 60.94 51.46 81.94
CA LEU YA 70 59.94 51.19 80.92
C LEU YA 70 58.67 52.03 80.99
N LYS YA 71 58.06 52.33 79.83
CA LYS YA 71 56.85 53.15 79.74
C LYS YA 71 55.62 52.54 80.41
N ARG YA 72 54.81 53.41 81.04
CA ARG YA 72 53.55 53.00 81.68
C ARG YA 72 52.40 53.64 80.91
N ILE YA 73 51.40 52.84 80.54
CA ILE YA 73 50.27 53.25 79.72
C ILE YA 73 48.99 53.07 80.51
N TYR YA 74 48.12 54.09 80.47
CA TYR YA 74 46.91 54.17 81.26
C TYR YA 74 45.73 54.43 80.34
N TYR YA 75 44.69 53.57 80.36
CA TYR YA 75 43.52 53.79 79.51
C TYR YA 75 42.48 54.85 79.92
N PRO YA 76 42.31 55.40 81.12
CA PRO YA 76 41.32 56.45 81.34
C PRO YA 76 41.66 57.77 80.63
N GLY ZA 1 38.06 42.02 32.84
CA GLY ZA 1 37.18 43.21 33.14
C GLY ZA 1 37.69 44.09 34.26
N SER ZA 2 37.38 43.77 35.53
CA SER ZA 2 37.98 44.45 36.68
C SER ZA 2 39.48 44.22 36.71
N ILE ZA 3 39.83 42.95 36.55
CA ILE ZA 3 41.10 42.39 36.21
C ILE ZA 3 41.59 42.91 34.87
N LYS ZA 4 42.86 43.32 34.80
CA LYS ZA 4 43.47 43.79 33.59
C LYS ZA 4 44.97 43.67 33.76
N ARG ZA 5 45.74 43.93 32.68
CA ARG ZA 5 47.20 43.90 32.70
C ARG ZA 5 47.72 45.22 32.19
N PHE ZA 6 49.02 45.48 32.38
CA PHE ZA 6 49.64 46.78 32.28
C PHE ZA 6 49.42 47.51 30.95
N ARG ZA 7 49.53 46.79 29.82
CA ARG ZA 7 49.27 47.40 28.52
C ARG ZA 7 47.87 47.96 28.36
N LEU ZA 8 46.82 47.20 28.77
CA LEU ZA 8 45.47 47.70 28.74
C LEU ZA 8 45.27 48.93 29.62
N LYS ZA 9 45.84 48.88 30.84
CA LYS ZA 9 45.77 49.97 31.79
C LYS ZA 9 46.35 51.27 31.25
N GLN ZA 10 47.55 51.18 30.67
CA GLN ZA 10 48.23 52.28 30.04
C GLN ZA 10 47.46 52.88 28.89
N ARG ZA 11 46.94 52.03 27.98
CA ARG ZA 11 46.15 52.47 26.85
C ARG ZA 11 44.88 53.17 27.21
N LEU ZA 12 44.13 52.66 28.19
CA LEU ZA 12 42.91 53.28 28.65
C LEU ZA 12 43.19 54.67 29.21
N GLY ZA 13 44.24 54.80 30.06
CA GLY ZA 13 44.68 56.11 30.53
C GLY ZA 13 45.11 57.05 29.42
N LYS ZA 14 45.82 56.53 28.41
CA LYS ZA 14 46.13 57.22 27.18
C LYS ZA 14 44.92 57.74 26.42
N CYS ZA 15 43.90 56.90 26.21
CA CYS ZA 15 42.67 57.26 25.55
C CYS ZA 15 41.91 58.32 26.31
N ARG ZA 16 41.82 58.18 27.65
CA ARG ZA 16 41.29 59.22 28.52
C ARG ZA 16 42.01 60.56 28.36
N ARG ZA 17 43.36 60.53 28.37
CA ARG ZA 17 44.23 61.68 28.18
C ARG ZA 17 44.01 62.38 26.83
N GLN ZA 18 43.94 61.58 25.75
CA GLN ZA 18 43.67 62.00 24.39
C GLN ZA 18 42.34 62.70 24.21
N ASN ZA 19 41.25 62.14 24.78
CA ASN ZA 19 39.89 62.57 24.56
C ASN ZA 19 39.60 64.06 24.80
N ARG ZA 20 40.11 64.64 25.92
CA ARG ZA 20 40.05 66.07 26.21
C ARG ZA 20 40.09 67.04 25.03
N PRO ZA 21 39.25 68.07 24.97
CA PRO ZA 21 39.18 68.99 23.84
C PRO ZA 21 40.45 69.79 23.57
N VAL ZA 22 40.54 70.38 22.36
CA VAL ZA 22 41.62 71.25 21.93
C VAL ZA 22 41.79 72.49 22.84
N PRO ZA 23 43.00 72.94 23.21
CA PRO ZA 23 43.18 74.12 24.05
C PRO ZA 23 42.93 75.41 23.30
N HIS ZA 24 42.28 76.38 23.97
CA HIS ZA 24 41.86 77.63 23.35
C HIS ZA 24 42.99 78.62 23.12
N TRP ZA 25 44.12 78.48 23.84
CA TRP ZA 25 45.29 79.32 23.62
C TRP ZA 25 45.95 79.09 22.27
N TYR ZA 26 45.98 77.83 21.78
CA TYR ZA 26 46.39 77.52 20.42
C TYR ZA 26 45.44 78.15 19.39
N ARG ZA 27 44.12 78.04 19.64
CA ARG ZA 27 43.05 78.38 18.72
C ARG ZA 27 43.10 79.82 18.22
N LEU ZA 28 43.48 80.77 19.08
CA LEU ZA 28 43.50 82.17 18.75
C LEU ZA 28 44.63 82.60 17.81
N LYS ZA 29 45.65 81.75 17.57
CA LYS ZA 29 46.67 82.04 16.59
C LYS ZA 29 46.17 81.77 15.13
N ASN ZA 37 38.12 70.55 12.78
CA ASN ZA 37 39.24 70.39 13.78
C ASN ZA 37 39.14 69.16 14.69
N THR ZA 38 38.45 69.28 15.85
CA THR ZA 38 38.39 68.32 16.94
C THR ZA 38 37.86 66.93 16.58
N LYS ZA 39 38.43 65.87 17.16
CA LYS ZA 39 37.83 64.54 17.18
C LYS ZA 39 37.69 64.10 18.62
N ARG ZA 40 36.44 63.98 19.09
CA ARG ZA 40 36.11 63.69 20.48
C ARG ZA 40 35.27 62.42 20.54
N ARG ZA 41 35.57 61.49 21.45
CA ARG ZA 41 34.87 60.21 21.55
C ARG ZA 41 33.89 60.25 22.71
N HIS ZA 42 32.66 59.75 22.50
CA HIS ZA 42 31.68 59.59 23.57
C HIS ZA 42 31.49 58.11 23.80
N TRP ZA 43 31.65 57.68 25.06
CA TRP ZA 43 31.87 56.30 25.42
C TRP ZA 43 30.76 55.35 25.01
N ARG ZA 44 29.48 55.70 25.24
CA ARG ZA 44 28.42 54.78 24.87
C ARG ZA 44 28.26 54.67 23.35
N ARG ZA 45 28.32 55.81 22.64
CA ARG ZA 45 28.16 55.86 21.19
C ARG ZA 45 29.29 55.27 20.40
N THR ZA 46 30.55 55.50 20.78
CA THR ZA 46 31.69 54.93 20.09
C THR ZA 46 32.58 54.20 21.08
N LYS ZA 47 32.69 52.87 20.92
CA LYS ZA 47 33.52 52.01 21.73
C LYS ZA 47 34.95 52.00 21.20
N LEU ZA 48 35.94 51.79 22.09
CA LEU ZA 48 37.35 51.76 21.71
C LEU ZA 48 37.67 50.64 20.75
N GLY ZA 49 37.03 49.47 20.92
CA GLY ZA 49 37.22 48.33 20.02
C GLY ZA 49 38.55 47.65 20.19
N LEU ZA 50 39.06 47.63 21.43
CA LEU ZA 50 40.31 47.00 21.77
C LEU ZA 50 40.12 45.47 22.01
N ALA AB 1 -84.33 19.97 -10.57
CA ALA AB 1 -83.73 21.35 -10.39
C ALA AB 1 -84.48 22.44 -11.14
N ILE AB 2 -84.14 22.69 -12.42
CA ILE AB 2 -84.63 23.81 -13.19
C ILE AB 2 -85.17 23.32 -14.51
N GLU AB 3 -85.94 24.15 -15.22
CA GLU AB 3 -86.38 23.87 -16.57
C GLU AB 3 -85.25 23.68 -17.57
N PRO AB 4 -85.41 22.86 -18.62
CA PRO AB 4 -84.52 22.78 -19.75
C PRO AB 4 -84.19 24.13 -20.34
N SER AB 5 -85.19 25.00 -20.52
CA SER AB 5 -85.00 26.36 -21.01
C SER AB 5 -84.10 27.22 -20.13
N LEU AB 6 -84.29 27.19 -18.79
CA LEU AB 6 -83.39 27.85 -17.86
C LEU AB 6 -81.97 27.33 -17.92
N ALA AB 7 -81.81 25.98 -17.96
CA ALA AB 7 -80.54 25.34 -18.15
C ALA AB 7 -79.86 25.74 -19.45
N GLN AB 8 -80.62 25.71 -20.56
CA GLN AB 8 -80.17 26.08 -21.89
C GLN AB 8 -79.69 27.50 -21.98
N LEU AB 9 -80.41 28.45 -21.34
CA LEU AB 9 -80.01 29.84 -21.26
C LEU AB 9 -78.70 30.02 -20.52
N ALA AB 10 -78.51 29.32 -19.40
CA ALA AB 10 -77.26 29.36 -18.70
C ALA AB 10 -76.12 28.68 -19.47
N GLN AB 11 -76.40 27.57 -20.18
CA GLN AB 11 -75.46 26.88 -21.03
C GLN AB 11 -75.02 27.70 -22.22
N LYS AB 12 -75.93 28.43 -22.87
CA LYS AB 12 -75.65 29.41 -23.90
C LYS AB 12 -74.55 30.39 -23.54
N TYR AB 13 -74.57 30.88 -22.28
CA TYR AB 13 -73.50 31.70 -21.77
C TYR AB 13 -72.29 30.89 -21.33
N ASN AB 14 -72.48 29.85 -20.51
CA ASN AB 14 -71.40 29.19 -19.80
C ASN AB 14 -70.69 28.07 -20.54
N CYS AB 15 -71.33 27.44 -21.53
CA CYS AB 15 -70.94 26.08 -21.93
C CYS AB 15 -70.81 25.93 -23.43
N GLN AB 16 -71.66 26.60 -24.23
CA GLN AB 16 -71.66 26.43 -25.67
C GLN AB 16 -70.51 27.15 -26.40
N LYS AB 17 -69.83 28.09 -25.71
CA LYS AB 17 -68.66 28.84 -26.15
C LYS AB 17 -67.55 28.03 -26.86
N LEU AB 18 -66.75 28.73 -27.69
CA LEU AB 18 -65.53 28.16 -28.25
C LEU AB 18 -64.37 28.53 -27.35
N ILE AB 19 -63.25 27.82 -27.48
CA ILE AB 19 -62.10 27.97 -26.63
C ILE AB 19 -60.89 28.01 -27.53
N CYS AB 20 -60.00 28.99 -27.35
CA CYS AB 20 -58.70 28.96 -27.99
C CYS AB 20 -57.85 27.76 -27.58
N ARG AB 21 -57.41 26.91 -28.53
CA ARG AB 21 -56.47 25.84 -28.23
C ARG AB 21 -55.09 26.37 -27.82
N LYS AB 22 -54.59 27.42 -28.51
CA LYS AB 22 -53.23 27.89 -28.32
C LYS AB 22 -53.09 29.02 -27.32
N CYS AB 23 -54.19 29.51 -26.73
CA CYS AB 23 -54.10 30.52 -25.68
C CYS AB 23 -55.27 30.50 -24.72
N TYR AB 24 -56.06 29.40 -24.69
CA TYR AB 24 -57.12 29.09 -23.73
C TYR AB 24 -58.37 29.98 -23.72
N ALA AB 25 -58.25 31.26 -24.16
CA ALA AB 25 -59.29 32.27 -24.25
C ALA AB 25 -60.71 31.82 -24.62
N ARG AB 26 -61.73 32.29 -23.87
CA ARG AB 26 -63.11 31.95 -24.12
C ARG AB 26 -63.77 32.82 -25.18
N LEU AB 27 -64.41 32.16 -26.18
CA LEU AB 27 -64.85 32.78 -27.40
C LEU AB 27 -66.30 32.50 -27.79
N HIS AB 28 -66.84 33.32 -28.71
CA HIS AB 28 -68.14 33.14 -29.31
C HIS AB 28 -68.29 31.81 -30.06
N PRO AB 29 -69.43 31.10 -30.03
CA PRO AB 29 -69.60 29.81 -30.69
C PRO AB 29 -69.29 29.68 -32.17
N ARG AB 30 -69.32 30.76 -32.97
CA ARG AB 30 -69.05 30.69 -34.40
C ARG AB 30 -67.77 31.41 -34.80
N ALA AB 31 -66.93 31.79 -33.81
CA ALA AB 31 -65.69 32.53 -33.99
C ALA AB 31 -64.65 31.90 -34.92
N THR AB 32 -63.80 32.75 -35.54
CA THR AB 32 -62.72 32.34 -36.43
C THR AB 32 -61.33 32.78 -35.98
N ASN AB 33 -61.19 33.46 -34.82
CA ASN AB 33 -59.88 33.92 -34.34
C ASN AB 33 -59.79 33.84 -32.82
N CYS AB 34 -58.56 33.85 -32.27
CA CYS AB 34 -58.34 33.69 -30.83
C CYS AB 34 -58.68 34.88 -29.96
N ARG AB 35 -58.87 36.07 -30.56
CA ARG AB 35 -59.17 37.31 -29.87
C ARG AB 35 -58.16 37.69 -28.79
N ASN AB 36 -56.87 37.57 -29.12
CA ASN AB 36 -55.83 37.80 -28.15
C ASN AB 36 -54.55 38.19 -28.87
N LYS AB 37 -53.69 38.96 -28.19
CA LYS AB 37 -52.30 39.16 -28.56
C LYS AB 37 -51.52 37.85 -28.50
N LYS AB 38 -51.83 37.00 -27.51
CA LYS AB 38 -51.33 35.64 -27.40
C LYS AB 38 -51.74 34.77 -28.57
N CYS AB 39 -50.73 34.25 -29.30
CA CYS AB 39 -50.86 33.50 -30.53
C CYS AB 39 -51.56 34.28 -31.65
N GLY AB 40 -51.29 35.59 -31.71
CA GLY AB 40 -51.46 36.47 -32.87
C GLY AB 40 -52.72 36.35 -33.70
N ARG AB 41 -53.91 36.32 -33.08
CA ARG AB 41 -55.19 36.14 -33.77
C ARG AB 41 -55.33 34.82 -34.55
N THR AB 42 -54.72 33.72 -34.06
CA THR AB 42 -54.83 32.38 -34.66
C THR AB 42 -56.25 31.83 -34.76
N ASN AB 43 -56.51 31.00 -35.79
CA ASN AB 43 -57.78 30.38 -36.05
C ASN AB 43 -57.89 29.00 -35.41
N GLN AB 44 -56.85 28.59 -34.65
CA GLN AB 44 -56.77 27.28 -34.04
C GLN AB 44 -57.64 27.14 -32.78
N LEU AB 45 -58.93 26.86 -32.99
CA LEU AB 45 -59.98 26.93 -32.00
C LEU AB 45 -60.60 25.55 -31.76
N ARG AB 46 -60.93 25.25 -30.50
CA ARG AB 46 -61.53 23.99 -30.10
C ARG AB 46 -62.83 24.28 -29.36
N PRO AB 47 -63.80 23.39 -29.28
CA PRO AB 47 -65.02 23.65 -28.54
C PRO AB 47 -64.81 23.47 -27.05
N LYS AB 48 -65.56 24.19 -26.20
CA LYS AB 48 -65.56 23.93 -24.76
C LYS AB 48 -66.11 22.54 -24.46
N LYS AB 49 -65.39 21.75 -23.63
CA LYS AB 49 -65.68 20.33 -23.54
C LYS AB 49 -66.84 19.99 -22.64
N LYS AB 50 -67.58 18.94 -23.00
CA LYS AB 50 -68.83 18.60 -22.35
C LYS AB 50 -68.67 17.60 -21.20
N LEU AB 51 -69.71 17.51 -20.35
CA LEU AB 51 -69.82 16.50 -19.33
C LEU AB 51 -70.44 15.20 -19.91
N GLY BB 1 98.27 11.92 -13.31
CA GLY BB 1 98.22 10.43 -13.61
C GLY BB 1 97.14 9.65 -12.90
N ALA BB 2 97.09 9.75 -11.55
CA ALA BB 2 96.19 9.02 -10.69
C ALA BB 2 94.73 9.29 -10.99
N TYR BB 3 94.35 10.56 -11.23
CA TYR BB 3 92.96 10.91 -11.49
C TYR BB 3 92.44 10.25 -12.76
N LYS BB 4 93.27 10.19 -13.83
CA LYS BB 4 92.92 9.52 -15.08
C LYS BB 4 92.58 8.04 -14.92
N TYR BB 5 93.39 7.29 -14.16
CA TYR BB 5 93.06 5.93 -13.80
C TYR BB 5 91.75 5.81 -13.03
N ILE BB 6 91.51 6.71 -12.07
CA ILE BB 6 90.30 6.68 -11.27
C ILE BB 6 89.09 6.95 -12.14
N GLN BB 7 89.19 7.90 -13.09
CA GLN BB 7 88.17 8.17 -14.07
C GLN BB 7 87.75 6.97 -14.89
N GLU BB 8 88.71 6.28 -15.51
CA GLU BB 8 88.42 5.13 -16.34
C GLU BB 8 87.84 3.96 -15.55
N ILE BB 9 88.36 3.71 -14.33
CA ILE BB 9 87.79 2.72 -13.42
C ILE BB 9 86.36 3.04 -13.04
N TRP BB 10 86.08 4.31 -12.69
CA TRP BB 10 84.78 4.75 -12.30
C TRP BB 10 83.79 4.77 -13.44
N LYS BB 11 84.23 5.00 -14.69
CA LYS BB 11 83.36 5.00 -15.84
C LYS BB 11 82.63 3.69 -16.04
N LYS BB 12 83.28 2.53 -15.81
CA LYS BB 12 82.65 1.26 -16.09
C LYS BB 12 81.40 0.94 -15.26
N LYS BB 13 81.43 1.14 -13.93
CA LYS BB 13 80.27 1.07 -13.03
C LYS BB 13 79.69 -0.33 -12.79
N GLN BB 14 80.04 -1.27 -13.66
CA GLN BB 14 79.84 -2.68 -13.49
C GLN BB 14 81.20 -3.32 -13.34
N SER BB 15 81.23 -4.45 -12.63
CA SER BB 15 82.37 -5.28 -12.23
C SER BB 15 82.16 -5.59 -10.78
N ASP BB 16 82.71 -6.72 -10.31
CA ASP BB 16 82.78 -7.12 -8.93
C ASP BB 16 83.23 -5.98 -8.02
N ALA BB 17 84.39 -5.37 -8.34
CA ALA BB 17 84.97 -4.23 -7.66
C ALA BB 17 84.07 -3.00 -7.60
N MET BB 18 83.52 -2.56 -8.75
CA MET BB 18 82.56 -1.46 -8.79
C MET BB 18 81.30 -1.76 -8.01
N HIS BB 19 80.78 -3.00 -8.13
CA HIS BB 19 79.56 -3.44 -7.48
C HIS BB 19 79.75 -3.52 -5.98
N PHE BB 20 80.88 -4.06 -5.50
CA PHE BB 20 81.33 -3.98 -4.13
C PHE BB 20 81.38 -2.56 -3.60
N LEU BB 21 82.09 -1.66 -4.30
CA LEU BB 21 82.27 -0.28 -3.90
C LEU BB 21 80.95 0.48 -3.80
N LEU BB 22 80.06 0.26 -4.78
CA LEU BB 22 78.72 0.79 -4.76
C LEU BB 22 77.89 0.27 -3.60
N ARG BB 23 77.89 -1.05 -3.34
CA ARG BB 23 77.16 -1.63 -2.24
C ARG BB 23 77.64 -1.12 -0.88
N VAL BB 24 78.96 -1.08 -0.67
CA VAL BB 24 79.57 -0.58 0.56
C VAL BB 24 79.24 0.87 0.83
N ARG BB 25 79.37 1.73 -0.20
CA ARG BB 25 78.97 3.12 -0.11
C ARG BB 25 77.49 3.29 0.14
N THR BB 26 76.65 2.54 -0.59
CA THR BB 26 75.20 2.55 -0.39
C THR BB 26 74.81 2.17 1.02
N TRP BB 27 75.44 1.14 1.59
CA TRP BB 27 75.25 0.79 2.99
C TRP BB 27 75.54 1.94 3.93
N GLU BB 28 76.72 2.57 3.77
CA GLU BB 28 77.15 3.64 4.64
C GLU BB 28 76.26 4.87 4.53
N TYR BB 29 75.88 5.23 3.29
CA TYR BB 29 74.95 6.31 3.03
C TYR BB 29 73.59 6.07 3.66
N ARG BB 30 73.03 4.86 3.56
CA ARG BB 30 71.76 4.51 4.17
C ARG BB 30 71.70 4.76 5.68
N GLN BB 31 72.83 4.57 6.39
CA GLN BB 31 72.93 4.85 7.81
C GLN BB 31 72.89 6.34 8.16
N LEU BB 32 73.67 7.15 7.44
CA LEU BB 32 73.96 8.54 7.68
C LEU BB 32 72.77 9.54 7.68
N PRO BB 33 72.85 10.66 8.42
CA PRO BB 33 71.84 11.74 8.40
C PRO BB 33 71.61 12.36 7.04
N VAL BB 34 70.55 13.19 6.88
CA VAL BB 34 70.19 13.78 5.60
C VAL BB 34 71.32 14.57 4.95
N VAL BB 35 71.81 15.61 5.65
CA VAL BB 35 72.84 16.51 5.17
C VAL BB 35 74.04 16.49 6.10
N HIS BB 36 75.24 16.11 5.61
CA HIS BB 36 76.43 16.17 6.45
C HIS BB 36 77.70 16.51 5.71
N ARG BB 37 78.63 17.20 6.39
CA ARG BB 37 79.99 17.41 5.95
C ARG BB 37 80.77 16.11 5.83
N VAL BB 38 81.57 15.95 4.77
CA VAL BB 38 82.58 14.89 4.68
C VAL BB 38 83.98 15.50 4.67
N SER BB 39 84.98 14.77 5.19
CA SER BB 39 86.37 15.23 5.30
C SER BB 39 87.08 15.48 3.99
N LYS BB 40 86.87 14.59 3.03
CA LYS BB 40 87.50 14.58 1.73
C LYS BB 40 86.40 14.22 0.74
N PRO BB 41 86.48 14.52 -0.55
CA PRO BB 41 85.42 14.20 -1.49
C PRO BB 41 85.33 12.71 -1.75
N SER BB 42 84.11 12.19 -1.89
CA SER BB 42 83.87 10.76 -2.09
C SER BB 42 84.50 10.22 -3.37
N ARG BB 43 84.40 10.95 -4.49
CA ARG BB 43 85.16 10.67 -5.68
C ARG BB 43 86.05 11.88 -5.98
N PRO BB 44 87.35 11.82 -5.71
CA PRO BB 44 88.24 12.95 -5.94
C PRO BB 44 88.32 13.39 -7.39
N ASP BB 45 88.43 12.45 -8.36
CA ASP BB 45 88.42 12.73 -9.78
C ASP BB 45 87.21 13.57 -10.20
N LYS BB 46 86.01 13.11 -9.80
CA LYS BB 46 84.77 13.76 -10.15
C LYS BB 46 84.67 15.15 -9.55
N ALA BB 47 85.13 15.29 -8.29
CA ALA BB 47 85.30 16.54 -7.63
C ALA BB 47 86.24 17.51 -8.37
N ARG BB 48 87.44 17.06 -8.84
CA ARG BB 48 88.40 17.92 -9.54
C ARG BB 48 87.77 18.54 -10.77
N ARG BB 49 87.16 17.69 -11.60
CA ARG BB 49 86.52 18.06 -12.83
C ARG BB 49 85.32 18.97 -12.64
N LEU BB 50 84.54 18.76 -11.57
CA LEU BB 50 83.53 19.71 -11.15
C LEU BB 50 84.05 20.81 -10.23
N GLY BB 51 85.34 21.15 -10.33
CA GLY BB 51 85.87 22.40 -9.81
C GLY BB 51 86.19 22.46 -8.34
N TYR BB 52 86.16 21.34 -7.60
CA TYR BB 52 86.71 21.31 -6.26
C TYR BB 52 88.20 21.63 -6.25
N LYS BB 53 88.63 22.46 -5.29
CA LYS BB 53 90.01 22.76 -5.03
C LYS BB 53 90.26 22.48 -3.58
N ALA BB 54 91.50 22.11 -3.21
CA ALA BB 54 91.80 21.74 -1.84
C ALA BB 54 91.82 22.92 -0.87
N ILE BB 55 91.89 24.16 -1.41
CA ILE BB 55 91.70 25.46 -0.79
C ILE BB 55 90.68 25.48 0.36
N GLN BB 56 91.02 26.15 1.49
CA GLN BB 56 90.28 26.07 2.74
C GLN BB 56 88.81 26.46 2.63
N GLY BB 57 88.46 27.43 1.76
CA GLY BB 57 87.07 27.88 1.60
C GLY BB 57 86.15 26.94 0.84
N PHE BB 58 86.68 25.83 0.32
CA PHE BB 58 85.97 24.82 -0.43
C PHE BB 58 85.61 23.66 0.49
N VAL BB 59 84.31 23.41 0.72
CA VAL BB 59 83.86 22.34 1.59
C VAL BB 59 82.91 21.39 0.86
N ILE BB 60 82.97 20.09 1.17
CA ILE BB 60 82.14 19.06 0.57
C ILE BB 60 81.12 18.47 1.54
N TYR BB 61 79.87 18.33 1.07
CA TYR BB 61 78.72 17.91 1.85
C TYR BB 61 77.96 16.80 1.14
N ARG BB 62 77.57 15.75 1.87
CA ARG BB 62 76.85 14.62 1.34
C ARG BB 62 75.37 14.69 1.77
N VAL BB 63 74.48 14.44 0.80
CA VAL BB 63 73.05 14.71 0.82
C VAL BB 63 72.22 13.47 0.52
N ARG BB 64 71.08 13.27 1.21
CA ARG BB 64 70.12 12.19 0.97
C ARG BB 64 68.87 12.75 0.28
N VAL BB 65 68.44 12.19 -0.87
CA VAL BB 65 67.13 12.51 -1.45
C VAL BB 65 66.33 11.27 -1.85
N ARG BB 66 65.01 11.21 -1.55
CA ARG BB 66 64.13 10.17 -2.08
C ARG BB 66 63.87 10.27 -3.58
N ARG BB 67 63.73 9.10 -4.24
CA ARG BB 67 63.52 8.97 -5.65
C ARG BB 67 62.07 9.06 -6.13
N GLY BB 68 61.89 9.03 -7.46
CA GLY BB 68 60.60 8.90 -8.13
C GLY BB 68 59.73 10.13 -8.11
N ASP BB 69 58.64 10.08 -8.90
CA ASP BB 69 57.67 11.14 -9.01
C ASP BB 69 56.98 11.47 -7.68
N ARG BB 70 56.56 12.72 -7.57
CA ARG BB 70 56.30 13.37 -6.33
C ARG BB 70 54.84 13.33 -5.92
N LYS BB 71 53.93 13.03 -6.89
CA LYS BB 71 52.49 13.01 -6.67
C LYS BB 71 51.87 14.39 -6.47
N LYS BB 72 50.80 14.72 -7.20
CA LYS BB 72 50.21 16.04 -7.14
C LYS BB 72 49.66 16.43 -5.76
N ARG BB 73 49.88 17.69 -5.33
CA ARG BB 73 49.52 18.15 -4.00
C ARG BB 73 48.03 18.51 -3.88
N VAL BB 74 47.15 17.50 -3.89
CA VAL BB 74 45.70 17.68 -3.91
C VAL BB 74 44.99 16.87 -2.81
N LYS BB 75 44.16 17.55 -1.97
CA LYS BB 75 43.44 16.89 -0.88
C LYS BB 75 42.45 15.83 -1.32
N LYS BB 76 42.39 14.70 -0.58
CA LYS BB 76 41.49 13.59 -0.82
C LYS BB 76 41.54 13.06 -2.25
N GLY BB 77 42.77 12.76 -2.73
CA GLY BB 77 43.02 12.37 -4.10
C GLY BB 77 42.52 13.35 -5.14
N ILE BB 78 41.98 12.81 -6.24
CA ILE BB 78 41.27 13.53 -7.30
C ILE BB 78 40.46 14.75 -6.89
N VAL BB 79 40.59 15.84 -7.69
CA VAL BB 79 39.89 17.09 -7.47
C VAL BB 79 39.30 17.56 -8.79
N HIS BB 80 38.30 18.46 -8.71
CA HIS BB 80 37.75 19.24 -9.80
C HIS BB 80 38.70 19.71 -10.89
N GLY BB 81 38.24 19.65 -12.16
CA GLY BB 81 39.02 20.09 -13.30
C GLY BB 81 38.68 19.32 -14.52
N LYS BB 82 39.15 19.80 -15.69
CA LYS BB 82 38.92 19.16 -16.96
C LYS BB 82 39.58 17.78 -17.10
N PRO BB 83 38.98 16.79 -17.77
CA PRO BB 83 39.54 15.45 -17.98
C PRO BB 83 40.97 15.42 -18.48
N LYS BB 84 41.34 16.35 -19.37
CA LYS BB 84 42.71 16.56 -19.80
C LYS BB 84 43.73 16.82 -18.69
N HIS BB 85 43.33 17.41 -17.55
CA HIS BB 85 44.25 18.10 -16.66
C HIS BB 85 44.37 17.51 -15.25
N GLN BB 86 43.83 16.31 -15.00
CA GLN BB 86 43.74 15.81 -13.64
C GLN BB 86 45.06 15.52 -12.92
N GLY BB 87 45.98 14.75 -13.57
CA GLY BB 87 47.41 14.70 -13.26
C GLY BB 87 47.86 14.28 -11.88
N VAL BB 88 47.06 13.50 -11.13
CA VAL BB 88 47.37 13.12 -9.76
C VAL BB 88 48.64 12.28 -9.66
N HIS BB 89 48.74 11.29 -10.55
CA HIS BB 89 49.92 10.49 -10.75
C HIS BB 89 50.46 10.80 -12.12
N LYS BB 90 51.76 10.50 -12.35
CA LYS BB 90 52.47 10.87 -13.58
C LYS BB 90 52.43 12.36 -13.86
N GLN BB 91 53.12 13.17 -13.03
CA GLN BB 91 53.16 14.60 -13.13
C GLN BB 91 54.58 15.07 -13.41
N LYS BB 92 55.59 14.34 -12.90
CA LYS BB 92 56.98 14.38 -13.30
C LYS BB 92 57.64 15.76 -13.38
N SER BB 93 57.77 16.43 -12.21
CA SER BB 93 58.35 17.76 -12.01
C SER BB 93 59.50 18.21 -12.91
N THR BB 94 59.42 19.49 -13.31
CA THR BB 94 60.27 20.20 -14.24
C THR BB 94 61.72 20.27 -13.78
N ARG BB 95 61.96 20.53 -12.48
CA ARG BB 95 63.30 20.55 -11.95
C ARG BB 95 63.79 19.16 -11.57
N ASN BB 96 65.11 18.93 -11.74
CA ASN BB 96 65.73 17.64 -11.52
C ASN BB 96 65.86 17.27 -10.05
N LEU BB 97 65.86 15.96 -9.70
CA LEU BB 97 66.12 15.50 -8.35
C LEU BB 97 67.50 15.92 -7.83
N LYS BB 98 68.48 16.06 -8.74
CA LYS BB 98 69.77 16.63 -8.43
C LYS BB 98 69.66 18.05 -7.90
N SER BB 99 68.85 18.89 -8.59
CA SER BB 99 68.55 20.24 -8.15
C SER BB 99 67.83 20.27 -6.82
N VAL BB 100 66.88 19.34 -6.61
CA VAL BB 100 66.23 19.16 -5.31
C VAL BB 100 67.24 18.88 -4.19
N ALA BB 101 68.21 17.99 -4.41
CA ALA BB 101 69.27 17.75 -3.45
C ALA BB 101 70.11 18.99 -3.15
N GLU BB 102 70.51 19.74 -4.20
CA GLU BB 102 71.22 21.00 -4.01
C GLU BB 102 70.39 22.01 -3.23
N GLY BB 103 69.07 22.07 -3.51
CA GLY BB 103 68.09 22.90 -2.84
C GLY BB 103 67.92 22.63 -1.37
N LYS BB 104 68.01 21.35 -0.95
CA LYS BB 104 67.90 21.00 0.45
C LYS BB 104 69.06 21.53 1.24
N VAL BB 105 70.29 21.43 0.70
CA VAL BB 105 71.43 22.02 1.35
C VAL BB 105 71.38 23.54 1.26
N GLY BB 106 71.05 24.05 0.05
CA GLY BB 106 70.88 25.44 -0.29
C GLY BB 106 69.95 26.25 0.60
N LYS BB 107 68.85 25.63 1.05
CA LYS BB 107 67.95 26.31 1.94
C LYS BB 107 68.32 26.05 3.40
N SER BB 108 68.70 24.80 3.75
CA SER BB 108 68.86 24.46 5.15
C SER BB 108 70.19 24.87 5.78
N ILE BB 109 71.29 24.73 5.02
CA ILE BB 109 72.61 24.80 5.62
C ILE BB 109 73.40 25.94 5.03
N CYS BB 110 73.22 26.20 3.72
CA CYS BB 110 73.81 27.35 3.06
C CYS BB 110 73.24 28.68 3.55
N GLY BB 111 74.03 29.75 3.35
CA GLY BB 111 74.09 30.86 4.27
C GLY BB 111 75.39 30.66 4.99
N ASN BB 112 76.26 31.68 4.99
CA ASN BB 112 77.70 31.49 4.96
C ASN BB 112 78.11 30.75 3.67
N LEU BB 113 77.94 29.41 3.64
CA LEU BB 113 78.16 28.60 2.46
C LEU BB 113 77.28 28.95 1.28
N ARG BB 114 77.85 28.83 0.07
CA ARG BB 114 77.22 28.97 -1.22
C ARG BB 114 77.45 27.71 -2.06
N VAL BB 115 76.41 27.17 -2.71
CA VAL BB 115 76.53 26.00 -3.57
C VAL BB 115 77.37 26.26 -4.81
N LEU BB 116 78.40 25.41 -5.03
CA LEU BB 116 79.22 25.46 -6.21
C LEU BB 116 78.76 24.46 -7.26
N ASN BB 117 78.68 23.17 -6.93
CA ASN BB 117 78.34 22.14 -7.90
C ASN BB 117 77.97 20.86 -7.16
N SER BB 118 77.65 19.77 -7.89
CA SER BB 118 77.20 18.53 -7.28
C SER BB 118 77.36 17.34 -8.21
N TYR BB 119 77.62 16.13 -7.67
CA TYR BB 119 77.73 14.92 -8.45
C TYR BB 119 76.95 13.74 -7.88
N TRP BB 120 76.69 12.75 -8.76
CA TRP BB 120 75.75 11.67 -8.57
C TRP BB 120 76.08 10.69 -7.46
N VAL BB 121 77.34 10.21 -7.36
CA VAL BB 121 77.76 9.28 -6.32
C VAL BB 121 77.17 7.87 -6.44
N GLY BB 122 75.87 7.68 -6.19
CA GLY BB 122 75.25 6.37 -6.09
C GLY BB 122 73.79 6.41 -5.67
N GLN BB 123 73.08 5.31 -5.88
CA GLN BB 123 71.65 5.22 -5.69
C GLN BB 123 71.16 3.80 -5.43
N ASP BB 124 69.96 3.68 -4.84
CA ASP BB 124 69.18 2.47 -4.81
C ASP BB 124 67.77 2.79 -5.33
N ALA BB 125 66.74 1.96 -5.06
CA ALA BB 125 65.39 2.30 -5.44
C ALA BB 125 64.74 3.44 -4.66
N VAL BB 126 64.90 3.49 -3.33
CA VAL BB 126 64.30 4.52 -2.52
C VAL BB 126 65.06 5.83 -2.60
N TYR BB 127 66.40 5.83 -2.59
CA TYR BB 127 67.20 7.03 -2.48
C TYR BB 127 68.22 7.20 -3.59
N LYS BB 128 68.48 8.47 -3.95
CA LYS BB 128 69.73 8.89 -4.56
C LYS BB 128 70.54 9.59 -3.48
N TYR BB 129 71.85 9.37 -3.49
CA TYR BB 129 72.78 9.95 -2.56
C TYR BB 129 73.71 10.89 -3.32
N TYR BB 130 73.75 12.20 -3.02
CA TYR BB 130 74.51 13.16 -3.82
C TYR BB 130 75.61 13.79 -2.99
N GLU BB 131 76.76 14.17 -3.59
CA GLU BB 131 77.73 14.99 -2.91
C GLU BB 131 77.77 16.36 -3.56
N VAL BB 132 77.56 17.40 -2.75
CA VAL BB 132 77.52 18.80 -3.12
C VAL BB 132 78.81 19.51 -2.74
N ILE BB 133 79.42 20.17 -3.71
CA ILE BB 133 80.59 21.02 -3.53
C ILE BB 133 80.10 22.41 -3.18
N LEU BB 134 80.60 22.99 -2.09
CA LEU BB 134 80.16 24.28 -1.61
C LEU BB 134 81.39 25.15 -1.37
N VAL BB 135 81.21 26.47 -1.33
CA VAL BB 135 82.28 27.41 -1.12
C VAL BB 135 81.78 28.50 -0.20
N ASP BB 136 82.61 28.95 0.76
CA ASP BB 136 82.35 30.13 1.56
C ASP BB 136 83.01 31.36 0.91
N PRO BB 137 82.32 32.42 0.56
CA PRO BB 137 82.95 33.67 0.18
C PRO BB 137 83.42 34.51 1.36
N ASN BB 138 83.04 34.24 2.62
CA ASN BB 138 83.49 35.05 3.74
C ASN BB 138 84.96 34.83 4.06
N HIS BB 139 85.41 33.57 4.06
CA HIS BB 139 86.79 33.17 4.28
C HIS BB 139 87.81 33.80 3.33
N ASN BB 140 88.98 34.16 3.89
CA ASN BB 140 90.00 35.00 3.31
C ASN BB 140 90.59 34.49 2.01
N ALA BB 141 90.85 33.18 1.90
CA ALA BB 141 91.53 32.60 0.76
C ALA BB 141 90.82 32.81 -0.57
N VAL BB 142 89.48 32.77 -0.59
CA VAL BB 142 88.74 32.84 -1.82
C VAL BB 142 88.66 34.29 -2.26
N ARG BB 143 88.53 35.21 -1.28
CA ARG BB 143 88.62 36.64 -1.52
C ARG BB 143 89.99 37.06 -2.04
N ASN BB 144 91.07 36.48 -1.50
CA ASN BB 144 92.41 36.66 -2.01
C ASN BB 144 92.65 36.12 -3.41
N ASN BB 145 92.29 34.85 -3.68
CA ASN BB 145 92.45 34.18 -4.97
C ASN BB 145 91.99 35.01 -6.19
N PRO BB 146 92.81 35.25 -7.23
CA PRO BB 146 92.35 35.96 -8.42
C PRO BB 146 91.52 35.05 -9.29
N LYS BB 147 91.53 33.74 -9.00
CA LYS BB 147 90.65 32.76 -9.58
C LYS BB 147 89.50 32.56 -8.60
N ILE BB 148 88.34 32.05 -9.05
CA ILE BB 148 87.23 31.62 -8.19
C ILE BB 148 86.38 32.76 -7.62
N ASN BB 149 87.04 33.86 -7.23
CA ASN BB 149 86.55 35.14 -6.72
C ASN BB 149 85.20 35.65 -7.17
N TRP BB 150 84.79 35.44 -8.43
CA TRP BB 150 83.42 35.65 -8.88
C TRP BB 150 82.34 35.05 -7.97
N ILE BB 151 82.61 33.93 -7.29
CA ILE BB 151 81.67 33.35 -6.33
C ILE BB 151 81.38 34.25 -5.14
N CYS BB 152 82.25 35.25 -4.88
CA CYS BB 152 82.09 36.28 -3.89
C CYS BB 152 81.07 37.34 -4.27
N ASN BB 153 80.70 37.45 -5.57
CA ASN BB 153 79.79 38.48 -6.05
C ASN BB 153 78.40 38.44 -5.39
N PRO BB 154 77.73 39.55 -5.11
CA PRO BB 154 76.46 39.54 -4.37
C PRO BB 154 75.34 38.73 -5.02
N VAL BB 155 75.35 38.63 -6.35
CA VAL BB 155 74.35 37.95 -7.14
C VAL BB 155 74.33 36.44 -6.98
N HIS BB 156 75.36 35.85 -6.36
CA HIS BB 156 75.53 34.42 -6.33
C HIS BB 156 75.07 33.73 -5.05
N LYS BB 157 74.45 34.43 -4.08
CA LYS BB 157 73.79 33.73 -3.00
C LYS BB 157 72.55 32.94 -3.47
N HIS BB 158 72.42 31.67 -3.02
CA HIS BB 158 71.33 30.78 -3.41
C HIS BB 158 71.25 30.42 -4.89
N ARG BB 159 72.39 29.99 -5.48
CA ARG BB 159 72.51 29.61 -6.89
C ARG BB 159 71.53 28.54 -7.36
N GLU BB 160 71.27 27.53 -6.54
CA GLU BB 160 70.33 26.46 -6.81
C GLU BB 160 68.89 26.93 -6.95
N LEU BB 161 68.50 27.99 -6.22
CA LEU BB 161 67.23 28.65 -6.39
C LEU BB 161 67.29 29.74 -7.44
N ARG BB 162 68.51 30.08 -7.93
CA ARG BB 162 68.67 31.04 -8.99
C ARG BB 162 68.71 30.36 -10.34
N GLY BB 163 68.75 29.01 -10.39
CA GLY BB 163 68.90 28.27 -11.65
C GLY BB 163 70.31 28.29 -12.18
N LEU BB 164 71.29 28.66 -11.33
CA LEU BB 164 72.65 28.94 -11.72
C LEU BB 164 73.61 27.89 -11.19
N THR BB 165 73.10 26.69 -10.90
CA THR BB 165 73.93 25.51 -10.78
C THR BB 165 74.04 24.81 -12.12
N SER BB 166 74.97 23.84 -12.24
CA SER BB 166 75.13 23.03 -13.45
C SER BB 166 73.88 22.30 -13.87
N ALA BB 167 73.18 21.75 -12.87
CA ALA BB 167 71.86 21.17 -12.94
C ALA BB 167 70.83 22.19 -13.37
N GLY BB 168 70.98 23.44 -12.94
CA GLY BB 168 70.06 24.53 -13.27
C GLY BB 168 70.15 24.90 -14.71
N LYS BB 169 71.37 25.02 -15.27
CA LYS BB 169 71.56 25.17 -16.70
C LYS BB 169 70.98 24.00 -17.49
N LYS BB 170 71.21 22.75 -17.01
CA LYS BB 170 70.62 21.54 -17.56
C LYS BB 170 69.08 21.52 -17.70
N TYR BB 171 68.31 21.73 -16.61
CA TYR BB 171 66.86 21.59 -16.66
C TYR BB 171 66.19 22.80 -17.31
N ARG BB 172 66.90 23.95 -17.37
CA ARG BB 172 66.44 25.14 -18.05
C ARG BB 172 66.74 25.07 -19.54
N GLY BB 173 67.56 24.08 -19.95
CA GLY BB 173 67.71 23.72 -21.35
C GLY BB 173 68.74 24.54 -22.05
N LEU BB 174 69.65 25.15 -21.26
CA LEU BB 174 70.66 26.04 -21.78
C LEU BB 174 71.86 25.28 -22.33
N ARG BB 175 72.00 23.98 -21.97
CA ARG BB 175 72.92 23.06 -22.61
C ARG BB 175 72.58 22.85 -24.08
N VAL BB 176 71.29 22.74 -24.39
CA VAL BB 176 70.80 22.80 -25.76
C VAL BB 176 71.03 24.17 -26.36
N LYS BB 177 71.57 24.20 -27.59
CA LYS BB 177 71.79 25.41 -28.35
C LYS BB 177 71.36 25.08 -29.77
N GLY BB 178 71.35 26.09 -30.67
CA GLY BB 178 70.89 25.88 -32.03
C GLY BB 178 69.40 25.92 -32.18
N HIS BB 179 68.87 25.53 -33.35
CA HIS BB 179 67.46 25.66 -33.68
C HIS BB 179 66.53 24.89 -32.74
N LEU BB 180 67.04 23.78 -32.19
CA LEU BB 180 66.45 22.97 -31.17
C LEU BB 180 66.11 23.74 -29.89
N SER BB 181 66.88 24.79 -29.55
CA SER BB 181 66.65 25.64 -28.39
C SER BB 181 65.33 26.40 -28.41
N ALA BB 182 64.86 26.81 -29.60
CA ALA BB 182 63.63 27.55 -29.80
C ALA BB 182 63.43 28.75 -28.85
N LYS BB 183 62.22 28.90 -28.28
CA LYS BB 183 61.81 30.03 -27.48
C LYS BB 183 62.42 30.05 -26.07
N SER BB 184 63.75 29.91 -25.95
CA SER BB 184 64.38 29.69 -24.65
C SER BB 184 65.60 30.53 -24.38
N ARG BB 185 66.35 30.94 -25.42
CA ARG BB 185 67.70 31.45 -25.25
C ARG BB 185 67.90 32.69 -24.35
N PRO BB 186 67.15 33.80 -24.38
CA PRO BB 186 67.44 34.94 -23.50
C PRO BB 186 66.87 34.70 -22.13
N SER BB 187 66.08 33.62 -22.00
CA SER BB 187 65.19 33.23 -20.93
C SER BB 187 63.94 32.72 -21.60
N ILE BB 188 63.34 31.66 -21.03
CA ILE BB 188 62.09 31.09 -21.52
C ILE BB 188 60.99 32.08 -21.32
N ARG BB 189 60.92 32.69 -20.13
CA ARG BB 189 60.04 33.77 -19.78
C ARG BB 189 60.16 34.93 -20.73
N ALA BB 190 61.37 35.49 -20.89
CA ALA BB 190 61.67 36.58 -21.80
C ALA BB 190 61.17 36.36 -23.22
N ASN BB 191 61.49 35.20 -23.83
CA ASN BB 191 61.10 34.88 -25.19
C ASN BB 191 59.59 34.80 -25.34
N TRP BB 192 58.91 34.07 -24.42
CA TRP BB 192 57.46 33.96 -24.38
C TRP BB 192 56.84 35.33 -24.20
N LYS BB 193 57.36 36.16 -23.29
CA LYS BB 193 56.93 37.53 -23.12
C LYS BB 193 57.07 38.36 -24.39
N ARG BB 194 58.17 38.25 -25.16
CA ARG BB 194 58.30 38.93 -26.44
C ARG BB 194 57.26 38.49 -27.47
N ARG BB 195 57.03 37.19 -27.59
CA ARG BB 195 56.01 36.69 -28.49
C ARG BB 195 54.57 37.03 -28.11
N GLN BB 196 54.23 36.92 -26.82
CA GLN BB 196 52.99 37.35 -26.22
C GLN BB 196 52.72 38.84 -26.37
N LEU BB 197 53.78 39.68 -26.19
CA LEU BB 197 53.76 41.10 -26.40
C LEU BB 197 53.35 41.53 -27.81
N ILE BB 198 52.55 42.60 -27.90
CA ILE BB 198 52.41 43.38 -29.10
C ILE BB 198 52.97 44.75 -28.80
N LYS BB 199 53.89 45.23 -29.66
CA LYS BB 199 54.45 46.55 -29.52
C LYS BB 199 53.54 47.57 -30.20
N LEU BB 200 53.11 48.61 -29.47
CA LEU BB 200 52.53 49.78 -30.10
C LEU BB 200 53.67 50.75 -30.34
N ARG BB 201 53.80 51.22 -31.58
CA ARG BB 201 55.02 51.85 -32.03
C ARG BB 201 54.71 52.69 -33.25
N LYS BB 202 55.72 53.46 -33.71
CA LYS BB 202 55.60 54.44 -34.76
C LYS BB 202 55.03 53.94 -36.09
N CYS BB 203 55.50 52.79 -36.61
CA CYS BB 203 55.03 52.28 -37.90
C CYS BB 203 55.27 50.78 -38.09
N ARG BB 204 54.52 50.16 -39.03
CA ARG BB 204 54.74 48.82 -39.54
C ARG BB 204 54.49 48.86 -41.08
N SER CB 1 10.07 -9.71 49.82
CA SER CB 1 9.46 -10.59 50.90
C SER CB 1 8.07 -11.12 50.54
N ARG CB 2 7.01 -10.79 51.31
CA ARG CB 2 5.65 -11.20 51.01
C ARG CB 2 4.90 -10.07 50.31
N ARG CB 3 5.58 -8.96 50.00
CA ARG CB 3 4.98 -7.84 49.29
C ARG CB 3 4.52 -8.18 47.88
N THR CB 4 5.42 -8.83 47.13
CA THR CB 4 5.18 -9.28 45.78
C THR CB 4 4.77 -10.73 45.82
N LYS CB 5 3.87 -11.14 44.91
CA LYS CB 5 3.53 -12.54 44.75
C LYS CB 5 4.66 -13.33 44.12
N LYS CB 6 5.33 -12.81 43.07
CA LYS CB 6 6.37 -13.59 42.40
C LYS CB 6 7.43 -12.78 41.69
N VAL CB 7 7.24 -11.46 41.46
CA VAL CB 7 8.27 -10.63 40.85
C VAL CB 7 9.53 -10.48 41.69
N GLY CB 8 9.41 -10.23 43.01
CA GLY CB 8 10.57 -9.98 43.87
C GLY CB 8 11.35 -8.73 43.53
N LEU CB 9 12.70 -8.85 43.54
CA LEU CB 9 13.58 -7.70 43.59
C LEU CB 9 13.57 -6.85 42.35
N THR CB 10 13.03 -7.36 41.23
CA THR CB 10 12.93 -6.63 39.99
C THR CB 10 11.65 -5.82 39.94
N GLY CB 11 10.97 -5.74 41.10
CA GLY CB 11 9.83 -4.89 41.35
C GLY CB 11 10.22 -3.44 41.31
N LYS CB 12 11.49 -3.13 41.63
CA LYS CB 12 12.07 -1.83 41.38
C LYS CB 12 11.96 -1.34 39.94
N TYR CB 13 12.03 -2.23 38.94
CA TYR CB 13 11.88 -1.86 37.55
C TYR CB 13 10.42 -1.72 37.15
N GLY CB 14 9.53 -2.37 37.93
CA GLY CB 14 8.09 -2.33 37.77
C GLY CB 14 7.51 -2.75 36.45
N THR CB 15 6.39 -2.13 36.05
CA THR CB 15 5.62 -2.46 34.86
C THR CB 15 6.36 -2.19 33.57
N ARG CB 16 7.21 -1.15 33.55
CA ARG CB 16 8.14 -0.91 32.47
C ARG CB 16 9.09 -2.08 32.23
N TYR CB 17 9.47 -2.30 30.94
CA TYR CB 17 10.36 -3.36 30.49
C TYR CB 17 9.72 -4.75 30.42
N GLY CB 18 9.96 -5.46 29.29
CA GLY CB 18 9.46 -6.81 29.02
C GLY CB 18 9.75 -7.85 30.07
N SER CB 19 8.72 -8.64 30.42
CA SER CB 19 8.71 -9.53 31.56
C SER CB 19 9.77 -10.61 31.58
N SER CB 20 10.02 -11.28 30.45
CA SER CB 20 11.03 -12.33 30.36
C SER CB 20 12.43 -11.81 30.67
N LEU CB 21 12.77 -10.62 30.16
CA LEU CB 21 13.99 -9.93 30.49
C LEU CB 21 14.05 -9.59 31.97
N ARG CB 22 12.95 -9.12 32.59
CA ARG CB 22 12.91 -8.91 34.03
C ARG CB 22 13.22 -10.18 34.83
N LYS CB 23 12.71 -11.33 34.39
CA LYS CB 23 13.05 -12.63 34.95
C LYS CB 23 14.53 -12.97 34.80
N GLN CB 24 15.10 -12.73 33.61
CA GLN CB 24 16.53 -12.89 33.40
C GLN CB 24 17.37 -11.98 34.28
N ILE CB 25 16.97 -10.71 34.41
CA ILE CB 25 17.60 -9.73 35.30
C ILE CB 25 17.49 -10.19 36.74
N LYS CB 26 16.31 -10.68 37.18
CA LYS CB 26 16.09 -11.22 38.50
C LYS CB 26 17.12 -12.27 38.90
N LYS CB 27 17.42 -13.23 38.01
CA LYS CB 27 18.44 -14.22 38.31
C LYS CB 27 19.82 -13.63 38.43
N ILE CB 28 20.22 -12.73 37.52
CA ILE CB 28 21.53 -12.12 37.62
C ILE CB 28 21.68 -11.24 38.84
N GLU CB 29 20.65 -10.44 39.14
CA GLU CB 29 20.68 -9.46 40.20
C GLU CB 29 20.71 -10.10 41.57
N LEU CB 30 19.96 -11.21 41.73
CA LEU CB 30 20.01 -12.04 42.91
C LEU CB 30 21.40 -12.60 43.18
N MET CB 31 22.07 -13.12 42.13
CA MET CB 31 23.44 -13.61 42.23
C MET CB 31 24.42 -12.50 42.57
N GLN CB 32 24.32 -11.35 41.88
CA GLN CB 32 25.15 -10.19 42.06
C GLN CB 32 25.18 -9.65 43.49
N HIS CB 33 24.02 -9.49 44.13
CA HIS CB 33 23.98 -8.87 45.44
C HIS CB 33 24.02 -9.79 46.63
N ALA CB 34 24.14 -11.13 46.43
CA ALA CB 34 24.32 -12.06 47.52
C ALA CB 34 25.65 -11.89 48.28
N LYS CB 35 25.64 -12.13 49.60
CA LYS CB 35 26.86 -12.12 50.39
C LYS CB 35 27.42 -13.53 50.50
N TYR CB 36 28.48 -13.82 49.72
CA TYR CB 36 29.14 -15.10 49.65
C TYR CB 36 30.12 -15.40 50.78
N LEU CB 37 30.44 -16.69 50.96
CA LEU CB 37 31.33 -17.19 51.99
C LEU CB 37 32.78 -16.98 51.60
N CYS CB 38 33.57 -16.40 52.52
CA CYS CB 38 34.98 -16.19 52.33
C CYS CB 38 35.76 -17.41 52.74
N THR CB 39 36.53 -17.96 51.79
CA THR CB 39 37.41 -19.10 51.96
C THR CB 39 38.48 -18.85 53.01
N PHE CB 40 39.04 -17.63 53.02
CA PHE CB 40 40.05 -17.27 53.96
C PHE CB 40 39.56 -17.18 55.40
N CYS CB 41 38.42 -16.51 55.66
CA CYS CB 41 38.09 -16.17 57.04
C CYS CB 41 36.85 -16.80 57.62
N GLY CB 42 36.02 -17.53 56.84
CA GLY CB 42 34.89 -18.26 57.41
C GLY CB 42 33.73 -17.40 57.87
N LYS CB 43 33.41 -16.35 57.11
CA LYS CB 43 32.23 -15.54 57.32
C LYS CB 43 31.61 -15.29 55.96
N THR CB 44 30.32 -14.97 55.91
CA THR CB 44 29.53 -14.81 54.69
C THR CB 44 29.46 -13.35 54.31
N ALA CB 45 30.64 -12.73 54.16
CA ALA CB 45 30.81 -11.30 53.98
C ALA CB 45 31.37 -10.91 52.60
N THR CB 46 31.79 -11.88 51.77
CA THR CB 46 32.26 -11.63 50.41
C THR CB 46 31.21 -11.03 49.49
N LYS CB 47 31.39 -9.77 49.06
CA LYS CB 47 30.50 -9.09 48.15
C LYS CB 47 31.26 -8.65 46.90
N ARG CB 48 30.55 -8.38 45.79
CA ARG CB 48 31.15 -7.81 44.61
C ARG CB 48 31.36 -6.32 44.82
N THR CB 49 32.57 -5.81 44.61
CA THR CB 49 32.86 -4.41 44.86
C THR CB 49 33.06 -3.66 43.57
N CYS CB 50 33.48 -4.34 42.49
CA CYS CB 50 33.52 -3.80 41.15
C CYS CB 50 33.44 -4.99 40.22
N VAL CB 51 33.14 -4.80 38.93
CA VAL CB 51 32.69 -5.80 37.97
C VAL CB 51 33.32 -7.19 38.04
N GLY CB 52 34.66 -7.32 38.07
CA GLY CB 52 35.33 -8.62 38.21
C GLY CB 52 35.89 -8.91 39.58
N ILE CB 53 35.59 -8.08 40.58
CA ILE CB 53 36.34 -7.99 41.81
C ILE CB 53 35.42 -8.18 43.00
N TRP CB 54 35.78 -9.13 43.88
CA TRP CB 54 34.95 -9.48 45.01
C TRP CB 54 35.80 -9.35 46.25
N LYS CB 55 35.39 -8.45 47.16
CA LYS CB 55 36.09 -8.18 48.40
C LYS CB 55 35.35 -8.77 49.57
N CYS CB 56 36.07 -9.45 50.49
CA CYS CB 56 35.45 -9.78 51.77
C CYS CB 56 35.60 -8.63 52.73
N LYS CB 57 34.48 -8.25 53.41
CA LYS CB 57 34.49 -7.15 54.36
C LYS CB 57 35.33 -7.45 55.60
N LYS CB 58 35.20 -8.68 56.14
CA LYS CB 58 35.85 -9.04 57.39
C LYS CB 58 37.36 -9.07 57.32
N CYS CB 59 37.93 -9.74 56.31
CA CYS CB 59 39.36 -9.93 56.24
C CYS CB 59 40.02 -8.96 55.28
N LYS CB 60 39.22 -8.16 54.56
CA LYS CB 60 39.69 -7.08 53.70
C LYS CB 60 40.63 -7.52 52.58
N ARG CB 61 40.18 -8.50 51.79
CA ARG CB 61 40.95 -9.17 50.77
C ARG CB 61 40.14 -9.22 49.50
N LYS CB 62 40.77 -8.91 48.36
CA LYS CB 62 40.12 -8.83 47.07
C LYS CB 62 40.47 -10.04 46.23
N VAL CB 63 39.47 -10.87 45.94
CA VAL CB 63 39.53 -11.97 45.00
C VAL CB 63 38.99 -11.52 43.64
N CYS CB 64 39.76 -11.76 42.57
CA CYS CB 64 39.27 -11.57 41.22
C CYS CB 64 38.44 -12.77 40.81
N GLY CB 65 37.23 -12.54 40.29
CA GLY CB 65 36.27 -13.60 40.02
C GLY CB 65 35.53 -13.39 38.74
N GLY CB 66 34.40 -14.12 38.58
CA GLY CB 66 33.43 -13.89 37.52
C GLY CB 66 32.69 -12.58 37.63
N ALA CB 67 31.85 -12.28 36.62
CA ALA CB 67 31.07 -11.06 36.59
C ALA CB 67 29.95 -10.98 37.63
N TRP CB 68 29.20 -12.09 37.84
CA TRP CB 68 27.97 -12.03 38.63
C TRP CB 68 27.96 -12.97 39.83
N SER CB 69 29.02 -13.76 39.99
CA SER CB 69 29.24 -14.57 41.17
C SER CB 69 30.72 -14.81 41.17
N LEU CB 70 31.28 -15.34 42.27
CA LEU CB 70 32.70 -15.49 42.40
C LEU CB 70 33.36 -16.40 41.35
N THR CB 71 32.76 -17.58 41.09
CA THR CB 71 33.44 -18.63 40.30
C THR CB 71 32.67 -19.09 39.07
N THR CB 72 33.40 -19.30 37.96
CA THR CB 72 32.93 -20.10 36.83
C THR CB 72 33.33 -21.56 37.01
N PRO CB 73 32.70 -22.51 36.33
CA PRO CB 73 33.15 -23.89 36.31
C PRO CB 73 34.50 -24.07 35.66
N ALA CB 74 34.81 -23.27 34.63
CA ALA CB 74 35.97 -23.40 33.79
C ALA CB 74 37.27 -23.36 34.57
N ALA CB 75 37.40 -22.37 35.46
CA ALA CB 75 38.56 -22.20 36.29
C ALA CB 75 38.76 -23.37 37.26
N VAL CB 76 37.66 -23.88 37.85
CA VAL CB 76 37.68 -25.03 38.74
C VAL CB 76 38.21 -26.28 38.04
N ALA CB 77 37.74 -26.52 36.81
CA ALA CB 77 38.18 -27.66 36.02
C ALA CB 77 39.65 -27.59 35.66
N ALA CB 78 40.10 -26.38 35.27
CA ALA CB 78 41.50 -26.11 35.06
C ALA CB 78 42.33 -26.32 36.31
N LYS CB 79 41.90 -25.74 37.45
CA LYS CB 79 42.54 -25.86 38.74
C LYS CB 79 42.74 -27.30 39.17
N SER CB 80 41.69 -28.13 39.07
CA SER CB 80 41.76 -29.55 39.38
C SER CB 80 42.74 -30.29 38.48
N THR CB 81 42.69 -29.99 37.17
CA THR CB 81 43.60 -30.56 36.17
C THR CB 81 45.06 -30.31 36.49
N ILE CB 82 45.42 -29.07 36.88
CA ILE CB 82 46.77 -28.71 37.30
C ILE CB 82 47.21 -29.45 38.55
N ILE CB 83 46.31 -29.54 39.56
CA ILE CB 83 46.55 -30.21 40.83
C ILE CB 83 46.83 -31.71 40.70
N ARG CB 84 46.09 -32.43 39.84
CA ARG CB 84 46.12 -33.88 39.79
C ARG CB 84 47.48 -34.51 39.47
N LEU CB 85 48.24 -33.97 38.50
CA LEU CB 85 49.53 -34.51 38.10
C LEU CB 85 50.64 -34.36 39.19
N LYS DB 1 -12.23 111.30 -75.31
CA LYS DB 1 -11.57 110.05 -75.84
C LYS DB 1 -12.11 108.78 -75.20
N HIS DB 2 -11.95 107.61 -75.85
CA HIS DB 2 -12.62 106.39 -75.45
C HIS DB 2 -11.90 105.22 -76.08
N TYR DB 3 -12.10 103.98 -75.56
CA TYR DB 3 -11.78 102.78 -76.32
C TYR DB 3 -13.05 101.97 -76.47
N ASN DB 4 -13.28 101.39 -77.66
CA ASN DB 4 -14.62 101.00 -78.07
C ASN DB 4 -14.73 99.50 -78.31
N VAL DB 5 -13.81 98.69 -77.75
CA VAL DB 5 -13.81 97.25 -77.95
C VAL DB 5 -15.09 96.56 -77.46
N LYS DB 6 -15.62 95.63 -78.29
CA LYS DB 6 -16.88 94.94 -78.08
C LYS DB 6 -18.08 95.87 -77.92
N GLY DB 7 -18.02 97.08 -78.51
CA GLY DB 7 -19.10 98.06 -78.45
C GLY DB 7 -19.20 98.81 -77.15
N LYS DB 8 -18.25 98.60 -76.21
CA LYS DB 8 -18.42 99.08 -74.85
C LYS DB 8 -18.13 100.55 -74.61
N LYS DB 9 -17.36 101.22 -75.50
CA LYS DB 9 -17.21 102.66 -75.56
C LYS DB 9 -16.92 103.36 -74.22
N LYS DB 10 -15.79 103.04 -73.58
CA LYS DB 10 -15.58 103.29 -72.16
C LYS DB 10 -15.66 104.75 -71.68
N VAL DB 11 -15.03 105.68 -72.42
CA VAL DB 11 -14.87 107.08 -72.07
C VAL DB 11 -13.79 107.31 -71.02
N LEU DB 12 -12.69 107.94 -71.47
CA LEU DB 12 -11.44 108.03 -70.77
C LEU DB 12 -11.11 109.44 -70.29
N VAL DB 13 -10.58 109.54 -69.06
CA VAL DB 13 -10.12 110.77 -68.45
C VAL DB 13 -8.60 110.66 -68.26
N PRO DB 14 -7.74 111.60 -68.61
CA PRO DB 14 -6.34 111.61 -68.18
C PRO DB 14 -6.16 111.59 -66.65
N VAL DB 15 -5.46 110.58 -66.10
CA VAL DB 15 -5.24 110.48 -64.66
C VAL DB 15 -3.97 111.21 -64.21
N ASN DB 16 -3.90 111.60 -62.91
CA ASN DB 16 -2.70 112.14 -62.31
C ASN DB 16 -1.54 111.13 -62.20
N ALA DB 17 -0.29 111.62 -62.23
CA ALA DB 17 0.93 110.83 -62.22
C ALA DB 17 1.14 109.87 -61.05
N LYS DB 18 1.83 108.75 -61.31
CA LYS DB 18 2.01 107.68 -60.36
C LYS DB 18 3.15 107.88 -59.35
N LYS DB 19 3.06 107.16 -58.22
CA LYS DB 19 4.14 107.02 -57.26
C LYS DB 19 5.11 105.95 -57.74
N THR DB 20 6.41 106.12 -57.41
CA THR DB 20 7.49 105.33 -58.00
C THR DB 20 7.93 104.18 -57.13
N ILE DB 21 8.30 103.06 -57.77
CA ILE DB 21 8.63 101.80 -57.14
C ILE DB 21 10.01 101.38 -57.61
N ASN DB 22 10.80 100.77 -56.71
CA ASN DB 22 12.16 100.33 -56.98
C ASN DB 22 12.30 99.38 -58.15
N LYS DB 23 13.27 99.71 -59.02
CA LYS DB 23 13.75 98.83 -60.05
C LYS DB 23 14.67 97.76 -59.49
N LYS DB 24 14.88 96.69 -60.26
CA LYS DB 24 15.60 95.50 -59.85
C LYS DB 24 17.05 95.76 -59.44
N TYR DB 25 17.73 96.66 -60.16
CA TYR DB 25 19.07 97.11 -59.83
C TYR DB 25 19.04 98.59 -59.50
N PHE DB 26 18.96 99.45 -60.54
CA PHE DB 26 19.20 100.87 -60.44
C PHE DB 26 17.93 101.70 -60.30
N GLY DB 27 17.80 102.46 -59.19
CA GLY DB 27 16.73 103.41 -58.96
C GLY DB 27 15.31 102.91 -58.87
N ARG DB 28 14.37 103.80 -59.22
CA ARG DB 28 12.95 103.58 -59.14
C ARG DB 28 12.31 104.04 -60.44
N LYS DB 29 11.05 103.61 -60.72
CA LYS DB 29 10.31 104.12 -61.84
C LYS DB 29 8.81 104.16 -61.60
N VAL DB 30 8.08 105.01 -62.35
CA VAL DB 30 6.63 104.93 -62.52
C VAL DB 30 6.17 103.64 -63.22
N ALA DB 31 5.04 103.06 -62.77
CA ALA DB 31 4.29 102.10 -63.58
C ALA DB 31 3.54 102.78 -64.71
N SER DB 32 3.26 102.08 -65.82
CA SER DB 32 2.71 102.72 -67.02
C SER DB 32 1.24 102.44 -67.24
N LYS DB 33 0.63 101.51 -66.47
CA LYS DB 33 -0.75 101.11 -66.64
C LYS DB 33 -1.77 102.24 -66.45
N LYS DB 34 -2.77 102.32 -67.35
CA LYS DB 34 -3.91 103.22 -67.26
C LYS DB 34 -3.57 104.68 -67.01
N LYS DB 35 -2.90 105.31 -67.98
CA LYS DB 35 -2.60 106.74 -68.01
C LYS DB 35 -3.85 107.50 -68.44
N TYR DB 36 -4.80 106.74 -69.00
CA TYR DB 36 -6.16 107.15 -69.17
C TYR DB 36 -7.03 106.20 -68.39
N VAL DB 37 -7.74 106.73 -67.39
CA VAL DB 37 -8.71 106.05 -66.57
C VAL DB 37 -10.11 106.20 -67.11
N VAL DB 38 -10.86 105.09 -67.19
CA VAL DB 38 -12.29 105.13 -67.44
C VAL DB 38 -13.06 105.99 -66.43
N GLN DB 39 -14.01 106.83 -66.91
CA GLN DB 39 -15.00 107.57 -66.14
C GLN DB 39 -15.72 106.80 -65.00
N ARG DB 40 -16.45 107.54 -64.12
CA ARG DB 40 -17.08 106.97 -62.94
C ARG DB 40 -18.17 105.91 -63.18
N LYS DB 41 -19.01 106.08 -64.23
CA LYS DB 41 -20.06 105.15 -64.63
C LYS DB 41 -21.13 104.89 -63.55
N LEU DB 42 -21.64 105.96 -62.93
CA LEU DB 42 -22.63 105.93 -61.86
C LEU DB 42 -23.93 105.16 -62.13
N ARG DB 43 -24.60 104.66 -61.06
CA ARG DB 43 -25.94 104.06 -61.08
C ARG DB 43 -26.91 104.73 -62.05
N LYS DB 44 -27.58 103.93 -62.90
CA LYS DB 44 -28.26 104.43 -64.09
C LYS DB 44 -29.56 105.13 -63.75
N SER DB 45 -30.07 104.88 -62.54
CA SER DB 45 -31.18 105.55 -61.90
C SER DB 45 -30.94 107.03 -61.62
N ILE DB 46 -29.71 107.40 -61.23
CA ILE DB 46 -29.35 108.73 -60.77
C ILE DB 46 -29.57 109.83 -61.81
N GLU DB 47 -30.11 110.99 -61.36
CA GLU DB 47 -30.37 112.13 -62.20
C GLU DB 47 -30.31 113.36 -61.30
N VAL DB 48 -30.02 114.56 -61.86
CA VAL DB 48 -29.90 115.81 -61.14
C VAL DB 48 -31.17 116.22 -60.42
N GLY DB 49 -32.35 116.06 -61.06
CA GLY DB 49 -33.59 116.55 -60.46
C GLY DB 49 -34.12 115.71 -59.34
N LYS DB 50 -33.50 114.56 -59.04
CA LYS DB 50 -34.04 113.64 -58.07
C LYS DB 50 -33.57 113.93 -56.65
N VAL DB 51 -34.46 113.65 -55.69
CA VAL DB 51 -34.18 113.83 -54.27
C VAL DB 51 -33.71 112.51 -53.69
N ALA DB 52 -32.71 112.57 -52.81
CA ALA DB 52 -32.00 111.40 -52.32
C ALA DB 52 -31.78 111.44 -50.82
N ILE DB 53 -31.64 110.28 -50.16
CA ILE DB 53 -31.42 110.21 -48.75
C ILE DB 53 -29.93 110.16 -48.46
N ILE DB 54 -29.42 111.06 -47.61
CA ILE DB 54 -28.01 111.08 -47.21
C ILE DB 54 -27.72 110.01 -46.17
N LEU DB 55 -26.85 109.04 -46.50
CA LEU DB 55 -26.69 107.83 -45.73
C LEU DB 55 -25.77 107.97 -44.53
N THR DB 56 -24.59 108.59 -44.68
CA THR DB 56 -23.58 108.62 -43.62
C THR DB 56 -23.32 109.99 -43.05
N GLY DB 57 -23.97 111.05 -43.59
CA GLY DB 57 -23.75 112.44 -43.19
C GLY DB 57 -24.04 112.78 -41.75
N LYS DB 58 -23.71 114.02 -41.33
CA LYS DB 58 -24.01 114.52 -40.00
C LYS DB 58 -25.51 114.62 -39.78
N HIS DB 59 -26.20 115.17 -40.78
CA HIS DB 59 -27.65 115.18 -40.89
C HIS DB 59 -28.11 114.02 -41.75
N MET DB 60 -27.55 112.81 -41.56
CA MET DB 60 -28.01 111.60 -42.22
C MET DB 60 -29.49 111.31 -42.03
N GLY DB 61 -30.14 110.74 -43.05
CA GLY DB 61 -31.56 110.43 -43.08
C GLY DB 61 -32.42 111.54 -43.63
N LYS DB 62 -31.86 112.74 -43.81
CA LYS DB 62 -32.42 113.81 -44.60
C LYS DB 62 -32.57 113.50 -46.10
N ARG DB 63 -33.63 114.05 -46.70
CA ARG DB 63 -33.92 113.94 -48.12
C ARG DB 63 -33.44 115.21 -48.83
N CYS DB 64 -32.37 115.11 -49.62
CA CYS DB 64 -31.65 116.22 -50.22
C CYS DB 64 -31.54 116.06 -51.73
N ILE DB 65 -31.65 117.18 -52.47
CA ILE DB 65 -31.80 117.20 -53.92
C ILE DB 65 -30.49 117.41 -54.65
N ILE DB 66 -30.19 116.60 -55.67
CA ILE DB 66 -28.96 116.59 -56.43
C ILE DB 66 -28.73 117.87 -57.25
N THR DB 67 -27.46 118.31 -57.36
CA THR DB 67 -27.09 119.57 -58.00
C THR DB 67 -26.25 119.33 -59.23
N LYS DB 68 -24.91 119.15 -59.11
CA LYS DB 68 -24.01 118.93 -60.22
C LYS DB 68 -23.24 117.63 -60.07
N ILE DB 69 -23.21 116.76 -61.10
CA ILE DB 69 -22.17 115.75 -61.19
C ILE DB 69 -20.85 116.43 -61.52
N LEU DB 70 -19.90 116.38 -60.59
CA LEU DB 70 -18.65 117.12 -60.65
C LEU DB 70 -17.63 116.44 -61.54
N ASN DB 71 -16.56 117.17 -61.92
CA ASN DB 71 -15.53 116.65 -62.80
C ASN DB 71 -14.63 115.64 -62.11
N SER DB 72 -14.69 115.60 -60.77
CA SER DB 72 -14.12 114.55 -59.95
C SER DB 72 -14.90 113.26 -60.02
N GLY DB 73 -16.14 113.30 -60.55
CA GLY DB 73 -17.04 112.16 -60.59
C GLY DB 73 -17.79 111.97 -59.32
N LEU DB 74 -17.61 112.87 -58.34
CA LEU DB 74 -18.48 113.01 -57.19
C LEU DB 74 -19.67 113.88 -57.57
N LEU DB 75 -20.71 113.96 -56.73
CA LEU DB 75 -21.82 114.85 -56.96
C LEU DB 75 -22.00 115.87 -55.85
N ALA DB 76 -22.61 117.01 -56.20
CA ALA DB 76 -23.05 118.01 -55.26
C ALA DB 76 -24.53 117.83 -55.00
N VAL DB 77 -24.99 118.18 -53.79
CA VAL DB 77 -26.36 117.97 -53.36
C VAL DB 77 -26.73 119.06 -52.37
N VAL DB 78 -28.01 119.47 -52.35
CA VAL DB 78 -28.53 120.43 -51.39
C VAL DB 78 -29.93 120.00 -50.98
N GLY DB 79 -30.17 119.89 -49.67
CA GLY DB 79 -31.53 119.74 -49.14
C GLY DB 79 -31.99 121.10 -48.68
N PRO DB 80 -32.65 121.92 -49.49
CA PRO DB 80 -32.73 123.37 -49.37
C PRO DB 80 -32.43 124.04 -48.04
N TYR DB 81 -31.32 124.78 -47.95
CA TYR DB 81 -30.74 125.33 -46.74
C TYR DB 81 -31.71 126.16 -45.93
N GLU DB 82 -32.45 127.05 -46.62
CA GLU DB 82 -33.24 128.06 -45.97
C GLU DB 82 -34.46 127.47 -45.25
N ILE DB 83 -34.98 126.34 -45.77
CA ILE DB 83 -36.13 125.64 -45.20
C ILE DB 83 -35.73 124.40 -44.40
N ASN DB 84 -34.74 123.61 -44.86
CA ASN DB 84 -34.42 122.31 -44.26
C ASN DB 84 -33.10 122.33 -43.51
N GLY DB 85 -32.26 123.36 -43.70
CA GLY DB 85 -31.00 123.50 -42.99
C GLY DB 85 -29.84 122.70 -43.52
N VAL DB 86 -29.98 121.99 -44.66
CA VAL DB 86 -28.91 121.16 -45.16
C VAL DB 86 -28.09 121.95 -46.20
N PRO DB 87 -26.78 122.13 -46.04
CA PRO DB 87 -25.97 122.95 -46.93
C PRO DB 87 -25.84 122.40 -48.34
N LEU DB 88 -25.32 123.22 -49.27
CA LEU DB 88 -24.80 122.78 -50.53
C LEU DB 88 -23.51 122.02 -50.30
N LYS DB 89 -23.59 120.69 -50.30
CA LYS DB 89 -22.53 119.81 -49.92
C LYS DB 89 -22.06 118.93 -51.04
N ARG DB 90 -20.76 118.58 -51.01
CA ARG DB 90 -20.22 117.52 -51.84
C ARG DB 90 -20.47 116.18 -51.16
N VAL DB 91 -20.76 115.14 -51.96
CA VAL DB 91 -21.11 113.82 -51.51
C VAL DB 91 -20.71 112.85 -52.60
N ASP DB 92 -20.50 111.56 -52.28
CA ASP DB 92 -20.17 110.56 -53.28
C ASP DB 92 -21.31 109.57 -53.46
N SER DB 93 -21.32 108.91 -54.62
CA SER DB 93 -22.45 108.20 -55.21
C SER DB 93 -23.03 107.08 -54.36
N ARG DB 94 -22.17 106.19 -53.82
CA ARG DB 94 -22.65 105.05 -53.06
C ARG DB 94 -23.11 105.46 -51.67
N TYR DB 95 -22.76 106.67 -51.23
CA TYR DB 95 -23.08 107.18 -49.92
C TYR DB 95 -24.36 108.01 -49.96
N LEU DB 96 -25.07 107.98 -51.10
CA LEU DB 96 -26.30 108.70 -51.29
C LEU DB 96 -27.36 107.78 -51.89
N VAL DB 97 -28.51 107.62 -51.22
CA VAL DB 97 -29.56 106.71 -51.65
C VAL DB 97 -30.60 107.45 -52.47
N VAL DB 98 -30.52 107.37 -53.81
CA VAL DB 98 -31.40 108.15 -54.65
C VAL DB 98 -32.79 107.57 -54.77
N THR DB 99 -33.82 108.38 -54.47
CA THR DB 99 -35.23 108.03 -54.57
C THR DB 99 -35.76 108.26 -55.98
N SER DB 100 -36.89 107.63 -56.31
CA SER DB 100 -37.54 107.79 -57.60
C SER DB 100 -38.11 109.17 -57.91
N THR DB 101 -38.49 109.97 -56.89
CA THR DB 101 -39.07 111.30 -57.07
C THR DB 101 -38.13 112.31 -57.71
N ASN DB 102 -38.65 113.11 -58.69
CA ASN DB 102 -37.89 114.14 -59.37
C ASN DB 102 -38.56 115.51 -59.19
N ILE DB 103 -37.78 116.53 -58.84
CA ILE DB 103 -38.19 117.90 -58.59
C ILE DB 103 -38.76 118.60 -59.82
N PHE DB 104 -38.21 118.36 -61.03
CA PHE DB 104 -38.51 119.16 -62.20
C PHE DB 104 -39.72 118.62 -62.95
N ASN DB 105 -40.45 117.70 -62.30
CA ASN DB 105 -41.75 117.26 -62.75
C ASN DB 105 -42.83 117.89 -61.89
N PHE DB 106 -42.45 118.79 -60.96
CA PHE DB 106 -43.38 119.68 -60.30
C PHE DB 106 -43.43 121.00 -61.05
N GLU DB 107 -44.65 121.51 -61.31
CA GLU DB 107 -44.92 122.46 -62.37
C GLU DB 107 -44.25 123.81 -62.20
N ASN DB 108 -44.30 124.35 -60.97
CA ASN DB 108 -43.61 125.55 -60.56
C ASN DB 108 -42.10 125.50 -60.78
N ILE DB 109 -41.48 124.40 -60.31
CA ILE DB 109 -40.05 124.18 -60.26
C ILE DB 109 -39.40 124.15 -61.63
N ALA DB 110 -40.11 123.63 -62.63
CA ALA DB 110 -39.55 123.27 -63.91
C ALA DB 110 -39.19 124.48 -64.77
N LYS DB 111 -39.79 125.64 -64.47
CA LYS DB 111 -39.48 126.87 -65.17
C LYS DB 111 -38.19 127.51 -64.67
N LEU DB 112 -37.71 127.11 -63.49
CA LEU DB 112 -36.48 127.64 -62.90
C LEU DB 112 -35.32 126.67 -63.03
N LYS DB 113 -35.34 125.78 -64.04
CA LYS DB 113 -34.33 124.76 -64.19
C LYS DB 113 -33.06 125.33 -64.76
N ASP DB 114 -33.18 126.26 -65.72
CA ASP DB 114 -32.07 126.93 -66.36
C ASP DB 114 -31.27 127.76 -65.36
N ASP DB 115 -31.95 128.49 -64.47
CA ASP DB 115 -31.30 129.27 -63.44
C ASP DB 115 -30.52 128.38 -62.48
N PHE DB 116 -31.14 127.26 -62.06
CA PHE DB 116 -30.50 126.23 -61.27
C PHE DB 116 -29.28 125.65 -61.98
N LEU DB 117 -29.43 125.32 -63.27
CA LEU DB 117 -28.36 124.84 -64.11
C LEU DB 117 -27.19 125.80 -64.21
N ASN DB 118 -27.40 127.10 -64.45
CA ASN DB 118 -26.34 128.08 -64.49
C ASN DB 118 -25.58 128.24 -63.17
N TYR DB 119 -26.29 128.25 -62.02
CA TYR DB 119 -25.64 128.24 -60.71
C TYR DB 119 -24.85 126.97 -60.46
N ALA DB 120 -25.42 125.81 -60.82
CA ALA DB 120 -24.77 124.52 -60.76
C ALA DB 120 -23.54 124.43 -61.64
N GLN DB 121 -23.61 124.91 -62.89
CA GLN DB 121 -22.56 124.83 -63.87
C GLN DB 121 -21.28 125.53 -63.40
N ASP DB 122 -21.43 126.70 -62.76
CA ASP DB 122 -20.33 127.42 -62.17
C ASP DB 122 -19.52 126.65 -61.10
N ILE DB 123 -20.16 125.87 -60.21
CA ILE DB 123 -19.45 125.15 -59.14
C ILE DB 123 -18.61 123.97 -59.61
N ASP DB 124 -17.53 123.64 -58.87
CA ASP DB 124 -16.73 122.45 -59.15
C ASP DB 124 -15.95 122.04 -57.91
N ASP DB 125 -15.34 120.86 -57.95
CA ASP DB 125 -14.77 120.07 -56.88
C ASP DB 125 -13.67 120.80 -56.10
N ASP DB 126 -12.88 121.62 -56.80
CA ASP DB 126 -11.78 122.40 -56.31
C ASP DB 126 -12.24 123.50 -55.36
N SER DB 127 -13.54 123.85 -55.38
CA SER DB 127 -14.12 124.85 -54.50
C SER DB 127 -14.27 124.33 -53.09
N PHE DB 128 -14.34 122.98 -52.93
CA PHE DB 128 -14.66 122.35 -51.68
C PHE DB 128 -13.41 121.89 -50.94
N ILE DB 129 -12.22 121.97 -51.57
CA ILE DB 129 -10.98 121.45 -50.99
C ILE DB 129 -10.53 122.11 -49.69
N LYS DB 130 -9.99 121.31 -48.76
CA LYS DB 130 -9.66 121.73 -47.42
C LYS DB 130 -8.56 122.79 -47.35
N THR DB 131 -7.50 122.65 -48.18
CA THR DB 131 -6.40 123.61 -48.30
C THR DB 131 -5.43 123.57 -47.14
N LEU DB 132 -4.14 123.30 -47.42
CA LEU DB 132 -3.13 123.03 -46.40
C LEU DB 132 -2.94 124.16 -45.40
N GLU DB 133 -2.94 125.41 -45.89
CA GLU DB 133 -2.78 126.59 -45.06
C GLU DB 133 -3.92 126.76 -44.05
N ILE DB 134 -5.18 126.62 -44.51
CA ILE DB 134 -6.35 126.66 -43.65
C ILE DB 134 -6.41 125.51 -42.65
N LYS DB 135 -6.10 124.28 -43.11
CA LYS DB 135 -5.99 123.11 -42.28
C LYS DB 135 -4.97 123.27 -41.16
N LYS DB 136 -3.77 123.77 -41.51
CA LYS DB 136 -2.77 124.18 -40.54
C LYS DB 136 -3.26 125.25 -39.57
N LYS DB 137 -3.99 126.27 -40.06
CA LYS DB 137 -4.50 127.36 -39.26
C LYS DB 137 -5.42 126.92 -38.14
N GLN DB 138 -6.34 125.97 -38.40
CA GLN DB 138 -7.08 125.31 -37.35
C GLN DB 138 -6.21 124.46 -36.42
N LYS DB 139 -5.31 123.62 -36.98
CA LYS DB 139 -4.44 122.78 -36.17
C LYS DB 139 -3.51 123.51 -35.20
N LYS DB 140 -2.90 124.64 -35.62
CA LYS DB 140 -2.02 125.46 -34.80
C LYS DB 140 -2.64 126.00 -33.52
N LEU DB 141 -3.98 125.93 -33.38
CA LEU DB 141 -4.68 126.25 -32.14
C LEU DB 141 -4.35 125.31 -30.99
N LEU DB 142 -4.10 124.01 -31.27
CA LEU DB 142 -3.59 123.10 -30.28
C LEU DB 142 -2.19 123.49 -29.79
N LYS DB 143 -1.95 123.40 -28.48
CA LYS DB 143 -0.75 123.91 -27.86
C LYS DB 143 -0.39 123.08 -26.60
N PHE DB 150 -12.29 127.78 -22.05
CA PHE DB 150 -11.12 127.45 -22.94
C PHE DB 150 -11.46 126.54 -24.11
N MET DB 151 -11.86 125.27 -23.87
CA MET DB 151 -12.10 124.28 -24.91
C MET DB 151 -13.21 124.63 -25.93
N ASN DB 152 -14.38 125.10 -25.46
CA ASN DB 152 -15.51 125.50 -26.30
C ASN DB 152 -15.15 126.64 -27.24
N ASN DB 153 -14.34 127.59 -26.74
CA ASN DB 153 -13.88 128.76 -27.45
C ASN DB 153 -13.09 128.40 -28.70
N VAL DB 154 -12.21 127.39 -28.60
CA VAL DB 154 -11.39 126.92 -29.71
C VAL DB 154 -12.24 126.29 -30.80
N ILE DB 155 -13.31 125.56 -30.43
CA ILE DB 155 -14.25 124.97 -31.37
C ILE DB 155 -14.96 126.06 -32.16
N ASP DB 156 -15.42 127.10 -31.44
CA ASP DB 156 -16.01 128.28 -32.03
C ASP DB 156 -15.05 129.02 -32.98
N LYS DB 157 -13.77 129.19 -32.58
CA LYS DB 157 -12.76 129.77 -33.45
C LYS DB 157 -12.51 128.97 -34.72
N ILE DB 158 -12.39 127.63 -34.67
CA ILE DB 158 -12.27 126.79 -35.86
C ILE DB 158 -13.42 126.97 -36.82
N LYS DB 159 -14.66 127.01 -36.29
CA LYS DB 159 -15.83 127.23 -37.11
C LYS DB 159 -15.83 128.60 -37.77
N GLU DB 160 -15.39 129.63 -37.02
CA GLU DB 160 -15.19 130.97 -37.51
C GLU DB 160 -14.20 131.04 -38.67
N ILE DB 161 -13.06 130.35 -38.53
CA ILE DB 161 -12.04 130.22 -39.56
C ILE DB 161 -12.57 129.55 -40.82
N ARG DB 162 -13.33 128.43 -40.71
CA ARG DB 162 -13.93 127.82 -41.89
C ARG DB 162 -14.88 128.76 -42.62
N LYS DB 163 -15.76 129.47 -41.90
CA LYS DB 163 -16.70 130.43 -42.44
C LYS DB 163 -16.03 131.56 -43.20
N GLU DB 164 -14.92 132.10 -42.64
CA GLU DB 164 -14.13 133.15 -43.24
C GLU DB 164 -13.60 132.87 -44.65
N ASP DB 165 -13.12 131.63 -44.93
CA ASP DB 165 -12.60 131.18 -46.22
C ASP DB 165 -13.38 131.69 -47.47
N PRO DB 166 -12.76 132.26 -48.50
CA PRO DB 166 -13.46 132.85 -49.62
C PRO DB 166 -14.15 131.81 -50.47
N LYS DB 167 -13.55 130.63 -50.70
CA LYS DB 167 -14.16 129.55 -51.46
C LYS DB 167 -15.43 129.03 -50.80
N VAL DB 168 -15.37 128.82 -49.46
CA VAL DB 168 -16.51 128.49 -48.62
C VAL DB 168 -17.60 129.55 -48.69
N GLN DB 169 -17.21 130.84 -48.63
CA GLN DB 169 -18.12 131.96 -48.77
C GLN DB 169 -18.80 132.00 -50.13
N LYS DB 170 -18.03 131.82 -51.22
CA LYS DB 170 -18.54 131.70 -52.58
C LYS DB 170 -19.53 130.56 -52.76
N LEU DB 171 -19.23 129.37 -52.21
CA LEU DB 171 -20.17 128.26 -52.13
C LEU DB 171 -21.44 128.59 -51.38
N GLU DB 172 -21.34 129.22 -50.20
CA GLU DB 172 -22.47 129.68 -49.42
C GLU DB 172 -23.34 130.69 -50.15
N GLY DB 173 -22.73 131.61 -50.92
CA GLY DB 173 -23.45 132.46 -51.87
C GLY DB 173 -24.31 131.72 -52.85
N ILE DB 174 -23.76 130.70 -53.53
CA ILE DB 174 -24.51 129.84 -54.45
C ILE DB 174 -25.61 129.07 -53.76
N GLN DB 175 -25.32 128.55 -52.55
CA GLN DB 175 -26.26 127.87 -51.68
C GLN DB 175 -27.45 128.74 -51.35
N LYS DB 176 -27.17 129.99 -50.95
CA LYS DB 176 -28.18 131.00 -50.72
C LYS DB 176 -28.98 131.32 -51.96
N ASP DB 177 -28.33 131.57 -53.11
CA ASP DB 177 -28.99 131.85 -54.37
C ASP DB 177 -29.90 130.74 -54.88
N ILE DB 178 -29.44 129.47 -54.86
CA ILE DB 178 -30.25 128.31 -55.19
C ILE DB 178 -31.44 128.15 -54.26
N GLY DB 179 -31.22 128.31 -52.94
CA GLY DB 179 -32.28 128.23 -51.96
C GLY DB 179 -33.31 129.31 -52.13
N SER DB 180 -32.85 130.56 -52.31
CA SER DB 180 -33.70 131.70 -52.62
C SER DB 180 -34.53 131.50 -53.86
N LEU DB 181 -33.92 130.97 -54.93
CA LEU DB 181 -34.62 130.64 -56.14
C LEU DB 181 -35.70 129.58 -55.95
N LEU DB 182 -35.40 128.49 -55.22
CA LEU DB 182 -36.35 127.40 -55.13
C LEU DB 182 -37.39 127.51 -54.00
N LYS DB 183 -37.00 128.02 -52.82
CA LYS DB 183 -37.84 128.08 -51.62
C LYS DB 183 -39.29 128.49 -51.75
N PRO DB 184 -39.72 129.61 -52.36
CA PRO DB 184 -41.11 130.05 -52.32
C PRO DB 184 -42.02 129.05 -52.98
N GLU DB 185 -41.63 128.55 -54.16
CA GLU DB 185 -42.41 127.63 -54.93
C GLU DB 185 -42.51 126.28 -54.25
N ILE DB 186 -41.41 125.78 -53.68
CA ILE DB 186 -41.43 124.61 -52.83
C ILE DB 186 -42.32 124.78 -51.62
N LEU DB 187 -42.24 125.93 -50.91
CA LEU DB 187 -42.93 126.18 -49.67
C LEU DB 187 -44.45 126.19 -49.78
N LYS DB 188 -44.98 126.81 -50.85
CA LYS DB 188 -46.40 126.75 -51.21
C LYS DB 188 -46.94 125.33 -51.36
N ASN DB 189 -46.16 124.44 -52.01
CA ASN DB 189 -46.46 123.01 -52.08
C ASN DB 189 -46.18 122.32 -50.74
N LYS DB 190 -47.10 122.49 -49.76
CA LYS DB 190 -46.88 122.19 -48.35
C LYS DB 190 -46.49 120.76 -48.05
N VAL DB 191 -47.18 119.78 -48.64
CA VAL DB 191 -46.88 118.38 -48.47
C VAL DB 191 -45.49 117.99 -48.96
N PHE DB 192 -45.07 118.50 -50.13
CA PHE DB 192 -43.73 118.30 -50.64
C PHE DB 192 -42.68 118.97 -49.76
N ALA DB 193 -42.96 120.19 -49.28
CA ALA DB 193 -42.10 120.89 -48.36
C ALA DB 193 -41.88 120.12 -47.07
N HIS DB 194 -42.97 119.58 -46.50
CA HIS DB 194 -42.96 118.69 -45.36
C HIS DB 194 -42.21 117.42 -45.62
N TYR DB 195 -42.37 116.80 -46.78
CA TYR DB 195 -41.61 115.63 -47.18
C TYR DB 195 -40.11 115.92 -47.23
N LEU DB 196 -39.68 117.05 -47.84
CA LEU DB 196 -38.31 117.51 -47.76
C LEU DB 196 -37.79 117.71 -46.33
N LYS DB 197 -38.57 118.38 -45.46
CA LYS DB 197 -38.23 118.60 -44.07
C LYS DB 197 -38.12 117.29 -43.29
N SER DB 198 -39.09 116.39 -43.47
CA SER DB 198 -39.13 115.06 -42.91
C SER DB 198 -37.96 114.15 -43.33
N LYS DB 199 -37.41 113.44 -42.33
CA LYS DB 199 -36.37 112.45 -42.47
C LYS DB 199 -36.94 111.05 -42.72
N PHE DB 200 -36.06 110.13 -43.13
CA PHE DB 200 -36.34 108.74 -43.42
C PHE DB 200 -37.07 107.96 -42.32
N THR DB 201 -37.86 106.95 -42.72
CA THR DB 201 -38.96 106.40 -41.95
C THR DB 201 -38.67 105.05 -41.31
N LEU DB 202 -37.70 104.26 -41.80
CA LEU DB 202 -37.71 102.85 -41.52
C LEU DB 202 -37.11 102.44 -40.20
N ARG DB 203 -37.94 101.81 -39.37
CA ARG DB 203 -37.62 101.25 -38.09
C ARG DB 203 -37.87 99.75 -38.11
N ASN DB 204 -39.01 99.33 -38.69
CA ASN DB 204 -39.39 97.94 -38.77
C ASN DB 204 -40.54 97.77 -39.76
N ASP DB 205 -40.92 98.88 -40.38
CA ASP DB 205 -42.14 99.15 -41.08
C ASP DB 205 -42.41 98.24 -42.28
N MET DB 206 -41.36 97.91 -43.07
CA MET DB 206 -41.49 97.04 -44.21
C MET DB 206 -40.15 96.42 -44.57
N VAL DB 207 -40.14 95.50 -45.55
CA VAL DB 207 -38.94 94.90 -46.13
C VAL DB 207 -37.99 95.96 -46.67
N LEU DB 208 -36.78 96.04 -46.07
CA LEU DB 208 -35.85 97.12 -46.27
C LEU DB 208 -35.30 97.32 -47.68
N HIS DB 209 -35.01 98.60 -48.01
CA HIS DB 209 -34.22 99.02 -49.17
C HIS DB 209 -34.81 98.69 -50.54
N LYS DB 210 -36.13 98.92 -50.73
CA LYS DB 210 -36.73 98.79 -52.04
C LYS DB 210 -36.52 100.03 -52.89
N MET DB 211 -36.28 99.85 -54.21
CA MET DB 211 -36.09 100.96 -55.11
C MET DB 211 -37.42 101.32 -55.79
N LYS DB 212 -38.52 100.88 -55.15
CA LYS DB 212 -39.88 101.36 -55.36
C LYS DB 212 -40.08 102.74 -54.73
N PHE DB 213 -39.17 103.14 -53.82
CA PHE DB 213 -39.23 104.35 -53.03
C PHE DB 213 -38.98 105.65 -53.87
N GLY EB 1 12.99 29.00 21.25
CA GLY EB 1 14.21 29.52 21.97
C GLY EB 1 14.34 31.02 22.08
N LYS EB 2 14.16 31.59 23.29
CA LYS EB 2 14.33 33.01 23.55
C LYS EB 2 15.77 33.47 23.38
N ALA EB 3 16.72 32.61 23.79
CA ALA EB 3 18.14 32.83 23.59
C ALA EB 3 18.60 32.23 22.26
N GLY EB 4 17.65 32.05 21.32
CA GLY EB 4 17.83 31.51 19.97
C GLY EB 4 18.59 32.40 19.01
N LYS EB 5 18.24 32.35 17.72
CA LYS EB 5 18.95 33.11 16.71
C LYS EB 5 18.74 34.63 16.81
N GLY EB 6 19.49 35.40 15.99
CA GLY EB 6 19.40 36.85 15.92
C GLY EB 6 19.59 37.56 17.23
N THR EB 7 18.52 38.18 17.74
CA THR EB 7 18.56 38.93 18.99
C THR EB 7 19.04 38.08 20.15
N GLY EB 8 18.59 36.80 20.21
CA GLY EB 8 19.09 35.87 21.20
C GLY EB 8 20.55 35.52 21.07
N SER EB 9 21.10 35.58 19.83
CA SER EB 9 22.50 35.26 19.57
C SER EB 9 23.41 36.37 20.04
N PHE EB 10 23.09 37.61 19.65
CA PHE EB 10 23.92 38.77 19.92
C PHE EB 10 24.11 39.00 21.42
N GLY EB 11 23.06 38.73 22.21
CA GLY EB 11 23.12 38.83 23.66
C GLY EB 11 24.16 38.00 24.35
N LYS EB 12 24.53 36.85 23.75
CA LYS EB 12 25.48 35.95 24.34
C LYS EB 12 26.89 36.20 23.82
N ARG EB 13 27.06 37.17 22.89
CA ARG EB 13 28.36 37.50 22.32
C ARG EB 13 29.22 38.36 23.24
N ASN EB 14 29.61 37.82 24.41
CA ASN EB 14 30.63 38.34 25.27
C ASN EB 14 31.87 37.47 25.17
N GLY EB 15 33.05 38.03 25.53
CA GLY EB 15 34.29 37.27 25.53
C GLY EB 15 35.02 37.40 24.23
N LYS EB 16 35.94 38.38 24.16
CA LYS EB 16 36.79 38.60 23.01
C LYS EB 16 37.70 37.41 22.67
N THR EB 17 37.80 37.06 21.37
CA THR EB 17 38.73 36.01 20.92
C THR EB 17 39.91 36.59 20.18
N HIS EB 18 39.87 37.90 19.90
CA HIS EB 18 40.97 38.60 19.29
C HIS EB 18 41.49 39.68 20.21
N PHE EB 19 42.82 39.84 20.25
CA PHE EB 19 43.46 40.93 20.95
C PHE EB 19 44.45 41.62 20.03
N LEU EB 20 45.21 42.57 20.58
CA LEU EB 20 45.97 43.58 19.87
C LEU EB 20 47.00 43.07 18.87
N CYS EB 21 47.81 42.08 19.28
CA CYS EB 21 49.06 41.65 18.66
C CYS EB 21 50.21 42.60 18.93
N LEU EB 22 51.26 42.13 19.62
CA LEU EB 22 52.43 42.94 19.86
C LEU EB 22 53.17 43.32 18.60
N ARG EB 23 53.39 42.36 17.67
CA ARG EB 23 54.08 42.69 16.43
C ARG EB 23 53.23 43.47 15.43
N CYS EB 24 52.01 42.99 15.16
CA CYS EB 24 51.15 43.54 14.14
C CYS EB 24 50.39 44.78 14.59
N GLY EB 25 49.81 44.79 15.79
CA GLY EB 25 49.12 45.95 16.35
C GLY EB 25 47.72 46.25 15.85
N LYS EB 26 47.14 45.39 14.98
CA LYS EB 26 45.93 45.74 14.26
C LYS EB 26 44.66 45.15 14.89
N ARG EB 27 44.81 44.42 16.03
CA ARG EB 27 43.76 43.70 16.75
C ARG EB 27 43.56 42.30 16.18
N SER EB 28 44.59 41.78 15.49
CA SER EB 28 44.46 40.56 14.69
C SER EB 28 45.01 39.33 15.38
N TYR EB 29 45.36 39.42 16.68
CA TYR EB 29 45.88 38.28 17.42
C TYR EB 29 44.74 37.45 17.94
N HIS EB 30 44.49 36.30 17.30
CA HIS EB 30 43.57 35.33 17.80
C HIS EB 30 44.11 34.59 19.02
N LEU EB 31 43.45 34.79 20.17
CA LEU EB 31 43.86 34.30 21.46
C LEU EB 31 43.85 32.78 21.60
N GLN EB 32 42.78 32.11 21.14
CA GLN EB 32 42.60 30.70 21.38
C GLN EB 32 43.64 29.83 20.68
N LYS EB 33 43.94 30.12 19.41
CA LYS EB 33 44.92 29.34 18.67
C LYS EB 33 46.30 30.00 18.71
N LYS EB 34 46.44 31.11 19.46
CA LYS EB 34 47.69 31.83 19.66
C LYS EB 34 48.40 32.23 18.38
N LYS EB 35 47.69 32.97 17.50
CA LYS EB 35 48.21 33.31 16.19
C LYS EB 35 47.65 34.62 15.70
N CYS EB 36 48.50 35.49 15.14
CA CYS EB 36 48.04 36.68 14.49
C CYS EB 36 47.75 36.41 13.03
N ALA EB 37 46.54 36.81 12.59
CA ALA EB 37 46.04 36.52 11.26
C ALA EB 37 46.79 37.23 10.14
N SER EB 38 47.06 38.53 10.32
CA SER EB 38 47.66 39.36 9.30
C SER EB 38 49.00 39.82 9.81
N CYS EB 39 50.02 39.80 8.94
CA CYS EB 39 51.40 40.17 9.23
C CYS EB 39 52.13 39.14 10.06
N GLY EB 40 51.49 37.97 10.26
CA GLY EB 40 51.99 36.89 11.11
C GLY EB 40 52.27 37.29 12.54
N TYR EB 41 53.02 36.40 13.23
CA TYR EB 41 53.34 36.39 14.66
C TYR EB 41 52.51 35.28 15.27
N PRO EB 42 53.06 34.23 15.84
CA PRO EB 42 54.42 34.14 16.34
C PRO EB 42 55.32 33.57 15.25
N SER EB 43 54.83 33.42 14.01
CA SER EB 43 55.64 33.06 12.87
C SER EB 43 56.78 34.04 12.60
N ALA EB 44 57.99 33.56 12.27
CA ALA EB 44 59.12 34.43 11.98
C ALA EB 44 58.90 35.26 10.71
N LYS EB 45 58.37 34.60 9.67
CA LYS EB 45 57.85 35.23 8.48
C LYS EB 45 56.68 36.16 8.75
N LYS EB 46 56.57 37.26 8.00
CA LYS EB 46 55.40 38.11 7.95
C LYS EB 46 54.35 37.52 7.02
N ARG EB 47 53.15 37.14 7.55
CA ARG EB 47 52.13 36.53 6.73
C ARG EB 47 51.35 37.57 5.93
N ARG EB 48 51.40 37.46 4.60
CA ARG EB 48 50.73 38.35 3.70
C ARG EB 48 50.63 37.66 2.37
N PHE EB 49 49.91 38.28 1.44
CA PHE EB 49 49.44 37.67 0.22
C PHE EB 49 49.12 38.79 -0.74
N ASN EB 50 49.00 38.53 -2.05
CA ASN EB 50 48.91 39.59 -3.04
C ASN EB 50 47.50 39.91 -3.49
N TRP EB 51 46.49 39.09 -3.12
CA TRP EB 51 45.12 39.31 -3.60
C TRP EB 51 44.47 40.62 -3.15
N SER EB 52 44.61 41.06 -1.89
CA SER EB 52 44.18 42.41 -1.54
C SER EB 52 45.30 43.40 -1.74
N VAL EB 53 45.12 44.29 -2.72
CA VAL EB 53 45.98 45.42 -2.98
C VAL EB 53 45.85 46.44 -1.85
N LYS EB 54 44.61 46.66 -1.37
CA LYS EB 54 44.29 47.55 -0.28
C LYS EB 54 45.08 47.21 0.98
N ALA EB 55 45.08 45.92 1.37
CA ALA EB 55 45.84 45.44 2.49
C ALA EB 55 47.35 45.60 2.30
N LYS EB 56 47.85 45.35 1.08
CA LYS EB 56 49.25 45.50 0.75
C LYS EB 56 49.71 46.96 0.90
N ARG EB 57 48.94 47.92 0.37
CA ARG EB 57 49.30 49.31 0.47
C ARG EB 57 49.17 49.86 1.88
N ARG EB 58 48.11 49.54 2.64
CA ARG EB 58 47.92 50.15 3.95
C ARG EB 58 48.82 49.61 5.06
N ASN EB 59 49.83 48.79 4.72
CA ASN EB 59 50.88 48.37 5.62
C ASN EB 59 52.22 48.51 4.93
N THR EB 60 52.30 49.34 3.88
CA THR EB 60 53.54 49.63 3.15
C THR EB 60 54.64 50.28 3.98
N THR EB 61 55.92 50.07 3.61
CA THR EB 61 57.02 50.87 4.11
C THR EB 61 56.79 52.35 3.82
N GLY EB 62 56.88 53.22 4.84
CA GLY EB 62 56.50 54.62 4.75
C GLY EB 62 55.17 54.88 5.38
N THR EB 63 54.51 53.85 5.92
CA THR EB 63 53.37 54.02 6.83
C THR EB 63 53.81 54.62 8.15
N GLY EB 64 54.96 54.18 8.68
CA GLY EB 64 55.50 54.58 9.96
C GLY EB 64 56.59 55.63 9.90
N ARG EB 65 57.47 55.59 10.92
CA ARG EB 65 58.54 56.53 11.11
C ARG EB 65 59.63 56.51 10.04
N CYS EB 66 60.07 55.31 9.64
CA CYS EB 66 61.26 55.10 8.83
C CYS EB 66 62.50 55.82 9.33
N ARG EB 67 62.86 55.58 10.61
CA ARG EB 67 63.87 56.27 11.38
C ARG EB 67 65.24 56.34 10.72
N TYR EB 68 65.60 55.33 9.94
CA TYR EB 68 66.94 55.12 9.46
C TYR EB 68 66.89 55.33 7.97
N ILE EB 69 65.86 54.87 7.24
CA ILE EB 69 65.68 55.23 5.83
C ILE EB 69 65.63 56.74 5.61
N LYS EB 70 64.84 57.47 6.44
CA LYS EB 70 64.78 58.92 6.40
C LYS EB 70 66.14 59.56 6.65
N THR EB 71 66.88 59.06 7.66
CA THR EB 71 68.25 59.48 7.95
C THR EB 71 69.23 59.22 6.82
N LEU EB 72 69.15 58.03 6.19
CA LEU EB 72 69.93 57.65 5.04
C LEU EB 72 69.74 58.54 3.82
N ARG EB 73 68.50 58.97 3.53
CA ARG EB 73 68.31 60.05 2.58
C ARG EB 73 68.96 61.36 3.03
N ARG EB 74 69.65 62.03 2.08
CA ARG EB 74 70.51 63.20 2.22
C ARG EB 74 71.93 62.71 2.45
N LYS EB 75 72.11 61.69 3.32
CA LYS EB 75 73.36 61.03 3.64
C LYS EB 75 74.03 60.45 2.39
N LEU EB 76 73.21 59.84 1.52
CA LEU EB 76 73.59 59.28 0.24
C LEU EB 76 74.27 60.27 -0.71
N LYS EB 77 73.70 61.48 -0.89
CA LYS EB 77 74.37 62.56 -1.61
C LYS EB 77 75.69 63.02 -0.96
N ASN EB 78 75.68 63.19 0.36
CA ASN EB 78 76.76 63.68 1.17
C ASN EB 78 78.00 62.81 1.23
N LYS EB 79 77.78 61.48 1.41
CA LYS EB 79 78.68 60.31 1.36
C LYS EB 79 80.17 60.52 1.56
N PHE EB 80 80.78 61.26 0.63
CA PHE EB 80 82.16 61.71 0.57
C PHE EB 80 82.63 62.38 1.85
N THR EB 81 81.71 63.00 2.61
CA THR EB 81 81.99 63.72 3.83
C THR EB 81 82.04 62.85 5.09
N GLU EB 82 81.90 61.52 4.94
CA GLU EB 82 82.01 60.49 5.98
C GLU EB 82 82.97 60.75 7.13
N GLY EB 83 82.44 60.75 8.38
CA GLY EB 83 83.23 60.86 9.59
C GLY EB 83 83.72 62.25 9.88
N SER EB 84 83.34 63.24 9.06
CA SER EB 84 83.97 64.54 9.07
C SER EB 84 83.02 65.62 9.53
N THR EB 85 83.52 66.85 9.53
CA THR EB 85 82.84 68.04 9.99
C THR EB 85 83.26 69.12 9.03
N PRO EB 86 82.46 70.13 8.77
CA PRO EB 86 82.96 71.44 8.32
C PRO EB 86 84.10 71.98 9.17
N LYS EB 87 85.17 72.51 8.55
CA LYS EB 87 86.37 72.91 9.27
C LYS EB 87 86.15 74.09 10.25
N PRO EB 88 86.82 74.12 11.41
CA PRO EB 88 86.86 75.26 12.32
C PRO EB 88 87.09 76.66 11.73
N LYS EB 89 86.50 77.69 12.36
CA LYS EB 89 86.65 79.09 11.98
C LYS EB 89 88.06 79.68 12.34
N MET FB 1 -35.00 93.16 -28.95
CA MET FB 1 -34.41 92.12 -29.86
C MET FB 1 -35.40 91.77 -30.96
N TYR FB 2 -35.68 90.48 -31.28
CA TYR FB 2 -36.82 90.12 -32.11
C TYR FB 2 -38.14 90.53 -31.45
N LYS FB 3 -38.29 90.19 -30.16
CA LYS FB 3 -39.29 90.77 -29.29
C LYS FB 3 -38.83 90.55 -27.87
N LYS FB 4 -39.27 91.41 -26.92
CA LYS FB 4 -38.83 91.47 -25.54
C LYS FB 4 -38.88 90.14 -24.79
N GLU FB 5 -40.02 89.44 -24.93
CA GLU FB 5 -40.20 88.06 -24.53
C GLU FB 5 -41.15 87.49 -25.57
N TYR FB 6 -40.89 86.27 -26.09
CA TYR FB 6 -41.95 85.53 -26.74
C TYR FB 6 -42.71 84.71 -25.70
N VAL FB 7 -44.01 84.92 -25.57
CA VAL FB 7 -44.84 84.14 -24.64
C VAL FB 7 -45.61 83.13 -25.45
N ILE FB 8 -45.57 81.84 -25.07
CA ILE FB 8 -46.12 80.77 -25.88
C ILE FB 8 -47.23 80.03 -25.15
N ASP FB 9 -48.45 79.99 -25.73
CA ASP FB 9 -49.56 79.20 -25.23
C ASP FB 9 -49.44 77.75 -25.70
N CYS FB 10 -49.09 76.84 -24.79
CA CYS FB 10 -48.81 75.46 -25.15
C CYS FB 10 -50.02 74.63 -25.59
N LYS FB 11 -51.27 75.14 -25.42
CA LYS FB 11 -52.46 74.45 -25.92
C LYS FB 11 -52.40 74.13 -27.41
N GLY FB 12 -52.70 72.86 -27.74
CA GLY FB 12 -52.77 72.35 -29.11
C GLY FB 12 -51.45 72.01 -29.74
N HIS FB 13 -50.32 72.17 -29.03
CA HIS FB 13 -49.02 71.87 -29.60
C HIS FB 13 -48.52 70.49 -29.24
N LEU FB 14 -47.70 69.91 -30.13
CA LEU FB 14 -46.98 68.68 -29.92
C LEU FB 14 -45.59 68.95 -29.33
N LEU FB 15 -45.27 68.21 -28.23
CA LEU FB 15 -44.05 68.28 -27.45
C LEU FB 15 -42.76 68.49 -28.23
N GLY FB 16 -42.37 67.50 -29.05
CA GLY FB 16 -41.11 67.50 -29.76
C GLY FB 16 -40.82 68.69 -30.59
N ARG FB 17 -41.71 69.04 -31.53
CA ARG FB 17 -41.50 70.18 -32.40
C ARG FB 17 -41.45 71.49 -31.65
N LEU FB 18 -42.33 71.70 -30.65
CA LEU FB 18 -42.30 72.91 -29.86
C LEU FB 18 -40.98 73.06 -29.13
N ALA FB 19 -40.50 71.98 -28.49
CA ALA FB 19 -39.21 71.97 -27.84
C ALA FB 19 -38.06 72.21 -28.81
N SER FB 20 -38.05 71.51 -29.95
CA SER FB 20 -37.01 71.61 -30.96
C SER FB 20 -36.88 72.98 -31.58
N LEU FB 21 -38.02 73.60 -31.95
CA LEU FB 21 -38.04 74.93 -32.48
C LEU FB 21 -37.59 75.97 -31.46
N ILE FB 22 -38.07 75.85 -30.20
CA ILE FB 22 -37.63 76.70 -29.12
C ILE FB 22 -36.14 76.59 -28.91
N ALA FB 23 -35.57 75.38 -28.89
CA ALA FB 23 -34.17 75.16 -28.65
C ALA FB 23 -33.23 75.87 -29.61
N LYS FB 24 -33.49 75.86 -30.93
CA LYS FB 24 -32.63 76.58 -31.87
C LYS FB 24 -32.66 78.09 -31.64
N GLU FB 25 -33.85 78.68 -31.43
CA GLU FB 25 -34.01 80.06 -31.00
C GLU FB 25 -33.36 80.40 -29.67
N LEU FB 26 -33.54 79.53 -28.68
CA LEU FB 26 -32.98 79.60 -27.36
C LEU FB 26 -31.46 79.69 -27.38
N LEU FB 27 -30.82 78.83 -28.20
CA LEU FB 27 -29.41 78.90 -28.52
C LEU FB 27 -29.04 80.22 -29.19
N ASN FB 28 -29.86 80.69 -30.16
CA ASN FB 28 -29.68 81.99 -30.79
C ASN FB 28 -29.76 83.14 -29.78
N GLY FB 29 -30.63 83.01 -28.76
CA GLY FB 29 -30.55 83.84 -27.56
C GLY FB 29 -31.83 84.45 -27.08
N GLN FB 30 -32.97 84.25 -27.76
CA GLN FB 30 -34.24 84.73 -27.27
C GLN FB 30 -34.68 84.12 -25.94
N ARG FB 31 -35.24 84.92 -25.01
CA ARG FB 31 -35.92 84.39 -23.83
C ARG FB 31 -37.38 84.14 -24.14
N ILE FB 32 -37.87 82.94 -23.79
CA ILE FB 32 -39.18 82.45 -24.19
C ILE FB 32 -39.93 81.95 -22.97
N VAL FB 33 -41.14 82.50 -22.71
CA VAL FB 33 -42.02 82.09 -21.63
C VAL FB 33 -43.14 81.17 -22.13
N ALA FB 34 -43.02 79.86 -21.85
CA ALA FB 34 -44.05 78.89 -22.13
C ALA FB 34 -45.15 78.92 -21.06
N VAL FB 35 -46.39 79.21 -21.44
CA VAL FB 35 -47.54 79.28 -20.56
C VAL FB 35 -48.57 78.24 -20.96
N ARG FB 36 -49.34 77.78 -19.96
CA ARG FB 36 -50.24 76.66 -20.04
C ARG FB 36 -49.54 75.34 -20.36
N CYS FB 37 -48.37 75.08 -19.71
CA CYS FB 37 -47.48 73.98 -20.05
C CYS FB 37 -48.09 72.59 -19.91
N GLU FB 38 -49.02 72.39 -18.97
CA GLU FB 38 -49.82 71.21 -18.83
C GLU FB 38 -50.61 70.82 -20.07
N ASP FB 39 -50.99 71.78 -20.94
CA ASP FB 39 -51.89 71.51 -22.04
C ASP FB 39 -51.15 71.18 -23.33
N ILE FB 40 -49.84 70.89 -23.27
CA ILE FB 40 -49.08 70.36 -24.38
C ILE FB 40 -49.39 68.89 -24.66
N ASN FB 41 -49.22 68.42 -25.90
CA ASN FB 41 -49.57 67.09 -26.34
C ASN FB 41 -48.33 66.24 -26.55
N ILE FB 42 -48.37 64.97 -26.12
CA ILE FB 42 -47.41 63.97 -26.57
C ILE FB 42 -48.16 63.15 -27.62
N SER FB 43 -47.48 62.71 -28.70
CA SER FB 43 -48.17 62.04 -29.79
C SER FB 43 -48.52 60.58 -29.55
N GLY FB 44 -47.87 59.90 -28.58
CA GLY FB 44 -48.30 58.57 -28.13
C GLY FB 44 -49.68 58.54 -27.49
N SER FB 45 -50.30 57.35 -27.41
CA SER FB 45 -51.54 57.16 -26.65
C SER FB 45 -51.36 57.32 -25.17
N LEU FB 46 -52.47 57.30 -24.40
CA LEU FB 46 -52.42 57.44 -22.96
C LEU FB 46 -51.67 56.27 -22.36
N TYR FB 47 -52.00 55.04 -22.80
CA TYR FB 47 -51.31 53.83 -22.38
C TYR FB 47 -49.85 53.82 -22.79
N ARG FB 48 -49.56 54.13 -24.07
CA ARG FB 48 -48.22 54.20 -24.62
C ARG FB 48 -47.30 55.15 -23.84
N ASN FB 49 -47.78 56.38 -23.57
CA ASN FB 49 -47.07 57.30 -22.72
C ASN FB 49 -46.90 56.82 -21.28
N LYS FB 50 -47.94 56.20 -20.68
CA LYS FB 50 -47.84 55.63 -19.34
C LYS FB 50 -46.75 54.58 -19.26
N LEU FB 51 -46.73 53.67 -20.24
CA LEU FB 51 -45.68 52.69 -20.42
C LEU FB 51 -44.29 53.29 -20.47
N LYS FB 52 -44.06 54.32 -21.32
CA LYS FB 52 -42.77 54.99 -21.40
C LYS FB 52 -42.36 55.64 -20.07
N TYR FB 53 -43.26 56.36 -19.41
CA TYR FB 53 -43.02 56.95 -18.11
C TYR FB 53 -42.75 55.95 -17.01
N GLN FB 54 -43.51 54.84 -16.93
CA GLN FB 54 -43.19 53.71 -16.07
C GLN FB 54 -41.76 53.18 -16.25
N GLU FB 55 -41.30 53.03 -17.51
CA GLU FB 55 -39.94 52.61 -17.79
C GLU FB 55 -38.89 53.63 -17.31
N PHE FB 56 -39.15 54.92 -17.52
CA PHE FB 56 -38.38 56.03 -17.01
C PHE FB 56 -38.30 56.03 -15.48
N LEU FB 57 -39.44 55.83 -14.80
CA LEU FB 57 -39.53 55.59 -13.38
C LEU FB 57 -38.68 54.42 -12.90
N ARG FB 58 -38.68 53.28 -13.62
CA ARG FB 58 -37.85 52.13 -13.31
C ARG FB 58 -36.36 52.46 -13.24
N LEU FB 59 -35.83 53.31 -14.15
CA LEU FB 59 -34.45 53.76 -14.13
C LEU FB 59 -34.02 54.38 -12.80
N ARG FB 60 -32.81 54.05 -12.32
CA ARG FB 60 -32.37 54.39 -10.99
C ARG FB 60 -30.85 54.29 -10.98
N THR FB 61 -30.14 54.89 -10.00
CA THR FB 61 -28.74 54.54 -9.77
C THR FB 61 -28.68 53.59 -8.62
N ASN FB 62 -28.26 52.34 -8.88
CA ASN FB 62 -28.36 51.23 -7.95
C ASN FB 62 -27.64 51.47 -6.63
N THR FB 63 -26.42 52.03 -6.68
CA THR FB 63 -25.60 52.19 -5.50
C THR FB 63 -26.05 53.32 -4.61
N ASN FB 64 -26.82 54.29 -5.14
CA ASN FB 64 -27.23 55.47 -4.40
C ASN FB 64 -28.19 56.33 -5.25
N PRO FB 65 -29.50 56.27 -5.06
CA PRO FB 65 -30.44 57.11 -5.80
C PRO FB 65 -30.35 58.57 -5.47
N LYS FB 66 -29.73 58.95 -4.33
CA LYS FB 66 -29.49 60.33 -3.97
C LYS FB 66 -28.64 61.10 -4.98
N LYS FB 67 -27.80 60.40 -5.75
CA LYS FB 67 -27.00 60.98 -6.81
C LYS FB 67 -27.48 60.46 -8.16
N GLY FB 68 -28.68 59.86 -8.20
CA GLY FB 68 -29.31 59.30 -9.40
C GLY FB 68 -29.98 60.30 -10.34
N PRO FB 69 -30.60 59.82 -11.42
CA PRO FB 69 -31.47 60.62 -12.27
C PRO FB 69 -32.74 61.11 -11.60
N LEU FB 70 -33.40 62.14 -12.16
CA LEU FB 70 -34.59 62.74 -11.55
C LEU FB 70 -35.85 62.47 -12.36
N HIS FB 71 -36.89 61.94 -11.70
CA HIS FB 71 -38.18 61.58 -12.27
C HIS FB 71 -39.21 62.68 -12.19
N LEU FB 72 -38.81 63.93 -12.54
CA LEU FB 72 -39.61 65.13 -12.58
C LEU FB 72 -41.10 64.96 -12.92
N ARG FB 73 -41.97 65.45 -12.03
CA ARG FB 73 -43.39 65.18 -12.03
C ARG FB 73 -44.23 66.39 -12.41
N GLU FB 74 -43.60 67.57 -12.54
CA GLU FB 74 -44.32 68.78 -12.94
C GLU FB 74 -44.30 68.92 -14.46
N PRO FB 75 -45.38 69.27 -15.17
CA PRO FB 75 -45.38 69.27 -16.63
C PRO FB 75 -44.41 70.27 -17.22
N SER FB 76 -44.27 71.44 -16.56
CA SER FB 76 -43.27 72.44 -16.90
C SER FB 76 -41.87 71.91 -16.80
N LYS FB 77 -41.54 71.21 -15.71
CA LYS FB 77 -40.25 70.57 -15.56
C LYS FB 77 -40.01 69.44 -16.55
N ILE FB 78 -41.06 68.70 -16.94
CA ILE FB 78 -40.97 67.71 -18.00
C ILE FB 78 -40.59 68.37 -19.33
N LEU FB 79 -41.29 69.45 -19.71
CA LEU FB 79 -40.94 70.26 -20.86
C LEU FB 79 -39.50 70.79 -20.80
N TRP FB 80 -39.10 71.38 -19.67
CA TRP FB 80 -37.76 71.83 -19.37
C TRP FB 80 -36.69 70.75 -19.55
N ARG FB 81 -36.93 69.57 -18.97
CA ARG FB 81 -36.09 68.39 -19.12
C ARG FB 81 -35.93 67.96 -20.56
N CYS FB 82 -37.04 67.94 -21.34
CA CYS FB 82 -36.97 67.65 -22.75
C CYS FB 82 -36.16 68.69 -23.53
N VAL FB 83 -36.37 69.99 -23.27
CA VAL FB 83 -35.58 71.05 -23.87
C VAL FB 83 -34.10 70.94 -23.52
N ARG FB 84 -33.76 70.64 -22.25
CA ARG FB 84 -32.40 70.35 -21.84
C ARG FB 84 -31.75 69.23 -22.66
N GLY FB 85 -32.51 68.14 -22.93
CA GLY FB 85 -32.15 67.09 -23.89
C GLY FB 85 -31.77 67.55 -25.28
N MET FB 86 -32.35 68.67 -25.73
CA MET FB 86 -32.14 69.27 -27.02
C MET FB 86 -31.15 70.43 -26.95
N LEU FB 87 -30.38 70.52 -25.86
CA LEU FB 87 -29.37 71.52 -25.64
C LEU FB 87 -28.06 70.84 -25.25
N PRO FB 88 -26.92 71.53 -25.34
CA PRO FB 88 -25.65 70.97 -24.90
C PRO FB 88 -25.38 71.52 -23.53
N HIS FB 89 -26.19 71.12 -22.53
CA HIS FB 89 -26.29 71.79 -21.25
C HIS FB 89 -25.05 71.71 -20.39
N LYS FB 90 -24.14 70.79 -20.75
CA LYS FB 90 -22.86 70.63 -20.13
C LYS FB 90 -21.86 71.71 -20.55
N THR FB 91 -22.18 72.46 -21.62
CA THR FB 91 -21.42 73.62 -22.08
C THR FB 91 -21.90 74.91 -21.42
N TYR FB 92 -21.21 76.04 -21.66
CA TYR FB 92 -21.51 77.30 -21.00
C TYR FB 92 -22.60 78.00 -21.79
N LYS FB 93 -22.50 77.96 -23.14
CA LYS FB 93 -23.58 78.32 -24.04
C LYS FB 93 -24.87 77.54 -23.72
N GLY FB 94 -24.81 76.21 -23.49
CA GLY FB 94 -25.95 75.40 -23.08
C GLY FB 94 -26.55 75.77 -21.75
N GLN FB 95 -25.71 76.05 -20.74
CA GLN FB 95 -26.15 76.48 -19.43
C GLN FB 95 -26.90 77.81 -19.51
N LEU FB 96 -26.36 78.76 -20.27
CA LEU FB 96 -27.00 80.04 -20.52
C LEU FB 96 -28.35 79.91 -21.23
N ALA FB 97 -28.43 79.09 -22.29
CA ALA FB 97 -29.67 78.81 -22.99
C ALA FB 97 -30.72 78.17 -22.09
N LEU FB 98 -30.30 77.19 -21.29
CA LEU FB 98 -31.17 76.54 -20.34
C LEU FB 98 -31.76 77.51 -19.33
N LYS FB 99 -30.95 78.49 -18.86
CA LYS FB 99 -31.41 79.56 -18.01
C LYS FB 99 -32.43 80.50 -18.68
N LYS FB 100 -32.20 80.86 -19.95
CA LYS FB 100 -33.13 81.68 -20.72
C LYS FB 100 -34.57 81.19 -20.86
N LEU FB 101 -34.81 79.88 -21.02
CA LEU FB 101 -36.14 79.31 -21.05
C LEU FB 101 -36.95 79.49 -19.76
N LYS FB 102 -38.21 79.96 -19.85
CA LYS FB 102 -39.08 79.99 -18.69
C LYS FB 102 -40.31 79.17 -18.99
N VAL FB 103 -40.74 78.34 -18.02
CA VAL FB 103 -41.90 77.47 -18.17
C VAL FB 103 -42.87 77.74 -17.03
N CYS FB 104 -44.17 77.82 -17.35
CA CYS FB 104 -45.19 78.14 -16.38
C CYS FB 104 -46.42 77.24 -16.56
N VAL FB 105 -46.86 76.60 -15.47
CA VAL FB 105 -48.16 75.97 -15.46
C VAL FB 105 -49.25 77.01 -15.51
N GLY FB 106 -50.36 76.71 -16.22
CA GLY FB 106 -51.47 77.63 -16.44
C GLY FB 106 -51.10 79.04 -16.86
N MET FB 107 -51.83 80.04 -16.35
CA MET FB 107 -51.58 81.42 -16.67
C MET FB 107 -51.25 82.25 -15.42
N PRO FB 108 -50.03 82.69 -15.19
CA PRO FB 108 -49.69 83.57 -14.08
C PRO FB 108 -49.98 85.03 -14.40
N ALA FB 109 -50.37 85.84 -13.40
CA ALA FB 109 -50.84 87.20 -13.56
C ALA FB 109 -49.88 88.22 -14.21
N PRO FB 110 -48.56 88.28 -13.96
CA PRO FB 110 -47.63 89.08 -14.75
C PRO FB 110 -47.63 88.74 -16.22
N TYR FB 111 -48.10 87.54 -16.61
CA TYR FB 111 -48.18 87.16 -18.01
C TYR FB 111 -49.63 87.10 -18.50
N ASP FB 112 -50.63 87.27 -17.61
CA ASP FB 112 -52.03 87.33 -17.98
C ASP FB 112 -52.37 88.69 -18.60
N LYS FB 113 -51.73 89.77 -18.12
CA LYS FB 113 -51.76 91.01 -18.88
C LYS FB 113 -51.15 90.85 -20.30
N LYS FB 114 -50.02 90.14 -20.40
CA LYS FB 114 -49.30 89.95 -21.63
C LYS FB 114 -49.97 89.11 -22.72
N LYS FB 115 -49.64 89.46 -23.98
CA LYS FB 115 -49.92 88.70 -25.18
C LYS FB 115 -49.37 87.28 -25.13
N LYS FB 116 -50.04 86.31 -25.78
CA LYS FB 116 -49.55 84.96 -25.96
C LYS FB 116 -49.51 84.64 -27.44
N TYR FB 117 -48.47 83.93 -27.89
CA TYR FB 117 -48.26 83.52 -29.27
C TYR FB 117 -48.29 82.01 -29.36
N VAL FB 118 -48.38 81.47 -30.59
CA VAL FB 118 -48.42 80.04 -30.85
C VAL FB 118 -47.46 79.69 -31.97
N LEU FB 119 -47.08 78.42 -32.10
CA LEU FB 119 -46.15 77.95 -33.12
C LEU FB 119 -46.94 77.12 -34.13
N PRO FB 120 -47.22 77.56 -35.34
CA PRO FB 120 -48.19 76.89 -36.21
C PRO FB 120 -47.67 75.57 -36.71
N SER FB 121 -46.35 75.41 -36.82
CA SER FB 121 -45.71 74.19 -37.28
C SER FB 121 -45.72 73.10 -36.22
N ALA FB 122 -46.03 73.45 -34.95
CA ALA FB 122 -46.07 72.51 -33.87
C ALA FB 122 -47.50 72.13 -33.47
N LEU FB 123 -48.54 72.72 -34.11
CA LEU FB 123 -49.92 72.37 -33.83
C LEU FB 123 -50.30 70.94 -34.17
N ARG FB 124 -51.01 70.26 -33.24
CA ARG FB 124 -51.33 68.87 -33.36
C ARG FB 124 -52.15 68.52 -34.57
N ALA FB 125 -53.20 69.31 -34.90
CA ALA FB 125 -53.98 68.95 -36.06
C ALA FB 125 -53.38 69.44 -37.36
N PHE FB 126 -52.32 70.27 -37.28
CA PHE FB 126 -51.47 70.50 -38.42
C PHE FB 126 -50.58 69.30 -38.74
N ARG FB 127 -50.02 68.63 -37.72
CA ARG FB 127 -48.91 67.73 -37.93
C ARG FB 127 -49.16 66.27 -37.58
N LEU FB 128 -50.32 65.93 -37.01
CA LEU FB 128 -50.69 64.56 -36.68
C LEU FB 128 -52.03 64.25 -37.32
N LYS FB 129 -52.17 63.12 -38.04
CA LYS FB 129 -53.44 62.76 -38.66
C LYS FB 129 -54.59 62.59 -37.69
N LYS FB 130 -55.81 62.99 -38.12
CA LYS FB 130 -56.95 63.17 -37.24
C LYS FB 130 -57.39 61.91 -36.50
N HIS FB 131 -57.33 60.74 -37.17
CA HIS FB 131 -57.75 59.49 -36.54
C HIS FB 131 -56.73 58.86 -35.58
N ARG FB 132 -55.45 59.30 -35.58
CA ARG FB 132 -54.43 58.77 -34.68
C ARG FB 132 -54.69 59.04 -33.18
N ARG FB 133 -54.32 58.09 -32.30
CA ARG FB 133 -54.37 58.28 -30.86
C ARG FB 133 -53.30 59.24 -30.34
N TYR FB 134 -53.58 59.97 -29.24
CA TYR FB 134 -52.65 60.94 -28.68
C TYR FB 134 -52.97 61.16 -27.19
N CYS FB 135 -52.18 61.99 -26.48
CA CYS FB 135 -52.50 62.36 -25.11
C CYS FB 135 -51.90 63.70 -24.69
N ARG FB 136 -52.71 64.53 -24.02
CA ARG FB 136 -52.27 65.72 -23.33
C ARG FB 136 -51.36 65.41 -22.13
N LEU FB 137 -50.24 66.15 -21.96
CA LEU FB 137 -49.23 65.95 -20.94
C LEU FB 137 -49.72 66.06 -19.51
N GLY FB 138 -50.56 67.07 -19.20
CA GLY FB 138 -51.15 67.23 -17.87
C GLY FB 138 -52.03 66.08 -17.50
N THR FB 139 -52.82 65.59 -18.46
CA THR FB 139 -53.64 64.41 -18.33
C THR FB 139 -52.81 63.18 -18.08
N LEU FB 140 -51.72 63.00 -18.85
CA LEU FB 140 -50.74 61.94 -18.67
C LEU FB 140 -50.10 61.97 -17.28
N SER FB 141 -49.73 63.17 -16.82
CA SER FB 141 -49.16 63.38 -15.51
C SER FB 141 -50.12 62.98 -14.41
N SER FB 142 -51.40 63.38 -14.56
CA SER FB 142 -52.51 62.99 -13.71
C SER FB 142 -52.74 61.48 -13.72
N ARG FB 143 -52.69 60.86 -14.91
CA ARG FB 143 -52.75 59.43 -15.13
C ARG FB 143 -51.69 58.66 -14.37
N VAL FB 144 -50.45 59.18 -14.30
CA VAL FB 144 -49.41 58.54 -13.50
C VAL FB 144 -49.32 59.19 -12.13
N GLY FB 145 -50.44 59.81 -11.71
CA GLY FB 145 -50.81 60.18 -10.35
C GLY FB 145 -50.45 61.57 -9.90
N TRP FB 146 -49.89 62.39 -10.78
CA TRP FB 146 -49.26 63.66 -10.44
C TRP FB 146 -50.18 64.80 -10.82
N ASN FB 147 -51.38 64.80 -10.23
CA ASN FB 147 -52.47 65.73 -10.51
C ASN FB 147 -52.27 67.07 -9.84
N TYR FB 148 -52.16 68.13 -10.66
CA TYR FB 148 -52.15 69.50 -10.23
C TYR FB 148 -53.01 70.29 -11.21
N ASP FB 149 -54.02 69.60 -11.77
CA ASP FB 149 -54.76 70.00 -12.95
C ASP FB 149 -55.98 70.76 -12.49
N THR FB 150 -56.68 70.23 -11.49
CA THR FB 150 -57.90 70.79 -10.92
C THR FB 150 -57.73 72.21 -10.43
N LEU FB 151 -56.59 72.50 -9.78
CA LEU FB 151 -56.23 73.85 -9.35
C LEU FB 151 -56.05 74.78 -10.52
N VAL FB 152 -55.30 74.36 -11.54
CA VAL FB 152 -55.08 75.12 -12.76
C VAL FB 152 -56.38 75.40 -13.49
N LYS FB 153 -57.27 74.40 -13.58
CA LYS FB 153 -58.57 74.55 -14.20
C LYS FB 153 -59.43 75.57 -13.48
N LYS FB 154 -59.48 75.54 -12.14
CA LYS FB 154 -60.15 76.54 -11.34
C LYS FB 154 -59.61 77.95 -11.59
N ASN FB 155 -58.27 78.07 -11.60
CA ASN FB 155 -57.56 79.32 -11.84
C ASN FB 155 -57.85 79.87 -13.21
N GLU FB 156 -57.77 79.03 -14.25
CA GLU FB 156 -58.05 79.39 -15.62
C GLU FB 156 -59.46 79.91 -15.81
N VAL FB 157 -60.50 79.22 -15.29
CA VAL FB 157 -61.87 79.68 -15.42
C VAL FB 157 -62.14 81.03 -14.78
N LEU FB 158 -61.57 81.27 -13.58
CA LEU FB 158 -61.69 82.55 -12.89
C LEU FB 158 -61.05 83.68 -13.66
N ARG FB 159 -59.84 83.42 -14.15
CA ARG FB 159 -59.05 84.33 -14.96
C ARG FB 159 -59.72 84.59 -16.29
N LYS FB 160 -60.21 83.54 -16.97
CA LYS FB 160 -60.91 83.62 -18.23
C LYS FB 160 -62.18 84.45 -18.17
N GLN FB 161 -63.04 84.27 -17.16
CA GLN FB 161 -64.20 85.16 -16.98
C GLN FB 161 -63.84 86.64 -16.85
N VAL FB 162 -62.82 87.00 -16.04
CA VAL FB 162 -62.32 88.36 -15.90
C VAL FB 162 -61.76 88.90 -17.21
N SER FB 163 -60.99 88.05 -17.90
CA SER FB 163 -60.46 88.30 -19.23
C SER FB 163 -61.54 88.59 -20.23
N LYS FB 164 -62.68 87.90 -20.16
CA LYS FB 164 -63.81 88.06 -21.06
C LYS FB 164 -64.39 89.46 -20.97
N ALA FB 165 -64.53 89.96 -19.73
CA ALA FB 165 -64.89 91.34 -19.47
C ALA FB 165 -63.86 92.32 -20.00
N TYR FB 166 -62.56 92.01 -19.84
CA TYR FB 166 -61.50 92.77 -20.47
C TYR FB 166 -61.62 92.77 -22.02
N TYR FB 167 -61.90 91.62 -22.66
CA TYR FB 167 -62.07 91.53 -24.11
C TYR FB 167 -63.26 92.32 -24.60
N LYS FB 168 -64.39 92.26 -23.88
CA LYS FB 168 -65.56 93.05 -24.24
C LYS FB 168 -65.26 94.54 -24.11
N LYS FB 169 -64.55 94.97 -23.05
CA LYS FB 169 -64.10 96.33 -22.90
C LYS FB 169 -63.20 96.79 -24.05
N LYS FB 170 -62.20 95.96 -24.44
CA LYS FB 170 -61.32 96.26 -25.54
C LYS FB 170 -62.04 96.36 -26.88
N VAL FB 171 -62.99 95.45 -27.14
CA VAL FB 171 -63.86 95.48 -28.30
C VAL FB 171 -64.75 96.72 -28.34
N ASN FB 172 -65.42 97.05 -27.23
CA ASN FB 172 -66.22 98.26 -27.08
C ASN FB 172 -65.43 99.51 -27.39
N ASN FB 173 -64.24 99.65 -26.77
CA ASN FB 173 -63.33 100.75 -26.98
C ASN FB 173 -62.90 100.88 -28.43
N LEU FB 174 -62.63 99.76 -29.11
CA LEU FB 174 -62.30 99.76 -30.53
C LEU FB 174 -63.46 100.23 -31.39
N ASN FB 175 -64.72 99.81 -31.10
CA ASN FB 175 -65.90 100.27 -31.80
C ASN FB 175 -66.06 101.78 -31.73
N GLU FB 176 -65.86 102.36 -30.54
CA GLU FB 176 -65.90 103.77 -30.30
C GLU FB 176 -64.79 104.52 -31.03
N LYS FB 177 -63.56 103.96 -31.01
CA LYS FB 177 -62.41 104.45 -31.74
C LYS FB 177 -62.65 104.48 -33.23
N LYS FB 178 -63.23 103.42 -33.81
CA LYS FB 178 -63.65 103.34 -35.20
C LYS FB 178 -64.68 104.41 -35.55
N GLU FB 179 -65.71 104.60 -34.72
CA GLU FB 179 -66.66 105.68 -34.87
C GLU FB 179 -65.99 107.06 -34.88
N ILE FB 180 -65.11 107.34 -33.91
CA ILE FB 180 -64.35 108.57 -33.88
C ILE FB 180 -63.43 108.73 -35.11
N LYS FB 181 -62.72 107.67 -35.52
CA LYS FB 181 -61.88 107.66 -36.70
C LYS FB 181 -62.63 108.00 -37.98
N THR FB 182 -63.77 107.34 -38.20
CA THR FB 182 -64.65 107.55 -39.34
C THR FB 182 -65.24 108.93 -39.39
N GLU FB 183 -65.62 109.50 -38.24
CA GLU FB 183 -66.01 110.89 -38.07
C GLU FB 183 -64.93 111.85 -38.56
N ALA FB 184 -63.66 111.60 -38.20
CA ALA FB 184 -62.62 112.58 -38.42
C ALA FB 184 -61.96 112.46 -39.79
N LEU FB 185 -62.47 111.58 -40.67
CA LEU FB 185 -62.02 111.51 -42.05
C LEU FB 185 -62.59 112.69 -42.83
N ASN FB 186 -63.80 113.13 -42.46
CA ASN FB 186 -64.36 114.37 -42.94
C ASN FB 186 -63.61 115.60 -42.47
N LEU FB 187 -63.04 115.55 -41.24
CA LEU FB 187 -62.40 116.71 -40.66
C LEU FB 187 -60.99 116.97 -41.15
N ILE FB 188 -60.32 115.98 -41.76
CA ILE FB 188 -59.01 116.17 -42.36
C ILE FB 188 -59.09 116.73 -43.76
N ASN FB 189 -57.93 117.12 -44.33
CA ASN FB 189 -57.83 117.65 -45.68
C ASN FB 189 -58.34 116.67 -46.75
N PRO FB 190 -59.18 117.07 -47.72
CA PRO FB 190 -59.67 116.21 -48.79
C PRO FB 190 -58.60 115.45 -49.56
N GLU FB 191 -57.60 116.12 -50.13
CA GLU FB 191 -56.55 115.48 -50.90
C GLU FB 191 -55.82 114.40 -50.13
N GLN FB 192 -55.44 114.71 -48.87
CA GLN FB 192 -54.83 113.76 -47.96
C GLN FB 192 -55.72 112.60 -47.60
N ARG FB 193 -57.01 112.88 -47.30
CA ARG FB 193 -58.04 111.88 -47.11
C ARG FB 193 -58.19 110.96 -48.30
N GLN FB 194 -58.20 111.50 -49.53
CA GLN FB 194 -58.23 110.73 -50.75
C GLN FB 194 -57.00 109.82 -50.90
N VAL FB 195 -55.78 110.31 -50.59
CA VAL FB 195 -54.57 109.50 -50.60
C VAL FB 195 -54.65 108.36 -49.60
N LEU FB 196 -55.16 108.66 -48.40
CA LEU FB 196 -55.36 107.69 -47.35
C LEU FB 196 -56.38 106.61 -47.73
N GLU FB 197 -57.50 106.98 -48.37
CA GLU FB 197 -58.40 106.03 -48.99
C GLU FB 197 -57.75 105.20 -50.10
N ASN FB 198 -56.97 105.82 -51.01
CA ASN FB 198 -56.37 105.15 -52.16
C ASN FB 198 -55.45 104.00 -51.82
N PHE FB 199 -54.55 104.15 -50.83
CA PHE FB 199 -53.69 103.04 -50.46
C PHE FB 199 -54.25 102.22 -49.32
N GLY FB 200 -55.53 102.40 -48.95
CA GLY FB 200 -56.02 101.99 -47.63
C GLY FB 200 -55.23 102.56 -46.46
N TYR FB 201 -55.58 102.12 -45.24
CA TYR FB 201 -55.05 102.72 -44.03
C TYR FB 201 -53.75 102.03 -43.55
N THR GB 1 -63.53 21.67 19.53
CA THR GB 1 -62.35 22.29 20.27
C THR GB 1 -61.74 23.48 19.54
N LEU GB 2 -61.52 24.61 20.23
CA LEU GB 2 -60.90 25.79 19.63
C LEU GB 2 -59.41 25.77 19.97
N LYS GB 3 -58.53 25.96 18.96
CA LYS GB 3 -57.12 25.66 19.10
C LYS GB 3 -56.29 26.87 19.51
N ASN GB 4 -56.94 27.99 19.86
CA ASN GB 4 -56.31 29.21 20.34
C ASN GB 4 -55.47 29.01 21.59
N LYS GB 5 -54.35 29.75 21.70
CA LYS GB 5 -53.38 29.48 22.75
C LYS GB 5 -52.88 30.71 23.48
N MET GB 6 -52.92 31.91 22.84
CA MET GB 6 -52.30 33.13 23.34
C MET GB 6 -50.77 33.04 23.46
N ARG GB 7 -50.04 34.17 23.43
CA ARG GB 7 -48.59 34.13 23.51
C ARG GB 7 -48.05 33.69 24.89
N ILE GB 8 -47.26 32.60 24.90
CA ILE GB 8 -46.59 32.08 26.09
C ILE GB 8 -45.11 32.11 25.76
N THR GB 9 -44.25 32.37 26.77
CA THR GB 9 -42.82 32.60 26.59
C THR GB 9 -42.03 31.48 25.91
N LEU GB 10 -41.02 31.88 25.13
CA LEU GB 10 -40.13 30.99 24.41
C LEU GB 10 -39.20 30.18 25.31
N SER GB 11 -38.99 28.88 25.01
CA SER GB 11 -38.34 27.97 25.93
C SER GB 11 -37.85 26.73 25.20
N LEU GB 12 -36.97 25.91 25.80
CA LEU GB 12 -36.75 24.55 25.30
C LEU GB 12 -36.36 24.35 23.82
N PRO GB 13 -35.30 24.93 23.26
CA PRO GB 13 -34.73 24.52 21.98
C PRO GB 13 -34.59 23.03 21.74
N VAL GB 14 -34.73 22.56 20.49
CA VAL GB 14 -34.56 21.17 20.14
C VAL GB 14 -33.24 20.55 20.61
N GLY GB 15 -33.31 19.27 21.01
CA GLY GB 15 -32.27 18.53 21.71
C GLY GB 15 -32.44 18.51 23.21
N ALA GB 16 -33.37 19.31 23.76
CA ALA GB 16 -33.72 19.33 25.16
C ALA GB 16 -34.27 18.01 25.72
N LEU GB 17 -33.89 17.65 26.96
CA LEU GB 17 -34.32 16.43 27.61
C LEU GB 17 -35.23 16.73 28.81
N ILE GB 18 -36.51 16.35 28.69
CA ILE GB 18 -37.58 16.73 29.61
C ILE GB 18 -38.31 15.51 30.16
N ASN GB 19 -38.95 15.64 31.33
CA ASN GB 19 -39.75 14.58 31.96
C ASN GB 19 -41.00 14.17 31.17
N CYS GB 20 -41.32 12.86 31.08
CA CYS GB 20 -42.51 12.36 30.38
C CYS GB 20 -43.83 12.38 31.19
N CYS GB 21 -43.73 12.32 32.54
CA CYS GB 21 -44.81 12.65 33.46
C CYS GB 21 -46.08 11.79 33.43
N ASP GB 22 -46.01 10.52 32.99
CA ASP GB 22 -47.18 9.68 32.88
C ASP GB 22 -46.76 8.21 32.95
N ASN GB 23 -47.75 7.31 32.90
CA ASN GB 23 -47.64 5.86 33.01
C ASN GB 23 -47.49 5.21 31.64
N SER GB 24 -47.08 5.99 30.63
CA SER GB 24 -46.75 5.52 29.29
C SER GB 24 -45.60 4.53 29.29
N GLY GB 25 -44.64 4.74 30.21
CA GLY GB 25 -43.45 3.91 30.37
C GLY GB 25 -42.23 4.61 29.84
N GLY GB 26 -42.42 5.75 29.16
CA GLY GB 26 -41.37 6.73 28.92
C GLY GB 26 -41.05 7.44 30.20
N LYS GB 27 -39.75 7.67 30.50
CA LYS GB 27 -39.43 8.44 31.69
C LYS GB 27 -38.97 9.83 31.29
N ASN GB 28 -38.32 9.95 30.14
CA ASN GB 28 -37.90 11.23 29.60
C ASN GB 28 -38.22 11.31 28.13
N LEU GB 29 -38.15 12.54 27.59
CA LEU GB 29 -38.47 12.85 26.23
C LEU GB 29 -37.44 13.83 25.72
N TYR GB 30 -36.84 13.51 24.57
CA TYR GB 30 -35.79 14.24 23.91
C TYR GB 30 -36.38 14.89 22.68
N ILE GB 31 -36.56 16.22 22.68
CA ILE GB 31 -37.34 16.91 21.66
C ILE GB 31 -36.49 17.13 20.42
N ILE GB 32 -36.96 16.64 19.25
CA ILE GB 32 -36.21 16.73 18.01
C ILE GB 32 -36.79 17.74 17.03
N ALA GB 33 -38.05 18.16 17.22
CA ALA GB 33 -38.67 19.09 16.29
C ALA GB 33 -39.93 19.69 16.87
N VAL GB 34 -40.36 20.83 16.32
CA VAL GB 34 -41.61 21.49 16.69
C VAL GB 34 -42.54 21.49 15.49
N GLN GB 35 -43.83 21.20 15.71
CA GLN GB 35 -44.85 21.19 14.68
C GLN GB 35 -45.39 22.59 14.47
N GLY GB 36 -45.43 23.05 13.20
CA GLY GB 36 -45.91 24.38 12.87
C GLY GB 36 -44.90 25.49 12.99
N PHE GB 37 -43.62 25.16 13.22
CA PHE GB 37 -42.57 26.16 13.42
C PHE GB 37 -42.35 27.07 12.20
N GLY GB 38 -41.98 28.34 12.44
CA GLY GB 38 -41.60 29.28 11.39
C GLY GB 38 -40.36 28.90 10.59
N SER GB 39 -40.01 29.72 9.59
CA SER GB 39 -38.85 29.52 8.73
C SER GB 39 -37.91 30.71 8.80
N CYS GB 40 -36.61 30.48 9.03
CA CYS GB 40 -35.66 31.53 9.28
C CYS GB 40 -34.27 30.94 9.52
N LEU GB 41 -33.27 31.52 8.84
CA LEU GB 41 -31.85 31.18 8.93
C LEU GB 41 -31.26 31.35 10.33
N ASN GB 42 -31.60 32.48 10.97
CA ASN GB 42 -31.09 32.80 12.30
C ASN GB 42 -31.62 31.85 13.38
N ARG GB 43 -32.94 31.55 13.36
CA ARG GB 43 -33.62 30.78 14.39
C ARG GB 43 -33.17 29.34 14.60
N LEU GB 44 -33.34 28.87 15.84
CA LEU GB 44 -33.37 27.46 16.17
C LEU GB 44 -34.77 27.19 16.74
N PRO GB 45 -35.53 26.19 16.32
CA PRO GB 45 -36.84 25.87 16.88
C PRO GB 45 -36.91 25.67 18.38
N ALA GB 46 -37.80 26.43 19.05
CA ALA GB 46 -38.01 26.36 20.48
C ALA GB 46 -39.49 26.12 20.83
N ALA GB 47 -39.73 25.37 21.91
CA ALA GB 47 -41.02 24.95 22.41
C ALA GB 47 -41.71 25.95 23.35
N SER GB 48 -43.01 25.70 23.62
CA SER GB 48 -43.74 26.37 24.69
C SER GB 48 -44.94 25.50 25.02
N LEU GB 49 -45.69 25.79 26.11
CA LEU GB 49 -46.75 24.96 26.62
C LEU GB 49 -47.83 24.63 25.60
N GLY GB 50 -48.24 25.62 24.80
CA GLY GB 50 -49.31 25.48 23.83
C GLY GB 50 -48.94 24.77 22.56
N ASP GB 51 -47.66 24.35 22.40
CA ASP GB 51 -47.14 23.87 21.14
C ASP GB 51 -46.87 22.36 21.12
N MET GB 52 -47.14 21.75 19.94
CA MET GB 52 -46.93 20.34 19.67
C MET GB 52 -45.48 20.09 19.24
N VAL GB 53 -44.73 19.32 20.04
CA VAL GB 53 -43.41 18.89 19.67
C VAL GB 53 -43.38 17.48 19.09
N LEU GB 54 -42.22 17.10 18.53
CA LEU GB 54 -41.87 15.77 18.14
C LEU GB 54 -40.63 15.39 18.91
N ALA GB 55 -40.62 14.21 19.54
CA ALA GB 55 -39.58 13.76 20.42
C ALA GB 55 -39.14 12.33 20.13
N THR GB 56 -38.02 11.92 20.75
CA THR GB 56 -37.58 10.53 20.83
C THR GB 56 -37.36 10.18 22.30
N VAL GB 57 -37.41 8.88 22.64
CA VAL GB 57 -37.35 8.39 24.02
C VAL GB 57 -35.96 7.84 24.34
N LYS GB 58 -35.20 8.54 25.19
CA LYS GB 58 -33.89 8.09 25.64
C LYS GB 58 -33.94 7.13 26.82
N LYS GB 59 -34.85 7.38 27.79
CA LYS GB 59 -35.02 6.54 28.97
C LYS GB 59 -36.47 6.12 29.07
N GLY GB 60 -36.73 4.82 29.29
CA GLY GB 60 -38.08 4.29 29.28
C GLY GB 60 -38.14 2.90 28.71
N LYS GB 61 -39.36 2.36 28.57
CA LYS GB 61 -39.63 1.03 28.04
C LYS GB 61 -39.14 0.78 26.60
N PRO GB 62 -38.69 -0.42 26.25
CA PRO GB 62 -37.90 -0.66 25.04
C PRO GB 62 -38.65 -0.42 23.74
N ASP GB 63 -39.97 -0.63 23.70
CA ASP GB 63 -40.78 -0.39 22.53
C ASP GB 63 -40.82 1.09 22.14
N LEU GB 64 -40.83 1.98 23.13
CA LEU GB 64 -40.82 3.41 22.95
C LEU GB 64 -39.50 3.95 22.42
N ARG GB 65 -38.36 3.37 22.84
CA ARG GB 65 -37.02 3.83 22.49
C ARG GB 65 -36.74 3.94 21.00
N LYS GB 66 -35.97 4.98 20.60
CA LYS GB 66 -35.51 5.26 19.25
C LYS GB 66 -36.58 5.65 18.23
N LYS GB 67 -37.84 5.25 18.44
CA LYS GB 67 -39.00 5.68 17.70
C LYS GB 67 -39.33 7.16 17.88
N VAL GB 68 -39.86 7.80 16.82
CA VAL GB 68 -40.24 9.20 16.90
C VAL GB 68 -41.71 9.29 17.24
N LEU GB 69 -42.04 10.22 18.15
CA LEU GB 69 -43.37 10.33 18.73
C LEU GB 69 -43.72 11.80 18.89
N ASN GB 70 -45.03 12.13 18.76
CA ASN GB 70 -45.54 13.46 19.07
C ASN GB 70 -45.64 13.67 20.57
N ALA GB 71 -45.49 14.92 21.05
CA ALA GB 71 -45.72 15.20 22.46
C ALA GB 71 -46.26 16.62 22.68
N ILE GB 72 -46.86 16.83 23.85
CA ILE GB 72 -47.43 18.10 24.26
C ILE GB 72 -46.71 18.55 25.51
N ILE GB 73 -46.31 19.83 25.61
CA ILE GB 73 -45.61 20.33 26.77
C ILE GB 73 -46.60 20.69 27.88
N CYS GB 74 -46.34 20.26 29.13
CA CYS GB 74 -47.30 20.34 30.22
C CYS GB 74 -46.83 21.19 31.37
N ARG GB 75 -45.52 21.14 31.67
CA ARG GB 75 -44.87 21.91 32.71
C ARG GB 75 -43.67 22.63 32.10
N GLN GB 76 -43.39 23.90 32.48
CA GLN GB 76 -42.15 24.52 32.03
C GLN GB 76 -41.54 25.44 33.07
N SER GB 77 -40.20 25.38 33.17
CA SER GB 77 -39.38 26.19 34.05
C SER GB 77 -39.35 27.65 33.70
N LYS GB 78 -39.32 27.99 32.39
CA LYS GB 78 -39.30 29.37 31.95
C LYS GB 78 -40.57 30.13 32.31
N ALA GB 79 -40.44 31.26 33.03
CA ALA GB 79 -41.56 32.06 33.43
C ALA GB 79 -42.32 32.73 32.29
N TRP GB 80 -43.67 32.82 32.41
CA TRP GB 80 -44.47 33.60 31.49
C TRP GB 80 -45.39 34.53 32.24
N ARG GB 81 -45.90 35.58 31.57
CA ARG GB 81 -46.81 36.52 32.17
C ARG GB 81 -48.24 36.01 32.01
N ARG GB 82 -48.92 35.67 33.11
CA ARG GB 82 -50.34 35.37 33.08
C ARG GB 82 -51.13 36.66 33.17
N HIS GB 83 -52.34 36.73 32.58
CA HIS GB 83 -53.05 37.99 32.47
C HIS GB 83 -53.93 38.24 33.67
N GLU GB 84 -53.77 37.36 34.67
CA GLU GB 84 -54.12 37.58 36.05
C GLU GB 84 -53.14 38.51 36.76
N GLY GB 85 -51.95 38.77 36.17
CA GLY GB 85 -51.04 39.82 36.64
C GLY GB 85 -49.91 39.34 37.48
N TYR GB 86 -49.28 38.22 37.10
CA TYR GB 86 -48.12 37.69 37.78
C TYR GB 86 -47.31 36.88 36.80
N TYR GB 87 -45.99 36.75 37.02
CA TYR GB 87 -45.19 35.84 36.22
C TYR GB 87 -45.14 34.48 36.90
N ILE GB 88 -45.73 33.46 36.27
CA ILE GB 88 -45.79 32.11 36.80
C ILE GB 88 -44.67 31.23 36.26
N TYR GB 89 -44.11 30.31 37.08
CA TYR GB 89 -43.15 29.33 36.63
C TYR GB 89 -43.16 28.06 37.48
N PHE GB 90 -42.88 26.90 36.83
CA PHE GB 90 -42.61 25.64 37.49
C PHE GB 90 -41.15 25.55 37.86
N GLU GB 91 -40.79 24.58 38.71
CA GLU GB 91 -39.39 24.18 38.86
C GLU GB 91 -38.82 23.54 37.60
N ASP GB 92 -39.57 22.63 36.97
CA ASP GB 92 -39.06 21.72 35.96
C ASP GB 92 -39.84 21.78 34.65
N ASN GB 93 -39.32 21.06 33.63
CA ASN GB 93 -39.91 20.97 32.32
C ASN GB 93 -40.43 19.56 32.09
N ALA GB 94 -41.65 19.44 31.57
CA ALA GB 94 -42.23 18.14 31.31
C ALA GB 94 -43.29 18.21 30.23
N GLY GB 95 -43.40 17.14 29.43
CA GLY GB 95 -44.44 16.97 28.44
C GLY GB 95 -44.93 15.56 28.48
N VAL GB 96 -46.02 15.24 27.75
CA VAL GB 96 -46.54 13.89 27.63
C VAL GB 96 -46.64 13.48 26.16
N ILE GB 97 -46.14 12.27 25.80
CA ILE GB 97 -46.31 11.74 24.47
C ILE GB 97 -47.75 11.43 24.07
N VAL GB 98 -48.03 11.66 22.79
CA VAL GB 98 -49.33 11.55 22.18
C VAL GB 98 -49.15 11.01 20.78
N ASN GB 99 -50.25 10.72 20.06
CA ASN GB 99 -50.25 10.48 18.63
C ASN GB 99 -50.38 11.82 17.88
N PRO GB 100 -50.26 11.96 16.57
CA PRO GB 100 -50.22 13.28 15.94
C PRO GB 100 -51.55 14.00 15.93
N LYS GB 101 -52.67 13.34 16.28
CA LYS GB 101 -53.95 14.02 16.43
C LYS GB 101 -54.26 14.28 17.89
N GLY GB 102 -53.30 13.99 18.80
CA GLY GB 102 -53.36 14.39 20.19
C GLY GB 102 -54.03 13.40 21.12
N GLU GB 103 -54.03 12.10 20.79
CA GLU GB 103 -54.50 11.07 21.69
C GLU GB 103 -53.35 10.54 22.54
N MET GB 104 -53.56 10.47 23.88
CA MET GB 104 -52.57 10.08 24.87
C MET GB 104 -52.00 8.67 24.70
N LYS GB 105 -50.67 8.53 24.82
CA LYS GB 105 -50.08 7.22 25.02
C LYS GB 105 -50.26 6.74 26.47
N GLY GB 106 -50.05 7.66 27.43
CA GLY GB 106 -50.28 7.45 28.86
C GLY GB 106 -51.73 7.54 29.25
N SER GB 107 -52.01 7.87 30.52
CA SER GB 107 -53.37 7.90 31.03
C SER GB 107 -53.54 8.66 32.34
N ALA GB 108 -52.48 9.17 32.95
CA ALA GB 108 -52.62 9.93 34.16
C ALA GB 108 -51.35 10.75 34.41
N ILE GB 109 -51.48 12.09 34.32
CA ILE GB 109 -50.35 12.98 34.28
C ILE GB 109 -49.99 13.31 35.71
N THR GB 110 -48.83 12.79 36.14
CA THR GB 110 -48.47 12.66 37.54
C THR GB 110 -48.23 13.96 38.27
N GLY GB 111 -47.57 14.93 37.61
CA GLY GB 111 -47.47 16.31 38.08
C GLY GB 111 -48.74 17.10 37.89
N PRO GB 112 -48.70 18.38 38.23
CA PRO GB 112 -49.74 19.31 37.79
C PRO GB 112 -49.50 19.72 36.35
N VAL GB 113 -50.53 20.25 35.66
CA VAL GB 113 -50.49 20.61 34.25
C VAL GB 113 -51.04 22.01 34.11
N ALA GB 114 -50.32 22.91 33.43
CA ALA GB 114 -50.78 24.27 33.24
C ALA GB 114 -52.14 24.41 32.55
N ARG GB 115 -52.92 25.39 32.98
CA ARG GB 115 -54.30 25.56 32.59
C ARG GB 115 -54.44 25.93 31.13
N GLU GB 116 -53.52 26.76 30.61
CA GLU GB 116 -53.60 27.24 29.25
C GLU GB 116 -53.37 26.13 28.22
N CYS GB 117 -52.60 25.08 28.58
CA CYS GB 117 -52.41 23.90 27.77
C CYS GB 117 -53.47 22.85 28.07
N ALA GB 118 -53.87 22.68 29.34
CA ALA GB 118 -54.93 21.77 29.73
C ALA GB 118 -56.28 22.12 29.07
N GLU GB 119 -56.73 23.38 29.20
CA GLU GB 119 -57.95 23.84 28.57
C GLU GB 119 -57.86 23.87 27.05
N LEU GB 120 -56.63 24.00 26.49
CA LEU GB 120 -56.34 23.65 25.11
C LEU GB 120 -56.68 22.20 24.75
N TRP GB 121 -56.08 21.21 25.43
CA TRP GB 121 -56.21 19.81 25.09
C TRP GB 121 -57.08 18.99 26.06
N PRO GB 122 -58.33 18.61 25.72
CA PRO GB 122 -59.21 17.79 26.55
C PRO GB 122 -58.62 16.55 27.14
N LYS GB 123 -57.93 15.75 26.30
CA LYS GB 123 -57.33 14.49 26.67
C LYS GB 123 -56.24 14.62 27.73
N LEU GB 124 -55.65 15.82 27.88
CA LEU GB 124 -54.73 16.12 28.94
C LEU GB 124 -55.50 16.54 30.16
N SER GB 125 -56.55 17.38 30.03
CA SER GB 125 -57.35 17.84 31.18
C SER GB 125 -57.97 16.69 31.94
N SER GB 126 -58.57 15.73 31.20
CA SER GB 126 -59.02 14.43 31.69
C SER GB 126 -58.01 13.72 32.58
N ALA GB 127 -56.78 13.55 32.08
CA ALA GB 127 -55.73 12.79 32.71
C ALA GB 127 -54.98 13.54 33.81
N ALA GB 128 -55.11 14.87 33.90
CA ALA GB 128 -54.22 15.66 34.73
C ALA GB 128 -54.58 15.64 36.21
N SER GB 129 -53.57 15.42 37.07
CA SER GB 129 -53.77 15.35 38.51
C SER GB 129 -54.18 16.67 39.13
N ALA GB 130 -53.65 17.79 38.61
CA ALA GB 130 -54.08 19.13 38.98
C ALA GB 130 -53.93 20.09 37.82
N ILE GB 131 -54.79 21.12 37.75
CA ILE GB 131 -54.77 22.15 36.73
C ILE GB 131 -54.16 23.43 37.31
N VAL GB 132 -53.07 23.96 36.71
CA VAL GB 132 -52.36 25.14 37.22
C VAL GB 132 -52.74 26.47 36.49
N GLY HB 1 -4.85 63.85 -55.38
CA GLY HB 1 -3.43 63.44 -55.13
C GLY HB 1 -2.81 62.74 -56.31
N ILE HB 2 -1.77 63.32 -56.92
CA ILE HB 2 -1.15 62.76 -58.13
C ILE HB 2 -0.44 61.41 -57.94
N ALA HB 3 -0.45 60.56 -58.98
CA ALA HB 3 0.01 59.19 -58.94
C ALA HB 3 1.45 58.96 -59.41
N LEU HB 4 2.25 60.02 -59.60
CA LEU HB 4 3.58 59.92 -60.18
C LEU HB 4 4.59 59.05 -59.45
N LYS HB 5 5.29 58.18 -60.21
CA LYS HB 5 6.43 57.41 -59.71
C LYS HB 5 7.62 58.29 -59.33
N ASN HB 6 8.32 57.89 -58.25
CA ASN HB 6 9.39 58.61 -57.58
C ASN HB 6 8.97 60.02 -57.19
N VAL HB 7 7.66 60.17 -56.88
CA VAL HB 7 6.97 61.40 -56.54
C VAL HB 7 7.21 62.50 -57.57
N GLY HB 8 7.37 62.09 -58.84
CA GLY HB 8 7.56 62.98 -59.97
C GLY HB 8 8.95 63.55 -60.09
N ARG HB 9 9.86 63.20 -59.18
CA ARG HB 9 11.21 63.70 -59.22
C ARG HB 9 12.01 63.10 -60.37
N ILE HB 10 12.85 63.94 -61.03
CA ILE HB 10 13.95 63.46 -61.83
C ILE HB 10 15.15 63.42 -60.90
N LYS HB 11 15.73 62.22 -60.69
CA LYS HB 11 16.87 62.08 -59.80
C LYS HB 11 18.11 61.68 -60.59
N LYS HB 12 19.01 62.65 -60.83
CA LYS HB 12 20.28 62.41 -61.47
C LYS HB 12 21.22 61.59 -60.60
N HIS HB 13 22.09 60.79 -61.22
CA HIS HB 13 23.03 59.94 -60.52
C HIS HB 13 24.44 60.34 -60.91
N GLY HB 14 25.46 59.76 -60.22
CA GLY HB 14 26.86 60.17 -60.40
C GLY HB 14 27.17 61.56 -59.91
N ARG HB 15 28.41 62.02 -60.15
CA ARG HB 15 28.89 63.29 -59.65
C ARG HB 15 28.01 64.50 -59.96
N LYS HB 16 27.69 65.32 -58.93
CA LYS HB 16 26.80 66.46 -59.06
C LYS HB 16 27.59 67.75 -59.09
N HIS HB 17 28.87 67.68 -58.67
CA HIS HB 17 29.83 68.76 -58.66
C HIS HB 17 31.19 68.10 -58.58
N LEU HB 18 32.28 68.82 -58.88
CA LEU HB 18 33.60 68.38 -58.50
C LEU HB 18 33.84 68.61 -57.01
N VAL HB 19 34.22 67.56 -56.26
CA VAL HB 19 34.33 67.63 -54.81
C VAL HB 19 35.76 67.88 -54.34
N SER HB 20 36.73 67.93 -55.28
CA SER HB 20 38.10 68.33 -55.00
C SER HB 20 38.20 69.76 -54.45
N LYS HB 21 39.18 69.98 -53.55
CA LYS HB 21 39.47 71.29 -53.00
C LYS HB 21 40.68 71.94 -53.69
N ASN HB 22 41.26 71.29 -54.72
CA ASN HB 22 42.40 71.80 -55.45
C ASN HB 22 42.08 73.09 -56.21
N PRO HB 23 42.73 74.23 -55.95
CA PRO HB 23 42.40 75.52 -56.54
C PRO HB 23 42.48 75.51 -58.04
N TYR HB 24 43.56 74.93 -58.59
CA TYR HB 24 43.77 74.80 -60.01
C TYR HB 24 42.68 73.97 -60.65
N LEU HB 25 42.27 72.85 -60.04
CA LEU HB 25 41.22 72.04 -60.61
C LEU HB 25 39.86 72.73 -60.55
N ARG HB 26 39.58 73.48 -59.47
CA ARG HB 26 38.39 74.31 -59.38
C ARG HB 26 38.35 75.39 -60.46
N LEU HB 27 39.50 76.04 -60.71
CA LEU HB 27 39.66 77.00 -61.78
C LEU HB 27 39.45 76.35 -63.14
N LEU HB 28 40.00 75.15 -63.37
CA LEU HB 28 39.81 74.40 -64.59
C LEU HB 28 38.38 73.97 -64.84
N VAL HB 29 37.63 73.52 -63.81
CA VAL HB 29 36.24 73.16 -64.08
C VAL HB 29 35.39 74.38 -64.33
N LYS HB 30 35.66 75.53 -63.68
CA LYS HB 30 35.06 76.78 -64.07
C LYS HB 30 35.28 77.13 -65.55
N LEU HB 31 36.52 76.98 -66.03
CA LEU HB 31 36.91 77.23 -67.40
C LEU HB 31 36.21 76.32 -68.38
N TYR HB 32 36.29 75.00 -68.18
CA TYR HB 32 35.67 74.06 -69.06
C TYR HB 32 34.15 74.06 -69.00
N ASN HB 33 33.54 74.36 -67.84
CA ASN HB 33 32.11 74.60 -67.76
C ASN HB 33 31.68 75.79 -68.61
N PHE HB 34 32.42 76.91 -68.52
CA PHE HB 34 32.21 78.03 -69.42
C PHE HB 34 32.38 77.68 -70.89
N LEU HB 35 33.45 76.93 -71.24
CA LEU HB 35 33.71 76.56 -72.61
C LEU HB 35 32.67 75.61 -73.16
N ALA HB 36 32.22 74.61 -72.40
CA ALA HB 36 31.11 73.78 -72.79
C ALA HB 36 29.78 74.51 -72.99
N ARG HB 37 29.42 75.41 -72.06
CA ARG HB 37 28.14 76.08 -72.10
C ARG HB 37 27.97 77.04 -73.27
N ARG HB 38 29.01 77.85 -73.53
CA ARG HB 38 29.03 78.80 -74.62
C ARG HB 38 29.17 78.15 -75.99
N THR HB 39 30.15 77.24 -76.19
CA THR HB 39 30.38 76.63 -77.50
C THR HB 39 29.28 75.68 -77.94
N ASN HB 40 28.71 74.93 -76.99
CA ASN HB 40 27.83 73.81 -77.24
C ASN HB 40 28.49 72.72 -78.09
N ALA HB 41 29.81 72.54 -77.88
CA ALA HB 41 30.58 71.51 -78.52
C ALA HB 41 30.61 70.27 -77.66
N ASN HB 42 30.43 69.11 -78.28
CA ASN HB 42 30.40 67.83 -77.60
C ASN HB 42 31.73 67.48 -76.96
N PHE HB 43 32.85 67.81 -77.63
CA PHE HB 43 34.21 67.63 -77.13
C PHE HB 43 34.43 68.31 -75.77
N ASN HB 44 33.98 69.57 -75.65
CA ASN HB 44 34.06 70.33 -74.42
C ASN HB 44 33.21 69.74 -73.31
N LYS HB 45 31.99 69.27 -73.65
CA LYS HB 45 31.10 68.64 -72.70
C LYS HB 45 31.68 67.37 -72.12
N ILE HB 46 32.29 66.52 -72.95
CA ILE HB 46 33.05 65.37 -72.47
C ILE HB 46 34.19 65.77 -71.55
N ILE HB 47 34.98 66.81 -71.90
CA ILE HB 47 36.09 67.25 -71.06
C ILE HB 47 35.61 67.68 -69.70
N ALA HB 48 34.54 68.49 -69.63
CA ALA HB 48 33.96 68.94 -68.38
C ALA HB 48 33.54 67.79 -67.47
N LYS HB 49 32.82 66.79 -68.03
CA LYS HB 49 32.42 65.61 -67.29
C LYS HB 49 33.62 64.80 -66.79
N ARG HB 50 34.62 64.55 -67.65
CA ARG HB 50 35.82 63.83 -67.26
C ARG HB 50 36.66 64.56 -66.22
N LEU HB 51 36.75 65.90 -66.27
CA LEU HB 51 37.32 66.68 -65.20
C LEU HB 51 36.59 66.56 -63.87
N ILE HB 52 35.25 66.57 -63.88
CA ILE HB 52 34.48 66.34 -62.67
C ILE HB 52 34.63 64.93 -62.07
N MET HB 53 34.76 63.89 -62.91
CA MET HB 53 34.84 62.47 -62.58
C MET HB 53 35.83 62.11 -61.45
N PRO HB 54 35.65 61.08 -60.60
CA PRO HB 54 36.58 60.70 -59.54
C PRO HB 54 38.01 60.50 -59.97
N LYS HB 55 38.96 61.14 -59.28
CA LYS HB 55 40.39 61.13 -59.51
C LYS HB 55 40.97 59.73 -59.58
N ARG HB 56 40.53 58.83 -58.67
CA ARG HB 56 40.89 57.43 -58.69
C ARG HB 56 40.43 56.69 -59.94
N TYR HB 57 39.21 56.99 -60.43
CA TYR HB 57 38.64 56.35 -61.59
C TYR HB 57 39.15 56.98 -62.88
N ARG HB 58 39.73 58.20 -62.84
CA ARG HB 58 40.54 58.73 -63.93
C ARG HB 58 41.78 57.85 -64.15
N PRO HB 59 42.10 57.43 -65.36
CA PRO HB 59 43.03 56.32 -65.54
C PRO HB 59 44.44 56.85 -65.74
N PRO HB 60 45.47 56.07 -65.54
CA PRO HB 60 46.69 56.25 -66.28
C PRO HB 60 46.55 55.71 -67.71
N LEU HB 61 47.19 56.38 -68.67
CA LEU HB 61 47.44 55.94 -70.01
C LEU HB 61 48.88 55.52 -70.11
N SER HB 62 49.16 54.37 -70.72
CA SER HB 62 50.50 53.96 -71.09
C SER HB 62 50.97 54.70 -72.32
N LEU HB 63 52.25 55.10 -72.37
CA LEU HB 63 52.87 55.68 -73.54
C LEU HB 63 52.81 54.76 -74.75
N SER HB 64 53.03 53.45 -74.55
CA SER HB 64 52.84 52.44 -75.60
C SER HB 64 51.43 52.43 -76.16
N LYS HB 65 50.40 52.49 -75.28
CA LYS HB 65 49.01 52.59 -75.68
C LYS HB 65 48.68 53.89 -76.40
N LEU HB 66 49.26 55.02 -75.95
CA LEU HB 66 49.09 56.32 -76.58
C LEU HB 66 49.63 56.33 -77.99
N GLN HB 67 50.86 55.84 -78.19
CA GLN HB 67 51.45 55.74 -79.51
C GLN HB 67 50.71 54.78 -80.42
N TYR HB 68 50.33 53.59 -79.89
CA TYR HB 68 49.53 52.62 -80.60
C TYR HB 68 48.20 53.19 -81.07
N HIS HB 69 47.52 53.99 -80.23
CA HIS HB 69 46.30 54.65 -80.63
C HIS HB 69 46.49 55.74 -81.67
N MET HB 70 47.55 56.56 -81.54
CA MET HB 70 47.76 57.71 -82.39
C MET HB 70 48.29 57.40 -83.78
N ALA HB 71 48.63 56.13 -84.06
CA ALA HB 71 49.31 55.68 -85.26
C ALA HB 71 48.68 56.11 -86.58
N ASN HB 72 47.34 56.13 -86.67
CA ASN HB 72 46.66 56.50 -87.90
C ASN HB 72 46.33 57.99 -87.95
N HIS HB 73 46.90 58.81 -87.04
CA HIS HB 73 46.62 60.22 -86.96
C HIS HB 73 47.81 61.08 -87.33
N PRO HB 74 47.79 61.85 -88.42
CA PRO HB 74 48.95 62.63 -88.85
C PRO HB 74 48.92 63.99 -88.18
N ASN HB 75 47.73 64.46 -87.76
CA ASN HB 75 47.59 65.50 -86.78
C ASN HB 75 48.09 65.02 -85.43
N ASP HB 76 48.87 65.85 -84.71
CA ASP HB 76 49.68 65.32 -83.63
C ASP HB 76 49.07 65.55 -82.26
N ILE HB 77 47.96 66.30 -82.17
CA ILE HB 77 47.39 66.76 -80.91
C ILE HB 77 46.45 65.76 -80.25
N ALA HB 78 47.06 64.91 -79.42
CA ALA HB 78 46.48 64.06 -78.41
C ALA HB 78 45.95 64.82 -77.19
N VAL HB 79 44.71 64.56 -76.77
CA VAL HB 79 44.20 65.05 -75.51
C VAL HB 79 43.86 63.85 -74.65
N VAL HB 80 44.27 63.84 -73.37
CA VAL HB 80 44.06 62.74 -72.45
C VAL HB 80 43.51 63.30 -71.15
N VAL HB 81 42.28 62.91 -70.78
CA VAL HB 81 41.66 63.32 -69.54
C VAL HB 81 42.20 62.63 -68.28
N GLY HB 82 43.42 62.06 -68.35
CA GLY HB 82 44.05 61.33 -67.26
C GLY HB 82 45.52 61.58 -67.22
N SER HB 83 46.26 60.67 -66.57
CA SER HB 83 47.69 60.81 -66.40
C SER HB 83 48.40 60.03 -67.46
N ILE HB 84 49.52 60.52 -68.02
CA ILE HB 84 50.28 59.79 -69.01
C ILE HB 84 51.53 59.25 -68.34
N THR HB 85 51.69 57.92 -68.39
CA THR HB 85 52.76 57.17 -67.77
C THR HB 85 53.75 56.71 -68.81
N ASP HB 86 55.02 56.54 -68.42
CA ASP HB 86 56.07 56.19 -69.33
C ASP HB 86 56.12 54.69 -69.60
N ASP HB 87 56.90 54.28 -70.61
CA ASP HB 87 57.10 52.91 -70.96
C ASP HB 87 58.57 52.54 -70.89
N LYS HB 88 58.86 51.37 -70.32
CA LYS HB 88 60.18 50.83 -70.20
C LYS HB 88 60.29 49.53 -70.99
N ARG HB 89 59.36 49.27 -71.93
CA ARG HB 89 59.28 47.98 -72.61
C ARG HB 89 59.47 48.08 -74.12
N LEU HB 90 59.68 49.29 -74.67
CA LEU HB 90 60.02 49.45 -76.07
C LEU HB 90 60.66 50.80 -76.33
N PHE HB 91 61.25 50.98 -77.53
CA PHE HB 91 62.12 52.08 -77.88
C PHE HB 91 61.48 53.44 -77.77
N SER HB 92 60.20 53.53 -78.15
CA SER HB 92 59.31 54.66 -77.88
C SER HB 92 59.76 55.96 -78.53
N LEU HB 93 60.15 55.88 -79.81
CA LEU HB 93 60.78 56.97 -80.53
C LEU HB 93 59.84 58.09 -80.95
N LYS HB 94 58.69 57.73 -81.57
CA LYS HB 94 57.88 58.71 -82.27
C LYS HB 94 57.11 59.66 -81.35
N GLN HB 95 57.37 60.96 -81.54
CA GLN HB 95 56.82 62.05 -80.77
C GLN HB 95 55.39 62.42 -81.12
N LEU HB 96 54.72 63.12 -80.19
CA LEU HB 96 53.34 63.54 -80.29
C LEU HB 96 53.20 64.90 -79.63
N LYS HB 97 52.02 65.50 -79.73
CA LYS HB 97 51.71 66.72 -79.03
C LYS HB 97 50.55 66.35 -78.15
N VAL HB 98 50.76 66.31 -76.83
CA VAL HB 98 49.84 65.67 -75.94
C VAL HB 98 49.46 66.61 -74.83
N CYS HB 99 48.15 66.80 -74.64
CA CYS HB 99 47.57 67.45 -73.50
C CYS HB 99 47.08 66.38 -72.55
N ALA HB 100 47.49 66.43 -71.27
CA ALA HB 100 47.09 65.44 -70.31
C ALA HB 100 46.83 66.11 -68.97
N LEU HB 101 46.09 65.44 -68.07
CA LEU HB 101 45.86 65.93 -66.73
C LEU HB 101 47.13 65.94 -65.90
N ARG HB 102 47.97 64.90 -66.06
CA ARG HB 102 49.20 64.79 -65.31
C ARG HB 102 50.25 64.03 -66.12
N PHE HB 103 51.53 64.44 -66.07
CA PHE HB 103 52.62 63.75 -66.73
C PHE HB 103 53.60 63.19 -65.70
N THR HB 104 53.99 61.90 -65.79
CA THR HB 104 55.17 61.43 -65.07
C THR HB 104 56.43 62.12 -65.56
N GLU HB 105 57.40 62.39 -64.67
CA GLU HB 105 58.53 63.25 -65.00
C GLU HB 105 59.39 62.66 -66.11
N THR HB 106 59.66 61.36 -66.03
CA THR HB 106 60.30 60.56 -67.05
C THR HB 106 59.56 60.58 -68.39
N ALA HB 107 58.22 60.48 -68.40
CA ALA HB 107 57.45 60.51 -69.63
C ALA HB 107 57.53 61.86 -70.32
N ARG HB 108 57.35 62.93 -69.51
CA ARG HB 108 57.42 64.29 -69.96
C ARG HB 108 58.77 64.60 -70.59
N LYS HB 109 59.88 64.22 -69.91
CA LYS HB 109 61.21 64.40 -70.41
C LYS HB 109 61.45 63.70 -71.73
N ARG HB 110 61.02 62.44 -71.87
CA ARG HB 110 61.10 61.73 -73.13
C ARG HB 110 60.32 62.38 -74.26
N ILE HB 111 59.06 62.77 -74.01
CA ILE HB 111 58.24 63.42 -75.01
C ILE HB 111 58.82 64.76 -75.47
N GLU HB 112 59.32 65.57 -74.55
CA GLU HB 112 60.01 66.81 -74.86
C GLU HB 112 61.30 66.59 -75.65
N ASP HB 113 62.16 65.62 -75.24
CA ASP HB 113 63.36 65.23 -75.95
C ASP HB 113 63.11 64.81 -77.39
N ALA HB 114 62.12 63.93 -77.61
CA ALA HB 114 61.75 63.41 -78.91
C ALA HB 114 61.29 64.47 -79.92
N GLY HB 115 60.91 65.67 -79.44
CA GLY HB 115 60.49 66.79 -80.27
C GLY HB 115 59.02 67.01 -80.18
N GLY HB 116 58.38 66.36 -79.20
CA GLY HB 116 56.97 66.50 -78.92
C GLY HB 116 56.61 67.72 -78.13
N GLU HB 117 55.35 67.81 -77.71
CA GLU HB 117 54.85 68.90 -76.92
C GLU HB 117 54.03 68.37 -75.76
N CYS HB 118 54.36 68.77 -74.52
CA CYS HB 118 53.56 68.40 -73.37
C CYS HB 118 52.75 69.62 -72.98
N LEU HB 119 51.45 69.55 -73.21
CA LEU HB 119 50.58 70.68 -73.32
C LEU HB 119 49.65 70.80 -72.13
N THR HB 120 49.55 71.98 -71.52
CA THR HB 120 48.57 72.20 -70.48
C THR HB 120 47.16 72.30 -71.00
N PHE HB 121 46.20 72.01 -70.13
CA PHE HB 121 44.78 72.16 -70.37
C PHE HB 121 44.34 73.59 -70.60
N ASP HB 122 44.94 74.59 -69.93
CA ASP HB 122 44.79 75.98 -70.27
C ASP HB 122 45.32 76.34 -71.66
N GLN HB 123 46.51 75.82 -72.06
CA GLN HB 123 47.02 75.96 -73.41
C GLN HB 123 46.11 75.32 -74.44
N LEU HB 124 45.58 74.11 -74.16
CA LEU HB 124 44.62 73.45 -75.01
C LEU HB 124 43.36 74.26 -75.25
N ALA HB 125 42.75 74.77 -74.16
CA ALA HB 125 41.60 75.64 -74.25
C ALA HB 125 41.83 76.89 -75.08
N LEU HB 126 42.99 77.55 -74.87
CA LEU HB 126 43.35 78.73 -75.60
C LEU HB 126 43.53 78.52 -77.10
N LYS HB 127 44.31 77.49 -77.47
CA LYS HB 127 44.62 77.20 -78.86
C LYS HB 127 43.51 76.51 -79.61
N TYR HB 128 42.86 75.53 -78.98
CA TYR HB 128 41.92 74.64 -79.63
C TYR HB 128 40.57 74.68 -78.91
N PRO HB 129 39.85 75.80 -78.83
CA PRO HB 129 38.65 75.90 -78.00
C PRO HB 129 37.49 75.06 -78.54
N THR HB 130 37.52 74.68 -79.82
CA THR HB 130 36.48 73.88 -80.44
C THR HB 130 36.84 72.41 -80.46
N GLY HB 131 38.12 72.05 -80.21
CA GLY HB 131 38.59 70.68 -80.22
C GLY HB 131 38.77 70.08 -81.60
N LYS HB 132 38.58 70.88 -82.66
CA LYS HB 132 38.70 70.43 -84.02
C LYS HB 132 40.13 70.07 -84.43
N LYS HB 133 40.24 69.05 -85.28
CA LYS HB 133 41.48 68.47 -85.76
C LYS HB 133 42.39 67.95 -84.64
N CYS HB 134 41.77 67.30 -83.65
CA CYS HB 134 42.43 66.79 -82.46
C CYS HB 134 41.97 65.38 -82.20
N VAL HB 135 42.59 64.69 -81.21
CA VAL HB 135 42.17 63.35 -80.86
C VAL HB 135 42.02 63.28 -79.35
N LEU HB 136 40.78 63.09 -78.85
CA LEU HB 136 40.51 62.74 -77.48
C LEU HB 136 40.76 61.27 -77.15
N LEU HB 137 41.53 60.97 -76.10
CA LEU HB 137 41.86 59.62 -75.68
C LEU HB 137 41.51 59.41 -74.21
N ARG HB 138 41.22 58.14 -73.86
CA ARG HB 138 41.08 57.69 -72.50
C ARG HB 138 42.06 56.55 -72.24
N GLY HB 139 42.75 56.57 -71.08
CA GLY HB 139 43.40 55.37 -70.54
C GLY HB 139 42.39 54.29 -70.18
N PRO HB 140 42.77 53.03 -70.06
CA PRO HB 140 41.81 51.97 -69.89
C PRO HB 140 41.53 51.76 -68.42
N THR HB 141 40.32 51.30 -68.06
CA THR HB 141 40.05 50.85 -66.70
C THR HB 141 40.75 49.53 -66.43
N LYS HB 142 40.69 48.61 -67.41
CA LYS HB 142 41.43 47.38 -67.57
C LYS HB 142 41.45 46.48 -66.33
N ALA HB 143 40.29 46.35 -65.66
CA ALA HB 143 40.17 45.58 -64.44
C ALA HB 143 41.16 45.97 -63.34
N ARG HB 144 41.05 47.20 -62.79
CA ARG HB 144 41.85 47.58 -61.63
C ARG HB 144 41.67 46.66 -60.42
N THR HB 145 42.49 46.83 -59.38
CA THR HB 145 42.53 45.93 -58.23
C THR HB 145 41.18 45.69 -57.54
N ALA HB 146 40.35 46.74 -57.36
CA ALA HB 146 38.99 46.57 -56.90
C ALA HB 146 38.11 45.79 -57.88
N GLU HB 147 38.21 46.08 -59.19
CA GLU HB 147 37.48 45.38 -60.24
C GLU HB 147 37.81 43.90 -60.28
N LYS HB 148 39.09 43.55 -60.11
CA LYS HB 148 39.53 42.17 -59.96
C LYS HB 148 38.90 41.50 -58.76
N HIS HB 149 38.81 42.22 -57.63
CA HIS HB 149 38.16 41.74 -56.43
C HIS HB 149 36.66 41.53 -56.59
N PHE HB 150 35.92 42.47 -57.21
CA PHE HB 150 34.48 42.40 -57.34
C PHE HB 150 33.92 41.83 -58.64
N GLY HB 151 32.58 41.66 -58.73
CA GLY HB 151 31.87 41.26 -59.94
C GLY HB 151 31.10 39.97 -59.80
N LYS HB 152 30.02 39.99 -59.01
CA LYS HB 152 29.08 38.89 -58.86
C LYS HB 152 29.65 37.54 -58.40
N ALA HB 153 30.43 37.56 -57.30
CA ALA HB 153 30.93 36.42 -56.55
C ALA HB 153 32.09 35.64 -57.19
N PRO HB 154 33.28 35.53 -56.58
CA PRO HB 154 34.37 34.73 -57.13
C PRO HB 154 34.13 33.28 -56.81
N GLY HB 155 33.43 32.97 -55.71
CA GLY HB 155 33.22 31.59 -55.26
C GLY HB 155 32.10 30.89 -55.96
N LYS HB 156 31.20 31.63 -56.63
CA LYS HB 156 30.21 31.02 -57.50
C LYS HB 156 30.86 30.31 -58.71
N PRO HB 157 30.39 29.15 -59.13
CA PRO HB 157 30.71 28.57 -60.44
C PRO HB 157 30.63 29.49 -61.64
N LYS HB 158 31.49 29.26 -62.64
CA LYS HB 158 31.46 29.91 -63.94
C LYS HB 158 31.63 31.42 -63.84
N SER HB 159 32.61 31.83 -63.02
CA SER HB 159 32.90 33.20 -62.69
C SER HB 159 34.40 33.29 -62.55
N LYS HB 160 35.00 34.42 -62.95
CA LYS HB 160 36.41 34.63 -62.81
C LYS HB 160 36.61 35.93 -62.06
N ALA HB 161 37.13 35.84 -60.84
CA ALA HB 161 37.39 37.00 -60.01
C ALA HB 161 38.32 36.62 -58.87
N ARG HB 162 38.88 37.63 -58.19
CA ARG HB 162 39.77 37.41 -57.08
C ARG HB 162 39.01 37.53 -55.77
N PRO HB 163 38.97 36.56 -54.88
CA PRO HB 163 38.52 36.76 -53.51
C PRO HB 163 39.59 37.44 -52.67
N TYR HB 164 39.43 37.40 -51.34
CA TYR HB 164 40.29 38.05 -50.38
C TYR HB 164 41.76 37.58 -50.37
N VAL HB 165 41.97 36.29 -50.69
CA VAL HB 165 43.10 35.42 -50.40
C VAL HB 165 44.51 35.98 -50.19
N ARG HB 166 45.18 35.47 -49.14
CA ARG HB 166 46.50 35.86 -48.72
C ARG HB 166 47.55 34.89 -49.25
N SER HB 167 47.40 34.45 -50.51
CA SER HB 167 47.99 33.22 -51.05
C SER HB 167 49.47 33.29 -51.42
N LYS HB 168 50.27 34.10 -50.68
CA LYS HB 168 51.73 34.04 -50.72
C LYS HB 168 52.28 32.78 -50.06
N GLY HB 169 51.63 32.31 -48.96
CA GLY HB 169 51.90 31.02 -48.34
C GLY HB 169 51.56 29.81 -49.19
N ARG HB 170 51.82 28.61 -48.66
CA ARG HB 170 51.67 27.39 -49.43
C ARG HB 170 50.28 26.78 -49.31
N LYS HB 171 49.77 26.66 -48.07
CA LYS HB 171 48.55 25.94 -47.75
C LYS HB 171 47.31 26.81 -47.83
N PHE HB 172 47.15 27.52 -48.95
CA PHE HB 172 46.14 28.54 -49.10
C PHE HB 172 45.15 28.12 -50.16
N GLU HB 173 43.87 28.27 -49.79
CA GLU HB 173 42.63 28.09 -50.51
C GLU HB 173 42.68 27.38 -51.86
N LYS HB 174 42.45 26.07 -51.84
CA LYS HB 174 42.62 25.25 -53.03
C LYS HB 174 41.75 24.00 -52.98
N ALA HB 175 41.04 23.78 -51.85
CA ALA HB 175 40.37 22.54 -51.57
C ALA HB 175 38.86 22.69 -51.68
N ARG HB 176 38.10 22.27 -50.65
CA ARG HB 176 36.67 21.99 -50.75
C ARG HB 176 35.77 23.15 -51.17
N GLY HB 177 35.30 23.09 -52.44
CA GLY HB 177 34.53 24.11 -53.13
C GLY HB 177 35.28 24.75 -54.29
N ARG HB 178 36.62 24.55 -54.35
CA ARG HB 178 37.48 25.02 -55.41
C ARG HB 178 38.14 23.83 -56.10
N ARG HB 179 37.68 22.59 -55.81
CA ARG HB 179 38.38 21.40 -56.24
C ARG HB 179 37.43 20.29 -56.67
N LYS HB 180 37.57 19.78 -57.90
CA LYS HB 180 36.68 18.73 -58.40
C LYS HB 180 36.77 17.44 -57.58
N SER HB 181 38.00 17.09 -57.12
CA SER HB 181 38.25 15.99 -56.21
C SER HB 181 37.61 16.12 -54.83
N ARG HB 182 37.73 17.30 -54.18
CA ARG HB 182 37.24 17.48 -52.82
C ARG HB 182 35.93 18.23 -52.87
N ALA HB 183 34.81 17.50 -52.68
CA ALA HB 183 33.45 17.95 -52.89
C ALA HB 183 33.11 18.39 -54.31
N TYR HB 184 33.45 19.63 -54.68
CA TYR HB 184 33.05 20.25 -55.90
C TYR HB 184 33.95 21.44 -56.23
N LYS HB 185 33.89 21.93 -57.48
CA LYS HB 185 34.63 23.09 -57.94
C LYS HB 185 33.68 24.18 -58.38
N LYS HB 186 34.12 25.45 -58.29
CA LYS HB 186 33.56 26.57 -59.02
C LYS HB 186 33.82 26.50 -60.57
N GLY IB 1 -26.72 16.26 -28.18
CA GLY IB 1 -26.39 14.81 -27.95
C GLY IB 1 -25.86 14.05 -29.16
N ARG IB 2 -26.59 14.10 -30.30
CA ARG IB 2 -26.22 13.39 -31.52
C ARG IB 2 -25.81 14.34 -32.64
N ARG IB 3 -25.43 15.59 -32.29
CA ARG IB 3 -25.18 16.72 -33.16
C ARG IB 3 -26.48 17.29 -33.73
N PRO IB 4 -26.61 18.60 -33.95
CA PRO IB 4 -27.93 19.22 -34.10
C PRO IB 4 -28.50 19.02 -35.48
N ALA IB 5 -27.72 18.50 -36.45
CA ALA IB 5 -28.06 18.33 -37.86
C ALA IB 5 -28.18 19.65 -38.63
N ARG IB 6 -28.37 20.75 -37.92
CA ARG IB 6 -28.34 22.13 -38.36
C ARG IB 6 -27.05 22.48 -39.06
N CYS IB 7 -25.94 21.96 -38.53
CA CYS IB 7 -24.61 22.03 -39.11
C CYS IB 7 -24.51 21.41 -40.51
N TYR IB 8 -25.12 20.22 -40.70
CA TYR IB 8 -25.04 19.45 -41.92
C TYR IB 8 -25.71 20.11 -43.11
N ARG IB 9 -26.82 20.84 -42.87
CA ARG IB 9 -27.64 21.40 -43.92
C ARG IB 9 -26.91 22.40 -44.82
N TYR IB 10 -26.02 23.23 -44.26
CA TYR IB 10 -25.17 24.11 -45.04
C TYR IB 10 -24.23 23.35 -45.97
N CYS IB 11 -24.01 23.90 -47.18
CA CYS IB 11 -23.38 23.14 -48.25
C CYS IB 11 -21.87 23.32 -48.28
N LYS IB 12 -21.34 24.15 -47.38
CA LYS IB 12 -19.92 24.38 -47.14
C LYS IB 12 -19.05 23.13 -46.95
N ASN IB 13 -17.72 23.29 -47.14
CA ASN IB 13 -16.73 22.23 -47.16
C ASN IB 13 -16.75 21.41 -48.46
N LYS IB 14 -15.59 20.88 -48.89
CA LYS IB 14 -15.45 20.19 -50.15
C LYS IB 14 -16.33 18.92 -50.28
N PRO IB 15 -17.09 18.65 -51.36
CA PRO IB 15 -17.95 17.47 -51.47
C PRO IB 15 -17.27 16.11 -51.26
N TYR IB 16 -17.80 15.28 -50.33
CA TYR IB 16 -17.17 14.01 -49.94
C TYR IB 16 -18.13 12.83 -50.13
N PRO IB 17 -17.87 11.88 -51.04
CA PRO IB 17 -18.87 10.88 -51.37
C PRO IB 17 -18.53 9.55 -50.73
N LYS IB 18 -19.48 8.60 -50.70
CA LYS IB 18 -19.16 7.21 -50.38
C LYS IB 18 -18.16 6.64 -51.38
N SER IB 19 -17.11 6.00 -50.88
CA SER IB 19 -15.93 5.85 -51.72
C SER IB 19 -14.97 4.85 -51.15
N ARG IB 20 -13.97 4.46 -51.96
CA ARG IB 20 -12.89 3.61 -51.52
C ARG IB 20 -11.96 4.31 -50.56
N TYR IB 21 -12.03 5.65 -50.54
CA TYR IB 21 -11.30 6.49 -49.61
C TYR IB 21 -11.93 6.42 -48.21
N CYS IB 22 -13.18 5.98 -48.08
CA CYS IB 22 -13.82 5.88 -46.78
C CYS IB 22 -13.22 4.83 -45.86
N ARG IB 23 -12.98 3.60 -46.38
CA ARG IB 23 -12.56 2.43 -45.60
C ARG IB 23 -13.48 2.15 -44.40
N GLY IB 24 -14.80 2.14 -44.64
CA GLY IB 24 -15.84 2.10 -43.60
C GLY IB 24 -16.66 3.36 -43.60
N VAL IB 25 -17.87 3.28 -44.18
CA VAL IB 25 -18.81 4.37 -44.31
C VAL IB 25 -20.11 3.96 -43.63
N PRO IB 26 -20.79 4.77 -42.81
CA PRO IB 26 -22.07 4.39 -42.21
C PRO IB 26 -23.19 4.41 -43.24
N ASP IB 27 -24.08 3.41 -43.19
CA ASP IB 27 -25.24 3.30 -44.05
C ASP IB 27 -26.26 4.44 -43.87
N PRO IB 28 -26.83 5.04 -44.92
CA PRO IB 28 -28.05 5.84 -44.85
C PRO IB 28 -29.23 5.19 -44.12
N LYS IB 29 -30.00 5.95 -43.30
CA LYS IB 29 -31.21 5.45 -42.68
C LYS IB 29 -32.30 5.10 -43.68
N ILE IB 30 -32.51 5.94 -44.72
CA ILE IB 30 -33.45 5.62 -45.79
C ILE IB 30 -33.02 4.43 -46.63
N ARG IB 31 -33.89 3.41 -46.71
CA ARG IB 31 -33.60 2.18 -47.43
C ARG IB 31 -34.82 1.69 -48.19
N ILE IB 32 -36.05 2.05 -47.74
CA ILE IB 32 -37.29 1.64 -48.38
C ILE IB 32 -37.49 2.30 -49.74
N TYR IB 33 -37.22 3.62 -49.82
CA TYR IB 33 -37.61 4.48 -50.93
C TYR IB 33 -39.08 4.34 -51.32
N ASP IB 34 -39.39 4.49 -52.61
CA ASP IB 34 -40.67 4.40 -53.27
C ASP IB 34 -41.74 3.43 -52.72
N MET IB 35 -43.03 3.78 -52.90
CA MET IB 35 -44.13 2.94 -52.51
C MET IB 35 -45.29 3.14 -53.46
N GLY IB 36 -46.29 2.25 -53.37
CA GLY IB 36 -47.50 2.28 -54.18
C GLY IB 36 -47.47 1.18 -55.20
N ARG IB 37 -48.27 1.33 -56.27
CA ARG IB 37 -48.25 0.41 -57.37
C ARG IB 37 -47.22 0.85 -58.39
N LYS IB 38 -46.08 0.14 -58.43
CA LYS IB 38 -44.99 0.45 -59.33
C LYS IB 38 -45.34 0.31 -60.79
N LYS IB 39 -46.07 -0.75 -61.17
CA LYS IB 39 -46.42 -0.98 -62.56
C LYS IB 39 -47.65 -0.18 -62.96
N ALA IB 40 -47.46 0.83 -63.83
CA ALA IB 40 -48.52 1.67 -64.30
C ALA IB 40 -48.10 2.36 -65.59
N ASP IB 41 -49.04 3.04 -66.26
CA ASP IB 41 -48.83 3.60 -67.57
C ASP IB 41 -49.38 5.01 -67.64
N VAL IB 42 -49.07 5.72 -68.75
CA VAL IB 42 -49.38 7.13 -68.97
C VAL IB 42 -50.86 7.47 -68.88
N ASN IB 43 -51.74 6.56 -69.32
CA ASN IB 43 -53.18 6.69 -69.18
C ASN IB 43 -53.60 6.71 -67.71
N GLU IB 44 -53.03 5.80 -66.89
CA GLU IB 44 -53.28 5.73 -65.47
C GLU IB 44 -52.72 6.92 -64.70
N PHE IB 45 -51.46 7.28 -64.99
CA PHE IB 45 -50.81 8.45 -64.42
C PHE IB 45 -51.19 9.72 -65.18
N SER IB 46 -52.51 10.00 -65.19
CA SER IB 46 -53.08 11.24 -65.67
C SER IB 46 -52.63 12.43 -64.84
N GLY IB 47 -52.45 12.22 -63.52
CA GLY IB 47 -51.83 13.17 -62.60
C GLY IB 47 -50.43 12.74 -62.20
N VAL IB 48 -49.45 13.65 -62.36
CA VAL IB 48 -48.12 13.48 -61.82
C VAL IB 48 -47.74 14.77 -61.09
N VAL IB 49 -47.43 14.67 -59.79
CA VAL IB 49 -47.19 15.79 -58.91
C VAL IB 49 -45.75 15.73 -58.46
N HIS IB 50 -45.09 16.88 -58.29
CA HIS IB 50 -43.69 16.96 -57.92
C HIS IB 50 -43.48 17.82 -56.69
N LEU IB 51 -42.53 17.47 -55.81
CA LEU IB 51 -42.15 18.33 -54.70
C LEU IB 51 -40.78 18.91 -54.97
N VAL IB 52 -40.74 20.21 -55.26
CA VAL IB 52 -39.55 20.90 -55.69
C VAL IB 52 -38.96 21.62 -54.49
N SER IB 53 -37.65 21.49 -54.25
CA SER IB 53 -37.02 22.29 -53.23
C SER IB 53 -36.92 23.76 -53.61
N TYR IB 54 -36.93 24.66 -52.62
CA TYR IB 54 -36.76 26.08 -52.84
C TYR IB 54 -35.65 26.66 -51.96
N GLU IB 55 -35.40 26.08 -50.78
CA GLU IB 55 -34.35 26.50 -49.88
C GLU IB 55 -32.93 26.22 -50.37
N TYR IB 56 -32.69 25.01 -50.92
CA TYR IB 56 -31.40 24.58 -51.43
C TYR IB 56 -30.32 24.42 -50.36
N GLU IB 57 -30.71 23.76 -49.25
CA GLU IB 57 -29.84 23.31 -48.17
C GLU IB 57 -29.86 21.78 -48.18
N GLN IB 58 -28.75 21.14 -47.77
CA GLN IB 58 -28.60 19.70 -47.74
C GLN IB 58 -29.59 18.99 -46.83
N ILE IB 59 -30.09 17.82 -47.26
CA ILE IB 59 -31.19 17.15 -46.58
C ILE IB 59 -30.72 15.81 -46.07
N SER IB 60 -30.91 15.55 -44.77
CA SER IB 60 -30.57 14.31 -44.11
C SER IB 60 -31.30 13.07 -44.61
N SER IB 61 -30.65 11.90 -44.46
CA SER IB 61 -31.23 10.61 -44.79
C SER IB 61 -32.46 10.31 -43.98
N GLU IB 62 -32.40 10.50 -42.65
CA GLU IB 62 -33.50 10.39 -41.74
C GLU IB 62 -34.66 11.32 -42.04
N ALA IB 63 -34.43 12.61 -42.35
CA ALA IB 63 -35.47 13.52 -42.76
C ALA IB 63 -36.19 13.09 -44.02
N LEU IB 64 -35.47 12.60 -45.04
CA LEU IB 64 -36.06 12.11 -46.25
C LEU IB 64 -36.99 10.92 -46.01
N GLU IB 65 -36.55 9.93 -45.23
CA GLU IB 65 -37.37 8.81 -44.81
C GLU IB 65 -38.62 9.22 -44.05
N ALA IB 66 -38.48 10.10 -43.03
CA ALA IB 66 -39.56 10.59 -42.21
C ALA IB 66 -40.65 11.34 -42.97
N ALA IB 67 -40.25 12.27 -43.84
CA ALA IB 67 -41.12 12.98 -44.74
C ALA IB 67 -41.85 12.04 -45.67
N ARG IB 68 -41.12 11.12 -46.32
CA ARG IB 68 -41.69 10.14 -47.22
C ARG IB 68 -42.72 9.24 -46.57
N ILE IB 69 -42.42 8.63 -45.40
CA ILE IB 69 -43.33 7.72 -44.73
C ILE IB 69 -44.61 8.42 -44.33
N SER IB 70 -44.52 9.69 -43.89
CA SER IB 70 -45.66 10.53 -43.57
C SER IB 70 -46.56 10.74 -44.78
N ALA IB 71 -45.97 11.14 -45.92
CA ALA IB 71 -46.61 11.18 -47.21
C ALA IB 71 -47.32 9.87 -47.63
N ASN IB 72 -46.64 8.71 -47.47
CA ASN IB 72 -47.16 7.41 -47.84
C ASN IB 72 -48.43 7.08 -47.09
N LYS IB 73 -48.42 7.31 -45.77
CA LYS IB 73 -49.56 7.08 -44.91
C LYS IB 73 -50.73 7.96 -45.31
N TYR IB 74 -50.49 9.25 -45.62
CA TYR IB 74 -51.55 10.15 -46.03
C TYR IB 74 -52.18 9.69 -47.34
N MET IB 75 -51.36 9.28 -48.32
CA MET IB 75 -51.83 8.66 -49.54
C MET IB 75 -52.64 7.40 -49.35
N ILE IB 76 -52.16 6.44 -48.54
CA ILE IB 76 -52.85 5.17 -48.29
C ILE IB 76 -54.17 5.38 -47.57
N THR IB 77 -54.20 6.26 -46.55
CA THR IB 77 -55.41 6.57 -45.80
C THR IB 77 -56.47 7.25 -46.63
N ASN IB 78 -56.07 8.21 -47.49
CA ASN IB 78 -56.98 8.93 -48.35
C ASN IB 78 -57.44 8.13 -49.56
N CYS IB 79 -56.52 7.68 -50.43
CA CYS IB 79 -56.86 7.24 -51.76
C CYS IB 79 -56.69 5.75 -51.98
N GLY IB 80 -56.32 5.00 -50.92
CA GLY IB 80 -56.02 3.58 -51.01
C GLY IB 80 -54.65 3.28 -51.57
N LYS IB 81 -54.08 2.14 -51.15
CA LYS IB 81 -52.70 1.78 -51.37
C LYS IB 81 -52.27 1.64 -52.84
N ASP IB 82 -53.12 1.04 -53.66
CA ASP IB 82 -52.71 0.51 -54.95
C ASP IB 82 -53.02 1.48 -56.09
N ASN IB 83 -53.53 2.67 -55.74
CA ASN IB 83 -54.06 3.62 -56.70
C ASN IB 83 -53.10 4.75 -56.98
N PHE IB 84 -51.91 4.71 -56.39
CA PHE IB 84 -50.90 5.72 -56.60
C PHE IB 84 -49.54 5.07 -56.65
N HIS IB 85 -48.52 5.84 -57.06
CA HIS IB 85 -47.13 5.54 -56.86
C HIS IB 85 -46.44 6.77 -56.33
N LEU IB 86 -45.72 6.65 -55.22
CA LEU IB 86 -44.95 7.72 -54.65
C LEU IB 86 -43.49 7.38 -54.84
N ARG IB 87 -42.80 8.21 -55.61
CA ARG IB 87 -41.43 8.02 -55.99
C ARG IB 87 -40.55 9.00 -55.23
N VAL IB 88 -39.47 8.50 -54.64
CA VAL IB 88 -38.45 9.33 -54.03
C VAL IB 88 -37.47 9.70 -55.11
N ARG IB 89 -37.54 10.96 -55.57
CA ARG IB 89 -36.74 11.43 -56.67
C ARG IB 89 -35.27 11.59 -56.31
N ILE IB 90 -34.97 12.16 -55.13
CA ILE IB 90 -33.61 12.43 -54.67
C ILE IB 90 -32.95 11.24 -53.97
N HIS IB 91 -31.61 11.11 -54.07
CA HIS IB 91 -30.89 10.06 -53.38
C HIS IB 91 -29.74 10.64 -52.54
N PRO IB 92 -29.70 10.47 -51.22
CA PRO IB 92 -28.53 10.78 -50.38
C PRO IB 92 -27.20 10.26 -50.87
N PHE IB 93 -26.12 11.03 -50.71
CA PHE IB 93 -24.83 10.63 -51.24
C PHE IB 93 -23.65 11.34 -50.61
N HIS IB 94 -23.88 12.41 -49.84
CA HIS IB 94 -22.81 13.24 -49.33
C HIS IB 94 -22.50 12.83 -47.91
N VAL IB 95 -21.33 12.20 -47.71
CA VAL IB 95 -20.92 11.62 -46.46
C VAL IB 95 -20.27 12.69 -45.63
N LEU IB 96 -20.72 12.83 -44.38
CA LEU IB 96 -20.30 13.89 -43.50
C LEU IB 96 -19.63 13.30 -42.27
N ARG IB 97 -18.54 13.95 -41.83
CA ARG IB 97 -17.68 13.50 -40.77
C ARG IB 97 -17.62 14.53 -39.65
N ILE IB 98 -17.45 14.08 -38.39
CA ILE IB 98 -17.45 14.95 -37.22
C ILE IB 98 -16.33 14.55 -36.28
N ASN IB 99 -15.98 15.42 -35.32
CA ASN IB 99 -14.93 15.19 -34.37
C ASN IB 99 -15.41 15.52 -32.96
N LYS IB 100 -14.65 15.10 -31.93
CA LYS IB 100 -14.90 15.41 -30.54
C LYS IB 100 -13.56 15.46 -29.77
N ALA IB 117 -5.83 15.95 -37.22
CA ALA IB 117 -6.71 14.85 -37.70
C ALA IB 117 -8.11 15.32 -38.10
N PHE IB 118 -8.53 15.08 -39.36
CA PHE IB 118 -9.91 15.23 -39.78
C PHE IB 118 -10.92 14.36 -39.02
N GLY IB 119 -12.22 14.69 -39.07
CA GLY IB 119 -13.30 13.93 -38.45
C GLY IB 119 -13.50 12.51 -38.96
N LYS IB 120 -14.43 11.78 -38.33
CA LYS IB 120 -14.75 10.41 -38.70
C LYS IB 120 -16.17 10.34 -39.27
N PRO IB 121 -16.44 9.55 -40.31
CA PRO IB 121 -17.77 9.46 -40.94
C PRO IB 121 -18.93 9.16 -40.01
N ASN IB 122 -19.99 9.99 -40.04
CA ASN IB 122 -21.13 9.82 -39.16
C ASN IB 122 -22.46 10.15 -39.80
N GLY IB 123 -22.50 10.98 -40.87
CA GLY IB 123 -23.75 11.41 -41.49
C GLY IB 123 -23.76 11.17 -42.97
N VAL IB 124 -24.96 11.01 -43.55
CA VAL IB 124 -25.14 10.97 -45.01
C VAL IB 124 -26.33 11.84 -45.36
N VAL IB 125 -26.12 12.80 -46.28
CA VAL IB 125 -27.13 13.73 -46.70
C VAL IB 125 -27.21 13.78 -48.20
N ALA IB 126 -28.28 14.38 -48.74
CA ALA IB 126 -28.39 14.69 -50.14
C ALA IB 126 -27.80 16.06 -50.43
N ARG IB 127 -27.03 16.16 -51.53
CA ARG IB 127 -26.55 17.42 -52.08
C ARG IB 127 -27.70 18.20 -52.73
N VAL IB 128 -27.96 19.45 -52.30
CA VAL IB 128 -29.12 20.19 -52.78
C VAL IB 128 -28.74 21.58 -53.25
N ASP IB 129 -29.01 21.85 -54.54
CA ASP IB 129 -28.83 23.11 -55.22
C ASP IB 129 -30.05 23.34 -56.09
N ILE IB 130 -30.16 24.53 -56.70
CA ILE IB 130 -31.24 25.03 -57.54
C ILE IB 130 -32.09 24.03 -58.34
N GLY IB 131 -33.42 24.09 -58.15
CA GLY IB 131 -34.42 23.42 -58.97
C GLY IB 131 -34.63 21.94 -58.73
N GLN IB 132 -33.92 21.33 -57.76
CA GLN IB 132 -34.07 19.92 -57.45
C GLN IB 132 -35.44 19.49 -56.93
N VAL IB 133 -35.86 18.27 -57.30
CA VAL IB 133 -37.14 17.69 -56.93
C VAL IB 133 -36.88 16.56 -55.95
N LEU IB 134 -37.60 16.55 -54.83
CA LEU IB 134 -37.39 15.61 -53.75
C LEU IB 134 -38.21 14.36 -53.91
N LEU IB 135 -39.51 14.53 -54.20
CA LEU IB 135 -40.48 13.47 -54.23
C LEU IB 135 -41.39 13.69 -55.43
N SER IB 136 -42.10 12.64 -55.85
CA SER IB 136 -43.12 12.74 -56.88
C SER IB 136 -44.23 11.76 -56.57
N ILE IB 137 -45.49 12.15 -56.80
CA ILE IB 137 -46.65 11.30 -56.58
C ILE IB 137 -47.39 11.18 -57.90
N ARG IB 138 -47.64 9.94 -58.34
CA ARG IB 138 -48.20 9.63 -59.64
C ARG IB 138 -49.45 8.82 -59.46
N THR IB 139 -50.56 9.24 -60.09
CA THR IB 139 -51.89 8.72 -59.79
C THR IB 139 -52.87 9.38 -60.75
N LYS IB 140 -54.16 9.43 -60.42
CA LYS IB 140 -55.16 10.10 -61.18
C LYS IB 140 -55.30 11.55 -60.75
N GLU IB 141 -55.73 12.43 -61.67
CA GLU IB 141 -56.04 13.83 -61.40
C GLU IB 141 -57.10 14.00 -60.32
N ASN IB 142 -58.01 13.01 -60.19
CA ASN IB 142 -59.01 12.91 -59.14
C ASN IB 142 -58.42 12.96 -57.73
N PHE IB 143 -57.12 12.63 -57.59
CA PHE IB 143 -56.44 12.53 -56.33
C PHE IB 143 -55.32 13.53 -56.27
N VAL IB 144 -55.28 14.50 -57.20
CA VAL IB 144 -54.22 15.48 -57.28
C VAL IB 144 -54.15 16.38 -56.04
N SER IB 145 -55.33 16.77 -55.51
CA SER IB 145 -55.41 17.54 -54.28
C SER IB 145 -54.87 16.81 -53.07
N LYS IB 146 -55.19 15.50 -52.95
CA LYS IB 146 -54.66 14.61 -51.95
C LYS IB 146 -53.15 14.47 -52.01
N ALA IB 147 -52.60 14.31 -53.22
CA ALA IB 147 -51.18 14.23 -53.48
C ALA IB 147 -50.45 15.51 -53.11
N CYS IB 148 -51.03 16.65 -53.51
CA CYS IB 148 -50.52 17.96 -53.17
C CYS IB 148 -50.52 18.17 -51.66
N GLU IB 149 -51.61 17.79 -50.98
CA GLU IB 149 -51.71 17.80 -49.54
C GLU IB 149 -50.69 16.91 -48.85
N ALA IB 150 -50.44 15.69 -49.36
CA ALA IB 150 -49.43 14.79 -48.84
C ALA IB 150 -48.03 15.38 -48.88
N LEU IB 151 -47.64 15.96 -50.01
CA LEU IB 151 -46.42 16.73 -50.14
C LEU IB 151 -46.35 17.94 -49.19
N ARG IB 152 -47.47 18.65 -48.99
CA ARG IB 152 -47.60 19.70 -47.98
C ARG IB 152 -47.40 19.17 -46.56
N ARG IB 153 -47.92 17.98 -46.23
CA ARG IB 153 -47.63 17.28 -44.99
C ARG IB 153 -46.12 16.96 -44.89
N ALA IB 154 -45.52 16.45 -45.98
CA ALA IB 154 -44.10 16.16 -46.09
C ALA IB 154 -43.19 17.36 -45.84
N LYS IB 155 -43.58 18.56 -46.31
CA LYS IB 155 -42.80 19.78 -46.18
C LYS IB 155 -42.41 20.13 -44.75
N TYR IB 156 -43.29 19.91 -43.75
CA TYR IB 156 -42.97 20.10 -42.33
C TYR IB 156 -41.83 19.25 -41.78
N LYS IB 157 -41.35 18.25 -42.56
CA LYS IB 157 -40.25 17.40 -42.18
C LYS IB 157 -39.09 17.58 -43.16
N PHE IB 158 -39.08 18.69 -43.92
CA PHE IB 158 -37.94 19.09 -44.72
C PHE IB 158 -37.41 20.44 -44.22
N PRO IB 159 -36.11 20.62 -43.99
CA PRO IB 159 -35.55 21.91 -43.60
C PRO IB 159 -35.81 23.03 -44.60
N GLY IB 160 -36.38 24.17 -44.15
CA GLY IB 160 -36.65 25.31 -45.01
C GLY IB 160 -37.65 25.14 -46.13
N ARG IB 161 -37.76 26.18 -46.97
CA ARG IB 161 -38.75 26.33 -48.01
C ARG IB 161 -38.76 25.25 -49.09
N GLN IB 162 -39.94 24.72 -49.41
CA GLN IB 162 -40.14 23.76 -50.48
C GLN IB 162 -41.41 24.18 -51.20
N LYS IB 163 -41.58 23.76 -52.46
CA LYS IB 163 -42.78 24.05 -53.22
C LYS IB 163 -43.30 22.78 -53.89
N VAL IB 164 -44.52 22.37 -53.52
CA VAL IB 164 -45.26 21.40 -54.32
C VAL IB 164 -45.68 21.99 -55.66
N PHE IB 165 -45.45 21.26 -56.76
CA PHE IB 165 -45.77 21.69 -58.09
C PHE IB 165 -46.73 20.69 -58.71
N VAL IB 166 -47.95 21.17 -58.99
CA VAL IB 166 -49.07 20.33 -59.36
C VAL IB 166 -49.02 19.84 -60.79
N SER IB 167 -48.77 20.74 -61.76
CA SER IB 167 -48.87 20.43 -63.18
C SER IB 167 -47.89 19.38 -63.70
N ASN IB 168 -48.39 18.41 -64.49
CA ASN IB 168 -47.55 17.50 -65.25
C ASN IB 168 -47.44 17.89 -66.70
N LYS IB 169 -48.27 18.86 -67.15
CA LYS IB 169 -48.14 19.46 -68.45
C LYS IB 169 -46.85 20.27 -68.56
N TRP IB 170 -46.51 20.97 -67.45
CA TRP IB 170 -45.26 21.71 -67.33
C TRP IB 170 -44.20 20.83 -66.68
N GLY IB 171 -44.54 19.57 -66.38
CA GLY IB 171 -43.62 18.54 -65.87
C GLY IB 171 -42.88 17.78 -66.95
N PHE IB 172 -43.27 18.00 -68.22
CA PHE IB 172 -42.69 17.38 -69.42
C PHE IB 172 -42.51 15.86 -69.37
N THR IB 173 -41.49 15.30 -70.06
CA THR IB 173 -41.33 13.85 -70.28
C THR IB 173 -42.52 13.30 -71.06
N PRO IB 174 -42.93 14.13 -72.00
CA PRO IB 174 -44.30 14.22 -72.46
C PRO IB 174 -45.44 13.78 -71.55
N PHE IB 175 -45.58 14.39 -70.35
CA PHE IB 175 -46.68 14.09 -69.44
C PHE IB 175 -47.83 15.09 -69.58
N SER IB 176 -47.79 15.96 -70.61
CA SER IB 176 -48.96 16.71 -71.05
C SER IB 176 -50.08 15.82 -71.55
N LYS IB 177 -51.32 16.09 -71.12
CA LYS IB 177 -52.53 15.42 -71.57
C LYS IB 177 -52.72 15.49 -73.08
N ASP IB 178 -52.52 16.68 -73.67
CA ASP IB 178 -52.60 16.90 -75.11
C ASP IB 178 -51.57 16.05 -75.85
N GLU IB 179 -50.33 16.00 -75.34
CA GLU IB 179 -49.32 15.07 -75.82
C GLU IB 179 -49.70 13.60 -75.67
N TYR IB 180 -50.26 13.16 -74.51
CA TYR IB 180 -50.62 11.78 -74.30
C TYR IB 180 -51.62 11.29 -75.32
N GLN IB 181 -52.70 12.08 -75.55
CA GLN IB 181 -53.71 11.72 -76.51
C GLN IB 181 -53.20 11.69 -77.93
N GLN IB 182 -52.41 12.71 -78.32
CA GLN IB 182 -51.91 12.83 -79.67
C GLN IB 182 -50.90 11.77 -80.02
N TYR IB 183 -49.91 11.57 -79.15
CA TYR IB 183 -48.89 10.57 -79.29
C TYR IB 183 -49.44 9.16 -79.31
N LYS IB 184 -50.37 8.83 -78.39
CA LYS IB 184 -51.06 7.55 -78.39
C LYS IB 184 -51.86 7.30 -79.66
N LYS IB 185 -52.62 8.32 -80.13
CA LYS IB 185 -53.46 8.24 -81.30
C LYS IB 185 -52.68 7.94 -82.57
N LYS IB 186 -51.51 8.58 -82.76
CA LYS IB 186 -50.69 8.35 -83.92
C LYS IB 186 -49.58 7.36 -83.63
N GLY IB 187 -49.70 6.55 -82.55
CA GLY IB 187 -48.79 5.45 -82.25
C GLY IB 187 -47.34 5.83 -82.07
N ARG IB 188 -47.08 7.09 -81.68
CA ARG IB 188 -45.75 7.64 -81.53
C ARG IB 188 -45.02 7.09 -80.34
N ILE IB 189 -45.78 6.75 -79.29
CA ILE IB 189 -45.22 6.53 -77.99
C ILE IB 189 -45.63 5.15 -77.47
N ILE IB 190 -44.62 4.31 -77.16
CA ILE IB 190 -44.78 2.90 -76.84
C ILE IB 190 -44.29 2.65 -75.44
N SER IB 191 -45.08 1.99 -74.55
CA SER IB 191 -44.72 1.93 -73.14
C SER IB 191 -43.76 0.80 -72.83
N ASP IB 192 -42.69 1.13 -72.10
CA ASP IB 192 -41.73 0.19 -71.56
C ASP IB 192 -41.85 0.21 -70.04
N GLY IB 193 -43.05 0.56 -69.53
CA GLY IB 193 -43.37 0.59 -68.12
C GLY IB 193 -43.07 1.93 -67.49
N VAL IB 194 -44.05 2.47 -66.72
CA VAL IB 194 -43.95 3.68 -65.91
C VAL IB 194 -44.09 4.92 -66.77
N SER IB 195 -43.22 5.02 -67.78
CA SER IB 195 -43.14 6.11 -68.71
C SER IB 195 -43.01 5.49 -70.09
N CYS IB 196 -43.13 6.31 -71.14
CA CYS IB 196 -43.47 5.85 -72.46
C CYS IB 196 -42.48 6.44 -73.47
N LYS IB 197 -42.04 5.62 -74.44
CA LYS IB 197 -40.90 5.91 -75.28
C LYS IB 197 -41.30 6.32 -76.69
N PHE IB 198 -40.71 7.41 -77.19
CA PHE IB 198 -41.09 8.05 -78.42
C PHE IB 198 -40.29 7.51 -79.61
N ILE IB 199 -40.97 6.97 -80.63
CA ILE IB 199 -40.36 6.56 -81.89
C ILE IB 199 -39.75 7.73 -82.67
N ARG IB 200 -38.69 7.49 -83.46
CA ARG IB 200 -37.94 8.57 -84.07
C ARG IB 200 -37.50 8.28 -85.51
N GLU IB 201 -38.23 7.36 -86.19
CA GLU IB 201 -38.13 7.15 -87.64
C GLU IB 201 -36.75 6.67 -88.08
N LYS IB 202 -36.21 5.62 -87.41
CA LYS IB 202 -34.80 5.35 -87.47
C LYS IB 202 -34.48 3.87 -87.40
N GLY IB 203 -33.47 3.40 -88.17
CA GLY IB 203 -33.12 1.98 -88.31
C GLY IB 203 -34.18 1.07 -88.95
N PRO IB 204 -33.89 -0.22 -89.11
CA PRO IB 204 -34.87 -1.27 -89.43
C PRO IB 204 -36.06 -1.41 -88.49
N LEU IB 205 -37.15 -2.04 -88.96
CA LEU IB 205 -38.28 -2.40 -88.11
C LEU IB 205 -38.00 -3.72 -87.35
N LYS JB 1 -22.44 -9.67 -71.75
CA LYS JB 1 -22.67 -8.49 -72.65
C LYS JB 1 -22.39 -8.76 -74.13
N VAL JB 2 -22.96 -7.93 -75.02
CA VAL JB 2 -22.65 -7.95 -76.44
C VAL JB 2 -21.20 -7.59 -76.77
N VAL JB 3 -20.62 -6.65 -75.99
CA VAL JB 3 -19.24 -6.18 -76.09
C VAL JB 3 -19.06 -5.20 -77.22
N LYS JB 4 -19.36 -5.62 -78.46
CA LYS JB 4 -19.34 -4.75 -79.60
C LYS JB 4 -20.61 -3.89 -79.61
N ASN JB 5 -20.45 -2.60 -79.31
CA ASN JB 5 -21.54 -1.70 -79.02
C ASN JB 5 -21.07 -0.28 -79.24
N LYS JB 6 -21.97 0.72 -79.08
CA LYS JB 6 -21.68 2.11 -79.34
C LYS JB 6 -20.49 2.65 -78.57
N ALA JB 7 -20.39 2.30 -77.27
CA ALA JB 7 -19.29 2.66 -76.41
C ALA JB 7 -17.96 2.13 -76.93
N TYR JB 8 -17.92 0.86 -77.32
CA TYR JB 8 -16.76 0.21 -77.88
C TYR JB 8 -16.30 0.89 -79.17
N PHE JB 9 -17.24 1.21 -80.08
CA PHE JB 9 -16.98 1.98 -81.27
C PHE JB 9 -16.46 3.39 -81.01
N LYS JB 10 -17.06 4.13 -80.05
CA LYS JB 10 -16.64 5.46 -79.65
C LYS JB 10 -15.21 5.49 -79.11
N ARG JB 11 -14.87 4.54 -78.23
CA ARG JB 11 -13.54 4.37 -77.70
C ARG JB 11 -12.49 4.01 -78.77
N TYR JB 12 -12.87 3.19 -79.76
CA TYR JB 12 -11.97 2.62 -80.74
C TYR JB 12 -11.11 3.56 -81.57
N GLN JB 13 -9.88 3.13 -81.86
CA GLN JB 13 -9.05 3.76 -82.86
C GLN JB 13 -8.33 2.67 -83.63
N VAL JB 14 -8.33 2.78 -84.96
CA VAL JB 14 -7.75 1.82 -85.88
C VAL JB 14 -6.42 2.31 -86.42
N LYS JB 15 -6.14 3.61 -86.23
CA LYS JB 15 -4.97 4.30 -86.73
C LYS JB 15 -4.67 4.14 -88.22
N TYR JB 16 -3.38 4.13 -88.61
CA TYR JB 16 -2.93 4.34 -89.97
C TYR JB 16 -3.50 3.38 -91.02
N ARG JB 17 -3.86 3.91 -92.19
CA ARG JB 17 -4.47 3.16 -93.28
C ARG JB 17 -3.60 2.02 -93.78
N ARG JB 18 -2.30 2.29 -94.03
CA ARG JB 18 -1.34 1.29 -94.41
C ARG JB 18 -1.18 0.20 -93.36
N ARG JB 19 -1.21 0.56 -92.06
CA ARG JB 19 -1.22 -0.40 -90.96
C ARG JB 19 -2.44 -1.31 -90.98
N ARG JB 20 -3.63 -0.75 -91.31
CA ARG JB 20 -4.81 -1.54 -91.57
C ARG JB 20 -4.64 -2.51 -92.74
N GLU JB 21 -4.04 -2.08 -93.86
CA GLU JB 21 -3.63 -2.99 -94.95
C GLU JB 21 -2.62 -4.06 -94.50
N GLY JB 22 -1.60 -3.67 -93.72
CA GLY JB 22 -0.53 -4.57 -93.31
C GLY JB 22 0.77 -4.20 -93.96
N LYS JB 23 0.87 -2.95 -94.46
CA LYS JB 23 2.05 -2.41 -95.08
C LYS JB 23 2.56 -1.27 -94.22
N THR JB 24 3.84 -0.91 -94.36
CA THR JB 24 4.37 0.36 -93.83
C THR JB 24 4.27 0.49 -92.31
N ASP JB 25 5.17 -0.16 -91.56
CA ASP JB 25 5.02 -0.27 -90.12
C ASP JB 25 5.29 0.99 -89.31
N TYR JB 26 5.93 2.02 -89.91
CA TYR JB 26 6.23 3.30 -89.29
C TYR JB 26 7.43 3.26 -88.38
N ARG JB 27 7.60 2.17 -87.62
CA ARG JB 27 8.75 1.89 -86.79
C ARG JB 27 10.06 1.81 -87.59
N ALA JB 28 10.04 1.07 -88.71
CA ALA JB 28 11.06 1.12 -89.74
C ALA JB 28 11.17 2.48 -90.40
N ARG JB 29 10.01 3.05 -90.77
CA ARG JB 29 9.90 4.27 -91.52
C ARG JB 29 10.60 5.45 -90.87
N LYS JB 30 10.31 5.71 -89.58
CA LYS JB 30 10.99 6.75 -88.84
C LYS JB 30 12.51 6.58 -88.79
N ALA JB 31 13.00 5.35 -88.56
CA ALA JB 31 14.41 5.09 -88.55
C ALA JB 31 15.11 5.25 -89.90
N LEU JB 32 14.49 4.76 -91.01
CA LEU JB 32 14.93 5.05 -92.35
C LEU JB 32 15.02 6.54 -92.68
N ILE JB 33 13.99 7.31 -92.31
CA ILE JB 33 13.94 8.75 -92.45
C ILE JB 33 15.01 9.48 -91.66
N LEU JB 34 14.97 9.37 -90.32
CA LEU JB 34 15.82 10.04 -89.35
C LEU JB 34 17.28 10.30 -89.75
N GLN JB 35 17.74 11.53 -89.47
CA GLN JB 35 19.07 11.97 -89.78
C GLN JB 35 19.37 13.14 -88.86
N ASP JB 36 20.65 13.49 -88.66
CA ASP JB 36 21.05 14.64 -87.89
C ASP JB 36 20.51 15.95 -88.48
N LYS JB 37 20.10 16.88 -87.61
CA LYS JB 37 19.50 18.13 -88.02
C LYS JB 37 20.49 19.08 -88.69
N ASN JB 38 21.80 18.88 -88.49
CA ASN JB 38 22.84 19.67 -89.11
C ASN JB 38 23.32 18.97 -90.38
N LYS JB 39 22.85 17.73 -90.63
CA LYS JB 39 23.06 17.01 -91.86
C LYS JB 39 21.80 17.08 -92.72
N TYR JB 40 20.91 18.03 -92.40
CA TYR JB 40 19.80 18.48 -93.21
C TYR JB 40 19.98 18.57 -94.73
N ASN JB 41 18.85 18.46 -95.46
CA ASN JB 41 18.76 18.58 -96.91
C ASN JB 41 19.15 17.29 -97.61
N ALA JB 42 20.23 16.64 -97.17
CA ALA JB 42 20.69 15.37 -97.66
C ALA JB 42 19.63 14.27 -97.52
N GLN JB 43 19.57 13.36 -98.51
CA GLN JB 43 18.51 12.38 -98.59
C GLN JB 43 19.05 10.98 -98.40
N LYS JB 44 18.39 10.18 -97.54
CA LYS JB 44 18.72 8.80 -97.37
C LYS JB 44 17.88 7.99 -98.37
N LEU JB 45 18.46 7.61 -99.51
CA LEU JB 45 17.74 6.86 -100.52
C LEU JB 45 17.39 5.47 -100.00
N ARG JB 46 16.12 5.05 -100.09
CA ARG JB 46 15.76 3.66 -99.84
C ARG JB 46 15.53 2.92 -101.13
N PHE JB 47 16.14 1.73 -101.22
CA PHE JB 47 15.98 0.81 -102.32
C PHE JB 47 14.84 -0.11 -101.91
N VAL JB 48 13.66 0.19 -102.45
CA VAL JB 48 12.40 -0.36 -102.07
C VAL JB 48 12.23 -1.67 -102.77
N VAL JB 49 11.94 -2.73 -102.01
CA VAL JB 49 11.76 -4.04 -102.58
C VAL JB 49 10.50 -4.59 -101.98
N ARG JB 50 9.48 -4.85 -102.83
CA ARG JB 50 8.23 -5.42 -102.41
C ARG JB 50 7.94 -6.69 -103.19
N LYS JB 51 7.58 -7.76 -102.45
CA LYS JB 51 7.43 -9.11 -102.96
C LYS JB 51 5.99 -9.43 -103.29
N THR JB 52 5.60 -9.32 -104.59
CA THR JB 52 4.27 -9.72 -105.05
C THR JB 52 4.28 -11.19 -105.35
N ASN JB 53 3.11 -11.84 -105.35
CA ASN JB 53 3.01 -13.24 -105.70
C ASN JB 53 3.29 -13.47 -107.19
N SER JB 54 3.31 -12.40 -107.99
CA SER JB 54 3.56 -12.48 -109.42
C SER JB 54 4.94 -12.03 -109.86
N GLN JB 55 5.78 -11.43 -108.99
CA GLN JB 55 6.85 -10.55 -109.45
C GLN JB 55 7.39 -9.71 -108.32
N VAL JB 56 8.65 -9.28 -108.41
CA VAL JB 56 9.24 -8.44 -107.39
C VAL JB 56 9.36 -7.04 -108.00
N ILE JB 57 9.12 -6.02 -107.17
CA ILE JB 57 9.08 -4.63 -107.57
C ILE JB 57 10.15 -3.88 -106.81
N CYS JB 58 11.02 -3.19 -107.55
CA CYS JB 58 12.21 -2.52 -107.05
C CYS JB 58 12.12 -1.04 -107.37
N GLN JB 59 12.05 -0.14 -106.35
CA GLN JB 59 12.01 1.28 -106.60
C GLN JB 59 13.05 2.00 -105.77
N ILE JB 60 13.58 3.13 -106.26
CA ILE JB 60 14.37 4.04 -105.44
C ILE JB 60 13.46 5.15 -104.95
N ALA JB 61 13.23 5.21 -103.63
CA ALA JB 61 12.38 6.23 -103.02
C ALA JB 61 13.13 7.13 -102.04
N CYS JB 62 12.76 8.43 -102.04
CA CYS JB 62 13.18 9.41 -101.05
C CYS JB 62 11.98 10.06 -100.42
N ALA JB 63 11.87 10.01 -99.07
CA ALA JB 63 10.67 10.47 -98.40
C ALA JB 63 10.64 11.99 -98.25
N HIS JB 64 9.49 12.60 -98.58
CA HIS JB 64 9.33 14.04 -98.64
C HIS JB 64 8.01 14.44 -98.03
N ILE JB 65 7.83 15.74 -97.73
CA ILE JB 65 6.76 16.23 -96.87
C ILE JB 65 5.34 16.14 -97.42
N GLU JB 66 5.18 15.89 -98.72
CA GLU JB 66 3.86 15.70 -99.34
C GLU JB 66 3.69 14.24 -99.76
N GLY JB 67 4.62 13.39 -99.27
CA GLY JB 67 4.75 12.00 -99.65
C GLY JB 67 6.04 11.73 -100.39
N ASP JB 68 6.42 10.45 -100.43
CA ASP JB 68 7.59 9.90 -101.06
C ASP JB 68 7.76 10.22 -102.54
N LYS JB 69 8.97 10.69 -102.92
CA LYS JB 69 9.36 10.93 -104.29
C LYS JB 69 10.14 9.74 -104.81
N ILE JB 70 9.66 9.17 -105.93
CA ILE JB 70 10.23 7.97 -106.52
C ILE JB 70 11.16 8.37 -107.64
N LEU JB 71 12.43 7.98 -107.50
CA LEU JB 71 13.49 8.30 -108.42
C LEU JB 71 13.67 7.27 -109.53
N ALA JB 72 13.71 5.97 -109.20
CA ALA JB 72 13.98 4.90 -110.15
C ALA JB 72 13.04 3.72 -109.98
N GLU JB 73 12.73 2.98 -111.05
CA GLU JB 73 11.85 1.82 -110.95
C GLU JB 73 12.30 0.66 -111.85
N ALA JB 74 12.24 -0.58 -111.31
CA ALA JB 74 12.18 -1.80 -112.10
C ALA JB 74 11.22 -2.83 -111.47
N LYS JB 75 10.38 -3.47 -112.29
CA LYS JB 75 9.48 -4.57 -111.92
C LYS JB 75 9.79 -5.79 -112.76
N SER JB 76 9.64 -7.03 -112.24
CA SER JB 76 10.09 -8.22 -112.96
C SER JB 76 9.48 -8.39 -114.34
N LYS JB 77 8.25 -7.91 -114.62
CA LYS JB 77 7.68 -8.07 -115.95
C LYS JB 77 8.24 -7.06 -116.96
N GLU JB 78 9.22 -6.24 -116.57
CA GLU JB 78 10.09 -5.53 -117.47
C GLU JB 78 11.12 -6.46 -118.11
N LEU JB 79 11.54 -7.53 -117.41
CA LEU JB 79 12.47 -8.55 -117.88
C LEU JB 79 12.10 -9.20 -119.19
N ILE JB 80 10.80 -9.26 -119.54
CA ILE JB 80 10.28 -9.56 -120.87
C ILE JB 80 10.98 -8.82 -121.99
N ARG JB 81 11.24 -7.51 -121.82
CA ARG JB 81 11.98 -6.66 -122.73
C ARG JB 81 13.45 -7.06 -122.89
N TYR JB 82 13.97 -7.85 -121.96
CA TYR JB 82 15.32 -8.35 -121.95
C TYR JB 82 15.32 -9.84 -122.27
N GLY JB 83 14.15 -10.39 -122.67
CA GLY JB 83 14.00 -11.75 -123.18
C GLY JB 83 13.66 -12.81 -122.16
N ILE JB 84 13.40 -12.46 -120.89
CA ILE JB 84 13.10 -13.43 -119.83
C ILE JB 84 11.58 -13.62 -119.72
N PRO JB 85 10.98 -14.80 -119.87
CA PRO JB 85 9.54 -14.85 -120.12
C PRO JB 85 8.85 -15.59 -119.00
N VAL JB 86 9.58 -16.03 -117.96
CA VAL JB 86 9.07 -16.97 -116.98
C VAL JB 86 9.90 -16.87 -115.72
N GLY JB 87 9.38 -17.33 -114.56
CA GLY JB 87 10.12 -17.34 -113.30
C GLY JB 87 10.23 -16.00 -112.62
N LEU JB 88 9.14 -15.24 -112.56
CA LEU JB 88 9.16 -13.82 -112.24
C LEU JB 88 9.47 -13.49 -110.79
N LYS JB 89 9.33 -14.46 -109.87
CA LYS JB 89 9.72 -14.30 -108.48
C LYS JB 89 11.15 -14.78 -108.25
N ASN JB 90 11.78 -15.43 -109.24
CA ASN JB 90 13.03 -16.15 -109.04
C ASN JB 90 14.21 -15.30 -108.55
N TYR JB 91 15.12 -15.92 -107.80
CA TYR JB 91 16.34 -15.36 -107.25
C TYR JB 91 17.19 -14.61 -108.27
N ALA JB 92 17.39 -15.21 -109.45
CA ALA JB 92 18.03 -14.59 -110.59
C ALA JB 92 17.25 -13.39 -111.11
N ALA JB 93 15.92 -13.51 -111.26
CA ALA JB 93 15.06 -12.42 -111.63
C ALA JB 93 15.09 -11.24 -110.65
N ALA JB 94 15.09 -11.50 -109.34
CA ALA JB 94 15.21 -10.48 -108.32
C ALA JB 94 16.54 -9.74 -108.38
N TYR JB 95 17.65 -10.49 -108.53
CA TYR JB 95 18.97 -9.97 -108.81
C TYR JB 95 19.01 -9.06 -110.02
N ALA JB 96 18.51 -9.55 -111.18
CA ALA JB 96 18.47 -8.79 -112.40
C ALA JB 96 17.61 -7.53 -112.30
N THR JB 97 16.43 -7.62 -111.65
CA THR JB 97 15.53 -6.50 -111.42
C THR JB 97 16.19 -5.40 -110.61
N GLY JB 98 16.92 -5.77 -109.54
CA GLY JB 98 17.69 -4.82 -108.75
C GLY JB 98 18.81 -4.18 -109.52
N LEU JB 99 19.56 -5.01 -110.28
CA LEU JB 99 20.67 -4.60 -111.12
C LEU JB 99 20.27 -3.61 -112.19
N LEU JB 100 19.13 -3.85 -112.87
CA LEU JB 100 18.57 -2.94 -113.85
C LEU JB 100 18.15 -1.64 -113.24
N CYS JB 101 17.48 -1.68 -112.06
CA CYS JB 101 17.02 -0.47 -111.43
C CYS JB 101 18.19 0.40 -110.99
N ALA JB 102 19.23 -0.22 -110.40
CA ALA JB 102 20.48 0.47 -110.16
C ALA JB 102 21.18 1.04 -111.39
N ARG JB 103 21.28 0.27 -112.48
CA ARG JB 103 21.94 0.74 -113.67
C ARG JB 103 21.23 1.90 -114.35
N ARG JB 104 19.89 1.82 -114.45
CA ARG JB 104 19.05 2.90 -114.90
C ARG JB 104 19.17 4.15 -114.06
N PHE JB 105 19.22 4.01 -112.73
CA PHE JB 105 19.46 5.12 -111.84
C PHE JB 105 20.80 5.82 -112.06
N LEU JB 106 21.90 5.05 -112.17
CA LEU JB 106 23.20 5.58 -112.54
C LEU JB 106 23.21 6.26 -113.89
N LYS JB 107 22.57 5.66 -114.92
CA LYS JB 107 22.39 6.31 -116.21
C LYS JB 107 21.66 7.65 -116.12
N SER JB 108 20.58 7.70 -115.32
CA SER JB 108 19.83 8.92 -115.05
C SER JB 108 20.64 10.01 -114.37
N LEU JB 109 21.45 9.64 -113.36
CA LEU JB 109 22.44 10.48 -112.70
C LEU JB 109 23.52 11.02 -113.62
N ASN JB 110 24.00 10.15 -114.55
CA ASN JB 110 25.20 10.27 -115.35
C ASN JB 110 26.44 9.78 -114.59
N LEU JB 111 27.37 9.14 -115.35
CA LEU JB 111 28.61 8.53 -114.91
C LEU JB 111 28.42 7.15 -114.27
N ASP JB 112 28.94 6.12 -114.96
CA ASP JB 112 28.89 4.72 -114.57
C ASP JB 112 29.68 4.42 -113.31
N THR JB 113 30.81 5.12 -113.11
CA THR JB 113 31.55 5.11 -111.83
C THR JB 113 30.73 5.72 -110.72
N GLN JB 114 30.46 4.96 -109.63
CA GLN JB 114 29.65 5.42 -108.51
C GLN JB 114 30.25 6.57 -107.69
N PHE JB 115 31.55 6.48 -107.32
CA PHE JB 115 32.14 7.36 -106.32
C PHE JB 115 33.41 8.04 -106.82
N LEU JB 116 33.57 9.34 -106.50
CA LEU JB 116 34.78 10.11 -106.73
C LEU JB 116 35.98 9.64 -105.92
N GLY JB 117 35.77 9.32 -104.63
CA GLY JB 117 36.84 9.20 -103.63
C GLY JB 117 37.43 7.82 -103.48
N VAL JB 118 37.25 6.93 -104.48
CA VAL JB 118 37.69 5.55 -104.49
C VAL JB 118 39.19 5.32 -104.26
N GLU JB 119 39.52 4.20 -103.59
CA GLU JB 119 40.88 3.75 -103.40
C GLU JB 119 41.58 3.43 -104.72
N LYS JB 120 42.89 3.68 -104.79
CA LYS JB 120 43.66 3.68 -106.03
C LYS JB 120 43.99 2.30 -106.58
N VAL JB 121 43.96 1.25 -105.73
CA VAL JB 121 44.25 -0.14 -106.09
C VAL JB 121 43.33 -1.07 -105.31
N THR JB 122 43.17 -2.33 -105.77
CA THR JB 122 42.47 -3.38 -105.04
C THR JB 122 43.47 -4.27 -104.26
N ARG JB 137 24.21 8.37 -102.72
CA ARG JB 137 25.29 8.00 -103.68
C ARG JB 137 26.53 7.48 -102.97
N LYS JB 138 27.54 8.35 -102.71
CA LYS JB 138 28.79 8.04 -102.04
C LYS JB 138 29.46 6.77 -102.61
N PRO JB 139 30.12 5.80 -101.97
CA PRO JB 139 30.38 4.52 -102.63
C PRO JB 139 29.24 3.55 -102.37
N ILE JB 140 28.44 3.73 -101.30
CA ILE JB 140 27.45 2.74 -100.87
C ILE JB 140 26.20 3.38 -100.27
N LYS JB 141 25.99 4.71 -100.39
CA LYS JB 141 24.94 5.37 -99.65
C LYS JB 141 23.59 5.36 -100.37
N ALA JB 142 22.84 4.28 -100.08
CA ALA JB 142 21.43 4.06 -100.27
C ALA JB 142 21.14 2.89 -99.35
N PHE JB 143 19.87 2.59 -99.05
CA PHE JB 143 19.53 1.76 -97.91
C PHE JB 143 18.45 0.74 -98.22
N LEU JB 144 18.37 -0.31 -97.38
CA LEU JB 144 17.32 -1.31 -97.39
C LEU JB 144 15.91 -0.73 -97.16
N ASP JB 145 14.89 -1.33 -97.80
CA ASP JB 145 13.51 -1.25 -97.39
C ASP JB 145 13.13 -2.67 -97.01
N VAL JB 146 12.79 -2.88 -95.72
CA VAL JB 146 12.53 -4.20 -95.19
C VAL JB 146 11.31 -4.85 -95.84
N GLY JB 147 10.22 -4.07 -96.03
CA GLY JB 147 9.13 -4.45 -96.91
C GLY JB 147 8.29 -5.62 -96.49
N ILE JB 148 8.13 -5.86 -95.17
CA ILE JB 148 7.14 -6.75 -94.58
C ILE JB 148 7.52 -8.23 -94.63
N THR JB 149 8.07 -8.72 -95.75
CA THR JB 149 8.60 -10.08 -95.91
C THR JB 149 9.71 -10.40 -94.91
N ARG JB 150 9.80 -11.67 -94.46
CA ARG JB 150 10.61 -12.02 -93.31
C ARG JB 150 12.06 -12.28 -93.66
N THR JB 151 12.99 -11.57 -93.00
CA THR JB 151 14.40 -11.49 -93.36
C THR JB 151 15.21 -12.71 -92.95
N THR JB 152 14.85 -13.87 -93.50
CA THR JB 152 15.54 -15.14 -93.37
C THR JB 152 16.69 -15.28 -94.35
N THR JB 153 17.54 -16.32 -94.18
CA THR JB 153 18.47 -16.71 -95.22
C THR JB 153 17.75 -17.15 -96.49
N GLY JB 154 18.20 -16.64 -97.66
CA GLY JB 154 17.58 -16.88 -98.95
C GLY JB 154 16.42 -15.97 -99.29
N ASN JB 155 16.06 -15.04 -98.39
CA ASN JB 155 15.04 -14.04 -98.63
C ASN JB 155 15.34 -13.07 -99.79
N ARG JB 156 14.28 -12.50 -100.38
CA ARG JB 156 14.31 -11.94 -101.71
C ARG JB 156 14.99 -10.58 -101.80
N VAL JB 157 14.83 -9.78 -100.73
CA VAL JB 157 15.35 -8.44 -100.63
C VAL JB 157 16.86 -8.40 -100.75
N PHE JB 158 17.56 -9.34 -100.11
CA PHE JB 158 19.02 -9.42 -100.10
C PHE JB 158 19.58 -9.72 -101.47
N ALA JB 159 18.92 -10.61 -102.24
CA ALA JB 159 19.29 -10.87 -103.62
C ALA JB 159 19.12 -9.65 -104.52
N ALA JB 160 17.99 -8.94 -104.39
CA ALA JB 160 17.77 -7.70 -105.09
C ALA JB 160 18.79 -6.60 -104.75
N LEU JB 161 19.16 -6.47 -103.47
CA LEU JB 161 20.17 -5.55 -103.00
C LEU JB 161 21.54 -5.89 -103.50
N LYS JB 162 21.89 -7.19 -103.49
CA LYS JB 162 23.14 -7.68 -104.04
C LYS JB 162 23.25 -7.36 -105.51
N GLY JB 163 22.15 -7.57 -106.28
CA GLY JB 163 22.07 -7.15 -107.67
C GLY JB 163 22.26 -5.66 -107.87
N ALA JB 164 21.63 -4.83 -107.03
CA ALA JB 164 21.79 -3.39 -107.05
C ALA JB 164 23.22 -2.93 -106.77
N CYS JB 165 23.87 -3.52 -105.76
CA CYS JB 165 25.28 -3.34 -105.50
C CYS JB 165 26.19 -3.68 -106.68
N ASP JB 166 25.98 -4.85 -107.30
CA ASP JB 166 26.71 -5.26 -108.48
C ASP JB 166 26.38 -4.39 -109.69
N GLY JB 167 25.15 -3.88 -109.75
CA GLY JB 167 24.62 -2.88 -110.67
C GLY JB 167 25.41 -1.62 -110.66
N GLY JB 168 25.38 -0.90 -109.53
CA GLY JB 168 26.16 0.32 -109.42
C GLY JB 168 25.86 1.11 -108.18
N LEU JB 169 24.61 1.07 -107.69
CA LEU JB 169 24.16 1.92 -106.59
C LEU JB 169 24.86 1.66 -105.28
N ASN JB 170 24.92 0.38 -104.88
CA ASN JB 170 25.50 -0.07 -103.64
C ASN JB 170 24.78 0.38 -102.37
N ILE JB 171 24.73 -0.54 -101.40
CA ILE JB 171 23.92 -0.47 -100.21
C ILE JB 171 24.79 -1.14 -99.14
N PRO JB 172 24.88 -0.72 -97.88
CA PRO JB 172 25.46 -1.54 -96.80
C PRO JB 172 24.98 -2.99 -96.75
N HIS JB 173 25.84 -3.94 -96.42
CA HIS JB 173 25.42 -5.32 -96.36
C HIS JB 173 26.30 -6.15 -95.45
N GLY JB 174 25.73 -7.22 -94.88
CA GLY JB 174 26.45 -8.35 -94.30
C GLY JB 174 26.59 -9.45 -95.32
N ASN JB 175 26.54 -10.71 -94.86
CA ASN JB 175 26.50 -11.87 -95.73
C ASN JB 175 25.61 -12.91 -95.10
N ASN JB 176 24.70 -12.48 -94.21
CA ASN JB 176 24.11 -13.35 -93.21
C ASN JB 176 22.90 -14.07 -93.74
N ARG JB 177 22.44 -13.68 -94.93
CA ARG JB 177 21.20 -14.15 -95.50
C ARG JB 177 21.44 -14.84 -96.82
N PHE JB 178 22.71 -15.20 -97.09
CA PHE JB 178 23.08 -16.06 -98.18
C PHE JB 178 23.37 -17.44 -97.60
N PRO JB 179 23.21 -18.56 -98.31
CA PRO JB 179 23.65 -19.89 -97.85
C PRO JB 179 25.07 -19.96 -97.28
N GLY JB 180 25.29 -20.82 -96.28
CA GLY JB 180 26.57 -20.95 -95.58
C GLY JB 180 26.72 -19.98 -94.42
N SER JB 181 25.61 -19.43 -93.92
CA SER JB 181 25.58 -18.49 -92.80
C SER JB 181 25.71 -19.21 -91.43
N PHE JB 185 29.93 -17.84 -95.38
CA PHE JB 185 29.01 -17.82 -96.59
C PHE JB 185 29.52 -18.61 -97.77
N ASN JB 186 28.64 -19.00 -98.72
CA ASN JB 186 29.05 -19.72 -99.92
C ASN JB 186 28.91 -18.80 -101.14
N PRO JB 187 29.99 -18.26 -101.71
CA PRO JB 187 29.89 -17.35 -102.83
C PRO JB 187 29.55 -18.08 -104.10
N GLU JB 188 30.11 -19.28 -104.33
CA GLU JB 188 29.78 -20.10 -105.47
C GLU JB 188 28.30 -20.48 -105.55
N GLN JB 189 27.70 -20.88 -104.42
CA GLN JB 189 26.27 -21.14 -104.34
C GLN JB 189 25.45 -19.89 -104.60
N LEU JB 190 25.85 -18.73 -104.04
CA LEU JB 190 25.23 -17.46 -104.33
C LEU JB 190 25.28 -17.13 -105.83
N ARG JB 191 26.46 -17.36 -106.44
CA ARG JB 191 26.71 -17.25 -107.86
C ARG JB 191 25.78 -18.17 -108.68
N LYS JB 192 25.62 -19.44 -108.27
CA LYS JB 192 24.65 -20.36 -108.88
C LYS JB 192 23.22 -19.86 -108.79
N ASN JB 193 22.79 -19.38 -107.61
CA ASN JB 193 21.49 -18.79 -107.40
C ASN JB 193 21.20 -17.58 -108.28
N ILE JB 194 22.14 -16.62 -108.42
CA ILE JB 194 21.94 -15.49 -109.30
C ILE JB 194 22.01 -15.86 -110.78
N LEU JB 195 22.79 -16.89 -111.15
CA LEU JB 195 22.79 -17.47 -112.48
C LEU JB 195 21.49 -18.17 -112.86
N GLY JB 196 20.91 -18.95 -111.93
CA GLY JB 196 19.66 -19.70 -112.13
C GLY JB 196 19.87 -21.20 -112.11
N ILE JB 197 21.04 -21.65 -111.64
CA ILE JB 197 21.45 -23.03 -111.60
C ILE JB 197 20.59 -23.84 -110.65
N HIS JB 198 20.23 -23.26 -109.49
CA HIS JB 198 19.40 -23.92 -108.51
C HIS JB 198 18.02 -24.33 -109.02
N VAL JB 199 17.35 -23.46 -109.81
CA VAL JB 199 16.15 -23.82 -110.55
C VAL JB 199 16.42 -24.93 -111.54
N ALA JB 200 17.50 -24.81 -112.32
CA ALA JB 200 17.89 -25.80 -113.31
C ALA JB 200 18.11 -27.19 -112.72
N GLU JB 201 18.84 -27.28 -111.60
CA GLU JB 201 19.05 -28.52 -110.87
C GLU JB 201 17.75 -29.12 -110.38
N TYR JB 202 16.84 -28.32 -109.78
CA TYR JB 202 15.52 -28.81 -109.43
C TYR JB 202 14.70 -29.29 -110.64
N MET JB 203 14.73 -28.57 -111.77
CA MET JB 203 14.04 -28.98 -112.97
C MET JB 203 14.51 -30.31 -113.52
N LYS JB 204 15.83 -30.49 -113.69
CA LYS JB 204 16.41 -31.74 -114.13
C LYS JB 204 16.15 -32.91 -113.20
N THR JB 205 16.26 -32.67 -111.89
CA THR JB 205 15.99 -33.67 -110.85
C THR JB 205 14.55 -34.11 -110.85
N LEU JB 206 13.61 -33.16 -110.91
CA LEU JB 206 12.19 -33.42 -111.01
C LEU JB 206 11.82 -34.19 -112.27
N GLN JB 207 12.35 -33.75 -113.43
CA GLN JB 207 12.22 -34.46 -114.70
C GLN JB 207 12.73 -35.88 -114.65
N GLU JB 208 13.84 -36.10 -113.95
CA GLU JB 208 14.40 -37.41 -113.74
C GLU JB 208 13.49 -38.32 -112.94
N GLU JB 209 12.92 -37.81 -111.83
CA GLU JB 209 11.95 -38.55 -111.05
C GLU JB 209 10.62 -38.79 -111.78
N ASP JB 210 9.98 -37.76 -112.35
CA ASP JB 210 8.75 -37.94 -113.08
C ASP JB 210 8.56 -36.90 -114.18
N ASN JB 211 8.20 -37.35 -115.40
CA ASN JB 211 8.03 -36.47 -116.54
C ASN JB 211 6.69 -35.72 -116.49
N ASP JB 212 5.61 -36.35 -116.05
CA ASP JB 212 4.31 -35.69 -115.89
C ASP JB 212 4.30 -34.62 -114.82
N LYS JB 213 4.92 -34.86 -113.65
CA LYS JB 213 5.05 -33.85 -112.62
C LYS JB 213 5.92 -32.69 -113.09
N TYR JB 214 7.02 -32.97 -113.81
CA TYR JB 214 7.85 -31.96 -114.43
C TYR JB 214 7.08 -31.10 -115.43
N LYS JB 215 6.35 -31.74 -116.37
CA LYS JB 215 5.59 -31.07 -117.39
C LYS JB 215 4.45 -30.24 -116.83
N THR JB 216 3.68 -30.82 -115.89
CA THR JB 216 2.59 -30.11 -115.23
C THR JB 216 3.06 -28.94 -114.37
N HIS JB 217 4.19 -29.09 -113.67
CA HIS JB 217 4.79 -28.02 -112.90
C HIS JB 217 5.34 -26.89 -113.75
N PHE JB 218 6.40 -27.14 -114.54
CA PHE JB 218 7.06 -26.11 -115.33
C PHE JB 218 6.44 -26.00 -116.72
N ASN JB 219 5.11 -25.91 -116.79
CA ASN JB 219 4.36 -25.86 -118.02
C ASN JB 219 4.70 -24.70 -118.96
N ASP JB 220 4.80 -23.46 -118.44
CA ASP JB 220 5.24 -22.32 -119.23
C ASP JB 220 6.62 -22.46 -119.86
N TYR JB 221 7.61 -23.01 -119.12
CA TYR JB 221 8.96 -23.22 -119.62
C TYR JB 221 8.99 -24.11 -120.86
N LEU JB 222 8.15 -25.16 -120.87
CA LEU JB 222 7.96 -26.05 -122.00
C LEU JB 222 7.34 -25.38 -123.22
N LYS JB 223 6.30 -24.55 -123.02
CA LYS JB 223 5.66 -23.75 -124.05
C LYS JB 223 6.61 -22.77 -124.72
N ASN JB 224 7.41 -22.06 -123.90
CA ASN JB 224 8.47 -21.18 -124.34
C ASN JB 224 9.58 -21.91 -125.08
N ASN JB 225 9.79 -23.19 -124.72
CA ASN JB 225 10.79 -24.10 -125.27
C ASN JB 225 12.16 -23.76 -124.69
N ILE JB 226 12.16 -23.54 -123.37
CA ILE JB 226 13.33 -23.17 -122.60
C ILE JB 226 13.58 -24.29 -121.63
N GLY JB 227 14.72 -24.99 -121.80
CA GLY JB 227 15.16 -26.03 -120.90
C GLY JB 227 15.93 -25.46 -119.75
N ALA JB 228 16.36 -26.34 -118.84
CA ALA JB 228 17.11 -25.96 -117.64
C ALA JB 228 18.46 -25.36 -117.99
N ASP JB 229 19.21 -26.06 -118.85
CA ASP JB 229 20.37 -25.64 -119.61
C ASP JB 229 20.39 -24.19 -120.11
N ASP JB 230 19.25 -23.69 -120.61
CA ASP JB 230 19.16 -22.42 -121.29
C ASP JB 230 19.11 -21.24 -120.34
N ILE JB 231 18.75 -21.50 -119.07
CA ILE JB 231 18.46 -20.48 -118.07
C ILE JB 231 19.69 -19.63 -117.75
N GLU JB 232 20.86 -20.25 -117.51
CA GLU JB 232 22.07 -19.54 -117.19
C GLU JB 232 22.54 -18.58 -118.29
N GLN JB 233 22.45 -19.04 -119.55
CA GLN JB 233 22.72 -18.22 -120.71
C GLN JB 233 21.74 -17.08 -120.89
N MET JB 234 20.44 -17.33 -120.72
CA MET JB 234 19.43 -16.30 -120.88
C MET JB 234 19.58 -15.17 -119.87
N TYR JB 235 19.88 -15.51 -118.60
CA TYR JB 235 20.23 -14.51 -117.61
C TYR JB 235 21.53 -13.79 -117.93
N LEU JB 236 22.58 -14.49 -118.37
CA LEU JB 236 23.83 -13.85 -118.76
C LEU JB 236 23.68 -12.85 -119.91
N ASN JB 237 22.92 -13.21 -120.96
CA ASN JB 237 22.64 -12.34 -122.08
C ASN JB 237 21.81 -11.13 -121.66
N ALA JB 238 20.79 -11.36 -120.82
CA ALA JB 238 19.96 -10.34 -120.24
C ALA JB 238 20.77 -9.31 -119.45
N HIS JB 239 21.77 -9.75 -118.66
CA HIS JB 239 22.64 -8.88 -117.89
C HIS JB 239 23.38 -7.89 -118.76
N GLU JB 240 24.02 -8.36 -119.84
CA GLU JB 240 24.64 -7.49 -120.84
C GLU JB 240 23.68 -6.54 -121.50
N LYS JB 241 22.47 -7.02 -121.85
CA LYS JB 241 21.45 -6.18 -122.43
C LYS JB 241 20.95 -5.11 -121.47
N ILE JB 242 20.73 -5.46 -120.20
CA ILE JB 242 20.41 -4.54 -119.13
C ILE JB 242 21.50 -3.50 -118.95
N ARG JB 243 22.78 -3.92 -118.94
CA ARG JB 243 23.92 -3.05 -118.81
C ARG JB 243 24.01 -2.03 -119.94
N GLN JB 244 23.75 -2.46 -121.18
CA GLN JB 244 23.64 -1.61 -122.34
C GLN JB 244 22.47 -0.62 -122.33
N ASN JB 245 21.28 -1.05 -121.89
CA ASN JB 245 20.04 -0.38 -122.23
C ASN JB 245 19.56 0.66 -121.20
N PRO JB 246 19.24 1.89 -121.59
CA PRO JB 246 18.52 2.83 -120.75
C PRO JB 246 17.08 2.43 -120.46
N LYS JB 267 -22.42 6.44 -109.70
CA LYS JB 267 -22.32 5.37 -108.66
C LYS JB 267 -23.04 5.68 -107.34
N LYS JB 268 -22.42 6.44 -106.40
CA LYS JB 268 -23.01 6.74 -105.10
C LYS JB 268 -24.34 7.49 -105.17
N LEU JB 269 -25.30 7.18 -104.28
CA LEU JB 269 -26.66 7.65 -104.39
C LEU JB 269 -27.00 8.71 -103.35
N ASN JB 270 -27.77 9.73 -103.76
CA ASN JB 270 -28.14 10.85 -102.89
C ASN JB 270 -29.24 10.52 -101.89
N ALA JB 271 -29.42 11.41 -100.90
CA ALA JB 271 -30.42 11.27 -99.86
C ALA JB 271 -31.84 11.32 -100.37
N LYS JB 272 -32.18 12.22 -101.33
CA LYS JB 272 -33.52 12.32 -101.88
C LYS JB 272 -34.02 11.03 -102.50
N LEU JB 273 -33.15 10.36 -103.27
CA LEU JB 273 -33.40 9.04 -103.83
C LEU JB 273 -33.57 7.96 -102.77
N ARG JB 274 -32.72 8.00 -101.72
CA ARG JB 274 -32.77 7.11 -100.58
C ARG JB 274 -34.07 7.22 -99.78
N LYS JB 275 -34.55 8.46 -99.53
CA LYS JB 275 -35.82 8.77 -98.92
C LYS JB 275 -37.00 8.22 -99.71
N LYS JB 276 -37.01 8.44 -101.04
CA LYS JB 276 -38.00 7.90 -101.95
C LYS JB 276 -38.06 6.38 -101.92
N ARG JB 277 -36.89 5.72 -101.91
CA ARG JB 277 -36.73 4.29 -101.78
C ARG JB 277 -37.31 3.75 -100.48
N VAL JB 278 -37.03 4.41 -99.34
CA VAL JB 278 -37.60 4.05 -98.06
C VAL JB 278 -39.13 4.13 -98.01
N LYS JB 279 -39.74 5.17 -98.59
CA LYS JB 279 -41.19 5.28 -98.71
C LYS JB 279 -41.82 4.18 -99.55
N GLU JB 280 -41.23 3.89 -100.72
CA GLU JB 280 -41.64 2.83 -101.62
C GLU JB 280 -41.56 1.47 -100.98
N LYS JB 281 -40.47 1.19 -100.25
CA LYS JB 281 -40.28 -0.02 -99.51
C LYS JB 281 -41.32 -0.21 -98.41
N LEU JB 282 -41.74 0.86 -97.73
CA LEU JB 282 -42.80 0.84 -96.74
C LEU JB 282 -44.13 0.41 -97.34
N ALA JB 283 -44.49 0.99 -98.50
CA ALA JB 283 -45.67 0.61 -99.25
C ALA JB 283 -45.61 -0.84 -99.71
N LEU JB 284 -44.47 -1.23 -100.29
CA LEU JB 284 -44.19 -2.59 -100.70
C LEU JB 284 -44.36 -3.60 -99.58
N TYR JB 285 -43.87 -3.32 -98.36
CA TYR JB 285 -44.07 -4.18 -97.20
C TYR JB 285 -45.55 -4.33 -96.83
N VAL JB 286 -46.33 -3.24 -96.89
CA VAL JB 286 -47.78 -3.28 -96.70
C VAL JB 286 -48.47 -4.16 -97.73
N GLU JB 287 -48.11 -4.04 -99.02
CA GLU JB 287 -48.56 -4.97 -100.04
C GLU JB 287 -48.11 -6.42 -99.85
N LEU JB 288 -46.81 -6.65 -99.57
CA LEU JB 288 -46.16 -7.94 -99.40
C LEU JB 288 -46.71 -8.85 -98.31
N GLN JB 289 -46.97 -8.33 -97.09
CA GLN JB 289 -47.38 -9.13 -95.96
C GLN JB 289 -48.88 -9.57 -96.00
N TYR KB 1 14.00 91.37 5.03
CA TYR KB 1 12.85 92.34 5.05
C TYR KB 1 12.35 92.62 3.64
N ALA KB 2 11.05 92.41 3.35
CA ALA KB 2 10.55 92.35 1.99
C ALA KB 2 10.09 93.67 1.39
N LYS KB 3 8.78 94.01 1.48
CA LYS KB 3 8.21 95.18 0.80
C LYS KB 3 8.79 96.54 1.17
N LYS KB 4 8.81 97.47 0.20
CA LYS KB 4 9.11 98.89 0.34
C LYS KB 4 8.58 99.53 1.63
N ILE KB 5 9.46 100.23 2.37
CA ILE KB 5 9.08 100.88 3.61
C ILE KB 5 8.31 102.17 3.38
N ARG KB 6 8.81 103.01 2.44
CA ARG KB 6 8.25 104.28 2.02
C ARG KB 6 8.51 105.39 3.03
N ASN KB 7 8.05 105.19 4.27
CA ASN KB 7 8.15 106.17 5.33
C ASN KB 7 8.76 105.52 6.56
N LEU KB 8 10.11 105.48 6.61
CA LEU KB 8 10.91 104.81 7.62
C LEU KB 8 10.68 105.26 9.05
N GLY KB 9 10.44 106.57 9.27
CA GLY KB 9 10.20 107.12 10.60
C GLY KB 9 8.81 106.87 11.11
N LYS KB 10 7.93 106.28 10.27
CA LYS KB 10 6.60 105.88 10.67
C LYS KB 10 6.52 104.40 10.93
N CYS KB 11 7.63 103.67 10.72
CA CYS KB 11 7.66 102.21 10.82
C CYS KB 11 8.52 101.68 11.97
N ALA KB 12 8.15 100.51 12.52
CA ALA KB 12 8.86 99.83 13.58
C ALA KB 12 8.99 98.35 13.25
N LYS KB 13 10.22 97.81 13.18
CA LYS KB 13 10.45 96.46 12.74
C LYS KB 13 11.26 95.64 13.74
N GLY KB 14 11.06 94.32 13.74
CA GLY KB 14 11.89 93.38 14.49
C GLY KB 14 11.74 91.97 13.99
N ALA KB 15 12.60 91.06 14.49
CA ALA KB 15 12.70 89.71 13.98
C ALA KB 15 12.89 88.67 15.09
N GLY KB 16 12.48 87.42 14.81
CA GLY KB 16 12.95 86.25 15.55
C GLY KB 16 13.69 85.36 14.60
N VAL KB 17 14.97 85.09 14.90
CA VAL KB 17 15.90 84.40 14.02
C VAL KB 17 15.61 82.94 13.71
N ASP KB 18 15.91 82.00 14.62
CA ASP KB 18 15.92 80.58 14.34
C ASP KB 18 15.19 79.90 15.48
N LEU KB 19 13.86 79.97 15.46
CA LEU KB 19 13.01 79.55 16.53
C LEU KB 19 12.78 78.05 16.58
N ARG KB 20 12.84 77.43 17.77
CA ARG KB 20 12.65 76.00 17.95
C ARG KB 20 11.22 75.68 18.33
N VAL KB 21 10.29 76.06 17.43
CA VAL KB 21 8.86 75.85 17.53
C VAL KB 21 8.36 75.37 16.17
N HIS KB 22 7.13 74.83 16.09
CA HIS KB 22 6.54 74.38 14.85
C HIS KB 22 6.20 75.48 13.87
N PHE KB 23 6.80 75.42 12.67
CA PHE KB 23 6.60 76.37 11.60
C PHE KB 23 5.14 76.53 11.18
N LYS KB 24 4.44 75.39 10.96
CA LYS KB 24 3.06 75.39 10.54
C LYS KB 24 2.09 76.03 11.53
N ASN KB 25 2.19 75.63 12.82
CA ASN KB 25 1.42 76.16 13.94
C ASN KB 25 1.61 77.66 14.09
N THR KB 26 2.88 78.06 14.06
CA THR KB 26 3.30 79.43 14.29
C THR KB 26 2.83 80.30 13.16
N TYR KB 27 2.93 79.80 11.91
CA TYR KB 27 2.37 80.43 10.74
C TYR KB 27 0.87 80.67 10.87
N GLU KB 28 0.07 79.67 11.29
CA GLU KB 28 -1.35 79.83 11.43
C GLU KB 28 -1.72 80.90 12.47
N ALA KB 29 -1.00 80.91 13.62
CA ALA KB 29 -1.17 81.92 14.63
C ALA KB 29 -0.80 83.32 14.14
N ALA KB 30 0.34 83.45 13.45
CA ALA KB 30 0.75 84.67 12.82
C ALA KB 30 -0.24 85.18 11.79
N ARG KB 31 -0.79 84.29 10.96
CA ARG KB 31 -1.76 84.66 9.95
C ARG KB 31 -3.01 85.29 10.52
N ALA KB 32 -3.48 84.82 11.70
CA ALA KB 32 -4.53 85.52 12.40
C ALA KB 32 -4.13 86.92 12.88
N ILE KB 33 -2.92 87.05 13.47
CA ILE KB 33 -2.34 88.32 13.91
C ILE KB 33 -2.22 89.39 12.84
N ARG KB 34 -1.71 89.03 11.66
CA ARG KB 34 -1.42 89.92 10.55
C ARG KB 34 -2.49 90.97 10.19
N ARG KB 35 -2.09 92.27 10.18
CA ARG KB 35 -2.88 93.43 9.82
C ARG KB 35 -3.76 93.99 10.94
N MET KB 36 -3.46 93.61 12.19
CA MET KB 36 -4.08 94.06 13.42
C MET KB 36 -3.25 95.16 14.10
N LYS KB 37 -3.88 96.11 14.84
CA LYS KB 37 -3.12 97.03 15.68
C LYS KB 37 -2.25 96.33 16.73
N LEU KB 38 -1.08 96.91 17.07
CA LEU KB 38 -0.03 96.24 17.84
C LEU KB 38 -0.44 95.76 19.22
N LEU KB 39 -1.11 96.63 19.99
CA LEU KB 39 -1.59 96.31 21.31
C LEU KB 39 -2.70 95.27 21.28
N GLU KB 40 -3.58 95.39 20.28
CA GLU KB 40 -4.64 94.43 20.02
C GLU KB 40 -4.09 93.06 19.69
N ALA KB 41 -3.05 92.99 18.84
CA ALA KB 41 -2.28 91.81 18.58
C ALA KB 41 -1.66 91.21 19.84
N LYS KB 42 -1.02 92.04 20.67
CA LYS KB 42 -0.43 91.63 21.94
C LYS KB 42 -1.48 91.05 22.88
N LYS KB 43 -2.64 91.73 23.02
CA LYS KB 43 -3.78 91.22 23.76
C LYS KB 43 -4.27 89.86 23.29
N TYR KB 44 -4.38 89.65 21.96
CA TYR KB 44 -4.79 88.39 21.35
C TYR KB 44 -3.87 87.25 21.77
N LEU KB 45 -2.55 87.50 21.73
CA LEU KB 45 -1.55 86.54 22.13
C LEU KB 45 -1.68 86.16 23.60
N ASN KB 46 -1.91 87.15 24.48
CA ASN KB 46 -2.27 86.90 25.87
C ASN KB 46 -3.55 86.06 26.04
N ASP KB 47 -4.62 86.32 25.26
CA ASP KB 47 -5.82 85.51 25.30
C ASP KB 47 -5.60 84.04 24.92
N VAL KB 48 -4.87 83.80 23.81
CA VAL KB 48 -4.62 82.44 23.31
C VAL KB 48 -3.76 81.61 24.26
N ILE KB 49 -2.69 82.15 24.87
CA ILE KB 49 -1.90 81.45 25.88
C ILE KB 49 -2.73 80.95 27.06
N GLU KB 50 -3.72 81.73 27.54
CA GLU KB 50 -4.63 81.26 28.56
C GLU KB 50 -5.90 80.61 27.98
N LYS KB 51 -5.85 80.16 26.70
CA LYS KB 51 -6.88 79.44 25.99
C LYS KB 51 -8.25 80.12 25.96
N LYS KB 52 -8.27 81.45 25.94
CA LYS KB 52 -9.49 82.20 26.13
C LYS KB 52 -10.04 82.64 24.78
N ARG KB 53 -9.20 82.57 23.75
CA ARG KB 53 -9.60 82.83 22.39
C ARG KB 53 -8.71 81.95 21.53
N CYS KB 54 -9.25 81.31 20.47
CA CYS KB 54 -8.45 80.43 19.63
C CYS KB 54 -7.78 81.16 18.48
N VAL KB 55 -6.88 80.46 17.77
CA VAL KB 55 -6.51 80.87 16.43
C VAL KB 55 -7.06 79.82 15.48
N PRO KB 56 -7.75 80.19 14.40
CA PRO KB 56 -8.01 79.32 13.27
C PRO KB 56 -6.83 78.55 12.73
N PHE KB 57 -7.08 77.35 12.22
CA PHE KB 57 -6.13 76.57 11.48
C PHE KB 57 -6.84 76.24 10.19
N ARG KB 58 -6.25 76.48 9.01
CA ARG KB 58 -7.04 76.43 7.79
C ARG KB 58 -6.24 76.18 6.52
N LYS KB 59 -4.90 76.26 6.58
CA LYS KB 59 -4.03 76.00 5.46
C LYS KB 59 -3.27 74.73 5.76
N TYR KB 60 -2.99 74.51 7.05
CA TYR KB 60 -2.50 73.29 7.62
C TYR KB 60 -3.56 72.94 8.65
N ASN KB 61 -4.23 71.79 8.55
CA ASN KB 61 -5.48 71.67 9.30
C ASN KB 61 -6.06 70.27 9.38
N GLY KB 62 -5.40 69.24 8.82
CA GLY KB 62 -5.96 67.90 8.75
C GLY KB 62 -6.34 67.29 10.08
N GLY KB 63 -7.66 67.16 10.33
CA GLY KB 63 -8.20 66.55 11.52
C GLY KB 63 -8.18 67.40 12.77
N VAL KB 64 -7.69 68.66 12.70
CA VAL KB 64 -7.62 69.52 13.88
C VAL KB 64 -9.00 69.90 14.44
N GLY KB 65 -9.09 70.03 15.77
CA GLY KB 65 -10.32 70.18 16.53
C GLY KB 65 -11.30 71.24 16.11
N ARG KB 66 -12.59 70.90 16.26
CA ARG KB 66 -13.71 71.80 16.09
C ARG KB 66 -14.03 72.46 17.44
N THR KB 67 -14.23 73.79 17.46
CA THR KB 67 -14.43 74.52 18.70
C THR KB 67 -15.35 75.69 18.44
N ASN KB 68 -16.18 76.04 19.42
CA ASN KB 68 -17.11 77.13 19.30
C ASN KB 68 -16.41 78.49 19.27
N GLN KB 69 -15.15 78.54 19.73
CA GLN KB 69 -14.34 79.74 19.63
C GLN KB 69 -13.94 80.06 18.19
N ALA KB 70 -14.09 79.11 17.26
CA ALA KB 70 -13.82 79.35 15.86
C ALA KB 70 -14.95 80.07 15.13
N LYS KB 71 -16.18 80.08 15.71
CA LYS KB 71 -17.35 80.73 15.13
C LYS KB 71 -17.17 82.20 14.79
N GLU KB 72 -16.37 82.94 15.58
CA GLU KB 72 -16.08 84.33 15.31
C GLU KB 72 -15.35 84.58 13.99
N PHE KB 73 -14.70 83.54 13.44
CA PHE KB 73 -13.95 83.65 12.21
C PHE KB 73 -14.66 82.78 11.17
N ASN KB 74 -15.93 82.43 11.43
CA ASN KB 74 -16.81 81.62 10.60
C ASN KB 74 -16.18 80.34 10.09
N HIS KB 75 -15.46 79.63 10.97
CA HIS KB 75 -14.60 78.54 10.57
C HIS KB 75 -14.90 77.28 11.33
N THR KB 76 -14.64 76.12 10.72
CA THR KB 76 -14.87 74.81 11.31
C THR KB 76 -13.95 74.49 12.47
N GLN KB 77 -12.68 74.86 12.39
CA GLN KB 77 -11.65 74.26 13.22
C GLN KB 77 -10.53 75.21 13.60
N GLY KB 78 -9.84 74.91 14.72
CA GLY KB 78 -8.81 75.80 15.25
C GLY KB 78 -8.23 75.26 16.54
N ARG KB 79 -7.20 75.93 17.08
CA ARG KB 79 -6.40 75.44 18.17
C ARG KB 79 -5.79 76.59 18.96
N TRP KB 80 -5.03 76.29 20.03
CA TRP KB 80 -4.46 77.29 20.90
C TRP KB 80 -2.96 77.03 21.12
N PRO KB 81 -2.02 77.46 20.27
CA PRO KB 81 -0.67 76.93 20.38
C PRO KB 81 0.14 77.84 21.29
N ALA KB 82 0.36 77.40 22.52
CA ALA KB 82 0.89 78.21 23.58
C ALA KB 82 2.34 78.59 23.35
N LYS KB 83 3.21 77.61 23.05
CA LYS KB 83 4.61 77.83 22.86
C LYS KB 83 4.91 78.74 21.67
N SER KB 84 4.17 78.57 20.56
CA SER KB 84 4.27 79.43 19.39
C SER KB 84 3.91 80.86 19.70
N CYS KB 85 2.75 81.06 20.34
CA CYS KB 85 2.29 82.37 20.75
C CYS KB 85 3.22 83.08 21.71
N LYS KB 86 3.80 82.35 22.69
CA LYS KB 86 4.82 82.87 23.58
C LYS KB 86 6.04 83.38 22.86
N PHE KB 87 6.59 82.60 21.91
CA PHE KB 87 7.71 83.03 21.09
C PHE KB 87 7.40 84.27 20.27
N LEU KB 88 6.21 84.29 19.65
CA LEU KB 88 5.69 85.42 18.90
C LEU KB 88 5.54 86.67 19.75
N LEU KB 89 4.96 86.53 20.95
CA LEU KB 89 4.82 87.58 21.92
C LEU KB 89 6.14 88.20 22.34
N ASN KB 90 7.18 87.36 22.60
CA ASN KB 90 8.50 87.82 22.96
C ASN KB 90 9.12 88.72 21.88
N ILE KB 91 9.06 88.29 20.61
CA ILE KB 91 9.49 89.12 19.51
C ILE KB 91 8.68 90.38 19.32
N LEU KB 92 7.35 90.30 19.43
CA LEU KB 92 6.46 91.45 19.37
C LEU KB 92 6.80 92.51 20.41
N ASP KB 93 7.12 92.09 21.65
CA ASP KB 93 7.62 92.95 22.70
C ASP KB 93 8.93 93.63 22.30
N ASN KB 94 9.86 92.89 21.66
CA ASN KB 94 11.03 93.46 21.01
C ASN KB 94 10.68 94.54 19.98
N VAL KB 95 9.71 94.32 19.09
CA VAL KB 95 9.26 95.34 18.14
C VAL KB 95 8.72 96.58 18.85
N GLN KB 96 7.94 96.40 19.92
CA GLN KB 96 7.43 97.47 20.76
C GLN KB 96 8.54 98.28 21.39
N ALA KB 97 9.56 97.59 21.92
CA ALA KB 97 10.76 98.18 22.44
C ALA KB 97 11.53 98.94 21.38
N ASN KB 98 11.67 98.37 20.17
CA ASN KB 98 12.28 99.03 19.04
C ASN KB 98 11.55 100.32 18.66
N ALA KB 99 10.21 100.33 18.68
CA ALA KB 99 9.40 101.52 18.51
C ALA KB 99 9.64 102.60 19.58
N GLU KB 100 9.74 102.20 20.86
CA GLU KB 100 10.12 103.10 21.94
C GLU KB 100 11.51 103.69 21.73
N SER KB 101 12.50 102.84 21.38
CA SER KB 101 13.84 103.25 21.00
C SER KB 101 13.86 104.24 19.84
N ARG KB 102 13.01 104.01 18.81
CA ARG KB 102 12.81 104.88 17.67
C ARG KB 102 12.13 106.20 18.03
N ASN KB 103 11.42 106.20 19.17
CA ASN KB 103 10.59 107.27 19.69
C ASN KB 103 9.29 107.40 18.92
N LEU KB 104 8.68 106.25 18.61
CA LEU KB 104 7.51 106.15 17.79
C LEU KB 104 6.37 105.59 18.62
N ASP KB 105 5.21 106.29 18.59
CA ASP KB 105 4.05 105.98 19.41
C ASP KB 105 3.38 104.65 19.09
N VAL KB 106 3.52 103.68 20.01
CA VAL KB 106 3.09 102.29 19.88
C VAL KB 106 1.59 102.13 19.66
N SER KB 107 0.80 103.03 20.26
CA SER KB 107 -0.66 103.06 20.19
C SER KB 107 -1.18 103.21 18.77
N LYS KB 108 -0.51 104.02 17.95
CA LYS KB 108 -0.94 104.34 16.60
C LYS KB 108 -0.39 103.35 15.58
N LEU KB 109 0.33 102.30 16.04
CA LEU KB 109 0.93 101.30 15.19
C LEU KB 109 0.04 100.12 14.84
N ARG KB 110 0.00 99.77 13.55
CA ARG KB 110 -0.68 98.60 13.03
C ARG KB 110 0.35 97.71 12.37
N LEU KB 111 0.20 96.38 12.51
CA LEU KB 111 1.18 95.42 12.00
C LEU KB 111 1.01 95.20 10.52
N ILE KB 112 1.92 95.73 9.71
CA ILE KB 112 1.74 95.80 8.27
C ILE KB 112 2.39 94.63 7.57
N HIS KB 113 3.42 94.02 8.17
CA HIS KB 113 4.18 93.01 7.46
C HIS KB 113 4.62 91.94 8.43
N VAL KB 114 3.88 90.83 8.48
CA VAL KB 114 4.18 89.70 9.34
C VAL KB 114 4.52 88.50 8.48
N MET KB 115 5.79 88.08 8.51
CA MET KB 115 6.32 87.06 7.62
C MET KB 115 6.76 85.87 8.45
N VAL KB 116 6.30 84.63 8.15
CA VAL KB 116 6.85 83.45 8.81
C VAL KB 116 7.36 82.51 7.73
N ASN KB 117 8.68 82.30 7.74
CA ASN KB 117 9.39 81.43 6.82
C ASN KB 117 10.01 80.25 7.54
N LYS KB 118 10.29 79.15 6.82
CA LYS KB 118 10.94 77.96 7.37
C LYS KB 118 12.46 78.12 7.52
N ALA KB 119 13.04 77.62 8.63
CA ALA KB 119 14.48 77.60 8.84
C ALA KB 119 15.06 76.18 8.64
N ARG KB 120 16.40 76.05 8.50
CA ARG KB 120 17.10 74.79 8.31
C ARG KB 120 16.74 73.71 9.36
N PRO KB 121 16.16 72.57 9.02
CA PRO KB 121 15.75 71.55 9.99
C PRO KB 121 16.89 70.91 10.74
N GLY KB 122 16.56 70.24 11.87
CA GLY KB 122 17.52 69.48 12.66
C GLY KB 122 17.01 68.09 12.85
N ARG KB 123 17.85 67.11 12.49
CA ARG KB 123 17.41 65.73 12.34
C ARG KB 123 17.83 64.88 13.51
N ARG KB 124 16.85 64.32 14.24
CA ARG KB 124 17.07 63.35 15.29
C ARG KB 124 16.51 62.04 14.79
N ARG KB 125 16.55 60.98 15.63
CA ARG KB 125 16.34 59.63 15.17
C ARG KB 125 15.18 58.96 15.85
N THR KB 126 14.40 58.15 15.11
CA THR KB 126 13.42 57.24 15.69
C THR KB 126 13.62 55.84 15.14
N TYR KB 127 13.22 54.83 15.93
CA TYR KB 127 13.54 53.44 15.70
C TYR KB 127 12.22 52.74 15.45
N LYS KB 128 12.10 52.13 14.26
CA LYS KB 128 10.88 51.61 13.73
C LYS KB 128 11.02 50.16 13.34
N ALA KB 129 9.86 49.51 13.11
CA ALA KB 129 9.71 48.26 12.39
C ALA KB 129 10.68 47.13 12.75
N HIS KB 130 11.19 46.41 11.73
CA HIS KB 130 12.23 45.43 11.88
C HIS KB 130 13.57 46.12 11.76
N GLY KB 131 14.19 46.50 12.90
CA GLY KB 131 15.47 47.19 13.00
C GLY KB 131 15.70 48.36 12.06
N ARG KB 132 14.74 49.30 11.96
CA ARG KB 132 14.73 50.32 10.94
C ARG KB 132 14.90 51.71 11.54
N ILE KB 133 15.83 52.51 10.99
CA ILE KB 133 16.04 53.86 11.45
C ILE KB 133 15.32 54.84 10.55
N ASN KB 134 14.53 55.76 11.15
CA ASN KB 134 13.82 56.78 10.41
C ASN KB 134 14.07 58.15 11.05
N PRO KB 135 13.95 59.25 10.32
CA PRO KB 135 14.27 60.56 10.87
C PRO KB 135 13.12 61.07 11.72
N PHE KB 136 13.46 61.87 12.73
CA PHE KB 136 12.54 62.49 13.64
C PHE KB 136 13.02 63.94 13.72
N MET KB 137 12.50 64.84 12.88
CA MET KB 137 13.10 66.15 12.65
C MET KB 137 12.22 67.34 13.02
N SER KB 138 12.85 68.41 13.52
CA SER KB 138 12.15 69.65 13.78
C SER KB 138 11.97 70.47 12.51
N SER KB 139 10.92 71.30 12.50
CA SER KB 139 10.66 72.26 11.43
C SER KB 139 10.77 73.67 11.99
N PRO KB 140 11.96 74.21 12.23
CA PRO KB 140 12.14 75.52 12.84
C PRO KB 140 11.82 76.66 11.87
N CYS KB 141 11.85 77.91 12.34
CA CYS KB 141 11.32 79.01 11.56
C CYS KB 141 11.92 80.36 11.89
N HIS KB 142 11.87 81.25 10.88
CA HIS KB 142 12.15 82.66 11.00
C HIS KB 142 10.85 83.45 11.06
N ILE KB 143 10.77 84.52 11.88
CA ILE KB 143 9.61 85.41 11.93
C ILE KB 143 10.03 86.86 11.81
N GLN KB 144 9.57 87.58 10.77
CA GLN KB 144 9.80 89.00 10.60
C GLN KB 144 8.52 89.79 10.80
N ILE KB 145 8.56 90.89 11.58
CA ILE KB 145 7.39 91.71 11.85
C ILE KB 145 7.74 93.17 11.63
N ILE KB 146 6.94 93.89 10.80
CA ILE KB 146 6.99 95.33 10.62
C ILE KB 146 5.65 95.92 11.00
N ALA KB 147 5.62 96.91 11.91
CA ALA KB 147 4.48 97.76 12.17
C ALA KB 147 4.63 99.15 11.55
N ARG KB 148 3.51 99.87 11.35
CA ARG KB 148 3.52 101.23 10.83
C ARG KB 148 2.42 102.11 11.43
N GLU KB 149 2.71 103.41 11.63
CA GLU KB 149 1.75 104.45 11.97
C GLU KB 149 0.78 104.80 10.84
N ILE KB 150 -0.52 104.97 11.14
CA ILE KB 150 -1.56 105.14 10.12
C ILE KB 150 -2.56 106.24 10.50
N ASN KB 151 -3.34 106.73 9.50
CA ASN KB 151 -4.27 107.86 9.60
C ASN KB 151 -5.40 107.69 10.67
N UNK KB 152 -10.16 118.93 -24.03
CA UNK KB 152 -9.93 117.44 -24.06
C UNK KB 152 -8.50 117.06 -24.45
N UNK KB 153 -8.15 115.75 -24.37
CA UNK KB 153 -6.82 115.27 -24.69
C UNK KB 153 -6.76 114.61 -26.07
N UNK KB 154 -7.89 114.61 -26.80
CA UNK KB 154 -8.05 113.94 -28.06
C UNK KB 154 -7.58 114.74 -29.29
N UNK KB 155 -7.54 114.07 -30.46
CA UNK KB 155 -7.28 114.63 -31.77
C UNK KB 155 -8.21 115.76 -32.22
N UNK KB 156 -7.74 116.62 -33.16
CA UNK KB 156 -8.54 117.74 -33.64
C UNK KB 156 -9.82 117.32 -34.34
N UNK KB 157 -9.76 116.26 -35.17
CA UNK KB 157 -10.92 115.64 -35.79
C UNK KB 157 -11.90 115.10 -34.75
N UNK KB 158 -11.37 114.41 -33.73
CA UNK KB 158 -12.11 113.85 -32.63
C UNK KB 158 -12.83 114.92 -31.83
N UNK KB 159 -12.17 116.06 -31.55
CA UNK KB 159 -12.76 117.21 -30.90
C UNK KB 159 -13.96 117.76 -31.64
N UNK KB 160 -13.87 117.87 -32.97
CA UNK KB 160 -14.96 118.29 -33.83
C UNK KB 160 -16.11 117.29 -33.81
N UNK KB 161 -15.80 115.98 -33.92
CA UNK KB 161 -16.74 114.89 -33.74
C UNK KB 161 -17.46 114.94 -32.40
N UNK KB 162 -16.71 115.16 -31.30
CA UNK KB 162 -17.21 115.28 -29.95
C UNK KB 162 -18.22 116.40 -29.76
N UNK KB 163 -17.94 117.60 -30.30
CA UNK KB 163 -18.87 118.71 -30.24
C UNK KB 163 -20.17 118.43 -30.99
N UNK KB 164 -20.09 117.79 -32.16
CA UNK KB 164 -21.25 117.38 -32.93
C UNK KB 164 -22.08 116.33 -32.22
N UNK KB 165 -21.43 115.36 -31.55
CA UNK KB 165 -22.07 114.40 -30.67
C UNK KB 165 -22.80 115.02 -29.48
N UNK KB 166 -22.15 115.98 -28.81
CA UNK KB 166 -22.70 116.69 -27.68
C UNK KB 166 -23.94 117.48 -28.09
N UNK KB 167 -23.85 118.17 -29.24
CA UNK KB 167 -24.96 118.84 -29.88
C UNK KB 167 -26.10 117.89 -30.29
N UNK KB 168 -25.77 116.73 -30.87
CA UNK KB 168 -26.69 115.69 -31.28
C UNK KB 168 -27.51 115.13 -30.13
N UNK KB 169 -26.86 114.87 -28.97
CA UNK KB 169 -27.49 114.37 -27.77
C UNK KB 169 -28.58 115.30 -27.22
N UNK KB 170 -28.37 116.62 -27.25
CA UNK KB 170 -29.30 117.61 -26.76
C UNK KB 170 -30.65 117.68 -27.54
N ALA LB 1 85.34 29.85 29.31
CA ALA LB 1 84.55 31.10 29.04
C ALA LB 1 85.10 31.97 27.92
N ARG LB 2 84.37 33.03 27.52
CA ARG LB 2 84.79 33.98 26.51
C ARG LB 2 86.07 34.76 26.81
N ASN LB 3 86.82 35.12 25.75
CA ASN LB 3 87.98 36.00 25.87
C ASN LB 3 88.14 36.79 24.57
N PRO LB 4 87.16 37.62 24.18
CA PRO LB 4 87.18 38.31 22.91
C PRO LB 4 88.32 39.30 22.76
N LYS LB 5 88.63 39.68 21.52
CA LYS LB 5 89.57 40.74 21.21
C LYS LB 5 89.08 42.09 21.71
N CYS LB 6 87.78 42.36 21.53
CA CYS LB 6 87.14 43.57 21.99
C CYS LB 6 85.69 43.22 22.34
N PRO LB 7 85.08 43.68 23.42
CA PRO LB 7 83.63 43.69 23.59
C PRO LB 7 82.83 44.23 22.41
N ARG LB 8 81.67 43.63 22.08
CA ARG LB 8 80.86 44.03 20.94
C ARG LB 8 80.32 45.45 21.02
N ILE LB 9 79.85 45.85 22.21
CA ILE LB 9 79.32 47.17 22.45
C ILE LB 9 80.07 47.86 23.56
N VAL LB 10 80.41 49.15 23.36
CA VAL LB 10 81.01 49.99 24.39
C VAL LB 10 80.20 51.27 24.47
N LYS LB 11 79.65 51.59 25.65
CA LYS LB 11 78.88 52.81 25.83
C LYS LB 11 79.74 53.94 26.35
N SER LB 12 80.13 54.86 25.46
CA SER LB 12 80.91 56.05 25.80
C SER LB 12 80.16 57.02 26.69
N CYS LB 13 78.89 57.27 26.36
CA CYS LB 13 78.01 58.23 26.96
C CYS LB 13 77.85 58.19 28.46
N HIS LB 14 77.43 59.34 29.05
CA HIS LB 14 76.96 59.41 30.42
C HIS LB 14 75.77 58.49 30.69
N SER LB 15 75.68 57.93 31.90
CA SER LB 15 74.59 57.04 32.29
C SER LB 15 73.22 57.70 32.23
N LYS LB 16 72.22 56.93 31.80
CA LYS LB 16 70.86 57.42 31.66
C LYS LB 16 69.91 56.26 31.83
N THR LB 17 70.31 55.27 32.63
CA THR LB 17 69.57 54.04 32.89
C THR LB 17 68.21 54.32 33.51
N LEU LB 18 68.20 55.25 34.47
CA LEU LB 18 67.06 55.95 35.03
C LEU LB 18 67.60 56.81 36.14
N ASP LB 19 67.76 58.12 35.87
CA ASP LB 19 68.25 59.09 36.84
C ASP LB 19 67.33 59.17 38.05
N LYS LB 20 67.93 59.22 39.26
CA LYS LB 20 67.26 59.39 40.54
C LYS LB 20 66.44 60.66 40.51
N TYR LB 21 66.99 61.73 39.92
CA TYR LB 21 66.30 62.96 39.69
C TYR LB 21 65.55 62.82 38.36
N GLY LB 22 64.23 62.57 38.45
CA GLY LB 22 63.42 62.12 37.33
C GLY LB 22 62.75 60.81 37.62
N LEU LB 23 63.39 59.90 38.38
CA LEU LB 23 62.77 58.70 38.93
C LEU LB 23 61.67 59.09 39.89
N ILE LB 24 61.98 60.04 40.79
CA ILE LB 24 61.00 60.79 41.53
C ILE LB 24 60.80 62.11 40.80
N LYS LB 25 59.57 62.37 40.34
CA LYS LB 25 59.30 63.54 39.52
C LYS LB 25 58.96 64.78 40.33
N TYR LB 26 57.93 64.71 41.19
CA TYR LB 26 57.46 65.87 41.94
C TYR LB 26 56.46 65.47 43.03
N PRO LB 27 56.35 66.17 44.15
CA PRO LB 27 55.29 65.92 45.13
C PRO LB 27 53.92 66.26 44.59
N LEU LB 28 52.91 65.45 44.94
CA LEU LB 28 51.53 65.66 44.56
C LEU LB 28 50.82 66.52 45.60
N THR LB 29 50.09 67.54 45.15
CA THR LB 29 49.61 68.63 46.01
C THR LB 29 48.12 68.56 46.28
N SER LB 30 47.47 67.44 45.95
CA SER LB 30 46.03 67.24 46.16
C SER LB 30 45.55 67.40 47.59
N GLU LB 31 44.28 67.80 47.78
CA GLU LB 31 43.65 67.90 49.08
C GLU LB 31 43.78 66.64 49.93
N LYS LB 32 43.58 65.47 49.29
CA LYS LB 32 43.80 64.18 49.91
C LYS LB 32 45.22 64.02 50.40
N ALA LB 33 46.21 64.35 49.55
CA ALA LB 33 47.60 64.31 49.92
C ALA LB 33 47.95 65.27 51.05
N MET LB 34 47.42 66.50 51.06
CA MET LB 34 47.59 67.46 52.13
C MET LB 34 47.09 66.95 53.46
N LYS LB 35 45.90 66.33 53.48
CA LYS LB 35 45.39 65.69 54.68
C LYS LB 35 46.27 64.56 55.19
N LYS LB 36 46.76 63.67 54.30
CA LYS LB 36 47.69 62.61 54.67
C LYS LB 36 48.99 63.14 55.29
N ILE LB 37 49.61 64.17 54.69
CA ILE LB 37 50.82 64.82 55.18
C ILE LB 37 50.60 65.43 56.55
N GLU LB 38 49.46 66.14 56.73
CA GLU LB 38 49.10 66.79 57.96
C GLU LB 38 48.86 65.80 59.10
N GLU LB 39 48.08 64.74 58.85
CA GLU LB 39 47.58 63.95 59.95
C GLU LB 39 48.45 62.75 60.29
N ILE LB 40 49.08 62.10 59.29
CA ILE LB 40 49.85 60.90 59.57
C ILE LB 40 51.28 60.96 59.07
N ASN LB 41 51.79 62.14 58.64
CA ASN LB 41 53.13 62.28 58.09
C ASN LB 41 53.39 61.37 56.87
N THR LB 42 52.48 61.43 55.89
CA THR LB 42 52.54 60.58 54.71
C THR LB 42 52.49 61.45 53.49
N LEU LB 43 53.57 61.40 52.72
CA LEU LB 43 53.89 62.23 51.60
C LEU LB 43 53.52 61.55 50.32
N VAL LB 44 52.90 62.27 49.37
CA VAL LB 44 52.47 61.65 48.13
C VAL LB 44 53.28 62.26 46.99
N PHE LB 45 53.99 61.41 46.24
CA PHE LB 45 54.92 61.80 45.21
C PHE LB 45 54.57 61.16 43.89
N MET LB 46 54.60 61.94 42.80
CA MET LB 46 54.56 61.39 41.47
C MET LB 46 55.95 60.97 41.03
N CYS LB 47 56.04 59.78 40.44
CA CYS LB 47 57.28 59.09 40.13
C CYS LB 47 57.15 58.46 38.77
N ASP LB 48 58.27 58.05 38.14
CA ASP LB 48 58.23 57.42 36.83
C ASP LB 48 57.48 56.08 36.77
N LYS LB 49 56.83 55.80 35.63
CA LYS LB 49 56.13 54.57 35.35
C LYS LB 49 56.98 53.32 35.55
N ARG LB 50 58.28 53.36 35.22
CA ARG LB 50 59.14 52.21 35.31
C ARG LB 50 59.97 52.19 36.60
N ALA LB 51 59.77 53.17 37.50
CA ALA LB 51 60.50 53.29 38.75
C ALA LB 51 60.38 52.10 39.71
N ASN LB 52 61.48 51.79 40.47
CA ASN LB 52 61.50 50.67 41.41
C ASN LB 52 61.22 51.16 42.82
N LYS LB 53 60.35 50.49 43.60
CA LYS LB 53 59.90 50.96 44.89
C LYS LB 53 61.01 51.22 45.90
N LYS LB 54 61.98 50.28 46.01
CA LYS LB 54 63.19 50.47 46.79
C LYS LB 54 63.98 51.71 46.39
N ASN LB 55 64.15 51.93 45.08
CA ASN LB 55 64.79 53.09 44.51
C ASN LB 55 64.02 54.36 44.79
N ILE LB 56 62.68 54.34 44.78
CA ILE LB 56 61.87 55.47 45.21
C ILE LB 56 62.15 55.81 46.67
N LYS LB 57 62.26 54.80 47.56
CA LYS LB 57 62.62 55.00 48.95
C LYS LB 57 64.01 55.62 49.10
N LYS LB 58 64.99 55.11 48.35
CA LYS LB 58 66.33 55.67 48.28
C LYS LB 58 66.33 57.10 47.80
N SER LB 59 65.60 57.38 46.72
CA SER LB 59 65.45 58.68 46.12
C SER LB 59 64.86 59.71 47.04
N VAL LB 60 63.80 59.39 47.80
CA VAL LB 60 63.26 60.29 48.82
C VAL LB 60 64.30 60.63 49.88
N LYS LB 61 65.01 59.62 50.39
CA LYS LB 61 66.05 59.83 51.38
C LYS LB 61 67.24 60.63 50.84
N ASN LB 62 67.66 60.37 49.59
CA ASN LB 62 68.64 61.18 48.91
C ASN LB 62 68.21 62.63 48.65
N LEU LB 63 67.01 62.84 48.07
CA LEU LB 63 66.60 64.14 47.62
C LEU LB 63 66.06 65.04 48.72
N PHE LB 64 65.53 64.45 49.81
CA PHE LB 64 64.92 65.24 50.87
C PHE LB 64 65.54 64.98 52.22
N GLY LB 65 66.42 63.98 52.37
CA GLY LB 65 67.11 63.72 53.63
C GLY LB 65 66.29 62.95 54.63
N ILE LB 66 65.08 62.50 54.25
CA ILE LB 66 64.08 61.99 55.18
C ILE LB 66 63.80 60.51 54.97
N GLU LB 67 63.65 59.77 56.09
CA GLU LB 67 63.52 58.33 56.06
C GLU LB 67 62.06 57.86 56.04
N CYS LB 68 61.83 56.70 55.41
CA CYS LB 68 60.52 56.18 55.10
C CYS LB 68 60.21 54.96 55.94
N ASP LB 69 59.10 54.99 56.70
CA ASP LB 69 58.59 53.85 57.42
C ASP LB 69 58.01 52.79 56.47
N LYS LB 70 57.20 53.23 55.48
CA LYS LB 70 56.75 52.38 54.40
C LYS LB 70 56.47 53.19 53.15
N VAL LB 71 56.72 52.61 51.97
CA VAL LB 71 56.48 53.21 50.67
C VAL LB 71 55.51 52.35 49.89
N ASN LB 72 54.34 52.90 49.61
CA ASN LB 72 53.26 52.21 48.94
C ASN LB 72 53.13 52.88 47.57
N VAL LB 73 53.04 52.10 46.47
CA VAL LB 73 53.06 52.69 45.14
C VAL LB 73 51.87 52.26 44.28
N LEU LB 74 51.57 53.06 43.24
CA LEU LB 74 50.47 52.79 42.35
C LEU LB 74 50.86 53.23 40.97
N ASN LB 75 50.41 52.49 39.94
CA ASN LB 75 50.48 52.92 38.56
C ASN LB 75 49.18 53.60 38.21
N THR LB 76 49.26 54.87 37.81
CA THR LB 76 48.10 55.72 37.64
C THR LB 76 47.55 55.73 36.23
N LEU LB 77 46.35 56.30 36.04
CA LEU LB 77 45.78 56.53 34.72
C LEU LB 77 46.28 57.88 34.21
N ASN LB 78 47.16 58.54 34.99
CA ASN LB 78 47.83 59.77 34.62
C ASN LB 78 49.20 59.43 34.05
N GLY LB 79 49.46 58.13 33.81
CA GLY LB 79 50.61 57.64 33.06
C GLY LB 79 51.89 57.50 33.85
N ASP LB 80 51.80 57.66 35.17
CA ASP LB 80 52.97 57.71 36.03
C ASP LB 80 52.69 56.97 37.32
N LYS LB 81 53.71 56.81 38.16
CA LYS LB 81 53.59 56.19 39.46
C LYS LB 81 53.24 57.20 40.52
N LYS LB 82 52.37 56.83 41.45
CA LYS LB 82 51.95 57.65 42.56
C LYS LB 82 52.40 56.91 43.81
N ALA LB 83 53.37 57.47 44.53
CA ALA LB 83 53.97 56.85 45.69
C ALA LB 83 53.51 57.54 46.96
N TYR LB 84 52.86 56.78 47.85
CA TYR LB 84 52.49 57.17 49.19
C TYR LB 84 53.62 56.74 50.13
N VAL LB 85 54.32 57.72 50.72
CA VAL LB 85 55.47 57.47 51.54
C VAL LB 85 55.17 57.91 52.97
N ARG LB 86 55.07 56.94 53.89
CA ARG LB 86 54.86 57.20 55.30
C ARG LB 86 56.21 57.44 55.93
N LEU LB 87 56.40 58.59 56.58
CA LEU LB 87 57.70 58.94 57.11
C LEU LB 87 58.00 58.23 58.42
N SER LB 88 59.27 57.88 58.61
CA SER LB 88 59.78 57.43 59.90
C SER LB 88 59.64 58.51 60.97
N GLY LB 89 59.26 58.12 62.20
CA GLY LB 89 58.55 58.99 63.13
C GLY LB 89 59.35 60.04 63.86
N GLU LB 90 60.67 60.03 63.64
CA GLU LB 90 61.58 60.99 64.21
C GLU LB 90 61.85 62.16 63.26
N HIS LB 91 61.23 62.13 62.06
CA HIS LB 91 61.23 63.26 61.14
C HIS LB 91 59.80 63.63 60.80
N ASP LB 92 59.56 64.94 60.55
CA ASP LB 92 58.24 65.52 60.63
C ASP LB 92 57.78 66.16 59.33
N ALA LB 93 56.46 66.10 59.08
CA ALA LB 93 55.74 66.75 58.02
C ALA LB 93 55.99 68.24 57.89
N LEU LB 94 56.14 68.99 59.00
CA LEU LB 94 56.42 70.42 59.00
C LEU LB 94 57.69 70.80 58.22
N GLU LB 95 58.77 70.02 58.36
CA GLU LB 95 59.98 70.18 57.57
C GLU LB 95 59.72 69.99 56.08
N VAL LB 96 58.91 68.97 55.74
CA VAL LB 96 58.52 68.70 54.38
C VAL LB 96 57.63 69.80 53.81
N ALA LB 97 56.72 70.33 54.65
CA ALA LB 97 55.85 71.46 54.36
C ALA LB 97 56.65 72.71 54.02
N ASN LB 98 57.75 72.98 54.74
CA ASN LB 98 58.67 74.05 54.38
C ASN LB 98 59.30 73.83 53.00
N LYS LB 99 59.81 72.61 52.71
CA LYS LB 99 60.31 72.29 51.38
C LYS LB 99 59.29 72.35 50.23
N ILE LB 100 58.08 71.76 50.38
CA ILE LB 100 57.06 71.79 49.34
C ILE LB 100 56.29 73.11 49.20
N GLY LB 101 56.18 73.90 50.28
CA GLY LB 101 55.35 75.11 50.32
C GLY LB 101 54.19 74.97 51.33
N SER MB 1 20.14 70.80 46.18
CA SER MB 1 19.84 69.31 46.18
C SER MB 1 20.49 68.55 47.33
N LEU MB 2 19.72 67.75 48.10
CA LEU MB 2 20.25 67.08 49.29
C LEU MB 2 20.94 65.75 49.03
N THR MB 3 21.00 65.27 47.77
CA THR MB 3 21.72 64.07 47.33
C THR MB 3 23.00 63.69 48.06
N LEU MB 4 24.03 64.54 47.94
CA LEU MB 4 25.30 64.47 48.64
C LEU MB 4 25.16 64.21 50.13
N GLN MB 5 24.37 65.04 50.81
CA GLN MB 5 24.13 64.96 52.22
C GLN MB 5 23.49 63.64 52.62
N LYS MB 6 22.47 63.19 51.89
CA LYS MB 6 21.81 61.92 52.12
C LYS MB 6 22.70 60.70 51.95
N ARG MB 7 23.62 60.68 50.95
CA ARG MB 7 24.58 59.59 50.82
C ARG MB 7 25.54 59.52 52.00
N LEU MB 8 26.11 60.67 52.43
CA LEU MB 8 26.95 60.75 53.62
C LEU MB 8 26.21 60.41 54.91
N ALA MB 9 24.98 60.94 55.07
CA ALA MB 9 24.11 60.72 56.19
C ALA MB 9 23.81 59.24 56.41
N ALA MB 10 23.59 58.47 55.35
CA ALA MB 10 23.33 57.05 55.46
C ALA MB 10 24.49 56.30 56.09
N SER MB 11 25.74 56.60 55.67
CA SER MB 11 26.94 56.07 56.29
C SER MB 11 27.14 56.51 57.73
N VAL MB 12 26.93 57.81 58.04
CA VAL MB 12 27.01 58.31 59.40
C VAL MB 12 26.02 57.64 60.36
N LEU MB 13 24.76 57.47 59.93
CA LEU MB 13 23.71 56.84 60.68
C LEU MB 13 23.83 55.34 60.78
N LYS MB 14 24.48 54.72 59.77
CA LYS MB 14 24.53 53.30 59.53
C LYS MB 14 23.14 52.72 59.25
N CYS MB 15 22.33 53.44 58.46
CA CYS MB 15 20.93 53.12 58.22
C CYS MB 15 20.52 53.49 56.81
N GLY MB 16 19.46 52.84 56.29
CA GLY MB 16 18.94 53.08 54.95
C GLY MB 16 18.58 54.51 54.63
N LYS MB 17 18.85 54.93 53.38
CA LYS MB 17 18.53 56.26 52.86
C LYS MB 17 17.10 56.70 53.06
N ASN MB 18 16.18 55.73 52.90
CA ASN MB 18 14.75 55.91 52.98
C ASN MB 18 14.27 56.22 54.40
N LYS MB 19 15.17 56.09 55.39
CA LYS MB 19 14.90 56.35 56.78
C LYS MB 19 15.62 57.60 57.24
N ILE MB 20 16.26 58.37 56.35
CA ILE MB 20 16.90 59.60 56.75
C ILE MB 20 15.92 60.77 56.67
N TRP MB 21 15.84 61.55 57.75
CA TRP MB 21 15.06 62.76 57.89
C TRP MB 21 15.91 64.02 57.92
N MET MB 22 15.74 64.91 56.93
CA MET MB 22 16.31 66.25 56.94
C MET MB 22 15.25 67.24 57.41
N ASP MB 23 15.50 68.00 58.49
CA ASP MB 23 14.61 69.07 58.94
C ASP MB 23 14.21 70.08 57.82
N PRO MB 24 12.94 70.41 57.58
CA PRO MB 24 12.55 71.35 56.52
C PRO MB 24 12.90 72.77 56.87
N ASN MB 25 13.35 73.04 58.10
CA ASN MB 25 13.75 74.34 58.56
C ASN MB 25 15.24 74.31 58.85
N GLU MB 26 15.93 75.44 58.54
CA GLU MB 26 17.39 75.55 58.52
C GLU MB 26 18.01 74.61 57.47
N ILE MB 27 17.26 74.39 56.37
CA ILE MB 27 17.64 73.53 55.28
C ILE MB 27 18.86 74.01 54.52
N SER MB 28 19.09 75.34 54.49
CA SER MB 28 20.29 75.94 53.92
C SER MB 28 21.55 75.55 54.67
N GLU MB 29 21.54 75.61 56.01
CA GLU MB 29 22.61 75.15 56.88
C GLU MB 29 22.93 73.67 56.69
N ILE MB 30 21.87 72.84 56.60
CA ILE MB 30 21.99 71.42 56.28
C ILE MB 30 22.61 71.22 54.90
N SER MB 31 22.11 71.93 53.88
CA SER MB 31 22.59 71.85 52.50
C SER MB 31 24.02 72.32 52.35
N LEU MB 32 24.45 73.28 53.18
CA LEU MB 32 25.80 73.79 53.20
C LEU MB 32 26.83 72.75 53.64
N ALA MB 33 26.42 71.70 54.39
CA ALA MB 33 27.31 70.63 54.78
C ALA MB 33 27.96 69.89 53.62
N ASN MB 34 29.28 69.63 53.73
CA ASN MB 34 30.06 69.15 52.61
C ASN MB 34 31.19 68.25 53.07
N SER MB 35 31.04 67.68 54.27
CA SER MB 35 32.00 66.74 54.81
C SER MB 35 31.29 65.84 55.76
N ARG MB 36 31.83 64.63 56.00
CA ARG MB 36 31.27 63.66 56.92
C ARG MB 36 31.31 64.18 58.35
N PHE MB 37 32.35 64.97 58.67
CA PHE MB 37 32.51 65.68 59.91
C PHE MB 37 31.38 66.70 60.13
N SER MB 38 30.99 67.43 59.08
CA SER MB 38 29.81 68.28 59.08
C SER MB 38 28.50 67.52 59.27
N ILE MB 39 28.32 66.41 58.55
CA ILE MB 39 27.13 65.57 58.67
C ILE MB 39 26.95 65.00 60.07
N ARG MB 40 28.05 64.51 60.67
CA ARG MB 40 28.08 64.12 62.07
C ARG MB 40 27.62 65.25 63.00
N LYS MB 41 28.14 66.48 62.82
CA LYS MB 41 27.69 67.67 63.53
C LYS MB 41 26.18 67.92 63.40
N LEU MB 42 25.62 67.87 62.19
CA LEU MB 42 24.19 67.99 61.94
C LEU MB 42 23.35 66.96 62.69
N TYR MB 43 23.72 65.67 62.61
CA TYR MB 43 23.11 64.62 63.39
C TYR MB 43 23.19 64.85 64.90
N LYS MB 44 24.37 65.26 65.40
CA LYS MB 44 24.61 65.59 66.80
C LYS MB 44 23.73 66.73 67.31
N GLU MB 45 23.64 67.84 66.55
CA GLU MB 45 22.69 68.90 66.80
C GLU MB 45 21.23 68.45 66.76
N GLY MB 46 20.86 67.64 65.74
CA GLY MB 46 19.53 67.10 65.58
C GLY MB 46 18.83 67.59 64.33
N LEU MB 47 19.60 68.01 63.31
CA LEU MB 47 19.04 68.52 62.07
C LEU MB 47 18.94 67.46 60.98
N ILE MB 48 19.59 66.30 61.21
CA ILE MB 48 19.47 65.13 60.38
C ILE MB 48 19.20 63.99 61.34
N LEU MB 49 18.10 63.24 61.16
CA LEU MB 49 17.78 62.12 62.04
C LEU MB 49 17.61 60.83 61.26
N LYS MB 50 18.00 59.68 61.83
CA LYS MB 50 17.43 58.40 61.46
C LYS MB 50 15.99 58.26 61.97
N LYS MB 51 15.04 57.93 61.08
CA LYS MB 51 13.65 57.70 61.41
C LYS MB 51 13.43 56.56 62.41
N PRO MB 52 12.42 56.60 63.30
CA PRO MB 52 11.88 55.39 63.90
C PRO MB 52 11.41 54.39 62.84
N GLN MB 53 11.65 53.08 63.07
CA GLN MB 53 11.39 52.07 62.06
C GLN MB 53 9.92 51.68 61.99
N LYS MB 54 9.50 51.04 60.89
CA LYS MB 54 8.10 50.65 60.73
C LYS MB 54 7.77 49.39 61.51
N VAL MB 55 8.82 48.57 61.80
CA VAL MB 55 8.86 47.33 62.57
C VAL MB 55 7.56 46.71 63.08
N HIS MB 56 7.15 45.58 62.45
CA HIS MB 56 5.99 44.81 62.82
C HIS MB 56 6.03 44.22 64.22
N SER MB 57 4.85 44.08 64.80
CA SER MB 57 4.58 43.53 66.10
C SER MB 57 4.34 42.03 66.02
N ARG MB 58 4.83 41.31 67.03
CA ARG MB 58 4.60 39.89 67.17
C ARG MB 58 3.23 39.57 67.78
N ALA MB 59 2.57 40.56 68.41
CA ALA MB 59 1.30 40.46 69.11
C ALA MB 59 0.20 39.59 68.48
N ARG MB 60 -0.08 39.83 67.18
CA ARG MB 60 -1.05 39.06 66.44
C ARG MB 60 -0.67 37.59 66.33
N VAL MB 61 0.62 37.34 66.04
CA VAL MB 61 1.22 36.01 66.04
C VAL MB 61 1.16 35.35 67.41
N ARG MB 62 1.44 36.08 68.50
CA ARG MB 62 1.43 35.52 69.85
C ARG MB 62 0.05 34.99 70.23
N LEU MB 63 -1.01 35.74 69.86
CA LEU MB 63 -2.36 35.31 70.05
C LEU MB 63 -2.69 34.06 69.25
N TYR MB 64 -2.36 34.07 67.94
CA TYR MB 64 -2.54 32.91 67.09
C TYR MB 64 -1.80 31.66 67.51
N LYS MB 65 -0.52 31.80 67.91
CA LYS MB 65 0.27 30.72 68.45
C LYS MB 65 -0.29 30.17 69.76
N LEU MB 66 -0.80 31.06 70.64
CA LEU MB 66 -1.56 30.63 71.80
C LEU MB 66 -2.81 29.83 71.44
N ALA MB 67 -3.59 30.27 70.45
CA ALA MB 67 -4.70 29.51 69.91
C ALA MB 67 -4.33 28.15 69.33
N LYS MB 68 -3.21 28.05 68.59
CA LYS MB 68 -2.66 26.80 68.12
C LYS MB 68 -2.25 25.88 69.27
N ARG MB 69 -1.62 26.42 70.33
CA ARG MB 69 -1.37 25.74 71.59
C ARG MB 69 -2.62 25.20 72.29
N LYS MB 70 -3.74 25.95 72.22
CA LYS MB 70 -5.06 25.55 72.67
C LYS MB 70 -5.70 24.50 71.75
N GLY MB 71 -5.08 24.21 70.59
CA GLY MB 71 -5.50 23.15 69.68
C GLY MB 71 -6.58 23.54 68.71
N ARG MB 72 -6.95 24.83 68.68
CA ARG MB 72 -8.13 25.32 67.99
C ARG MB 72 -8.11 25.24 66.46
N HIS MB 73 -6.98 25.58 65.82
CA HIS MB 73 -6.91 25.67 64.37
C HIS MB 73 -6.23 24.48 63.76
N MET MB 74 -6.27 23.32 64.44
CA MET MB 74 -5.58 22.13 63.99
C MET MB 74 -6.52 21.18 63.23
N GLY MB 75 -7.79 21.60 63.08
CA GLY MB 75 -8.84 20.93 62.31
C GLY MB 75 -8.57 20.74 60.83
N ILE MB 76 -9.45 19.95 60.18
CA ILE MB 76 -9.29 19.44 58.84
C ILE MB 76 -9.16 20.51 57.77
N GLY MB 77 -9.96 21.59 57.85
CA GLY MB 77 -9.97 22.65 56.87
C GLY MB 77 -8.78 23.58 56.99
N LYS MB 78 -8.00 23.39 58.06
CA LYS MB 78 -6.75 24.07 58.30
C LYS MB 78 -5.59 23.09 58.08
N ARG MB 79 -5.83 22.03 57.28
CA ARG MB 79 -4.80 21.15 56.76
C ARG MB 79 -4.73 21.25 55.25
N LYS MB 80 -3.50 21.32 54.74
CA LYS MB 80 -3.21 21.16 53.33
C LYS MB 80 -2.14 20.09 53.17
N GLY MB 81 -1.27 19.92 54.18
CA GLY MB 81 -0.29 18.86 54.22
C GLY MB 81 -0.85 17.48 54.43
N THR MB 82 -0.15 16.47 53.87
CA THR MB 82 -0.31 15.06 54.21
C THR MB 82 -0.11 14.81 55.68
N LYS MB 83 -0.67 13.72 56.24
CA LYS MB 83 -0.43 13.36 57.62
C LYS MB 83 1.07 13.23 57.97
N ASN MB 84 1.85 12.64 57.04
CA ASN MB 84 3.30 12.64 57.07
C ASN MB 84 3.92 14.04 57.06
N ALA MB 85 3.44 14.96 56.22
CA ALA MB 85 3.97 16.29 56.17
C ALA MB 85 3.62 17.09 57.43
N ARG MB 86 2.40 16.91 57.97
CA ARG MB 86 2.01 17.41 59.29
C ARG MB 86 2.93 16.93 60.41
N THR MB 87 3.07 15.61 60.59
CA THR MB 87 4.05 15.05 61.52
C THR MB 87 4.70 13.82 60.89
N ASN MB 88 6.04 13.84 60.70
CA ASN MB 88 6.76 12.80 59.99
C ASN MB 88 6.77 11.42 60.64
N GLN MB 89 6.59 10.39 59.79
CA GLN MB 89 6.61 8.99 60.17
C GLN MB 89 7.90 8.52 60.82
N LYS MB 90 9.06 8.96 60.28
CA LYS MB 90 10.36 8.60 60.82
C LYS MB 90 10.49 9.11 62.24
N THR MB 91 10.09 10.38 62.47
CA THR MB 91 10.21 11.02 63.77
C THR MB 91 9.43 10.30 64.85
N LEU MB 92 8.18 9.92 64.55
CA LEU MB 92 7.38 9.14 65.46
C LEU MB 92 7.98 7.77 65.77
N TRP MB 93 8.43 7.04 64.74
CA TRP MB 93 9.14 5.79 64.94
C TRP MB 93 10.38 5.90 65.82
N ILE MB 94 11.21 6.90 65.53
CA ILE MB 94 12.43 7.21 66.23
C ILE MB 94 12.16 7.54 67.68
N LYS MB 95 11.13 8.35 67.97
CA LYS MB 95 10.74 8.64 69.33
C LYS MB 95 10.38 7.39 70.11
N ARG MB 96 9.47 6.54 69.57
CA ARG MB 96 9.09 5.32 70.25
C ARG MB 96 10.26 4.38 70.50
N GLN MB 97 11.11 4.12 69.49
CA GLN MB 97 12.25 3.26 69.66
C GLN MB 97 13.24 3.77 70.69
N ARG MB 98 13.64 5.06 70.62
CA ARG MB 98 14.60 5.63 71.54
C ARG MB 98 14.12 5.64 72.99
N VAL MB 99 12.87 6.06 73.22
CA VAL MB 99 12.30 6.03 74.56
C VAL MB 99 12.20 4.61 75.09
N LEU MB 100 11.73 3.64 74.27
CA LEU MB 100 11.71 2.25 74.67
C LEU MB 100 13.10 1.67 74.93
N ARG MB 101 14.09 1.94 74.06
CA ARG MB 101 15.44 1.43 74.27
C ARG MB 101 16.12 2.03 75.48
N ARG MB 102 15.97 3.35 75.72
CA ARG MB 102 16.39 3.96 76.97
C ARG MB 102 15.78 3.31 78.19
N LEU MB 103 14.46 3.09 78.17
CA LEU MB 103 13.72 2.38 79.20
C LEU MB 103 14.23 0.98 79.45
N LEU MB 104 14.39 0.15 78.41
CA LEU MB 104 14.95 -1.17 78.52
C LEU MB 104 16.34 -1.21 79.11
N LYS MB 105 17.26 -0.34 78.64
CA LYS MB 105 18.60 -0.29 79.19
C LYS MB 105 18.61 0.07 80.66
N ARG MB 106 17.80 1.08 81.05
CA ARG MB 106 17.72 1.50 82.42
C ARG MB 106 17.17 0.43 83.34
N LEU MB 107 16.15 -0.34 82.92
CA LEU MB 107 15.68 -1.48 83.67
C LEU MB 107 16.71 -2.60 83.82
N ARG MB 108 17.46 -2.92 82.76
CA ARG MB 108 18.47 -3.97 82.85
C ARG MB 108 19.64 -3.59 83.73
N ASP MB 109 20.18 -2.40 83.47
CA ASP MB 109 21.30 -1.82 84.17
C ASP MB 109 21.03 -1.67 85.67
N SER MB 110 19.82 -1.18 86.03
CA SER MB 110 19.36 -1.06 87.41
C SER MB 110 18.99 -2.39 88.04
N LYS MB 111 18.98 -3.48 87.25
CA LYS MB 111 18.73 -4.84 87.67
C LYS MB 111 17.27 -5.09 88.03
N LYS MB 112 16.35 -4.45 87.29
CA LYS MB 112 14.93 -4.67 87.45
C LYS MB 112 14.42 -5.64 86.39
N VAL MB 113 15.29 -5.96 85.40
CA VAL MB 113 15.14 -7.10 84.50
C VAL MB 113 16.51 -7.72 84.28
N ASP MB 114 16.55 -8.93 83.70
CA ASP MB 114 17.75 -9.64 83.33
C ASP MB 114 18.11 -9.37 81.87
N ARG MB 115 19.38 -9.69 81.49
CA ARG MB 115 19.89 -9.66 80.12
C ARG MB 115 19.06 -10.47 79.14
N HIS MB 116 18.61 -11.67 79.53
CA HIS MB 116 17.74 -12.48 78.70
C HIS MB 116 16.41 -11.83 78.40
N LEU MB 117 15.71 -11.34 79.44
CA LEU MB 117 14.45 -10.65 79.29
C LEU MB 117 14.62 -9.39 78.45
N TYR MB 118 15.66 -8.60 78.75
CA TYR MB 118 16.08 -7.43 78.00
C TYR MB 118 16.23 -7.73 76.51
N HIS MB 119 17.02 -8.75 76.15
CA HIS MB 119 17.26 -9.07 74.76
C HIS MB 119 15.99 -9.48 74.00
N SER MB 120 15.12 -10.29 74.62
CA SER MB 120 13.82 -10.61 74.03
C SER MB 120 12.91 -9.41 73.85
N PHE MB 121 12.78 -8.57 74.88
CA PHE MB 121 11.98 -7.36 74.79
C PHE MB 121 12.51 -6.36 73.79
N TYR MB 122 13.85 -6.23 73.61
CA TYR MB 122 14.45 -5.40 72.59
C TYR MB 122 14.01 -5.80 71.19
N LEU MB 123 14.02 -7.11 70.90
CA LEU MB 123 13.51 -7.64 69.66
C LEU MB 123 12.02 -7.37 69.49
N LYS MB 124 11.24 -7.52 70.57
CA LYS MB 124 9.82 -7.26 70.56
C LYS MB 124 9.51 -5.79 70.32
N CYS MB 125 10.31 -4.87 70.89
CA CYS MB 125 10.22 -3.45 70.62
C CYS MB 125 10.53 -3.07 69.20
N LYS MB 126 11.58 -3.66 68.58
CA LYS MB 126 11.85 -3.47 67.17
C LYS MB 126 10.71 -3.97 66.29
N GLY MB 127 10.16 -5.14 66.64
CA GLY MB 127 8.94 -5.70 66.06
C GLY MB 127 7.73 -4.81 66.14
N ASN MB 128 7.51 -4.26 67.35
CA ASN MB 128 6.45 -3.38 67.77
C ASN MB 128 5.30 -4.17 68.35
N GLN MB 129 5.28 -4.32 69.69
CA GLN MB 129 4.13 -4.81 70.41
C GLN MB 129 3.54 -3.68 71.25
N PHE MB 130 4.11 -2.46 71.14
CA PHE MB 130 3.97 -1.44 72.17
C PHE MB 130 3.61 -0.11 71.54
N LYS MB 131 3.12 0.82 72.37
CA LYS MB 131 2.70 2.12 71.91
C LYS MB 131 3.31 3.23 72.74
N ASN MB 132 3.75 2.93 73.97
CA ASN MB 132 4.21 3.90 74.93
C ASN MB 132 5.02 3.19 76.00
N LYS MB 133 5.63 3.95 76.93
CA LYS MB 133 6.33 3.40 78.09
C LYS MB 133 5.47 2.43 78.91
N ARG MB 134 4.22 2.85 79.20
CA ARG MB 134 3.24 2.13 79.97
C ARG MB 134 3.02 0.70 79.51
N THR MB 135 2.80 0.50 78.20
CA THR MB 135 2.55 -0.82 77.61
C THR MB 135 3.74 -1.75 77.76
N LEU MB 136 4.97 -1.30 77.42
CA LEU MB 136 6.17 -2.09 77.68
C LEU MB 136 6.35 -2.46 79.14
N ILE MB 137 6.20 -1.50 80.08
CA ILE MB 137 6.32 -1.74 81.51
C ILE MB 137 5.34 -2.77 82.02
N GLU MB 138 4.06 -2.63 81.63
CA GLU MB 138 3.03 -3.58 81.96
C GLU MB 138 3.33 -4.97 81.42
N ALA MB 139 3.77 -5.07 80.15
CA ALA MB 139 4.22 -6.32 79.59
C ALA MB 139 5.36 -6.97 80.34
N ILE MB 140 6.41 -6.21 80.69
CA ILE MB 140 7.52 -6.71 81.48
C ILE MB 140 7.09 -7.19 82.86
N GLN MB 141 6.27 -6.40 83.59
CA GLN MB 141 5.74 -6.80 84.87
C GLN MB 141 4.92 -8.08 84.81
N ARG MB 142 4.03 -8.20 83.80
CA ARG MB 142 3.17 -9.35 83.61
C ARG MB 142 3.94 -10.63 83.38
N GLU MB 143 4.95 -10.61 82.48
CA GLU MB 143 5.79 -11.76 82.22
C GLU MB 143 6.60 -12.20 83.42
N LYS MB 144 7.19 -11.25 84.18
CA LYS MB 144 7.92 -11.57 85.40
C LYS MB 144 7.06 -12.25 86.46
N ASN MB 145 5.81 -11.76 86.64
CA ASN MB 145 4.85 -12.36 87.56
C ASN MB 145 4.42 -13.76 87.14
N GLU MB 146 4.13 -13.97 85.84
CA GLU MB 146 3.81 -15.26 85.28
C GLU MB 146 4.96 -16.25 85.40
N THR MB 147 6.19 -15.78 85.17
CA THR MB 147 7.41 -16.60 85.25
C THR MB 147 7.64 -17.03 86.68
N LEU MB 148 7.49 -16.10 87.64
CA LEU MB 148 7.57 -16.39 89.05
C LEU MB 148 6.51 -17.39 89.51
N LYS MB 149 5.26 -17.25 89.03
CA LYS MB 149 4.19 -18.21 89.26
C LYS MB 149 4.51 -19.61 88.77
N LYS MB 150 4.98 -19.74 87.51
CA LYS MB 150 5.42 -21.01 86.95
C LYS MB 150 6.53 -21.66 87.75
N LYS MB 151 7.56 -20.86 88.10
CA LYS MB 151 8.67 -21.27 88.93
C LYS MB 151 8.23 -21.75 90.31
N ALA MB 152 7.30 -21.03 90.96
CA ALA MB 152 6.80 -21.35 92.27
C ALA MB 152 6.03 -22.67 92.30
N ILE MB 153 5.15 -22.91 91.31
CA ILE MB 153 4.46 -24.18 91.18
C ILE MB 153 5.40 -25.34 90.90
N ALA MB 154 6.37 -25.15 89.99
CA ALA MB 154 7.39 -26.13 89.67
C ALA MB 154 8.28 -26.50 90.85
N ASP MB 155 8.74 -25.49 91.62
CA ASP MB 155 9.57 -25.69 92.80
C ASP MB 155 8.82 -26.41 93.90
N GLN MB 156 7.55 -26.04 94.17
CA GLN MB 156 6.68 -26.74 95.08
C GLN MB 156 6.42 -28.19 94.68
N LEU MB 157 6.21 -28.47 93.37
CA LEU MB 157 6.12 -29.82 92.85
C LEU MB 157 7.38 -30.64 93.09
N GLU MB 158 8.59 -30.08 92.84
CA GLU MB 158 9.84 -30.73 93.16
C GLU MB 158 10.04 -30.96 94.66
N ALA MB 159 9.68 -30.00 95.52
CA ALA MB 159 9.60 -30.17 96.95
C ALA MB 159 8.69 -31.32 97.38
N LYS MB 160 7.49 -31.43 96.77
CA LYS MB 160 6.58 -32.54 96.91
C LYS MB 160 7.19 -33.86 96.49
N ARG MB 161 7.92 -33.90 95.36
CA ARG MB 161 8.73 -35.03 94.95
C ARG MB 161 9.83 -35.39 95.95
N LEU MB 162 10.56 -34.39 96.49
CA LEU MB 162 11.58 -34.56 97.50
C LEU MB 162 11.00 -35.13 98.79
N LYS MB 163 9.84 -34.61 99.24
CA LYS MB 163 9.11 -35.08 100.39
C LYS MB 163 8.64 -36.53 100.25
N ALA MB 164 8.17 -36.89 99.04
CA ALA MB 164 7.83 -38.23 98.61
C ALA MB 164 9.01 -39.18 98.64
N GLN MB 165 10.18 -38.74 98.14
CA GLN MB 165 11.40 -39.52 98.14
C GLN MB 165 11.89 -39.84 99.55
N VAL MB 166 11.87 -38.85 100.47
CA VAL MB 166 12.13 -39.04 101.89
C VAL MB 166 11.11 -39.96 102.56
N LEU MB 167 9.81 -39.83 102.20
CA LEU MB 167 8.74 -40.71 102.63
C LEU MB 167 9.00 -42.17 102.25
N ARG MB 168 9.35 -42.43 100.98
CA ARG MB 168 9.78 -43.72 100.47
C ARG MB 168 10.98 -44.24 101.24
N ASN MB 169 11.98 -43.38 101.51
CA ASN MB 169 13.15 -43.70 102.31
C ASN MB 169 12.80 -44.11 103.75
N LYS MB 170 11.85 -43.44 104.43
CA LYS MB 170 11.35 -43.87 105.73
C LYS MB 170 10.63 -45.23 105.70
N ARG MB 171 9.76 -45.46 104.71
CA ARG MB 171 9.10 -46.74 104.47
C ARG MB 171 10.10 -47.87 104.15
N LYS MB 172 11.12 -47.58 103.33
CA LYS MB 172 12.25 -48.42 103.00
C LYS MB 172 13.11 -48.74 104.23
N LEU MB 173 13.31 -47.76 105.14
CA LEU MB 173 13.98 -47.92 106.42
C LEU MB 173 13.20 -48.86 107.34
N LYS MB 174 11.86 -48.69 107.44
CA LYS MB 174 11.01 -49.63 108.17
C LYS MB 174 11.12 -51.06 107.61
N LYS MB 175 11.11 -51.21 106.28
CA LYS MB 175 11.30 -52.48 105.60
C LYS MB 175 12.68 -53.10 105.86
N ASP MB 176 13.76 -52.32 105.78
CA ASP MB 176 15.11 -52.73 106.10
C ASP MB 176 15.24 -53.17 107.56
N LYS MB 177 14.62 -52.44 108.51
CA LYS MB 177 14.50 -52.84 109.90
C LYS MB 177 13.76 -54.17 110.09
N GLU MB 178 12.63 -54.39 109.39
CA GLU MB 178 11.93 -55.68 109.37
C GLU MB 178 12.77 -56.84 108.85
N VAL MB 179 13.60 -56.62 107.81
CA VAL MB 179 14.57 -57.60 107.33
C VAL MB 179 15.64 -57.92 108.39
N VAL MB 180 16.19 -56.89 109.07
CA VAL MB 180 17.16 -57.04 110.15
C VAL MB 180 16.62 -57.79 111.38
N ALA MB 181 15.43 -57.41 111.87
CA ALA MB 181 14.86 -57.91 113.11
C ALA MB 181 14.48 -59.43 113.10
N LYS NB 1 64.45 79.56 -18.02
CA LYS NB 1 63.90 79.97 -19.37
C LYS NB 1 64.71 79.31 -20.48
N PHE NB 2 65.84 79.94 -20.89
CA PHE NB 2 66.78 79.35 -21.81
C PHE NB 2 67.46 78.15 -21.16
N ASN NB 3 67.75 78.24 -19.85
CA ASN NB 3 68.00 77.07 -19.04
C ASN NB 3 66.78 76.14 -18.98
N LYS NB 4 67.01 74.83 -19.20
CA LYS NB 4 65.97 73.83 -19.36
C LYS NB 4 65.93 72.90 -18.15
N GLN NB 5 66.74 73.21 -17.11
CA GLN NB 5 66.74 72.49 -15.86
C GLN NB 5 65.71 73.07 -14.91
N LYS NB 6 65.69 74.40 -14.77
CA LYS NB 6 64.81 75.11 -13.85
C LYS NB 6 63.40 75.27 -14.39
N SER NB 7 62.37 74.85 -13.62
CA SER NB 7 60.96 74.92 -14.04
C SER NB 7 60.43 76.32 -14.31
N SER NB 8 59.53 76.41 -15.31
CA SER NB 8 58.78 77.61 -15.62
C SER NB 8 57.29 77.35 -15.46
N SER NB 9 56.89 76.22 -14.83
CA SER NB 9 55.50 75.97 -14.48
C SER NB 9 54.98 76.91 -13.40
N ARG NB 10 53.74 77.45 -13.55
CA ARG NB 10 53.13 78.32 -12.56
C ARG NB 10 53.00 77.68 -11.19
N ARG NB 11 52.58 76.41 -11.16
CA ARG NB 11 52.23 75.68 -9.96
C ARG NB 11 53.36 75.57 -8.94
N LYS NB 12 54.55 75.19 -9.42
CA LYS NB 12 55.72 74.98 -8.61
C LYS NB 12 56.28 76.29 -8.05
N MET NB 13 56.27 77.34 -8.88
CA MET NB 13 56.76 78.65 -8.55
C MET NB 13 55.96 79.28 -7.42
N ARG NB 14 54.62 79.20 -7.55
CA ARG NB 14 53.68 79.55 -6.50
C ARG NB 14 53.93 78.79 -5.21
N LYS NB 15 54.13 77.46 -5.30
CA LYS NB 15 54.35 76.63 -4.15
C LYS NB 15 55.59 77.06 -3.38
N ALA NB 16 56.69 77.31 -4.11
CA ALA NB 16 57.89 77.88 -3.56
C ALA NB 16 57.70 79.23 -2.86
N HIS NB 17 56.93 80.16 -3.46
CA HIS NB 17 56.52 81.40 -2.82
C HIS NB 17 55.76 81.21 -1.50
N PHE NB 18 54.83 80.25 -1.43
CA PHE NB 18 54.01 80.10 -0.26
C PHE NB 18 54.72 79.34 0.85
N THR NB 19 55.52 78.30 0.53
CA THR NB 19 56.09 77.44 1.57
C THR NB 19 57.51 77.82 1.91
N ALA NB 20 57.99 78.95 1.36
CA ALA NB 20 59.28 79.56 1.58
C ALA NB 20 59.90 79.46 2.99
N PRO NB 21 61.13 78.99 3.18
CA PRO NB 21 61.88 79.17 4.40
C PRO NB 21 62.09 80.61 4.79
N ALA NB 22 62.50 80.88 6.03
CA ALA NB 22 62.64 82.22 6.57
C ALA NB 22 63.67 83.05 5.81
N GLY NB 23 64.82 82.45 5.48
CA GLY NB 23 65.82 83.06 4.61
C GLY NB 23 65.33 83.42 3.23
N LEU NB 24 64.54 82.54 2.60
CA LEU NB 24 63.86 82.83 1.35
C LEU NB 24 62.88 83.98 1.48
N ARG NB 25 62.05 83.99 2.55
CA ARG NB 25 61.18 85.12 2.85
C ARG NB 25 61.94 86.43 3.02
N ARG NB 26 63.06 86.42 3.75
CA ARG NB 26 63.96 87.55 3.93
C ARG NB 26 64.50 88.10 2.62
N LYS NB 27 64.91 87.21 1.69
CA LYS NB 27 65.27 87.56 0.33
C LYS NB 27 64.15 88.32 -0.38
N ILE NB 28 62.89 87.87 -0.28
CA ILE NB 28 61.83 88.53 -1.00
C ILE NB 28 61.15 89.63 -0.20
N MET NB 29 61.72 90.01 0.97
CA MET NB 29 61.42 91.27 1.62
C MET NB 29 62.38 92.35 1.13
N SER NB 30 62.76 92.33 -0.16
CA SER NB 30 63.60 93.36 -0.73
C SER NB 30 62.78 94.56 -1.15
N SER NB 31 63.39 95.76 -1.12
CA SER NB 31 62.79 96.98 -1.61
C SER NB 31 63.74 97.70 -2.54
N LYS NB 32 63.19 98.46 -3.50
CA LYS NB 32 63.93 99.39 -4.32
C LYS NB 32 64.57 100.51 -3.50
N LEU NB 33 65.80 100.89 -3.82
CA LEU NB 33 66.54 101.89 -3.07
C LEU NB 33 66.33 103.27 -3.68
N SER NB 34 66.24 104.31 -2.82
CA SER NB 34 66.03 105.71 -3.18
C SER NB 34 67.05 106.26 -4.14
N LYS NB 35 66.64 107.24 -4.96
CA LYS NB 35 67.24 107.49 -6.25
C LYS NB 35 68.68 107.96 -6.20
N GLU NB 36 69.03 108.93 -5.33
CA GLU NB 36 70.42 109.30 -5.13
C GLU NB 36 71.30 108.19 -4.56
N LEU NB 37 70.83 107.43 -3.55
CA LEU NB 37 71.53 106.28 -3.01
C LEU NB 37 71.75 105.16 -4.02
N ARG NB 38 70.72 104.91 -4.84
CA ARG NB 38 70.73 104.05 -6.00
C ARG NB 38 71.83 104.44 -6.97
N LEU NB 39 71.92 105.74 -7.34
CA LEU NB 39 73.01 106.29 -8.12
C LEU NB 39 74.37 106.15 -7.44
N LYS NB 40 74.46 106.45 -6.13
CA LYS NB 40 75.69 106.39 -5.37
C LYS NB 40 76.33 105.02 -5.33
N TYR NB 41 75.56 103.98 -5.02
CA TYR NB 41 76.10 102.64 -4.89
C TYR NB 41 75.99 101.83 -6.17
N LYS NB 42 75.20 102.31 -7.15
CA LYS NB 42 74.71 101.56 -8.30
C LYS NB 42 74.09 100.23 -7.88
N THR NB 43 73.14 100.36 -6.94
CA THR NB 43 72.46 99.23 -6.34
C THR NB 43 70.99 99.49 -6.44
N ARG NB 44 70.29 98.64 -7.21
CA ARG NB 44 68.87 98.74 -7.45
C ARG NB 44 68.04 98.56 -6.17
N SER NB 45 68.41 97.56 -5.36
CA SER NB 45 67.56 96.98 -4.35
C SER NB 45 68.33 96.51 -3.13
N LEU NB 46 67.74 96.61 -1.92
CA LEU NB 46 68.30 96.05 -0.71
C LEU NB 46 67.23 95.33 0.12
N PRO NB 47 67.49 94.21 0.80
CA PRO NB 47 66.61 93.69 1.83
C PRO NB 47 66.47 94.63 3.00
N VAL NB 48 65.23 95.00 3.37
CA VAL NB 48 65.00 95.86 4.52
C VAL NB 48 65.33 95.23 5.87
N ARG NB 49 65.80 96.06 6.80
CA ARG NB 49 65.88 95.74 8.20
C ARG NB 49 64.82 96.52 8.92
N LYS NB 50 64.55 96.12 10.17
CA LYS NB 50 63.48 96.64 10.99
C LYS NB 50 63.56 98.14 11.24
N ASP NB 51 64.78 98.69 11.40
CA ASP NB 51 64.96 100.07 11.79
C ASP NB 51 65.14 101.04 10.61
N ASP NB 52 64.90 100.59 9.37
CA ASP NB 52 65.07 101.40 8.17
C ASP NB 52 63.99 102.50 7.97
N GLU NB 53 64.22 103.41 7.00
CA GLU NB 53 63.35 104.53 6.67
C GLU NB 53 62.86 104.47 5.23
N VAL NB 54 61.56 104.24 5.01
CA VAL NB 54 60.96 104.08 3.70
C VAL NB 54 60.06 105.23 3.31
N LEU NB 55 59.81 105.36 2.00
CA LEU NB 55 58.75 106.18 1.44
C LEU NB 55 57.78 105.25 0.76
N ILE NB 56 56.47 105.48 0.96
CA ILE NB 56 55.43 104.64 0.39
C ILE NB 56 55.01 105.15 -0.98
N CYS NB 57 54.94 104.26 -1.99
CA CYS NB 57 54.69 104.66 -3.37
C CYS NB 57 53.35 104.19 -3.90
N ARG NB 58 52.68 103.27 -3.19
CA ARG NB 58 51.44 102.64 -3.65
C ARG NB 58 50.44 102.63 -2.51
N GLY NB 59 49.18 102.29 -2.80
CA GLY NB 59 48.12 102.30 -1.81
C GLY NB 59 47.63 103.68 -1.47
N HIS NB 60 46.67 103.77 -0.54
CA HIS NB 60 46.01 105.02 -0.17
C HIS NB 60 46.94 105.95 0.59
N ASN NB 61 48.03 105.39 1.12
CA ASN NB 61 49.02 106.07 1.93
C ASN NB 61 50.26 106.42 1.16
N HIS NB 62 50.22 106.36 -0.19
CA HIS NB 62 51.34 106.78 -1.03
C HIS NB 62 51.77 108.22 -0.78
N GLY NB 63 53.09 108.47 -0.81
CA GLY NB 63 53.68 109.76 -0.50
C GLY NB 63 53.88 109.99 0.98
N ARG NB 64 53.53 109.03 1.85
CA ARG NB 64 53.95 109.08 3.23
C ARG NB 64 55.35 108.47 3.36
N GLU NB 65 56.27 109.22 3.98
CA GLU NB 65 57.57 108.73 4.38
C GLU NB 65 57.58 108.41 5.87
N GLY NB 66 58.52 107.57 6.33
CA GLY NB 66 58.62 107.29 7.75
C GLY NB 66 59.46 106.08 8.05
N LYS NB 67 59.83 105.95 9.33
CA LYS NB 67 60.56 104.80 9.81
C LYS NB 67 59.70 103.54 9.83
N VAL NB 68 60.33 102.39 9.55
CA VAL NB 68 59.74 101.09 9.64
C VAL NB 68 59.67 100.69 11.10
N VAL NB 69 58.48 100.28 11.55
CA VAL NB 69 58.24 99.76 12.87
C VAL NB 69 58.73 98.33 12.96
N LYS NB 70 57.93 97.38 12.47
CA LYS NB 70 58.12 95.96 12.61
C LYS NB 70 58.05 95.29 11.25
N ILE NB 71 58.78 94.19 11.05
CA ILE NB 71 58.66 93.39 9.84
C ILE NB 71 57.93 92.11 10.21
N ASN NB 72 56.95 91.69 9.40
CA ASN NB 72 56.43 90.34 9.40
C ASN NB 72 56.91 89.72 8.09
N ARG NB 73 57.96 88.90 8.19
CA ARG NB 73 58.55 88.19 7.07
C ARG NB 73 57.61 87.13 6.53
N LYS NB 74 56.88 86.47 7.44
CA LYS NB 74 56.09 85.29 7.20
C LYS NB 74 54.92 85.52 6.25
N ARG NB 75 54.15 86.59 6.51
CA ARG NB 75 52.95 86.90 5.76
C ARG NB 75 53.14 88.16 4.94
N TYR NB 76 54.41 88.58 4.79
CA TYR NB 76 54.83 89.56 3.82
C TYR NB 76 54.28 90.97 4.06
N LYS NB 77 54.41 91.47 5.29
CA LYS NB 77 53.93 92.79 5.66
C LYS NB 77 55.06 93.50 6.39
N ILE NB 78 55.40 94.73 6.00
CA ILE NB 78 56.17 95.60 6.88
C ILE NB 78 55.20 96.57 7.49
N TYR NB 79 55.56 97.12 8.66
CA TYR NB 79 54.73 98.06 9.37
C TYR NB 79 55.51 99.37 9.45
N VAL NB 80 54.88 100.50 9.16
CA VAL NB 80 55.51 101.82 9.11
C VAL NB 80 54.78 102.72 10.10
N GLU NB 81 55.48 103.67 10.75
CA GLU NB 81 54.99 104.42 11.89
C GLU NB 81 53.73 105.23 11.64
N ARG NB 82 53.67 105.92 10.48
CA ARG NB 82 52.58 106.82 10.16
C ARG NB 82 51.46 106.18 9.33
N VAL NB 83 51.49 104.85 9.14
CA VAL NB 83 50.35 104.12 8.64
C VAL NB 83 49.70 103.36 9.78
N THR NB 84 49.26 104.10 10.81
CA THR NB 84 48.44 103.51 11.85
C THR NB 84 47.02 103.29 11.35
N ARG NB 85 46.29 102.38 12.00
CA ARG NB 85 44.92 102.07 11.73
C ARG NB 85 44.30 101.64 13.05
N GLU NB 86 43.12 102.19 13.37
CA GLU NB 86 42.41 101.69 14.51
C GLU NB 86 41.59 100.47 14.10
N LYS NB 87 41.55 99.49 15.01
CA LYS NB 87 40.74 98.30 14.93
C LYS NB 87 39.27 98.63 15.07
N VAL NB 88 38.42 97.61 14.94
CA VAL NB 88 36.98 97.75 15.07
C VAL NB 88 36.52 98.35 16.40
N ASN NB 89 37.26 98.08 17.50
CA ASN NB 89 36.97 98.61 18.81
C ASN NB 89 37.63 99.97 19.06
N GLY NB 90 38.39 100.48 18.09
CA GLY NB 90 39.13 101.73 18.19
C GLY NB 90 40.57 101.62 18.64
N GLU NB 91 41.12 100.42 18.87
CA GLU NB 91 42.50 100.29 19.30
C GLU NB 91 43.49 100.27 18.15
N SER NB 92 44.63 100.96 18.30
CA SER NB 92 45.54 101.29 17.20
C SER NB 92 46.62 100.26 16.92
N THR NB 93 46.66 99.74 15.68
CA THR NB 93 47.76 98.90 15.19
C THR NB 93 48.31 99.50 13.90
N PHE NB 94 49.41 98.95 13.36
CA PHE NB 94 49.97 99.45 12.12
C PHE NB 94 49.44 98.69 10.92
N ILE NB 95 49.10 99.41 9.85
CA ILE NB 95 48.80 98.88 8.53
C ILE NB 95 50.01 98.15 7.93
N GLY NB 96 49.78 96.90 7.46
CA GLY NB 96 50.79 96.09 6.79
C GLY NB 96 50.99 96.45 5.33
N ILE NB 97 52.24 96.63 4.92
CA ILE NB 97 52.61 97.08 3.61
C ILE NB 97 53.47 96.04 2.93
N HIS NB 98 53.08 95.60 1.72
CA HIS NB 98 53.92 94.75 0.87
C HIS NB 98 55.23 95.42 0.45
N PRO NB 99 56.38 94.74 0.36
CA PRO NB 99 57.68 95.42 0.39
C PRO NB 99 57.99 96.06 -0.96
N SER NB 100 57.22 95.72 -1.99
CA SER NB 100 57.31 96.23 -3.34
C SER NB 100 56.43 97.43 -3.53
N ASN NB 101 55.77 97.90 -2.45
CA ASN NB 101 54.95 99.09 -2.49
C ASN NB 101 55.71 100.31 -1.98
N VAL NB 102 56.97 100.11 -1.56
CA VAL NB 102 57.76 101.12 -0.88
C VAL NB 102 59.16 101.22 -1.47
N VAL NB 103 59.78 102.42 -1.37
CA VAL NB 103 61.15 102.67 -1.76
C VAL NB 103 61.94 103.03 -0.52
N LEU NB 104 63.14 102.47 -0.38
CA LEU NB 104 63.98 102.61 0.80
C LEU NB 104 64.87 103.81 0.70
N THR NB 105 64.80 104.74 1.69
CA THR NB 105 65.80 105.78 1.83
C THR NB 105 66.86 105.31 2.79
N LYS NB 106 66.73 105.60 4.10
CA LYS NB 106 67.83 105.39 5.00
C LYS NB 106 67.85 103.98 5.54
N LEU NB 107 68.81 103.20 5.03
CA LEU NB 107 69.28 101.96 5.57
C LEU NB 107 70.08 102.13 6.85
N LYS NB 108 69.75 101.34 7.90
CA LYS NB 108 70.63 101.17 9.05
C LYS NB 108 71.75 100.21 8.68
N VAL NB 109 73.03 100.61 8.81
CA VAL NB 109 74.13 99.78 8.32
C VAL NB 109 74.97 99.22 9.46
N ASP NB 110 74.79 97.91 9.70
CA ASP NB 110 75.63 97.09 10.55
C ASP NB 110 76.82 96.53 9.78
N LYS NB 111 77.69 95.77 10.49
CA LYS NB 111 78.89 95.16 9.96
C LYS NB 111 78.58 94.19 8.82
N ASN NB 112 77.55 93.37 9.00
CA ASN NB 112 77.14 92.36 8.05
C ASN NB 112 76.54 93.01 6.80
N ARG NB 113 75.65 93.98 6.99
CA ARG NB 113 75.07 94.78 5.93
C ARG NB 113 76.10 95.55 5.12
N LYS NB 114 77.09 96.15 5.80
CA LYS NB 114 78.24 96.79 5.19
C LYS NB 114 79.03 95.82 4.31
N LYS NB 115 79.29 94.59 4.77
CA LYS NB 115 79.90 93.53 4.00
C LYS NB 115 79.10 93.18 2.75
N ILE NB 116 77.77 93.06 2.86
CA ILE NB 116 76.87 92.90 1.71
C ILE NB 116 76.98 94.08 0.74
N LEU NB 117 76.89 95.34 1.22
CA LEU NB 117 77.09 96.52 0.39
C LEU NB 117 78.43 96.55 -0.35
N ASP NB 118 79.51 96.07 0.30
CA ASP NB 118 80.81 95.86 -0.28
C ASP NB 118 80.80 94.79 -1.38
N ARG NB 119 80.06 93.69 -1.19
CA ARG NB 119 79.83 92.66 -2.20
C ARG NB 119 79.14 93.23 -3.44
N LYS NB 120 78.09 94.04 -3.25
CA LYS NB 120 77.38 94.70 -4.34
C LYS NB 120 78.26 95.66 -5.16
N ALA NB 121 79.11 96.47 -4.49
CA ALA NB 121 80.04 97.36 -5.13
C ALA NB 121 81.13 96.67 -6.02
N ASN OB 1 73.03 81.24 30.33
CA ASN OB 1 73.01 79.98 29.48
C ASN OB 1 74.39 79.60 28.97
N VAL OB 2 74.62 78.30 28.71
CA VAL OB 2 75.95 77.79 28.40
C VAL OB 2 76.34 77.94 26.94
N LYS OB 3 77.65 77.96 26.67
CA LYS OB 3 78.21 78.09 25.33
C LYS OB 3 79.11 76.89 25.10
N ALA OB 4 78.78 76.04 24.10
CA ALA OB 4 79.54 74.85 23.74
C ALA OB 4 81.06 74.91 23.79
N TYR OB 5 81.68 75.92 23.13
CA TYR OB 5 83.11 76.18 23.17
C TYR OB 5 83.71 76.38 24.55
N GLU OB 6 82.96 77.01 25.48
CA GLU OB 6 83.34 77.21 26.86
C GLU OB 6 83.32 75.89 27.62
N LEU OB 7 82.33 75.03 27.33
CA LEU OB 7 82.14 73.74 27.94
C LEU OB 7 83.25 72.78 27.59
N ARG OB 8 83.77 72.83 26.34
CA ARG OB 8 84.81 71.96 25.86
C ARG OB 8 86.13 72.13 26.62
N THR OB 9 86.41 73.33 27.14
CA THR OB 9 87.54 73.59 28.02
C THR OB 9 87.54 72.78 29.31
N LEU OB 10 86.36 72.63 29.94
CA LEU OB 10 86.20 72.13 31.28
C LEU OB 10 86.66 70.69 31.57
N LYS OB 11 87.14 70.46 32.81
CA LYS OB 11 87.47 69.16 33.37
C LYS OB 11 86.24 68.26 33.51
N LYS OB 12 86.38 66.92 33.38
CA LYS OB 12 85.23 66.01 33.41
C LYS OB 12 84.53 66.01 34.74
N LYS OB 13 85.29 65.99 35.85
CA LYS OB 13 84.75 66.10 37.19
C LYS OB 13 83.93 67.37 37.36
N GLU OB 14 84.48 68.52 36.91
CA GLU OB 14 83.80 69.80 36.99
C GLU OB 14 82.59 69.94 36.07
N LEU OB 15 82.68 69.45 34.83
CA LEU OB 15 81.59 69.45 33.87
C LEU OB 15 80.39 68.66 34.34
N LEU OB 16 80.63 67.46 34.89
CA LEU OB 16 79.60 66.64 35.52
C LEU OB 16 79.01 67.28 36.77
N ASP OB 17 79.82 67.99 37.58
CA ASP OB 17 79.36 68.72 38.73
C ASP OB 17 78.39 69.83 38.33
N LYS OB 18 78.72 70.61 37.28
CA LYS OB 18 77.85 71.60 36.68
C LYS OB 18 76.53 71.01 36.20
N LEU OB 19 76.59 69.86 35.51
CA LEU OB 19 75.44 69.12 35.02
C LEU OB 19 74.52 68.69 36.14
N ASP OB 20 75.07 68.14 37.23
CA ASP OB 20 74.31 67.73 38.39
C ASP OB 20 73.62 68.91 39.07
N GLU OB 21 74.31 70.05 39.21
CA GLU OB 21 73.76 71.28 39.73
C GLU OB 21 72.57 71.82 38.94
N LEU OB 22 72.70 71.85 37.60
CA LEU OB 22 71.65 72.17 36.66
C LEU OB 22 70.45 71.23 36.81
N LYS OB 23 70.69 69.91 36.91
CA LYS OB 23 69.68 68.90 37.18
C LYS OB 23 68.91 69.16 38.47
N LYS OB 24 69.59 69.45 39.59
CA LYS OB 24 68.93 69.85 40.81
C LYS OB 24 68.04 71.09 40.64
N GLU OB 25 68.53 72.15 39.98
CA GLU OB 25 67.70 73.30 39.67
C GLU OB 25 66.48 72.98 38.80
N LEU OB 26 66.68 72.19 37.73
CA LEU OB 26 65.62 71.73 36.86
C LEU OB 26 64.55 70.94 37.60
N SER OB 27 64.99 70.06 38.50
CA SER OB 27 64.11 69.32 39.39
C SER OB 27 63.27 70.23 40.28
N GLY OB 28 63.90 71.27 40.86
CA GLY OB 28 63.23 72.34 41.59
C GLY OB 28 62.19 73.07 40.79
N LEU OB 29 62.50 73.39 39.52
CA LEU OB 29 61.59 73.99 38.57
C LEU OB 29 60.40 73.10 38.29
N ARG OB 30 60.62 71.80 38.04
CA ARG OB 30 59.55 70.82 37.91
C ARG OB 30 58.65 70.77 39.14
N ILE OB 31 59.21 70.76 40.37
CA ILE OB 31 58.46 70.91 41.60
C ILE OB 31 57.64 72.21 41.65
N SER OB 32 58.20 73.36 41.25
CA SER OB 32 57.48 74.62 41.13
C SER OB 32 56.35 74.57 40.13
N LYS OB 33 56.57 73.92 38.98
CA LYS OB 33 55.58 73.71 37.93
C LYS OB 33 54.40 72.90 38.42
N ALA OB 34 54.69 71.80 39.14
CA ALA OB 34 53.73 70.93 39.76
C ALA OB 34 52.91 71.64 40.83
N LEU OB 35 53.58 72.47 41.65
CA LEU OB 35 52.95 73.33 42.63
C LEU OB 35 52.02 74.35 41.97
N GLY OB 36 52.51 74.98 40.88
CA GLY OB 36 51.70 75.80 39.97
C GLY OB 36 51.38 77.18 40.48
N ASN OB 37 51.92 77.55 41.65
CA ASN OB 37 51.58 78.81 42.31
C ASN OB 37 52.60 79.87 41.92
N SER OB 38 52.20 80.80 41.02
CA SER OB 38 53.03 81.87 40.49
C SER OB 38 54.29 81.35 39.80
N ALA OB 39 54.12 80.32 38.95
CA ALA OB 39 55.21 79.62 38.31
C ALA OB 39 56.09 80.49 37.41
N LYS OB 40 57.40 80.15 37.38
CA LYS OB 40 58.41 80.77 36.56
C LYS OB 40 58.77 79.81 35.44
N ASN OB 41 57.75 79.03 35.04
CA ASN OB 41 57.76 77.82 34.26
C ASN OB 41 58.47 77.93 32.92
N SER OB 42 58.48 79.12 32.31
CA SER OB 42 59.11 79.37 31.03
C SER OB 42 60.62 79.15 31.07
N LYS OB 43 61.23 79.19 32.27
CA LYS OB 43 62.64 78.92 32.45
C LYS OB 43 63.04 77.45 32.21
N ILE OB 44 62.08 76.51 32.29
CA ILE OB 44 62.32 75.07 32.16
C ILE OB 44 62.90 74.69 30.80
N HIS OB 45 62.40 75.30 29.73
CA HIS OB 45 62.88 75.13 28.37
C HIS OB 45 64.37 75.41 28.26
N GLY OB 46 64.80 76.55 28.80
CA GLY OB 46 66.19 76.98 28.79
C GLY OB 46 67.07 76.04 29.53
N VAL OB 47 66.67 75.64 30.75
CA VAL OB 47 67.46 74.72 31.56
C VAL OB 47 67.59 73.33 30.93
N ARG OB 48 66.50 72.74 30.41
CA ARG OB 48 66.56 71.44 29.76
C ARG OB 48 67.52 71.40 28.57
N LYS OB 49 67.47 72.43 27.72
CA LYS OB 49 68.43 72.61 26.65
C LYS OB 49 69.86 72.82 27.12
N ASN OB 50 70.13 73.63 28.17
CA ASN OB 50 71.47 73.76 28.74
C ASN OB 50 72.05 72.40 29.16
N VAL OB 51 71.23 71.57 29.82
CA VAL OB 51 71.59 70.22 30.22
C VAL OB 51 71.91 69.35 29.02
N ALA OB 52 71.10 69.46 27.96
CA ALA OB 52 71.32 68.80 26.71
C ALA OB 52 72.66 69.16 26.08
N ARG OB 53 72.97 70.47 26.00
CA ARG OB 53 74.23 70.98 25.51
C ARG OB 53 75.42 70.42 26.29
N VAL OB 54 75.35 70.45 27.64
CA VAL OB 54 76.34 69.85 28.50
C VAL OB 54 76.56 68.36 28.23
N LEU OB 55 75.47 67.59 28.08
CA LEU OB 55 75.57 66.17 27.82
C LEU OB 55 76.21 65.84 26.48
N THR OB 56 75.90 66.59 25.41
CA THR OB 56 76.55 66.42 24.13
C THR OB 56 78.05 66.63 24.22
N VAL OB 57 78.50 67.73 24.84
CA VAL OB 57 79.92 68.03 24.97
C VAL OB 57 80.69 66.97 25.75
N TYR OB 58 80.13 66.52 26.89
CA TYR OB 58 80.73 65.45 27.66
C TYR OB 58 80.80 64.17 26.86
N ASN OB 59 79.73 63.79 26.15
CA ASN OB 59 79.70 62.57 25.36
C ASN OB 59 80.69 62.62 24.20
N GLN OB 60 80.78 63.75 23.49
CA GLN OB 60 81.78 63.97 22.45
C GLN OB 60 83.21 63.82 22.96
N LYS OB 61 83.54 64.46 24.11
CA LYS OB 61 84.87 64.37 24.68
C LYS OB 61 85.23 62.97 25.13
N ARG OB 62 84.34 62.29 25.87
CA ARG OB 62 84.50 60.91 26.28
C ARG OB 62 84.67 59.97 25.11
N LYS OB 63 83.82 60.08 24.08
CA LYS OB 63 83.94 59.32 22.86
C LYS OB 63 85.27 59.50 22.18
N MET OB 64 85.73 60.76 22.05
CA MET OB 64 87.03 61.05 21.49
C MET OB 64 88.17 60.44 22.30
N GLU OB 65 88.13 60.48 23.64
CA GLU OB 65 89.11 59.82 24.47
C GLU OB 65 89.18 58.29 24.29
N LEU OB 66 88.01 57.63 24.17
CA LEU OB 66 87.92 56.22 23.87
C LEU OB 66 88.44 55.91 22.48
N ARG OB 67 88.08 56.75 21.50
CA ARG OB 67 88.59 56.67 20.15
C ARG OB 67 90.11 56.82 20.05
N GLN OB 68 90.70 57.78 20.79
CA GLN OB 68 92.13 57.93 20.96
C GLN OB 68 92.76 56.71 21.63
N LEU OB 69 92.13 56.16 22.70
CA LEU OB 69 92.58 54.92 23.29
C LEU OB 69 92.62 53.76 22.28
N TYR OB 70 91.59 53.62 21.45
CA TYR OB 70 91.56 52.63 20.39
C TYR OB 70 92.00 53.20 19.06
N LYS OB 71 93.08 54.01 19.01
CA LYS OB 71 93.50 54.67 17.79
C LYS OB 71 93.99 53.72 16.70
N ASN OB 72 94.80 52.72 17.05
CA ASN OB 72 95.52 51.92 16.08
C ASN OB 72 95.33 50.42 16.27
N LYS OB 73 95.78 49.67 15.24
CA LYS OB 73 95.47 48.28 14.93
C LYS OB 73 93.99 47.90 14.86
N LYS OB 74 93.72 46.65 14.48
CA LYS OB 74 92.41 46.03 14.49
C LYS OB 74 91.68 46.11 15.83
N PHE OB 75 90.35 45.86 15.79
CA PHE OB 75 89.53 45.61 16.97
C PHE OB 75 89.05 46.86 17.68
N LYS OB 76 88.80 47.95 16.94
CA LYS OB 76 87.96 49.03 17.44
C LYS OB 76 86.56 48.51 17.77
N PRO OB 77 85.85 48.98 18.79
CA PRO OB 77 84.42 48.73 18.97
C PRO OB 77 83.59 48.92 17.70
N TYR OB 78 82.65 48.03 17.40
CA TYR OB 78 81.94 48.10 16.13
C TYR OB 78 80.87 49.17 16.09
N ASN OB 79 80.48 49.71 17.27
CA ASN OB 79 79.67 50.92 17.37
C ASN OB 79 80.41 52.13 16.82
N LEU OB 80 81.70 52.24 17.21
CA LEU OB 80 82.64 53.26 16.81
C LEU OB 80 83.03 53.12 15.34
N ARG OB 81 83.24 51.86 14.90
CA ARG OB 81 83.61 51.51 13.55
C ARG OB 81 82.62 51.94 12.46
N LYS OB 82 83.16 52.27 11.26
CA LYS OB 82 82.48 52.69 10.05
C LYS OB 82 81.07 52.15 9.79
N LYS OB 83 80.15 53.04 9.38
CA LYS OB 83 78.78 52.68 9.02
C LYS OB 83 78.60 52.95 7.54
N LEU OB 84 78.28 51.89 6.80
CA LEU OB 84 78.16 51.91 5.37
C LEU OB 84 77.37 50.69 5.04
N THR OB 85 76.86 50.54 3.79
CA THR OB 85 75.95 49.44 3.46
C THR OB 85 76.50 48.06 3.76
N LYS OB 86 75.60 47.18 4.21
CA LYS OB 86 75.88 45.82 4.60
C LYS OB 86 76.55 45.06 3.48
N ASN OB 87 76.09 45.29 2.25
CA ASN OB 87 76.66 44.72 1.04
C ASN OB 87 78.12 45.11 0.86
N LYS OB 88 78.45 46.41 1.02
CA LYS OB 88 79.81 46.91 1.02
C LYS OB 88 80.69 46.30 2.09
N ARG OB 89 80.16 46.20 3.33
CA ARG OB 89 80.79 45.52 4.44
C ARG OB 89 81.10 44.05 4.16
N LEU OB 90 80.15 43.32 3.57
CA LEU OB 90 80.28 41.93 3.22
C LEU OB 90 81.31 41.60 2.12
N GLN OB 91 81.30 42.34 1.00
CA GLN OB 91 82.09 42.04 -0.18
C GLN OB 91 83.61 41.95 -0.02
N LEU OB 92 84.29 41.21 -0.93
CA LEU OB 92 85.73 41.31 -1.12
C LEU OB 92 86.19 42.72 -1.48
N SER OB 93 87.45 43.07 -1.15
CA SER OB 93 87.95 44.43 -1.37
C SER OB 93 87.96 44.83 -2.84
N PRO OB 94 87.70 46.08 -3.22
CA PRO OB 94 88.05 46.65 -4.52
C PRO OB 94 89.47 46.34 -4.97
N LYS OB 95 90.43 46.41 -4.03
CA LYS OB 95 91.83 46.08 -4.24
C LYS OB 95 92.01 44.65 -4.75
N GLN OB 96 91.36 43.69 -4.05
CA GLN OB 96 91.31 42.30 -4.44
C GLN OB 96 90.52 42.07 -5.73
N LYS OB 97 89.35 42.71 -5.89
CA LYS OB 97 88.53 42.66 -7.08
C LYS OB 97 89.26 43.10 -8.35
N ALA OB 98 90.04 44.19 -8.26
CA ALA OB 98 90.93 44.65 -9.31
C ALA OB 98 92.04 43.68 -9.67
N ALA OB 99 92.69 43.06 -8.67
CA ALA OB 99 93.78 42.12 -8.86
C ALA OB 99 93.45 40.86 -9.67
N MET OB 100 94.42 40.33 -10.43
CA MET OB 100 94.17 39.29 -11.41
C MET OB 100 95.38 38.41 -11.67
N THR OB 101 95.18 37.31 -12.43
CA THR OB 101 96.16 36.25 -12.66
C THR OB 101 97.44 36.62 -13.38
N LEU OB 102 98.55 35.91 -13.08
CA LEU OB 102 99.84 36.13 -13.72
C LEU OB 102 99.84 35.99 -15.24
N ARG OB 103 99.22 34.91 -15.78
CA ARG OB 103 98.96 34.77 -17.20
C ARG OB 103 98.19 35.92 -17.84
N GLN OB 104 97.13 36.44 -17.18
CA GLN OB 104 96.44 37.65 -17.57
C GLN OB 104 97.31 38.89 -17.54
N LYS OB 105 98.12 39.08 -16.48
CA LYS OB 105 99.02 40.20 -16.31
C LYS OB 105 100.04 40.27 -17.43
N LYS OB 106 100.67 39.14 -17.76
CA LYS OB 106 101.52 39.00 -18.91
C LYS OB 106 100.83 39.34 -20.23
N LYS OB 107 99.57 38.92 -20.43
CA LYS OB 107 98.74 39.31 -21.56
C LYS OB 107 98.50 40.82 -21.63
N VAL OB 108 98.15 41.45 -20.49
CA VAL OB 108 98.00 42.90 -20.32
C VAL OB 108 99.28 43.63 -20.70
N GLN OB 109 100.42 43.19 -20.17
CA GLN OB 109 101.73 43.70 -20.53
C GLN OB 109 102.07 43.55 -22.02
N ASN OB 110 101.67 42.42 -22.66
CA ASN OB 110 101.80 42.19 -24.07
C ASN OB 110 100.96 43.14 -24.93
N PHE OB 111 99.67 43.37 -24.64
CA PHE OB 111 98.80 44.13 -25.53
C PHE OB 111 98.26 45.52 -25.06
N PRO OB 112 99.02 46.48 -24.52
CA PRO OB 112 98.53 47.83 -24.21
C PRO OB 112 97.66 48.50 -25.25
N GLN OB 113 96.57 49.16 -24.84
CA GLN OB 113 95.71 49.86 -25.76
C GLN OB 113 96.23 51.27 -25.99
N ARG OB 114 97.07 51.41 -27.02
CA ARG OB 114 97.73 52.64 -27.38
C ARG OB 114 96.78 53.65 -28.02
N LYS OB 115 97.23 54.91 -28.16
CA LYS OB 115 96.49 55.95 -28.85
C LYS OB 115 97.10 56.18 -30.24
N TYR OB 116 96.29 56.64 -31.20
CA TYR OB 116 96.61 56.48 -32.61
C TYR OB 116 95.84 57.46 -33.50
N LEU OB 117 96.31 57.63 -34.74
CA LEU OB 117 95.71 58.49 -35.74
C LEU OB 117 95.89 57.85 -37.10
N VAL OB 118 95.32 58.45 -38.15
CA VAL OB 118 95.23 57.88 -39.48
C VAL OB 118 95.75 58.91 -40.49
N VAL OB 119 96.73 58.51 -41.34
CA VAL OB 119 97.33 59.38 -42.34
C VAL OB 119 96.44 59.54 -43.61
N ALA PB 1 21.26 92.22 -89.32
CA ALA PB 1 20.28 92.19 -88.17
C ALA PB 1 18.86 92.62 -88.50
N ALA PB 2 18.67 93.83 -89.08
CA ALA PB 2 17.37 94.42 -89.38
C ALA PB 2 16.55 93.59 -90.36
N LYS PB 3 17.19 93.04 -91.42
CA LYS PB 3 16.58 92.16 -92.39
C LYS PB 3 16.02 90.90 -91.78
N LYS PB 4 16.75 90.23 -90.87
CA LYS PB 4 16.28 89.05 -90.15
C LYS PB 4 15.05 89.34 -89.32
N ILE PB 5 15.07 90.45 -88.55
CA ILE PB 5 13.94 90.94 -87.77
C ILE PB 5 12.73 91.25 -88.65
N LYS PB 6 12.95 91.98 -89.75
CA LYS PB 6 11.94 92.32 -90.75
C LYS PB 6 11.30 91.08 -91.33
N THR PB 7 12.14 90.11 -91.73
CA THR PB 7 11.76 88.80 -92.27
C THR PB 7 10.90 88.05 -91.28
N LEU PB 8 11.29 88.01 -90.01
CA LEU PB 8 10.52 87.39 -88.96
C LEU PB 8 9.15 88.03 -88.78
N LYS PB 9 9.05 89.37 -88.79
CA LYS PB 9 7.74 90.03 -88.78
C LYS PB 9 6.86 89.66 -89.98
N LEU PB 10 7.42 89.68 -91.20
CA LEU PB 10 6.76 89.19 -92.40
C LEU PB 10 6.27 87.75 -92.30
N ILE PB 11 7.10 86.84 -91.75
CA ILE PB 11 6.73 85.46 -91.52
C ILE PB 11 5.58 85.36 -90.54
N ASN PB 12 5.63 86.13 -89.43
CA ASN PB 12 4.53 86.21 -88.50
C ASN PB 12 3.24 86.73 -89.13
N LYS PB 13 3.31 87.76 -90.00
CA LYS PB 13 2.15 88.24 -90.72
C LYS PB 13 1.54 87.23 -91.68
N LYS PB 14 2.38 86.49 -92.43
CA LYS PB 14 1.96 85.41 -93.30
C LYS PB 14 1.23 84.31 -92.55
N LYS PB 15 1.78 83.87 -91.41
CA LYS PB 15 1.14 82.90 -90.54
C LYS PB 15 -0.22 83.35 -90.05
N ARG PB 16 -0.37 84.63 -89.67
CA ARG PB 16 -1.62 85.16 -89.17
C ARG PB 16 -2.69 85.13 -90.25
N ASN PB 17 -2.32 85.53 -91.48
CA ASN PB 17 -3.14 85.39 -92.66
C ASN PB 17 -3.55 83.95 -92.94
N ASP PB 18 -2.60 83.01 -92.93
CA ASP PB 18 -2.89 81.62 -93.12
C ASP PB 18 -3.82 81.03 -92.06
N LEU PB 19 -3.56 81.29 -90.77
CA LEU PB 19 -4.38 80.81 -89.68
C LEU PB 19 -5.81 81.36 -89.70
N ARG PB 20 -5.97 82.65 -90.00
CA ARG PB 20 -7.25 83.29 -90.16
C ARG PB 20 -8.09 82.66 -91.27
N GLN PB 21 -7.45 82.44 -92.43
CA GLN PB 21 -8.02 81.76 -93.57
C GLN PB 21 -8.38 80.31 -93.30
N ARG PB 22 -7.48 79.53 -92.66
CA ARG PB 22 -7.72 78.13 -92.32
C ARG PB 22 -8.92 78.01 -91.42
N THR PB 23 -9.01 78.90 -90.41
CA THR PB 23 -10.12 78.97 -89.47
C THR PB 23 -11.43 79.17 -90.17
N LEU PB 24 -11.47 80.10 -91.14
CA LEU PB 24 -12.66 80.37 -91.92
C LEU PB 24 -13.11 79.16 -92.73
N ARG PB 25 -12.17 78.46 -93.40
CA ARG PB 25 -12.47 77.25 -94.14
C ARG PB 25 -12.98 76.13 -93.26
N TYR PB 26 -12.34 75.90 -92.09
CA TYR PB 26 -12.79 74.99 -91.07
C TYR PB 26 -14.19 75.30 -90.57
N GLU PB 27 -14.45 76.57 -90.18
CA GLU PB 27 -15.72 77.06 -89.72
C GLU PB 27 -16.87 76.75 -90.67
N GLU PB 28 -16.68 77.04 -91.97
CA GLU PB 28 -17.64 76.61 -92.96
C GLU PB 28 -17.81 75.10 -93.08
N GLU PB 29 -16.69 74.35 -93.16
CA GLU PB 29 -16.71 72.92 -93.35
C GLU PB 29 -17.36 72.10 -92.24
N TYR PB 30 -17.02 72.35 -90.97
CA TYR PB 30 -17.67 71.72 -89.83
C TYR PB 30 -19.15 71.97 -89.77
N GLU PB 31 -19.55 73.24 -89.95
CA GLU PB 31 -20.95 73.61 -89.94
C GLU PB 31 -21.71 72.95 -91.08
N SER PB 32 -21.14 73.00 -92.31
CA SER PB 32 -21.66 72.32 -93.48
C SER PB 32 -21.84 70.84 -93.29
N GLU PB 33 -20.87 70.15 -92.68
CA GLU PB 33 -20.98 68.74 -92.36
C GLU PB 33 -22.13 68.42 -91.42
N ARG PB 34 -22.34 69.25 -90.38
CA ARG PB 34 -23.45 69.14 -89.46
C ARG PB 34 -24.79 69.35 -90.15
N LYS PB 35 -24.89 70.39 -90.98
CA LYS PB 35 -26.03 70.69 -91.83
C LYS PB 35 -26.34 69.54 -92.80
N LYS PB 36 -25.32 68.92 -93.42
CA LYS PB 36 -25.49 67.75 -94.25
C LYS PB 36 -26.05 66.56 -93.48
N ILE PB 37 -25.61 66.32 -92.24
CA ILE PB 37 -26.14 65.27 -91.38
C ILE PB 37 -27.63 65.44 -91.13
N ILE PB 38 -28.08 66.67 -90.81
CA ILE PB 38 -29.49 67.03 -90.72
C ILE PB 38 -30.22 66.71 -92.00
N GLU PB 39 -29.73 67.21 -93.15
CA GLU PB 39 -30.30 66.94 -94.45
C GLU PB 39 -30.45 65.47 -94.80
N LEU PB 40 -29.40 64.67 -94.56
CA LEU PB 40 -29.36 63.23 -94.75
C LEU PB 40 -30.35 62.51 -93.86
N LYS PB 41 -30.34 62.80 -92.55
CA LYS PB 41 -31.26 62.21 -91.59
C LYS PB 41 -32.71 62.55 -91.87
N ARG PB 42 -32.99 63.83 -92.20
CA ARG PB 42 -34.31 64.30 -92.55
C ARG PB 42 -34.80 63.66 -93.84
N GLU PB 43 -33.90 63.56 -94.85
CA GLU PB 43 -34.20 62.89 -96.09
C GLU PB 43 -34.52 61.43 -95.89
N ALA PB 44 -33.71 60.70 -95.13
CA ALA PB 44 -33.99 59.31 -94.86
C ALA PB 44 -35.28 59.04 -94.10
N ARG PB 45 -35.53 59.77 -92.99
CA ARG PB 45 -36.69 59.49 -92.16
C ARG PB 45 -38.02 59.74 -92.83
N LYS PB 46 -38.17 60.90 -93.48
CA LYS PB 46 -39.33 61.19 -94.30
C LYS PB 46 -39.51 60.22 -95.47
N ASN PB 47 -38.45 59.94 -96.23
CA ASN PB 47 -38.52 59.18 -97.47
C ASN PB 47 -38.26 57.68 -97.27
N ASN PB 48 -38.44 57.20 -96.02
CA ASN PB 48 -38.60 55.78 -95.70
C ASN PB 48 -37.32 54.97 -95.83
N CYS PB 49 -36.21 55.52 -95.34
CA CYS PB 49 -34.91 54.90 -95.37
C CYS PB 49 -34.27 55.10 -94.00
N PHE PB 50 -33.20 54.37 -93.67
CA PHE PB 50 -32.50 54.57 -92.41
C PHE PB 50 -31.06 54.92 -92.67
N TYR PB 51 -30.72 56.20 -92.40
CA TYR PB 51 -29.39 56.73 -92.36
C TYR PB 51 -28.75 56.38 -91.02
N ARG PB 52 -27.64 55.64 -91.04
CA ARG PB 52 -26.87 55.33 -89.87
C ARG PB 52 -25.75 56.34 -89.81
N GLU PB 53 -25.83 57.31 -88.87
CA GLU PB 53 -24.77 58.26 -88.64
C GLU PB 53 -23.48 57.60 -88.14
N ALA PB 54 -22.32 58.18 -88.50
CA ALA PB 54 -21.01 57.69 -88.09
C ALA PB 54 -20.73 57.66 -86.58
N GLU PB 55 -19.84 56.75 -86.14
CA GLU PB 55 -19.18 56.82 -84.85
C GLU PB 55 -18.40 58.12 -84.66
N LYS PB 56 -18.19 58.58 -83.41
CA LYS PB 56 -17.76 59.95 -83.18
C LYS PB 56 -16.26 60.12 -83.05
N LYS PB 57 -15.47 59.02 -83.11
CA LYS PB 57 -14.04 58.98 -83.34
C LYS PB 57 -13.18 59.34 -82.14
N VAL PB 58 -13.51 60.43 -81.44
CA VAL PB 58 -12.89 60.82 -80.19
C VAL PB 58 -13.85 60.65 -79.05
N VAL PB 59 -13.29 60.62 -77.84
CA VAL PB 59 -13.97 60.50 -76.57
C VAL PB 59 -13.17 61.33 -75.61
N PHE PB 60 -13.83 62.18 -74.83
CA PHE PB 60 -13.20 62.82 -73.68
C PHE PB 60 -13.47 61.94 -72.47
N VAL PB 61 -12.39 61.47 -71.83
CA VAL PB 61 -12.44 60.62 -70.65
C VAL PB 61 -11.93 61.43 -69.46
N ILE PB 62 -12.83 61.61 -68.48
CA ILE PB 62 -12.53 62.29 -67.24
C ILE PB 62 -12.42 61.28 -66.12
N ARG PB 63 -11.28 61.23 -65.42
CA ARG PB 63 -11.20 60.47 -64.19
C ARG PB 63 -12.02 61.13 -63.10
N LEU PB 64 -12.56 60.32 -62.16
CA LEU PB 64 -13.42 60.84 -61.12
C LEU PB 64 -13.31 59.92 -59.91
N LYS PB 65 -12.11 59.42 -59.63
CA LYS PB 65 -11.86 58.53 -58.52
C LYS PB 65 -10.44 58.76 -58.02
N GLY PB 66 -10.28 58.78 -56.67
CA GLY PB 66 -9.03 58.90 -55.93
C GLY PB 66 -7.87 58.01 -56.31
N VAL PB 67 -6.70 58.20 -55.67
CA VAL PB 67 -5.49 57.47 -56.03
C VAL PB 67 -5.16 56.36 -55.04
N ASN PB 68 -5.76 56.39 -53.84
CA ASN PB 68 -5.69 55.31 -52.88
C ASN PB 68 -6.33 54.01 -53.40
N LYS PB 69 -5.78 52.85 -53.01
CA LYS PB 69 -6.45 51.57 -53.19
C LYS PB 69 -6.83 51.17 -54.63
N LEU PB 70 -5.90 51.29 -55.59
CA LEU PB 70 -6.17 51.00 -56.99
C LEU PB 70 -5.87 49.54 -57.38
N PRO PB 71 -6.68 48.82 -58.15
CA PRO PB 71 -6.29 47.54 -58.74
C PRO PB 71 -5.06 47.64 -59.66
N PRO PB 72 -4.27 46.60 -59.89
CA PRO PB 72 -2.95 46.77 -60.50
C PRO PB 72 -3.02 46.95 -62.00
N LYS PB 73 -3.87 46.18 -62.69
CA LYS PB 73 -4.15 46.35 -64.10
C LYS PB 73 -4.72 47.74 -64.40
N VAL PB 74 -5.60 48.23 -63.52
CA VAL PB 74 -6.23 49.54 -63.59
C VAL PB 74 -5.18 50.63 -63.43
N ARG PB 75 -4.27 50.47 -62.46
CA ARG PB 75 -3.12 51.32 -62.24
C ARG PB 75 -2.23 51.43 -63.48
N SER PB 76 -1.92 50.29 -64.12
CA SER PB 76 -1.17 50.27 -65.38
C SER PB 76 -1.88 51.03 -66.50
N VAL PB 77 -3.17 50.74 -66.74
CA VAL PB 77 -3.97 51.42 -67.74
C VAL PB 77 -4.04 52.92 -67.50
N PHE PB 78 -4.19 53.37 -66.24
CA PHE PB 78 -4.15 54.76 -65.88
C PHE PB 78 -2.86 55.44 -66.25
N ARG PB 79 -1.70 54.78 -66.02
CA ARG PB 79 -0.43 55.31 -66.46
C ARG PB 79 -0.38 55.54 -67.97
N LEU PB 80 -0.80 54.56 -68.77
CA LEU PB 80 -0.90 54.72 -70.21
C LEU PB 80 -1.91 55.77 -70.67
N LEU PB 81 -3.11 55.76 -70.07
CA LEU PB 81 -4.18 56.69 -70.31
C LEU PB 81 -3.78 58.14 -70.03
N ARG PB 82 -2.97 58.33 -68.97
CA ARG PB 82 -2.30 59.56 -68.58
C ARG PB 82 -3.14 60.37 -67.60
N LEU PB 83 -4.04 59.70 -66.86
CA LEU PB 83 -4.92 60.35 -65.90
C LEU PB 83 -4.36 60.15 -64.51
N LEU PB 84 -3.19 60.75 -64.27
CA LEU PB 84 -2.42 60.57 -63.07
C LEU PB 84 -2.94 61.37 -61.88
N GLN PB 85 -3.76 62.39 -62.15
CA GLN PB 85 -4.43 63.18 -61.15
C GLN PB 85 -5.92 62.92 -61.26
N VAL PB 86 -6.62 62.95 -60.13
CA VAL PB 86 -7.92 62.35 -59.94
C VAL PB 86 -9.05 63.06 -60.62
N HIS PB 87 -8.83 64.33 -61.01
CA HIS PB 87 -9.76 65.11 -61.80
C HIS PB 87 -9.18 65.45 -63.16
N ASN PB 88 -8.19 64.67 -63.67
CA ASN PB 88 -7.78 64.81 -65.05
C ASN PB 88 -8.88 64.40 -66.05
N GLY PB 89 -9.04 65.20 -67.10
CA GLY PB 89 -9.69 64.81 -68.33
C GLY PB 89 -8.69 64.80 -69.45
N VAL PB 90 -8.88 63.91 -70.43
CA VAL PB 90 -8.03 63.88 -71.60
C VAL PB 90 -8.80 63.36 -72.80
N PHE PB 91 -8.41 63.77 -74.01
CA PHE PB 91 -9.01 63.24 -75.21
C PHE PB 91 -8.37 61.92 -75.56
N VAL PB 92 -9.18 60.95 -76.01
CA VAL PB 92 -8.72 59.67 -76.49
C VAL PB 92 -9.36 59.36 -77.82
N LYS PB 93 -8.54 58.90 -78.77
CA LYS PB 93 -8.95 58.40 -80.06
C LYS PB 93 -9.56 57.00 -79.94
N VAL PB 94 -10.85 56.88 -80.26
CA VAL PB 94 -11.57 55.62 -80.22
C VAL PB 94 -11.11 54.67 -81.31
N ASN PB 95 -10.60 53.52 -80.88
CA ASN PB 95 -10.30 52.39 -81.71
C ASN PB 95 -10.64 51.20 -80.83
N LYS PB 96 -10.09 50.02 -81.11
CA LYS PB 96 -10.52 48.83 -80.42
C LYS PB 96 -9.71 48.62 -79.17
N ALA PB 97 -8.38 48.78 -79.25
CA ALA PB 97 -7.53 48.72 -78.09
C ALA PB 97 -7.81 49.81 -77.06
N THR PB 98 -8.05 51.05 -77.52
CA THR PB 98 -8.47 52.12 -76.62
C THR PB 98 -9.77 51.86 -75.92
N LYS PB 99 -10.79 51.30 -76.62
CA LYS PB 99 -12.04 50.95 -76.01
C LYS PB 99 -11.87 49.90 -74.91
N GLU PB 100 -11.08 48.84 -75.16
CA GLU PB 100 -10.82 47.85 -74.15
C GLU PB 100 -10.08 48.41 -72.94
N MET PB 101 -9.07 49.28 -73.14
CA MET PB 101 -8.45 50.02 -72.05
C MET PB 101 -9.46 50.84 -71.24
N LEU PB 102 -10.36 51.59 -71.91
CA LEU PB 102 -11.43 52.31 -71.26
C LEU PB 102 -12.36 51.40 -70.46
N LYS PB 103 -12.71 50.22 -71.00
CA LYS PB 103 -13.47 49.20 -70.30
C LYS PB 103 -12.83 48.76 -68.98
N ILE PB 104 -11.51 48.54 -68.93
CA ILE PB 104 -10.83 48.11 -67.73
C ILE PB 104 -10.96 49.13 -66.59
N VAL PB 105 -10.92 50.43 -66.89
CA VAL PB 105 -11.03 51.47 -65.89
C VAL PB 105 -12.46 51.98 -65.66
N GLU PB 106 -13.44 51.47 -66.44
CA GLU PB 106 -14.81 51.97 -66.54
C GLU PB 106 -15.52 52.50 -65.29
N PRO PB 107 -15.64 51.86 -64.12
CA PRO PB 107 -16.34 52.43 -62.98
C PRO PB 107 -15.62 53.61 -62.36
N TYR PB 108 -14.40 53.99 -62.82
CA TYR PB 108 -13.59 54.98 -62.13
C TYR PB 108 -13.38 56.21 -62.98
N VAL PB 109 -14.01 56.23 -64.16
CA VAL PB 109 -13.87 57.31 -65.11
C VAL PB 109 -15.24 57.57 -65.69
N THR PB 110 -15.60 58.82 -65.91
CA THR PB 110 -16.73 59.12 -66.78
C THR PB 110 -16.20 59.44 -68.17
N TYR PB 111 -17.01 59.23 -69.22
CA TYR PB 111 -16.59 59.56 -70.55
C TYR PB 111 -17.73 59.80 -71.50
N GLY PB 112 -17.42 60.45 -72.63
CA GLY PB 112 -18.42 60.72 -73.65
C GLY PB 112 -17.86 61.50 -74.80
N TYR PB 113 -18.74 61.94 -75.71
CA TYR PB 113 -18.39 62.58 -76.95
C TYR PB 113 -18.29 64.09 -76.79
N PRO PB 114 -17.18 64.76 -77.03
CA PRO PB 114 -17.06 66.16 -76.66
C PRO PB 114 -17.44 67.04 -77.85
N THR PB 115 -18.49 67.87 -77.71
CA THR PB 115 -18.97 68.72 -78.80
C THR PB 115 -18.04 69.88 -79.07
N LEU PB 116 -18.06 70.38 -80.31
CA LEU PB 116 -17.07 71.26 -80.86
C LEU PB 116 -16.95 72.57 -80.11
N SER PB 117 -18.07 73.19 -79.71
CA SER PB 117 -18.07 74.36 -78.82
C SER PB 117 -17.39 74.10 -77.48
N THR PB 118 -17.71 72.96 -76.85
CA THR PB 118 -17.11 72.56 -75.59
C THR PB 118 -15.61 72.37 -75.69
N VAL PB 119 -15.15 71.63 -76.73
CA VAL PB 119 -13.74 71.33 -76.91
C VAL PB 119 -12.88 72.58 -77.04
N ARG PB 120 -13.33 73.54 -77.86
CA ARG PB 120 -12.70 74.84 -77.96
C ARG PB 120 -12.70 75.59 -76.65
N LYS PB 121 -13.85 75.69 -75.98
CA LYS PB 121 -14.01 76.45 -74.75
C LYS PB 121 -13.14 75.92 -73.61
N LEU PB 122 -13.11 74.59 -73.44
CA LEU PB 122 -12.24 73.94 -72.49
C LEU PB 122 -10.77 74.17 -72.79
N LEU PB 123 -10.36 74.02 -74.06
CA LEU PB 123 -9.02 74.32 -74.51
C LEU PB 123 -8.61 75.78 -74.30
N TYR PB 124 -9.54 76.73 -74.50
CA TYR PB 124 -9.32 78.13 -74.28
C TYR PB 124 -9.06 78.40 -72.80
N LYS PB 125 -9.89 77.85 -71.89
CA LYS PB 125 -9.78 78.23 -70.50
C LYS PB 125 -8.70 77.44 -69.76
N ARG PB 126 -8.37 76.23 -70.21
CA ARG PB 126 -7.56 75.32 -69.42
C ARG PB 126 -6.41 74.73 -70.22
N GLY PB 127 -6.18 75.21 -71.45
CA GLY PB 127 -5.01 74.83 -72.25
C GLY PB 127 -3.64 75.14 -71.66
N TYR PB 128 -2.91 74.08 -71.30
CA TYR PB 128 -1.48 74.14 -71.04
C TYR PB 128 -0.79 73.17 -72.00
N VAL PB 129 0.48 73.42 -72.29
CA VAL PB 129 1.27 72.64 -73.22
C VAL PB 129 2.62 72.42 -72.60
N ARG PB 130 3.31 71.35 -73.00
CA ARG PB 130 4.61 70.98 -72.52
C ARG PB 130 5.66 71.73 -73.34
N VAL PB 131 6.35 72.70 -72.71
CA VAL PB 131 7.25 73.62 -73.42
C VAL PB 131 8.72 73.32 -73.23
N GLY PB 132 9.03 72.24 -72.49
CA GLY PB 132 10.40 71.86 -72.18
C GLY PB 132 11.02 71.00 -73.25
N LYS PB 133 11.47 69.81 -72.85
CA LYS PB 133 12.08 68.83 -73.74
C LYS PB 133 11.43 67.51 -73.47
N VAL PB 134 11.64 66.50 -74.34
CA VAL PB 134 11.11 65.17 -74.11
C VAL PB 134 11.59 64.57 -72.79
N ARG PB 135 10.63 64.20 -71.93
CA ARG PB 135 10.87 63.79 -70.56
C ARG PB 135 11.63 64.82 -69.72
N ARG PB 136 11.51 66.11 -70.06
CA ARG PB 136 11.83 67.24 -69.22
C ARG PB 136 10.84 68.31 -69.57
N TYR PB 137 9.55 67.97 -69.48
CA TYR PB 137 8.46 68.87 -69.73
C TYR PB 137 8.39 70.05 -68.77
N ALA PB 138 7.86 71.18 -69.24
CA ALA PB 138 7.60 72.34 -68.43
C ALA PB 138 6.20 72.80 -68.79
N ARG PB 139 5.35 73.06 -67.79
CA ARG PB 139 3.94 73.24 -68.02
C ARG PB 139 3.56 74.71 -68.20
N LYS PB 140 3.27 75.17 -69.44
CA LYS PB 140 2.94 76.55 -69.69
C LYS PB 140 1.54 76.73 -70.27
N LYS PB 141 0.77 77.67 -69.70
CA LYS PB 141 -0.52 78.10 -70.21
C LYS PB 141 -0.43 78.67 -71.62
N ILE PB 142 -1.38 78.31 -72.50
CA ILE PB 142 -1.31 78.69 -73.91
C ILE PB 142 -1.95 80.04 -74.13
N GLN PB 143 -1.15 81.11 -74.25
CA GLN PB 143 -1.66 82.46 -74.42
C GLN PB 143 -1.17 83.12 -75.70
N ASP PB 144 -0.51 82.33 -76.56
CA ASP PB 144 -0.12 82.78 -77.87
C ASP PB 144 0.15 81.53 -78.69
N ASN PB 145 0.17 81.72 -80.02
CA ASN PB 145 0.44 80.72 -81.02
C ASN PB 145 1.92 80.41 -81.16
N ALA PB 146 2.83 81.29 -80.75
CA ALA PB 146 4.25 81.13 -81.06
C ALA PB 146 4.89 79.90 -80.42
N ASP PB 147 4.49 79.57 -79.18
CA ASP PB 147 4.94 78.42 -78.44
C ASP PB 147 4.60 77.10 -79.13
N ILE PB 148 3.37 76.98 -79.62
CA ILE PB 148 2.87 75.76 -80.22
C ILE PB 148 3.21 75.74 -81.69
N SER PB 149 3.51 76.91 -82.29
CA SER PB 149 4.06 77.02 -83.62
C SER PB 149 5.49 76.56 -83.70
N LYS PB 150 6.19 76.57 -82.57
CA LYS PB 150 7.47 75.92 -82.43
C LYS PB 150 7.27 74.42 -82.44
N HIS PB 151 6.55 73.88 -81.46
CA HIS PB 151 6.41 72.45 -81.26
C HIS PB 151 5.77 71.68 -82.41
N LEU PB 152 4.68 72.23 -82.97
CA LEU PB 152 3.90 71.60 -84.01
C LEU PB 152 4.18 72.17 -85.39
N GLY PB 153 5.36 72.81 -85.57
CA GLY PB 153 5.73 73.49 -86.81
C GLY PB 153 6.06 72.55 -87.93
N LYS PB 154 6.74 71.43 -87.61
CA LYS PB 154 7.04 70.39 -88.57
C LYS PB 154 5.79 69.69 -89.07
N TYR PB 155 4.83 69.48 -88.16
CA TYR PB 155 3.60 68.78 -88.45
C TYR PB 155 2.57 69.66 -89.16
N ASN PB 156 2.75 70.99 -89.12
CA ASN PB 156 1.99 71.98 -89.86
C ASN PB 156 0.63 72.24 -89.24
N VAL PB 157 0.47 71.86 -87.97
CA VAL PB 157 -0.75 72.06 -87.21
C VAL PB 157 -0.49 73.04 -86.08
N HIS PB 158 0.69 73.68 -86.14
CA HIS PB 158 1.01 74.96 -85.53
C HIS PB 158 -0.10 76.00 -85.39
N GLY PB 159 -0.25 76.60 -84.20
CA GLY PB 159 -1.36 77.52 -83.92
C GLY PB 159 -2.58 76.80 -83.41
N ILE PB 160 -3.30 77.42 -82.45
CA ILE PB 160 -4.24 76.68 -81.63
C ILE PB 160 -5.49 76.18 -82.35
N GLU PB 161 -6.05 76.96 -83.29
CA GLU PB 161 -7.19 76.53 -84.08
C GLU PB 161 -6.99 75.24 -84.86
N ASP PB 162 -5.81 75.06 -85.50
CA ASP PB 162 -5.45 73.82 -86.14
C ASP PB 162 -5.46 72.63 -85.17
N MET PB 163 -4.90 72.79 -83.95
CA MET PB 163 -5.00 71.79 -82.88
C MET PB 163 -6.45 71.45 -82.53
N VAL PB 164 -7.29 72.49 -82.41
CA VAL PB 164 -8.71 72.39 -82.14
C VAL PB 164 -9.38 71.58 -83.23
N TYR PB 165 -9.04 71.86 -84.50
CA TYR PB 165 -9.46 71.12 -85.67
C TYR PB 165 -9.09 69.64 -85.59
N GLN PB 166 -7.84 69.31 -85.23
CA GLN PB 166 -7.39 67.94 -85.07
C GLN PB 166 -8.19 67.25 -83.96
N LEU PB 167 -8.43 67.93 -82.84
CA LEU PB 167 -9.30 67.43 -81.79
C LEU PB 167 -10.75 67.22 -82.25
N TYR PB 168 -11.32 68.16 -83.03
CA TYR PB 168 -12.69 68.08 -83.51
C TYR PB 168 -12.95 66.89 -84.41
N THR PB 169 -12.05 66.63 -85.36
CA THR PB 169 -12.37 65.73 -86.47
C THR PB 169 -11.65 64.41 -86.33
N CYS PB 170 -10.77 64.28 -85.32
CA CYS PB 170 -9.83 63.17 -85.17
C CYS PB 170 -8.85 63.14 -86.35
N GLY PB 171 -8.17 64.29 -86.54
CA GLY PB 171 -7.35 64.62 -87.70
C GLY PB 171 -6.15 63.75 -88.01
N PRO PB 172 -5.43 64.07 -89.08
CA PRO PB 172 -4.27 63.32 -89.53
C PRO PB 172 -3.15 63.28 -88.52
N VAL PB 173 -2.98 64.32 -87.68
CA VAL PB 173 -2.01 64.26 -86.60
C VAL PB 173 -2.76 64.52 -85.31
N PHE PB 174 -3.05 63.43 -84.57
CA PHE PB 174 -3.83 63.49 -83.36
C PHE PB 174 -2.93 63.22 -82.18
N LYS PB 175 -2.18 62.10 -82.25
CA LYS PB 175 -1.39 61.56 -81.16
C LYS PB 175 -0.35 62.55 -80.66
N LYS PB 176 0.44 63.11 -81.59
CA LYS PB 176 1.50 64.03 -81.24
C LYS PB 176 0.97 65.30 -80.58
N VAL PB 177 -0.08 65.91 -81.15
CA VAL PB 177 -0.72 67.08 -80.57
C VAL PB 177 -1.27 66.83 -79.18
N ASN PB 178 -2.00 65.71 -79.00
CA ASN PB 178 -2.49 65.22 -77.73
C ASN PB 178 -1.39 65.04 -76.71
N ASN PB 179 -0.29 64.38 -77.13
CA ASN PB 179 0.90 64.16 -76.35
C ASN PB 179 1.59 65.47 -75.92
N PHE PB 180 1.74 66.45 -76.83
CA PHE PB 180 2.23 67.78 -76.48
C PHE PB 180 1.34 68.53 -75.49
N LEU PB 181 0.01 68.49 -75.66
CA LEU PB 181 -0.91 69.04 -74.69
C LEU PB 181 -0.81 68.43 -73.30
N TRP PB 182 -0.96 69.27 -72.25
CA TRP PB 182 -1.13 68.78 -70.90
C TRP PB 182 -2.48 68.09 -70.70
N ALA PB 183 -2.57 67.08 -69.80
CA ALA PB 183 -3.85 66.48 -69.42
C ALA PB 183 -4.64 67.39 -68.48
N PHE PB 184 -5.84 67.80 -68.89
CA PHE PB 184 -6.55 68.90 -68.29
C PHE PB 184 -7.07 68.60 -66.90
N LYS PB 185 -6.52 69.27 -65.87
CA LYS PB 185 -6.91 69.07 -64.49
C LYS PB 185 -8.08 69.98 -64.12
N LEU PB 186 -9.25 69.37 -63.90
CA LEU PB 186 -10.50 70.10 -63.87
C LEU PB 186 -10.99 70.45 -62.47
N LYS PB 187 -11.84 71.48 -62.36
CA LYS PB 187 -12.51 71.91 -61.14
C LYS PB 187 -13.50 70.83 -60.64
N PRO PB 188 -13.84 70.71 -59.36
CA PRO PB 188 -15.04 70.01 -58.92
C PRO PB 188 -16.36 70.45 -59.60
N PRO PB 189 -17.44 69.68 -59.67
CA PRO PB 189 -18.31 69.84 -60.83
C PRO PB 189 -19.61 70.55 -60.50
N ARG PB 190 -19.54 71.63 -59.72
CA ARG PB 190 -20.64 72.51 -59.36
C ARG PB 190 -21.91 71.79 -58.88
N LYS PB 191 -23.07 72.44 -59.01
CA LYS PB 191 -24.35 71.89 -58.63
C LYS PB 191 -24.72 70.61 -59.39
N GLY PB 192 -25.39 69.65 -58.70
CA GLY PB 192 -25.98 68.48 -59.35
C GLY PB 192 -25.03 67.40 -59.77
N PHE PB 193 -23.98 67.12 -58.97
CA PHE PB 193 -23.05 66.04 -59.24
C PHE PB 193 -23.56 64.74 -58.61
N LYS PB 194 -23.03 64.33 -57.44
CA LYS PB 194 -23.49 63.25 -56.58
C LYS PB 194 -23.35 61.81 -57.09
N ALA PB 195 -23.01 60.89 -56.16
CA ALA PB 195 -23.10 59.46 -56.30
C ALA PB 195 -21.86 58.82 -56.93
N LYS PB 196 -20.72 58.96 -56.23
CA LYS PB 196 -19.39 58.50 -56.59
C LYS PB 196 -19.33 57.02 -56.96
N ARG PB 197 -19.99 56.16 -56.17
CA ARG PB 197 -20.18 54.76 -56.45
C ARG PB 197 -20.76 54.37 -57.82
N HIS PB 198 -20.62 53.08 -58.19
CA HIS PB 198 -21.23 52.46 -59.36
C HIS PB 198 -21.13 53.22 -60.70
N ALA PB 199 -22.20 53.30 -61.50
CA ALA PB 199 -22.11 53.87 -62.83
C ALA PB 199 -23.48 54.30 -63.32
N PHE PB 200 -23.51 55.08 -64.43
CA PHE PB 200 -24.65 55.85 -64.88
C PHE PB 200 -25.81 55.06 -65.45
N ASN PB 201 -25.60 53.78 -65.80
CA ASN PB 201 -26.66 52.94 -66.33
C ASN PB 201 -27.35 52.17 -65.22
N GLU PB 202 -26.94 52.31 -63.95
CA GLU PB 202 -27.86 52.10 -62.85
C GLU PB 202 -28.96 53.17 -62.90
N PRO PB 203 -30.23 52.91 -62.64
CA PRO PB 203 -31.25 53.96 -62.66
C PRO PB 203 -31.03 55.06 -61.64
N ARG PB 204 -30.46 54.73 -60.48
CA ARG PB 204 -30.01 55.66 -59.46
C ARG PB 204 -28.91 56.62 -59.97
N PRO PB 205 -28.84 57.90 -59.54
CA PRO PB 205 -27.75 58.83 -59.86
C PRO PB 205 -26.32 58.31 -59.84
N GLY PB 206 -25.45 58.87 -60.72
CA GLY PB 206 -24.01 58.65 -60.66
C GLY PB 206 -23.39 58.64 -62.03
N ASP PB 207 -22.72 59.73 -62.43
CA ASP PB 207 -22.23 60.05 -63.76
C ASP PB 207 -21.19 59.10 -64.37
N TRP PB 208 -20.57 58.22 -63.56
CA TRP PB 208 -19.50 57.30 -63.89
C TRP PB 208 -19.82 56.32 -65.03
N GLY PB 209 -18.81 56.03 -65.87
CA GLY PB 209 -18.92 55.31 -67.13
C GLY PB 209 -19.30 56.19 -68.31
N ASN PB 210 -19.80 55.56 -69.39
CA ASN PB 210 -20.33 56.24 -70.56
C ASN PB 210 -21.55 57.13 -70.27
N ARG PB 211 -21.52 58.40 -70.68
CA ARG PB 211 -22.67 59.27 -70.64
C ARG PB 211 -22.85 60.04 -71.93
N GLU PB 212 -22.12 59.64 -72.98
CA GLU PB 212 -22.23 60.16 -74.34
C GLU PB 212 -22.20 61.69 -74.43
N ALA PB 213 -23.19 62.30 -75.13
CA ALA PB 213 -23.34 63.74 -75.28
C ALA PB 213 -23.36 64.52 -73.96
N HIS PB 214 -23.99 63.93 -72.93
CA HIS PB 214 -24.10 64.49 -71.60
C HIS PB 214 -22.77 64.71 -70.88
N ILE PB 215 -21.64 64.22 -71.41
CA ILE PB 215 -20.30 64.61 -70.96
C ILE PB 215 -20.11 66.11 -70.98
N ASN PB 216 -20.60 66.78 -72.04
CA ASN PB 216 -20.49 68.21 -72.25
C ASN PB 216 -21.11 69.02 -71.14
N GLU PB 217 -22.30 68.62 -70.67
CA GLU PB 217 -22.98 69.24 -69.55
C GLU PB 217 -22.17 69.21 -68.27
N LEU PB 218 -21.61 68.03 -67.96
CA LEU PB 218 -20.67 67.85 -66.88
C LEU PB 218 -19.41 68.70 -67.05
N ILE PB 219 -18.84 68.76 -68.28
CA ILE PB 219 -17.65 69.55 -68.57
C ILE PB 219 -17.93 71.04 -68.37
N ASN PB 220 -19.11 71.52 -68.79
CA ASN PB 220 -19.56 72.87 -68.63
C ASN PB 220 -19.64 73.25 -67.16
N ARG PB 221 -20.17 72.36 -66.32
CA ARG PB 221 -20.15 72.58 -64.89
C ARG PB 221 -18.76 72.64 -64.26
N MET PB 222 -17.77 71.87 -64.74
CA MET PB 222 -16.51 71.73 -64.05
C MET PB 222 -15.38 72.47 -64.76
N ILE PB 223 -15.75 73.45 -65.59
CA ILE PB 223 -14.83 74.15 -66.46
C ILE PB 223 -13.87 75.16 -65.76
N GLY QB 1 28.10 14.51 -2.80
CA GLY QB 1 28.00 13.92 -1.40
C GLY QB 1 28.86 14.58 -0.35
N ARG QB 2 28.79 14.07 0.89
CA ARG QB 2 29.64 14.50 1.98
C ARG QB 2 30.13 13.28 2.73
N VAL QB 3 31.46 13.15 2.88
CA VAL QB 3 32.21 12.13 3.61
C VAL QB 3 31.53 11.56 4.85
N ILE QB 4 31.40 10.21 4.93
CA ILE QB 4 30.48 9.57 5.84
C ILE QB 4 31.02 9.37 7.24
N ARG QB 5 30.15 9.00 8.20
CA ARG QB 5 30.47 8.87 9.62
C ARG QB 5 31.62 7.90 9.88
N GLY QB 6 31.60 6.73 9.20
CA GLY QB 6 32.67 5.75 9.31
C GLY QB 6 34.00 6.24 8.77
N GLN QB 7 34.00 7.00 7.67
CA GLN QB 7 35.18 7.67 7.19
C GLN QB 7 35.66 8.76 8.15
N ARG QB 8 34.71 9.55 8.70
CA ARG QB 8 35.00 10.57 9.68
C ARG QB 8 35.60 10.01 10.97
N LYS QB 9 35.23 8.79 11.38
CA LYS QB 9 35.74 8.16 12.58
C LYS QB 9 37.25 7.95 12.56
N GLY QB 10 37.87 7.67 11.40
CA GLY QB 10 39.31 7.56 11.28
C GLY QB 10 40.09 8.86 11.30
N ARG QB 11 39.40 10.02 11.35
CA ARG QB 11 39.99 11.35 11.37
C ARG QB 11 40.86 11.63 12.59
N GLY QB 12 40.47 11.07 13.76
CA GLY QB 12 41.26 11.17 14.98
C GLY QB 12 41.01 12.43 15.78
N SER QB 13 39.85 13.07 15.56
CA SER QB 13 39.43 14.28 16.25
C SER QB 13 38.78 13.95 17.57
N ILE QB 14 37.44 13.94 17.60
CA ILE QB 14 36.63 13.54 18.73
C ILE QB 14 36.65 12.03 18.87
N PHE QB 15 37.15 11.36 17.83
CA PHE QB 15 37.18 9.93 17.75
C PHE QB 15 38.46 9.36 18.33
N LYS QB 16 39.39 10.22 18.82
CA LYS QB 16 40.45 9.79 19.71
C LYS QB 16 39.85 9.22 21.00
N SER QB 17 40.27 8.02 21.42
CA SER QB 17 39.67 7.26 22.51
C SER QB 17 39.69 7.96 23.86
N HIS QB 18 38.63 7.79 24.67
CA HIS QB 18 38.46 8.44 25.95
C HIS QB 18 39.28 7.79 27.03
N ASN QB 19 40.60 7.99 26.97
CA ASN QB 19 41.55 7.25 27.77
C ASN QB 19 41.94 7.93 29.07
N HIS QB 20 41.23 9.01 29.44
CA HIS QB 20 41.53 9.86 30.59
C HIS QB 20 41.59 9.16 31.94
N HIS QB 21 40.58 8.35 32.28
CA HIS QB 21 40.56 7.71 33.59
C HIS QB 21 41.06 6.28 33.51
N ARG QB 22 41.48 5.82 32.32
CA ARG QB 22 42.20 4.57 32.18
C ARG QB 22 43.58 4.62 32.82
N LYS QB 23 43.99 3.54 33.49
CA LYS QB 23 45.06 3.62 34.46
C LYS QB 23 46.46 3.26 33.92
N GLY QB 24 46.63 3.26 32.59
CA GLY QB 24 47.89 2.96 31.92
C GLY QB 24 47.76 1.75 31.03
N ALA QB 25 48.74 1.50 30.14
CA ALA QB 25 48.75 0.31 29.29
C ALA QB 25 48.83 -0.99 30.09
N ALA QB 26 47.99 -1.99 29.75
CA ALA QB 26 47.81 -3.12 30.63
C ALA QB 26 48.65 -4.31 30.24
N LYS QB 27 49.43 -4.20 29.14
CA LYS QB 27 50.28 -5.26 28.64
C LYS QB 27 51.32 -5.75 29.66
N LEU QB 28 51.50 -7.10 29.74
CA LEU QB 28 52.39 -7.83 30.65
C LEU QB 28 53.80 -7.28 30.79
N ARG QB 29 54.55 -7.72 31.83
CA ARG QB 29 55.97 -7.42 31.91
C ARG QB 29 56.72 -7.97 30.70
N HIS QB 30 57.74 -7.25 30.22
CA HIS QB 30 58.55 -7.69 29.10
C HIS QB 30 59.26 -9.03 29.32
N LEU QB 31 59.48 -9.80 28.23
CA LEU QB 31 60.42 -10.90 28.24
C LEU QB 31 61.83 -10.39 28.52
N ASP QB 32 62.62 -11.18 29.26
CA ASP QB 32 64.02 -10.92 29.45
C ASP QB 32 64.73 -12.21 29.74
N TYR QB 33 66.06 -12.11 29.86
CA TYR QB 33 66.95 -13.19 30.22
C TYR QB 33 66.63 -13.78 31.58
N CYS QB 34 66.26 -12.93 32.57
CA CYS QB 34 65.94 -13.40 33.90
C CYS QB 34 64.72 -14.33 33.94
N GLU QB 35 63.63 -14.02 33.21
CA GLU QB 35 62.57 -14.99 32.96
C GLU QB 35 63.01 -16.19 32.12
N LYS QB 36 63.72 -15.94 31.00
CA LYS QB 36 64.18 -16.97 30.08
C LYS QB 36 65.04 -18.07 30.69
N LYS QB 37 66.02 -17.69 31.52
CA LYS QB 37 67.03 -18.59 32.04
C LYS QB 37 66.66 -19.11 33.41
N GLY QB 38 65.68 -18.46 34.08
CA GLY QB 38 65.30 -18.80 35.44
C GLY QB 38 63.85 -18.54 35.77
N TYR QB 39 63.61 -17.95 36.95
CA TYR QB 39 62.30 -17.52 37.39
C TYR QB 39 62.39 -16.27 38.25
N ILE QB 40 61.33 -15.46 38.26
CA ILE QB 40 61.22 -14.27 39.09
C ILE QB 40 59.94 -14.44 39.88
N LYS QB 41 60.00 -14.21 41.21
CA LYS QB 41 58.85 -14.30 42.08
C LYS QB 41 58.33 -12.90 42.42
N GLY QB 42 57.00 -12.71 42.35
CA GLY QB 42 56.32 -11.48 42.70
C GLY QB 42 55.17 -11.69 43.64
N LEU QB 43 54.66 -10.59 44.21
CA LEU QB 43 53.58 -10.57 45.17
C LEU QB 43 52.46 -9.69 44.68
N VAL QB 44 51.22 -10.22 44.55
CA VAL QB 44 50.06 -9.43 44.18
C VAL QB 44 49.61 -8.54 45.35
N LYS QB 45 49.77 -7.22 45.21
CA LYS QB 45 49.46 -6.28 46.27
C LYS QB 45 48.03 -5.75 46.19
N ASP QB 46 47.44 -5.73 44.98
CA ASP QB 46 46.13 -5.15 44.79
C ASP QB 46 45.48 -5.67 43.51
N ILE QB 47 44.14 -5.69 43.48
CA ILE QB 47 43.35 -5.93 42.28
C ILE QB 47 42.55 -4.65 42.06
N ILE QB 48 42.59 -4.09 40.83
CA ILE QB 48 42.02 -2.79 40.56
C ILE QB 48 41.27 -2.80 39.26
N HIS QB 49 40.21 -1.97 39.15
CA HIS QB 49 39.38 -1.92 37.97
C HIS QB 49 39.66 -0.69 37.12
N ASP QB 50 39.31 -0.79 35.83
CA ASP QB 50 39.66 0.17 34.82
C ASP QB 50 38.43 0.29 33.91
N PRO QB 51 38.04 1.46 33.43
CA PRO QB 51 36.76 1.60 32.77
C PRO QB 51 36.83 1.16 31.32
N GLY QB 52 37.97 1.31 30.65
CA GLY QB 52 38.09 0.94 29.24
C GLY QB 52 38.24 -0.54 29.06
N ARG QB 53 39.11 -1.16 29.87
CA ARG QB 53 39.31 -2.59 29.92
C ARG QB 53 38.08 -3.34 30.43
N GLY QB 54 37.84 -4.55 29.89
CA GLY QB 54 36.85 -5.47 30.43
C GLY QB 54 37.39 -6.35 31.53
N ALA QB 55 38.71 -6.31 31.76
CA ALA QB 55 39.40 -7.21 32.66
C ALA QB 55 39.98 -6.42 33.83
N PRO QB 56 39.80 -6.82 35.09
CA PRO QB 56 40.59 -6.33 36.21
C PRO QB 56 42.10 -6.35 36.01
N LEU QB 57 42.80 -5.33 36.52
CA LEU QB 57 44.24 -5.33 36.54
C LEU QB 57 44.73 -5.76 37.91
N ALA QB 58 45.94 -6.33 37.94
CA ALA QB 58 46.57 -6.85 39.12
C ALA QB 58 47.90 -6.15 39.33
N LYS QB 59 48.07 -5.56 40.53
CA LYS QB 59 49.26 -4.88 40.94
C LYS QB 59 50.23 -5.88 41.53
N VAL QB 60 51.37 -6.12 40.86
CA VAL QB 60 52.34 -7.11 41.31
C VAL QB 60 53.65 -6.42 41.62
N ILE QB 61 54.22 -6.74 42.79
CA ILE QB 61 55.46 -6.15 43.23
C ILE QB 61 56.55 -7.17 43.03
N PHE QB 62 57.60 -6.73 42.33
CA PHE QB 62 58.80 -7.43 41.99
C PHE QB 62 59.94 -6.66 42.61
N LYS QB 63 61.09 -7.31 42.82
CA LYS QB 63 62.23 -6.65 43.43
C LYS QB 63 63.26 -6.40 42.34
N ARG QB 64 63.84 -5.19 42.28
CA ARG QB 64 64.89 -4.87 41.34
C ARG QB 64 66.13 -5.75 41.50
N THR QB 65 66.86 -6.02 40.40
CA THR QB 65 67.88 -7.07 40.38
C THR QB 65 69.23 -6.50 39.99
N GLU QB 66 69.21 -5.36 39.29
CA GLU QB 66 70.33 -4.59 38.85
C GLU QB 66 70.45 -3.34 39.71
N LYS QB 67 69.42 -3.06 40.52
CA LYS QB 67 69.38 -1.98 41.48
C LYS QB 67 68.76 -2.49 42.75
N TYR QB 68 68.84 -1.68 43.82
CA TYR QB 68 68.17 -1.91 45.08
C TYR QB 68 66.67 -1.58 44.99
N GLY QB 69 65.89 -2.05 45.98
CA GLY QB 69 64.51 -1.67 46.21
C GLY QB 69 63.43 -2.33 45.35
N LYS QB 70 62.17 -2.02 45.69
CA LYS QB 70 60.98 -2.67 45.18
C LYS QB 70 60.41 -1.93 43.98
N LYS QB 71 59.99 -2.67 42.93
CA LYS QB 71 59.38 -2.13 41.72
C LYS QB 71 57.99 -2.70 41.49
N GLU QB 72 57.00 -1.87 41.10
CA GLU QB 72 55.64 -2.35 40.85
C GLU QB 72 55.31 -2.40 39.37
N GLU QB 73 54.73 -3.53 38.92
CA GLU QB 73 54.24 -3.77 37.58
C GLU QB 73 52.72 -3.88 37.55
N LEU QB 74 52.11 -3.79 36.35
CA LEU QB 74 50.67 -3.87 36.18
C LEU QB 74 50.35 -5.01 35.23
N ILE QB 75 49.81 -6.09 35.80
CA ILE QB 75 49.53 -7.36 35.14
C ILE QB 75 48.04 -7.47 34.89
N ILE QB 76 47.59 -8.23 33.88
CA ILE QB 76 46.16 -8.46 33.66
C ILE QB 76 45.70 -9.58 34.58
N ALA QB 77 44.62 -9.37 35.35
CA ALA QB 77 44.13 -10.39 36.26
C ALA QB 77 43.53 -11.64 35.60
N SER QB 78 43.67 -12.78 36.29
CA SER QB 78 43.16 -14.08 35.88
C SER QB 78 42.11 -14.47 36.91
N GLU QB 79 41.05 -15.18 36.52
CA GLU QB 79 39.98 -15.56 37.43
C GLU QB 79 40.49 -16.45 38.56
N GLY QB 80 40.19 -16.05 39.81
CA GLY QB 80 40.70 -16.70 41.01
C GLY QB 80 41.96 -16.08 41.54
N MET QB 81 42.54 -15.05 40.88
CA MET QB 81 43.63 -14.29 41.46
C MET QB 81 43.23 -13.51 42.70
N PHE QB 82 44.18 -13.29 43.63
CA PHE QB 82 43.84 -12.68 44.90
C PHE QB 82 44.97 -11.83 45.49
N THR QB 83 44.60 -10.81 46.27
CA THR QB 83 45.55 -10.00 47.01
C THR QB 83 46.35 -10.80 48.02
N GLY QB 84 47.68 -10.64 48.03
CA GLY QB 84 48.57 -11.45 48.84
C GLY QB 84 48.96 -12.76 48.20
N GLN QB 85 48.56 -12.99 46.94
CA GLN QB 85 49.04 -14.14 46.20
C GLN QB 85 50.48 -14.00 45.75
N TYR QB 86 51.27 -15.09 45.78
CA TYR QB 86 52.59 -15.12 45.19
C TYR QB 86 52.49 -15.64 43.77
N ILE QB 87 53.00 -14.86 42.83
CA ILE QB 87 52.94 -15.07 41.40
C ILE QB 87 54.34 -15.31 40.91
N SER QB 88 54.55 -16.34 40.07
CA SER QB 88 55.88 -16.66 39.57
C SER QB 88 55.89 -16.56 38.06
N CYS QB 89 57.00 -16.04 37.51
CA CYS QB 89 57.11 -15.82 36.08
C CYS QB 89 58.48 -16.27 35.64
N GLY QB 90 58.56 -17.10 34.59
CA GLY QB 90 59.83 -17.55 34.07
C GLY QB 90 59.78 -18.99 33.67
N THR QB 91 60.84 -19.48 33.03
CA THR QB 91 61.02 -20.86 32.60
C THR QB 91 60.97 -21.84 33.76
N LYS QB 92 61.56 -21.47 34.92
CA LYS QB 92 61.61 -22.34 36.08
C LYS QB 92 60.44 -22.13 37.02
N ALA QB 93 59.41 -21.35 36.60
CA ALA QB 93 58.18 -21.24 37.33
C ALA QB 93 57.40 -22.55 37.47
N PRO QB 94 56.73 -22.86 38.58
CA PRO QB 94 55.84 -23.99 38.69
C PRO QB 94 54.52 -23.71 38.00
N LEU QB 95 53.82 -24.74 37.53
CA LEU QB 95 52.49 -24.59 36.99
C LEU QB 95 51.47 -24.25 38.07
N SER QB 96 50.87 -23.05 38.03
CA SER QB 96 49.79 -22.68 38.93
C SER QB 96 49.07 -21.49 38.32
N VAL QB 97 47.82 -21.25 38.72
CA VAL QB 97 46.98 -20.21 38.17
C VAL QB 97 47.59 -18.83 38.34
N GLY QB 98 47.62 -18.05 37.25
CA GLY QB 98 48.19 -16.71 37.20
C GLY QB 98 49.69 -16.66 37.08
N ASN QB 99 50.40 -17.80 37.03
CA ASN QB 99 51.83 -17.80 36.73
C ASN QB 99 52.09 -17.52 35.25
N ILE QB 100 53.28 -16.98 34.91
CA ILE QB 100 53.63 -16.65 33.54
C ILE QB 100 54.74 -17.57 33.09
N LEU QB 101 54.42 -18.42 32.10
CA LEU QB 101 55.23 -19.53 31.68
C LEU QB 101 55.31 -19.51 30.15
N PRO QB 102 56.43 -19.81 29.50
CA PRO QB 102 56.46 -20.13 28.08
C PRO QB 102 55.52 -21.25 27.67
N ILE QB 103 54.76 -21.06 26.58
CA ILE QB 103 53.68 -21.93 26.14
C ILE QB 103 54.16 -23.32 25.77
N GLY QB 104 55.41 -23.45 25.28
CA GLY QB 104 56.08 -24.72 25.06
C GLY QB 104 56.14 -25.65 26.24
N LYS QB 105 56.08 -25.11 27.46
CA LYS QB 105 56.23 -25.89 28.68
C LYS QB 105 54.87 -26.10 29.33
N MET QB 106 53.77 -25.79 28.62
CA MET QB 106 52.44 -26.07 29.10
C MET QB 106 52.05 -27.50 28.74
N PRO QB 107 51.55 -28.32 29.65
CA PRO QB 107 50.69 -29.45 29.32
C PRO QB 107 49.55 -29.14 28.37
N GLU QB 108 49.23 -30.04 27.45
CA GLU QB 108 48.06 -29.98 26.62
C GLU QB 108 46.78 -29.96 27.44
N GLY QB 109 45.77 -29.21 26.97
CA GLY QB 109 44.48 -29.08 27.65
C GLY QB 109 44.49 -28.11 28.80
N THR QB 110 45.63 -27.48 29.08
CA THR QB 110 45.68 -26.29 29.92
C THR QB 110 44.86 -25.14 29.37
N LEU QB 111 44.33 -24.29 30.25
CA LEU QB 111 43.64 -23.09 29.85
C LEU QB 111 44.52 -21.94 30.28
N ILE QB 112 44.79 -21.04 29.34
CA ILE QB 112 45.79 -20.01 29.49
C ILE QB 112 45.23 -18.75 28.86
N CYS QB 113 45.84 -17.61 29.12
CA CYS QB 113 45.38 -16.34 28.64
C CYS QB 113 46.57 -15.44 28.57
N ASN QB 114 46.38 -14.22 28.03
CA ASN QB 114 47.45 -13.26 27.85
C ASN QB 114 48.61 -13.81 27.02
N LEU QB 115 48.30 -14.26 25.80
CA LEU QB 115 49.28 -14.85 24.90
C LEU QB 115 49.92 -13.74 24.11
N GLU QB 116 51.25 -13.72 24.01
CA GLU QB 116 51.96 -12.81 23.12
C GLU QB 116 51.60 -13.09 21.65
N HIS QB 117 51.38 -12.05 20.80
CA HIS QB 117 51.04 -12.29 19.39
C HIS QB 117 52.13 -13.01 18.63
N ARG QB 118 53.37 -12.60 18.93
CA ARG QB 118 54.58 -13.34 18.69
C ARG QB 118 55.39 -13.08 19.94
N THR QB 119 56.33 -13.99 20.29
CA THR QB 119 57.24 -13.92 21.44
C THR QB 119 57.70 -12.55 21.88
N GLY QB 120 57.58 -12.24 23.19
CA GLY QB 120 58.07 -11.00 23.78
C GLY QB 120 57.14 -9.82 23.67
N ASN QB 121 55.90 -10.02 23.19
CA ASN QB 121 54.94 -8.96 22.97
C ASN QB 121 53.83 -8.91 23.99
N ARG QB 122 54.13 -9.34 25.24
CA ARG QB 122 53.49 -8.81 26.43
C ARG QB 122 51.97 -9.02 26.54
N GLY QB 123 51.48 -10.22 26.18
CA GLY QB 123 50.08 -10.61 26.40
C GLY QB 123 49.08 -9.95 25.50
N THR QB 124 49.43 -9.81 24.22
CA THR QB 124 48.69 -9.05 23.23
C THR QB 124 47.46 -9.73 22.67
N LEU QB 125 47.32 -11.05 22.85
CA LEU QB 125 46.15 -11.82 22.47
C LEU QB 125 45.47 -12.35 23.73
N VAL QB 126 44.14 -12.58 23.69
CA VAL QB 126 43.40 -13.33 24.70
C VAL QB 126 43.37 -12.58 26.03
N LYS QB 127 42.58 -11.50 26.08
CA LYS QB 127 42.76 -10.47 27.09
C LYS QB 127 41.43 -9.84 27.47
N ALA QB 128 40.36 -10.07 26.70
CA ALA QB 128 39.01 -9.66 27.07
C ALA QB 128 38.38 -10.54 28.16
N SER QB 129 37.29 -10.05 28.80
CA SER QB 129 36.66 -10.67 29.95
C SER QB 129 36.24 -12.10 29.78
N GLY QB 130 36.70 -13.00 30.66
CA GLY QB 130 36.36 -14.41 30.62
C GLY QB 130 37.05 -15.20 29.55
N CYS QB 131 37.90 -14.58 28.73
CA CYS QB 131 38.58 -15.25 27.63
C CYS QB 131 39.65 -16.23 28.06
N TYR QB 132 39.91 -17.25 27.22
CA TYR QB 132 41.04 -18.13 27.40
C TYR QB 132 41.37 -18.81 26.09
N ALA QB 133 42.60 -19.30 26.01
CA ALA QB 133 43.14 -20.12 24.96
C ALA QB 133 43.48 -21.48 25.54
N THR QB 134 43.54 -22.51 24.68
CA THR QB 134 43.88 -23.84 25.14
C THR QB 134 45.12 -24.27 24.41
N VAL QB 135 46.09 -24.92 25.08
CA VAL QB 135 47.18 -25.60 24.40
C VAL QB 135 46.72 -26.95 23.88
N VAL QB 136 46.85 -27.20 22.58
CA VAL QB 136 46.23 -28.37 21.96
C VAL QB 136 47.27 -29.33 21.41
N GLY QB 137 48.57 -28.98 21.50
CA GLY QB 137 49.59 -29.89 21.02
C GLY QB 137 50.96 -29.26 20.99
N GLN QB 138 51.99 -30.10 21.02
CA GLN QB 138 53.38 -29.70 21.06
C GLN QB 138 54.13 -30.38 19.94
N SER QB 139 54.94 -29.64 19.16
CA SER QB 139 55.78 -30.23 18.12
C SER QB 139 56.82 -31.22 18.64
N GLU QB 140 57.17 -32.24 17.83
CA GLU QB 140 58.16 -33.24 18.18
C GLU QB 140 59.54 -32.64 18.41
N ASP QB 141 59.94 -31.67 17.57
CA ASP QB 141 61.22 -31.01 17.66
C ASP QB 141 61.23 -29.94 18.75
N GLY QB 142 60.04 -29.51 19.22
CA GLY QB 142 59.88 -28.58 20.31
C GLY QB 142 60.03 -27.14 19.92
N LYS QB 143 60.19 -26.83 18.62
CA LYS QB 143 60.22 -25.46 18.15
C LYS QB 143 58.87 -24.77 18.22
N LYS QB 144 57.83 -25.44 17.70
CA LYS QB 144 56.48 -24.91 17.64
C LYS QB 144 55.57 -25.59 18.66
N THR QB 145 54.48 -24.90 19.00
CA THR QB 145 53.47 -25.35 19.92
C THR QB 145 52.16 -24.88 19.33
N LYS QB 146 51.10 -25.66 19.47
CA LYS QB 146 49.84 -25.49 18.81
C LYS QB 146 48.76 -25.15 19.81
N VAL QB 147 48.09 -24.01 19.61
CA VAL QB 147 47.13 -23.45 20.53
C VAL QB 147 45.82 -23.15 19.84
N ARG QB 148 44.76 -22.98 20.64
CA ARG QB 148 43.40 -22.75 20.18
C ARG QB 148 42.89 -21.43 20.73
N LEU QB 149 42.60 -20.46 19.84
CA LEU QB 149 42.06 -19.17 20.20
C LEU QB 149 40.55 -19.22 20.42
N PRO QB 150 39.94 -18.32 21.20
CA PRO QB 150 38.52 -18.42 21.59
C PRO QB 150 37.57 -18.14 20.45
N SER QB 151 38.07 -17.68 19.30
CA SER QB 151 37.35 -17.58 18.05
C SER QB 151 37.11 -18.93 17.41
N GLY QB 152 37.87 -19.94 17.87
CA GLY QB 152 37.93 -21.27 17.32
C GLY QB 152 39.17 -21.48 16.50
N ALA QB 153 39.93 -20.40 16.20
CA ALA QB 153 41.12 -20.49 15.41
C ALA QB 153 42.23 -21.34 16.02
N LYS QB 154 42.91 -22.15 15.19
CA LYS QB 154 44.07 -22.91 15.57
C LYS QB 154 45.30 -22.21 15.01
N LYS QB 155 46.40 -22.20 15.78
CA LYS QB 155 47.59 -21.45 15.41
C LYS QB 155 48.81 -22.16 15.93
N THR QB 156 49.94 -22.07 15.21
CA THR QB 156 51.21 -22.64 15.63
C THR QB 156 52.18 -21.51 15.86
N ILE QB 157 52.71 -21.45 17.09
CA ILE QB 157 53.51 -20.36 17.60
C ILE QB 157 54.79 -20.93 18.16
N ASP QB 158 55.83 -20.10 18.33
CA ASP QB 158 57.06 -20.53 18.97
C ASP QB 158 56.86 -20.96 20.42
N ALA QB 159 57.59 -22.01 20.84
CA ALA QB 159 57.59 -22.54 22.18
C ALA QB 159 57.97 -21.55 23.28
N LYS QB 160 58.88 -20.61 22.98
CA LYS QB 160 59.40 -19.67 23.95
C LYS QB 160 58.44 -18.51 24.26
N ALA QB 161 57.40 -18.28 23.43
CA ALA QB 161 56.39 -17.28 23.70
C ALA QB 161 55.64 -17.50 25.02
N ARG QB 162 55.39 -16.42 25.78
CA ARG QB 162 54.82 -16.54 27.10
C ARG QB 162 53.30 -16.50 27.10
N ALA QB 163 52.71 -16.97 28.22
CA ALA QB 163 51.30 -16.83 28.49
C ALA QB 163 51.05 -17.02 29.98
N MET QB 164 49.83 -16.71 30.42
CA MET QB 164 49.46 -16.60 31.80
C MET QB 164 48.39 -17.62 32.12
N VAL QB 165 48.65 -18.51 33.09
CA VAL QB 165 47.80 -19.63 33.43
C VAL QB 165 46.43 -19.26 33.96
N GLY QB 166 45.37 -19.97 33.51
CA GLY QB 166 43.99 -19.69 33.88
C GLY QB 166 43.28 -18.86 32.85
N VAL QB 167 42.01 -18.51 33.15
CA VAL QB 167 41.14 -17.75 32.27
C VAL QB 167 41.10 -16.29 32.71
N VAL QB 168 40.85 -15.34 31.80
CA VAL QB 168 40.71 -13.94 32.17
C VAL QB 168 39.55 -13.70 33.14
N GLY QB 169 39.73 -12.82 34.15
CA GLY QB 169 38.66 -12.43 35.07
C GLY QB 169 37.40 -11.85 34.43
N ALA QB 170 36.36 -11.67 35.26
CA ALA QB 170 35.09 -11.09 34.91
C ALA QB 170 34.32 -11.87 33.84
N GLY QB 171 34.44 -13.21 33.84
CA GLY QB 171 33.67 -14.06 32.94
C GLY QB 171 32.18 -13.91 33.07
N GLY QB 172 31.46 -13.97 31.94
CA GLY QB 172 30.01 -13.82 31.90
C GLY QB 172 29.52 -12.41 31.77
N ARG QB 173 30.44 -11.44 31.53
CA ARG QB 173 30.13 -10.03 31.48
C ARG QB 173 29.02 -9.65 30.53
N ILE QB 174 29.00 -10.24 29.32
CA ILE QB 174 28.02 -9.85 28.34
C ILE QB 174 26.72 -10.61 28.49
N ASP QB 175 26.58 -11.42 29.55
CA ASP QB 175 25.44 -12.27 29.73
C ASP QB 175 24.44 -11.73 30.77
N LYS QB 176 24.74 -10.60 31.44
CA LYS QB 176 23.68 -9.86 32.12
C LYS QB 176 22.86 -9.08 31.08
N PRO QB 177 21.54 -9.17 30.98
CA PRO QB 177 20.74 -8.35 30.08
C PRO QB 177 20.96 -6.85 30.24
N ILE QB 178 21.23 -6.10 29.16
CA ILE QB 178 21.33 -4.66 29.29
C ILE QB 178 19.94 -4.05 29.39
N LEU QB 179 19.64 -3.40 30.52
CA LEU QB 179 18.33 -2.87 30.78
C LEU QB 179 17.92 -1.74 29.82
N LYS QB 180 18.85 -0.79 29.57
CA LYS QB 180 18.43 0.50 29.07
C LYS QB 180 19.53 1.30 28.41
N ALA QB 181 19.13 2.39 27.72
CA ALA QB 181 19.98 3.28 26.96
C ALA QB 181 21.01 3.99 27.81
N GLY QB 182 20.65 4.37 29.05
CA GLY QB 182 21.56 4.92 30.04
C GLY QB 182 22.73 4.03 30.35
N VAL QB 183 22.52 2.71 30.46
CA VAL QB 183 23.60 1.74 30.61
C VAL QB 183 24.53 1.77 29.41
N ALA QB 184 23.98 1.87 28.19
CA ALA QB 184 24.78 1.95 26.98
C ALA QB 184 25.57 3.25 26.90
N HIS QB 185 24.96 4.39 27.28
CA HIS QB 185 25.66 5.66 27.40
C HIS QB 185 26.85 5.60 28.32
N HIS QB 186 26.70 5.06 29.54
CA HIS QB 186 27.84 4.90 30.42
C HIS QB 186 28.93 3.98 29.91
N LYS QB 187 28.59 2.91 29.18
CA LYS QB 187 29.60 2.02 28.65
C LYS QB 187 30.46 2.69 27.60
N TYR QB 188 29.80 3.40 26.67
CA TYR QB 188 30.50 4.14 25.65
C TYR QB 188 31.16 5.44 26.10
N ARG QB 189 30.69 6.04 27.22
CA ARG QB 189 31.26 7.24 27.83
C ARG QB 189 32.74 7.12 28.11
N VAL QB 190 33.21 5.92 28.47
CA VAL QB 190 34.57 5.72 28.85
C VAL QB 190 35.34 5.06 27.71
N LYS QB 191 34.63 4.71 26.62
CA LYS QB 191 35.25 4.20 25.41
C LYS QB 191 35.53 5.33 24.44
N ARG QB 192 34.61 5.59 23.51
CA ARG QB 192 34.88 6.49 22.42
C ARG QB 192 33.59 6.86 21.74
N ASN QB 193 33.64 7.81 20.78
CA ASN QB 193 32.51 8.16 19.94
C ASN QB 193 32.22 7.10 18.89
N CYS QB 194 31.76 5.93 19.36
CA CYS QB 194 31.35 4.79 18.56
C CYS QB 194 29.87 4.49 18.72
N TRP QB 195 29.13 5.31 19.48
CA TRP QB 195 27.76 5.04 19.81
C TRP QB 195 27.01 6.37 20.01
N PRO QB 196 25.72 6.46 19.75
CA PRO QB 196 24.96 5.57 18.87
C PRO QB 196 25.49 5.55 17.44
N LYS QB 197 25.27 4.45 16.70
CA LYS QB 197 25.79 4.32 15.35
C LYS QB 197 24.98 5.07 14.29
N VAL QB 198 23.64 5.01 14.39
CA VAL QB 198 22.66 5.67 13.51
C VAL QB 198 22.57 5.03 12.13
N ARG QB 199 21.39 4.50 11.79
CA ARG QB 199 21.14 3.82 10.54
C ARG QB 199 21.48 4.59 9.28
N GLY QB 200 22.20 3.92 8.36
CA GLY QB 200 22.68 4.47 7.11
C GLY QB 200 21.57 4.70 6.12
N VAL QB 201 20.57 3.82 6.12
CA VAL QB 201 19.35 3.96 5.36
C VAL QB 201 18.53 5.20 5.72
N ALA QB 202 18.48 5.57 7.01
CA ALA QB 202 17.78 6.74 7.49
C ALA QB 202 18.32 8.06 6.95
N MET QB 203 19.67 8.19 6.85
CA MET QB 203 20.34 9.36 6.33
C MET QB 203 19.91 9.82 4.94
N ASN QB 204 20.10 11.12 4.64
CA ASN QB 204 20.00 11.64 3.28
C ASN QB 204 21.10 11.07 2.37
N PRO QB 205 20.90 10.92 1.05
CA PRO QB 205 21.80 10.18 0.17
C PRO QB 205 23.12 10.90 -0.02
N VAL QB 206 23.19 12.15 0.47
CA VAL QB 206 24.38 12.97 0.58
C VAL QB 206 25.45 12.26 1.39
N GLU QB 207 25.05 11.57 2.47
CA GLU QB 207 25.93 10.80 3.30
C GLU QB 207 25.97 9.34 2.86
N HIS QB 208 25.53 8.39 3.71
CA HIS QB 208 25.67 6.97 3.50
C HIS QB 208 24.95 6.44 2.26
N PRO QB 209 25.47 5.47 1.53
CA PRO QB 209 24.91 5.08 0.23
C PRO QB 209 23.70 4.18 0.41
N HIS QB 210 23.41 3.71 1.63
CA HIS QB 210 22.13 3.11 1.91
C HIS QB 210 21.02 4.16 1.98
N GLY QB 211 21.37 5.45 2.15
CA GLY QB 211 20.43 6.57 2.18
C GLY QB 211 19.66 6.86 0.90
N GLY QB 212 18.76 7.86 0.97
CA GLY QB 212 17.84 8.20 -0.13
C GLY QB 212 16.66 7.26 -0.27
N GLY QB 213 15.68 7.66 -1.10
CA GLY QB 213 14.43 6.92 -1.32
C GLY QB 213 13.38 7.16 -0.25
N ASN QB 214 12.20 7.64 -0.65
CA ASN QB 214 11.08 7.89 0.25
C ASN QB 214 10.55 6.62 0.91
N HIS QB 215 10.55 5.51 0.15
CA HIS QB 215 9.90 4.28 0.58
C HIS QB 215 10.88 3.32 1.22
N GLN QB 216 12.11 3.81 1.47
CA GLN QB 216 13.09 3.22 2.38
C GLN QB 216 13.69 1.89 1.91
N HIS QB 217 13.62 1.62 0.60
CA HIS QB 217 14.38 0.56 -0.05
C HIS QB 217 15.88 0.76 0.10
N ILE QB 218 16.66 -0.34 0.11
CA ILE QB 218 18.09 -0.24 -0.08
C ILE QB 218 18.38 -0.08 -1.56
N GLY QB 219 17.67 -0.85 -2.41
CA GLY QB 219 17.60 -0.67 -3.85
C GLY QB 219 18.78 -1.16 -4.64
N HIS QB 220 19.80 -1.71 -3.96
CA HIS QB 220 20.97 -2.27 -4.57
C HIS QB 220 21.57 -3.26 -3.60
N PRO QB 221 22.30 -4.28 -4.04
CA PRO QB 221 22.92 -5.26 -3.17
C PRO QB 221 23.75 -4.73 -2.00
N SER QB 222 23.55 -5.29 -0.79
CA SER QB 222 24.20 -4.82 0.43
C SER QB 222 25.37 -5.71 0.81
N THR QB 223 25.75 -6.64 -0.07
CA THR QB 223 26.90 -7.51 0.11
C THR QB 223 27.97 -6.98 -0.80
N VAL QB 224 29.09 -6.54 -0.19
CA VAL QB 224 30.01 -5.64 -0.85
C VAL QB 224 31.42 -6.22 -0.96
N SER QB 225 32.15 -5.89 -2.05
CA SER QB 225 33.50 -6.38 -2.26
C SER QB 225 34.49 -5.91 -1.21
N ARG QB 226 35.48 -6.76 -0.89
CA ARG QB 226 36.66 -6.41 -0.13
C ARG QB 226 37.40 -5.20 -0.73
N SER QB 227 37.34 -5.06 -2.06
CA SER QB 227 38.02 -4.01 -2.80
C SER QB 227 37.20 -2.75 -2.97
N ALA QB 228 35.97 -2.68 -2.41
CA ALA QB 228 35.12 -1.53 -2.59
C ALA QB 228 35.70 -0.18 -2.10
N PRO QB 229 35.47 0.94 -2.77
CA PRO QB 229 35.78 2.28 -2.29
C PRO QB 229 35.37 2.60 -0.88
N ALA QB 230 36.13 3.45 -0.18
CA ALA QB 230 35.92 3.75 1.23
C ALA QB 230 34.54 4.32 1.54
N GLY QB 231 34.03 5.23 0.67
CA GLY QB 231 32.70 5.80 0.82
C GLY QB 231 31.59 4.90 0.34
N GLN QB 232 31.91 3.73 -0.23
CA GLN QB 232 30.93 2.79 -0.73
C GLN QB 232 30.84 1.56 0.18
N LYS QB 233 31.94 1.20 0.86
CA LYS QB 233 32.05 0.00 1.68
C LYS QB 233 31.36 0.12 3.06
N VAL QB 234 30.04 0.33 3.08
CA VAL QB 234 29.26 0.33 4.30
C VAL QB 234 28.51 -0.98 4.49
N GLY QB 235 28.47 -1.81 3.42
CA GLY QB 235 27.76 -3.08 3.40
C GLY QB 235 28.44 -4.22 4.12
N LEU QB 236 27.97 -5.44 3.86
CA LEU QB 236 28.52 -6.64 4.44
C LEU QB 236 29.67 -7.10 3.58
N ILE QB 237 30.88 -6.72 4.01
CA ILE QB 237 32.11 -6.93 3.29
C ILE QB 237 32.43 -8.39 3.10
N ALA QB 238 32.70 -8.81 1.85
CA ALA QB 238 33.24 -10.11 1.48
C ALA QB 238 32.52 -11.32 2.08
N ALA QB 239 31.18 -11.26 2.19
CA ALA QB 239 30.42 -12.26 2.90
C ALA QB 239 30.36 -13.62 2.24
N ARG QB 240 30.86 -14.67 2.92
CA ARG QB 240 30.87 -16.02 2.39
C ARG QB 240 29.46 -16.57 2.21
N ARG QB 241 28.56 -16.33 3.18
CA ARG QB 241 27.15 -16.56 3.04
C ARG QB 241 26.39 -15.67 4.00
N THR QB 242 25.14 -15.37 3.66
CA THR QB 242 24.25 -14.46 4.37
C THR QB 242 22.93 -15.16 4.57
N GLY QB 243 21.96 -14.50 5.25
CA GLY QB 243 20.75 -15.12 5.75
C GLY QB 243 20.91 -15.83 7.07
N LEU QB 244 19.79 -16.26 7.67
CA LEU QB 244 19.80 -17.07 8.85
C LEU QB 244 20.39 -18.45 8.57
N LEU QB 245 21.33 -18.94 9.41
CA LEU QB 245 21.84 -20.29 9.24
C LEU QB 245 20.86 -21.32 9.81
N ARG QB 246 19.82 -21.64 9.01
CA ARG QB 246 18.77 -22.60 9.33
C ARG QB 246 19.30 -24.04 9.47
N GLY QB 247 20.21 -24.45 8.57
CA GLY QB 247 20.80 -25.78 8.58
C GLY QB 247 21.87 -25.91 7.49
N SER RB 1 -22.86 34.73 -7.69
CA SER RB 1 -23.94 33.71 -7.62
C SER RB 1 -24.92 33.93 -6.50
N HIS RB 2 -26.08 33.26 -6.57
CA HIS RB 2 -27.09 33.29 -5.54
C HIS RB 2 -26.62 32.82 -4.16
N ARG RB 3 -27.16 33.45 -3.12
CA ARG RB 3 -26.94 33.12 -1.73
C ARG RB 3 -27.33 31.69 -1.36
N LYS RB 4 -26.59 31.09 -0.39
CA LYS RB 4 -26.80 29.72 0.06
C LYS RB 4 -28.17 29.52 0.71
N PHE RB 5 -28.59 30.50 1.53
CA PHE RB 5 -29.89 30.48 2.17
C PHE RB 5 -30.47 31.87 2.15
N GLU RB 6 -31.81 31.96 2.14
CA GLU RB 6 -32.56 33.17 1.90
C GLU RB 6 -33.17 33.72 3.18
N ARG RB 7 -32.96 35.02 3.42
CA ARG RB 7 -33.50 35.72 4.55
C ARG RB 7 -33.68 37.15 4.06
N PRO RB 8 -34.70 37.92 4.40
CA PRO RB 8 -34.69 39.36 4.20
C PRO RB 8 -33.53 40.10 4.87
N ARG RB 9 -33.30 41.34 4.43
CA ARG RB 9 -32.40 42.26 5.08
C ARG RB 9 -32.76 42.57 6.52
N HIS RB 10 -31.75 42.81 7.36
CA HIS RB 10 -31.94 43.40 8.66
C HIS RB 10 -32.41 44.84 8.58
N GLY RB 11 -33.46 45.18 9.33
CA GLY RB 11 -33.97 46.53 9.44
C GLY RB 11 -34.62 47.11 8.20
N SER RB 12 -35.51 48.09 8.41
CA SER RB 12 -36.11 48.85 7.32
C SER RB 12 -35.10 49.65 6.52
N LEU RB 13 -35.27 49.67 5.18
CA LEU RB 13 -34.51 50.54 4.31
C LEU RB 13 -35.12 51.94 4.29
N GLY RB 14 -36.40 52.05 4.71
CA GLY RB 14 -37.20 53.26 4.55
C GLY RB 14 -36.91 54.37 5.53
N PHE RB 15 -36.00 54.12 6.48
CA PHE RB 15 -35.60 55.15 7.43
C PHE RB 15 -34.16 55.56 7.27
N LEU RB 16 -33.46 55.10 6.21
CA LEU RB 16 -32.27 55.77 5.75
C LEU RB 16 -32.61 57.13 5.11
N PRO RB 17 -31.77 58.16 5.12
CA PRO RB 17 -30.67 58.34 6.04
C PRO RB 17 -31.11 58.37 7.50
N ARG RB 18 -30.48 57.52 8.34
CA ARG RB 18 -30.84 57.34 9.72
C ARG RB 18 -30.06 58.32 10.61
N LYS RB 19 -30.12 59.60 10.22
CA LYS RB 19 -29.46 60.75 10.78
C LYS RB 19 -30.21 61.40 11.95
N ARG RB 20 -29.60 62.40 12.61
CA ARG RB 20 -30.29 63.22 13.58
C ARG RB 20 -31.49 63.96 12.99
N CYS RB 21 -32.61 64.01 13.75
CA CYS RB 21 -33.74 64.86 13.42
C CYS RB 21 -33.39 66.35 13.40
N LYS RB 22 -33.93 67.12 12.43
CA LYS RB 22 -33.62 68.52 12.30
C LYS RB 22 -34.10 69.39 13.46
N ARG RB 23 -35.33 69.16 13.92
CA ARG RB 23 -35.96 70.01 14.91
C ARG RB 23 -36.50 69.19 16.08
N LEU RB 24 -36.31 69.68 17.33
CA LEU RB 24 -36.68 68.98 18.54
C LEU RB 24 -38.17 68.67 18.66
N ARG RB 25 -39.04 69.65 18.35
CA ARG RB 25 -40.48 69.49 18.42
C ARG RB 25 -41.03 68.44 17.48
N GLY RB 26 -42.03 67.67 17.94
CA GLY RB 26 -42.72 66.64 17.15
C GLY RB 26 -43.69 67.26 16.18
N LYS RB 27 -43.13 67.82 15.09
CA LYS RB 27 -43.81 68.46 14.01
C LYS RB 27 -44.73 67.53 13.23
N ILE RB 28 -45.98 67.94 13.02
CA ILE RB 28 -46.93 67.15 12.26
C ILE RB 28 -46.64 67.28 10.78
N ARG RB 29 -46.28 66.16 10.13
CA ARG RB 29 -45.99 66.12 8.71
C ARG RB 29 -47.23 66.35 7.85
N SER RB 30 -48.38 65.78 8.24
CA SER RB 30 -49.61 66.00 7.51
C SER RB 30 -50.79 66.02 8.46
N PHE RB 31 -51.77 66.91 8.21
CA PHE RB 31 -53.00 66.96 8.99
C PHE RB 31 -54.02 65.93 8.47
N PRO RB 32 -54.89 65.37 9.31
CA PRO RB 32 -56.15 64.78 8.90
C PRO RB 32 -56.93 65.63 7.93
N LYS RB 33 -57.57 65.02 6.93
CA LYS RB 33 -58.29 65.78 5.93
C LYS RB 33 -59.51 66.49 6.49
N ASP RB 34 -59.73 67.75 6.10
CA ASP RB 34 -60.87 68.53 6.53
C ASP RB 34 -62.20 67.93 6.04
N ASP RB 35 -63.25 68.06 6.86
CA ASP RB 35 -64.58 67.62 6.53
C ASP RB 35 -65.51 68.79 6.75
N LYS RB 36 -66.15 69.26 5.68
CA LYS RB 36 -67.01 70.43 5.65
C LYS RB 36 -68.22 70.28 6.55
N GLU RB 37 -68.75 69.06 6.62
CA GLU RB 37 -69.89 68.64 7.43
C GLU RB 37 -69.71 68.85 8.93
N LYS RB 38 -68.52 68.51 9.47
CA LYS RB 38 -68.23 68.53 10.88
C LYS RB 38 -68.19 69.93 11.49
N PRO RB 39 -68.44 70.14 12.77
CA PRO RB 39 -68.28 71.45 13.39
C PRO RB 39 -66.80 71.80 13.56
N PRO RB 40 -66.34 73.04 13.39
CA PRO RB 40 -64.96 73.45 13.64
C PRO RB 40 -64.31 72.96 14.93
N HIS RB 41 -63.08 72.44 14.86
CA HIS RB 41 -62.35 72.00 16.02
C HIS RB 41 -60.87 71.84 15.75
N PHE RB 42 -60.06 71.93 16.82
CA PHE RB 42 -58.64 71.63 16.84
C PHE RB 42 -58.30 70.19 16.50
N THR RB 43 -57.14 69.95 15.88
CA THR RB 43 -56.75 68.62 15.40
C THR RB 43 -55.60 68.00 16.18
N ALA RB 44 -54.93 68.76 17.05
CA ALA RB 44 -53.72 68.34 17.70
C ALA RB 44 -53.52 68.99 19.07
N PHE RB 45 -52.61 68.43 19.89
CA PHE RB 45 -52.30 68.93 21.20
C PHE RB 45 -50.90 68.50 21.61
N MET RB 46 -50.10 69.40 22.20
CA MET RB 46 -48.80 69.06 22.73
C MET RB 46 -48.87 68.84 24.23
N GLY RB 47 -48.14 67.82 24.72
CA GLY RB 47 -48.11 67.45 26.11
C GLY RB 47 -46.75 66.88 26.42
N TYR RB 48 -46.44 66.71 27.71
CA TYR RB 48 -45.11 66.31 28.15
C TYR RB 48 -45.10 64.89 28.72
N LYS RB 49 -44.16 64.02 28.27
CA LYS RB 49 -44.14 62.64 28.77
C LYS RB 49 -43.64 62.61 30.21
N ALA RB 50 -44.47 62.09 31.13
CA ALA RB 50 -44.23 62.17 32.55
C ALA RB 50 -43.70 60.86 33.10
N GLY RB 51 -44.24 59.73 32.62
CA GLY RB 51 -43.68 58.42 32.87
C GLY RB 51 -44.64 57.32 32.49
N MET RB 52 -44.37 56.10 32.94
CA MET RB 52 -45.17 54.93 32.66
C MET RB 52 -45.67 54.27 33.94
N THR RB 53 -46.81 53.61 33.84
CA THR RB 53 -47.46 52.86 34.89
C THR RB 53 -48.07 51.65 34.22
N HIS RB 54 -48.70 50.74 34.97
CA HIS RB 54 -49.67 49.86 34.35
C HIS RB 54 -51.05 50.11 34.93
N ILE RB 55 -52.07 49.68 34.19
CA ILE RB 55 -53.47 49.87 34.49
C ILE RB 55 -54.15 48.51 34.38
N VAL RB 56 -55.25 48.30 35.11
CA VAL RB 56 -56.02 47.08 35.06
C VAL RB 56 -57.33 47.40 34.38
N ARG RB 57 -57.74 46.60 33.38
CA ARG RB 57 -58.91 46.86 32.54
C ARG RB 57 -59.80 45.62 32.39
N GLU RB 58 -61.13 45.80 32.32
CA GLU RB 58 -62.08 44.73 32.04
C GLU RB 58 -62.34 44.57 30.53
N VAL RB 59 -62.38 43.34 30.00
CA VAL RB 59 -62.21 43.05 28.57
C VAL RB 59 -63.52 42.58 27.90
N ASP RB 60 -63.62 42.70 26.56
CA ASP RB 60 -64.76 42.27 25.76
C ASP RB 60 -64.51 40.89 25.12
N LYS RB 61 -64.67 40.79 23.78
CA LYS RB 61 -64.39 39.65 22.93
C LYS RB 61 -65.03 38.32 23.30
N PRO RB 62 -66.34 38.10 23.19
CA PRO RB 62 -66.90 36.76 23.13
C PRO RB 62 -66.23 35.87 22.09
N GLY RB 63 -65.75 34.68 22.50
CA GLY RB 63 -65.03 33.74 21.63
C GLY RB 63 -63.53 33.83 21.75
N SER RB 64 -62.99 34.85 22.45
CA SER RB 64 -61.58 34.93 22.81
C SER RB 64 -61.12 33.85 23.78
N LYS RB 65 -59.83 33.44 23.68
CA LYS RB 65 -59.19 32.54 24.61
C LYS RB 65 -59.18 33.09 26.03
N LEU RB 66 -58.79 34.37 26.18
CA LEU RB 66 -58.83 35.08 27.43
C LEU RB 66 -60.25 35.49 27.80
N HIS RB 67 -61.03 35.93 26.80
CA HIS RB 67 -62.35 36.51 26.97
C HIS RB 67 -62.42 37.67 27.95
N LYS RB 68 -63.56 37.87 28.63
CA LYS RB 68 -63.89 39.09 29.31
C LYS RB 68 -63.07 39.39 30.54
N LYS RB 69 -62.41 38.34 31.10
CA LYS RB 69 -61.43 38.40 32.17
C LYS RB 69 -60.54 39.64 32.18
N GLU RB 70 -60.58 40.41 33.27
CA GLU RB 70 -59.78 41.61 33.43
C GLU RB 70 -58.26 41.38 33.42
N ILE RB 71 -57.56 42.31 32.74
CA ILE RB 71 -56.20 42.23 32.27
C ILE RB 71 -55.39 43.37 32.86
N VAL RB 72 -54.06 43.18 33.03
CA VAL RB 72 -53.15 44.23 33.42
C VAL RB 72 -52.30 44.62 32.20
N GLU RB 73 -52.27 45.92 31.86
CA GLU RB 73 -51.73 46.45 30.62
C GLU RB 73 -50.85 47.67 30.91
N ALA RB 74 -49.69 47.77 30.23
CA ALA RB 74 -48.83 48.93 30.32
C ALA RB 74 -49.43 50.20 29.70
N CYS RB 75 -49.13 51.37 30.27
CA CYS RB 75 -49.63 52.64 29.81
C CYS RB 75 -48.64 53.76 30.08
N THR RB 76 -48.71 54.82 29.27
CA THR RB 76 -47.83 55.98 29.42
C THR RB 76 -48.67 57.13 29.90
N ILE RB 77 -48.06 58.05 30.68
CA ILE RB 77 -48.71 59.22 31.22
C ILE RB 77 -48.08 60.44 30.59
N ILE RB 78 -48.94 61.33 30.07
CA ILE RB 78 -48.57 62.52 29.33
C ILE RB 78 -49.23 63.70 30.00
N GLU RB 79 -48.44 64.52 30.71
CA GLU RB 79 -48.87 65.75 31.34
C GLU RB 79 -49.36 66.77 30.32
N CYS RB 80 -50.54 67.36 30.55
CA CYS RB 80 -51.28 68.11 29.56
C CYS RB 80 -51.93 69.34 30.17
N ALA RB 81 -51.11 70.28 30.71
CA ALA RB 81 -51.57 71.61 31.04
C ALA RB 81 -52.11 72.39 29.82
N PRO RB 82 -53.10 73.26 29.94
CA PRO RB 82 -53.65 73.99 28.80
C PRO RB 82 -52.66 74.79 27.97
N MET RB 83 -52.58 74.51 26.67
CA MET RB 83 -52.01 75.36 25.65
C MET RB 83 -52.77 76.67 25.46
N VAL RB 84 -52.11 77.75 25.04
CA VAL RB 84 -52.73 79.04 24.83
C VAL RB 84 -52.63 79.40 23.36
N VAL RB 85 -53.74 79.85 22.75
CA VAL RB 85 -53.78 80.21 21.35
C VAL RB 85 -53.37 81.67 21.20
N VAL RB 86 -52.47 81.98 20.24
CA VAL RB 86 -51.93 83.31 20.07
C VAL RB 86 -52.06 83.84 18.65
N GLY RB 87 -52.22 82.98 17.62
CA GLY RB 87 -52.28 83.47 16.26
C GLY RB 87 -53.23 82.72 15.36
N ILE RB 88 -53.61 83.35 14.25
CA ILE RB 88 -54.37 82.75 13.17
C ILE RB 88 -53.52 82.80 11.90
N VAL RB 89 -53.37 81.67 11.18
CA VAL RB 89 -52.67 81.57 9.92
C VAL RB 89 -53.63 81.24 8.81
N GLY RB 90 -53.50 81.90 7.64
CA GLY RB 90 -54.27 81.58 6.46
C GLY RB 90 -53.37 81.11 5.35
N TYR RB 91 -53.60 79.87 4.87
CA TYR RB 91 -52.86 79.21 3.82
C TYR RB 91 -53.70 79.06 2.57
N ARG RB 92 -53.06 79.14 1.39
CA ARG RB 92 -53.72 79.05 0.11
C ARG RB 92 -53.06 77.97 -0.73
N GLU RB 93 -53.90 77.15 -1.40
CA GLU RB 93 -53.53 76.15 -2.37
C GLU RB 93 -53.01 76.72 -3.67
N THR RB 94 -51.83 76.26 -4.11
CA THR RB 94 -51.25 76.63 -5.39
C THR RB 94 -50.77 75.34 -6.03
N PRO RB 95 -50.52 75.28 -7.33
CA PRO RB 95 -49.86 74.12 -7.95
C PRO RB 95 -48.51 73.78 -7.35
N LYS RB 96 -47.80 74.75 -6.77
CA LYS RB 96 -46.52 74.52 -6.11
C LYS RB 96 -46.66 74.33 -4.60
N GLY RB 97 -47.90 74.00 -4.14
CA GLY RB 97 -48.20 73.64 -2.76
C GLY RB 97 -48.91 74.70 -1.97
N LEU RB 98 -49.09 74.46 -0.66
CA LEU RB 98 -49.65 75.46 0.24
C LEU RB 98 -48.69 76.61 0.47
N ARG RB 99 -49.19 77.85 0.37
CA ARG RB 99 -48.41 79.04 0.64
C ARG RB 99 -49.16 79.87 1.67
N ILE RB 100 -48.45 80.49 2.64
CA ILE RB 100 -49.08 81.39 3.58
C ILE RB 100 -49.55 82.66 2.85
N LEU RB 101 -50.80 83.08 3.11
CA LEU RB 101 -51.26 84.37 2.69
C LEU RB 101 -50.85 85.42 3.70
N SER RB 102 -51.24 85.23 4.98
CA SER RB 102 -50.97 86.17 6.03
C SER RB 102 -51.09 85.50 7.39
N THR RB 103 -50.59 86.15 8.44
CA THR RB 103 -50.72 85.68 9.81
C THR RB 103 -51.32 86.83 10.59
N VAL RB 104 -52.28 86.55 11.48
CA VAL RB 104 -52.93 87.51 12.34
C VAL RB 104 -52.62 87.12 13.78
N TRP RB 105 -52.22 88.09 14.62
CA TRP RB 105 -51.88 87.79 16.00
C TRP RB 105 -52.94 88.30 16.96
N ALA RB 106 -53.01 87.68 18.15
CA ALA RB 106 -53.71 88.21 19.30
C ALA RB 106 -53.13 89.53 19.81
N ASN RB 107 -53.97 90.39 20.41
CA ASN RB 107 -53.53 91.61 21.04
C ASN RB 107 -52.60 91.39 22.22
N HIS RB 108 -52.86 90.37 23.06
CA HIS RB 108 -52.04 90.07 24.21
C HIS RB 108 -51.51 88.66 24.12
N VAL RB 109 -50.22 88.46 24.46
CA VAL RB 109 -49.53 87.17 24.39
C VAL RB 109 -48.69 86.96 25.64
N SER RB 110 -48.27 85.71 25.92
CA SER RB 110 -47.40 85.41 27.05
C SER RB 110 -45.96 85.91 26.90
N ASP RB 111 -45.28 86.23 28.00
CA ASP RB 111 -43.85 86.46 27.98
C ASP RB 111 -43.04 85.25 27.54
N GLU RB 112 -43.46 84.04 27.93
CA GLU RB 112 -42.86 82.77 27.60
C GLU RB 112 -42.84 82.48 26.10
N PHE RB 113 -43.87 82.93 25.37
CA PHE RB 113 -43.90 82.95 23.92
C PHE RB 113 -42.81 83.84 23.35
N ARG RB 114 -42.69 85.09 23.82
CA ARG RB 114 -41.63 86.01 23.41
C ARG RB 114 -40.22 85.54 23.76
N ARG RB 115 -40.04 84.93 24.95
CA ARG RB 115 -38.84 84.28 25.43
C ARG RB 115 -38.25 83.24 24.49
N ARG RB 116 -39.10 82.56 23.70
CA ARG RB 116 -38.69 81.60 22.71
C ARG RB 116 -38.08 82.29 21.52
N TYR RB 117 -38.60 83.47 21.13
CA TYR RB 117 -38.07 84.22 20.00
C TYR RB 117 -36.71 84.83 20.32
N TYR RB 118 -36.51 85.37 21.54
CA TYR RB 118 -35.17 85.69 21.96
C TYR RB 118 -34.29 84.48 22.20
N LYS RB 119 -32.99 84.56 21.87
CA LYS RB 119 -32.05 83.54 22.30
C LYS RB 119 -31.63 83.81 23.73
N ASN RB 120 -31.27 85.07 24.03
CA ASN RB 120 -30.75 85.45 25.32
C ASN RB 120 -31.65 86.44 26.02
N TRP RB 121 -32.85 85.98 26.45
CA TRP RB 121 -33.89 86.79 27.05
C TRP RB 121 -33.41 87.47 28.31
N TYR RB 122 -32.59 86.75 29.10
CA TYR RB 122 -31.97 87.27 30.29
C TYR RB 122 -31.19 88.58 30.09
N LYS RB 123 -30.38 88.71 29.01
CA LYS RB 123 -29.59 89.91 28.81
C LYS RB 123 -30.22 90.91 27.85
N SER RB 124 -31.31 90.53 27.17
CA SER RB 124 -31.98 91.38 26.19
C SER RB 124 -32.77 92.53 26.82
N GLU RB 125 -32.92 93.66 26.10
CA GLU RB 125 -33.84 94.73 26.45
C GLU RB 125 -35.29 94.32 26.14
N LYS RB 126 -35.48 93.26 25.36
CA LYS RB 126 -36.73 92.57 25.14
C LYS RB 126 -37.73 93.37 24.32
N LYS RB 127 -37.24 93.93 23.21
CA LYS RB 127 -38.01 94.64 22.21
C LYS RB 127 -38.98 93.78 21.40
N ALA RB 128 -38.63 92.52 21.05
CA ALA RB 128 -39.45 91.67 20.20
C ALA RB 128 -40.89 91.46 20.66
N PHE RB 129 -41.86 91.53 19.71
CA PHE RB 129 -43.28 91.53 20.00
C PHE RB 129 -43.70 92.58 21.02
N THR RB 130 -43.54 93.87 20.70
CA THR RB 130 -43.95 94.96 21.60
C THR RB 130 -44.63 96.08 20.87
N LYS RB 131 -44.38 96.27 19.57
CA LYS RB 131 -44.99 97.31 18.78
C LYS RB 131 -46.26 96.81 18.13
N SER RB 132 -46.15 95.67 17.40
CA SER RB 132 -47.16 95.22 16.47
C SER RB 132 -48.35 94.55 17.14
N LEU RB 133 -48.21 94.20 18.44
CA LEU RB 133 -49.31 93.73 19.27
C LEU RB 133 -50.46 94.73 19.36
N ASN RB 134 -50.13 96.02 19.22
CA ASN RB 134 -51.03 97.14 19.39
C ASN RB 134 -51.65 97.60 18.07
N VAL RB 135 -51.55 96.79 16.99
CA VAL RB 135 -52.09 97.13 15.68
C VAL RB 135 -53.62 97.36 15.67
N PRO RB 136 -54.17 98.39 15.01
CA PRO RB 136 -55.61 98.64 14.94
C PRO RB 136 -56.55 97.49 14.60
N GLU RB 137 -57.78 97.53 15.15
CA GLU RB 137 -58.79 96.52 14.94
C GLU RB 137 -59.28 96.47 13.51
N ALA RB 138 -59.25 97.62 12.82
CA ALA RB 138 -59.56 97.74 11.42
C ALA RB 138 -58.60 96.93 10.55
N THR RB 139 -57.30 96.98 10.89
CA THR RB 139 -56.27 96.18 10.25
C THR RB 139 -56.53 94.70 10.45
N LYS RB 140 -56.89 94.29 11.68
CA LYS RB 140 -57.21 92.90 11.98
C LYS RB 140 -58.39 92.41 11.15
N ASN RB 141 -59.46 93.23 11.07
CA ASN RB 141 -60.63 92.95 10.25
C ASN RB 141 -60.31 92.79 8.77
N CYS RB 142 -59.55 93.74 8.17
CA CYS RB 142 -59.09 93.63 6.80
C CYS RB 142 -58.32 92.36 6.49
N LEU RB 143 -57.36 91.99 7.36
CA LEU RB 143 -56.61 90.75 7.22
C LEU RB 143 -57.48 89.50 7.30
N LEU RB 144 -58.40 89.42 8.28
CA LEU RB 144 -59.34 88.32 8.39
C LEU RB 144 -60.22 88.16 7.16
N LYS RB 145 -60.81 89.26 6.66
CA LYS RB 145 -61.52 89.30 5.40
C LYS RB 145 -60.70 88.85 4.20
N ARG RB 146 -59.42 89.29 4.10
CA ARG RB 146 -58.47 88.85 3.09
C ARG RB 146 -58.23 87.35 3.13
N ILE RB 147 -58.08 86.79 4.34
CA ILE RB 147 -57.95 85.36 4.55
C ILE RB 147 -59.23 84.65 4.15
N GLU RB 148 -60.41 85.14 4.57
CA GLU RB 148 -61.70 84.60 4.20
C GLU RB 148 -61.90 84.50 2.69
N LYS RB 149 -61.55 85.56 1.95
CA LYS RB 149 -61.69 85.66 0.53
C LYS RB 149 -60.88 84.63 -0.26
N TYR RB 150 -59.63 84.36 0.12
CA TYR RB 150 -58.72 83.63 -0.76
C TYR RB 150 -58.27 82.30 -0.20
N CYS RB 151 -58.05 82.18 1.13
CA CYS RB 151 -57.52 80.98 1.73
C CYS RB 151 -58.47 79.80 1.72
N THR RB 152 -57.93 78.57 1.63
CA THR RB 152 -58.72 77.35 1.68
C THR RB 152 -58.32 76.51 2.87
N VAL RB 153 -57.34 76.99 3.67
CA VAL RB 153 -56.89 76.29 4.86
C VAL RB 153 -56.65 77.33 5.93
N LEU RB 154 -57.15 77.06 7.16
CA LEU RB 154 -56.93 77.88 8.33
C LEU RB 154 -56.17 77.08 9.36
N ARG RB 155 -55.07 77.64 9.89
CA ARG RB 155 -54.37 77.05 11.01
C ARG RB 155 -54.33 78.05 12.15
N ALA RB 156 -54.31 77.56 13.39
CA ALA RB 156 -54.18 78.39 14.58
C ALA RB 156 -52.81 78.17 15.21
N ILE RB 157 -52.13 79.27 15.57
CA ILE RB 157 -50.86 79.23 16.27
C ILE RB 157 -51.12 79.11 17.75
N CYS RB 158 -50.76 77.96 18.32
CA CYS RB 158 -50.92 77.67 19.73
C CYS RB 158 -49.56 77.51 20.36
N HIS RB 159 -49.45 77.66 21.69
CA HIS RB 159 -48.20 77.43 22.37
C HIS RB 159 -48.42 76.82 23.73
N THR RB 160 -47.42 76.09 24.25
CA THR RB 160 -47.44 75.58 25.61
C THR RB 160 -47.28 76.66 26.65
N GLN RB 161 -47.81 76.43 27.87
CA GLN RB 161 -47.43 77.22 29.03
C GLN RB 161 -46.30 76.51 29.77
N PRO RB 162 -45.03 76.80 29.59
CA PRO RB 162 -43.95 75.96 30.08
C PRO RB 162 -43.84 76.05 31.58
N SER RB 163 -44.28 77.17 32.19
CA SER RB 163 -44.15 77.42 33.62
C SER RB 163 -45.02 76.49 34.46
N LYS RB 164 -46.02 75.85 33.85
CA LYS RB 164 -46.84 74.85 34.50
C LYS RB 164 -46.12 73.52 34.65
N THR RB 165 -45.07 73.29 33.85
CA THR RB 165 -44.27 72.07 33.87
C THR RB 165 -43.22 72.13 35.00
N PRO RB 166 -42.54 71.05 35.38
CA PRO RB 166 -41.51 71.13 36.40
C PRO RB 166 -40.14 71.27 35.76
N LEU RB 167 -40.08 71.30 34.42
CA LEU RB 167 -38.87 71.35 33.62
C LEU RB 167 -38.04 72.62 33.79
N ARG RB 168 -36.71 72.52 33.59
CA ARG RB 168 -35.81 73.66 33.74
C ARG RB 168 -36.08 74.79 32.76
N MET RB 169 -36.32 74.44 31.49
CA MET RB 169 -36.63 75.40 30.45
C MET RB 169 -37.88 76.25 30.69
N LYS RB 170 -37.83 77.50 30.23
CA LYS RB 170 -38.88 78.49 30.35
C LYS RB 170 -39.33 78.99 28.98
N LYS RB 171 -38.57 78.71 27.90
CA LYS RB 171 -38.97 78.98 26.52
C LYS RB 171 -40.16 78.14 26.03
N ALA RB 172 -41.32 78.77 25.74
CA ALA RB 172 -42.51 78.10 25.28
C ALA RB 172 -42.37 77.33 23.97
N HIS RB 173 -43.11 76.23 23.81
CA HIS RB 173 -43.11 75.47 22.57
C HIS RB 173 -44.31 75.88 21.76
N ILE RB 174 -44.08 76.38 20.54
CA ILE RB 174 -45.10 77.02 19.72
C ILE RB 174 -45.38 76.13 18.53
N MET RB 175 -46.64 76.05 18.07
CA MET RB 175 -47.03 75.09 17.05
C MET RB 175 -48.28 75.52 16.31
N GLU RB 176 -48.34 75.21 15.00
CA GLU RB 176 -49.53 75.41 14.22
C GLU RB 176 -50.43 74.19 14.33
N VAL RB 177 -51.75 74.42 14.43
CA VAL RB 177 -52.75 73.40 14.47
C VAL RB 177 -53.81 73.76 13.45
N GLN RB 178 -53.97 72.95 12.41
CA GLN RB 178 -55.06 73.11 11.45
C GLN RB 178 -56.43 72.96 12.06
N ILE RB 179 -57.41 73.73 11.56
CA ILE RB 179 -58.77 73.71 12.05
C ILE RB 179 -59.61 72.96 11.04
N ASN RB 180 -60.28 71.90 11.51
CA ASN RB 180 -61.03 71.00 10.69
C ASN RB 180 -62.45 71.07 11.18
N GLY RB 181 -63.40 70.97 10.23
CA GLY RB 181 -64.80 71.26 10.46
C GLY RB 181 -65.15 72.64 9.96
N GLY RB 182 -66.39 72.78 9.48
CA GLY RB 182 -66.94 73.96 8.79
C GLY RB 182 -66.17 74.44 7.58
N SER RB 183 -66.68 75.51 6.96
CA SER RB 183 -65.96 76.27 5.96
C SER RB 183 -65.21 77.40 6.65
N MET RB 184 -64.37 78.12 5.89
CA MET RB 184 -63.42 79.10 6.37
C MET RB 184 -64.01 80.19 7.24
N LYS RB 185 -65.20 80.70 6.91
CA LYS RB 185 -65.89 81.70 7.71
C LYS RB 185 -66.21 81.18 9.11
N GLU RB 186 -66.77 79.98 9.24
CA GLU RB 186 -67.05 79.36 10.51
C GLU RB 186 -65.81 79.07 11.32
N LYS RB 187 -64.72 78.63 10.65
CA LYS RB 187 -63.40 78.48 11.25
C LYS RB 187 -62.87 79.78 11.84
N LEU RB 188 -62.99 80.89 11.08
CA LEU RB 188 -62.55 82.21 11.49
C LEU RB 188 -63.31 82.71 12.71
N GLU RB 189 -64.63 82.54 12.76
CA GLU RB 189 -65.46 82.84 13.91
C GLU RB 189 -65.05 82.02 15.12
N PHE RB 190 -64.82 80.71 14.95
CA PHE RB 190 -64.36 79.82 15.99
C PHE RB 190 -63.00 80.24 16.56
N VAL RB 191 -61.98 80.45 15.71
CA VAL RB 191 -60.71 81.00 16.16
C VAL RB 191 -60.81 82.37 16.81
N LYS RB 192 -61.59 83.31 16.26
CA LYS RB 192 -61.77 84.63 16.82
C LYS RB 192 -62.39 84.60 18.21
N GLU RB 193 -63.45 83.80 18.38
CA GLU RB 193 -64.07 83.53 19.66
C GLU RB 193 -63.09 82.91 20.65
N MET RB 194 -62.33 81.90 20.22
CA MET RB 194 -61.32 81.28 21.04
C MET RB 194 -60.18 82.20 21.43
N LEU RB 195 -59.71 83.05 20.50
CA LEU RB 195 -58.46 83.80 20.47
C LEU RB 195 -57.57 83.78 21.70
N GLU RB 196 -57.74 84.69 22.67
CA GLU RB 196 -56.85 84.87 23.79
C GLU RB 196 -56.84 83.74 24.81
N LYS RB 197 -57.83 82.83 24.74
CA LYS RB 197 -58.08 81.80 25.73
C LYS RB 197 -57.11 80.63 25.72
N ASN RB 198 -57.24 79.81 26.77
CA ASN RB 198 -56.48 78.62 27.05
C ASN RB 198 -57.32 77.39 26.74
N LEU RB 199 -56.70 76.37 26.14
CA LEU RB 199 -57.33 75.20 25.58
C LEU RB 199 -56.93 73.97 26.38
N PRO RB 200 -57.79 73.42 27.21
CA PRO RB 200 -57.58 72.10 27.79
C PRO RB 200 -57.56 70.99 26.76
N VAL RB 201 -56.79 69.91 27.03
CA VAL RB 201 -56.72 68.73 26.19
C VAL RB 201 -58.06 68.05 25.99
N SER RB 202 -58.90 68.13 27.04
CA SER RB 202 -60.25 67.61 27.09
C SER RB 202 -61.21 68.39 26.21
N THR RB 203 -60.82 69.62 25.78
CA THR RB 203 -61.54 70.35 24.75
C THR RB 203 -61.44 69.66 23.41
N VAL RB 204 -60.23 69.20 23.07
CA VAL RB 204 -59.91 68.59 21.79
C VAL RB 204 -60.27 67.11 21.74
N PHE RB 205 -59.92 66.36 22.80
CA PHE RB 205 -59.99 64.92 22.81
C PHE RB 205 -61.00 64.43 23.83
N ASN RB 206 -61.68 63.31 23.53
CA ASN RB 206 -62.61 62.65 24.42
C ASN RB 206 -61.99 61.32 24.85
N PRO RB 207 -62.22 60.80 26.04
CA PRO RB 207 -61.97 59.39 26.38
C PRO RB 207 -62.41 58.36 25.34
N ASN RB 208 -61.65 57.25 25.21
CA ASN RB 208 -61.87 56.13 24.31
C ASN RB 208 -61.33 56.34 22.90
N GLU RB 209 -61.01 57.58 22.51
CA GLU RB 209 -60.43 57.90 21.22
C GLU RB 209 -59.07 57.27 20.92
N MET RB 210 -58.84 57.02 19.61
CA MET RB 210 -57.58 56.61 19.04
C MET RB 210 -56.79 57.83 18.61
N ILE RB 211 -55.50 57.88 18.95
CA ILE RB 211 -54.69 59.06 18.75
C ILE RB 211 -53.37 58.68 18.10
N ASP RB 212 -52.79 59.61 17.32
CA ASP RB 212 -51.52 59.47 16.68
C ASP RB 212 -50.54 60.30 17.48
N VAL RB 213 -49.32 59.77 17.68
CA VAL RB 213 -48.33 60.33 18.59
C VAL RB 213 -47.06 60.62 17.83
N ILE RB 214 -46.59 61.87 17.90
CA ILE RB 214 -45.48 62.38 17.12
C ILE RB 214 -44.38 62.84 18.06
N SER RB 215 -43.20 62.21 17.97
CA SER RB 215 -42.12 62.47 18.89
C SER RB 215 -40.79 62.03 18.28
N VAL RB 216 -39.69 62.65 18.72
CA VAL RB 216 -38.33 62.25 18.43
C VAL RB 216 -37.87 61.19 19.43
N THR RB 217 -37.28 60.08 18.99
CA THR RB 217 -36.81 59.01 19.86
C THR RB 217 -35.68 59.35 20.80
N LYS RB 218 -35.55 58.56 21.87
CA LYS RB 218 -34.45 58.53 22.79
C LYS RB 218 -33.06 58.45 22.14
N GLY RB 219 -32.18 59.45 22.38
CA GLY RB 219 -30.82 59.51 21.85
C GLY RB 219 -29.86 58.56 22.52
N HIS RB 220 -29.00 57.90 21.73
CA HIS RB 220 -27.98 57.01 22.25
C HIS RB 220 -26.58 57.30 21.74
N GLY RB 221 -26.37 58.34 20.89
CA GLY RB 221 -25.08 58.59 20.26
C GLY RB 221 -24.84 57.83 18.96
N THR RB 222 -23.63 57.92 18.41
CA THR RB 222 -23.25 57.19 17.21
C THR RB 222 -22.77 55.78 17.54
N LYS RB 223 -23.45 54.79 16.94
CA LYS RB 223 -23.41 53.39 17.28
C LYS RB 223 -22.94 52.50 16.14
N GLY RB 224 -22.40 51.31 16.47
CA GLY RB 224 -22.03 50.29 15.49
C GLY RB 224 -23.18 49.57 14.85
N VAL RB 225 -22.88 48.75 13.83
CA VAL RB 225 -23.88 48.11 12.98
C VAL RB 225 -24.81 47.16 13.71
N VAL RB 226 -24.27 46.33 14.61
CA VAL RB 226 -25.05 45.48 15.50
C VAL RB 226 -26.11 46.26 16.27
N SER RB 227 -25.71 47.33 16.99
CA SER RB 227 -26.65 48.17 17.72
C SER RB 227 -27.63 48.92 16.86
N ARG RB 228 -27.13 49.59 15.81
CA ARG RB 228 -27.93 50.39 14.91
C ARG RB 228 -28.93 49.60 14.06
N TYR RB 229 -28.52 48.39 13.59
CA TYR RB 229 -29.26 47.68 12.55
C TYR RB 229 -29.49 46.21 12.85
N GLY RB 230 -28.87 45.63 13.89
CA GLY RB 230 -29.29 44.32 14.37
C GLY RB 230 -28.74 43.14 13.64
N VAL RB 231 -27.68 43.32 12.84
CA VAL RB 231 -26.97 42.24 12.16
C VAL RB 231 -26.37 41.20 13.12
N LYS RB 232 -26.28 39.92 12.70
CA LYS RB 232 -25.66 38.87 13.47
C LYS RB 232 -24.18 39.09 13.67
N ARG RB 233 -23.65 38.84 14.89
CA ARG RB 233 -22.22 38.97 15.12
C ARG RB 233 -21.38 37.98 14.31
N LEU RB 234 -20.17 38.37 13.89
CA LEU RB 234 -19.25 37.46 13.25
C LEU RB 234 -18.77 36.37 14.21
N PRO RB 235 -18.46 35.14 13.78
CA PRO RB 235 -17.94 34.07 14.63
C PRO RB 235 -16.83 34.39 15.61
N ARG RB 236 -16.71 33.58 16.68
CA ARG RB 236 -15.72 33.68 17.75
C ARG RB 236 -14.28 33.79 17.25
N LYS RB 237 -13.99 33.13 16.13
CA LYS RB 237 -12.72 33.10 15.47
C LYS RB 237 -12.18 34.44 14.99
N THR RB 238 -13.04 35.31 14.43
CA THR RB 238 -12.76 36.59 13.75
C THR RB 238 -11.56 37.40 14.19
N HIS RB 239 -10.59 37.66 13.27
CA HIS RB 239 -9.38 38.41 13.60
C HIS RB 239 -9.59 39.84 14.11
N ARG RB 240 -10.43 40.65 13.44
CA ARG RB 240 -10.56 42.05 13.81
C ARG RB 240 -11.88 42.37 14.52
N GLY RB 241 -12.49 41.36 15.19
CA GLY RB 241 -13.60 41.57 16.11
C GLY RB 241 -14.96 41.11 15.65
N LEU RB 242 -15.77 40.58 16.60
CA LEU RB 242 -17.08 40.01 16.37
C LEU RB 242 -18.08 41.03 15.82
N ARG RB 243 -17.96 42.30 16.25
CA ARG RB 243 -18.86 43.36 15.85
C ARG RB 243 -18.36 44.08 14.60
N LYS RB 244 -17.32 43.55 13.93
CA LYS RB 244 -16.91 44.01 12.63
C LYS RB 244 -18.00 43.87 11.56
N VAL RB 245 -18.07 44.84 10.64
CA VAL RB 245 -19.17 45.00 9.72
C VAL RB 245 -19.47 43.86 8.76
N ALA RB 246 -20.75 43.78 8.37
CA ALA RB 246 -21.21 43.23 7.12
C ALA RB 246 -20.29 43.44 5.90
N CYS RB 247 -20.12 42.41 5.06
CA CYS RB 247 -19.27 42.51 3.89
C CYS RB 247 -19.99 43.22 2.73
N ILE RB 248 -19.48 44.37 2.28
CA ILE RB 248 -20.17 45.20 1.33
C ILE RB 248 -20.36 44.54 -0.03
N GLY RB 249 -19.29 43.91 -0.54
CA GLY RB 249 -19.26 43.19 -1.80
C GLY RB 249 -19.58 43.96 -3.07
N ALA RB 250 -19.54 43.23 -4.21
CA ALA RB 250 -19.68 43.70 -5.58
C ALA RB 250 -18.43 44.42 -6.09
N TRP RB 251 -17.69 43.79 -7.02
CA TRP RB 251 -16.57 44.44 -7.67
C TRP RB 251 -17.09 45.43 -8.72
N HIS RB 252 -18.12 45.00 -9.46
CA HIS RB 252 -18.94 45.83 -10.30
C HIS RB 252 -20.35 45.72 -9.73
N PRO RB 253 -21.16 46.77 -9.59
CA PRO RB 253 -20.78 48.18 -9.52
C PRO RB 253 -19.62 48.50 -8.61
N ALA RB 254 -18.86 49.57 -8.95
CA ALA RB 254 -17.62 49.91 -8.30
C ALA RB 254 -17.80 50.90 -7.15
N ARG RB 255 -18.91 50.81 -6.41
CA ARG RB 255 -19.23 51.70 -5.32
C ARG RB 255 -19.96 50.91 -4.26
N VAL RB 256 -19.91 51.39 -3.00
CA VAL RB 256 -20.70 50.88 -1.91
C VAL RB 256 -22.19 51.01 -2.18
N GLN RB 257 -22.95 49.94 -1.95
CA GLN RB 257 -24.38 49.94 -2.09
C GLN RB 257 -25.00 50.54 -0.84
N PHE RB 258 -25.71 51.69 -0.93
CA PHE RB 258 -26.18 52.44 0.22
C PHE RB 258 -27.06 51.66 1.20
N GLN RB 259 -27.72 50.60 0.69
CA GLN RB 259 -28.57 49.70 1.40
C GLN RB 259 -27.85 48.84 2.44
N ILE RB 260 -26.51 48.79 2.41
CA ILE RB 260 -25.71 48.19 3.45
C ILE RB 260 -25.95 48.84 4.82
N PRO RB 261 -26.12 48.12 5.91
CA PRO RB 261 -26.19 48.75 7.23
C PRO RB 261 -24.80 49.20 7.68
N ARG RB 262 -24.69 50.33 8.40
CA ARG RB 262 -23.39 50.93 8.66
C ARG RB 262 -23.42 51.83 9.90
N HIS RB 263 -22.25 52.08 10.52
CA HIS RB 263 -22.13 52.80 11.78
C HIS RB 263 -22.52 54.27 11.73
N GLY RB 264 -23.17 54.78 12.78
CA GLY RB 264 -23.71 56.14 12.81
C GLY RB 264 -24.75 56.23 13.87
N GLN RB 265 -25.49 57.35 13.96
CA GLN RB 265 -26.47 57.61 15.01
C GLN RB 265 -27.47 56.51 15.32
N LYS RB 266 -27.68 56.26 16.62
CA LYS RB 266 -28.76 55.47 17.15
C LYS RB 266 -29.61 56.39 18.01
N GLY RB 267 -30.94 56.33 17.81
CA GLY RB 267 -31.90 57.24 18.41
C GLY RB 267 -31.89 58.64 17.84
N TYR RB 268 -32.74 59.51 18.41
CA TYR RB 268 -32.92 60.89 17.99
C TYR RB 268 -33.56 61.00 16.59
N PHE RB 269 -34.47 60.07 16.28
CA PHE RB 269 -35.12 59.96 15.00
C PHE RB 269 -36.55 60.42 15.11
N HIS RB 270 -37.12 61.01 14.05
CA HIS RB 270 -38.51 61.41 14.07
C HIS RB 270 -39.40 60.24 13.78
N ARG RB 271 -40.51 60.10 14.52
CA ARG RB 271 -41.32 58.91 14.47
C ARG RB 271 -42.77 59.29 14.72
N THR RB 272 -43.67 58.63 13.98
CA THR RB 272 -45.09 58.69 14.22
C THR RB 272 -45.56 57.32 14.70
N GLU RB 273 -46.00 57.25 15.97
CA GLU RB 273 -46.76 56.12 16.46
C GLU RB 273 -48.19 56.36 16.06
N ARG RB 274 -48.90 55.35 15.52
CA ARG RB 274 -50.27 55.55 15.10
C ARG RB 274 -51.23 54.68 15.89
N ASN RB 275 -52.47 55.17 16.07
CA ASN RB 275 -53.59 54.42 16.61
C ASN RB 275 -53.40 53.94 18.05
N LYS RB 276 -52.91 54.82 18.93
CA LYS RB 276 -52.79 54.55 20.34
C LYS RB 276 -54.09 54.91 21.05
N LYS RB 277 -54.70 53.97 21.81
CA LYS RB 277 -55.96 54.28 22.47
C LYS RB 277 -55.81 55.07 23.76
N ILE RB 278 -56.63 56.13 23.93
CA ILE RB 278 -56.79 56.84 25.19
C ILE RB 278 -57.57 55.99 26.17
N TYR RB 279 -56.92 55.55 27.27
CA TYR RB 279 -57.58 54.79 28.30
C TYR RB 279 -58.25 55.69 29.34
N ARG RB 280 -57.67 56.86 29.64
CA ARG RB 280 -58.31 57.80 30.53
C ARG RB 280 -57.77 59.20 30.28
N ILE RB 281 -58.62 60.24 30.43
CA ILE RB 281 -58.16 61.61 30.52
C ILE RB 281 -58.37 62.05 31.95
N GLY RB 282 -57.28 62.25 32.70
CA GLY RB 282 -57.34 62.80 34.04
C GLY RB 282 -57.51 64.29 34.06
N LEU RB 283 -57.96 64.82 35.21
CA LEU RB 283 -58.23 66.24 35.40
C LEU RB 283 -57.59 66.67 36.70
N LYS RB 284 -56.94 67.86 36.72
CA LYS RB 284 -56.27 68.39 37.90
C LYS RB 284 -57.24 68.65 39.04
N THR RB 285 -58.44 69.11 38.66
CA THR RB 285 -59.56 69.43 39.53
C THR RB 285 -60.05 68.25 40.35
N ASP RB 286 -60.07 67.04 39.77
CA ASP RB 286 -60.43 65.83 40.48
C ASP RB 286 -59.43 65.47 41.59
N LYS RB 287 -59.93 65.36 42.83
CA LYS RB 287 -59.17 65.00 44.01
C LYS RB 287 -58.91 63.50 44.06
N ASN RB 288 -59.68 62.74 43.27
CA ASN RB 288 -59.66 61.29 43.22
C ASN RB 288 -59.22 60.85 41.82
N SER RB 289 -58.36 61.65 41.17
CA SER RB 289 -58.08 61.55 39.75
C SER RB 289 -57.53 60.21 39.27
N ALA RB 290 -56.65 59.57 40.05
CA ALA RB 290 -56.14 58.26 39.74
C ALA RB 290 -56.81 57.18 40.58
N SER RB 291 -57.84 57.54 41.37
CA SER RB 291 -58.66 56.59 42.08
C SER RB 291 -59.68 55.95 41.15
N THR RB 292 -60.30 54.84 41.57
CA THR RB 292 -61.31 54.13 40.79
C THR RB 292 -62.49 53.86 41.67
N ASP RB 293 -63.62 53.42 41.09
CA ASP RB 293 -64.77 52.99 41.84
C ASP RB 293 -64.48 51.73 42.67
N ALA RB 294 -63.67 50.81 42.12
CA ALA RB 294 -63.21 49.62 42.83
C ALA RB 294 -62.31 49.92 44.03
N ASP RB 295 -61.32 50.82 43.87
CA ASP RB 295 -60.45 51.23 44.95
C ASP RB 295 -60.53 52.74 45.16
N ILE RB 296 -61.17 53.13 46.27
CA ILE RB 296 -61.70 54.47 46.46
C ILE RB 296 -60.78 55.36 47.28
N THR RB 297 -59.63 54.83 47.74
CA THR RB 297 -58.64 55.63 48.44
C THR RB 297 -58.06 56.76 47.58
N GLU RB 298 -57.74 57.91 48.20
CA GLU RB 298 -57.29 59.11 47.52
C GLU RB 298 -55.98 58.92 46.75
N LYS RB 299 -56.04 59.04 45.41
CA LYS RB 299 -54.90 58.87 44.55
C LYS RB 299 -54.96 59.88 43.43
N LYS RB 300 -53.84 60.58 43.19
CA LYS RB 300 -53.58 61.29 41.96
C LYS RB 300 -52.49 60.56 41.23
N ILE RB 301 -52.29 60.82 39.93
CA ILE RB 301 -51.48 59.97 39.05
C ILE RB 301 -50.02 59.81 39.45
N THR RB 302 -49.39 60.90 39.94
CA THR RB 302 -48.14 60.95 40.68
C THR RB 302 -47.86 59.74 41.57
N PRO RB 303 -46.84 58.91 41.32
CA PRO RB 303 -46.51 57.78 42.18
C PRO RB 303 -46.10 58.12 43.61
N MET RB 304 -45.94 57.08 44.44
CA MET RB 304 -45.36 57.14 45.76
C MET RB 304 -43.93 57.68 45.75
N GLY RB 305 -43.74 58.94 46.21
CA GLY RB 305 -42.48 59.67 46.05
C GLY RB 305 -42.32 60.37 44.72
N GLY RB 306 -43.38 60.37 43.89
CA GLY RB 306 -43.40 60.95 42.56
C GLY RB 306 -42.71 60.14 41.50
N PHE RB 307 -42.88 60.53 40.22
CA PHE RB 307 -42.20 59.89 39.12
C PHE RB 307 -40.68 60.09 39.18
N PRO RB 308 -39.85 59.09 38.90
CA PRO RB 308 -38.42 59.29 38.67
C PRO RB 308 -38.14 60.32 37.60
N HIS RB 309 -37.35 61.36 37.93
CA HIS RB 309 -37.02 62.45 37.03
C HIS RB 309 -38.19 63.35 36.63
N TYR RB 310 -39.34 63.27 37.32
CA TYR RB 310 -40.49 64.07 36.93
C TYR RB 310 -41.35 64.46 38.12
N GLY RB 311 -41.27 63.73 39.25
CA GLY RB 311 -41.98 64.04 40.47
C GLY RB 311 -43.48 64.12 40.36
N VAL RB 312 -44.05 65.19 40.92
CA VAL RB 312 -45.45 65.54 40.82
C VAL RB 312 -45.89 65.82 39.39
N VAL RB 313 -46.97 65.15 38.92
CA VAL RB 313 -47.67 65.59 37.74
C VAL RB 313 -48.56 66.75 38.15
N ASN RB 314 -48.26 67.94 37.63
CA ASN RB 314 -48.79 69.20 38.10
C ASN RB 314 -50.26 69.37 37.75
N GLU RB 315 -50.60 69.06 36.49
CA GLU RB 315 -51.88 69.37 35.91
C GLU RB 315 -52.54 68.13 35.34
N ASP RB 316 -53.65 68.33 34.62
CA ASP RB 316 -54.42 67.37 33.86
C ASP RB 316 -53.56 66.48 32.95
N PHE RB 317 -54.01 65.27 32.62
CA PHE RB 317 -53.12 64.27 32.06
C PHE RB 317 -53.81 63.25 31.19
N LEU RB 318 -53.05 62.69 30.23
CA LEU RB 318 -53.53 61.65 29.36
C LEU RB 318 -52.88 60.34 29.78
N LEU RB 319 -53.74 59.34 30.07
CA LEU RB 319 -53.35 57.95 30.26
C LEU RB 319 -53.56 57.20 28.96
N LEU RB 320 -52.44 56.90 28.27
CA LEU RB 320 -52.43 56.37 26.93
C LEU RB 320 -51.93 54.94 26.90
N LYS RB 321 -52.57 54.02 26.13
CA LYS RB 321 -52.11 52.65 26.04
C LYS RB 321 -50.67 52.48 25.53
N GLY RB 322 -49.87 51.65 26.25
CA GLY RB 322 -48.54 51.24 25.85
C GLY RB 322 -47.51 52.32 25.64
N CYS RB 323 -46.46 51.94 24.90
CA CYS RB 323 -45.25 52.68 24.63
C CYS RB 323 -45.41 53.98 23.84
N VAL RB 324 -44.57 54.99 24.17
CA VAL RB 324 -44.53 56.29 23.49
C VAL RB 324 -43.09 56.64 23.19
N ALA RB 325 -42.77 57.01 21.93
CA ALA RB 325 -41.45 57.38 21.48
C ALA RB 325 -40.80 58.55 22.23
N GLY RB 326 -39.47 58.48 22.46
CA GLY RB 326 -38.73 59.50 23.20
C GLY RB 326 -38.70 59.32 24.70
N THR RB 327 -37.94 60.19 25.36
CA THR RB 327 -37.72 60.17 26.80
C THR RB 327 -38.84 60.79 27.60
N LYS RB 328 -38.90 60.45 28.91
CA LYS RB 328 -39.59 61.30 29.88
C LYS RB 328 -38.96 62.68 29.91
N LYS RB 329 -39.75 63.74 30.16
CA LYS RB 329 -39.39 65.15 30.10
C LYS RB 329 -39.54 65.73 28.70
N ARG RB 330 -39.63 64.87 27.67
CA ARG RB 330 -39.80 65.31 26.30
C ARG RB 330 -41.20 65.85 26.00
N PRO RB 331 -41.37 66.93 25.25
CA PRO RB 331 -42.62 67.23 24.56
C PRO RB 331 -43.02 66.15 23.56
N ILE RB 332 -44.32 65.86 23.53
CA ILE RB 332 -44.94 64.84 22.73
C ILE RB 332 -46.12 65.51 22.06
N THR RB 333 -46.34 65.27 20.76
CA THR RB 333 -47.50 65.85 20.09
C THR RB 333 -48.50 64.76 19.86
N LEU RB 334 -49.74 64.98 20.31
CA LEU RB 334 -50.89 64.15 20.04
C LEU RB 334 -51.64 64.73 18.85
N ARG RB 335 -52.02 63.89 17.88
CA ARG RB 335 -52.78 64.31 16.71
C ARG RB 335 -53.95 63.36 16.52
N LYS RB 336 -55.11 63.86 16.06
CA LYS RB 336 -56.16 62.98 15.58
C LYS RB 336 -55.71 62.11 14.41
N ASN RB 337 -56.26 60.88 14.28
CA ASN RB 337 -55.94 60.00 13.17
C ASN RB 337 -56.31 60.62 11.82
N ILE RB 338 -55.56 60.31 10.74
CA ILE RB 338 -55.78 60.87 9.42
C ILE RB 338 -57.19 60.60 8.89
N VAL RB 339 -57.68 59.37 9.08
CA VAL RB 339 -59.05 58.99 8.78
C VAL RB 339 -59.68 58.53 10.09
N PRO RB 340 -60.93 58.84 10.43
CA PRO RB 340 -61.70 58.18 11.49
C PRO RB 340 -61.60 56.66 11.56
N GLN RB 341 -61.67 56.09 12.78
CA GLN RB 341 -61.42 54.68 13.01
C GLN RB 341 -62.67 53.94 13.44
N VAL RB 342 -63.05 52.88 12.69
CA VAL RB 342 -64.29 52.14 12.89
C VAL RB 342 -64.05 50.78 13.52
N SER RB 343 -62.79 50.47 13.87
CA SER RB 343 -62.39 49.23 14.52
C SER RB 343 -63.06 48.99 15.86
N ARG RB 344 -63.18 47.71 16.26
CA ARG RB 344 -63.58 47.26 17.58
C ARG RB 344 -62.86 47.98 18.72
N ASP RB 345 -61.52 47.98 18.68
CA ASP RB 345 -60.68 48.64 19.67
C ASP RB 345 -60.93 50.14 19.75
N ALA RB 346 -61.19 50.80 18.61
CA ALA RB 346 -61.56 52.22 18.56
C ALA RB 346 -62.91 52.49 19.19
N LEU RB 347 -63.92 51.68 18.83
CA LEU RB 347 -65.28 51.79 19.33
C LEU RB 347 -65.39 51.54 20.83
N ALA RB 348 -64.63 50.56 21.35
CA ALA RB 348 -64.71 50.09 22.72
C ALA RB 348 -64.60 51.14 23.83
N GLN RB 349 -65.40 50.98 24.89
CA GLN RB 349 -65.40 51.83 26.05
C GLN RB 349 -64.58 51.18 27.14
N VAL RB 350 -63.46 51.79 27.52
CA VAL RB 350 -62.62 51.30 28.60
C VAL RB 350 -63.31 51.37 29.95
N SER RB 351 -63.27 50.27 30.72
CA SER RB 351 -63.60 50.30 32.13
C SER RB 351 -62.39 49.82 32.88
N LEU RB 352 -61.62 50.78 33.42
CA LEU RB 352 -60.52 50.55 34.33
C LEU RB 352 -60.96 50.01 35.68
N LYS RB 353 -60.16 49.11 36.26
CA LYS RB 353 -60.38 48.61 37.58
C LYS RB 353 -59.39 49.21 38.57
N PHE RB 354 -58.13 49.41 38.14
CA PHE RB 354 -57.09 49.88 39.04
C PHE RB 354 -56.00 50.62 38.29
N ILE RB 355 -55.43 51.68 38.89
CA ILE RB 355 -54.24 52.37 38.44
C ILE RB 355 -53.19 52.29 39.52
N ASP RB 356 -52.03 51.66 39.26
CA ASP RB 356 -50.92 51.69 40.20
C ASP RB 356 -50.36 53.10 40.46
N THR RB 357 -50.03 53.39 41.74
CA THR RB 357 -49.25 54.53 42.15
C THR RB 357 -48.07 54.11 43.01
N SER RB 358 -47.65 52.83 43.01
CA SER RB 358 -46.44 52.40 43.70
C SER RB 358 -45.16 53.07 43.21
N SER RB 359 -44.12 53.17 44.09
CA SER RB 359 -42.85 53.79 43.71
C SER RB 359 -42.15 53.11 42.52
N LYS RB 360 -41.58 53.91 41.61
CA LYS RB 360 -40.70 53.40 40.57
C LYS RB 360 -39.29 53.90 40.81
N ILE RB 361 -39.10 54.69 41.88
CA ILE RB 361 -37.78 55.06 42.37
C ILE RB 361 -37.15 53.84 43.00
N GLY RB 362 -37.95 53.10 43.80
CA GLY RB 362 -37.59 51.79 44.33
C GLY RB 362 -38.21 50.64 43.57
N HIS RB 363 -38.41 49.50 44.28
CA HIS RB 363 -38.98 48.29 43.72
C HIS RB 363 -40.49 48.23 43.98
N GLY RB 364 -41.10 49.40 44.26
CA GLY RB 364 -42.54 49.63 44.42
C GLY RB 364 -43.28 48.67 45.30
N ARG RB 365 -42.78 48.51 46.54
CA ARG RB 365 -43.28 47.54 47.47
C ARG RB 365 -44.51 48.06 48.23
N PHE RB 366 -44.77 49.37 48.13
CA PHE RB 366 -45.80 50.08 48.86
C PHE RB 366 -46.47 51.09 47.92
N GLN RB 367 -47.68 51.56 48.25
CA GLN RB 367 -48.57 52.27 47.34
C GLN RB 367 -48.85 53.71 47.72
N THR RB 368 -48.98 54.04 49.02
CA THR RB 368 -49.30 55.39 49.48
C THR RB 368 -48.63 55.70 50.80
N SER RB 369 -48.42 57.00 51.09
CA SER RB 369 -47.82 57.43 52.35
C SER RB 369 -48.60 57.05 53.59
N GLU RB 370 -49.95 57.13 53.55
CA GLU RB 370 -50.80 56.62 54.61
C GLU RB 370 -50.58 55.14 54.89
N GLU RB 371 -50.56 54.32 53.82
CA GLU RB 371 -50.34 52.90 53.89
C GLU RB 371 -49.01 52.55 54.52
N LYS RB 372 -47.95 53.26 54.13
CA LYS RB 372 -46.64 53.13 54.74
C LYS RB 372 -46.64 53.45 56.23
N VAL RB 373 -47.30 54.55 56.66
CA VAL RB 373 -47.47 54.89 58.06
C VAL RB 373 -48.21 53.83 58.85
N LYS RB 374 -49.35 53.36 58.32
CA LYS RB 374 -50.12 52.29 58.94
C LYS RB 374 -49.35 50.97 59.09
N TYR RB 375 -48.62 50.58 58.03
CA TYR RB 375 -47.82 49.37 58.00
C TYR RB 375 -46.73 49.33 59.07
N TYR RB 376 -45.88 50.37 59.12
CA TYR RB 376 -44.77 50.41 60.05
C TYR RB 376 -45.21 50.73 61.47
N GLY RB 377 -46.05 51.76 61.67
CA GLY RB 377 -46.38 52.24 63.00
C GLY RB 377 -45.21 52.93 63.68
N PRO RB 378 -44.84 52.62 64.93
CA PRO RB 378 -43.71 53.22 65.64
C PRO RB 378 -42.39 53.43 64.89
N LEU RB 379 -41.73 54.56 65.15
CA LEU RB 379 -40.48 54.96 64.53
C LEU RB 379 -39.81 56.01 65.40
N LYS RB 380 -38.52 56.31 65.19
CA LYS RB 380 -37.84 57.37 65.91
C LYS RB 380 -38.16 58.79 65.35
N PRO SB 1 63.60 87.43 -64.13
CA PRO SB 1 62.76 87.86 -62.96
C PRO SB 1 63.68 88.24 -61.82
N VAL SB 2 64.10 89.52 -61.76
CA VAL SB 2 65.04 90.03 -60.77
C VAL SB 2 64.36 90.76 -59.62
N ALA SB 3 64.82 90.51 -58.39
CA ALA SB 3 64.35 91.17 -57.20
C ALA SB 3 65.46 92.01 -56.59
N ASN SB 4 65.11 93.21 -56.09
CA ASN SB 4 66.08 94.13 -55.50
C ASN SB 4 66.51 93.68 -54.11
N VAL SB 5 67.82 93.76 -53.82
CA VAL SB 5 68.28 93.45 -52.47
C VAL SB 5 68.53 94.78 -51.75
N TYR SB 6 68.20 94.85 -50.46
CA TYR SB 6 68.25 96.07 -49.68
C TYR SB 6 69.43 96.12 -48.70
N SER SB 7 69.75 97.34 -48.24
CA SER SB 7 70.77 97.60 -47.25
C SER SB 7 70.22 97.57 -45.83
N THR SB 8 71.05 97.85 -44.81
CA THR SB 8 70.63 97.93 -43.40
C THR SB 8 69.58 99.00 -43.15
N ASN SB 9 69.75 100.19 -43.77
CA ASN SB 9 68.67 101.12 -43.93
C ASN SB 9 67.91 100.80 -45.20
N GLY SB 10 66.57 100.80 -45.11
CA GLY SB 10 65.68 100.30 -46.15
C GLY SB 10 65.51 101.21 -47.34
N LYS SB 11 66.10 102.42 -47.29
CA LYS SB 11 66.05 103.38 -48.37
C LYS SB 11 67.26 103.29 -49.28
N ASN SB 12 68.20 102.35 -49.00
CA ASN SB 12 69.41 102.16 -49.77
C ASN SB 12 69.42 100.76 -50.33
N VAL SB 13 69.71 100.62 -51.63
CA VAL SB 13 69.40 99.42 -52.39
C VAL SB 13 70.64 98.94 -53.09
N VAL SB 14 71.03 97.68 -52.84
CA VAL SB 14 72.17 97.03 -53.47
C VAL SB 14 71.75 96.21 -54.69
N GLY SB 15 72.46 95.09 -54.98
CA GLY SB 15 72.38 94.37 -56.25
C GLY SB 15 71.13 93.56 -56.49
N GLU SB 16 70.45 93.78 -57.62
CA GLU SB 16 69.29 93.01 -58.06
C GLU SB 16 69.66 91.58 -58.50
N VAL SB 17 68.98 90.57 -57.94
CA VAL SB 17 69.30 89.18 -58.14
C VAL SB 17 68.10 88.44 -58.72
N GLU SB 18 68.35 87.49 -59.65
CA GLU SB 18 67.33 86.63 -60.21
C GLU SB 18 66.72 85.72 -59.16
N ILE SB 19 65.38 85.66 -59.07
CA ILE SB 19 64.72 84.89 -58.03
C ILE SB 19 64.92 83.37 -58.16
N PRO SB 20 64.98 82.62 -57.07
CA PRO SB 20 64.79 81.17 -57.07
C PRO SB 20 63.59 80.68 -57.85
N VAL SB 21 63.69 79.50 -58.47
CA VAL SB 21 62.61 78.90 -59.23
C VAL SB 21 61.47 78.42 -58.36
N VAL SB 22 61.70 78.35 -57.03
CA VAL SB 22 60.73 77.96 -56.01
C VAL SB 22 59.49 78.81 -56.06
N PHE SB 23 59.66 80.13 -56.28
CA PHE SB 23 58.55 81.05 -56.29
C PHE SB 23 57.62 80.93 -57.49
N GLN SB 24 57.95 80.11 -58.51
CA GLN SB 24 57.02 79.70 -59.53
C GLN SB 24 56.32 78.37 -59.25
N THR SB 25 56.70 77.64 -58.19
CA THR SB 25 56.08 76.34 -57.91
C THR SB 25 54.58 76.39 -57.63
N PRO SB 26 53.80 75.35 -57.96
CA PRO SB 26 52.40 75.22 -57.57
C PRO SB 26 52.04 75.52 -56.13
N ILE SB 27 50.88 76.15 -55.88
CA ILE SB 27 50.42 76.45 -54.53
C ILE SB 27 49.27 75.51 -54.19
N ARG SB 28 49.53 74.53 -53.31
CA ARG SB 28 48.56 73.51 -52.93
C ARG SB 28 48.10 73.76 -51.49
N ASN SB 29 47.23 74.77 -51.28
CA ASN SB 29 46.84 75.22 -49.95
C ASN SB 29 46.16 74.15 -49.10
N ASP SB 30 45.30 73.33 -49.71
CA ASP SB 30 44.66 72.20 -49.10
C ASP SB 30 45.66 71.13 -48.63
N LEU SB 31 46.71 70.88 -49.44
CA LEU SB 31 47.79 69.99 -49.11
C LEU SB 31 48.54 70.51 -47.91
N ILE SB 32 48.86 71.82 -47.90
CA ILE SB 32 49.50 72.46 -46.78
C ILE SB 32 48.65 72.33 -45.51
N GLN SB 33 47.33 72.54 -45.58
CA GLN SB 33 46.43 72.32 -44.46
C GLN SB 33 46.46 70.89 -43.91
N SER SB 34 46.43 69.89 -44.80
CA SER SB 34 46.56 68.50 -44.40
C SER SB 34 47.90 68.19 -43.80
N VAL SB 35 49.01 68.66 -44.39
CA VAL SB 35 50.34 68.48 -43.85
C VAL SB 35 50.49 69.11 -42.47
N TYR SB 36 50.03 70.35 -42.28
CA TYR SB 36 50.13 71.07 -41.03
C TYR SB 36 49.44 70.33 -39.89
N THR SB 37 48.23 69.85 -40.15
CA THR SB 37 47.44 69.08 -39.20
C THR SB 37 48.08 67.76 -38.86
N ASN SB 38 48.54 67.01 -39.87
CA ASN SB 38 49.32 65.80 -39.64
C ASN SB 38 50.61 66.00 -38.86
N MET SB 39 51.43 67.01 -39.18
CA MET SB 39 52.62 67.36 -38.42
C MET SB 39 52.28 67.69 -36.98
N SER SB 40 51.23 68.49 -36.78
CA SER SB 40 50.73 68.84 -35.46
C SER SB 40 50.33 67.64 -34.63
N LYS SB 41 49.63 66.66 -35.23
CA LYS SB 41 49.31 65.37 -34.61
C LYS SB 41 50.55 64.64 -34.10
N ASN SB 42 51.67 64.64 -34.85
CA ASN SB 42 52.94 64.10 -34.39
C ASN SB 42 53.58 64.89 -33.25
N ARG SB 43 53.18 66.14 -33.03
CA ARG SB 43 53.82 67.00 -32.07
C ARG SB 43 53.17 66.90 -30.70
N ARG SB 44 51.84 67.02 -30.65
CA ARG SB 44 51.05 66.88 -29.44
C ARG SB 44 51.04 65.46 -28.85
N HIS SB 45 50.88 65.34 -27.51
CA HIS SB 45 50.87 64.09 -26.78
C HIS SB 45 49.45 63.59 -26.49
N PRO SB 46 48.99 62.43 -26.93
CA PRO SB 46 47.97 61.65 -26.22
C PRO SB 46 48.19 61.51 -24.71
N TYR SB 47 47.10 61.43 -23.95
CA TYR SB 47 47.10 61.49 -22.51
C TYR SB 47 46.42 60.25 -21.97
N ALA SB 48 47.14 59.46 -21.17
CA ALA SB 48 46.57 58.34 -20.47
C ALA SB 48 46.08 58.74 -19.08
N VAL SB 49 45.44 57.79 -18.38
CA VAL SB 49 44.86 57.95 -17.05
C VAL SB 49 45.26 56.72 -16.26
N LYS SB 50 45.02 56.68 -14.93
CA LYS SB 50 45.31 55.50 -14.15
C LYS SB 50 44.45 54.29 -14.54
N LEU SB 51 45.06 53.13 -14.83
CA LEU SB 51 44.39 52.04 -15.54
C LEU SB 51 43.21 51.42 -14.81
N GLY SB 52 43.37 51.13 -13.50
CA GLY SB 52 42.35 50.46 -12.69
C GLY SB 52 41.27 51.36 -12.15
N ALA SB 53 41.37 52.67 -12.43
CA ALA SB 53 40.49 53.67 -11.88
C ALA SB 53 39.01 53.44 -12.17
N GLY SB 54 38.16 53.70 -11.16
CA GLY SB 54 36.73 53.44 -11.24
C GLY SB 54 36.36 52.00 -11.03
N TYR SB 55 37.34 51.13 -10.73
CA TYR SB 55 37.10 49.71 -10.54
C TYR SB 55 37.90 49.14 -9.37
N GLU SB 56 38.75 49.92 -8.69
CA GLU SB 56 39.63 49.41 -7.64
C GLU SB 56 38.88 48.91 -6.40
N THR SB 57 37.81 49.61 -6.00
CA THR SB 57 36.93 49.24 -4.89
C THR SB 57 36.29 47.87 -5.00
N SER SB 58 35.94 47.28 -3.84
CA SER SB 58 35.30 45.97 -3.79
C SER SB 58 33.80 46.14 -3.79
N ALA SB 59 33.12 45.68 -4.85
CA ALA SB 59 31.71 45.92 -4.99
C ALA SB 59 31.08 44.91 -5.94
N GLU SB 60 29.76 44.74 -5.84
CA GLU SB 60 29.02 43.78 -6.64
C GLU SB 60 27.58 44.22 -6.63
N SER SB 61 26.73 43.70 -7.53
CA SER SB 61 25.30 43.93 -7.41
C SER SB 61 24.71 43.19 -6.23
N TRP SB 62 23.89 43.89 -5.42
CA TRP SB 62 23.22 43.31 -4.28
C TRP SB 62 22.11 42.35 -4.70
N GLY SB 63 21.72 42.41 -5.99
CA GLY SB 63 20.77 41.50 -6.60
C GLY SB 63 19.33 41.77 -6.28
N THR SB 64 18.45 41.02 -6.94
CA THR SB 64 17.00 41.12 -6.84
C THR SB 64 16.43 40.90 -5.44
N GLY SB 65 15.31 41.58 -5.11
CA GLY SB 65 14.64 41.43 -3.82
C GLY SB 65 14.67 42.65 -2.94
N ARG SB 66 14.96 43.83 -3.51
CA ARG SB 66 15.27 45.04 -2.75
C ARG SB 66 14.86 46.30 -3.49
N ALA SB 67 14.32 46.19 -4.72
CA ALA SB 67 13.85 47.26 -5.58
C ALA SB 67 14.89 48.24 -6.12
N VAL SB 68 16.05 48.38 -5.46
CA VAL SB 68 17.21 49.14 -5.92
C VAL SB 68 17.73 48.75 -7.31
N ALA SB 69 18.47 49.66 -7.98
CA ALA SB 69 19.03 49.38 -9.29
C ALA SB 69 20.00 48.20 -9.37
N ARG SB 70 20.04 47.56 -10.56
CA ARG SB 70 20.74 46.32 -10.79
C ARG SB 70 22.26 46.51 -10.94
N ILE SB 71 22.73 47.77 -11.12
CA ILE SB 71 24.13 48.19 -11.03
C ILE SB 71 24.91 47.71 -9.78
N PRO SB 72 26.24 47.67 -9.76
CA PRO SB 72 26.96 47.22 -8.58
C PRO SB 72 26.99 48.28 -7.51
N ARG SB 73 26.78 47.87 -6.24
CA ARG SB 73 26.90 48.73 -5.09
C ARG SB 73 28.03 48.25 -4.18
N VAL SB 74 28.71 49.18 -3.49
CA VAL SB 74 29.74 48.92 -2.49
C VAL SB 74 29.14 48.37 -1.21
N PRO SB 75 29.49 47.24 -0.63
CA PRO SB 75 28.69 46.70 0.46
C PRO SB 75 29.45 46.98 1.74
N GLY SB 76 29.67 48.28 2.01
CA GLY SB 76 30.33 48.79 3.21
C GLY SB 76 29.54 48.68 4.50
N GLY SB 77 30.12 49.23 5.59
CA GLY SB 77 29.60 49.13 6.94
C GLY SB 77 28.73 50.29 7.37
N GLY SB 78 29.12 51.05 8.41
CA GLY SB 78 28.34 52.17 8.93
C GLY SB 78 28.49 53.46 8.17
N THR SB 79 29.43 53.52 7.21
CA THR SB 79 29.77 54.76 6.50
C THR SB 79 28.98 54.92 5.21
N HIS SB 80 29.01 56.11 4.60
CA HIS SB 80 28.09 56.48 3.52
C HIS SB 80 28.35 55.77 2.21
N ARG SB 81 29.53 55.14 2.05
CA ARG SB 81 29.79 54.17 1.00
C ARG SB 81 28.90 52.95 1.07
N ALA SB 82 28.34 52.61 2.24
CA ALA SB 82 27.52 51.43 2.42
C ALA SB 82 26.28 51.38 1.53
N GLY SB 83 26.29 50.43 0.58
CA GLY SB 83 25.28 50.27 -0.46
C GLY SB 83 25.32 51.34 -1.50
N GLN SB 84 26.44 52.06 -1.67
CA GLN SB 84 26.51 53.17 -2.60
C GLN SB 84 26.92 52.70 -3.99
N GLY SB 85 26.42 53.34 -5.07
CA GLY SB 85 26.74 53.01 -6.45
C GLY SB 85 28.23 52.97 -6.78
N ALA SB 86 28.69 51.84 -7.35
CA ALA SB 86 30.10 51.58 -7.52
C ALA SB 86 30.64 51.86 -8.92
N PHE SB 87 30.74 50.82 -9.76
CA PHE SB 87 31.46 50.88 -11.01
C PHE SB 87 30.65 51.47 -12.15
N GLY SB 88 31.34 51.92 -13.22
CA GLY SB 88 30.68 52.35 -14.44
C GLY SB 88 30.37 53.82 -14.52
N ASN SB 89 30.31 54.32 -15.77
CA ASN SB 89 30.25 55.72 -16.13
C ASN SB 89 29.11 56.52 -15.53
N MET SB 90 27.95 55.91 -15.35
CA MET SB 90 26.84 56.50 -14.64
C MET SB 90 27.12 56.86 -13.17
N CYS SB 91 27.87 56.03 -12.44
CA CYS SB 91 28.06 56.18 -11.00
C CYS SB 91 29.09 57.20 -10.56
N ARG SB 92 28.88 57.86 -9.41
CA ARG SB 92 29.92 58.64 -8.74
C ARG SB 92 31.15 57.80 -8.43
N GLY SB 93 32.32 58.28 -8.86
CA GLY SB 93 33.62 57.66 -8.72
C GLY SB 93 33.88 56.55 -9.70
N GLY SB 94 32.93 56.30 -10.62
CA GLY SB 94 32.94 55.12 -11.48
C GLY SB 94 33.86 55.18 -12.67
N GLY SB 95 34.51 56.32 -12.93
CA GLY SB 95 35.42 56.53 -14.05
C GLY SB 95 34.80 56.56 -15.44
N MET SB 96 35.64 56.84 -16.45
CA MET SB 96 35.27 56.94 -17.84
C MET SB 96 34.64 55.69 -18.44
N PHE SB 97 33.79 55.84 -19.48
CA PHE SB 97 33.28 54.68 -20.20
C PHE SB 97 34.39 53.90 -20.89
N ASN SB 98 35.35 54.61 -21.49
CA ASN SB 98 36.54 54.00 -22.01
C ASN SB 98 37.73 54.87 -21.58
N PRO SB 99 38.36 54.62 -20.44
CA PRO SB 99 39.65 55.20 -20.06
C PRO SB 99 40.71 55.19 -21.16
N THR SB 100 41.54 56.22 -21.24
CA THR SB 100 42.49 56.34 -22.31
C THR SB 100 43.72 55.47 -22.14
N LYS SB 101 43.88 54.48 -23.05
CA LYS SB 101 45.13 53.79 -23.32
C LYS SB 101 46.20 54.74 -23.85
N ILE SB 102 47.48 54.46 -23.57
CA ILE SB 102 48.57 55.35 -23.93
C ILE SB 102 48.68 55.62 -25.41
N TRP SB 103 48.60 54.57 -26.25
CA TRP SB 103 48.66 54.77 -27.67
C TRP SB 103 47.34 55.28 -28.27
N ARG SB 104 47.41 56.48 -28.88
CA ARG SB 104 46.36 57.04 -29.71
C ARG SB 104 46.99 57.64 -30.96
N ARG SB 105 47.71 56.79 -31.73
CA ARG SB 105 48.32 57.13 -33.01
C ARG SB 105 49.30 58.32 -32.99
N TRP SB 106 50.32 58.25 -32.11
CA TRP SB 106 51.33 59.28 -31.94
C TRP SB 106 52.19 59.47 -33.19
N GLY SB 107 52.59 58.36 -33.86
CA GLY SB 107 53.33 58.39 -35.10
C GLY SB 107 52.44 58.23 -36.29
N ARG SB 108 52.18 59.32 -37.03
CA ARG SB 108 51.63 59.26 -38.38
C ARG SB 108 52.76 59.49 -39.38
N LYS SB 109 52.55 59.08 -40.64
CA LYS SB 109 53.56 59.20 -41.68
C LYS SB 109 53.50 60.57 -42.34
N VAL SB 110 52.80 60.68 -43.49
CA VAL SB 110 52.90 61.78 -44.45
C VAL SB 110 54.26 61.78 -45.13
N ASN SB 111 54.25 61.58 -46.45
CA ASN SB 111 55.44 61.25 -47.20
C ASN SB 111 56.48 62.34 -47.27
N LEU SB 112 57.75 61.91 -47.46
CA LEU SB 112 58.87 62.77 -47.82
C LEU SB 112 58.55 63.72 -48.96
N LYS SB 113 57.98 63.20 -50.07
CA LYS SB 113 57.56 64.02 -51.17
C LYS SB 113 56.47 65.02 -50.78
N GLU SB 114 55.41 64.59 -50.06
CA GLU SB 114 54.37 65.48 -49.54
C GLU SB 114 54.86 66.63 -48.65
N LYS SB 115 55.73 66.32 -47.67
CA LYS SB 115 56.34 67.29 -46.79
C LYS SB 115 57.17 68.32 -47.55
N ARG SB 116 58.02 67.84 -48.47
CA ARG SB 116 58.83 68.66 -49.34
C ARG SB 116 57.98 69.60 -50.19
N TYR SB 117 56.88 69.08 -50.77
CA TYR SB 117 55.93 69.85 -51.54
C TYR SB 117 55.32 70.98 -50.72
N ALA SB 118 54.91 70.70 -49.48
CA ALA SB 118 54.35 71.69 -48.60
C ALA SB 118 55.31 72.84 -48.29
N VAL SB 119 56.58 72.53 -48.00
CA VAL SB 119 57.60 73.54 -47.81
C VAL SB 119 57.81 74.39 -49.06
N CYS SB 120 58.00 73.77 -50.23
CA CYS SB 120 58.21 74.52 -51.47
C CYS SB 120 57.06 75.42 -51.83
N SER SB 121 55.83 74.88 -51.76
CA SER SB 121 54.62 75.61 -52.03
C SER SB 121 54.34 76.71 -51.04
N SER SB 122 54.61 76.50 -49.73
CA SER SB 122 54.52 77.53 -48.73
C SER SB 122 55.52 78.66 -48.94
N ILE SB 123 56.78 78.35 -49.29
CA ILE SB 123 57.75 79.37 -49.69
C ILE SB 123 57.29 80.14 -50.92
N ALA SB 124 56.76 79.45 -51.95
CA ALA SB 124 56.17 80.08 -53.10
C ALA SB 124 55.02 81.03 -52.75
N ALA SB 125 54.10 80.59 -51.88
CA ALA SB 125 53.02 81.36 -51.31
C ALA SB 125 53.50 82.59 -50.56
N SER SB 126 54.56 82.44 -49.76
CA SER SB 126 55.20 83.55 -49.06
C SER SB 126 55.71 84.63 -50.00
N GLY SB 127 56.28 84.23 -51.16
CA GLY SB 127 56.53 85.09 -52.32
C GLY SB 127 55.40 86.01 -52.75
N VAL SB 128 54.16 85.51 -52.80
CA VAL SB 128 53.01 86.24 -53.32
C VAL SB 128 52.54 87.41 -52.45
N THR SB 129 52.50 88.63 -53.03
CA THR SB 129 52.16 89.85 -52.30
C THR SB 129 50.76 89.87 -51.72
N SER SB 130 49.77 89.44 -52.52
CA SER SB 130 48.37 89.37 -52.12
C SER SB 130 48.15 88.45 -50.95
N LEU SB 131 48.80 87.27 -50.96
CA LEU SB 131 48.69 86.31 -49.89
C LEU SB 131 49.24 86.83 -48.58
N VAL SB 132 50.37 87.56 -48.61
CA VAL SB 132 50.92 88.21 -47.43
C VAL SB 132 49.94 89.16 -46.76
N LEU SB 133 49.29 90.04 -47.54
CA LEU SB 133 48.24 90.89 -47.02
C LEU SB 133 47.04 90.09 -46.51
N ALA SB 134 46.61 89.07 -47.26
CA ALA SB 134 45.48 88.22 -46.94
C ALA SB 134 45.61 87.48 -45.62
N ARG SB 135 46.83 86.99 -45.31
CA ARG SB 135 47.23 86.38 -44.05
C ARG SB 135 47.12 87.30 -42.83
N GLY SB 136 46.96 88.63 -43.04
CA GLY SB 136 46.76 89.61 -41.98
C GLY SB 136 48.00 90.38 -41.63
N HIS SB 137 49.14 90.14 -42.29
CA HIS SB 137 50.27 91.03 -42.10
C HIS SB 137 50.00 92.42 -42.65
N ARG SB 138 50.26 93.44 -41.84
CA ARG SB 138 50.25 94.81 -42.29
C ARG SB 138 51.46 95.04 -43.19
N ILE SB 139 51.25 95.56 -44.43
CA ILE SB 139 52.30 95.39 -45.44
C ILE SB 139 52.29 96.48 -46.50
N SER SB 140 51.47 97.54 -46.32
CA SER SB 140 51.28 98.60 -47.29
C SER SB 140 52.53 99.39 -47.61
N HIS SB 141 53.37 99.66 -46.59
CA HIS SB 141 54.56 100.49 -46.74
C HIS SB 141 55.83 99.68 -46.98
N LEU SB 142 55.75 98.33 -47.02
CA LEU SB 142 56.86 97.54 -47.53
C LEU SB 142 57.04 97.74 -49.05
N LYS SB 143 58.29 97.88 -49.52
CA LYS SB 143 58.59 98.30 -50.88
C LYS SB 143 58.09 97.35 -51.94
N GLU SB 144 58.31 96.03 -51.75
CA GLU SB 144 57.53 94.99 -52.39
C GLU SB 144 57.74 93.73 -51.56
N VAL SB 145 56.81 92.77 -51.63
CA VAL SB 145 56.76 91.61 -50.73
C VAL SB 145 57.97 90.69 -50.72
N PRO SB 146 58.64 90.29 -51.81
CA PRO SB 146 59.85 89.48 -51.70
C PRO SB 146 61.01 90.26 -51.12
N LEU SB 147 61.15 90.26 -49.78
CA LEU SB 147 62.13 91.07 -49.10
C LEU SB 147 63.44 90.33 -48.87
N VAL SB 148 64.48 90.77 -49.60
CA VAL SB 148 65.83 90.26 -49.49
C VAL SB 148 66.73 91.37 -49.03
N VAL SB 149 67.49 91.14 -47.94
CA VAL SB 149 68.37 92.14 -47.36
C VAL SB 149 69.80 91.65 -47.36
N SER SB 150 70.76 92.58 -47.27
CA SER SB 150 72.15 92.32 -47.02
C SER SB 150 72.46 91.41 -45.83
N ASN SB 151 73.68 90.87 -45.76
CA ASN SB 151 73.99 89.82 -44.80
C ASN SB 151 74.49 90.42 -43.48
N ASP SB 152 74.53 91.77 -43.43
CA ASP SB 152 74.79 92.58 -42.26
C ASP SB 152 73.83 92.31 -41.10
N ILE SB 153 72.61 91.86 -41.42
CA ILE SB 153 71.61 91.44 -40.46
C ILE SB 153 72.11 90.26 -39.62
N GLU SB 154 72.89 89.35 -40.23
CA GLU SB 154 73.40 88.15 -39.61
C GLU SB 154 74.70 88.44 -38.84
N SER SB 155 74.93 89.72 -38.51
CA SER SB 155 76.01 90.16 -37.65
C SER SB 155 75.51 91.08 -36.54
N LEU SB 156 74.21 91.42 -36.48
CA LEU SB 156 73.66 92.33 -35.49
C LEU SB 156 73.80 91.90 -34.04
N SER SB 157 73.85 92.88 -33.11
CA SER SB 157 74.02 92.64 -31.68
C SER SB 157 72.72 92.77 -30.91
N LYS SB 158 72.07 93.95 -30.96
CA LYS SB 158 71.03 94.28 -30.01
C LYS SB 158 69.61 94.20 -30.54
N THR SB 159 68.68 94.06 -29.59
CA THR SB 159 67.24 94.21 -29.73
C THR SB 159 66.87 95.55 -30.31
N LYS SB 160 67.56 96.62 -29.90
CA LYS SB 160 67.35 97.95 -30.42
C LYS SB 160 67.66 98.03 -31.90
N GLU SB 161 68.79 97.45 -32.33
CA GLU SB 161 69.16 97.41 -33.74
C GLU SB 161 68.16 96.62 -34.56
N ALA SB 162 67.69 95.49 -34.01
CA ALA SB 162 66.64 94.68 -34.61
C ALA SB 162 65.33 95.43 -34.83
N VAL SB 163 64.83 96.13 -33.80
CA VAL SB 163 63.67 97.01 -33.90
C VAL SB 163 63.86 98.11 -34.91
N ASN SB 164 65.02 98.81 -34.87
CA ASN SB 164 65.35 99.81 -35.87
C ASN SB 164 65.35 99.26 -37.29
N PHE SB 165 65.86 98.02 -37.48
CA PHE SB 165 65.89 97.36 -38.76
C PHE SB 165 64.48 97.14 -39.31
N LEU SB 166 63.57 96.58 -38.49
CA LEU SB 166 62.19 96.40 -38.88
C LEU SB 166 61.47 97.70 -39.19
N VAL SB 167 61.68 98.76 -38.37
CA VAL SB 167 61.16 100.09 -38.63
C VAL SB 167 61.66 100.65 -39.96
N SER SB 168 62.98 100.52 -40.22
CA SER SB 168 63.60 100.92 -41.47
C SER SB 168 63.02 100.22 -42.70
N LEU SB 169 62.79 98.90 -42.60
CA LEU SB 169 62.04 98.15 -43.59
C LEU SB 169 60.64 98.68 -43.82
N GLY SB 170 59.97 99.08 -42.72
CA GLY SB 170 58.62 99.63 -42.75
C GLY SB 170 57.65 98.73 -42.06
N LEU SB 171 58.15 97.80 -41.24
CA LEU SB 171 57.37 96.78 -40.56
C LEU SB 171 56.94 97.22 -39.17
N LYS SB 172 56.99 98.54 -38.92
CA LYS SB 172 56.58 99.20 -37.70
C LYS SB 172 55.15 98.88 -37.31
N ASP SB 173 54.23 98.97 -38.27
CA ASP SB 173 52.83 98.63 -38.09
C ASP SB 173 52.62 97.18 -37.64
N GLU SB 174 53.36 96.22 -38.24
CA GLU SB 174 53.40 94.85 -37.77
C GLU SB 174 53.91 94.75 -36.37
N VAL SB 175 55.02 95.43 -36.03
CA VAL SB 175 55.55 95.43 -34.68
C VAL SB 175 54.55 95.98 -33.66
N ASN SB 176 53.87 97.09 -33.98
CA ASN SB 176 52.77 97.62 -33.20
C ASN SB 176 51.66 96.61 -32.97
N ARG SB 177 51.19 95.92 -34.02
CA ARG SB 177 50.18 94.87 -33.89
C ARG SB 177 50.61 93.76 -32.93
N LEU SB 178 51.87 93.30 -33.03
CA LEU SB 178 52.45 92.31 -32.15
C LEU SB 178 52.55 92.78 -30.71
N VAL SB 179 53.08 93.99 -30.48
CA VAL SB 179 53.27 94.60 -29.17
C VAL SB 179 51.94 94.74 -28.44
N LYS SB 180 50.91 95.20 -29.15
CA LYS SB 180 49.55 95.26 -28.67
C LYS SB 180 48.99 93.87 -28.33
N SER SB 181 49.30 92.86 -29.16
CA SER SB 181 48.70 91.55 -29.06
C SER SB 181 49.21 90.69 -27.91
N LYS SB 182 50.18 91.13 -27.08
CA LYS SB 182 50.45 90.46 -25.82
C LYS SB 182 49.30 90.54 -24.82
N LYS SB 183 48.52 89.44 -24.70
CA LYS SB 183 47.43 89.35 -23.75
C LYS SB 183 47.39 88.00 -23.07
N ILE SB 184 46.87 87.98 -21.82
CA ILE SB 184 46.50 86.78 -21.10
C ILE SB 184 45.34 86.06 -21.79
N ARG SB 185 45.52 84.78 -22.07
CA ARG SB 185 44.56 83.90 -22.69
C ARG SB 185 43.28 83.70 -21.88
N ALA SB 186 42.14 83.49 -22.56
CA ALA SB 186 40.92 83.01 -21.95
C ALA SB 186 40.90 81.49 -21.73
N GLY SB 187 39.81 80.95 -21.16
CA GLY SB 187 39.57 79.52 -21.06
C GLY SB 187 40.35 78.81 -19.97
N LYS SB 188 40.09 77.51 -19.79
CA LYS SB 188 40.60 76.76 -18.66
C LYS SB 188 41.91 76.07 -19.01
N GLY SB 189 42.47 76.37 -20.20
CA GLY SB 189 43.78 75.88 -20.61
C GLY SB 189 44.93 76.70 -20.10
N LYS SB 190 44.71 78.00 -19.82
CA LYS SB 190 45.73 78.96 -19.43
C LYS SB 190 46.67 78.51 -18.32
N MET SB 191 46.11 77.80 -17.34
CA MET SB 191 46.73 77.37 -16.12
C MET SB 191 47.46 76.05 -16.32
N ARG SB 192 47.36 75.47 -17.52
CA ARG SB 192 48.11 74.30 -17.92
C ARG SB 192 49.34 74.75 -18.72
N ASN SB 193 49.92 75.89 -18.28
CA ASN SB 193 51.06 76.54 -18.89
C ASN SB 193 50.77 77.05 -20.28
N ARG SB 194 49.65 77.78 -20.42
CA ARG SB 194 49.23 78.36 -21.67
C ARG SB 194 48.81 79.80 -21.43
N LYS SB 195 49.64 80.60 -20.73
CA LYS SB 195 49.27 81.89 -20.19
C LYS SB 195 48.81 82.93 -21.20
N TYR SB 196 49.49 83.02 -22.35
CA TYR SB 196 49.28 84.08 -23.31
C TYR SB 196 48.66 83.59 -24.60
N LYS SB 197 48.02 84.51 -25.31
CA LYS SB 197 48.01 84.41 -26.75
C LYS SB 197 48.70 85.66 -27.29
N ILE SB 198 49.62 85.47 -28.26
CA ILE SB 198 50.36 86.53 -28.92
C ILE SB 198 50.39 86.13 -30.38
N ARG SB 199 50.32 87.09 -31.32
CA ARG SB 199 50.27 86.80 -32.74
C ARG SB 199 51.63 86.67 -33.39
N ASN SB 200 51.66 86.38 -34.69
CA ASN SB 200 52.87 86.10 -35.42
C ASN SB 200 53.06 87.13 -36.52
N GLY SB 201 54.28 87.66 -36.61
CA GLY SB 201 54.69 88.64 -37.60
C GLY SB 201 55.77 88.06 -38.47
N PRO SB 202 56.82 88.79 -38.80
CA PRO SB 202 57.98 88.30 -39.53
C PRO SB 202 58.56 86.93 -39.18
N LEU SB 203 58.99 86.20 -40.21
CA LEU SB 203 59.91 85.08 -40.11
C LEU SB 203 61.20 85.44 -40.83
N ILE SB 204 62.32 85.51 -40.10
CA ILE SB 204 63.62 85.77 -40.69
C ILE SB 204 64.27 84.47 -41.10
N ILE SB 205 64.61 84.37 -42.38
CA ILE SB 205 65.19 83.21 -43.00
C ILE SB 205 66.64 83.51 -43.28
N TYR SB 206 67.55 82.76 -42.62
CA TYR SB 206 68.93 83.13 -42.50
C TYR SB 206 69.90 82.02 -42.88
N GLU SB 207 71.11 82.39 -43.32
CA GLU SB 207 72.23 81.48 -43.49
C GLU SB 207 73.04 81.36 -42.21
N ASN SB 208 73.55 82.47 -41.64
CA ASN SB 208 74.45 82.44 -40.50
C ASN SB 208 73.78 82.89 -39.21
N ASP SB 209 74.12 82.25 -38.07
CA ASP SB 209 73.43 82.42 -36.81
C ASP SB 209 74.07 83.55 -35.99
N ASN SB 210 75.00 84.32 -36.57
CA ASN SB 210 75.95 85.12 -35.80
C ASN SB 210 75.43 86.52 -35.50
N GLY SB 211 74.19 86.81 -35.88
CA GLY SB 211 73.51 88.00 -35.40
C GLY SB 211 72.07 87.72 -35.09
N VAL SB 212 71.32 87.18 -36.07
CA VAL SB 212 69.89 86.95 -35.96
C VAL SB 212 69.46 86.21 -34.71
N LYS SB 213 70.20 85.14 -34.37
CA LYS SB 213 70.05 84.35 -33.16
C LYS SB 213 70.01 85.18 -31.89
N LYS SB 214 70.99 86.08 -31.72
CA LYS SB 214 71.01 86.92 -30.55
C LYS SB 214 70.10 88.14 -30.66
N ALA SB 215 69.88 88.67 -31.87
CA ALA SB 215 69.20 89.92 -32.10
C ALA SB 215 67.67 89.87 -32.03
N PHE SB 216 67.09 88.81 -32.62
CA PHE SB 216 65.65 88.70 -32.78
C PHE SB 216 65.05 87.79 -31.73
N ARG SB 217 65.90 87.07 -31.00
CA ARG SB 217 65.58 86.54 -29.70
C ARG SB 217 65.09 87.66 -28.75
N ASN SB 218 64.03 87.37 -27.97
CA ASN SB 218 63.39 88.33 -27.08
C ASN SB 218 62.61 89.42 -27.81
N ILE SB 219 62.21 89.17 -29.08
CA ILE SB 219 61.37 90.08 -29.85
C ILE SB 219 59.98 89.44 -29.98
N PRO SB 220 58.91 90.00 -29.42
CA PRO SB 220 57.58 89.41 -29.51
C PRO SB 220 57.10 89.20 -30.94
N GLY SB 221 56.65 87.97 -31.27
CA GLY SB 221 55.97 87.67 -32.51
C GLY SB 221 56.85 87.53 -33.72
N VAL SB 222 58.17 87.64 -33.53
CA VAL SB 222 59.13 87.55 -34.60
C VAL SB 222 59.92 86.27 -34.42
N ASP SB 223 60.00 85.46 -35.49
CA ASP SB 223 60.62 84.17 -35.50
C ASP SB 223 61.81 84.18 -36.44
N LEU SB 224 62.80 83.33 -36.16
CA LEU SB 224 63.92 83.10 -37.06
C LEU SB 224 63.99 81.63 -37.40
N CYS SB 225 64.43 81.29 -38.61
CA CYS SB 225 64.64 79.93 -39.02
C CYS SB 225 65.77 79.84 -40.02
N LYS SB 226 66.61 78.81 -39.91
CA LYS SB 226 67.72 78.65 -40.83
C LYS SB 226 67.22 78.05 -42.13
N VAL SB 227 67.78 78.51 -43.27
CA VAL SB 227 67.29 78.25 -44.61
C VAL SB 227 67.22 76.79 -45.00
N THR SB 228 68.22 75.99 -44.60
CA THR SB 228 68.16 74.54 -44.73
C THR SB 228 67.09 73.90 -43.86
N LYS SB 229 66.95 74.37 -42.61
CA LYS SB 229 66.04 73.82 -41.64
C LYS SB 229 64.56 73.96 -41.98
N LEU SB 230 64.13 75.16 -42.44
CA LEU SB 230 62.77 75.59 -42.73
C LEU SB 230 61.57 74.68 -42.41
N ASN SB 231 60.86 74.97 -41.30
CA ASN SB 231 59.71 74.22 -40.87
C ASN SB 231 58.44 74.79 -41.47
N LEU SB 232 57.57 73.91 -42.00
CA LEU SB 232 56.28 74.24 -42.57
C LEU SB 232 55.35 74.85 -41.53
N LEU SB 233 55.44 74.39 -40.27
CA LEU SB 233 54.61 74.92 -39.21
C LEU SB 233 54.91 76.38 -38.90
N LYS SB 234 56.15 76.82 -39.15
CA LYS SB 234 56.56 78.18 -38.91
C LYS SB 234 56.36 79.04 -40.14
N LEU SB 235 56.54 78.46 -41.34
CA LEU SB 235 56.27 79.10 -42.62
C LEU SB 235 54.80 79.37 -42.85
N ALA SB 236 53.89 78.56 -42.29
CA ALA SB 236 52.47 78.71 -42.50
C ALA SB 236 51.69 78.49 -41.21
N PRO SB 237 51.76 79.36 -40.20
CA PRO SB 237 51.17 79.10 -38.88
C PRO SB 237 49.67 78.93 -38.93
N GLY SB 238 49.13 77.94 -38.20
CA GLY SB 238 47.72 77.59 -38.19
C GLY SB 238 47.24 77.03 -39.49
N GLY SB 239 48.18 76.62 -40.35
CA GLY SB 239 47.93 76.25 -41.74
C GLY SB 239 47.70 77.44 -42.65
N SER SB 240 48.01 78.68 -42.20
CA SER SB 240 47.75 79.87 -43.00
C SER SB 240 48.95 80.25 -43.85
N ILE SB 241 48.83 80.04 -45.17
CA ILE SB 241 49.85 80.43 -46.13
C ILE SB 241 50.08 81.92 -46.24
N GLY SB 242 51.29 82.35 -46.66
CA GLY SB 242 51.56 83.76 -46.89
C GLY SB 242 52.09 84.49 -45.68
N ARG SB 243 52.90 83.84 -44.84
CA ARG SB 243 53.65 84.56 -43.83
C ARG SB 243 54.66 85.57 -44.39
N LEU SB 244 54.84 86.72 -43.73
CA LEU SB 244 55.89 87.67 -44.02
C LEU SB 244 57.29 87.12 -43.78
N CYS SB 245 57.99 86.76 -44.87
CA CYS SB 245 59.31 86.16 -44.80
C CYS SB 245 60.41 87.13 -45.21
N ILE SB 246 61.40 87.30 -44.33
CA ILE SB 246 62.53 88.18 -44.51
C ILE SB 246 63.76 87.34 -44.81
N TRP SB 247 64.36 87.50 -45.99
CA TRP SB 247 65.46 86.67 -46.43
C TRP SB 247 66.76 87.43 -46.45
N SER SB 248 67.85 86.84 -45.94
CA SER SB 248 69.19 87.30 -46.26
C SER SB 248 69.54 87.02 -47.71
N GLU SB 249 70.41 87.84 -48.32
CA GLU SB 249 70.90 87.61 -49.65
C GLU SB 249 71.59 86.26 -49.77
N SER SB 250 72.37 85.89 -48.74
CA SER SB 250 72.94 84.56 -48.58
C SER SB 250 71.91 83.46 -48.58
N ALA SB 251 70.86 83.55 -47.74
CA ALA SB 251 69.76 82.61 -47.73
C ALA SB 251 69.02 82.50 -49.05
N PHE SB 252 68.63 83.65 -49.64
CA PHE SB 252 67.96 83.73 -50.92
C PHE SB 252 68.76 83.06 -52.04
N LYS SB 253 70.06 83.38 -52.14
CA LYS SB 253 70.97 82.75 -53.06
C LYS SB 253 71.15 81.27 -52.80
N LYS SB 254 71.29 80.84 -51.54
CA LYS SB 254 71.41 79.44 -51.19
C LYS SB 254 70.19 78.63 -51.59
N LEU SB 255 68.99 79.20 -51.40
CA LEU SB 255 67.75 78.62 -51.89
C LEU SB 255 67.78 78.25 -53.36
N ASP SB 256 68.29 79.15 -54.23
CA ASP SB 256 68.46 78.85 -55.64
C ASP SB 256 69.41 77.66 -55.87
N VAL SB 257 70.56 77.63 -55.19
CA VAL SB 257 71.53 76.54 -55.22
C VAL SB 257 70.93 75.20 -54.84
N ILE SB 258 70.11 75.17 -53.76
CA ILE SB 258 69.40 74.00 -53.28
C ILE SB 258 68.55 73.36 -54.37
N TYR SB 259 67.77 74.17 -55.09
CA TYR SB 259 66.87 73.71 -56.13
C TYR SB 259 67.47 73.88 -57.52
N GLY SB 260 68.80 74.05 -57.62
CA GLY SB 260 69.52 74.34 -58.86
C GLY SB 260 70.35 73.20 -59.37
N LYS SB 261 70.54 72.13 -58.56
CA LYS SB 261 71.38 70.97 -58.82
C LYS SB 261 72.87 71.31 -58.89
N ILE SB 262 73.35 72.07 -57.90
CA ILE SB 262 74.72 72.55 -57.85
C ILE SB 262 75.33 71.99 -56.57
N HIS SB 263 76.57 71.45 -56.69
CA HIS SB 263 77.31 70.78 -55.62
C HIS SB 263 76.64 69.54 -55.03
N GLU SB 264 77.32 68.91 -54.03
CA GLU SB 264 76.88 67.75 -53.26
C GLU SB 264 76.70 66.47 -54.09
N LYS SB 265 77.52 66.28 -55.14
CA LYS SB 265 77.42 65.21 -56.14
C LYS SB 265 76.01 64.74 -56.53
N LYS SB 266 75.67 63.45 -56.36
CA LYS SB 266 74.36 62.89 -56.70
C LYS SB 266 73.39 62.77 -55.51
N VAL SB 267 73.73 63.34 -54.34
CA VAL SB 267 73.01 63.10 -53.08
C VAL SB 267 71.57 63.63 -53.00
N THR SB 268 71.33 64.93 -53.30
CA THR SB 268 70.02 65.62 -53.08
C THR SB 268 68.82 64.85 -53.57
N LYS SB 269 67.98 64.43 -52.62
CA LYS SB 269 66.78 63.64 -52.82
C LYS SB 269 66.96 62.38 -53.65
N LYS SB 270 68.18 61.80 -53.59
CA LYS SB 270 68.62 60.68 -54.41
C LYS SB 270 68.46 60.99 -55.89
N ASN SB 271 69.25 61.95 -56.38
CA ASN SB 271 69.16 62.55 -57.70
C ASN SB 271 67.78 63.12 -58.08
N TYR SB 272 67.23 64.03 -57.25
CA TYR SB 272 65.95 64.67 -57.54
C TYR SB 272 65.93 66.11 -57.01
N ILE SB 273 65.21 66.99 -57.74
CA ILE SB 273 64.89 68.34 -57.29
C ILE SB 273 63.51 68.77 -57.79
N LEU SB 274 62.83 69.60 -56.96
CA LEU SB 274 61.82 70.57 -57.36
C LEU SB 274 60.43 70.03 -57.67
N PRO SB 275 59.44 70.17 -56.79
CA PRO SB 275 58.03 70.06 -57.13
C PRO SB 275 57.59 70.97 -58.28
N LYS SB 276 56.96 70.44 -59.34
CA LYS SB 276 56.84 71.19 -60.58
C LYS SB 276 55.73 70.66 -61.50
N SER SB 277 54.54 70.38 -60.91
CA SER SB 277 53.32 70.04 -61.63
C SER SB 277 52.89 71.03 -62.71
N ILE SB 278 52.12 70.55 -63.71
CA ILE SB 278 51.79 71.29 -64.91
C ILE SB 278 50.51 72.10 -64.77
N VAL SB 279 49.90 72.15 -63.57
CA VAL SB 279 48.84 73.09 -63.28
C VAL SB 279 49.30 74.53 -63.46
N HIS SB 280 48.51 75.38 -64.17
CA HIS SB 280 49.12 76.52 -64.83
C HIS SB 280 48.14 77.63 -65.15
N ASN SB 281 48.69 78.84 -65.35
CA ASN SB 281 47.98 80.05 -65.69
C ASN SB 281 48.92 80.78 -66.62
N PRO SB 282 48.55 81.54 -67.64
CA PRO SB 282 47.40 82.41 -67.84
C PRO SB 282 46.12 82.34 -67.02
N ASP SB 283 45.73 83.49 -66.43
CA ASP SB 283 44.47 83.68 -65.76
C ASP SB 283 43.27 83.37 -66.67
N ILE SB 284 42.18 82.85 -66.08
CA ILE SB 284 41.01 82.37 -66.80
C ILE SB 284 40.34 83.43 -67.65
N TYR SB 285 40.26 84.68 -67.15
CA TYR SB 285 39.58 85.75 -67.82
C TYR SB 285 40.25 86.16 -69.12
N ARG SB 286 41.60 86.08 -69.16
CA ARG SB 286 42.40 86.31 -70.34
C ARG SB 286 42.10 85.30 -71.43
N ILE SB 287 41.95 84.02 -71.03
CA ILE SB 287 41.69 82.93 -71.95
C ILE SB 287 40.37 83.11 -72.67
N ILE SB 288 39.29 83.35 -71.91
CA ILE SB 288 37.98 83.68 -72.47
C ILE SB 288 37.96 84.94 -73.31
N HIS SB 289 38.58 86.03 -72.80
CA HIS SB 289 38.67 87.27 -73.55
C HIS SB 289 39.42 87.19 -74.86
N SER SB 290 40.53 86.41 -74.92
CA SER SB 290 41.30 86.07 -76.12
C SER SB 290 40.51 85.99 -77.41
N ASP SB 291 40.99 86.66 -78.48
CA ASP SB 291 40.15 86.99 -79.60
C ASP SB 291 39.70 85.74 -80.37
N LYS SB 292 40.62 84.79 -80.59
CA LYS SB 292 40.26 83.50 -81.17
C LYS SB 292 39.23 82.73 -80.36
N VAL SB 293 39.39 82.70 -79.03
CA VAL SB 293 38.43 82.06 -78.13
C VAL SB 293 37.08 82.75 -78.14
N GLN SB 294 37.06 84.09 -78.00
CA GLN SB 294 35.88 84.92 -78.03
C GLN SB 294 35.07 84.76 -79.30
N ALA SB 295 35.74 84.75 -80.46
CA ALA SB 295 35.17 84.42 -81.75
C ALA SB 295 34.57 83.01 -81.79
N SER SB 296 35.31 82.04 -81.24
CA SER SB 296 34.92 80.64 -81.25
C SER SB 296 33.69 80.34 -80.44
N LEU SB 297 33.60 80.87 -79.21
CA LEU SB 297 32.44 80.73 -78.36
C LEU SB 297 31.18 81.37 -78.97
N LEU SB 298 30.02 80.67 -78.89
CA LEU SB 298 28.81 81.13 -79.58
C LEU SB 298 28.06 82.20 -78.82
N ALA SB 299 27.35 83.05 -79.58
CA ALA SB 299 26.43 84.10 -79.17
C ALA SB 299 25.59 83.85 -77.91
N LYS SB 300 25.36 84.92 -77.12
CA LYS SB 300 24.57 84.86 -75.90
C LYS SB 300 23.14 84.36 -76.12
N LYS SB 301 22.65 83.54 -75.17
CA LYS SB 301 21.30 83.03 -75.17
C LYS SB 301 20.50 83.82 -74.13
N LYS SB 302 19.17 83.68 -74.12
CA LYS SB 302 18.32 84.51 -73.28
C LYS SB 302 17.62 83.67 -72.23
N PRO SB 303 17.55 84.06 -70.96
CA PRO SB 303 16.78 83.36 -69.93
C PRO SB 303 15.29 83.36 -70.19
N CYS SB 304 14.52 82.52 -69.46
CA CYS SB 304 13.07 82.56 -69.49
C CYS SB 304 12.50 83.92 -69.08
N LYS SB 305 11.37 84.33 -69.70
CA LYS SB 305 10.57 85.45 -69.26
C LYS SB 305 10.00 85.22 -67.85
N LYS SB 306 9.97 86.29 -67.02
CA LYS SB 306 9.34 86.30 -65.71
C LYS SB 306 7.83 86.04 -65.78
N ARG SB 307 7.22 85.39 -64.77
CA ARG SB 307 5.81 85.05 -64.76
C ARG SB 307 4.90 86.27 -64.92
N LEU SB 308 3.84 86.14 -65.73
CA LEU SB 308 2.83 87.17 -65.91
C LEU SB 308 1.51 86.61 -65.45
N GLN SB 309 0.50 87.49 -65.25
CA GLN SB 309 -0.89 87.09 -65.11
C GLN SB 309 -1.38 86.14 -66.20
N ASN SB 310 -2.40 85.31 -65.91
CA ASN SB 310 -2.92 84.34 -66.85
C ASN SB 310 -3.54 84.96 -68.09
N LYS SB 311 -4.23 86.11 -67.95
CA LYS SB 311 -4.88 86.84 -69.04
C LYS SB 311 -5.86 85.97 -69.82
N ASN SB 312 -6.67 85.22 -69.07
CA ASN SB 312 -7.27 84.00 -69.55
C ASN SB 312 -8.77 84.15 -69.72
N SER SB 313 -9.32 85.37 -69.52
CA SER SB 313 -10.74 85.58 -69.76
C SER SB 313 -11.15 85.34 -71.20
N LEU SB 314 -12.34 84.78 -71.41
CA LEU SB 314 -13.00 84.67 -72.69
C LEU SB 314 -13.30 86.03 -73.29
N THR SB 315 -13.42 87.06 -72.44
CA THR SB 315 -13.67 88.44 -72.84
C THR SB 315 -12.40 89.28 -72.89
N ASN SB 316 -11.18 88.69 -72.73
CA ASN SB 316 -9.94 89.42 -72.97
C ASN SB 316 -9.68 89.47 -74.47
N PHE SB 317 -10.25 90.48 -75.13
CA PHE SB 317 -10.37 90.55 -76.56
C PHE SB 317 -9.05 90.56 -77.30
N ALA SB 318 -8.09 91.42 -76.91
CA ALA SB 318 -6.78 91.45 -77.52
C ALA SB 318 -6.01 90.14 -77.46
N VAL SB 319 -5.98 89.50 -76.27
CA VAL SB 319 -5.39 88.19 -76.08
C VAL SB 319 -6.12 87.15 -76.92
N ARG SB 320 -7.45 87.18 -76.93
CA ARG SB 320 -8.24 86.31 -77.76
C ARG SB 320 -7.97 86.46 -79.26
N CYS SB 321 -7.84 87.70 -79.76
CA CYS SB 321 -7.42 87.97 -81.12
C CYS SB 321 -6.01 87.52 -81.43
N ARG SB 322 -5.06 87.75 -80.51
CA ARG SB 322 -3.72 87.19 -80.58
C ARG SB 322 -3.71 85.68 -80.75
N LEU SB 323 -4.42 84.99 -79.84
CA LEU SB 323 -4.62 83.56 -79.86
C LEU SB 323 -5.35 83.05 -81.10
N ASN SB 324 -6.46 83.70 -81.49
CA ASN SB 324 -7.23 83.31 -82.65
C ASN SB 324 -7.45 84.50 -83.58
N PRO SB 325 -6.70 84.64 -84.67
CA PRO SB 325 -6.79 85.77 -85.59
C PRO SB 325 -8.12 85.97 -86.24
N ALA SB 326 -8.85 84.87 -86.47
CA ALA SB 326 -10.15 84.91 -87.07
C ALA SB 326 -11.26 85.41 -86.16
N TYR SB 327 -11.09 85.42 -84.83
CA TYR SB 327 -12.15 85.74 -83.89
C TYR SB 327 -12.86 87.06 -84.15
N LYS SB 328 -12.14 88.09 -84.64
CA LYS SB 328 -12.73 89.32 -85.13
C LYS SB 328 -13.74 89.14 -86.26
N LEU SB 329 -13.43 88.29 -87.24
CA LEU SB 329 -14.36 87.92 -88.28
C LEU SB 329 -15.59 87.26 -87.70
N LEU SB 330 -15.40 86.34 -86.76
CA LEU SB 330 -16.49 85.71 -86.04
C LEU SB 330 -17.35 86.70 -85.26
N ARG SB 331 -16.73 87.72 -84.63
CA ARG SB 331 -17.44 88.84 -84.02
C ARG SB 331 -18.23 89.61 -85.05
N SER SB 332 -17.64 89.92 -86.21
CA SER SB 332 -18.31 90.57 -87.31
C SER SB 332 -19.52 89.81 -87.83
N LEU SB 333 -19.40 88.48 -88.05
CA LEU SB 333 -20.49 87.60 -88.41
C LEU SB 333 -21.61 87.61 -87.40
N ALA SB 334 -21.26 87.49 -86.11
CA ALA SB 334 -22.19 87.63 -85.02
C ALA SB 334 -22.90 88.99 -85.03
N VAL SB 335 -22.16 90.08 -85.23
CA VAL SB 335 -22.66 91.43 -85.32
C VAL SB 335 -23.60 91.60 -86.50
N LEU SB 336 -23.30 91.03 -87.68
CA LEU SB 336 -24.19 91.06 -88.81
C LEU SB 336 -25.53 90.39 -88.54
N ARG SB 337 -25.51 89.23 -87.86
CA ARG SB 337 -26.72 88.59 -87.37
C ARG SB 337 -27.51 89.42 -86.36
N MET SB 338 -26.83 90.00 -85.35
CA MET SB 338 -27.41 90.88 -84.36
C MET SB 338 -27.92 92.23 -84.84
N ARG SB 339 -27.16 92.97 -85.66
CA ARG SB 339 -27.39 94.34 -86.12
C ARG SB 339 -28.80 94.60 -86.61
N LYS SB 340 -29.33 93.67 -87.44
CA LYS SB 340 -30.69 93.67 -87.94
C LYS SB 340 -31.73 93.88 -86.85
N SER SB 341 -31.48 93.32 -85.65
CA SER SB 341 -32.19 93.62 -84.41
C SER SB 341 -33.66 93.30 -84.44
N ILE SB 342 -34.41 93.71 -83.40
CA ILE SB 342 -35.74 93.21 -83.16
C ILE SB 342 -36.78 93.65 -84.18
N LEU SB 343 -36.70 94.87 -84.74
CA LEU SB 343 -37.61 95.36 -85.75
C LEU SB 343 -37.58 94.60 -87.07
N GLU SB 344 -36.38 94.36 -87.64
CA GLU SB 344 -36.20 93.61 -88.87
C GLU SB 344 -36.61 92.17 -88.70
N LYS SB 345 -36.17 91.54 -87.60
CA LYS SB 345 -36.56 90.24 -87.12
C LYS SB 345 -38.08 90.10 -86.93
N SER SB 346 -38.76 91.11 -86.35
CA SER SB 346 -40.23 91.19 -86.25
C SER SB 346 -40.90 91.15 -87.62
N LYS SB 347 -40.44 91.97 -88.58
CA LYS SB 347 -40.84 91.87 -89.99
C LYS SB 347 -40.57 90.48 -90.60
N ASN SB 348 -39.36 89.93 -90.37
CA ASN SB 348 -38.87 88.64 -90.84
C ASN SB 348 -39.70 87.50 -90.29
N LYS SB 349 -40.18 87.60 -89.04
CA LYS SB 349 -40.89 86.55 -88.33
C LYS SB 349 -42.14 86.11 -89.07
N LYS SB 350 -42.92 87.03 -89.66
CA LYS SB 350 -44.01 86.70 -90.56
C LYS SB 350 -43.60 85.90 -91.80
N GLU SB 351 -42.50 86.31 -92.47
CA GLU SB 351 -41.95 85.66 -93.64
C GLU SB 351 -41.45 84.25 -93.36
N LYS SB 352 -40.78 84.07 -92.20
CA LYS SB 352 -40.37 82.80 -91.68
C LYS SB 352 -41.56 81.89 -91.42
N ARG SB 353 -42.56 82.34 -90.63
CA ARG SB 353 -43.70 81.51 -90.29
C ARG SB 353 -44.52 81.10 -91.50
N VAL SB 354 -44.80 81.98 -92.48
CA VAL SB 354 -45.48 81.52 -93.67
C VAL SB 354 -44.70 80.48 -94.47
N GLN SB 355 -43.39 80.67 -94.72
CA GLN SB 355 -42.63 79.65 -95.43
C GLN SB 355 -42.32 78.40 -94.61
N LYS SB 356 -42.32 78.49 -93.27
CA LYS SB 356 -42.07 77.33 -92.47
C LYS SB 356 -43.31 76.52 -92.23
N GLN SB 357 -44.50 77.15 -92.14
CA GLN SB 357 -45.76 76.45 -92.13
C GLN SB 357 -45.96 75.44 -93.24
N ILE SB 358 -45.78 75.85 -94.52
CA ILE SB 358 -45.87 74.92 -95.64
C ILE SB 358 -44.86 73.77 -95.60
N GLN SB 359 -43.56 74.06 -95.37
CA GLN SB 359 -42.53 73.06 -95.23
C GLN SB 359 -42.74 72.07 -94.09
N LYS SB 360 -43.08 72.60 -92.90
CA LYS SB 360 -43.38 71.78 -91.75
C LYS SB 360 -44.59 70.92 -91.98
N LYS SB 361 -45.69 71.45 -92.54
CA LYS SB 361 -46.90 70.68 -92.77
C LYS SB 361 -46.69 69.49 -93.71
N GLU SB 362 -46.01 69.66 -94.87
CA GLU SB 362 -45.64 68.55 -95.74
C GLU SB 362 -44.70 67.54 -95.10
N LEU SB 363 -43.64 67.99 -94.40
CA LEU SB 363 -42.75 67.09 -93.70
C LEU SB 363 -43.42 66.36 -92.54
N GLN SB 364 -44.26 67.07 -91.76
CA GLN SB 364 -45.09 66.57 -90.68
C GLN SB 364 -46.10 65.52 -91.09
N LYS SB 365 -46.85 65.69 -92.20
CA LYS SB 365 -47.78 64.66 -92.63
C LYS SB 365 -47.09 63.34 -92.93
N ILE SB 366 -45.94 63.39 -93.65
CA ILE SB 366 -45.10 62.24 -93.88
C ILE SB 366 -44.62 61.58 -92.58
N ASN SB 367 -44.21 62.42 -91.61
CA ASN SB 367 -43.72 61.99 -90.34
C ASN SB 367 -44.82 61.42 -89.46
N HIS SB 368 -46.04 61.99 -89.53
CA HIS SB 368 -47.22 61.45 -88.91
C HIS SB 368 -47.54 60.05 -89.39
N ASP SB 369 -47.38 59.75 -90.70
CA ASP SB 369 -47.46 58.38 -91.19
C ASP SB 369 -46.41 57.44 -90.57
N TYR SB 370 -45.17 57.93 -90.42
CA TYR SB 370 -44.08 57.23 -89.77
C TYR SB 370 -44.40 56.90 -88.30
N TYR SB 371 -44.89 57.88 -87.52
CA TYR SB 371 -45.39 57.75 -86.16
C TYR SB 371 -46.53 56.75 -86.04
N LYS SB 372 -47.49 56.79 -86.97
CA LYS SB 372 -48.56 55.83 -87.09
C LYS SB 372 -48.04 54.43 -87.28
N GLY SB 373 -47.01 54.23 -88.14
CA GLY SB 373 -46.31 52.95 -88.24
C GLY SB 373 -45.70 52.43 -86.95
N VAL SB 374 -45.14 53.32 -86.11
CA VAL SB 374 -44.69 53.00 -84.77
C VAL SB 374 -45.84 52.54 -83.89
N ALA SB 375 -46.95 53.30 -83.88
CA ALA SB 375 -48.16 52.97 -83.17
C ALA SB 375 -48.74 51.61 -83.58
N LYS SB 376 -48.83 51.37 -84.90
CA LYS SB 376 -49.29 50.17 -85.56
C LYS SB 376 -48.47 48.97 -85.17
N ALA SB 377 -47.14 49.09 -85.11
CA ALA SB 377 -46.26 48.01 -84.73
C ALA SB 377 -46.45 47.54 -83.29
N VAL SB 378 -46.61 48.48 -82.34
CA VAL SB 378 -46.89 48.19 -80.94
C VAL SB 378 -48.22 47.49 -80.79
N LYS SB 379 -49.25 48.02 -81.45
CA LYS SB 379 -50.59 47.50 -81.43
C LYS SB 379 -50.67 46.10 -82.03
N LYS SB 380 -49.98 45.87 -83.16
CA LYS SB 380 -49.88 44.57 -83.80
C LYS SB 380 -49.25 43.53 -82.89
N LYS SB 381 -48.14 43.88 -82.22
CA LYS SB 381 -47.54 43.00 -81.26
C LYS SB 381 -48.44 42.70 -80.07
N LYS SB 382 -49.07 43.75 -79.49
CA LYS SB 382 -49.97 43.58 -78.36
C LYS SB 382 -51.13 42.66 -78.61
N LYS SB 383 -51.86 42.85 -79.73
CA LYS SB 383 -52.91 41.96 -80.18
C LYS SB 383 -52.51 40.54 -80.46
N ARG SB 384 -51.39 40.34 -81.20
CA ARG SB 384 -50.89 39.02 -81.57
C ARG SB 384 -50.56 38.18 -80.36
N GLU SB 385 -49.81 38.77 -79.40
CA GLU SB 385 -49.48 38.16 -78.13
C GLU SB 385 -50.69 37.82 -77.27
N GLU SB 386 -51.67 38.75 -77.21
CA GLU SB 386 -52.89 38.61 -76.42
C GLU SB 386 -53.76 37.46 -76.91
N LYS SB 387 -53.95 37.34 -78.25
CA LYS SB 387 -54.46 36.16 -78.89
C LYS SB 387 -53.65 34.89 -78.63
N LYS SB 388 -52.31 34.96 -78.77
CA LYS SB 388 -51.41 33.82 -78.63
C LYS SB 388 -51.47 33.15 -77.26
N ALA SB 389 -51.52 33.94 -76.19
CA ALA SB 389 -51.38 33.50 -74.82
C ALA SB 389 -52.33 32.38 -74.37
N LYS SB 390 -53.63 32.44 -74.70
CA LYS SB 390 -54.54 31.33 -74.49
C LYS SB 390 -54.35 30.19 -75.54
N VAL TB 1 -17.42 -25.73 -108.19
CA VAL TB 1 -16.97 -24.54 -107.36
C VAL TB 1 -15.78 -24.87 -106.46
N MET TB 2 -15.31 -23.91 -105.62
CA MET TB 2 -14.06 -24.04 -104.90
C MET TB 2 -14.15 -23.84 -103.39
N ARG TB 3 -15.37 -23.76 -102.81
CA ARG TB 3 -15.54 -23.31 -101.43
C ARG TB 3 -15.31 -24.36 -100.35
N GLU TB 4 -15.34 -25.64 -100.71
CA GLU TB 4 -15.33 -26.79 -99.82
C GLU TB 4 -14.15 -26.92 -98.83
N ILE TB 5 -14.44 -27.58 -97.69
CA ILE TB 5 -13.56 -27.79 -96.55
C ILE TB 5 -12.27 -28.56 -96.88
N LYS TB 6 -11.16 -28.19 -96.20
CA LYS TB 6 -9.89 -28.86 -96.31
C LYS TB 6 -9.26 -28.95 -94.93
N VAL TB 7 -8.16 -29.71 -94.76
CA VAL TB 7 -7.71 -30.10 -93.43
C VAL TB 7 -6.19 -30.30 -93.33
N ASN TB 8 -5.60 -29.94 -92.16
CA ASN TB 8 -4.21 -30.12 -91.83
C ASN TB 8 -4.13 -30.57 -90.37
N LYS TB 9 -2.99 -31.12 -89.91
CA LYS TB 9 -2.67 -31.28 -88.50
C LYS TB 9 -3.52 -32.27 -87.68
N LEU TB 10 -3.28 -33.58 -87.87
CA LEU TB 10 -3.83 -34.65 -87.03
C LEU TB 10 -2.73 -35.67 -86.74
N VAL TB 11 -2.93 -36.56 -85.75
CA VAL TB 11 -1.94 -37.57 -85.32
C VAL TB 11 -2.60 -38.93 -85.12
N LEU TB 12 -1.81 -40.03 -85.19
CA LEU TB 12 -2.34 -41.38 -85.26
C LEU TB 12 -1.57 -42.36 -84.37
N ASN TB 13 -2.11 -43.59 -84.20
CA ASN TB 13 -1.43 -44.69 -83.52
C ASN TB 13 -1.97 -46.02 -84.04
N ILE TB 14 -1.35 -47.16 -83.64
CA ILE TB 14 -1.63 -48.46 -84.25
C ILE TB 14 -2.67 -49.28 -83.49
N CYS TB 15 -3.20 -48.77 -82.36
CA CYS TB 15 -4.19 -49.47 -81.57
C CYS TB 15 -5.62 -49.22 -82.08
N VAL TB 16 -6.62 -49.14 -81.18
CA VAL TB 16 -8.03 -49.16 -81.56
C VAL TB 16 -8.70 -47.83 -81.27
N GLY TB 17 -7.93 -46.80 -80.87
CA GLY TB 17 -8.45 -45.48 -80.54
C GLY TB 17 -9.09 -45.42 -79.17
N GLU TB 18 -8.45 -46.03 -78.16
CA GLU TB 18 -8.94 -46.19 -76.80
C GLU TB 18 -9.35 -44.91 -76.08
N SER TB 19 -8.65 -43.79 -76.35
CA SER TB 19 -8.86 -42.47 -75.75
C SER TB 19 -8.29 -42.37 -74.34
N GLY TB 20 -7.84 -41.16 -73.94
CA GLY TB 20 -7.49 -40.88 -72.55
C GLY TB 20 -6.32 -41.62 -71.93
N ASP TB 21 -6.50 -41.92 -70.62
CA ASP TB 21 -5.61 -42.60 -69.71
C ASP TB 21 -5.34 -44.03 -70.20
N ARG TB 22 -6.41 -44.76 -70.58
CA ARG TB 22 -6.42 -46.15 -71.00
C ARG TB 22 -5.52 -46.40 -72.21
N LEU TB 23 -5.54 -45.49 -73.21
CA LEU TB 23 -4.65 -45.54 -74.37
C LEU TB 23 -3.19 -45.55 -73.94
N THR TB 24 -2.83 -44.64 -73.01
CA THR TB 24 -1.51 -44.57 -72.41
C THR TB 24 -1.14 -45.84 -71.65
N ARG TB 25 -2.05 -46.42 -70.84
CA ARG TB 25 -1.81 -47.71 -70.20
C ARG TB 25 -1.59 -48.87 -71.18
N ALA TB 26 -2.48 -48.99 -72.18
CA ALA TB 26 -2.40 -49.97 -73.24
C ALA TB 26 -1.10 -49.91 -74.02
N ALA TB 27 -0.68 -48.69 -74.41
CA ALA TB 27 0.61 -48.42 -75.01
C ALA TB 27 1.80 -48.85 -74.17
N ARG TB 28 1.79 -48.61 -72.84
CA ARG TB 28 2.81 -49.09 -71.93
C ARG TB 28 2.88 -50.61 -71.83
N VAL TB 29 1.74 -51.32 -71.78
CA VAL TB 29 1.73 -52.77 -71.88
C VAL TB 29 2.27 -53.27 -73.22
N LEU TB 30 1.86 -52.63 -74.33
CA LEU TB 30 2.36 -52.92 -75.66
C LEU TB 30 3.87 -52.65 -75.83
N GLU TB 31 4.38 -51.56 -75.23
CA GLU TB 31 5.79 -51.22 -75.12
C GLU TB 31 6.60 -52.26 -74.35
N GLN TB 32 6.05 -52.76 -73.23
CA GLN TB 32 6.63 -53.88 -72.50
C GLN TB 32 6.66 -55.19 -73.31
N LEU TB 33 5.57 -55.53 -74.03
CA LEU TB 33 5.59 -56.68 -74.94
C LEU TB 33 6.61 -56.58 -76.08
N THR TB 34 6.68 -55.42 -76.76
CA THR TB 34 7.56 -55.23 -77.90
C THR TB 34 8.10 -53.81 -77.93
N GLU TB 35 9.43 -53.68 -78.15
CA GLU TB 35 10.18 -52.46 -77.99
C GLU TB 35 9.93 -51.36 -79.04
N GLN TB 36 9.38 -51.69 -80.22
CA GLN TB 36 9.01 -50.73 -81.26
C GLN TB 36 7.91 -49.74 -80.84
N LYS TB 37 8.11 -48.43 -81.10
CA LYS TB 37 7.10 -47.41 -80.84
C LYS TB 37 7.31 -46.17 -81.73
N PRO TB 38 6.30 -45.34 -82.00
CA PRO TB 38 6.45 -44.19 -82.89
C PRO TB 38 6.97 -42.97 -82.13
N ILE TB 39 6.72 -41.74 -82.64
CA ILE TB 39 7.41 -40.52 -82.26
C ILE TB 39 6.65 -39.59 -81.30
N PHE TB 40 7.38 -38.63 -80.71
CA PHE TB 40 6.85 -37.54 -79.89
C PHE TB 40 5.95 -36.55 -80.64
N GLY TB 41 4.98 -35.94 -79.92
CA GLY TB 41 4.19 -34.81 -80.41
C GLY TB 41 4.66 -33.49 -79.85
N LYS TB 42 3.74 -32.53 -79.70
CA LYS TB 42 4.01 -31.28 -79.04
C LYS TB 42 2.88 -30.99 -78.05
N CYS TB 43 3.21 -30.79 -76.76
CA CYS TB 43 2.23 -30.59 -75.71
C CYS TB 43 2.89 -30.00 -74.46
N ARG TB 44 2.07 -29.48 -73.51
CA ARG TB 44 2.53 -29.01 -72.21
C ARG TB 44 2.59 -30.19 -71.18
N LYS TB 57 1.01 -39.12 -68.18
CA LYS TB 57 2.43 -38.67 -68.34
C LYS TB 57 2.86 -38.42 -69.78
N ILE TB 58 3.13 -39.48 -70.56
CA ILE TB 58 3.67 -39.32 -71.90
C ILE TB 58 3.26 -40.51 -72.76
N SER TB 59 3.14 -40.32 -74.09
CA SER TB 59 2.80 -41.38 -75.02
C SER TB 59 3.27 -40.95 -76.41
N CYS TB 60 3.28 -41.88 -77.36
CA CYS TB 60 3.88 -41.68 -78.67
C CYS TB 60 2.89 -41.93 -79.78
N PHE TB 61 3.07 -41.22 -80.91
CA PHE TB 61 2.08 -41.11 -81.95
C PHE TB 61 2.76 -41.01 -83.31
N VAL TB 62 2.05 -41.35 -84.38
CA VAL TB 62 2.54 -41.27 -85.74
C VAL TB 62 2.13 -39.94 -86.34
N THR TB 63 3.09 -39.19 -86.93
CA THR TB 63 2.78 -37.95 -87.64
C THR TB 63 2.54 -38.24 -89.11
N VAL TB 64 1.35 -37.86 -89.63
CA VAL TB 64 0.90 -38.11 -91.00
C VAL TB 64 0.24 -36.84 -91.52
N ARG TB 65 0.46 -36.46 -92.80
CA ARG TB 65 -0.12 -35.25 -93.36
C ARG TB 65 -1.66 -35.26 -93.47
N GLY TB 66 -2.30 -34.21 -92.91
CA GLY TB 66 -3.61 -33.69 -93.32
C GLY TB 66 -4.72 -34.66 -93.59
N LYS TB 67 -5.25 -34.58 -94.83
CA LYS TB 67 -6.36 -35.36 -95.33
C LYS TB 67 -6.23 -36.86 -95.14
N LYS TB 68 -5.07 -37.45 -95.48
CA LYS TB 68 -4.80 -38.86 -95.25
C LYS TB 68 -4.88 -39.26 -93.78
N ALA TB 69 -4.34 -38.42 -92.89
CA ALA TB 69 -4.41 -38.63 -91.45
C ALA TB 69 -5.85 -38.64 -90.95
N LEU TB 70 -6.67 -37.66 -91.38
CA LEU TB 70 -8.07 -37.56 -91.02
C LEU TB 70 -8.89 -38.78 -91.42
N GLU TB 71 -8.68 -39.30 -92.65
CA GLU TB 71 -9.32 -40.50 -93.13
C GLU TB 71 -9.08 -41.73 -92.26
N ILE TB 72 -7.81 -41.97 -91.87
CA ILE TB 72 -7.46 -43.05 -90.96
C ILE TB 72 -8.06 -42.84 -89.58
N LEU TB 73 -7.96 -41.60 -89.05
CA LEU TB 73 -8.54 -41.21 -87.79
C LEU TB 73 -10.03 -41.44 -87.67
N GLU TB 74 -10.80 -41.07 -88.70
CA GLU TB 74 -12.24 -41.31 -88.82
C GLU TB 74 -12.59 -42.79 -88.75
N LYS TB 75 -11.81 -43.65 -89.44
CA LYS TB 75 -12.02 -45.09 -89.44
C LYS TB 75 -11.69 -45.69 -88.08
N GLY TB 76 -10.58 -45.25 -87.45
CA GLY TB 76 -10.26 -45.46 -86.04
C GLY TB 76 -11.38 -45.12 -85.08
N LEU TB 77 -11.96 -43.92 -85.23
CA LEU TB 77 -13.07 -43.38 -84.48
C LEU TB 77 -14.29 -44.30 -84.38
N LYS TB 78 -14.71 -44.88 -85.53
CA LYS TB 78 -15.77 -45.84 -85.58
C LYS TB 78 -15.39 -47.19 -84.87
N ARG TB 85 -28.19 -36.66 -79.07
CA ARG TB 85 -27.76 -35.53 -79.97
C ARG TB 85 -26.97 -36.01 -81.18
N ARG TB 86 -27.61 -36.08 -82.38
CA ARG TB 86 -26.93 -36.45 -83.62
C ARG TB 86 -25.89 -35.44 -84.04
N LYS TB 87 -26.22 -34.13 -83.90
CA LYS TB 87 -25.33 -33.03 -84.20
C LYS TB 87 -24.46 -32.65 -83.00
N ASN TB 88 -23.68 -33.63 -82.48
CA ASN TB 88 -22.72 -33.47 -81.40
C ASN TB 88 -21.57 -32.53 -81.73
N PHE TB 89 -21.17 -32.49 -83.01
CA PHE TB 89 -20.29 -31.52 -83.64
C PHE TB 89 -20.49 -30.04 -83.27
N SER TB 90 -19.42 -29.24 -83.43
CA SER TB 90 -19.39 -27.81 -83.15
C SER TB 90 -18.48 -27.12 -84.16
N ASP TB 91 -18.68 -25.79 -84.39
CA ASP TB 91 -18.00 -24.96 -85.39
C ASP TB 91 -16.47 -24.95 -85.34
N THR TB 92 -15.90 -25.49 -84.27
CA THR TB 92 -14.49 -25.72 -84.05
C THR TB 92 -13.84 -26.61 -85.08
N GLY TB 93 -14.55 -27.68 -85.52
CA GLY TB 93 -13.94 -28.76 -86.27
C GLY TB 93 -13.62 -29.97 -85.44
N ASN TB 94 -14.03 -29.94 -84.17
CA ASN TB 94 -13.83 -31.03 -83.25
C ASN TB 94 -15.01 -32.00 -83.34
N PHE TB 95 -14.72 -33.29 -83.60
CA PHE TB 95 -15.72 -34.32 -83.75
C PHE TB 95 -15.81 -35.20 -82.52
N GLY TB 96 -14.98 -34.94 -81.48
CA GLY TB 96 -14.84 -35.83 -80.33
C GLY TB 96 -14.52 -37.26 -80.70
N PHE TB 97 -15.14 -38.22 -79.99
CA PHE TB 97 -15.03 -39.64 -80.29
C PHE TB 97 -16.43 -40.17 -80.60
N GLY TB 98 -16.61 -40.92 -81.71
CA GLY TB 98 -17.92 -41.42 -82.10
C GLY TB 98 -17.93 -42.21 -83.39
N ILE TB 99 -19.08 -42.84 -83.69
CA ILE TB 99 -19.28 -43.69 -84.85
C ILE TB 99 -20.02 -42.91 -85.96
N GLY TB 117 -11.95 -38.47 -73.99
CA GLY TB 117 -11.08 -37.33 -74.43
C GLY TB 117 -9.60 -37.56 -74.31
N MET TB 118 -8.79 -36.76 -75.02
CA MET TB 118 -7.34 -36.91 -75.06
C MET TB 118 -6.68 -35.61 -75.52
N ASP TB 119 -5.34 -35.55 -75.53
CA ASP TB 119 -4.54 -34.42 -75.94
C ASP TB 119 -4.24 -34.44 -77.45
N PHE TB 120 -4.81 -35.40 -78.19
CA PHE TB 120 -4.69 -35.57 -79.63
C PHE TB 120 -5.17 -34.39 -80.51
N TYR TB 121 -4.45 -34.14 -81.62
CA TYR TB 121 -4.80 -33.14 -82.61
C TYR TB 121 -6.06 -33.46 -83.44
N VAL TB 122 -6.84 -32.42 -83.80
CA VAL TB 122 -8.01 -32.48 -84.65
C VAL TB 122 -8.16 -31.08 -85.23
N HIS TB 123 -8.80 -30.87 -86.40
CA HIS TB 123 -8.70 -29.59 -87.09
C HIS TB 123 -9.80 -29.34 -88.13
N LEU TB 124 -10.00 -28.06 -88.53
CA LEU TB 124 -10.89 -27.65 -89.60
C LEU TB 124 -10.34 -26.39 -90.26
N SER TB 125 -10.44 -26.31 -91.60
CA SER TB 125 -10.18 -25.07 -92.33
C SER TB 125 -11.10 -24.96 -93.52
N ARG TB 126 -11.55 -23.73 -93.82
CA ARG TB 126 -12.32 -23.39 -94.99
C ARG TB 126 -11.38 -23.07 -96.16
N SER TB 127 -11.89 -23.02 -97.41
CA SER TB 127 -11.05 -22.91 -98.60
C SER TB 127 -10.19 -21.65 -98.67
N GLY TB 128 -10.76 -20.48 -98.36
CA GLY TB 128 -10.09 -19.18 -98.42
C GLY TB 128 -9.45 -18.76 -97.13
N TYR TB 129 -9.20 -19.70 -96.19
CA TYR TB 129 -8.74 -19.43 -94.84
C TYR TB 129 -7.42 -18.64 -94.73
N ARG TB 130 -6.51 -18.79 -95.72
CA ARG TB 130 -5.14 -18.30 -95.64
C ARG TB 130 -5.00 -16.82 -95.33
N VAL TB 131 -5.91 -15.97 -95.85
CA VAL TB 131 -5.98 -14.55 -95.59
C VAL TB 131 -5.93 -14.16 -94.12
N THR TB 132 -6.47 -15.02 -93.24
CA THR TB 132 -6.58 -14.78 -91.82
C THR TB 132 -5.24 -14.74 -91.14
N ARG TB 133 -4.27 -15.59 -91.53
CA ARG TB 133 -2.96 -15.61 -90.92
C ARG TB 133 -1.86 -15.08 -91.84
N ARG TB 134 -2.12 -14.96 -93.16
CA ARG TB 134 -1.18 -14.43 -94.14
C ARG TB 134 -0.77 -12.97 -93.92
N THR TB 135 0.55 -12.71 -93.92
CA THR TB 135 1.16 -11.46 -93.50
C THR TB 135 0.88 -10.23 -94.37
N ARG TB 136 1.08 -10.32 -95.70
CA ARG TB 136 1.26 -9.12 -96.52
C ARG TB 136 0.09 -8.15 -96.57
N ARG TB 137 -1.13 -8.67 -96.79
CA ARG TB 137 -2.28 -7.83 -96.99
C ARG TB 137 -3.34 -8.07 -95.93
N ARG TB 138 -2.97 -8.82 -94.86
CA ARG TB 138 -3.82 -9.17 -93.73
C ARG TB 138 -5.30 -9.43 -94.02
N SER TB 139 -6.23 -8.67 -93.37
CA SER TB 139 -7.66 -8.92 -93.39
C SER TB 139 -8.05 -10.29 -92.85
N LYS TB 140 -9.24 -10.79 -93.21
CA LYS TB 140 -9.82 -11.95 -92.62
C LYS TB 140 -10.84 -12.57 -93.53
N ILE TB 141 -11.17 -13.84 -93.27
CA ILE TB 141 -12.27 -14.56 -93.88
C ILE TB 141 -13.63 -13.87 -93.65
N SER TB 142 -14.49 -13.79 -94.69
CA SER TB 142 -15.80 -13.18 -94.57
C SER TB 142 -16.83 -14.09 -93.92
N LYS TB 143 -17.90 -13.48 -93.37
CA LYS TB 143 -19.02 -14.18 -92.77
C LYS TB 143 -19.72 -15.10 -93.75
N THR TB 144 -19.86 -14.63 -95.01
CA THR TB 144 -20.35 -15.42 -96.13
C THR TB 144 -19.48 -16.62 -96.44
N HIS TB 145 -18.14 -16.44 -96.44
CA HIS TB 145 -17.21 -17.52 -96.72
C HIS TB 145 -17.13 -18.59 -95.65
N LYS TB 146 -17.18 -18.24 -94.34
CA LYS TB 146 -17.17 -19.16 -93.21
C LYS TB 146 -18.01 -20.45 -93.28
N VAL TB 147 -17.59 -21.48 -92.51
CA VAL TB 147 -18.16 -22.82 -92.55
C VAL TB 147 -19.60 -22.96 -92.02
N THR TB 148 -19.92 -22.34 -90.88
CA THR TB 148 -21.13 -22.60 -90.07
C THR TB 148 -21.23 -24.03 -89.56
N LYS TB 149 -22.31 -24.38 -88.84
CA LYS TB 149 -22.66 -25.74 -88.51
C LYS TB 149 -23.10 -26.56 -89.71
N GLU TB 150 -24.01 -26.03 -90.53
CA GLU TB 150 -24.68 -26.75 -91.59
C GLU TB 150 -23.83 -27.35 -92.69
N ASP TB 151 -22.86 -26.60 -93.25
CA ASP TB 151 -21.93 -27.12 -94.26
C ASP TB 151 -21.09 -28.28 -93.73
N ALA TB 152 -20.60 -28.14 -92.49
CA ALA TB 152 -19.90 -29.18 -91.75
C ALA TB 152 -20.76 -30.43 -91.57
N MET TB 153 -22.04 -30.26 -91.18
CA MET TB 153 -23.03 -31.34 -91.12
C MET TB 153 -23.24 -32.02 -92.48
N LYS TB 154 -23.32 -31.29 -93.60
CA LYS TB 154 -23.32 -31.88 -94.94
C LYS TB 154 -22.06 -32.69 -95.24
N TRP TB 155 -20.88 -32.16 -94.89
CA TRP TB 155 -19.58 -32.78 -95.00
C TRP TB 155 -19.49 -34.09 -94.22
N PHE TB 156 -19.98 -34.13 -92.97
CA PHE TB 156 -20.10 -35.31 -92.13
C PHE TB 156 -20.95 -36.41 -92.77
N GLN TB 157 -22.11 -36.03 -93.33
CA GLN TB 157 -22.97 -36.94 -94.06
C GLN TB 157 -22.34 -37.46 -95.34
N THR TB 158 -21.61 -36.60 -96.05
CA THR TB 158 -20.83 -36.91 -97.24
C THR TB 158 -19.76 -37.95 -97.00
N LYS TB 159 -18.91 -37.68 -95.98
CA LYS TB 159 -17.68 -38.39 -95.67
C LYS TB 159 -16.56 -38.14 -96.72
N ILE UB 1 -36.96 77.16 -71.93
CA ILE UB 1 -36.74 77.48 -70.49
C ILE UB 1 -37.99 77.37 -69.60
N ASP UB 2 -39.15 77.95 -70.02
CA ASP UB 2 -40.36 78.15 -69.24
C ASP UB 2 -40.12 78.69 -67.82
N ASN UB 3 -40.95 78.26 -66.87
CA ASN UB 3 -40.84 78.51 -65.46
C ASN UB 3 -41.05 77.18 -64.74
N SER UB 4 -41.71 76.21 -65.40
CA SER UB 4 -41.95 74.82 -65.02
C SER UB 4 -40.91 74.11 -64.18
N LEU UB 5 -41.36 73.34 -63.16
CA LEU UB 5 -40.49 72.77 -62.16
C LEU UB 5 -40.49 71.25 -62.17
N ASN UB 6 -41.53 70.63 -61.59
CA ASN UB 6 -41.48 69.25 -61.14
C ASN UB 6 -41.61 68.19 -62.22
N THR UB 7 -40.99 67.01 -61.98
CA THR UB 7 -41.26 65.74 -62.67
C THR UB 7 -40.61 65.57 -64.04
N ASN UB 8 -39.68 64.60 -64.18
CA ASN UB 8 -38.96 64.34 -65.43
C ASN UB 8 -38.66 62.86 -65.62
N ILE UB 9 -38.76 62.37 -66.87
CA ILE UB 9 -38.51 61.02 -67.38
C ILE UB 9 -39.14 60.95 -68.77
N HIS UB 10 -38.48 60.31 -69.76
CA HIS UB 10 -38.86 60.46 -71.16
C HIS UB 10 -39.09 59.16 -71.88
N GLN UB 11 -39.68 59.25 -73.09
CA GLN UB 11 -40.01 58.11 -73.93
C GLN UB 11 -39.18 58.12 -75.20
N TYR UB 12 -38.58 56.98 -75.58
CA TYR UB 12 -37.68 56.85 -76.72
C TYR UB 12 -38.10 55.74 -77.64
N HIS UB 13 -38.18 55.99 -78.96
CA HIS UB 13 -38.22 54.94 -79.96
C HIS UB 13 -36.81 54.57 -80.39
N ILE UB 14 -36.36 53.33 -80.12
CA ILE UB 14 -35.07 52.88 -80.56
C ILE UB 14 -35.15 51.69 -81.50
N VAL UB 15 -34.39 51.76 -82.61
CA VAL UB 15 -34.32 50.75 -83.64
C VAL UB 15 -32.87 50.33 -83.85
N GLY UB 16 -32.60 49.04 -83.95
CA GLY UB 16 -31.26 48.51 -84.12
C GLY UB 16 -31.27 47.23 -84.90
N ARG UB 17 -30.08 46.73 -85.25
CA ARG UB 17 -29.94 45.50 -85.99
C ARG UB 17 -28.63 44.82 -85.64
N ALA UB 18 -28.49 43.56 -86.02
CA ALA UB 18 -27.25 42.82 -85.99
C ALA UB 18 -26.26 43.39 -87.00
N ILE UB 19 -24.96 43.38 -86.69
CA ILE UB 19 -23.95 43.80 -87.65
C ILE UB 19 -23.99 42.94 -88.94
N PRO UB 20 -23.98 43.50 -90.16
CA PRO UB 20 -23.84 42.74 -91.40
C PRO UB 20 -22.68 41.78 -91.45
N THR UB 21 -22.87 40.60 -92.05
CA THR UB 21 -21.84 39.58 -92.14
C THR UB 21 -21.89 38.92 -93.50
N ALA UB 22 -20.89 38.10 -93.84
CA ALA UB 22 -20.96 37.22 -94.99
C ALA UB 22 -22.07 36.18 -94.86
N LYS UB 23 -22.23 35.65 -93.63
CA LYS UB 23 -23.20 34.63 -93.27
C LYS UB 23 -24.63 35.12 -93.41
N ASP UB 24 -24.92 36.33 -92.91
CA ASP UB 24 -26.20 36.99 -93.10
C ASP UB 24 -25.96 38.37 -93.66
N LYS UB 25 -26.42 38.57 -94.92
CA LYS UB 25 -26.21 39.79 -95.66
C LYS UB 25 -27.40 40.73 -95.50
N ASN UB 26 -28.43 40.31 -94.73
CA ASN UB 26 -29.62 41.10 -94.48
C ASN UB 26 -30.08 40.93 -93.04
N PRO UB 27 -29.36 41.45 -92.04
CA PRO UB 27 -29.75 41.41 -90.63
C PRO UB 27 -31.20 41.67 -90.29
N ASN UB 28 -31.75 40.96 -89.29
CA ASN UB 28 -33.05 41.27 -88.73
C ASN UB 28 -33.08 42.64 -88.05
N VAL UB 29 -34.08 43.48 -88.36
CA VAL UB 29 -34.20 44.77 -87.69
C VAL UB 29 -35.13 44.62 -86.50
N TYR UB 30 -34.71 45.14 -85.33
CA TYR UB 30 -35.44 45.06 -84.09
C TYR UB 30 -35.74 46.46 -83.60
N ARG UB 31 -37.02 46.74 -83.30
CA ARG UB 31 -37.46 48.00 -82.75
C ARG UB 31 -38.12 47.84 -81.38
N MET UB 32 -38.02 48.89 -80.54
CA MET UB 32 -38.70 48.92 -79.25
C MET UB 32 -38.93 50.35 -78.78
N CYS UB 33 -40.05 50.61 -78.06
CA CYS UB 33 -40.20 51.85 -77.31
C CYS UB 33 -39.74 51.66 -75.88
N ILE UB 34 -39.02 52.64 -75.33
CA ILE UB 34 -38.41 52.51 -74.02
C ILE UB 34 -38.53 53.78 -73.20
N PHE UB 35 -39.01 53.66 -71.95
CA PHE UB 35 -39.12 54.77 -71.03
C PHE UB 35 -37.87 54.87 -70.19
N ALA UB 36 -37.15 56.00 -70.27
CA ALA UB 36 -35.88 56.18 -69.61
C ALA UB 36 -35.66 57.63 -69.23
N LYS UB 37 -34.68 57.88 -68.34
CA LYS UB 37 -34.32 59.21 -67.91
C LYS UB 37 -33.46 59.95 -68.91
N ASN UB 38 -32.81 59.24 -69.83
CA ASN UB 38 -32.00 59.84 -70.86
C ASN UB 38 -31.73 58.84 -71.96
N ASP UB 39 -31.14 59.31 -73.07
CA ASP UB 39 -30.86 58.51 -74.23
C ASP UB 39 -29.83 57.40 -73.96
N THR UB 40 -28.78 57.67 -73.16
CA THR UB 40 -27.75 56.68 -72.88
C THR UB 40 -28.29 55.51 -72.07
N ASN UB 41 -29.13 55.82 -71.08
CA ASN UB 41 -29.88 54.86 -70.33
C ASN UB 41 -30.84 54.09 -71.23
N ALA UB 42 -31.55 54.79 -72.14
CA ALA UB 42 -32.45 54.18 -73.09
C ALA UB 42 -31.74 53.15 -73.98
N LYS UB 43 -30.55 53.49 -74.51
CA LYS UB 43 -29.74 52.56 -75.26
C LYS UB 43 -29.34 51.36 -74.43
N SER UB 44 -28.90 51.59 -73.19
CA SER UB 44 -28.54 50.50 -72.28
C SER UB 44 -29.71 49.59 -71.96
N ARG UB 45 -30.91 50.15 -71.71
CA ARG UB 45 -32.10 49.33 -71.49
C ARG UB 45 -32.47 48.52 -72.70
N PHE UB 46 -32.39 49.12 -73.91
CA PHE UB 46 -32.62 48.42 -75.16
C PHE UB 46 -31.65 47.28 -75.32
N TRP UB 47 -30.37 47.53 -75.09
CA TRP UB 47 -29.34 46.52 -75.08
C TRP UB 47 -29.54 45.41 -74.08
N TYR UB 48 -29.99 45.70 -72.86
CA TYR UB 48 -30.33 44.67 -71.89
C TYR UB 48 -31.45 43.76 -72.41
N PHE UB 49 -32.53 44.33 -72.98
CA PHE UB 49 -33.55 43.54 -73.63
C PHE UB 49 -33.06 42.81 -74.87
N MET UB 50 -32.22 43.43 -75.72
CA MET UB 50 -31.65 42.79 -76.88
C MET UB 50 -30.82 41.59 -76.50
N LYS UB 51 -29.99 41.72 -75.45
CA LYS UB 51 -29.24 40.65 -74.82
C LYS UB 51 -30.12 39.55 -74.24
N LYS UB 52 -31.18 39.90 -73.47
CA LYS UB 52 -32.09 38.90 -72.94
C LYS UB 52 -32.91 38.16 -74.01
N ILE UB 53 -33.39 38.85 -75.05
CA ILE UB 53 -34.26 38.29 -76.06
C ILE UB 53 -33.47 37.57 -77.13
N ASN UB 54 -32.54 38.27 -77.80
CA ASN UB 54 -31.75 37.76 -78.89
C ASN UB 54 -30.34 37.47 -78.39
N LYS UB 55 -29.49 36.83 -79.22
CA LYS UB 55 -28.11 36.58 -78.81
C LYS UB 55 -27.21 37.74 -79.20
N LEU UB 56 -27.80 38.82 -79.72
CA LEU UB 56 -27.11 40.05 -80.00
C LEU UB 56 -26.57 40.76 -78.77
N LYS UB 57 -25.39 41.39 -78.92
CA LYS UB 57 -24.73 42.17 -77.89
C LYS UB 57 -24.22 43.41 -78.58
N LYS UB 58 -23.83 44.47 -77.83
CA LYS UB 58 -23.47 45.77 -78.38
C LYS UB 58 -22.37 45.69 -79.41
N SER UB 59 -21.41 44.78 -79.15
CA SER UB 59 -20.27 44.46 -79.97
C SER UB 59 -20.63 43.75 -81.27
N ASN UB 60 -21.84 43.19 -81.38
CA ASN UB 60 -22.27 42.43 -82.54
C ASN UB 60 -23.45 43.10 -83.23
N GLY UB 61 -23.75 44.37 -82.91
CA GLY UB 61 -24.91 45.06 -83.46
C GLY UB 61 -24.60 46.45 -83.93
N GLU UB 62 -25.64 47.13 -84.43
CA GLU UB 62 -25.57 48.49 -84.91
C GLU UB 62 -26.87 49.21 -84.62
N LEU UB 63 -26.77 50.50 -84.26
CA LEU UB 63 -27.93 51.35 -84.06
C LEU UB 63 -28.45 51.87 -85.39
N LEU UB 64 -29.73 51.66 -85.71
CA LEU UB 64 -30.33 52.24 -86.89
C LEU UB 64 -30.97 53.58 -86.59
N ALA UB 65 -31.71 53.71 -85.47
CA ALA UB 65 -32.31 54.96 -85.10
C ALA UB 65 -32.56 55.03 -83.61
N CYS UB 66 -32.43 56.22 -83.02
CA CYS UB 66 -32.93 56.49 -81.68
C CYS UB 66 -33.54 57.87 -81.68
N GLU UB 67 -34.82 58.01 -81.33
CA GLU UB 67 -35.47 59.29 -81.32
C GLU UB 67 -36.51 59.39 -80.21
N GLN UB 68 -36.54 60.55 -79.53
CA GLN UB 68 -37.45 60.83 -78.45
C GLN UB 68 -38.90 61.00 -78.91
N ILE UB 69 -39.83 60.39 -78.16
CA ILE UB 69 -41.25 60.43 -78.44
C ILE UB 69 -41.90 61.51 -77.59
N LYS UB 70 -42.76 62.34 -78.21
CA LYS UB 70 -43.53 63.36 -77.50
C LYS UB 70 -45.00 63.02 -77.62
N GLU UB 71 -45.72 63.01 -76.47
CA GLU UB 71 -47.14 62.67 -76.38
C GLU UB 71 -48.03 63.60 -77.21
N ARG UB 72 -49.10 63.04 -77.80
CA ARG UB 72 -49.91 63.73 -78.79
C ARG UB 72 -50.59 64.98 -78.26
N PHE UB 73 -51.13 64.90 -77.04
CA PHE UB 73 -51.73 66.03 -76.35
C PHE UB 73 -51.16 66.08 -74.94
N PRO UB 74 -50.68 67.19 -74.40
CA PRO UB 74 -50.06 67.19 -73.09
C PRO UB 74 -51.12 67.33 -72.02
N LEU UB 75 -52.32 67.83 -72.37
CA LEU UB 75 -53.31 68.28 -71.41
C LEU UB 75 -54.64 67.56 -71.56
N ARG UB 76 -54.68 66.45 -72.32
CA ARG UB 76 -55.88 65.64 -72.45
C ARG UB 76 -55.66 64.31 -71.74
N VAL UB 77 -56.53 64.01 -70.76
CA VAL UB 77 -56.45 62.81 -69.95
C VAL UB 77 -56.71 61.53 -70.74
N LYS UB 78 -55.92 60.48 -70.48
CA LYS UB 78 -56.12 59.15 -70.99
C LYS UB 78 -55.93 58.15 -69.84
N ASN UB 79 -56.53 56.96 -70.00
CA ASN UB 79 -56.36 55.87 -69.07
C ASN UB 79 -55.34 54.95 -69.69
N TYR UB 80 -54.14 54.86 -69.10
CA TYR UB 80 -53.09 54.01 -69.60
C TYR UB 80 -53.06 52.73 -68.81
N GLY UB 81 -53.06 51.56 -69.47
CA GLY UB 81 -52.81 50.28 -68.83
C GLY UB 81 -51.41 49.83 -69.12
N VAL UB 82 -50.68 49.39 -68.08
CA VAL UB 82 -49.31 48.95 -68.15
C VAL UB 82 -49.16 47.54 -67.61
N LEU UB 83 -48.42 46.67 -68.32
CA LEU UB 83 -48.14 45.34 -67.84
C LEU UB 83 -46.67 45.27 -67.50
N LEU UB 84 -46.41 44.88 -66.25
CA LEU UB 84 -45.10 44.79 -65.67
C LEU UB 84 -44.77 43.36 -65.29
N ARG UB 85 -43.49 43.00 -65.39
CA ARG UB 85 -42.96 41.84 -64.72
C ARG UB 85 -41.96 42.39 -63.74
N TYR UB 86 -42.06 42.00 -62.46
CA TYR UB 86 -41.20 42.50 -61.42
C TYR UB 86 -40.72 41.36 -60.56
N ASP UB 87 -39.64 41.58 -59.82
CA ASP UB 87 -39.06 40.54 -59.02
C ASP UB 87 -39.18 40.86 -57.55
N SER UB 88 -39.65 39.86 -56.80
CA SER UB 88 -39.75 39.81 -55.36
C SER UB 88 -38.45 39.28 -54.77
N ARG UB 89 -38.35 39.22 -53.43
CA ARG UB 89 -37.23 38.60 -52.75
C ARG UB 89 -37.06 37.13 -53.12
N THR UB 90 -38.18 36.37 -53.17
CA THR UB 90 -38.14 34.97 -53.58
C THR UB 90 -37.99 34.76 -55.08
N GLY UB 91 -38.70 35.53 -55.95
CA GLY UB 91 -38.71 35.23 -57.37
C GLY UB 91 -39.38 36.27 -58.23
N THR UB 92 -40.19 35.84 -59.22
CA THR UB 92 -40.75 36.71 -60.25
C THR UB 92 -42.26 36.72 -60.21
N HIS UB 93 -42.88 37.89 -60.41
CA HIS UB 93 -44.31 38.00 -60.46
C HIS UB 93 -44.73 38.93 -61.60
N ASN UB 94 -45.91 38.67 -62.19
CA ASN UB 94 -46.48 39.49 -63.24
C ASN UB 94 -47.58 40.38 -62.65
N MET UB 95 -47.80 41.56 -63.23
CA MET UB 95 -48.92 42.41 -62.87
C MET UB 95 -49.31 43.24 -64.09
N TYR UB 96 -50.60 43.53 -64.25
CA TYR UB 96 -51.09 44.48 -65.23
C TYR UB 96 -51.92 45.46 -64.44
N LYS UB 97 -51.53 46.75 -64.47
CA LYS UB 97 -52.11 47.81 -63.68
C LYS UB 97 -52.55 49.00 -64.53
N GLU UB 98 -53.52 49.78 -64.02
CA GLU UB 98 -54.16 50.85 -64.76
C GLU UB 98 -53.94 52.20 -64.10
N PHE UB 99 -53.57 53.23 -64.90
CA PHE UB 99 -53.26 54.56 -64.42
C PHE UB 99 -53.91 55.66 -65.24
N ARG UB 100 -54.64 56.58 -64.62
CA ARG UB 100 -55.15 57.77 -65.27
C ARG UB 100 -54.12 58.91 -65.29
N ASP UB 101 -53.74 59.41 -66.48
CA ASP UB 101 -52.75 60.48 -66.63
C ASP UB 101 -53.02 61.23 -67.93
N THR UB 102 -52.27 62.29 -68.23
CA THR UB 102 -52.29 62.91 -69.55
C THR UB 102 -51.08 62.45 -70.34
N THR UB 103 -50.15 61.74 -69.69
CA THR UB 103 -48.88 61.32 -70.24
C THR UB 103 -48.54 59.89 -69.86
N LYS UB 104 -48.01 59.12 -70.83
CA LYS UB 104 -47.47 57.79 -70.59
C LYS UB 104 -46.31 57.84 -69.62
N GLU UB 105 -45.40 58.82 -69.77
CA GLU UB 105 -44.31 59.05 -68.88
C GLU UB 105 -44.75 59.27 -67.44
N GLY UB 106 -45.79 60.10 -67.21
CA GLY UB 106 -46.40 60.26 -65.91
C GLY UB 106 -46.96 59.01 -65.33
N ALA UB 107 -47.64 58.19 -66.14
CA ALA UB 107 -48.12 56.89 -65.73
C ALA UB 107 -47.02 55.93 -65.28
N ILE UB 108 -45.89 55.86 -66.01
CA ILE UB 108 -44.70 55.14 -65.59
C ILE UB 108 -44.14 55.64 -64.26
N ALA UB 109 -44.08 56.97 -64.07
CA ALA UB 109 -43.68 57.56 -62.82
C ALA UB 109 -44.56 57.14 -61.64
N GLN UB 110 -45.89 57.15 -61.84
CA GLN UB 110 -46.82 56.61 -60.88
C GLN UB 110 -46.57 55.12 -60.64
N LEU UB 111 -46.32 54.33 -61.70
CA LEU UB 111 -46.03 52.92 -61.57
C LEU UB 111 -44.78 52.63 -60.75
N TYR UB 112 -43.68 53.35 -61.00
CA TYR UB 112 -42.46 53.19 -60.23
C TYR UB 112 -42.67 53.56 -58.78
N SER UB 113 -43.41 54.66 -58.56
CA SER UB 113 -43.80 55.11 -57.24
C SER UB 113 -44.62 54.08 -56.48
N GLU UB 114 -45.60 53.45 -57.13
CA GLU UB 114 -46.39 52.35 -56.60
C GLU UB 114 -45.56 51.10 -56.29
N MET UB 115 -44.71 50.64 -57.23
CA MET UB 115 -43.87 49.48 -57.02
C MET UB 115 -42.89 49.66 -55.86
N ALA UB 116 -42.30 50.85 -55.77
CA ALA UB 116 -41.50 51.22 -54.62
C ALA UB 116 -42.31 51.27 -53.34
N GLY UB 117 -43.49 51.89 -53.36
CA GLY UB 117 -44.27 52.13 -52.16
C GLY UB 117 -44.97 50.92 -51.59
N ARG UB 118 -45.60 50.11 -52.46
CA ARG UB 118 -46.43 49.01 -52.05
C ARG UB 118 -45.69 47.70 -51.90
N HIS UB 119 -44.50 47.55 -52.52
CA HIS UB 119 -43.79 46.30 -52.51
C HIS UB 119 -42.34 46.46 -52.08
N ARG UB 120 -41.85 47.71 -51.99
CA ARG UB 120 -40.44 48.01 -51.78
C ARG UB 120 -39.56 47.53 -52.94
N ALA UB 121 -40.11 47.55 -54.17
CA ALA UB 121 -39.45 47.02 -55.33
C ALA UB 121 -38.56 48.08 -55.96
N ARG UB 122 -37.30 47.73 -56.28
CA ARG UB 122 -36.35 48.67 -56.84
C ARG UB 122 -36.44 48.70 -58.35
N ALA UB 123 -35.98 49.81 -58.96
CA ALA UB 123 -36.07 50.10 -60.38
C ALA UB 123 -35.46 49.01 -61.25
N SER UB 124 -34.34 48.47 -60.77
CA SER UB 124 -33.59 47.34 -61.28
C SER UB 124 -34.45 46.10 -61.43
N SER UB 125 -35.37 45.88 -60.49
CA SER UB 125 -36.17 44.67 -60.39
C SER UB 125 -37.49 44.76 -61.16
N ILE UB 126 -37.74 45.86 -61.90
CA ILE UB 126 -38.95 46.01 -62.70
C ILE UB 126 -38.60 45.88 -64.18
N ASN UB 127 -39.50 45.25 -64.97
CA ASN UB 127 -39.45 45.19 -66.42
C ASN UB 127 -40.80 45.59 -66.99
N ILE UB 128 -40.90 46.77 -67.62
CA ILE UB 128 -42.11 47.22 -68.29
C ILE UB 128 -42.37 46.55 -69.64
N ILE UB 129 -43.47 45.79 -69.75
CA ILE UB 129 -43.89 45.17 -71.00
C ILE UB 129 -45.19 45.83 -71.47
N ARG UB 130 -45.10 46.85 -72.35
CA ARG UB 130 -46.29 47.49 -72.93
C ARG UB 130 -47.06 48.43 -72.02
N ILE UB 131 -47.14 49.71 -72.41
CA ILE UB 131 -48.08 50.64 -71.81
C ILE UB 131 -48.94 51.20 -72.91
N SER UB 132 -50.28 51.09 -72.76
CA SER UB 132 -51.20 51.44 -73.82
C SER UB 132 -52.51 51.98 -73.28
N GLU UB 133 -53.17 52.81 -74.07
CA GLU UB 133 -54.40 53.48 -73.77
C GLU UB 133 -55.58 52.49 -73.71
N ILE UB 134 -56.34 52.52 -72.60
CA ILE UB 134 -57.46 51.64 -72.37
C ILE UB 134 -58.76 52.43 -72.25
N SER UB 135 -59.83 51.95 -72.92
CA SER UB 135 -61.15 52.53 -72.89
C SER UB 135 -61.78 52.57 -71.49
N SER UB 136 -62.60 53.60 -71.23
CA SER UB 136 -63.22 53.88 -69.93
C SER UB 136 -64.10 52.76 -69.39
N SER UB 137 -64.92 52.14 -70.24
CA SER UB 137 -65.77 51.01 -69.89
C SER UB 137 -64.99 49.77 -69.48
N LEU UB 138 -63.87 49.48 -70.17
CA LEU UB 138 -63.08 48.28 -70.00
C LEU UB 138 -62.34 48.14 -68.67
N VAL UB 139 -61.76 49.25 -68.14
CA VAL UB 139 -61.00 49.37 -66.88
C VAL UB 139 -61.39 48.43 -65.73
N ARG UB 140 -60.41 47.71 -65.16
CA ARG UB 140 -60.62 46.88 -63.98
C ARG UB 140 -60.57 47.67 -62.67
N ARG UB 141 -59.54 48.52 -62.45
CA ARG UB 141 -59.37 49.13 -61.13
C ARG UB 141 -60.48 50.06 -60.63
N PRO UB 142 -61.06 49.85 -59.44
CA PRO UB 142 -62.07 50.73 -58.87
C PRO UB 142 -61.58 52.14 -58.64
N HIS UB 143 -60.29 52.35 -58.34
CA HIS UB 143 -59.76 53.70 -58.11
C HIS UB 143 -59.74 54.52 -59.38
N ILE UB 144 -59.73 53.85 -60.54
CA ILE UB 144 -59.76 54.55 -61.81
C ILE UB 144 -61.21 54.66 -62.25
N LYS UB 145 -62.03 53.63 -61.97
CA LYS UB 145 -63.45 53.62 -62.25
C LYS UB 145 -64.23 54.76 -61.57
N GLN UB 146 -63.89 55.10 -60.32
CA GLN UB 146 -64.45 56.22 -59.60
C GLN UB 146 -64.24 57.58 -60.25
N LEU UB 147 -63.05 57.83 -60.82
CA LEU UB 147 -62.74 59.04 -61.55
C LEU UB 147 -63.63 59.22 -62.77
N LEU UB 148 -63.81 58.14 -63.55
CA LEU UB 148 -64.65 58.06 -64.72
C LEU UB 148 -66.17 58.21 -64.54
N LYS UB 149 -66.69 58.52 -63.33
CA LYS UB 149 -68.10 58.84 -63.12
C LYS UB 149 -68.55 60.19 -63.71
N ARG UB 150 -69.88 60.42 -63.80
CA ARG UB 150 -70.48 61.57 -64.45
C ARG UB 150 -70.07 62.92 -63.88
N ARG UB 151 -70.03 63.03 -62.54
CA ARG UB 151 -69.82 64.29 -61.87
C ARG UB 151 -68.95 64.02 -60.66
N LEU UB 152 -68.05 64.97 -60.33
CA LEU UB 152 -67.09 64.80 -59.28
C LEU UB 152 -66.81 66.14 -58.63
N ARG UB 153 -66.69 66.15 -57.30
CA ARG UB 153 -66.38 67.34 -56.55
C ARG UB 153 -65.85 66.89 -55.20
N PHE UB 154 -65.22 67.81 -54.44
CA PHE UB 154 -64.77 67.54 -53.09
C PHE UB 154 -64.88 68.84 -52.31
N PRO UB 155 -65.05 68.87 -51.02
CA PRO UB 155 -64.70 70.03 -50.23
C PRO UB 155 -63.26 69.83 -49.75
N ALA UB 156 -62.32 70.60 -50.31
CA ALA UB 156 -60.87 70.64 -50.09
C ALA UB 156 -60.23 69.72 -49.04
N LEU UB 157 -59.52 68.68 -49.51
CA LEU UB 157 -59.07 67.60 -48.65
C LEU UB 157 -57.65 67.79 -48.14
N HIS UB 158 -57.01 68.90 -48.52
CA HIS UB 158 -55.57 69.09 -48.35
C HIS UB 158 -55.26 70.26 -47.44
N LEU UB 159 -54.31 70.05 -46.52
CA LEU UB 159 -53.76 71.06 -45.65
C LEU UB 159 -53.02 72.18 -46.39
N PRO UB 160 -53.01 73.44 -45.94
CA PRO UB 160 -52.21 74.49 -46.54
C PRO UB 160 -50.72 74.24 -46.45
N THR UB 161 -49.94 74.88 -47.33
CA THR UB 161 -48.52 74.64 -47.47
C THR UB 161 -47.92 75.86 -48.18
N LEU UB 162 -48.19 77.06 -47.61
CA LEU UB 162 -47.71 78.35 -48.05
C LEU UB 162 -46.23 78.45 -48.44
N GLN UB 163 -45.86 79.47 -49.22
CA GLN UB 163 -44.47 79.77 -49.54
C GLN UB 163 -43.59 80.02 -48.32
N LYS UB 164 -42.28 79.70 -48.45
CA LYS UB 164 -41.21 79.85 -47.47
C LYS UB 164 -41.23 81.12 -46.64
N GLU UB 165 -41.57 82.25 -47.30
CA GLU UB 165 -41.76 83.58 -46.75
C GLU UB 165 -42.77 83.59 -45.60
N TYR UB 166 -43.86 82.82 -45.73
CA TYR UB 166 -45.00 82.87 -44.86
C TYR UB 166 -45.06 81.63 -43.97
N ARG UB 167 -43.96 80.84 -43.91
CA ARG UB 167 -43.85 79.70 -43.02
C ARG UB 167 -43.20 80.07 -41.69
N LYS UB 168 -43.18 81.37 -41.31
CA LYS UB 168 -42.60 81.90 -40.08
C LYS UB 168 -42.93 81.16 -38.77
N LYS UB 169 -42.04 81.27 -37.76
CA LYS UB 169 -42.06 80.39 -36.60
C LYS UB 169 -43.14 80.68 -35.58
N PHE UB 170 -43.68 81.91 -35.56
CA PHE UB 170 -44.65 82.33 -34.57
C PHE UB 170 -45.91 82.87 -35.23
N ALA UB 171 -47.09 82.55 -34.67
CA ALA UB 171 -48.37 83.06 -35.11
C ALA UB 171 -49.09 83.83 -34.01
N SER UB 172 -49.75 84.94 -34.41
CA SER UB 172 -50.42 85.90 -33.54
C SER UB 172 -51.68 85.39 -32.85
N LYS UB 173 -52.48 84.58 -33.56
CA LYS UB 173 -53.68 83.96 -33.05
C LYS UB 173 -53.62 82.51 -33.48
N ARG UB 174 -54.40 81.62 -32.84
CA ARG UB 174 -54.55 80.27 -33.33
C ARG UB 174 -55.18 80.22 -34.74
N PRO UB 175 -54.73 79.39 -35.67
CA PRO UB 175 -55.28 79.36 -37.02
C PRO UB 175 -56.40 78.33 -37.09
N SER UB 176 -56.79 77.93 -38.32
CA SER UB 176 -57.66 76.80 -38.58
C SER UB 176 -56.97 75.95 -39.62
N THR UB 177 -57.24 74.64 -39.65
CA THR UB 177 -56.74 73.73 -40.67
C THR UB 177 -57.21 74.05 -42.06
N TYR UB 178 -58.52 74.31 -42.26
CA TYR UB 178 -59.01 74.70 -43.55
C TYR UB 178 -60.37 75.36 -43.41
N ARG UB 179 -60.71 76.27 -44.35
CA ARG UB 179 -62.02 76.85 -44.47
C ARG UB 179 -63.10 75.83 -44.84
N MET UB 180 -64.35 76.03 -44.39
CA MET UB 180 -65.46 75.13 -44.64
C MET UB 180 -65.99 75.22 -46.11
N LYS VB 1 -59.82 56.06 -49.97
CA LYS VB 1 -60.12 54.91 -50.88
C LYS VB 1 -61.36 55.15 -51.73
N THR VB 2 -62.58 55.06 -51.17
CA THR VB 2 -63.76 55.62 -51.84
C THR VB 2 -63.71 57.14 -51.89
N ILE VB 3 -64.23 57.78 -52.94
CA ILE VB 3 -64.38 59.21 -53.00
C ILE VB 3 -65.47 59.75 -52.06
N VAL VB 4 -66.64 59.11 -52.05
CA VAL VB 4 -67.80 59.51 -51.28
C VAL VB 4 -68.37 58.30 -50.58
N SER VB 5 -68.69 58.37 -49.28
CA SER VB 5 -69.53 57.36 -48.64
C SER VB 5 -70.64 58.01 -47.86
N THR VB 6 -71.89 57.51 -48.01
CA THR VB 6 -73.06 58.12 -47.38
C THR VB 6 -73.93 57.13 -46.64
N GLN VB 7 -74.83 57.64 -45.78
CA GLN VB 7 -75.89 56.90 -45.12
C GLN VB 7 -77.08 57.81 -44.85
N LYS VB 8 -78.31 57.31 -45.05
CA LYS VB 8 -79.56 58.03 -44.82
C LYS VB 8 -80.33 57.31 -43.74
N VAL VB 9 -80.45 57.95 -42.58
CA VAL VB 9 -80.81 57.35 -41.33
C VAL VB 9 -82.22 57.77 -41.01
N LEU VB 10 -83.13 56.76 -41.04
CA LEU VB 10 -84.56 56.82 -40.79
C LEU VB 10 -85.07 57.92 -39.86
N ILE VB 11 -86.15 58.61 -40.27
CA ILE VB 11 -86.90 59.60 -39.50
C ILE VB 11 -87.04 59.29 -38.01
N PRO VB 12 -86.61 60.18 -37.12
CA PRO VB 12 -86.95 59.99 -35.72
C PRO VB 12 -88.32 60.62 -35.49
N GLU VB 13 -89.34 59.79 -35.39
CA GLU VB 13 -90.74 60.18 -35.36
C GLU VB 13 -91.19 60.71 -34.03
N GLY VB 14 -91.72 61.95 -34.01
CA GLY VB 14 -92.31 62.55 -32.82
C GLY VB 14 -91.31 63.11 -31.85
N VAL VB 15 -90.01 63.13 -32.22
CA VAL VB 15 -88.93 63.44 -31.31
C VAL VB 15 -88.00 64.50 -31.88
N LYS VB 16 -87.19 65.12 -31.01
CA LYS VB 16 -86.45 66.32 -31.27
C LYS VB 16 -84.97 66.04 -31.37
N VAL VB 17 -84.42 66.02 -32.60
CA VAL VB 17 -83.00 65.79 -32.81
C VAL VB 17 -82.24 67.11 -32.84
N ALA VB 18 -80.94 67.09 -32.53
CA ALA VB 18 -80.03 68.21 -32.61
C ALA VB 18 -78.63 67.69 -32.95
N ILE VB 19 -77.98 68.29 -33.96
CA ILE VB 19 -76.68 67.83 -34.43
C ILE VB 19 -75.55 68.80 -34.12
N ASN VB 20 -75.86 69.95 -33.52
CA ASN VB 20 -74.90 71.00 -33.28
C ASN VB 20 -73.74 70.62 -32.36
N ALA VB 21 -72.52 71.10 -32.68
CA ALA VB 21 -71.31 70.96 -31.89
C ALA VB 21 -70.86 69.52 -31.59
N ARG VB 22 -70.98 68.61 -32.59
CA ARG VB 22 -70.46 67.23 -32.59
C ARG VB 22 -71.08 66.26 -31.60
N LYS VB 23 -71.69 66.76 -30.54
CA LYS VB 23 -72.36 65.99 -29.52
C LYS VB 23 -73.81 65.83 -29.89
N VAL VB 24 -74.11 64.79 -30.69
CA VAL VB 24 -75.42 64.58 -31.26
C VAL VB 24 -76.39 64.15 -30.17
N THR VB 25 -77.54 64.84 -30.13
CA THR VB 25 -78.42 64.82 -29.00
C THR VB 25 -79.84 64.70 -29.47
N VAL VB 26 -80.62 63.73 -28.94
CA VAL VB 26 -82.02 63.58 -29.30
C VAL VB 26 -82.80 63.60 -28.01
N SER VB 27 -83.90 64.37 -27.98
CA SER VB 27 -84.82 64.37 -26.87
C SER VB 27 -86.16 63.86 -27.34
N GLY VB 28 -86.95 63.27 -26.44
CA GLY VB 28 -88.22 62.66 -26.78
C GLY VB 28 -89.04 62.35 -25.57
N LYS VB 29 -90.00 61.42 -25.70
CA LYS VB 29 -90.96 61.08 -24.65
C LYS VB 29 -90.30 60.60 -23.37
N TYR VB 30 -89.35 59.67 -23.51
CA TYR VB 30 -88.59 59.12 -22.41
C TYR VB 30 -87.15 59.61 -22.47
N GLY VB 31 -86.91 60.92 -22.29
CA GLY VB 31 -85.56 61.40 -21.94
C GLY VB 31 -84.86 62.20 -23.00
N THR VB 32 -83.71 62.77 -22.63
CA THR VB 32 -82.77 63.37 -23.57
C THR VB 32 -81.49 62.60 -23.55
N LEU VB 33 -81.02 62.13 -24.72
CA LEU VB 33 -79.83 61.32 -24.87
C LEU VB 33 -78.74 62.05 -25.64
N ARG VB 34 -77.52 62.10 -25.10
CA ARG VB 34 -76.39 62.83 -25.66
C ARG VB 34 -75.28 61.86 -26.03
N ARG VB 35 -74.61 62.03 -27.20
CA ARG VB 35 -73.56 61.11 -27.62
C ARG VB 35 -72.58 61.78 -28.58
N SER VB 36 -71.35 62.11 -28.10
CA SER VB 36 -70.30 62.70 -28.92
C SER VB 36 -69.79 61.85 -30.07
N PHE VB 37 -69.44 62.52 -31.18
CA PHE VB 37 -68.78 61.91 -32.31
C PHE VB 37 -67.61 62.78 -32.76
N ARG VB 38 -67.08 63.67 -31.88
CA ARG VB 38 -66.06 64.66 -32.23
C ARG VB 38 -64.78 64.05 -32.77
N HIS VB 39 -64.44 62.83 -32.30
CA HIS VB 39 -63.31 62.05 -32.76
C HIS VB 39 -63.52 61.40 -34.12
N LEU VB 40 -64.76 61.30 -34.62
CA LEU VB 40 -65.05 60.71 -35.92
C LEU VB 40 -64.88 61.72 -37.06
N PRO VB 41 -64.65 61.31 -38.31
CA PRO VB 41 -64.22 62.25 -39.34
C PRO VB 41 -65.39 62.72 -40.16
N ILE VB 42 -66.58 62.13 -39.94
CA ILE VB 42 -67.82 62.34 -40.66
C ILE VB 42 -68.44 63.74 -40.62
N ASP VB 43 -69.18 64.07 -41.69
CA ASP VB 43 -70.10 65.19 -41.78
C ASP VB 43 -71.52 64.62 -41.62
N ILE VB 44 -71.86 64.20 -40.40
CA ILE VB 44 -73.25 64.00 -40.00
C ILE VB 44 -74.07 65.30 -40.08
N ARG VB 45 -75.14 65.31 -40.89
CA ARG VB 45 -76.03 66.44 -41.08
C ARG VB 45 -77.50 66.08 -40.84
N LEU VB 46 -78.25 66.98 -40.19
CA LEU VB 46 -79.69 66.78 -39.97
C LEU VB 46 -80.46 67.25 -41.20
N ASN VB 47 -81.13 66.31 -41.90
CA ASN VB 47 -81.82 66.58 -43.14
C ASN VB 47 -83.09 67.43 -42.93
N LYS VB 48 -83.85 67.13 -41.86
CA LYS VB 48 -84.75 68.06 -41.19
C LYS VB 48 -86.10 68.33 -41.84
N LEU VB 49 -86.12 68.90 -43.07
CA LEU VB 49 -87.33 69.30 -43.79
C LEU VB 49 -88.27 68.13 -44.04
N LYS VB 50 -87.69 67.00 -44.47
CA LYS VB 50 -88.39 65.76 -44.68
C LYS VB 50 -88.04 64.81 -43.54
N LYS VB 51 -87.52 65.36 -42.42
CA LYS VB 51 -86.78 64.68 -41.37
C LYS VB 51 -85.62 63.85 -41.91
N TYR VB 52 -85.30 62.68 -41.31
CA TYR VB 52 -84.09 61.90 -41.55
C TYR VB 52 -82.81 62.59 -41.10
N ILE VB 53 -81.73 61.81 -40.96
CA ILE VB 53 -80.39 62.32 -40.75
C ILE VB 53 -79.58 61.76 -41.91
N LYS VB 54 -78.68 62.56 -42.50
CA LYS VB 54 -77.78 62.11 -43.54
C LYS VB 54 -76.35 62.14 -43.02
N VAL VB 55 -75.65 61.00 -43.04
CA VAL VB 55 -74.25 60.94 -42.70
C VAL VB 55 -73.44 60.83 -43.97
N VAL VB 56 -72.41 61.67 -44.17
CA VAL VB 56 -71.56 61.61 -45.34
C VAL VB 56 -70.11 61.77 -44.93
N MET VB 57 -69.21 60.98 -45.53
CA MET VB 57 -67.78 61.14 -45.39
C MET VB 57 -67.16 61.37 -46.74
N TRP VB 58 -66.20 62.31 -46.81
CA TRP VB 58 -65.46 62.61 -48.02
C TRP VB 58 -64.10 61.95 -47.98
N PHE VB 59 -63.77 61.17 -49.03
CA PHE VB 59 -62.56 60.38 -49.14
C PHE VB 59 -62.40 59.32 -48.06
N GLY VB 60 -63.45 58.50 -47.86
CA GLY VB 60 -63.46 57.42 -46.88
C GLY VB 60 -62.47 56.30 -47.08
N VAL VB 61 -62.40 55.42 -46.07
CA VAL VB 61 -61.54 54.25 -46.00
C VAL VB 61 -62.32 53.28 -45.14
N PRO VB 62 -62.16 51.95 -45.22
CA PRO VB 62 -63.21 51.00 -44.85
C PRO VB 62 -63.63 51.03 -43.39
N ASP VB 63 -62.72 51.45 -42.50
CA ASP VB 63 -62.94 51.69 -41.09
C ASP VB 63 -63.99 52.77 -40.86
N SER VB 64 -63.86 53.87 -41.59
CA SER VB 64 -64.72 55.03 -41.57
C SER VB 64 -66.12 54.69 -42.04
N LEU VB 65 -66.26 53.89 -43.12
CA LEU VB 65 -67.54 53.41 -43.61
C LEU VB 65 -68.25 52.58 -42.55
N ALA VB 66 -67.49 51.72 -41.85
CA ALA VB 66 -67.97 50.95 -40.73
C ALA VB 66 -68.48 51.84 -39.61
N CYS VB 67 -67.72 52.89 -39.26
CA CYS VB 67 -68.12 53.89 -38.28
C CYS VB 67 -69.45 54.57 -38.65
N ILE VB 68 -69.68 54.86 -39.95
CA ILE VB 68 -70.94 55.40 -40.41
C ILE VB 68 -72.10 54.45 -40.10
N ARG VB 69 -71.94 53.13 -40.37
CA ARG VB 69 -72.97 52.19 -39.97
C ARG VB 69 -73.14 52.07 -38.45
N THR VB 70 -72.05 52.06 -37.66
CA THR VB 70 -72.11 52.02 -36.20
C THR VB 70 -72.90 53.20 -35.65
N VAL VB 71 -72.58 54.42 -36.10
CA VAL VB 71 -73.26 55.63 -35.72
C VAL VB 71 -74.73 55.60 -36.11
N CYS VB 72 -75.08 55.19 -37.34
CA CYS VB 72 -76.47 55.11 -37.74
C CYS VB 72 -77.29 54.13 -36.91
N THR VB 73 -76.72 52.95 -36.63
CA THR VB 73 -77.29 51.98 -35.70
C THR VB 73 -77.45 52.57 -34.31
N HIS VB 74 -76.47 53.33 -33.79
CA HIS VB 74 -76.63 54.05 -32.53
C HIS VB 74 -77.73 55.08 -32.57
N LEU VB 75 -77.83 55.91 -33.61
CA LEU VB 75 -78.90 56.89 -33.76
C LEU VB 75 -80.28 56.25 -33.77
N LYS VB 76 -80.43 55.13 -34.50
CA LYS VB 76 -81.64 54.34 -34.53
C LYS VB 76 -82.05 53.83 -33.17
N ASN VB 77 -81.09 53.31 -32.40
CA ASN VB 77 -81.29 52.99 -31.00
C ASN VB 77 -81.66 54.19 -30.14
N MET VB 78 -81.00 55.35 -30.29
CA MET VB 78 -81.27 56.56 -29.54
C MET VB 78 -82.71 57.04 -29.69
N PHE VB 79 -83.20 57.03 -30.94
CA PHE VB 79 -84.57 57.30 -31.30
C PHE VB 79 -85.53 56.30 -30.63
N THR VB 80 -85.23 55.01 -30.76
CA THR VB 80 -85.99 53.92 -30.15
C THR VB 80 -86.12 54.05 -28.64
N GLY VB 81 -84.99 54.30 -27.97
CA GLY VB 81 -84.91 54.56 -26.54
C GLY VB 81 -85.80 55.64 -26.01
N VAL VB 82 -85.73 56.85 -26.59
CA VAL VB 82 -86.57 57.96 -26.17
C VAL VB 82 -88.04 57.76 -26.52
N THR VB 83 -88.35 57.19 -27.68
CA THR VB 83 -89.73 56.84 -28.03
C THR VB 83 -90.38 55.77 -27.19
N LYS VB 84 -89.69 54.64 -26.94
CA LYS VB 84 -90.37 53.45 -26.46
C LYS VB 84 -89.70 52.76 -25.28
N LYS VB 85 -88.47 53.19 -24.90
CA LYS VB 85 -87.79 52.77 -23.69
C LYS VB 85 -87.30 51.32 -23.68
N PHE VB 86 -85.98 51.11 -23.51
CA PHE VB 86 -85.33 49.82 -23.62
C PHE VB 86 -85.50 48.97 -22.39
N LEU VB 87 -85.92 47.71 -22.55
CA LEU VB 87 -86.02 46.76 -21.47
C LEU VB 87 -85.11 45.56 -21.70
N TYR VB 88 -84.16 45.37 -20.77
CA TYR VB 88 -83.36 44.17 -20.66
C TYR VB 88 -83.97 43.31 -19.56
N LYS VB 89 -84.52 42.14 -19.94
CA LYS VB 89 -85.07 41.16 -19.04
C LYS VB 89 -83.99 40.17 -18.60
N MET VB 90 -83.69 40.11 -17.29
CA MET VB 90 -82.74 39.17 -16.71
C MET VB 90 -83.43 38.11 -15.87
N ARG VB 91 -83.40 36.84 -16.32
CA ARG VB 91 -83.85 35.69 -15.57
C ARG VB 91 -82.85 35.15 -14.57
N LEU VB 92 -83.29 34.86 -13.33
CA LEU VB 92 -82.48 34.26 -12.29
C LEU VB 92 -82.64 32.74 -12.24
N VAL VB 93 -81.55 32.01 -12.47
CA VAL VB 93 -81.53 30.57 -12.42
C VAL VB 93 -80.97 30.12 -11.09
N HIS VB 94 -81.60 29.15 -10.41
CA HIS VB 94 -80.94 28.49 -9.29
C HIS VB 94 -81.37 27.05 -9.17
N ALA VB 95 -80.40 26.13 -9.05
CA ALA VB 95 -80.66 24.72 -8.83
C ALA VB 95 -81.19 24.48 -7.43
N HIS VB 96 -80.65 25.21 -6.43
CA HIS VB 96 -81.08 25.11 -5.06
C HIS VB 96 -81.30 26.47 -4.43
N PHE VB 97 -80.22 27.17 -4.00
CA PHE VB 97 -80.29 28.21 -2.99
C PHE VB 97 -81.20 29.40 -3.31
N PRO VB 98 -82.00 29.90 -2.38
CA PRO VB 98 -82.62 31.22 -2.46
C PRO VB 98 -81.64 32.35 -2.65
N ILE VB 99 -81.85 33.21 -3.65
CA ILE VB 99 -81.09 34.43 -3.81
C ILE VB 99 -82.02 35.57 -3.49
N ASN VB 100 -81.68 36.35 -2.46
CA ASN VB 100 -82.52 37.42 -1.96
C ASN VB 100 -82.16 38.71 -2.66
N SER VB 101 -83.15 39.24 -3.40
CA SER VB 101 -83.06 40.40 -4.25
C SER VB 101 -83.70 41.61 -3.60
N ASN VB 102 -82.90 42.52 -3.03
CA ASN VB 102 -83.46 43.71 -2.42
C ASN VB 102 -83.09 44.88 -3.28
N ILE VB 103 -84.06 45.43 -4.03
CA ILE VB 103 -83.81 46.67 -4.75
C ILE VB 103 -83.99 47.86 -3.82
N VAL VB 104 -82.90 48.60 -3.63
CA VAL VB 104 -82.74 49.74 -2.76
C VAL VB 104 -82.45 50.99 -3.57
N ASP VB 105 -82.41 52.16 -2.90
CA ASP VB 105 -82.13 53.46 -3.49
C ASP VB 105 -83.17 53.88 -4.52
N ASN VB 106 -84.46 53.61 -4.22
CA ASN VB 106 -85.60 53.84 -5.09
C ASN VB 106 -85.43 53.28 -6.49
N ASN VB 107 -85.23 51.95 -6.58
CA ASN VB 107 -85.23 51.21 -7.82
C ASN VB 107 -83.96 51.46 -8.64
N THR VB 108 -82.83 51.62 -7.94
CA THR VB 108 -81.58 52.08 -8.58
C THR VB 108 -80.43 51.17 -8.24
N ARG VB 109 -80.48 50.42 -7.14
CA ARG VB 109 -79.43 49.50 -6.79
C ARG VB 109 -80.05 48.19 -6.38
N ILE VB 110 -79.77 47.09 -7.09
CA ILE VB 110 -80.17 45.79 -6.57
C ILE VB 110 -79.08 45.28 -5.65
N GLU VB 111 -79.47 45.00 -4.39
CA GLU VB 111 -78.63 44.32 -3.43
C GLU VB 111 -78.95 42.83 -3.46
N ILE VB 112 -77.91 41.99 -3.60
CA ILE VB 112 -78.07 40.56 -3.70
C ILE VB 112 -77.42 39.92 -2.50
N ARG VB 113 -78.17 39.04 -1.83
CA ARG VB 113 -77.67 38.20 -0.76
C ARG VB 113 -77.86 36.73 -1.05
N ASN VB 114 -76.86 35.89 -0.73
CA ASN VB 114 -77.02 34.44 -0.58
C ASN VB 114 -76.94 33.66 -1.86
N TYR VB 115 -76.26 34.18 -2.90
CA TYR VB 115 -75.92 33.41 -4.08
C TYR VB 115 -75.01 32.24 -3.69
N LEU VB 116 -75.43 31.01 -4.07
CA LEU VB 116 -74.80 29.76 -3.66
C LEU VB 116 -74.70 29.61 -2.14
N GLY VB 117 -75.68 30.18 -1.40
CA GLY VB 117 -75.71 30.14 0.06
C GLY VB 117 -74.58 30.85 0.73
N GLU VB 118 -74.00 31.88 0.09
CA GLU VB 118 -72.77 32.52 0.54
C GLU VB 118 -72.79 33.20 1.91
N LYS VB 119 -73.94 33.80 2.33
CA LYS VB 119 -74.05 34.59 3.55
C LYS VB 119 -73.11 35.79 3.57
N SER VB 120 -73.12 36.51 2.44
CA SER VB 120 -72.29 37.66 2.15
C SER VB 120 -73.07 38.45 1.12
N VAL VB 121 -72.76 39.75 0.97
CA VAL VB 121 -73.60 40.71 0.28
C VAL VB 121 -72.94 41.20 -1.01
N ARG VB 122 -73.66 41.15 -2.14
CA ARG VB 122 -73.20 41.71 -3.39
C ARG VB 122 -74.06 42.90 -3.79
N PHE VB 123 -73.47 44.11 -3.77
CA PHE VB 123 -74.11 45.35 -4.15
C PHE VB 123 -73.81 45.74 -5.59
N VAL VB 124 -74.84 46.02 -6.41
CA VAL VB 124 -74.64 46.60 -7.74
C VAL VB 124 -75.60 47.76 -7.99
N LYS VB 125 -75.11 49.02 -7.84
CA LYS VB 125 -75.83 50.18 -8.29
C LYS VB 125 -75.94 50.30 -9.80
N ALA VB 126 -77.09 50.74 -10.33
CA ALA VB 126 -77.28 51.11 -11.70
C ALA VB 126 -76.45 52.30 -12.18
N LEU VB 127 -76.10 52.28 -13.48
CA LEU VB 127 -75.57 53.43 -14.18
C LEU VB 127 -76.58 54.58 -14.29
N PRO VB 128 -76.16 55.84 -14.46
CA PRO VB 128 -77.06 56.98 -14.58
C PRO VB 128 -78.30 56.82 -15.46
N GLY VB 129 -79.48 57.23 -14.96
CA GLY VB 129 -80.71 57.31 -15.73
C GLY VB 129 -81.46 56.02 -15.97
N VAL VB 130 -81.03 54.88 -15.38
CA VAL VB 130 -81.69 53.60 -15.62
C VAL VB 130 -82.28 52.98 -14.37
N VAL VB 131 -83.49 52.43 -14.53
CA VAL VB 131 -84.30 51.74 -13.55
C VAL VB 131 -83.92 50.28 -13.41
N ILE VB 132 -83.86 49.76 -12.17
CA ILE VB 132 -83.89 48.32 -11.95
C ILE VB 132 -85.22 48.05 -11.24
N GLU VB 133 -86.15 47.41 -11.96
CA GLU VB 133 -87.44 46.99 -11.51
C GLU VB 133 -87.51 45.45 -11.39
N LYS VB 134 -88.51 44.91 -10.68
CA LYS VB 134 -88.72 43.47 -10.60
C LYS VB 134 -89.89 43.08 -11.50
N SER VB 135 -90.02 41.77 -11.80
CA SER VB 135 -91.14 41.27 -12.57
C SER VB 135 -92.27 40.83 -11.66
N PRO VB 136 -93.51 41.26 -11.86
CA PRO VB 136 -94.65 40.62 -11.22
C PRO VB 136 -95.10 39.43 -12.05
N ASN VB 137 -94.70 39.36 -13.34
CA ASN VB 137 -95.13 38.34 -14.28
C ASN VB 137 -94.56 36.95 -14.02
N VAL VB 138 -93.26 36.85 -13.72
CA VAL VB 138 -92.65 35.57 -13.40
C VAL VB 138 -91.54 35.78 -12.39
N LYS VB 139 -91.40 34.82 -11.45
CA LYS VB 139 -90.72 34.98 -10.19
C LYS VB 139 -89.26 35.41 -10.24
N ASP VB 140 -88.50 34.89 -11.19
CA ASP VB 140 -87.07 35.06 -11.26
C ASP VB 140 -86.63 36.22 -12.15
N GLU VB 141 -87.54 36.76 -12.97
CA GLU VB 141 -87.25 37.82 -13.89
C GLU VB 141 -87.01 39.19 -13.22
N ILE VB 142 -86.04 39.95 -13.76
CA ILE VB 142 -85.62 41.25 -13.27
C ILE VB 142 -85.58 42.18 -14.46
N TYR VB 143 -86.26 43.32 -14.36
CA TYR VB 143 -86.29 44.32 -15.41
C TYR VB 143 -85.24 45.39 -15.22
N VAL VB 144 -84.36 45.57 -16.21
CA VAL VB 144 -83.42 46.68 -16.23
C VAL VB 144 -83.85 47.56 -17.39
N SER VB 145 -84.38 48.76 -17.11
CA SER VB 145 -84.96 49.59 -18.15
C SER VB 145 -84.48 51.02 -18.14
N GLY VB 146 -84.48 51.67 -19.32
CA GLY VB 146 -84.06 53.06 -19.43
C GLY VB 146 -84.10 53.52 -20.84
N ALA VB 147 -83.76 54.80 -21.06
CA ALA VB 147 -83.66 55.38 -22.39
C ALA VB 147 -82.42 54.94 -23.15
N ASP VB 148 -81.26 54.90 -22.48
CA ASP VB 148 -80.00 54.55 -23.11
C ASP VB 148 -79.80 53.04 -23.21
N ILE VB 149 -79.64 52.54 -24.44
CA ILE VB 149 -79.24 51.18 -24.69
C ILE VB 149 -77.94 50.75 -24.00
N GLU VB 150 -76.93 51.64 -23.82
CA GLU VB 150 -75.67 51.21 -23.27
C GLU VB 150 -75.73 51.06 -21.77
N ASN VB 151 -76.27 52.05 -21.05
CA ASN VB 151 -76.38 52.01 -19.61
C ASN VB 151 -77.22 50.85 -19.10
N VAL VB 152 -78.36 50.50 -19.73
CA VAL VB 152 -79.10 49.31 -19.32
C VAL VB 152 -78.31 48.04 -19.58
N SER VB 153 -77.68 47.90 -20.75
CA SER VB 153 -76.90 46.73 -21.08
C SER VB 153 -75.70 46.51 -20.19
N LEU VB 154 -74.92 47.57 -19.94
CA LEU VB 154 -73.84 47.60 -19.00
C LEU VB 154 -74.27 47.31 -17.58
N THR VB 155 -75.37 47.92 -17.11
CA THR VB 155 -75.93 47.64 -15.80
C THR VB 155 -76.34 46.19 -15.63
N ALA VB 156 -77.03 45.62 -16.63
CA ALA VB 156 -77.42 44.23 -16.63
C ALA VB 156 -76.22 43.28 -16.63
N ALA VB 157 -75.23 43.56 -17.48
CA ALA VB 157 -73.99 42.83 -17.53
C ALA VB 157 -73.24 42.87 -16.20
N LEU VB 158 -73.14 44.05 -15.58
CA LEU VB 158 -72.56 44.23 -14.27
C LEU VB 158 -73.27 43.42 -13.20
N ILE VB 159 -74.61 43.37 -13.21
CA ILE VB 159 -75.39 42.50 -12.36
C ILE VB 159 -75.03 41.04 -12.57
N HIS VB 160 -74.96 40.57 -13.83
CA HIS VB 160 -74.54 39.22 -14.13
C HIS VB 160 -73.13 38.86 -13.64
N GLN VB 161 -72.13 39.70 -13.99
CA GLN VB 161 -70.76 39.52 -13.57
C GLN VB 161 -70.55 39.54 -12.07
N SER VB 162 -71.26 40.43 -11.34
CA SER VB 162 -71.19 40.52 -9.90
C SER VB 162 -71.61 39.24 -9.20
N VAL VB 163 -72.68 38.60 -9.69
CA VAL VB 163 -73.20 37.37 -9.13
C VAL VB 163 -72.27 36.20 -9.39
N LEU VB 164 -72.00 35.88 -10.68
CA LEU VB 164 -71.11 34.82 -11.12
C LEU VB 164 -69.84 34.58 -10.28
N CYS VB 165 -69.57 33.31 -9.90
CA CYS VB 165 -68.48 33.02 -8.97
C CYS VB 165 -67.34 32.28 -9.63
N ARG VB 166 -66.12 32.74 -9.31
CA ARG VB 166 -64.85 32.12 -9.59
C ARG VB 166 -64.66 30.69 -9.06
N ASN VB 167 -63.76 29.94 -9.74
CA ASN VB 167 -63.15 28.69 -9.31
C ASN VB 167 -64.02 27.42 -9.44
N LYS VB 168 -63.31 26.27 -9.62
CA LYS VB 168 -63.83 24.96 -10.00
C LYS VB 168 -64.77 24.95 -11.23
N ASP VB 169 -65.52 23.85 -11.47
CA ASP VB 169 -66.28 23.73 -12.70
C ASP VB 169 -67.50 24.67 -12.73
N ILE VB 170 -68.12 24.76 -13.91
CA ILE VB 170 -69.20 25.67 -14.22
C ILE VB 170 -70.27 24.93 -15.00
N ARG VB 171 -69.91 23.81 -15.66
CA ARG VB 171 -70.76 23.11 -16.59
C ARG VB 171 -72.04 22.55 -16.00
N LYS VB 172 -71.97 22.01 -14.77
CA LYS VB 172 -73.15 21.59 -14.03
C LYS VB 172 -73.51 22.61 -12.95
N PHE VB 173 -72.77 23.72 -12.87
CA PHE VB 173 -72.97 24.76 -11.88
C PHE VB 173 -73.55 25.98 -12.59
N LEU VB 174 -74.77 25.83 -13.09
CA LEU VB 174 -75.38 26.80 -13.97
C LEU VB 174 -75.99 28.02 -13.29
N ASP VB 175 -76.24 27.95 -11.97
CA ASP VB 175 -76.73 29.00 -11.10
C ASP VB 175 -76.28 30.43 -11.38
N GLY VB 176 -77.18 31.42 -11.28
CA GLY VB 176 -76.85 32.82 -11.54
C GLY VB 176 -77.93 33.54 -12.28
N ILE VB 177 -77.74 34.84 -12.47
CA ILE VB 177 -78.69 35.70 -13.14
C ILE VB 177 -78.16 36.07 -14.51
N TYR VB 178 -78.98 35.88 -15.56
CA TYR VB 178 -78.53 35.97 -16.93
C TYR VB 178 -79.52 36.81 -17.72
N VAL VB 179 -79.03 37.63 -18.66
CA VAL VB 179 -79.90 38.33 -19.59
C VAL VB 179 -80.62 37.33 -20.48
N SER VB 180 -81.97 37.34 -20.48
CA SER VB 180 -82.75 36.51 -21.35
C SER VB 180 -83.16 37.27 -22.60
N GLU VB 181 -83.84 38.42 -22.43
CA GLU VB 181 -84.56 39.04 -23.51
C GLU VB 181 -84.37 40.54 -23.62
N VAL VB 182 -83.89 41.00 -24.77
CA VAL VB 182 -83.79 42.41 -25.09
C VAL VB 182 -85.04 42.89 -25.80
N THR VB 183 -85.84 43.78 -25.17
CA THR VB 183 -87.06 44.35 -25.72
C THR VB 183 -87.12 45.86 -25.52
N THR VB 184 -88.29 46.45 -25.81
CA THR VB 184 -88.65 47.79 -25.40
C THR VB 184 -90.00 47.67 -24.74
N VAL VB 185 -90.41 48.68 -23.97
CA VAL VB 185 -91.68 48.67 -23.27
C VAL VB 185 -92.89 48.72 -24.27
N LYS WB 1 6.16 22.05 -52.54
CA LYS WB 1 7.42 21.35 -52.17
C LYS WB 1 7.18 19.84 -52.20
N SER WB 2 8.18 19.00 -51.82
CA SER WB 2 8.15 17.55 -52.06
C SER WB 2 8.04 17.24 -53.55
N ARG WB 3 8.82 17.95 -54.37
CA ARG WB 3 8.59 18.09 -55.80
C ARG WB 3 9.56 17.22 -56.59
N GLY WB 4 9.14 16.02 -57.03
CA GLY WB 4 9.87 15.27 -58.04
C GLY WB 4 9.59 15.74 -59.45
N LYS WB 5 10.15 15.04 -60.45
CA LYS WB 5 10.15 15.55 -61.81
C LYS WB 5 8.79 15.71 -62.51
N ARG WB 6 7.91 14.69 -62.49
CA ARG WB 6 6.81 14.65 -63.43
C ARG WB 6 5.48 14.96 -62.78
N SER WB 7 5.49 15.30 -61.47
CA SER WB 7 4.34 15.75 -60.71
C SER WB 7 3.35 16.64 -61.44
N GLY WB 8 2.08 16.21 -61.46
CA GLY WB 8 1.04 16.77 -62.29
C GLY WB 8 0.83 15.93 -63.52
N THR WB 9 0.98 14.62 -63.39
CA THR WB 9 0.77 13.61 -64.43
C THR WB 9 -0.64 13.60 -65.01
N ARG WB 10 -1.66 13.52 -64.15
CA ARG WB 10 -3.07 13.51 -64.48
C ARG WB 10 -3.51 14.84 -65.13
N TYR WB 11 -2.86 15.96 -64.75
CA TYR WB 11 -2.97 17.22 -65.44
C TYR WB 11 -2.26 17.17 -66.81
N LYS WB 12 -1.03 17.73 -66.90
CA LYS WB 12 -0.38 18.00 -68.16
C LYS WB 12 0.01 16.81 -68.99
N PHE WB 13 0.50 15.73 -68.35
CA PHE WB 13 1.09 14.62 -69.08
C PHE WB 13 0.04 13.70 -69.69
N SER WB 14 -1.23 13.83 -69.28
CA SER WB 14 -2.36 13.11 -69.85
C SER WB 14 -2.50 13.28 -71.36
N LYS WB 15 -2.59 12.16 -72.09
CA LYS WB 15 -2.67 12.15 -73.53
C LYS WB 15 -3.90 12.81 -74.12
N LYS WB 16 -3.75 13.40 -75.33
CA LYS WB 16 -4.88 13.81 -76.15
C LYS WB 16 -5.73 12.62 -76.60
N PHE WB 17 -7.05 12.82 -76.74
CA PHE WB 17 -8.03 11.77 -76.96
C PHE WB 17 -7.80 10.92 -78.21
N ARG WB 18 -7.57 9.61 -78.00
CA ARG WB 18 -7.25 8.62 -79.00
C ARG WB 18 -5.88 8.79 -79.66
N LYS WB 19 -4.99 9.63 -79.11
CA LYS WB 19 -3.71 9.89 -79.71
C LYS WB 19 -2.64 8.99 -79.11
N HIS WB 20 -2.32 7.90 -79.82
CA HIS WB 20 -1.42 6.88 -79.36
C HIS WB 20 -0.34 6.61 -80.37
N GLY WB 21 0.93 6.70 -79.96
CA GLY WB 21 2.08 6.31 -80.79
C GLY WB 21 2.26 7.08 -82.08
N GLU WB 22 1.82 8.35 -82.13
CA GLU WB 22 1.87 9.13 -83.36
C GLU WB 22 3.29 9.52 -83.72
N CYS WB 23 3.76 9.03 -84.87
CA CYS WB 23 5.16 9.02 -85.20
C CYS WB 23 5.36 9.09 -86.71
N THR WB 24 4.34 9.47 -87.50
CA THR WB 24 4.44 9.61 -88.95
C THR WB 24 5.55 10.51 -89.49
N ALA WB 25 5.89 10.33 -90.78
CA ALA WB 25 7.09 10.79 -91.42
C ALA WB 25 7.28 12.30 -91.47
N ASN WB 26 6.19 13.07 -91.68
CA ASN WB 26 6.25 14.51 -91.82
C ASN WB 26 6.66 15.24 -90.54
N LYS WB 27 6.52 14.57 -89.38
CA LYS WB 27 6.74 15.09 -88.04
C LYS WB 27 8.16 15.61 -87.86
N TYR WB 28 9.12 14.85 -88.38
CA TYR WB 28 10.55 15.05 -88.26
C TYR WB 28 11.10 16.23 -89.03
N LEU WB 29 10.65 16.43 -90.27
CA LEU WB 29 11.49 16.95 -91.32
C LEU WB 29 11.72 18.46 -91.36
N GLU WB 30 10.98 19.28 -90.60
CA GLU WB 30 11.22 20.72 -90.53
C GLU WB 30 12.61 21.13 -90.01
N LYS WB 31 13.14 22.27 -90.50
CA LYS WB 31 14.57 22.40 -90.70
C LYS WB 31 15.14 23.80 -90.51
N LEU WB 32 14.38 24.72 -89.88
CA LEU WB 32 14.79 26.12 -89.84
C LEU WB 32 15.89 26.43 -88.82
N ASN WB 33 16.16 25.48 -87.91
CA ASN WB 33 17.32 25.45 -87.05
C ASN WB 33 17.65 26.73 -86.26
N TYR WB 34 18.91 27.21 -86.32
CA TYR WB 34 19.51 28.12 -85.36
C TYR WB 34 18.83 29.46 -85.15
N GLY WB 35 18.12 30.00 -86.15
CA GLY WB 35 17.37 31.23 -85.96
C GLY WB 35 15.96 31.04 -85.41
N ASP WB 36 15.37 29.85 -85.63
CA ASP WB 36 13.98 29.57 -85.39
C ASP WB 36 13.46 29.68 -83.94
N TYR WB 37 12.20 30.14 -83.79
CA TYR WB 37 11.41 29.95 -82.59
C TYR WB 37 10.71 28.59 -82.60
N VAL WB 38 10.55 27.95 -81.44
CA VAL WB 38 9.99 26.63 -81.38
C VAL WB 38 9.21 26.41 -80.09
N ASP WB 39 8.03 25.78 -80.20
CA ASP WB 39 7.19 25.42 -79.08
C ASP WB 39 7.65 24.09 -78.50
N ILE WB 40 7.52 23.91 -77.17
CA ILE WB 40 7.87 22.68 -76.49
C ILE WB 40 6.59 22.02 -76.01
N VAL WB 41 6.17 20.94 -76.69
CA VAL WB 41 4.94 20.24 -76.38
C VAL WB 41 5.23 18.80 -76.01
N CYS WB 42 4.55 18.27 -74.99
CA CYS WB 42 4.67 16.89 -74.56
C CYS WB 42 4.18 15.90 -75.60
N ASP WB 43 4.85 14.75 -75.75
CA ASP WB 43 4.37 13.66 -76.56
C ASP WB 43 4.04 12.48 -75.65
N SER WB 44 2.85 11.87 -75.85
CA SER WB 44 2.43 10.68 -75.14
C SER WB 44 3.33 9.50 -75.39
N THR WB 45 3.86 9.36 -76.61
CA THR WB 45 4.75 8.28 -77.01
C THR WB 45 6.10 8.33 -76.32
N GLN WB 46 6.74 9.50 -76.35
CA GLN WB 46 8.17 9.57 -76.16
C GLN WB 46 8.51 9.99 -74.75
N GLN WB 47 9.17 9.09 -74.00
CA GLN WB 47 9.56 9.41 -72.65
C GLN WB 47 11.01 9.86 -72.60
N LYS WB 48 11.80 9.57 -73.65
CA LYS WB 48 13.24 9.63 -73.60
C LYS WB 48 13.86 11.02 -73.40
N GLY WB 49 13.29 12.07 -73.99
CA GLY WB 49 13.80 13.44 -73.86
C GLY WB 49 12.70 14.40 -73.52
N MET WB 50 11.76 13.92 -72.71
CA MET WB 50 10.64 14.67 -72.18
C MET WB 50 11.09 15.86 -71.32
N PRO WB 51 10.58 17.07 -71.47
CA PRO WB 51 10.95 18.20 -70.64
C PRO WB 51 10.37 18.14 -69.25
N PHE WB 52 10.87 19.01 -68.35
CA PHE WB 52 10.22 19.36 -67.10
C PHE WB 52 8.88 20.08 -67.32
N ASN WB 53 7.93 19.88 -66.38
CA ASN WB 53 6.59 20.44 -66.32
C ASN WB 53 6.42 21.89 -66.79
N TYR WB 54 7.35 22.80 -66.42
CA TYR WB 54 7.18 24.22 -66.62
C TYR WB 54 7.21 24.58 -68.09
N TYR WB 55 7.94 23.80 -68.89
CA TYR WB 55 8.27 24.16 -70.25
C TYR WB 55 7.17 23.77 -71.22
N HIS WB 56 6.16 23.02 -70.74
CA HIS WB 56 5.00 22.67 -71.55
C HIS WB 56 4.24 23.86 -72.11
N GLY WB 57 4.11 23.90 -73.44
CA GLY WB 57 3.36 24.90 -74.17
C GLY WB 57 4.09 26.20 -74.29
N LYS WB 58 5.30 26.28 -73.73
CA LYS WB 58 6.11 27.47 -73.85
C LYS WB 58 6.85 27.49 -75.18
N THR WB 59 7.34 28.66 -75.57
CA THR WB 59 8.01 28.86 -76.85
C THR WB 59 9.37 29.47 -76.60
N GLY WB 60 10.39 29.14 -77.41
CA GLY WB 60 11.66 29.84 -77.33
C GLY WB 60 12.54 29.51 -78.50
N LYS WB 61 13.67 30.20 -78.65
CA LYS WB 61 14.57 29.99 -79.76
C LYS WB 61 15.45 28.76 -79.67
N ILE WB 62 15.59 28.03 -80.77
CA ILE WB 62 16.59 26.97 -80.88
C ILE WB 62 18.00 27.55 -80.91
N PHE WB 63 18.91 27.08 -80.03
CA PHE WB 63 20.28 27.54 -80.06
C PHE WB 63 21.26 26.43 -80.42
N HIS WB 64 20.81 25.17 -80.40
CA HIS WB 64 21.69 24.06 -80.71
C HIS WB 64 20.86 22.86 -81.10
N ILE WB 65 21.27 22.13 -82.15
CA ILE WB 65 20.61 20.91 -82.57
C ILE WB 65 21.62 19.80 -82.75
N THR WB 66 21.22 18.56 -82.42
CA THR WB 66 22.06 17.38 -82.56
C THR WB 66 21.36 16.33 -83.42
N LYS WB 67 21.54 15.01 -83.14
CA LYS WB 67 20.99 13.97 -83.98
C LYS WB 67 19.48 13.89 -83.93
N ARG WB 68 18.90 13.93 -82.72
CA ARG WB 68 17.48 14.01 -82.53
C ARG WB 68 17.19 14.84 -81.27
N GLY WB 69 18.20 15.56 -80.77
CA GLY WB 69 18.05 16.54 -79.70
C GLY WB 69 18.05 17.97 -80.16
N VAL WB 70 17.41 18.83 -79.37
CA VAL WB 70 17.31 20.26 -79.59
C VAL WB 70 17.54 21.00 -78.28
N GLY WB 71 18.52 21.92 -78.23
CA GLY WB 71 18.59 22.96 -77.21
C GLY WB 71 17.70 24.14 -77.54
N VAL WB 72 16.86 24.57 -76.58
CA VAL WB 72 15.91 25.66 -76.75
C VAL WB 72 16.07 26.68 -75.63
N LEU WB 73 16.29 27.96 -75.98
CA LEU WB 73 16.33 29.06 -75.05
C LEU WB 73 14.94 29.50 -74.63
N VAL WB 74 14.52 29.17 -73.40
CA VAL WB 74 13.19 29.48 -72.90
C VAL WB 74 13.26 30.46 -71.74
N ASN WB 75 12.34 31.44 -71.71
CA ASN WB 75 12.19 32.36 -70.60
C ASN WB 75 11.50 31.72 -69.39
N LYS WB 76 12.04 31.87 -68.17
CA LYS WB 76 11.39 31.42 -66.95
C LYS WB 76 11.40 32.52 -65.91
N ARG WB 77 10.25 32.84 -65.28
CA ARG WB 77 10.26 33.74 -64.14
C ARG WB 77 10.72 33.02 -62.88
N VAL WB 78 11.80 33.53 -62.28
CA VAL WB 78 12.38 33.07 -61.04
C VAL WB 78 12.22 34.22 -60.06
N LYS WB 79 11.09 34.25 -59.33
CA LYS WB 79 10.77 35.27 -58.35
C LYS WB 79 10.72 36.68 -58.92
N HIS WB 80 11.81 37.46 -58.77
CA HIS WB 80 11.90 38.86 -59.12
C HIS WB 80 12.51 39.07 -60.50
N ARG WB 81 12.81 37.99 -61.24
CA ARG WB 81 13.46 38.11 -62.53
C ARG WB 81 13.08 37.01 -63.50
N ILE WB 82 12.84 37.39 -64.76
CA ILE WB 82 12.65 36.48 -65.87
C ILE WB 82 14.01 36.23 -66.49
N GLU WB 83 14.41 34.95 -66.63
CA GLU WB 83 15.76 34.62 -67.07
C GLU WB 83 15.70 33.54 -68.12
N GLN WB 84 16.68 33.54 -69.04
CA GLN WB 84 16.79 32.64 -70.16
C GLN WB 84 17.49 31.35 -69.76
N LYS WB 85 16.84 30.21 -70.00
CA LYS WB 85 17.34 28.92 -69.61
C LYS WB 85 17.47 27.97 -70.80
N LYS WB 86 18.57 27.20 -70.81
CA LYS WB 86 18.96 26.32 -71.89
C LYS WB 86 18.29 24.95 -71.79
N VAL WB 87 17.10 24.78 -72.37
CA VAL WB 87 16.32 23.57 -72.22
C VAL WB 87 16.68 22.55 -73.29
N CYS WB 88 17.30 21.42 -72.89
CA CYS WB 88 17.50 20.29 -73.78
C CYS WB 88 16.22 19.47 -73.90
N VAL WB 89 15.72 19.30 -75.13
CA VAL WB 89 14.54 18.53 -75.48
C VAL WB 89 14.82 17.69 -76.70
N ARG WB 90 13.90 16.77 -77.05
CA ARG WB 90 14.02 15.92 -78.22
C ARG WB 90 13.18 16.42 -79.38
N ILE WB 91 13.47 15.86 -80.56
CA ILE WB 91 12.83 16.14 -81.82
C ILE WB 91 11.33 15.92 -81.79
N GLU WB 92 10.83 14.86 -81.13
CA GLU WB 92 9.41 14.65 -80.96
C GLU WB 92 8.71 15.76 -80.16
N HIS WB 93 9.41 16.34 -79.18
CA HIS WB 93 8.87 17.37 -78.33
C HIS WB 93 8.77 18.75 -78.97
N VAL WB 94 9.77 19.15 -79.77
CA VAL WB 94 9.74 20.43 -80.47
C VAL WB 94 8.68 20.53 -81.57
N ARG WB 95 7.86 21.59 -81.53
CA ARG WB 95 6.91 21.93 -82.57
C ARG WB 95 7.23 23.31 -83.15
N LYS WB 96 7.45 23.44 -84.48
CA LYS WB 96 7.66 24.73 -85.14
C LYS WB 96 6.65 25.82 -84.79
N SER WB 97 7.12 26.99 -84.30
CA SER WB 97 6.22 28.05 -83.87
C SER WB 97 5.70 28.90 -85.03
N ARG WB 98 4.57 29.58 -84.83
CA ARG WB 98 3.78 30.18 -85.90
C ARG WB 98 3.83 31.70 -85.91
N CYS WB 99 4.35 32.31 -84.83
CA CYS WB 99 4.60 33.74 -84.76
C CYS WB 99 5.48 34.28 -85.89
N ASN WB 100 6.59 33.58 -86.20
CA ASN WB 100 7.43 33.81 -87.38
C ASN WB 100 6.63 33.83 -88.69
N GLU WB 101 5.66 32.91 -88.83
CA GLU WB 101 4.82 32.76 -90.01
C GLU WB 101 3.90 33.96 -90.17
N ASP WB 102 3.37 34.52 -89.06
CA ASP WB 102 2.64 35.77 -89.17
C ASP WB 102 3.50 36.94 -89.62
N PHE WB 103 4.73 37.09 -89.07
CA PHE WB 103 5.62 38.14 -89.50
C PHE WB 103 6.00 38.02 -90.97
N LEU WB 104 6.37 36.80 -91.41
CA LEU WB 104 6.74 36.51 -92.78
C LEU WB 104 5.65 36.81 -93.79
N LEU WB 105 4.40 36.37 -93.57
CA LEU WB 105 3.29 36.63 -94.46
C LEU WB 105 3.02 38.11 -94.61
N ARG WB 106 3.03 38.85 -93.48
CA ARG WB 106 2.91 40.29 -93.47
C ARG WB 106 4.06 40.97 -94.20
N LYS WB 107 5.32 40.52 -94.02
CA LYS WB 107 6.45 41.03 -94.77
C LYS WB 107 6.29 40.83 -96.27
N ILE WB 108 5.93 39.62 -96.72
CA ILE WB 108 5.68 39.30 -98.12
C ILE WB 108 4.57 40.15 -98.71
N LYS WB 109 3.40 40.22 -98.04
CA LYS WB 109 2.28 41.03 -98.50
C LYS WB 109 2.61 42.51 -98.59
N ASN WB 110 3.24 43.07 -97.54
CA ASN WB 110 3.71 44.43 -97.51
C ASN WB 110 4.74 44.70 -98.59
N ALA WB 111 5.69 43.77 -98.80
CA ALA WB 111 6.67 43.84 -99.87
C ALA WB 111 6.03 43.93 -101.23
N GLU WB 112 5.00 43.10 -101.50
CA GLU WB 112 4.21 43.22 -102.71
C GLU WB 112 3.52 44.57 -102.85
N LEU WB 113 2.91 45.09 -101.77
CA LEU WB 113 2.36 46.43 -101.71
C LEU WB 113 3.39 47.53 -101.95
N ILE WB 114 4.59 47.42 -101.33
CA ILE WB 114 5.73 48.30 -101.56
C ILE WB 114 6.16 48.25 -103.01
N LYS WB 115 6.35 47.06 -103.59
CA LYS WB 115 6.74 46.86 -104.96
C LYS WB 115 5.76 47.47 -105.96
N GLU WB 116 4.46 47.29 -105.73
CA GLU WB 116 3.40 47.93 -106.49
C GLU WB 116 3.47 49.45 -106.43
N ALA WB 117 3.57 50.00 -105.21
CA ALA WB 117 3.72 51.41 -104.94
C ALA WB 117 4.96 52.01 -105.60
N LYS WB 118 6.11 51.32 -105.54
CA LYS WB 118 7.36 51.71 -106.13
C LYS WB 118 7.33 51.81 -107.66
N LEU WB 119 6.65 50.86 -108.33
CA LEU WB 119 6.42 50.88 -109.77
C LEU WB 119 5.62 52.10 -110.24
N LYS WB 120 4.71 52.58 -109.40
CA LYS WB 120 3.86 53.71 -109.68
C LYS WB 120 4.46 55.00 -109.13
N ASN WB 121 5.51 54.88 -108.29
CA ASN WB 121 6.12 55.93 -107.50
C ASN WB 121 5.10 56.61 -106.59
N GLU WB 122 4.26 55.78 -105.95
CA GLU WB 122 3.16 56.19 -105.13
C GLU WB 122 3.61 56.51 -103.71
N HIS WB 123 2.85 57.37 -103.00
CA HIS WB 123 3.05 57.65 -101.60
C HIS WB 123 1.83 57.12 -100.84
N ILE WB 124 2.04 56.02 -100.09
CA ILE WB 124 0.97 55.26 -99.47
C ILE WB 124 1.60 54.49 -98.32
N ASN WB 125 0.78 53.97 -97.40
CA ASN WB 125 1.25 53.40 -96.16
C ASN WB 125 0.95 51.91 -96.13
N ILE WB 126 1.97 51.09 -95.83
CA ILE WB 126 1.82 49.63 -95.82
C ILE WB 126 1.57 49.11 -94.42
N LYS WB 127 1.50 50.03 -93.45
CA LYS WB 127 1.24 49.77 -92.06
C LYS WB 127 -0.10 49.06 -91.80
N ARG WB 128 -0.16 48.16 -90.79
CA ARG WB 128 -1.40 47.47 -90.43
C ARG WB 128 -2.58 48.37 -90.05
N LYS WB 129 -3.79 47.91 -90.38
CA LYS WB 129 -5.03 48.51 -89.95
C LYS WB 129 -5.22 48.52 -88.44
N THR WB 130 -5.98 49.51 -87.94
CA THR WB 130 -6.24 49.65 -86.51
C THR WB 130 -7.58 49.05 -86.13
N GLU WB 131 -8.39 48.64 -87.12
CA GLU WB 131 -9.80 48.31 -86.98
C GLU WB 131 -10.60 49.46 -86.33
N GLY WB 132 -10.51 50.65 -86.95
CA GLY WB 132 -11.11 51.90 -86.51
C GLY WB 132 -12.63 51.96 -86.41
N PRO WB 133 -13.14 53.10 -85.96
CA PRO WB 133 -14.55 53.27 -85.67
C PRO WB 133 -15.38 53.33 -86.95
N LYS WB 134 -16.57 52.71 -86.96
CA LYS WB 134 -17.36 52.55 -88.17
C LYS WB 134 -17.92 53.86 -88.74
N PRO WB 135 -17.85 54.14 -90.05
CA PRO WB 135 -18.39 55.38 -90.61
C PRO WB 135 -19.89 55.27 -90.85
N ALA WB 136 -20.48 56.33 -91.43
CA ALA WB 136 -21.87 56.39 -91.81
C ALA WB 136 -22.32 55.36 -92.85
N ALA WB 137 -23.60 54.97 -92.81
CA ALA WB 137 -24.15 53.93 -93.67
C ALA WB 137 -25.64 54.13 -93.94
N MET WB 138 -26.23 53.28 -94.78
CA MET WB 138 -27.59 53.42 -95.23
C MET WB 138 -28.25 52.07 -95.42
N ILE WB 139 -29.53 51.94 -95.05
CA ILE WB 139 -30.36 50.78 -95.35
C ILE WB 139 -31.77 51.25 -95.59
N LYS WB 140 -32.50 50.64 -96.55
CA LYS WB 140 -33.90 50.93 -96.78
C LYS WB 140 -34.73 49.81 -96.20
N VAL WB 141 -35.68 50.13 -95.30
CA VAL WB 141 -36.38 49.13 -94.50
C VAL WB 141 -37.89 49.23 -94.73
N PRO WB 142 -38.52 48.29 -95.43
CA PRO WB 142 -39.96 48.14 -95.46
C PRO WB 142 -40.58 47.76 -94.12
N PRO WB 143 -41.87 47.97 -93.86
CA PRO WB 143 -42.55 47.53 -92.64
C PRO WB 143 -42.47 46.05 -92.36
N SER WB 144 -42.27 45.21 -93.39
CA SER WB 144 -42.19 43.78 -93.27
C SER WB 144 -40.89 43.25 -92.66
N LYS WB 145 -39.79 44.01 -92.75
CA LYS WB 145 -38.47 43.52 -92.37
C LYS WB 145 -38.04 44.00 -90.99
N ILE WB 146 -38.93 44.69 -90.28
CA ILE WB 146 -38.66 45.24 -88.96
C ILE WB 146 -39.58 44.60 -87.93
N ILE WB 147 -38.99 44.16 -86.81
CA ILE WB 147 -39.63 43.31 -85.81
C ILE WB 147 -39.70 44.05 -84.49
N THR WB 148 -40.87 44.06 -83.84
CA THR WB 148 -41.03 44.73 -82.55
C THR WB 148 -40.71 43.80 -81.42
N ILE WB 149 -39.77 44.19 -80.55
CA ILE WB 149 -39.39 43.42 -79.39
C ILE WB 149 -39.91 44.05 -78.11
N GLU WB 150 -40.02 43.24 -77.06
CA GLU WB 150 -40.55 43.61 -75.77
C GLU WB 150 -40.01 42.57 -74.78
N PRO WB 151 -39.95 42.80 -73.47
CA PRO WB 151 -39.60 41.76 -72.50
C PRO WB 151 -40.61 40.63 -72.44
N LEU WB 152 -40.29 39.51 -71.78
CA LEU WB 152 -41.13 38.33 -71.78
C LEU WB 152 -41.83 38.13 -70.44
N PRO WB 153 -43.16 37.97 -70.36
CA PRO WB 153 -43.84 37.37 -69.22
C PRO WB 153 -43.25 36.03 -68.79
N PHE WB 154 -43.33 35.68 -67.48
CA PHE WB 154 -42.95 34.34 -67.04
C PHE WB 154 -43.81 33.24 -67.71
N TYR WB 155 -43.17 32.14 -68.11
CA TYR WB 155 -43.82 31.07 -68.81
C TYR WB 155 -43.09 29.74 -68.47
N HIS XB 1 -14.48 -40.45 23.87
CA HIS XB 1 -14.26 -41.82 24.46
C HIS XB 1 -14.14 -41.86 25.98
N GLY XB 2 -14.20 -43.08 26.56
CA GLY XB 2 -13.95 -43.31 27.99
C GLY XB 2 -12.49 -43.23 28.38
N ALA XB 3 -12.18 -43.65 29.63
CA ALA XB 3 -10.86 -43.61 30.23
C ALA XB 3 -9.82 -44.45 29.50
N SER XB 4 -10.22 -45.64 29.00
CA SER XB 4 -9.46 -46.42 28.03
C SER XB 4 -9.47 -45.75 26.66
N ARG XB 5 -8.75 -44.62 26.56
CA ARG XB 5 -8.69 -43.72 25.43
C ARG XB 5 -8.21 -44.41 24.17
N TYR XB 6 -7.23 -45.29 24.38
CA TYR XB 6 -6.58 -46.19 23.48
C TYR XB 6 -7.42 -47.42 23.15
N LYS XB 7 -6.78 -48.61 23.15
CA LYS XB 7 -7.34 -49.89 22.77
C LYS XB 7 -7.94 -49.97 21.38
N LYS XB 8 -7.11 -49.65 20.37
CA LYS XB 8 -7.42 -49.87 18.97
C LYS XB 8 -7.68 -51.35 18.66
N SER XB 9 -8.95 -51.71 18.45
CA SER XB 9 -9.32 -53.12 18.40
C SER XB 9 -10.31 -53.42 17.30
N ARG XB 10 -11.18 -52.46 16.93
CA ARG XB 10 -12.01 -52.58 15.75
C ARG XB 10 -12.19 -51.23 15.08
N ALA XB 11 -11.91 -51.17 13.77
CA ALA XB 11 -12.22 -50.10 12.83
C ALA XB 11 -12.34 -48.65 13.31
N LYS XB 12 -11.21 -48.00 13.68
CA LYS XB 12 -11.18 -46.57 13.88
C LYS XB 12 -9.75 -46.06 13.71
N MET XB 13 -9.58 -44.80 13.26
CA MET XB 13 -8.31 -44.09 13.26
C MET XB 13 -7.52 -44.13 14.58
N ARG XB 14 -6.21 -43.85 14.54
CA ARG XB 14 -5.35 -43.89 15.71
C ARG XB 14 -5.74 -42.90 16.81
N TRP XB 15 -5.82 -43.36 18.06
CA TRP XB 15 -6.14 -42.51 19.20
C TRP XB 15 -5.16 -41.34 19.38
N LYS XB 16 -3.86 -41.62 19.27
CA LYS XB 16 -2.82 -40.64 19.42
C LYS XB 16 -2.89 -39.54 18.39
N TRP XB 17 -3.19 -39.90 17.13
CA TRP XB 17 -3.43 -38.94 16.08
C TRP XB 17 -4.70 -38.14 16.28
N LYS XB 18 -5.81 -38.76 16.73
CA LYS XB 18 -7.01 -38.03 17.13
C LYS XB 18 -6.71 -37.03 18.24
N LYS XB 19 -5.96 -37.46 19.27
CA LYS XB 19 -5.52 -36.61 20.34
C LYS XB 19 -4.66 -35.42 19.90
N LYS XB 20 -3.67 -35.66 19.02
CA LYS XB 20 -2.93 -34.62 18.35
C LYS XB 20 -3.77 -33.70 17.51
N ARG XB 21 -4.62 -34.23 16.61
CA ARG XB 21 -5.51 -33.44 15.78
C ARG XB 21 -6.44 -32.54 16.58
N THR XB 22 -7.07 -33.11 17.63
CA THR XB 22 -7.90 -32.36 18.55
C THR XB 22 -7.14 -31.35 19.40
N ARG XB 23 -5.90 -31.64 19.86
CA ARG XB 23 -5.08 -30.65 20.56
C ARG XB 23 -4.76 -29.44 19.69
N ARG XB 24 -4.35 -29.68 18.43
CA ARG XB 24 -4.14 -28.67 17.41
C ARG XB 24 -5.39 -27.84 17.14
N LEU XB 25 -6.55 -28.49 16.94
CA LEU XB 25 -7.84 -27.83 16.83
C LEU XB 25 -8.21 -26.96 18.03
N GLN XB 26 -8.02 -27.49 19.26
CA GLN XB 26 -8.24 -26.81 20.52
C GLN XB 26 -7.42 -25.53 20.65
N LYS XB 27 -6.14 -25.57 20.28
CA LYS XB 27 -5.28 -24.40 20.22
C LYS XB 27 -5.79 -23.33 19.27
N LYS XB 28 -6.22 -23.73 18.05
CA LYS XB 28 -6.83 -22.84 17.08
C LYS XB 28 -8.12 -22.19 17.57
N ARG XB 29 -9.03 -22.94 18.22
CA ARG XB 29 -10.20 -22.37 18.87
C ARG XB 29 -9.83 -21.41 19.98
N ARG XB 30 -8.84 -21.75 20.82
CA ARG XB 30 -8.41 -20.91 21.92
C ARG XB 30 -7.86 -19.58 21.42
N LYS XB 31 -7.11 -19.61 20.30
CA LYS XB 31 -6.71 -18.41 19.60
C LYS XB 31 -7.86 -17.61 19.03
N MET XB 32 -8.86 -18.25 18.41
CA MET XB 32 -10.02 -17.57 17.90
C MET XB 32 -10.86 -16.88 18.97
N ARG XB 33 -11.12 -17.53 20.10
CA ARG XB 33 -11.77 -16.91 21.24
C ARG XB 33 -10.98 -15.75 21.84
N GLN XB 34 -9.65 -15.91 22.01
CA GLN XB 34 -8.76 -14.85 22.42
C GLN XB 34 -8.72 -13.65 21.48
N ARG XB 35 -8.69 -13.89 20.15
CA ARG XB 35 -8.81 -12.89 19.10
C ARG XB 35 -10.09 -12.09 19.22
N SER XB 36 -11.22 -12.82 19.33
CA SER XB 36 -12.55 -12.26 19.40
C SER XB 36 -12.79 -11.40 20.62
N ARG XB 37 -12.46 -11.89 21.83
CA ARG XB 37 -12.67 -11.17 23.07
C ARG XB 37 -11.65 -10.00 23.26
N ILE YB 1 11.86 44.73 98.96
CA ILE YB 1 12.49 45.76 98.04
C ILE YB 1 11.63 47.00 97.89
N LYS YB 2 12.18 48.21 98.12
CA LYS YB 2 11.48 49.46 97.93
C LYS YB 2 11.97 50.16 96.67
N TYR YB 3 11.03 50.59 95.80
CA TYR YB 3 11.32 51.34 94.60
C TYR YB 3 10.71 52.70 94.77
N VAL YB 4 11.40 53.74 94.29
CA VAL YB 4 11.02 55.12 94.55
C VAL YB 4 10.86 55.87 93.26
N LEU YB 5 9.97 56.87 93.27
CA LEU YB 5 9.77 57.77 92.18
C LEU YB 5 9.91 59.16 92.74
N ASP YB 6 10.92 59.91 92.26
CA ASP YB 6 11.16 61.28 92.63
C ASP YB 6 10.29 62.24 91.81
N CYS YB 7 9.18 62.65 92.42
CA CYS YB 7 8.21 63.51 91.81
C CYS YB 7 8.51 64.99 92.00
N THR YB 8 9.63 65.37 92.63
CA THR YB 8 9.89 66.74 93.10
C THR YB 8 9.73 67.81 92.04
N LYS YB 9 10.49 67.71 90.94
CA LYS YB 9 10.55 68.68 89.85
C LYS YB 9 9.20 69.20 89.32
N PRO YB 10 8.19 68.41 88.96
CA PRO YB 10 6.95 68.99 88.45
C PRO YB 10 5.93 69.16 89.56
N VAL YB 11 6.07 68.51 90.72
CA VAL YB 11 5.17 68.69 91.84
C VAL YB 11 5.39 70.02 92.52
N LYS YB 12 6.66 70.47 92.64
CA LYS YB 12 7.01 71.65 93.41
C LYS YB 12 6.81 72.93 92.60
N ASP YB 13 6.60 72.81 91.27
CA ASP YB 13 6.12 73.89 90.44
C ASP YB 13 4.65 73.65 90.06
N THR YB 14 4.03 72.62 90.67
CA THR YB 14 2.64 72.19 90.53
C THR YB 14 2.14 72.05 89.10
N ILE YB 15 2.86 71.28 88.29
CA ILE YB 15 2.43 70.83 86.98
C ILE YB 15 2.21 69.32 87.04
N LEU YB 16 2.30 68.76 88.27
CA LEU YB 16 1.90 67.41 88.59
C LEU YB 16 1.32 67.37 89.99
N ASP YB 17 0.30 66.51 90.21
CA ASP YB 17 -0.39 66.38 91.49
C ASP YB 17 -0.09 65.02 92.11
N ILE YB 18 0.71 65.01 93.18
CA ILE YB 18 1.22 63.80 93.81
C ILE YB 18 0.14 62.95 94.47
N SER YB 19 -0.87 63.58 95.08
CA SER YB 19 -2.02 62.90 95.66
C SER YB 19 -2.85 62.15 94.62
N GLY YB 20 -3.08 62.76 93.45
CA GLY YB 20 -3.70 62.09 92.30
C GLY YB 20 -2.90 60.93 91.76
N LEU YB 21 -1.58 61.10 91.64
CA LEU YB 21 -0.64 60.07 91.23
C LEU YB 21 -0.63 58.85 92.17
N GLU YB 22 -0.65 59.11 93.49
CA GLU YB 22 -0.74 58.12 94.54
C GLU YB 22 -2.02 57.30 94.40
N GLN YB 23 -3.16 57.99 94.20
CA GLN YB 23 -4.42 57.38 93.89
C GLN YB 23 -4.36 56.55 92.61
N PHE YB 24 -3.72 57.10 91.55
CA PHE YB 24 -3.52 56.41 90.30
C PHE YB 24 -2.74 55.10 90.44
N PHE YB 25 -1.63 55.09 91.19
CA PHE YB 25 -0.91 53.88 91.52
C PHE YB 25 -1.74 52.86 92.31
N LYS YB 26 -2.50 53.31 93.31
CA LYS YB 26 -3.36 52.45 94.10
C LYS YB 26 -4.47 51.84 93.25
N ASP YB 27 -5.13 52.64 92.40
CA ASP YB 27 -6.15 52.17 91.49
C ASP YB 27 -5.64 51.19 90.42
N LYS YB 28 -4.55 51.53 89.71
CA LYS YB 28 -4.02 50.75 88.61
C LYS YB 28 -3.28 49.44 88.91
N ILE YB 29 -2.30 49.41 89.84
CA ILE YB 29 -1.37 48.29 90.00
C ILE YB 29 -2.06 46.94 90.28
N LYS YB 30 -1.93 45.99 89.35
CA LYS YB 30 -2.61 44.71 89.42
C LYS YB 30 -1.79 43.64 90.12
N VAL YB 31 -2.45 42.88 91.01
CA VAL YB 31 -1.91 41.65 91.55
C VAL YB 31 -2.97 40.58 91.33
N ASP YB 32 -2.72 39.67 90.36
CA ASP YB 32 -3.67 38.68 89.89
C ASP YB 32 -5.01 39.28 89.46
N LYS YB 33 -4.94 40.23 88.50
CA LYS YB 33 -6.03 41.00 87.94
C LYS YB 33 -6.46 42.15 88.84
N LYS YB 34 -6.95 41.83 90.05
CA LYS YB 34 -7.42 42.79 91.02
C LYS YB 34 -6.34 43.74 91.52
N THR YB 35 -6.69 45.01 91.79
CA THR YB 35 -5.69 46.03 92.11
C THR YB 35 -5.64 46.39 93.58
N ASN YB 36 -6.59 45.87 94.40
CA ASN YB 36 -6.66 46.14 95.82
C ASN YB 36 -6.25 44.93 96.63
N ASN YB 37 -5.80 43.85 95.96
CA ASN YB 37 -5.41 42.61 96.60
C ASN YB 37 -3.89 42.56 96.76
N LEU YB 38 -3.20 43.70 96.53
CA LEU YB 38 -1.76 43.80 96.60
C LEU YB 38 -1.19 43.75 98.01
N LYS YB 39 -2.05 43.98 99.03
CA LYS YB 39 -1.72 44.25 100.42
C LYS YB 39 -0.82 43.23 101.11
N ASN YB 40 -0.93 41.96 100.71
CA ASN YB 40 -0.15 40.87 101.28
C ASN YB 40 1.35 41.02 101.06
N LYS YB 41 1.77 41.40 99.84
CA LYS YB 41 3.18 41.45 99.48
C LYS YB 41 3.61 42.81 98.96
N VAL YB 42 2.71 43.81 98.90
CA VAL YB 42 3.02 45.10 98.33
C VAL YB 42 2.31 46.18 99.13
N VAL YB 43 3.04 47.25 99.48
CA VAL YB 43 2.49 48.46 100.08
C VAL YB 43 2.91 49.65 99.23
N VAL YB 44 1.97 50.59 98.98
CA VAL YB 44 2.26 51.76 98.18
C VAL YB 44 1.91 52.97 99.02
N THR YB 45 2.90 53.84 99.23
CA THR YB 45 2.86 55.00 100.11
C THR YB 45 3.41 56.21 99.40
N SER YB 46 3.20 57.39 100.00
CA SER YB 46 3.49 58.66 99.39
C SER YB 46 4.10 59.62 100.40
N ASP YB 47 5.13 60.36 99.95
CA ASP YB 47 5.81 61.41 100.67
C ASP YB 47 5.27 62.74 100.16
N GLU YB 48 5.91 63.86 100.56
CA GLU YB 48 5.60 65.17 100.01
C GLU YB 48 5.96 65.28 98.53
N TYR YB 49 7.13 64.72 98.14
CA TYR YB 49 7.65 64.84 96.80
C TYR YB 49 8.10 63.50 96.21
N LYS YB 50 7.72 62.37 96.83
CA LYS YB 50 8.18 61.05 96.42
C LYS YB 50 7.10 59.98 96.56
N ILE YB 51 6.91 59.13 95.53
CA ILE YB 51 6.04 57.97 95.59
C ILE YB 51 6.89 56.74 95.85
N TYR YB 52 6.43 55.83 96.72
CA TYR YB 52 7.16 54.66 97.15
C TYR YB 52 6.33 53.42 96.90
N ILE YB 53 6.91 52.41 96.24
CA ILE YB 53 6.31 51.10 96.10
C ILE YB 53 7.23 50.11 96.79
N THR YB 54 6.75 49.35 97.78
CA THR YB 54 7.58 48.40 98.51
C THR YB 54 7.02 47.02 98.35
N VAL YB 55 7.82 46.10 97.80
CA VAL YB 55 7.39 44.78 97.35
C VAL YB 55 8.18 43.69 98.03
N HIS YB 56 7.50 42.58 98.34
CA HIS YB 56 8.10 41.34 98.79
C HIS YB 56 7.81 40.25 97.77
N ILE YB 57 7.45 40.66 96.54
CA ILE YB 57 7.10 39.83 95.41
C ILE YB 57 7.96 40.25 94.22
N PRO YB 58 8.36 39.41 93.27
CA PRO YB 58 8.85 39.82 91.95
C PRO YB 58 8.03 40.91 91.27
N PHE YB 59 8.70 41.89 90.63
CA PHE YB 59 8.05 43.10 90.16
C PHE YB 59 8.89 43.70 89.06
N SER YB 60 8.43 44.78 88.40
CA SER YB 60 9.19 45.40 87.33
C SER YB 60 9.09 46.92 87.39
N LYS YB 61 10.24 47.60 87.25
CA LYS YB 61 10.34 49.03 87.13
C LYS YB 61 9.64 49.57 85.90
N ARG YB 62 9.69 48.84 84.77
CA ARG YB 62 9.02 49.24 83.55
C ARG YB 62 7.52 49.34 83.73
N TYR YB 63 6.91 48.44 84.52
CA TYR YB 63 5.50 48.53 84.89
C TYR YB 63 5.14 49.83 85.61
N ILE YB 64 6.01 50.33 86.51
CA ILE YB 64 5.81 51.59 87.22
C ILE YB 64 5.76 52.75 86.25
N LYS YB 65 6.72 52.77 85.30
CA LYS YB 65 6.83 53.78 84.27
C LYS YB 65 5.66 53.74 83.30
N TYR YB 66 5.25 52.53 82.86
CA TYR YB 66 4.10 52.31 82.01
C TYR YB 66 2.81 52.88 82.63
N LEU YB 67 2.53 52.57 83.90
CA LEU YB 67 1.43 53.19 84.60
C LEU YB 67 1.57 54.69 84.79
N ALA YB 68 2.77 55.19 85.09
CA ALA YB 68 3.04 56.61 85.17
C ALA YB 68 2.78 57.33 83.86
N LYS YB 69 3.18 56.71 82.74
CA LYS YB 69 2.90 57.13 81.39
C LYS YB 69 1.42 57.27 81.10
N LYS YB 70 0.59 56.30 81.53
CA LYS YB 70 -0.87 56.44 81.50
C LYS YB 70 -1.37 57.63 82.32
N TYR YB 71 -0.84 57.91 83.53
CA TYR YB 71 -1.25 59.07 84.31
C TYR YB 71 -0.87 60.35 83.58
N ILE YB 72 0.33 60.38 83.00
CA ILE YB 72 0.83 61.49 82.22
C ILE YB 72 -0.02 61.76 80.98
N LYS YB 73 -0.43 60.70 80.25
CA LYS YB 73 -1.36 60.79 79.15
C LYS YB 73 -2.75 61.25 79.57
N MET YB 74 -3.28 60.70 80.68
CA MET YB 74 -4.57 61.04 81.24
C MET YB 74 -4.72 62.51 81.56
N HIS YB 75 -3.68 63.09 82.20
CA HIS YB 75 -3.64 64.47 82.64
C HIS YB 75 -3.01 65.38 81.61
N GLN YB 76 -2.73 64.86 80.40
CA GLN YB 76 -2.20 65.56 79.23
C GLN YB 76 -0.90 66.32 79.43
N ILE YB 77 0.03 65.75 80.21
CA ILE YB 77 1.29 66.40 80.55
C ILE YB 77 2.45 65.72 79.86
N ARG YB 78 2.17 64.82 78.89
CA ARG YB 78 3.14 64.13 78.05
C ARG YB 78 4.07 65.09 77.33
N ASP YB 79 3.49 66.20 76.85
CA ASP YB 79 4.11 67.38 76.31
C ASP YB 79 5.31 67.89 77.12
N PHE YB 80 5.13 67.99 78.45
CA PHE YB 80 6.03 68.69 79.33
C PHE YB 80 7.08 67.77 79.99
N LEU YB 81 6.92 66.43 79.93
CA LEU YB 81 7.50 65.60 80.96
C LEU YB 81 7.95 64.22 80.52
N ARG YB 82 9.07 63.75 81.11
CA ARG YB 82 9.72 62.49 80.89
C ARG YB 82 9.85 61.79 82.24
N VAL YB 83 9.87 60.44 82.25
CA VAL YB 83 10.29 59.66 83.41
C VAL YB 83 11.65 59.04 83.13
N ILE YB 84 12.67 59.26 83.96
CA ILE YB 84 13.97 58.67 83.67
C ILE YB 84 14.59 58.13 84.95
N ALA YB 85 15.48 57.14 84.82
CA ALA YB 85 16.13 56.50 85.95
C ALA YB 85 17.36 57.26 86.41
N LYS YB 86 17.49 57.52 87.72
CA LYS YB 86 18.68 58.16 88.28
C LYS YB 86 19.35 57.32 89.35
N GLY YB 87 18.91 56.06 89.50
CA GLY YB 87 19.53 55.11 90.40
C GLY YB 87 18.93 53.78 90.14
N LYS YB 88 19.45 52.73 90.78
CA LYS YB 88 19.00 51.36 90.57
C LYS YB 88 17.53 51.16 90.91
N LEU YB 89 17.06 51.74 92.03
CA LEU YB 89 15.69 51.62 92.49
C LEU YB 89 14.86 52.86 92.15
N ALA YB 90 15.47 53.86 91.49
CA ALA YB 90 14.95 55.21 91.42
C ALA YB 90 14.60 55.67 90.01
N TYR YB 91 13.32 55.99 89.80
CA TYR YB 91 12.87 56.81 88.70
C TYR YB 91 12.69 58.25 89.18
N GLU YB 92 12.69 59.20 88.25
CA GLU YB 92 12.51 60.61 88.52
C GLU YB 92 11.75 61.23 87.35
N PHE YB 93 10.79 62.14 87.63
CA PHE YB 93 10.20 62.96 86.58
C PHE YB 93 11.09 64.12 86.19
N LYS YB 94 11.18 64.41 84.88
CA LYS YB 94 12.15 65.36 84.37
C LYS YB 94 11.57 66.06 83.15
N TYR YB 95 11.82 67.36 82.97
CA TYR YB 95 11.08 68.11 81.97
C TYR YB 95 11.57 67.86 80.54
N PHE YB 96 10.65 68.04 79.56
CA PHE YB 96 10.96 68.14 78.16
C PHE YB 96 10.73 69.59 77.75
N GLN YB 97 11.80 70.29 77.33
CA GLN YB 97 11.72 71.70 76.96
C GLN YB 97 11.44 71.87 75.44
N LYS ZB 1 82.88 -22.12 78.29
CA LYS ZB 1 83.58 -23.45 78.26
C LYS ZB 1 83.21 -24.24 77.03
N ASP ZB 2 84.20 -24.61 76.17
CA ASP ZB 2 84.02 -25.50 75.05
C ASP ZB 2 82.95 -25.07 74.03
N ASN ZB 3 83.03 -23.83 73.53
CA ASN ZB 3 82.23 -23.40 72.40
C ASN ZB 3 83.03 -22.40 71.57
N PRO ZB 4 82.71 -22.13 70.29
CA PRO ZB 4 83.51 -21.30 69.38
C PRO ZB 4 83.98 -19.92 69.83
N LEU ZB 5 84.95 -19.32 69.10
CA LEU ZB 5 85.46 -17.99 69.39
C LEU ZB 5 85.55 -17.16 68.10
N ILE ZB 6 85.69 -15.82 68.27
CA ILE ZB 6 85.83 -14.81 67.21
C ILE ZB 6 84.55 -14.54 66.38
N PHE ZB 7 84.41 -13.29 65.92
CA PHE ZB 7 83.22 -12.78 65.27
C PHE ZB 7 83.56 -12.33 63.83
N ILE ZB 15 65.66 -24.10 47.66
CA ILE ZB 15 65.52 -22.97 46.66
C ILE ZB 15 66.89 -22.62 46.07
N ILE ZB 16 67.00 -22.51 44.73
CA ILE ZB 16 68.24 -22.20 44.03
C ILE ZB 16 68.37 -20.68 43.86
N GLY ZB 17 69.55 -20.12 44.25
CA GLY ZB 17 69.81 -18.68 44.33
C GLY ZB 17 69.43 -17.80 43.16
N VAL ZB 18 68.67 -16.72 43.46
CA VAL ZB 18 68.26 -15.70 42.51
C VAL ZB 18 67.95 -14.45 43.31
N GLY ZB 19 68.09 -13.24 42.74
CA GLY ZB 19 67.96 -11.98 43.48
C GLY ZB 19 68.79 -10.87 42.87
N VAL ZB 20 69.50 -10.08 43.69
CA VAL ZB 20 70.38 -9.02 43.22
C VAL ZB 20 71.71 -9.62 42.77
N ARG ZB 21 72.08 -9.47 41.49
CA ARG ZB 21 73.27 -10.11 40.94
C ARG ZB 21 74.48 -9.18 41.07
N PRO ZB 22 75.67 -9.65 41.47
CA PRO ZB 22 76.92 -8.90 41.38
C PRO ZB 22 77.18 -8.19 40.05
N LYS ZB 23 77.72 -6.96 40.08
CA LYS ZB 23 77.96 -6.18 38.89
C LYS ZB 23 79.40 -6.36 38.42
N LYS ZB 24 79.60 -7.11 37.32
CA LYS ZB 24 80.83 -7.13 36.54
C LYS ZB 24 81.09 -5.78 35.87
N ASP ZB 25 82.38 -5.44 35.61
CA ASP ZB 25 82.88 -4.20 35.02
C ASP ZB 25 81.97 -3.51 34.00
N LEU ZB 26 81.75 -2.18 34.18
CA LEU ZB 26 80.90 -1.38 33.32
C LEU ZB 26 81.33 -1.36 31.86
N SER ZB 27 80.34 -1.17 30.95
CA SER ZB 27 80.47 -1.19 29.49
C SER ZB 27 80.18 -2.56 28.89
N LYS ZB 28 79.32 -3.39 29.54
CA LYS ZB 28 78.91 -4.67 29.00
C LYS ZB 28 78.07 -4.60 27.73
N TYR ZB 29 77.08 -3.70 27.69
CA TYR ZB 29 76.10 -3.64 26.62
C TYR ZB 29 75.68 -2.20 26.36
N VAL ZB 30 76.63 -1.25 26.48
CA VAL ZB 30 76.39 0.17 26.19
C VAL ZB 30 75.87 0.43 24.78
N LYS ZB 31 74.96 1.41 24.60
CA LYS ZB 31 74.22 1.56 23.38
C LYS ZB 31 74.94 2.30 22.27
N TRP ZB 32 75.98 3.09 22.61
CA TRP ZB 32 76.81 3.88 21.69
C TRP ZB 32 76.09 5.06 21.01
N PRO ZB 33 76.73 6.15 20.60
CA PRO ZB 33 76.17 7.08 19.60
C PRO ZB 33 75.80 6.44 18.27
N ARG ZB 34 75.09 7.17 17.40
CA ARG ZB 34 74.75 6.76 16.03
C ARG ZB 34 76.01 6.53 15.20
N TYR ZB 35 76.97 7.47 15.28
CA TYR ZB 35 78.31 7.30 14.79
C TYR ZB 35 79.06 6.24 15.61
N ILE ZB 36 80.09 5.59 15.03
CA ILE ZB 36 80.93 4.56 15.65
C ILE ZB 36 80.22 3.22 15.60
N ARG ZB 37 78.93 3.21 15.95
CA ARG ZB 37 78.03 2.08 15.91
C ARG ZB 37 77.92 1.55 14.49
N ILE ZB 38 77.69 2.47 13.55
CA ILE ZB 38 77.69 2.19 12.13
C ILE ZB 38 79.04 1.73 11.59
N GLN ZB 39 80.18 2.35 11.99
CA GLN ZB 39 81.51 1.93 11.58
C GLN ZB 39 81.85 0.51 12.01
N ARG ZB 40 81.53 0.13 13.26
CA ARG ZB 40 81.64 -1.25 13.70
C ARG ZB 40 80.88 -2.23 12.81
N LYS ZB 41 79.61 -1.92 12.51
CA LYS ZB 41 78.80 -2.69 11.57
C LYS ZB 41 79.39 -2.75 10.17
N LYS ZB 42 79.94 -1.63 9.65
CA LYS ZB 42 80.69 -1.61 8.40
C LYS ZB 42 81.83 -2.63 8.38
N LYS ZB 43 82.62 -2.70 9.47
CA LYS ZB 43 83.63 -3.71 9.62
C LYS ZB 43 83.06 -5.12 9.59
N ILE ZB 44 81.95 -5.38 10.29
CA ILE ZB 44 81.27 -6.67 10.28
C ILE ZB 44 80.78 -7.06 8.89
N LEU ZB 45 80.15 -6.13 8.15
CA LEU ZB 45 79.78 -6.31 6.76
C LEU ZB 45 80.97 -6.68 5.88
N LEU ZB 46 82.08 -5.95 6.03
CA LEU ZB 46 83.33 -6.19 5.32
C LEU ZB 46 83.87 -7.58 5.58
N GLN ZB 47 83.89 -8.04 6.85
CA GLN ZB 47 84.24 -9.38 7.21
C GLN ZB 47 83.31 -10.43 6.63
N ARG ZB 48 81.99 -10.19 6.62
CA ARG ZB 48 81.01 -11.11 6.09
C ARG ZB 48 81.13 -11.35 4.60
N LEU ZB 49 81.18 -10.28 3.79
CA LEU ZB 49 81.23 -10.37 2.34
C LEU ZB 49 82.47 -11.05 1.76
N LYS ZB 50 82.29 -11.75 0.61
CA LYS ZB 50 83.39 -12.20 -0.22
C LYS ZB 50 84.00 -11.02 -0.98
N VAL ZB 51 85.26 -10.65 -0.69
CA VAL ZB 51 85.88 -9.46 -1.22
C VAL ZB 51 86.46 -9.72 -2.61
N PRO ZB 52 86.10 -8.98 -3.67
CA PRO ZB 52 86.71 -9.08 -5.00
C PRO ZB 52 88.23 -9.08 -5.03
N PRO ZB 53 88.96 -9.85 -5.85
CA PRO ZB 53 90.41 -9.95 -5.80
C PRO ZB 53 91.18 -8.64 -5.83
N SER ZB 54 90.80 -7.73 -6.75
CA SER ZB 54 91.41 -6.41 -6.90
C SER ZB 54 91.31 -5.59 -5.63
N ILE ZB 55 90.12 -5.57 -5.00
CA ILE ZB 55 89.91 -4.96 -3.70
C ILE ZB 55 90.66 -5.69 -2.60
N ASN ZB 56 90.61 -7.03 -2.61
CA ASN ZB 56 91.08 -7.88 -1.56
C ASN ZB 56 92.58 -7.77 -1.29
N GLN ZB 57 93.44 -7.73 -2.33
CA GLN ZB 57 94.88 -7.72 -2.12
C GLN ZB 57 95.45 -6.63 -1.21
N PHE ZB 58 94.71 -5.53 -1.03
CA PHE ZB 58 95.00 -4.46 -0.09
C PHE ZB 58 95.03 -4.86 1.36
N ASN ZB 59 94.16 -5.80 1.81
CA ASN ZB 59 94.11 -6.16 3.22
C ASN ZB 59 95.25 -7.07 3.65
N HIS ZB 60 96.01 -7.67 2.71
CA HIS ZB 60 97.30 -8.24 3.00
C HIS ZB 60 98.32 -7.17 3.36
N THR ZB 61 99.25 -7.46 4.29
CA THR ZB 61 100.26 -6.50 4.71
C THR ZB 61 101.55 -7.24 4.99
N LEU ZB 62 102.71 -6.69 4.57
CA LEU ZB 62 104.03 -7.25 4.80
C LEU ZB 62 104.37 -7.44 6.30
N PRO ZB 63 105.07 -8.49 6.75
CA PRO ZB 63 105.52 -8.66 8.14
C PRO ZB 63 106.12 -7.48 8.85
N LYS ZB 64 105.89 -7.41 10.18
CA LYS ZB 64 106.23 -6.28 11.03
C LYS ZB 64 107.71 -5.97 11.08
N SER ZB 65 108.56 -6.98 11.34
CA SER ZB 65 110.01 -6.85 11.37
C SER ZB 65 110.60 -6.36 10.06
N GLN ZB 66 110.13 -6.91 8.93
CA GLN ZB 66 110.50 -6.51 7.59
C GLN ZB 66 110.10 -5.08 7.30
N THR ZB 67 108.86 -4.73 7.70
CA THR ZB 67 108.34 -3.37 7.60
C THR ZB 67 109.14 -2.37 8.39
N GLN ZB 68 109.51 -2.68 9.64
CA GLN ZB 68 110.33 -1.82 10.45
C GLN ZB 68 111.71 -1.57 9.88
N ASP ZB 69 112.40 -2.64 9.44
CA ASP ZB 69 113.69 -2.54 8.79
C ASP ZB 69 113.65 -1.70 7.50
N LEU ZB 70 112.60 -1.89 6.68
CA LEU ZB 70 112.31 -1.04 5.53
C LEU ZB 70 112.10 0.43 5.91
N LEU ZB 71 111.35 0.73 6.98
CA LEU ZB 71 111.16 2.09 7.49
C LEU ZB 71 112.48 2.73 7.91
N ASN ZB 72 113.35 1.98 8.59
CA ASN ZB 72 114.67 2.41 8.98
C ASN ZB 72 115.53 2.77 7.77
N PHE ZB 73 115.52 1.93 6.72
CA PHE ZB 73 116.14 2.20 5.45
C PHE ZB 73 115.60 3.48 4.78
N LEU ZB 74 114.28 3.67 4.72
CA LEU ZB 74 113.67 4.85 4.12
C LEU ZB 74 113.98 6.14 4.86
N LYS ZB 75 114.00 6.10 6.21
CA LYS ZB 75 114.42 7.17 7.11
C LYS ZB 75 115.70 7.89 6.69
N ALA ZB 76 116.69 7.15 6.17
CA ALA ZB 76 117.96 7.69 5.77
C ALA ZB 76 117.92 8.57 4.52
N TYR ZB 77 116.83 8.47 3.73
CA TYR ZB 77 116.67 9.20 2.50
C TYR ZB 77 115.47 10.13 2.55
N LYS ZB 78 114.86 10.34 3.73
CA LYS ZB 78 113.65 11.11 3.90
C LYS ZB 78 113.68 12.59 3.42
N PRO ZB 79 112.57 13.19 2.98
CA PRO ZB 79 112.41 14.65 2.88
C PRO ZB 79 112.77 15.46 4.12
N GLU ZB 80 113.09 16.74 3.97
CA GLU ZB 80 113.49 17.59 5.07
C GLU ZB 80 112.96 19.00 4.88
N SER ZB 81 112.89 19.76 5.99
CA SER ZB 81 112.42 21.14 6.11
C SER ZB 81 112.68 22.10 4.97
N LYS ZB 82 111.64 22.93 4.71
CA LYS ZB 82 111.69 24.12 3.89
C LYS ZB 82 112.86 25.04 4.21
N THR ZB 83 113.09 25.26 5.52
CA THR ZB 83 114.07 26.19 6.05
C THR ZB 83 115.48 25.82 5.65
N ASP ZB 84 115.83 24.53 5.69
CA ASP ZB 84 117.11 24.05 5.20
C ASP ZB 84 117.33 24.29 3.71
N LYS ZB 85 116.32 24.03 2.84
CA LYS ZB 85 116.38 24.37 1.42
C LYS ZB 85 116.61 25.85 1.16
N LYS ZB 86 115.86 26.70 1.88
CA LYS ZB 86 115.93 28.16 1.80
C LYS ZB 86 117.31 28.68 2.17
N GLN ZB 87 117.88 28.16 3.27
CA GLN ZB 87 119.23 28.40 3.72
C GLN ZB 87 120.30 27.98 2.72
N ARG ZB 88 120.16 26.76 2.17
CA ARG ZB 88 121.07 26.18 1.19
C ARG ZB 88 121.15 26.99 -0.10
N LEU ZB 89 120.00 27.42 -0.60
CA LEU ZB 89 119.86 28.34 -1.72
C LEU ZB 89 120.51 29.69 -1.44
N LEU ZB 90 120.25 30.26 -0.26
CA LEU ZB 90 120.71 31.58 0.16
C LEU ZB 90 122.24 31.69 0.22
N ASN ZB 91 122.94 30.65 0.74
CA ASN ZB 91 124.38 30.66 0.90
C ASN ZB 91 125.22 30.98 -0.37
N LYS ZB 92 124.93 30.32 -1.51
CA LYS ZB 92 125.73 30.45 -2.71
C LYS ZB 92 125.60 31.83 -3.44
N LEU ZB 108 114.40 15.85 -3.94
CA LEU ZB 108 115.28 14.86 -3.28
C LEU ZB 108 115.17 13.44 -3.76
N PHE ZB 109 115.89 12.51 -3.10
CA PHE ZB 109 115.94 11.11 -3.43
C PHE ZB 109 114.65 10.34 -3.18
N LEU ZB 110 114.02 10.53 -2.01
CA LEU ZB 110 112.74 9.89 -1.70
C LEU ZB 110 111.57 10.79 -2.06
N LYS ZB 111 110.67 10.31 -2.93
CA LYS ZB 111 109.65 11.08 -3.61
C LYS ZB 111 108.23 10.69 -3.23
N TYR ZB 112 107.32 11.66 -3.00
CA TYR ZB 112 105.94 11.32 -2.69
C TYR ZB 112 104.95 12.07 -3.57
N GLY ZB 113 103.64 11.75 -3.40
CA GLY ZB 113 102.54 12.33 -4.14
C GLY ZB 113 102.05 11.44 -5.25
N ILE ZB 114 100.78 11.01 -5.18
CA ILE ZB 114 100.29 9.90 -5.98
C ILE ZB 114 100.28 10.11 -7.48
N ASN ZB 115 100.02 11.33 -7.97
CA ASN ZB 115 100.08 11.63 -9.40
C ASN ZB 115 101.51 11.58 -9.91
N HIS ZB 116 102.45 12.14 -9.15
CA HIS ZB 116 103.86 12.11 -9.46
C HIS ZB 116 104.44 10.72 -9.46
N ILE ZB 117 104.07 9.91 -8.44
CA ILE ZB 117 104.40 8.50 -8.36
C ILE ZB 117 103.88 7.72 -9.56
N THR ZB 118 102.64 8.00 -10.00
CA THR ZB 118 102.05 7.36 -11.17
C THR ZB 118 102.84 7.65 -12.43
N LYS ZB 119 103.27 8.90 -12.60
CA LYS ZB 119 104.14 9.33 -13.69
C LYS ZB 119 105.48 8.62 -13.67
N LEU ZB 120 106.10 8.49 -12.48
CA LEU ZB 120 107.37 7.79 -12.31
C LEU ZB 120 107.25 6.32 -12.71
N VAL ZB 121 106.19 5.64 -12.24
CA VAL ZB 121 105.85 4.26 -12.58
C VAL ZB 121 105.56 4.10 -14.06
N GLU ZB 122 104.84 5.06 -14.67
CA GLU ZB 122 104.55 5.05 -16.10
C GLU ZB 122 105.82 5.07 -16.95
N ASN ZB 123 106.80 5.88 -16.54
CA ASN ZB 123 108.00 6.11 -17.32
C ASN ZB 123 109.16 5.22 -16.88
N LYS ZB 124 108.97 4.38 -15.84
CA LYS ZB 124 109.96 3.45 -15.28
C LYS ZB 124 111.20 4.17 -14.73
N LYS ZB 125 111.04 5.41 -14.24
CA LYS ZB 125 112.16 6.17 -13.72
C LYS ZB 125 112.59 5.71 -12.34
N ALA ZB 126 111.60 5.47 -11.46
CA ALA ZB 126 111.83 5.03 -10.10
C ALA ZB 126 111.83 3.51 -9.98
N ASN ZB 127 112.14 2.99 -8.77
CA ASN ZB 127 112.40 1.57 -8.62
C ASN ZB 127 111.68 0.90 -7.46
N LEU ZB 128 111.25 1.62 -6.41
CA LEU ZB 128 110.51 0.99 -5.32
C LEU ZB 128 109.36 1.86 -4.86
N VAL ZB 129 108.16 1.27 -4.70
CA VAL ZB 129 106.97 1.96 -4.23
C VAL ZB 129 106.52 1.41 -2.88
N VAL ZB 130 106.25 2.28 -1.89
CA VAL ZB 130 105.53 1.91 -0.69
C VAL ZB 130 104.17 2.59 -0.71
N ILE ZB 131 103.12 1.77 -0.63
CA ILE ZB 131 101.73 2.17 -0.68
C ILE ZB 131 101.14 1.98 0.71
N ALA ZB 132 100.39 2.97 1.24
CA ALA ZB 132 99.56 2.74 2.41
C ALA ZB 132 98.23 2.08 2.06
N ASN ZB 133 97.73 1.17 2.93
CA ASN ZB 133 96.38 0.63 2.77
C ASN ZB 133 95.38 1.28 3.74
N ASP ZB 134 95.86 2.24 4.57
CA ASP ZB 134 95.09 2.92 5.59
C ASP ZB 134 93.97 3.84 5.05
N VAL ZB 135 94.21 4.50 3.90
CA VAL ZB 135 93.30 5.44 3.26
C VAL ZB 135 91.88 4.92 3.00
N SER ZB 136 90.87 5.78 3.29
CA SER ZB 136 89.46 5.42 3.24
C SER ZB 136 88.87 5.18 1.84
N PRO ZB 137 89.03 5.98 0.79
CA PRO ZB 137 88.83 5.51 -0.56
C PRO ZB 137 89.97 4.60 -0.95
N ILE ZB 138 89.69 3.58 -1.76
CA ILE ZB 138 90.72 2.67 -2.21
C ILE ZB 138 91.20 3.10 -3.58
N GLU ZB 139 90.41 3.95 -4.26
CA GLU ZB 139 90.57 4.26 -5.67
C GLU ZB 139 91.90 4.88 -6.04
N LEU ZB 140 92.38 5.80 -5.19
CA LEU ZB 140 93.60 6.54 -5.34
C LEU ZB 140 94.90 5.73 -5.33
N VAL ZB 141 94.81 4.41 -5.10
CA VAL ZB 141 95.94 3.51 -5.18
C VAL ZB 141 95.49 2.17 -5.72
N LEU ZB 142 94.19 1.98 -6.02
CA LEU ZB 142 93.64 0.73 -6.49
C LEU ZB 142 94.32 0.20 -7.72
N PHE ZB 143 94.58 1.09 -8.69
CA PHE ZB 143 95.25 0.77 -9.92
C PHE ZB 143 96.74 0.52 -9.77
N LEU ZB 144 97.33 0.99 -8.66
CA LEU ZB 144 98.76 1.07 -8.52
C LEU ZB 144 99.43 -0.30 -8.44
N PRO ZB 145 99.01 -1.30 -7.66
CA PRO ZB 145 99.58 -2.63 -7.75
C PRO ZB 145 99.44 -3.28 -9.10
N ALA ZB 146 98.30 -3.11 -9.78
CA ALA ZB 146 98.10 -3.60 -11.13
C ALA ZB 146 99.11 -3.04 -12.12
N LEU ZB 147 99.26 -1.71 -12.12
CA LEU ZB 147 100.19 -0.99 -12.95
C LEU ZB 147 101.63 -1.34 -12.66
N CYS ZB 148 102.03 -1.34 -11.37
CA CYS ZB 148 103.34 -1.74 -10.95
C CYS ZB 148 103.70 -3.18 -11.28
N ARG ZB 149 102.74 -4.12 -11.14
CA ARG ZB 149 102.90 -5.49 -11.55
C ARG ZB 149 103.14 -5.63 -13.05
N LEU ZB 150 102.35 -4.94 -13.87
CA LEU ZB 150 102.54 -4.87 -15.31
C LEU ZB 150 103.86 -4.22 -15.73
N LYS ZB 151 104.23 -3.08 -15.12
CA LYS ZB 151 105.46 -2.35 -15.36
C LYS ZB 151 106.71 -2.99 -14.77
N GLU ZB 152 106.57 -4.08 -14.00
CA GLU ZB 152 107.64 -4.80 -13.33
C GLU ZB 152 108.38 -3.93 -12.32
N VAL ZB 153 107.62 -3.20 -11.50
CA VAL ZB 153 108.15 -2.27 -10.53
C VAL ZB 153 107.87 -2.85 -9.15
N PRO ZB 154 108.86 -3.12 -8.31
CA PRO ZB 154 108.63 -3.50 -6.92
C PRO ZB 154 107.75 -2.54 -6.14
N TYR ZB 155 106.65 -3.05 -5.58
CA TYR ZB 155 105.77 -2.28 -4.74
C TYR ZB 155 105.53 -3.04 -3.45
N CYS ZB 156 105.17 -2.34 -2.37
CA CYS ZB 156 104.78 -2.98 -1.14
C CYS ZB 156 103.60 -2.27 -0.54
N ILE ZB 157 102.62 -3.06 -0.06
CA ILE ZB 157 101.42 -2.57 0.58
C ILE ZB 157 101.62 -2.65 2.09
N VAL ZB 158 101.45 -1.52 2.79
CA VAL ZB 158 102.04 -1.26 4.09
C VAL ZB 158 101.01 -0.51 4.92
N LYS ZB 159 100.99 -0.79 6.24
CA LYS ZB 159 99.87 -0.50 7.11
C LYS ZB 159 99.40 0.94 7.24
N ASP ZB 160 100.31 1.94 7.36
CA ASP ZB 160 99.91 3.23 7.91
C ASP ZB 160 100.29 4.46 7.08
N LYS ZB 161 99.25 5.24 6.69
CA LYS ZB 161 99.32 6.52 6.01
C LYS ZB 161 100.00 7.62 6.82
N ALA ZB 162 99.70 7.70 8.13
CA ALA ZB 162 100.26 8.67 9.04
C ALA ZB 162 101.78 8.53 9.15
N THR ZB 163 102.30 7.29 9.26
CA THR ZB 163 103.73 7.00 9.29
C THR ZB 163 104.45 7.44 8.03
N LEU ZB 164 103.89 7.16 6.83
CA LEU ZB 164 104.42 7.69 5.59
C LEU ZB 164 104.43 9.22 5.55
N GLY ZB 165 103.39 9.87 6.14
CA GLY ZB 165 103.31 11.31 6.29
C GLY ZB 165 104.36 11.91 7.17
N LYS ZB 166 104.66 11.26 8.30
CA LYS ZB 166 105.70 11.67 9.22
C LYS ZB 166 107.05 11.67 8.57
N LEU ZB 167 107.35 10.65 7.76
CA LEU ZB 167 108.56 10.60 6.97
C LEU ZB 167 108.70 11.74 5.97
N VAL ZB 168 107.61 12.33 5.47
CA VAL ZB 168 107.68 13.38 4.46
C VAL ZB 168 107.28 14.74 5.00
N HIS ZB 169 107.08 14.85 6.32
CA HIS ZB 169 106.70 16.07 7.04
C HIS ZB 169 105.35 16.67 6.69
N LYS ZB 170 104.29 15.84 6.73
CA LYS ZB 170 102.91 16.29 6.70
C LYS ZB 170 102.11 15.31 7.54
N LYS ZB 171 100.86 15.62 7.91
CA LYS ZB 171 100.18 14.82 8.92
C LYS ZB 171 99.66 13.46 8.42
N THR ZB 172 99.60 13.26 7.10
CA THR ZB 172 99.27 11.96 6.50
C THR ZB 172 99.75 11.97 5.07
N ALA ZB 173 100.18 10.84 4.49
CA ALA ZB 173 100.53 10.78 3.08
C ALA ZB 173 100.25 9.40 2.52
N THR ZB 174 99.88 9.30 1.23
CA THR ZB 174 99.30 8.07 0.72
C THR ZB 174 100.31 7.02 0.30
N ALA ZB 175 101.22 7.40 -0.60
CA ALA ZB 175 102.26 6.53 -1.10
C ALA ZB 175 103.57 7.29 -1.13
N VAL ZB 176 104.69 6.57 -1.21
CA VAL ZB 176 106.01 7.17 -1.29
C VAL ZB 176 106.80 6.24 -2.18
N CYS ZB 177 107.65 6.80 -3.04
CA CYS ZB 177 108.40 6.11 -4.05
C CYS ZB 177 109.86 6.50 -3.95
N LEU ZB 178 110.75 5.54 -4.22
CA LEU ZB 178 112.17 5.73 -4.06
C LEU ZB 178 112.78 5.54 -5.43
N GLU ZB 179 113.30 6.66 -5.96
CA GLU ZB 179 113.81 6.74 -7.31
C GLU ZB 179 115.12 6.00 -7.50
N SER ZB 180 116.11 6.31 -6.65
CA SER ZB 180 117.42 5.67 -6.65
C SER ZB 180 118.11 6.00 -5.33
N VAL ZB 181 119.25 5.36 -5.05
CA VAL ZB 181 120.03 5.53 -3.83
C VAL ZB 181 121.51 5.52 -4.20
N LYS ZB 182 122.39 5.90 -3.27
CA LYS ZB 182 123.83 5.71 -3.38
C LYS ZB 182 124.25 4.25 -3.47
N LYS ZB 183 125.42 3.98 -4.08
CA LYS ZB 183 125.95 2.65 -4.33
C LYS ZB 183 126.09 1.77 -3.08
N GLU ZB 184 126.36 2.39 -1.91
CA GLU ZB 184 126.43 1.72 -0.63
C GLU ZB 184 125.10 1.14 -0.18
N ASP ZB 185 123.97 1.69 -0.65
CA ASP ZB 185 122.64 1.33 -0.21
C ASP ZB 185 121.93 0.38 -1.17
N GLN ZB 186 122.40 0.31 -2.44
CA GLN ZB 186 121.87 -0.55 -3.50
C GLN ZB 186 121.55 -1.99 -3.10
N GLU ZB 187 122.48 -2.65 -2.39
CA GLU ZB 187 122.33 -3.99 -1.88
C GLU ZB 187 121.15 -4.18 -0.94
N LYS ZB 188 120.94 -3.23 -0.01
CA LYS ZB 188 119.79 -3.21 0.88
C LYS ZB 188 118.49 -3.03 0.10
N LEU ZB 189 118.50 -2.16 -0.92
CA LEU ZB 189 117.35 -1.96 -1.78
C LEU ZB 189 117.02 -3.20 -2.59
N ASP ZB 190 118.05 -3.91 -3.09
CA ASP ZB 190 117.92 -5.19 -3.74
C ASP ZB 190 117.34 -6.27 -2.83
N TYR ZB 191 117.78 -6.31 -1.55
CA TYR ZB 191 117.25 -7.20 -0.53
C TYR ZB 191 115.75 -6.96 -0.32
N PHE ZB 192 115.33 -5.69 -0.12
CA PHE ZB 192 113.92 -5.37 -0.03
C PHE ZB 192 113.17 -5.69 -1.30
N ALA ZB 193 113.72 -5.34 -2.48
CA ALA ZB 193 113.12 -5.67 -3.76
C ALA ZB 193 112.90 -7.17 -3.98
N LYS ZB 194 113.85 -8.03 -3.59
CA LYS ZB 194 113.70 -9.47 -3.63
C LYS ZB 194 112.50 -9.96 -2.84
N VAL ZB 195 112.38 -9.49 -1.57
CA VAL ZB 195 111.24 -9.78 -0.72
C VAL ZB 195 109.94 -9.26 -1.30
N CYS ZB 196 109.91 -7.98 -1.74
CA CYS ZB 196 108.76 -7.39 -2.40
C CYS ZB 196 108.31 -8.12 -3.64
N LYS ZB 197 109.23 -8.55 -4.52
CA LYS ZB 197 108.87 -9.32 -5.68
C LYS ZB 197 108.23 -10.66 -5.35
N GLU ZB 198 108.83 -11.39 -4.39
CA GLU ZB 198 108.24 -12.61 -3.86
C GLU ZB 198 106.88 -12.41 -3.20
N ASN ZB 199 106.76 -11.41 -2.32
CA ASN ZB 199 105.56 -11.14 -1.58
C ASN ZB 199 104.41 -10.61 -2.43
N PHE ZB 200 104.69 -9.59 -3.26
CA PHE ZB 200 103.67 -8.83 -3.95
C PHE ZB 200 103.66 -9.06 -5.45
N ASN ZB 201 104.76 -8.75 -6.17
CA ASN ZB 201 104.77 -8.71 -7.63
C ASN ZB 201 104.46 -10.04 -8.30
N ASP ZB 202 105.06 -11.15 -7.84
CA ASP ZB 202 104.91 -12.42 -8.52
C ASP ZB 202 103.81 -13.29 -7.90
N ASN ZB 203 103.14 -12.80 -6.85
CA ASN ZB 203 102.12 -13.55 -6.14
C ASN ZB 203 100.74 -13.03 -6.51
N VAL ZB 204 99.89 -13.86 -7.14
CA VAL ZB 204 98.48 -13.51 -7.33
C VAL ZB 204 97.57 -14.32 -6.44
N ASP ZB 205 98.11 -15.26 -5.65
CA ASP ZB 205 97.36 -16.05 -4.70
C ASP ZB 205 96.82 -15.22 -3.54
N LEU ZB 206 97.63 -14.28 -3.03
CA LEU ZB 206 97.21 -13.31 -2.03
C LEU ZB 206 96.14 -12.37 -2.59
N ARG ZB 207 96.17 -12.10 -3.91
CA ARG ZB 207 95.12 -11.33 -4.55
C ARG ZB 207 93.85 -12.14 -4.74
N ARG ZB 208 93.93 -13.45 -5.04
CA ARG ZB 208 92.79 -14.32 -5.30
C ARG ZB 208 91.71 -14.45 -4.23
N LYS ZB 209 92.09 -14.67 -2.94
CA LYS ZB 209 91.18 -14.86 -1.80
C LYS ZB 209 89.94 -13.95 -1.67
N TRP ZB 210 88.89 -14.44 -0.96
CA TRP ZB 210 87.57 -13.81 -0.97
C TRP ZB 210 87.13 -13.23 0.39
N GLY ZB 211 86.43 -14.00 1.26
CA GLY ZB 211 85.93 -13.48 2.54
C GLY ZB 211 84.79 -14.26 3.15
N GLY ZB 212 84.47 -13.99 4.43
CA GLY ZB 212 83.55 -14.80 5.23
C GLY ZB 212 83.78 -14.61 6.71
N GLN ZB 213 82.69 -14.55 7.50
CA GLN ZB 213 82.69 -14.22 8.92
C GLN ZB 213 83.46 -15.15 9.87
N LYS ZB 214 84.01 -14.59 10.98
CA LYS ZB 214 84.84 -15.28 11.96
C LYS ZB 214 84.56 -14.77 13.39
N MET ZB 215 84.94 -15.53 14.44
CA MET ZB 215 84.70 -15.18 15.85
C MET ZB 215 85.92 -15.52 16.72
N SER ZB 216 85.99 -15.01 17.97
CA SER ZB 216 87.18 -15.15 18.84
C SER ZB 216 86.85 -15.45 20.31
N ALA ZB 217 86.16 -14.51 21.02
CA ALA ZB 217 85.75 -14.62 22.42
C ALA ZB 217 84.92 -15.87 22.72
N LYS ZB 218 83.85 -16.04 21.91
CA LYS ZB 218 82.89 -17.13 21.96
C LYS ZB 218 83.57 -18.46 21.84
N SER ZB 219 84.52 -18.60 20.90
CA SER ZB 219 85.23 -19.85 20.62
C SER ZB 219 86.00 -20.36 21.83
N MET ZB 220 86.68 -19.48 22.59
CA MET ZB 220 87.34 -19.84 23.83
C MET ZB 220 86.39 -20.42 24.89
N LEU ZB 221 85.27 -19.71 25.17
CA LEU ZB 221 84.26 -20.17 26.11
C LEU ZB 221 83.56 -21.46 25.67
N LEU ZB 222 83.26 -21.57 24.37
CA LEU ZB 222 82.67 -22.71 23.70
C LEU ZB 222 83.56 -23.92 23.82
N LYS ZB 223 84.87 -23.76 23.55
CA LYS ZB 223 85.87 -24.79 23.69
C LYS ZB 223 85.99 -25.29 25.12
N LYS ZB 224 85.99 -24.39 26.14
CA LYS ZB 224 85.99 -24.80 27.53
C LYS ZB 224 84.78 -25.67 27.92
N MET ZB 225 83.57 -25.27 27.51
CA MET ZB 225 82.38 -26.09 27.68
C MET ZB 225 82.42 -27.44 26.94
N LYS ZB 226 82.76 -27.41 25.64
CA LYS ZB 226 82.84 -28.54 24.75
C LYS ZB 226 83.87 -29.58 25.20
N ASP ZB 227 85.05 -29.15 25.68
CA ASP ZB 227 86.05 -29.98 26.35
C ASP ZB 227 85.51 -30.71 27.58
N LYS ZB 228 84.78 -29.99 28.48
CA LYS ZB 228 84.35 -30.48 29.78
C LYS ZB 228 83.35 -31.63 29.63
N ALA ZB 229 82.32 -31.47 28.78
CA ALA ZB 229 81.35 -32.51 28.48
C ALA ZB 229 81.98 -33.76 27.83
N ARG ZB 230 82.91 -33.56 26.87
CA ARG ZB 230 83.72 -34.62 26.26
C ARG ZB 230 84.51 -35.40 27.30
N LYS ZB 231 85.30 -34.72 28.15
CA LYS ZB 231 86.20 -35.37 29.09
C LYS ZB 231 85.47 -36.27 30.08
N ILE ZB 232 84.33 -35.80 30.64
CA ILE ZB 232 83.54 -36.65 31.52
C ILE ZB 232 83.00 -37.90 30.84
N GLU ZB 233 82.36 -37.80 29.64
CA GLU ZB 233 81.99 -38.99 28.90
C GLU ZB 233 83.16 -39.89 28.45
N GLU ZB 234 84.24 -39.30 27.90
CA GLU ZB 234 85.42 -39.97 27.39
C GLU ZB 234 86.20 -40.77 28.40
N ALA ZB 235 86.44 -40.20 29.60
CA ALA ZB 235 87.17 -40.88 30.66
C ALA ZB 235 86.49 -42.16 31.15
N LYS ZB 236 85.15 -42.16 31.24
CA LYS ZB 236 84.41 -43.30 31.74
C LYS ZB 236 84.28 -44.38 30.66
N LYS ZB 237 83.93 -44.03 29.41
CA LYS ZB 237 83.88 -44.99 28.31
C LYS ZB 237 85.19 -45.75 28.06
N LYS ZB 238 86.34 -45.01 28.07
CA LYS ZB 238 87.68 -45.58 27.97
C LYS ZB 238 88.05 -46.48 29.14
N GLU ZB 239 87.65 -46.11 30.38
CA GLU ZB 239 87.84 -46.96 31.54
C GLU ZB 239 87.06 -48.26 31.43
N ILE ZB 240 85.76 -48.21 31.05
CA ILE ZB 240 84.91 -49.36 30.83
C ILE ZB 240 85.44 -50.27 29.72
N SER ZB 241 85.98 -49.66 28.63
CA SER ZB 241 86.67 -50.39 27.57
C SER ZB 241 87.90 -51.16 28.06
N ALA ZB 242 88.72 -50.56 28.95
CA ALA ZB 242 89.80 -51.25 29.63
C ALA ZB 242 89.36 -52.41 30.54
N LYS ZB 243 88.32 -52.21 31.37
CA LYS ZB 243 87.72 -53.22 32.23
C LYS ZB 243 87.19 -54.46 31.50
N LEU ZB 244 86.45 -54.26 30.39
CA LEU ZB 244 85.83 -55.33 29.64
C LEU ZB 244 86.17 -55.23 28.13
#